data_6B8H
#
_entry.id   6B8H
#
loop_
_entity.id
_entity.type
_entity.pdbx_description
1 polymer 'ATP synthase subunit 9, mitochondrial'
2 polymer 'ATP synthase protein 8'
3 polymer 'ATP synthase subunit a'
4 polymer 'ATP synthase subunit 4, mitochondrial'
5 polymer 'ATP synthase subunit d, mitochondrial'
6 polymer 'ATP synthase subunit e, mitochondrial'
7 polymer 'ATP synthase subunit f, mitochondrial'
8 polymer 'AATP synthase subunit g'
9 polymer 'ATP synthase subunit J, mitochondrial'
10 polymer 'ATP synthase subunit K, mitochondrial'
11 polymer 'ATP synthase subunit alpha, mitochondrial'
12 polymer 'ATP synthase subunit beta, mitochondrial'
13 polymer 'ATP synthase subunit gamma, mitochondrial'
14 polymer 'ATP synthase subunit delta, mitochondrial'
15 polymer 'ATP synthase catalytic sector F1 epsilon subunit'
16 polymer 'ATP synthase subunit 5, mitochondrial'
17 polymer 'ATP synthase subunit h'
18 non-polymer 'PHOSPHOAMINOPHOSPHONIC ACID-ADENYLATE ESTER'
19 non-polymer 'MAGNESIUM ION'
#
loop_
_entity_poly.entity_id
_entity_poly.type
_entity_poly.pdbx_seq_one_letter_code
_entity_poly.pdbx_strand_id
1 'polypeptide(L)' MQLVLAAKYIGAGISTIGLLGAGIGIAIVFAALINGVSRNPSIKDTVFPMAILGFALSEATGLFCLMVSFLLLFGV 1,2,3,4,5,6,7,8,9,0,L,M,N,P,Q,R,S,T,U,J
2 'polypeptide(L)' MPQLVPFYFMNQLTYGFLLMITLLILFSQFFLPMILRLYVSRLFISKL A,V
3 'polypeptide(L)'
;SPLDQFEIRTLFGLQSSFIDLSCLNLTTFSLYTIIVLLVITSLYTLTNNNNKIIGSRWLISQEAIYDTIMNMTKGQIGGK
NWGLYFPMIFTLFMFIFIANLISMIPYSFALSAHLVFIISLSIVIWLGNTILGLYKHGWVFFSLFVPAGTPLPLVPLLVI
IETLSYFARAISLGLRLGSNILAGHLLMVILAGLTFNFMLINLFTLVFGFVPLAMILAIMMLEFAIGIIQGYVWAILTAS
YLKDAVYLH
;
a,p
4 'polypeptide(L)'
;MSSTPEKQTDPKAKANSIINAIPGNNILTKTGVLGTSAAAVIYAISNELYVINDESILLLTFLGFTGLVAKYLAPAYKDF
ADARMKKVSDVLNASRNKHVEAVKDRIDSVSQLQNVAETTKVLFDVSKETVELESEAFELKQKVELAHEAKAVLDSWVRY
EASLRQLEQRQLAKSVISRVQSELGNPKFQEKVLQQSISEIEQLLSKLK
;
b,q
5 'polypeptide(L)'
;SLAKSAANKLDWAKVISSLRITGSTATQLSSFKKRNDEARRQLLELQSQPTEVDFSHYRSVLKNTSVIDKIESYVKQYKP
VKIDASKQLQVIESFEKHAMTNAKETESLVSKELKDLQSTLDNIQSARPFDELTVDDLTKIKPEIDAKVEEMVKKGKWDV
PGYKDRFGNLNVM
;
d,r
6 'polypeptide(L)'
;(UNK)(UNK)(UNK)(UNK)(UNK)(UNK)(UNK)(UNK)(UNK)(UNK)(UNK)(UNK)(UNK)(UNK)(UNK)(UNK)
(UNK)(UNK)(UNK)(UNK)(UNK)(UNK)(UNK)(UNK)(UNK)(UNK)(UNK)(UNK)(UNK)(UNK)(UNK)(UNK)
(UNK)(UNK)(UNK)(UNK)(UNK)(UNK)(UNK)(UNK)(UNK)(UNK)(UNK)(UNK)(UNK)(UNK)(UNK)(UNK)
(UNK)
;
e,s
7 'polypeptide(L)'
;VSTLIPPKVVSSKNIGSAPNAKRIANVVHFYKSLPQGPAPAIKANTRLARYKAKYFDGDNASGKPLWHFALGIIAFGYSM
EYYFHLRHHKGAEEH
;
f,t
8 'polypeptide(L)'
;(UNK)(UNK)(UNK)(UNK)(UNK)(UNK)(UNK)(UNK)(UNK)(UNK)(UNK)(UNK)(UNK)(UNK)(UNK)(UNK)
(UNK)(UNK)(UNK)(UNK)(UNK)(UNK)(UNK)(UNK)(UNK)(UNK)(UNK)(UNK)(UNK)(UNK)(UNK)(UNK)
(UNK)(UNK)(UNK)(UNK)(UNK)(UNK)(UNK)(UNK)(UNK)(UNK)(UNK)(UNK)(UNK)(UNK)(UNK)(UNK)
(UNK)(UNK)(UNK)(UNK)(UNK)(UNK)(UNK)(UNK)(UNK)(UNK)(UNK)(UNK)(UNK)(UNK)(UNK)(UNK)
(UNK)(UNK)(UNK)(UNK)(UNK)(UNK)(UNK)(UNK)(UNK)(UNK)(UNK)(UNK)(UNK)(UNK)(UNK)(UNK)
(UNK)(UNK)(UNK)(UNK)(UNK)(UNK)(UNK)(UNK)(UNK)(UNK)(UNK)(UNK)(UNK)(UNK)(UNK)(UNK)
(UNK)(UNK)(UNK)(UNK)(UNK)(UNK)(UNK)(UNK)(UNK)(UNK)
;
g,u
9 'polypeptide(L)' MLKRFPTPILKVYWPFFVAGAAVYYGMSKAADLSSNTKEFINDPRNPRFAKGGKFVEVD i,w
10 'polypeptide(L)' MGAAYHFMGKAIPPHQLAIGTLGLLGLLVVPNPFKSAKPKTVDIKTDNKDEEKFIENYLKKHSEKQDA k,x
11 'polypeptide(L)'
;ASTKAQPTEVSSILEERIKGVSDEANLNETGRVLAVGDGIARVFGLNNIQAEELVEFSSGVKGMALNLEPGQVGIVLFGS
DRLVKEGELVKRTGNIVDVPVGPGLLGRVVDALGNPIDGKGPIDAAGRSRAQVKAPGILPRRSVHEPVQTGLKAVDALVP
IGRGQRELIIGDRQTGKTAVALDTILNQKRWNNGSDESKKLYCVYVAVGQKRSTVAQLVQTLEQHDAMKYSIIVAATASE
AAPLQYLAPFTAASIGEWFRDNGKHALIVYDDLSKQAVAYRQLSLLLRRPPGREAYPGDVFYLHSRLLERAAKLSEKEGS
GSLTALPVIETQGGDVSAYIPTNVISITDGQIFLEAELFYKGIRPAINVGLSVSRVGSAAQVKALKQVAGSLKLFLAQYR
EVAAFAQFGSDLDASTKQTLVRGERLTQLLKQNQYSPLATEEQVPLIYAGVNGHLDGIELSRIGEFESSFLSYLKSNHNE
LLTEIREKGELSKELLASLKSATESFVATF
;
K,B,C,n,W,X
12 'polypeptide(L)'
;ASAAQSTPITGKVTAVIGAIVDVHFEQSELPAILNALEIKTPQGKLVLEVAQHLGENTVRTIAMDGTEGLVRGEKVLDTG
GPISVPVGRETLGRIINVIGEPIDERGPIKSKLRKPIHADPPSFAEQSTSAEILETGIKVVDLLAPYARGGKIGLFGGAG
VGKTVFIQELINNIAKAHGGFSVFTGVGERTREGNDLYREMKETGVINLEGESKVALVFGQMNEPPGARARVALTGLTIA
EYFRDEEGQDVLLFIDNIFRFTQAGSEVSALLGRIPSAVGYQPTLATDMGLLQERITTTKKGSVTSVQAVYVPADDLTDP
APATTFAHLDATTVLSRGISELGIYPAVDPLDSKSRLLDAAVVGQEHYDVASKVQETLQTYKSLQDIIAILGMDELSEQD
KLTVERARKIQRFLSQPFAVAEVFTGIPGKLVRLKDTVASFKAVLEGKYDNIPEHAFYMVGGIEDVVAKAEKLAAEAN
;
D,E,F,Y,Z,c
13 'polypeptide(L)'
;ATLKEVEMRLKSIKNIEKITKTMKIVASTRLSKAEKAKISAKKMDEAEQLFYKNAETKNLDVEATETGAPKELIVAITSD
KGLCGSIHSQLAKAVRRHLNDQPNADIVTIGDKIKMQLLRTHPNNIKLSINGIGKDAPTFQESALIADKLLSVMKAGTYP
KISIFYNDPVSSLSFEPSEKPIFNAKTIEQSPSFGKFEIDTDANVPRDLFEYTLANQMLTAMAQGYAAEISARRNAMDNA
SKNAGDMINRYSILYNRTRQAVITNELVDIITGASSLG
;
G,j
14 'polypeptide(L)'
;AEAAAASSGLKLQFALPHETLYSGSEVTQVNLPAKSGRIGVLANHVPTVEQLLPGVVEVMEGSNSKKFFISGGFATVQPD
SQLCVTAIEAFPLESFSQENIKNLLAEAKKNVSSSDAREAAEAAIQVEVLENLQSVLK
;
H,l
15 'polypeptide(L)' SAWRKAGMSYAAYLNVAAQAIRSSLKTELQTASVTNRSQTDAFYTQYKNGTAASEPTPMTK I,m
16 'polypeptide(L)'
;ASKAAAPPPVRLFGVEGTYATALYQAAAKNSSIDAAFQSLQKVESTVKKNPKLGHLLLNPALSLKDRNSVIDAIVETHKN
LDGYVVNLLKVLSENNRLGCFEKIASDFGVLNDAHNGLLKGTVTSAEPLDPKSFKRIEKALSASKLVGQGKSLKLENVVK
PEIKGGLIVELGDKTVDLSISTKIQKLNKVLEDSI
;
O,o
17 'polypeptide(L)'
;(UNK)(UNK)(UNK)(UNK)(UNK)(UNK)(UNK)(UNK)(UNK)(UNK)(UNK)(UNK)(UNK)(UNK)(UNK)(UNK)
(UNK)(UNK)(UNK)(UNK)(UNK)
;
h,v
#
loop_
_chem_comp.id
_chem_comp.type
_chem_comp.name
_chem_comp.formula
ANP non-polymer 'PHOSPHOAMINOPHOSPHONIC ACID-ADENYLATE ESTER' 'C10 H17 N6 O12 P3'
MG non-polymer 'MAGNESIUM ION' 'Mg 2'
#
# COMPACT_ATOMS: atom_id res chain seq x y z
N MET A 1 7.95 20.62 78.18
CA MET A 1 6.76 20.53 77.34
C MET A 1 5.50 20.39 78.19
N GLN A 2 5.58 20.81 79.45
CA GLN A 2 4.42 20.67 80.33
C GLN A 2 3.36 21.69 80.02
N LEU A 3 3.76 22.87 79.56
CA LEU A 3 2.81 23.95 79.29
C LEU A 3 1.96 23.63 78.07
N VAL A 4 2.59 23.12 77.00
CA VAL A 4 1.84 22.83 75.78
C VAL A 4 0.93 21.64 75.99
N LEU A 5 1.32 20.70 76.85
CA LEU A 5 0.46 19.56 77.12
C LEU A 5 -0.65 19.94 78.08
N ALA A 6 -0.43 20.97 78.89
CA ALA A 6 -1.53 21.50 79.69
C ALA A 6 -2.50 22.29 78.82
N ALA A 7 -1.99 22.93 77.77
CA ALA A 7 -2.83 23.69 76.86
C ALA A 7 -3.63 22.76 75.96
N LYS A 8 -3.09 21.59 75.65
CA LYS A 8 -3.81 20.58 74.89
C LYS A 8 -5.11 20.17 75.58
N TYR A 9 -5.06 20.00 76.90
CA TYR A 9 -6.24 19.57 77.65
C TYR A 9 -7.30 20.67 77.67
N ILE A 10 -6.87 21.91 77.85
CA ILE A 10 -7.80 23.04 77.83
C ILE A 10 -8.41 23.20 76.44
N GLY A 11 -7.61 22.99 75.39
CA GLY A 11 -8.15 23.10 74.05
C GLY A 11 -9.15 22.01 73.73
N ALA A 12 -8.90 20.79 74.22
CA ALA A 12 -9.87 19.72 74.07
C ALA A 12 -11.12 20.00 74.88
N GLY A 13 -10.97 20.72 76.00
CA GLY A 13 -12.15 21.14 76.74
C GLY A 13 -12.97 22.17 75.99
N ILE A 14 -12.32 23.14 75.36
CA ILE A 14 -13.03 24.18 74.62
C ILE A 14 -13.70 23.59 73.38
N SER A 15 -13.05 22.63 72.75
CA SER A 15 -13.64 22.07 71.54
C SER A 15 -14.78 21.07 71.81
N THR A 16 -15.35 21.06 73.02
CA THR A 16 -16.51 20.25 73.33
C THR A 16 -17.79 21.04 73.16
N ILE A 17 -17.70 22.38 73.23
CA ILE A 17 -18.85 23.27 73.29
C ILE A 17 -19.69 23.18 72.02
N GLY A 18 -19.03 22.96 70.88
CA GLY A 18 -19.72 22.90 69.59
C GLY A 18 -20.67 21.74 69.41
N LEU A 19 -20.72 20.79 70.35
CA LEU A 19 -21.67 19.69 70.27
C LEU A 19 -23.09 20.13 70.62
N LEU A 20 -23.25 21.28 71.30
CA LEU A 20 -24.58 21.72 71.67
C LEU A 20 -25.38 22.14 70.44
N GLY A 21 -24.68 22.57 69.39
CA GLY A 21 -25.28 22.83 68.10
C GLY A 21 -25.97 21.61 67.55
N ALA A 22 -25.28 20.47 67.55
CA ALA A 22 -25.92 19.23 67.11
C ALA A 22 -27.00 18.78 68.06
N GLY A 23 -26.81 19.01 69.36
CA GLY A 23 -27.79 18.57 70.35
C GLY A 23 -29.12 19.29 70.24
N ILE A 24 -29.06 20.58 69.91
CA ILE A 24 -30.30 21.28 69.60
C ILE A 24 -30.76 20.94 68.19
N GLY A 25 -29.81 20.64 67.31
CA GLY A 25 -30.09 20.49 65.90
C GLY A 25 -30.91 19.30 65.46
N ILE A 26 -30.48 18.13 65.95
CA ILE A 26 -31.17 16.87 65.68
C ILE A 26 -32.59 16.96 66.21
N ALA A 27 -32.74 17.63 67.33
CA ALA A 27 -34.03 17.82 67.97
C ALA A 27 -34.93 18.72 67.17
N ILE A 28 -34.40 19.81 66.61
CA ILE A 28 -35.25 20.70 65.80
C ILE A 28 -35.73 19.97 64.55
N VAL A 29 -34.86 19.13 63.97
CA VAL A 29 -35.25 18.33 62.81
C VAL A 29 -36.35 17.34 63.17
N PHE A 30 -36.19 16.61 64.28
CA PHE A 30 -37.20 15.61 64.63
C PHE A 30 -38.47 16.25 65.18
N ALA A 31 -38.36 17.44 65.77
CA ALA A 31 -39.54 18.16 66.21
C ALA A 31 -40.37 18.61 65.01
N ALA A 32 -39.69 19.07 63.96
CA ALA A 32 -40.41 19.41 62.74
C ALA A 32 -40.99 18.16 62.08
N LEU A 33 -40.30 17.02 62.21
CA LEU A 33 -40.83 15.76 61.70
C LEU A 33 -42.13 15.38 62.39
N ILE A 34 -42.16 15.50 63.72
CA ILE A 34 -43.37 15.17 64.48
C ILE A 34 -44.51 16.13 64.15
N ASN A 35 -44.20 17.43 64.11
CA ASN A 35 -45.22 18.41 63.77
C ASN A 35 -45.64 18.37 62.30
N GLY A 36 -44.89 17.68 61.45
CA GLY A 36 -45.31 17.48 60.08
C GLY A 36 -46.12 16.22 59.90
N VAL A 37 -45.83 15.19 60.70
CA VAL A 37 -46.66 13.99 60.66
C VAL A 37 -48.02 14.26 61.27
N SER A 38 -48.09 15.11 62.29
CA SER A 38 -49.36 15.36 62.94
C SER A 38 -50.29 16.21 62.07
N ARG A 39 -49.73 17.08 61.22
CA ARG A 39 -50.57 17.82 60.29
C ARG A 39 -51.01 16.94 59.13
N ASN A 40 -50.21 15.95 58.75
CA ASN A 40 -50.52 15.12 57.61
C ASN A 40 -49.87 13.76 57.78
N PRO A 41 -50.63 12.72 58.16
CA PRO A 41 -50.03 11.40 58.37
C PRO A 41 -49.81 10.60 57.09
N SER A 42 -50.09 11.17 55.91
CA SER A 42 -49.95 10.44 54.67
C SER A 42 -48.61 10.67 53.98
N ILE A 43 -47.83 11.62 54.44
CA ILE A 43 -46.61 12.04 53.77
C ILE A 43 -45.37 11.50 54.48
N LYS A 44 -45.55 10.39 55.22
CA LYS A 44 -44.51 9.85 56.08
C LYS A 44 -43.31 9.35 55.29
N ASP A 45 -43.57 8.51 54.28
CA ASP A 45 -42.51 7.92 53.47
C ASP A 45 -41.89 8.90 52.49
N THR A 46 -42.42 10.11 52.38
CA THR A 46 -41.78 11.19 51.66
C THR A 46 -40.92 12.05 52.57
N VAL A 47 -41.40 12.34 53.77
CA VAL A 47 -40.74 13.30 54.65
C VAL A 47 -39.60 12.66 55.44
N PHE A 48 -39.80 11.45 55.97
CA PHE A 48 -38.85 10.85 56.91
C PHE A 48 -37.42 10.61 56.38
N PRO A 49 -37.17 10.26 55.10
CA PRO A 49 -35.78 10.31 54.63
C PRO A 49 -35.12 11.67 54.68
N MET A 50 -35.88 12.76 54.49
CA MET A 50 -35.30 14.10 54.64
C MET A 50 -34.93 14.38 56.09
N ALA A 51 -35.71 13.83 57.03
CA ALA A 51 -35.37 13.97 58.44
C ALA A 51 -34.10 13.20 58.78
N ILE A 52 -33.94 12.00 58.21
CA ILE A 52 -32.71 11.23 58.42
C ILE A 52 -31.51 11.93 57.78
N LEU A 53 -31.74 12.57 56.63
CA LEU A 53 -30.68 13.31 55.96
C LEU A 53 -30.25 14.52 56.78
N GLY A 54 -31.20 15.26 57.34
CA GLY A 54 -30.85 16.39 58.19
C GLY A 54 -30.18 15.96 59.48
N PHE A 55 -30.60 14.82 60.04
CA PHE A 55 -29.91 14.19 61.16
C PHE A 55 -28.45 13.94 60.85
N ALA A 56 -28.18 13.33 59.70
CA ALA A 56 -26.80 13.02 59.33
C ALA A 56 -25.99 14.29 59.10
N LEU A 57 -26.58 15.26 58.41
CA LEU A 57 -25.79 16.43 58.02
C LEU A 57 -25.56 17.38 59.20
N SER A 58 -26.37 17.28 60.26
CA SER A 58 -26.02 18.03 61.46
C SER A 58 -25.09 17.24 62.37
N GLU A 59 -25.20 15.91 62.36
CA GLU A 59 -24.29 15.10 63.15
C GLU A 59 -22.87 15.17 62.61
N ALA A 60 -22.73 15.45 61.31
CA ALA A 60 -21.42 15.69 60.73
C ALA A 60 -20.76 16.93 61.30
N THR A 61 -21.55 18.00 61.49
CA THR A 61 -21.01 19.22 62.08
C THR A 61 -20.72 19.02 63.56
N GLY A 62 -21.46 18.15 64.23
CA GLY A 62 -21.07 17.75 65.58
C GLY A 62 -19.75 17.01 65.63
N LEU A 63 -19.56 16.04 64.73
CA LEU A 63 -18.35 15.24 64.75
C LEU A 63 -17.13 16.03 64.27
N PHE A 64 -17.35 17.07 63.45
CA PHE A 64 -16.23 17.93 63.04
C PHE A 64 -15.68 18.71 64.22
N CYS A 65 -16.48 18.92 65.25
CA CYS A 65 -16.00 19.55 66.46
C CYS A 65 -15.53 18.52 67.48
N LEU A 66 -15.99 17.29 67.37
CA LEU A 66 -15.45 16.24 68.24
C LEU A 66 -14.03 15.85 67.84
N MET A 67 -13.75 15.82 66.52
CA MET A 67 -12.45 15.37 66.04
C MET A 67 -11.33 16.34 66.41
N VAL A 68 -11.64 17.62 66.58
CA VAL A 68 -10.62 18.56 67.04
C VAL A 68 -10.26 18.26 68.49
N SER A 69 -11.25 17.84 69.28
CA SER A 69 -10.97 17.43 70.65
C SER A 69 -10.15 16.15 70.69
N PHE A 70 -10.43 15.23 69.76
CA PHE A 70 -9.63 13.99 69.71
C PHE A 70 -8.22 14.25 69.19
N LEU A 71 -8.03 15.27 68.37
CA LEU A 71 -6.66 15.70 68.03
C LEU A 71 -5.97 16.29 69.24
N LEU A 72 -6.65 17.18 69.98
CA LEU A 72 -5.98 17.86 71.07
C LEU A 72 -5.79 16.98 72.29
N LEU A 73 -6.49 15.85 72.40
CA LEU A 73 -6.20 14.94 73.49
C LEU A 73 -4.93 14.14 73.22
N PHE A 74 -4.82 13.55 72.03
CA PHE A 74 -3.76 12.61 71.73
C PHE A 74 -2.79 13.09 70.67
N GLY A 75 -3.29 13.43 69.49
CA GLY A 75 -2.43 13.80 68.38
C GLY A 75 -1.78 15.17 68.51
N MET B 1 9.00 29.49 73.60
CA MET B 1 8.66 28.65 72.44
C MET B 1 7.50 27.75 72.79
N GLN B 2 7.40 27.38 74.08
CA GLN B 2 6.23 26.65 74.54
C GLN B 2 4.99 27.51 74.55
N LEU B 3 5.15 28.82 74.77
CA LEU B 3 4.02 29.72 74.83
C LEU B 3 3.34 29.86 73.48
N VAL B 4 4.13 29.86 72.41
CA VAL B 4 3.57 30.02 71.07
C VAL B 4 2.70 28.83 70.70
N LEU B 5 3.22 27.61 70.89
CA LEU B 5 2.42 26.42 70.64
C LEU B 5 1.26 26.26 71.60
N ALA B 6 1.42 26.71 72.85
CA ALA B 6 0.35 26.63 73.83
C ALA B 6 -0.82 27.51 73.44
N ALA B 7 -0.56 28.79 73.19
CA ALA B 7 -1.62 29.70 72.77
C ALA B 7 -2.14 29.34 71.39
N LYS B 8 -1.31 28.71 70.56
CA LYS B 8 -1.74 28.19 69.28
C LYS B 8 -2.82 27.13 69.44
N TYR B 9 -2.59 26.17 70.33
CA TYR B 9 -3.58 25.12 70.54
C TYR B 9 -4.81 25.65 71.28
N ILE B 10 -4.65 26.64 72.16
CA ILE B 10 -5.81 27.23 72.82
C ILE B 10 -6.68 27.97 71.81
N GLY B 11 -6.07 28.74 70.92
CA GLY B 11 -6.83 29.44 69.91
C GLY B 11 -7.49 28.49 68.92
N ALA B 12 -6.83 27.37 68.63
CA ALA B 12 -7.45 26.36 67.78
C ALA B 12 -8.62 25.69 68.47
N GLY B 13 -8.56 25.58 69.80
CA GLY B 13 -9.72 25.09 70.53
C GLY B 13 -10.87 26.09 70.53
N ILE B 14 -10.54 27.38 70.70
CA ILE B 14 -11.55 28.44 70.72
C ILE B 14 -12.25 28.54 69.38
N SER B 15 -11.51 28.33 68.30
CA SER B 15 -12.05 28.52 66.96
C SER B 15 -12.83 27.33 66.43
N THR B 16 -13.42 26.52 67.31
CA THR B 16 -14.40 25.52 66.90
C THR B 16 -15.76 25.74 67.55
N ILE B 17 -15.95 26.86 68.24
CA ILE B 17 -17.25 27.16 68.84
C ILE B 17 -18.26 27.51 67.76
N GLY B 18 -17.79 28.07 66.65
CA GLY B 18 -18.66 28.51 65.56
C GLY B 18 -19.41 27.40 64.84
N LEU B 19 -19.10 26.14 65.11
CA LEU B 19 -19.86 25.04 64.52
C LEU B 19 -21.23 24.87 65.16
N LEU B 20 -21.46 25.42 66.35
CA LEU B 20 -22.81 25.41 66.89
C LEU B 20 -23.69 26.38 66.13
N GLY B 21 -23.09 27.35 65.45
CA GLY B 21 -23.80 28.18 64.51
C GLY B 21 -24.05 27.54 63.18
N ALA B 22 -23.60 26.32 62.96
CA ALA B 22 -23.89 25.59 61.73
C ALA B 22 -24.78 24.39 61.96
N GLY B 23 -24.67 23.75 63.12
CA GLY B 23 -25.57 22.66 63.45
C GLY B 23 -27.02 23.11 63.53
N ILE B 24 -27.24 24.20 64.27
CA ILE B 24 -28.56 24.82 64.34
C ILE B 24 -28.97 25.36 62.96
N GLY B 25 -27.99 25.74 62.15
CA GLY B 25 -28.31 26.24 60.81
C GLY B 25 -28.92 25.17 59.92
N ILE B 26 -28.24 24.03 59.81
CA ILE B 26 -28.74 22.90 59.05
C ILE B 26 -30.06 22.40 59.63
N ALA B 27 -30.20 22.50 60.96
CA ALA B 27 -31.44 22.13 61.62
C ALA B 27 -32.61 22.98 61.17
N ILE B 28 -32.47 24.30 61.21
CA ILE B 28 -33.58 25.18 60.89
C ILE B 28 -33.93 25.07 59.41
N VAL B 29 -32.92 24.84 58.56
CA VAL B 29 -33.20 24.69 57.12
C VAL B 29 -33.99 23.42 56.85
N PHE B 30 -33.56 22.27 57.39
CA PHE B 30 -34.34 21.06 57.15
C PHE B 30 -35.65 21.04 57.92
N ALA B 31 -35.75 21.80 59.01
CA ALA B 31 -37.01 21.92 59.73
C ALA B 31 -38.05 22.64 58.88
N ALA B 32 -37.63 23.75 58.26
CA ALA B 32 -38.53 24.45 57.37
C ALA B 32 -38.84 23.63 56.13
N LEU B 33 -37.88 22.82 55.68
CA LEU B 33 -38.13 21.90 54.57
C LEU B 33 -39.23 20.90 54.90
N ILE B 34 -39.18 20.33 56.11
CA ILE B 34 -40.19 19.36 56.54
C ILE B 34 -41.55 20.03 56.69
N ASN B 35 -41.59 21.20 57.31
CA ASN B 35 -42.86 21.90 57.51
C ASN B 35 -43.43 22.42 56.20
N GLY B 36 -42.56 22.68 55.22
CA GLY B 36 -43.06 23.14 53.94
C GLY B 36 -43.54 22.01 53.05
N VAL B 37 -42.92 20.84 53.16
CA VAL B 37 -43.39 19.70 52.39
C VAL B 37 -44.69 19.15 52.99
N SER B 38 -44.78 19.15 54.33
CA SER B 38 -45.93 18.55 55.00
C SER B 38 -47.22 19.34 54.74
N ARG B 39 -47.13 20.67 54.68
CA ARG B 39 -48.32 21.47 54.45
C ARG B 39 -48.62 21.69 52.97
N ASN B 40 -47.77 21.20 52.07
CA ASN B 40 -48.07 21.26 50.64
C ASN B 40 -47.30 20.16 49.93
N PRO B 41 -47.94 19.04 49.61
CA PRO B 41 -47.21 17.87 49.10
C PRO B 41 -46.71 18.01 47.66
N SER B 42 -47.06 19.07 46.94
CA SER B 42 -46.65 19.22 45.56
C SER B 42 -45.58 20.29 45.39
N ILE B 43 -44.88 20.65 46.45
CA ILE B 43 -43.88 21.71 46.38
C ILE B 43 -42.46 21.16 46.53
N LYS B 44 -42.33 19.84 46.75
CA LYS B 44 -41.05 19.20 47.04
C LYS B 44 -40.04 19.38 45.91
N ASP B 45 -40.48 19.18 44.66
CA ASP B 45 -39.57 19.29 43.54
C ASP B 45 -39.25 20.73 43.16
N THR B 46 -39.84 21.70 43.84
CA THR B 46 -39.49 23.10 43.68
C THR B 46 -38.69 23.62 44.86
N VAL B 47 -38.94 23.10 46.06
CA VAL B 47 -38.33 23.58 47.29
C VAL B 47 -37.07 22.82 47.64
N PHE B 48 -36.84 21.66 47.01
CA PHE B 48 -35.67 20.87 47.36
C PHE B 48 -34.34 21.48 46.90
N PRO B 49 -34.20 22.08 45.69
CA PRO B 49 -32.95 22.79 45.40
C PRO B 49 -32.66 23.96 46.32
N MET B 50 -33.69 24.72 46.72
CA MET B 50 -33.50 25.74 47.72
C MET B 50 -33.10 25.18 49.06
N ALA B 51 -33.55 23.96 49.39
CA ALA B 51 -33.13 23.31 50.63
C ALA B 51 -31.67 22.94 50.61
N ILE B 52 -31.20 22.32 49.52
CA ILE B 52 -29.79 21.93 49.43
C ILE B 52 -28.88 23.15 49.36
N LEU B 53 -29.32 24.16 48.59
CA LEU B 53 -28.63 25.44 48.49
C LEU B 53 -28.46 26.10 49.85
N GLY B 54 -29.56 26.23 50.61
CA GLY B 54 -29.49 26.84 51.92
C GLY B 54 -28.69 26.02 52.91
N PHE B 55 -28.77 24.68 52.81
CA PHE B 55 -27.99 23.79 53.65
C PHE B 55 -26.49 24.03 53.52
N ALA B 56 -25.94 23.85 52.33
CA ALA B 56 -24.49 23.92 52.22
C ALA B 56 -24.01 25.38 52.25
N LEU B 57 -24.83 26.29 51.73
CA LEU B 57 -24.48 27.70 51.71
C LEU B 57 -24.69 28.34 53.08
N SER B 58 -25.23 27.58 54.04
CA SER B 58 -25.13 27.98 55.44
C SER B 58 -24.03 27.23 56.17
N GLU B 59 -23.70 26.02 55.78
CA GLU B 59 -22.63 25.39 56.51
C GLU B 59 -21.35 26.14 56.27
N ALA B 60 -21.14 26.55 55.03
CA ALA B 60 -19.89 27.22 54.67
C ALA B 60 -19.36 28.16 55.75
N THR B 61 -20.26 28.82 56.49
CA THR B 61 -19.82 29.72 57.54
C THR B 61 -19.36 29.01 58.80
N GLY B 62 -19.61 27.71 58.93
CA GLY B 62 -19.01 26.96 60.01
C GLY B 62 -17.70 26.37 59.54
N LEU B 63 -17.65 26.07 58.25
CA LEU B 63 -16.42 25.50 57.71
C LEU B 63 -15.31 26.54 57.58
N PHE B 64 -15.67 27.83 57.44
CA PHE B 64 -14.66 28.89 57.54
C PHE B 64 -13.99 28.88 58.90
N CYS B 65 -14.79 28.73 59.96
CA CYS B 65 -14.29 28.67 61.33
C CYS B 65 -13.45 27.43 61.55
N LEU B 66 -13.83 26.31 60.94
CA LEU B 66 -13.00 25.12 61.02
C LEU B 66 -11.69 25.28 60.25
N MET B 67 -11.67 26.06 59.17
CA MET B 67 -10.40 26.31 58.50
C MET B 67 -9.50 27.26 59.27
N VAL B 68 -10.08 28.22 59.99
CA VAL B 68 -9.26 29.00 60.93
C VAL B 68 -8.67 28.08 61.99
N SER B 69 -9.44 27.08 62.43
CA SER B 69 -8.94 26.11 63.39
C SER B 69 -7.82 25.25 62.80
N PHE B 70 -7.92 24.88 61.52
CA PHE B 70 -6.88 24.06 60.92
C PHE B 70 -5.61 24.86 60.66
N LEU B 71 -5.74 26.12 60.23
CA LEU B 71 -4.56 26.96 60.07
C LEU B 71 -3.90 27.28 61.40
N LEU B 72 -4.66 27.27 62.49
CA LEU B 72 -4.01 27.36 63.79
C LEU B 72 -3.33 26.06 64.17
N LEU B 73 -4.03 24.92 64.06
CA LEU B 73 -3.49 23.63 64.50
C LEU B 73 -2.23 23.22 63.76
N PHE B 74 -2.25 23.34 62.43
CA PHE B 74 -1.21 22.73 61.62
C PHE B 74 -0.37 23.75 60.86
N GLY B 75 -0.74 25.03 60.92
CA GLY B 75 0.04 26.06 60.26
C GLY B 75 0.57 27.11 61.22
N GLN C 2 8.37 36.95 72.86
CA GLN C 2 7.37 37.24 71.84
C GLN C 2 5.98 36.80 72.29
N LEU C 3 5.50 37.47 73.34
CA LEU C 3 4.15 37.25 73.85
C LEU C 3 3.09 37.66 72.82
N VAL C 4 3.39 38.66 72.00
CA VAL C 4 2.43 39.17 71.04
C VAL C 4 2.21 38.16 69.91
N LEU C 5 3.27 37.45 69.52
CA LEU C 5 3.15 36.44 68.47
C LEU C 5 2.28 35.27 68.90
N ALA C 6 2.25 34.97 70.19
CA ALA C 6 1.34 33.95 70.69
C ALA C 6 -0.05 34.49 70.98
N ALA C 7 -0.15 35.74 71.42
CA ALA C 7 -1.45 36.31 71.76
C ALA C 7 -2.23 36.77 70.56
N LYS C 8 -1.62 36.90 69.39
CA LYS C 8 -2.42 37.13 68.21
C LYS C 8 -3.19 35.89 67.79
N TYR C 9 -2.72 34.71 68.17
CA TYR C 9 -3.42 33.48 67.81
C TYR C 9 -4.67 33.29 68.64
N ILE C 10 -4.62 33.69 69.92
CA ILE C 10 -5.81 33.70 70.77
C ILE C 10 -6.84 34.66 70.21
N GLY C 11 -6.39 35.82 69.73
CA GLY C 11 -7.31 36.77 69.14
C GLY C 11 -7.92 36.26 67.84
N ALA C 12 -7.11 35.58 67.03
CA ALA C 12 -7.64 34.99 65.79
C ALA C 12 -8.60 33.85 66.08
N GLY C 13 -8.44 33.19 67.22
CA GLY C 13 -9.40 32.17 67.59
C GLY C 13 -10.69 32.75 68.11
N ILE C 14 -10.59 33.79 68.96
CA ILE C 14 -11.78 34.37 69.57
C ILE C 14 -12.59 35.14 68.53
N SER C 15 -11.90 35.79 67.58
CA SER C 15 -12.60 36.57 66.57
C SER C 15 -13.29 35.73 65.51
N THR C 16 -13.24 34.41 65.60
CA THR C 16 -13.92 33.56 64.64
C THR C 16 -15.27 33.10 65.18
N ILE C 17 -15.62 33.49 66.40
CA ILE C 17 -16.88 33.08 67.02
C ILE C 17 -18.07 33.76 66.36
N GLY C 18 -17.84 34.91 65.71
CA GLY C 18 -18.95 35.68 65.17
C GLY C 18 -19.66 35.04 63.98
N LEU C 19 -19.10 33.95 63.44
CA LEU C 19 -19.76 33.22 62.37
C LEU C 19 -20.95 32.40 62.88
N LEU C 20 -21.03 32.21 64.20
CA LEU C 20 -22.20 31.63 64.86
C LEU C 20 -23.47 32.34 64.45
N GLY C 21 -23.42 33.68 64.42
CA GLY C 21 -24.58 34.43 63.98
C GLY C 21 -24.86 34.27 62.50
N ALA C 22 -23.81 34.15 61.69
CA ALA C 22 -23.97 34.10 60.24
C ALA C 22 -24.64 32.82 59.79
N GLY C 23 -24.26 31.69 60.39
CA GLY C 23 -24.87 30.42 59.99
C GLY C 23 -26.35 30.34 60.36
N ILE C 24 -26.67 30.75 61.59
CA ILE C 24 -28.06 30.82 62.04
C ILE C 24 -28.83 31.83 61.18
N GLY C 25 -28.13 32.87 60.72
CA GLY C 25 -28.80 33.88 59.92
C GLY C 25 -29.20 33.40 58.54
N ILE C 26 -28.28 32.75 57.84
CA ILE C 26 -28.58 32.18 56.54
C ILE C 26 -29.66 31.10 56.66
N ALA C 27 -29.66 30.37 57.79
CA ALA C 27 -30.71 29.41 58.05
C ALA C 27 -32.08 30.06 58.18
N ILE C 28 -32.17 31.15 58.95
CA ILE C 28 -33.47 31.80 59.17
C ILE C 28 -33.98 32.41 57.87
N VAL C 29 -33.07 32.94 57.05
CA VAL C 29 -33.48 33.53 55.76
C VAL C 29 -34.04 32.45 54.83
N PHE C 30 -33.29 31.37 54.62
CA PHE C 30 -33.81 30.33 53.73
C PHE C 30 -34.98 29.57 54.34
N ALA C 31 -35.09 29.58 55.67
CA ALA C 31 -36.26 28.97 56.30
C ALA C 31 -37.51 29.77 56.00
N ALA C 32 -37.42 31.10 56.09
CA ALA C 32 -38.57 31.92 55.75
C ALA C 32 -38.86 31.84 54.26
N LEU C 33 -37.83 31.69 53.42
CA LEU C 33 -38.05 31.52 51.98
C LEU C 33 -38.80 30.24 51.68
N ILE C 34 -38.43 29.14 52.34
CA ILE C 34 -39.12 27.86 52.14
C ILE C 34 -40.56 27.95 52.60
N ASN C 35 -40.80 28.57 53.76
CA ASN C 35 -42.17 28.73 54.25
C ASN C 35 -43.00 29.63 53.32
N GLY C 36 -42.37 30.66 52.76
CA GLY C 36 -43.10 31.57 51.89
C GLY C 36 -43.44 30.95 50.55
N VAL C 37 -42.55 30.11 50.02
CA VAL C 37 -42.87 29.40 48.80
C VAL C 37 -43.93 28.33 49.05
N SER C 38 -43.85 27.66 50.20
CA SER C 38 -44.79 26.59 50.48
C SER C 38 -46.19 27.10 50.79
N ARG C 39 -46.31 28.30 51.36
CA ARG C 39 -47.64 28.87 51.56
C ARG C 39 -48.20 29.42 50.26
N ASN C 40 -47.41 30.22 49.54
CA ASN C 40 -47.83 30.84 48.29
C ASN C 40 -46.91 30.30 47.20
N PRO C 41 -47.38 29.38 46.37
CA PRO C 41 -46.50 28.77 45.36
C PRO C 41 -46.12 29.69 44.22
N SER C 42 -46.80 30.81 44.04
CA SER C 42 -46.54 31.71 42.93
C SER C 42 -45.79 32.96 43.35
N ILE C 43 -44.84 32.83 44.27
CA ILE C 43 -44.11 33.97 44.79
C ILE C 43 -42.60 33.77 44.69
N LYS C 44 -42.15 32.62 44.19
CA LYS C 44 -40.74 32.24 44.15
C LYS C 44 -39.91 33.21 43.33
N ASP C 45 -40.34 33.46 42.09
CA ASP C 45 -39.60 34.37 41.22
C ASP C 45 -39.78 35.83 41.63
N THR C 46 -40.73 36.12 42.49
CA THR C 46 -40.93 37.48 42.97
C THR C 46 -40.02 37.79 44.15
N VAL C 47 -39.87 36.84 45.08
CA VAL C 47 -39.24 37.12 46.35
C VAL C 47 -37.86 36.46 46.50
N PHE C 48 -37.49 35.57 45.58
CA PHE C 48 -36.17 34.94 45.61
C PHE C 48 -34.97 35.90 45.54
N PRO C 49 -34.97 36.99 44.74
CA PRO C 49 -33.83 37.93 44.86
C PRO C 49 -33.75 38.64 46.20
N MET C 50 -34.87 38.81 46.90
CA MET C 50 -34.79 39.33 48.27
C MET C 50 -34.08 38.35 49.18
N ALA C 51 -34.26 37.05 48.95
CA ALA C 51 -33.58 36.05 49.75
C ALA C 51 -32.09 36.04 49.47
N ILE C 52 -31.72 36.15 48.18
CA ILE C 52 -30.31 36.17 47.83
C ILE C 52 -29.64 37.45 48.33
N LEU C 53 -30.37 38.57 48.31
CA LEU C 53 -29.88 39.82 48.89
C LEU C 53 -29.63 39.69 50.38
N GLY C 54 -30.62 39.17 51.12
CA GLY C 54 -30.48 39.04 52.56
C GLY C 54 -29.37 38.07 52.96
N PHE C 55 -29.20 37.00 52.17
CA PHE C 55 -28.06 36.11 52.38
C PHE C 55 -26.74 36.83 52.16
N ALA C 56 -26.64 37.64 51.09
CA ALA C 56 -25.38 38.31 50.81
C ALA C 56 -25.02 39.30 51.91
N LEU C 57 -26.03 40.01 52.43
CA LEU C 57 -25.80 40.95 53.52
C LEU C 57 -25.42 40.23 54.80
N SER C 58 -26.09 39.11 55.11
CA SER C 58 -25.78 38.39 56.33
C SER C 58 -24.42 37.70 56.25
N GLU C 59 -24.06 37.19 55.10
CA GLU C 59 -22.75 36.64 55.10
C GLU C 59 -21.73 37.75 55.28
N ALA C 60 -21.83 38.85 54.52
CA ALA C 60 -20.81 39.88 54.68
C ALA C 60 -20.69 40.35 56.12
N THR C 61 -21.82 40.44 56.82
CA THR C 61 -21.77 40.81 58.23
C THR C 61 -21.48 39.62 59.13
N GLY C 62 -21.22 38.44 58.58
CA GLY C 62 -20.50 37.43 59.32
C GLY C 62 -19.04 37.46 58.92
N LEU C 63 -18.79 37.94 57.72
CA LEU C 63 -17.46 37.94 57.11
C LEU C 63 -16.53 38.97 57.72
N PHE C 64 -17.10 40.03 58.32
CA PHE C 64 -16.31 40.99 59.09
C PHE C 64 -15.42 40.31 60.13
N CYS C 65 -15.98 39.31 60.83
CA CYS C 65 -15.21 38.59 61.83
C CYS C 65 -14.09 37.78 61.19
N LEU C 66 -14.33 37.23 60.00
CA LEU C 66 -13.30 36.44 59.34
C LEU C 66 -12.18 37.32 58.82
N MET C 67 -12.49 38.54 58.34
CA MET C 67 -11.41 39.40 57.86
C MET C 67 -10.64 40.00 59.02
N VAL C 68 -11.29 40.22 60.17
CA VAL C 68 -10.55 40.63 61.36
C VAL C 68 -9.63 39.51 61.85
N SER C 69 -10.10 38.26 61.74
CA SER C 69 -9.27 37.12 62.10
C SER C 69 -8.08 36.98 61.16
N PHE C 70 -8.28 37.26 59.87
CA PHE C 70 -7.16 37.20 58.94
C PHE C 70 -6.19 38.34 59.14
N LEU C 71 -6.67 39.52 59.55
CA LEU C 71 -5.75 40.62 59.87
C LEU C 71 -4.96 40.32 61.14
N LEU C 72 -5.58 39.65 62.11
CA LEU C 72 -4.85 39.29 63.32
C LEU C 72 -3.86 38.17 63.06
N LEU C 73 -4.18 37.26 62.13
CA LEU C 73 -3.33 36.09 61.95
C LEU C 73 -2.23 36.36 60.94
N PHE C 74 -2.43 37.34 60.06
CA PHE C 74 -1.47 37.62 59.00
C PHE C 74 -0.87 39.02 59.06
N GLY C 75 -1.42 39.92 59.87
CA GLY C 75 -0.90 41.27 59.91
C GLY C 75 -0.30 41.64 61.26
N MET D 1 6.56 47.48 75.70
CA MET D 1 5.11 47.51 75.72
C MET D 1 4.52 46.24 75.11
N GLN D 2 5.12 45.09 75.42
CA GLN D 2 4.67 43.83 74.83
C GLN D 2 3.33 43.40 75.40
N LEU D 3 3.09 43.67 76.69
CA LEU D 3 1.83 43.31 77.31
C LEU D 3 0.67 44.10 76.73
N VAL D 4 0.84 45.41 76.59
CA VAL D 4 -0.21 46.25 76.03
C VAL D 4 -0.42 45.96 74.55
N LEU D 5 0.67 45.69 73.82
CA LEU D 5 0.55 45.34 72.40
C LEU D 5 -0.13 43.99 72.20
N ALA D 6 0.05 43.06 73.14
CA ALA D 6 -0.70 41.81 73.08
C ALA D 6 -2.16 42.01 73.45
N ALA D 7 -2.42 42.88 74.42
CA ALA D 7 -3.80 43.14 74.84
C ALA D 7 -4.58 43.88 73.76
N LYS D 8 -3.89 44.63 72.90
CA LYS D 8 -4.51 45.18 71.69
C LYS D 8 -5.15 44.08 70.86
N TYR D 9 -4.40 43.01 70.60
CA TYR D 9 -4.88 41.97 69.70
C TYR D 9 -5.93 41.10 70.39
N ILE D 10 -5.76 40.87 71.70
CA ILE D 10 -6.76 40.11 72.46
C ILE D 10 -8.07 40.87 72.51
N GLY D 11 -8.02 42.18 72.76
CA GLY D 11 -9.23 42.98 72.80
C GLY D 11 -9.87 43.11 71.45
N ALA D 12 -9.06 43.15 70.38
CA ALA D 12 -9.61 43.19 69.03
C ALA D 12 -10.29 41.87 68.67
N GLY D 13 -9.79 40.76 69.23
CA GLY D 13 -10.47 39.49 69.04
C GLY D 13 -11.78 39.41 69.80
N ILE D 14 -11.77 39.82 71.07
CA ILE D 14 -12.97 39.69 71.90
C ILE D 14 -14.00 40.75 71.50
N SER D 15 -13.59 41.80 70.79
CA SER D 15 -14.51 42.87 70.43
C SER D 15 -15.59 42.38 69.47
N THR D 16 -15.22 41.62 68.46
CA THR D 16 -16.21 41.26 67.44
C THR D 16 -17.12 40.11 67.85
N ILE D 17 -17.21 39.69 69.11
CA ILE D 17 -18.18 38.65 69.50
C ILE D 17 -19.60 39.17 69.30
N GLY D 18 -19.85 40.41 69.70
CA GLY D 18 -21.17 40.99 69.59
C GLY D 18 -21.61 41.31 68.17
N LEU D 19 -20.73 41.11 67.19
CA LEU D 19 -21.06 41.38 65.80
C LEU D 19 -21.94 40.30 65.19
N LEU D 20 -22.11 39.15 65.87
CA LEU D 20 -23.02 38.13 65.39
C LEU D 20 -24.48 38.55 65.53
N GLY D 21 -24.75 39.52 66.40
CA GLY D 21 -26.11 40.01 66.55
C GLY D 21 -26.62 40.68 65.30
N ALA D 22 -25.74 41.37 64.57
CA ALA D 22 -26.14 41.95 63.30
C ALA D 22 -26.42 40.88 62.26
N GLY D 23 -25.63 39.80 62.28
CA GLY D 23 -25.87 38.70 61.35
C GLY D 23 -27.18 37.99 61.60
N ILE D 24 -27.57 37.87 62.87
CA ILE D 24 -28.89 37.34 63.16
C ILE D 24 -29.95 38.37 62.82
N GLY D 25 -29.64 39.65 62.99
CA GLY D 25 -30.66 40.67 62.92
C GLY D 25 -31.12 40.98 61.50
N ILE D 26 -30.16 41.09 60.58
CA ILE D 26 -30.47 41.22 59.15
C ILE D 26 -31.33 40.06 58.69
N ALA D 27 -31.05 38.88 59.20
CA ALA D 27 -31.80 37.69 58.85
C ALA D 27 -33.22 37.74 59.37
N ILE D 28 -33.43 38.20 60.61
CA ILE D 28 -34.78 38.26 61.15
C ILE D 28 -35.60 39.29 60.39
N VAL D 29 -34.97 40.41 60.02
CA VAL D 29 -35.66 41.45 59.24
C VAL D 29 -36.08 40.91 57.88
N PHE D 30 -35.14 40.32 57.15
CA PHE D 30 -35.50 39.79 55.83
C PHE D 30 -36.39 38.56 55.93
N ALA D 31 -36.35 37.84 57.05
CA ALA D 31 -37.22 36.69 57.24
C ALA D 31 -38.66 37.14 57.36
N ALA D 32 -38.90 38.19 58.14
CA ALA D 32 -40.24 38.74 58.20
C ALA D 32 -40.62 39.42 56.89
N LEU D 33 -39.64 39.93 56.13
CA LEU D 33 -39.93 40.49 54.82
C LEU D 33 -40.48 39.45 53.85
N ILE D 34 -39.78 38.31 53.72
CA ILE D 34 -40.27 37.21 52.90
C ILE D 34 -41.61 36.70 53.41
N ASN D 35 -41.74 36.59 54.74
CA ASN D 35 -42.97 36.04 55.32
C ASN D 35 -44.15 36.99 55.11
N GLY D 36 -43.88 38.30 55.00
CA GLY D 36 -44.95 39.25 54.80
C GLY D 36 -45.35 39.38 53.34
N VAL D 37 -44.36 39.36 52.44
CA VAL D 37 -44.67 39.42 51.01
C VAL D 37 -45.32 38.12 50.56
N SER D 38 -45.06 37.01 51.27
CA SER D 38 -45.67 35.73 50.94
C SER D 38 -47.18 35.74 51.15
N ARG D 39 -47.65 36.48 52.16
CA ARG D 39 -49.09 36.61 52.35
C ARG D 39 -49.67 37.58 51.32
N ASN D 40 -49.17 38.81 51.32
CA ASN D 40 -49.67 39.83 50.41
C ASN D 40 -48.62 40.14 49.37
N PRO D 41 -48.85 39.79 48.09
CA PRO D 41 -47.92 40.21 47.04
C PRO D 41 -47.96 41.69 46.75
N SER D 42 -49.02 42.39 47.14
CA SER D 42 -49.24 43.78 46.74
C SER D 42 -48.79 44.78 47.80
N ILE D 43 -48.01 44.36 48.79
CA ILE D 43 -47.56 45.23 49.84
C ILE D 43 -46.05 45.51 49.73
N LYS D 44 -45.44 45.09 48.62
CA LYS D 44 -43.98 45.11 48.46
C LYS D 44 -43.41 46.52 48.51
N ASP D 45 -44.05 47.46 47.80
CA ASP D 45 -43.48 48.77 47.61
C ASP D 45 -43.52 49.63 48.88
N THR D 46 -44.37 49.27 49.84
CA THR D 46 -44.36 49.93 51.14
C THR D 46 -43.34 49.28 52.07
N VAL D 47 -43.32 47.96 52.11
CA VAL D 47 -42.61 47.21 53.14
C VAL D 47 -41.11 47.10 52.84
N PHE D 48 -40.75 46.94 51.57
CA PHE D 48 -39.35 46.76 51.19
C PHE D 48 -38.42 47.94 51.52
N PRO D 49 -38.78 49.23 51.31
CA PRO D 49 -37.89 50.28 51.83
C PRO D 49 -37.87 50.35 53.34
N MET D 50 -38.98 50.01 53.99
CA MET D 50 -39.01 49.85 55.43
C MET D 50 -38.11 48.70 55.88
N ALA D 51 -38.02 47.66 55.05
CA ALA D 51 -37.14 46.54 55.36
C ALA D 51 -35.67 46.93 55.26
N ILE D 52 -35.31 47.71 54.22
CA ILE D 52 -33.92 48.14 54.12
C ILE D 52 -33.59 49.18 55.19
N LEU D 53 -34.61 49.94 55.63
CA LEU D 53 -34.46 50.85 56.76
C LEU D 53 -34.10 50.09 58.03
N GLY D 54 -34.88 49.04 58.34
CA GLY D 54 -34.58 48.21 59.49
C GLY D 54 -33.25 47.49 59.37
N PHE D 55 -32.90 47.11 58.13
CA PHE D 55 -31.59 46.54 57.84
C PHE D 55 -30.44 47.45 58.25
N ALA D 56 -30.48 48.70 57.79
CA ALA D 56 -29.39 49.63 58.11
C ALA D 56 -29.39 50.01 59.60
N LEU D 57 -30.59 50.14 60.18
CA LEU D 57 -30.69 50.53 61.59
C LEU D 57 -30.22 49.42 62.52
N SER D 58 -30.37 48.16 62.11
CA SER D 58 -29.78 47.06 62.88
C SER D 58 -28.32 46.86 62.52
N GLU D 59 -27.93 47.28 61.32
CA GLU D 59 -26.54 47.17 60.87
C GLU D 59 -25.63 48.11 61.64
N ALA D 60 -26.18 49.25 62.09
CA ALA D 60 -25.40 50.27 62.79
C ALA D 60 -24.73 49.74 64.06
N THR D 61 -25.38 48.80 64.75
CA THR D 61 -24.80 48.22 65.96
C THR D 61 -23.56 47.40 65.64
N GLY D 62 -23.66 46.52 64.64
CA GLY D 62 -22.51 45.72 64.25
C GLY D 62 -21.38 46.57 63.68
N LEU D 63 -21.74 47.65 63.00
CA LEU D 63 -20.70 48.55 62.49
C LEU D 63 -20.01 49.31 63.61
N PHE D 64 -20.75 49.71 64.64
CA PHE D 64 -20.12 50.35 65.81
C PHE D 64 -19.22 49.37 66.54
N CYS D 65 -19.63 48.09 66.58
CA CYS D 65 -18.83 47.06 67.21
C CYS D 65 -17.52 46.83 66.46
N LEU D 66 -17.61 46.76 65.13
CA LEU D 66 -16.41 46.62 64.31
C LEU D 66 -15.55 47.89 64.37
N MET D 67 -16.18 49.05 64.58
CA MET D 67 -15.44 50.29 64.75
C MET D 67 -14.61 50.28 66.03
N VAL D 68 -15.19 49.79 67.13
CA VAL D 68 -14.43 49.68 68.38
C VAL D 68 -13.32 48.64 68.23
N SER D 69 -13.56 47.61 67.42
CA SER D 69 -12.51 46.64 67.12
C SER D 69 -11.35 47.28 66.36
N PHE D 70 -11.65 48.12 65.37
CA PHE D 70 -10.57 48.79 64.64
C PHE D 70 -9.89 49.87 65.48
N LEU D 71 -10.61 50.50 66.41
CA LEU D 71 -9.99 51.46 67.31
C LEU D 71 -9.02 50.77 68.26
N LEU D 72 -9.40 49.58 68.74
CA LEU D 72 -8.48 48.83 69.61
C LEU D 72 -7.33 48.22 68.83
N LEU D 73 -7.52 47.97 67.53
CA LEU D 73 -6.45 47.34 66.78
C LEU D 73 -5.50 48.37 66.17
N PHE D 74 -5.96 49.59 65.91
CA PHE D 74 -5.17 50.60 65.23
C PHE D 74 -4.91 51.84 66.08
N GLY D 75 -4.94 51.72 67.40
CA GLY D 75 -4.68 52.87 68.26
C GLY D 75 -5.21 52.74 69.67
N MET E 1 1.52 52.61 84.11
CA MET E 1 1.72 51.17 84.24
C MET E 1 1.03 50.41 83.11
N GLN E 2 1.56 49.24 82.78
CA GLN E 2 1.03 48.46 81.67
C GLN E 2 -0.08 47.51 82.10
N LEU E 3 -0.14 47.17 83.39
CA LEU E 3 -1.08 46.16 83.87
C LEU E 3 -2.51 46.66 83.85
N VAL E 4 -2.73 47.94 84.10
CA VAL E 4 -4.07 48.50 84.00
C VAL E 4 -4.34 49.03 82.58
N LEU E 5 -3.29 49.48 81.88
CA LEU E 5 -3.45 49.92 80.50
C LEU E 5 -3.81 48.78 79.57
N ALA E 6 -3.38 47.56 79.88
CA ALA E 6 -3.88 46.39 79.18
C ALA E 6 -5.34 46.13 79.52
N ALA E 7 -5.70 46.28 80.80
CA ALA E 7 -7.03 45.91 81.27
C ALA E 7 -8.09 46.85 80.73
N LYS E 8 -7.72 48.11 80.49
CA LYS E 8 -8.60 49.07 79.81
C LYS E 8 -9.04 48.54 78.44
N TYR E 9 -8.06 48.09 77.65
CA TYR E 9 -8.33 47.64 76.30
C TYR E 9 -9.09 46.32 76.30
N ILE E 10 -8.76 45.44 77.25
CA ILE E 10 -9.46 44.16 77.33
C ILE E 10 -10.90 44.36 77.79
N GLY E 11 -11.14 45.28 78.72
CA GLY E 11 -12.50 45.56 79.14
C GLY E 11 -13.33 46.23 78.06
N ALA E 12 -12.68 47.08 77.25
CA ALA E 12 -13.37 47.65 76.09
C ALA E 12 -13.68 46.59 75.06
N GLY E 13 -12.80 45.58 74.93
CA GLY E 13 -13.10 44.47 74.04
C GLY E 13 -14.24 43.61 74.54
N ILE E 14 -14.34 43.48 75.87
CA ILE E 14 -15.47 42.75 76.47
C ILE E 14 -16.77 43.48 76.21
N SER E 15 -16.80 44.79 76.45
CA SER E 15 -18.07 45.50 76.58
C SER E 15 -18.81 45.69 75.27
N THR E 16 -18.27 45.27 74.13
CA THR E 16 -19.03 45.33 72.89
C THR E 16 -19.86 44.07 72.65
N ILE E 17 -19.80 43.09 73.55
CA ILE E 17 -20.59 41.88 73.37
C ILE E 17 -22.07 42.16 73.57
N GLY E 18 -22.41 43.12 74.44
CA GLY E 18 -23.80 43.48 74.67
C GLY E 18 -24.50 44.13 73.49
N LEU E 19 -23.75 44.51 72.46
CA LEU E 19 -24.34 45.13 71.28
C LEU E 19 -25.20 44.16 70.47
N LEU E 20 -24.99 42.85 70.66
CA LEU E 20 -25.82 41.88 69.94
C LEU E 20 -27.25 41.93 70.41
N GLY E 21 -27.48 42.35 71.66
CA GLY E 21 -28.81 42.60 72.18
C GLY E 21 -29.57 43.61 71.35
N ALA E 22 -28.95 44.76 71.07
CA ALA E 22 -29.59 45.76 70.23
C ALA E 22 -29.69 45.27 68.79
N GLY E 23 -28.67 44.56 68.32
CA GLY E 23 -28.66 44.09 66.94
C GLY E 23 -29.74 43.07 66.64
N ILE E 24 -30.17 42.33 67.64
CA ILE E 24 -31.31 41.45 67.46
C ILE E 24 -32.61 42.17 67.83
N GLY E 25 -32.54 43.16 68.72
CA GLY E 25 -33.76 43.82 69.18
C GLY E 25 -34.40 44.69 68.12
N ILE E 26 -33.59 45.45 67.38
CA ILE E 26 -34.07 46.23 66.25
C ILE E 26 -34.72 45.31 65.22
N ALA E 27 -34.19 44.10 65.08
CA ALA E 27 -34.73 43.13 64.14
C ALA E 27 -36.10 42.63 64.58
N ILE E 28 -36.26 42.28 65.86
CA ILE E 28 -37.57 41.81 66.30
C ILE E 28 -38.61 42.91 66.18
N VAL E 29 -38.22 44.16 66.49
CA VAL E 29 -39.14 45.30 66.39
C VAL E 29 -39.59 45.51 64.95
N PHE E 30 -38.64 45.65 64.02
CA PHE E 30 -39.02 45.83 62.62
C PHE E 30 -39.62 44.57 62.00
N ALA E 31 -39.36 43.40 62.58
CA ALA E 31 -39.98 42.18 62.07
C ALA E 31 -41.46 42.16 62.38
N ALA E 32 -41.82 42.52 63.61
CA ALA E 32 -43.24 42.62 63.94
C ALA E 32 -43.90 43.77 63.22
N LEU E 33 -43.14 44.84 62.97
CA LEU E 33 -43.65 45.96 62.17
C LEU E 33 -44.01 45.51 60.76
N ILE E 34 -43.12 44.76 60.12
CA ILE E 34 -43.35 44.25 58.77
C ILE E 34 -44.52 43.26 58.76
N ASN E 35 -44.60 42.41 59.78
CA ASN E 35 -45.72 41.47 59.88
C ASN E 35 -47.04 42.19 60.05
N GLY E 36 -47.04 43.28 60.81
CA GLY E 36 -48.27 44.02 61.02
C GLY E 36 -48.71 44.80 59.81
N VAL E 37 -47.75 45.41 59.10
CA VAL E 37 -48.10 46.18 57.91
C VAL E 37 -48.55 45.25 56.79
N SER E 38 -47.89 44.10 56.65
CA SER E 38 -48.30 43.13 55.65
C SER E 38 -49.61 42.44 56.02
N ARG E 39 -49.92 42.35 57.31
CA ARG E 39 -51.18 41.76 57.74
C ARG E 39 -52.32 42.75 57.54
N ASN E 40 -52.13 43.99 58.01
CA ASN E 40 -53.13 45.04 57.91
C ASN E 40 -52.45 46.29 57.37
N PRO E 41 -52.73 46.69 56.13
CA PRO E 41 -52.01 47.83 55.55
C PRO E 41 -52.43 49.18 56.13
N SER E 42 -53.73 49.35 56.33
CA SER E 42 -54.30 50.66 56.69
C SER E 42 -54.04 51.06 58.13
N ILE E 43 -53.39 50.23 58.93
CA ILE E 43 -53.09 50.56 60.32
C ILE E 43 -51.66 51.10 60.46
N LYS E 44 -51.00 51.36 59.32
CA LYS E 44 -49.58 51.71 59.29
C LYS E 44 -49.28 53.02 60.01
N ASP E 45 -50.14 54.02 59.83
CA ASP E 45 -49.89 55.35 60.39
C ASP E 45 -49.97 55.32 61.92
N THR E 46 -50.76 54.40 62.47
CA THR E 46 -50.80 54.24 63.92
C THR E 46 -49.66 53.34 64.40
N VAL E 47 -49.33 52.30 63.65
CA VAL E 47 -48.40 51.28 64.11
C VAL E 47 -46.96 51.76 64.06
N PHE E 48 -46.57 52.42 62.95
CA PHE E 48 -45.19 52.85 62.72
C PHE E 48 -44.55 53.73 63.82
N PRO E 49 -45.23 54.70 64.47
CA PRO E 49 -44.55 55.41 65.57
C PRO E 49 -44.24 54.55 66.78
N MET E 50 -45.03 53.50 67.02
CA MET E 50 -44.72 52.58 68.11
C MET E 50 -43.44 51.81 67.82
N ALA E 51 -43.24 51.43 66.56
CA ALA E 51 -42.00 50.76 66.18
C ALA E 51 -40.81 51.69 66.29
N ILE E 52 -40.99 52.98 65.95
CA ILE E 52 -39.91 53.95 66.12
C ILE E 52 -39.61 54.17 67.60
N LEU E 53 -40.66 54.15 68.44
CA LEU E 53 -40.49 54.28 69.89
C LEU E 53 -39.72 53.11 70.47
N GLY E 54 -40.02 51.90 70.00
CA GLY E 54 -39.29 50.73 70.47
C GLY E 54 -37.84 50.72 70.01
N PHE E 55 -37.63 51.08 68.73
CA PHE E 55 -36.28 51.19 68.19
C PHE E 55 -35.43 52.21 68.94
N ALA E 56 -36.05 53.32 69.35
CA ALA E 56 -35.32 54.40 70.01
C ALA E 56 -34.66 53.94 71.29
N LEU E 57 -35.42 53.32 72.17
CA LEU E 57 -34.82 52.95 73.43
C LEU E 57 -34.10 51.60 73.35
N SER E 58 -34.39 50.77 72.33
CA SER E 58 -33.54 49.58 72.12
C SER E 58 -32.15 49.98 71.63
N GLU E 59 -32.08 50.91 70.68
CA GLU E 59 -30.80 51.46 70.26
C GLU E 59 -30.13 52.24 71.39
N ALA E 60 -30.93 52.82 72.29
CA ALA E 60 -30.35 53.48 73.46
C ALA E 60 -29.73 52.47 74.42
N THR E 61 -30.31 51.27 74.53
CA THR E 61 -29.66 50.21 75.29
C THR E 61 -28.37 49.76 74.61
N GLY E 62 -28.37 49.74 73.28
CA GLY E 62 -27.12 49.51 72.57
C GLY E 62 -26.07 50.57 72.86
N LEU E 63 -26.50 51.82 72.95
CA LEU E 63 -25.57 52.89 73.30
C LEU E 63 -25.14 52.79 74.76
N PHE E 64 -26.01 52.26 75.63
CA PHE E 64 -25.62 51.98 77.01
C PHE E 64 -24.55 50.90 77.07
N CYS E 65 -24.64 49.92 76.17
CA CYS E 65 -23.57 48.93 76.04
C CYS E 65 -22.29 49.58 75.57
N LEU E 66 -22.41 50.50 74.63
CA LEU E 66 -21.22 51.03 73.96
C LEU E 66 -20.51 52.10 74.79
N MET E 67 -21.25 52.78 75.67
CA MET E 67 -20.68 53.89 76.41
C MET E 67 -19.73 53.41 77.50
N VAL E 68 -19.90 52.19 78.01
CA VAL E 68 -18.95 51.67 78.99
C VAL E 68 -17.64 51.32 78.29
N SER E 69 -17.72 50.88 77.04
CA SER E 69 -16.53 50.67 76.23
C SER E 69 -15.80 51.97 75.96
N PHE E 70 -16.55 53.04 75.67
CA PHE E 70 -15.92 54.35 75.50
C PHE E 70 -15.33 54.87 76.80
N LEU E 71 -15.98 54.58 77.93
CA LEU E 71 -15.50 55.08 79.22
C LEU E 71 -14.23 54.37 79.64
N LEU E 72 -14.15 53.06 79.40
CA LEU E 72 -12.96 52.31 79.77
C LEU E 72 -11.88 52.36 78.70
N LEU E 73 -12.18 52.86 77.51
CA LEU E 73 -11.15 52.85 76.48
C LEU E 73 -10.25 54.08 76.60
N PHE E 74 -10.77 55.17 77.16
CA PHE E 74 -10.05 56.43 77.23
C PHE E 74 -9.87 56.94 78.65
N GLY E 75 -10.04 56.10 79.65
CA GLY E 75 -9.81 56.51 81.03
C GLY E 75 -11.05 56.55 81.90
N GLN F 2 -1.49 47.15 92.55
CA GLN F 2 -2.09 47.93 91.46
C GLN F 2 -2.90 47.03 90.54
N LEU F 3 -3.02 45.76 90.91
CA LEU F 3 -3.72 44.78 90.08
C LEU F 3 -5.22 44.76 90.34
N VAL F 4 -5.66 45.24 91.51
CA VAL F 4 -7.10 45.43 91.76
C VAL F 4 -7.65 46.51 90.83
N LEU F 5 -6.83 47.52 90.50
CA LEU F 5 -7.24 48.53 89.53
C LEU F 5 -7.44 47.94 88.13
N ALA F 6 -6.69 46.91 87.79
CA ALA F 6 -6.83 46.23 86.51
C ALA F 6 -8.05 45.30 86.49
N ALA F 7 -8.14 44.41 87.46
CA ALA F 7 -9.22 43.43 87.49
C ALA F 7 -10.57 44.08 87.78
N LYS F 8 -10.54 45.22 88.47
CA LYS F 8 -11.73 46.02 88.69
C LYS F 8 -12.33 46.49 87.37
N TYR F 9 -11.49 47.02 86.48
CA TYR F 9 -11.96 47.48 85.19
C TYR F 9 -12.33 46.33 84.28
N ILE F 10 -11.66 45.18 84.44
CA ILE F 10 -12.03 43.98 83.70
C ILE F 10 -13.44 43.53 84.08
N GLY F 11 -13.71 43.40 85.38
CA GLY F 11 -15.02 42.96 85.82
C GLY F 11 -16.11 43.96 85.53
N ALA F 12 -15.76 45.25 85.55
CA ALA F 12 -16.71 46.28 85.13
C ALA F 12 -17.03 46.17 83.64
N GLY F 13 -16.05 45.74 82.85
CA GLY F 13 -16.34 45.41 81.46
C GLY F 13 -17.22 44.18 81.33
N ILE F 14 -16.99 43.18 82.18
CA ILE F 14 -17.76 41.93 82.14
C ILE F 14 -19.23 42.21 82.46
N SER F 15 -19.49 43.14 83.37
CA SER F 15 -20.85 43.38 83.84
C SER F 15 -21.78 43.99 82.80
N THR F 16 -21.29 44.33 81.61
CA THR F 16 -22.15 44.91 80.58
C THR F 16 -22.84 43.87 79.72
N ILE F 17 -22.55 42.58 79.92
CA ILE F 17 -23.06 41.55 79.03
C ILE F 17 -24.55 41.34 79.26
N GLY F 18 -25.01 41.53 80.50
CA GLY F 18 -26.41 41.32 80.84
C GLY F 18 -27.39 42.29 80.23
N LEU F 19 -26.89 43.35 79.58
CA LEU F 19 -27.76 44.31 78.90
C LEU F 19 -28.43 43.73 77.66
N LEU F 20 -27.90 42.63 77.12
CA LEU F 20 -28.49 42.05 75.92
C LEU F 20 -29.87 41.48 76.24
N GLY F 21 -30.08 41.03 77.48
CA GLY F 21 -31.38 40.57 77.89
C GLY F 21 -32.44 41.67 77.82
N ALA F 22 -32.08 42.85 78.30
CA ALA F 22 -33.01 43.98 78.21
C ALA F 22 -33.17 44.44 76.77
N GLY F 23 -32.08 44.40 76.00
CA GLY F 23 -32.14 44.84 74.61
C GLY F 23 -33.02 43.95 73.75
N ILE F 24 -33.07 42.66 74.07
CA ILE F 24 -34.01 41.78 73.37
C ILE F 24 -35.39 41.90 73.99
N GLY F 25 -35.47 42.17 75.29
CA GLY F 25 -36.74 42.14 75.99
C GLY F 25 -37.65 43.29 75.60
N ILE F 26 -37.08 44.47 75.42
CA ILE F 26 -37.81 45.62 74.89
C ILE F 26 -38.41 45.29 73.54
N ALA F 27 -37.68 44.52 72.74
CA ALA F 27 -38.16 44.14 71.42
C ALA F 27 -39.30 43.14 71.49
N ILE F 28 -39.23 42.15 72.39
CA ILE F 28 -40.35 41.21 72.48
C ILE F 28 -41.61 41.92 72.96
N VAL F 29 -41.44 42.88 73.89
CA VAL F 29 -42.59 43.65 74.40
C VAL F 29 -43.23 44.47 73.29
N PHE F 30 -42.43 45.28 72.58
CA PHE F 30 -43.02 46.08 71.52
C PHE F 30 -43.44 45.26 70.31
N ALA F 31 -42.87 44.06 70.13
CA ALA F 31 -43.32 43.16 69.08
C ALA F 31 -44.73 42.66 69.37
N ALA F 32 -44.98 42.28 70.62
CA ALA F 32 -46.33 41.89 71.01
C ALA F 32 -47.28 43.07 70.92
N LEU F 33 -46.80 44.27 71.24
CA LEU F 33 -47.62 45.48 71.11
C LEU F 33 -48.06 45.71 69.67
N ILE F 34 -47.10 45.62 68.73
CA ILE F 34 -47.40 45.84 67.31
C ILE F 34 -48.32 44.75 66.78
N ASN F 35 -48.09 43.50 67.21
CA ASN F 35 -48.96 42.39 66.80
C ASN F 35 -50.38 42.58 67.30
N GLY F 36 -50.52 43.04 68.55
CA GLY F 36 -51.85 43.22 69.10
C GLY F 36 -52.59 44.39 68.48
N VAL F 37 -51.88 45.48 68.20
CA VAL F 37 -52.50 46.64 67.57
C VAL F 37 -52.90 46.33 66.15
N SER F 38 -52.00 45.66 65.41
CA SER F 38 -52.29 45.34 64.01
C SER F 38 -53.33 44.25 63.87
N ARG F 39 -53.48 43.40 64.89
CA ARG F 39 -54.53 42.39 64.82
C ARG F 39 -55.86 42.96 65.32
N ASN F 40 -55.82 43.73 66.40
CA ASN F 40 -57.01 44.34 66.98
C ASN F 40 -56.74 45.82 67.16
N PRO F 41 -57.29 46.69 66.29
CA PRO F 41 -56.94 48.12 66.38
C PRO F 41 -57.56 48.82 67.58
N SER F 42 -58.75 48.38 68.01
CA SER F 42 -59.52 49.11 69.02
C SER F 42 -59.00 48.91 70.43
N ILE F 43 -58.05 47.99 70.64
CA ILE F 43 -57.60 47.64 71.98
C ILE F 43 -56.32 48.39 72.34
N LYS F 44 -56.01 49.46 71.62
CA LYS F 44 -54.71 50.16 71.74
C LYS F 44 -54.54 50.80 73.12
N ASP F 45 -55.55 51.53 73.57
CA ASP F 45 -55.46 52.24 74.84
C ASP F 45 -55.50 51.29 76.02
N THR F 46 -56.13 50.12 75.83
CA THR F 46 -56.17 49.12 76.90
C THR F 46 -54.82 48.41 77.01
N VAL F 47 -54.24 48.06 75.87
CA VAL F 47 -53.01 47.27 75.83
C VAL F 47 -51.79 48.12 76.22
N PHE F 48 -51.79 49.40 75.84
CA PHE F 48 -50.61 50.26 75.94
C PHE F 48 -50.00 50.43 77.35
N PRO F 49 -50.76 50.68 78.44
CA PRO F 49 -50.07 51.01 79.71
C PRO F 49 -49.32 49.84 80.35
N MET F 50 -49.85 48.62 80.24
CA MET F 50 -49.14 47.46 80.75
C MET F 50 -47.88 47.19 79.95
N ALA F 51 -47.91 47.48 78.65
CA ALA F 51 -46.72 47.38 77.82
C ALA F 51 -45.66 48.39 78.24
N ILE F 52 -46.08 49.62 78.56
CA ILE F 52 -45.13 50.62 79.06
C ILE F 52 -44.57 50.21 80.42
N LEU F 53 -45.41 49.60 81.26
CA LEU F 53 -44.99 49.10 82.57
C LEU F 53 -43.89 48.04 82.45
N GLY F 54 -44.17 47.00 81.66
CA GLY F 54 -43.18 45.97 81.42
C GLY F 54 -41.94 46.44 80.70
N PHE F 55 -42.10 47.42 79.82
CA PHE F 55 -40.98 48.08 79.18
C PHE F 55 -40.04 48.73 80.18
N ALA F 56 -40.60 49.49 81.12
CA ALA F 56 -39.78 50.17 82.12
C ALA F 56 -39.14 49.18 83.08
N LEU F 57 -39.86 48.11 83.43
CA LEU F 57 -39.33 47.13 84.37
C LEU F 57 -38.22 46.29 83.74
N SER F 58 -38.41 45.88 82.48
CA SER F 58 -37.37 45.15 81.78
C SER F 58 -36.18 46.03 81.47
N GLU F 59 -36.40 47.34 81.33
CA GLU F 59 -35.27 48.27 81.27
C GLU F 59 -34.54 48.32 82.60
N ALA F 60 -35.29 48.29 83.70
CA ALA F 60 -34.67 48.33 85.03
C ALA F 60 -33.85 47.09 85.30
N THR F 61 -34.22 45.96 84.71
CA THR F 61 -33.43 44.73 84.85
C THR F 61 -32.02 44.90 84.27
N GLY F 62 -31.91 45.47 83.08
CA GLY F 62 -30.60 45.75 82.53
C GLY F 62 -29.92 46.92 83.23
N LEU F 63 -30.73 47.81 83.82
CA LEU F 63 -30.17 48.90 84.58
C LEU F 63 -29.56 48.41 85.90
N PHE F 64 -29.98 47.23 86.38
CA PHE F 64 -29.24 46.57 87.46
C PHE F 64 -27.82 46.23 87.02
N CYS F 65 -27.65 45.73 85.79
CA CYS F 65 -26.31 45.47 85.27
C CYS F 65 -25.52 46.76 85.13
N LEU F 66 -26.21 47.82 84.70
CA LEU F 66 -25.54 49.11 84.54
C LEU F 66 -25.13 49.69 85.90
N MET F 67 -25.94 49.49 86.94
CA MET F 67 -25.59 50.05 88.24
C MET F 67 -24.53 49.21 88.94
N VAL F 68 -24.47 47.90 88.67
CA VAL F 68 -23.36 47.12 89.19
C VAL F 68 -22.07 47.50 88.46
N SER F 69 -22.17 47.82 87.17
CA SER F 69 -21.02 48.32 86.43
C SER F 69 -20.52 49.65 87.00
N PHE F 70 -21.44 50.58 87.27
CA PHE F 70 -21.05 51.88 87.81
C PHE F 70 -20.57 51.76 89.25
N LEU F 71 -21.06 50.76 89.99
CA LEU F 71 -20.56 50.53 91.33
C LEU F 71 -19.16 49.93 91.30
N LEU F 72 -18.87 49.15 90.26
CA LEU F 72 -17.52 48.61 90.13
C LEU F 72 -16.53 49.66 89.64
N LEU F 73 -16.98 50.61 88.82
CA LEU F 73 -16.06 51.55 88.18
C LEU F 73 -15.37 52.46 89.18
N PHE F 74 -16.07 52.89 90.23
CA PHE F 74 -15.49 53.78 91.23
C PHE F 74 -16.00 53.35 92.61
N GLY F 75 -15.24 52.50 93.27
CA GLY F 75 -15.61 51.99 94.58
C GLY F 75 -15.13 50.57 94.81
N MET G 1 -3.81 38.87 99.25
CA MET G 1 -5.17 39.36 99.36
C MET G 1 -5.44 40.31 98.20
N GLN G 2 -4.35 40.86 97.68
CA GLN G 2 -4.37 41.66 96.44
C GLN G 2 -5.01 40.88 95.30
N LEU G 3 -4.55 39.65 95.09
CA LEU G 3 -5.18 38.76 94.12
C LEU G 3 -6.58 38.37 94.55
N VAL G 4 -6.81 38.24 95.86
CA VAL G 4 -8.13 37.85 96.35
C VAL G 4 -9.12 38.99 96.16
N LEU G 5 -8.69 40.23 96.43
CA LEU G 5 -9.55 41.38 96.22
C LEU G 5 -9.77 41.63 94.73
N ALA G 6 -8.80 41.23 93.89
CA ALA G 6 -9.02 41.27 92.45
C ALA G 6 -10.07 40.26 92.03
N ALA G 7 -9.99 39.04 92.58
CA ALA G 7 -10.90 37.98 92.20
C ALA G 7 -12.31 38.23 92.68
N LYS G 8 -12.46 38.96 93.79
CA LYS G 8 -13.79 39.39 94.23
C LYS G 8 -14.47 40.23 93.16
N TYR G 9 -13.73 41.16 92.56
CA TYR G 9 -14.32 42.05 91.57
C TYR G 9 -14.53 41.33 90.24
N ILE G 10 -13.66 40.39 89.91
CA ILE G 10 -13.86 39.56 88.72
C ILE G 10 -15.13 38.73 88.85
N GLY G 11 -15.31 38.09 90.01
CA GLY G 11 -16.49 37.28 90.22
C GLY G 11 -17.77 38.10 90.30
N ALA G 12 -17.67 39.31 90.86
CA ALA G 12 -18.82 40.19 90.88
C ALA G 12 -19.17 40.68 89.48
N GLY G 13 -18.17 40.81 88.61
CA GLY G 13 -18.45 41.08 87.22
C GLY G 13 -19.12 39.91 86.53
N ILE G 14 -18.67 38.69 86.82
CA ILE G 14 -19.23 37.48 86.22
C ILE G 14 -20.68 37.29 86.64
N SER G 15 -20.99 37.61 87.90
CA SER G 15 -22.26 37.21 88.50
C SER G 15 -23.47 37.92 87.91
N THR G 16 -23.26 38.98 87.12
CA THR G 16 -24.39 39.74 86.60
C THR G 16 -24.91 39.21 85.28
N ILE G 17 -24.38 38.09 84.78
CA ILE G 17 -24.83 37.56 83.50
C ILE G 17 -26.23 37.01 83.62
N GLY G 18 -26.58 36.47 84.78
CA GLY G 18 -27.87 35.82 84.97
C GLY G 18 -29.07 36.75 84.96
N LEU G 19 -28.85 38.05 84.94
CA LEU G 19 -29.96 38.99 84.88
C LEU G 19 -30.62 39.01 83.51
N LEU G 20 -29.94 38.50 82.47
CA LEU G 20 -30.54 38.49 81.15
C LEU G 20 -31.69 37.53 81.07
N GLY G 21 -31.68 36.49 81.92
CA GLY G 21 -32.80 35.58 81.98
C GLY G 21 -34.08 36.26 82.40
N ALA G 22 -34.02 37.08 83.44
CA ALA G 22 -35.18 37.87 83.84
C ALA G 22 -35.50 38.94 82.81
N GLY G 23 -34.47 39.56 82.23
CA GLY G 23 -34.68 40.62 81.26
C GLY G 23 -35.37 40.15 80.00
N ILE G 24 -35.20 38.90 79.63
CA ILE G 24 -35.95 38.32 78.52
C ILE G 24 -37.28 37.75 79.00
N GLY G 25 -37.30 37.18 80.20
CA GLY G 25 -38.46 36.43 80.65
C GLY G 25 -39.65 37.29 80.98
N ILE G 26 -39.41 38.46 81.57
CA ILE G 26 -40.47 39.43 81.81
C ILE G 26 -41.13 39.82 80.50
N ALA G 27 -40.34 39.90 79.43
CA ALA G 27 -40.88 40.19 78.12
C ALA G 27 -41.71 39.05 77.56
N ILE G 28 -41.28 37.79 77.77
CA ILE G 28 -42.12 36.68 77.26
C ILE G 28 -43.46 36.66 77.99
N VAL G 29 -43.43 36.89 79.31
CA VAL G 29 -44.66 36.92 80.11
C VAL G 29 -45.59 38.02 79.63
N PHE G 30 -45.09 39.24 79.55
CA PHE G 30 -45.93 40.35 79.12
C PHE G 30 -46.28 40.27 77.64
N ALA G 31 -45.52 39.51 76.85
CA ALA G 31 -45.85 39.33 75.45
C ALA G 31 -47.06 38.42 75.29
N ALA G 32 -47.06 37.31 76.03
CA ALA G 32 -48.24 36.45 76.02
C ALA G 32 -49.43 37.16 76.64
N LEU G 33 -49.17 38.02 77.62
CA LEU G 33 -50.21 38.88 78.21
C LEU G 33 -50.86 39.77 77.15
N ILE G 34 -50.03 40.50 76.40
CA ILE G 34 -50.53 41.42 75.38
C ILE G 34 -51.25 40.65 74.27
N ASN G 35 -50.71 39.50 73.86
CA ASN G 35 -51.34 38.72 72.80
C ASN G 35 -52.67 38.14 73.26
N GLY G 36 -52.77 37.73 74.52
CA GLY G 36 -54.03 37.19 75.01
C GLY G 36 -55.09 38.26 75.22
N VAL G 37 -54.68 39.43 75.72
CA VAL G 37 -55.63 40.52 75.91
C VAL G 37 -56.11 41.05 74.57
N SER G 38 -55.20 41.18 73.61
CA SER G 38 -55.58 41.61 72.27
C SER G 38 -56.39 40.55 71.53
N ARG G 39 -56.25 39.27 71.92
CA ARG G 39 -57.08 38.24 71.32
C ARG G 39 -58.49 38.29 71.91
N ASN G 40 -58.59 38.43 73.23
CA ASN G 40 -59.89 38.53 73.89
C ASN G 40 -59.79 39.53 75.03
N PRO G 41 -60.46 40.68 74.93
CA PRO G 41 -60.29 41.72 75.94
C PRO G 41 -60.97 41.41 77.26
N SER G 42 -61.97 40.53 77.28
CA SER G 42 -62.79 40.35 78.47
C SER G 42 -62.08 39.53 79.54
N ILE G 43 -60.99 38.87 79.19
CA ILE G 43 -60.34 37.92 80.09
C ILE G 43 -59.17 38.63 80.76
N LYS G 44 -59.12 39.96 80.61
CA LYS G 44 -57.96 40.74 81.03
C LYS G 44 -57.80 40.75 82.55
N ASP G 45 -58.88 41.01 83.28
CA ASP G 45 -58.78 41.03 84.73
C ASP G 45 -58.62 39.66 85.35
N THR G 46 -58.87 38.59 84.58
CA THR G 46 -58.55 37.23 85.03
C THR G 46 -57.09 36.90 84.79
N VAL G 47 -56.57 37.28 83.63
CA VAL G 47 -55.24 36.89 83.20
C VAL G 47 -54.15 37.74 83.87
N PHE G 48 -54.38 39.05 83.94
CA PHE G 48 -53.41 39.98 84.52
C PHE G 48 -52.86 39.67 85.93
N PRO G 49 -53.60 39.04 86.86
CA PRO G 49 -52.93 38.57 88.08
C PRO G 49 -51.88 37.50 87.83
N MET G 50 -52.10 36.60 86.86
CA MET G 50 -51.06 35.64 86.50
C MET G 50 -49.84 36.33 85.91
N ALA G 51 -50.05 37.43 85.18
CA ALA G 51 -48.94 38.18 84.62
C ALA G 51 -48.14 38.88 85.71
N ILE G 52 -48.83 39.44 86.71
CA ILE G 52 -48.13 40.06 87.84
C ILE G 52 -47.35 39.01 88.63
N LEU G 53 -47.94 37.82 88.79
CA LEU G 53 -47.24 36.71 89.45
C LEU G 53 -45.99 36.30 88.67
N GLY G 54 -46.09 36.25 87.35
CA GLY G 54 -44.95 35.88 86.53
C GLY G 54 -43.84 36.90 86.58
N PHE G 55 -44.21 38.19 86.55
CA PHE G 55 -43.22 39.25 86.73
C PHE G 55 -42.54 39.17 88.08
N ALA G 56 -43.31 38.88 89.14
CA ALA G 56 -42.75 38.79 90.48
C ALA G 56 -41.75 37.65 90.60
N LEU G 57 -42.09 36.49 90.04
CA LEU G 57 -41.21 35.34 90.19
C LEU G 57 -39.96 35.47 89.30
N SER G 58 -40.12 36.02 88.09
CA SER G 58 -38.96 36.22 87.24
C SER G 58 -38.03 37.30 87.79
N GLU G 59 -38.59 38.36 88.38
CA GLU G 59 -37.76 39.37 89.01
C GLU G 59 -37.09 38.83 90.26
N ALA G 60 -37.73 37.86 90.93
CA ALA G 60 -37.08 37.20 92.06
C ALA G 60 -35.89 36.36 91.59
N THR G 61 -36.04 35.68 90.45
CA THR G 61 -34.92 34.92 89.91
C THR G 61 -33.77 35.82 89.48
N GLY G 62 -34.09 37.01 88.97
CA GLY G 62 -33.05 38.01 88.75
C GLY G 62 -32.45 38.52 90.04
N LEU G 63 -33.28 38.63 91.08
CA LEU G 63 -32.81 39.13 92.37
C LEU G 63 -31.87 38.14 93.04
N PHE G 64 -31.99 36.85 92.72
CA PHE G 64 -31.01 35.87 93.20
C PHE G 64 -29.62 36.16 92.65
N CYS G 65 -29.52 36.43 91.35
CA CYS G 65 -28.23 36.78 90.76
C CYS G 65 -27.72 38.10 91.32
N LEU G 66 -28.64 39.04 91.54
CA LEU G 66 -28.26 40.34 92.10
C LEU G 66 -27.73 40.20 93.52
N MET G 67 -28.35 39.34 94.34
CA MET G 67 -27.87 39.21 95.71
C MET G 67 -26.60 38.37 95.80
N VAL G 68 -26.39 37.47 94.84
CA VAL G 68 -25.10 36.78 94.77
C VAL G 68 -24.00 37.77 94.42
N SER G 69 -24.27 38.66 93.47
CA SER G 69 -23.28 39.68 93.10
C SER G 69 -23.07 40.68 94.24
N PHE G 70 -24.10 40.88 95.07
CA PHE G 70 -23.93 41.74 96.25
C PHE G 70 -23.11 41.05 97.34
N LEU G 71 -23.22 39.72 97.44
CA LEU G 71 -22.44 39.00 98.46
C LEU G 71 -20.95 39.05 98.17
N LEU G 72 -20.56 39.24 96.91
CA LEU G 72 -19.17 39.43 96.54
C LEU G 72 -18.69 40.85 96.74
N LEU G 73 -19.56 41.75 97.20
CA LEU G 73 -19.20 43.14 97.40
C LEU G 73 -19.47 43.57 98.85
N MET H 1 -3.58 29.20 99.93
CA MET H 1 -4.84 29.49 100.62
C MET H 1 -5.52 30.71 100.01
N GLN H 2 -4.74 31.77 99.81
CA GLN H 2 -5.26 32.99 99.19
C GLN H 2 -5.66 32.73 97.75
N LEU H 3 -4.80 32.03 97.02
CA LEU H 3 -5.11 31.61 95.65
C LEU H 3 -6.29 30.66 95.60
N VAL H 4 -6.49 29.88 96.67
CA VAL H 4 -7.61 28.94 96.72
C VAL H 4 -8.91 29.69 96.98
N LEU H 5 -8.88 30.66 97.91
CA LEU H 5 -10.06 31.47 98.19
C LEU H 5 -10.46 32.34 97.01
N ALA H 6 -9.47 32.85 96.30
CA ALA H 6 -9.70 33.60 95.07
C ALA H 6 -10.43 32.75 94.04
N ALA H 7 -10.01 31.50 93.89
CA ALA H 7 -10.64 30.62 92.93
C ALA H 7 -12.03 30.20 93.39
N LYS H 8 -12.24 30.08 94.70
CA LYS H 8 -13.59 29.82 95.21
C LYS H 8 -14.53 30.96 94.87
N TYR H 9 -14.04 32.20 94.98
CA TYR H 9 -14.88 33.33 94.64
C TYR H 9 -15.15 33.41 93.14
N ILE H 10 -14.14 33.08 92.31
CA ILE H 10 -14.32 33.07 90.87
C ILE H 10 -15.36 32.01 90.47
N GLY H 11 -15.25 30.82 91.05
CA GLY H 11 -16.20 29.77 90.73
C GLY H 11 -17.59 30.05 91.24
N ALA H 12 -17.71 30.71 92.39
CA ALA H 12 -19.00 31.14 92.89
C ALA H 12 -19.62 32.18 91.98
N GLY H 13 -18.78 33.02 91.36
CA GLY H 13 -19.29 33.93 90.36
C GLY H 13 -19.74 33.22 89.09
N ILE H 14 -18.98 32.22 88.65
CA ILE H 14 -19.31 31.46 87.45
C ILE H 14 -20.63 30.72 87.63
N SER H 15 -20.86 30.18 88.82
CA SER H 15 -21.89 29.18 89.04
C SER H 15 -23.30 29.73 88.87
N THR H 16 -23.49 31.04 88.99
CA THR H 16 -24.84 31.56 88.90
C THR H 16 -25.25 31.95 87.49
N ILE H 17 -24.48 31.54 86.47
CA ILE H 17 -24.92 31.76 85.10
C ILE H 17 -26.14 30.92 84.79
N GLY H 18 -26.22 29.72 85.37
CA GLY H 18 -27.32 28.80 85.09
C GLY H 18 -28.67 29.24 85.59
N LEU H 19 -28.73 30.29 86.41
CA LEU H 19 -30.01 30.82 86.88
C LEU H 19 -30.83 31.45 85.77
N LEU H 20 -30.20 31.84 84.66
CA LEU H 20 -30.95 32.41 83.56
C LEU H 20 -31.83 31.36 82.90
N GLY H 21 -31.46 30.08 83.03
CA GLY H 21 -32.32 29.01 82.56
C GLY H 21 -33.66 29.00 83.27
N ALA H 22 -33.64 29.12 84.60
CA ALA H 22 -34.88 29.19 85.36
C ALA H 22 -35.61 30.50 85.10
N GLY H 23 -34.86 31.59 84.93
CA GLY H 23 -35.49 32.89 84.69
C GLY H 23 -36.23 32.94 83.37
N ILE H 24 -35.70 32.28 82.34
CA ILE H 24 -36.44 32.20 81.08
C ILE H 24 -37.54 31.15 81.18
N GLY H 25 -37.28 30.06 81.92
CA GLY H 25 -38.19 28.93 81.86
C GLY H 25 -39.49 29.15 82.60
N ILE H 26 -39.44 29.78 83.77
CA ILE H 26 -40.65 30.16 84.52
C ILE H 26 -41.53 31.04 83.66
N ALA H 27 -40.90 31.86 82.82
CA ALA H 27 -41.63 32.73 81.91
C ALA H 27 -42.28 31.95 80.78
N ILE H 28 -41.59 30.95 80.22
CA ILE H 28 -42.24 30.16 79.16
C ILE H 28 -43.45 29.41 79.72
N VAL H 29 -43.32 28.91 80.97
CA VAL H 29 -44.43 28.23 81.62
C VAL H 29 -45.62 29.16 81.82
N PHE H 30 -45.37 30.32 82.44
CA PHE H 30 -46.47 31.25 82.70
C PHE H 30 -47.01 31.88 81.41
N ALA H 31 -46.19 31.98 80.38
CA ALA H 31 -46.65 32.54 79.11
C ALA H 31 -47.57 31.57 78.39
N ALA H 32 -47.23 30.28 78.42
CA ALA H 32 -48.14 29.28 77.87
C ALA H 32 -49.39 29.18 78.72
N LEU H 33 -49.28 29.41 80.03
CA LEU H 33 -50.44 29.48 80.90
C LEU H 33 -51.39 30.60 80.48
N ILE H 34 -50.82 31.78 80.20
CA ILE H 34 -51.63 32.93 79.79
C ILE H 34 -52.28 32.67 78.44
N ASN H 35 -51.52 32.08 77.51
CA ASN H 35 -52.08 31.75 76.20
C ASN H 35 -53.13 30.66 76.30
N GLY H 36 -53.02 29.78 77.29
CA GLY H 36 -54.01 28.73 77.45
C GLY H 36 -55.30 29.24 78.06
N VAL H 37 -55.19 30.16 79.03
CA VAL H 37 -56.38 30.77 79.59
C VAL H 37 -57.08 31.65 78.55
N SER H 38 -56.30 32.37 77.74
CA SER H 38 -56.89 33.23 76.73
C SER H 38 -57.46 32.43 75.58
N ARG H 39 -56.88 31.28 75.27
CA ARG H 39 -57.45 30.41 74.26
C ARG H 39 -58.73 29.76 74.77
N ASN H 40 -58.65 29.11 75.93
CA ASN H 40 -59.80 28.45 76.55
C ASN H 40 -59.99 29.04 77.93
N PRO H 41 -61.07 29.78 78.18
CA PRO H 41 -61.24 30.41 79.50
C PRO H 41 -61.61 29.43 80.59
N SER H 42 -62.26 28.32 80.26
CA SER H 42 -62.85 27.45 81.26
C SER H 42 -61.87 26.45 81.87
N ILE H 43 -60.64 26.41 81.38
CA ILE H 43 -59.74 25.31 81.71
C ILE H 43 -58.73 25.80 82.74
N LYS H 44 -59.05 26.92 83.40
CA LYS H 44 -58.10 27.58 84.30
C LYS H 44 -57.79 26.72 85.52
N ASP H 45 -58.83 26.16 86.14
CA ASP H 45 -58.64 25.36 87.34
C ASP H 45 -57.95 24.04 87.04
N THR H 46 -58.14 23.53 85.82
CA THR H 46 -57.44 22.31 85.42
C THR H 46 -55.95 22.59 85.17
N VAL H 47 -55.66 23.67 84.45
CA VAL H 47 -54.32 23.92 83.95
C VAL H 47 -53.39 24.49 85.02
N PHE H 48 -53.92 25.40 85.85
CA PHE H 48 -53.12 26.13 86.85
C PHE H 48 -52.24 25.30 87.80
N PRO H 49 -52.63 24.12 88.31
CA PRO H 49 -51.68 23.35 89.13
C PRO H 49 -50.51 22.80 88.35
N MET H 50 -50.68 22.50 87.06
CA MET H 50 -49.55 22.10 86.22
C MET H 50 -48.54 23.24 86.09
N ALA H 51 -49.03 24.47 85.99
CA ALA H 51 -48.14 25.63 85.91
C ALA H 51 -47.42 25.86 87.23
N ILE H 52 -48.12 25.63 88.36
CA ILE H 52 -47.47 25.75 89.67
C ILE H 52 -46.38 24.69 89.83
N LEU H 53 -46.69 23.47 89.40
CA LEU H 53 -45.71 22.38 89.40
C LEU H 53 -44.50 22.71 88.55
N GLY H 54 -44.74 23.29 87.37
CA GLY H 54 -43.65 23.62 86.47
C GLY H 54 -42.77 24.72 87.03
N PHE H 55 -43.38 25.71 87.67
CA PHE H 55 -42.63 26.75 88.37
C PHE H 55 -41.75 26.16 89.46
N ALA H 56 -42.30 25.24 90.25
CA ALA H 56 -41.54 24.66 91.37
C ALA H 56 -40.37 23.84 90.87
N LEU H 57 -40.60 23.00 89.84
CA LEU H 57 -39.53 22.14 89.34
C LEU H 57 -38.44 22.95 88.63
N SER H 58 -38.85 23.94 87.83
CA SER H 58 -37.86 24.75 87.12
C SER H 58 -37.10 25.65 88.08
N GLU H 59 -37.76 26.12 89.15
CA GLU H 59 -37.06 26.90 90.17
C GLU H 59 -36.07 26.04 90.92
N ALA H 60 -36.38 24.76 91.12
CA ALA H 60 -35.41 23.86 91.76
C ALA H 60 -34.21 23.60 90.86
N THR H 61 -34.46 23.43 89.56
CA THR H 61 -33.34 23.22 88.62
C THR H 61 -32.48 24.46 88.50
N GLY H 62 -33.06 25.64 88.66
CA GLY H 62 -32.26 26.84 88.76
C GLY H 62 -31.51 26.89 90.08
N LEU H 63 -32.18 26.49 91.16
CA LEU H 63 -31.65 26.60 92.51
C LEU H 63 -30.49 25.64 92.75
N PHE H 64 -30.36 24.61 91.92
CA PHE H 64 -29.17 23.75 91.97
C PHE H 64 -27.89 24.55 91.77
N CYS H 65 -27.88 25.47 90.81
CA CYS H 65 -26.72 26.34 90.60
C CYS H 65 -26.48 27.23 91.81
N LEU H 66 -27.56 27.72 92.41
CA LEU H 66 -27.45 28.61 93.56
C LEU H 66 -26.87 27.89 94.76
N MET H 67 -27.25 26.63 94.97
CA MET H 67 -26.71 25.90 96.10
C MET H 67 -25.28 25.42 95.82
N VAL H 68 -24.91 25.20 94.56
CA VAL H 68 -23.51 24.91 94.26
C VAL H 68 -22.65 26.15 94.54
N SER H 69 -23.16 27.33 94.20
CA SER H 69 -22.42 28.55 94.50
C SER H 69 -22.37 28.80 96.01
N PHE H 70 -23.41 28.39 96.74
CA PHE H 70 -23.39 28.45 98.20
C PHE H 70 -22.33 27.51 98.78
N LEU H 71 -22.18 26.33 98.18
CA LEU H 71 -21.13 25.41 98.60
C LEU H 71 -19.74 25.96 98.30
N LEU H 72 -19.62 26.69 97.20
CA LEU H 72 -18.32 27.29 96.86
C LEU H 72 -18.00 28.46 97.77
N LEU H 73 -19.01 29.18 98.25
CA LEU H 73 -18.77 30.31 99.14
C LEU H 73 -18.41 29.86 100.55
N PHE H 74 -19.10 28.84 101.06
CA PHE H 74 -18.97 28.45 102.46
C PHE H 74 -18.35 27.07 102.65
N GLY H 75 -18.92 26.04 102.03
CA GLY H 75 -18.44 24.69 102.21
C GLY H 75 -17.22 24.33 101.38
N GLN I 2 -2.09 25.19 97.27
CA GLN I 2 -2.05 24.25 96.17
C GLN I 2 -2.98 24.66 95.02
N LEU I 3 -2.48 24.49 93.80
CA LEU I 3 -3.20 24.97 92.64
C LEU I 3 -4.30 24.01 92.21
N VAL I 4 -4.11 22.73 92.48
CA VAL I 4 -5.01 21.70 91.94
C VAL I 4 -6.36 21.76 92.64
N LEU I 5 -6.35 21.98 93.95
CA LEU I 5 -7.62 22.09 94.68
C LEU I 5 -8.38 23.34 94.28
N ALA I 6 -7.67 24.42 93.95
CA ALA I 6 -8.32 25.63 93.45
C ALA I 6 -8.91 25.41 92.06
N ALA I 7 -8.19 24.68 91.21
CA ALA I 7 -8.71 24.33 89.89
C ALA I 7 -9.91 23.41 89.99
N LYS I 8 -9.96 22.58 91.03
CA LYS I 8 -11.15 21.77 91.30
C LYS I 8 -12.37 22.64 91.53
N TYR I 9 -12.23 23.69 92.34
CA TYR I 9 -13.38 24.57 92.60
C TYR I 9 -13.74 25.40 91.37
N ILE I 10 -12.75 25.80 90.58
CA ILE I 10 -13.03 26.51 89.31
C ILE I 10 -13.84 25.62 88.38
N GLY I 11 -13.38 24.39 88.16
CA GLY I 11 -14.08 23.49 87.26
C GLY I 11 -15.46 23.08 87.78
N ALA I 12 -15.61 22.98 89.09
CA ALA I 12 -16.92 22.73 89.67
C ALA I 12 -17.84 23.92 89.45
N GLY I 13 -17.28 25.12 89.46
CA GLY I 13 -18.07 26.29 89.12
C GLY I 13 -18.45 26.32 87.65
N ILE I 14 -17.54 25.88 86.78
CA ILE I 14 -17.79 25.90 85.34
C ILE I 14 -18.89 24.92 84.98
N SER I 15 -18.84 23.71 85.54
CA SER I 15 -19.70 22.63 85.07
C SER I 15 -21.17 22.78 85.42
N THR I 16 -21.56 23.82 86.15
CA THR I 16 -22.97 24.02 86.45
C THR I 16 -23.68 24.87 85.42
N ILE I 17 -22.99 25.30 84.36
CA ILE I 17 -23.62 26.11 83.32
C ILE I 17 -24.66 25.29 82.56
N GLY I 18 -24.41 23.98 82.42
CA GLY I 18 -25.29 23.12 81.66
C GLY I 18 -26.66 22.90 82.28
N LEU I 19 -26.87 23.33 83.52
CA LEU I 19 -28.17 23.19 84.16
C LEU I 19 -29.22 24.11 83.56
N LEU I 20 -28.79 25.16 82.85
CA LEU I 20 -29.76 26.03 82.18
C LEU I 20 -30.45 25.30 81.05
N GLY I 21 -29.81 24.26 80.51
CA GLY I 21 -30.46 23.42 79.51
C GLY I 21 -31.71 22.75 80.05
N ALA I 22 -31.60 22.16 81.23
CA ALA I 22 -32.78 21.60 81.88
C ALA I 22 -33.76 22.69 82.28
N GLY I 23 -33.25 23.81 82.79
CA GLY I 23 -34.11 24.88 83.26
C GLY I 23 -34.93 25.55 82.17
N ILE I 24 -34.47 25.45 80.93
CA ILE I 24 -35.28 25.93 79.81
C ILE I 24 -36.14 24.80 79.26
N GLY I 25 -35.58 23.60 79.15
CA GLY I 25 -36.25 22.54 78.40
C GLY I 25 -37.45 21.97 79.12
N ILE I 26 -37.36 21.80 80.44
CA ILE I 26 -38.48 21.37 81.27
C ILE I 26 -39.66 22.30 81.08
N ALA I 27 -39.37 23.59 80.92
CA ALA I 27 -40.40 24.57 80.67
C ALA I 27 -40.98 24.44 79.27
N ILE I 28 -40.17 24.11 78.27
CA ILE I 28 -40.75 23.91 76.93
C ILE I 28 -41.72 22.72 76.94
N VAL I 29 -41.37 21.67 77.68
CA VAL I 29 -42.25 20.50 77.80
C VAL I 29 -43.54 20.87 78.51
N PHE I 30 -43.44 21.57 79.64
CA PHE I 30 -44.64 21.97 80.37
C PHE I 30 -45.45 23.01 79.61
N ALA I 31 -44.80 23.80 78.75
CA ALA I 31 -45.51 24.76 77.94
C ALA I 31 -46.32 24.07 76.86
N ALA I 32 -45.74 23.06 76.21
CA ALA I 32 -46.49 22.26 75.25
C ALA I 32 -47.59 21.49 75.94
N LEU I 33 -47.36 21.08 77.18
CA LEU I 33 -48.38 20.42 77.99
C LEU I 33 -49.58 21.34 78.21
N ILE I 34 -49.31 22.59 78.59
CA ILE I 34 -50.38 23.55 78.84
C ILE I 34 -51.12 23.88 77.54
N ASN I 35 -50.38 24.12 76.46
CA ASN I 35 -51.01 24.41 75.18
C ASN I 35 -51.68 23.20 74.54
N GLY I 36 -51.40 21.99 75.02
CA GLY I 36 -52.12 20.83 74.57
C GLY I 36 -53.40 20.58 75.35
N VAL I 37 -53.33 20.79 76.67
CA VAL I 37 -54.52 20.64 77.50
C VAL I 37 -55.52 21.73 77.19
N SER I 38 -55.03 22.95 76.92
CA SER I 38 -55.94 24.06 76.63
C SER I 38 -56.58 23.91 75.26
N ARG I 39 -55.87 23.31 74.31
CA ARG I 39 -56.46 23.06 73.00
C ARG I 39 -57.40 21.85 73.06
N ASN I 40 -57.01 20.82 73.79
CA ASN I 40 -57.81 19.60 73.92
C ASN I 40 -57.75 19.15 75.38
N PRO I 41 -58.82 19.37 76.17
CA PRO I 41 -58.80 18.92 77.56
C PRO I 41 -58.98 17.42 77.72
N SER I 42 -59.51 16.73 76.71
CA SER I 42 -59.85 15.32 76.82
C SER I 42 -58.63 14.40 76.71
N ILE I 43 -57.46 14.94 76.39
CA ILE I 43 -56.28 14.12 76.17
C ILE I 43 -55.27 14.26 77.32
N LYS I 44 -55.72 14.87 78.43
CA LYS I 44 -54.82 15.24 79.53
C LYS I 44 -54.20 14.02 80.20
N ASP I 45 -55.01 13.00 80.48
CA ASP I 45 -54.52 11.81 81.18
C ASP I 45 -53.62 10.98 80.29
N THR I 46 -53.79 11.07 78.98
CA THR I 46 -52.86 10.41 78.06
C THR I 46 -51.54 11.16 77.98
N VAL I 47 -51.61 12.49 77.92
CA VAL I 47 -50.43 13.29 77.62
C VAL I 47 -49.53 13.45 78.83
N PHE I 48 -50.12 13.63 80.02
CA PHE I 48 -49.38 13.91 81.25
C PHE I 48 -48.23 12.95 81.63
N PRO I 49 -48.30 11.62 81.43
CA PRO I 49 -47.10 10.81 81.68
C PRO I 49 -45.94 11.09 80.73
N MET I 50 -46.22 11.51 79.50
CA MET I 50 -45.14 11.91 78.60
C MET I 50 -44.44 13.16 79.10
N ALA I 51 -45.20 14.08 79.69
CA ALA I 51 -44.60 15.27 80.30
C ALA I 51 -43.75 14.91 81.51
N ILE I 52 -44.22 13.95 82.32
CA ILE I 52 -43.45 13.49 83.47
C ILE I 52 -42.15 12.82 83.01
N LEU I 53 -42.25 12.00 81.96
CA LEU I 53 -41.08 11.32 81.39
C LEU I 53 -40.08 12.31 80.84
N GLY I 54 -40.56 13.34 80.13
CA GLY I 54 -39.68 14.34 79.58
C GLY I 54 -38.99 15.17 80.66
N PHE I 55 -39.73 15.50 81.73
CA PHE I 55 -39.13 16.14 82.89
C PHE I 55 -38.03 15.30 83.50
N ALA I 56 -38.28 13.99 83.61
CA ALA I 56 -37.29 13.10 84.23
C ALA I 56 -36.03 12.98 83.37
N LEU I 57 -36.20 12.88 82.05
CA LEU I 57 -35.03 12.70 81.18
C LEU I 57 -34.21 13.98 81.08
N SER I 58 -34.88 15.14 81.00
CA SER I 58 -34.14 16.39 80.98
C SER I 58 -33.50 16.68 82.33
N GLU I 59 -34.14 16.25 83.42
CA GLU I 59 -33.54 16.32 84.74
C GLU I 59 -32.29 15.45 84.82
N ALA I 60 -32.31 14.29 84.15
CA ALA I 60 -31.12 13.44 84.12
C ALA I 60 -29.99 14.09 83.33
N THR I 61 -30.33 14.77 82.23
CA THR I 61 -29.30 15.46 81.45
C THR I 61 -28.68 16.60 82.24
N GLY I 62 -29.48 17.29 83.05
CA GLY I 62 -28.90 18.29 83.94
C GLY I 62 -28.10 17.66 85.07
N LEU I 63 -28.59 16.54 85.60
CA LEU I 63 -27.97 15.90 86.74
C LEU I 63 -26.63 15.26 86.36
N PHE I 64 -26.41 14.97 85.08
CA PHE I 64 -25.09 14.55 84.64
C PHE I 64 -24.05 15.65 84.85
N CYS I 65 -24.40 16.89 84.45
CA CYS I 65 -23.52 18.02 84.73
C CYS I 65 -23.38 18.25 86.23
N LEU I 66 -24.46 18.04 86.97
CA LEU I 66 -24.41 18.22 88.41
C LEU I 66 -23.48 17.20 89.08
N MET I 67 -23.51 15.96 88.62
CA MET I 67 -22.65 14.95 89.24
C MET I 67 -21.21 15.07 88.77
N VAL I 68 -20.96 15.61 87.57
CA VAL I 68 -19.58 15.94 87.20
C VAL I 68 -19.06 17.09 88.06
N SER I 69 -19.95 18.02 88.41
CA SER I 69 -19.58 19.09 89.33
C SER I 69 -19.24 18.54 90.72
N PHE I 70 -20.04 17.58 91.21
CA PHE I 70 -19.74 16.97 92.51
C PHE I 70 -18.47 16.12 92.47
N LEU I 71 -18.20 15.44 91.35
CA LEU I 71 -16.96 14.68 91.23
C LEU I 71 -15.75 15.59 91.20
N LEU I 72 -15.87 16.76 90.58
CA LEU I 72 -14.79 17.73 90.65
C LEU I 72 -14.69 18.36 92.03
N LEU I 73 -15.79 18.37 92.78
CA LEU I 73 -15.73 18.85 94.17
C LEU I 73 -15.00 17.85 95.06
N PHE I 74 -15.53 16.64 95.18
CA PHE I 74 -15.13 15.72 96.23
C PHE I 74 -14.17 14.64 95.71
N GLY I 75 -14.61 13.85 94.72
CA GLY I 75 -13.80 12.77 94.21
C GLY I 75 -12.83 13.17 93.12
N MET J 1 2.81 15.89 87.69
CA MET J 1 2.93 17.34 87.59
C MET J 1 1.60 18.02 87.88
N GLN J 2 1.63 19.02 88.77
CA GLN J 2 0.40 19.67 89.19
C GLN J 2 -0.16 20.59 88.11
N LEU J 3 0.72 21.22 87.32
CA LEU J 3 0.30 22.21 86.34
C LEU J 3 -0.47 21.56 85.20
N VAL J 4 -0.10 20.33 84.84
CA VAL J 4 -0.84 19.63 83.80
C VAL J 4 -2.15 19.11 84.34
N LEU J 5 -2.11 18.55 85.55
CA LEU J 5 -3.25 17.90 86.20
C LEU J 5 -4.38 18.88 86.50
N ALA J 6 -4.03 20.05 87.04
CA ALA J 6 -4.99 21.11 87.33
C ALA J 6 -5.69 21.57 86.05
N ALA J 7 -4.91 21.72 84.97
CA ALA J 7 -5.50 22.07 83.69
C ALA J 7 -6.38 20.96 83.16
N LYS J 8 -6.08 19.71 83.49
CA LYS J 8 -6.97 18.62 83.08
C LYS J 8 -8.29 18.69 83.81
N TYR J 9 -8.26 19.06 85.10
CA TYR J 9 -9.50 19.29 85.84
C TYR J 9 -10.29 20.46 85.26
N ILE J 10 -9.58 21.53 84.84
CA ILE J 10 -10.25 22.68 84.24
C ILE J 10 -10.90 22.32 82.92
N GLY J 11 -10.20 21.54 82.08
CA GLY J 11 -10.78 21.13 80.81
C GLY J 11 -11.97 20.20 80.99
N ALA J 12 -11.91 19.34 82.01
CA ALA J 12 -13.08 18.53 82.35
C ALA J 12 -14.24 19.38 82.84
N GLY J 13 -13.94 20.49 83.51
CA GLY J 13 -15.00 21.42 83.88
C GLY J 13 -15.61 22.11 82.67
N ILE J 14 -14.74 22.57 81.75
CA ILE J 14 -15.17 23.31 80.57
C ILE J 14 -16.03 22.45 79.66
N SER J 15 -15.70 21.16 79.56
CA SER J 15 -16.28 20.30 78.52
C SER J 15 -17.78 20.14 78.67
N THR J 16 -18.27 20.05 79.91
CA THR J 16 -19.67 19.69 80.15
C THR J 16 -20.67 20.80 79.82
N ILE J 17 -20.23 21.93 79.26
CA ILE J 17 -21.15 22.99 78.87
C ILE J 17 -22.03 22.53 77.70
N GLY J 18 -21.48 21.69 76.83
CA GLY J 18 -22.20 21.26 75.63
C GLY J 18 -23.40 20.36 75.89
N LEU J 19 -23.57 19.89 77.12
CA LEU J 19 -24.69 19.00 77.44
C LEU J 19 -26.01 19.76 77.56
N LEU J 20 -25.97 21.10 77.64
CA LEU J 20 -27.21 21.87 77.64
C LEU J 20 -27.91 21.76 76.30
N GLY J 21 -27.19 21.49 75.22
CA GLY J 21 -27.78 21.21 73.93
C GLY J 21 -28.70 20.02 73.98
N ALA J 22 -28.23 18.92 74.55
CA ALA J 22 -29.06 17.73 74.71
C ALA J 22 -30.21 18.00 75.68
N GLY J 23 -29.94 18.79 76.73
CA GLY J 23 -30.96 19.07 77.72
C GLY J 23 -32.11 19.89 77.17
N ILE J 24 -31.81 20.85 76.30
CA ILE J 24 -32.87 21.57 75.61
C ILE J 24 -33.50 20.68 74.56
N GLY J 25 -32.70 19.82 73.92
CA GLY J 25 -33.15 19.20 72.69
C GLY J 25 -34.12 18.06 72.90
N ILE J 26 -33.83 17.17 73.85
CA ILE J 26 -34.73 16.09 74.23
C ILE J 26 -36.11 16.64 74.59
N ALA J 27 -36.11 17.77 75.27
CA ALA J 27 -37.34 18.42 75.68
C ALA J 27 -38.06 19.06 74.50
N ILE J 28 -37.32 19.58 73.52
CA ILE J 28 -37.96 20.09 72.30
C ILE J 28 -38.67 18.95 71.56
N VAL J 29 -38.03 17.78 71.53
CA VAL J 29 -38.63 16.61 70.87
C VAL J 29 -39.91 16.18 71.57
N PHE J 30 -39.85 16.07 72.90
CA PHE J 30 -41.05 15.65 73.65
C PHE J 30 -42.12 16.73 73.63
N ALA J 31 -41.74 18.00 73.53
CA ALA J 31 -42.73 19.05 73.44
C ALA J 31 -43.45 19.03 72.10
N ALA J 32 -42.73 18.76 71.02
CA ALA J 32 -43.38 18.61 69.74
C ALA J 32 -44.25 17.37 69.71
N LEU J 33 -43.83 16.32 70.43
CA LEU J 33 -44.67 15.13 70.59
C LEU J 33 -46.00 15.47 71.29
N ILE J 34 -45.92 16.28 72.35
CA ILE J 34 -47.11 16.67 73.08
C ILE J 34 -48.03 17.52 72.22
N ASN J 35 -47.46 18.50 71.51
CA ASN J 35 -48.26 19.33 70.61
C ASN J 35 -48.77 18.56 69.39
N GLY J 36 -48.17 17.43 69.07
CA GLY J 36 -48.64 16.63 67.97
C GLY J 36 -49.76 15.68 68.34
N VAL J 37 -49.72 15.16 69.58
CA VAL J 37 -50.82 14.31 70.05
C VAL J 37 -52.08 15.15 70.25
N SER J 38 -51.92 16.38 70.72
CA SER J 38 -53.05 17.25 70.99
C SER J 38 -53.78 17.71 69.73
N ARG J 39 -53.15 17.63 68.57
CA ARG J 39 -53.85 17.92 67.32
C ARG J 39 -54.57 16.68 66.79
N ASN J 40 -53.89 15.54 66.82
CA ASN J 40 -54.46 14.28 66.35
C ASN J 40 -54.06 13.20 67.35
N PRO J 41 -55.01 12.62 68.09
CA PRO J 41 -54.64 11.62 69.10
C PRO J 41 -54.42 10.23 68.54
N SER J 42 -54.89 9.95 67.32
CA SER J 42 -54.81 8.60 66.76
C SER J 42 -53.47 8.29 66.12
N ILE J 43 -52.48 9.17 66.26
CA ILE J 43 -51.19 9.01 65.62
C ILE J 43 -50.07 8.83 66.66
N LYS J 44 -50.45 8.70 67.94
CA LYS J 44 -49.49 8.62 69.04
C LYS J 44 -48.63 7.37 68.93
N ASP J 45 -49.23 6.23 68.57
CA ASP J 45 -48.50 4.98 68.47
C ASP J 45 -47.53 4.99 67.30
N THR J 46 -47.84 5.75 66.26
CA THR J 46 -46.89 5.87 65.15
C THR J 46 -45.76 6.82 65.51
N VAL J 47 -46.07 7.94 66.14
CA VAL J 47 -45.09 9.00 66.30
C VAL J 47 -44.12 8.72 67.45
N PHE J 48 -44.61 8.17 68.57
CA PHE J 48 -43.79 7.95 69.77
C PHE J 48 -42.49 7.14 69.59
N PRO J 49 -42.37 6.13 68.70
CA PRO J 49 -41.04 5.56 68.45
C PRO J 49 -40.04 6.55 67.88
N MET J 50 -40.48 7.48 67.03
CA MET J 50 -39.52 8.46 66.53
C MET J 50 -39.20 9.52 67.57
N ALA J 51 -40.10 9.72 68.52
CA ALA J 51 -39.79 10.59 69.65
C ALA J 51 -38.72 9.97 70.53
N ILE J 52 -38.82 8.67 70.80
CA ILE J 52 -37.78 8.06 71.64
C ILE J 52 -36.49 7.87 70.84
N LEU J 53 -36.60 7.76 69.51
CA LEU J 53 -35.41 7.79 68.67
C LEU J 53 -34.70 9.13 68.74
N GLY J 54 -35.48 10.21 68.72
CA GLY J 54 -34.89 11.54 68.84
C GLY J 54 -34.28 11.78 70.20
N PHE J 55 -34.91 11.23 71.25
CA PHE J 55 -34.31 11.21 72.58
C PHE J 55 -32.95 10.53 72.59
N ALA J 56 -32.86 9.36 71.96
CA ALA J 56 -31.59 8.62 71.94
C ALA J 56 -30.52 9.37 71.14
N LEU J 57 -30.88 9.88 69.97
CA LEU J 57 -29.90 10.53 69.11
C LEU J 57 -29.48 11.89 69.65
N SER J 58 -30.33 12.54 70.43
CA SER J 58 -29.92 13.78 71.08
C SER J 58 -29.16 13.52 72.36
N GLU J 59 -29.43 12.40 73.04
CA GLU J 59 -28.62 12.02 74.18
C GLU J 59 -27.22 11.59 73.73
N ALA J 60 -27.09 11.14 72.48
CA ALA J 60 -25.80 10.73 71.94
C ALA J 60 -24.80 11.88 71.93
N THR J 61 -25.22 13.04 71.41
CA THR J 61 -24.33 14.19 71.35
C THR J 61 -24.08 14.82 72.71
N GLY J 62 -24.84 14.45 73.73
CA GLY J 62 -24.50 14.87 75.07
C GLY J 62 -23.55 13.90 75.72
N LEU J 63 -23.69 12.62 75.37
CA LEU J 63 -22.79 11.65 75.98
C LEU J 63 -21.42 11.64 75.32
N PHE J 64 -21.29 12.14 74.08
CA PHE J 64 -19.95 12.38 73.54
C PHE J 64 -19.24 13.45 74.35
N CYS J 65 -19.95 14.51 74.69
CA CYS J 65 -19.46 15.53 75.60
C CYS J 65 -19.07 14.96 76.95
N LEU J 66 -19.93 14.09 77.48
CA LEU J 66 -19.65 13.47 78.77
C LEU J 66 -18.46 12.51 78.68
N MET J 67 -18.27 11.90 77.51
CA MET J 67 -17.12 11.04 77.26
C MET J 67 -15.82 11.82 77.28
N VAL J 68 -15.81 12.98 76.61
CA VAL J 68 -14.63 13.85 76.64
C VAL J 68 -14.37 14.36 78.04
N SER J 69 -15.44 14.59 78.80
CA SER J 69 -15.30 15.02 80.20
C SER J 69 -14.65 13.93 81.05
N PHE J 70 -15.04 12.67 80.88
CA PHE J 70 -14.43 11.61 81.68
C PHE J 70 -13.02 11.29 81.19
N LEU J 71 -12.76 11.42 79.90
CA LEU J 71 -11.39 11.25 79.41
C LEU J 71 -10.46 12.36 79.88
N LEU J 72 -11.01 13.53 80.19
CA LEU J 72 -10.24 14.54 80.93
C LEU J 72 -10.39 14.40 82.44
N LEU J 73 -10.84 13.27 82.94
CA LEU J 73 -10.80 12.99 84.37
C LEU J 73 -9.91 11.80 84.70
N PHE J 74 -10.12 10.67 84.03
CA PHE J 74 -9.55 9.40 84.44
C PHE J 74 -8.62 8.82 83.37
N GLY J 75 -7.97 9.67 82.59
CA GLY J 75 -7.07 9.22 81.55
C GLY J 75 -5.96 10.20 81.26
N MET K 1 -1.29 24.69 57.38
CA MET K 1 -1.13 23.24 57.43
C MET K 1 0.01 22.79 56.52
N PRO K 2 0.78 21.78 56.95
CA PRO K 2 2.05 21.54 56.27
C PRO K 2 1.90 20.86 54.94
N GLN K 3 0.83 20.11 54.74
CA GLN K 3 0.80 19.21 53.60
C GLN K 3 0.27 19.88 52.35
N LEU K 4 -0.57 20.89 52.50
CA LEU K 4 -1.12 21.57 51.34
C LEU K 4 -0.34 22.82 50.98
N VAL K 5 0.81 23.05 51.62
CA VAL K 5 1.73 24.10 51.18
C VAL K 5 3.10 23.49 50.84
N PRO K 6 3.27 22.70 49.75
CA PRO K 6 4.62 22.40 49.28
C PRO K 6 5.07 23.30 48.14
N PHE K 7 6.17 22.89 47.49
CA PHE K 7 6.62 23.44 46.22
C PHE K 7 5.78 23.02 45.03
N TYR K 8 4.83 22.09 45.21
CA TYR K 8 4.15 21.48 44.09
C TYR K 8 2.96 22.28 43.59
N PHE K 9 2.93 23.60 43.87
CA PHE K 9 1.79 24.42 43.50
C PHE K 9 1.61 24.46 41.99
N MET K 10 2.70 24.68 41.27
CA MET K 10 2.61 24.77 39.82
C MET K 10 2.33 23.40 39.20
N ASN K 11 2.79 22.33 39.85
CA ASN K 11 2.43 20.97 39.43
C ASN K 11 0.93 20.75 39.50
N GLN K 12 0.35 20.98 40.69
CA GLN K 12 -1.08 20.86 40.94
C GLN K 12 -1.87 21.65 39.92
N LEU K 13 -1.55 22.93 39.81
CA LEU K 13 -2.33 23.83 38.99
C LEU K 13 -2.14 23.56 37.51
N THR K 14 -0.96 23.07 37.09
CA THR K 14 -0.71 22.79 35.68
C THR K 14 -1.51 21.59 35.21
N TYR K 15 -1.40 20.46 35.91
CA TYR K 15 -2.19 19.30 35.49
C TYR K 15 -3.67 19.52 35.72
N GLY K 16 -4.04 20.33 36.71
CA GLY K 16 -5.44 20.63 36.91
C GLY K 16 -6.05 21.43 35.77
N PHE K 17 -5.36 22.49 35.33
CA PHE K 17 -5.95 23.29 34.26
C PHE K 17 -5.84 22.58 32.92
N LEU K 18 -4.83 21.73 32.72
CA LEU K 18 -4.79 20.89 31.53
C LEU K 18 -5.96 19.93 31.51
N LEU K 19 -6.30 19.37 32.67
CA LEU K 19 -7.44 18.49 32.74
C LEU K 19 -8.75 19.24 32.55
N MET K 20 -8.82 20.48 33.01
CA MET K 20 -10.04 21.26 32.85
C MET K 20 -10.29 21.62 31.38
N ILE K 21 -9.25 22.09 30.69
CA ILE K 21 -9.39 22.41 29.27
C ILE K 21 -9.64 21.14 28.47
N THR K 22 -9.03 20.03 28.90
CA THR K 22 -9.21 18.74 28.26
C THR K 22 -10.65 18.27 28.38
N LEU K 23 -11.17 18.23 29.60
CA LEU K 23 -12.55 17.82 29.83
C LEU K 23 -13.54 18.78 29.20
N LEU K 24 -13.21 20.06 29.11
CA LEU K 24 -14.13 21.02 28.51
C LEU K 24 -14.28 20.75 27.02
N ILE K 25 -13.15 20.69 26.30
CA ILE K 25 -13.17 20.41 24.86
C ILE K 25 -13.74 19.03 24.60
N LEU K 26 -13.34 18.07 25.42
CA LEU K 26 -13.69 16.67 25.31
C LEU K 26 -15.17 16.42 25.56
N PHE K 27 -15.71 16.89 26.69
CA PHE K 27 -17.16 16.87 26.94
C PHE K 27 -17.94 17.56 25.85
N SER K 28 -17.62 18.84 25.58
CA SER K 28 -18.45 19.67 24.73
C SER K 28 -18.50 19.16 23.30
N GLN K 29 -17.37 18.76 22.74
CA GLN K 29 -17.39 18.33 21.36
C GLN K 29 -17.72 16.85 21.20
N PHE K 30 -17.41 16.00 22.18
CA PHE K 30 -17.60 14.57 22.01
C PHE K 30 -18.83 14.04 22.73
N PHE K 31 -18.90 14.21 24.04
CA PHE K 31 -19.67 13.28 24.86
C PHE K 31 -21.07 13.77 25.18
N LEU K 32 -21.22 15.07 25.37
CA LEU K 32 -22.57 15.62 25.42
C LEU K 32 -23.34 15.47 24.11
N PRO K 33 -22.79 15.75 22.92
CA PRO K 33 -23.60 15.51 21.72
C PRO K 33 -23.79 14.05 21.37
N MET K 34 -22.98 13.12 21.89
CA MET K 34 -23.31 11.73 21.63
C MET K 34 -24.51 11.27 22.46
N ILE K 35 -24.82 12.00 23.54
CA ILE K 35 -26.08 11.77 24.21
C ILE K 35 -27.20 12.48 23.47
N LEU K 36 -26.91 13.66 22.94
CA LEU K 36 -27.96 14.42 22.29
C LEU K 36 -28.35 13.81 20.95
N ARG K 37 -27.45 13.07 20.31
CA ARG K 37 -27.81 12.30 19.13
C ARG K 37 -28.81 11.20 19.46
N LEU K 38 -28.62 10.55 20.62
CA LEU K 38 -29.59 9.58 21.11
C LEU K 38 -30.94 10.23 21.33
N TYR K 39 -30.94 11.46 21.89
CA TYR K 39 -32.20 12.17 22.12
C TYR K 39 -32.94 12.47 20.84
N VAL K 40 -32.24 13.07 19.87
CA VAL K 40 -32.88 13.48 18.63
C VAL K 40 -33.30 12.25 17.82
N SER K 41 -32.55 11.15 17.95
CA SER K 41 -32.90 9.91 17.26
C SER K 41 -34.16 9.29 17.85
N ARG K 42 -34.25 9.23 19.18
CA ARG K 42 -35.44 8.70 19.83
C ARG K 42 -36.67 9.52 19.50
N LEU K 43 -36.52 10.85 19.48
CA LEU K 43 -37.66 11.68 19.16
C LEU K 43 -38.00 11.61 17.68
N PHE K 44 -37.02 11.34 16.82
CA PHE K 44 -37.30 11.27 15.40
C PHE K 44 -38.00 9.96 15.04
N ILE K 45 -37.65 8.88 15.73
CA ILE K 45 -38.39 7.62 15.55
C ILE K 45 -39.78 7.75 16.18
N SER K 46 -39.88 8.53 17.26
CA SER K 46 -41.18 8.74 17.90
C SER K 46 -42.13 9.55 17.02
N LYS K 47 -41.62 10.60 16.38
CA LYS K 47 -42.48 11.40 15.50
C LYS K 47 -42.75 10.67 14.20
N LEU K 48 -41.74 9.98 13.67
CA LEU K 48 -41.79 9.18 12.43
C LEU K 48 -42.24 9.98 11.20
N SER L 1 0.58 12.04 63.43
CA SER L 1 0.29 12.70 62.17
C SER L 1 -0.81 11.97 61.40
N PRO L 2 -2.07 12.34 61.66
CA PRO L 2 -3.19 11.68 60.95
C PRO L 2 -3.40 12.21 59.56
N LEU L 3 -2.66 13.23 59.16
CA LEU L 3 -2.86 13.92 57.90
C LEU L 3 -1.82 13.51 56.86
N ASP L 4 -1.18 12.36 57.04
CA ASP L 4 -0.18 11.91 56.08
C ASP L 4 -0.79 11.34 54.82
N GLN L 5 -2.12 11.22 54.75
CA GLN L 5 -2.74 10.67 53.56
C GLN L 5 -2.76 11.65 52.39
N PHE L 6 -2.38 12.90 52.59
CA PHE L 6 -2.41 13.88 51.52
C PHE L 6 -1.02 14.22 51.00
N GLU L 7 -0.02 13.40 51.29
CA GLU L 7 1.34 13.67 50.84
C GLU L 7 1.44 13.51 49.34
N ILE L 8 2.17 14.42 48.70
CA ILE L 8 2.37 14.37 47.26
C ILE L 8 3.77 13.85 47.00
N ARG L 9 3.87 12.72 46.31
CA ARG L 9 5.14 12.07 46.05
C ARG L 9 5.39 12.06 44.56
N THR L 10 6.60 12.40 44.15
CA THR L 10 6.97 12.38 42.74
C THR L 10 7.36 10.97 42.32
N LEU L 11 6.90 10.57 41.13
CA LEU L 11 7.09 9.21 40.66
C LEU L 11 7.96 9.09 39.42
N PHE L 12 7.55 9.72 38.31
CA PHE L 12 8.25 9.46 37.06
C PHE L 12 9.43 10.39 36.88
N GLY L 13 9.33 11.61 37.36
CA GLY L 13 10.47 12.51 37.44
C GLY L 13 10.91 13.13 36.14
N LEU L 14 11.38 14.36 36.22
CA LEU L 14 12.03 15.07 35.13
C LEU L 14 12.68 16.31 35.71
N GLN L 15 13.87 16.64 35.21
CA GLN L 15 14.58 17.81 35.69
C GLN L 15 15.47 18.30 34.57
N SER L 16 16.15 19.41 34.81
CA SER L 16 17.16 19.94 33.91
C SER L 16 18.04 20.88 34.72
N SER L 17 18.90 21.60 34.00
CA SER L 17 19.56 22.76 34.55
C SER L 17 19.42 23.99 33.68
N PHE L 18 18.98 23.82 32.43
CA PHE L 18 18.70 24.96 31.57
C PHE L 18 17.42 25.66 32.01
N ILE L 19 16.31 24.93 32.02
CA ILE L 19 14.98 25.50 32.24
C ILE L 19 14.31 24.69 33.34
N ASP L 20 13.45 25.34 34.11
CA ASP L 20 12.76 24.67 35.21
C ASP L 20 11.61 23.87 34.62
N LEU L 21 11.89 22.64 34.25
CA LEU L 21 10.89 21.74 33.71
C LEU L 21 10.26 20.89 34.80
N SER L 22 10.41 21.30 36.06
CA SER L 22 9.88 20.51 37.17
C SER L 22 8.39 20.78 37.41
N CYS L 23 7.81 21.70 36.62
CA CYS L 23 6.38 21.98 36.73
C CYS L 23 5.60 20.77 36.29
N LEU L 24 5.86 20.29 35.08
CA LEU L 24 5.18 19.10 34.59
C LEU L 24 6.07 17.88 34.81
N ASN L 25 5.54 16.91 35.55
CA ASN L 25 6.11 15.60 35.81
C ASN L 25 5.04 14.74 36.48
N LEU L 26 5.06 13.46 36.19
CA LEU L 26 4.00 12.57 36.67
C LEU L 26 4.12 12.37 38.17
N THR L 27 3.08 12.75 38.89
CA THR L 27 3.09 12.84 40.35
C THR L 27 1.79 12.18 40.81
N THR L 28 1.67 11.95 42.12
CA THR L 28 0.48 11.36 42.72
C THR L 28 -0.78 12.14 42.36
N PHE L 29 -0.70 13.47 42.50
CA PHE L 29 -1.78 14.33 42.04
C PHE L 29 -1.98 14.19 40.54
N SER L 30 -0.88 14.16 39.79
CA SER L 30 -0.99 14.07 38.34
C SER L 30 -1.50 12.70 37.90
N LEU L 31 -1.06 11.64 38.58
CA LEU L 31 -1.51 10.31 38.23
C LEU L 31 -2.99 10.14 38.54
N TYR L 32 -3.46 10.75 39.64
CA TYR L 32 -4.88 10.67 39.90
C TYR L 32 -5.70 11.57 38.99
N THR L 33 -5.11 12.62 38.43
CA THR L 33 -5.82 13.33 37.36
C THR L 33 -5.92 12.48 36.09
N ILE L 34 -4.86 11.74 35.76
CA ILE L 34 -4.94 10.79 34.64
C ILE L 34 -6.00 9.73 34.89
N ILE L 35 -6.12 9.28 36.15
CA ILE L 35 -7.14 8.29 36.48
C ILE L 35 -8.55 8.88 36.39
N VAL L 36 -8.74 10.13 36.83
CA VAL L 36 -10.04 10.80 36.70
C VAL L 36 -10.43 10.96 35.24
N LEU L 37 -9.47 11.36 34.40
CA LEU L 37 -9.74 11.51 32.97
C LEU L 37 -10.07 10.17 32.32
N LEU L 38 -9.40 9.10 32.72
CA LEU L 38 -9.69 7.80 32.12
C LEU L 38 -11.01 7.22 32.62
N VAL L 39 -11.42 7.55 33.85
CA VAL L 39 -12.71 7.10 34.35
C VAL L 39 -13.83 7.82 33.61
N ILE L 40 -13.71 9.14 33.48
CA ILE L 40 -14.72 9.92 32.77
C ILE L 40 -14.76 9.54 31.30
N THR L 41 -13.62 9.15 30.73
CA THR L 41 -13.62 8.61 29.38
C THR L 41 -14.29 7.25 29.34
N SER L 42 -14.10 6.45 30.39
CA SER L 42 -14.68 5.12 30.45
C SER L 42 -16.18 5.16 30.69
N LEU L 43 -16.69 6.23 31.28
CA LEU L 43 -18.12 6.30 31.54
C LEU L 43 -18.93 6.60 30.29
N TYR L 44 -18.29 6.89 29.17
CA TYR L 44 -19.04 7.22 27.97
C TYR L 44 -18.59 6.49 26.72
N THR L 45 -17.36 5.96 26.70
CA THR L 45 -16.85 5.35 25.47
C THR L 45 -17.28 3.90 25.34
N LEU L 46 -16.85 3.06 26.28
CA LEU L 46 -17.24 1.66 26.33
C LEU L 46 -18.56 1.43 27.05
N THR L 47 -19.15 2.48 27.60
CA THR L 47 -20.50 2.37 28.13
C THR L 47 -21.50 2.09 27.03
N ASN L 48 -21.41 2.82 25.94
CA ASN L 48 -22.35 2.68 24.83
C ASN L 48 -22.00 1.40 24.07
N ASN L 49 -22.82 0.37 24.24
CA ASN L 49 -22.70 -0.84 23.44
C ASN L 49 -23.03 -0.52 21.99
N ASN L 50 -22.00 -0.63 21.13
CA ASN L 50 -21.96 -0.47 19.66
C ASN L 50 -22.88 0.60 19.10
N ASN L 51 -22.96 1.73 19.81
CA ASN L 51 -23.80 2.89 19.47
C ASN L 51 -25.27 2.50 19.28
N LYS L 52 -25.81 1.77 20.25
CA LYS L 52 -27.19 1.34 20.22
C LYS L 52 -28.10 2.47 20.69
N ILE L 53 -29.30 2.52 20.11
CA ILE L 53 -30.28 3.55 20.48
C ILE L 53 -30.80 3.32 21.89
N ILE L 54 -31.04 2.07 22.26
CA ILE L 54 -31.77 1.72 23.47
C ILE L 54 -31.05 2.14 24.75
N GLY L 55 -29.72 2.25 24.71
CA GLY L 55 -29.03 2.85 25.83
C GLY L 55 -28.98 1.98 27.06
N SER L 56 -28.13 0.95 27.03
CA SER L 56 -28.00 -0.06 28.09
C SER L 56 -27.79 0.51 29.49
N ARG L 57 -28.06 -0.32 30.50
CA ARG L 57 -28.18 0.04 31.92
C ARG L 57 -27.08 0.93 32.49
N TRP L 58 -25.88 0.87 31.92
CA TRP L 58 -24.83 1.80 32.32
C TRP L 58 -25.12 3.20 31.85
N LEU L 59 -25.79 3.35 30.70
CA LEU L 59 -25.98 4.68 30.15
C LEU L 59 -27.12 5.42 30.83
N ILE L 60 -27.95 4.75 31.64
CA ILE L 60 -28.98 5.42 32.41
C ILE L 60 -28.36 6.33 33.48
N SER L 61 -27.20 5.94 34.01
CA SER L 61 -26.51 6.78 34.99
C SER L 61 -26.06 8.10 34.37
N GLN L 62 -25.34 8.02 33.25
CA GLN L 62 -24.88 9.23 32.57
C GLN L 62 -25.97 9.90 31.76
N GLU L 63 -27.16 9.29 31.70
CA GLU L 63 -28.37 9.96 31.25
C GLU L 63 -28.95 10.82 32.36
N ALA L 64 -29.00 10.27 33.57
CA ALA L 64 -29.62 10.96 34.69
C ALA L 64 -28.79 12.13 35.16
N ILE L 65 -27.46 12.00 35.10
CA ILE L 65 -26.60 13.12 35.49
C ILE L 65 -26.76 14.28 34.50
N TYR L 66 -26.79 13.97 33.21
CA TYR L 66 -27.05 14.96 32.17
C TYR L 66 -28.39 15.64 32.36
N ASP L 67 -29.43 14.88 32.68
CA ASP L 67 -30.74 15.50 32.78
C ASP L 67 -30.90 16.29 34.05
N THR L 68 -30.25 15.87 35.14
CA THR L 68 -30.39 16.62 36.38
C THR L 68 -29.48 17.83 36.40
N ILE L 69 -28.56 17.96 35.43
CA ILE L 69 -27.81 19.21 35.32
C ILE L 69 -28.32 20.10 34.19
N MET L 70 -29.02 19.54 33.21
CA MET L 70 -29.78 20.40 32.31
C MET L 70 -30.93 21.07 33.04
N ASN L 71 -31.75 20.28 33.75
CA ASN L 71 -32.90 20.86 34.45
C ASN L 71 -32.51 21.69 35.65
N MET L 72 -31.25 21.70 36.04
CA MET L 72 -30.77 22.60 37.07
C MET L 72 -30.26 23.92 36.51
N THR L 73 -29.58 23.91 35.36
CA THR L 73 -29.07 25.15 34.79
C THR L 73 -30.09 25.82 33.87
N LYS L 74 -31.20 25.15 33.58
CA LYS L 74 -32.31 25.83 32.95
C LYS L 74 -33.13 26.63 33.95
N GLY L 75 -33.16 26.20 35.19
CA GLY L 75 -33.83 26.93 36.24
C GLY L 75 -32.99 27.95 36.96
N GLN L 76 -31.76 28.20 36.52
CA GLN L 76 -30.96 29.26 37.13
C GLN L 76 -30.70 30.40 36.16
N ILE L 77 -30.00 30.16 35.06
CA ILE L 77 -29.68 31.29 34.19
C ILE L 77 -30.80 31.56 33.19
N GLY L 78 -31.46 30.50 32.72
CA GLY L 78 -32.80 30.50 32.15
C GLY L 78 -33.24 31.61 31.21
N GLY L 79 -32.30 32.19 30.47
CA GLY L 79 -32.60 33.32 29.65
C GLY L 79 -32.74 32.97 28.20
N LYS L 80 -32.30 33.90 27.34
CA LYS L 80 -32.33 33.66 25.90
C LYS L 80 -31.33 32.57 25.51
N ASN L 81 -30.15 32.60 26.11
CA ASN L 81 -29.08 31.66 25.79
C ASN L 81 -28.52 31.08 27.09
N TRP L 82 -29.15 30.01 27.57
CA TRP L 82 -28.62 29.30 28.72
C TRP L 82 -27.72 28.15 28.33
N GLY L 83 -27.90 27.60 27.14
CA GLY L 83 -27.15 26.41 26.77
C GLY L 83 -25.72 26.69 26.36
N LEU L 84 -25.39 27.96 26.11
CA LEU L 84 -24.02 28.30 25.74
C LEU L 84 -23.04 28.13 26.91
N TYR L 85 -23.54 28.10 28.14
CA TYR L 85 -22.69 27.91 29.30
C TYR L 85 -22.94 26.58 29.97
N PHE L 86 -23.55 25.65 29.26
CA PHE L 86 -23.86 24.31 29.76
C PHE L 86 -22.69 23.32 29.78
N PRO L 87 -21.76 23.30 28.81
CA PRO L 87 -20.60 22.40 28.99
C PRO L 87 -19.73 22.73 30.19
N MET L 88 -19.56 24.00 30.54
CA MET L 88 -18.77 24.32 31.72
C MET L 88 -19.52 23.94 32.99
N ILE L 89 -20.84 24.12 33.01
CA ILE L 89 -21.61 23.77 34.19
C ILE L 89 -21.72 22.26 34.33
N PHE L 90 -21.46 21.49 33.28
CA PHE L 90 -21.43 20.04 33.41
C PHE L 90 -20.03 19.53 33.79
N THR L 91 -18.98 20.10 33.20
CA THR L 91 -17.64 19.64 33.49
C THR L 91 -17.09 20.19 34.78
N LEU L 92 -17.76 21.16 35.39
CA LEU L 92 -17.46 21.44 36.79
C LEU L 92 -18.13 20.45 37.71
N PHE L 93 -19.20 19.81 37.27
CA PHE L 93 -19.80 18.77 38.09
C PHE L 93 -18.95 17.52 38.07
N MET L 94 -18.73 16.97 36.87
CA MET L 94 -18.26 15.58 36.76
C MET L 94 -16.85 15.39 37.33
N PHE L 95 -16.01 16.42 37.26
CA PHE L 95 -14.72 16.37 37.93
C PHE L 95 -14.87 16.20 39.44
N ILE L 96 -15.78 16.96 40.04
CA ILE L 96 -15.89 16.92 41.49
C ILE L 96 -16.66 15.68 41.93
N PHE L 97 -17.56 15.20 41.08
CA PHE L 97 -18.32 14.00 41.42
C PHE L 97 -17.47 12.75 41.30
N ILE L 98 -16.59 12.66 40.31
CA ILE L 98 -15.73 11.51 40.18
C ILE L 98 -14.53 11.60 41.12
N ALA L 99 -14.01 12.80 41.33
CA ALA L 99 -12.87 12.95 42.22
C ALA L 99 -13.24 12.90 43.69
N ASN L 100 -14.51 12.74 44.03
CA ASN L 100 -14.92 12.48 45.40
C ASN L 100 -15.53 11.11 45.58
N LEU L 101 -15.54 10.28 44.55
CA LEU L 101 -15.84 8.87 44.73
C LEU L 101 -14.56 8.04 44.66
N ILE L 102 -13.62 8.45 43.81
CA ILE L 102 -12.29 7.85 43.78
C ILE L 102 -11.59 8.04 45.11
N SER L 103 -11.81 9.17 45.76
CA SER L 103 -11.14 9.42 47.02
C SER L 103 -11.71 8.61 48.18
N MET L 104 -12.84 7.93 47.97
CA MET L 104 -13.44 7.17 49.05
C MET L 104 -12.81 5.79 49.16
N ILE L 105 -12.22 5.29 48.08
CA ILE L 105 -11.51 4.01 48.00
C ILE L 105 -10.39 4.08 49.01
N PRO L 106 -10.19 3.05 49.88
CA PRO L 106 -9.39 3.23 51.10
C PRO L 106 -7.95 3.68 50.94
N TYR L 107 -7.14 2.98 50.14
CA TYR L 107 -5.78 3.41 49.87
C TYR L 107 -5.79 4.29 48.63
N SER L 108 -6.34 5.49 48.78
CA SER L 108 -6.39 6.45 47.69
C SER L 108 -6.29 7.84 48.28
N PHE L 109 -6.68 8.84 47.49
CA PHE L 109 -6.11 10.17 47.62
C PHE L 109 -7.08 11.20 47.08
N ALA L 110 -7.27 12.27 47.84
CA ALA L 110 -8.28 13.27 47.52
C ALA L 110 -7.69 14.35 46.63
N LEU L 111 -8.15 14.43 45.39
CA LEU L 111 -7.81 15.58 44.57
C LEU L 111 -8.46 16.83 45.13
N SER L 112 -9.69 16.70 45.63
CA SER L 112 -10.48 17.85 46.02
C SER L 112 -9.97 18.48 47.30
N ALA L 113 -9.22 17.74 48.10
CA ALA L 113 -8.77 18.32 49.35
C ALA L 113 -7.49 19.11 49.22
N HIS L 114 -7.08 19.51 48.03
CA HIS L 114 -5.96 20.42 47.87
C HIS L 114 -6.52 21.81 47.69
N LEU L 115 -6.31 22.65 48.71
CA LEU L 115 -6.90 23.98 48.70
C LEU L 115 -6.29 24.87 47.62
N VAL L 116 -5.03 24.61 47.27
CA VAL L 116 -4.34 25.44 46.29
C VAL L 116 -4.87 25.24 44.88
N PHE L 117 -5.38 24.05 44.57
CA PHE L 117 -6.00 23.88 43.27
C PHE L 117 -7.46 24.33 43.25
N ILE L 118 -8.23 24.03 44.29
CA ILE L 118 -9.66 24.35 44.27
C ILE L 118 -9.89 25.84 44.44
N ILE L 119 -9.12 26.49 45.32
CA ILE L 119 -9.19 27.95 45.45
C ILE L 119 -8.75 28.63 44.16
N SER L 120 -7.77 28.05 43.46
CA SER L 120 -7.37 28.58 42.16
C SER L 120 -8.48 28.44 41.13
N LEU L 121 -9.18 27.31 41.13
CA LEU L 121 -10.28 27.11 40.21
C LEU L 121 -11.43 28.07 40.51
N SER L 122 -11.66 28.35 41.79
CA SER L 122 -12.69 29.30 42.18
C SER L 122 -12.34 30.72 41.77
N ILE L 123 -11.07 31.12 41.93
CA ILE L 123 -10.65 32.46 41.51
C ILE L 123 -10.72 32.59 40.00
N VAL L 124 -10.44 31.49 39.28
CA VAL L 124 -10.58 31.49 37.82
C VAL L 124 -12.03 31.72 37.43
N ILE L 125 -12.97 31.04 38.08
CA ILE L 125 -14.37 31.26 37.75
C ILE L 125 -14.86 32.64 38.19
N TRP L 126 -14.31 33.21 39.26
CA TRP L 126 -14.74 34.55 39.66
C TRP L 126 -14.24 35.64 38.72
N LEU L 127 -12.95 35.58 38.34
CA LEU L 127 -12.46 36.53 37.35
C LEU L 127 -13.11 36.32 36.00
N GLY L 128 -13.43 35.08 35.66
CA GLY L 128 -14.14 34.88 34.43
C GLY L 128 -15.60 35.27 34.47
N ASN L 129 -16.15 35.52 35.65
CA ASN L 129 -17.43 36.21 35.70
C ASN L 129 -17.28 37.70 35.60
N THR L 130 -16.28 38.30 36.26
CA THR L 130 -16.16 39.76 36.23
C THR L 130 -15.76 40.26 34.85
N ILE L 131 -14.85 39.55 34.17
CA ILE L 131 -14.43 39.98 32.84
C ILE L 131 -15.57 39.82 31.85
N LEU L 132 -16.33 38.73 31.96
CA LEU L 132 -17.48 38.52 31.08
C LEU L 132 -18.56 39.55 31.31
N GLY L 133 -18.78 39.91 32.58
CA GLY L 133 -19.78 40.93 32.89
C GLY L 133 -19.39 42.30 32.39
N LEU L 134 -18.11 42.67 32.55
CA LEU L 134 -17.65 43.96 32.05
C LEU L 134 -17.71 44.02 30.54
N TYR L 135 -17.30 42.95 29.85
CA TYR L 135 -17.35 42.93 28.39
C TYR L 135 -18.78 42.99 27.88
N LYS L 136 -19.69 42.27 28.52
CA LYS L 136 -21.05 42.26 27.98
C LYS L 136 -21.83 43.50 28.36
N HIS L 137 -21.51 44.16 29.47
CA HIS L 137 -22.41 45.24 29.87
C HIS L 137 -21.72 46.52 30.29
N GLY L 138 -20.50 46.79 29.79
CA GLY L 138 -19.94 48.13 29.81
C GLY L 138 -19.67 48.67 31.19
N TRP L 139 -19.96 49.96 31.35
CA TRP L 139 -19.83 50.61 32.64
C TRP L 139 -21.03 50.37 33.54
N VAL L 140 -22.15 49.89 32.99
CA VAL L 140 -23.34 49.67 33.82
C VAL L 140 -23.33 48.30 34.48
N PHE L 141 -22.20 47.59 34.40
CA PHE L 141 -22.01 46.35 35.16
C PHE L 141 -22.10 46.61 36.65
N PHE L 142 -21.67 47.79 37.10
CA PHE L 142 -21.71 48.13 38.51
C PHE L 142 -23.12 48.38 39.03
N SER L 143 -24.14 48.34 38.16
CA SER L 143 -25.53 48.39 38.61
C SER L 143 -25.94 47.15 39.38
N LEU L 144 -25.16 46.08 39.32
CA LEU L 144 -25.33 44.91 40.15
C LEU L 144 -25.17 45.19 41.64
N PHE L 145 -24.48 46.27 41.98
CA PHE L 145 -24.10 46.55 43.36
C PHE L 145 -25.15 47.34 44.12
N VAL L 146 -26.20 47.79 43.47
CA VAL L 146 -27.36 48.38 44.15
C VAL L 146 -28.52 47.41 44.03
N PRO L 147 -29.16 47.04 45.15
CA PRO L 147 -30.11 45.91 45.13
C PRO L 147 -31.38 46.16 44.35
N ALA L 148 -32.13 47.18 44.75
CA ALA L 148 -33.43 47.49 44.19
C ALA L 148 -33.73 48.94 44.54
N GLY L 149 -35.00 49.31 44.47
CA GLY L 149 -35.43 50.60 44.99
C GLY L 149 -35.13 50.73 46.46
N THR L 150 -34.10 51.51 46.77
CA THR L 150 -33.56 51.71 48.10
C THR L 150 -33.48 53.21 48.37
N PRO L 151 -33.57 53.63 49.63
CA PRO L 151 -33.40 55.05 49.93
C PRO L 151 -31.95 55.49 49.73
N LEU L 152 -31.79 56.61 49.02
CA LEU L 152 -30.46 57.10 48.66
C LEU L 152 -29.50 57.44 49.82
N PRO L 153 -29.91 57.93 51.01
CA PRO L 153 -28.89 58.21 52.04
C PRO L 153 -28.18 56.99 52.62
N LEU L 154 -28.59 55.77 52.29
CA LEU L 154 -27.91 54.58 52.78
C LEU L 154 -27.42 53.69 51.64
N VAL L 155 -27.42 54.21 50.43
CA VAL L 155 -26.91 53.49 49.26
C VAL L 155 -25.40 53.24 49.31
N PRO L 156 -24.51 54.18 49.66
CA PRO L 156 -23.06 53.82 49.64
C PRO L 156 -22.62 52.77 50.64
N LEU L 157 -23.27 52.70 51.81
CA LEU L 157 -23.02 51.60 52.74
C LEU L 157 -23.41 50.26 52.12
N LEU L 158 -24.58 50.23 51.50
CA LEU L 158 -25.12 49.07 50.81
C LEU L 158 -24.41 48.79 49.48
N VAL L 159 -23.49 49.65 49.08
CA VAL L 159 -22.58 49.35 47.98
C VAL L 159 -21.28 48.77 48.48
N ILE L 160 -20.74 49.32 49.57
CA ILE L 160 -19.48 48.81 50.14
C ILE L 160 -19.64 47.38 50.64
N ILE L 161 -20.70 47.11 51.41
CA ILE L 161 -20.82 45.76 51.94
C ILE L 161 -21.70 44.93 51.01
N GLU L 162 -21.85 45.38 49.77
CA GLU L 162 -22.20 44.49 48.69
C GLU L 162 -20.97 44.06 47.91
N THR L 163 -20.04 44.98 47.66
CA THR L 163 -18.83 44.59 46.94
C THR L 163 -17.91 43.71 47.78
N LEU L 164 -17.92 43.90 49.10
CA LEU L 164 -17.15 43.00 49.96
C LEU L 164 -17.68 41.58 49.87
N SER L 165 -19.00 41.43 49.83
CA SER L 165 -19.57 40.12 49.54
C SER L 165 -19.39 39.72 48.09
N TYR L 166 -19.05 40.65 47.21
CA TYR L 166 -18.82 40.25 45.83
C TYR L 166 -17.42 39.67 45.62
N PHE L 167 -16.41 40.16 46.33
CA PHE L 167 -15.12 39.49 46.21
C PHE L 167 -14.77 38.61 47.40
N ALA L 168 -15.72 38.32 48.29
CA ALA L 168 -15.56 37.13 49.12
C ALA L 168 -15.96 35.88 48.36
N ARG L 169 -16.68 36.07 47.27
CA ARG L 169 -17.19 35.03 46.40
C ARG L 169 -16.06 34.32 45.67
N ALA L 170 -14.91 35.00 45.58
CA ALA L 170 -13.75 34.40 44.90
C ALA L 170 -13.21 33.21 45.67
N ILE L 171 -13.10 33.30 46.99
CA ILE L 171 -12.52 32.22 47.75
C ILE L 171 -13.55 31.36 48.48
N SER L 172 -14.76 31.87 48.70
CA SER L 172 -15.76 31.11 49.46
C SER L 172 -16.20 29.87 48.70
N LEU L 173 -16.40 30.02 47.40
CA LEU L 173 -16.89 28.92 46.57
C LEU L 173 -15.93 27.74 46.54
N GLY L 174 -14.63 28.01 46.61
CA GLY L 174 -13.68 26.93 46.63
C GLY L 174 -13.48 26.37 48.02
N LEU L 175 -13.42 27.27 49.01
CA LEU L 175 -13.02 26.83 50.34
C LEU L 175 -14.14 26.05 51.03
N ARG L 176 -15.39 26.23 50.60
CA ARG L 176 -16.47 25.36 51.02
C ARG L 176 -16.19 23.89 50.69
N LEU L 177 -15.87 23.62 49.43
CA LEU L 177 -15.61 22.26 48.98
C LEU L 177 -14.35 21.69 49.60
N GLY L 178 -13.30 22.51 49.65
CA GLY L 178 -12.05 22.08 50.28
C GLY L 178 -12.24 21.71 51.73
N SER L 179 -13.03 22.50 52.46
CA SER L 179 -13.24 22.24 53.87
C SER L 179 -14.05 20.98 54.09
N ASN L 180 -15.08 20.76 53.26
CA ASN L 180 -15.90 19.57 53.42
C ASN L 180 -15.11 18.29 53.15
N ILE L 181 -14.36 18.25 52.05
CA ILE L 181 -13.64 17.02 51.72
C ILE L 181 -12.51 16.79 52.71
N LEU L 182 -11.79 17.84 53.12
CA LEU L 182 -10.68 17.69 54.04
C LEU L 182 -11.16 17.27 55.43
N ALA L 183 -12.26 17.86 55.91
CA ALA L 183 -12.74 17.52 57.23
C ALA L 183 -13.33 16.12 57.26
N GLY L 184 -13.98 15.69 56.18
CA GLY L 184 -14.50 14.34 56.15
C GLY L 184 -13.42 13.28 56.18
N HIS L 185 -12.38 13.47 55.35
CA HIS L 185 -11.30 12.49 55.34
C HIS L 185 -10.50 12.49 56.63
N LEU L 186 -10.28 13.68 57.19
CA LEU L 186 -9.53 13.72 58.44
C LEU L 186 -10.32 13.12 59.59
N LEU L 187 -11.66 13.25 59.57
CA LEU L 187 -12.52 12.60 60.55
C LEU L 187 -12.43 11.09 60.46
N MET L 188 -12.51 10.54 59.24
CA MET L 188 -12.45 9.09 59.09
C MET L 188 -11.11 8.52 59.53
N VAL L 189 -10.01 9.19 59.18
CA VAL L 189 -8.71 8.66 59.53
C VAL L 189 -8.47 8.76 61.04
N ILE L 190 -8.95 9.82 61.68
CA ILE L 190 -8.75 9.95 63.12
C ILE L 190 -9.60 8.94 63.89
N LEU L 191 -10.83 8.68 63.46
CA LEU L 191 -11.61 7.66 64.16
C LEU L 191 -11.08 6.25 63.90
N ALA L 192 -10.52 6.00 62.72
CA ALA L 192 -9.86 4.72 62.50
C ALA L 192 -8.65 4.57 63.40
N GLY L 193 -7.87 5.65 63.56
CA GLY L 193 -6.73 5.65 64.46
C GLY L 193 -7.09 5.48 65.91
N LEU L 194 -8.27 5.93 66.31
CA LEU L 194 -8.67 5.70 67.70
C LEU L 194 -9.20 4.29 67.90
N THR L 195 -9.97 3.76 66.95
CA THR L 195 -10.51 2.41 67.15
C THR L 195 -9.45 1.34 66.97
N PHE L 196 -8.35 1.66 66.31
CA PHE L 196 -7.28 0.68 66.22
C PHE L 196 -6.62 0.49 67.56
N ASN L 197 -6.22 1.58 68.21
CA ASN L 197 -5.64 1.46 69.54
C ASN L 197 -6.68 1.11 70.60
N PHE L 198 -7.97 1.20 70.29
CA PHE L 198 -8.98 0.68 71.20
C PHE L 198 -8.97 -0.85 71.21
N MET L 199 -8.64 -1.47 70.08
CA MET L 199 -8.75 -2.92 69.94
C MET L 199 -7.44 -3.66 70.18
N LEU L 200 -6.39 -2.98 70.63
CA LEU L 200 -5.14 -3.66 70.94
C LEU L 200 -4.89 -3.80 72.44
N ILE L 201 -5.75 -3.23 73.28
CA ILE L 201 -5.72 -3.51 74.71
C ILE L 201 -6.45 -4.84 74.92
N ASN L 202 -6.47 -5.30 76.18
CA ASN L 202 -6.90 -6.62 76.66
C ASN L 202 -8.13 -7.21 75.97
N LEU L 203 -8.14 -8.55 75.80
CA LEU L 203 -8.96 -9.27 74.83
C LEU L 203 -10.47 -9.04 74.99
N PHE L 204 -10.90 -8.51 76.14
CA PHE L 204 -12.30 -8.16 76.33
C PHE L 204 -12.78 -7.03 75.43
N THR L 205 -11.87 -6.31 74.76
CA THR L 205 -12.29 -5.21 73.90
C THR L 205 -12.57 -5.66 72.48
N LEU L 206 -11.99 -6.78 72.04
CA LEU L 206 -12.33 -7.28 70.72
C LEU L 206 -13.69 -7.93 70.75
N VAL L 207 -14.07 -8.47 71.91
CA VAL L 207 -15.47 -8.73 72.21
C VAL L 207 -16.15 -7.39 72.38
N PHE L 208 -17.37 -7.27 71.87
CA PHE L 208 -18.19 -6.04 71.78
C PHE L 208 -17.42 -4.81 71.30
N GLY L 209 -16.42 -5.03 70.44
CA GLY L 209 -15.73 -3.94 69.79
C GLY L 209 -16.30 -3.73 68.40
N PHE L 210 -17.53 -4.19 68.22
CA PHE L 210 -18.23 -4.03 66.97
C PHE L 210 -18.93 -2.68 66.84
N VAL L 211 -19.33 -2.07 67.96
CA VAL L 211 -19.99 -0.77 67.90
C VAL L 211 -19.12 0.39 67.40
N PRO L 212 -17.80 0.51 67.70
CA PRO L 212 -17.05 1.57 67.02
C PRO L 212 -16.83 1.29 65.54
N LEU L 213 -16.75 0.01 65.17
CA LEU L 213 -16.71 -0.37 63.77
C LEU L 213 -17.98 0.04 63.05
N ALA L 214 -19.13 -0.13 63.71
CA ALA L 214 -20.40 0.30 63.14
C ALA L 214 -20.50 1.81 63.06
N MET L 215 -19.91 2.53 64.02
CA MET L 215 -19.88 3.99 63.93
C MET L 215 -19.03 4.47 62.76
N ILE L 216 -17.90 3.80 62.49
CA ILE L 216 -17.09 4.16 61.34
C ILE L 216 -17.80 3.80 60.03
N LEU L 217 -18.55 2.69 60.03
CA LEU L 217 -19.36 2.37 58.86
C LEU L 217 -20.45 3.41 58.62
N ALA L 218 -21.04 3.92 59.70
CA ALA L 218 -22.06 4.95 59.55
C ALA L 218 -21.47 6.26 59.03
N ILE L 219 -20.26 6.60 59.47
CA ILE L 219 -19.62 7.81 58.97
C ILE L 219 -19.23 7.66 57.51
N MET L 220 -18.82 6.46 57.09
CA MET L 220 -18.54 6.23 55.68
C MET L 220 -19.82 6.28 54.85
N MET L 221 -20.94 5.85 55.42
CA MET L 221 -22.24 6.04 54.76
C MET L 221 -22.56 7.52 54.61
N LEU L 222 -22.23 8.31 55.64
CA LEU L 222 -22.47 9.76 55.58
C LEU L 222 -21.55 10.43 54.57
N GLU L 223 -20.38 9.85 54.32
CA GLU L 223 -19.35 10.57 53.60
C GLU L 223 -19.62 10.59 52.10
N PHE L 224 -20.31 9.58 51.57
CA PHE L 224 -20.74 9.66 50.17
C PHE L 224 -21.75 10.77 49.99
N ALA L 225 -22.63 10.96 50.97
CA ALA L 225 -23.62 12.02 50.90
C ALA L 225 -22.95 13.38 50.93
N ILE L 226 -22.02 13.57 51.87
CA ILE L 226 -21.31 14.84 51.95
C ILE L 226 -20.32 15.02 50.79
N GLY L 227 -20.04 13.97 50.03
CA GLY L 227 -19.22 14.13 48.85
C GLY L 227 -19.99 14.42 47.57
N ILE L 228 -21.20 13.89 47.44
CA ILE L 228 -21.98 14.14 46.23
C ILE L 228 -22.73 15.45 46.34
N ILE L 229 -23.19 15.80 47.54
CA ILE L 229 -23.91 17.05 47.75
C ILE L 229 -23.02 18.26 47.46
N GLN L 230 -21.73 18.17 47.78
CA GLN L 230 -20.83 19.29 47.46
C GLN L 230 -20.57 19.41 45.97
N GLY L 231 -20.52 18.28 45.27
CA GLY L 231 -20.44 18.31 43.83
C GLY L 231 -21.66 18.93 43.19
N TYR L 232 -22.82 18.81 43.85
CA TYR L 232 -23.99 19.51 43.35
C TYR L 232 -24.01 20.99 43.75
N VAL L 233 -23.50 21.32 44.92
CA VAL L 233 -23.60 22.70 45.41
C VAL L 233 -22.62 23.61 44.66
N TRP L 234 -21.47 23.09 44.28
CA TRP L 234 -20.57 23.82 43.37
C TRP L 234 -21.28 24.19 42.09
N ALA L 235 -21.95 23.24 41.45
CA ALA L 235 -22.60 23.49 40.18
C ALA L 235 -23.91 24.26 40.31
N ILE L 236 -24.45 24.44 41.52
CA ILE L 236 -25.57 25.36 41.64
C ILE L 236 -25.09 26.79 41.93
N LEU L 237 -24.00 26.98 42.68
CA LEU L 237 -23.55 28.34 42.94
C LEU L 237 -22.87 28.94 41.71
N THR L 238 -22.14 28.12 40.94
CA THR L 238 -21.62 28.74 39.73
C THR L 238 -22.60 28.70 38.58
N ALA L 239 -23.86 28.37 38.82
CA ALA L 239 -24.92 28.76 37.90
C ALA L 239 -25.56 30.06 38.34
N SER L 240 -25.75 30.23 39.65
CA SER L 240 -26.30 31.48 40.16
C SER L 240 -25.38 32.66 39.90
N TYR L 241 -24.07 32.42 39.92
CA TYR L 241 -23.13 33.51 39.70
C TYR L 241 -23.11 33.93 38.24
N LEU L 242 -23.31 32.99 37.33
CA LEU L 242 -23.45 33.37 35.92
C LEU L 242 -24.79 34.04 35.67
N LYS L 243 -25.82 33.73 36.46
CA LYS L 243 -27.05 34.52 36.35
C LYS L 243 -26.81 35.96 36.75
N ASP L 244 -26.06 36.20 37.82
CA ASP L 244 -25.77 37.57 38.22
C ASP L 244 -24.87 38.28 37.21
N ALA L 245 -23.86 37.59 36.69
CA ALA L 245 -22.88 38.25 35.82
C ALA L 245 -23.44 38.49 34.43
N VAL L 246 -24.23 37.55 33.91
CA VAL L 246 -24.74 37.71 32.55
C VAL L 246 -25.92 38.67 32.53
N TYR L 247 -26.87 38.49 33.44
CA TYR L 247 -28.08 39.29 33.51
C TYR L 247 -27.99 40.18 34.73
N LEU L 248 -28.16 41.48 34.55
CA LEU L 248 -28.02 42.38 35.67
C LEU L 248 -29.25 42.31 36.56
N HIS L 249 -29.16 41.49 37.61
CA HIS L 249 -30.25 41.13 38.52
C HIS L 249 -31.49 40.62 37.79
N LYS M 7 -12.91 -37.80 53.09
CA LYS M 7 -12.94 -38.35 54.45
C LYS M 7 -14.30 -38.12 55.10
N GLN M 8 -14.91 -36.96 54.82
CA GLN M 8 -16.19 -36.63 55.41
C GLN M 8 -17.33 -37.28 54.63
N THR M 9 -18.55 -36.88 54.96
CA THR M 9 -19.73 -37.49 54.37
C THR M 9 -19.93 -37.03 52.93
N ASP M 10 -20.14 -35.72 52.73
CA ASP M 10 -20.43 -35.17 51.42
C ASP M 10 -19.31 -34.28 50.89
N PRO M 11 -18.14 -34.30 51.53
CA PRO M 11 -17.06 -33.43 51.10
C PRO M 11 -16.40 -33.93 49.82
N LYS M 12 -16.42 -35.25 49.61
CA LYS M 12 -15.75 -35.85 48.46
C LYS M 12 -16.44 -35.57 47.14
N ALA M 13 -17.65 -35.02 47.17
CA ALA M 13 -18.36 -34.57 45.97
C ALA M 13 -18.47 -33.06 45.90
N LYS M 14 -18.77 -32.41 47.02
CA LYS M 14 -18.92 -30.95 47.03
C LYS M 14 -17.57 -30.26 46.83
N ALA M 15 -16.54 -30.71 47.54
CA ALA M 15 -15.21 -30.17 47.35
C ALA M 15 -14.63 -30.55 45.98
N ASN M 16 -15.04 -31.70 45.45
CA ASN M 16 -14.63 -32.10 44.12
C ASN M 16 -15.24 -31.20 43.05
N SER M 17 -16.52 -30.86 43.20
CA SER M 17 -17.15 -29.91 42.30
C SER M 17 -16.61 -28.51 42.46
N ILE M 18 -16.19 -28.15 43.69
CA ILE M 18 -15.56 -26.85 43.92
C ILE M 18 -14.20 -26.77 43.22
N ILE M 19 -13.41 -27.85 43.31
CA ILE M 19 -12.13 -27.89 42.62
C ILE M 19 -12.30 -27.97 41.10
N ASN M 20 -13.38 -28.61 40.64
CA ASN M 20 -13.66 -28.68 39.21
C ASN M 20 -14.06 -27.30 38.67
N ALA M 21 -14.92 -26.59 39.41
CA ALA M 21 -15.31 -25.24 39.01
C ALA M 21 -14.14 -24.27 39.14
N ILE M 22 -13.21 -24.54 40.05
CA ILE M 22 -11.97 -23.78 40.09
C ILE M 22 -11.04 -24.16 38.94
N PRO M 23 -11.23 -25.34 38.34
CA PRO M 23 -10.41 -25.78 37.23
C PRO M 23 -11.14 -25.81 35.89
N GLY M 24 -12.36 -25.28 35.81
CA GLY M 24 -13.15 -25.34 34.59
C GLY M 24 -12.87 -24.19 33.62
N ASN M 25 -12.13 -23.17 34.03
CA ASN M 25 -11.87 -22.02 33.17
C ASN M 25 -10.39 -21.98 32.82
N ASN M 26 -10.02 -22.77 31.79
CA ASN M 26 -8.71 -22.75 31.13
C ASN M 26 -7.55 -23.00 32.09
N ILE M 27 -7.79 -23.83 33.10
CA ILE M 27 -6.85 -24.02 34.20
C ILE M 27 -6.07 -25.32 34.01
N LEU M 28 -4.76 -25.19 33.82
CA LEU M 28 -3.88 -26.34 33.73
C LEU M 28 -3.44 -26.85 35.10
N THR M 29 -3.93 -26.23 36.18
CA THR M 29 -3.63 -26.66 37.55
C THR M 29 -4.73 -27.52 38.15
N LYS M 30 -5.35 -28.38 37.34
CA LYS M 30 -6.50 -29.17 37.80
C LYS M 30 -6.12 -30.26 38.77
N THR M 31 -4.83 -30.57 38.92
CA THR M 31 -4.39 -31.55 39.90
C THR M 31 -4.65 -31.04 41.32
N GLY M 32 -4.29 -29.79 41.58
CA GLY M 32 -4.58 -29.13 42.85
C GLY M 32 -4.91 -27.67 42.54
N VAL M 33 -6.16 -27.28 42.78
CA VAL M 33 -6.57 -25.91 42.52
C VAL M 33 -5.90 -24.93 43.48
N LEU M 34 -5.80 -25.32 44.76
CA LEU M 34 -5.08 -24.55 45.76
C LEU M 34 -3.64 -25.00 45.90
N GLY M 35 -3.04 -25.54 44.84
CA GLY M 35 -1.67 -26.00 44.94
C GLY M 35 -0.67 -24.86 45.02
N THR M 36 -0.93 -23.78 44.28
CA THR M 36 -0.07 -22.61 44.34
C THR M 36 -0.62 -21.51 45.23
N SER M 37 -1.92 -21.51 45.49
CA SER M 37 -2.53 -20.44 46.29
C SER M 37 -2.18 -20.59 47.75
N ALA M 38 -2.31 -21.80 48.29
CA ALA M 38 -2.07 -22.04 49.71
C ALA M 38 -0.60 -21.86 50.06
N ALA M 39 0.28 -22.01 49.08
CA ALA M 39 1.70 -21.72 49.30
C ALA M 39 1.93 -20.21 49.41
N ALA M 40 1.39 -19.45 48.44
CA ALA M 40 1.65 -18.01 48.39
C ALA M 40 0.99 -17.28 49.56
N VAL M 41 -0.09 -17.84 50.09
CA VAL M 41 -0.67 -17.33 51.34
C VAL M 41 0.33 -17.43 52.48
N ILE M 42 1.00 -18.59 52.60
CA ILE M 42 2.00 -18.79 53.65
C ILE M 42 3.18 -17.86 53.46
N TYR M 43 3.56 -17.63 52.19
CA TYR M 43 4.67 -16.71 51.92
C TYR M 43 4.32 -15.29 52.31
N ALA M 44 3.10 -14.85 52.00
CA ALA M 44 2.69 -13.49 52.34
C ALA M 44 2.53 -13.31 53.84
N ILE M 45 2.08 -14.36 54.55
CA ILE M 45 1.90 -14.24 56.00
C ILE M 45 3.26 -14.24 56.70
N SER M 46 4.15 -15.15 56.32
CA SER M 46 5.41 -15.28 57.02
C SER M 46 6.37 -14.14 56.67
N ASN M 47 6.30 -13.63 55.44
CA ASN M 47 7.22 -12.58 55.04
C ASN M 47 6.75 -11.20 55.49
N GLU M 48 5.54 -11.11 56.05
CA GLU M 48 4.87 -9.87 56.48
C GLU M 48 4.76 -8.90 55.30
N LEU M 49 3.99 -9.32 54.31
CA LEU M 49 3.82 -8.49 53.13
C LEU M 49 2.67 -7.51 53.30
N TYR M 50 1.62 -7.91 54.00
CA TYR M 50 0.50 -7.02 54.32
C TYR M 50 0.58 -6.69 55.80
N VAL M 51 0.99 -5.47 56.12
CA VAL M 51 0.97 -5.02 57.50
C VAL M 51 -0.46 -4.64 57.85
N ILE M 52 -0.94 -5.12 59.00
CA ILE M 52 -2.21 -4.61 59.51
C ILE M 52 -2.00 -3.17 59.95
N ASN M 53 -2.86 -2.29 59.49
CA ASN M 53 -2.58 -0.86 59.54
C ASN M 53 -3.73 -0.16 60.25
N ASP M 54 -3.48 1.12 60.57
CA ASP M 54 -4.55 2.06 60.87
C ASP M 54 -5.59 2.05 59.77
N GLU M 55 -5.14 2.11 58.52
CA GLU M 55 -6.05 2.23 57.39
C GLU M 55 -6.71 0.89 57.04
N SER M 56 -6.29 -0.19 57.68
CA SER M 56 -6.88 -1.49 57.40
C SER M 56 -8.30 -1.60 57.94
N ILE M 57 -8.60 -0.93 59.05
CA ILE M 57 -9.96 -0.91 59.57
C ILE M 57 -10.86 -0.16 58.62
N LEU M 58 -10.32 0.89 58.00
CA LEU M 58 -11.05 1.59 56.96
C LEU M 58 -11.28 0.70 55.75
N LEU M 59 -10.31 -0.17 55.44
CA LEU M 59 -10.50 -1.16 54.38
C LEU M 59 -11.61 -2.16 54.75
N LEU M 60 -11.65 -2.59 56.00
CA LEU M 60 -12.65 -3.57 56.43
C LEU M 60 -14.05 -2.96 56.38
N THR M 61 -14.17 -1.70 56.78
CA THR M 61 -15.46 -1.01 56.69
C THR M 61 -15.84 -0.78 55.25
N PHE M 62 -14.87 -0.57 54.35
CA PHE M 62 -15.21 -0.47 52.95
C PHE M 62 -15.68 -1.80 52.38
N LEU M 63 -15.11 -2.90 52.89
CA LEU M 63 -15.60 -4.22 52.50
C LEU M 63 -17.04 -4.43 52.95
N GLY M 64 -17.34 -4.03 54.19
CA GLY M 64 -18.71 -4.13 54.68
C GLY M 64 -19.66 -3.21 53.94
N PHE M 65 -19.17 -2.04 53.54
CA PHE M 65 -19.97 -1.13 52.74
C PHE M 65 -20.30 -1.72 51.38
N THR M 66 -19.31 -2.34 50.74
CA THR M 66 -19.56 -2.99 49.46
C THR M 66 -20.49 -4.18 49.60
N GLY M 67 -20.42 -4.87 50.74
CA GLY M 67 -21.37 -5.94 50.99
C GLY M 67 -22.79 -5.43 51.11
N LEU M 68 -22.98 -4.31 51.82
CA LEU M 68 -24.31 -3.72 51.94
C LEU M 68 -24.82 -3.21 50.60
N VAL M 69 -23.92 -2.65 49.78
CA VAL M 69 -24.33 -2.16 48.46
C VAL M 69 -24.75 -3.29 47.57
N ALA M 70 -23.93 -4.33 47.48
CA ALA M 70 -24.22 -5.47 46.61
C ALA M 70 -25.40 -6.30 47.13
N LYS M 71 -25.75 -6.20 48.40
CA LYS M 71 -26.95 -6.88 48.83
C LYS M 71 -28.21 -6.06 48.59
N TYR M 72 -28.19 -4.77 48.88
CA TYR M 72 -29.42 -3.98 48.88
C TYR M 72 -29.56 -3.07 47.66
N LEU M 73 -28.55 -2.24 47.38
CA LEU M 73 -28.74 -1.21 46.36
C LEU M 73 -28.65 -1.78 44.96
N ALA M 74 -27.93 -2.89 44.78
CA ALA M 74 -27.76 -3.46 43.45
C ALA M 74 -29.03 -4.04 42.85
N PRO M 75 -29.86 -4.86 43.54
CA PRO M 75 -31.09 -5.31 42.87
C PRO M 75 -32.13 -4.22 42.74
N ALA M 76 -32.13 -3.23 43.64
CA ALA M 76 -33.07 -2.12 43.52
C ALA M 76 -32.75 -1.27 42.28
N TYR M 77 -31.47 -0.96 42.07
CA TYR M 77 -31.07 -0.26 40.87
C TYR M 77 -31.27 -1.12 39.63
N LYS M 78 -31.11 -2.44 39.75
CA LYS M 78 -31.38 -3.34 38.64
C LYS M 78 -32.85 -3.27 38.22
N ASP M 79 -33.76 -3.28 39.21
CA ASP M 79 -35.18 -3.20 38.92
C ASP M 79 -35.57 -1.84 38.34
N PHE M 80 -34.98 -0.76 38.87
CA PHE M 80 -35.25 0.58 38.36
C PHE M 80 -34.78 0.74 36.92
N ALA M 81 -33.56 0.30 36.64
CA ALA M 81 -33.02 0.41 35.30
C ALA M 81 -33.77 -0.47 34.32
N ASP M 82 -34.23 -1.64 34.79
CA ASP M 82 -34.96 -2.53 33.92
C ASP M 82 -36.36 -1.99 33.61
N ALA M 83 -36.98 -1.32 34.58
CA ALA M 83 -38.29 -0.71 34.33
C ALA M 83 -38.17 0.46 33.37
N ARG M 84 -37.13 1.29 33.53
CA ARG M 84 -36.93 2.40 32.60
C ARG M 84 -36.60 1.89 31.21
N MET M 85 -35.82 0.82 31.13
CA MET M 85 -35.48 0.20 29.85
C MET M 85 -36.72 -0.35 29.17
N LYS M 86 -37.61 -0.95 29.96
CA LYS M 86 -38.87 -1.47 29.44
C LYS M 86 -39.76 -0.36 28.93
N LYS M 87 -39.78 0.78 29.64
CA LYS M 87 -40.60 1.91 29.21
C LYS M 87 -40.06 2.51 27.91
N VAL M 88 -38.73 2.66 27.82
CA VAL M 88 -38.09 3.16 26.60
C VAL M 88 -38.42 2.26 25.41
N SER M 89 -38.13 0.95 25.55
CA SER M 89 -38.33 0.03 24.43
C SER M 89 -39.80 -0.13 24.10
N ASP M 90 -40.67 -0.06 25.12
CA ASP M 90 -42.10 -0.23 24.90
C ASP M 90 -42.69 0.92 24.12
N VAL M 91 -42.41 2.16 24.53
CA VAL M 91 -42.98 3.31 23.83
C VAL M 91 -42.35 3.43 22.45
N LEU M 92 -41.02 3.22 22.38
CA LEU M 92 -40.29 3.35 21.12
C LEU M 92 -40.71 2.30 20.11
N ASN M 93 -41.13 1.13 20.57
CA ASN M 93 -41.60 0.10 19.65
C ASN M 93 -43.07 0.30 19.30
N ALA M 94 -43.90 0.62 20.31
CA ALA M 94 -45.34 0.62 20.12
C ALA M 94 -45.80 1.82 19.29
N SER M 95 -45.15 2.98 19.45
CA SER M 95 -45.51 4.15 18.66
C SER M 95 -45.24 3.93 17.19
N ARG M 96 -44.05 3.40 16.88
CA ARG M 96 -43.68 3.14 15.49
C ARG M 96 -44.52 2.01 14.90
N ASN M 97 -44.86 1.02 15.71
CA ASN M 97 -45.69 -0.09 15.23
C ASN M 97 -47.10 0.37 14.89
N LYS M 98 -47.74 1.09 15.83
CA LYS M 98 -49.11 1.53 15.61
C LYS M 98 -49.19 2.65 14.58
N HIS M 99 -48.10 3.37 14.34
CA HIS M 99 -48.11 4.37 13.29
C HIS M 99 -47.84 3.74 11.93
N VAL M 100 -46.96 2.75 11.86
CA VAL M 100 -46.65 2.10 10.59
C VAL M 100 -47.73 1.13 10.16
N GLU M 101 -48.55 0.65 11.09
CA GLU M 101 -49.64 -0.25 10.70
C GLU M 101 -50.77 0.46 9.98
N ALA M 102 -50.89 1.78 10.15
CA ALA M 102 -52.00 2.52 9.55
C ALA M 102 -51.78 2.85 8.08
N VAL M 103 -50.60 2.59 7.53
CA VAL M 103 -50.33 2.90 6.14
C VAL M 103 -51.02 1.89 5.21
N ASP M 105 -56.52 5.71 2.11
CA ASP M 105 -56.18 6.51 0.95
C ASP M 105 -56.13 5.70 -0.36
N ARG M 106 -55.56 4.47 -0.31
CA ARG M 106 -55.60 3.55 -1.44
C ARG M 106 -57.00 3.09 -1.81
N ILE M 107 -57.88 2.79 -0.82
CA ILE M 107 -59.26 2.42 -1.09
C ILE M 107 -60.01 3.56 -1.77
N ASP M 108 -59.86 4.80 -1.29
CA ASP M 108 -60.44 5.98 -1.88
C ASP M 108 -59.95 6.22 -3.31
N SER M 109 -58.63 6.12 -3.58
CA SER M 109 -58.11 6.30 -4.93
C SER M 109 -58.59 5.26 -5.93
N VAL M 110 -58.63 3.97 -5.53
CA VAL M 110 -59.15 2.86 -6.34
C VAL M 110 -60.63 3.02 -6.65
N SER M 111 -61.46 3.44 -5.67
CA SER M 111 -62.88 3.71 -5.85
C SER M 111 -63.15 4.85 -6.82
N GLN M 112 -62.29 5.90 -6.81
CA GLN M 112 -62.37 6.99 -7.75
C GLN M 112 -62.22 6.57 -9.20
N LEU M 113 -61.37 5.57 -9.52
CA LEU M 113 -61.19 5.10 -10.88
C LEU M 113 -62.45 4.52 -11.49
N GLN M 114 -63.16 3.64 -10.75
CA GLN M 114 -64.44 3.09 -11.18
C GLN M 114 -65.47 4.18 -11.28
N ASN M 115 -65.57 5.08 -10.27
CA ASN M 115 -66.55 6.15 -10.28
C ASN M 115 -66.37 7.09 -11.47
N VAL M 116 -65.14 7.55 -11.76
CA VAL M 116 -64.85 8.43 -12.90
C VAL M 116 -65.15 7.75 -14.23
N ALA M 117 -64.81 6.46 -14.40
CA ALA M 117 -65.14 5.72 -15.61
C ALA M 117 -66.64 5.54 -15.85
N GLU M 118 -67.44 5.27 -14.80
CA GLU M 118 -68.89 5.22 -14.85
C GLU M 118 -69.51 6.58 -15.11
N THR M 119 -69.04 7.65 -14.43
CA THR M 119 -69.50 9.00 -14.65
C THR M 119 -69.20 9.53 -16.04
N THR M 120 -68.08 9.16 -16.66
CA THR M 120 -67.80 9.54 -18.04
C THR M 120 -68.74 8.94 -19.06
N LYS M 121 -69.04 7.64 -18.96
CA LYS M 121 -69.98 6.95 -19.84
C LYS M 121 -71.40 7.44 -19.68
N VAL M 122 -71.85 7.68 -18.43
CA VAL M 122 -73.19 8.17 -18.15
C VAL M 122 -73.45 9.53 -18.81
N LEU M 123 -72.45 10.45 -18.91
CA LEU M 123 -72.65 11.78 -19.50
C LEU M 123 -73.11 11.75 -20.95
N PHE M 124 -72.55 10.85 -21.76
CA PHE M 124 -72.94 10.60 -23.14
C PHE M 124 -74.32 9.99 -23.27
N ASP M 125 -74.69 9.05 -22.39
CA ASP M 125 -76.02 8.46 -22.38
C ASP M 125 -77.07 9.51 -22.00
N VAL M 126 -76.83 10.33 -20.94
CA VAL M 126 -77.77 11.36 -20.47
C VAL M 126 -78.12 12.35 -21.58
N SER M 127 -77.13 12.80 -22.37
CA SER M 127 -77.37 13.67 -23.52
C SER M 127 -78.18 13.04 -24.64
N LYS M 128 -77.97 11.75 -24.93
CA LYS M 128 -78.79 11.02 -25.88
C LYS M 128 -80.22 10.84 -25.39
N GLU M 129 -80.42 10.45 -24.11
CA GLU M 129 -81.74 10.28 -23.52
C GLU M 129 -82.58 11.55 -23.56
N THR M 130 -81.99 12.74 -23.28
CA THR M 130 -82.71 14.00 -23.37
C THR M 130 -83.23 14.26 -24.79
N VAL M 131 -82.38 14.09 -25.82
CA VAL M 131 -82.75 14.28 -27.22
C VAL M 131 -83.85 13.34 -27.68
N GLU M 132 -83.77 12.03 -27.32
CA GLU M 132 -84.81 11.04 -27.60
C GLU M 132 -86.15 11.35 -26.95
N LEU M 133 -86.16 11.76 -25.66
CA LEU M 133 -87.39 12.16 -25.01
C LEU M 133 -88.06 13.40 -25.60
N GLU M 134 -87.26 14.43 -25.98
CA GLU M 134 -87.76 15.62 -26.64
C GLU M 134 -88.38 15.35 -28.00
N SER M 135 -87.76 14.46 -28.82
CA SER M 135 -88.29 14.06 -30.11
C SER M 135 -89.64 13.36 -29.98
N GLU M 136 -89.76 12.34 -29.09
CA GLU M 136 -91.01 11.66 -28.83
C GLU M 136 -92.10 12.59 -28.31
N ALA M 137 -91.77 13.49 -27.35
CA ALA M 137 -92.72 14.46 -26.85
C ALA M 137 -93.21 15.43 -27.90
N PHE M 138 -92.33 15.95 -28.79
CA PHE M 138 -92.73 16.81 -29.88
C PHE M 138 -93.66 16.09 -30.86
N GLU M 139 -93.31 14.86 -31.32
CA GLU M 139 -94.15 14.10 -32.23
C GLU M 139 -95.52 13.76 -31.66
N LEU M 140 -95.60 13.34 -30.38
CA LEU M 140 -96.87 13.11 -29.71
C LEU M 140 -97.71 14.37 -29.57
N LYS M 141 -97.10 15.51 -29.17
CA LYS M 141 -97.81 16.79 -29.11
C LYS M 141 -98.34 17.25 -30.47
N GLN M 142 -97.54 17.19 -31.54
CA GLN M 142 -98.03 17.58 -32.86
C GLN M 142 -99.17 16.70 -33.38
N LYS M 143 -99.10 15.37 -33.17
CA LYS M 143 -100.18 14.45 -33.52
C LYS M 143 -101.47 14.67 -32.74
N VAL M 144 -101.39 14.92 -31.41
CA VAL M 144 -102.54 15.21 -30.57
C VAL M 144 -103.21 16.53 -30.95
N GLU M 145 -102.44 17.59 -31.30
CA GLU M 145 -102.96 18.87 -31.74
C GLU M 145 -103.81 18.71 -33.00
N LEU M 146 -103.28 18.02 -34.05
CA LEU M 146 -104.03 17.78 -35.28
C LEU M 146 -105.31 16.98 -35.07
N ALA M 147 -105.26 15.95 -34.20
CA ALA M 147 -106.44 15.20 -33.83
C ALA M 147 -107.48 16.01 -33.06
N HIS M 148 -107.08 16.82 -32.06
CA HIS M 148 -107.96 17.68 -31.30
C HIS M 148 -108.61 18.76 -32.14
N GLU M 149 -107.84 19.42 -33.04
CA GLU M 149 -108.38 20.41 -33.97
C GLU M 149 -109.42 19.82 -34.90
N ALA M 150 -109.15 18.64 -35.51
CA ALA M 150 -110.13 17.98 -36.34
C ALA M 150 -111.38 17.58 -35.57
N LYS M 151 -111.25 16.98 -34.36
CA LYS M 151 -112.39 16.60 -33.54
C LYS M 151 -113.25 17.80 -33.15
N ALA M 152 -112.65 18.92 -32.68
CA ALA M 152 -113.38 20.10 -32.29
C ALA M 152 -114.19 20.73 -33.42
N VAL M 153 -113.60 20.79 -34.64
CA VAL M 153 -114.27 21.23 -35.85
C VAL M 153 -115.41 20.29 -36.27
N LEU M 154 -115.23 18.96 -36.21
CA LEU M 154 -116.29 18.00 -36.48
C LEU M 154 -117.44 18.09 -35.47
N ASP M 155 -117.13 18.20 -34.16
CA ASP M 155 -118.11 18.36 -33.10
C ASP M 155 -118.90 19.66 -33.20
N SER M 156 -118.28 20.79 -33.59
CA SER M 156 -119.01 22.03 -33.83
C SER M 156 -119.94 21.95 -35.04
N TRP M 157 -119.48 21.40 -36.18
CA TRP M 157 -120.26 21.21 -37.38
C TRP M 157 -121.44 20.27 -37.19
N VAL M 158 -121.26 19.11 -36.50
CA VAL M 158 -122.33 18.17 -36.22
C VAL M 158 -123.44 18.79 -35.35
N ARG M 159 -123.08 19.62 -34.35
CA ARG M 159 -124.03 20.35 -33.52
C ARG M 159 -124.88 21.32 -34.30
N TYR M 160 -124.27 22.08 -35.23
CA TYR M 160 -124.99 22.95 -36.15
C TYR M 160 -125.87 22.20 -37.13
N GLU M 161 -125.40 21.09 -37.72
CA GLU M 161 -126.26 20.28 -38.57
C GLU M 161 -127.47 19.69 -37.85
N ALA M 162 -127.26 19.14 -36.62
CA ALA M 162 -128.33 18.64 -35.78
C ALA M 162 -129.32 19.72 -35.37
N SER M 163 -128.86 20.93 -34.97
CA SER M 163 -129.72 22.04 -34.60
C SER M 163 -130.59 22.50 -35.76
N LEU M 164 -130.02 22.65 -36.99
CA LEU M 164 -130.77 22.99 -38.19
C LEU M 164 -131.86 21.96 -38.48
N ARG M 165 -131.52 20.64 -38.48
CA ARG M 165 -132.50 19.60 -38.73
C ARG M 165 -133.63 19.61 -37.71
N GLN M 166 -133.28 19.76 -36.42
CA GLN M 166 -134.28 19.87 -35.38
C GLN M 166 -135.16 21.12 -35.49
N LEU M 167 -134.59 22.31 -35.83
CA LEU M 167 -135.38 23.51 -36.07
C LEU M 167 -136.35 23.33 -37.22
N GLU M 168 -135.89 22.78 -38.37
CA GLU M 168 -136.74 22.51 -39.52
C GLU M 168 -137.90 21.58 -39.17
N GLN M 169 -137.64 20.45 -38.46
CA GLN M 169 -138.69 19.54 -38.02
C GLN M 169 -139.71 20.19 -37.09
N ARG M 170 -139.24 21.01 -36.12
CA ARG M 170 -140.12 21.78 -35.25
C ARG M 170 -140.97 22.82 -35.99
N GLN M 171 -140.41 23.56 -36.96
CA GLN M 171 -141.15 24.50 -37.79
C GLN M 171 -142.19 23.83 -38.67
N LEU M 172 -141.84 22.70 -39.31
CA LEU M 172 -142.79 21.89 -40.08
C LEU M 172 -143.91 21.34 -39.22
N ALA M 173 -143.63 20.82 -38.00
CA ALA M 173 -144.67 20.34 -37.13
C ALA M 173 -145.67 21.43 -36.73
N LYS M 174 -145.19 22.65 -36.40
CA LYS M 174 -146.04 23.77 -36.06
C LYS M 174 -146.97 24.20 -37.20
N SER M 175 -146.46 24.23 -38.45
CA SER M 175 -147.25 24.53 -39.65
C SER M 175 -148.28 23.46 -39.98
N VAL M 176 -147.95 22.17 -39.78
CA VAL M 176 -148.91 21.08 -39.94
C VAL M 176 -150.02 21.18 -38.90
N ILE M 177 -149.71 21.45 -37.61
CA ILE M 177 -150.69 21.60 -36.53
C ILE M 177 -151.70 22.71 -36.84
N SER M 178 -151.22 23.88 -37.32
CA SER M 178 -152.06 25.01 -37.68
C SER M 178 -153.03 24.72 -38.82
N ARG M 179 -152.57 24.01 -39.87
CA ARG M 179 -153.40 23.55 -40.98
C ARG M 179 -154.49 22.59 -40.52
N VAL M 180 -154.17 21.59 -39.66
CA VAL M 180 -155.16 20.64 -39.16
C VAL M 180 -156.27 21.32 -38.37
N GLN M 181 -155.93 22.27 -37.48
CA GLN M 181 -156.90 23.05 -36.72
C GLN M 181 -157.81 23.92 -37.58
N SER M 182 -157.26 24.58 -38.62
CA SER M 182 -158.02 25.40 -39.54
C SER M 182 -159.02 24.60 -40.38
N GLU M 183 -158.65 23.39 -40.85
CA GLU M 183 -159.54 22.50 -41.59
C GLU M 183 -160.77 22.02 -40.83
N LEU M 184 -160.62 21.71 -39.53
CA LEU M 184 -161.72 21.29 -38.67
C LEU M 184 -162.73 22.38 -38.41
N GLY M 185 -162.27 23.65 -38.38
CA GLY M 185 -163.12 24.82 -38.19
C GLY M 185 -163.83 25.31 -39.44
N ASN M 186 -163.59 24.66 -40.61
CA ASN M 186 -164.21 25.00 -41.90
C ASN M 186 -165.36 24.06 -42.24
N PRO M 187 -166.49 24.07 -41.53
CA PRO M 187 -167.37 22.92 -41.31
C PRO M 187 -167.17 21.63 -42.10
N LYS M 188 -166.35 20.65 -41.62
CA LYS M 188 -166.05 19.49 -42.45
C LYS M 188 -167.17 18.44 -42.42
N PHE M 189 -167.88 18.24 -43.56
CA PHE M 189 -168.96 17.27 -43.67
C PHE M 189 -168.47 15.83 -43.59
N GLN M 190 -167.25 15.57 -44.10
CA GLN M 190 -166.65 14.26 -44.04
C GLN M 190 -166.22 13.86 -42.64
N GLU M 191 -165.91 14.80 -41.74
CA GLU M 191 -165.53 14.47 -40.39
C GLU M 191 -166.73 14.07 -39.56
N LYS M 192 -167.87 14.78 -39.72
CA LYS M 192 -169.06 14.48 -38.98
C LYS M 192 -169.66 13.12 -39.30
N VAL M 193 -169.65 12.72 -40.59
CA VAL M 193 -170.15 11.42 -41.02
C VAL M 193 -169.26 10.26 -40.59
N LEU M 194 -167.93 10.46 -40.56
CA LEU M 194 -167.00 9.43 -40.13
C LEU M 194 -167.03 9.23 -38.61
N GLN M 195 -167.37 10.26 -37.82
CA GLN M 195 -167.45 10.10 -36.37
C GLN M 195 -168.61 9.24 -35.89
N GLN M 196 -169.76 9.29 -36.58
CA GLN M 196 -170.90 8.44 -36.25
C GLN M 196 -170.69 6.99 -36.66
N SER M 197 -170.06 6.74 -37.82
CA SER M 197 -169.81 5.38 -38.28
C SER M 197 -168.76 4.65 -37.47
N ILE M 198 -167.73 5.34 -36.93
CA ILE M 198 -166.73 4.74 -36.07
C ILE M 198 -167.32 4.25 -34.75
N SER M 199 -168.27 4.99 -34.15
CA SER M 199 -168.85 4.62 -32.86
C SER M 199 -169.70 3.36 -32.93
N GLU M 200 -170.51 3.22 -34.00
CA GLU M 200 -171.33 2.04 -34.24
C GLU M 200 -170.50 0.78 -34.49
N ILE M 201 -169.42 0.86 -35.28
CA ILE M 201 -168.55 -0.30 -35.55
C ILE M 201 -167.86 -0.82 -34.30
N GLU M 202 -167.38 0.08 -33.40
CA GLU M 202 -166.70 -0.29 -32.18
C GLU M 202 -167.60 -0.99 -31.17
N GLN M 203 -168.87 -0.55 -31.05
CA GLN M 203 -169.82 -1.16 -30.14
C GLN M 203 -170.34 -2.51 -30.57
N LEU M 204 -170.34 -2.82 -31.88
CA LEU M 204 -170.74 -4.13 -32.39
C LEU M 204 -169.64 -5.18 -32.28
N LEU M 205 -168.36 -4.79 -32.19
CA LEU M 205 -167.28 -5.76 -32.03
C LEU M 205 -167.09 -6.22 -30.59
N SER M 206 -167.66 -5.50 -29.61
CA SER M 206 -167.55 -5.82 -28.20
C SER M 206 -168.81 -6.44 -27.62
N LYS M 207 -169.85 -6.67 -28.45
CA LYS M 207 -171.12 -7.22 -28.02
C LYS M 207 -171.58 -8.35 -28.98
N LEU N 10 -77.67 0.78 -12.38
CA LEU N 10 -78.43 1.91 -11.73
C LEU N 10 -77.88 2.19 -10.35
N ASP N 11 -76.75 2.92 -10.26
CA ASP N 11 -76.14 3.19 -9.00
C ASP N 11 -76.82 4.36 -8.32
N TRP N 12 -77.54 4.11 -7.20
CA TRP N 12 -78.26 5.14 -6.47
C TRP N 12 -77.41 5.75 -5.35
N ALA N 13 -76.84 4.90 -4.46
CA ALA N 13 -76.04 5.39 -3.35
C ALA N 13 -74.59 5.62 -3.74
N LYS N 14 -74.13 5.05 -4.88
CA LYS N 14 -72.76 5.25 -5.32
C LYS N 14 -72.61 6.48 -6.20
N VAL N 15 -73.73 7.02 -6.78
CA VAL N 15 -73.63 8.20 -7.62
C VAL N 15 -73.66 9.50 -6.78
N ILE N 16 -74.13 9.45 -5.49
CA ILE N 16 -74.11 10.62 -4.60
C ILE N 16 -72.73 10.86 -3.98
N SER N 17 -71.87 9.82 -3.93
CA SER N 17 -70.57 9.88 -3.30
C SER N 17 -69.47 9.53 -4.30
N SER N 18 -69.73 9.69 -5.62
CA SER N 18 -68.79 9.36 -6.68
C SER N 18 -67.70 10.42 -6.88
N LEU N 19 -67.94 11.63 -6.33
CA LEU N 19 -67.03 12.75 -6.34
C LEU N 19 -65.93 12.63 -5.25
N ARG N 20 -64.96 13.58 -5.24
CA ARG N 20 -63.85 13.62 -4.26
C ARG N 20 -64.19 14.26 -2.90
N ILE N 21 -63.26 15.02 -2.26
CA ILE N 21 -63.56 15.75 -1.03
C ILE N 21 -64.17 17.13 -1.29
N THR N 22 -64.06 17.63 -2.54
CA THR N 22 -64.50 18.96 -2.97
C THR N 22 -66.00 18.97 -3.24
N GLY N 23 -66.75 19.98 -2.72
CA GLY N 23 -68.22 20.06 -2.86
C GLY N 23 -68.70 20.77 -4.11
N SER N 24 -67.79 21.04 -5.06
CA SER N 24 -68.01 21.80 -6.29
C SER N 24 -68.81 21.03 -7.33
N THR N 25 -68.84 19.69 -7.24
CA THR N 25 -69.52 18.84 -8.19
C THR N 25 -70.95 18.56 -7.70
N ALA N 26 -71.39 19.11 -6.52
CA ALA N 26 -72.75 18.98 -6.01
C ALA N 26 -73.81 19.59 -6.94
N THR N 27 -73.51 20.76 -7.56
CA THR N 27 -74.38 21.46 -8.53
C THR N 27 -74.55 20.71 -9.84
N GLN N 28 -73.44 20.10 -10.35
CA GLN N 28 -73.44 19.29 -11.56
C GLN N 28 -74.14 17.94 -11.40
N LEU N 29 -73.97 17.26 -10.25
CA LEU N 29 -74.66 16.01 -9.99
C LEU N 29 -76.17 16.18 -9.81
N SER N 30 -76.61 17.27 -9.14
CA SER N 30 -78.02 17.56 -8.96
C SER N 30 -78.73 17.88 -10.26
N SER N 31 -78.09 18.64 -11.17
CA SER N 31 -78.64 18.99 -12.48
C SER N 31 -78.81 17.79 -13.40
N PHE N 32 -77.84 16.86 -13.44
CA PHE N 32 -77.89 15.64 -14.24
C PHE N 32 -79.01 14.70 -13.80
N LYS N 33 -79.18 14.49 -12.47
CA LYS N 33 -80.25 13.66 -11.94
C LYS N 33 -81.64 14.20 -12.25
N LYS N 34 -81.85 15.52 -12.08
CA LYS N 34 -83.13 16.15 -12.37
C LYS N 34 -83.52 16.08 -13.84
N ARG N 35 -82.54 16.23 -14.78
CA ARG N 35 -82.78 16.12 -16.21
C ARG N 35 -83.18 14.72 -16.64
N ASN N 36 -82.53 13.66 -16.09
CA ASN N 36 -82.86 12.28 -16.39
C ASN N 36 -84.26 11.86 -15.93
N ASP N 37 -84.66 12.26 -14.70
CA ASP N 37 -85.96 11.96 -14.14
C ASP N 37 -87.09 12.63 -14.90
N GLU N 38 -86.91 13.92 -15.29
CA GLU N 38 -87.88 14.65 -16.08
C GLU N 38 -88.07 14.02 -17.46
N ALA N 39 -86.98 13.62 -18.16
CA ALA N 39 -87.08 13.01 -19.47
C ALA N 39 -87.81 11.67 -19.46
N ARG N 40 -87.56 10.80 -18.46
CA ARG N 40 -88.25 9.54 -18.28
C ARG N 40 -89.73 9.70 -17.92
N ARG N 41 -90.08 10.69 -17.07
CA ARG N 41 -91.44 10.98 -16.72
C ARG N 41 -92.27 11.48 -17.90
N GLN N 42 -91.70 12.35 -18.77
CA GLN N 42 -92.40 12.87 -19.94
C GLN N 42 -92.78 11.77 -20.94
N LEU N 43 -91.91 10.77 -21.16
CA LEU N 43 -92.21 9.65 -22.05
C LEU N 43 -93.25 8.68 -21.51
N LEU N 44 -93.37 8.52 -20.17
CA LEU N 44 -94.36 7.64 -19.56
C LEU N 44 -95.74 8.28 -19.40
N GLU N 45 -95.82 9.61 -19.17
CA GLU N 45 -97.08 10.35 -19.08
C GLU N 45 -97.76 10.53 -20.42
N LEU N 46 -96.98 10.71 -21.51
CA LEU N 46 -97.50 10.85 -22.85
C LEU N 46 -97.88 9.50 -23.46
N GLN N 47 -98.79 9.50 -24.44
CA GLN N 47 -99.15 8.30 -25.16
C GLN N 47 -98.07 7.83 -26.12
N SER N 48 -97.82 6.50 -26.19
CA SER N 48 -96.82 5.90 -27.05
C SER N 48 -97.40 5.49 -28.38
N GLN N 49 -98.16 6.38 -29.03
CA GLN N 49 -98.81 6.08 -30.29
C GLN N 49 -98.98 7.38 -31.05
N PRO N 50 -99.35 7.40 -32.33
CA PRO N 50 -99.61 8.64 -33.05
C PRO N 50 -100.91 9.33 -32.59
N THR N 51 -102.03 9.22 -33.31
CA THR N 51 -103.26 9.94 -33.03
C THR N 51 -104.36 9.05 -33.56
N GLU N 52 -105.61 9.20 -33.06
CA GLU N 52 -106.74 8.40 -33.52
C GLU N 52 -107.27 8.82 -34.88
N VAL N 53 -107.52 10.14 -35.06
CA VAL N 53 -107.95 10.71 -36.33
C VAL N 53 -109.25 10.13 -36.87
N ASP N 54 -110.38 10.34 -36.16
CA ASP N 54 -111.66 9.80 -36.55
C ASP N 54 -112.20 10.45 -37.84
N PHE N 55 -111.79 9.96 -39.02
CA PHE N 55 -112.28 10.47 -40.28
C PHE N 55 -113.66 9.96 -40.64
N SER N 56 -114.11 8.84 -40.04
CA SER N 56 -115.36 8.18 -40.40
C SER N 56 -116.53 9.03 -39.93
N HIS N 57 -116.39 9.69 -38.76
CA HIS N 57 -117.43 10.55 -38.22
C HIS N 57 -117.20 12.03 -38.49
N TYR N 58 -116.11 12.43 -39.14
CA TYR N 58 -115.83 13.86 -39.31
C TYR N 58 -116.15 14.28 -40.74
N ARG N 59 -115.89 13.42 -41.76
CA ARG N 59 -116.17 13.75 -43.15
C ARG N 59 -117.65 13.92 -43.49
N SER N 60 -118.53 13.18 -42.78
CA SER N 60 -119.95 13.20 -43.03
C SER N 60 -120.70 14.18 -42.12
N VAL N 61 -120.00 14.81 -41.14
CA VAL N 61 -120.59 15.75 -40.20
C VAL N 61 -120.22 17.16 -40.56
N LEU N 62 -119.14 17.35 -41.33
CA LEU N 62 -118.77 18.68 -41.68
C LEU N 62 -119.67 19.34 -42.74
N LYS N 63 -119.85 20.68 -42.66
CA LYS N 63 -120.64 21.45 -43.61
C LYS N 63 -120.06 21.61 -45.00
N ASN N 64 -118.76 21.94 -45.09
CA ASN N 64 -118.10 22.15 -46.35
C ASN N 64 -117.64 20.79 -46.90
N THR N 65 -117.80 20.55 -48.22
CA THR N 65 -117.47 19.32 -48.94
C THR N 65 -115.99 19.13 -49.13
N SER N 66 -115.46 17.90 -48.88
CA SER N 66 -114.05 17.53 -49.11
C SER N 66 -113.01 18.31 -48.31
N VAL N 67 -113.26 18.54 -47.02
CA VAL N 67 -112.38 19.31 -46.17
C VAL N 67 -111.79 18.46 -45.07
N ILE N 68 -112.61 17.62 -44.38
CA ILE N 68 -112.06 16.68 -43.42
C ILE N 68 -111.17 15.65 -44.12
N ASP N 69 -111.59 15.19 -45.32
CA ASP N 69 -110.89 14.16 -46.08
C ASP N 69 -109.48 14.61 -46.46
N LYS N 70 -109.33 15.89 -46.88
CA LYS N 70 -108.03 16.48 -47.22
C LYS N 70 -107.13 16.74 -46.03
N ILE N 71 -107.68 17.18 -44.87
CA ILE N 71 -106.86 17.36 -43.67
C ILE N 71 -106.36 16.05 -43.11
N GLU N 72 -107.18 14.97 -43.18
CA GLU N 72 -106.84 13.68 -42.64
C GLU N 72 -105.64 13.10 -43.35
N SER N 73 -105.62 13.26 -44.68
CA SER N 73 -104.56 12.72 -45.49
C SER N 73 -103.20 13.34 -45.25
N TYR N 74 -103.13 14.66 -45.02
CA TYR N 74 -101.88 15.34 -44.75
C TYR N 74 -101.36 15.15 -43.33
N VAL N 75 -102.24 14.99 -42.32
CA VAL N 75 -101.79 14.80 -40.94
C VAL N 75 -101.22 13.40 -40.68
N LYS N 76 -101.59 12.39 -41.52
CA LYS N 76 -101.14 11.01 -41.35
C LYS N 76 -99.91 10.68 -42.17
N GLN N 77 -99.34 11.66 -42.93
CA GLN N 77 -98.13 11.47 -43.71
C GLN N 77 -96.89 11.75 -42.87
N TYR N 78 -96.36 12.98 -42.92
CA TYR N 78 -95.17 13.32 -42.18
C TYR N 78 -95.22 14.81 -41.89
N LYS N 79 -94.52 15.28 -40.85
CA LYS N 79 -94.56 16.68 -40.48
C LYS N 79 -93.29 16.99 -39.70
N PRO N 80 -92.88 18.23 -39.43
CA PRO N 80 -91.65 18.51 -38.69
C PRO N 80 -91.85 18.27 -37.20
N VAL N 81 -90.76 18.06 -36.45
CA VAL N 81 -90.78 17.85 -35.03
C VAL N 81 -89.51 18.49 -34.49
N LYS N 82 -89.51 18.93 -33.22
CA LYS N 82 -88.35 19.46 -32.53
C LYS N 82 -87.43 18.34 -32.10
N ILE N 83 -86.47 17.96 -32.96
CA ILE N 83 -85.50 16.88 -32.74
C ILE N 83 -84.16 17.35 -33.22
N ASP N 84 -83.09 16.60 -32.89
CA ASP N 84 -81.75 16.89 -33.30
C ASP N 84 -81.09 15.61 -33.80
N ALA N 85 -79.82 15.74 -34.21
CA ALA N 85 -78.96 14.64 -34.60
C ALA N 85 -77.78 14.55 -33.66
N SER N 86 -77.01 13.47 -33.78
CA SER N 86 -75.87 13.16 -32.94
C SER N 86 -74.59 13.75 -33.53
N LYS N 87 -74.66 14.91 -34.24
CA LYS N 87 -73.48 15.61 -34.72
C LYS N 87 -72.74 16.38 -33.63
N GLN N 88 -73.48 17.09 -32.75
CA GLN N 88 -72.89 17.87 -31.67
C GLN N 88 -72.59 17.00 -30.47
N LEU N 89 -71.58 16.13 -30.57
CA LEU N 89 -71.23 15.17 -29.53
C LEU N 89 -70.36 15.74 -28.42
N GLN N 90 -70.82 16.79 -27.72
CA GLN N 90 -70.06 17.45 -26.68
C GLN N 90 -69.71 16.54 -25.50
N VAL N 91 -70.68 15.71 -25.05
CA VAL N 91 -70.51 14.77 -23.94
C VAL N 91 -69.68 13.54 -24.29
N ILE N 92 -69.66 13.12 -25.57
CA ILE N 92 -68.88 11.98 -26.03
C ILE N 92 -67.40 12.33 -26.10
N GLU N 93 -67.05 13.53 -26.64
CA GLU N 93 -65.69 14.00 -26.71
C GLU N 93 -65.07 14.24 -25.33
N SER N 94 -65.87 14.73 -24.36
CA SER N 94 -65.40 14.95 -23.00
C SER N 94 -65.19 13.66 -22.21
N PHE N 95 -65.92 12.57 -22.53
CA PHE N 95 -65.86 11.29 -21.85
C PHE N 95 -64.46 10.67 -21.95
N GLU N 96 -63.86 10.67 -23.17
CA GLU N 96 -62.52 10.17 -23.40
C GLU N 96 -61.48 10.97 -22.62
N LYS N 97 -61.57 12.32 -22.65
CA LYS N 97 -60.66 13.18 -21.92
C LYS N 97 -60.74 13.01 -20.41
N HIS N 98 -61.96 12.86 -19.84
CA HIS N 98 -62.16 12.64 -18.41
C HIS N 98 -61.63 11.33 -17.92
N ALA N 99 -61.82 10.23 -18.68
CA ALA N 99 -61.23 8.97 -18.36
C ALA N 99 -59.69 9.06 -18.41
N MET N 100 -59.12 9.79 -19.41
CA MET N 100 -57.68 9.88 -19.61
C MET N 100 -56.94 10.73 -18.56
N THR N 101 -57.65 11.52 -17.74
CA THR N 101 -57.04 12.36 -16.71
C THR N 101 -57.42 11.97 -15.29
N ASN N 102 -58.62 11.38 -15.08
CA ASN N 102 -59.07 11.00 -13.74
C ASN N 102 -58.96 9.50 -13.52
N ALA N 103 -59.53 8.69 -14.43
CA ALA N 103 -59.49 7.24 -14.36
C ALA N 103 -58.11 6.65 -14.69
N LYS N 104 -57.35 7.24 -15.65
CA LYS N 104 -56.01 6.76 -15.97
C LYS N 104 -54.94 7.18 -14.96
N GLU N 105 -55.18 8.23 -14.15
CA GLU N 105 -54.26 8.66 -13.11
C GLU N 105 -54.17 7.62 -11.99
N THR N 106 -55.26 6.85 -11.74
CA THR N 106 -55.25 5.82 -10.71
C THR N 106 -54.36 4.64 -11.08
N GLU N 107 -54.08 4.41 -12.40
CA GLU N 107 -53.26 3.31 -12.88
C GLU N 107 -51.78 3.50 -12.50
N SER N 108 -51.35 4.75 -12.23
CA SER N 108 -49.98 5.04 -11.83
C SER N 108 -49.85 5.65 -10.45
N LEU N 109 -50.90 6.31 -9.89
CA LEU N 109 -50.79 6.85 -8.55
C LEU N 109 -51.20 5.81 -7.50
N VAL N 110 -52.43 5.25 -7.61
CA VAL N 110 -52.99 4.27 -6.69
C VAL N 110 -52.17 2.99 -6.73
N SER N 111 -51.74 2.57 -7.93
CA SER N 111 -50.91 1.38 -8.11
C SER N 111 -49.54 1.45 -7.46
N LYS N 112 -48.85 2.62 -7.51
CA LYS N 112 -47.60 2.85 -6.81
C LYS N 112 -47.79 2.81 -5.31
N GLU N 113 -48.84 3.47 -4.76
CA GLU N 113 -49.12 3.47 -3.33
C GLU N 113 -49.36 2.07 -2.80
N LEU N 121 -47.59 -3.10 2.13
CA LEU N 121 -47.02 -3.63 3.36
C LEU N 121 -45.51 -3.75 3.27
N ASP N 122 -44.89 -2.79 2.58
CA ASP N 122 -43.44 -2.76 2.48
C ASP N 122 -42.81 -2.35 3.81
N ASN N 123 -43.59 -1.69 4.67
CA ASN N 123 -43.11 -1.30 5.99
C ASN N 123 -42.89 -2.53 6.87
N ILE N 124 -43.83 -3.48 6.83
CA ILE N 124 -43.66 -4.71 7.59
C ILE N 124 -42.75 -5.69 6.86
N GLN N 125 -42.60 -5.51 5.54
CA GLN N 125 -41.74 -6.38 4.75
C GLN N 125 -40.28 -6.19 5.12
N SER N 126 -39.85 -4.95 5.28
CA SER N 126 -38.57 -4.70 5.93
C SER N 126 -38.72 -4.87 7.43
N ALA N 127 -37.96 -5.81 7.99
CA ALA N 127 -38.13 -6.16 9.39
C ALA N 127 -37.48 -5.12 10.30
N ARG N 128 -37.68 -5.27 11.61
CA ARG N 128 -37.54 -4.18 12.57
C ARG N 128 -36.54 -4.50 13.68
N PRO N 129 -35.29 -4.11 13.55
CA PRO N 129 -34.36 -4.23 14.68
C PRO N 129 -34.26 -2.96 15.53
N PHE N 130 -35.38 -2.44 16.04
CA PHE N 130 -35.34 -1.21 16.82
C PHE N 130 -34.65 -1.43 18.17
N ASP N 131 -34.63 -2.66 18.66
CA ASP N 131 -33.89 -2.95 19.89
C ASP N 131 -32.39 -2.94 19.65
N GLU N 132 -31.97 -3.04 18.39
CA GLU N 132 -30.55 -3.04 18.06
C GLU N 132 -30.22 -2.15 16.86
N LEU N 133 -31.01 -1.12 16.60
CA LEU N 133 -30.66 -0.17 15.56
C LEU N 133 -29.57 0.78 16.05
N THR N 134 -28.60 1.05 15.19
CA THR N 134 -27.44 1.86 15.55
C THR N 134 -27.71 3.32 15.20
N VAL N 135 -27.21 4.25 16.04
CA VAL N 135 -27.34 5.67 15.72
C VAL N 135 -26.48 6.03 14.52
N ASP N 136 -25.41 5.27 14.27
CA ASP N 136 -24.65 5.45 13.04
C ASP N 136 -25.46 5.04 11.83
N ASP N 137 -26.36 4.06 12.00
CA ASP N 137 -27.24 3.67 10.90
C ASP N 137 -28.26 4.76 10.60
N LEU N 138 -28.76 5.44 11.63
CA LEU N 138 -29.66 6.56 11.40
C LEU N 138 -28.94 7.74 10.79
N THR N 139 -27.70 7.97 11.19
CA THR N 139 -26.90 9.05 10.60
C THR N 139 -26.60 8.74 9.14
N LYS N 140 -26.41 7.47 8.81
CA LYS N 140 -26.15 7.08 7.43
C LYS N 140 -27.42 7.18 6.59
N ILE N 141 -28.57 6.76 7.11
CA ILE N 141 -29.79 6.87 6.34
C ILE N 141 -30.34 8.29 6.37
N LYS N 142 -30.07 9.06 7.43
CA LYS N 142 -30.53 10.44 7.52
C LYS N 142 -29.35 11.32 7.88
N PRO N 143 -28.80 12.08 6.93
CA PRO N 143 -27.90 13.19 7.29
C PRO N 143 -28.64 14.37 7.88
N GLU N 144 -29.97 14.39 7.75
CA GLU N 144 -30.78 15.45 8.36
C GLU N 144 -30.68 15.41 9.87
N ILE N 145 -30.55 14.22 10.46
CA ILE N 145 -30.34 14.09 11.90
C ILE N 145 -29.03 14.74 12.30
N ASP N 146 -27.97 14.49 11.52
CA ASP N 146 -26.66 15.05 11.83
C ASP N 146 -26.65 16.56 11.67
N ALA N 147 -27.33 17.06 10.64
CA ALA N 147 -27.39 18.51 10.42
C ALA N 147 -28.23 19.20 11.50
N LYS N 148 -29.34 18.57 11.92
CA LYS N 148 -30.19 19.15 12.95
C LYS N 148 -29.47 19.17 14.30
N VAL N 149 -28.76 18.09 14.63
CA VAL N 149 -27.98 18.06 15.86
C VAL N 149 -26.85 19.08 15.82
N GLU N 150 -26.19 19.21 14.66
CA GLU N 150 -25.06 20.12 14.55
C GLU N 150 -25.50 21.58 14.68
N GLU N 151 -26.58 21.96 14.01
CA GLU N 151 -27.08 23.32 14.13
C GLU N 151 -27.68 23.57 15.52
N MET N 152 -28.27 22.54 16.12
CA MET N 152 -28.84 22.66 17.47
C MET N 152 -27.75 22.83 18.51
N VAL N 153 -26.56 22.31 18.24
CA VAL N 153 -25.44 22.55 19.14
C VAL N 153 -24.84 23.92 18.89
N LYS N 154 -24.71 24.31 17.62
CA LYS N 154 -24.11 25.60 17.26
C LYS N 154 -24.89 26.77 17.83
N LYS N 155 -26.23 26.73 17.71
CA LYS N 155 -27.02 27.79 18.33
C LYS N 155 -27.03 27.66 19.85
N GLY N 156 -26.83 26.47 20.37
CA GLY N 156 -26.68 26.28 21.80
C GLY N 156 -27.83 25.61 22.50
N LYS N 157 -28.87 25.21 21.80
CA LYS N 157 -30.03 24.61 22.44
C LYS N 157 -29.70 23.16 22.80
N TRP N 158 -29.35 22.94 24.06
CA TRP N 158 -29.18 21.59 24.55
C TRP N 158 -30.51 20.93 24.90
N ASP N 159 -31.57 21.71 25.00
CA ASP N 159 -32.91 21.18 25.19
C ASP N 159 -33.34 20.41 23.94
N VAL N 160 -34.22 19.44 24.15
CA VAL N 160 -34.84 18.73 23.05
C VAL N 160 -36.33 18.99 23.10
N PRO N 161 -36.90 19.66 22.09
CA PRO N 161 -38.31 20.09 22.17
C PRO N 161 -39.27 18.91 22.00
N GLY N 162 -40.11 18.70 23.00
CA GLY N 162 -41.08 17.63 22.97
C GLY N 162 -40.53 16.28 23.38
N TYR N 163 -39.39 16.23 24.06
CA TYR N 163 -38.87 14.96 24.54
C TYR N 163 -39.46 14.59 25.89
N LYS N 164 -39.66 15.59 26.75
CA LYS N 164 -39.90 15.33 28.16
C LYS N 164 -41.33 14.82 28.39
N ASP N 165 -42.24 15.07 27.46
CA ASP N 165 -43.64 14.75 27.69
C ASP N 165 -43.92 13.26 27.54
N ARG N 166 -43.33 12.61 26.54
CA ARG N 166 -43.59 11.19 26.36
C ARG N 166 -42.49 10.34 26.98
N PHE N 167 -41.32 10.91 27.17
CA PHE N 167 -40.19 10.22 27.78
C PHE N 167 -39.83 10.92 29.07
N GLY N 168 -39.83 10.18 30.18
CA GLY N 168 -39.49 10.78 31.46
C GLY N 168 -38.04 11.18 31.52
N ASN N 169 -37.78 12.36 32.07
CA ASN N 169 -36.43 12.89 32.05
C ASN N 169 -35.50 12.17 33.03
N LEU N 170 -36.06 11.58 34.08
CA LEU N 170 -35.35 10.89 35.18
C LEU N 170 -34.20 11.72 35.76
N ASN N 171 -34.43 13.02 35.91
CA ASN N 171 -33.61 13.81 36.81
C ASN N 171 -33.92 13.37 38.24
N VAL N 172 -32.93 13.48 39.12
CA VAL N 172 -33.13 13.18 40.53
C VAL N 172 -34.14 14.18 41.09
N MET N 173 -33.91 15.45 40.82
CA MET N 173 -34.83 16.51 41.19
C MET N 173 -34.66 17.75 40.30
N UNK O 1 10.52 -31.95 35.30
CA UNK O 1 10.35 -33.34 35.74
C UNK O 1 10.79 -33.51 37.19
N UNK O 2 10.03 -34.32 37.94
CA UNK O 2 10.25 -34.61 39.36
C UNK O 2 10.31 -33.32 40.19
N UNK O 3 9.30 -32.47 40.00
CA UNK O 3 9.28 -31.19 40.70
C UNK O 3 8.93 -31.34 42.17
N UNK O 4 8.23 -32.43 42.53
CA UNK O 4 7.84 -32.64 43.92
C UNK O 4 9.06 -32.95 44.78
N UNK O 5 9.93 -33.84 44.30
CA UNK O 5 11.14 -34.16 45.04
C UNK O 5 12.10 -32.97 45.08
N UNK O 6 12.14 -32.20 43.99
CA UNK O 6 13.00 -31.02 43.95
C UNK O 6 12.51 -29.94 44.92
N UNK O 7 11.20 -29.78 45.06
CA UNK O 7 10.67 -28.80 46.00
C UNK O 7 10.85 -29.27 47.44
N UNK O 8 10.62 -30.56 47.69
CA UNK O 8 10.84 -31.09 49.03
C UNK O 8 12.31 -31.14 49.41
N UNK O 9 13.21 -31.10 48.42
CA UNK O 9 14.63 -30.97 48.72
C UNK O 9 15.02 -29.51 48.95
N UNK O 10 14.46 -28.59 48.15
CA UNK O 10 14.81 -27.19 48.26
C UNK O 10 14.20 -26.53 49.49
N UNK O 11 13.16 -27.15 50.08
CA UNK O 11 12.63 -26.63 51.34
C UNK O 11 13.64 -26.72 52.46
N UNK O 12 14.44 -27.79 52.48
CA UNK O 12 15.44 -27.97 53.53
C UNK O 12 16.56 -26.95 53.45
N UNK O 13 16.81 -26.41 52.25
CA UNK O 13 17.84 -25.38 52.08
C UNK O 13 17.49 -24.12 52.85
N UNK O 14 16.26 -23.63 52.69
CA UNK O 14 15.84 -22.48 53.47
C UNK O 14 15.55 -22.86 54.92
N UNK O 15 15.24 -24.13 55.19
CA UNK O 15 15.07 -24.58 56.57
C UNK O 15 16.38 -24.47 57.34
N UNK O 16 17.50 -24.71 56.67
CA UNK O 16 18.80 -24.49 57.30
C UNK O 16 19.19 -23.02 57.26
N UNK O 17 18.84 -22.31 56.17
CA UNK O 17 19.27 -20.93 56.00
C UNK O 17 18.60 -19.99 56.99
N UNK O 18 17.33 -20.22 57.31
CA UNK O 18 16.66 -19.36 58.27
C UNK O 18 17.09 -19.66 59.69
N UNK O 19 17.43 -20.92 59.98
CA UNK O 19 18.03 -21.24 61.27
C UNK O 19 19.40 -20.57 61.40
N UNK O 20 20.16 -20.52 60.30
CA UNK O 20 21.43 -19.81 60.31
C UNK O 20 21.22 -18.31 60.48
N UNK O 21 20.18 -17.76 59.87
CA UNK O 21 19.89 -16.34 60.01
C UNK O 21 19.42 -16.02 61.42
N UNK O 22 18.69 -16.94 62.06
CA UNK O 22 18.27 -16.75 63.44
C UNK O 22 19.46 -16.84 64.39
N UNK O 23 20.40 -17.74 64.10
CA UNK O 23 21.61 -17.82 64.91
C UNK O 23 22.47 -16.56 64.74
N UNK O 24 22.52 -16.02 63.52
CA UNK O 24 23.25 -14.77 63.29
C UNK O 24 22.56 -13.59 63.96
N UNK O 25 21.22 -13.63 64.03
CA UNK O 25 20.48 -12.59 64.74
C UNK O 25 20.72 -12.68 66.25
N UNK O 26 20.79 -13.90 66.78
CA UNK O 26 21.12 -14.07 68.20
C UNK O 26 22.55 -13.65 68.49
N UNK O 27 23.47 -13.88 67.54
CA UNK O 27 24.85 -13.43 67.71
C UNK O 27 24.95 -11.91 67.66
N UNK O 28 24.19 -11.27 66.78
CA UNK O 28 24.15 -9.82 66.75
C UNK O 28 23.48 -9.25 67.99
N UNK O 29 22.52 -10.00 68.55
CA UNK O 29 21.90 -9.59 69.81
C UNK O 29 22.89 -9.65 70.96
N UNK O 30 23.69 -10.70 71.02
CA UNK O 30 24.73 -10.80 72.04
C UNK O 30 25.81 -9.74 71.86
N UNK O 31 26.14 -9.42 70.60
CA UNK O 31 27.12 -8.37 70.34
C UNK O 31 26.58 -7.00 70.71
N UNK O 32 25.29 -6.76 70.47
CA UNK O 32 24.69 -5.50 70.88
C UNK O 32 24.57 -5.41 72.40
N UNK O 33 24.32 -6.54 73.07
CA UNK O 33 24.29 -6.55 74.53
C UNK O 33 25.66 -6.26 75.11
N UNK O 34 26.70 -6.83 74.52
CA UNK O 34 28.07 -6.53 74.97
C UNK O 34 28.45 -5.09 74.67
N UNK O 35 27.99 -4.54 73.54
CA UNK O 35 28.30 -3.15 73.20
C UNK O 35 27.56 -2.18 74.13
N UNK O 36 26.34 -2.52 74.53
CA UNK O 36 25.60 -1.67 75.45
C UNK O 36 26.04 -1.86 76.89
N UNK O 37 26.66 -2.99 77.24
CA UNK O 37 27.17 -3.19 78.58
C UNK O 37 28.62 -2.78 78.74
N UNK O 38 29.34 -2.53 77.64
CA UNK O 38 30.72 -2.09 77.75
C UNK O 38 30.82 -0.64 78.20
N UNK O 39 29.79 0.17 77.93
CA UNK O 39 29.84 1.58 78.30
C UNK O 39 29.54 1.79 79.78
N UNK O 40 28.74 0.92 80.39
CA UNK O 40 28.31 1.14 81.77
C UNK O 40 29.43 0.92 82.77
N UNK O 41 30.21 -0.16 82.58
CA UNK O 41 31.35 -0.41 83.45
C UNK O 41 32.44 0.63 83.26
N UNK O 42 32.61 1.12 82.03
CA UNK O 42 33.55 2.21 81.78
C UNK O 42 33.10 3.51 82.43
N UNK O 43 31.79 3.80 82.44
CA UNK O 43 31.28 4.99 83.10
C UNK O 43 31.42 4.88 84.62
N UNK O 44 31.21 3.67 85.17
CA UNK O 44 31.41 3.47 86.60
C UNK O 44 32.87 3.57 86.99
N UNK O 45 33.76 3.10 86.12
CA UNK O 45 35.20 3.24 86.36
C UNK O 45 35.70 4.66 86.15
N UNK O 46 35.02 5.45 85.33
CA UNK O 46 35.37 6.87 85.20
C UNK O 46 34.83 7.69 86.35
N UNK O 47 33.69 7.30 86.92
CA UNK O 47 33.15 8.01 88.07
C UNK O 47 33.92 7.66 89.34
N UNK O 48 34.20 6.38 89.56
CA UNK O 48 34.95 5.97 90.74
C UNK O 48 36.42 6.32 90.61
N UNK O 49 37.08 5.80 89.58
CA UNK O 49 38.50 6.06 89.36
C UNK O 49 38.70 7.11 88.28
N VAL P 1 -33.64 35.72 21.84
CA VAL P 1 -33.67 34.27 21.97
C VAL P 1 -34.90 33.68 21.29
N SER P 2 -35.77 34.56 20.80
CA SER P 2 -36.99 34.12 20.14
C SER P 2 -36.65 33.32 18.90
N THR P 3 -35.68 33.80 18.13
CA THR P 3 -35.27 33.10 16.93
C THR P 3 -34.75 31.71 17.24
N LEU P 4 -33.95 31.59 18.30
CA LEU P 4 -33.39 30.29 18.70
C LEU P 4 -34.50 29.34 19.11
N ILE P 5 -35.49 29.87 19.82
CA ILE P 5 -36.62 29.08 20.26
C ILE P 5 -37.38 28.57 19.05
N PRO P 6 -37.57 29.45 18.08
CA PRO P 6 -38.26 29.10 16.86
C PRO P 6 -37.50 28.01 16.12
N PRO P 7 -36.17 28.11 16.08
CA PRO P 7 -35.37 27.11 15.40
C PRO P 7 -35.55 25.76 16.06
N LYS P 8 -35.54 25.73 17.38
CA LYS P 8 -35.70 24.47 18.07
C LYS P 8 -37.09 23.88 17.78
N VAL P 9 -38.09 24.76 17.80
CA VAL P 9 -39.46 24.36 17.55
C VAL P 9 -39.62 23.81 16.15
N VAL P 10 -38.97 24.45 15.19
CA VAL P 10 -39.00 24.05 13.80
C VAL P 10 -38.38 22.69 13.65
N SER P 11 -37.28 22.47 14.35
CA SER P 11 -36.60 21.18 14.29
C SER P 11 -37.54 20.11 14.80
N SER P 12 -38.22 20.39 15.92
CA SER P 12 -39.14 19.41 16.48
C SER P 12 -40.28 19.15 15.50
N LYS P 13 -40.79 20.22 14.90
CA LYS P 13 -41.87 20.12 13.95
C LYS P 13 -41.25 19.69 12.66
N ASN P 14 -40.22 20.41 12.23
CA ASN P 14 -39.58 20.03 10.98
C ASN P 14 -40.15 20.83 9.82
N ILE P 15 -40.51 20.15 8.72
CA ILE P 15 -41.04 20.84 7.55
C ILE P 15 -41.91 19.96 6.66
N GLY P 16 -42.67 20.59 5.78
CA GLY P 16 -43.54 19.87 4.84
C GLY P 16 -45.02 19.85 5.23
N PRO P 19 -51.65 11.87 5.22
CA PRO P 19 -51.43 12.37 3.86
C PRO P 19 -50.19 11.75 3.22
N ASN P 20 -49.53 12.53 2.36
CA ASN P 20 -48.27 12.10 1.77
C ASN P 20 -47.07 12.45 2.64
N ALA P 21 -47.20 13.45 3.52
CA ALA P 21 -46.07 13.92 4.31
C ALA P 21 -45.63 12.89 5.33
N LYS P 22 -46.55 12.01 5.76
CA LYS P 22 -46.17 10.91 6.62
C LYS P 22 -45.71 9.71 5.80
N ARG P 23 -46.30 9.52 4.62
CA ARG P 23 -46.07 8.32 3.82
C ARG P 23 -44.68 8.32 3.17
N ILE P 24 -44.34 9.40 2.45
CA ILE P 24 -43.02 9.49 1.85
C ILE P 24 -41.95 9.81 2.88
N ALA P 25 -42.34 10.02 4.14
CA ALA P 25 -41.39 9.94 5.23
C ALA P 25 -41.15 8.48 5.64
N ASN P 26 -42.22 7.74 5.93
CA ASN P 26 -42.04 6.51 6.71
C ASN P 26 -41.59 5.35 5.83
N VAL P 27 -42.11 5.22 4.60
CA VAL P 27 -41.66 4.10 3.79
C VAL P 27 -40.26 4.36 3.24
N VAL P 28 -39.93 5.63 3.02
CA VAL P 28 -38.59 6.01 2.57
C VAL P 28 -37.60 5.86 3.71
N HIS P 29 -38.06 6.01 4.94
CA HIS P 29 -37.20 5.67 6.07
C HIS P 29 -37.07 4.16 6.22
N PHE P 30 -38.11 3.40 5.86
CA PHE P 30 -38.14 1.99 6.22
C PHE P 30 -37.42 1.11 5.21
N TYR P 31 -37.24 1.58 3.96
CA TYR P 31 -36.74 0.63 2.95
C TYR P 31 -35.27 0.27 3.17
N LYS P 32 -34.45 1.19 3.67
CA LYS P 32 -33.08 0.84 3.96
C LYS P 32 -32.85 0.62 5.46
N SER P 33 -33.92 0.49 6.24
CA SER P 33 -33.76 -0.09 7.57
C SER P 33 -33.37 -1.56 7.41
N LEU P 34 -32.21 -1.92 7.95
CA LEU P 34 -31.63 -3.22 7.69
C LEU P 34 -32.45 -4.30 8.38
N PRO P 35 -32.92 -5.32 7.64
CA PRO P 35 -34.06 -6.13 8.11
C PRO P 35 -33.83 -7.03 9.33
N GLN P 36 -32.87 -7.94 9.30
CA GLN P 36 -32.79 -8.98 10.32
C GLN P 36 -31.83 -8.62 11.45
N GLY P 37 -31.63 -7.34 11.70
CA GLY P 37 -30.55 -6.91 12.57
C GLY P 37 -29.23 -7.20 11.90
N PRO P 38 -29.14 -6.89 10.59
CA PRO P 38 -27.97 -7.31 9.80
C PRO P 38 -26.71 -6.53 10.15
N ALA P 39 -25.57 -7.05 9.70
CA ALA P 39 -24.25 -6.69 10.20
C ALA P 39 -24.23 -6.74 11.74
N PRO P 40 -24.43 -7.93 12.32
CA PRO P 40 -24.57 -8.01 13.80
C PRO P 40 -23.30 -7.67 14.55
N ALA P 41 -22.19 -8.34 14.23
CA ALA P 41 -20.87 -8.16 14.86
C ALA P 41 -20.97 -8.30 16.39
N ILE P 42 -21.33 -9.51 16.81
CA ILE P 42 -21.66 -9.74 18.22
C ILE P 42 -20.41 -9.70 19.09
N LYS P 43 -19.25 -9.97 18.51
CA LYS P 43 -18.00 -9.94 19.26
C LYS P 43 -16.86 -9.58 18.34
N ALA P 44 -15.68 -9.40 18.94
CA ALA P 44 -14.44 -9.12 18.23
C ALA P 44 -13.30 -9.57 19.13
N ASN P 45 -12.08 -9.16 18.78
CA ASN P 45 -10.89 -9.55 19.54
C ASN P 45 -9.94 -8.37 19.59
N THR P 46 -10.02 -7.60 20.68
CA THR P 46 -9.11 -6.48 20.88
C THR P 46 -8.68 -6.36 22.34
N ARG P 47 -8.92 -7.39 23.16
CA ARG P 47 -8.57 -7.56 24.57
C ARG P 47 -9.40 -6.67 25.50
N LEU P 48 -10.25 -5.81 24.94
CA LEU P 48 -11.21 -5.02 25.69
C LEU P 48 -12.63 -5.16 25.17
N ALA P 49 -12.80 -5.51 23.89
CA ALA P 49 -14.14 -5.82 23.40
C ALA P 49 -14.66 -7.10 24.03
N ARG P 50 -13.76 -8.03 24.36
CA ARG P 50 -14.14 -9.18 25.17
C ARG P 50 -14.42 -8.76 26.61
N TYR P 51 -13.75 -7.71 27.08
CA TYR P 51 -14.05 -7.15 28.39
C TYR P 51 -15.32 -6.33 28.37
N LYS P 52 -15.65 -5.72 27.23
CA LYS P 52 -16.86 -4.94 27.12
C LYS P 52 -18.09 -5.83 26.93
N ALA P 53 -17.92 -6.99 26.29
CA ALA P 53 -19.06 -7.85 26.04
C ALA P 53 -19.47 -8.60 27.30
N LYS P 54 -18.52 -8.98 28.14
CA LYS P 54 -18.84 -9.77 29.30
C LYS P 54 -19.44 -8.94 30.43
N TYR P 55 -19.11 -7.65 30.50
CA TYR P 55 -19.50 -6.82 31.64
C TYR P 55 -20.41 -5.67 31.28
N PHE P 56 -20.22 -5.07 30.10
CA PHE P 56 -20.79 -3.76 29.82
C PHE P 56 -21.88 -3.75 28.76
N ASP P 57 -21.96 -4.77 27.92
CA ASP P 57 -22.92 -4.73 26.82
C ASP P 57 -24.32 -5.11 27.30
N GLY P 58 -25.19 -5.38 26.32
CA GLY P 58 -26.64 -5.36 26.42
C GLY P 58 -27.35 -5.92 27.63
N ASP P 59 -27.23 -7.21 27.89
CA ASP P 59 -27.96 -7.82 29.00
C ASP P 59 -27.06 -8.20 30.16
N ASN P 60 -25.74 -8.15 29.99
CA ASN P 60 -24.88 -8.42 31.14
C ASN P 60 -24.92 -7.25 32.11
N ALA P 61 -24.34 -6.11 31.69
CA ALA P 61 -24.56 -4.77 32.25
C ALA P 61 -24.24 -4.65 33.75
N SER P 62 -23.61 -5.64 34.38
CA SER P 62 -23.53 -5.64 35.83
C SER P 62 -22.45 -4.71 36.32
N GLY P 63 -22.55 -4.34 37.59
CA GLY P 63 -21.69 -3.39 38.24
C GLY P 63 -20.45 -3.97 38.89
N LYS P 64 -20.12 -5.20 38.59
CA LYS P 64 -18.82 -5.76 38.99
C LYS P 64 -17.57 -4.99 38.54
N PRO P 65 -17.52 -4.29 37.38
CA PRO P 65 -16.32 -3.46 37.11
C PRO P 65 -16.05 -2.37 38.09
N LEU P 66 -17.05 -1.88 38.82
CA LEU P 66 -16.79 -1.00 39.94
C LEU P 66 -15.98 -1.72 41.01
N TRP P 67 -16.27 -3.01 41.24
CA TRP P 67 -15.51 -3.75 42.23
C TRP P 67 -14.10 -4.07 41.73
N HIS P 68 -13.97 -4.36 40.42
CA HIS P 68 -12.64 -4.54 39.83
C HIS P 68 -11.80 -3.28 39.95
N PHE P 69 -12.41 -2.13 39.66
CA PHE P 69 -11.72 -0.85 39.70
C PHE P 69 -11.32 -0.46 41.12
N ALA P 70 -12.23 -0.68 42.07
CA ALA P 70 -11.94 -0.39 43.47
C ALA P 70 -10.83 -1.28 43.99
N LEU P 71 -10.83 -2.55 43.57
CA LEU P 71 -9.75 -3.44 43.97
C LEU P 71 -8.43 -3.03 43.34
N GLY P 72 -8.48 -2.49 42.13
CA GLY P 72 -7.28 -2.00 41.48
C GLY P 72 -6.66 -0.83 42.21
N ILE P 73 -7.47 0.14 42.62
CA ILE P 73 -6.94 1.29 43.34
C ILE P 73 -6.48 0.88 44.74
N ILE P 74 -7.18 -0.06 45.38
CA ILE P 74 -6.74 -0.56 46.69
C ILE P 74 -5.37 -1.21 46.59
N ALA P 75 -5.16 -2.05 45.57
CA ALA P 75 -3.88 -2.72 45.40
C ALA P 75 -2.77 -1.74 45.05
N PHE P 76 -3.05 -0.80 44.15
CA PHE P 76 -2.05 0.16 43.70
C PHE P 76 -1.64 1.11 44.82
N GLY P 77 -2.62 1.64 45.55
CA GLY P 77 -2.33 2.52 46.65
C GLY P 77 -1.65 1.79 47.80
N TYR P 78 -1.97 0.51 47.99
CA TYR P 78 -1.30 -0.21 49.06
C TYR P 78 0.14 -0.50 48.71
N SER P 79 0.41 -0.81 47.43
CA SER P 79 1.79 -1.02 47.00
C SER P 79 2.61 0.25 47.16
N MET P 80 2.03 1.39 46.79
CA MET P 80 2.75 2.66 46.91
C MET P 80 2.97 3.05 48.36
N GLU P 81 1.96 2.85 49.21
CA GLU P 81 2.10 3.18 50.62
C GLU P 81 3.09 2.27 51.32
N TYR P 82 3.11 0.99 50.95
CA TYR P 82 4.07 0.07 51.53
C TYR P 82 5.49 0.36 51.07
N TYR P 83 5.63 0.82 49.82
CA TYR P 83 6.96 1.08 49.30
C TYR P 83 7.53 2.37 49.86
N PHE P 84 6.67 3.33 50.19
CA PHE P 84 7.20 4.61 50.67
C PHE P 84 7.30 4.64 52.19
N HIS P 85 6.27 4.23 52.92
CA HIS P 85 6.22 4.46 54.35
C HIS P 85 6.43 3.19 55.16
N LEU P 86 6.24 2.03 54.57
CA LEU P 86 6.27 0.80 55.36
C LEU P 86 7.33 -0.19 54.88
N UNK Q 1 -44.05 -6.54 78.14
CA UNK Q 1 -42.96 -6.98 77.25
C UNK Q 1 -43.41 -6.96 75.80
N UNK Q 2 -43.37 -5.77 75.19
CA UNK Q 2 -43.78 -5.64 73.80
C UNK Q 2 -42.77 -6.30 72.86
N UNK Q 3 -41.54 -5.80 72.86
CA UNK Q 3 -40.45 -6.46 72.15
C UNK Q 3 -39.55 -7.28 73.05
N UNK Q 4 -39.75 -7.21 74.36
CA UNK Q 4 -38.93 -7.98 75.29
C UNK Q 4 -39.37 -9.44 75.38
N UNK Q 5 -40.61 -9.76 74.98
CA UNK Q 5 -41.03 -11.15 74.94
C UNK Q 5 -40.34 -11.91 73.82
N UNK Q 6 -40.29 -11.31 72.62
CA UNK Q 6 -39.56 -11.91 71.52
C UNK Q 6 -38.05 -11.87 71.78
N UNK Q 7 -37.57 -10.86 72.50
CA UNK Q 7 -36.15 -10.81 72.87
C UNK Q 7 -35.81 -11.91 73.87
N UNK Q 8 -36.72 -12.20 74.80
CA UNK Q 8 -36.49 -13.30 75.74
C UNK Q 8 -36.62 -14.66 75.07
N UNK Q 9 -37.51 -14.77 74.07
CA UNK Q 9 -37.58 -16.00 73.29
C UNK Q 9 -36.31 -16.19 72.45
N UNK Q 10 -35.75 -15.10 71.94
CA UNK Q 10 -34.47 -15.19 71.24
C UNK Q 10 -33.32 -15.48 72.20
N UNK Q 11 -33.42 -15.02 73.45
CA UNK Q 11 -32.39 -15.32 74.44
C UNK Q 11 -32.45 -16.78 74.89
N UNK Q 12 -33.66 -17.35 74.93
CA UNK Q 12 -33.78 -18.78 75.21
C UNK Q 12 -33.37 -19.62 74.01
N UNK Q 13 -33.62 -19.13 72.79
CA UNK Q 13 -33.16 -19.78 71.57
C UNK Q 13 -31.71 -19.48 71.25
N UNK Q 14 -31.05 -18.64 72.04
CA UNK Q 14 -29.61 -18.43 71.89
C UNK Q 14 -28.80 -19.67 72.25
N UNK Q 15 -29.35 -20.57 73.07
CA UNK Q 15 -28.72 -21.86 73.27
C UNK Q 15 -28.75 -22.69 71.99
N UNK Q 16 -29.87 -22.64 71.26
CA UNK Q 16 -29.94 -23.27 69.95
C UNK Q 16 -29.07 -22.55 68.93
N UNK Q 17 -28.89 -21.24 69.09
CA UNK Q 17 -27.98 -20.49 68.22
C UNK Q 17 -26.53 -20.88 68.46
N UNK Q 18 -26.16 -21.12 69.72
CA UNK Q 18 -24.82 -21.60 70.02
C UNK Q 18 -24.63 -23.05 69.58
N UNK Q 19 -25.70 -23.84 69.63
CA UNK Q 19 -25.65 -25.18 69.07
C UNK Q 19 -25.51 -25.14 67.55
N UNK Q 20 -26.11 -24.15 66.91
CA UNK Q 20 -25.95 -23.96 65.47
C UNK Q 20 -24.54 -23.48 65.14
N UNK Q 21 -23.95 -22.68 66.03
CA UNK Q 21 -22.56 -22.25 65.83
C UNK Q 21 -21.60 -23.43 66.00
N UNK Q 22 -21.87 -24.32 66.96
CA UNK Q 22 -21.07 -25.53 67.12
C UNK Q 22 -21.28 -26.47 65.94
N UNK Q 23 -22.49 -26.50 65.37
CA UNK Q 23 -22.73 -27.29 64.18
C UNK Q 23 -22.00 -26.72 62.96
N UNK Q 24 -21.92 -25.40 62.86
CA UNK Q 24 -21.15 -24.78 61.78
C UNK Q 24 -19.66 -25.02 61.97
N UNK Q 25 -19.20 -25.09 63.23
CA UNK Q 25 -17.80 -25.39 63.50
C UNK Q 25 -17.47 -26.85 63.23
N UNK Q 26 -18.44 -27.75 63.43
CA UNK Q 26 -18.21 -29.17 63.20
C UNK Q 26 -18.49 -29.58 61.75
N UNK Q 27 -19.16 -28.73 60.98
CA UNK Q 27 -19.48 -29.06 59.58
C UNK Q 27 -18.23 -29.06 58.72
N UNK Q 28 -17.49 -27.95 58.71
CA UNK Q 28 -16.28 -27.84 57.91
C UNK Q 28 -15.07 -28.46 58.59
N UNK Q 29 -15.22 -28.95 59.82
CA UNK Q 29 -14.10 -29.54 60.55
C UNK Q 29 -13.61 -30.82 59.87
N UNK Q 30 -14.53 -31.71 59.51
CA UNK Q 30 -14.16 -32.89 58.75
C UNK Q 30 -13.89 -32.56 57.29
N UNK Q 31 -14.51 -31.48 56.76
CA UNK Q 31 -14.33 -31.13 55.36
C UNK Q 31 -12.93 -30.60 55.09
N UNK Q 32 -12.33 -29.91 56.06
CA UNK Q 32 -10.96 -29.42 55.89
C UNK Q 32 -9.97 -30.57 55.83
N UNK Q 33 -10.10 -31.54 56.73
CA UNK Q 33 -9.23 -32.72 56.70
C UNK Q 33 -9.54 -33.63 55.52
N UNK Q 34 -10.76 -33.56 54.97
CA UNK Q 34 -11.07 -34.32 53.76
C UNK Q 34 -10.42 -33.68 52.53
N UNK Q 35 -10.49 -32.35 52.44
CA UNK Q 35 -9.87 -31.66 51.31
C UNK Q 35 -8.35 -31.68 51.40
N UNK Q 36 -7.80 -31.76 52.61
CA UNK Q 36 -6.37 -31.82 52.78
C UNK Q 36 -5.77 -33.17 52.42
N UNK Q 37 -6.59 -34.22 52.35
CA UNK Q 37 -6.09 -35.59 52.25
C UNK Q 37 -5.43 -35.86 50.89
N UNK Q 38 -6.16 -35.60 49.80
CA UNK Q 38 -5.64 -35.87 48.47
C UNK Q 38 -4.50 -34.90 48.12
N UNK Q 39 -4.58 -33.66 48.63
CA UNK Q 39 -3.52 -32.69 48.38
C UNK Q 39 -2.23 -33.10 49.10
N UNK Q 40 -2.35 -33.57 50.35
CA UNK Q 40 -1.17 -34.01 51.08
C UNK Q 40 -0.62 -35.31 50.51
N UNK Q 41 -1.49 -36.16 49.98
CA UNK Q 41 -1.03 -37.39 49.34
C UNK Q 41 -0.32 -37.10 48.03
N UNK Q 42 -0.78 -36.09 47.29
CA UNK Q 42 -0.04 -35.63 46.12
C UNK Q 42 1.27 -34.98 46.51
N UNK Q 43 1.31 -34.33 47.67
CA UNK Q 43 2.56 -33.79 48.19
C UNK Q 43 3.37 -34.83 48.96
N UNK Q 44 2.82 -36.02 49.21
CA UNK Q 44 3.53 -37.04 49.94
C UNK Q 44 4.63 -37.65 49.09
N UNK Q 45 5.84 -37.68 49.61
CA UNK Q 45 6.94 -38.41 48.99
C UNK Q 45 6.79 -39.88 49.35
N UNK Q 46 6.36 -40.70 48.39
CA UNK Q 46 6.12 -42.11 48.66
C UNK Q 46 7.44 -42.88 48.80
N UNK Q 47 8.25 -42.89 47.74
CA UNK Q 47 9.58 -43.48 47.77
C UNK Q 47 10.53 -42.47 47.12
N UNK Q 48 11.09 -41.59 47.94
CA UNK Q 48 11.94 -40.51 47.45
C UNK Q 48 13.42 -40.78 47.66
N UNK Q 49 13.78 -41.98 48.13
CA UNK Q 49 15.20 -42.30 48.32
C UNK Q 49 15.89 -42.48 46.98
N UNK Q 50 15.42 -43.44 46.18
CA UNK Q 50 15.99 -43.68 44.86
C UNK Q 50 15.40 -42.78 43.79
N UNK Q 51 14.38 -41.99 44.12
CA UNK Q 51 13.76 -41.11 43.13
C UNK Q 51 14.68 -39.94 42.78
N UNK Q 52 15.01 -39.13 43.77
CA UNK Q 52 15.85 -37.96 43.51
C UNK Q 52 17.33 -38.32 43.39
N UNK Q 53 17.72 -39.52 43.79
CA UNK Q 53 19.13 -39.93 43.75
C UNK Q 53 19.61 -40.04 42.31
N UNK Q 54 18.90 -40.79 41.47
CA UNK Q 54 19.21 -40.83 40.05
C UNK Q 54 18.75 -39.57 39.33
N UNK Q 55 17.78 -38.84 39.89
CA UNK Q 55 17.35 -37.60 39.25
C UNK Q 55 18.41 -36.51 39.38
N UNK Q 56 19.25 -36.57 40.42
CA UNK Q 56 20.39 -35.67 40.50
C UNK Q 56 21.38 -35.94 39.39
N UNK Q 57 21.60 -37.21 39.05
CA UNK Q 57 22.47 -37.55 37.93
C UNK Q 57 21.83 -37.18 36.60
N UNK Q 58 20.49 -37.29 36.51
CA UNK Q 58 19.79 -36.86 35.31
C UNK Q 58 19.88 -35.35 35.12
N UNK Q 59 19.80 -34.60 36.23
CA UNK Q 59 19.97 -33.15 36.15
C UNK Q 59 21.42 -32.78 35.85
N UNK Q 60 22.38 -33.57 36.33
CA UNK Q 60 23.78 -33.32 35.99
C UNK Q 60 24.04 -33.58 34.51
N UNK Q 61 23.44 -34.63 33.96
CA UNK Q 61 23.57 -34.91 32.53
C UNK Q 61 22.85 -33.86 31.69
N UNK Q 62 21.71 -33.37 32.17
CA UNK Q 62 21.01 -32.30 31.47
C UNK Q 62 21.79 -30.99 31.51
N UNK Q 63 22.48 -30.74 32.63
CA UNK Q 63 23.30 -29.53 32.72
C UNK Q 63 24.57 -29.67 31.88
N UNK Q 64 25.08 -30.89 31.72
CA UNK Q 64 26.20 -31.11 30.82
C UNK Q 64 25.78 -30.95 29.37
N UNK Q 65 24.55 -31.35 29.03
CA UNK Q 65 24.02 -31.14 27.69
C UNK Q 65 23.52 -29.72 27.48
N UNK Q 66 23.36 -28.95 28.56
CA UNK Q 66 22.86 -27.58 28.44
C UNK Q 66 23.85 -26.65 27.76
N UNK Q 67 25.14 -26.99 27.80
CA UNK Q 67 26.16 -26.17 27.13
C UNK Q 67 25.99 -26.18 25.62
N UNK Q 68 25.41 -27.24 25.06
CA UNK Q 68 25.03 -27.27 23.66
C UNK Q 68 23.55 -26.97 23.44
N UNK Q 69 22.70 -27.20 24.44
CA UNK Q 69 21.28 -26.94 24.29
C UNK Q 69 20.97 -25.45 24.29
N UNK Q 70 21.68 -24.68 25.11
CA UNK Q 70 21.48 -23.23 25.13
C UNK Q 70 22.07 -22.59 23.89
N UNK Q 71 23.16 -23.14 23.37
CA UNK Q 71 23.72 -22.65 22.12
C UNK Q 71 22.91 -23.10 20.91
N UNK Q 72 22.11 -24.16 21.05
CA UNK Q 72 21.29 -24.66 19.96
C UNK Q 72 19.82 -24.30 20.10
N UNK Q 73 19.42 -23.71 21.24
CA UNK Q 73 18.04 -23.29 21.55
C UNK Q 73 17.06 -24.47 21.44
N UNK Q 74 17.38 -25.55 22.15
CA UNK Q 74 16.50 -26.71 22.16
C UNK Q 74 15.27 -26.49 23.03
N UNK Q 75 15.31 -25.54 23.95
CA UNK Q 75 14.18 -25.24 24.81
C UNK Q 75 13.31 -24.12 24.24
N UNK Q 76 13.93 -23.15 23.55
CA UNK Q 76 13.17 -22.04 23.00
C UNK Q 76 12.39 -22.44 21.75
N UNK Q 77 12.81 -23.52 21.08
CA UNK Q 77 12.11 -23.98 19.89
C UNK Q 77 10.80 -24.69 20.23
N UNK Q 78 10.60 -25.06 21.48
CA UNK Q 78 9.36 -25.69 21.92
C UNK Q 78 8.45 -24.72 22.69
N UNK Q 79 8.90 -23.50 22.93
CA UNK Q 79 8.13 -22.50 23.67
C UNK Q 79 7.48 -21.48 22.75
N UNK Q 80 7.09 -21.88 21.54
CA UNK Q 80 6.46 -20.94 20.62
C UNK Q 80 4.96 -20.87 20.84
N UNK Q 81 4.36 -21.95 21.39
CA UNK Q 81 3.16 -21.83 22.25
C UNK Q 81 3.49 -21.12 23.56
N UNK Q 82 2.48 -20.43 24.09
CA UNK Q 82 2.59 -19.73 25.37
C UNK Q 82 1.94 -20.49 26.51
N UNK Q 83 1.59 -21.76 26.31
CA UNK Q 83 0.87 -22.52 27.32
C UNK Q 83 1.81 -23.19 28.31
N UNK Q 84 3.02 -23.53 27.87
CA UNK Q 84 3.98 -24.17 28.76
C UNK Q 84 4.61 -23.19 29.75
N UNK Q 85 4.45 -21.88 29.51
CA UNK Q 85 4.94 -20.88 30.46
C UNK Q 85 4.16 -20.93 31.76
N UNK Q 86 2.89 -21.34 31.72
CA UNK Q 86 2.11 -21.52 32.94
C UNK Q 86 2.67 -22.66 33.78
N UNK Q 87 3.03 -23.76 33.15
CA UNK Q 87 3.68 -24.86 33.86
C UNK Q 87 5.08 -24.51 34.30
N UNK Q 88 5.76 -23.59 33.60
CA UNK Q 88 7.08 -23.16 34.02
C UNK Q 88 7.01 -22.20 35.19
N UNK Q 89 5.92 -21.45 35.32
CA UNK Q 89 5.79 -20.47 36.39
C UNK Q 89 4.99 -20.96 37.58
N UNK Q 90 4.30 -22.10 37.47
CA UNK Q 90 3.48 -22.59 38.56
C UNK Q 90 4.32 -23.10 39.72
N UNK Q 91 5.34 -23.90 39.42
CA UNK Q 91 6.14 -24.53 40.47
C UNK Q 91 7.10 -23.56 41.14
N UNK Q 92 7.38 -22.40 40.54
CA UNK Q 92 8.36 -21.49 41.10
C UNK Q 92 7.84 -20.83 42.39
N UNK Q 93 6.57 -20.39 42.36
CA UNK Q 93 5.95 -19.85 43.55
C UNK Q 93 5.79 -20.91 44.63
N UNK Q 94 5.49 -22.15 44.23
CA UNK Q 94 5.39 -23.25 45.17
C UNK Q 94 6.73 -23.54 45.84
N UNK Q 95 7.81 -23.48 45.07
CA UNK Q 95 9.15 -23.72 45.61
C UNK Q 95 9.57 -22.61 46.56
N UNK Q 96 9.41 -21.36 46.16
CA UNK Q 96 9.81 -20.23 46.99
C UNK Q 96 8.97 -20.16 48.26
N UNK Q 97 7.69 -20.52 48.17
CA UNK Q 97 6.84 -20.43 49.33
C UNK Q 97 6.98 -21.64 50.25
N UNK Q 98 7.32 -22.81 49.71
CA UNK Q 98 7.67 -23.93 50.58
C UNK Q 98 8.99 -23.66 51.29
N UNK Q 99 9.91 -22.96 50.60
CA UNK Q 99 11.13 -22.50 51.24
C UNK Q 99 10.81 -21.54 52.38
N UNK Q 100 9.85 -20.64 52.18
CA UNK Q 100 9.44 -19.74 53.25
C UNK Q 100 8.73 -20.49 54.38
N UNK Q 101 7.97 -21.54 54.04
CA UNK Q 101 7.25 -22.31 55.03
C UNK Q 101 8.20 -23.09 55.92
N UNK Q 102 9.25 -23.65 55.34
CA UNK Q 102 10.28 -24.28 56.16
C UNK Q 102 11.14 -23.23 56.85
N UNK Q 103 11.24 -22.03 56.28
CA UNK Q 103 11.98 -20.95 56.90
C UNK Q 103 11.28 -20.41 58.14
N UNK Q 104 9.97 -20.59 58.23
CA UNK Q 104 9.20 -20.16 59.40
C UNK Q 104 9.47 -21.00 60.65
N UNK Q 105 10.32 -22.03 60.59
CA UNK Q 105 10.55 -22.91 61.73
C UNK Q 105 11.39 -22.27 62.81
N UNK Q 106 11.96 -21.10 62.57
CA UNK Q 106 12.78 -20.42 63.57
C UNK Q 106 11.93 -19.86 64.70
N MET R 1 -17.26 5.06 16.06
CA MET R 1 -16.75 5.36 17.39
C MET R 1 -17.44 6.61 17.94
N LEU R 2 -16.86 7.77 17.66
CA LEU R 2 -17.36 9.05 18.09
C LEU R 2 -17.17 10.04 16.95
N LYS R 3 -18.22 10.78 16.61
CA LYS R 3 -18.13 11.79 15.56
C LYS R 3 -17.96 13.14 16.24
N ARG R 4 -16.82 13.79 16.02
CA ARG R 4 -16.56 15.09 16.59
C ARG R 4 -17.48 16.14 16.01
N PHE R 5 -18.15 16.89 16.88
CA PHE R 5 -19.02 17.98 16.43
C PHE R 5 -18.37 19.30 16.76
N PRO R 6 -18.25 20.22 15.81
CA PRO R 6 -17.56 21.49 16.09
C PRO R 6 -18.40 22.45 16.91
N THR R 7 -18.35 22.30 18.21
CA THR R 7 -19.10 23.17 19.10
C THR R 7 -18.28 24.44 19.34
N PRO R 8 -18.92 25.59 19.44
CA PRO R 8 -18.16 26.81 19.74
C PRO R 8 -17.71 26.87 21.18
N ILE R 9 -16.41 26.63 21.41
CA ILE R 9 -15.85 26.66 22.75
C ILE R 9 -14.77 27.71 22.90
N LEU R 10 -14.64 28.63 21.96
CA LEU R 10 -13.68 29.71 22.08
C LEU R 10 -14.31 31.09 22.03
N LYS R 11 -15.33 31.29 21.20
CA LYS R 11 -16.08 32.54 21.17
C LYS R 11 -17.16 32.61 22.26
N VAL R 12 -17.08 31.72 23.24
CA VAL R 12 -17.98 31.71 24.39
C VAL R 12 -17.20 31.81 25.70
N TYR R 13 -16.08 31.10 25.79
CA TYR R 13 -15.36 30.89 27.04
C TYR R 13 -14.03 31.62 27.12
N TRP R 14 -13.83 32.69 26.34
CA TRP R 14 -12.56 33.40 26.40
C TRP R 14 -12.22 34.06 27.73
N PRO R 15 -13.14 34.67 28.53
CA PRO R 15 -12.65 35.29 29.76
C PRO R 15 -12.24 34.27 30.80
N PHE R 16 -12.80 33.06 30.74
CA PHE R 16 -12.35 31.97 31.59
C PHE R 16 -10.91 31.62 31.30
N PHE R 17 -10.53 31.61 30.02
CA PHE R 17 -9.17 31.26 29.64
C PHE R 17 -8.19 32.39 29.96
N VAL R 18 -8.63 33.63 29.77
CA VAL R 18 -7.80 34.79 30.13
C VAL R 18 -7.56 34.82 31.64
N ALA R 19 -8.61 34.54 32.42
CA ALA R 19 -8.48 34.45 33.86
C ALA R 19 -7.59 33.29 34.26
N GLY R 20 -7.64 32.19 33.49
CA GLY R 20 -6.79 31.05 33.77
C GLY R 20 -5.33 31.38 33.58
N ALA R 21 -5.01 32.11 32.52
CA ALA R 21 -3.63 32.55 32.30
C ALA R 21 -3.18 33.52 33.39
N ALA R 22 -4.08 34.41 33.81
CA ALA R 22 -3.72 35.39 34.84
C ALA R 22 -3.47 34.72 36.18
N VAL R 23 -4.31 33.74 36.55
CA VAL R 23 -4.12 33.04 37.81
C VAL R 23 -2.90 32.14 37.75
N TYR R 24 -2.61 31.58 36.57
CA TYR R 24 -1.40 30.81 36.34
C TYR R 24 -0.15 31.63 36.61
N TYR R 25 -0.13 32.85 36.05
CA TYR R 25 1.02 33.74 36.23
C TYR R 25 1.14 34.21 37.68
N GLY R 26 0.02 34.57 38.29
CA GLY R 26 0.05 35.05 39.67
C GLY R 26 0.42 33.97 40.65
N MET R 27 0.07 32.71 40.33
CA MET R 27 0.46 31.62 41.21
C MET R 27 1.90 31.22 40.98
N SER R 28 2.42 31.46 39.76
CA SER R 28 3.84 31.28 39.51
C SER R 28 4.68 32.21 40.37
N LYS R 29 4.31 33.50 40.39
CA LYS R 29 5.06 34.43 41.24
C LYS R 29 4.84 34.15 42.72
N ALA R 30 3.67 33.66 43.10
CA ALA R 30 3.41 33.32 44.50
C ALA R 30 4.22 32.11 44.93
N ALA R 31 4.39 31.14 44.03
CA ALA R 31 5.19 29.96 44.33
C ALA R 31 6.65 30.31 44.44
N ASP R 32 7.13 31.21 43.58
CA ASP R 32 8.53 31.64 43.67
C ASP R 32 8.78 32.46 44.93
N LEU R 33 7.79 33.23 45.37
CA LEU R 33 7.96 33.98 46.61
C LEU R 33 7.87 33.07 47.82
N SER R 34 7.11 31.98 47.73
CA SER R 34 6.96 31.11 48.89
C SER R 34 8.08 30.09 48.98
N SER R 35 8.77 29.82 47.87
CA SER R 35 9.79 28.78 47.87
C SER R 35 11.11 29.27 48.46
N ASN R 36 11.19 30.54 48.87
CA ASN R 36 12.41 31.09 49.45
C ASN R 36 12.23 31.48 50.91
N THR R 37 11.26 30.93 51.60
CA THR R 37 11.03 31.31 52.98
C THR R 37 12.02 30.59 53.90
N LYS R 38 11.94 30.91 55.19
CA LYS R 38 12.86 30.34 56.18
C LYS R 38 12.58 28.85 56.39
N GLU R 39 11.30 28.47 56.37
CA GLU R 39 10.95 27.07 56.59
C GLU R 39 11.36 26.22 55.39
N PHE R 40 11.17 26.73 54.19
CA PHE R 40 11.43 25.97 52.97
C PHE R 40 12.52 26.67 52.18
N ILE R 41 13.77 26.46 52.59
CA ILE R 41 14.91 26.90 51.81
C ILE R 41 15.90 25.75 51.83
N ASN R 42 15.65 24.79 52.73
CA ASN R 42 16.45 23.59 52.86
C ASN R 42 15.61 22.33 52.68
N ASP R 43 14.58 22.39 51.89
CA ASP R 43 13.91 21.18 51.45
C ASP R 43 14.51 20.79 50.10
N PRO R 44 15.20 19.66 50.01
CA PRO R 44 16.07 19.43 48.83
C PRO R 44 15.35 19.13 47.53
N ARG R 45 14.02 19.14 47.51
CA ARG R 45 13.34 18.81 46.26
C ARG R 45 12.84 20.05 45.54
N ASN R 46 13.19 21.24 46.02
CA ASN R 46 12.83 22.45 45.30
C ASN R 46 13.68 22.61 44.05
N PRO R 47 13.19 23.28 43.01
CA PRO R 47 13.95 23.37 41.76
C PRO R 47 15.11 24.36 41.78
N ARG R 48 15.49 24.92 42.93
CA ARG R 48 16.69 25.73 42.98
C ARG R 48 17.93 24.87 42.79
N PHE R 49 17.95 23.69 43.40
CA PHE R 49 19.17 22.89 43.46
C PHE R 49 19.48 22.23 42.13
N ALA R 50 18.47 22.02 41.28
CA ALA R 50 18.70 21.42 39.98
C ALA R 50 19.39 22.37 39.01
N LYS R 51 19.45 23.66 39.31
CA LYS R 51 20.17 24.61 38.46
C LYS R 51 21.06 25.49 39.32
N GLY R 52 22.35 25.15 39.36
CA GLY R 52 23.32 26.01 39.99
C GLY R 52 23.34 26.00 41.51
N GLY R 53 22.82 27.07 42.10
CA GLY R 53 22.99 27.44 43.50
C GLY R 53 22.75 26.37 44.55
N LYS R 54 23.45 26.48 45.67
CA LYS R 54 23.43 25.46 46.71
C LYS R 54 23.54 26.13 48.06
N PHE R 55 22.55 25.90 48.93
CA PHE R 55 22.68 25.97 50.40
C PHE R 55 23.11 27.33 50.90
N VAL R 56 22.16 28.27 50.86
CA VAL R 56 22.30 29.51 51.62
C VAL R 56 22.57 29.18 53.09
N GLU R 57 21.61 28.50 53.73
CA GLU R 57 21.78 27.82 55.04
C GLU R 57 22.26 28.75 56.14
N VAL R 58 21.82 30.00 56.09
CA VAL R 58 22.13 31.00 57.12
C VAL R 58 20.79 31.51 57.63
N ASP R 59 20.34 30.97 58.77
CA ASP R 59 19.08 31.38 59.37
C ASP R 59 19.24 31.64 60.86
N TYR S 5 -33.59 54.26 39.85
CA TYR S 5 -33.71 55.49 39.09
C TYR S 5 -33.89 56.67 40.03
N HIS S 6 -32.80 57.06 40.66
CA HIS S 6 -32.85 58.03 41.75
C HIS S 6 -33.00 59.44 41.18
N PHE S 7 -33.23 60.40 42.08
CA PHE S 7 -33.36 61.81 41.71
C PHE S 7 -32.75 62.64 42.83
N MET S 8 -31.47 63.02 42.68
CA MET S 8 -30.74 63.74 43.70
C MET S 8 -30.79 65.23 43.43
N GLY S 9 -31.53 65.96 44.27
CA GLY S 9 -31.61 67.41 44.18
C GLY S 9 -32.27 67.92 42.92
N LYS S 10 -33.24 67.13 42.42
CA LYS S 10 -33.99 67.39 41.19
C LYS S 10 -33.07 67.54 39.97
N ALA S 11 -31.92 66.89 39.97
CA ALA S 11 -30.97 66.96 38.87
C ALA S 11 -31.32 65.90 37.84
N ILE S 12 -30.38 65.66 36.92
CA ILE S 12 -30.46 64.49 36.02
C ILE S 12 -30.48 63.22 36.87
N PRO S 13 -31.36 62.26 36.59
CA PRO S 13 -31.36 61.00 37.35
C PRO S 13 -30.06 60.24 37.15
N PRO S 14 -29.35 59.93 38.24
CA PRO S 14 -28.02 59.33 38.12
C PRO S 14 -28.10 57.90 37.62
N HIS S 15 -26.99 57.44 37.03
CA HIS S 15 -26.88 56.16 36.37
C HIS S 15 -27.14 54.96 37.27
N GLN S 16 -26.24 54.69 38.21
CA GLN S 16 -26.46 53.71 39.27
C GLN S 16 -25.87 54.10 40.62
N LEU S 17 -25.00 55.12 40.67
CA LEU S 17 -24.30 55.75 41.80
C LEU S 17 -23.16 54.88 42.34
N ALA S 18 -22.98 53.66 41.83
CA ALA S 18 -22.10 52.69 42.49
C ALA S 18 -20.63 52.99 42.27
N ILE S 19 -20.28 53.66 41.17
CA ILE S 19 -18.86 53.83 40.86
C ILE S 19 -18.24 54.93 41.71
N GLY S 20 -19.03 55.93 42.11
CA GLY S 20 -18.48 57.08 42.81
C GLY S 20 -18.03 56.76 44.22
N THR S 21 -18.76 55.89 44.93
CA THR S 21 -18.35 55.50 46.27
C THR S 21 -17.06 54.69 46.24
N LEU S 22 -16.93 53.80 45.26
CA LEU S 22 -15.71 53.04 45.08
C LEU S 22 -14.55 53.95 44.69
N GLY S 23 -14.83 55.00 43.92
CA GLY S 23 -13.79 55.96 43.60
C GLY S 23 -13.38 56.80 44.79
N LEU S 24 -14.31 57.10 45.68
CA LEU S 24 -13.98 57.85 46.89
C LEU S 24 -13.13 57.02 47.83
N LEU S 25 -13.51 55.77 48.06
CA LEU S 25 -12.70 54.92 48.93
C LEU S 25 -11.44 54.40 48.26
N GLY S 26 -11.33 54.55 46.93
CA GLY S 26 -10.10 54.13 46.27
C GLY S 26 -8.94 55.05 46.58
N LEU S 27 -9.19 56.36 46.61
CA LEU S 27 -8.15 57.35 46.86
C LEU S 27 -8.09 57.60 48.37
N LEU S 28 -7.44 56.69 49.08
CA LEU S 28 -7.27 56.80 50.52
C LEU S 28 -6.05 55.98 50.94
N LYS T 4 -168.50 17.83 13.22
CA LYS T 4 -169.62 17.77 12.31
C LYS T 4 -170.41 16.48 12.48
N ALA T 5 -169.75 15.36 12.22
CA ALA T 5 -170.38 14.05 12.34
C ALA T 5 -170.23 13.52 13.77
N GLN T 6 -171.06 12.53 14.09
CA GLN T 6 -171.04 11.91 15.41
C GLN T 6 -171.15 10.41 15.29
N PRO T 7 -171.15 9.67 16.41
CA PRO T 7 -171.26 8.21 16.33
C PRO T 7 -172.65 7.72 16.68
N THR T 8 -172.72 6.68 17.53
CA THR T 8 -173.97 6.09 17.97
C THR T 8 -174.83 5.65 16.78
N GLU T 9 -175.82 6.45 16.42
CA GLU T 9 -176.71 6.14 15.30
C GLU T 9 -175.95 6.34 13.99
N VAL T 10 -175.57 5.25 13.35
CA VAL T 10 -174.83 5.31 12.09
C VAL T 10 -175.07 4.04 11.29
N SER T 11 -175.68 4.19 10.11
CA SER T 11 -175.95 3.08 9.20
C SER T 11 -176.79 2.00 9.87
N SER T 12 -176.13 1.11 10.62
CA SER T 12 -176.84 0.01 11.27
C SER T 12 -177.74 0.53 12.39
N ILE T 13 -177.19 1.36 13.28
CA ILE T 13 -177.98 1.89 14.39
C ILE T 13 -178.93 2.98 13.93
N LEU T 14 -178.70 3.57 12.75
CA LEU T 14 -179.57 4.62 12.24
C LEU T 14 -180.81 4.06 11.56
N GLU T 15 -180.78 2.81 11.12
CA GLU T 15 -181.92 2.18 10.45
C GLU T 15 -182.70 1.30 11.43
N GLU T 16 -183.18 1.93 12.49
CA GLU T 16 -183.95 1.22 13.51
C GLU T 16 -185.07 2.10 14.06
N ARG T 17 -184.80 3.40 14.18
CA ARG T 17 -185.80 4.33 14.69
C ARG T 17 -186.74 4.85 13.61
N ILE T 18 -186.46 4.57 12.34
CA ILE T 18 -187.33 5.04 11.27
C ILE T 18 -188.58 4.17 11.16
N LYS T 19 -188.43 2.86 11.33
CA LYS T 19 -189.58 1.96 11.25
C LYS T 19 -190.40 1.98 12.53
N GLY T 20 -189.74 2.08 13.68
CA GLY T 20 -190.42 2.11 14.96
C GLY T 20 -189.61 2.75 16.06
N VAL T 21 -190.28 3.52 16.92
CA VAL T 21 -189.61 4.20 18.03
C VAL T 21 -189.83 3.41 19.31
N SER T 22 -189.65 2.09 19.24
CA SER T 22 -189.83 1.23 20.40
C SER T 22 -188.90 0.03 20.33
N ASP T 23 -189.24 -0.96 19.49
CA ASP T 23 -188.45 -2.18 19.32
C ASP T 23 -188.24 -2.89 20.65
N GLU T 24 -187.15 -2.55 21.33
CA GLU T 24 -186.82 -3.15 22.63
C GLU T 24 -187.25 -2.23 23.76
N ALA T 25 -187.87 -2.82 24.78
CA ALA T 25 -188.34 -2.06 25.93
C ALA T 25 -187.25 -1.82 26.96
N ASN T 26 -186.04 -2.33 26.75
CA ASN T 26 -184.96 -2.13 27.71
C ASN T 26 -184.32 -0.76 27.52
N THR T 30 -179.79 -2.44 29.77
CA THR T 30 -178.92 -3.11 28.80
C THR T 30 -178.55 -2.22 27.63
N GLY T 31 -177.42 -2.58 26.99
CA GLY T 31 -176.91 -1.87 25.82
C GLY T 31 -176.40 -2.76 24.70
N ARG T 32 -176.06 -2.14 23.58
CA ARG T 32 -175.51 -2.84 22.43
C ARG T 32 -174.18 -2.24 22.06
N VAL T 33 -173.15 -3.08 22.04
CA VAL T 33 -171.86 -2.66 21.52
C VAL T 33 -171.99 -2.10 20.09
N LEU T 34 -171.64 -0.83 19.92
CA LEU T 34 -171.52 -0.23 18.59
C LEU T 34 -170.24 -0.64 17.90
N ALA T 35 -169.12 -0.57 18.63
CA ALA T 35 -167.77 -0.90 18.14
C ALA T 35 -166.85 -1.40 19.26
N VAL T 36 -165.82 -2.15 18.91
CA VAL T 36 -164.82 -2.55 19.92
C VAL T 36 -163.40 -2.68 19.33
N GLY T 37 -162.42 -2.32 20.15
CA GLY T 37 -160.99 -2.46 19.81
C GLY T 37 -160.10 -1.89 20.90
N ASP T 38 -158.83 -2.27 20.89
CA ASP T 38 -157.83 -1.70 21.80
C ASP T 38 -158.33 -1.58 23.27
N GLY T 39 -158.96 -2.64 23.78
CA GLY T 39 -159.46 -2.66 25.15
C GLY T 39 -160.67 -1.78 25.41
N ILE T 40 -161.09 -0.98 24.44
CA ILE T 40 -162.25 -0.11 24.59
C ILE T 40 -163.46 -0.64 23.82
N ALA T 41 -164.64 -0.57 24.41
CA ALA T 41 -165.85 -0.80 23.63
C ALA T 41 -166.87 0.31 23.84
N ARG T 42 -167.37 0.82 22.70
CA ARG T 42 -168.44 1.82 22.67
C ARG T 42 -169.80 1.14 22.59
N VAL T 43 -170.70 1.57 23.46
CA VAL T 43 -171.96 0.88 23.63
C VAL T 43 -173.14 1.84 23.62
N PHE T 44 -174.17 1.43 22.90
CA PHE T 44 -175.44 2.15 22.80
C PHE T 44 -176.35 1.81 23.96
N GLY T 45 -176.95 2.84 24.54
CA GLY T 45 -177.93 2.63 25.59
C GLY T 45 -177.34 2.53 26.98
N LEU T 46 -177.75 1.51 27.72
CA LEU T 46 -177.42 1.41 29.14
C LEU T 46 -177.72 2.73 29.79
N ASN T 47 -178.92 3.23 29.61
CA ASN T 47 -179.20 4.63 29.89
C ASN T 47 -179.21 5.02 31.36
N ASN T 48 -179.43 4.04 32.22
CA ASN T 48 -179.49 4.30 33.65
C ASN T 48 -178.19 4.10 34.36
N ILE T 49 -177.12 3.90 33.59
CA ILE T 49 -175.84 3.52 34.15
C ILE T 49 -175.17 4.66 34.94
N GLN T 50 -174.55 4.31 36.06
CA GLN T 50 -173.77 5.25 36.84
C GLN T 50 -172.34 5.33 36.33
N ALA T 51 -171.74 6.52 36.48
CA ALA T 51 -170.33 6.70 36.14
C ALA T 51 -169.46 5.79 36.99
N GLU T 52 -168.70 4.94 36.32
CA GLU T 52 -167.79 4.00 36.97
C GLU T 52 -168.54 2.74 37.45
N GLU T 53 -169.70 2.51 36.85
CA GLU T 53 -170.42 1.28 37.07
C GLU T 53 -169.74 0.14 36.34
N LEU T 54 -169.59 -0.98 37.02
CA LEU T 54 -169.09 -2.20 36.41
C LEU T 54 -170.16 -2.79 35.51
N VAL T 55 -169.79 -3.22 34.30
CA VAL T 55 -170.75 -3.93 33.44
C VAL T 55 -170.23 -5.26 32.87
N GLU T 56 -171.16 -6.04 32.33
CA GLU T 56 -170.86 -7.37 31.89
C GLU T 56 -171.36 -7.60 30.50
N PHE T 57 -170.55 -8.32 29.73
CA PHE T 57 -170.78 -8.51 28.31
C PHE T 57 -171.33 -9.91 28.09
N SER T 58 -172.01 -10.11 26.97
CA SER T 58 -172.55 -11.44 26.57
C SER T 58 -171.57 -12.61 26.74
N SER T 59 -170.31 -12.34 26.44
CA SER T 59 -169.24 -13.33 26.51
C SER T 59 -168.78 -13.61 27.93
N GLY T 60 -169.11 -12.71 28.86
CA GLY T 60 -168.74 -12.87 30.26
C GLY T 60 -167.60 -12.01 30.76
N VAL T 61 -166.88 -11.35 29.86
CA VAL T 61 -165.85 -10.40 30.29
C VAL T 61 -166.52 -9.18 30.93
N LYS T 62 -165.90 -8.62 31.94
CA LYS T 62 -166.46 -7.48 32.60
C LYS T 62 -165.72 -6.29 32.08
N GLY T 63 -166.25 -5.11 32.34
CA GLY T 63 -165.59 -3.85 31.97
C GLY T 63 -166.21 -2.73 32.79
N MET T 64 -165.61 -1.55 32.80
CA MET T 64 -166.27 -0.45 33.50
C MET T 64 -166.56 0.73 32.62
N ALA T 65 -167.63 1.45 32.94
CA ALA T 65 -168.07 2.57 32.12
C ALA T 65 -167.43 3.84 32.67
N LEU T 66 -166.63 4.48 31.85
CA LEU T 66 -165.89 5.66 32.27
C LEU T 66 -166.38 6.96 31.61
N ASN T 67 -166.61 6.92 30.30
CA ASN T 67 -167.21 8.05 29.59
C ASN T 67 -168.69 7.79 29.38
N LEU T 68 -169.51 8.68 29.92
CA LEU T 68 -170.93 8.67 29.62
C LEU T 68 -171.24 9.82 28.69
N GLU T 69 -171.46 9.47 27.42
CA GLU T 69 -171.62 10.44 26.34
C GLU T 69 -173.08 10.46 25.91
N PRO T 70 -173.52 11.57 25.28
CA PRO T 70 -174.88 11.72 24.76
C PRO T 70 -175.47 10.44 24.20
N GLY T 71 -174.87 9.88 23.16
CA GLY T 71 -175.43 8.70 22.51
C GLY T 71 -174.94 7.33 22.97
N GLN T 72 -173.80 7.29 23.64
CA GLN T 72 -173.13 6.03 23.82
C GLN T 72 -172.38 6.05 25.14
N VAL T 73 -172.02 4.86 25.63
CA VAL T 73 -171.21 4.78 26.83
C VAL T 73 -169.85 4.28 26.41
N GLY T 74 -168.80 4.76 27.09
CA GLY T 74 -167.45 4.33 26.80
C GLY T 74 -166.95 3.40 27.87
N ILE T 75 -166.95 2.10 27.57
CA ILE T 75 -166.57 1.09 28.57
C ILE T 75 -165.20 0.57 28.28
N VAL T 76 -164.37 0.49 29.32
CA VAL T 76 -163.02 -0.11 29.30
C VAL T 76 -163.08 -1.59 29.68
N LEU T 77 -162.33 -2.44 28.99
CA LEU T 77 -162.45 -3.89 29.20
C LEU T 77 -161.52 -4.47 30.28
N PHE T 78 -161.97 -5.48 31.00
CA PHE T 78 -161.08 -6.16 31.94
C PHE T 78 -160.38 -7.36 31.32
N GLY T 79 -160.76 -7.76 30.12
CA GLY T 79 -160.21 -8.96 29.51
C GLY T 79 -159.97 -8.75 28.03
N SER T 80 -159.49 -9.77 27.35
CA SER T 80 -159.21 -9.65 25.91
C SER T 80 -160.48 -9.23 25.18
N ASP T 81 -160.37 -8.22 24.33
CA ASP T 81 -161.51 -7.79 23.52
C ASP T 81 -161.77 -8.67 22.30
N ARG T 82 -161.03 -9.77 22.18
CA ARG T 82 -161.38 -10.80 21.22
C ARG T 82 -162.74 -11.38 21.58
N LEU T 83 -163.09 -11.29 22.86
CA LEU T 83 -164.33 -11.83 23.41
C LEU T 83 -165.56 -11.03 23.01
N VAL T 84 -165.33 -9.78 22.66
CA VAL T 84 -166.39 -8.85 22.40
C VAL T 84 -166.57 -8.74 20.89
N LYS T 85 -167.83 -8.69 20.45
CA LYS T 85 -168.15 -8.36 19.05
C LYS T 85 -169.15 -7.20 18.93
N GLU T 86 -169.18 -6.57 17.76
CA GLU T 86 -170.18 -5.55 17.45
C GLU T 86 -171.57 -6.17 17.56
N GLY T 87 -172.48 -5.46 18.25
CA GLY T 87 -173.91 -5.82 18.31
C GLY T 87 -174.28 -6.61 19.55
N GLU T 88 -173.25 -7.12 20.20
CA GLU T 88 -173.36 -7.88 21.43
C GLU T 88 -174.21 -7.15 22.49
N LEU T 89 -174.82 -7.93 23.38
CA LEU T 89 -175.61 -7.39 24.50
C LEU T 89 -174.73 -7.08 25.70
N VAL T 90 -175.00 -5.95 26.36
CA VAL T 90 -174.25 -5.58 27.56
C VAL T 90 -175.20 -5.35 28.73
N LYS T 91 -174.86 -5.89 29.90
CA LYS T 91 -175.73 -5.77 31.06
C LYS T 91 -175.10 -4.93 32.15
N ARG T 92 -175.83 -3.91 32.60
CA ARG T 92 -175.56 -3.22 33.87
C ARG T 92 -175.37 -4.23 34.97
N THR T 93 -174.48 -3.94 35.89
CA THR T 93 -174.49 -4.69 37.13
C THR T 93 -174.90 -3.78 38.30
N GLY T 94 -175.27 -2.55 37.97
CA GLY T 94 -175.72 -1.57 38.95
C GLY T 94 -174.74 -1.40 40.10
N ASN T 95 -173.44 -1.55 39.82
CA ASN T 95 -172.44 -1.69 40.86
C ASN T 95 -171.17 -0.89 40.62
N ILE T 96 -170.93 0.15 41.43
CA ILE T 96 -169.63 0.82 41.42
C ILE T 96 -168.58 -0.19 41.89
N VAL T 97 -167.45 -0.25 41.20
CA VAL T 97 -166.37 -1.16 41.57
C VAL T 97 -166.15 -1.18 43.08
N ASP T 98 -166.29 -2.35 43.68
CA ASP T 98 -165.95 -2.50 45.08
C ASP T 98 -165.01 -3.67 45.23
N VAL T 99 -164.74 -4.06 46.48
CA VAL T 99 -163.78 -5.10 46.77
C VAL T 99 -164.08 -5.71 48.13
N PRO T 100 -163.88 -7.03 48.28
CA PRO T 100 -164.05 -7.58 49.63
C PRO T 100 -162.92 -7.07 50.53
N VAL T 101 -163.25 -6.75 51.78
CA VAL T 101 -162.26 -6.26 52.73
C VAL T 101 -162.42 -6.99 54.05
N GLY T 102 -161.37 -6.95 54.87
CA GLY T 102 -161.43 -7.68 56.13
C GLY T 102 -160.33 -8.72 56.30
N PRO T 103 -160.14 -9.20 57.50
CA PRO T 103 -158.95 -9.96 57.84
C PRO T 103 -158.95 -11.35 57.24
N GLY T 104 -160.07 -11.79 56.67
CA GLY T 104 -160.10 -13.08 56.00
C GLY T 104 -159.21 -13.01 54.77
N LEU T 105 -158.57 -11.88 54.57
CA LEU T 105 -157.76 -11.66 53.40
C LEU T 105 -156.27 -11.83 53.67
N LEU T 106 -155.92 -11.77 54.96
CA LEU T 106 -154.54 -11.89 55.39
C LEU T 106 -153.98 -13.21 54.87
N GLY T 107 -152.78 -13.14 54.32
CA GLY T 107 -152.10 -14.33 53.83
C GLY T 107 -152.60 -14.79 52.48
N ARG T 108 -153.32 -13.91 51.77
CA ARG T 108 -153.96 -14.24 50.50
C ARG T 108 -153.37 -13.46 49.39
N VAL T 109 -153.48 -13.99 48.17
CA VAL T 109 -153.01 -13.31 46.97
C VAL T 109 -154.18 -13.15 46.02
N VAL T 110 -154.61 -11.89 45.87
CA VAL T 110 -155.78 -11.56 45.09
C VAL T 110 -155.37 -10.78 43.88
N ASP T 111 -156.26 -10.73 42.88
CA ASP T 111 -156.14 -9.80 41.78
C ASP T 111 -156.76 -8.47 42.23
N ALA T 112 -156.90 -7.52 41.33
CA ALA T 112 -157.34 -6.20 41.76
C ALA T 112 -158.83 -6.13 42.10
N LEU T 113 -159.61 -7.12 41.73
CA LEU T 113 -161.05 -7.09 42.04
C LEU T 113 -161.39 -7.88 43.28
N GLY T 114 -160.37 -8.46 43.90
CA GLY T 114 -160.56 -9.20 45.14
C GLY T 114 -160.60 -10.69 44.89
N ASN T 115 -160.42 -11.10 43.65
CA ASN T 115 -160.46 -12.50 43.33
C ASN T 115 -159.25 -13.26 43.81
N PRO T 116 -159.43 -14.53 44.19
CA PRO T 116 -158.29 -15.27 44.67
C PRO T 116 -157.44 -15.80 43.52
N ILE T 117 -156.15 -15.52 43.55
CA ILE T 117 -155.33 -16.01 42.46
C ILE T 117 -154.33 -17.12 42.89
N ASP T 118 -154.47 -17.62 44.12
CA ASP T 118 -153.49 -18.55 44.74
C ASP T 118 -153.98 -20.00 45.03
N GLY T 119 -155.13 -20.37 44.47
CA GLY T 119 -155.70 -21.70 44.66
C GLY T 119 -156.13 -22.04 46.07
N LYS T 120 -156.52 -21.02 46.84
CA LYS T 120 -156.91 -21.22 48.23
C LYS T 120 -158.39 -21.01 48.55
N GLY T 121 -159.26 -21.17 47.56
CA GLY T 121 -160.71 -21.03 47.78
C GLY T 121 -161.16 -19.58 47.94
N PRO T 122 -162.45 -19.39 48.26
CA PRO T 122 -163.08 -18.08 48.29
C PRO T 122 -162.51 -17.23 49.39
N ILE T 123 -162.45 -15.91 49.18
CA ILE T 123 -162.12 -15.00 50.26
C ILE T 123 -163.30 -14.88 51.22
N ASP T 124 -163.02 -14.98 52.52
CA ASP T 124 -163.98 -14.61 53.56
C ASP T 124 -163.96 -13.12 53.89
N ALA T 125 -164.87 -12.39 53.28
CA ALA T 125 -164.94 -10.95 53.40
C ALA T 125 -165.76 -10.50 54.58
N ALA T 126 -165.16 -9.69 55.44
CA ALA T 126 -165.88 -9.01 56.50
C ALA T 126 -166.90 -8.00 55.93
N GLY T 127 -166.79 -7.72 54.64
CA GLY T 127 -167.71 -6.80 53.99
C GLY T 127 -167.16 -6.43 52.64
N ARG T 128 -167.67 -5.33 52.07
CA ARG T 128 -167.18 -4.82 50.79
C ARG T 128 -167.02 -3.31 50.88
N SER T 129 -165.94 -2.78 50.28
CA SER T 129 -165.74 -1.32 50.16
C SER T 129 -165.48 -0.92 48.72
N ARG T 130 -166.06 0.22 48.32
CA ARG T 130 -165.85 0.74 46.99
C ARG T 130 -164.38 1.04 46.79
N ALA T 131 -163.89 0.92 45.56
CA ALA T 131 -162.50 1.21 45.25
C ALA T 131 -162.17 2.68 45.52
N GLN T 132 -163.14 3.55 45.29
CA GLN T 132 -162.98 4.98 45.52
C GLN T 132 -163.57 5.35 46.85
N VAL T 133 -162.80 6.06 47.68
CA VAL T 133 -163.34 6.58 48.96
C VAL T 133 -162.66 7.89 49.36
N LYS T 134 -163.46 8.83 49.85
CA LYS T 134 -162.95 10.06 50.44
C LYS T 134 -161.82 9.80 51.46
N ALA T 135 -160.78 10.63 51.38
CA ALA T 135 -159.74 10.62 52.39
C ALA T 135 -160.32 11.19 53.67
N PRO T 136 -159.88 10.66 54.83
CA PRO T 136 -160.16 11.27 56.13
C PRO T 136 -159.81 12.74 56.10
N GLY T 137 -160.77 13.59 56.52
CA GLY T 137 -160.68 15.04 56.34
C GLY T 137 -159.64 15.76 57.16
N ILE T 138 -159.86 17.05 57.39
CA ILE T 138 -158.96 17.83 58.21
C ILE T 138 -159.11 17.45 59.69
N LEU T 139 -160.34 17.11 60.06
CA LEU T 139 -160.73 16.95 61.46
C LEU T 139 -160.40 15.60 62.13
N PRO T 140 -160.70 14.45 61.46
CA PRO T 140 -160.53 13.16 62.12
C PRO T 140 -159.11 12.58 62.01
N ARG T 141 -158.10 13.43 62.15
CA ARG T 141 -156.72 12.98 62.12
C ARG T 141 -155.98 13.47 63.34
N ARG T 142 -155.02 12.68 63.80
CA ARG T 142 -154.07 13.12 64.83
C ARG T 142 -152.69 13.23 64.19
N SER T 143 -151.77 13.89 64.86
CA SER T 143 -150.39 13.94 64.38
C SER T 143 -149.68 12.61 64.50
N VAL T 144 -149.02 12.19 63.43
CA VAL T 144 -148.23 10.95 63.39
C VAL T 144 -147.26 10.87 64.59
N HIS T 145 -147.24 9.76 65.33
CA HIS T 145 -146.42 9.69 66.56
C HIS T 145 -145.85 8.33 66.94
N GLU T 146 -146.23 7.28 66.22
CA GLU T 146 -145.76 5.92 66.49
C GLU T 146 -144.85 5.53 65.36
N PRO T 147 -143.70 4.91 65.67
CA PRO T 147 -142.75 4.45 64.64
C PRO T 147 -143.26 3.29 63.80
N VAL T 148 -142.87 3.26 62.53
CA VAL T 148 -142.85 2.03 61.75
C VAL T 148 -141.38 1.66 61.81
N GLN T 149 -141.05 0.62 62.55
CA GLN T 149 -139.66 0.18 62.62
C GLN T 149 -139.35 -0.79 61.48
N THR T 150 -138.46 -0.39 60.60
CA THR T 150 -138.23 -1.14 59.37
C THR T 150 -137.16 -2.22 59.56
N GLY T 151 -136.36 -2.06 60.61
CA GLY T 151 -135.22 -2.93 60.86
C GLY T 151 -133.96 -2.46 60.15
N LEU T 152 -134.12 -1.56 59.19
CA LEU T 152 -132.98 -1.05 58.45
C LEU T 152 -132.35 0.11 59.20
N LYS T 153 -131.10 -0.10 59.61
CA LYS T 153 -130.32 0.86 60.40
C LYS T 153 -130.33 2.23 59.82
N ALA T 154 -130.00 2.33 58.55
CA ALA T 154 -129.94 3.61 57.86
C ALA T 154 -131.30 4.35 57.91
N VAL T 155 -132.38 3.62 57.66
CA VAL T 155 -133.70 4.19 57.55
C VAL T 155 -134.24 4.53 58.93
N ASP T 156 -134.23 3.55 59.83
CA ASP T 156 -134.78 3.77 61.16
C ASP T 156 -134.05 4.91 61.89
N ALA T 157 -132.72 4.93 61.79
CA ALA T 157 -131.88 5.96 62.41
C ALA T 157 -131.91 7.34 61.74
N LEU T 158 -131.85 7.36 60.40
CA LEU T 158 -131.70 8.63 59.69
C LEU T 158 -132.92 9.14 58.95
N VAL T 159 -133.82 8.23 58.58
CA VAL T 159 -135.05 8.61 57.88
C VAL T 159 -136.25 7.95 58.57
N PRO T 160 -136.61 8.43 59.77
CA PRO T 160 -137.57 7.71 60.60
C PRO T 160 -138.98 7.85 60.04
N ILE T 161 -139.69 6.73 59.98
CA ILE T 161 -141.03 6.69 59.40
C ILE T 161 -142.04 6.58 60.53
N GLY T 162 -143.10 7.37 60.42
CA GLY T 162 -144.19 7.33 61.40
C GLY T 162 -145.41 6.63 60.86
N ARG T 163 -146.29 6.22 61.77
CA ARG T 163 -147.46 5.47 61.40
C ARG T 163 -148.53 6.41 60.90
N GLY T 164 -148.99 6.18 59.68
CA GLY T 164 -149.92 7.10 59.07
C GLY T 164 -149.20 7.96 58.06
N GLN T 165 -147.88 8.04 58.20
CA GLN T 165 -147.04 8.79 57.27
C GLN T 165 -147.17 8.32 55.81
N ARG T 166 -146.61 9.09 54.89
CA ARG T 166 -146.43 8.66 53.51
C ARG T 166 -144.99 8.94 53.13
N GLU T 167 -144.17 7.91 53.25
CA GLU T 167 -142.79 7.99 52.86
C GLU T 167 -142.73 7.36 51.49
N LEU T 168 -142.04 8.04 50.58
CA LEU T 168 -141.89 7.58 49.22
C LEU T 168 -140.53 6.90 48.99
N ILE T 169 -140.56 5.69 48.43
CA ILE T 169 -139.33 5.03 48.00
C ILE T 169 -139.08 5.36 46.52
N ILE T 170 -137.92 5.97 46.26
CA ILE T 170 -137.58 6.45 44.92
C ILE T 170 -136.11 6.22 44.48
N GLY T 171 -135.97 5.83 43.21
CA GLY T 171 -134.69 5.61 42.57
C GLY T 171 -134.85 5.06 41.17
N ASP T 172 -133.74 5.02 40.43
CA ASP T 172 -133.71 4.36 39.12
C ASP T 172 -134.00 2.88 39.26
N ARG T 173 -134.14 2.20 38.13
CA ARG T 173 -134.32 0.76 38.10
C ARG T 173 -133.16 0.11 38.80
N GLN T 174 -133.44 -1.06 39.37
CA GLN T 174 -132.44 -1.96 39.95
C GLN T 174 -131.53 -1.39 41.07
N THR T 175 -132.03 -0.39 41.78
CA THR T 175 -131.26 0.25 42.84
C THR T 175 -131.51 -0.39 44.21
N GLY T 176 -132.70 -0.96 44.41
CA GLY T 176 -132.99 -1.62 45.68
C GLY T 176 -134.32 -1.27 46.29
N LYS T 177 -135.22 -0.69 45.51
CA LYS T 177 -136.44 -0.05 46.05
C LYS T 177 -137.35 -1.03 46.79
N THR T 178 -137.46 -2.22 46.21
CA THR T 178 -138.38 -3.26 46.68
C THR T 178 -137.84 -3.86 47.95
N ALA T 179 -136.53 -4.08 47.95
CA ALA T 179 -135.77 -4.53 49.10
C ALA T 179 -136.02 -3.72 50.38
N VAL T 180 -136.12 -2.41 50.26
CA VAL T 180 -136.41 -1.50 51.38
C VAL T 180 -137.78 -1.81 51.96
N ALA T 181 -138.77 -1.83 51.07
CA ALA T 181 -140.16 -2.17 51.42
C ALA T 181 -140.25 -3.57 52.03
N LEU T 182 -139.74 -4.57 51.31
CA LEU T 182 -139.77 -5.96 51.76
C LEU T 182 -139.14 -6.20 53.15
N ASP T 183 -138.11 -5.44 53.48
CA ASP T 183 -137.49 -5.55 54.80
C ASP T 183 -138.32 -4.92 55.88
N THR T 184 -139.13 -3.94 55.51
CA THR T 184 -140.09 -3.38 56.45
C THR T 184 -141.11 -4.44 56.77
N ILE T 185 -141.67 -5.03 55.72
CA ILE T 185 -142.62 -6.14 55.85
C ILE T 185 -142.03 -7.30 56.66
N LEU T 186 -140.84 -7.77 56.30
CA LEU T 186 -140.23 -8.88 57.02
C LEU T 186 -139.98 -8.56 58.48
N ASN T 187 -139.83 -7.28 58.82
CA ASN T 187 -139.49 -6.89 60.19
C ASN T 187 -140.66 -6.84 61.14
N GLN T 188 -141.88 -6.97 60.63
CA GLN T 188 -143.04 -6.90 61.53
C GLN T 188 -143.30 -8.16 62.42
N LYS T 189 -142.64 -9.28 62.14
CA LYS T 189 -142.79 -10.50 62.96
C LYS T 189 -142.62 -10.20 64.44
N ARG T 190 -141.67 -9.31 64.74
CA ARG T 190 -141.45 -8.84 66.11
C ARG T 190 -142.75 -8.57 66.85
N TRP T 191 -143.74 -7.96 66.19
CA TRP T 191 -145.00 -7.64 66.86
C TRP T 191 -146.21 -8.46 66.41
N ASN T 192 -146.28 -8.72 65.11
CA ASN T 192 -147.39 -9.46 64.56
C ASN T 192 -147.54 -10.86 65.17
N ASN T 193 -146.44 -11.43 65.63
CA ASN T 193 -146.46 -12.70 66.31
C ASN T 193 -146.85 -12.56 67.77
N GLY T 194 -146.79 -11.35 68.29
CA GLY T 194 -147.11 -11.08 69.68
C GLY T 194 -148.60 -11.01 69.95
N SER T 195 -148.97 -10.37 71.05
CA SER T 195 -150.36 -10.24 71.45
C SER T 195 -150.95 -8.85 71.19
N ASP T 196 -150.19 -7.80 71.51
CA ASP T 196 -150.72 -6.42 71.58
C ASP T 196 -151.09 -5.79 70.24
N GLU T 197 -152.39 -5.63 70.03
CA GLU T 197 -152.96 -5.12 68.80
C GLU T 197 -152.35 -3.81 68.35
N SER T 198 -152.45 -2.78 69.19
CA SER T 198 -151.95 -1.45 68.86
C SER T 198 -150.50 -1.47 68.40
N LYS T 199 -149.79 -2.58 68.67
CA LYS T 199 -148.37 -2.69 68.30
C LYS T 199 -148.07 -3.53 67.06
N LYS T 200 -149.05 -4.30 66.57
CA LYS T 200 -148.92 -5.04 65.30
C LYS T 200 -149.13 -4.13 64.11
N LEU T 201 -148.79 -4.65 62.92
CA LEU T 201 -148.82 -3.90 61.66
C LEU T 201 -149.02 -4.83 60.46
N TYR T 202 -150.13 -4.66 59.75
CA TYR T 202 -150.46 -5.60 58.69
C TYR T 202 -149.99 -5.10 57.34
N CYS T 203 -149.44 -6.01 56.54
CA CYS T 203 -148.77 -5.59 55.33
C CYS T 203 -149.60 -5.71 54.07
N VAL T 204 -149.56 -4.68 53.22
CA VAL T 204 -150.28 -4.74 51.96
C VAL T 204 -149.41 -4.29 50.81
N TYR T 205 -149.05 -5.28 49.98
CA TYR T 205 -148.17 -5.15 48.86
C TYR T 205 -148.94 -5.15 47.55
N VAL T 206 -149.05 -3.98 46.94
CA VAL T 206 -149.76 -3.79 45.70
C VAL T 206 -148.78 -3.92 44.52
N ALA T 207 -148.81 -5.07 43.83
CA ALA T 207 -147.90 -5.35 42.70
C ALA T 207 -148.48 -4.87 41.38
N VAL T 208 -147.84 -3.89 40.74
CA VAL T 208 -148.40 -3.33 39.50
C VAL T 208 -147.51 -3.61 38.30
N GLY T 209 -148.06 -4.39 37.38
CA GLY T 209 -147.42 -4.61 36.10
C GLY T 209 -146.06 -5.21 36.36
N GLN T 210 -146.07 -6.25 37.19
CA GLN T 210 -144.89 -7.04 37.36
C GLN T 210 -145.08 -8.40 36.72
N LYS T 211 -144.00 -8.89 36.15
CA LYS T 211 -143.85 -10.27 35.77
C LYS T 211 -144.42 -11.18 36.90
N ARG T 212 -145.41 -12.02 36.56
CA ARG T 212 -146.04 -12.94 37.53
C ARG T 212 -145.04 -13.82 38.27
N SER T 213 -143.96 -14.17 37.59
CA SER T 213 -142.93 -15.00 38.17
C SER T 213 -142.23 -14.28 39.28
N THR T 214 -142.13 -12.95 39.15
CA THR T 214 -141.62 -12.07 40.20
C THR T 214 -142.51 -12.13 41.41
N VAL T 215 -143.78 -11.83 41.23
CA VAL T 215 -144.76 -11.88 42.30
C VAL T 215 -144.70 -13.25 43.03
N ALA T 216 -144.93 -14.33 42.27
CA ALA T 216 -144.70 -15.72 42.73
C ALA T 216 -143.51 -15.89 43.68
N GLN T 217 -142.35 -15.39 43.25
CA GLN T 217 -141.14 -15.36 44.04
C GLN T 217 -141.21 -14.39 45.23
N LEU T 218 -141.97 -13.30 45.12
CA LEU T 218 -142.06 -12.42 46.27
C LEU T 218 -142.91 -13.09 47.33
N VAL T 219 -143.91 -13.84 46.88
CA VAL T 219 -144.69 -14.71 47.75
C VAL T 219 -143.75 -15.73 48.37
N GLN T 220 -143.04 -16.47 47.53
CA GLN T 220 -142.18 -17.55 48.02
C GLN T 220 -141.11 -17.02 48.97
N THR T 221 -141.02 -15.70 49.08
CA THR T 221 -140.00 -15.09 49.93
C THR T 221 -140.55 -14.70 51.31
N LEU T 222 -141.78 -14.22 51.33
CA LEU T 222 -142.42 -13.92 52.59
C LEU T 222 -142.81 -15.22 53.34
N GLU T 223 -143.18 -16.26 52.59
CA GLU T 223 -143.52 -17.54 53.20
C GLU T 223 -142.26 -18.16 53.77
N GLN T 224 -141.14 -17.86 53.15
CA GLN T 224 -139.86 -18.28 53.67
C GLN T 224 -139.43 -17.51 54.90
N HIS T 225 -140.12 -16.42 55.21
CA HIS T 225 -139.84 -15.70 56.45
C HIS T 225 -141.04 -15.66 57.39
N ASP T 226 -142.06 -16.47 57.10
CA ASP T 226 -143.32 -16.49 57.84
C ASP T 226 -143.94 -15.10 57.95
N ALA T 227 -143.89 -14.34 56.86
CA ALA T 227 -144.48 -13.02 56.82
C ALA T 227 -145.84 -12.99 56.13
N MET T 228 -146.05 -13.91 55.18
CA MET T 228 -147.35 -14.08 54.53
C MET T 228 -148.55 -14.02 55.45
N LYS T 229 -148.50 -14.75 56.55
CA LYS T 229 -149.60 -14.75 57.48
C LYS T 229 -150.18 -13.37 57.87
N TYR T 230 -149.49 -12.27 57.57
CA TYR T 230 -150.04 -10.97 57.96
C TYR T 230 -149.91 -9.94 56.85
N SER T 231 -149.82 -10.45 55.62
CA SER T 231 -149.58 -9.65 54.44
C SER T 231 -150.68 -9.92 53.46
N ILE T 232 -150.94 -8.96 52.58
CA ILE T 232 -151.88 -9.13 51.46
C ILE T 232 -151.22 -8.64 50.15
N ILE T 233 -151.29 -9.48 49.13
CA ILE T 233 -150.77 -9.16 47.82
C ILE T 233 -151.96 -8.97 46.89
N VAL T 234 -152.10 -7.73 46.40
CA VAL T 234 -153.01 -7.41 45.34
C VAL T 234 -152.14 -7.36 44.08
N ALA T 235 -152.47 -8.24 43.13
CA ALA T 235 -151.63 -8.51 41.97
C ALA T 235 -152.29 -8.02 40.66
N ALA T 236 -151.58 -7.12 39.96
CA ALA T 236 -152.06 -6.61 38.69
C ALA T 236 -150.89 -6.69 37.72
N THR T 237 -150.60 -7.93 37.34
CA THR T 237 -149.37 -8.29 36.63
C THR T 237 -149.24 -7.75 35.20
N ALA T 238 -147.99 -7.69 34.75
CA ALA T 238 -147.63 -7.11 33.46
C ALA T 238 -148.72 -7.24 32.40
N SER T 239 -149.36 -8.42 32.35
CA SER T 239 -150.14 -8.80 31.18
C SER T 239 -151.62 -8.57 31.32
N GLU T 240 -152.05 -7.87 32.35
CA GLU T 240 -153.48 -7.78 32.57
C GLU T 240 -154.03 -6.44 32.04
N ALA T 241 -155.32 -6.41 31.75
CA ALA T 241 -155.97 -5.21 31.24
C ALA T 241 -155.63 -4.00 32.07
N ALA T 242 -155.46 -2.89 31.38
CA ALA T 242 -155.02 -1.66 31.99
C ALA T 242 -155.92 -1.20 33.12
N PRO T 243 -157.24 -1.37 32.97
CA PRO T 243 -158.10 -0.97 34.06
C PRO T 243 -157.70 -1.61 35.38
N LEU T 244 -157.36 -2.91 35.36
CA LEU T 244 -156.99 -3.63 36.58
C LEU T 244 -155.74 -3.02 37.21
N GLN T 245 -154.77 -2.68 36.37
CA GLN T 245 -153.53 -1.99 36.80
C GLN T 245 -153.79 -0.56 37.31
N TYR T 246 -154.83 0.07 36.76
CA TYR T 246 -155.27 1.37 37.21
C TYR T 246 -155.97 1.26 38.58
N LEU T 247 -156.70 0.16 38.79
CA LEU T 247 -157.61 -0.01 39.91
C LEU T 247 -156.96 -0.54 41.17
N ALA T 248 -156.07 -1.52 40.95
CA ALA T 248 -155.39 -2.26 42.02
C ALA T 248 -154.99 -1.44 43.26
N PRO T 249 -154.33 -0.27 43.10
CA PRO T 249 -153.93 0.51 44.27
C PRO T 249 -155.08 1.08 45.07
N PHE T 250 -156.13 1.53 44.39
CA PHE T 250 -157.34 1.97 45.12
C PHE T 250 -158.04 0.78 45.77
N THR T 251 -158.17 -0.27 44.99
CA THR T 251 -158.67 -1.54 45.44
C THR T 251 -157.94 -1.94 46.73
N ALA T 252 -156.61 -1.92 46.72
CA ALA T 252 -155.84 -2.30 47.89
C ALA T 252 -155.94 -1.23 48.98
N ALA T 253 -155.97 0.04 48.57
CA ALA T 253 -156.19 1.15 49.52
C ALA T 253 -157.34 0.88 50.49
N SER T 254 -158.47 0.43 49.92
CA SER T 254 -159.69 0.17 50.69
C SER T 254 -159.57 -1.03 51.58
N ILE T 255 -158.73 -1.97 51.16
CA ILE T 255 -158.36 -3.10 52.01
C ILE T 255 -157.59 -2.61 53.27
N GLY T 256 -156.66 -1.68 53.09
CA GLY T 256 -155.89 -1.11 54.20
C GLY T 256 -156.80 -0.38 55.16
N GLU T 257 -157.65 0.49 54.61
CA GLU T 257 -158.52 1.31 55.44
C GLU T 257 -159.37 0.47 56.38
N TRP T 258 -159.73 -0.75 55.97
CA TRP T 258 -160.44 -1.66 56.85
C TRP T 258 -159.74 -1.68 58.21
N PHE T 259 -158.44 -1.98 58.18
CA PHE T 259 -157.64 -1.98 59.39
C PHE T 259 -157.59 -0.60 60.02
N ARG T 260 -157.36 0.44 59.23
CA ARG T 260 -157.35 1.82 59.74
C ARG T 260 -158.63 2.12 60.50
N ASP T 261 -159.77 1.92 59.83
CA ASP T 261 -161.09 2.21 60.39
C ASP T 261 -161.43 1.38 61.63
N ASN T 262 -160.76 0.24 61.79
CA ASN T 262 -161.07 -0.69 62.86
C ASN T 262 -160.08 -0.68 64.02
N GLY T 263 -159.49 0.50 64.28
CA GLY T 263 -158.56 0.68 65.38
C GLY T 263 -157.22 -0.03 65.30
N LYS T 264 -156.96 -0.71 64.16
CA LYS T 264 -155.69 -1.39 63.88
C LYS T 264 -154.74 -0.56 62.96
N HIS T 265 -153.64 -1.18 62.51
CA HIS T 265 -152.64 -0.47 61.70
C HIS T 265 -152.13 -1.32 60.54
N ALA T 266 -152.27 -0.76 59.35
CA ALA T 266 -151.63 -1.32 58.21
C ALA T 266 -150.65 -0.31 57.63
N LEU T 267 -149.89 -0.81 56.68
CA LEU T 267 -148.85 -0.13 55.97
C LEU T 267 -149.07 -0.70 54.60
N ILE T 268 -148.88 0.10 53.56
CA ILE T 268 -149.21 -0.33 52.21
C ILE T 268 -148.13 0.12 51.21
N VAL T 269 -147.63 -0.85 50.46
CA VAL T 269 -146.53 -0.66 49.51
C VAL T 269 -147.06 -0.70 48.09
N TYR T 270 -146.83 0.38 47.35
CA TYR T 270 -147.31 0.51 46.00
C TYR T 270 -146.18 0.36 45.01
N ASP T 271 -146.10 -0.83 44.40
CA ASP T 271 -144.97 -1.21 43.58
C ASP T 271 -145.39 -1.56 42.16
N ASP T 272 -145.49 -0.55 41.27
CA ASP T 272 -145.19 0.86 41.61
C ASP T 272 -146.19 1.87 41.02
N LEU T 273 -146.10 3.12 41.44
CA LEU T 273 -147.00 4.17 41.00
C LEU T 273 -146.66 4.60 39.59
N SER T 274 -145.38 4.52 39.23
CA SER T 274 -144.96 4.80 37.86
C SER T 274 -145.88 4.03 36.92
N LYS T 275 -146.00 2.74 37.16
CA LYS T 275 -146.69 1.86 36.23
C LYS T 275 -148.21 2.02 36.27
N GLN T 276 -148.73 2.42 37.43
CA GLN T 276 -150.13 2.80 37.53
C GLN T 276 -150.45 4.01 36.64
N ALA T 277 -149.63 5.06 36.73
CA ALA T 277 -149.78 6.21 35.86
C ALA T 277 -149.72 5.83 34.36
N VAL T 278 -148.74 5.02 33.99
CA VAL T 278 -148.67 4.48 32.64
C VAL T 278 -149.99 3.83 32.28
N ALA T 279 -150.60 3.08 33.20
CA ALA T 279 -151.87 2.40 32.90
C ALA T 279 -152.99 3.39 32.67
N TYR T 280 -153.21 4.27 33.64
CA TYR T 280 -154.19 5.33 33.51
C TYR T 280 -154.06 6.00 32.16
N ARG T 281 -152.82 6.23 31.75
CA ARG T 281 -152.56 6.86 30.46
C ARG T 281 -153.18 6.05 29.34
N GLN T 282 -152.96 4.74 29.35
CA GLN T 282 -153.44 3.89 28.28
C GLN T 282 -154.93 4.03 28.09
N LEU T 283 -155.66 4.05 29.21
CA LEU T 283 -157.10 4.12 29.21
C LEU T 283 -157.56 5.41 28.59
N SER T 284 -156.88 6.49 28.94
CA SER T 284 -157.36 7.82 28.63
C SER T 284 -157.21 8.08 27.15
N LEU T 285 -156.00 7.86 26.67
CA LEU T 285 -155.65 8.05 25.30
C LEU T 285 -156.62 7.25 24.45
N LEU T 286 -156.86 6.00 24.84
CA LEU T 286 -157.76 5.17 24.06
C LEU T 286 -159.17 5.72 24.09
N LEU T 287 -159.69 6.07 25.26
CA LEU T 287 -160.92 6.83 25.36
C LEU T 287 -160.84 8.21 24.70
N ARG T 288 -159.66 8.57 24.22
CA ARG T 288 -159.43 9.82 23.50
C ARG T 288 -159.76 11.03 24.36
N ARG T 289 -159.57 10.86 25.66
CA ARG T 289 -159.45 12.00 26.53
C ARG T 289 -158.16 12.77 26.17
N PRO T 290 -158.23 14.12 26.19
CA PRO T 290 -157.16 15.03 25.74
C PRO T 290 -155.88 14.94 26.58
N PRO T 291 -154.70 14.85 25.93
CA PRO T 291 -153.43 14.64 26.61
C PRO T 291 -152.64 15.92 26.92
N GLY T 292 -151.83 15.89 27.97
CA GLY T 292 -150.93 16.98 28.30
C GLY T 292 -149.48 16.52 28.29
N ARG T 293 -148.67 17.08 29.18
CA ARG T 293 -147.28 16.66 29.38
C ARG T 293 -147.13 15.15 29.37
N GLU T 294 -146.31 14.67 28.44
CA GLU T 294 -146.00 13.24 28.25
C GLU T 294 -147.21 12.38 27.92
N ALA T 295 -148.29 13.02 27.52
CA ALA T 295 -149.51 12.36 27.10
C ALA T 295 -150.35 11.85 28.26
N TYR T 296 -150.06 12.31 29.47
CA TYR T 296 -150.97 12.08 30.60
C TYR T 296 -152.12 13.08 30.58
N PRO T 297 -153.31 12.61 31.03
CA PRO T 297 -154.50 13.44 31.23
C PRO T 297 -154.28 14.45 32.33
N GLY T 298 -155.09 15.52 32.36
CA GLY T 298 -154.96 16.58 33.36
C GLY T 298 -154.99 16.02 34.77
N ASP T 299 -155.94 15.12 35.03
CA ASP T 299 -156.16 14.57 36.37
C ASP T 299 -155.27 13.38 36.80
N VAL T 300 -154.07 13.28 36.25
CA VAL T 300 -153.09 12.28 36.69
C VAL T 300 -152.57 12.63 38.09
N PHE T 301 -152.45 13.92 38.38
CA PHE T 301 -152.16 14.35 39.73
C PHE T 301 -153.26 13.86 40.64
N TYR T 302 -154.47 14.33 40.37
CA TYR T 302 -155.68 13.98 41.10
C TYR T 302 -155.81 12.48 41.33
N LEU T 303 -155.40 11.70 40.34
CA LEU T 303 -155.26 10.25 40.51
C LEU T 303 -154.46 9.95 41.76
N HIS T 304 -153.18 10.31 41.77
CA HIS T 304 -152.29 10.01 42.91
C HIS T 304 -152.56 10.76 44.22
N SER T 305 -153.13 11.97 44.14
CA SER T 305 -153.42 12.69 45.36
C SER T 305 -154.49 11.91 46.09
N ARG T 306 -155.59 11.61 45.41
CA ARG T 306 -156.66 10.76 45.95
C ARG T 306 -156.13 9.52 46.63
N LEU T 307 -155.23 8.78 45.97
CA LEU T 307 -154.65 7.57 46.52
C LEU T 307 -153.95 7.83 47.86
N LEU T 308 -152.91 8.65 47.81
CA LEU T 308 -152.09 8.88 48.98
C LEU T 308 -152.70 9.71 50.10
N GLU T 309 -153.60 10.64 49.79
CA GLU T 309 -154.30 11.32 50.87
C GLU T 309 -155.13 10.37 51.74
N ARG T 310 -155.43 9.18 51.23
CA ARG T 310 -156.20 8.22 52.02
C ARG T 310 -155.40 7.63 53.19
N ALA T 311 -154.08 7.78 53.15
CA ALA T 311 -153.23 7.28 54.22
C ALA T 311 -153.25 8.27 55.36
N ALA T 312 -153.38 7.79 56.60
CA ALA T 312 -153.43 8.70 57.75
C ALA T 312 -153.26 8.07 59.15
N LYS T 313 -153.05 8.93 60.13
CA LYS T 313 -153.24 8.57 61.53
C LYS T 313 -154.53 9.22 62.01
N LEU T 314 -155.56 8.39 62.22
CA LEU T 314 -156.89 8.84 62.66
C LEU T 314 -156.91 9.23 64.12
N SER T 315 -157.80 10.17 64.49
CA SER T 315 -157.86 10.66 65.88
C SER T 315 -158.55 9.70 66.85
N GLU T 316 -158.30 9.88 68.14
CA GLU T 316 -158.86 9.00 69.17
C GLU T 316 -160.31 8.62 68.94
N LYS T 317 -161.13 9.58 68.55
CA LYS T 317 -162.54 9.34 68.30
C LYS T 317 -162.77 8.33 67.17
N GLU T 318 -161.80 8.17 66.28
CA GLU T 318 -161.96 7.29 65.13
C GLU T 318 -161.39 5.89 65.34
N GLY T 319 -161.03 5.57 66.58
CA GLY T 319 -160.39 4.28 66.90
C GLY T 319 -158.87 4.37 66.84
N SER T 320 -158.39 5.56 66.50
CA SER T 320 -156.96 5.89 66.43
C SER T 320 -156.16 4.95 65.54
N GLY T 321 -156.86 4.24 64.66
CA GLY T 321 -156.20 3.37 63.69
C GLY T 321 -155.35 4.19 62.76
N SER T 322 -154.64 3.53 61.86
CA SER T 322 -153.66 4.20 61.00
C SER T 322 -153.35 3.46 59.70
N LEU T 323 -153.04 4.20 58.65
CA LEU T 323 -152.54 3.62 57.40
C LEU T 323 -151.31 4.35 56.86
N THR T 324 -150.21 3.61 56.71
CA THR T 324 -148.93 4.18 56.27
C THR T 324 -148.65 3.78 54.82
N ALA T 325 -148.00 4.65 54.08
CA ALA T 325 -147.86 4.42 52.67
C ALA T 325 -146.41 4.41 52.18
N LEU T 326 -146.05 3.32 51.51
CA LEU T 326 -144.76 3.23 50.84
C LEU T 326 -144.91 3.18 49.31
N PRO T 327 -145.31 4.31 48.68
CA PRO T 327 -145.30 4.27 47.22
C PRO T 327 -143.87 4.15 46.68
N VAL T 328 -143.75 3.34 45.64
CA VAL T 328 -142.52 3.18 44.90
C VAL T 328 -142.60 4.05 43.63
N ILE T 329 -141.56 4.83 43.39
CA ILE T 329 -141.48 5.62 42.17
C ILE T 329 -140.16 5.42 41.46
N GLU T 330 -140.23 5.14 40.17
CA GLU T 330 -139.05 4.75 39.41
C GLU T 330 -138.52 5.89 38.57
N THR T 331 -137.40 6.47 38.95
CA THR T 331 -136.86 7.54 38.15
C THR T 331 -136.23 6.96 36.89
N GLN T 332 -135.95 7.83 35.93
CA GLN T 332 -135.31 7.42 34.70
C GLN T 332 -134.06 8.26 34.59
N GLY T 333 -132.90 7.59 34.67
CA GLY T 333 -131.64 8.30 34.72
C GLY T 333 -131.60 9.35 35.82
N GLY T 334 -132.39 9.15 36.87
CA GLY T 334 -132.38 10.00 38.04
C GLY T 334 -133.25 11.25 37.99
N ASP T 335 -134.18 11.30 37.06
CA ASP T 335 -134.91 12.56 36.81
C ASP T 335 -136.10 12.81 37.72
N VAL T 336 -135.86 13.54 38.82
CA VAL T 336 -136.91 13.93 39.76
C VAL T 336 -137.87 15.01 39.21
N SER T 337 -137.46 15.68 38.13
CA SER T 337 -138.31 16.65 37.46
C SER T 337 -139.29 15.98 36.51
N ALA T 338 -139.02 14.71 36.18
CA ALA T 338 -139.89 13.91 35.29
C ALA T 338 -141.31 14.10 35.73
N TYR T 339 -142.25 14.10 34.79
CA TYR T 339 -143.60 14.48 35.15
C TYR T 339 -144.17 13.76 36.38
N ILE T 340 -144.21 12.43 36.35
CA ILE T 340 -144.83 11.71 37.45
C ILE T 340 -144.09 11.89 38.79
N PRO T 341 -142.78 11.60 38.86
CA PRO T 341 -142.03 11.86 40.09
C PRO T 341 -142.27 13.24 40.74
N THR T 342 -142.51 14.27 39.93
CA THR T 342 -142.81 15.61 40.43
C THR T 342 -144.09 15.59 41.25
N ASN T 343 -145.20 15.27 40.59
CA ASN T 343 -146.47 15.09 41.26
C ASN T 343 -146.31 14.37 42.59
N VAL T 344 -145.76 13.15 42.53
CA VAL T 344 -145.75 12.25 43.69
C VAL T 344 -144.88 12.80 44.80
N ILE T 345 -143.66 13.25 44.46
CA ILE T 345 -142.79 13.89 45.45
C ILE T 345 -143.48 15.02 46.20
N SER T 346 -144.39 15.73 45.54
CA SER T 346 -145.04 16.89 46.14
C SER T 346 -146.30 16.50 46.91
N ILE T 347 -146.66 15.22 46.84
CA ILE T 347 -147.75 14.66 47.67
C ILE T 347 -147.23 14.00 48.97
N THR T 348 -146.07 13.37 48.91
CA THR T 348 -145.58 12.53 50.00
C THR T 348 -144.94 13.38 51.09
N ASP T 349 -144.64 12.74 52.22
CA ASP T 349 -144.00 13.40 53.36
C ASP T 349 -142.52 13.13 53.33
N GLY T 350 -142.01 12.76 52.17
CA GLY T 350 -140.59 12.55 52.09
C GLY T 350 -140.22 11.36 51.25
N GLN T 351 -138.92 11.21 51.07
CA GLN T 351 -138.42 10.20 50.16
C GLN T 351 -137.26 9.44 50.76
N ILE T 352 -137.21 8.15 50.46
CA ILE T 352 -136.02 7.35 50.62
C ILE T 352 -135.42 7.21 49.22
N PHE T 353 -134.17 7.63 49.09
CA PHE T 353 -133.61 7.86 47.79
C PHE T 353 -132.49 6.89 47.47
N LEU T 354 -132.66 6.17 46.38
CA LEU T 354 -131.68 5.18 46.01
C LEU T 354 -130.84 5.55 44.78
N GLU T 355 -129.60 5.08 44.77
CA GLU T 355 -128.65 5.37 43.70
C GLU T 355 -127.73 4.20 43.43
N ALA T 356 -127.75 3.73 42.20
CA ALA T 356 -126.87 2.63 41.75
C ALA T 356 -125.38 2.92 41.99
N GLU T 357 -124.99 4.19 42.01
CA GLU T 357 -123.61 4.60 42.31
C GLU T 357 -123.21 4.08 43.68
N LEU T 358 -123.96 4.53 44.69
CA LEU T 358 -123.79 4.06 46.05
C LEU T 358 -123.88 2.55 46.08
N PHE T 359 -124.80 1.99 45.31
CA PHE T 359 -124.97 0.56 45.23
C PHE T 359 -123.73 -0.20 44.74
N TYR T 360 -123.06 0.27 43.69
CA TYR T 360 -121.88 -0.47 43.20
C TYR T 360 -120.67 -0.24 44.09
N LYS T 361 -120.73 0.85 44.87
CA LYS T 361 -119.72 1.10 45.88
C LYS T 361 -119.82 0.00 46.93
N GLY T 362 -121.01 -0.59 47.04
CA GLY T 362 -121.28 -1.65 48.02
C GLY T 362 -122.09 -1.18 49.22
N ILE T 363 -122.49 0.08 49.24
CA ILE T 363 -123.30 0.63 50.32
C ILE T 363 -124.76 0.21 50.14
N ARG T 364 -125.14 -0.91 50.73
CA ARG T 364 -126.52 -1.40 50.69
C ARG T 364 -127.14 -1.54 52.09
N PRO T 365 -128.30 -0.91 52.34
CA PRO T 365 -129.14 -0.24 51.38
C PRO T 365 -128.41 0.94 50.80
N ALA T 366 -128.66 1.21 49.51
CA ALA T 366 -128.00 2.25 48.77
C ALA T 366 -128.67 3.60 48.99
N ILE T 367 -128.84 3.98 50.25
CA ILE T 367 -129.59 5.17 50.58
C ILE T 367 -128.73 6.40 50.48
N ASN T 368 -129.09 7.27 49.54
CA ASN T 368 -128.58 8.61 49.59
C ASN T 368 -129.20 9.28 50.81
N VAL T 369 -128.34 9.63 51.76
CA VAL T 369 -128.78 10.26 53.00
C VAL T 369 -129.05 11.73 52.76
N GLY T 370 -128.19 12.39 52.00
CA GLY T 370 -128.34 13.80 51.75
C GLY T 370 -129.63 14.17 51.06
N LEU T 371 -130.15 13.24 50.27
CA LEU T 371 -131.37 13.48 49.47
C LEU T 371 -132.67 12.96 50.10
N SER T 372 -132.55 12.07 51.09
CA SER T 372 -133.70 11.46 51.76
C SER T 372 -134.16 12.31 52.94
N VAL T 373 -135.46 12.64 52.96
CA VAL T 373 -136.06 13.35 54.09
C VAL T 373 -137.38 12.70 54.47
N SER T 374 -137.72 12.82 55.75
CA SER T 374 -139.03 12.45 56.27
C SER T 374 -139.61 13.64 57.07
N ARG T 375 -140.53 14.37 56.42
CA ARG T 375 -141.12 15.62 56.95
C ARG T 375 -141.70 15.45 58.35
N VAL T 376 -142.13 14.22 58.63
CA VAL T 376 -142.61 13.79 59.93
C VAL T 376 -141.44 13.69 60.91
N GLY T 377 -140.41 12.92 60.52
CA GLY T 377 -139.11 12.90 61.20
C GLY T 377 -139.05 12.57 62.69
N SER T 378 -138.42 13.49 63.44
CA SER T 378 -138.22 13.36 64.88
C SER T 378 -139.35 12.60 65.55
N ALA T 379 -140.57 13.08 65.34
CA ALA T 379 -141.76 12.64 66.08
C ALA T 379 -142.05 11.14 66.05
N ALA T 380 -141.37 10.42 65.16
CA ALA T 380 -141.73 9.02 64.87
C ALA T 380 -140.62 8.01 65.19
N GLN T 381 -139.68 8.40 66.04
CA GLN T 381 -138.46 7.64 66.24
C GLN T 381 -138.45 7.04 67.64
N VAL T 382 -138.10 5.77 67.73
CA VAL T 382 -137.86 5.16 69.04
C VAL T 382 -137.00 6.17 69.79
N LYS T 383 -137.54 6.77 70.84
CA LYS T 383 -136.82 7.84 71.53
C LYS T 383 -135.35 7.49 71.73
N ALA T 384 -135.07 6.21 71.98
CA ALA T 384 -133.70 5.70 72.23
C ALA T 384 -132.75 5.79 71.05
N LEU T 385 -133.28 5.48 69.87
CA LEU T 385 -132.52 5.56 68.64
C LEU T 385 -132.28 7.04 68.29
N LYS T 386 -133.29 7.87 68.53
CA LYS T 386 -133.19 9.32 68.35
C LYS T 386 -132.23 9.94 69.37
N GLN T 387 -132.00 9.23 70.47
CA GLN T 387 -131.09 9.72 71.51
C GLN T 387 -129.62 9.62 71.11
N VAL T 388 -129.25 8.49 70.51
CA VAL T 388 -127.87 8.26 70.11
C VAL T 388 -127.60 8.55 68.63
N ALA T 389 -128.43 9.39 68.00
CA ALA T 389 -128.31 9.65 66.55
C ALA T 389 -128.58 11.08 66.07
N GLY T 390 -128.96 11.98 66.98
CA GLY T 390 -129.08 13.41 66.66
C GLY T 390 -127.75 13.93 66.13
N SER T 391 -126.69 13.26 66.59
CA SER T 391 -125.33 13.46 66.10
C SER T 391 -125.08 12.82 64.72
N LEU T 392 -125.80 11.74 64.38
CA LEU T 392 -125.52 10.93 63.18
C LEU T 392 -125.72 11.67 61.87
N LYS T 393 -126.82 12.42 61.77
CA LYS T 393 -127.06 13.21 60.57
C LYS T 393 -126.05 14.36 60.50
N LEU T 394 -125.64 14.85 61.67
CA LEU T 394 -124.61 15.88 61.79
C LEU T 394 -123.28 15.39 61.21
N PHE T 395 -122.76 14.28 61.76
CA PHE T 395 -121.48 13.72 61.32
C PHE T 395 -121.47 13.41 59.82
N LEU T 396 -122.48 12.68 59.34
CA LEU T 396 -122.55 12.27 57.94
C LEU T 396 -122.76 13.44 56.97
N ALA T 397 -123.25 14.57 57.48
CA ALA T 397 -123.37 15.81 56.72
C ALA T 397 -122.01 16.42 56.43
N GLN T 398 -121.20 16.53 57.48
CA GLN T 398 -119.87 17.09 57.39
C GLN T 398 -118.91 16.14 56.67
N TYR T 399 -119.22 14.85 56.70
CA TYR T 399 -118.45 13.84 55.97
C TYR T 399 -118.72 13.88 54.47
N ARG T 400 -119.90 14.34 54.09
CA ARG T 400 -120.20 14.53 52.68
C ARG T 400 -119.49 15.77 52.11
N GLU T 401 -119.10 16.69 52.98
CA GLU T 401 -118.54 17.96 52.55
C GLU T 401 -117.01 17.99 52.50
N VAL T 402 -116.38 17.02 53.16
CA VAL T 402 -114.92 16.92 53.16
C VAL T 402 -114.54 15.61 52.47
N ALA T 403 -115.44 15.11 51.62
CA ALA T 403 -115.29 13.78 51.04
C ALA T 403 -114.20 13.71 49.98
N ALA T 404 -114.20 14.71 49.10
CA ALA T 404 -113.23 14.83 48.01
C ALA T 404 -111.79 15.02 48.50
N PHE T 405 -111.63 15.23 49.80
CA PHE T 405 -110.31 15.33 50.42
C PHE T 405 -109.67 13.97 50.60
N ALA T 406 -110.36 12.92 50.17
CA ALA T 406 -109.85 11.56 50.24
C ALA T 406 -108.66 11.28 49.28
N GLN T 407 -108.18 12.31 48.58
CA GLN T 407 -106.96 12.22 47.78
C GLN T 407 -106.12 13.49 47.91
N SER T 410 -103.81 13.46 51.05
CA SER T 410 -102.40 13.19 51.33
C SER T 410 -101.82 14.09 52.42
N ASP T 411 -102.32 15.32 52.52
CA ASP T 411 -101.85 16.29 53.50
C ASP T 411 -103.02 17.01 54.16
N LEU T 412 -103.79 16.28 54.97
CA LEU T 412 -104.97 16.84 55.61
C LEU T 412 -104.72 17.08 57.09
N ASP T 413 -105.24 18.20 57.60
CA ASP T 413 -105.11 18.54 59.02
C ASP T 413 -105.98 17.63 59.90
N ALA T 414 -105.53 17.39 61.13
CA ALA T 414 -106.13 16.39 62.02
C ALA T 414 -107.67 16.49 62.21
N SER T 415 -108.23 17.67 61.96
CA SER T 415 -109.67 17.90 62.12
C SER T 415 -110.45 17.25 60.99
N THR T 416 -110.10 17.62 59.76
CA THR T 416 -110.72 17.04 58.59
C THR T 416 -110.19 15.64 58.29
N LYS T 417 -109.13 15.24 59.00
CA LYS T 417 -108.66 13.86 58.96
C LYS T 417 -109.66 13.01 59.74
N GLN T 418 -109.95 13.46 60.97
CA GLN T 418 -110.90 12.83 61.88
C GLN T 418 -112.28 12.62 61.26
N THR T 419 -112.80 13.69 60.64
CA THR T 419 -114.09 13.65 59.97
C THR T 419 -114.16 12.50 58.96
N LEU T 420 -113.06 12.25 58.25
CA LEU T 420 -113.00 11.12 57.34
C LEU T 420 -112.88 9.78 58.06
N VAL T 421 -112.45 9.82 59.32
CA VAL T 421 -112.31 8.60 60.12
C VAL T 421 -113.67 8.06 60.61
N ARG T 422 -114.55 8.96 61.07
CA ARG T 422 -115.90 8.57 61.47
C ARG T 422 -116.69 8.10 60.29
N GLY T 423 -116.68 8.94 59.25
CA GLY T 423 -117.55 8.79 58.08
C GLY T 423 -117.51 7.43 57.43
N GLU T 424 -116.29 6.99 57.10
CA GLU T 424 -116.09 5.67 56.52
C GLU T 424 -116.68 4.57 57.42
N ARG T 425 -116.34 4.60 58.70
CA ARG T 425 -116.85 3.61 59.67
C ARG T 425 -118.36 3.65 59.79
N LEU T 426 -118.90 4.84 60.02
CA LEU T 426 -120.33 5.08 60.05
C LEU T 426 -121.06 4.58 58.81
N THR T 427 -120.56 4.96 57.64
CA THR T 427 -121.15 4.49 56.38
C THR T 427 -121.14 2.96 56.35
N GLN T 428 -120.02 2.39 56.78
CA GLN T 428 -119.86 0.94 56.82
C GLN T 428 -120.91 0.30 57.72
N LEU T 429 -121.20 0.98 58.83
CA LEU T 429 -122.14 0.50 59.85
C LEU T 429 -123.57 0.47 59.38
N LEU T 430 -123.83 1.14 58.27
CA LEU T 430 -125.19 1.23 57.80
C LEU T 430 -125.39 0.35 56.57
N LYS T 431 -124.36 -0.41 56.21
CA LYS T 431 -124.52 -1.50 55.24
C LYS T 431 -125.25 -2.58 56.00
N GLN T 432 -126.03 -3.39 55.31
CA GLN T 432 -126.90 -4.36 55.95
C GLN T 432 -127.36 -5.38 54.96
N ASN T 433 -126.92 -6.63 55.04
CA ASN T 433 -127.32 -7.65 54.06
C ASN T 433 -128.82 -7.69 53.96
N GLN T 434 -129.32 -8.17 52.83
CA GLN T 434 -130.75 -8.21 52.63
C GLN T 434 -131.44 -9.11 53.66
N TYR T 435 -132.73 -8.89 53.86
CA TYR T 435 -133.59 -9.82 54.63
C TYR T 435 -133.28 -9.97 56.11
N SER T 436 -132.23 -9.28 56.57
CA SER T 436 -131.83 -9.36 57.95
C SER T 436 -132.07 -8.01 58.62
N PRO T 437 -133.34 -7.65 58.87
CA PRO T 437 -133.54 -6.38 59.55
C PRO T 437 -133.25 -6.53 61.03
N LEU T 438 -132.76 -5.45 61.65
CA LEU T 438 -132.34 -5.47 63.04
C LEU T 438 -133.39 -4.93 63.99
N ALA T 439 -133.55 -5.59 65.13
CA ALA T 439 -134.35 -5.09 66.25
C ALA T 439 -133.76 -3.79 66.79
N THR T 440 -134.62 -2.86 67.20
CA THR T 440 -134.16 -1.58 67.75
C THR T 440 -133.07 -1.74 68.81
N GLU T 441 -133.36 -2.55 69.83
CA GLU T 441 -132.40 -2.85 70.88
C GLU T 441 -131.10 -3.45 70.33
N GLU T 442 -131.09 -3.79 69.04
CA GLU T 442 -129.90 -4.29 68.36
C GLU T 442 -129.23 -3.21 67.52
N GLN T 443 -129.99 -2.17 67.16
CA GLN T 443 -129.45 -1.04 66.41
C GLN T 443 -128.71 -0.05 67.31
N VAL T 444 -129.37 0.36 68.39
CA VAL T 444 -128.89 1.41 69.28
C VAL T 444 -127.48 1.19 69.89
N PRO T 445 -127.10 -0.07 70.18
CA PRO T 445 -125.72 -0.29 70.59
C PRO T 445 -124.71 0.05 69.48
N LEU T 446 -124.94 -0.46 68.28
CA LEU T 446 -124.02 -0.22 67.19
C LEU T 446 -123.94 1.26 66.85
N ILE T 447 -125.08 1.92 66.79
CA ILE T 447 -125.09 3.33 66.50
C ILE T 447 -124.48 4.11 67.67
N TYR T 448 -124.58 3.57 68.89
CA TYR T 448 -123.89 4.20 70.02
C TYR T 448 -122.35 4.13 69.90
N ALA T 449 -121.81 2.91 69.78
CA ALA T 449 -120.36 2.70 69.65
C ALA T 449 -119.78 3.49 68.49
N GLY T 450 -120.58 3.63 67.43
CA GLY T 450 -120.20 4.43 66.27
C GLY T 450 -120.06 5.89 66.66
N VAL T 451 -121.20 6.55 66.86
CA VAL T 451 -121.25 8.01 67.10
C VAL T 451 -120.29 8.49 68.19
N ASN T 452 -120.16 7.72 69.27
CA ASN T 452 -119.32 8.14 70.37
C ASN T 452 -117.88 7.63 70.25
N GLY T 453 -117.48 7.29 69.03
CA GLY T 453 -116.08 7.15 68.66
C GLY T 453 -115.34 5.91 69.12
N HIS T 454 -116.07 4.81 69.25
CA HIS T 454 -115.46 3.56 69.69
C HIS T 454 -115.07 2.65 68.53
N LEU T 455 -115.18 3.17 67.32
CA LEU T 455 -114.79 2.40 66.13
C LEU T 455 -113.59 3.01 65.41
N ASP T 456 -113.27 4.27 65.74
CA ASP T 456 -112.14 4.99 65.13
C ASP T 456 -110.83 4.20 65.23
N GLY T 457 -110.68 3.46 66.34
CA GLY T 457 -109.55 2.55 66.52
C GLY T 457 -109.60 1.38 65.55
N ILE T 458 -110.78 0.80 65.39
CA ILE T 458 -110.93 -0.37 64.54
C ILE T 458 -110.73 -0.01 63.08
N GLU T 459 -110.12 -0.92 62.35
CA GLU T 459 -109.95 -0.81 60.90
C GLU T 459 -111.28 -0.94 60.18
N LEU T 460 -111.30 -0.48 58.94
CA LEU T 460 -112.55 -0.35 58.20
C LEU T 460 -113.11 -1.65 57.65
N SER T 461 -112.27 -2.66 57.48
CA SER T 461 -112.74 -3.95 56.97
C SER T 461 -113.34 -4.82 58.09
N ARG T 462 -112.84 -4.63 59.31
CA ARG T 462 -113.31 -5.41 60.44
C ARG T 462 -114.68 -4.94 60.98
N ILE T 463 -115.15 -3.77 60.55
CA ILE T 463 -116.46 -3.28 60.97
C ILE T 463 -117.58 -4.29 60.61
N GLY T 464 -117.30 -5.14 59.62
CA GLY T 464 -118.16 -6.28 59.30
C GLY T 464 -118.35 -7.19 60.49
N GLU T 465 -117.35 -8.01 60.77
CA GLU T 465 -117.40 -8.92 61.91
C GLU T 465 -117.60 -8.23 63.28
N PHE T 466 -117.40 -6.91 63.35
CA PHE T 466 -117.58 -6.18 64.61
C PHE T 466 -119.01 -6.32 65.12
N GLU T 467 -119.95 -5.95 64.25
CA GLU T 467 -121.36 -5.94 64.56
C GLU T 467 -121.83 -7.30 65.05
N SER T 468 -121.53 -8.36 64.29
CA SER T 468 -121.91 -9.73 64.65
C SER T 468 -121.49 -10.14 66.06
N SER T 469 -120.22 -9.89 66.37
CA SER T 469 -119.60 -10.34 67.60
C SER T 469 -119.99 -9.48 68.78
N PHE T 470 -120.21 -8.20 68.53
CA PHE T 470 -120.64 -7.25 69.55
C PHE T 470 -122.00 -7.66 70.09
N LEU T 471 -122.92 -7.87 69.15
CA LEU T 471 -124.31 -8.14 69.47
C LEU T 471 -124.51 -9.46 70.16
N SER T 472 -123.83 -10.50 69.69
CA SER T 472 -123.90 -11.81 70.35
C SER T 472 -123.23 -11.78 71.74
N TYR T 473 -122.18 -10.97 71.88
CA TYR T 473 -121.58 -10.75 73.19
C TYR T 473 -122.52 -9.97 74.09
N LEU T 474 -123.07 -8.87 73.59
CA LEU T 474 -124.05 -8.09 74.35
C LEU T 474 -125.21 -8.97 74.80
N LYS T 475 -125.63 -9.88 73.93
CA LYS T 475 -126.71 -10.82 74.27
C LYS T 475 -126.39 -11.69 75.49
N SER T 476 -125.22 -12.34 75.49
CA SER T 476 -124.82 -13.21 76.60
C SER T 476 -124.48 -12.45 77.89
N ASN T 477 -123.64 -11.43 77.76
CA ASN T 477 -123.07 -10.74 78.91
C ASN T 477 -123.76 -9.44 79.34
N HIS T 478 -124.77 -9.00 78.59
CA HIS T 478 -125.45 -7.75 78.90
C HIS T 478 -126.92 -7.75 78.45
N ASN T 479 -127.49 -8.94 78.32
CA ASN T 479 -128.89 -9.09 77.91
C ASN T 479 -129.86 -8.21 78.68
N GLU T 480 -129.42 -7.71 79.82
CA GLU T 480 -130.25 -6.92 80.69
C GLU T 480 -130.41 -5.48 80.20
N LEU T 481 -129.32 -4.89 79.71
CA LEU T 481 -129.36 -3.53 79.16
C LEU T 481 -130.20 -3.54 77.89
N LEU T 482 -129.94 -4.51 77.03
CA LEU T 482 -130.70 -4.73 75.79
C LEU T 482 -132.19 -4.81 76.09
N THR T 483 -132.52 -5.55 77.14
CA THR T 483 -133.90 -5.72 77.61
C THR T 483 -134.54 -4.41 78.03
N GLU T 484 -133.78 -3.56 78.72
CA GLU T 484 -134.29 -2.27 79.17
C GLU T 484 -134.62 -1.34 77.99
N ILE T 485 -133.73 -1.30 76.98
CA ILE T 485 -133.92 -0.56 75.74
C ILE T 485 -135.19 -1.02 75.01
N ARG T 486 -135.27 -2.33 74.80
CA ARG T 486 -136.46 -2.96 74.22
C ARG T 486 -137.73 -2.68 75.02
N GLU T 487 -137.62 -2.58 76.34
CA GLU T 487 -138.80 -2.34 77.15
C GLU T 487 -139.08 -0.88 77.47
N LYS T 488 -138.09 -0.17 78.01
CA LYS T 488 -138.26 1.25 78.36
C LYS T 488 -138.32 2.17 77.14
N GLY T 489 -137.57 1.83 76.09
CA GLY T 489 -137.56 2.61 74.84
C GLY T 489 -136.80 3.91 74.94
N GLU T 490 -136.20 4.14 76.10
CA GLU T 490 -135.40 5.34 76.37
C GLU T 490 -134.12 4.94 77.08
N LEU T 491 -133.20 5.88 77.22
CA LEU T 491 -131.92 5.59 77.86
C LEU T 491 -131.66 6.43 79.14
N SER T 492 -131.58 5.74 80.27
CA SER T 492 -131.26 6.34 81.58
C SER T 492 -129.86 6.94 81.51
N LYS T 493 -129.57 7.83 82.44
CA LYS T 493 -128.20 8.32 82.61
C LYS T 493 -127.31 7.15 83.00
N GLU T 494 -127.92 6.18 83.68
CA GLU T 494 -127.28 4.93 84.10
C GLU T 494 -127.07 4.01 82.92
N LEU T 495 -128.13 3.79 82.13
CA LEU T 495 -128.04 2.99 80.91
C LEU T 495 -126.95 3.46 79.93
N LEU T 496 -126.70 4.76 79.90
CA LEU T 496 -125.66 5.36 79.04
C LEU T 496 -124.26 5.00 79.53
N ALA T 497 -124.11 4.90 80.85
CA ALA T 497 -122.84 4.46 81.43
C ALA T 497 -122.71 2.94 81.36
N SER T 498 -123.87 2.25 81.36
CA SER T 498 -123.94 0.79 81.22
C SER T 498 -123.39 0.38 79.86
N LEU T 499 -124.00 0.94 78.82
CA LEU T 499 -123.63 0.67 77.45
C LEU T 499 -122.17 1.07 77.23
N LYS T 500 -121.85 2.32 77.59
CA LYS T 500 -120.48 2.85 77.53
C LYS T 500 -119.44 1.87 78.09
N SER T 501 -119.72 1.38 79.30
CA SER T 501 -118.84 0.43 79.97
C SER T 501 -118.73 -0.91 79.23
N ALA T 502 -119.85 -1.38 78.71
CA ALA T 502 -119.93 -2.68 78.04
C ALA T 502 -119.23 -2.63 76.69
N THR T 503 -119.31 -1.46 76.07
CA THR T 503 -118.63 -1.16 74.81
C THR T 503 -117.12 -1.09 75.04
N GLU T 504 -116.70 -0.22 75.96
CA GLU T 504 -115.26 0.00 76.22
C GLU T 504 -114.60 -1.30 76.59
N SER T 505 -115.38 -2.18 77.19
CA SER T 505 -114.96 -3.54 77.52
C SER T 505 -114.81 -4.40 76.26
N PHE T 506 -115.76 -4.31 75.33
CA PHE T 506 -115.67 -5.11 74.12
C PHE T 506 -114.63 -4.60 73.15
N VAL T 507 -114.49 -3.27 73.08
CA VAL T 507 -113.52 -2.61 72.20
C VAL T 507 -112.09 -2.84 72.69
N ALA T 508 -111.91 -2.84 74.01
CA ALA T 508 -110.63 -3.24 74.60
C ALA T 508 -110.33 -4.70 74.32
N THR T 509 -111.36 -5.54 74.27
CA THR T 509 -111.17 -6.97 74.06
C THR T 509 -111.19 -7.36 72.58
N ILE U 13 -196.72 30.05 0.01
CA ILE U 13 -197.24 31.28 0.61
C ILE U 13 -198.20 30.95 1.73
N LEU U 14 -198.80 29.77 1.67
CA LEU U 14 -199.76 29.34 2.70
C LEU U 14 -199.07 28.86 3.95
N GLU U 15 -197.80 28.49 3.89
CA GLU U 15 -197.06 28.00 5.04
C GLU U 15 -196.33 29.12 5.79
N GLU U 16 -196.52 30.38 5.38
CA GLU U 16 -195.85 31.48 6.06
C GLU U 16 -196.59 31.85 7.35
N ARG U 17 -197.89 32.12 7.25
CA ARG U 17 -198.67 32.49 8.42
C ARG U 17 -199.17 31.28 9.21
N ILE U 18 -199.01 30.07 8.68
CA ILE U 18 -199.47 28.87 9.39
C ILE U 18 -198.46 28.37 10.42
N LYS U 19 -197.24 28.90 10.40
CA LYS U 19 -196.23 28.47 11.37
C LYS U 19 -196.44 29.11 12.73
N GLY U 20 -196.28 30.43 12.80
CA GLY U 20 -196.46 31.16 14.04
C GLY U 20 -195.30 30.98 15.00
N VAL U 21 -194.10 31.33 14.54
CA VAL U 21 -192.90 31.22 15.37
C VAL U 21 -192.05 32.48 15.20
N SER U 22 -192.72 33.61 14.98
CA SER U 22 -192.07 34.91 14.78
C SER U 22 -191.08 34.85 13.63
N ASP U 23 -191.64 34.86 12.42
CA ASP U 23 -190.85 34.81 11.19
C ASP U 23 -190.59 36.23 10.68
N GLU U 24 -189.82 36.97 11.48
CA GLU U 24 -189.50 38.35 11.13
C GLU U 24 -188.14 38.77 11.68
N ALA U 25 -187.23 37.82 11.87
CA ALA U 25 -185.89 38.12 12.39
C ALA U 25 -185.03 38.69 11.28
N ASN U 26 -184.60 39.94 11.44
CA ASN U 26 -183.75 40.60 10.46
C ASN U 26 -182.32 40.09 10.61
N THR U 30 -178.18 41.86 12.70
CA THR U 30 -178.29 41.06 13.92
C THR U 30 -178.05 39.57 13.75
N GLY U 31 -177.69 38.93 14.86
CA GLY U 31 -177.57 37.48 14.91
C GLY U 31 -177.85 36.95 16.31
N ARG U 32 -177.78 35.64 16.46
CA ARG U 32 -177.95 34.99 17.75
C ARG U 32 -176.78 34.08 18.06
N VAL U 33 -176.33 34.11 19.31
CA VAL U 33 -175.23 33.26 19.77
C VAL U 33 -175.66 31.81 19.64
N LEU U 34 -174.85 31.02 18.96
CA LEU U 34 -175.09 29.57 18.89
C LEU U 34 -174.35 28.88 20.00
N ALA U 35 -173.12 29.29 20.24
CA ALA U 35 -172.30 28.76 21.29
C ALA U 35 -171.26 29.78 21.64
N VAL U 36 -170.88 29.80 22.91
CA VAL U 36 -169.85 30.68 23.43
C VAL U 36 -168.96 29.92 24.39
N GLY U 37 -167.65 30.13 24.28
CA GLY U 37 -166.66 29.53 25.18
C GLY U 37 -165.23 29.92 24.84
N ASP U 38 -164.36 29.95 25.84
CA ASP U 38 -162.93 30.22 25.63
C ASP U 38 -162.65 31.56 24.95
N GLY U 39 -163.48 32.56 25.22
CA GLY U 39 -163.28 33.90 24.64
C GLY U 39 -163.81 34.09 23.23
N ILE U 40 -164.44 33.05 22.67
CA ILE U 40 -165.08 33.15 21.36
C ILE U 40 -166.56 32.92 21.48
N ALA U 41 -167.30 33.42 20.51
CA ALA U 41 -168.73 33.18 20.41
C ALA U 41 -169.06 32.98 18.94
N ARG U 42 -169.65 31.84 18.64
CA ARG U 42 -170.09 31.59 17.29
C ARG U 42 -171.54 32.05 17.10
N VAL U 43 -171.71 33.14 16.37
CA VAL U 43 -173.01 33.76 16.15
C VAL U 43 -173.64 33.22 14.85
N PHE U 44 -174.96 33.09 14.86
CA PHE U 44 -175.72 32.69 13.67
C PHE U 44 -176.30 33.88 12.94
N GLY U 45 -176.24 33.85 11.63
CA GLY U 45 -176.71 34.98 10.82
C GLY U 45 -175.68 36.08 10.64
N LEU U 46 -176.07 37.31 10.99
CA LEU U 46 -175.28 38.50 10.63
C LEU U 46 -174.76 38.38 9.21
N ASN U 47 -175.66 38.43 8.23
CA ASN U 47 -175.31 38.17 6.84
C ASN U 47 -174.64 39.34 6.13
N ASN U 48 -174.90 40.55 6.57
CA ASN U 48 -174.27 41.69 5.94
C ASN U 48 -172.99 42.08 6.62
N ILE U 49 -172.66 41.37 7.69
CA ILE U 49 -171.45 41.67 8.44
C ILE U 49 -170.22 41.62 7.53
N GLN U 50 -169.21 42.41 7.88
CA GLN U 50 -167.92 42.38 7.21
C GLN U 50 -166.87 41.98 8.23
N ALA U 51 -165.80 41.34 7.76
CA ALA U 51 -164.67 40.89 8.61
C ALA U 51 -164.01 42.04 9.34
N GLU U 52 -163.62 41.79 10.58
CA GLU U 52 -162.99 42.80 11.45
C GLU U 52 -163.93 43.96 11.90
N GLU U 53 -165.20 43.87 11.55
CA GLU U 53 -166.22 44.80 12.02
C GLU U 53 -166.54 44.51 13.49
N LEU U 54 -166.89 45.55 14.25
CA LEU U 54 -167.25 45.39 15.66
C LEU U 54 -168.68 44.85 15.83
N VAL U 55 -168.97 44.21 16.95
CA VAL U 55 -170.35 43.76 17.28
C VAL U 55 -170.71 43.96 18.75
N GLU U 56 -171.95 44.38 19.03
CA GLU U 56 -172.43 44.50 20.41
C GLU U 56 -173.42 43.39 20.78
N PHE U 57 -173.31 42.89 22.00
CA PHE U 57 -174.14 41.79 22.52
C PHE U 57 -175.19 42.29 23.50
N SER U 58 -176.16 41.43 23.83
CA SER U 58 -177.30 41.78 24.69
C SER U 58 -176.93 42.55 25.97
N SER U 59 -175.73 42.28 26.50
CA SER U 59 -175.24 42.96 27.70
C SER U 59 -174.12 43.99 27.41
N GLY U 60 -174.16 44.59 26.23
CA GLY U 60 -173.26 45.68 25.86
C GLY U 60 -171.79 45.34 25.77
N VAL U 61 -171.47 44.04 25.73
CA VAL U 61 -170.08 43.57 25.58
C VAL U 61 -169.68 43.51 24.10
N LYS U 62 -168.63 44.24 23.76
CA LYS U 62 -168.18 44.35 22.38
C LYS U 62 -167.37 43.15 21.96
N GLY U 63 -167.70 42.61 20.80
CA GLY U 63 -166.94 41.54 20.20
C GLY U 63 -166.37 42.01 18.89
N MET U 64 -165.70 41.10 18.19
CA MET U 64 -165.20 41.40 16.87
C MET U 64 -165.37 40.21 15.95
N ALA U 65 -165.72 40.50 14.70
CA ALA U 65 -165.95 39.47 13.70
C ALA U 65 -164.61 38.98 13.20
N LEU U 66 -164.25 37.77 13.61
CA LEU U 66 -163.00 37.19 13.16
C LEU U 66 -163.24 36.60 11.79
N ASN U 67 -163.67 35.35 11.76
CA ASN U 67 -163.88 34.68 10.51
C ASN U 67 -165.37 34.51 10.17
N LEU U 68 -165.66 34.53 8.87
CA LEU U 68 -167.01 34.45 8.35
C LEU U 68 -167.07 33.18 7.52
N GLU U 69 -167.87 32.22 7.96
CA GLU U 69 -168.09 30.98 7.22
C GLU U 69 -169.49 30.93 6.66
N PRO U 70 -169.78 29.97 5.77
CA PRO U 70 -171.19 29.80 5.50
C PRO U 70 -171.87 29.28 6.77
N GLY U 71 -172.90 29.99 7.21
CA GLY U 71 -173.68 29.52 8.36
C GLY U 71 -173.48 30.28 9.65
N GLN U 72 -172.24 30.63 9.97
CA GLN U 72 -171.96 31.29 11.24
C GLN U 72 -170.80 32.24 11.18
N VAL U 73 -170.77 33.16 12.14
CA VAL U 73 -169.68 34.12 12.27
C VAL U 73 -168.96 33.89 13.57
N GLY U 74 -167.65 33.62 13.47
CA GLY U 74 -166.79 33.55 14.66
C GLY U 74 -166.51 34.95 15.19
N ILE U 75 -166.81 35.15 16.47
CA ILE U 75 -166.69 36.48 17.04
C ILE U 75 -165.85 36.45 18.30
N VAL U 76 -164.83 37.29 18.34
CA VAL U 76 -163.94 37.31 19.49
C VAL U 76 -164.43 38.33 20.50
N LEU U 77 -164.57 37.89 21.74
CA LEU U 77 -165.07 38.76 22.80
C LEU U 77 -164.00 39.71 23.35
N PHE U 78 -164.31 41.01 23.39
CA PHE U 78 -163.52 41.96 24.16
C PHE U 78 -164.01 41.98 25.60
N GLY U 79 -163.95 40.83 26.25
CA GLY U 79 -164.33 40.77 27.66
C GLY U 79 -164.53 39.37 28.21
N SER U 80 -165.04 39.32 29.44
CA SER U 80 -165.43 38.07 30.07
C SER U 80 -166.47 37.35 29.22
N ASP U 81 -166.37 36.02 29.19
CA ASP U 81 -167.37 35.18 28.53
C ASP U 81 -168.70 35.23 29.30
N ARG U 82 -168.63 35.41 30.61
CA ARG U 82 -169.82 35.43 31.49
C ARG U 82 -170.89 36.41 31.01
N LEU U 83 -170.44 37.50 30.39
CA LEU U 83 -171.31 38.57 29.92
C LEU U 83 -172.10 38.22 28.65
N VAL U 84 -171.92 36.98 28.14
CA VAL U 84 -172.64 36.46 26.97
C VAL U 84 -173.39 35.17 27.34
N LYS U 85 -174.49 34.90 26.65
CA LYS U 85 -175.23 33.65 26.79
C LYS U 85 -175.60 33.11 25.40
N GLU U 86 -175.52 31.80 25.22
CA GLU U 86 -176.06 31.17 24.03
C GLU U 86 -177.52 31.57 23.89
N GLY U 87 -177.87 32.13 22.74
CA GLY U 87 -179.23 32.57 22.48
C GLY U 87 -179.35 34.06 22.29
N GLU U 88 -178.44 34.82 22.91
CA GLU U 88 -178.49 36.29 22.93
C GLU U 88 -178.54 36.97 21.55
N LEU U 89 -179.18 38.13 21.50
CA LEU U 89 -179.27 38.92 20.27
C LEU U 89 -178.02 39.77 20.10
N VAL U 90 -177.44 39.73 18.90
CA VAL U 90 -176.18 40.41 18.60
C VAL U 90 -176.36 41.44 17.50
N LYS U 91 -175.91 42.67 17.75
CA LYS U 91 -176.07 43.77 16.80
C LYS U 91 -174.76 44.12 16.12
N ARG U 92 -174.87 44.60 14.88
CA ARG U 92 -173.74 45.13 14.13
C ARG U 92 -173.40 46.54 14.60
N THR U 93 -172.16 46.97 14.36
CA THR U 93 -171.81 48.37 14.56
C THR U 93 -171.64 49.09 13.24
N GLY U 94 -171.27 48.34 12.21
CA GLY U 94 -170.93 48.95 10.92
C GLY U 94 -169.54 49.55 10.97
N ASN U 95 -168.99 49.65 12.17
CA ASN U 95 -167.63 50.10 12.34
C ASN U 95 -166.66 48.94 12.38
N ILE U 96 -165.56 49.05 11.65
CA ILE U 96 -164.41 48.19 11.88
C ILE U 96 -163.76 48.70 13.16
N VAL U 97 -163.17 47.80 13.94
CA VAL U 97 -162.53 48.15 15.21
C VAL U 97 -161.83 49.51 15.16
N ASP U 98 -162.23 50.44 16.03
CA ASP U 98 -161.77 51.86 15.93
C ASP U 98 -161.75 52.69 17.23
N VAL U 99 -160.96 53.77 17.23
CA VAL U 99 -160.71 54.58 18.43
C VAL U 99 -160.96 56.09 18.24
N PRO U 100 -161.24 56.81 19.35
CA PRO U 100 -161.20 58.26 19.26
C PRO U 100 -159.76 58.71 19.12
N VAL U 101 -159.53 59.76 18.34
CA VAL U 101 -158.20 60.30 18.09
C VAL U 101 -158.23 61.82 18.11
N GLY U 102 -157.05 62.44 18.03
CA GLY U 102 -156.97 63.90 17.96
C GLY U 102 -156.42 64.55 19.22
N PRO U 103 -156.30 65.88 19.22
CA PRO U 103 -155.57 66.62 20.25
C PRO U 103 -156.10 66.37 21.66
N GLY U 104 -157.42 66.36 21.80
CA GLY U 104 -158.09 66.27 23.08
C GLY U 104 -157.51 65.23 24.03
N LEU U 105 -157.28 64.03 23.50
CA LEU U 105 -156.85 62.88 24.30
C LEU U 105 -155.76 63.14 25.34
N LEU U 106 -154.81 64.02 25.02
CA LEU U 106 -153.68 64.32 25.92
C LEU U 106 -154.12 64.58 27.36
N GLY U 107 -153.30 64.14 28.32
CA GLY U 107 -153.58 64.34 29.74
C GLY U 107 -154.71 63.48 30.29
N ARG U 108 -155.26 62.63 29.41
CA ARG U 108 -156.25 61.63 29.77
C ARG U 108 -155.68 60.21 29.71
N VAL U 109 -156.38 59.26 30.32
CA VAL U 109 -155.97 57.85 30.38
C VAL U 109 -157.09 56.94 29.91
N VAL U 110 -156.90 56.26 28.78
CA VAL U 110 -157.94 55.39 28.21
C VAL U 110 -157.60 53.90 28.08
N ASP U 111 -158.63 53.10 27.83
CA ASP U 111 -158.44 51.67 27.59
C ASP U 111 -158.41 51.40 26.08
N ALA U 112 -158.32 50.10 25.74
CA ALA U 112 -158.14 49.61 24.36
C ALA U 112 -159.20 50.09 23.37
N LEU U 113 -160.34 50.55 23.89
CA LEU U 113 -161.36 51.14 23.04
C LEU U 113 -161.53 52.65 23.25
N GLY U 114 -160.43 53.29 23.63
CA GLY U 114 -160.42 54.72 23.87
C GLY U 114 -161.54 55.12 24.82
N ASN U 115 -161.97 54.16 25.64
CA ASN U 115 -162.93 54.46 26.66
C ASN U 115 -162.22 55.11 27.82
N PRO U 116 -162.73 56.27 28.26
CA PRO U 116 -162.15 57.04 29.35
C PRO U 116 -162.22 56.21 30.63
N ILE U 117 -161.11 56.16 31.37
CA ILE U 117 -161.07 55.40 32.62
C ILE U 117 -160.47 56.15 33.81
N ASP U 118 -159.91 57.34 33.57
CA ASP U 118 -159.48 58.16 34.70
C ASP U 118 -160.68 58.84 35.36
N GLY U 119 -161.84 58.75 34.71
CA GLY U 119 -163.08 59.35 35.21
C GLY U 119 -163.16 60.86 35.03
N LYS U 120 -162.25 61.40 34.22
CA LYS U 120 -162.21 62.83 33.91
C LYS U 120 -163.12 63.16 32.71
N GLY U 121 -164.36 62.70 32.82
CA GLY U 121 -165.39 62.95 31.82
C GLY U 121 -165.34 62.07 30.58
N PRO U 122 -165.85 62.59 29.44
CA PRO U 122 -165.80 61.89 28.16
C PRO U 122 -164.53 62.24 27.39
N ILE U 123 -164.08 61.32 26.53
CA ILE U 123 -162.94 61.59 25.64
C ILE U 123 -163.31 62.63 24.59
N ASP U 124 -162.53 63.71 24.54
CA ASP U 124 -162.70 64.75 23.51
C ASP U 124 -161.93 64.38 22.23
N ALA U 125 -162.68 64.06 21.17
CA ALA U 125 -162.10 63.50 19.95
C ALA U 125 -161.98 64.50 18.82
N ALA U 126 -161.15 64.17 17.84
CA ALA U 126 -161.09 64.90 16.58
C ALA U 126 -161.83 64.09 15.52
N GLY U 127 -161.73 62.78 15.65
CA GLY U 127 -162.34 61.84 14.73
C GLY U 127 -162.14 60.43 15.25
N ARG U 128 -162.16 59.46 14.34
CA ARG U 128 -162.04 58.06 14.74
C ARG U 128 -161.24 57.23 13.74
N SER U 129 -159.99 56.93 14.10
CA SER U 129 -159.13 56.04 13.31
C SER U 129 -159.40 54.56 13.60
N ARG U 130 -159.27 53.74 12.56
CA ARG U 130 -159.30 52.31 12.73
C ARG U 130 -158.08 51.87 13.50
N ALA U 131 -158.21 50.82 14.30
CA ALA U 131 -157.06 50.23 14.95
C ALA U 131 -156.21 49.47 13.92
N GLN U 132 -156.83 49.12 12.79
CA GLN U 132 -156.12 48.48 11.68
C GLN U 132 -155.95 49.40 10.47
N VAL U 133 -154.90 50.23 10.51
CA VAL U 133 -154.51 51.04 9.36
C VAL U 133 -153.19 50.49 8.80
N LYS U 134 -152.94 50.74 7.52
CA LYS U 134 -151.74 50.26 6.85
C LYS U 134 -150.60 51.27 6.93
N ALA U 135 -149.38 50.77 6.75
CA ALA U 135 -148.17 51.55 7.01
C ALA U 135 -147.85 52.50 5.84
N PRO U 136 -147.30 53.69 6.14
CA PRO U 136 -146.82 54.54 5.04
C PRO U 136 -145.72 53.80 4.28
N GLY U 137 -145.88 53.70 2.96
CA GLY U 137 -145.04 52.84 2.11
C GLY U 137 -143.65 53.36 1.78
N ILE U 138 -143.14 52.94 0.62
CA ILE U 138 -141.78 53.27 0.18
C ILE U 138 -141.64 54.77 -0.14
N LEU U 139 -142.72 55.38 -0.59
CA LEU U 139 -142.62 56.69 -1.19
C LEU U 139 -142.91 57.90 -0.28
N PRO U 140 -143.90 57.78 0.63
CA PRO U 140 -144.24 58.97 1.44
C PRO U 140 -143.24 59.18 2.58
N ARG U 141 -142.16 58.40 2.55
CA ARG U 141 -141.19 58.31 3.62
C ARG U 141 -139.94 59.14 3.40
N ARG U 142 -139.21 59.34 4.50
CA ARG U 142 -138.05 60.20 4.51
C ARG U 142 -137.11 59.72 5.60
N SER U 143 -135.82 59.62 5.27
CA SER U 143 -134.75 59.30 6.22
C SER U 143 -134.79 60.11 7.53
N VAL U 144 -134.91 59.39 8.63
CA VAL U 144 -134.97 59.96 9.98
C VAL U 144 -133.73 60.81 10.24
N HIS U 145 -133.92 62.00 10.81
CA HIS U 145 -132.79 62.91 10.99
C HIS U 145 -132.80 63.81 12.23
N GLU U 146 -133.98 64.16 12.74
CA GLU U 146 -134.07 64.96 13.98
C GLU U 146 -133.89 64.01 15.16
N PRO U 147 -133.01 64.38 16.12
CA PRO U 147 -132.79 63.52 17.28
C PRO U 147 -133.92 63.57 18.29
N VAL U 148 -134.12 62.47 19.01
CA VAL U 148 -135.00 62.46 20.16
C VAL U 148 -134.10 62.43 21.39
N GLN U 149 -133.94 63.58 22.04
CA GLN U 149 -132.99 63.73 23.15
C GLN U 149 -133.51 63.04 24.41
N THR U 150 -132.84 61.97 24.82
CA THR U 150 -133.32 61.14 25.93
C THR U 150 -132.76 61.62 27.26
N GLY U 151 -131.74 62.47 27.17
CA GLY U 151 -131.07 63.01 28.35
C GLY U 151 -130.21 61.99 29.05
N LEU U 152 -130.01 60.86 28.39
CA LEU U 152 -129.30 59.73 28.99
C LEU U 152 -127.99 59.45 28.29
N LYS U 153 -126.92 59.90 28.93
CA LYS U 153 -125.55 59.88 28.40
C LYS U 153 -125.29 58.61 27.58
N ALA U 154 -125.44 57.47 28.23
CA ALA U 154 -125.18 56.17 27.60
C ALA U 154 -125.96 56.03 26.31
N VAL U 155 -127.20 56.50 26.30
CA VAL U 155 -128.07 56.42 25.12
C VAL U 155 -127.64 57.45 24.06
N ASP U 156 -127.83 58.74 24.37
CA ASP U 156 -127.55 59.84 23.42
C ASP U 156 -126.20 59.73 22.73
N ALA U 157 -125.15 59.49 23.49
CA ALA U 157 -123.81 59.31 22.95
C ALA U 157 -123.68 58.04 22.09
N LEU U 158 -124.10 56.90 22.63
CA LEU U 158 -123.81 55.62 21.99
C LEU U 158 -124.89 55.12 21.05
N VAL U 159 -126.09 54.90 21.57
CA VAL U 159 -127.21 54.45 20.72
C VAL U 159 -128.28 55.53 20.65
N PRO U 160 -128.08 56.55 19.80
CA PRO U 160 -128.99 57.70 19.78
C PRO U 160 -130.23 57.37 18.96
N ILE U 161 -131.34 58.02 19.26
CA ILE U 161 -132.60 57.69 18.58
C ILE U 161 -133.21 58.87 17.86
N GLY U 162 -133.36 58.78 16.54
CA GLY U 162 -134.00 59.83 15.77
C GLY U 162 -135.53 59.75 15.83
N ARG U 163 -136.19 60.83 15.42
CA ARG U 163 -137.64 60.85 15.31
C ARG U 163 -138.04 60.01 14.12
N GLY U 164 -138.97 59.08 14.33
CA GLY U 164 -139.43 58.18 13.27
C GLY U 164 -138.77 56.82 13.33
N GLN U 165 -137.59 56.78 13.98
CA GLN U 165 -136.89 55.53 14.24
C GLN U 165 -137.67 54.70 15.25
N ARG U 166 -137.42 53.39 15.23
CA ARG U 166 -138.13 52.44 16.06
C ARG U 166 -137.10 51.68 16.87
N GLU U 167 -136.85 52.16 18.09
CA GLU U 167 -135.80 51.60 18.95
C GLU U 167 -136.31 50.66 20.04
N LEU U 168 -135.76 49.44 20.08
CA LEU U 168 -136.17 48.45 21.07
C LEU U 168 -135.46 48.61 22.43
N ILE U 169 -136.16 48.22 23.48
CA ILE U 169 -135.62 48.17 24.83
C ILE U 169 -135.77 46.73 25.32
N ILE U 170 -134.67 45.99 25.38
CA ILE U 170 -134.74 44.55 25.60
C ILE U 170 -133.84 44.09 26.73
N GLY U 171 -134.44 43.82 27.88
CA GLY U 171 -133.69 43.34 29.04
C GLY U 171 -134.43 42.30 29.85
N ASP U 172 -133.79 41.81 30.91
CA ASP U 172 -134.47 40.94 31.87
C ASP U 172 -135.33 41.81 32.80
N ARG U 173 -136.34 41.20 33.40
CA ARG U 173 -137.18 41.89 34.39
C ARG U 173 -136.34 42.59 35.45
N GLN U 174 -136.72 43.81 35.81
CA GLN U 174 -136.03 44.59 36.83
C GLN U 174 -134.68 45.15 36.39
N THR U 175 -134.61 45.67 35.16
CA THR U 175 -133.33 46.13 34.61
C THR U 175 -133.29 47.64 34.32
N GLY U 176 -134.43 48.30 34.50
CA GLY U 176 -134.56 49.70 34.10
C GLY U 176 -134.99 49.84 32.65
N LYS U 177 -135.91 49.00 32.21
CA LYS U 177 -136.48 49.08 30.87
C LYS U 177 -137.51 50.20 30.81
N THR U 178 -138.38 50.27 31.82
CA THR U 178 -139.34 51.37 31.92
C THR U 178 -138.58 52.65 32.26
N ALA U 179 -137.68 52.56 33.23
CA ALA U 179 -136.85 53.67 33.64
C ALA U 179 -136.35 54.44 32.43
N VAL U 180 -135.69 53.72 31.52
CA VAL U 180 -135.19 54.30 30.27
C VAL U 180 -136.31 55.00 29.50
N ALA U 181 -137.40 54.27 29.28
CA ALA U 181 -138.54 54.80 28.52
C ALA U 181 -139.17 56.00 29.22
N LEU U 182 -139.53 55.82 30.50
CA LEU U 182 -140.12 56.87 31.33
C LEU U 182 -139.28 58.15 31.30
N ASP U 183 -137.98 57.99 31.50
CA ASP U 183 -137.04 59.11 31.54
C ASP U 183 -137.04 59.95 30.26
N THR U 184 -137.23 59.30 29.11
CA THR U 184 -137.36 60.00 27.84
C THR U 184 -138.64 60.84 27.85
N ILE U 185 -139.74 60.23 28.29
CA ILE U 185 -141.03 60.91 28.39
C ILE U 185 -140.92 62.13 29.30
N LEU U 186 -140.01 62.06 30.26
CA LEU U 186 -139.77 63.18 31.16
C LEU U 186 -139.02 64.32 30.45
N ASN U 187 -137.92 63.94 29.80
CA ASN U 187 -136.97 64.88 29.19
C ASN U 187 -137.56 65.88 28.17
N GLN U 188 -138.64 65.49 27.50
CA GLN U 188 -139.26 66.31 26.44
C GLN U 188 -139.83 67.64 26.95
N LYS U 189 -139.92 67.78 28.27
CA LYS U 189 -140.45 68.97 28.90
C LYS U 189 -139.66 70.23 28.52
N ARG U 190 -138.36 70.08 28.31
CA ARG U 190 -137.51 71.18 27.81
C ARG U 190 -138.12 71.78 26.55
N TRP U 191 -138.69 70.92 25.71
CA TRP U 191 -139.19 71.32 24.39
C TRP U 191 -140.70 71.52 24.31
N ASN U 192 -141.45 70.62 24.94
CA ASN U 192 -142.91 70.69 24.91
C ASN U 192 -143.47 71.89 25.67
N ASN U 193 -142.59 72.60 26.35
CA ASN U 193 -142.90 73.85 27.06
C ASN U 193 -143.01 75.09 26.15
N GLY U 194 -142.03 75.27 25.27
CA GLY U 194 -141.87 76.52 24.50
C GLY U 194 -142.73 76.70 23.24
N SER U 195 -142.61 77.89 22.65
CA SER U 195 -143.38 78.31 21.46
C SER U 195 -143.24 77.36 20.28
N ASP U 196 -142.07 76.72 20.20
CA ASP U 196 -141.64 75.90 19.05
C ASP U 196 -142.51 74.67 18.75
N GLU U 197 -143.22 74.76 17.62
CA GLU U 197 -144.15 73.73 17.17
C GLU U 197 -143.50 72.44 16.64
N SER U 198 -142.26 72.55 16.21
CA SER U 198 -141.54 71.47 15.54
C SER U 198 -140.60 70.69 16.46
N LYS U 199 -140.18 71.35 17.54
CA LYS U 199 -139.34 70.75 18.58
C LYS U 199 -140.13 69.84 19.55
N LYS U 200 -141.45 69.80 19.37
CA LYS U 200 -142.36 69.13 20.30
C LYS U 200 -142.56 67.66 19.95
N LEU U 201 -142.46 66.80 20.97
CA LEU U 201 -142.74 65.37 20.83
C LEU U 201 -143.73 64.94 21.92
N TYR U 202 -144.93 64.57 21.50
CA TYR U 202 -145.94 64.06 22.43
C TYR U 202 -145.73 62.57 22.73
N CYS U 203 -146.21 62.13 23.90
CA CYS U 203 -145.92 60.79 24.39
C CYS U 203 -147.17 59.92 24.47
N VAL U 204 -147.05 58.70 23.97
CA VAL U 204 -148.11 57.72 24.09
C VAL U 204 -147.57 56.51 24.84
N TYR U 205 -148.11 56.27 26.02
CA TYR U 205 -147.70 55.12 26.80
C TYR U 205 -148.79 54.07 26.79
N VAL U 206 -148.53 53.00 26.03
CA VAL U 206 -149.33 51.79 26.10
C VAL U 206 -148.81 51.00 27.29
N ALA U 207 -149.72 50.41 28.06
CA ALA U 207 -149.39 49.63 29.26
C ALA U 207 -149.86 48.16 29.22
N VAL U 208 -149.26 47.38 28.31
CA VAL U 208 -149.76 46.04 27.97
C VAL U 208 -149.42 44.92 28.97
N GLY U 209 -150.46 44.44 29.65
CA GLY U 209 -150.32 43.36 30.62
C GLY U 209 -149.79 43.75 31.99
N GLN U 210 -149.71 45.06 32.23
CA GLN U 210 -149.18 45.60 33.48
C GLN U 210 -150.19 45.49 34.62
N LYS U 211 -149.78 45.92 35.82
CA LYS U 211 -150.71 45.97 36.95
C LYS U 211 -151.45 47.31 37.03
N ARG U 212 -152.64 47.27 37.61
CA ARG U 212 -153.45 48.49 37.82
C ARG U 212 -152.72 49.44 38.77
N SER U 213 -152.08 48.85 39.77
CA SER U 213 -151.29 49.56 40.75
C SER U 213 -150.08 50.23 40.09
N THR U 214 -149.35 49.49 39.25
CA THR U 214 -148.15 49.99 38.57
C THR U 214 -148.47 51.22 37.71
N VAL U 215 -149.60 51.18 37.02
CA VAL U 215 -150.04 52.26 36.10
C VAL U 215 -150.42 53.54 36.87
N ALA U 216 -151.14 53.35 37.97
CA ALA U 216 -151.50 54.45 38.86
C ALA U 216 -150.26 55.27 39.19
N GLN U 217 -149.32 54.61 39.83
CA GLN U 217 -148.07 55.24 40.24
C GLN U 217 -147.29 55.79 39.06
N LEU U 218 -147.41 55.14 37.91
CA LEU U 218 -146.76 55.61 36.70
C LEU U 218 -147.41 56.87 36.16
N VAL U 219 -148.73 57.02 36.36
CA VAL U 219 -149.42 58.28 36.05
C VAL U 219 -149.08 59.37 37.09
N GLN U 220 -149.14 59.00 38.36
CA GLN U 220 -148.70 59.85 39.47
C GLN U 220 -147.34 60.49 39.19
N THR U 221 -146.35 59.68 38.86
CA THR U 221 -145.00 60.19 38.61
C THR U 221 -144.92 60.97 37.29
N LEU U 222 -145.88 60.77 36.39
CA LEU U 222 -145.96 61.60 35.17
C LEU U 222 -146.66 62.92 35.44
N GLU U 223 -147.56 62.94 36.41
CA GLU U 223 -148.17 64.18 36.88
C GLU U 223 -147.27 64.91 37.85
N GLN U 224 -146.50 64.15 38.63
CA GLN U 224 -145.52 64.73 39.55
C GLN U 224 -144.42 65.49 38.80
N HIS U 225 -144.25 65.16 37.52
CA HIS U 225 -143.30 65.85 36.66
C HIS U 225 -144.00 66.66 35.57
N ASP U 226 -145.32 66.78 35.69
CA ASP U 226 -146.16 67.63 34.84
C ASP U 226 -146.38 67.07 33.45
N ALA U 227 -145.57 66.07 33.08
CA ALA U 227 -145.56 65.48 31.73
C ALA U 227 -146.92 64.90 31.29
N MET U 228 -147.89 64.92 32.20
CA MET U 228 -149.23 64.44 31.89
C MET U 228 -149.89 65.28 30.81
N LYS U 229 -149.91 66.60 31.03
CA LYS U 229 -150.45 67.58 30.09
C LYS U 229 -150.15 67.29 28.61
N TYR U 230 -148.96 66.74 28.34
CA TYR U 230 -148.55 66.45 26.97
C TYR U 230 -148.50 64.97 26.58
N SER U 231 -149.11 64.10 27.39
CA SER U 231 -149.06 62.67 27.14
C SER U 231 -150.41 61.95 27.26
N ILE U 232 -150.64 60.97 26.38
CA ILE U 232 -151.77 60.07 26.49
C ILE U 232 -151.34 58.64 26.91
N ILE U 233 -152.11 58.07 27.83
CA ILE U 233 -151.85 56.73 28.34
C ILE U 233 -153.02 55.81 28.01
N VAL U 234 -152.70 54.71 27.33
CA VAL U 234 -153.63 53.61 27.07
C VAL U 234 -153.13 52.39 27.84
N ALA U 235 -154.01 51.78 28.63
CA ALA U 235 -153.61 50.62 29.43
C ALA U 235 -154.62 49.50 29.42
N ALA U 236 -154.08 48.29 29.27
CA ALA U 236 -154.83 47.03 29.25
C ALA U 236 -154.18 46.10 30.26
N THR U 237 -154.49 46.30 31.55
CA THR U 237 -153.82 45.60 32.65
C THR U 237 -154.02 44.07 32.67
N ALA U 238 -153.24 43.37 33.50
CA ALA U 238 -153.15 41.89 33.51
C ALA U 238 -154.49 41.15 33.77
N SER U 239 -155.51 41.89 34.20
CA SER U 239 -156.85 41.32 34.44
C SER U 239 -157.68 41.29 33.17
N GLU U 240 -157.55 42.33 32.35
CA GLU U 240 -158.39 42.54 31.15
C GLU U 240 -158.33 41.44 30.13
N ALA U 241 -159.29 41.47 29.20
CA ALA U 241 -159.42 40.42 28.21
C ALA U 241 -158.22 40.31 27.28
N ALA U 242 -157.86 39.06 26.96
CA ALA U 242 -156.81 38.76 25.99
C ALA U 242 -156.85 39.64 24.74
N PRO U 243 -158.01 39.79 24.07
CA PRO U 243 -158.02 40.64 22.88
C PRO U 243 -158.00 42.13 23.20
N LEU U 244 -158.17 42.51 24.47
CA LEU U 244 -157.97 43.90 24.81
C LEU U 244 -156.47 44.13 24.85
N GLN U 245 -155.77 43.38 25.70
CA GLN U 245 -154.30 43.40 25.77
C GLN U 245 -153.60 43.25 24.41
N TYR U 246 -154.32 42.68 23.44
CA TYR U 246 -153.80 42.45 22.09
C TYR U 246 -154.08 43.68 21.21
N LEU U 247 -155.28 44.24 21.37
CA LEU U 247 -155.72 45.34 20.54
C LEU U 247 -155.12 46.70 20.98
N ALA U 248 -154.61 46.71 22.20
CA ALA U 248 -154.17 47.94 22.87
C ALA U 248 -153.09 48.74 22.14
N PRO U 249 -151.96 48.08 21.76
CA PRO U 249 -150.89 48.76 21.04
C PRO U 249 -151.32 49.34 19.70
N PHE U 250 -152.18 48.59 19.00
CA PHE U 250 -152.74 49.02 17.73
C PHE U 250 -153.56 50.29 17.82
N THR U 251 -154.44 50.34 18.81
CA THR U 251 -155.31 51.49 19.00
C THR U 251 -154.51 52.70 19.48
N ALA U 252 -153.51 52.45 20.31
CA ALA U 252 -152.55 53.46 20.69
C ALA U 252 -151.83 53.95 19.43
N ALA U 253 -151.50 53.01 18.55
CA ALA U 253 -150.82 53.31 17.30
C ALA U 253 -151.55 54.39 16.49
N SER U 254 -152.87 54.24 16.34
CA SER U 254 -153.72 55.19 15.62
C SER U 254 -153.78 56.52 16.33
N ILE U 255 -153.88 56.48 17.65
CA ILE U 255 -153.88 57.67 18.48
C ILE U 255 -152.64 58.52 18.23
N GLY U 256 -151.47 57.89 18.29
CA GLY U 256 -150.22 58.54 17.95
C GLY U 256 -150.18 58.94 16.49
N GLU U 257 -150.70 58.09 15.61
CA GLU U 257 -150.68 58.28 14.16
C GLU U 257 -151.26 59.62 13.75
N TRP U 258 -152.26 60.10 14.50
CA TRP U 258 -152.89 61.39 14.23
C TRP U 258 -151.87 62.53 14.14
N PHE U 259 -150.90 62.54 15.06
CA PHE U 259 -149.86 63.57 15.13
C PHE U 259 -148.88 63.49 13.97
N ARG U 260 -148.38 62.29 13.71
CA ARG U 260 -147.53 61.99 12.56
C ARG U 260 -148.20 62.41 11.24
N ASP U 261 -149.54 62.41 11.22
CA ASP U 261 -150.31 62.78 10.03
C ASP U 261 -150.54 64.28 9.90
N ASN U 262 -150.85 64.92 11.02
CA ASN U 262 -151.07 66.36 11.04
C ASN U 262 -149.80 67.15 11.34
N GLY U 263 -148.70 66.67 10.78
CA GLY U 263 -147.44 67.41 10.71
C GLY U 263 -146.72 67.63 12.03
N LYS U 264 -147.05 66.82 13.03
CA LYS U 264 -146.41 66.92 14.34
C LYS U 264 -145.58 65.68 14.65
N HIS U 265 -145.02 65.65 15.86
CA HIS U 265 -144.19 64.53 16.29
C HIS U 265 -144.72 63.87 17.54
N ALA U 266 -144.75 62.53 17.54
CA ALA U 266 -145.27 61.76 18.67
C ALA U 266 -144.32 60.64 19.03
N LEU U 267 -144.23 60.32 20.33
CA LEU U 267 -143.43 59.18 20.80
C LEU U 267 -144.26 58.13 21.53
N ILE U 268 -144.61 57.08 20.81
CA ILE U 268 -145.30 55.90 21.36
C ILE U 268 -144.34 54.90 22.07
N VAL U 269 -144.78 54.36 23.20
CA VAL U 269 -144.00 53.38 23.97
C VAL U 269 -144.80 52.08 24.22
N TYR U 270 -144.32 50.98 23.66
CA TYR U 270 -145.02 49.69 23.73
C TYR U 270 -144.54 48.81 24.88
N ASP U 271 -145.16 48.98 26.05
CA ASP U 271 -144.66 48.34 27.26
C ASP U 271 -145.64 47.31 27.84
N ASP U 272 -145.44 46.03 27.50
CA ASP U 272 -144.42 45.60 26.53
C ASP U 272 -145.01 44.78 25.38
N LEU U 273 -144.20 44.57 24.35
CA LEU U 273 -144.61 43.66 23.29
C LEU U 273 -144.62 42.17 23.71
N SER U 274 -143.77 41.76 24.65
CA SER U 274 -143.71 40.36 25.08
C SER U 274 -145.00 39.92 25.75
N LYS U 275 -145.66 40.86 26.42
CA LYS U 275 -146.94 40.56 27.06
C LYS U 275 -148.06 40.69 26.06
N GLN U 276 -147.83 41.46 25.00
CA GLN U 276 -148.81 41.52 23.94
C GLN U 276 -148.76 40.22 23.20
N ALA U 277 -147.56 39.76 22.88
CA ALA U 277 -147.38 38.52 22.13
C ALA U 277 -148.08 37.44 22.92
N VAL U 278 -147.90 37.46 24.23
CA VAL U 278 -148.47 36.40 25.03
C VAL U 278 -149.99 36.36 25.00
N ALA U 279 -150.63 37.52 24.97
CA ALA U 279 -152.07 37.58 24.84
C ALA U 279 -152.49 36.96 23.51
N TYR U 280 -151.73 37.24 22.46
CA TYR U 280 -152.00 36.66 21.16
C TYR U 280 -151.85 35.15 21.21
N ARG U 281 -150.83 34.65 21.89
CA ARG U 281 -150.68 33.23 21.98
C ARG U 281 -151.96 32.68 22.57
N GLN U 282 -152.65 33.52 23.36
CA GLN U 282 -153.87 33.09 24.07
C GLN U 282 -154.97 32.77 23.06
N LEU U 283 -155.55 33.83 22.50
CA LEU U 283 -156.53 33.72 21.42
C LEU U 283 -156.18 32.65 20.39
N SER U 284 -154.91 32.59 20.00
CA SER U 284 -154.48 31.80 18.87
C SER U 284 -154.57 30.34 19.18
N LEU U 285 -154.31 30.04 20.45
CA LEU U 285 -154.39 28.69 20.97
C LEU U 285 -155.84 28.27 21.34
N LEU U 286 -156.67 29.26 21.67
CA LEU U 286 -158.08 28.99 21.93
C LEU U 286 -158.85 28.89 20.62
N LEU U 287 -158.30 29.49 19.56
CA LEU U 287 -158.90 29.36 18.23
C LEU U 287 -158.32 28.16 17.52
N ARG U 288 -157.45 27.46 18.25
CA ARG U 288 -156.86 26.18 17.85
C ARG U 288 -156.02 26.20 16.58
N ARG U 289 -155.28 27.31 16.39
CA ARG U 289 -154.19 27.40 15.40
C ARG U 289 -152.98 26.63 15.93
N PRO U 290 -152.29 25.87 15.07
CA PRO U 290 -151.09 25.14 15.50
C PRO U 290 -150.06 26.05 16.20
N PRO U 291 -149.43 25.53 17.29
CA PRO U 291 -148.31 26.21 17.98
C PRO U 291 -146.98 25.98 17.24
N GLY U 292 -146.20 27.04 17.04
CA GLY U 292 -144.85 26.96 16.44
C GLY U 292 -143.76 26.82 17.50
N ARG U 293 -142.75 27.70 17.47
CA ARG U 293 -141.73 27.74 18.52
C ARG U 293 -142.36 28.31 19.77
N GLU U 294 -141.89 27.83 20.92
CA GLU U 294 -142.43 28.20 22.22
C GLU U 294 -143.96 28.39 22.22
N ALA U 295 -144.65 27.48 21.54
CA ALA U 295 -146.13 27.45 21.44
C ALA U 295 -146.79 28.68 20.80
N TYR U 296 -145.97 29.48 20.10
CA TYR U 296 -146.43 30.69 19.44
C TYR U 296 -146.98 30.40 18.04
N PRO U 297 -148.03 31.13 17.63
CA PRO U 297 -148.60 30.94 16.29
C PRO U 297 -147.63 31.49 15.26
N GLY U 298 -147.65 30.93 14.05
CA GLY U 298 -146.72 31.31 12.98
C GLY U 298 -146.73 32.79 12.56
N ASP U 299 -147.72 33.53 13.03
CA ASP U 299 -147.91 34.89 12.60
C ASP U 299 -147.54 35.91 13.65
N VAL U 300 -146.92 35.45 14.74
CA VAL U 300 -146.57 36.33 15.86
C VAL U 300 -145.60 37.45 15.46
N PHE U 301 -144.83 37.19 14.41
CA PHE U 301 -143.96 38.19 13.79
C PHE U 301 -144.81 39.32 13.24
N TYR U 302 -145.69 38.94 12.32
CA TYR U 302 -146.58 39.86 11.58
C TYR U 302 -147.35 40.78 12.49
N LEU U 303 -147.65 40.27 13.70
CA LEU U 303 -148.26 41.05 14.76
C LEU U 303 -147.45 42.33 15.01
N HIS U 304 -146.17 42.12 15.32
CA HIS U 304 -145.32 43.22 15.71
C HIS U 304 -144.82 43.97 14.50
N SER U 305 -144.57 43.25 13.42
CA SER U 305 -144.05 43.89 12.24
C SER U 305 -145.08 44.92 11.75
N ARG U 306 -146.31 44.47 11.59
CA ARG U 306 -147.36 45.32 11.07
C ARG U 306 -147.74 46.45 12.03
N LEU U 307 -147.29 46.33 13.27
CA LEU U 307 -147.48 47.38 14.25
C LEU U 307 -146.39 48.45 14.13
N LEU U 308 -145.14 48.00 14.24
CA LEU U 308 -143.99 48.89 14.30
C LEU U 308 -143.84 49.70 13.01
N GLU U 309 -144.23 49.07 11.90
CA GLU U 309 -144.11 49.67 10.57
C GLU U 309 -144.82 51.00 10.51
N ARG U 310 -145.58 51.32 11.54
CA ARG U 310 -146.39 52.54 11.58
C ARG U 310 -145.61 53.70 12.22
N ALA U 311 -144.78 53.38 13.19
CA ALA U 311 -143.81 54.33 13.70
C ALA U 311 -142.93 54.70 12.54
N ALA U 312 -142.85 55.97 12.19
CA ALA U 312 -142.26 56.31 10.90
C ALA U 312 -142.02 57.82 10.72
N LYS U 313 -141.10 58.15 9.82
CA LYS U 313 -140.83 59.54 9.44
C LYS U 313 -141.34 59.83 8.03
N LEU U 314 -142.07 60.93 7.88
CA LEU U 314 -142.72 61.22 6.62
C LEU U 314 -141.88 62.17 5.76
N SER U 315 -142.18 62.18 4.47
CA SER U 315 -141.50 63.06 3.52
C SER U 315 -142.02 64.50 3.58
N GLU U 316 -141.22 65.43 3.07
CA GLU U 316 -141.58 66.85 3.07
C GLU U 316 -142.94 67.11 2.43
N LYS U 317 -143.38 66.18 1.59
CA LYS U 317 -144.64 66.30 0.86
C LYS U 317 -145.84 65.96 1.73
N GLU U 318 -145.60 65.27 2.83
CA GLU U 318 -146.68 64.78 3.69
C GLU U 318 -146.56 65.37 5.09
N GLY U 319 -146.11 66.62 5.15
CA GLY U 319 -146.05 67.38 6.39
C GLY U 319 -144.82 67.13 7.26
N SER U 320 -144.11 66.04 6.98
CA SER U 320 -142.97 65.57 7.78
C SER U 320 -143.32 65.29 9.26
N GLY U 321 -144.46 64.65 9.49
CA GLY U 321 -144.79 64.11 10.79
C GLY U 321 -143.96 62.88 11.12
N SER U 322 -143.86 62.55 12.40
CA SER U 322 -143.02 61.45 12.84
C SER U 322 -143.56 60.78 14.11
N LEU U 323 -143.36 59.47 14.21
CA LEU U 323 -143.88 58.64 15.31
C LEU U 323 -142.83 57.63 15.71
N THR U 324 -142.47 57.62 17.00
CA THR U 324 -141.26 56.90 17.45
C THR U 324 -141.54 55.72 18.39
N ALA U 325 -141.53 54.53 17.82
CA ALA U 325 -141.76 53.32 18.60
C ALA U 325 -140.62 53.06 19.58
N LEU U 326 -140.97 52.96 20.86
CA LEU U 326 -140.06 52.42 21.87
C LEU U 326 -140.69 51.18 22.47
N PRO U 327 -140.65 50.09 21.71
CA PRO U 327 -141.18 48.86 22.25
C PRO U 327 -140.25 48.35 23.32
N VAL U 328 -140.79 47.51 24.19
CA VAL U 328 -140.05 46.87 25.25
C VAL U 328 -140.22 45.34 25.14
N ILE U 329 -139.12 44.66 24.89
CA ILE U 329 -139.13 43.21 25.05
C ILE U 329 -138.53 42.93 26.44
N GLU U 330 -139.03 41.87 27.08
CA GLU U 330 -138.46 41.41 28.31
C GLU U 330 -137.98 39.97 28.13
N THR U 331 -136.67 39.75 28.27
CA THR U 331 -136.07 38.44 28.03
C THR U 331 -136.14 37.56 29.26
N GLN U 332 -135.50 36.38 29.18
CA GLN U 332 -135.59 35.35 30.22
C GLN U 332 -134.22 34.76 30.51
N GLY U 333 -133.68 35.04 31.69
CA GLY U 333 -132.29 34.67 31.98
C GLY U 333 -131.35 35.21 30.91
N GLY U 334 -131.60 36.46 30.50
CA GLY U 334 -130.74 37.21 29.59
C GLY U 334 -130.74 36.81 28.12
N ASP U 335 -131.74 36.03 27.70
CA ASP U 335 -131.71 35.37 26.39
C ASP U 335 -132.16 36.24 25.21
N VAL U 336 -131.17 36.70 24.45
CA VAL U 336 -131.41 37.44 23.21
C VAL U 336 -131.92 36.52 22.11
N SER U 337 -131.37 35.31 22.09
CA SER U 337 -131.61 34.35 21.02
C SER U 337 -133.06 33.83 20.93
N ALA U 338 -133.91 34.22 21.88
CA ALA U 338 -135.29 33.73 21.92
C ALA U 338 -136.16 34.18 20.74
N TYR U 339 -137.22 33.41 20.53
CA TYR U 339 -138.01 33.43 19.31
C TYR U 339 -138.81 34.69 19.17
N ILE U 340 -139.26 35.25 20.30
CA ILE U 340 -139.91 36.57 20.28
C ILE U 340 -138.91 37.74 20.05
N PRO U 341 -137.89 37.89 20.95
CA PRO U 341 -136.82 38.92 20.81
C PRO U 341 -136.22 39.00 19.41
N THR U 342 -135.66 37.91 18.90
CA THR U 342 -135.24 37.86 17.50
C THR U 342 -136.26 38.51 16.52
N ASN U 343 -137.55 38.18 16.68
CA ASN U 343 -138.58 38.63 15.77
C ASN U 343 -138.64 40.13 15.86
N VAL U 344 -138.63 40.64 17.09
CA VAL U 344 -138.76 42.08 17.27
C VAL U 344 -137.49 42.81 16.84
N ILE U 345 -136.33 42.26 17.18
CA ILE U 345 -135.07 42.85 16.70
C ILE U 345 -134.94 42.82 15.18
N SER U 346 -135.45 41.77 14.55
CA SER U 346 -135.49 41.69 13.08
C SER U 346 -136.57 42.58 12.49
N ILE U 347 -137.39 43.19 13.36
CA ILE U 347 -138.34 44.27 12.97
C ILE U 347 -137.83 45.68 13.24
N THR U 348 -137.28 45.94 14.43
CA THR U 348 -136.89 47.30 14.84
C THR U 348 -135.65 47.85 14.17
N ASP U 349 -135.31 49.10 14.48
CA ASP U 349 -134.13 49.76 13.92
C ASP U 349 -132.95 49.76 14.89
N GLY U 350 -132.80 48.63 15.59
CA GLY U 350 -131.76 48.45 16.60
C GLY U 350 -132.38 48.17 17.96
N GLN U 351 -131.54 48.02 18.98
CA GLN U 351 -131.99 47.67 20.33
C GLN U 351 -131.05 48.17 21.41
N ILE U 352 -131.59 48.42 22.59
CA ILE U 352 -130.79 48.82 23.76
C ILE U 352 -130.80 47.69 24.81
N PHE U 353 -130.00 46.66 24.56
CA PHE U 353 -129.97 45.51 25.45
C PHE U 353 -129.46 45.89 26.83
N LEU U 354 -130.36 45.86 27.81
CA LEU U 354 -129.98 46.11 29.20
C LEU U 354 -129.69 44.81 29.93
N GLU U 355 -128.42 44.66 30.32
CA GLU U 355 -127.92 43.45 30.96
C GLU U 355 -127.96 43.52 32.49
N ALA U 356 -128.48 42.45 33.10
CA ALA U 356 -128.72 42.39 34.54
C ALA U 356 -127.44 42.35 35.36
N GLU U 357 -126.44 41.62 34.86
CA GLU U 357 -125.16 41.47 35.55
C GLU U 357 -124.50 42.82 35.88
N LEU U 358 -124.61 43.77 34.97
CA LEU U 358 -124.13 45.14 35.18
C LEU U 358 -124.98 45.89 36.21
N PHE U 359 -126.30 45.71 36.12
CA PHE U 359 -127.30 46.38 36.96
C PHE U 359 -127.24 45.91 38.41
N TYR U 360 -126.81 44.65 38.58
CA TYR U 360 -126.54 44.03 39.87
C TYR U 360 -125.25 44.61 40.48
N LYS U 361 -124.35 45.09 39.63
CA LYS U 361 -123.13 45.73 40.10
C LYS U 361 -123.29 47.24 40.28
N GLY U 362 -124.53 47.73 40.13
CA GLY U 362 -124.84 49.16 40.35
C GLY U 362 -124.60 50.12 39.18
N ILE U 363 -124.42 49.54 37.99
CA ILE U 363 -124.20 50.28 36.74
C ILE U 363 -125.56 50.61 36.12
N ARG U 364 -125.91 51.91 36.08
CA ARG U 364 -127.27 52.31 35.70
C ARG U 364 -127.29 53.58 34.83
N PRO U 365 -127.89 53.50 33.62
CA PRO U 365 -128.62 52.37 33.06
C PRO U 365 -127.64 51.33 32.52
N ALA U 366 -127.90 50.07 32.84
CA ALA U 366 -126.99 48.98 32.51
C ALA U 366 -126.99 48.58 31.03
N ILE U 367 -126.55 49.49 30.16
CA ILE U 367 -126.48 49.21 28.74
C ILE U 367 -125.24 48.40 28.39
N ASN U 368 -125.46 47.15 27.98
CA ASN U 368 -124.45 46.35 27.29
C ASN U 368 -124.19 47.00 25.93
N VAL U 369 -122.94 47.38 25.71
CA VAL U 369 -122.59 48.15 24.52
C VAL U 369 -122.51 47.24 23.29
N GLY U 370 -121.68 46.22 23.34
CA GLY U 370 -121.56 45.25 22.25
C GLY U 370 -122.82 44.43 21.92
N LEU U 371 -123.95 44.76 22.56
CA LEU U 371 -125.24 44.13 22.23
C LEU U 371 -126.39 45.12 21.99
N SER U 372 -126.11 46.41 22.20
CA SER U 372 -127.00 47.51 21.82
C SER U 372 -126.48 48.15 20.55
N VAL U 373 -127.38 48.63 19.70
CA VAL U 373 -126.99 49.35 18.50
C VAL U 373 -128.12 50.26 18.04
N SER U 374 -127.82 51.51 17.72
CA SER U 374 -128.79 52.31 16.96
C SER U 374 -128.44 52.16 15.49
N ARG U 375 -129.43 51.88 14.65
CA ARG U 375 -129.13 51.53 13.27
C ARG U 375 -129.22 52.69 12.33
N VAL U 376 -130.02 53.68 12.71
CA VAL U 376 -130.29 54.79 11.81
C VAL U 376 -130.18 56.17 12.49
N GLY U 377 -129.66 56.20 13.73
CA GLY U 377 -129.57 57.45 14.50
C GLY U 377 -128.18 58.10 14.56
N SER U 378 -127.17 57.31 14.20
CA SER U 378 -125.76 57.69 14.14
C SER U 378 -125.53 58.69 13.00
N ALA U 379 -126.66 59.12 12.43
CA ALA U 379 -126.75 60.10 11.37
C ALA U 379 -127.92 61.03 11.74
N ALA U 380 -128.53 60.74 12.88
CA ALA U 380 -129.62 61.56 13.43
C ALA U 380 -129.20 62.30 14.70
N GLN U 381 -128.12 61.85 15.34
CA GLN U 381 -127.65 62.45 16.60
C GLN U 381 -127.20 63.90 16.45
N VAL U 382 -127.32 64.67 17.54
CA VAL U 382 -126.77 66.01 17.60
C VAL U 382 -125.26 66.00 17.28
N LYS U 383 -124.89 66.77 16.27
CA LYS U 383 -123.49 66.94 15.85
C LYS U 383 -122.53 66.98 17.04
N ALA U 384 -122.64 68.05 17.84
CA ALA U 384 -121.76 68.31 18.99
C ALA U 384 -121.22 67.06 19.68
N LEU U 385 -122.12 66.12 20.00
CA LEU U 385 -121.78 64.90 20.71
C LEU U 385 -120.98 63.92 19.85
N LYS U 386 -121.40 63.74 18.59
CA LYS U 386 -120.75 62.84 17.64
C LYS U 386 -119.28 63.23 17.42
N GLN U 387 -119.05 64.54 17.31
CA GLN U 387 -117.71 65.13 17.24
C GLN U 387 -116.86 64.73 18.44
N VAL U 388 -117.44 64.88 19.64
CA VAL U 388 -116.73 64.65 20.90
C VAL U 388 -116.71 63.17 21.35
N ALA U 389 -117.48 62.31 20.67
CA ALA U 389 -117.47 60.88 20.94
C ALA U 389 -117.02 60.09 19.71
N GLY U 390 -115.77 60.29 19.31
CA GLY U 390 -115.21 59.61 18.15
C GLY U 390 -114.98 58.11 18.38
N SER U 391 -115.89 57.29 17.86
CA SER U 391 -115.83 55.81 17.92
C SER U 391 -116.16 55.17 19.27
N LEU U 392 -116.53 56.03 20.23
CA LEU U 392 -116.72 55.65 21.64
C LEU U 392 -117.36 54.27 21.82
N LYS U 393 -118.16 53.90 20.83
CA LYS U 393 -118.93 52.66 20.81
C LYS U 393 -118.05 51.41 20.92
N LEU U 394 -117.36 51.09 19.83
CA LEU U 394 -116.53 49.88 19.77
C LEU U 394 -115.28 49.98 20.65
N PHE U 395 -114.97 51.20 21.12
CA PHE U 395 -113.97 51.41 22.16
C PHE U 395 -114.40 50.59 23.37
N LEU U 396 -115.58 50.92 23.90
CA LEU U 396 -116.12 50.29 25.08
C LEU U 396 -116.54 48.85 24.83
N ALA U 397 -117.03 48.58 23.62
CA ALA U 397 -117.50 47.23 23.22
C ALA U 397 -116.36 46.24 23.05
N GLN U 398 -115.17 46.75 22.72
CA GLN U 398 -113.96 45.93 22.69
C GLN U 398 -113.09 46.15 23.94
N TYR U 399 -113.55 47.03 24.82
CA TYR U 399 -112.96 47.22 26.13
C TYR U 399 -113.46 46.15 27.10
N ARG U 400 -114.64 45.61 26.80
CA ARG U 400 -115.29 44.63 27.64
C ARG U 400 -114.66 43.25 27.51
N GLU U 401 -114.18 42.92 26.32
CA GLU U 401 -113.55 41.61 26.07
C GLU U 401 -112.11 41.59 26.56
N VAL U 402 -111.55 42.77 26.75
CA VAL U 402 -110.18 42.88 27.24
C VAL U 402 -110.14 42.76 28.77
N ALA U 403 -110.84 43.64 29.48
CA ALA U 403 -110.91 43.56 30.95
C ALA U 403 -111.41 42.19 31.42
N ALA U 404 -112.05 41.45 30.51
CA ALA U 404 -112.46 40.05 30.72
C ALA U 404 -111.42 39.07 30.16
N PHE U 405 -110.15 39.39 30.39
CA PHE U 405 -109.03 38.50 30.07
C PHE U 405 -107.87 38.86 31.02
N ALA U 406 -108.23 39.51 32.13
CA ALA U 406 -107.28 39.97 33.15
C ALA U 406 -107.27 39.09 34.41
N GLN U 407 -108.46 38.72 34.88
CA GLN U 407 -108.62 37.92 36.10
C GLN U 407 -108.26 36.46 35.89
N SER U 410 -103.85 38.09 34.03
CA SER U 410 -102.64 37.46 33.50
C SER U 410 -101.35 38.17 33.98
N ASP U 411 -101.00 39.30 33.34
CA ASP U 411 -99.75 40.02 33.62
C ASP U 411 -99.87 41.56 33.48
N LEU U 412 -98.89 42.27 34.04
CA LEU U 412 -98.80 43.74 33.90
C LEU U 412 -98.39 44.15 32.48
N ASP U 413 -99.37 44.63 31.71
CA ASP U 413 -99.13 45.09 30.33
C ASP U 413 -99.58 46.56 30.21
N ALA U 414 -98.64 47.49 30.40
CA ALA U 414 -98.91 48.95 30.42
C ALA U 414 -99.39 49.54 29.08
N SER U 415 -99.67 48.67 28.11
CA SER U 415 -100.26 49.03 26.81
C SER U 415 -101.79 49.00 26.91
N THR U 416 -102.33 47.85 27.32
CA THR U 416 -103.76 47.70 27.54
C THR U 416 -104.16 48.04 28.98
N LYS U 417 -103.18 48.11 29.87
CA LYS U 417 -103.39 48.58 31.25
C LYS U 417 -103.71 50.07 31.28
N GLN U 418 -103.01 50.82 30.43
CA GLN U 418 -103.21 52.27 30.27
C GLN U 418 -104.61 52.57 29.73
N THR U 419 -105.02 51.79 28.72
CA THR U 419 -106.34 51.93 28.08
C THR U 419 -107.48 51.48 28.99
N LEU U 420 -107.12 50.82 30.10
CA LEU U 420 -108.10 50.38 31.10
C LEU U 420 -108.55 51.54 31.98
N VAL U 421 -107.60 52.39 32.40
CA VAL U 421 -107.88 53.54 33.24
C VAL U 421 -108.96 54.42 32.62
N ARG U 422 -109.08 54.35 31.30
CA ARG U 422 -110.13 55.04 30.54
C ARG U 422 -111.49 54.34 30.68
N GLY U 423 -111.62 53.16 30.08
CA GLY U 423 -112.88 52.40 30.04
C GLY U 423 -113.61 52.27 31.36
N GLU U 424 -112.88 52.35 32.46
CA GLU U 424 -113.48 52.39 33.78
C GLU U 424 -114.03 53.77 34.15
N ARG U 425 -113.23 54.81 33.95
CA ARG U 425 -113.68 56.21 34.19
C ARG U 425 -114.80 56.59 33.22
N LEU U 426 -114.82 55.93 32.07
CA LEU U 426 -115.81 56.16 31.01
C LEU U 426 -117.16 55.53 31.34
N THR U 427 -117.13 54.28 31.80
CA THR U 427 -118.36 53.59 32.25
C THR U 427 -118.87 54.24 33.55
N GLN U 428 -117.93 54.61 34.43
CA GLN U 428 -118.24 55.43 35.62
C GLN U 428 -118.89 56.76 35.24
N LEU U 429 -118.64 57.17 34.00
CA LEU U 429 -119.10 58.45 33.48
C LEU U 429 -120.51 58.37 32.88
N LEU U 430 -120.88 57.21 32.35
CA LEU U 430 -122.22 57.00 31.81
C LEU U 430 -123.28 56.85 32.90
N LYS U 431 -122.83 56.46 34.11
CA LYS U 431 -123.69 56.27 35.28
C LYS U 431 -124.64 57.44 35.47
N GLN U 432 -125.94 57.15 35.40
CA GLN U 432 -126.96 58.19 35.50
C GLN U 432 -128.00 57.80 36.55
N ASN U 433 -128.10 58.62 37.60
CA ASN U 433 -129.12 58.47 38.63
C ASN U 433 -130.49 58.70 38.01
N GLN U 434 -131.47 57.92 38.46
CA GLN U 434 -132.80 57.97 37.83
C GLN U 434 -133.44 59.35 38.01
N TYR U 435 -134.29 59.72 37.04
CA TYR U 435 -134.97 61.03 36.98
C TYR U 435 -133.96 62.18 36.84
N SER U 436 -132.87 61.90 36.13
CA SER U 436 -131.83 62.90 35.83
C SER U 436 -131.64 63.10 34.32
N PRO U 437 -132.52 63.91 33.68
CA PRO U 437 -132.38 64.20 32.26
C PRO U 437 -131.36 65.33 31.99
N LEU U 438 -130.21 64.97 31.41
CA LEU U 438 -129.16 65.95 31.05
C LEU U 438 -129.40 66.56 29.66
N ALA U 439 -129.01 67.82 29.51
CA ALA U 439 -129.06 68.50 28.22
C ALA U 439 -127.79 68.24 27.43
N THR U 440 -127.88 68.34 26.11
CA THR U 440 -126.77 68.00 25.20
C THR U 440 -125.48 68.71 25.55
N GLU U 441 -125.56 70.04 25.70
CA GLU U 441 -124.43 70.88 26.05
C GLU U 441 -123.72 70.46 27.33
N GLU U 442 -124.42 69.71 28.18
CA GLU U 442 -123.88 69.27 29.46
C GLU U 442 -123.15 67.95 29.34
N GLN U 443 -123.56 67.14 28.37
CA GLN U 443 -122.98 65.83 28.11
C GLN U 443 -121.66 65.95 27.37
N VAL U 444 -121.64 66.78 26.32
CA VAL U 444 -120.45 67.03 25.49
C VAL U 444 -119.12 67.30 26.23
N PRO U 445 -119.14 68.16 27.29
CA PRO U 445 -117.89 68.41 28.01
C PRO U 445 -117.43 67.21 28.82
N LEU U 446 -118.38 66.36 29.22
CA LEU U 446 -118.06 65.19 30.01
C LEU U 446 -117.42 64.14 29.12
N ILE U 447 -117.93 63.99 27.90
CA ILE U 447 -117.37 63.08 26.91
C ILE U 447 -116.00 63.57 26.45
N TYR U 448 -115.89 64.88 26.26
CA TYR U 448 -114.62 65.57 26.01
C TYR U 448 -113.59 64.98 26.97
N ALA U 449 -113.72 65.38 28.24
CA ALA U 449 -112.81 64.95 29.31
C ALA U 449 -112.69 63.44 29.39
N GLY U 450 -113.71 62.73 28.91
CA GLY U 450 -113.70 61.28 28.87
C GLY U 450 -112.71 60.73 27.86
N VAL U 451 -112.90 61.09 26.59
CA VAL U 451 -112.06 60.59 25.49
C VAL U 451 -110.74 61.39 25.36
N ASN U 452 -110.71 62.57 25.97
CA ASN U 452 -109.48 63.37 26.04
C ASN U 452 -108.71 63.12 27.34
N GLY U 453 -109.34 62.38 28.25
CA GLY U 453 -108.69 61.89 29.47
C GLY U 453 -108.23 62.95 30.45
N HIS U 454 -109.05 64.00 30.62
CA HIS U 454 -108.77 65.09 31.56
C HIS U 454 -109.04 64.70 33.02
N LEU U 455 -109.60 63.50 33.22
CA LEU U 455 -110.11 63.07 34.54
C LEU U 455 -109.43 61.83 35.14
N ASP U 456 -108.43 61.28 34.43
CA ASP U 456 -107.70 60.08 34.87
C ASP U 456 -107.02 60.24 36.25
N GLY U 457 -106.52 61.44 36.51
CA GLY U 457 -105.90 61.79 37.80
C GLY U 457 -106.88 62.07 38.93
N ILE U 458 -108.18 62.06 38.62
CA ILE U 458 -109.25 62.16 39.62
C ILE U 458 -109.70 60.75 40.05
N GLU U 459 -109.86 60.57 41.36
CA GLU U 459 -110.17 59.27 41.95
C GLU U 459 -111.45 58.65 41.39
N LEU U 460 -111.42 57.32 41.30
CA LEU U 460 -112.50 56.53 40.72
C LEU U 460 -113.83 56.72 41.46
N SER U 461 -113.76 56.94 42.77
CA SER U 461 -114.94 57.23 43.61
C SER U 461 -115.20 58.74 43.72
N ARG U 462 -114.59 59.51 42.83
CA ARG U 462 -114.83 60.95 42.73
C ARG U 462 -115.15 61.34 41.28
N ILE U 463 -115.53 60.34 40.48
CA ILE U 463 -115.90 60.53 39.08
C ILE U 463 -117.28 61.16 38.95
N GLY U 464 -118.30 60.47 39.46
CA GLY U 464 -119.68 60.95 39.47
C GLY U 464 -119.88 62.15 40.40
N GLU U 465 -119.06 62.23 41.44
CA GLU U 465 -119.06 63.36 42.36
C GLU U 465 -118.62 64.62 41.63
N PHE U 466 -117.59 64.50 40.80
CA PHE U 466 -117.07 65.62 40.00
C PHE U 466 -118.08 66.14 38.97
N GLU U 467 -118.91 65.25 38.43
CA GLU U 467 -119.96 65.59 37.46
C GLU U 467 -120.82 66.76 37.96
N SER U 468 -121.10 66.75 39.26
CA SER U 468 -121.85 67.82 39.90
C SER U 468 -120.99 69.06 40.11
N SER U 469 -119.72 68.85 40.46
CA SER U 469 -118.77 69.95 40.71
C SER U 469 -118.47 70.76 39.45
N PHE U 470 -118.35 70.06 38.32
CA PHE U 470 -117.97 70.64 37.04
C PHE U 470 -119.05 71.52 36.40
N LEU U 471 -120.30 71.09 36.51
CA LEU U 471 -121.43 71.85 35.99
C LEU U 471 -121.68 73.10 36.81
N SER U 472 -121.39 73.03 38.11
CA SER U 472 -121.39 74.20 38.99
C SER U 472 -120.35 75.21 38.52
N TYR U 473 -119.21 74.69 38.06
CA TYR U 473 -118.10 75.51 37.54
C TYR U 473 -118.41 76.15 36.18
N LEU U 474 -119.10 75.42 35.31
CA LEU U 474 -119.43 75.91 33.95
C LEU U 474 -120.63 76.84 33.87
N LYS U 475 -121.59 76.66 34.79
CA LYS U 475 -122.87 77.37 34.73
C LYS U 475 -122.85 78.89 34.95
N SER U 476 -121.78 79.40 35.56
CA SER U 476 -121.64 80.84 35.83
C SER U 476 -120.28 81.41 35.38
N ASN U 477 -119.56 80.62 34.58
CA ASN U 477 -118.31 81.05 33.96
C ASN U 477 -118.43 80.94 32.46
N HIS U 478 -118.14 79.74 31.95
CA HIS U 478 -118.23 79.44 30.54
C HIS U 478 -119.68 79.19 30.14
N ASN U 479 -120.49 80.23 30.33
CA ASN U 479 -121.94 80.20 30.08
C ASN U 479 -122.30 80.12 28.60
N GLU U 480 -121.53 80.83 27.77
CA GLU U 480 -121.75 80.88 26.32
C GLU U 480 -121.44 79.57 25.63
N LEU U 481 -120.51 78.80 26.18
CA LEU U 481 -120.18 77.47 25.65
C LEU U 481 -121.43 76.59 25.67
N LEU U 482 -122.17 76.66 26.76
CA LEU U 482 -123.46 75.96 26.91
C LEU U 482 -124.53 76.55 26.00
N THR U 483 -124.55 77.88 25.89
CA THR U 483 -125.54 78.62 25.12
C THR U 483 -125.41 78.37 23.61
N GLU U 484 -124.17 78.31 23.13
CA GLU U 484 -123.89 78.15 21.69
C GLU U 484 -124.07 76.72 21.22
N ILE U 485 -123.77 75.75 22.08
CA ILE U 485 -124.04 74.35 21.78
C ILE U 485 -125.55 74.10 21.87
N ARG U 486 -126.25 74.98 22.60
CA ARG U 486 -127.70 74.92 22.70
C ARG U 486 -128.40 75.64 21.55
N GLU U 487 -127.69 76.56 20.89
CA GLU U 487 -128.22 77.29 19.74
C GLU U 487 -127.90 76.56 18.43
N LYS U 488 -126.61 76.27 18.22
CA LYS U 488 -126.18 75.52 17.04
C LYS U 488 -126.43 74.03 17.18
N GLY U 489 -125.78 73.41 18.17
CA GLY U 489 -125.73 71.96 18.28
C GLY U 489 -124.52 71.42 17.55
N GLU U 490 -123.74 72.35 16.98
CA GLU U 490 -122.51 72.03 16.25
C GLU U 490 -121.31 72.51 17.06
N LEU U 491 -120.12 72.16 16.59
CA LEU U 491 -118.88 72.63 17.19
C LEU U 491 -117.86 73.08 16.14
N SER U 492 -117.46 74.34 16.23
CA SER U 492 -116.33 74.84 15.44
C SER U 492 -115.05 74.50 16.21
N LYS U 493 -113.91 74.59 15.53
CA LYS U 493 -112.60 74.49 16.20
C LYS U 493 -112.42 75.68 17.15
N GLU U 494 -113.32 76.64 17.00
CA GLU U 494 -113.42 77.84 17.84
C GLU U 494 -113.83 77.52 19.28
N LEU U 495 -114.82 76.64 19.44
CA LEU U 495 -115.33 76.28 20.76
C LEU U 495 -114.53 75.13 21.41
N LEU U 496 -113.68 74.47 20.60
CA LEU U 496 -112.82 73.36 21.03
C LEU U 496 -111.76 73.78 22.05
N ALA U 497 -110.91 74.73 21.64
CA ALA U 497 -109.87 75.30 22.51
C ALA U 497 -110.49 76.20 23.60
N SER U 498 -111.64 76.79 23.28
CA SER U 498 -112.41 77.61 24.21
C SER U 498 -112.92 76.79 25.40
N LEU U 499 -113.11 75.50 25.19
CA LEU U 499 -113.47 74.58 26.25
C LEU U 499 -112.25 73.81 26.79
N LYS U 500 -111.24 73.63 25.96
CA LYS U 500 -109.99 72.99 26.40
C LYS U 500 -109.19 73.88 27.37
N SER U 501 -109.76 75.04 27.70
CA SER U 501 -109.26 75.91 28.77
C SER U 501 -110.13 75.79 30.03
N ALA U 502 -111.41 75.49 29.84
CA ALA U 502 -112.35 75.34 30.95
C ALA U 502 -112.28 73.96 31.61
N THR U 503 -111.51 73.04 31.03
CA THR U 503 -111.44 71.66 31.51
C THR U 503 -110.24 71.39 32.44
N GLU U 504 -109.03 71.66 31.93
CA GLU U 504 -107.80 71.50 32.72
C GLU U 504 -107.68 72.57 33.80
N SER U 505 -108.46 73.64 33.65
CA SER U 505 -108.60 74.68 34.68
C SER U 505 -109.19 74.08 35.96
N PHE U 506 -110.30 73.35 35.82
CA PHE U 506 -110.98 72.73 36.94
C PHE U 506 -110.28 71.46 37.44
N VAL U 507 -109.39 70.89 36.63
CA VAL U 507 -108.51 69.78 37.05
C VAL U 507 -107.47 70.26 38.09
N ALA U 508 -107.10 71.54 38.00
CA ALA U 508 -106.19 72.17 38.97
C ALA U 508 -106.96 72.75 40.16
N THR U 509 -108.06 73.46 39.88
CA THR U 509 -108.90 74.03 40.92
C THR U 509 -110.07 73.10 41.27
N PRO V 7 -131.15 12.13 -43.06
CA PRO V 7 -130.83 11.53 -44.36
C PRO V 7 -132.03 11.49 -45.30
N THR V 8 -132.01 12.33 -46.32
CA THR V 8 -133.08 12.42 -47.32
C THR V 8 -134.43 12.66 -46.66
N GLU V 9 -134.68 13.90 -46.24
CA GLU V 9 -135.93 14.29 -45.58
C GLU V 9 -136.20 13.44 -44.35
N VAL V 10 -135.53 13.76 -43.24
CA VAL V 10 -135.71 13.00 -42.01
C VAL V 10 -137.05 13.32 -41.35
N SER V 11 -137.66 14.46 -41.69
CA SER V 11 -138.94 14.82 -41.09
C SER V 11 -140.09 13.98 -41.64
N SER V 12 -139.94 13.41 -42.83
CA SER V 12 -141.00 12.60 -43.41
C SER V 12 -141.08 11.21 -42.80
N ILE V 13 -140.00 10.72 -42.21
CA ILE V 13 -140.03 9.39 -41.59
C ILE V 13 -140.73 9.43 -40.25
N LEU V 14 -140.66 10.55 -39.54
CA LEU V 14 -141.32 10.65 -38.23
C LEU V 14 -142.83 10.85 -38.37
N GLU V 15 -143.27 11.47 -39.46
CA GLU V 15 -144.70 11.71 -39.65
C GLU V 15 -145.43 10.46 -40.10
N GLU V 16 -144.76 9.58 -40.85
CA GLU V 16 -145.38 8.35 -41.33
C GLU V 16 -145.50 7.29 -40.24
N ARG V 17 -144.59 7.28 -39.27
CA ARG V 17 -144.62 6.30 -38.20
C ARG V 17 -145.57 6.67 -37.07
N ILE V 18 -145.90 7.96 -36.93
CA ILE V 18 -146.80 8.41 -35.87
C ILE V 18 -148.15 8.77 -36.48
N LYS V 19 -148.49 8.12 -37.60
CA LYS V 19 -149.76 8.38 -38.28
C LYS V 19 -150.91 7.68 -37.57
N GLY V 20 -151.05 6.37 -37.79
CA GLY V 20 -152.11 5.61 -37.16
C GLY V 20 -151.71 5.05 -35.81
N VAL V 21 -152.26 5.61 -34.73
CA VAL V 21 -151.96 5.15 -33.38
C VAL V 21 -153.24 5.17 -32.55
N SER V 22 -153.97 6.28 -32.60
CA SER V 22 -155.21 6.43 -31.85
C SER V 22 -156.32 5.72 -32.60
N ASP V 23 -156.65 4.50 -32.19
CA ASP V 23 -157.70 3.74 -32.86
C ASP V 23 -158.49 2.84 -31.92
N GLU V 24 -158.16 2.78 -30.62
CA GLU V 24 -158.89 1.94 -29.67
C GLU V 24 -158.80 2.62 -28.30
N ALA V 25 -159.60 3.66 -28.13
CA ALA V 25 -159.63 4.41 -26.88
C ALA V 25 -161.05 4.93 -26.63
N ASN V 26 -162.04 4.04 -26.76
CA ASN V 26 -163.45 4.37 -26.55
C ASN V 26 -164.09 3.30 -25.67
N THR V 30 -162.59 4.68 -14.27
CA THR V 30 -162.46 6.12 -14.37
C THR V 30 -163.08 6.75 -13.17
N GLY V 31 -162.63 7.95 -12.84
CA GLY V 31 -163.24 8.73 -11.78
C GLY V 31 -163.31 10.18 -12.17
N ARG V 32 -164.20 10.91 -11.52
CA ARG V 32 -164.16 12.37 -11.64
C ARG V 32 -163.46 12.96 -10.42
N VAL V 33 -162.82 14.11 -10.59
CA VAL V 33 -162.13 14.77 -9.48
C VAL V 33 -163.10 15.51 -8.57
N LEU V 34 -162.95 15.33 -7.26
CA LEU V 34 -163.81 15.98 -6.29
C LEU V 34 -163.24 17.32 -5.87
N ALA V 35 -161.98 17.31 -5.41
CA ALA V 35 -161.24 18.51 -5.01
C ALA V 35 -159.80 18.28 -5.37
N VAL V 36 -159.09 19.37 -5.66
CA VAL V 36 -157.66 19.27 -5.90
C VAL V 36 -156.88 20.44 -5.26
N GLY V 37 -155.79 20.08 -4.58
CA GLY V 37 -154.89 21.03 -3.93
C GLY V 37 -153.64 20.36 -3.38
N ASP V 38 -152.51 21.05 -3.51
CA ASP V 38 -151.23 20.67 -2.88
C ASP V 38 -150.73 19.30 -3.28
N GLY V 39 -150.68 19.03 -4.58
CA GLY V 39 -150.16 17.76 -5.08
C GLY V 39 -151.12 16.60 -4.91
N ILE V 40 -152.24 16.85 -4.24
CA ILE V 40 -153.23 15.85 -3.92
C ILE V 40 -154.48 16.06 -4.74
N ALA V 41 -155.10 14.97 -5.19
CA ALA V 41 -156.43 15.07 -5.76
C ALA V 41 -157.30 13.97 -5.16
N ARG V 42 -158.43 14.37 -4.59
CA ARG V 42 -159.44 13.44 -4.18
C ARG V 42 -160.33 13.22 -5.39
N VAL V 43 -160.81 11.98 -5.53
CA VAL V 43 -161.38 11.48 -6.78
C VAL V 43 -162.53 10.50 -6.52
N PHE V 44 -163.71 10.80 -7.01
CA PHE V 44 -164.83 9.87 -6.88
C PHE V 44 -164.82 8.90 -8.03
N GLY V 45 -164.73 7.60 -7.71
CA GLY V 45 -164.80 6.54 -8.73
C GLY V 45 -163.61 5.63 -8.68
N LEU V 46 -163.03 5.37 -9.86
CA LEU V 46 -161.90 4.44 -10.00
C LEU V 46 -162.12 3.23 -9.12
N ASN V 47 -163.16 2.47 -9.44
CA ASN V 47 -163.54 1.35 -8.63
C ASN V 47 -162.67 0.14 -8.74
N ASN V 48 -161.99 -0.07 -9.86
CA ASN V 48 -161.23 -1.31 -9.96
C ASN V 48 -159.78 -1.14 -9.65
N ILE V 49 -159.43 0.09 -9.25
CA ILE V 49 -158.05 0.54 -9.06
C ILE V 49 -157.26 -0.18 -7.96
N GLN V 50 -156.00 -0.45 -8.24
CA GLN V 50 -155.07 -0.98 -7.27
C GLN V 50 -154.48 0.08 -6.32
N ALA V 51 -154.21 -0.35 -5.08
CA ALA V 51 -153.39 0.44 -4.15
C ALA V 51 -152.05 0.63 -4.80
N GLU V 52 -151.62 1.88 -4.90
CA GLU V 52 -150.33 2.20 -5.49
C GLU V 52 -150.28 2.12 -7.03
N GLU V 53 -151.46 2.21 -7.65
CA GLU V 53 -151.59 2.20 -9.12
C GLU V 53 -151.42 3.57 -9.74
N LEU V 54 -150.94 3.59 -10.97
CA LEU V 54 -150.74 4.81 -11.74
C LEU V 54 -152.02 5.23 -12.47
N VAL V 55 -152.30 6.54 -12.48
CA VAL V 55 -153.47 7.13 -13.17
C VAL V 55 -153.07 8.35 -13.97
N GLU V 56 -153.61 8.47 -15.18
CA GLU V 56 -153.42 9.66 -16.00
C GLU V 56 -154.62 10.56 -15.78
N PHE V 57 -154.38 11.86 -15.65
CA PHE V 57 -155.48 12.81 -15.59
C PHE V 57 -155.78 13.27 -17.01
N SER V 58 -157.00 13.74 -17.25
CA SER V 58 -157.35 14.11 -18.61
C SER V 58 -156.34 15.13 -19.14
N SER V 59 -155.84 15.98 -18.24
CA SER V 59 -154.94 17.08 -18.58
C SER V 59 -153.55 16.64 -18.99
N GLY V 60 -153.22 15.38 -18.75
CA GLY V 60 -151.89 14.93 -19.05
C GLY V 60 -151.12 14.44 -17.85
N VAL V 61 -151.14 15.20 -16.75
CA VAL V 61 -150.32 14.89 -15.56
C VAL V 61 -150.64 13.53 -14.94
N LYS V 62 -149.61 12.76 -14.63
CA LYS V 62 -149.79 11.47 -13.98
C LYS V 62 -149.80 11.54 -12.46
N GLY V 63 -150.30 10.47 -11.83
CA GLY V 63 -150.44 10.41 -10.39
C GLY V 63 -150.48 8.98 -9.90
N MET V 64 -150.47 8.83 -8.58
CA MET V 64 -150.45 7.53 -7.94
C MET V 64 -151.51 7.44 -6.85
N ALA V 65 -152.24 6.32 -6.81
CA ALA V 65 -153.30 6.13 -5.83
C ALA V 65 -152.71 5.56 -4.56
N LEU V 66 -152.90 6.25 -3.45
CA LEU V 66 -152.34 5.81 -2.19
C LEU V 66 -153.36 5.56 -1.08
N ASN V 67 -154.51 6.25 -1.15
CA ASN V 67 -155.56 6.09 -0.15
C ASN V 67 -156.83 5.68 -0.81
N LEU V 68 -157.07 4.39 -0.94
CA LEU V 68 -158.33 3.94 -1.48
C LEU V 68 -159.28 3.90 -0.30
N GLU V 69 -160.00 5.00 -0.08
CA GLU V 69 -160.98 5.04 0.98
C GLU V 69 -162.34 4.61 0.46
N PRO V 70 -163.39 4.61 1.31
CA PRO V 70 -164.71 4.06 0.94
C PRO V 70 -165.42 4.87 -0.12
N GLY V 71 -165.56 6.18 0.12
CA GLY V 71 -166.22 7.06 -0.83
C GLY V 71 -165.37 7.44 -2.03
N GLN V 72 -164.05 7.45 -1.85
CA GLN V 72 -163.17 8.16 -2.77
C GLN V 72 -161.74 7.65 -2.73
N VAL V 73 -160.93 8.08 -3.71
CA VAL V 73 -159.53 7.71 -3.83
C VAL V 73 -158.63 8.94 -3.65
N GLY V 74 -157.48 8.73 -3.02
CA GLY V 74 -156.57 9.82 -2.73
C GLY V 74 -155.31 9.70 -3.55
N ILE V 75 -155.07 10.70 -4.38
CA ILE V 75 -153.99 10.64 -5.35
C ILE V 75 -152.94 11.72 -5.18
N VAL V 76 -151.68 11.27 -5.09
CA VAL V 76 -150.50 12.12 -5.16
C VAL V 76 -150.14 12.32 -6.63
N LEU V 77 -149.79 13.54 -7.02
CA LEU V 77 -149.50 13.83 -8.43
C LEU V 77 -148.00 13.84 -8.71
N PHE V 78 -147.65 13.45 -9.93
CA PHE V 78 -146.29 13.53 -10.38
C PHE V 78 -145.98 14.90 -10.95
N GLY V 79 -146.98 15.74 -11.04
CA GLY V 79 -146.76 17.03 -11.65
C GLY V 79 -147.15 18.21 -10.79
N SER V 80 -147.35 19.34 -11.47
CA SER V 80 -147.99 20.49 -10.90
C SER V 80 -149.49 20.20 -10.94
N ASP V 81 -150.28 21.06 -10.33
CA ASP V 81 -151.70 20.80 -10.24
C ASP V 81 -152.56 21.90 -10.85
N ARG V 82 -151.93 23.03 -11.18
CA ARG V 82 -152.65 24.12 -11.86
C ARG V 82 -153.52 23.50 -12.94
N LEU V 83 -153.01 22.43 -13.53
CA LEU V 83 -153.62 21.77 -14.67
C LEU V 83 -154.77 20.82 -14.33
N VAL V 84 -154.97 20.52 -13.05
CA VAL V 84 -156.09 19.67 -12.63
C VAL V 84 -157.25 20.47 -12.00
N LYS V 85 -158.46 20.26 -12.49
CA LYS V 85 -159.61 21.00 -11.99
C LYS V 85 -160.65 20.03 -11.47
N GLU V 86 -161.53 20.50 -10.60
CA GLU V 86 -162.63 19.66 -10.14
C GLU V 86 -163.43 19.11 -11.32
N GLY V 87 -163.79 17.85 -11.28
CA GLY V 87 -164.70 17.30 -12.28
C GLY V 87 -164.00 16.76 -13.50
N GLU V 88 -162.81 17.26 -13.75
CA GLU V 88 -161.96 16.68 -14.77
C GLU V 88 -161.91 15.15 -14.61
N LEU V 89 -162.09 14.43 -15.73
CA LEU V 89 -162.02 12.97 -15.75
C LEU V 89 -160.60 12.42 -15.50
N VAL V 90 -160.52 11.39 -14.65
CA VAL V 90 -159.27 10.72 -14.30
C VAL V 90 -159.32 9.29 -14.81
N LYS V 91 -158.17 8.72 -15.16
CA LYS V 91 -158.14 7.44 -15.88
C LYS V 91 -157.24 6.37 -15.27
N ARG V 92 -157.73 5.14 -15.23
CA ARG V 92 -156.92 3.98 -14.83
C ARG V 92 -155.84 3.65 -15.84
N THR V 93 -154.62 3.44 -15.38
CA THR V 93 -153.56 2.85 -16.19
C THR V 93 -153.69 1.33 -16.16
N GLY V 94 -153.86 0.77 -14.98
CA GLY V 94 -153.83 -0.67 -14.84
C GLY V 94 -152.43 -1.16 -14.54
N ASN V 95 -151.49 -0.26 -14.27
CA ASN V 95 -150.14 -0.67 -13.86
C ASN V 95 -149.69 -0.04 -12.57
N ILE V 96 -148.91 -0.79 -11.80
CA ILE V 96 -148.17 -0.24 -10.65
C ILE V 96 -146.87 0.42 -11.12
N VAL V 97 -146.47 1.50 -10.47
CA VAL V 97 -145.31 2.27 -10.88
C VAL V 97 -144.15 1.32 -11.14
N ASP V 98 -143.42 1.53 -12.24
CA ASP V 98 -142.37 0.62 -12.68
C ASP V 98 -141.31 1.35 -13.60
N VAL V 99 -140.14 0.73 -13.77
CA VAL V 99 -139.08 1.37 -14.54
C VAL V 99 -138.48 0.50 -15.64
N PRO V 100 -137.96 1.13 -16.70
CA PRO V 100 -137.03 0.46 -17.59
C PRO V 100 -135.74 0.03 -16.87
N VAL V 101 -135.22 -1.13 -17.25
CA VAL V 101 -133.93 -1.61 -16.75
C VAL V 101 -133.09 -2.26 -17.85
N GLY V 102 -131.81 -2.43 -17.54
CA GLY V 102 -130.87 -3.06 -18.46
C GLY V 102 -129.71 -2.14 -18.74
N PRO V 103 -128.71 -2.64 -19.48
CA PRO V 103 -127.45 -1.93 -19.44
C PRO V 103 -127.54 -0.72 -20.37
N GLY V 104 -128.71 -0.58 -20.99
CA GLY V 104 -129.01 0.55 -21.82
C GLY V 104 -129.00 1.83 -20.99
N LEU V 105 -129.29 1.73 -19.70
CA LEU V 105 -129.30 2.92 -18.87
C LEU V 105 -127.91 3.51 -18.67
N LEU V 106 -126.88 2.69 -18.78
CA LEU V 106 -125.52 3.15 -18.53
C LEU V 106 -125.24 4.40 -19.32
N GLY V 107 -124.82 5.43 -18.60
CA GLY V 107 -124.49 6.70 -19.16
C GLY V 107 -125.62 7.69 -19.16
N ARG V 108 -126.80 7.31 -18.69
CA ARG V 108 -127.94 8.18 -18.89
C ARG V 108 -128.39 8.90 -17.63
N VAL V 109 -128.93 10.10 -17.79
CA VAL V 109 -129.54 10.80 -16.68
C VAL V 109 -131.05 10.80 -16.81
N VAL V 110 -131.73 10.02 -15.98
CA VAL V 110 -133.16 9.81 -16.04
C VAL V 110 -133.86 10.39 -14.80
N ASP V 111 -135.15 10.71 -14.91
CA ASP V 111 -135.96 11.17 -13.77
C ASP V 111 -136.45 9.98 -12.99
N ALA V 112 -137.31 10.20 -12.01
CA ALA V 112 -137.71 9.08 -11.13
C ALA V 112 -138.35 7.95 -11.89
N LEU V 113 -139.08 8.26 -12.94
CA LEU V 113 -139.75 7.22 -13.70
C LEU V 113 -138.90 6.69 -14.85
N GLY V 114 -137.69 7.22 -15.00
CA GLY V 114 -136.73 6.65 -15.93
C GLY V 114 -136.89 7.20 -17.32
N ASN V 115 -137.21 8.48 -17.37
CA ASN V 115 -137.25 9.20 -18.64
C ASN V 115 -135.95 9.95 -18.86
N PRO V 116 -135.37 9.85 -20.06
CA PRO V 116 -134.18 10.64 -20.32
C PRO V 116 -134.44 12.09 -19.96
N ILE V 117 -133.49 12.73 -19.28
CA ILE V 117 -133.56 14.17 -18.99
C ILE V 117 -132.24 14.85 -19.37
N ASP V 118 -131.30 14.02 -19.87
CA ASP V 118 -130.00 14.47 -20.41
C ASP V 118 -130.07 15.15 -21.77
N GLY V 119 -130.84 14.55 -22.68
CA GLY V 119 -131.03 15.05 -24.03
C GLY V 119 -130.60 14.01 -25.03
N LYS V 120 -130.30 12.81 -24.57
CA LYS V 120 -129.67 11.84 -25.46
C LYS V 120 -130.66 10.86 -26.12
N GLY V 121 -131.94 11.11 -25.92
CA GLY V 121 -132.98 10.36 -26.60
C GLY V 121 -133.34 9.07 -25.90
N PRO V 122 -134.28 8.31 -26.48
CA PRO V 122 -134.96 7.17 -25.87
C PRO V 122 -134.03 6.16 -25.21
N ILE V 123 -134.39 5.76 -23.99
CA ILE V 123 -133.78 4.66 -23.27
C ILE V 123 -134.13 3.35 -23.99
N ASP V 124 -133.13 2.48 -24.18
CA ASP V 124 -133.38 1.11 -24.61
C ASP V 124 -133.32 0.22 -23.38
N ALA V 125 -134.40 -0.51 -23.07
CA ALA V 125 -134.38 -1.36 -21.90
C ALA V 125 -134.50 -2.82 -22.23
N ALA V 126 -133.85 -3.66 -21.44
CA ALA V 126 -133.96 -5.11 -21.55
C ALA V 126 -135.27 -5.56 -20.88
N GLY V 127 -135.95 -4.64 -20.20
CA GLY V 127 -137.18 -4.95 -19.53
C GLY V 127 -137.58 -3.91 -18.51
N ARG V 128 -138.58 -4.25 -17.70
CA ARG V 128 -139.13 -3.33 -16.73
C ARG V 128 -139.33 -3.99 -15.37
N SER V 129 -138.78 -3.40 -14.32
CA SER V 129 -139.01 -3.85 -12.96
C SER V 129 -140.07 -2.94 -12.36
N ARG V 130 -140.67 -3.37 -11.25
CA ARG V 130 -141.48 -2.46 -10.43
C ARG V 130 -140.60 -1.65 -9.49
N ALA V 131 -141.14 -0.57 -8.93
CA ALA V 131 -140.40 0.28 -8.01
C ALA V 131 -140.26 -0.40 -6.65
N GLN V 132 -141.31 -1.10 -6.20
CA GLN V 132 -141.22 -1.90 -4.94
C GLN V 132 -141.09 -3.39 -5.29
N VAL V 133 -140.03 -4.00 -4.79
CA VAL V 133 -139.75 -5.41 -5.05
C VAL V 133 -139.27 -6.10 -3.76
N LYS V 134 -139.81 -7.28 -3.48
CA LYS V 134 -139.34 -8.05 -2.32
C LYS V 134 -137.83 -8.20 -2.40
N ALA V 135 -137.15 -8.01 -1.25
CA ALA V 135 -135.69 -8.17 -1.13
C ALA V 135 -135.36 -9.65 -1.22
N PRO V 136 -134.15 -10.01 -1.68
CA PRO V 136 -133.95 -11.44 -1.82
C PRO V 136 -133.95 -12.09 -0.44
N GLY V 137 -134.58 -13.25 -0.33
CA GLY V 137 -134.83 -13.86 0.98
C GLY V 137 -133.62 -14.26 1.80
N ILE V 138 -133.90 -15.01 2.88
CA ILE V 138 -132.86 -15.64 3.66
C ILE V 138 -132.12 -16.56 2.72
N LEU V 139 -132.87 -17.16 1.79
CA LEU V 139 -132.38 -18.31 1.08
C LEU V 139 -131.35 -18.10 -0.02
N PRO V 140 -131.58 -17.18 -0.96
CA PRO V 140 -130.61 -17.11 -2.06
C PRO V 140 -129.42 -16.11 -1.87
N ARG V 141 -128.70 -16.18 -0.76
CA ARG V 141 -127.62 -15.23 -0.53
C ARG V 141 -126.26 -15.87 -0.20
N ARG V 142 -125.21 -15.06 -0.13
CA ARG V 142 -123.92 -15.53 0.35
C ARG V 142 -123.25 -14.48 1.25
N SER V 143 -122.18 -14.92 1.92
CA SER V 143 -121.28 -14.07 2.65
C SER V 143 -120.63 -13.05 1.73
N VAL V 144 -120.51 -11.83 2.23
CA VAL V 144 -119.78 -10.79 1.54
C VAL V 144 -118.30 -11.09 1.69
N HIS V 145 -117.64 -11.32 0.55
CA HIS V 145 -116.21 -11.63 0.51
C HIS V 145 -115.41 -10.85 -0.51
N GLU V 146 -116.06 -10.10 -1.41
CA GLU V 146 -115.34 -9.26 -2.40
C GLU V 146 -115.19 -7.82 -1.94
N PRO V 147 -114.01 -7.22 -2.12
CA PRO V 147 -113.88 -5.81 -1.82
C PRO V 147 -114.54 -4.96 -2.90
N VAL V 148 -115.09 -3.83 -2.47
CA VAL V 148 -115.49 -2.71 -3.31
C VAL V 148 -114.45 -1.63 -3.00
N GLN V 149 -113.35 -1.62 -3.74
CA GLN V 149 -112.21 -0.79 -3.39
C GLN V 149 -112.52 0.65 -3.68
N THR V 150 -112.49 1.50 -2.67
CA THR V 150 -112.77 2.92 -2.88
C THR V 150 -111.53 3.71 -3.26
N GLY V 151 -110.35 3.22 -2.92
CA GLY V 151 -109.13 3.96 -3.20
C GLY V 151 -108.97 5.13 -2.24
N LEU V 152 -109.66 5.03 -1.10
CA LEU V 152 -109.54 6.04 -0.07
C LEU V 152 -108.79 5.44 1.11
N LYS V 153 -107.52 5.80 1.25
CA LYS V 153 -106.65 5.22 2.27
C LYS V 153 -107.41 4.97 3.56
N ALA V 154 -107.89 6.03 4.20
CA ALA V 154 -108.64 5.87 5.46
C ALA V 154 -109.73 4.81 5.34
N VAL V 155 -110.53 4.85 4.28
CA VAL V 155 -111.63 3.89 4.17
C VAL V 155 -111.16 2.47 3.90
N ASP V 156 -110.22 2.28 2.99
CA ASP V 156 -109.87 0.93 2.56
C ASP V 156 -109.01 0.18 3.57
N ALA V 157 -108.51 0.90 4.58
CA ALA V 157 -107.74 0.26 5.65
C ALA V 157 -108.56 0.18 6.93
N LEU V 158 -109.42 1.16 7.14
CA LEU V 158 -110.18 1.23 8.40
C LEU V 158 -111.61 0.66 8.33
N VAL V 159 -112.37 1.05 7.32
CA VAL V 159 -113.75 0.60 7.20
C VAL V 159 -114.04 -0.05 5.83
N PRO V 160 -113.39 -1.20 5.56
CA PRO V 160 -113.41 -1.77 4.23
C PRO V 160 -114.79 -2.29 3.88
N ILE V 161 -115.27 -1.85 2.72
CA ILE V 161 -116.61 -2.08 2.18
C ILE V 161 -116.69 -3.27 1.23
N GLY V 162 -117.76 -4.04 1.31
CA GLY V 162 -117.83 -5.29 0.56
C GLY V 162 -118.94 -5.36 -0.45
N ARG V 163 -118.69 -6.09 -1.55
CA ARG V 163 -119.66 -6.29 -2.61
C ARG V 163 -120.87 -7.02 -2.06
N GLY V 164 -121.91 -6.24 -1.73
CA GLY V 164 -123.14 -6.78 -1.21
C GLY V 164 -123.63 -6.06 0.03
N GLN V 165 -122.70 -5.41 0.73
CA GLN V 165 -122.99 -4.75 1.99
C GLN V 165 -123.60 -3.36 1.82
N ARG V 166 -124.39 -2.95 2.81
CA ARG V 166 -124.93 -1.61 2.91
C ARG V 166 -124.11 -0.80 3.92
N GLU V 167 -123.65 0.39 3.52
CA GLU V 167 -122.76 1.17 4.36
C GLU V 167 -123.14 2.62 4.39
N LEU V 168 -123.58 3.06 5.56
CA LEU V 168 -124.04 4.43 5.75
C LEU V 168 -122.92 5.50 5.66
N ILE V 169 -123.18 6.56 4.93
CA ILE V 169 -122.32 7.74 5.02
C ILE V 169 -123.10 8.86 5.72
N ILE V 170 -122.70 9.17 6.94
CA ILE V 170 -123.44 10.11 7.75
C ILE V 170 -122.50 11.19 8.29
N GLY V 171 -123.03 12.40 8.37
CA GLY V 171 -122.35 13.53 9.01
C GLY V 171 -123.22 14.74 8.84
N ASP V 172 -122.76 15.90 9.32
CA ASP V 172 -123.48 17.17 9.15
C ASP V 172 -123.57 17.59 7.66
N ARG V 173 -124.11 18.79 7.41
CA ARG V 173 -124.03 19.43 6.07
C ARG V 173 -122.61 19.87 5.74
N GLN V 174 -122.29 19.94 4.46
CA GLN V 174 -120.96 20.36 4.01
C GLN V 174 -119.79 19.68 4.73
N THR V 175 -119.80 18.36 4.83
CA THR V 175 -118.73 17.65 5.54
C THR V 175 -117.92 16.79 4.61
N GLY V 176 -118.47 16.47 3.46
CA GLY V 176 -117.74 15.68 2.49
C GLY V 176 -118.38 14.33 2.22
N LYS V 177 -119.66 14.23 2.61
CA LYS V 177 -120.46 13.01 2.36
C LYS V 177 -120.48 12.69 0.85
N THR V 178 -120.81 13.66 0.03
CA THR V 178 -120.96 13.33 -1.36
C THR V 178 -119.58 12.93 -1.91
N ALA V 179 -118.56 13.67 -1.46
CA ALA V 179 -117.18 13.47 -1.88
C ALA V 179 -116.70 12.04 -1.66
N VAL V 180 -117.06 11.45 -0.52
CA VAL V 180 -116.66 10.08 -0.30
C VAL V 180 -117.28 9.19 -1.36
N ALA V 181 -118.58 9.36 -1.57
CA ALA V 181 -119.32 8.56 -2.53
C ALA V 181 -118.74 8.71 -3.94
N LEU V 182 -118.43 9.93 -4.31
CA LEU V 182 -117.92 10.24 -5.62
C LEU V 182 -116.58 9.58 -5.88
N ASP V 183 -115.71 9.60 -4.87
CA ASP V 183 -114.34 9.19 -5.08
C ASP V 183 -114.29 7.68 -5.26
N THR V 184 -115.27 7.04 -4.66
CA THR V 184 -115.53 5.63 -4.83
C THR V 184 -115.90 5.30 -6.25
N ILE V 185 -116.91 5.99 -6.79
CA ILE V 185 -117.31 5.77 -8.15
C ILE V 185 -116.10 5.94 -9.04
N LEU V 186 -115.42 7.09 -8.92
CA LEU V 186 -114.34 7.41 -9.88
C LEU V 186 -113.37 6.25 -10.00
N ASN V 187 -113.06 5.66 -8.85
CA ASN V 187 -112.09 4.58 -8.77
C ASN V 187 -112.35 3.38 -9.70
N GLN V 188 -113.61 3.04 -9.93
CA GLN V 188 -113.95 1.79 -10.63
C GLN V 188 -113.40 1.71 -12.06
N LYS V 189 -113.06 2.86 -12.63
CA LYS V 189 -112.28 2.95 -13.85
C LYS V 189 -111.26 1.82 -13.96
N ARG V 190 -110.55 1.59 -12.85
CA ARG V 190 -109.51 0.55 -12.78
C ARG V 190 -109.97 -0.78 -13.35
N TRP V 191 -111.25 -1.07 -13.17
CA TRP V 191 -111.78 -2.36 -13.55
C TRP V 191 -112.78 -2.28 -14.69
N ASN V 192 -113.48 -1.17 -14.83
CA ASN V 192 -114.53 -1.04 -15.84
C ASN V 192 -114.03 -0.87 -17.28
N ASN V 193 -112.78 -0.45 -17.42
CA ASN V 193 -112.17 -0.29 -18.73
C ASN V 193 -111.48 -1.58 -19.13
N GLY V 194 -111.67 -2.61 -18.31
CA GLY V 194 -111.10 -3.93 -18.57
C GLY V 194 -112.12 -4.74 -19.34
N SER V 195 -111.92 -6.06 -19.37
CA SER V 195 -112.90 -6.93 -20.00
C SER V 195 -113.45 -8.04 -19.08
N ASP V 196 -112.90 -8.15 -17.87
CA ASP V 196 -113.41 -9.13 -16.88
C ASP V 196 -114.72 -8.71 -16.15
N GLU V 197 -115.84 -9.04 -16.76
CA GLU V 197 -117.16 -8.59 -16.30
C GLU V 197 -117.41 -8.74 -14.79
N SER V 198 -116.79 -9.75 -14.19
CA SER V 198 -117.04 -10.07 -12.79
C SER V 198 -116.14 -9.28 -11.82
N LYS V 199 -115.22 -8.47 -12.34
CA LYS V 199 -114.48 -7.53 -11.50
C LYS V 199 -115.05 -6.12 -11.57
N LYS V 200 -115.97 -5.90 -12.51
CA LYS V 200 -116.61 -4.59 -12.78
C LYS V 200 -117.63 -4.17 -11.71
N LEU V 201 -117.78 -2.85 -11.54
CA LEU V 201 -118.74 -2.28 -10.59
C LEU V 201 -119.45 -1.09 -11.20
N TYR V 202 -120.70 -1.28 -11.63
CA TYR V 202 -121.52 -0.21 -12.23
C TYR V 202 -122.15 0.62 -11.14
N CYS V 203 -122.17 1.93 -11.35
CA CYS V 203 -122.61 2.83 -10.29
C CYS V 203 -123.93 3.43 -10.62
N VAL V 204 -124.76 3.55 -9.60
CA VAL V 204 -126.02 4.25 -9.74
C VAL V 204 -126.03 5.37 -8.72
N TYR V 205 -126.18 6.59 -9.18
CA TYR V 205 -126.15 7.70 -8.25
C TYR V 205 -127.53 8.31 -8.18
N VAL V 206 -128.19 8.25 -7.03
CA VAL V 206 -129.53 8.81 -6.92
C VAL V 206 -129.53 10.19 -6.31
N ALA V 207 -129.98 11.18 -7.07
CA ALA V 207 -129.99 12.56 -6.57
C ALA V 207 -131.34 12.85 -6.00
N VAL V 208 -131.41 13.02 -4.69
CA VAL V 208 -132.72 13.25 -4.08
C VAL V 208 -132.75 14.59 -3.36
N GLY V 209 -133.56 15.51 -3.88
CA GLY V 209 -133.71 16.82 -3.28
C GLY V 209 -132.55 17.75 -3.58
N GLN V 210 -131.60 17.31 -4.40
CA GLN V 210 -130.51 18.18 -4.86
C GLN V 210 -131.04 19.22 -5.88
N LYS V 211 -130.39 20.38 -5.97
CA LYS V 211 -130.76 21.30 -7.03
C LYS V 211 -130.17 20.77 -8.33
N ARG V 212 -130.83 21.09 -9.45
CA ARG V 212 -130.45 20.55 -10.75
C ARG V 212 -129.02 20.84 -11.11
N SER V 213 -128.63 22.11 -11.10
CA SER V 213 -127.25 22.51 -11.44
C SER V 213 -126.23 21.68 -10.67
N THR V 214 -126.56 21.37 -9.44
CA THR V 214 -125.70 20.53 -8.64
C THR V 214 -125.61 19.08 -9.18
N VAL V 215 -126.68 18.58 -9.77
CA VAL V 215 -126.59 17.29 -10.45
C VAL V 215 -125.75 17.52 -11.72
N ALA V 216 -125.99 18.63 -12.40
CA ALA V 216 -125.14 18.98 -13.54
C ALA V 216 -123.66 18.98 -13.12
N GLN V 217 -123.32 19.91 -12.23
CA GLN V 217 -121.96 20.12 -11.82
C GLN V 217 -121.34 18.74 -11.62
N LEU V 218 -122.17 17.79 -11.21
CA LEU V 218 -121.68 16.46 -10.89
C LEU V 218 -121.46 15.53 -12.10
N VAL V 219 -122.43 15.47 -13.02
CA VAL V 219 -122.24 14.63 -14.22
C VAL V 219 -121.08 15.14 -15.07
N GLN V 220 -120.83 16.44 -14.99
CA GLN V 220 -119.68 17.02 -15.63
C GLN V 220 -118.45 16.33 -15.07
N THR V 221 -118.33 16.27 -13.75
CA THR V 221 -117.12 15.76 -13.14
C THR V 221 -116.98 14.29 -13.45
N LEU V 222 -118.11 13.58 -13.50
CA LEU V 222 -118.08 12.18 -13.86
C LEU V 222 -117.45 12.04 -15.26
N GLU V 223 -117.92 12.84 -16.20
CA GLU V 223 -117.33 12.87 -17.55
C GLU V 223 -115.88 13.34 -17.60
N GLN V 224 -115.55 14.43 -16.90
CA GLN V 224 -114.16 14.86 -16.78
C GLN V 224 -113.27 13.71 -16.36
N HIS V 225 -113.87 12.66 -15.79
CA HIS V 225 -113.11 11.50 -15.35
C HIS V 225 -113.44 10.22 -16.11
N ASP V 226 -114.14 10.36 -17.23
CA ASP V 226 -114.58 9.23 -18.05
C ASP V 226 -115.16 8.14 -17.18
N ALA V 227 -116.17 8.55 -16.41
CA ALA V 227 -116.73 7.73 -15.34
C ALA V 227 -118.22 7.55 -15.58
N MET V 228 -118.69 8.27 -16.60
CA MET V 228 -120.11 8.32 -16.92
C MET V 228 -120.58 7.13 -17.74
N LYS V 229 -119.63 6.47 -18.39
CA LYS V 229 -119.92 5.32 -19.23
C LYS V 229 -120.33 4.10 -18.45
N TYR V 230 -120.13 4.13 -17.15
CA TYR V 230 -120.47 3.00 -16.30
C TYR V 230 -121.38 3.41 -15.15
N SER V 231 -121.86 4.65 -15.18
CA SER V 231 -122.82 5.13 -14.17
C SER V 231 -124.23 5.32 -14.72
N ILE V 232 -125.21 5.40 -13.82
CA ILE V 232 -126.55 5.86 -14.18
C ILE V 232 -126.98 6.81 -13.07
N ILE V 233 -127.14 8.08 -13.38
CA ILE V 233 -127.66 9.04 -12.41
C ILE V 233 -129.20 8.96 -12.46
N VAL V 234 -129.85 8.99 -11.31
CA VAL V 234 -131.33 9.04 -11.32
C VAL V 234 -131.73 10.24 -10.49
N ALA V 235 -132.41 11.18 -11.09
CA ALA V 235 -132.55 12.48 -10.48
C ALA V 235 -133.97 12.81 -10.05
N ALA V 236 -134.14 13.16 -8.79
CA ALA V 236 -135.42 13.69 -8.32
C ALA V 236 -135.18 15.04 -7.68
N THR V 237 -134.89 16.01 -8.50
CA THR V 237 -134.37 17.23 -7.95
C THR V 237 -135.35 18.00 -7.07
N ALA V 238 -134.80 18.89 -6.25
CA ALA V 238 -135.51 19.89 -5.44
C ALA V 238 -136.88 20.34 -5.88
N SER V 239 -137.08 20.52 -7.17
CA SER V 239 -138.31 21.14 -7.66
C SER V 239 -139.35 20.11 -8.02
N GLU V 240 -138.94 18.86 -8.20
CA GLU V 240 -139.90 17.85 -8.65
C GLU V 240 -140.93 17.51 -7.57
N ALA V 241 -141.96 16.76 -7.96
CA ALA V 241 -143.06 16.46 -7.05
C ALA V 241 -142.58 15.64 -5.90
N ALA V 242 -143.14 15.85 -4.71
CA ALA V 242 -142.80 15.00 -3.57
C ALA V 242 -142.83 13.51 -3.96
N PRO V 243 -143.91 13.02 -4.59
CA PRO V 243 -143.92 11.62 -5.02
C PRO V 243 -142.70 11.11 -5.81
N LEU V 244 -142.18 11.92 -6.72
CA LEU V 244 -140.99 11.49 -7.47
C LEU V 244 -139.76 11.36 -6.57
N GLN V 245 -139.54 12.36 -5.72
CA GLN V 245 -138.48 12.31 -4.72
C GLN V 245 -138.60 11.02 -3.88
N TYR V 246 -139.73 10.85 -3.21
CA TYR V 246 -139.93 9.62 -2.46
C TYR V 246 -139.67 8.37 -3.30
N LEU V 247 -139.95 8.41 -4.59
CA LEU V 247 -139.92 7.17 -5.39
C LEU V 247 -138.51 6.79 -5.90
N ALA V 248 -137.81 7.80 -6.41
CA ALA V 248 -136.48 7.64 -6.97
C ALA V 248 -135.62 6.49 -6.41
N PRO V 249 -135.38 6.48 -5.08
CA PRO V 249 -134.53 5.44 -4.57
C PRO V 249 -135.06 4.07 -4.91
N PHE V 250 -136.37 3.88 -4.84
CA PHE V 250 -136.94 2.59 -5.21
C PHE V 250 -136.75 2.27 -6.70
N THR V 251 -137.11 3.22 -7.54
CA THR V 251 -136.93 3.00 -8.96
C THR V 251 -135.45 2.69 -9.22
N ALA V 252 -134.58 3.44 -8.56
CA ALA V 252 -133.16 3.28 -8.78
C ALA V 252 -132.72 1.90 -8.33
N ALA V 253 -133.20 1.48 -7.16
CA ALA V 253 -132.80 0.20 -6.60
C ALA V 253 -133.06 -0.89 -7.63
N SER V 254 -134.11 -0.71 -8.43
CA SER V 254 -134.48 -1.69 -9.44
C SER V 254 -133.53 -1.62 -10.60
N ILE V 255 -133.18 -0.41 -11.00
CA ILE V 255 -132.27 -0.24 -12.14
C ILE V 255 -130.97 -1.01 -11.89
N GLY V 256 -130.50 -1.01 -10.66
CA GLY V 256 -129.26 -1.67 -10.36
C GLY V 256 -129.50 -3.08 -9.87
N GLU V 257 -130.77 -3.41 -9.57
CA GLU V 257 -131.11 -4.78 -9.25
C GLU V 257 -130.93 -5.63 -10.50
N TRP V 258 -131.07 -5.00 -11.66
CA TRP V 258 -130.86 -5.68 -12.94
C TRP V 258 -129.47 -6.24 -12.99
N PHE V 259 -128.52 -5.47 -12.50
CA PHE V 259 -127.15 -5.87 -12.58
C PHE V 259 -126.87 -7.05 -11.69
N ARG V 260 -127.34 -6.96 -10.45
CA ARG V 260 -127.18 -8.00 -9.43
C ARG V 260 -127.82 -9.33 -9.84
N ASP V 261 -129.00 -9.23 -10.45
CA ASP V 261 -129.75 -10.40 -10.88
C ASP V 261 -129.07 -11.07 -12.04
N ASN V 262 -128.32 -10.30 -12.80
CA ASN V 262 -127.69 -10.76 -14.05
C ASN V 262 -126.20 -11.00 -13.97
N GLY V 263 -125.70 -11.22 -12.76
CA GLY V 263 -124.35 -11.72 -12.58
C GLY V 263 -123.35 -10.62 -12.41
N LYS V 264 -123.82 -9.39 -12.36
CA LYS V 264 -122.89 -8.28 -12.27
C LYS V 264 -123.09 -7.55 -10.97
N HIS V 265 -122.25 -6.55 -10.74
CA HIS V 265 -122.25 -5.86 -9.49
C HIS V 265 -122.47 -4.37 -9.72
N ALA V 266 -123.52 -3.83 -9.09
CA ALA V 266 -123.77 -2.42 -9.13
C ALA V 266 -123.42 -1.78 -7.80
N LEU V 267 -123.44 -0.46 -7.78
CA LEU V 267 -123.19 0.27 -6.55
C LEU V 267 -124.22 1.37 -6.45
N ILE V 268 -125.10 1.31 -5.47
CA ILE V 268 -126.09 2.38 -5.38
C ILE V 268 -125.83 3.43 -4.29
N VAL V 269 -125.69 4.69 -4.71
CA VAL V 269 -125.49 5.79 -3.76
C VAL V 269 -126.79 6.58 -3.56
N TYR V 270 -127.38 6.50 -2.37
CA TYR V 270 -128.60 7.26 -2.13
C TYR V 270 -128.31 8.61 -1.52
N ASP V 271 -128.18 9.64 -2.34
CA ASP V 271 -127.82 10.97 -1.85
C ASP V 271 -129.01 11.98 -1.90
N ASP V 272 -129.90 12.02 -0.88
CA ASP V 272 -129.75 11.39 0.44
C ASP V 272 -131.11 11.12 1.14
N LEU V 273 -131.09 10.16 2.05
CA LEU V 273 -132.34 9.66 2.53
C LEU V 273 -133.08 10.68 3.38
N SER V 274 -132.36 11.52 4.13
CA SER V 274 -132.98 12.60 4.93
C SER V 274 -134.00 13.35 4.10
N LYS V 275 -133.70 13.61 2.83
CA LYS V 275 -134.65 14.32 2.00
C LYS V 275 -135.81 13.41 1.56
N GLN V 276 -135.52 12.21 1.07
CA GLN V 276 -136.59 11.26 0.75
C GLN V 276 -137.65 11.19 1.87
N ALA V 277 -137.19 11.07 3.11
CA ALA V 277 -138.09 11.13 4.26
C ALA V 277 -138.79 12.49 4.41
N VAL V 278 -138.08 13.59 4.12
CA VAL V 278 -138.73 14.90 4.19
C VAL V 278 -139.95 14.87 3.27
N ALA V 279 -139.77 14.29 2.07
CA ALA V 279 -140.80 14.25 1.01
C ALA V 279 -141.86 13.25 1.33
N TYR V 280 -141.44 12.08 1.80
CA TYR V 280 -142.40 11.06 2.20
C TYR V 280 -143.25 11.60 3.32
N ARG V 281 -142.66 12.41 4.21
CA ARG V 281 -143.47 13.16 5.16
C ARG V 281 -144.52 14.04 4.47
N GLN V 282 -144.13 14.60 3.33
CA GLN V 282 -145.02 15.54 2.65
C GLN V 282 -146.23 14.90 1.99
N LEU V 283 -146.08 13.77 1.28
CA LEU V 283 -147.22 12.98 0.81
C LEU V 283 -148.24 12.73 1.92
N SER V 284 -147.76 12.19 3.05
CA SER V 284 -148.59 11.73 4.17
C SER V 284 -149.33 12.82 4.88
N LEU V 285 -148.63 13.87 5.31
CA LEU V 285 -149.31 14.99 5.95
C LEU V 285 -150.43 15.56 5.06
N LEU V 286 -150.19 15.60 3.74
CA LEU V 286 -151.18 16.09 2.79
C LEU V 286 -152.26 15.07 2.44
N LEU V 287 -151.92 13.79 2.42
CA LEU V 287 -152.90 12.75 2.29
C LEU V 287 -153.65 12.67 3.62
N ARG V 288 -153.15 13.42 4.62
CA ARG V 288 -153.79 13.51 5.94
C ARG V 288 -153.63 12.28 6.85
N ARG V 289 -152.73 11.37 6.50
CA ARG V 289 -152.43 10.27 7.40
C ARG V 289 -151.83 10.86 8.68
N PRO V 290 -152.29 10.43 9.87
CA PRO V 290 -151.81 11.10 11.07
C PRO V 290 -150.32 10.86 11.34
N PRO V 291 -149.64 11.88 11.90
CA PRO V 291 -148.19 11.92 11.86
C PRO V 291 -147.54 11.13 13.01
N GLY V 292 -146.26 10.80 12.83
CA GLY V 292 -145.45 10.18 13.87
C GLY V 292 -144.60 11.24 14.57
N ARG V 293 -143.39 10.85 14.93
CA ARG V 293 -142.47 11.74 15.62
C ARG V 293 -141.83 12.70 14.61
N GLU V 294 -141.50 13.90 15.08
CA GLU V 294 -141.17 15.04 14.21
C GLU V 294 -142.01 15.02 12.91
N ALA V 295 -143.33 14.92 13.07
CA ALA V 295 -144.30 14.99 11.96
C ALA V 295 -144.09 13.99 10.82
N TYR V 296 -143.11 13.10 10.96
CA TYR V 296 -142.87 12.01 10.00
C TYR V 296 -143.99 11.01 10.08
N PRO V 297 -144.17 10.18 9.05
CA PRO V 297 -145.18 9.13 9.17
C PRO V 297 -144.71 8.02 10.09
N GLY V 298 -145.65 7.18 10.53
CA GLY V 298 -145.35 6.14 11.48
C GLY V 298 -144.30 5.12 11.05
N ASP V 299 -144.20 4.88 9.74
CA ASP V 299 -143.38 3.79 9.23
C ASP V 299 -142.26 4.36 8.37
N VAL V 300 -141.84 5.56 8.71
CA VAL V 300 -140.72 6.15 8.02
C VAL V 300 -139.52 5.22 8.10
N PHE V 301 -139.44 4.37 9.14
CA PHE V 301 -138.40 3.32 9.24
C PHE V 301 -138.59 2.25 8.16
N TYR V 302 -139.77 1.66 8.11
CA TYR V 302 -140.13 0.71 7.05
C TYR V 302 -139.75 1.24 5.69
N LEU V 303 -139.94 2.54 5.50
CA LEU V 303 -139.57 3.16 4.24
C LEU V 303 -138.17 2.77 3.79
N HIS V 304 -137.21 2.91 4.70
CA HIS V 304 -135.82 2.80 4.36
C HIS V 304 -135.37 1.40 4.47
N SER V 305 -135.85 0.71 5.50
CA SER V 305 -135.51 -0.68 5.73
C SER V 305 -135.76 -1.50 4.48
N ARG V 306 -136.91 -1.33 3.83
CA ARG V 306 -137.22 -2.17 2.66
C ARG V 306 -136.40 -1.85 1.45
N LEU V 307 -135.95 -0.60 1.35
CA LEU V 307 -135.07 -0.21 0.28
C LEU V 307 -133.71 -0.85 0.53
N LEU V 308 -133.14 -0.55 1.69
CA LEU V 308 -131.77 -0.93 1.98
C LEU V 308 -131.54 -2.43 2.02
N GLU V 309 -132.56 -3.21 2.41
CA GLU V 309 -132.49 -4.69 2.35
C GLU V 309 -132.37 -5.20 0.92
N ARG V 310 -132.74 -4.39 -0.06
CA ARG V 310 -132.73 -4.79 -1.45
C ARG V 310 -131.30 -4.95 -1.95
N ALA V 311 -130.35 -4.35 -1.24
CA ALA V 311 -128.91 -4.56 -1.45
C ALA V 311 -128.55 -5.89 -0.83
N ALA V 312 -127.84 -6.74 -1.59
CA ALA V 312 -127.46 -8.10 -1.13
C ALA V 312 -126.44 -8.72 -2.05
N LYS V 313 -125.78 -9.77 -1.59
CA LYS V 313 -124.82 -10.50 -2.43
C LYS V 313 -125.31 -11.92 -2.74
N LEU V 314 -125.88 -12.11 -3.93
CA LEU V 314 -126.54 -13.37 -4.27
C LEU V 314 -125.60 -14.59 -4.23
N SER V 315 -126.20 -15.77 -4.05
CA SER V 315 -125.49 -17.04 -4.04
C SER V 315 -125.13 -17.47 -5.44
N GLU V 316 -124.16 -18.37 -5.57
CA GLU V 316 -123.85 -19.03 -6.84
C GLU V 316 -125.04 -19.51 -7.64
N LYS V 317 -125.99 -20.20 -7.00
CA LYS V 317 -127.17 -20.67 -7.72
C LYS V 317 -127.86 -19.51 -8.42
N GLU V 318 -127.80 -18.33 -7.82
CA GLU V 318 -128.53 -17.19 -8.34
C GLU V 318 -127.71 -16.24 -9.17
N GLY V 319 -126.45 -16.57 -9.43
CA GLY V 319 -125.63 -15.82 -10.37
C GLY V 319 -124.53 -14.99 -9.74
N SER V 320 -124.41 -15.09 -8.42
CA SER V 320 -123.38 -14.38 -7.67
C SER V 320 -123.40 -12.86 -7.81
N GLY V 321 -124.40 -12.30 -8.46
CA GLY V 321 -124.49 -10.85 -8.58
C GLY V 321 -124.61 -10.19 -7.22
N SER V 322 -124.00 -9.02 -7.06
CA SER V 322 -124.18 -8.23 -5.84
C SER V 322 -124.86 -6.91 -6.17
N LEU V 323 -125.49 -6.31 -5.15
CA LEU V 323 -125.82 -4.89 -5.16
C LEU V 323 -125.35 -4.31 -3.83
N THR V 324 -124.59 -3.23 -3.88
CA THR V 324 -123.95 -2.61 -2.71
C THR V 324 -124.51 -1.23 -2.49
N ALA V 325 -124.81 -0.86 -1.27
CA ALA V 325 -125.47 0.42 -1.05
C ALA V 325 -124.65 1.40 -0.23
N LEU V 326 -124.45 2.60 -0.75
CA LEU V 326 -123.98 3.69 0.09
C LEU V 326 -125.07 4.77 0.27
N PRO V 327 -125.99 4.54 1.19
CA PRO V 327 -126.89 5.65 1.49
C PRO V 327 -126.16 6.86 2.09
N VAL V 328 -126.67 8.06 1.88
CA VAL V 328 -126.14 9.20 2.63
C VAL V 328 -127.18 9.77 3.62
N ILE V 329 -126.72 10.30 4.73
CA ILE V 329 -127.65 10.92 5.66
C ILE V 329 -127.03 12.17 6.22
N GLU V 330 -127.81 13.22 6.26
CA GLU V 330 -127.37 14.49 6.78
C GLU V 330 -127.88 14.73 8.18
N THR V 331 -127.01 15.01 9.13
CA THR V 331 -127.48 15.31 10.48
C THR V 331 -127.62 16.81 10.69
N GLN V 332 -127.98 17.24 11.89
CA GLN V 332 -127.85 18.63 12.30
C GLN V 332 -126.99 18.65 13.55
N GLY V 333 -126.17 19.68 13.73
CA GLY V 333 -125.39 19.85 14.97
C GLY V 333 -124.74 18.60 15.52
N GLY V 334 -124.35 17.70 14.61
CA GLY V 334 -123.68 16.44 14.95
C GLY V 334 -124.56 15.38 15.61
N ASP V 335 -125.82 15.75 15.85
CA ASP V 335 -126.75 14.88 16.53
C ASP V 335 -127.12 13.71 15.66
N VAL V 336 -126.73 12.53 16.12
CA VAL V 336 -127.01 11.31 15.39
C VAL V 336 -128.20 10.63 16.04
N SER V 337 -128.66 11.21 17.14
CA SER V 337 -129.72 10.65 17.97
C SER V 337 -131.06 11.19 17.55
N ALA V 338 -131.09 11.88 16.43
CA ALA V 338 -132.34 12.36 15.89
C ALA V 338 -132.93 11.24 15.09
N TYR V 339 -134.23 11.32 14.91
CA TYR V 339 -135.06 10.25 14.36
C TYR V 339 -134.44 9.42 13.22
N ILE V 340 -134.36 10.02 12.05
CA ILE V 340 -134.01 9.29 10.83
C ILE V 340 -132.62 8.66 10.89
N PRO V 341 -131.58 9.46 11.26
CA PRO V 341 -130.25 8.86 11.32
C PRO V 341 -130.28 7.59 12.19
N THR V 342 -130.76 7.72 13.41
CA THR V 342 -130.99 6.55 14.23
C THR V 342 -131.61 5.37 13.44
N ASN V 343 -132.70 5.62 12.71
CA ASN V 343 -133.34 4.57 11.93
C ASN V 343 -132.35 3.88 11.02
N VAL V 344 -131.78 4.64 10.09
CA VAL V 344 -130.86 4.07 9.13
C VAL V 344 -129.60 3.51 9.80
N ILE V 345 -129.06 4.21 10.81
CA ILE V 345 -127.83 3.74 11.49
C ILE V 345 -127.91 2.26 11.87
N SER V 346 -129.08 1.84 12.34
CA SER V 346 -129.31 0.46 12.78
C SER V 346 -129.76 -0.44 11.63
N ILE V 347 -130.09 0.14 10.49
CA ILE V 347 -130.43 -0.67 9.35
C ILE V 347 -129.19 -1.17 8.60
N THR V 348 -128.14 -0.37 8.56
CA THR V 348 -126.98 -0.68 7.73
C THR V 348 -125.86 -1.46 8.40
N ASP V 349 -124.97 -1.96 7.56
CA ASP V 349 -123.86 -2.78 8.01
C ASP V 349 -122.68 -1.91 8.38
N GLY V 350 -122.96 -0.73 8.92
CA GLY V 350 -121.89 0.12 9.44
C GLY V 350 -121.94 1.52 8.93
N GLN V 351 -121.18 2.42 9.52
CA GLN V 351 -121.25 3.81 9.07
C GLN V 351 -119.86 4.43 8.92
N ILE V 352 -119.81 5.49 8.14
CA ILE V 352 -118.65 6.36 8.12
C ILE V 352 -119.12 7.73 8.62
N PHE V 353 -118.63 8.16 9.76
CA PHE V 353 -119.00 9.45 10.30
C PHE V 353 -118.04 10.49 9.82
N LEU V 354 -118.54 11.52 9.16
CA LEU V 354 -117.67 12.63 8.82
C LEU V 354 -117.92 13.78 9.80
N GLU V 355 -116.86 14.49 10.15
CA GLU V 355 -116.99 15.56 11.11
C GLU V 355 -116.36 16.89 10.68
N ALA V 356 -117.11 17.94 10.92
CA ALA V 356 -116.67 19.29 10.61
C ALA V 356 -115.40 19.71 11.35
N GLU V 357 -115.30 19.37 12.64
CA GLU V 357 -114.13 19.74 13.45
C GLU V 357 -112.89 19.12 12.83
N LEU V 358 -112.98 17.83 12.51
CA LEU V 358 -111.89 17.10 11.89
C LEU V 358 -111.44 17.81 10.63
N PHE V 359 -112.43 18.09 9.77
CA PHE V 359 -112.22 18.79 8.52
C PHE V 359 -111.32 20.01 8.69
N TYR V 360 -111.81 21.00 9.43
CA TYR V 360 -111.11 22.27 9.57
C TYR V 360 -109.72 22.21 10.20
N LYS V 361 -109.39 21.09 10.83
CA LYS V 361 -108.03 20.94 11.34
C LYS V 361 -107.21 20.02 10.46
N GLY V 362 -107.80 19.64 9.34
CA GLY V 362 -107.01 19.11 8.26
C GLY V 362 -107.11 17.63 8.02
N ILE V 363 -108.06 16.98 8.66
CA ILE V 363 -108.23 15.59 8.32
C ILE V 363 -109.33 15.53 7.27
N ARG V 364 -108.92 15.14 6.05
CA ARG V 364 -109.78 15.10 4.86
C ARG V 364 -109.42 13.91 3.97
N PRO V 365 -110.32 12.91 3.83
CA PRO V 365 -111.68 12.71 4.36
C PRO V 365 -111.74 12.94 5.87
N ALA V 366 -112.78 13.61 6.33
CA ALA V 366 -112.91 13.90 7.75
C ALA V 366 -113.59 12.73 8.42
N ILE V 367 -113.18 11.53 8.04
CA ILE V 367 -113.68 10.31 8.63
C ILE V 367 -113.38 10.33 10.13
N ASN V 368 -114.34 9.85 10.92
CA ASN V 368 -114.14 9.66 12.31
C ASN V 368 -113.94 8.16 12.54
N VAL V 369 -112.67 7.80 12.66
CA VAL V 369 -112.26 6.43 12.93
C VAL V 369 -112.93 5.92 14.18
N GLY V 370 -112.91 6.74 15.22
CA GLY V 370 -113.55 6.42 16.48
C GLY V 370 -114.93 5.86 16.30
N LEU V 371 -115.73 6.48 15.44
CA LEU V 371 -117.12 6.09 15.29
C LEU V 371 -117.45 5.27 14.04
N SER V 372 -116.60 5.32 13.01
CA SER V 372 -116.88 4.61 11.77
C SER V 372 -116.62 3.12 11.91
N VAL V 373 -117.53 2.32 11.39
CA VAL V 373 -117.32 0.87 11.33
C VAL V 373 -117.79 0.29 10.02
N SER V 374 -117.17 -0.84 9.64
CA SER V 374 -117.77 -1.74 8.67
C SER V 374 -117.96 -3.04 9.37
N ARG V 375 -119.19 -3.49 9.43
CA ARG V 375 -119.52 -4.68 10.17
C ARG V 375 -119.10 -5.99 9.48
N VAL V 376 -118.95 -5.95 8.15
CA VAL V 376 -118.38 -7.06 7.40
C VAL V 376 -116.93 -7.22 7.83
N GLY V 377 -116.25 -6.06 7.94
CA GLY V 377 -114.87 -5.97 8.36
C GLY V 377 -113.84 -6.45 7.35
N SER V 378 -112.89 -7.24 7.84
CA SER V 378 -111.76 -7.72 7.06
C SER V 378 -112.16 -8.67 5.94
N ALA V 379 -113.35 -9.24 6.04
CA ALA V 379 -113.86 -10.13 5.03
C ALA V 379 -113.83 -9.50 3.62
N ALA V 380 -113.80 -8.17 3.56
CA ALA V 380 -113.93 -7.46 2.30
C ALA V 380 -112.73 -6.57 2.01
N GLN V 381 -111.74 -6.66 2.88
CA GLN V 381 -110.48 -6.02 2.67
C GLN V 381 -109.66 -6.91 1.71
N VAL V 382 -108.70 -6.31 1.01
CA VAL V 382 -107.78 -7.09 0.16
C VAL V 382 -106.74 -7.71 1.10
N LYS V 383 -106.29 -8.94 0.82
CA LYS V 383 -105.44 -9.67 1.81
C LYS V 383 -104.20 -8.88 2.17
N ALA V 384 -103.61 -8.23 1.18
CA ALA V 384 -102.37 -7.48 1.35
C ALA V 384 -102.58 -6.30 2.30
N LEU V 385 -103.65 -5.56 2.05
CA LEU V 385 -104.03 -4.41 2.86
C LEU V 385 -104.30 -4.84 4.27
N LYS V 386 -105.06 -5.93 4.40
CA LYS V 386 -105.34 -6.56 5.68
C LYS V 386 -104.04 -6.86 6.46
N GLN V 387 -103.08 -7.48 5.80
CA GLN V 387 -101.83 -7.92 6.41
C GLN V 387 -101.04 -6.82 7.07
N VAL V 388 -100.89 -5.69 6.37
CA VAL V 388 -100.14 -4.54 6.88
C VAL V 388 -101.01 -3.56 7.69
N ALA V 389 -102.33 -3.73 7.65
CA ALA V 389 -103.26 -2.91 8.44
C ALA V 389 -103.62 -3.61 9.77
N GLY V 390 -102.93 -4.71 10.05
CA GLY V 390 -103.13 -5.42 11.28
C GLY V 390 -103.10 -4.41 12.39
N SER V 391 -104.25 -4.25 13.07
CA SER V 391 -104.38 -3.48 14.34
C SER V 391 -104.43 -1.96 14.23
N LEU V 392 -104.31 -1.44 13.02
CA LEU V 392 -104.21 -0.01 12.83
C LEU V 392 -105.36 0.73 13.49
N LYS V 393 -106.58 0.24 13.26
CA LYS V 393 -107.79 0.91 13.74
C LYS V 393 -107.88 0.99 15.26
N LEU V 394 -107.51 -0.10 15.93
CA LEU V 394 -107.39 -0.13 17.38
C LEU V 394 -106.29 0.78 17.88
N PHE V 395 -105.16 0.74 17.18
CA PHE V 395 -104.02 1.56 17.53
C PHE V 395 -104.40 3.02 17.44
N LEU V 396 -105.12 3.39 16.37
CA LEU V 396 -105.48 4.78 16.13
C LEU V 396 -106.37 5.31 17.25
N ALA V 397 -107.05 4.37 17.90
CA ALA V 397 -107.89 4.63 19.06
C ALA V 397 -107.02 4.90 20.28
N GLN V 398 -106.11 3.97 20.55
CA GLN V 398 -105.15 4.15 21.60
C GLN V 398 -104.46 5.51 21.41
N TYR V 399 -104.26 5.92 20.16
CA TYR V 399 -103.59 7.18 19.86
C TYR V 399 -104.40 8.38 20.36
N ARG V 400 -105.71 8.40 20.11
CA ARG V 400 -106.58 9.46 20.61
C ARG V 400 -106.57 9.46 22.12
N GLU V 401 -106.49 8.25 22.68
CA GLU V 401 -106.36 8.03 24.12
C GLU V 401 -105.18 8.84 24.68
N VAL V 402 -103.98 8.53 24.22
CA VAL V 402 -102.77 9.19 24.70
C VAL V 402 -102.76 10.69 24.40
N ALA V 403 -103.38 11.08 23.28
CA ALA V 403 -103.49 12.48 22.90
C ALA V 403 -104.49 13.27 23.75
N ALA V 404 -105.44 12.58 24.37
CA ALA V 404 -106.35 13.21 25.34
C ALA V 404 -105.63 13.44 26.69
N PHE V 405 -104.85 12.44 27.10
CA PHE V 405 -103.98 12.52 28.29
C PHE V 405 -102.85 13.55 28.11
N ALA V 406 -102.50 13.84 26.85
CA ALA V 406 -101.48 14.85 26.52
C ALA V 406 -101.91 16.27 26.91
N GLN V 407 -103.22 16.51 26.92
CA GLN V 407 -103.81 17.80 27.27
C GLN V 407 -103.51 18.26 28.70
N PHE V 408 -103.18 17.29 29.55
CA PHE V 408 -102.67 17.54 30.91
C PHE V 408 -101.31 18.21 30.86
N GLY V 409 -100.71 18.21 29.67
CA GLY V 409 -99.39 18.79 29.42
C GLY V 409 -98.33 18.44 30.50
N SER V 410 -98.54 17.32 31.19
CA SER V 410 -97.55 16.75 32.11
C SER V 410 -96.62 15.83 31.33
N ASP V 411 -95.33 15.92 31.65
CA ASP V 411 -94.26 15.18 30.95
C ASP V 411 -94.61 13.78 30.46
N LEU V 412 -94.23 13.48 29.21
CA LEU V 412 -94.42 12.14 28.65
C LEU V 412 -93.18 11.26 28.80
N ASP V 413 -93.42 9.95 28.89
CA ASP V 413 -92.35 8.96 28.89
C ASP V 413 -92.09 8.45 27.46
N ALA V 414 -91.10 7.56 27.33
CA ALA V 414 -90.67 7.02 26.03
C ALA V 414 -91.70 6.11 25.36
N SER V 415 -92.72 5.69 26.12
CA SER V 415 -93.79 4.82 25.60
C SER V 415 -94.91 5.64 24.98
N THR V 416 -95.35 6.67 25.69
CA THR V 416 -96.42 7.56 25.22
C THR V 416 -95.97 8.49 24.09
N LYS V 417 -94.79 9.12 24.25
CA LYS V 417 -94.19 9.91 23.19
C LYS V 417 -94.02 9.07 21.93
N GLN V 418 -93.62 7.81 22.12
CA GLN V 418 -93.48 6.85 21.05
C GLN V 418 -94.76 6.70 20.23
N THR V 419 -95.87 6.37 20.89
CA THR V 419 -97.13 6.13 20.19
C THR V 419 -97.75 7.43 19.67
N LEU V 420 -97.41 8.54 20.31
CA LEU V 420 -97.85 9.84 19.84
C LEU V 420 -97.20 10.19 18.51
N VAL V 421 -95.90 9.94 18.40
CA VAL V 421 -95.17 10.21 17.18
C VAL V 421 -95.74 9.38 16.04
N ARG V 422 -96.16 8.14 16.34
CA ARG V 422 -96.59 7.27 15.26
C ARG V 422 -98.00 7.57 14.86
N GLY V 423 -98.85 7.81 15.85
CA GLY V 423 -100.25 8.15 15.61
C GLY V 423 -100.41 9.44 14.81
N GLU V 424 -99.54 10.42 15.09
CA GLU V 424 -99.57 11.70 14.41
C GLU V 424 -99.23 11.50 12.94
N ARG V 425 -98.23 10.65 12.70
CA ARG V 425 -97.79 10.32 11.35
C ARG V 425 -98.77 9.41 10.64
N LEU V 426 -99.39 8.52 11.37
CA LEU V 426 -100.42 7.68 10.78
C LEU V 426 -101.63 8.50 10.35
N THR V 427 -102.15 9.30 11.29
CA THR V 427 -103.18 10.29 10.98
C THR V 427 -102.88 11.00 9.65
N GLN V 428 -101.72 11.65 9.59
CA GLN V 428 -101.25 12.42 8.43
C GLN V 428 -101.15 11.60 7.17
N LEU V 429 -100.79 10.34 7.30
CA LEU V 429 -100.62 9.44 6.15
C LEU V 429 -101.96 9.06 5.53
N LEU V 430 -103.05 9.21 6.27
CA LEU V 430 -104.35 8.86 5.73
C LEU V 430 -105.05 10.03 5.05
N LYS V 431 -104.49 11.24 5.18
CA LYS V 431 -105.09 12.42 4.55
C LYS V 431 -104.99 12.24 3.04
N GLN V 432 -105.97 12.74 2.31
CA GLN V 432 -106.01 12.44 0.89
C GLN V 432 -106.75 13.53 0.13
N ASN V 433 -106.25 13.91 -1.03
CA ASN V 433 -106.94 14.89 -1.84
C ASN V 433 -108.16 14.29 -2.51
N GLN V 434 -109.20 15.10 -2.64
CA GLN V 434 -110.36 14.75 -3.42
C GLN V 434 -109.96 14.37 -4.85
N TYR V 435 -110.72 13.44 -5.44
CA TYR V 435 -110.60 13.05 -6.87
C TYR V 435 -109.41 12.18 -7.21
N SER V 436 -108.66 11.77 -6.18
CA SER V 436 -107.47 10.97 -6.34
C SER V 436 -107.59 9.64 -5.61
N PRO V 437 -108.39 8.71 -6.13
CA PRO V 437 -108.34 7.37 -5.55
C PRO V 437 -107.06 6.64 -5.95
N LEU V 438 -106.53 5.85 -5.01
CA LEU V 438 -105.26 5.17 -5.18
C LEU V 438 -105.45 3.68 -5.37
N ALA V 439 -104.66 3.11 -6.26
CA ALA V 439 -104.53 1.67 -6.38
C ALA V 439 -104.07 1.03 -5.06
N THR V 440 -104.42 -0.24 -4.89
CA THR V 440 -104.10 -1.00 -3.69
C THR V 440 -102.61 -1.05 -3.46
N GLU V 441 -101.86 -1.28 -4.53
CA GLU V 441 -100.43 -1.36 -4.47
C GLU V 441 -99.77 -0.03 -4.24
N GLU V 442 -100.49 1.07 -4.41
CA GLU V 442 -99.98 2.37 -3.97
C GLU V 442 -100.26 2.52 -2.48
N GLN V 443 -101.45 2.09 -2.05
CA GLN V 443 -101.86 2.13 -0.64
C GLN V 443 -100.99 1.28 0.30
N VAL V 444 -100.68 0.06 -0.17
CA VAL V 444 -100.07 -0.99 0.66
C VAL V 444 -98.72 -0.57 1.23
N PRO V 445 -97.81 -0.11 0.36
CA PRO V 445 -96.49 0.26 0.82
C PRO V 445 -96.54 1.51 1.72
N LEU V 446 -97.42 2.45 1.41
CA LEU V 446 -97.64 3.56 2.33
C LEU V 446 -98.00 3.06 3.72
N ILE V 447 -99.05 2.26 3.82
CA ILE V 447 -99.50 1.73 5.10
C ILE V 447 -98.35 0.98 5.81
N TYR V 448 -97.63 0.16 5.04
CA TYR V 448 -96.53 -0.65 5.60
C TYR V 448 -95.41 0.23 6.17
N ALA V 449 -95.06 1.28 5.43
CA ALA V 449 -94.07 2.26 5.88
C ALA V 449 -94.49 2.95 7.17
N GLY V 450 -95.79 3.22 7.31
CA GLY V 450 -96.29 3.89 8.51
C GLY V 450 -96.33 2.95 9.69
N VAL V 451 -97.03 1.84 9.52
CA VAL V 451 -97.21 0.83 10.56
C VAL V 451 -95.88 0.31 11.14
N ASN V 452 -94.98 -0.17 10.29
CA ASN V 452 -93.70 -0.69 10.77
C ASN V 452 -92.71 0.42 11.15
N GLY V 453 -93.19 1.66 11.16
CA GLY V 453 -92.49 2.78 11.76
C GLY V 453 -91.26 3.30 11.04
N HIS V 454 -91.31 3.29 9.72
CA HIS V 454 -90.23 3.82 8.92
C HIS V 454 -90.46 5.30 8.69
N LEU V 455 -91.67 5.77 8.98
CA LEU V 455 -92.02 7.18 8.82
C LEU V 455 -91.73 7.98 10.08
N ASP V 456 -91.44 7.28 11.16
CA ASP V 456 -91.47 7.88 12.48
C ASP V 456 -90.37 8.92 12.75
N GLY V 457 -89.33 8.91 11.93
CA GLY V 457 -88.30 9.93 12.02
C GLY V 457 -88.28 10.82 10.79
N ILE V 458 -89.37 11.54 10.58
CA ILE V 458 -89.55 12.37 9.39
C ILE V 458 -90.48 13.50 9.75
N GLU V 459 -90.17 14.71 9.28
CA GLU V 459 -90.96 15.84 9.70
C GLU V 459 -92.40 15.76 9.21
N LEU V 460 -93.32 16.24 10.04
CA LEU V 460 -94.75 16.07 9.83
C LEU V 460 -95.26 16.78 8.59
N SER V 461 -94.68 17.95 8.32
CA SER V 461 -95.06 18.75 7.15
C SER V 461 -94.53 18.10 5.88
N ARG V 462 -93.57 17.19 6.04
CA ARG V 462 -92.87 16.58 4.93
C ARG V 462 -93.46 15.24 4.50
N ILE V 463 -94.24 14.61 5.38
CA ILE V 463 -94.99 13.39 5.03
C ILE V 463 -95.84 13.54 3.77
N GLY V 464 -96.29 14.76 3.49
CA GLY V 464 -96.91 15.05 2.20
C GLY V 464 -95.99 14.61 1.07
N GLU V 465 -94.80 15.19 1.05
CA GLU V 465 -93.88 14.90 -0.03
C GLU V 465 -93.39 13.46 0.02
N PHE V 466 -93.42 12.85 1.20
CA PHE V 466 -92.96 11.48 1.29
C PHE V 466 -93.79 10.62 0.35
N GLU V 467 -95.10 10.78 0.48
CA GLU V 467 -96.03 9.90 -0.19
C GLU V 467 -95.73 9.79 -1.68
N SER V 468 -95.78 10.91 -2.40
CA SER V 468 -95.61 10.84 -3.87
C SER V 468 -94.20 10.47 -4.27
N SER V 469 -93.21 10.99 -3.53
CA SER V 469 -91.78 10.72 -3.77
C SER V 469 -91.49 9.24 -3.59
N PHE V 470 -92.19 8.63 -2.62
CA PHE V 470 -92.06 7.20 -2.37
C PHE V 470 -92.62 6.45 -3.57
N LEU V 471 -93.89 6.68 -3.86
CA LEU V 471 -94.55 6.00 -4.96
C LEU V 471 -93.79 6.15 -6.27
N SER V 472 -93.35 7.38 -6.56
CA SER V 472 -92.51 7.64 -7.75
C SER V 472 -91.33 6.66 -7.83
N TYR V 473 -90.64 6.47 -6.72
CA TYR V 473 -89.47 5.61 -6.67
C TYR V 473 -89.82 4.13 -6.82
N LEU V 474 -90.89 3.69 -6.16
CA LEU V 474 -91.35 2.31 -6.21
C LEU V 474 -91.78 1.89 -7.62
N LYS V 475 -92.46 2.79 -8.33
CA LYS V 475 -92.81 2.55 -9.72
C LYS V 475 -91.53 2.40 -10.53
N SER V 476 -90.68 3.42 -10.47
CA SER V 476 -89.37 3.44 -11.13
C SER V 476 -88.54 2.18 -10.91
N ASN V 477 -88.32 1.82 -9.65
CA ASN V 477 -87.41 0.72 -9.33
C ASN V 477 -88.09 -0.62 -9.14
N HIS V 478 -88.84 -0.74 -8.06
CA HIS V 478 -89.33 -2.05 -7.64
C HIS V 478 -90.71 -2.34 -8.17
N ASN V 479 -90.93 -1.93 -9.41
CA ASN V 479 -92.21 -2.10 -10.08
C ASN V 479 -92.69 -3.55 -10.05
N GLU V 480 -91.72 -4.47 -10.04
CA GLU V 480 -91.97 -5.91 -10.00
C GLU V 480 -92.73 -6.34 -8.74
N LEU V 481 -92.54 -5.59 -7.65
CA LEU V 481 -93.29 -5.81 -6.42
C LEU V 481 -94.69 -5.28 -6.60
N LEU V 482 -94.78 -4.01 -6.99
CA LEU V 482 -96.05 -3.33 -7.14
C LEU V 482 -97.00 -4.13 -8.00
N THR V 483 -96.43 -4.80 -9.00
CA THR V 483 -97.24 -5.58 -9.91
C THR V 483 -97.59 -6.95 -9.35
N GLU V 484 -96.80 -7.44 -8.40
CA GLU V 484 -97.15 -8.66 -7.72
C GLU V 484 -98.25 -8.41 -6.70
N ILE V 485 -98.03 -7.44 -5.81
CA ILE V 485 -99.08 -7.05 -4.88
C ILE V 485 -100.38 -7.02 -5.66
N ARG V 486 -100.45 -6.22 -6.73
CA ARG V 486 -101.68 -6.12 -7.52
C ARG V 486 -102.18 -7.47 -8.00
N GLU V 487 -101.38 -8.18 -8.78
CA GLU V 487 -101.78 -9.45 -9.36
C GLU V 487 -102.17 -10.45 -8.26
N LYS V 488 -101.41 -10.47 -7.17
CA LYS V 488 -101.61 -11.51 -6.17
C LYS V 488 -102.47 -11.11 -4.98
N GLY V 489 -102.45 -9.83 -4.62
CA GLY V 489 -103.29 -9.28 -3.56
C GLY V 489 -102.90 -9.78 -2.19
N GLU V 490 -101.76 -10.44 -2.10
CA GLU V 490 -101.33 -11.05 -0.86
C GLU V 490 -99.82 -11.02 -0.78
N LEU V 491 -99.32 -10.39 0.27
CA LEU V 491 -97.89 -10.27 0.50
C LEU V 491 -97.31 -11.56 1.03
N SER V 492 -96.72 -12.35 0.15
CA SER V 492 -95.98 -13.53 0.57
C SER V 492 -94.78 -13.10 1.40
N LYS V 493 -94.18 -14.06 2.09
CA LYS V 493 -93.14 -13.79 3.07
C LYS V 493 -91.92 -13.09 2.47
N GLU V 494 -91.59 -13.42 1.23
CA GLU V 494 -90.44 -12.84 0.51
C GLU V 494 -90.80 -11.45 0.04
N LEU V 495 -92.09 -11.26 -0.25
CA LEU V 495 -92.58 -9.99 -0.76
C LEU V 495 -92.56 -8.98 0.37
N LEU V 496 -92.80 -9.46 1.58
CA LEU V 496 -92.62 -8.62 2.77
C LEU V 496 -91.16 -8.23 2.87
N ALA V 497 -90.27 -9.18 2.59
CA ALA V 497 -88.84 -8.92 2.58
C ALA V 497 -88.46 -7.82 1.58
N SER V 498 -88.79 -8.03 0.31
CA SER V 498 -88.44 -7.07 -0.74
C SER V 498 -88.95 -5.69 -0.38
N LEU V 499 -90.19 -5.66 0.10
CA LEU V 499 -90.81 -4.44 0.52
C LEU V 499 -90.10 -3.83 1.72
N LYS V 500 -89.81 -4.66 2.73
CA LYS V 500 -89.04 -4.21 3.89
C LYS V 500 -87.76 -3.52 3.43
N SER V 501 -86.94 -4.24 2.67
CA SER V 501 -85.71 -3.70 2.12
C SER V 501 -86.00 -2.40 1.40
N ALA V 502 -86.91 -2.49 0.43
CA ALA V 502 -87.28 -1.39 -0.43
C ALA V 502 -87.62 -0.09 0.31
N THR V 503 -88.29 -0.21 1.46
CA THR V 503 -88.70 0.96 2.22
C THR V 503 -87.49 1.57 2.92
N GLU V 504 -86.76 0.75 3.67
CA GLU V 504 -85.58 1.21 4.42
C GLU V 504 -84.68 1.98 3.49
N SER V 505 -84.23 1.29 2.45
CA SER V 505 -83.51 1.87 1.33
C SER V 505 -83.88 3.35 1.15
N PHE V 506 -85.13 3.60 0.77
CA PHE V 506 -85.65 4.93 0.43
C PHE V 506 -85.69 5.94 1.58
N VAL V 507 -85.94 5.48 2.82
CA VAL V 507 -86.07 6.38 3.97
C VAL V 507 -84.74 7.06 4.28
N ALA V 508 -83.64 6.35 4.03
CA ALA V 508 -82.32 6.95 4.01
C ALA V 508 -82.15 7.81 2.76
N THR V 509 -83.22 8.50 2.38
CA THR V 509 -83.37 9.25 1.09
C THR V 509 -83.19 8.38 -0.17
N SER W 6 -167.57 -27.11 3.86
CA SER W 6 -167.66 -25.69 3.37
C SER W 6 -168.88 -24.94 3.93
N THR W 7 -168.57 -23.95 4.77
CA THR W 7 -169.58 -23.01 5.30
C THR W 7 -168.96 -21.58 5.34
N PRO W 8 -168.40 -21.12 4.20
CA PRO W 8 -167.43 -20.02 4.21
C PRO W 8 -168.02 -18.60 4.33
N ILE W 9 -167.37 -17.75 5.12
CA ILE W 9 -167.80 -16.35 5.34
C ILE W 9 -167.03 -15.37 4.43
N THR W 10 -167.77 -14.50 3.73
CA THR W 10 -167.18 -13.60 2.75
C THR W 10 -167.38 -12.13 3.10
N GLY W 11 -166.37 -11.33 2.83
CA GLY W 11 -166.48 -9.89 2.99
C GLY W 11 -165.84 -9.21 1.80
N LYS W 12 -165.85 -7.88 1.82
CA LYS W 12 -165.26 -7.13 0.73
C LYS W 12 -164.40 -6.02 1.28
N VAL W 13 -163.31 -5.76 0.58
CA VAL W 13 -162.39 -4.73 0.99
C VAL W 13 -163.04 -3.40 0.75
N THR W 14 -162.98 -2.50 1.73
CA THR W 14 -163.63 -1.19 1.59
C THR W 14 -162.67 -0.01 1.65
N ALA W 15 -161.48 -0.23 2.20
CA ALA W 15 -160.41 0.76 2.19
C ALA W 15 -159.04 0.09 2.22
N VAL W 16 -158.04 0.78 1.71
CA VAL W 16 -156.63 0.42 1.95
C VAL W 16 -155.89 1.70 2.28
N ILE W 17 -155.27 1.77 3.43
CA ILE W 17 -154.43 2.90 3.73
C ILE W 17 -153.14 2.36 4.31
N GLY W 18 -152.15 2.28 3.43
CA GLY W 18 -150.88 1.71 3.79
C GLY W 18 -151.07 0.29 4.23
N ALA W 19 -150.71 0.03 5.48
CA ALA W 19 -150.77 -1.32 6.01
C ALA W 19 -152.12 -1.68 6.66
N ILE W 20 -153.10 -0.78 6.57
CA ILE W 20 -154.43 -0.97 7.17
C ILE W 20 -155.50 -1.21 6.10
N VAL W 21 -156.23 -2.30 6.24
CA VAL W 21 -157.23 -2.70 5.25
C VAL W 21 -158.57 -2.91 5.92
N ASP W 22 -159.53 -2.05 5.62
CA ASP W 22 -160.86 -2.21 6.18
C ASP W 22 -161.69 -3.17 5.32
N VAL W 23 -162.41 -4.06 6.00
CA VAL W 23 -163.27 -5.08 5.34
C VAL W 23 -164.73 -5.02 5.87
N HIS W 24 -165.68 -5.21 4.95
CA HIS W 24 -167.10 -5.17 5.29
C HIS W 24 -167.86 -6.48 5.05
N PHE W 25 -168.62 -6.90 6.07
CA PHE W 25 -169.31 -8.19 6.10
C PHE W 25 -170.79 -8.02 6.29
N GLU W 26 -171.58 -9.03 5.92
CA GLU W 26 -173.05 -9.03 6.18
C GLU W 26 -173.45 -9.11 7.65
N GLN W 27 -174.74 -8.88 7.89
CA GLN W 27 -175.30 -8.60 9.22
C GLN W 27 -174.78 -9.44 10.39
N SER W 28 -174.23 -8.75 11.40
CA SER W 28 -173.78 -9.36 12.67
C SER W 28 -173.28 -10.81 12.50
N GLU W 29 -172.03 -10.93 12.07
CA GLU W 29 -171.51 -12.13 11.45
C GLU W 29 -170.04 -11.77 11.26
N LEU W 30 -169.57 -10.87 12.12
CA LEU W 30 -168.18 -10.42 12.03
C LEU W 30 -167.23 -11.43 12.61
N PRO W 31 -166.04 -11.57 12.00
CA PRO W 31 -165.00 -12.39 12.60
C PRO W 31 -164.52 -11.61 13.82
N ALA W 32 -164.11 -12.29 14.86
CA ALA W 32 -163.71 -11.60 16.07
C ALA W 32 -162.31 -11.06 15.90
N ILE W 33 -161.98 -10.11 16.76
CA ILE W 33 -160.66 -9.52 16.85
C ILE W 33 -159.57 -10.59 17.02
N LEU W 34 -158.46 -10.42 16.29
CA LEU W 34 -157.35 -11.38 16.28
C LEU W 34 -157.56 -12.57 15.34
N ASN W 35 -158.70 -12.62 14.65
CA ASN W 35 -158.92 -13.62 13.64
C ASN W 35 -158.10 -13.32 12.41
N ALA W 36 -157.76 -14.37 11.68
CA ALA W 36 -157.08 -14.19 10.40
C ALA W 36 -158.10 -14.18 9.28
N LEU W 37 -157.83 -13.37 8.26
CA LEU W 37 -158.58 -13.35 7.02
C LEU W 37 -157.62 -13.66 5.88
N GLU W 38 -158.16 -14.12 4.76
CA GLU W 38 -157.33 -14.41 3.61
C GLU W 38 -157.91 -13.79 2.37
N ILE W 39 -157.00 -13.31 1.53
CA ILE W 39 -157.33 -12.81 0.19
C ILE W 39 -156.47 -13.59 -0.78
N LYS W 40 -157.10 -14.21 -1.77
CA LYS W 40 -156.38 -15.00 -2.77
C LYS W 40 -155.94 -14.09 -3.90
N THR W 41 -154.63 -13.83 -3.94
CA THR W 41 -154.02 -12.91 -4.90
C THR W 41 -153.31 -13.66 -6.05
N PRO W 42 -152.93 -12.94 -7.13
CA PRO W 42 -152.22 -13.59 -8.25
C PRO W 42 -151.02 -14.44 -7.80
N GLN W 43 -150.14 -13.89 -6.96
CA GLN W 43 -149.04 -14.66 -6.39
C GLN W 43 -149.31 -14.96 -4.91
N GLY W 44 -149.64 -16.23 -4.62
CA GLY W 44 -149.96 -16.63 -3.24
C GLY W 44 -151.25 -16.04 -2.66
N LYS W 45 -151.30 -15.93 -1.34
CA LYS W 45 -152.44 -15.35 -0.63
C LYS W 45 -151.99 -14.17 0.21
N LEU W 46 -152.92 -13.31 0.63
CA LEU W 46 -152.61 -12.20 1.55
C LEU W 46 -153.38 -12.28 2.86
N VAL W 47 -152.67 -12.61 3.93
CA VAL W 47 -153.29 -12.74 5.25
C VAL W 47 -153.57 -11.39 5.92
N LEU W 48 -154.76 -11.25 6.49
CA LEU W 48 -155.08 -10.08 7.29
C LEU W 48 -155.33 -10.49 8.73
N GLU W 49 -155.33 -9.53 9.63
CA GLU W 49 -155.62 -9.83 11.02
C GLU W 49 -156.56 -8.76 11.53
N VAL W 50 -157.72 -9.20 12.03
CA VAL W 50 -158.75 -8.27 12.48
C VAL W 50 -158.25 -7.53 13.73
N ALA W 51 -158.37 -6.20 13.73
CA ALA W 51 -157.84 -5.40 14.82
C ALA W 51 -158.93 -4.72 15.59
N GLN W 52 -159.90 -4.15 14.90
CA GLN W 52 -161.02 -3.54 15.60
C GLN W 52 -162.31 -3.93 14.91
N HIS W 53 -163.41 -3.65 15.60
CA HIS W 53 -164.72 -3.70 15.02
C HIS W 53 -165.17 -2.26 14.97
N LEU W 54 -165.04 -1.65 13.80
CA LEU W 54 -165.31 -0.21 13.64
C LEU W 54 -166.78 0.08 13.73
N GLY W 55 -167.59 -0.94 13.55
CA GLY W 55 -169.03 -0.74 13.56
C GLY W 55 -169.58 -0.69 12.15
N GLU W 56 -170.91 -0.76 12.09
CA GLU W 56 -171.62 -0.82 10.83
C GLU W 56 -171.09 -1.96 9.98
N ASN W 57 -170.85 -3.09 10.64
CA ASN W 57 -170.43 -4.33 10.00
C ASN W 57 -169.07 -4.24 9.34
N THR W 58 -168.24 -3.31 9.82
CA THR W 58 -166.90 -3.09 9.27
C THR W 58 -165.78 -3.30 10.31
N VAL W 59 -164.73 -3.97 9.86
CA VAL W 59 -163.59 -4.27 10.70
C VAL W 59 -162.33 -3.61 10.18
N ARG W 60 -161.45 -3.22 11.09
CA ARG W 60 -160.18 -2.71 10.67
C ARG W 60 -159.20 -3.85 10.79
N THR W 61 -158.44 -4.12 9.73
CA THR W 61 -157.48 -5.21 9.81
C THR W 61 -156.06 -4.70 9.72
N ILE W 62 -155.10 -5.57 10.09
CA ILE W 62 -153.71 -5.33 9.72
C ILE W 62 -153.17 -6.42 8.79
N ALA W 63 -152.40 -6.02 7.79
CA ALA W 63 -151.94 -6.90 6.73
C ALA W 63 -150.62 -7.55 7.04
N MET W 64 -150.57 -8.87 6.90
CA MET W 64 -149.33 -9.61 7.13
C MET W 64 -148.39 -9.54 5.93
N ASP W 65 -148.68 -8.62 5.01
CA ASP W 65 -147.90 -8.39 3.80
C ASP W 65 -148.06 -6.99 3.16
N GLY W 66 -147.60 -6.86 1.92
CA GLY W 66 -147.66 -5.59 1.20
C GLY W 66 -149.07 -5.41 0.70
N THR W 67 -149.59 -4.20 0.79
CA THR W 67 -150.99 -4.00 0.43
C THR W 67 -151.19 -3.44 -0.97
N GLU W 68 -150.12 -3.21 -1.72
CA GLU W 68 -150.25 -2.73 -3.09
C GLU W 68 -150.85 -3.82 -3.97
N GLY W 69 -151.65 -3.38 -4.94
CA GLY W 69 -152.37 -4.27 -5.82
C GLY W 69 -153.76 -4.65 -5.33
N LEU W 70 -154.13 -4.20 -4.14
CA LEU W 70 -155.44 -4.49 -3.56
C LEU W 70 -156.53 -3.65 -4.17
N VAL W 71 -157.64 -4.29 -4.50
CA VAL W 71 -158.74 -3.57 -5.12
C VAL W 71 -159.91 -3.52 -4.15
N ARG W 72 -160.51 -2.35 -4.00
CA ARG W 72 -161.65 -2.22 -3.11
C ARG W 72 -162.74 -3.11 -3.66
N GLY W 73 -163.56 -3.65 -2.79
CA GLY W 73 -164.64 -4.56 -3.20
C GLY W 73 -164.18 -5.98 -3.50
N GLU W 74 -162.94 -6.30 -3.13
CA GLU W 74 -162.40 -7.64 -3.34
C GLU W 74 -162.77 -8.63 -2.21
N LYS W 75 -163.14 -9.84 -2.58
CA LYS W 75 -163.57 -10.87 -1.63
C LYS W 75 -162.51 -11.17 -0.60
N VAL W 76 -162.95 -11.26 0.66
CA VAL W 76 -162.12 -11.61 1.81
C VAL W 76 -162.73 -12.85 2.43
N LEU W 77 -161.88 -13.72 2.96
CA LEU W 77 -162.33 -14.98 3.51
C LEU W 77 -161.92 -15.13 4.97
N ASP W 78 -162.88 -15.52 5.80
CA ASP W 78 -162.60 -15.72 7.22
C ASP W 78 -162.07 -17.12 7.46
N THR W 79 -160.87 -17.21 8.01
CA THR W 79 -160.25 -18.49 8.31
C THR W 79 -160.95 -19.08 9.54
N GLY W 80 -161.67 -18.22 10.25
CA GLY W 80 -162.42 -18.59 11.44
C GLY W 80 -161.67 -18.48 12.76
N GLY W 81 -160.38 -18.19 12.70
CA GLY W 81 -159.55 -18.15 13.90
C GLY W 81 -158.24 -17.47 13.67
N PRO W 82 -157.45 -17.30 14.74
CA PRO W 82 -156.17 -16.58 14.69
C PRO W 82 -155.24 -17.20 13.68
N ILE W 83 -154.19 -16.49 13.31
CA ILE W 83 -153.13 -17.04 12.48
C ILE W 83 -152.66 -18.37 13.05
N SER W 84 -152.48 -19.38 12.20
CA SER W 84 -152.04 -20.71 12.63
C SER W 84 -150.60 -21.03 12.24
N VAL W 85 -149.87 -21.64 13.16
CA VAL W 85 -148.56 -22.23 12.84
C VAL W 85 -148.51 -23.75 13.03
N PRO W 86 -147.74 -24.45 12.18
CA PRO W 86 -147.49 -25.86 12.48
C PRO W 86 -146.66 -25.97 13.75
N VAL W 87 -146.90 -26.99 14.56
CA VAL W 87 -146.11 -27.15 15.78
C VAL W 87 -145.57 -28.56 15.97
N GLY W 88 -144.64 -28.68 16.90
CA GLY W 88 -144.07 -29.98 17.26
C GLY W 88 -142.73 -30.22 16.65
N ARG W 89 -142.38 -31.49 16.45
CA ARG W 89 -141.05 -31.85 15.97
C ARG W 89 -140.94 -31.63 14.47
N GLU W 90 -142.08 -31.47 13.81
CA GLU W 90 -142.05 -31.22 12.38
C GLU W 90 -141.46 -29.86 11.96
N THR W 91 -141.31 -28.94 12.92
CA THR W 91 -140.76 -27.63 12.64
C THR W 91 -139.25 -27.63 12.84
N LEU W 92 -138.72 -28.76 13.27
CA LEU W 92 -137.27 -28.88 13.47
C LEU W 92 -136.55 -28.93 12.14
N GLY W 93 -135.53 -28.09 11.97
CA GLY W 93 -134.80 -27.98 10.71
C GLY W 93 -135.48 -27.15 9.62
N ARG W 94 -136.67 -26.65 9.89
CA ARG W 94 -137.37 -25.79 8.93
C ARG W 94 -137.29 -24.27 9.21
N ILE W 95 -137.40 -23.49 8.14
CA ILE W 95 -137.53 -22.05 8.28
C ILE W 95 -138.98 -21.65 8.04
N ILE W 96 -139.53 -20.84 8.95
CA ILE W 96 -140.94 -20.47 8.90
C ILE W 96 -141.11 -18.95 8.85
N ASN W 97 -142.10 -18.49 8.11
CA ASN W 97 -142.41 -17.06 8.06
C ASN W 97 -143.49 -16.74 9.06
N VAL W 98 -143.86 -15.47 9.22
CA VAL W 98 -144.89 -15.15 10.22
C VAL W 98 -146.16 -16.03 10.18
N ILE W 99 -146.60 -16.42 8.97
CA ILE W 99 -147.90 -17.11 8.85
C ILE W 99 -147.76 -18.61 8.73
N GLY W 100 -146.82 -19.19 9.48
CA GLY W 100 -146.65 -20.64 9.53
C GLY W 100 -146.56 -21.28 8.16
N GLU W 101 -145.82 -20.62 7.28
CA GLU W 101 -145.54 -21.19 5.99
C GLU W 101 -144.04 -21.33 5.87
N PRO W 102 -143.59 -22.36 5.14
CA PRO W 102 -142.17 -22.61 5.05
C PRO W 102 -141.54 -21.63 4.08
N ILE W 103 -140.26 -21.33 4.29
CA ILE W 103 -139.54 -20.51 3.34
C ILE W 103 -138.23 -21.15 2.95
N ASP W 104 -138.02 -22.41 3.30
CA ASP W 104 -136.78 -23.10 2.93
C ASP W 104 -136.88 -23.90 1.62
N GLU W 105 -138.05 -23.84 1.00
CA GLU W 105 -138.34 -24.56 -0.24
C GLU W 105 -138.11 -26.05 -0.13
N ARG W 106 -138.22 -26.59 1.08
CA ARG W 106 -138.07 -28.03 1.26
C ARG W 106 -139.41 -28.78 1.30
N GLY W 107 -140.47 -28.16 0.79
CA GLY W 107 -141.81 -28.75 0.83
C GLY W 107 -142.60 -28.36 2.08
N PRO W 108 -143.82 -28.92 2.25
CA PRO W 108 -144.74 -28.47 3.30
C PRO W 108 -144.40 -29.07 4.69
N ILE W 109 -144.59 -28.27 5.73
CA ILE W 109 -144.28 -28.71 7.09
C ILE W 109 -145.35 -29.67 7.56
N LYS W 110 -145.05 -30.96 7.47
CA LYS W 110 -146.02 -32.04 7.69
C LYS W 110 -146.35 -32.37 9.16
N SER W 111 -146.89 -31.41 9.91
CA SER W 111 -147.23 -31.68 11.33
C SER W 111 -148.70 -32.06 11.50
N LYS W 112 -148.98 -32.67 12.64
CA LYS W 112 -150.31 -33.17 12.93
C LYS W 112 -151.15 -32.03 13.48
N LEU W 113 -150.53 -31.13 14.23
CA LEU W 113 -151.26 -30.01 14.80
C LEU W 113 -150.77 -28.65 14.28
N ARG W 114 -151.71 -27.72 14.14
CA ARG W 114 -151.36 -26.32 14.01
C ARG W 114 -151.83 -25.65 15.29
N LYS W 115 -151.43 -24.40 15.51
CA LYS W 115 -151.80 -23.71 16.73
C LYS W 115 -151.93 -22.21 16.51
N PRO W 116 -152.87 -21.58 17.23
CA PRO W 116 -153.07 -20.12 17.13
C PRO W 116 -151.87 -19.46 17.74
N ILE W 117 -151.46 -18.34 17.17
CA ILE W 117 -150.22 -17.71 17.58
C ILE W 117 -150.50 -16.80 18.77
N HIS W 118 -151.74 -16.33 18.87
CA HIS W 118 -152.19 -15.64 20.08
C HIS W 118 -152.71 -16.70 21.04
N ALA W 119 -152.30 -16.60 22.29
CA ALA W 119 -152.69 -17.55 23.30
C ALA W 119 -152.59 -16.82 24.62
N ASP W 120 -153.16 -17.38 25.67
CA ASP W 120 -153.17 -16.72 26.97
C ASP W 120 -151.94 -17.03 27.79
N PRO W 121 -151.49 -16.06 28.60
CA PRO W 121 -150.31 -16.31 29.37
C PRO W 121 -150.64 -17.11 30.64
N PRO W 122 -149.77 -18.05 31.03
CA PRO W 122 -150.03 -18.93 32.16
C PRO W 122 -150.45 -18.22 33.46
N SER W 123 -151.46 -18.78 34.12
CA SER W 123 -152.00 -18.25 35.37
C SER W 123 -150.93 -18.11 36.44
N PHE W 124 -151.11 -17.14 37.34
CA PHE W 124 -150.24 -16.98 38.53
C PHE W 124 -149.90 -18.31 39.15
N ALA W 125 -150.87 -19.20 39.25
CA ALA W 125 -150.69 -20.48 39.94
C ALA W 125 -149.92 -21.54 39.13
N GLU W 126 -149.67 -21.26 37.85
CA GLU W 126 -148.88 -22.15 36.98
C GLU W 126 -147.36 -21.90 36.98
N GLN W 127 -146.93 -20.88 37.71
CA GLN W 127 -145.53 -20.42 37.74
C GLN W 127 -144.59 -21.36 38.49
N SER W 128 -143.30 -21.29 38.13
CA SER W 128 -142.29 -22.17 38.71
C SER W 128 -141.03 -21.37 38.97
N THR W 129 -140.73 -21.11 40.23
CA THR W 129 -139.52 -20.39 40.61
C THR W 129 -138.35 -21.34 40.89
N SER W 130 -137.23 -21.15 40.20
CA SER W 130 -136.02 -21.91 40.49
C SER W 130 -134.81 -21.05 40.31
N ALA W 131 -133.90 -21.15 41.27
CA ALA W 131 -132.64 -20.46 41.21
C ALA W 131 -131.57 -21.42 40.68
N GLU W 132 -131.73 -21.88 39.45
CA GLU W 132 -130.71 -22.72 38.84
C GLU W 132 -129.83 -21.91 37.89
N ILE W 133 -128.57 -22.30 37.74
CA ILE W 133 -127.59 -21.48 37.04
C ILE W 133 -127.13 -22.11 35.73
N LEU W 134 -127.16 -21.33 34.66
CA LEU W 134 -126.79 -21.84 33.33
C LEU W 134 -125.45 -21.26 32.87
N GLU W 135 -124.44 -22.13 32.87
CA GLU W 135 -123.08 -21.73 32.59
C GLU W 135 -122.95 -21.34 31.13
N THR W 136 -122.54 -20.10 30.85
CA THR W 136 -122.43 -19.66 29.45
C THR W 136 -121.08 -19.99 28.82
N GLY W 137 -120.03 -19.93 29.62
CA GLY W 137 -118.65 -19.97 29.11
C GLY W 137 -118.04 -18.58 29.00
N ILE W 138 -118.89 -17.56 29.11
CA ILE W 138 -118.48 -16.17 28.96
C ILE W 138 -118.15 -15.53 30.31
N LYS W 139 -116.88 -15.16 30.46
CA LYS W 139 -116.31 -14.76 31.75
C LYS W 139 -117.10 -13.73 32.53
N VAL W 140 -117.47 -12.62 31.89
CA VAL W 140 -118.18 -11.56 32.60
C VAL W 140 -119.61 -11.94 33.06
N VAL W 141 -120.34 -12.65 32.22
CA VAL W 141 -121.69 -13.12 32.60
C VAL W 141 -121.61 -14.04 33.84
N ASP W 142 -120.86 -15.13 33.69
CA ASP W 142 -120.78 -16.14 34.71
C ASP W 142 -120.16 -15.61 35.99
N LEU W 143 -119.35 -14.58 35.90
CA LEU W 143 -118.84 -14.00 37.12
C LEU W 143 -119.83 -13.04 37.76
N LEU W 144 -120.34 -12.11 36.97
CA LEU W 144 -120.99 -10.93 37.53
C LEU W 144 -122.51 -10.90 37.47
N ALA W 145 -123.07 -11.50 36.43
CA ALA W 145 -124.51 -11.44 36.19
C ALA W 145 -124.95 -12.78 35.59
N PRO W 146 -124.85 -13.87 36.36
CA PRO W 146 -124.92 -15.20 35.77
C PRO W 146 -126.32 -15.57 35.29
N TYR W 147 -126.41 -16.10 34.07
CA TYR W 147 -127.72 -16.44 33.45
C TYR W 147 -128.41 -17.63 34.10
N ALA W 148 -129.72 -17.51 34.29
CA ALA W 148 -130.53 -18.53 35.00
C ALA W 148 -131.25 -19.52 34.07
N ARG W 149 -130.98 -20.81 34.23
CA ARG W 149 -131.72 -21.83 33.49
C ARG W 149 -133.20 -21.62 33.80
N GLY W 150 -134.05 -21.71 32.79
CA GLY W 150 -135.46 -21.39 32.98
C GLY W 150 -135.73 -19.90 32.98
N GLY W 151 -134.67 -19.11 33.13
CA GLY W 151 -134.79 -17.66 33.25
C GLY W 151 -135.15 -17.02 31.94
N LYS W 152 -135.27 -15.68 31.99
CA LYS W 152 -135.37 -14.82 30.83
C LYS W 152 -134.14 -13.96 30.93
N ILE W 153 -133.59 -13.60 29.78
CA ILE W 153 -132.26 -12.98 29.69
C ILE W 153 -132.21 -12.02 28.54
N GLY W 154 -132.18 -10.73 28.85
CA GLY W 154 -132.12 -9.68 27.82
C GLY W 154 -130.72 -9.16 27.58
N LEU W 155 -130.43 -8.77 26.34
CA LEU W 155 -129.14 -8.23 25.94
C LEU W 155 -129.30 -6.81 25.45
N PHE W 156 -129.12 -5.82 26.32
CA PHE W 156 -129.34 -4.43 25.91
C PHE W 156 -128.15 -3.80 25.25
N GLY W 157 -128.43 -3.01 24.25
CA GLY W 157 -127.36 -2.51 23.42
C GLY W 157 -127.92 -1.64 22.34
N GLY W 158 -127.26 -0.50 22.17
CA GLY W 158 -127.50 0.38 21.06
C GLY W 158 -126.93 -0.25 19.79
N ALA W 159 -127.07 0.46 18.67
CA ALA W 159 -126.81 -0.20 17.43
C ALA W 159 -125.34 -0.51 17.35
N GLY W 160 -125.04 -1.72 16.88
CA GLY W 160 -123.70 -2.16 16.58
C GLY W 160 -122.75 -2.14 17.75
N VAL W 161 -123.20 -2.59 18.92
CA VAL W 161 -122.29 -2.71 20.06
C VAL W 161 -121.96 -4.18 20.32
N GLY W 162 -122.70 -5.07 19.64
CA GLY W 162 -122.31 -6.47 19.53
C GLY W 162 -123.36 -7.45 19.95
N LYS W 163 -124.62 -7.04 19.92
CA LYS W 163 -125.72 -7.89 20.40
C LYS W 163 -125.80 -9.18 19.61
N THR W 164 -125.96 -9.06 18.31
CA THR W 164 -126.17 -10.19 17.44
C THR W 164 -125.00 -11.16 17.51
N VAL W 165 -123.77 -10.63 17.50
CA VAL W 165 -122.59 -11.46 17.70
C VAL W 165 -122.63 -12.21 19.02
N PHE W 166 -122.97 -11.48 20.09
CA PHE W 166 -123.07 -12.06 21.44
C PHE W 166 -124.04 -13.23 21.44
N ILE W 167 -125.27 -12.96 21.04
CA ILE W 167 -126.33 -13.97 20.99
C ILE W 167 -125.94 -15.21 20.20
N GLN W 168 -125.12 -15.02 19.16
CA GLN W 168 -124.61 -16.13 18.34
C GLN W 168 -123.53 -16.89 19.08
N GLU W 169 -122.69 -16.18 19.82
CA GLU W 169 -121.74 -16.85 20.69
C GLU W 169 -122.49 -17.72 21.67
N LEU W 170 -123.59 -17.22 22.25
CA LEU W 170 -124.44 -18.03 23.11
C LEU W 170 -124.91 -19.29 22.41
N ILE W 171 -125.61 -19.15 21.28
CA ILE W 171 -126.03 -20.30 20.47
C ILE W 171 -124.87 -21.26 20.17
N ASN W 172 -123.71 -20.72 19.84
CA ASN W 172 -122.56 -21.56 19.60
C ASN W 172 -122.26 -22.52 20.76
N ASN W 173 -122.39 -22.02 21.99
CA ASN W 173 -122.08 -22.78 23.20
C ASN W 173 -123.28 -23.53 23.75
N ILE W 174 -124.20 -22.78 24.37
CA ILE W 174 -125.41 -23.32 24.97
C ILE W 174 -126.08 -24.39 24.09
N ALA W 175 -126.39 -24.04 22.84
CA ALA W 175 -127.25 -24.88 21.98
C ALA W 175 -126.71 -26.23 21.50
N LYS W 176 -125.44 -26.52 21.80
CA LYS W 176 -124.90 -27.87 21.64
C LYS W 176 -125.18 -28.66 22.90
N ALA W 177 -124.63 -28.19 24.02
CA ALA W 177 -124.72 -28.86 25.33
C ALA W 177 -126.16 -29.08 25.80
N HIS W 178 -127.11 -28.48 25.07
CA HIS W 178 -128.51 -28.55 25.42
C HIS W 178 -129.15 -29.78 24.84
N GLY W 179 -129.74 -30.59 25.72
CA GLY W 179 -130.32 -31.88 25.36
C GLY W 179 -131.59 -31.79 24.54
N GLY W 180 -132.36 -30.71 24.78
CA GLY W 180 -133.69 -30.54 24.18
C GLY W 180 -133.71 -29.83 22.83
N PHE W 181 -134.77 -29.04 22.60
CA PHE W 181 -134.95 -28.32 21.35
C PHE W 181 -134.81 -26.81 21.57
N SER W 182 -134.68 -26.06 20.46
CA SER W 182 -134.50 -24.62 20.47
C SER W 182 -135.21 -23.95 19.30
N VAL W 183 -135.80 -22.80 19.56
CA VAL W 183 -136.37 -22.00 18.52
C VAL W 183 -135.53 -20.74 18.42
N PHE W 184 -135.26 -20.29 17.21
CA PHE W 184 -134.72 -18.96 17.00
C PHE W 184 -135.73 -18.09 16.23
N THR W 185 -136.03 -16.92 16.80
CA THR W 185 -136.83 -15.93 16.10
C THR W 185 -136.05 -14.69 15.67
N GLY W 186 -136.07 -14.47 14.36
CA GLY W 186 -135.56 -13.28 13.72
C GLY W 186 -136.72 -12.33 13.53
N VAL W 187 -136.77 -11.31 14.39
CA VAL W 187 -137.78 -10.27 14.34
C VAL W 187 -137.17 -8.95 13.88
N GLY W 188 -137.23 -8.73 12.58
CA GLY W 188 -136.90 -7.43 12.00
C GLY W 188 -135.42 -7.17 12.04
N GLU W 189 -134.64 -8.17 11.68
CA GLU W 189 -133.20 -7.98 11.59
C GLU W 189 -132.76 -8.04 10.15
N ARG W 190 -131.54 -8.44 9.92
CA ARG W 190 -131.02 -8.38 8.59
C ARG W 190 -131.18 -9.72 7.90
N THR W 191 -131.97 -9.75 6.83
CA THR W 191 -132.09 -10.98 6.08
C THR W 191 -130.77 -11.77 6.01
N ARG W 192 -129.65 -11.09 5.80
CA ARG W 192 -128.37 -11.79 5.69
C ARG W 192 -127.88 -12.43 6.99
N GLU W 193 -128.19 -11.82 8.13
CA GLU W 193 -127.84 -12.41 9.43
C GLU W 193 -128.50 -13.77 9.48
N GLY W 194 -129.80 -13.79 9.24
CA GLY W 194 -130.56 -15.04 9.13
C GLY W 194 -129.94 -16.06 8.19
N ASN W 195 -129.53 -15.58 7.01
CA ASN W 195 -128.81 -16.40 6.04
C ASN W 195 -127.62 -17.12 6.67
N ASP W 196 -126.77 -16.36 7.35
CA ASP W 196 -125.61 -16.92 8.06
C ASP W 196 -125.99 -18.01 9.05
N LEU W 197 -126.99 -17.71 9.87
CA LEU W 197 -127.40 -18.64 10.90
C LEU W 197 -127.76 -20.00 10.30
N TYR W 198 -128.61 -19.99 9.27
CA TYR W 198 -129.07 -21.20 8.57
C TYR W 198 -127.94 -22.02 7.96
N ARG W 199 -126.86 -21.33 7.62
CA ARG W 199 -125.67 -21.94 7.04
C ARG W 199 -124.71 -22.34 8.14
N GLU W 200 -124.81 -21.68 9.28
CA GLU W 200 -124.04 -22.10 10.44
C GLU W 200 -124.66 -23.31 11.08
N MET W 201 -125.95 -23.24 11.40
CA MET W 201 -126.70 -24.40 11.90
C MET W 201 -126.37 -25.70 11.17
N LYS W 202 -126.29 -25.64 9.84
CA LYS W 202 -125.98 -26.82 9.05
C LYS W 202 -124.58 -27.30 9.36
N GLU W 203 -123.66 -26.37 9.53
CA GLU W 203 -122.25 -26.71 9.67
C GLU W 203 -121.86 -26.96 11.12
N THR W 204 -122.53 -26.32 12.06
CA THR W 204 -122.39 -26.71 13.48
C THR W 204 -123.02 -28.08 13.68
N GLY W 205 -123.89 -28.49 12.75
CA GLY W 205 -124.60 -29.78 12.83
C GLY W 205 -125.98 -29.71 13.45
N VAL W 206 -126.22 -28.62 14.20
CA VAL W 206 -127.50 -28.34 14.86
C VAL W 206 -128.70 -28.55 13.94
N ILE W 207 -128.52 -28.26 12.64
CA ILE W 207 -129.50 -28.63 11.61
C ILE W 207 -128.93 -29.69 10.67
N ASN W 208 -129.80 -30.54 10.19
CA ASN W 208 -129.42 -31.60 9.29
C ASN W 208 -130.59 -31.91 8.39
N LEU W 209 -130.51 -31.45 7.15
CA LEU W 209 -131.61 -31.56 6.17
C LEU W 209 -131.84 -32.99 5.64
N GLU W 210 -130.95 -33.91 5.99
CA GLU W 210 -131.18 -35.32 5.70
C GLU W 210 -131.02 -36.18 6.96
N GLY W 211 -131.61 -35.72 8.06
CA GLY W 211 -131.56 -36.42 9.34
C GLY W 211 -132.12 -35.59 10.47
N GLU W 212 -131.56 -35.75 11.66
CA GLU W 212 -132.14 -35.15 12.86
C GLU W 212 -131.64 -33.74 13.12
N SER W 213 -132.58 -32.85 13.47
CA SER W 213 -132.25 -31.46 13.75
C SER W 213 -132.71 -31.02 15.14
N LYS W 214 -131.97 -30.10 15.74
CA LYS W 214 -132.23 -29.69 17.12
C LYS W 214 -132.84 -28.27 17.26
N VAL W 215 -133.26 -27.65 16.16
CA VAL W 215 -133.71 -26.23 16.18
C VAL W 215 -134.71 -25.80 15.08
N ALA W 216 -135.66 -24.95 15.45
CA ALA W 216 -136.64 -24.44 14.52
C ALA W 216 -136.31 -22.98 14.19
N LEU W 217 -136.54 -22.57 12.94
CA LEU W 217 -136.19 -21.23 12.50
C LEU W 217 -137.38 -20.40 12.07
N VAL W 218 -137.64 -19.30 12.78
CA VAL W 218 -138.77 -18.43 12.47
C VAL W 218 -138.34 -17.01 12.11
N PHE W 219 -138.61 -16.61 10.87
CA PHE W 219 -138.10 -15.36 10.37
C PHE W 219 -139.11 -14.33 9.90
N GLY W 220 -138.85 -13.08 10.29
CA GLY W 220 -139.71 -11.97 9.95
C GLY W 220 -138.95 -10.67 9.89
N GLN W 221 -137.90 -10.64 9.07
CA GLN W 221 -136.89 -9.56 9.06
C GLN W 221 -137.40 -8.19 8.61
N MET W 222 -136.53 -7.18 8.67
CA MET W 222 -136.98 -5.80 8.48
C MET W 222 -137.36 -5.49 7.05
N ASN W 223 -137.10 -6.44 6.16
CA ASN W 223 -137.56 -6.32 4.81
C ASN W 223 -139.06 -6.50 4.71
N GLU W 224 -139.75 -6.57 5.85
CA GLU W 224 -141.17 -6.92 5.88
C GLU W 224 -142.01 -5.90 6.64
N PRO W 225 -143.25 -5.67 6.18
CA PRO W 225 -144.20 -4.66 6.65
C PRO W 225 -144.64 -4.87 8.09
N PRO W 226 -144.93 -3.76 8.84
CA PRO W 226 -145.18 -3.78 10.30
C PRO W 226 -146.05 -4.94 10.80
N GLY W 227 -147.24 -5.10 10.24
CA GLY W 227 -148.10 -6.21 10.62
C GLY W 227 -147.33 -7.52 10.71
N ALA W 228 -146.60 -7.86 9.65
CA ALA W 228 -145.77 -9.06 9.67
C ALA W 228 -144.72 -9.00 10.79
N ARG W 229 -143.91 -7.93 10.82
CA ARG W 229 -142.88 -7.75 11.86
C ARG W 229 -143.44 -7.71 13.26
N ALA W 230 -144.75 -7.47 13.38
CA ALA W 230 -145.42 -7.33 14.68
C ALA W 230 -146.00 -8.62 15.24
N ARG W 231 -146.01 -9.69 14.45
CA ARG W 231 -146.62 -10.98 14.90
C ARG W 231 -145.71 -12.18 14.87
N VAL W 232 -144.58 -12.08 14.19
CA VAL W 232 -143.71 -13.23 13.97
C VAL W 232 -142.99 -13.66 15.23
N ALA W 233 -142.98 -12.77 16.21
CA ALA W 233 -142.52 -13.11 17.52
C ALA W 233 -143.47 -14.17 18.08
N LEU W 234 -144.77 -13.92 17.96
CA LEU W 234 -145.73 -14.85 18.53
C LEU W 234 -145.71 -16.15 17.75
N THR W 235 -145.47 -16.06 16.44
CA THR W 235 -145.28 -17.27 15.62
C THR W 235 -144.19 -18.16 16.22
N GLY W 236 -142.97 -17.63 16.32
CA GLY W 236 -141.88 -18.33 16.99
C GLY W 236 -142.28 -18.79 18.38
N LEU W 237 -142.72 -17.83 19.20
CA LEU W 237 -143.01 -18.10 20.61
C LEU W 237 -143.97 -19.28 20.85
N THR W 238 -144.89 -19.48 19.92
CA THR W 238 -145.88 -20.58 19.94
C THR W 238 -145.26 -21.97 19.76
N ILE W 239 -144.31 -22.04 18.82
CA ILE W 239 -143.54 -23.25 18.55
C ILE W 239 -142.81 -23.70 19.81
N ALA W 240 -142.14 -22.74 20.48
CA ALA W 240 -141.52 -22.94 21.79
C ALA W 240 -142.52 -23.48 22.80
N GLU W 241 -143.59 -22.71 22.99
CA GLU W 241 -144.70 -23.06 23.88
C GLU W 241 -145.11 -24.52 23.73
N TYR W 242 -145.24 -24.94 22.48
CA TYR W 242 -145.65 -26.30 22.21
C TYR W 242 -144.67 -27.36 22.74
N PHE W 243 -143.37 -27.11 22.64
CA PHE W 243 -142.36 -28.03 23.18
C PHE W 243 -142.32 -27.94 24.69
N ARG W 244 -142.64 -26.77 25.20
CA ARG W 244 -142.64 -26.58 26.63
C ARG W 244 -143.73 -27.43 27.22
N ASP W 245 -144.94 -27.27 26.69
CA ASP W 245 -146.15 -27.75 27.34
C ASP W 245 -146.57 -29.12 26.90
N GLU W 246 -146.14 -29.55 25.72
CA GLU W 246 -146.67 -30.79 25.18
C GLU W 246 -145.58 -31.80 24.87
N GLU W 247 -144.37 -31.33 24.67
CA GLU W 247 -143.20 -32.20 24.63
C GLU W 247 -142.61 -32.25 26.04
N GLY W 248 -143.30 -31.57 26.96
CA GLY W 248 -142.93 -31.45 28.37
C GLY W 248 -141.43 -31.37 28.65
N GLN W 249 -140.76 -30.40 28.06
CA GLN W 249 -139.31 -30.43 28.06
C GLN W 249 -138.63 -29.07 27.97
N ASP W 250 -137.30 -29.11 27.88
CA ASP W 250 -136.46 -27.92 27.88
C ASP W 250 -136.34 -27.26 26.51
N VAL W 251 -136.66 -25.97 26.47
CA VAL W 251 -136.52 -25.21 25.26
C VAL W 251 -135.54 -24.06 25.48
N LEU W 252 -134.93 -23.59 24.38
CA LEU W 252 -134.20 -22.34 24.39
C LEU W 252 -134.76 -21.40 23.32
N LEU W 253 -135.29 -20.26 23.76
CA LEU W 253 -135.98 -19.35 22.88
C LEU W 253 -135.13 -18.15 22.59
N PHE W 254 -134.65 -18.06 21.35
CA PHE W 254 -133.81 -16.94 20.96
C PHE W 254 -134.56 -15.92 20.13
N ILE W 255 -134.73 -14.72 20.69
CA ILE W 255 -135.31 -13.62 19.94
C ILE W 255 -134.32 -12.47 19.70
N ASP W 256 -134.17 -12.15 18.42
CA ASP W 256 -133.36 -11.05 17.94
C ASP W 256 -134.19 -10.47 16.79
N ASN W 257 -134.68 -9.25 16.92
CA ASN W 257 -134.51 -8.47 18.12
C ASN W 257 -135.87 -8.02 18.65
N ILE W 258 -136.12 -8.26 19.93
CA ILE W 258 -137.43 -8.03 20.51
C ILE W 258 -137.92 -6.59 20.49
N PHE W 259 -137.03 -5.62 20.41
CA PHE W 259 -137.44 -4.23 20.24
C PHE W 259 -138.29 -3.96 18.97
N ARG W 260 -138.16 -4.81 17.96
CA ARG W 260 -138.86 -4.58 16.70
C ARG W 260 -140.32 -5.02 16.76
N PHE W 261 -140.65 -5.81 17.77
CA PHE W 261 -142.04 -6.11 18.09
C PHE W 261 -142.73 -4.82 18.56
N THR W 262 -142.04 -4.03 19.37
CA THR W 262 -142.57 -2.76 19.90
C THR W 262 -142.63 -1.68 18.85
N GLN W 263 -141.53 -1.50 18.12
CA GLN W 263 -141.46 -0.63 16.96
C GLN W 263 -142.58 -0.90 15.95
N ALA W 264 -142.76 -2.15 15.51
CA ALA W 264 -143.78 -2.49 14.52
C ALA W 264 -145.15 -2.11 15.03
N GLY W 265 -145.40 -2.41 16.30
CA GLY W 265 -146.56 -1.89 17.01
C GLY W 265 -146.65 -0.39 16.80
N SER W 266 -145.52 0.28 16.89
CA SER W 266 -145.49 1.72 16.74
C SER W 266 -145.97 2.16 15.34
N GLU W 267 -145.53 1.46 14.30
CA GLU W 267 -145.68 1.91 12.91
C GLU W 267 -147.09 1.89 12.36
N VAL W 268 -147.99 1.19 13.03
CA VAL W 268 -149.38 1.16 12.58
C VAL W 268 -150.38 1.78 13.56
N SER W 269 -149.93 1.97 14.79
CA SER W 269 -150.72 2.59 15.85
C SER W 269 -151.65 3.72 15.37
N ALA W 270 -151.08 4.71 14.69
CA ALA W 270 -151.84 5.90 14.29
C ALA W 270 -152.88 5.60 13.21
N LEU W 271 -152.51 4.71 12.27
CA LEU W 271 -153.38 4.25 11.19
C LEU W 271 -154.60 3.47 11.70
N LEU W 272 -154.46 2.89 12.88
CA LEU W 272 -155.54 2.29 13.62
C LEU W 272 -156.30 3.34 14.44
N GLY W 273 -155.84 4.59 14.34
CA GLY W 273 -156.50 5.76 14.95
C GLY W 273 -156.31 6.00 16.44
N ARG W 274 -155.14 5.64 16.97
CA ARG W 274 -154.81 5.85 18.38
C ARG W 274 -153.98 7.10 18.56
N ILE W 275 -154.32 7.91 19.56
CA ILE W 275 -153.48 9.07 19.88
C ILE W 275 -152.12 8.53 20.33
N PRO W 276 -151.01 9.11 19.82
CA PRO W 276 -149.66 8.78 20.28
C PRO W 276 -149.47 9.05 21.76
N SER W 277 -148.73 8.17 22.41
CA SER W 277 -148.27 8.45 23.76
C SER W 277 -146.90 9.10 23.63
N ALA W 278 -146.15 9.12 24.72
CA ALA W 278 -144.86 9.81 24.79
C ALA W 278 -143.75 9.19 23.93
N VAL W 279 -142.82 10.04 23.49
CA VAL W 279 -141.80 9.68 22.51
C VAL W 279 -142.44 8.99 21.30
N GLY W 280 -143.67 9.40 21.01
CA GLY W 280 -144.43 8.86 19.89
C GLY W 280 -144.52 7.34 19.89
N TYR W 281 -144.68 6.76 21.07
CA TYR W 281 -144.93 5.35 21.13
C TYR W 281 -146.41 5.14 21.34
N GLN W 282 -146.88 3.97 20.96
CA GLN W 282 -148.28 3.66 21.04
C GLN W 282 -148.74 3.68 22.50
N PRO W 283 -150.05 3.96 22.70
CA PRO W 283 -150.56 3.92 24.08
C PRO W 283 -150.43 2.54 24.73
N THR W 284 -150.39 1.48 23.93
CA THR W 284 -150.42 0.12 24.48
C THR W 284 -149.05 -0.54 24.76
N LEU W 285 -147.98 0.24 24.82
CA LEU W 285 -146.62 -0.30 24.92
C LEU W 285 -146.46 -1.28 26.07
N ALA W 286 -146.83 -0.83 27.26
CA ALA W 286 -146.69 -1.59 28.49
C ALA W 286 -147.41 -2.92 28.39
N THR W 287 -148.72 -2.87 28.17
CA THR W 287 -149.55 -4.06 28.16
C THR W 287 -149.29 -4.96 26.95
N ASP W 288 -148.91 -4.38 25.83
CA ASP W 288 -148.59 -5.20 24.68
C ASP W 288 -147.35 -6.03 24.95
N MET W 289 -146.28 -5.38 25.41
CA MET W 289 -145.08 -6.10 25.82
C MET W 289 -145.38 -7.12 26.92
N GLY W 290 -146.11 -6.69 27.94
CA GLY W 290 -146.59 -7.61 28.95
C GLY W 290 -147.27 -8.83 28.35
N LEU W 291 -148.26 -8.60 27.47
CA LEU W 291 -149.02 -9.68 26.89
C LEU W 291 -148.22 -10.73 26.09
N LEU W 292 -147.04 -10.34 25.62
CA LEU W 292 -146.14 -11.27 24.96
C LEU W 292 -145.20 -11.89 25.97
N GLN W 293 -144.36 -11.06 26.59
CA GLN W 293 -143.32 -11.51 27.52
C GLN W 293 -143.79 -12.53 28.56
N GLU W 294 -145.03 -12.36 29.02
CA GLU W 294 -145.58 -13.22 30.08
C GLU W 294 -145.92 -14.62 29.62
N ARG W 295 -145.84 -14.87 28.33
CA ARG W 295 -146.06 -16.22 27.82
C ARG W 295 -144.75 -16.97 27.77
N ILE W 296 -143.66 -16.22 27.59
CA ILE W 296 -142.30 -16.75 27.51
C ILE W 296 -141.88 -17.13 28.90
N THR W 297 -142.25 -18.32 29.34
CA THR W 297 -142.12 -18.58 30.76
C THR W 297 -142.08 -20.05 31.19
N THR W 298 -141.14 -20.34 32.09
CA THR W 298 -141.07 -21.60 32.76
C THR W 298 -142.35 -21.79 33.60
N THR W 299 -142.94 -22.98 33.48
CA THR W 299 -144.16 -23.36 34.17
C THR W 299 -144.00 -24.81 34.63
N LYS W 300 -144.99 -25.28 35.36
CA LYS W 300 -144.89 -26.61 35.90
C LYS W 300 -144.80 -27.71 34.84
N LYS W 301 -145.36 -27.50 33.65
CA LYS W 301 -145.30 -28.52 32.59
C LYS W 301 -143.93 -28.63 31.90
N GLY W 302 -143.12 -27.59 32.01
CA GLY W 302 -141.84 -27.57 31.32
C GLY W 302 -141.17 -26.21 31.34
N SER W 303 -139.95 -26.15 30.85
CA SER W 303 -139.12 -24.97 31.05
C SER W 303 -138.67 -24.31 29.76
N VAL W 304 -138.84 -22.99 29.68
CA VAL W 304 -138.24 -22.23 28.60
C VAL W 304 -137.09 -21.42 29.17
N THR W 305 -136.07 -21.19 28.35
CA THR W 305 -134.99 -20.30 28.72
C THR W 305 -134.75 -19.43 27.51
N SER W 306 -134.83 -18.12 27.71
CA SER W 306 -134.87 -17.23 26.55
C SER W 306 -133.79 -16.21 26.56
N VAL W 307 -133.28 -15.95 25.38
CA VAL W 307 -132.30 -14.92 25.19
C VAL W 307 -132.87 -13.96 24.14
N GLN W 308 -133.12 -12.74 24.60
CA GLN W 308 -133.71 -11.71 23.77
C GLN W 308 -132.76 -10.56 23.68
N ALA W 309 -132.37 -10.23 22.46
CA ALA W 309 -131.60 -9.03 22.24
C ALA W 309 -132.56 -7.87 22.31
N VAL W 310 -132.12 -6.81 22.97
CA VAL W 310 -132.93 -5.62 23.11
C VAL W 310 -132.23 -4.43 22.52
N TYR W 311 -132.82 -3.87 21.47
CA TYR W 311 -132.24 -2.68 20.85
C TYR W 311 -132.49 -1.53 21.78
N VAL W 312 -131.46 -0.79 22.08
CA VAL W 312 -131.60 0.39 22.88
C VAL W 312 -131.42 1.58 21.95
N PRO W 313 -132.53 2.22 21.55
CA PRO W 313 -132.54 3.30 20.55
C PRO W 313 -131.75 4.52 21.01
N ALA W 314 -130.85 4.99 20.15
CA ALA W 314 -130.08 6.20 20.40
C ALA W 314 -129.16 6.04 21.61
N ASP W 315 -128.79 4.81 21.88
CA ASP W 315 -128.07 4.43 23.10
C ASP W 315 -128.78 4.89 24.38
N ASP W 316 -130.02 5.35 24.26
CA ASP W 316 -130.76 5.81 25.41
C ASP W 316 -131.49 4.68 26.07
N LEU W 317 -130.99 4.28 27.24
CA LEU W 317 -131.62 3.29 28.06
C LEU W 317 -132.97 3.71 28.63
N THR W 318 -133.14 4.99 28.96
CA THR W 318 -134.43 5.50 29.47
C THR W 318 -135.48 5.78 28.39
N ASP W 319 -135.28 5.20 27.21
CA ASP W 319 -136.25 5.28 26.13
C ASP W 319 -137.37 4.32 26.48
N PRO W 320 -138.61 4.81 26.48
CA PRO W 320 -139.78 4.07 26.91
C PRO W 320 -139.73 2.60 26.54
N ALA W 321 -139.30 2.27 25.32
CA ALA W 321 -139.24 0.86 24.86
C ALA W 321 -138.33 -0.07 25.70
N PRO W 322 -136.99 0.10 25.65
CA PRO W 322 -136.15 -0.74 26.52
C PRO W 322 -136.47 -0.58 28.00
N ALA W 323 -136.72 0.66 28.44
CA ALA W 323 -136.99 0.97 29.85
C ALA W 323 -138.09 0.06 30.42
N THR W 324 -139.04 -0.31 29.56
CA THR W 324 -140.13 -1.20 29.90
C THR W 324 -139.66 -2.65 29.98
N THR W 325 -138.71 -3.00 29.11
CA THR W 325 -138.36 -4.41 28.96
C THR W 325 -137.64 -4.95 30.20
N PHE W 326 -136.88 -4.08 30.87
CA PHE W 326 -136.12 -4.45 32.06
C PHE W 326 -136.89 -5.27 33.06
N ALA W 327 -138.11 -4.80 33.36
CA ALA W 327 -138.95 -5.50 34.34
C ALA W 327 -139.20 -6.95 33.97
N HIS W 328 -138.96 -7.32 32.72
CA HIS W 328 -139.39 -8.63 32.26
C HIS W 328 -138.32 -9.71 32.38
N LEU W 329 -137.09 -9.30 32.67
CA LEU W 329 -135.98 -10.24 32.57
C LEU W 329 -135.35 -10.60 33.90
N ASP W 330 -135.02 -11.88 34.03
CA ASP W 330 -134.28 -12.34 35.19
C ASP W 330 -132.82 -11.81 35.25
N ALA W 331 -132.19 -11.66 34.08
CA ALA W 331 -130.78 -11.27 34.01
C ALA W 331 -130.59 -10.27 32.90
N THR W 332 -129.88 -9.17 33.17
CA THR W 332 -129.77 -8.12 32.16
C THR W 332 -128.30 -7.92 31.78
N THR W 333 -127.99 -8.11 30.50
CA THR W 333 -126.63 -7.88 30.05
C THR W 333 -126.60 -6.60 29.26
N VAL W 334 -125.87 -5.63 29.77
CA VAL W 334 -125.93 -4.32 29.19
C VAL W 334 -124.64 -4.16 28.46
N LEU W 335 -124.74 -3.99 27.13
CA LEU W 335 -123.57 -3.72 26.31
C LEU W 335 -123.45 -2.22 26.26
N SER W 336 -122.22 -1.74 26.15
CA SER W 336 -121.98 -0.31 26.22
C SER W 336 -121.03 0.09 25.11
N ARG W 337 -121.30 1.24 24.52
CA ARG W 337 -120.47 1.76 23.45
C ARG W 337 -119.10 2.16 24.02
N GLY W 338 -119.13 2.77 25.20
CA GLY W 338 -117.91 3.18 25.91
C GLY W 338 -116.95 2.03 26.13
N ILE W 339 -117.49 0.94 26.63
CA ILE W 339 -116.74 -0.29 26.74
C ILE W 339 -116.19 -0.74 25.39
N SER W 340 -117.07 -0.91 24.39
CA SER W 340 -116.69 -1.49 23.08
C SER W 340 -115.66 -0.65 22.39
N GLU W 341 -115.74 0.66 22.60
CA GLU W 341 -114.79 1.60 22.03
C GLU W 341 -113.40 1.42 22.58
N LEU W 342 -113.28 0.79 23.73
CA LEU W 342 -111.96 0.48 24.26
C LEU W 342 -111.34 -0.77 23.65
N GLY W 343 -112.08 -1.44 22.76
CA GLY W 343 -111.62 -2.70 22.18
C GLY W 343 -111.90 -3.85 23.12
N ILE W 344 -112.79 -3.60 24.08
CA ILE W 344 -113.12 -4.57 25.08
C ILE W 344 -114.35 -5.31 24.62
N TYR W 345 -114.17 -6.49 24.03
CA TYR W 345 -115.33 -7.30 23.63
C TYR W 345 -115.48 -8.55 24.50
N PRO W 346 -116.71 -8.91 24.88
CA PRO W 346 -117.98 -8.26 24.59
C PRO W 346 -118.11 -6.94 25.32
N ALA W 347 -118.96 -6.09 24.79
CA ALA W 347 -119.10 -4.73 25.27
C ALA W 347 -119.82 -4.60 26.60
N VAL W 348 -119.83 -5.66 27.41
CA VAL W 348 -120.63 -5.72 28.66
C VAL W 348 -120.24 -4.66 29.69
N ASP W 349 -121.24 -3.94 30.19
CA ASP W 349 -120.99 -3.02 31.29
C ASP W 349 -121.07 -3.85 32.58
N PRO W 350 -119.92 -4.05 33.24
CA PRO W 350 -119.74 -4.84 34.45
C PRO W 350 -120.49 -4.33 35.66
N LEU W 351 -120.80 -3.04 35.67
CA LEU W 351 -121.55 -2.45 36.80
C LEU W 351 -123.02 -2.47 36.54
N ASP W 352 -123.45 -1.97 35.39
CA ASP W 352 -124.88 -1.96 35.08
C ASP W 352 -125.49 -3.31 34.75
N SER W 353 -124.69 -4.32 34.47
CA SER W 353 -125.22 -5.68 34.30
C SER W 353 -125.64 -6.31 35.63
N LYS W 354 -126.78 -6.97 35.63
CA LYS W 354 -127.34 -7.59 36.83
C LYS W 354 -128.02 -8.89 36.49
N SER W 355 -128.06 -9.77 37.48
CA SER W 355 -128.77 -11.02 37.40
C SER W 355 -129.19 -11.41 38.80
N ARG W 356 -130.46 -11.79 38.96
CA ARG W 356 -131.01 -12.11 40.28
C ARG W 356 -130.21 -13.18 41.02
N LEU W 357 -129.70 -14.17 40.28
CA LEU W 357 -128.90 -15.28 40.81
C LEU W 357 -127.62 -14.89 41.53
N LEU W 358 -127.09 -13.69 41.29
CA LEU W 358 -125.96 -13.24 42.10
C LEU W 358 -126.43 -12.94 43.51
N ASP W 359 -126.43 -13.99 44.32
CA ASP W 359 -126.88 -14.00 45.71
C ASP W 359 -126.14 -15.20 46.31
N ALA W 360 -125.63 -15.06 47.53
CA ALA W 360 -124.77 -16.10 48.09
C ALA W 360 -125.51 -17.44 48.07
N ALA W 361 -126.80 -17.40 48.37
CA ALA W 361 -127.66 -18.56 48.45
C ALA W 361 -127.66 -19.42 47.17
N VAL W 362 -127.24 -18.83 46.06
CA VAL W 362 -127.33 -19.49 44.78
C VAL W 362 -125.96 -19.89 44.23
N VAL W 363 -124.97 -19.06 44.50
CA VAL W 363 -123.64 -19.25 43.93
C VAL W 363 -122.56 -19.46 44.99
N GLY W 364 -122.93 -19.46 46.26
CA GLY W 364 -121.92 -19.54 47.31
C GLY W 364 -121.41 -18.17 47.69
N GLN W 365 -120.78 -18.08 48.86
CA GLN W 365 -120.31 -16.82 49.38
C GLN W 365 -119.09 -16.31 48.61
N GLU W 366 -118.14 -17.20 48.39
CA GLU W 366 -116.90 -16.84 47.76
C GLU W 366 -117.14 -16.21 46.41
N HIS W 367 -117.95 -16.88 45.58
CA HIS W 367 -118.36 -16.37 44.28
C HIS W 367 -118.94 -14.98 44.46
N TYR W 368 -119.91 -14.84 45.37
CA TYR W 368 -120.55 -13.56 45.65
C TYR W 368 -119.58 -12.49 46.15
N ASP W 369 -118.58 -12.89 46.93
CA ASP W 369 -117.60 -11.95 47.45
C ASP W 369 -116.63 -11.46 46.36
N VAL W 370 -116.09 -12.39 45.58
CA VAL W 370 -115.26 -12.06 44.42
C VAL W 370 -116.02 -11.09 43.52
N ALA W 371 -117.23 -11.49 43.16
CA ALA W 371 -118.08 -10.72 42.29
C ALA W 371 -118.36 -9.33 42.84
N SER W 372 -118.49 -9.21 44.16
CA SER W 372 -118.72 -7.90 44.75
C SER W 372 -117.47 -7.08 44.73
N LYS W 373 -116.34 -7.69 45.08
CA LYS W 373 -115.08 -6.96 45.11
C LYS W 373 -114.65 -6.47 43.72
N VAL W 374 -114.59 -7.37 42.73
CA VAL W 374 -114.42 -6.95 41.34
C VAL W 374 -115.24 -5.69 41.04
N GLN W 375 -116.51 -5.69 41.47
CA GLN W 375 -117.36 -4.53 41.27
C GLN W 375 -116.93 -3.28 42.02
N GLU W 376 -116.57 -3.42 43.29
CA GLU W 376 -116.04 -2.31 44.09
C GLU W 376 -114.80 -1.74 43.44
N THR W 377 -113.89 -2.62 43.04
CA THR W 377 -112.66 -2.24 42.39
C THR W 377 -112.99 -1.25 41.28
N LEU W 378 -113.73 -1.73 40.28
CA LEU W 378 -114.04 -0.98 39.05
C LEU W 378 -114.82 0.29 39.33
N GLN W 379 -115.64 0.23 40.37
CA GLN W 379 -116.41 1.39 40.80
C GLN W 379 -115.49 2.48 41.33
N THR W 380 -114.51 2.07 42.11
CA THR W 380 -113.49 2.99 42.57
C THR W 380 -112.72 3.55 41.40
N TYR W 381 -112.15 2.67 40.59
CA TYR W 381 -111.42 3.09 39.39
C TYR W 381 -112.22 4.07 38.53
N LYS W 382 -113.52 3.83 38.40
CA LYS W 382 -114.42 4.78 37.74
C LYS W 382 -114.49 6.13 38.47
N SER W 383 -114.62 6.10 39.80
CA SER W 383 -114.70 7.29 40.63
C SER W 383 -113.44 8.14 40.57
N LEU W 384 -112.30 7.48 40.41
CA LEU W 384 -111.05 8.20 40.40
C LEU W 384 -110.66 8.78 39.03
N GLN W 385 -111.37 8.41 37.97
CA GLN W 385 -111.00 8.91 36.64
C GLN W 385 -111.05 10.45 36.48
N ASP W 386 -111.72 11.14 37.40
CA ASP W 386 -111.63 12.60 37.50
C ASP W 386 -110.22 13.03 37.91
N ILE W 387 -109.77 12.55 39.06
CA ILE W 387 -108.45 12.90 39.61
C ILE W 387 -107.28 12.43 38.72
N ILE W 388 -107.50 11.38 37.92
CA ILE W 388 -106.47 10.88 36.99
C ILE W 388 -106.29 11.81 35.79
N ALA W 389 -107.40 12.23 35.20
CA ALA W 389 -107.37 13.23 34.14
C ALA W 389 -106.66 14.50 34.62
N ILE W 390 -107.22 15.12 35.67
CA ILE W 390 -106.80 16.46 36.13
C ILE W 390 -105.41 16.49 36.78
N LEU W 391 -105.14 15.63 37.75
CA LEU W 391 -103.86 15.67 38.49
C LEU W 391 -102.98 14.47 38.19
N GLY W 392 -103.22 13.84 37.03
CA GLY W 392 -102.46 12.66 36.61
C GLY W 392 -102.71 11.42 37.45
N MET W 393 -101.84 10.43 37.29
CA MET W 393 -101.80 9.24 38.14
C MET W 393 -100.91 9.50 39.36
N ASP W 394 -100.06 10.53 39.22
CA ASP W 394 -99.12 10.99 40.25
C ASP W 394 -99.79 11.20 41.61
N GLU W 395 -100.81 12.06 41.64
CA GLU W 395 -101.40 12.54 42.89
C GLU W 395 -102.35 11.53 43.54
N LEU W 396 -101.83 10.36 43.90
CA LEU W 396 -102.66 9.28 44.47
C LEU W 396 -102.13 8.59 45.71
N SER W 397 -103.07 8.26 46.60
CA SER W 397 -102.83 7.34 47.71
C SER W 397 -102.29 6.02 47.16
N GLU W 398 -101.51 5.32 47.97
CA GLU W 398 -100.83 4.11 47.51
C GLU W 398 -101.77 2.92 47.33
N GLN W 399 -102.72 2.79 48.25
CA GLN W 399 -103.78 1.82 48.11
C GLN W 399 -104.53 2.08 46.79
N ASP W 400 -104.86 3.35 46.55
CA ASP W 400 -105.55 3.78 45.33
C ASP W 400 -104.75 3.38 44.08
N LYS W 401 -103.49 3.81 44.02
CA LYS W 401 -102.57 3.46 42.93
C LYS W 401 -102.62 1.97 42.58
N LEU W 402 -102.71 1.15 43.63
CA LEU W 402 -102.86 -0.28 43.47
C LEU W 402 -104.28 -0.69 43.02
N THR W 403 -105.31 -0.08 43.61
CA THR W 403 -106.68 -0.36 43.19
C THR W 403 -106.84 -0.11 41.68
N VAL W 404 -106.30 1.01 41.21
CA VAL W 404 -106.32 1.36 39.79
C VAL W 404 -105.53 0.35 38.95
N GLU W 405 -104.29 0.06 39.37
CA GLU W 405 -103.46 -0.98 38.76
C GLU W 405 -104.29 -2.28 38.60
N ARG W 406 -105.01 -2.66 39.66
CA ARG W 406 -105.79 -3.89 39.66
C ARG W 406 -107.07 -3.83 38.85
N ALA W 407 -107.65 -2.62 38.78
CA ALA W 407 -108.89 -2.38 38.05
C ALA W 407 -108.64 -2.49 36.58
N ARG W 408 -107.54 -1.89 36.13
CA ARG W 408 -107.13 -1.97 34.75
C ARG W 408 -106.82 -3.39 34.33
N LYS W 409 -106.03 -4.11 35.13
CA LYS W 409 -105.81 -5.52 34.85
C LYS W 409 -107.14 -6.27 34.72
N ILE W 410 -108.10 -5.93 35.59
CA ILE W 410 -109.42 -6.58 35.64
C ILE W 410 -110.29 -6.25 34.44
N GLN W 411 -110.24 -5.01 33.98
CA GLN W 411 -111.06 -4.60 32.87
C GLN W 411 -110.80 -5.52 31.73
N ARG W 412 -109.52 -5.74 31.47
CA ARG W 412 -109.10 -6.55 30.37
C ARG W 412 -109.48 -8.02 30.51
N PHE W 413 -109.27 -8.59 31.69
CA PHE W 413 -109.61 -9.99 31.93
C PHE W 413 -111.11 -10.28 31.74
N LEU W 414 -111.91 -9.24 31.58
CA LEU W 414 -113.35 -9.41 31.35
C LEU W 414 -113.70 -9.58 29.86
N SER W 415 -112.82 -9.07 28.98
CA SER W 415 -112.90 -9.36 27.53
C SER W 415 -112.46 -10.79 27.23
N GLN W 416 -112.61 -11.21 25.98
CA GLN W 416 -112.51 -12.61 25.67
C GLN W 416 -112.81 -12.82 24.20
N PRO W 417 -111.97 -13.62 23.51
CA PRO W 417 -112.26 -13.81 22.10
C PRO W 417 -113.44 -14.78 21.95
N PHE W 418 -114.47 -14.32 21.26
CA PHE W 418 -115.60 -15.18 20.91
C PHE W 418 -115.20 -15.99 19.69
N ALA W 419 -115.84 -17.15 19.51
CA ALA W 419 -115.52 -18.02 18.38
C ALA W 419 -116.12 -17.38 17.14
N VAL W 420 -117.41 -17.08 17.25
CA VAL W 420 -118.18 -16.34 16.25
C VAL W 420 -117.47 -15.12 15.65
N ALA W 421 -116.74 -14.38 16.49
CA ALA W 421 -116.11 -13.12 16.09
C ALA W 421 -114.68 -13.26 15.61
N GLU W 422 -114.33 -14.43 15.07
CA GLU W 422 -112.97 -14.62 14.59
C GLU W 422 -112.66 -13.70 13.41
N VAL W 423 -113.69 -13.44 12.60
CA VAL W 423 -113.58 -12.50 11.46
C VAL W 423 -113.11 -11.13 11.88
N PHE W 424 -113.26 -10.85 13.17
CA PHE W 424 -112.92 -9.54 13.71
C PHE W 424 -111.61 -9.53 14.47
N THR W 425 -111.31 -10.58 15.21
CA THR W 425 -110.07 -10.60 15.96
C THR W 425 -108.95 -11.45 15.33
N GLY W 426 -109.33 -12.33 14.40
CA GLY W 426 -108.39 -13.31 13.83
C GLY W 426 -107.79 -14.16 14.94
N ILE W 427 -108.32 -13.97 16.14
CA ILE W 427 -107.90 -14.67 17.34
C ILE W 427 -108.91 -15.80 17.57
N PRO W 428 -108.42 -17.02 17.88
CA PRO W 428 -109.25 -18.21 18.09
C PRO W 428 -110.20 -18.04 19.26
N GLY W 429 -111.42 -18.58 19.14
CA GLY W 429 -112.43 -18.43 20.19
C GLY W 429 -112.04 -19.18 21.43
N LYS W 430 -112.03 -18.49 22.57
CA LYS W 430 -111.72 -19.14 23.86
C LYS W 430 -112.94 -19.20 24.76
N LEU W 431 -113.22 -20.39 25.29
CA LEU W 431 -114.33 -20.58 26.22
C LEU W 431 -113.77 -20.91 27.60
N VAL W 432 -114.33 -20.27 28.63
CA VAL W 432 -113.83 -20.37 30.00
C VAL W 432 -114.86 -21.02 30.93
N ARG W 433 -114.40 -21.95 31.75
CA ARG W 433 -115.27 -22.62 32.74
C ARG W 433 -115.53 -21.74 33.97
N LEU W 434 -116.78 -21.74 34.42
CA LEU W 434 -117.22 -20.87 35.51
C LEU W 434 -116.34 -20.92 36.77
N LYS W 435 -115.88 -22.11 37.15
CA LYS W 435 -114.99 -22.23 38.30
C LYS W 435 -113.63 -21.57 38.03
N ASP W 436 -113.14 -21.73 36.79
CA ASP W 436 -111.91 -21.08 36.32
C ASP W 436 -112.01 -19.56 36.30
N THR W 437 -113.17 -19.05 35.91
CA THR W 437 -113.45 -17.62 36.03
C THR W 437 -113.23 -17.11 37.46
N VAL W 438 -113.93 -17.71 38.42
CA VAL W 438 -113.95 -17.20 39.78
C VAL W 438 -112.58 -17.29 40.44
N ALA W 439 -111.87 -18.36 40.16
CA ALA W 439 -110.57 -18.62 40.76
C ALA W 439 -109.55 -17.60 40.29
N SER W 440 -109.62 -17.25 39.02
CA SER W 440 -108.62 -16.40 38.44
C SER W 440 -108.85 -14.96 38.91
N PHE W 441 -110.11 -14.58 39.00
CA PHE W 441 -110.45 -13.27 39.51
C PHE W 441 -110.14 -13.17 40.98
N LYS W 442 -110.39 -14.25 41.69
CA LYS W 442 -110.00 -14.29 43.09
C LYS W 442 -108.53 -14.00 43.21
N ALA W 443 -107.73 -14.68 42.40
CA ALA W 443 -106.28 -14.59 42.47
C ALA W 443 -105.88 -13.16 42.17
N VAL W 444 -106.36 -12.67 41.04
CA VAL W 444 -106.09 -11.31 40.59
C VAL W 444 -106.35 -10.34 41.74
N LEU W 445 -107.47 -10.53 42.43
CA LEU W 445 -107.93 -9.60 43.46
C LEU W 445 -107.05 -9.52 44.69
N GLU W 446 -106.40 -10.62 45.06
CA GLU W 446 -105.55 -10.68 46.26
C GLU W 446 -104.11 -10.28 45.94
N GLY W 447 -103.87 -9.90 44.69
CA GLY W 447 -102.58 -9.38 44.28
C GLY W 447 -101.56 -10.42 43.83
N LYS W 448 -102.01 -11.67 43.73
CA LYS W 448 -101.11 -12.77 43.39
C LYS W 448 -100.72 -12.76 41.91
N TYR W 449 -100.82 -11.56 41.32
CA TYR W 449 -100.55 -11.31 39.90
C TYR W 449 -100.20 -9.87 39.58
N ASP W 450 -99.75 -9.12 40.59
CA ASP W 450 -99.50 -7.68 40.41
C ASP W 450 -98.35 -7.32 39.46
N ASN W 451 -97.45 -8.29 39.25
CA ASN W 451 -96.26 -8.11 38.40
C ASN W 451 -96.53 -8.18 36.90
N ILE W 452 -97.51 -8.99 36.51
CA ILE W 452 -97.86 -9.17 35.09
C ILE W 452 -98.43 -7.89 34.43
N PRO W 453 -97.90 -7.50 33.24
CA PRO W 453 -98.33 -6.33 32.46
C PRO W 453 -99.79 -6.38 31.98
N GLU W 454 -100.43 -5.20 31.88
CA GLU W 454 -101.84 -5.08 31.48
C GLU W 454 -102.23 -5.89 30.25
N HIS W 455 -101.41 -5.86 29.21
CA HIS W 455 -101.76 -6.51 27.95
C HIS W 455 -101.94 -8.01 28.05
N ALA W 456 -101.34 -8.62 29.06
CA ALA W 456 -101.43 -10.06 29.23
C ALA W 456 -102.84 -10.56 29.62
N PHE W 457 -103.73 -9.67 30.02
CA PHE W 457 -105.07 -10.07 30.43
C PHE W 457 -106.08 -9.89 29.29
N TYR W 458 -105.66 -9.16 28.26
CA TYR W 458 -106.54 -8.72 27.18
C TYR W 458 -106.73 -9.76 26.08
N MET W 459 -107.99 -10.09 25.81
CA MET W 459 -108.38 -11.04 24.75
C MET W 459 -107.72 -12.41 24.89
N VAL W 460 -107.90 -13.02 26.06
CA VAL W 460 -107.39 -14.36 26.37
C VAL W 460 -108.48 -15.09 27.18
N GLY W 461 -108.32 -16.39 27.40
CA GLY W 461 -109.28 -17.18 28.18
C GLY W 461 -109.06 -17.14 29.69
N GLY W 462 -108.60 -18.25 30.26
CA GLY W 462 -108.36 -18.34 31.70
C GLY W 462 -106.97 -17.91 32.12
N ILE W 463 -106.72 -17.90 33.43
CA ILE W 463 -105.44 -17.41 33.95
C ILE W 463 -104.21 -18.12 33.37
N GLU W 464 -104.40 -19.36 32.90
CA GLU W 464 -103.40 -20.06 32.09
C GLU W 464 -102.89 -19.16 30.98
N ASP W 465 -103.85 -18.60 30.26
CA ASP W 465 -103.58 -17.78 29.10
C ASP W 465 -102.95 -16.45 29.48
N VAL W 466 -103.21 -15.99 30.71
CA VAL W 466 -102.55 -14.77 31.16
C VAL W 466 -101.07 -15.04 31.34
N VAL W 467 -100.74 -16.18 31.95
CA VAL W 467 -99.35 -16.54 32.16
C VAL W 467 -98.70 -16.80 30.80
N ALA W 468 -99.35 -17.63 29.99
CA ALA W 468 -98.83 -17.97 28.67
C ALA W 468 -98.44 -16.72 27.88
N LYS W 469 -99.37 -15.76 27.78
CA LYS W 469 -99.15 -14.51 27.06
C LYS W 469 -98.06 -13.65 27.68
N ALA W 470 -98.04 -13.59 29.01
CA ALA W 470 -97.08 -12.78 29.75
C ALA W 470 -95.67 -13.11 29.34
N GLU W 471 -95.39 -14.41 29.31
CA GLU W 471 -94.08 -14.93 28.93
C GLU W 471 -93.82 -14.80 27.43
N LYS W 472 -94.83 -15.13 26.63
CA LYS W 472 -94.69 -15.09 25.18
C LYS W 472 -94.35 -13.69 24.72
N LEU W 473 -94.89 -12.69 25.40
CA LEU W 473 -94.59 -11.28 25.11
C LEU W 473 -93.24 -10.83 25.67
N ALA W 474 -92.96 -11.17 26.93
CA ALA W 474 -91.64 -10.89 27.53
C ALA W 474 -90.47 -11.54 26.77
N ALA W 475 -90.81 -12.50 25.90
CA ALA W 475 -89.87 -13.11 24.97
C ALA W 475 -89.75 -12.25 23.70
N PRO X 8 -187.70 27.77 39.70
CA PRO X 8 -186.42 27.08 39.87
C PRO X 8 -185.96 26.35 38.60
N ILE X 9 -184.95 26.94 37.94
CA ILE X 9 -184.36 26.42 36.69
C ILE X 9 -183.81 25.00 36.86
N THR X 10 -184.17 24.09 35.95
CA THR X 10 -183.72 22.70 36.04
C THR X 10 -183.17 22.13 34.73
N GLY X 11 -182.13 21.30 34.83
CA GLY X 11 -181.56 20.60 33.68
C GLY X 11 -181.42 19.08 33.84
N LYS X 12 -180.70 18.47 32.90
CA LYS X 12 -180.43 17.04 32.88
C LYS X 12 -178.98 16.77 32.50
N VAL X 13 -178.38 15.81 33.19
CA VAL X 13 -177.04 15.39 32.88
C VAL X 13 -177.05 14.57 31.59
N THR X 14 -176.25 15.00 30.63
CA THR X 14 -176.19 14.33 29.34
C THR X 14 -174.83 13.69 29.08
N ALA X 15 -173.81 14.17 29.79
CA ALA X 15 -172.47 13.58 29.66
C ALA X 15 -171.60 13.66 30.92
N VAL X 16 -170.97 12.54 31.26
CA VAL X 16 -170.07 12.50 32.40
C VAL X 16 -168.69 11.98 31.99
N ILE X 17 -167.67 12.83 32.15
CA ILE X 17 -166.30 12.46 31.78
C ILE X 17 -165.30 13.04 32.79
N GLY X 18 -164.93 12.21 33.76
CA GLY X 18 -164.13 12.70 34.88
C GLY X 18 -164.80 13.92 35.48
N ALA X 19 -164.05 14.98 35.70
CA ALA X 19 -164.62 16.13 36.42
C ALA X 19 -165.43 17.01 35.48
N ILE X 20 -165.63 16.55 34.25
CA ILE X 20 -166.38 17.31 33.26
C ILE X 20 -167.78 16.74 33.06
N VAL X 21 -168.78 17.50 33.49
CA VAL X 21 -170.15 17.08 33.32
C VAL X 21 -170.85 18.01 32.33
N ASP X 22 -171.75 17.42 31.52
CA ASP X 22 -172.56 18.17 30.57
C ASP X 22 -174.04 18.07 30.88
N VAL X 23 -174.65 19.25 30.90
CA VAL X 23 -176.02 19.45 31.36
C VAL X 23 -176.79 20.09 30.21
N HIS X 24 -178.05 19.66 30.04
CA HIS X 24 -178.93 20.23 29.03
C HIS X 24 -180.01 21.10 29.71
N PHE X 25 -180.66 21.97 28.95
CA PHE X 25 -181.63 22.92 29.52
C PHE X 25 -182.79 23.19 28.60
N GLU X 26 -183.64 24.13 29.01
CA GLU X 26 -184.74 24.63 28.19
C GLU X 26 -184.53 26.05 27.71
N GLN X 27 -185.06 26.32 26.52
CA GLN X 27 -184.86 27.55 25.74
C GLN X 27 -184.52 28.81 26.55
N SER X 28 -183.32 29.35 26.30
CA SER X 28 -182.82 30.59 26.94
C SER X 28 -183.01 30.62 28.47
N GLU X 29 -182.81 29.46 29.10
CA GLU X 29 -182.77 29.36 30.55
C GLU X 29 -181.34 29.07 30.98
N LEU X 30 -180.50 28.75 29.99
CA LEU X 30 -179.10 28.41 30.24
C LEU X 30 -178.46 29.42 31.18
N PRO X 31 -177.83 28.91 32.24
CA PRO X 31 -177.12 29.76 33.17
C PRO X 31 -175.91 30.37 32.46
N ALA X 32 -175.48 31.55 32.89
CA ALA X 32 -174.27 32.12 32.31
C ALA X 32 -173.06 31.27 32.69
N ILE X 33 -171.95 31.48 31.98
CA ILE X 33 -170.70 30.82 32.31
C ILE X 33 -170.22 31.39 33.64
N LEU X 34 -169.64 30.52 34.47
CA LEU X 34 -169.21 30.81 35.84
C LEU X 34 -170.35 30.72 36.88
N ASN X 35 -171.41 30.00 36.52
CA ASN X 35 -172.49 29.75 37.45
C ASN X 35 -172.38 28.44 38.18
N ALA X 36 -172.92 28.42 39.39
CA ALA X 36 -172.96 27.24 40.22
C ALA X 36 -174.23 26.43 39.92
N LEU X 37 -174.02 25.20 39.50
CA LEU X 37 -175.09 24.25 39.27
C LEU X 37 -174.98 23.15 40.31
N GLU X 38 -176.10 22.77 40.93
CA GLU X 38 -176.06 21.75 41.96
C GLU X 38 -176.78 20.49 41.55
N ILE X 39 -176.15 19.36 41.84
CA ILE X 39 -176.83 18.08 41.84
C ILE X 39 -176.87 17.62 43.29
N LYS X 40 -178.00 17.08 43.72
CA LYS X 40 -178.12 16.58 45.07
C LYS X 40 -177.65 15.13 45.11
N THR X 41 -176.82 14.82 46.11
CA THR X 41 -176.23 13.49 46.26
C THR X 41 -176.74 12.86 47.56
N PRO X 42 -176.56 11.53 47.72
CA PRO X 42 -176.87 10.90 49.00
C PRO X 42 -176.20 11.62 50.20
N GLN X 43 -174.96 12.06 50.02
CA GLN X 43 -174.19 12.79 51.04
C GLN X 43 -174.79 14.16 51.29
N GLY X 44 -174.59 15.05 50.31
CA GLY X 44 -175.12 16.41 50.35
C GLY X 44 -175.36 16.91 48.95
N LYS X 45 -174.45 17.75 48.47
CA LYS X 45 -174.60 18.33 47.15
C LYS X 45 -173.28 18.38 46.41
N LEU X 46 -173.31 17.95 45.15
CA LEU X 46 -172.20 18.11 44.23
C LEU X 46 -172.38 19.44 43.51
N VAL X 47 -171.32 20.26 43.48
CA VAL X 47 -171.40 21.54 42.77
C VAL X 47 -170.63 21.46 41.42
N LEU X 48 -171.22 22.06 40.38
CA LEU X 48 -170.66 22.08 39.04
C LEU X 48 -170.54 23.52 38.57
N GLU X 49 -169.36 23.91 38.11
CA GLU X 49 -169.19 25.24 37.55
C GLU X 49 -169.23 25.18 36.03
N VAL X 50 -169.96 26.13 35.45
CA VAL X 50 -170.19 26.21 34.01
C VAL X 50 -168.97 26.82 33.29
N ALA X 51 -168.52 26.13 32.25
CA ALA X 51 -167.36 26.56 31.47
C ALA X 51 -167.73 27.07 30.08
N GLN X 52 -168.72 26.44 29.45
CA GLN X 52 -169.09 26.77 28.09
C GLN X 52 -170.55 26.49 27.80
N HIS X 53 -171.14 27.32 26.96
CA HIS X 53 -172.37 26.98 26.25
C HIS X 53 -171.91 26.38 24.92
N LEU X 54 -172.08 25.07 24.81
CA LEU X 54 -171.69 24.32 23.63
C LEU X 54 -172.73 24.46 22.50
N GLY X 55 -173.86 25.09 22.77
CA GLY X 55 -174.93 25.11 21.80
C GLY X 55 -175.98 24.05 22.06
N GLU X 56 -177.08 24.11 21.29
CA GLU X 56 -178.25 23.26 21.49
C GLU X 56 -178.67 23.10 22.95
N ASN X 57 -178.69 24.24 23.64
CA ASN X 57 -179.10 24.35 25.05
C ASN X 57 -178.26 23.54 26.02
N THR X 58 -177.02 23.29 25.65
CA THR X 58 -176.16 22.50 26.53
C THR X 58 -175.01 23.33 27.11
N VAL X 59 -174.75 23.11 28.39
CA VAL X 59 -173.59 23.70 29.04
C VAL X 59 -172.59 22.65 29.51
N ARG X 60 -171.32 23.02 29.45
CA ARG X 60 -170.29 22.15 29.93
C ARG X 60 -169.76 22.66 31.25
N THR X 61 -169.74 21.77 32.23
CA THR X 61 -169.33 22.13 33.59
C THR X 61 -168.09 21.40 34.08
N ILE X 62 -167.46 21.98 35.08
CA ILE X 62 -166.38 21.33 35.80
C ILE X 62 -166.83 21.09 37.24
N ALA X 63 -166.63 19.87 37.72
CA ALA X 63 -167.09 19.47 39.02
C ALA X 63 -166.24 20.05 40.15
N MET X 64 -166.82 20.10 41.33
CA MET X 64 -166.14 20.60 42.51
C MET X 64 -165.82 19.46 43.45
N ASP X 65 -166.30 18.27 43.09
CA ASP X 65 -166.10 17.05 43.84
C ASP X 65 -166.06 15.90 42.83
N GLY X 66 -166.16 14.66 43.31
CA GLY X 66 -166.15 13.49 42.44
C GLY X 66 -167.44 13.36 41.65
N THR X 67 -167.42 12.53 40.61
CA THR X 67 -168.61 12.33 39.82
C THR X 67 -169.05 10.86 39.72
N GLU X 68 -168.34 9.97 40.41
CA GLU X 68 -168.77 8.56 40.51
C GLU X 68 -170.26 8.52 40.84
N GLY X 69 -170.97 7.61 40.19
CA GLY X 69 -172.39 7.42 40.50
C GLY X 69 -173.37 8.33 39.77
N LEU X 70 -172.87 9.36 39.10
CA LEU X 70 -173.78 10.17 38.29
C LEU X 70 -174.37 9.31 37.21
N VAL X 71 -175.69 9.44 37.04
CA VAL X 71 -176.42 8.76 35.99
C VAL X 71 -176.89 9.80 35.00
N ARG X 72 -176.87 9.49 33.70
CA ARG X 72 -177.35 10.44 32.70
C ARG X 72 -178.83 10.73 32.87
N GLY X 73 -179.18 12.01 32.73
CA GLY X 73 -180.57 12.46 32.86
C GLY X 73 -180.95 12.84 34.27
N GLU X 74 -179.97 13.23 35.08
CA GLU X 74 -180.21 13.55 36.47
C GLU X 74 -180.51 15.03 36.70
N LYS X 75 -181.34 15.30 37.70
CA LYS X 75 -181.76 16.66 38.04
C LYS X 75 -180.56 17.53 38.36
N VAL X 76 -180.55 18.74 37.83
CA VAL X 76 -179.51 19.71 38.11
C VAL X 76 -180.14 21.08 38.32
N LEU X 77 -179.94 21.65 39.49
CA LEU X 77 -180.51 22.95 39.84
C LEU X 77 -179.52 24.09 39.56
N ASP X 78 -180.02 25.19 39.01
CA ASP X 78 -179.20 26.38 38.83
C ASP X 78 -179.33 27.28 40.06
N THR X 79 -178.19 27.67 40.65
CA THR X 79 -178.20 28.58 41.81
C THR X 79 -178.50 30.03 41.39
N GLY X 80 -178.41 30.29 40.09
CA GLY X 80 -178.64 31.63 39.54
C GLY X 80 -177.54 32.61 39.89
N GLY X 81 -176.35 32.08 40.18
CA GLY X 81 -175.20 32.90 40.52
C GLY X 81 -173.92 32.09 40.39
N PRO X 82 -172.78 32.75 40.65
CA PRO X 82 -171.53 32.02 40.86
C PRO X 82 -171.52 31.33 42.23
N ILE X 83 -170.50 30.52 42.48
CA ILE X 83 -170.28 29.95 43.81
C ILE X 83 -170.11 31.10 44.78
N SER X 84 -170.81 31.03 45.91
CA SER X 84 -170.81 32.12 46.90
C SER X 84 -170.40 31.63 48.29
N VAL X 85 -169.72 32.51 49.02
CA VAL X 85 -169.27 32.16 50.37
C VAL X 85 -169.94 33.02 51.42
N PRO X 86 -170.08 32.48 52.64
CA PRO X 86 -170.39 33.34 53.76
C PRO X 86 -169.27 34.36 53.94
N VAL X 87 -169.64 35.58 54.32
CA VAL X 87 -168.67 36.64 54.56
C VAL X 87 -168.94 37.32 55.89
N GLY X 88 -168.05 38.21 56.31
CA GLY X 88 -168.23 38.94 57.57
C GLY X 88 -167.62 38.22 58.77
N ARG X 89 -167.89 38.74 59.97
CA ARG X 89 -167.26 38.24 61.20
C ARG X 89 -167.51 36.75 61.50
N GLU X 90 -168.65 36.24 61.02
CA GLU X 90 -169.14 34.90 61.34
C GLU X 90 -168.28 33.77 60.80
N THR X 91 -167.29 34.12 59.99
CA THR X 91 -166.40 33.17 59.36
C THR X 91 -165.07 32.99 60.11
N LEU X 92 -164.81 33.81 61.12
CA LEU X 92 -163.55 33.75 61.86
C LEU X 92 -163.50 32.58 62.82
N GLY X 93 -162.44 31.77 62.72
CA GLY X 93 -162.33 30.53 63.50
C GLY X 93 -163.08 29.37 62.87
N ARG X 94 -163.59 29.60 61.67
CA ARG X 94 -164.30 28.58 60.95
C ARG X 94 -163.41 27.97 59.87
N ILE X 95 -163.64 26.71 59.58
CA ILE X 95 -163.05 26.08 58.42
C ILE X 95 -164.10 25.93 57.35
N ILE X 96 -163.74 26.38 56.14
CA ILE X 96 -164.66 26.50 55.04
C ILE X 96 -164.02 25.82 53.84
N ASN X 97 -164.84 25.31 52.93
CA ASN X 97 -164.30 24.81 51.70
C ASN X 97 -164.71 25.65 50.48
N VAL X 98 -164.13 25.27 49.34
CA VAL X 98 -164.31 25.92 48.04
C VAL X 98 -165.74 26.42 47.76
N ILE X 99 -166.74 25.58 48.08
CA ILE X 99 -168.15 25.92 47.87
C ILE X 99 -168.84 26.52 49.11
N GLY X 100 -168.07 27.23 49.93
CA GLY X 100 -168.59 28.01 51.06
C GLY X 100 -169.30 27.23 52.15
N GLU X 101 -168.85 26.00 52.39
CA GLU X 101 -169.47 25.15 53.38
C GLU X 101 -168.61 24.96 54.63
N PRO X 102 -169.25 24.92 55.81
CA PRO X 102 -168.47 24.56 56.98
C PRO X 102 -167.92 23.14 56.84
N ILE X 103 -166.62 22.97 57.07
CA ILE X 103 -166.04 21.62 57.13
C ILE X 103 -165.39 21.32 58.49
N ASP X 104 -165.66 22.16 59.50
CA ASP X 104 -165.13 21.98 60.85
C ASP X 104 -166.16 21.40 61.85
N GLU X 105 -167.30 20.94 61.33
CA GLU X 105 -168.36 20.33 62.13
C GLU X 105 -168.76 21.16 63.36
N ARG X 106 -169.05 22.44 63.13
CA ARG X 106 -169.49 23.36 64.18
C ARG X 106 -170.67 24.17 63.66
N GLY X 107 -171.58 23.49 62.96
CA GLY X 107 -172.79 24.12 62.42
C GLY X 107 -172.59 24.83 61.09
N PRO X 108 -173.65 25.49 60.59
CA PRO X 108 -173.42 26.35 59.42
C PRO X 108 -172.83 27.67 59.87
N ILE X 109 -172.01 28.28 59.03
CA ILE X 109 -171.61 29.64 59.28
C ILE X 109 -172.88 30.46 59.06
N LYS X 110 -173.31 31.21 60.07
CA LYS X 110 -174.51 32.01 59.93
C LYS X 110 -174.17 33.44 59.55
N SER X 111 -173.78 33.62 58.30
CA SER X 111 -173.41 34.92 57.77
C SER X 111 -174.65 35.76 57.46
N LYS X 112 -174.47 37.06 57.32
CA LYS X 112 -175.57 37.97 56.98
C LYS X 112 -175.72 38.13 55.48
N LEU X 113 -174.62 37.97 54.75
CA LEU X 113 -174.64 37.95 53.29
C LEU X 113 -174.02 36.69 52.71
N ARG X 114 -173.95 36.64 51.39
CA ARG X 114 -173.10 35.71 50.64
C ARG X 114 -172.62 36.38 49.36
N LYS X 115 -171.41 36.07 48.93
CA LYS X 115 -170.81 36.81 47.82
C LYS X 115 -170.16 35.86 46.83
N PRO X 116 -170.40 36.07 45.52
CA PRO X 116 -169.79 35.30 44.42
C PRO X 116 -168.27 35.31 44.46
N ILE X 117 -167.69 34.13 44.30
CA ILE X 117 -166.24 33.97 44.35
C ILE X 117 -165.53 34.64 43.15
N HIS X 118 -166.29 34.90 42.08
CA HIS X 118 -165.81 35.64 40.92
C HIS X 118 -166.28 37.08 41.03
N ALA X 119 -165.33 38.03 40.95
CA ALA X 119 -165.64 39.46 41.06
C ALA X 119 -164.69 40.36 40.28
N ASP X 120 -165.04 41.63 40.22
CA ASP X 120 -164.29 42.62 39.47
C ASP X 120 -163.22 43.33 40.28
N PRO X 121 -161.98 43.31 39.79
CA PRO X 121 -160.88 44.04 40.40
C PRO X 121 -161.23 45.52 40.44
N PRO X 122 -160.87 46.22 41.55
CA PRO X 122 -161.16 47.65 41.73
C PRO X 122 -160.67 48.52 40.58
N SER X 123 -161.61 49.16 39.88
CA SER X 123 -161.35 49.94 38.68
C SER X 123 -160.13 50.87 38.79
N PHE X 124 -159.68 51.40 37.66
CA PHE X 124 -158.55 52.34 37.64
C PHE X 124 -158.83 53.61 38.44
N ALA X 125 -160.10 53.93 38.60
CA ALA X 125 -160.53 55.01 39.50
C ALA X 125 -160.14 54.71 40.94
N GLU X 126 -160.69 53.62 41.49
CA GLU X 126 -160.53 53.27 42.92
C GLU X 126 -159.09 52.96 43.36
N GLN X 127 -158.13 53.31 42.50
CA GLN X 127 -156.72 53.00 42.72
C GLN X 127 -155.99 53.88 43.72
N SER X 128 -155.03 53.26 44.38
CA SER X 128 -154.08 53.93 45.25
C SER X 128 -153.08 54.66 44.34
N THR X 129 -152.92 55.97 44.51
CA THR X 129 -151.92 56.71 43.72
C THR X 129 -150.47 56.56 44.24
N SER X 130 -150.33 56.27 45.54
CA SER X 130 -149.01 56.10 46.18
C SER X 130 -148.80 54.68 46.70
N ALA X 131 -147.59 54.15 46.50
CA ALA X 131 -147.17 52.94 47.20
C ALA X 131 -146.99 53.28 48.66
N GLU X 132 -147.16 52.30 49.54
CA GLU X 132 -147.06 52.52 51.00
C GLU X 132 -146.68 51.26 51.77
N ILE X 133 -145.85 51.45 52.79
CA ILE X 133 -145.39 50.33 53.59
C ILE X 133 -146.45 49.92 54.57
N LEU X 134 -146.66 48.62 54.66
CA LEU X 134 -147.42 48.03 55.75
C LEU X 134 -146.43 47.62 56.82
N GLU X 135 -146.67 48.14 58.02
CA GLU X 135 -145.91 47.79 59.19
C GLU X 135 -146.28 46.37 59.62
N THR X 136 -145.28 45.53 59.90
CA THR X 136 -145.51 44.14 60.33
C THR X 136 -145.05 43.91 61.78
N GLY X 137 -144.14 44.77 62.26
CA GLY X 137 -143.62 44.67 63.61
C GLY X 137 -142.40 43.79 63.72
N ILE X 138 -142.09 43.09 62.64
CA ILE X 138 -140.90 42.24 62.56
C ILE X 138 -139.72 43.08 62.08
N LYS X 139 -138.64 43.07 62.87
CA LYS X 139 -137.49 43.90 62.58
C LYS X 139 -136.93 43.62 61.20
N VAL X 140 -136.53 42.37 60.96
CA VAL X 140 -135.98 41.95 59.67
C VAL X 140 -136.81 42.52 58.53
N VAL X 141 -138.09 42.13 58.52
CA VAL X 141 -139.06 42.54 57.51
C VAL X 141 -139.05 44.06 57.31
N ASP X 142 -139.54 44.79 58.30
CA ASP X 142 -139.74 46.24 58.20
C ASP X 142 -138.46 46.99 57.78
N LEU X 143 -137.32 46.57 58.32
CA LEU X 143 -136.02 47.21 58.10
C LEU X 143 -135.40 46.93 56.74
N LEU X 144 -135.52 45.67 56.30
CA LEU X 144 -134.84 45.14 55.10
C LEU X 144 -135.77 44.85 53.94
N ALA X 145 -136.82 44.07 54.20
CA ALA X 145 -137.79 43.72 53.16
C ALA X 145 -139.22 44.21 53.48
N PRO X 146 -139.42 45.54 53.65
CA PRO X 146 -140.73 46.07 54.09
C PRO X 146 -141.89 45.74 53.15
N TYR X 147 -143.06 45.49 53.72
CA TYR X 147 -144.21 45.03 52.95
C TYR X 147 -144.99 46.16 52.34
N ALA X 148 -145.47 45.94 51.13
CA ALA X 148 -146.42 46.82 50.49
C ALA X 148 -147.74 46.80 51.23
N ARG X 149 -148.39 47.96 51.37
CA ARG X 149 -149.76 47.97 51.89
C ARG X 149 -150.69 47.75 50.72
N GLY X 150 -151.39 46.63 50.75
CA GLY X 150 -152.19 46.16 49.64
C GLY X 150 -151.28 45.56 48.60
N GLY X 151 -150.07 45.19 49.01
CA GLY X 151 -149.08 44.59 48.12
C GLY X 151 -149.10 43.08 48.19
N LYS X 152 -148.20 42.43 47.44
CA LYS X 152 -148.08 40.96 47.42
C LYS X 152 -146.66 40.47 47.70
N ILE X 153 -146.53 39.63 48.72
CA ILE X 153 -145.22 39.18 49.19
C ILE X 153 -145.02 37.68 48.96
N GLY X 154 -144.00 37.36 48.18
CA GLY X 154 -143.66 35.98 47.89
C GLY X 154 -142.91 35.43 49.06
N LEU X 155 -143.50 34.44 49.73
CA LEU X 155 -142.87 33.80 50.88
C LEU X 155 -142.20 32.50 50.44
N PHE X 156 -140.91 32.37 50.73
CA PHE X 156 -140.10 31.25 50.26
C PHE X 156 -139.54 30.40 51.39
N GLY X 157 -139.42 29.10 51.13
CA GLY X 157 -138.93 28.14 52.13
C GLY X 157 -139.92 27.05 52.50
N GLY X 158 -139.41 25.84 52.71
CA GLY X 158 -140.25 24.70 53.04
C GLY X 158 -140.49 24.60 54.54
N ALA X 159 -140.17 23.44 55.08
CA ALA X 159 -140.32 23.17 56.50
C ALA X 159 -139.02 23.43 57.27
N GLY X 160 -139.05 23.22 58.58
CA GLY X 160 -137.88 23.40 59.44
C GLY X 160 -137.48 24.85 59.63
N VAL X 161 -138.35 25.76 59.19
CA VAL X 161 -138.03 27.18 59.20
C VAL X 161 -139.13 28.04 59.86
N GLY X 162 -140.06 27.36 60.53
CA GLY X 162 -141.08 28.02 61.36
C GLY X 162 -142.07 28.86 60.58
N LYS X 163 -142.26 28.48 59.31
CA LYS X 163 -143.15 29.18 58.39
C LYS X 163 -144.49 29.54 59.03
N THR X 164 -145.14 28.55 59.65
CA THR X 164 -146.49 28.75 60.18
C THR X 164 -146.51 29.63 61.41
N VAL X 165 -145.46 29.50 62.23
CA VAL X 165 -145.29 30.39 63.39
C VAL X 165 -145.20 31.85 62.92
N PHE X 166 -144.33 32.07 61.94
CA PHE X 166 -144.14 33.37 61.31
C PHE X 166 -145.45 33.92 60.69
N ILE X 167 -146.17 33.06 59.97
CA ILE X 167 -147.48 33.42 59.43
C ILE X 167 -148.41 33.87 60.54
N GLN X 168 -148.56 33.04 61.57
CA GLN X 168 -149.36 33.38 62.74
C GLN X 168 -148.93 34.71 63.39
N GLU X 169 -147.63 34.96 63.43
CA GLU X 169 -147.12 36.22 63.96
C GLU X 169 -147.70 37.42 63.21
N LEU X 170 -147.69 37.34 61.88
CA LEU X 170 -148.23 38.40 61.05
C LEU X 170 -149.73 38.56 61.21
N ILE X 171 -150.45 37.45 61.35
CA ILE X 171 -151.90 37.47 61.58
C ILE X 171 -152.17 38.19 62.89
N ASN X 172 -151.40 37.82 63.92
CA ASN X 172 -151.49 38.48 65.21
C ASN X 172 -151.14 39.96 65.12
N ASN X 173 -149.97 40.25 64.54
CA ASN X 173 -149.45 41.62 64.45
C ASN X 173 -150.25 42.55 63.54
N ILE X 174 -150.83 42.02 62.47
CA ILE X 174 -151.71 42.82 61.62
C ILE X 174 -153.00 43.12 62.36
N ALA X 175 -153.43 42.17 63.18
CA ALA X 175 -154.62 42.37 64.02
C ALA X 175 -154.35 43.32 65.18
N LYS X 176 -153.23 43.10 65.88
CA LYS X 176 -152.89 43.84 67.09
C LYS X 176 -152.44 45.26 66.80
N ALA X 177 -151.46 45.42 65.91
CA ALA X 177 -150.88 46.74 65.63
C ALA X 177 -151.80 47.59 64.76
N HIS X 178 -152.21 47.05 63.62
CA HIS X 178 -153.14 47.77 62.75
C HIS X 178 -154.57 47.67 63.29
N GLY X 179 -155.15 46.48 63.18
CA GLY X 179 -156.55 46.27 63.53
C GLY X 179 -157.35 45.74 62.35
N GLY X 180 -156.80 44.72 61.70
CA GLY X 180 -157.43 44.07 60.57
C GLY X 180 -157.28 42.56 60.68
N PHE X 181 -158.25 41.82 60.15
CA PHE X 181 -158.23 40.36 60.22
C PHE X 181 -157.34 39.71 59.17
N SER X 182 -157.28 38.39 59.19
CA SER X 182 -156.52 37.61 58.21
C SER X 182 -157.32 36.41 57.71
N VAL X 183 -157.07 36.02 56.46
CA VAL X 183 -157.71 34.87 55.85
C VAL X 183 -156.60 33.98 55.34
N PHE X 184 -156.51 32.78 55.91
CA PHE X 184 -155.53 31.82 55.44
C PHE X 184 -156.16 30.85 54.46
N THR X 185 -155.66 30.83 53.24
CA THR X 185 -156.19 29.93 52.23
C THR X 185 -155.20 28.83 51.93
N GLY X 186 -155.67 27.59 52.04
CA GLY X 186 -154.89 26.40 51.70
C GLY X 186 -155.19 25.83 50.32
N VAL X 187 -154.36 26.19 49.36
CA VAL X 187 -154.54 25.78 47.97
C VAL X 187 -153.66 24.57 47.65
N GLY X 188 -154.28 23.41 47.43
CA GLY X 188 -153.54 22.18 47.14
C GLY X 188 -152.95 21.61 48.40
N GLU X 189 -153.55 22.01 49.52
CA GLU X 189 -153.20 21.54 50.86
C GLU X 189 -152.84 20.06 50.93
N ARG X 190 -151.77 19.74 51.64
CA ARG X 190 -151.61 18.44 52.24
C ARG X 190 -152.46 18.41 53.51
N THR X 191 -153.41 17.48 53.57
CA THR X 191 -154.39 17.45 54.66
C THR X 191 -153.75 17.34 56.04
N ARG X 192 -152.73 16.49 56.17
CA ARG X 192 -151.97 16.43 57.40
C ARG X 192 -151.71 17.84 57.92
N GLU X 193 -151.09 18.70 57.11
CA GLU X 193 -150.75 20.07 57.49
C GLU X 193 -151.93 20.98 57.80
N GLY X 194 -153.09 20.66 57.23
CA GLY X 194 -154.33 21.35 57.57
C GLY X 194 -154.77 21.03 59.01
N ASN X 195 -154.58 19.79 59.41
CA ASN X 195 -154.89 19.34 60.76
C ASN X 195 -153.88 19.92 61.75
N ASP X 196 -152.65 20.06 61.29
CA ASP X 196 -151.60 20.63 62.12
C ASP X 196 -151.91 22.09 62.31
N LEU X 197 -151.92 22.82 61.20
CA LEU X 197 -152.20 24.23 61.23
C LEU X 197 -153.36 24.50 62.16
N TYR X 198 -154.53 23.93 61.84
CA TYR X 198 -155.74 24.15 62.63
C TYR X 198 -155.55 23.93 64.12
N ARG X 199 -154.80 22.91 64.49
CA ARG X 199 -154.54 22.65 65.88
C ARG X 199 -153.55 23.68 66.41
N GLU X 200 -152.47 23.89 65.67
CA GLU X 200 -151.43 24.82 66.09
C GLU X 200 -151.97 26.23 66.31
N MET X 201 -152.94 26.62 65.48
CA MET X 201 -153.58 27.92 65.58
C MET X 201 -154.41 28.05 66.85
N LYS X 202 -155.21 27.04 67.14
CA LYS X 202 -155.92 26.95 68.40
C LYS X 202 -154.94 27.00 69.56
N GLU X 203 -153.90 26.16 69.50
CA GLU X 203 -152.85 26.13 70.52
C GLU X 203 -152.18 27.48 70.73
N THR X 204 -152.05 28.27 69.66
CA THR X 204 -151.46 29.60 69.75
C THR X 204 -152.51 30.66 70.03
N GLY X 205 -153.77 30.26 69.96
CA GLY X 205 -154.89 31.13 70.31
C GLY X 205 -155.12 32.30 69.37
N VAL X 206 -154.66 32.18 68.12
CA VAL X 206 -155.06 33.14 67.09
C VAL X 206 -156.48 32.79 66.68
N ILE X 207 -156.79 31.50 66.80
CA ILE X 207 -158.15 30.98 66.81
C ILE X 207 -158.56 30.84 68.26
N ASN X 208 -159.77 31.29 68.56
CA ASN X 208 -160.30 31.24 69.91
C ASN X 208 -161.76 30.79 69.89
N LEU X 209 -161.94 29.48 69.99
CA LEU X 209 -163.26 28.87 69.97
C LEU X 209 -164.18 29.53 71.01
N GLU X 210 -163.61 29.89 72.15
CA GLU X 210 -164.37 30.47 73.26
C GLU X 210 -164.55 31.99 73.12
N GLY X 211 -163.45 32.69 72.86
CA GLY X 211 -163.46 34.13 72.61
C GLY X 211 -163.53 34.45 71.12
N GLU X 212 -162.56 35.22 70.61
CA GLU X 212 -162.58 35.65 69.21
C GLU X 212 -161.34 35.22 68.44
N SER X 213 -161.55 34.88 67.18
CA SER X 213 -160.47 34.57 66.25
C SER X 213 -159.99 35.83 65.52
N LYS X 214 -158.82 35.72 64.87
CA LYS X 214 -158.27 36.80 64.06
C LYS X 214 -158.17 36.36 62.60
N VAL X 215 -158.56 35.10 62.33
CA VAL X 215 -158.30 34.47 61.03
C VAL X 215 -159.39 33.50 60.59
N ALA X 216 -159.80 33.61 59.33
CA ALA X 216 -160.73 32.66 58.73
C ALA X 216 -159.95 31.67 57.88
N LEU X 217 -160.32 30.39 57.97
CA LEU X 217 -159.58 29.35 57.28
C LEU X 217 -160.37 28.72 56.13
N VAL X 218 -159.78 28.76 54.94
CA VAL X 218 -160.42 28.25 53.73
C VAL X 218 -159.50 27.23 53.09
N PHE X 219 -159.80 25.96 53.31
CA PHE X 219 -158.94 24.89 52.80
C PHE X 219 -159.47 24.23 51.53
N GLY X 220 -158.53 23.89 50.64
CA GLY X 220 -158.82 23.19 49.37
C GLY X 220 -157.74 22.19 49.05
N GLN X 221 -157.81 21.01 49.65
CA GLN X 221 -156.71 20.05 49.67
C GLN X 221 -156.46 19.31 48.35
N MET X 222 -155.30 18.64 48.27
CA MET X 222 -154.85 17.86 47.12
C MET X 222 -155.84 16.88 46.56
N ASN X 223 -156.43 16.10 47.45
CA ASN X 223 -157.40 15.07 47.11
C ASN X 223 -158.63 15.61 46.35
N GLU X 224 -159.00 16.87 46.58
CA GLU X 224 -160.07 17.53 45.83
C GLU X 224 -159.76 17.67 44.33
N PRO X 225 -160.79 17.64 43.46
CA PRO X 225 -160.55 17.61 42.02
C PRO X 225 -160.23 19.01 41.43
N PRO X 226 -159.62 19.07 40.21
CA PRO X 226 -158.92 20.26 39.71
C PRO X 226 -159.71 21.57 39.78
N GLY X 227 -161.03 21.49 39.58
CA GLY X 227 -161.95 22.65 39.67
C GLY X 227 -161.92 23.27 41.06
N ALA X 228 -162.09 22.40 42.07
CA ALA X 228 -162.02 22.79 43.46
C ALA X 228 -160.73 23.56 43.75
N ARG X 229 -159.61 22.95 43.40
CA ARG X 229 -158.31 23.51 43.69
C ARG X 229 -158.05 24.83 42.96
N ALA X 230 -158.71 25.04 41.83
CA ALA X 230 -158.57 26.33 41.13
C ALA X 230 -159.32 27.46 41.85
N ARG X 231 -160.51 27.17 42.36
CA ARG X 231 -161.37 28.22 42.87
C ARG X 231 -161.12 28.64 44.31
N VAL X 232 -160.58 27.74 45.13
CA VAL X 232 -160.37 28.06 46.55
C VAL X 232 -159.69 29.39 46.80
N ALA X 233 -158.67 29.71 46.00
CA ALA X 233 -158.00 31.00 46.14
C ALA X 233 -159.02 32.14 46.11
N LEU X 234 -159.95 32.09 45.17
CA LEU X 234 -161.00 33.07 45.05
C LEU X 234 -161.98 32.99 46.22
N THR X 235 -162.35 31.76 46.57
CA THR X 235 -163.20 31.49 47.73
C THR X 235 -162.70 32.32 48.93
N GLY X 236 -161.44 32.11 49.29
CA GLY X 236 -160.82 32.88 50.37
C GLY X 236 -160.73 34.38 50.09
N LEU X 237 -160.18 34.73 48.93
CA LEU X 237 -160.02 36.11 48.54
C LEU X 237 -161.31 36.90 48.69
N THR X 238 -162.41 36.31 48.23
CA THR X 238 -163.73 36.91 48.38
C THR X 238 -163.95 37.29 49.84
N ILE X 239 -163.77 36.32 50.73
CA ILE X 239 -163.93 36.57 52.17
C ILE X 239 -163.09 37.76 52.65
N ALA X 240 -161.82 37.81 52.24
CA ALA X 240 -160.92 38.89 52.64
C ALA X 240 -161.37 40.24 52.07
N GLU X 241 -161.89 40.23 50.85
CA GLU X 241 -162.36 41.43 50.14
C GLU X 241 -163.58 42.05 50.79
N TYR X 242 -164.24 41.30 51.66
CA TYR X 242 -165.38 41.83 52.37
C TYR X 242 -164.90 42.75 53.50
N PHE X 243 -163.83 42.35 54.16
CA PHE X 243 -163.29 43.11 55.29
C PHE X 243 -162.59 44.42 54.88
N ARG X 244 -162.29 44.56 53.60
CA ARG X 244 -161.67 45.77 53.05
C ARG X 244 -162.70 46.77 52.52
N ASP X 245 -163.85 46.25 52.09
CA ASP X 245 -164.88 47.06 51.46
C ASP X 245 -166.02 47.36 52.42
N GLU X 246 -166.48 46.34 53.13
CA GLU X 246 -167.55 46.52 54.11
C GLU X 246 -167.03 47.18 55.38
N GLU X 247 -165.93 46.68 55.90
CA GLU X 247 -165.42 47.12 57.18
C GLU X 247 -164.16 47.98 57.06
N GLY X 248 -163.78 48.29 55.82
CA GLY X 248 -162.65 49.15 55.49
C GLY X 248 -161.38 48.90 56.30
N GLN X 249 -160.82 47.70 56.18
CA GLN X 249 -159.67 47.31 57.00
C GLN X 249 -158.43 47.07 56.18
N ASP X 250 -157.34 46.74 56.87
CA ASP X 250 -156.09 46.34 56.24
C ASP X 250 -155.85 44.85 56.49
N VAL X 251 -156.42 44.03 55.62
CA VAL X 251 -156.56 42.58 55.83
C VAL X 251 -155.40 41.79 55.26
N LEU X 252 -155.04 40.70 55.95
CA LEU X 252 -154.07 39.75 55.41
C LEU X 252 -154.73 38.54 54.77
N LEU X 253 -154.41 38.32 53.51
CA LEU X 253 -154.85 37.14 52.80
C LEU X 253 -153.65 36.25 52.52
N PHE X 254 -153.65 35.05 53.09
CA PHE X 254 -152.55 34.11 52.86
C PHE X 254 -152.93 33.07 51.83
N ILE X 255 -151.96 32.77 50.97
CA ILE X 255 -152.18 31.79 49.93
C ILE X 255 -151.06 30.77 49.93
N ASP X 256 -151.42 29.55 50.28
CA ASP X 256 -150.46 28.48 50.34
C ASP X 256 -151.08 27.27 49.65
N ASN X 257 -150.62 26.95 48.44
CA ASN X 257 -149.50 27.60 47.77
C ASN X 257 -149.87 28.16 46.39
N ILE X 258 -149.63 29.45 46.15
CA ILE X 258 -149.97 30.09 44.88
C ILE X 258 -149.53 29.31 43.63
N PHE X 259 -148.46 28.53 43.76
CA PHE X 259 -148.05 27.69 42.65
C PHE X 259 -149.08 26.62 42.33
N ARG X 260 -149.55 25.91 43.36
CA ARG X 260 -150.48 24.80 43.12
C ARG X 260 -151.81 25.29 42.58
N PHE X 261 -152.11 26.56 42.80
CA PHE X 261 -153.24 27.24 42.16
C PHE X 261 -152.98 27.22 40.64
N THR X 262 -151.80 27.70 40.26
CA THR X 262 -151.34 27.60 38.87
C THR X 262 -151.52 26.16 38.35
N GLN X 263 -150.74 25.23 38.88
CA GLN X 263 -150.91 23.80 38.60
C GLN X 263 -152.34 23.38 38.32
N ALA X 264 -153.24 23.69 39.26
CA ALA X 264 -154.63 23.28 39.18
C ALA X 264 -155.27 23.87 37.92
N GLY X 265 -155.06 25.17 37.72
CA GLY X 265 -155.56 25.87 36.54
C GLY X 265 -155.11 25.22 35.24
N SER X 266 -154.00 24.49 35.30
CA SER X 266 -153.50 23.79 34.12
C SER X 266 -154.32 22.55 33.89
N GLU X 267 -154.60 21.82 34.95
CA GLU X 267 -155.34 20.59 34.82
C GLU X 267 -156.72 20.90 34.25
N VAL X 268 -157.35 21.96 34.75
CA VAL X 268 -158.66 22.37 34.28
C VAL X 268 -158.63 22.59 32.76
N SER X 269 -157.56 23.21 32.29
CA SER X 269 -157.40 23.53 30.88
C SER X 269 -157.27 22.28 30.05
N ALA X 270 -156.54 21.29 30.57
CA ALA X 270 -156.30 20.03 29.84
C ALA X 270 -157.59 19.23 29.73
N LEU X 271 -158.29 19.11 30.86
CA LEU X 271 -159.58 18.43 30.92
C LEU X 271 -160.62 19.11 30.04
N LEU X 272 -160.62 20.44 30.02
CA LEU X 272 -161.49 21.19 29.12
C LEU X 272 -161.06 21.04 27.67
N GLY X 273 -159.98 20.31 27.45
CA GLY X 273 -159.55 19.93 26.10
C GLY X 273 -158.93 21.06 25.31
N ARG X 274 -158.51 22.12 25.98
CA ARG X 274 -157.82 23.24 25.32
C ARG X 274 -156.34 22.92 25.03
N ILE X 275 -155.78 23.51 23.97
CA ILE X 275 -154.35 23.27 23.67
C ILE X 275 -153.42 23.87 24.73
N PRO X 276 -152.54 23.03 25.31
CA PRO X 276 -151.54 23.53 26.27
C PRO X 276 -150.71 24.64 25.63
N SER X 277 -150.30 25.61 26.44
CA SER X 277 -149.35 26.63 26.01
C SER X 277 -147.90 26.11 26.08
N ALA X 278 -146.95 27.04 26.24
CA ALA X 278 -145.53 26.73 26.38
C ALA X 278 -145.29 26.00 27.69
N VAL X 279 -144.48 24.93 27.63
CA VAL X 279 -144.16 24.10 28.79
C VAL X 279 -145.44 23.53 29.39
N GLY X 280 -146.40 23.21 28.53
CA GLY X 280 -147.66 22.59 28.96
C GLY X 280 -148.61 23.42 29.84
N TYR X 281 -148.30 24.68 30.11
CA TYR X 281 -149.20 25.48 30.94
C TYR X 281 -150.49 25.83 30.19
N GLN X 282 -151.50 26.28 30.95
CA GLN X 282 -152.70 26.80 30.33
C GLN X 282 -152.38 28.02 29.46
N PRO X 283 -152.93 28.03 28.24
CA PRO X 283 -152.84 29.20 27.38
C PRO X 283 -153.34 30.45 28.12
N THR X 284 -154.21 30.25 29.09
CA THR X 284 -154.87 31.34 29.86
C THR X 284 -154.05 31.91 31.04
N LEU X 285 -152.89 31.27 31.31
CA LEU X 285 -152.05 31.47 32.51
C LEU X 285 -151.87 32.92 33.02
N ALA X 286 -151.50 33.84 32.13
CA ALA X 286 -151.38 35.26 32.51
C ALA X 286 -152.66 35.87 33.08
N THR X 287 -153.71 35.94 32.26
CA THR X 287 -155.01 36.49 32.67
C THR X 287 -155.60 35.79 33.91
N ASP X 288 -155.33 34.49 34.04
CA ASP X 288 -155.81 33.72 35.18
C ASP X 288 -155.22 34.28 36.47
N MET X 289 -153.91 34.54 36.44
CA MET X 289 -153.20 35.18 37.55
C MET X 289 -153.76 36.56 37.77
N GLY X 290 -153.87 37.32 36.67
CA GLY X 290 -154.36 38.69 36.70
C GLY X 290 -155.67 38.79 37.46
N LEU X 291 -156.67 38.08 36.96
CA LEU X 291 -157.98 38.02 37.63
C LEU X 291 -157.86 37.83 39.14
N LEU X 292 -156.99 36.92 39.57
CA LEU X 292 -156.75 36.71 41.00
C LEU X 292 -156.06 37.91 41.65
N GLN X 293 -154.83 38.16 41.23
CA GLN X 293 -153.97 39.17 41.83
C GLN X 293 -154.56 40.56 41.82
N GLU X 294 -155.30 40.91 40.76
CA GLU X 294 -155.79 42.27 40.59
C GLU X 294 -156.92 42.65 41.57
N ARG X 295 -157.46 41.66 42.27
CA ARG X 295 -158.42 41.94 43.33
C ARG X 295 -157.69 42.16 44.66
N ILE X 296 -156.43 41.73 44.73
CA ILE X 296 -155.61 41.90 45.93
C ILE X 296 -154.87 43.20 45.83
N THR X 297 -155.35 44.20 46.55
CA THR X 297 -154.84 45.55 46.35
C THR X 297 -155.46 46.55 47.33
N THR X 298 -154.92 47.78 47.35
CA THR X 298 -155.44 48.89 48.15
C THR X 298 -156.62 49.56 47.44
N THR X 299 -157.68 49.82 48.19
CA THR X 299 -158.74 50.76 47.76
C THR X 299 -158.77 51.96 48.71
N LYS X 300 -159.63 52.93 48.41
CA LYS X 300 -159.76 54.11 49.29
C LYS X 300 -160.40 53.68 50.62
N LYS X 301 -161.15 52.57 50.58
CA LYS X 301 -161.83 52.03 51.76
C LYS X 301 -160.81 51.36 52.68
N GLY X 302 -159.90 50.60 52.09
CA GLY X 302 -158.88 49.86 52.84
C GLY X 302 -157.88 49.13 51.96
N SER X 303 -157.38 48.00 52.44
CA SER X 303 -156.35 47.26 51.71
C SER X 303 -156.36 45.77 52.02
N VAL X 304 -156.04 44.97 51.02
CA VAL X 304 -155.75 43.56 51.23
C VAL X 304 -154.30 43.34 50.82
N THR X 305 -153.48 42.97 51.80
CA THR X 305 -152.12 42.56 51.54
C THR X 305 -152.04 41.03 51.57
N SER X 306 -151.25 40.47 50.68
CA SER X 306 -151.15 39.03 50.58
C SER X 306 -149.75 38.47 50.76
N VAL X 307 -149.67 37.41 51.57
CA VAL X 307 -148.45 36.63 51.66
C VAL X 307 -148.71 35.27 51.04
N GLN X 308 -147.96 34.98 49.99
CA GLN X 308 -148.21 33.82 49.15
C GLN X 308 -146.98 32.93 49.09
N ALA X 309 -147.14 31.70 49.57
CA ALA X 309 -146.07 30.71 49.50
C ALA X 309 -145.79 30.41 48.04
N VAL X 310 -144.51 30.46 47.66
CA VAL X 310 -144.14 30.22 46.28
C VAL X 310 -143.14 29.09 46.16
N TYR X 311 -143.60 28.01 45.53
CA TYR X 311 -142.75 26.90 45.12
C TYR X 311 -142.21 27.22 43.74
N VAL X 312 -140.99 26.75 43.47
CA VAL X 312 -140.31 27.04 42.22
C VAL X 312 -139.96 25.72 41.52
N PRO X 313 -140.66 25.41 40.42
CA PRO X 313 -140.52 24.13 39.70
C PRO X 313 -139.13 23.91 39.14
N ALA X 314 -138.55 22.75 39.47
CA ALA X 314 -137.19 22.35 39.06
C ALA X 314 -136.07 23.38 39.39
N ASP X 315 -136.35 24.25 40.37
CA ASP X 315 -135.46 25.34 40.76
C ASP X 315 -135.18 26.27 39.61
N ASP X 316 -136.21 26.55 38.83
CA ASP X 316 -136.05 27.31 37.58
C ASP X 316 -136.88 28.58 37.63
N LEU X 317 -136.24 29.70 37.96
CA LEU X 317 -136.94 30.96 38.03
C LEU X 317 -137.49 31.44 36.67
N THR X 318 -137.10 30.77 35.59
CA THR X 318 -137.59 31.10 34.24
C THR X 318 -138.78 30.25 33.77
N ASP X 319 -139.17 29.26 34.56
CA ASP X 319 -140.35 28.46 34.25
C ASP X 319 -141.55 29.40 34.25
N PRO X 320 -142.44 29.26 33.24
CA PRO X 320 -143.63 30.10 33.17
C PRO X 320 -144.26 30.44 34.54
N ALA X 321 -144.56 29.42 35.35
CA ALA X 321 -145.24 29.64 36.65
C ALA X 321 -144.62 30.75 37.51
N PRO X 322 -143.36 30.58 37.99
CA PRO X 322 -142.81 31.66 38.85
C PRO X 322 -142.63 32.95 38.08
N ALA X 323 -142.01 32.86 36.90
CA ALA X 323 -141.95 33.97 35.96
C ALA X 323 -143.21 34.82 36.07
N THR X 324 -144.36 34.21 35.78
CA THR X 324 -145.62 34.95 35.67
C THR X 324 -146.07 35.44 37.04
N THR X 325 -145.57 34.78 38.08
CA THR X 325 -145.99 35.13 39.40
C THR X 325 -145.21 36.33 39.90
N PHE X 326 -143.89 36.26 39.80
CA PHE X 326 -143.04 37.36 40.16
C PHE X 326 -143.55 38.65 39.55
N ALA X 327 -144.23 38.54 38.41
CA ALA X 327 -144.78 39.70 37.73
C ALA X 327 -145.74 40.49 38.62
N HIS X 328 -146.17 39.90 39.74
CA HIS X 328 -147.12 40.58 40.63
C HIS X 328 -146.56 40.85 42.03
N LEU X 329 -145.50 40.13 42.42
CA LEU X 329 -144.93 40.29 43.75
C LEU X 329 -144.25 41.63 43.86
N ASP X 330 -144.22 42.19 45.07
CA ASP X 330 -143.59 43.50 45.34
C ASP X 330 -142.44 43.35 46.35
N ALA X 331 -142.42 42.20 47.02
CA ALA X 331 -141.42 41.85 48.04
C ALA X 331 -141.37 40.34 48.23
N THR X 332 -140.17 39.79 48.32
CA THR X 332 -140.01 38.37 48.68
C THR X 332 -139.56 38.30 50.12
N THR X 333 -140.10 37.34 50.86
CA THR X 333 -139.56 37.02 52.17
C THR X 333 -139.08 35.58 52.16
N VAL X 334 -137.76 35.43 52.19
CA VAL X 334 -137.11 34.14 52.12
C VAL X 334 -136.60 33.77 53.49
N LEU X 335 -137.27 32.80 54.11
CA LEU X 335 -136.76 32.16 55.32
C LEU X 335 -135.72 31.15 54.85
N SER X 336 -134.77 30.81 55.72
CA SER X 336 -133.64 29.96 55.32
C SER X 336 -133.17 28.99 56.39
N ARG X 337 -132.78 27.79 55.95
CA ARG X 337 -132.22 26.75 56.81
C ARG X 337 -130.93 27.20 57.48
N GLY X 338 -130.07 27.85 56.70
CA GLY X 338 -128.84 28.42 57.21
C GLY X 338 -129.07 29.39 58.37
N ILE X 339 -130.15 30.14 58.30
CA ILE X 339 -130.46 31.18 59.28
C ILE X 339 -131.01 30.59 60.60
N SER X 340 -131.82 29.54 60.47
CA SER X 340 -132.37 28.85 61.64
C SER X 340 -131.28 28.10 62.37
N GLU X 341 -130.40 27.46 61.59
CA GLU X 341 -129.29 26.70 62.13
C GLU X 341 -128.34 27.57 62.95
N LEU X 342 -128.17 28.83 62.54
CA LEU X 342 -127.39 29.79 63.32
C LEU X 342 -128.16 30.31 64.56
N GLY X 343 -129.35 29.74 64.80
CA GLY X 343 -130.17 30.07 65.98
C GLY X 343 -131.03 31.31 65.83
N ILE X 344 -130.95 31.96 64.68
CA ILE X 344 -131.65 33.21 64.43
C ILE X 344 -133.13 32.98 64.11
N TYR X 345 -134.01 33.62 64.87
CA TYR X 345 -135.46 33.47 64.73
C TYR X 345 -136.20 34.81 64.82
N PRO X 346 -137.01 35.15 63.80
CA PRO X 346 -137.37 34.36 62.62
C PRO X 346 -136.18 34.02 61.75
N ALA X 347 -136.32 32.94 60.97
CA ALA X 347 -135.24 32.44 60.13
C ALA X 347 -135.16 33.11 58.76
N VAL X 348 -135.73 34.31 58.67
CA VAL X 348 -135.60 35.19 57.51
C VAL X 348 -134.14 35.38 57.13
N ASP X 349 -133.81 35.18 55.86
CA ASP X 349 -132.50 35.58 55.36
C ASP X 349 -132.47 37.10 55.12
N PRO X 350 -131.61 37.81 55.85
CA PRO X 350 -131.54 39.27 55.79
C PRO X 350 -131.09 39.75 54.42
N LEU X 351 -130.28 38.94 53.73
CA LEU X 351 -129.69 39.31 52.44
C LEU X 351 -130.59 39.01 51.25
N ASP X 352 -131.28 37.85 51.27
CA ASP X 352 -132.11 37.42 50.15
C ASP X 352 -133.47 38.09 50.10
N SER X 353 -134.18 38.07 51.22
CA SER X 353 -135.49 38.69 51.31
C SER X 353 -135.42 40.18 50.91
N LYS X 354 -135.78 40.44 49.65
CA LYS X 354 -135.69 41.79 49.07
C LYS X 354 -137.07 42.37 48.79
N SER X 355 -137.25 43.65 49.16
CA SER X 355 -138.49 44.37 48.89
C SER X 355 -138.28 45.43 47.83
N ARG X 356 -139.17 45.43 46.84
CA ARG X 356 -139.10 46.39 45.76
C ARG X 356 -139.82 47.68 46.18
N LEU X 357 -140.03 47.82 47.48
CA LEU X 357 -140.58 49.04 48.06
C LEU X 357 -139.61 49.69 49.04
N LEU X 358 -138.38 49.18 49.06
CA LEU X 358 -137.28 49.79 49.81
C LEU X 358 -136.50 50.76 48.93
N ASP X 359 -137.15 51.87 48.61
CA ASP X 359 -136.55 52.99 47.89
C ASP X 359 -136.59 54.20 48.81
N ALA X 360 -135.52 54.98 48.77
CA ALA X 360 -135.39 56.21 49.55
C ALA X 360 -136.65 57.09 49.43
N ALA X 361 -137.06 57.37 48.19
CA ALA X 361 -138.21 58.25 47.92
C ALA X 361 -139.57 57.77 48.50
N VAL X 362 -139.66 56.50 48.89
CA VAL X 362 -140.94 55.92 49.38
C VAL X 362 -140.91 55.37 50.82
N VAL X 363 -139.73 55.03 51.34
CA VAL X 363 -139.58 54.73 52.78
C VAL X 363 -138.95 55.89 53.56
N GLY X 364 -138.57 56.94 52.85
CA GLY X 364 -137.85 58.05 53.45
C GLY X 364 -136.35 57.77 53.44
N GLN X 365 -135.56 58.84 53.58
CA GLN X 365 -134.11 58.76 53.50
C GLN X 365 -133.50 57.95 54.64
N GLU X 366 -133.81 58.35 55.88
CA GLU X 366 -133.23 57.73 57.07
C GLU X 366 -133.48 56.24 57.15
N HIS X 367 -134.71 55.82 56.85
CA HIS X 367 -135.01 54.40 56.76
C HIS X 367 -134.07 53.76 55.74
N TYR X 368 -134.09 54.28 54.53
CA TYR X 368 -133.31 53.74 53.41
C TYR X 368 -131.82 53.62 53.72
N ASP X 369 -131.16 54.75 53.96
CA ASP X 369 -129.73 54.79 54.22
C ASP X 369 -129.31 53.74 55.23
N VAL X 370 -130.07 53.63 56.32
CA VAL X 370 -129.80 52.65 57.35
C VAL X 370 -129.76 51.25 56.74
N ALA X 371 -130.89 50.80 56.17
CA ALA X 371 -131.03 49.47 55.57
C ALA X 371 -129.93 49.16 54.56
N SER X 372 -129.65 50.12 53.67
CA SER X 372 -128.59 50.00 52.69
C SER X 372 -127.27 49.64 53.36
N LYS X 373 -126.85 50.47 54.32
CA LYS X 373 -125.61 50.25 55.07
C LYS X 373 -125.64 48.96 55.87
N VAL X 374 -126.82 48.59 56.37
CA VAL X 374 -127.02 47.34 57.09
C VAL X 374 -126.70 46.14 56.21
N GLN X 375 -127.29 46.11 55.01
CA GLN X 375 -127.01 45.06 54.03
C GLN X 375 -125.54 45.05 53.65
N GLU X 376 -125.01 46.25 53.45
CA GLU X 376 -123.63 46.47 53.09
C GLU X 376 -122.69 45.96 54.20
N THR X 377 -123.03 46.27 55.45
CA THR X 377 -122.30 45.75 56.60
C THR X 377 -122.29 44.23 56.55
N LEU X 378 -123.48 43.64 56.41
CA LEU X 378 -123.63 42.19 56.36
C LEU X 378 -122.99 41.56 55.12
N GLN X 379 -122.89 42.34 54.06
CA GLN X 379 -122.26 41.87 52.84
C GLN X 379 -120.77 41.63 53.09
N THR X 380 -120.06 42.68 53.50
CA THR X 380 -118.63 42.58 53.85
C THR X 380 -118.34 41.47 54.86
N TYR X 381 -119.22 41.29 55.83
CA TYR X 381 -119.09 40.17 56.78
C TYR X 381 -119.20 38.82 56.07
N LYS X 382 -120.21 38.67 55.21
CA LYS X 382 -120.48 37.40 54.54
C LYS X 382 -119.25 36.92 53.77
N SER X 383 -118.56 37.83 53.11
CA SER X 383 -117.40 37.49 52.29
C SER X 383 -116.15 37.23 53.15
N LEU X 384 -116.16 37.73 54.37
CA LEU X 384 -115.02 37.55 55.27
C LEU X 384 -115.08 36.25 56.07
N GLN X 385 -116.25 35.61 56.08
CA GLN X 385 -116.47 34.33 56.76
C GLN X 385 -115.39 33.29 56.46
N ASP X 386 -114.81 33.37 55.26
CA ASP X 386 -113.88 32.36 54.73
C ASP X 386 -112.40 32.64 55.02
N ILE X 387 -112.02 33.91 55.09
CA ILE X 387 -110.63 34.26 55.43
C ILE X 387 -110.41 34.15 56.94
N ILE X 388 -111.49 34.24 57.72
CA ILE X 388 -111.44 34.03 59.17
C ILE X 388 -111.16 32.56 59.48
N ALA X 389 -111.62 31.67 58.60
CA ALA X 389 -111.52 30.21 58.78
C ALA X 389 -110.25 29.59 58.20
N ILE X 390 -109.28 30.44 57.83
CA ILE X 390 -107.96 29.97 57.36
C ILE X 390 -106.81 30.68 58.10
N LEU X 391 -106.93 32.00 58.28
CA LEU X 391 -105.87 32.78 58.94
C LEU X 391 -106.30 33.54 60.20
N GLY X 392 -107.57 33.41 60.58
CA GLY X 392 -108.10 34.05 61.77
C GLY X 392 -108.35 35.55 61.62
N MET X 393 -108.99 36.14 62.63
CA MET X 393 -109.26 37.58 62.66
C MET X 393 -108.01 38.42 62.90
N ASP X 394 -106.85 37.77 62.88
CA ASP X 394 -105.56 38.45 62.84
C ASP X 394 -105.28 38.96 61.43
N GLU X 395 -106.21 38.67 60.51
CA GLU X 395 -106.08 39.03 59.10
C GLU X 395 -107.10 40.07 58.63
N LEU X 396 -107.23 41.16 59.40
CA LEU X 396 -108.17 42.24 59.10
C LEU X 396 -107.60 43.59 59.48
N SER X 397 -107.84 44.60 58.63
CA SER X 397 -107.46 45.97 58.94
C SER X 397 -108.34 46.54 60.06
N GLU X 398 -108.02 47.74 60.53
CA GLU X 398 -108.77 48.40 61.60
C GLU X 398 -110.25 48.53 61.28
N GLN X 399 -110.53 49.05 60.09
CA GLN X 399 -111.88 49.31 59.62
C GLN X 399 -112.68 48.02 59.40
N ASP X 400 -112.01 47.00 58.88
CA ASP X 400 -112.62 45.72 58.52
C ASP X 400 -113.09 44.92 59.75
N LYS X 401 -112.19 44.76 60.72
CA LYS X 401 -112.50 44.00 61.95
C LYS X 401 -113.53 44.70 62.84
N LEU X 402 -113.67 46.02 62.66
CA LEU X 402 -114.65 46.83 63.38
C LEU X 402 -116.07 46.46 63.02
N THR X 403 -116.36 46.48 61.72
CA THR X 403 -117.69 46.16 61.19
C THR X 403 -118.05 44.69 61.42
N VAL X 404 -117.05 43.80 61.36
CA VAL X 404 -117.25 42.36 61.56
C VAL X 404 -117.68 42.02 62.99
N GLU X 405 -117.03 42.61 63.98
CA GLU X 405 -117.42 42.44 65.37
C GLU X 405 -118.78 43.08 65.61
N ARG X 406 -119.15 44.03 64.75
CA ARG X 406 -120.42 44.75 64.83
C ARG X 406 -121.56 44.05 64.07
N ALA X 407 -121.25 43.51 62.90
CA ALA X 407 -122.24 42.81 62.07
C ALA X 407 -122.86 41.63 62.79
N ARG X 408 -122.08 41.02 63.68
CA ARG X 408 -122.57 39.93 64.51
C ARG X 408 -123.69 40.42 65.39
N LYS X 409 -123.50 41.61 65.99
CA LYS X 409 -124.50 42.25 66.84
C LYS X 409 -125.77 42.59 66.07
N ILE X 410 -125.59 42.91 64.79
CA ILE X 410 -126.69 43.27 63.89
C ILE X 410 -127.46 42.01 63.46
N GLN X 411 -126.71 40.98 63.05
CA GLN X 411 -127.26 39.68 62.71
C GLN X 411 -127.92 39.01 63.91
N ARG X 412 -127.55 39.47 65.10
CA ARG X 412 -128.17 39.01 66.35
C ARG X 412 -129.38 39.87 66.74
N PHE X 413 -129.39 41.13 66.32
CA PHE X 413 -130.50 42.01 66.67
C PHE X 413 -131.69 41.82 65.76
N LEU X 414 -131.45 41.20 64.60
CA LEU X 414 -132.51 40.89 63.63
C LEU X 414 -133.49 39.82 64.13
N SER X 415 -132.96 38.87 64.90
CA SER X 415 -133.79 37.85 65.58
C SER X 415 -134.71 38.54 66.58
N GLN X 416 -135.90 37.99 66.74
CA GLN X 416 -136.93 38.64 67.53
C GLN X 416 -137.88 37.58 68.11
N PRO X 417 -138.13 37.64 69.43
CA PRO X 417 -139.05 36.70 70.06
C PRO X 417 -140.51 37.04 69.73
N PHE X 418 -141.28 36.02 69.37
CA PHE X 418 -142.65 36.21 68.91
C PHE X 418 -143.70 36.04 70.00
N ALA X 419 -144.82 36.75 69.85
CA ALA X 419 -145.93 36.65 70.80
C ALA X 419 -146.67 35.31 70.67
N VAL X 420 -146.81 34.84 69.42
CA VAL X 420 -147.49 33.56 69.12
C VAL X 420 -146.69 32.32 69.52
N ALA X 421 -145.36 32.47 69.56
CA ALA X 421 -144.47 31.39 69.95
C ALA X 421 -144.30 31.33 71.47
N GLU X 422 -145.09 32.15 72.19
CA GLU X 422 -145.00 32.23 73.64
C GLU X 422 -145.43 30.94 74.33
N VAL X 423 -146.45 30.28 73.78
CA VAL X 423 -146.91 28.98 74.30
C VAL X 423 -145.88 27.87 74.08
N PHE X 424 -145.11 27.99 73.01
CA PHE X 424 -144.07 27.02 72.68
C PHE X 424 -142.79 27.28 73.50
N THR X 425 -142.43 28.55 73.67
CA THR X 425 -141.15 28.91 74.31
C THR X 425 -141.27 29.49 75.73
N GLY X 426 -142.36 30.19 76.00
CA GLY X 426 -142.58 30.81 77.31
C GLY X 426 -141.95 32.19 77.44
N ILE X 427 -141.07 32.53 76.49
CA ILE X 427 -140.42 33.84 76.48
C ILE X 427 -141.40 34.90 75.97
N PRO X 428 -141.63 35.98 76.76
CA PRO X 428 -142.48 37.12 76.38
C PRO X 428 -142.08 37.77 75.05
N GLY X 429 -143.01 37.77 74.08
CA GLY X 429 -142.72 38.23 72.72
C GLY X 429 -142.90 39.72 72.50
N LYS X 430 -142.09 40.28 71.60
CA LYS X 430 -142.12 41.73 71.35
C LYS X 430 -142.49 42.08 69.91
N LEU X 431 -143.45 42.99 69.76
CA LEU X 431 -143.77 43.67 68.49
C LEU X 431 -142.98 44.98 68.45
N VAL X 432 -142.08 45.11 67.49
CA VAL X 432 -141.23 46.30 67.38
C VAL X 432 -141.81 47.29 66.37
N ARG X 433 -142.33 48.42 66.86
CA ARG X 433 -142.87 49.49 66.01
C ARG X 433 -141.77 50.03 65.10
N LEU X 434 -142.09 50.23 63.83
CA LEU X 434 -141.07 50.47 62.80
C LEU X 434 -140.06 51.59 63.10
N LYS X 435 -140.49 52.65 63.77
CA LYS X 435 -139.55 53.70 64.18
C LYS X 435 -138.45 53.19 65.12
N ASP X 436 -138.78 52.20 65.95
CA ASP X 436 -137.81 51.51 66.80
C ASP X 436 -136.78 50.83 65.91
N THR X 437 -137.28 50.02 64.97
CA THR X 437 -136.46 49.29 64.01
C THR X 437 -135.46 50.20 63.29
N VAL X 438 -135.90 51.42 62.95
CA VAL X 438 -135.05 52.45 62.35
C VAL X 438 -133.97 52.92 63.33
N ALA X 439 -134.41 53.63 64.38
CA ALA X 439 -133.49 54.26 65.33
C ALA X 439 -132.59 53.26 66.07
N SER X 440 -133.12 52.07 66.35
CA SER X 440 -132.33 51.02 66.99
C SER X 440 -131.13 50.68 66.14
N PHE X 441 -131.40 50.23 64.92
CA PHE X 441 -130.34 49.86 63.98
C PHE X 441 -129.49 51.06 63.57
N LYS X 442 -130.05 52.27 63.65
CA LYS X 442 -129.29 53.49 63.39
C LYS X 442 -128.15 53.63 64.41
N ALA X 443 -128.51 53.63 65.68
CA ALA X 443 -127.57 53.81 66.78
C ALA X 443 -126.46 52.75 66.84
N VAL X 444 -126.75 51.56 66.32
CA VAL X 444 -125.76 50.48 66.29
C VAL X 444 -124.72 50.72 65.20
N LEU X 445 -125.17 51.19 64.03
CA LEU X 445 -124.31 51.40 62.86
C LEU X 445 -123.19 52.42 63.09
N GLU X 446 -123.48 53.45 63.89
CA GLU X 446 -122.51 54.51 64.20
C GLU X 446 -121.47 54.05 65.20
N GLY X 447 -121.81 52.99 65.94
CA GLY X 447 -120.96 52.48 67.02
C GLY X 447 -121.31 53.14 68.33
N LYS X 448 -122.55 52.96 68.77
CA LYS X 448 -122.98 53.51 70.06
C LYS X 448 -123.21 52.41 71.08
N TYR X 449 -123.09 51.16 70.64
CA TYR X 449 -123.28 50.02 71.52
C TYR X 449 -122.21 48.95 71.30
N ASP X 450 -120.95 49.35 71.39
CA ASP X 450 -119.82 48.47 71.12
C ASP X 450 -119.28 47.83 72.39
N ASN X 451 -119.28 48.58 73.48
CA ASN X 451 -118.91 48.07 74.80
C ASN X 451 -119.94 47.06 75.32
N ILE X 452 -121.14 47.13 74.76
CA ILE X 452 -122.22 46.19 75.06
C ILE X 452 -121.94 44.86 74.35
N PRO X 453 -121.92 43.74 75.12
CA PRO X 453 -121.68 42.39 74.57
C PRO X 453 -122.78 41.94 73.61
N GLU X 454 -122.59 40.75 73.02
CA GLU X 454 -123.44 40.28 71.90
C GLU X 454 -124.75 39.56 72.27
N HIS X 455 -124.80 38.94 73.45
CA HIS X 455 -125.98 38.19 73.89
C HIS X 455 -127.10 39.08 74.44
N ALA X 456 -126.87 40.38 74.48
CA ALA X 456 -127.91 41.33 74.85
C ALA X 456 -128.83 41.57 73.64
N PHE X 457 -128.22 41.79 72.47
CA PHE X 457 -128.94 42.06 71.21
C PHE X 457 -129.77 40.86 70.72
N TYR X 458 -129.42 39.66 71.19
CA TYR X 458 -130.08 38.42 70.77
C TYR X 458 -131.41 38.19 71.50
N MET X 459 -132.48 38.03 70.71
CA MET X 459 -133.85 37.79 71.22
C MET X 459 -134.37 38.90 72.13
N VAL X 460 -134.53 40.11 71.59
CA VAL X 460 -135.09 41.22 72.37
C VAL X 460 -136.03 42.12 71.56
N GLY X 461 -136.69 43.04 72.24
CA GLY X 461 -137.55 44.04 71.60
C GLY X 461 -136.77 45.09 70.84
N GLY X 462 -136.91 46.35 71.27
CA GLY X 462 -136.16 47.46 70.67
C GLY X 462 -134.77 47.59 71.25
N ILE X 463 -134.21 48.79 71.18
CA ILE X 463 -132.87 49.03 71.70
C ILE X 463 -132.87 49.15 73.23
N GLU X 464 -133.99 49.57 73.81
CA GLU X 464 -134.11 49.68 75.26
C GLU X 464 -134.29 48.34 75.95
N ASP X 465 -134.58 47.29 75.16
CA ASP X 465 -134.63 45.93 75.68
C ASP X 465 -133.24 45.27 75.65
N VAL X 466 -132.35 45.81 74.83
CA VAL X 466 -130.93 45.47 74.86
C VAL X 466 -130.28 46.07 76.11
N VAL X 467 -130.63 47.33 76.39
CA VAL X 467 -130.13 48.12 77.53
C VAL X 467 -130.46 47.46 78.87
N ALA X 468 -131.73 47.10 79.06
CA ALA X 468 -132.18 46.42 80.27
C ALA X 468 -131.67 44.97 80.39
N LYS X 469 -131.52 44.26 79.27
CA LYS X 469 -131.04 42.88 79.28
C LYS X 469 -129.54 42.76 79.54
N ALA X 470 -128.78 43.74 79.04
CA ALA X 470 -127.33 43.78 79.27
C ALA X 470 -126.94 44.16 80.71
N GLU X 471 -127.88 44.75 81.45
CA GLU X 471 -127.69 45.08 82.87
C GLU X 471 -127.93 43.88 83.77
N LYS X 472 -128.81 42.97 83.33
CA LYS X 472 -128.90 41.62 83.89
C LYS X 472 -127.56 40.93 83.66
N LEU X 473 -127.12 40.95 82.40
CA LEU X 473 -125.92 40.24 81.96
C LEU X 473 -124.61 40.84 82.51
N ALA X 474 -124.62 42.14 82.83
CA ALA X 474 -123.49 42.77 83.50
C ALA X 474 -123.36 42.26 84.95
N ALA X 475 -123.83 43.04 85.92
CA ALA X 475 -123.89 42.59 87.30
C ALA X 475 -125.12 41.68 87.49
N THR Y 7 -167.60 35.99 -22.01
CA THR Y 7 -167.91 37.14 -21.10
C THR Y 7 -167.25 36.92 -19.72
N PRO Y 8 -167.46 37.86 -18.76
CA PRO Y 8 -166.76 37.76 -17.49
C PRO Y 8 -167.24 36.56 -16.65
N ILE Y 9 -166.31 35.91 -15.95
CA ILE Y 9 -166.64 34.81 -15.02
C ILE Y 9 -166.62 35.31 -13.56
N THR Y 10 -167.80 35.36 -12.92
CA THR Y 10 -167.90 35.92 -11.56
C THR Y 10 -168.31 34.91 -10.50
N GLY Y 11 -167.62 34.98 -9.37
CA GLY Y 11 -167.90 34.14 -8.21
C GLY Y 11 -168.54 34.92 -7.06
N LYS Y 12 -168.78 34.23 -5.95
CA LYS Y 12 -169.40 34.85 -4.78
C LYS Y 12 -168.57 34.52 -3.56
N VAL Y 13 -168.30 35.53 -2.72
CA VAL Y 13 -167.51 35.31 -1.51
C VAL Y 13 -168.32 34.47 -0.51
N THR Y 14 -167.88 33.23 -0.29
CA THR Y 14 -168.58 32.38 0.69
C THR Y 14 -167.94 32.43 2.07
N ALA Y 15 -166.61 32.63 2.13
CA ALA Y 15 -165.89 32.61 3.42
C ALA Y 15 -164.63 33.47 3.52
N VAL Y 16 -164.48 34.14 4.65
CA VAL Y 16 -163.28 34.90 4.96
C VAL Y 16 -162.73 34.48 6.32
N ILE Y 17 -161.48 34.05 6.33
CA ILE Y 17 -160.76 33.71 7.54
C ILE Y 17 -159.38 34.29 7.24
N GLY Y 18 -158.94 35.20 8.08
CA GLY Y 18 -157.63 35.84 7.85
C GLY Y 18 -157.31 36.25 6.41
N ALA Y 19 -156.27 35.63 5.84
CA ALA Y 19 -155.82 35.99 4.51
C ALA Y 19 -156.47 35.10 3.46
N ILE Y 20 -157.32 34.20 3.93
CA ILE Y 20 -157.97 33.23 3.07
C ILE Y 20 -159.39 33.69 2.72
N VAL Y 21 -159.72 33.60 1.44
CA VAL Y 21 -161.07 33.85 0.97
C VAL Y 21 -161.54 32.64 0.17
N ASP Y 22 -162.78 32.22 0.43
CA ASP Y 22 -163.44 31.13 -0.29
C ASP Y 22 -164.47 31.70 -1.23
N VAL Y 23 -164.38 31.31 -2.50
CA VAL Y 23 -165.24 31.85 -3.53
C VAL Y 23 -166.01 30.72 -4.20
N HIS Y 24 -167.32 30.90 -4.31
CA HIS Y 24 -168.17 29.96 -5.01
C HIS Y 24 -168.47 30.47 -6.41
N PHE Y 25 -168.34 29.58 -7.39
CA PHE Y 25 -168.61 29.89 -8.77
C PHE Y 25 -169.82 29.14 -9.27
N GLU Y 26 -170.77 29.90 -9.82
CA GLU Y 26 -172.06 29.44 -10.31
C GLU Y 26 -172.04 28.14 -11.12
N GLN Y 27 -171.23 28.11 -12.18
CA GLN Y 27 -171.32 27.03 -13.15
C GLN Y 27 -169.98 26.50 -13.63
N SER Y 28 -169.92 25.17 -13.68
CA SER Y 28 -168.89 24.36 -14.35
C SER Y 28 -167.44 24.89 -14.35
N GLU Y 29 -167.20 25.98 -15.10
CA GLU Y 29 -165.85 26.48 -15.36
C GLU Y 29 -165.24 27.20 -14.16
N LEU Y 30 -164.53 26.41 -13.37
CA LEU Y 30 -163.84 26.89 -12.20
C LEU Y 30 -162.49 27.43 -12.60
N PRO Y 31 -162.16 28.65 -12.13
CA PRO Y 31 -160.82 29.24 -12.29
C PRO Y 31 -159.74 28.21 -11.96
N ALA Y 32 -158.69 28.17 -12.77
CA ALA Y 32 -157.57 27.26 -12.54
C ALA Y 32 -156.81 27.59 -11.25
N ILE Y 33 -156.13 26.61 -10.71
CA ILE Y 33 -155.26 26.86 -9.57
C ILE Y 33 -154.12 27.78 -10.00
N LEU Y 34 -153.86 28.81 -9.17
CA LEU Y 34 -152.82 29.83 -9.37
C LEU Y 34 -153.30 31.08 -10.07
N ASN Y 35 -154.55 31.05 -10.54
CA ASN Y 35 -155.15 32.20 -11.23
C ASN Y 35 -155.43 33.36 -10.32
N ALA Y 36 -155.40 34.56 -10.88
CA ALA Y 36 -155.75 35.74 -10.13
C ALA Y 36 -157.26 35.94 -10.15
N LEU Y 37 -157.80 36.38 -9.02
CA LEU Y 37 -159.18 36.87 -8.95
C LEU Y 37 -159.17 38.32 -8.50
N GLU Y 38 -160.25 39.04 -8.81
CA GLU Y 38 -160.36 40.42 -8.40
C GLU Y 38 -161.69 40.73 -7.75
N ILE Y 39 -161.62 41.42 -6.63
CA ILE Y 39 -162.81 41.98 -6.01
C ILE Y 39 -162.66 43.48 -6.06
N LYS Y 40 -163.68 44.15 -6.59
CA LYS Y 40 -163.66 45.60 -6.66
C LYS Y 40 -163.91 46.20 -5.29
N THR Y 41 -163.00 47.07 -4.85
CA THR Y 41 -163.18 47.78 -3.60
C THR Y 41 -163.57 49.23 -3.84
N PRO Y 42 -164.01 49.93 -2.78
CA PRO Y 42 -164.09 51.39 -2.89
C PRO Y 42 -162.70 51.98 -3.15
N GLN Y 43 -161.67 51.30 -2.65
CA GLN Y 43 -160.28 51.68 -2.81
C GLN Y 43 -159.85 51.63 -4.27
N GLY Y 44 -159.35 50.46 -4.68
CA GLY Y 44 -159.02 50.17 -6.06
C GLY Y 44 -159.61 48.81 -6.37
N LYS Y 45 -158.91 47.76 -5.96
CA LYS Y 45 -159.35 46.40 -6.18
C LYS Y 45 -158.51 45.50 -5.28
N LEU Y 46 -159.05 44.34 -4.92
CA LEU Y 46 -158.31 43.33 -4.15
C LEU Y 46 -158.01 42.12 -5.02
N VAL Y 47 -156.77 41.65 -4.95
CA VAL Y 47 -156.37 40.52 -5.76
C VAL Y 47 -156.43 39.23 -4.94
N LEU Y 48 -156.63 38.10 -5.61
CA LEU Y 48 -156.69 36.82 -4.93
C LEU Y 48 -156.07 35.75 -5.79
N GLU Y 49 -155.49 34.75 -5.16
CA GLU Y 49 -154.80 33.69 -5.89
C GLU Y 49 -155.39 32.35 -5.54
N VAL Y 50 -155.94 31.70 -6.55
CA VAL Y 50 -156.63 30.44 -6.36
C VAL Y 50 -155.61 29.40 -5.92
N ALA Y 51 -155.71 29.03 -4.65
CA ALA Y 51 -154.84 28.03 -4.05
C ALA Y 51 -155.33 26.62 -4.31
N GLN Y 52 -156.65 26.39 -4.17
CA GLN Y 52 -157.15 25.03 -4.30
C GLN Y 52 -158.62 24.92 -4.60
N HIS Y 53 -158.99 23.82 -5.23
CA HIS Y 53 -160.38 23.48 -5.44
C HIS Y 53 -160.89 22.62 -4.29
N LEU Y 54 -161.87 23.17 -3.57
CA LEU Y 54 -162.41 22.52 -2.40
C LEU Y 54 -163.45 21.48 -2.77
N GLY Y 55 -163.79 21.41 -4.05
CA GLY Y 55 -164.91 20.60 -4.47
C GLY Y 55 -166.19 21.40 -4.37
N GLU Y 56 -167.18 20.97 -5.14
CA GLU Y 56 -168.50 21.59 -5.21
C GLU Y 56 -168.44 23.06 -5.65
N ASN Y 57 -167.77 23.29 -6.75
CA ASN Y 57 -167.66 24.63 -7.37
C ASN Y 57 -167.16 25.74 -6.43
N THR Y 58 -166.47 25.36 -5.36
CA THR Y 58 -165.86 26.33 -4.50
C THR Y 58 -164.35 26.24 -4.64
N VAL Y 59 -163.71 27.40 -4.76
CA VAL Y 59 -162.28 27.45 -4.64
C VAL Y 59 -161.94 28.20 -3.39
N ARG Y 60 -160.71 28.00 -2.94
CA ARG Y 60 -160.14 28.69 -1.82
C ARG Y 60 -158.91 29.42 -2.29
N THR Y 61 -158.91 30.71 -2.03
CA THR Y 61 -157.85 31.58 -2.50
C THR Y 61 -157.02 32.14 -1.34
N ILE Y 62 -155.84 32.66 -1.68
CA ILE Y 62 -155.07 33.49 -0.76
C ILE Y 62 -155.17 34.92 -1.27
N ALA Y 63 -155.55 35.85 -0.40
CA ALA Y 63 -155.56 37.29 -0.77
C ALA Y 63 -154.14 37.82 -0.95
N MET Y 64 -153.95 38.73 -1.91
CA MET Y 64 -152.67 39.46 -2.06
C MET Y 64 -152.67 40.73 -1.25
N ASP Y 65 -153.76 40.95 -0.50
CA ASP Y 65 -153.90 42.11 0.39
C ASP Y 65 -154.86 41.83 1.55
N GLY Y 66 -155.11 42.86 2.38
CA GLY Y 66 -155.92 42.72 3.60
C GLY Y 66 -157.33 42.31 3.29
N THR Y 67 -157.98 41.56 4.17
CA THR Y 67 -159.33 41.10 3.88
C THR Y 67 -160.37 41.86 4.69
N GLU Y 68 -159.96 42.90 5.43
CA GLU Y 68 -160.87 43.83 6.14
C GLU Y 68 -162.01 44.29 5.27
N GLY Y 69 -163.22 44.18 5.80
CA GLY Y 69 -164.38 44.73 5.11
C GLY Y 69 -165.06 43.85 4.08
N LEU Y 70 -164.40 42.76 3.68
CA LEU Y 70 -165.05 41.77 2.85
C LEU Y 70 -166.33 41.26 3.49
N VAL Y 71 -167.36 41.11 2.67
CA VAL Y 71 -168.67 40.65 3.10
C VAL Y 71 -169.05 39.36 2.37
N ARG Y 72 -169.57 38.40 3.09
CA ARG Y 72 -170.05 37.18 2.49
C ARG Y 72 -171.05 37.48 1.37
N GLY Y 73 -170.89 36.81 0.24
CA GLY Y 73 -171.81 36.95 -0.89
C GLY Y 73 -171.27 37.81 -2.00
N GLU Y 74 -170.12 38.46 -1.73
CA GLU Y 74 -169.51 39.46 -2.63
C GLU Y 74 -169.18 38.91 -4.03
N LYS Y 75 -169.33 39.75 -5.05
CA LYS Y 75 -169.05 39.33 -6.41
C LYS Y 75 -167.55 39.34 -6.64
N VAL Y 76 -167.02 38.24 -7.17
CA VAL Y 76 -165.59 38.08 -7.44
C VAL Y 76 -165.32 37.75 -8.90
N LEU Y 77 -164.51 38.58 -9.53
CA LEU Y 77 -164.20 38.46 -10.96
C LEU Y 77 -162.96 37.62 -11.22
N ASP Y 78 -163.13 36.63 -12.08
CA ASP Y 78 -162.03 35.78 -12.51
C ASP Y 78 -161.27 36.50 -13.63
N THR Y 79 -159.95 36.64 -13.49
CA THR Y 79 -159.12 37.29 -14.54
C THR Y 79 -158.43 36.32 -15.50
N GLY Y 80 -158.72 35.03 -15.36
CA GLY Y 80 -158.30 34.02 -16.32
C GLY Y 80 -156.81 33.84 -16.56
N GLY Y 81 -155.97 34.29 -15.62
CA GLY Y 81 -154.52 34.08 -15.69
C GLY Y 81 -153.81 34.29 -14.36
N PRO Y 82 -152.59 33.71 -14.20
CA PRO Y 82 -151.74 34.00 -13.02
C PRO Y 82 -151.51 35.50 -12.82
N ILE Y 83 -150.86 35.89 -11.73
CA ILE Y 83 -150.53 37.29 -11.52
C ILE Y 83 -149.50 37.67 -12.56
N SER Y 84 -149.72 38.86 -13.14
CA SER Y 84 -148.93 39.37 -14.24
C SER Y 84 -148.03 40.47 -13.76
N VAL Y 85 -146.88 40.59 -14.42
CA VAL Y 85 -145.90 41.61 -14.11
C VAL Y 85 -145.23 42.11 -15.37
N PRO Y 86 -145.02 43.43 -15.45
CA PRO Y 86 -144.30 44.04 -16.55
C PRO Y 86 -142.83 43.61 -16.56
N VAL Y 87 -142.37 43.10 -17.70
CA VAL Y 87 -141.01 42.59 -17.84
C VAL Y 87 -140.26 43.47 -18.85
N GLY Y 88 -138.95 43.24 -18.98
CA GLY Y 88 -138.16 43.97 -19.98
C GLY Y 88 -137.68 45.35 -19.56
N ARG Y 89 -137.07 46.06 -20.50
CA ARG Y 89 -136.33 47.28 -20.17
C ARG Y 89 -137.18 48.41 -19.60
N GLU Y 90 -138.49 48.27 -19.73
CA GLU Y 90 -139.44 49.27 -19.26
C GLU Y 90 -139.53 49.43 -17.76
N THR Y 91 -138.96 48.49 -17.02
CA THR Y 91 -139.19 48.40 -15.59
C THR Y 91 -137.95 48.82 -14.83
N LEU Y 92 -136.98 49.32 -15.56
CA LEU Y 92 -135.70 49.66 -14.97
C LEU Y 92 -135.79 51.03 -14.30
N GLY Y 93 -135.49 51.08 -13.02
CA GLY Y 93 -135.70 52.29 -12.25
C GLY Y 93 -137.16 52.56 -11.91
N ARG Y 94 -138.01 51.52 -11.97
CA ARG Y 94 -139.38 51.63 -11.46
C ARG Y 94 -139.53 50.80 -10.17
N ILE Y 95 -140.35 51.27 -9.25
CA ILE Y 95 -140.63 50.49 -8.03
C ILE Y 95 -141.95 49.75 -8.18
N ILE Y 96 -141.91 48.47 -7.89
CA ILE Y 96 -142.98 47.57 -8.31
C ILE Y 96 -143.64 46.85 -7.14
N ASN Y 97 -144.84 46.37 -7.42
CA ASN Y 97 -145.65 45.61 -6.51
C ASN Y 97 -145.35 44.14 -6.48
N VAL Y 98 -146.08 43.45 -5.63
CA VAL Y 98 -146.20 42.02 -5.73
C VAL Y 98 -147.06 41.74 -6.96
N ILE Y 99 -148.11 42.53 -7.15
CA ILE Y 99 -148.99 42.38 -8.31
C ILE Y 99 -148.47 43.13 -9.54
N GLY Y 100 -147.17 43.39 -9.59
CA GLY Y 100 -146.54 43.98 -10.75
C GLY Y 100 -147.19 45.28 -11.15
N GLU Y 101 -147.26 46.20 -10.20
CA GLU Y 101 -147.76 47.54 -10.47
C GLU Y 101 -146.79 48.62 -10.02
N PRO Y 102 -146.92 49.81 -10.62
CA PRO Y 102 -146.08 50.93 -10.26
C PRO Y 102 -146.54 51.53 -8.94
N ILE Y 103 -145.59 51.68 -8.03
CA ILE Y 103 -145.85 52.23 -6.71
C ILE Y 103 -144.84 53.34 -6.44
N ASP Y 104 -144.18 53.79 -7.50
CA ASP Y 104 -143.24 54.87 -7.38
C ASP Y 104 -143.87 56.19 -7.82
N GLU Y 105 -145.18 56.31 -7.62
CA GLU Y 105 -145.93 57.52 -7.96
C GLU Y 105 -145.57 58.12 -9.33
N ARG Y 106 -145.24 57.27 -10.30
CA ARG Y 106 -144.73 57.77 -11.57
C ARG Y 106 -145.36 57.10 -12.80
N GLY Y 107 -146.66 56.80 -12.69
CA GLY Y 107 -147.45 56.38 -13.84
C GLY Y 107 -147.21 54.95 -14.31
N PRO Y 108 -147.89 54.59 -15.41
CA PRO Y 108 -147.96 53.22 -15.93
C PRO Y 108 -146.60 52.72 -16.37
N ILE Y 109 -146.30 51.47 -16.05
CA ILE Y 109 -145.11 50.83 -16.60
C ILE Y 109 -145.47 50.26 -17.97
N LYS Y 110 -145.15 51.03 -19.00
CA LYS Y 110 -145.63 50.74 -20.33
C LYS Y 110 -144.71 49.72 -21.00
N SER Y 111 -144.76 48.47 -20.57
CA SER Y 111 -143.96 47.42 -21.19
C SER Y 111 -144.70 46.86 -22.40
N LYS Y 112 -144.06 45.93 -23.10
CA LYS Y 112 -144.74 45.24 -24.20
C LYS Y 112 -145.50 44.02 -23.69
N LEU Y 113 -144.86 43.25 -22.81
CA LEU Y 113 -145.39 41.97 -22.35
C LEU Y 113 -145.67 41.94 -20.85
N ARG Y 114 -146.70 41.22 -20.45
CA ARG Y 114 -146.88 40.89 -19.05
C ARG Y 114 -146.77 39.37 -18.85
N LYS Y 115 -145.91 38.98 -17.93
CA LYS Y 115 -145.67 37.57 -17.71
C LYS Y 115 -146.27 37.07 -16.39
N PRO Y 116 -146.66 35.78 -16.34
CA PRO Y 116 -147.09 35.17 -15.07
C PRO Y 116 -145.91 35.16 -14.08
N ILE Y 117 -146.19 35.20 -12.78
CA ILE Y 117 -145.11 35.11 -11.79
C ILE Y 117 -144.72 33.65 -11.58
N HIS Y 118 -145.66 32.78 -11.92
CA HIS Y 118 -145.52 31.34 -11.77
C HIS Y 118 -145.11 30.76 -13.11
N ALA Y 119 -143.97 30.07 -13.10
CA ALA Y 119 -143.41 29.43 -14.28
C ALA Y 119 -142.47 28.37 -13.80
N ASP Y 120 -142.35 27.30 -14.58
CA ASP Y 120 -141.53 26.14 -14.18
C ASP Y 120 -140.03 26.41 -14.19
N PRO Y 121 -139.29 25.81 -13.23
CA PRO Y 121 -137.85 26.07 -13.19
C PRO Y 121 -137.12 25.49 -14.41
N PRO Y 122 -136.04 26.16 -14.86
CA PRO Y 122 -135.24 25.72 -16.01
C PRO Y 122 -134.91 24.23 -15.96
N SER Y 123 -135.03 23.52 -17.08
CA SER Y 123 -134.88 22.07 -17.09
C SER Y 123 -133.45 21.63 -16.86
N PHE Y 124 -133.23 20.32 -16.84
CA PHE Y 124 -131.89 19.80 -16.57
C PHE Y 124 -130.99 19.94 -17.76
N ALA Y 125 -131.49 19.62 -18.96
CA ALA Y 125 -130.73 19.89 -20.20
C ALA Y 125 -130.29 21.35 -20.32
N GLU Y 126 -131.13 22.27 -19.85
CA GLU Y 126 -130.88 23.73 -19.86
C GLU Y 126 -129.91 24.26 -18.81
N GLN Y 127 -129.29 23.36 -18.06
CA GLN Y 127 -128.37 23.75 -17.00
C GLN Y 127 -127.02 24.13 -17.55
N SER Y 128 -126.26 24.86 -16.76
CA SER Y 128 -125.03 25.45 -17.25
C SER Y 128 -124.08 25.85 -16.13
N THR Y 129 -122.95 25.15 -16.02
CA THR Y 129 -122.02 25.44 -14.95
C THR Y 129 -120.65 25.87 -15.43
N SER Y 130 -119.90 26.43 -14.49
CA SER Y 130 -118.66 27.12 -14.75
C SER Y 130 -118.10 27.49 -13.41
N ALA Y 131 -116.78 27.64 -13.34
CA ALA Y 131 -116.17 28.01 -12.09
C ALA Y 131 -115.34 29.30 -12.20
N GLU Y 132 -116.04 30.42 -12.30
CA GLU Y 132 -115.38 31.70 -12.33
C GLU Y 132 -115.53 32.48 -11.04
N ILE Y 133 -114.40 32.80 -10.41
CA ILE Y 133 -114.35 33.67 -9.24
C ILE Y 133 -114.98 35.03 -9.51
N LEU Y 134 -115.56 35.62 -8.47
CA LEU Y 134 -116.05 36.98 -8.50
C LEU Y 134 -115.45 37.67 -7.28
N GLU Y 135 -114.31 38.32 -7.50
CA GLU Y 135 -113.65 39.10 -6.46
C GLU Y 135 -114.67 40.07 -5.83
N THR Y 136 -114.66 40.20 -4.50
CA THR Y 136 -115.62 41.06 -3.81
C THR Y 136 -114.95 42.20 -3.07
N GLY Y 137 -113.67 42.05 -2.78
CA GLY Y 137 -112.94 43.06 -2.02
C GLY Y 137 -113.10 42.83 -0.54
N ILE Y 138 -113.87 41.80 -0.19
CA ILE Y 138 -114.09 41.40 1.19
C ILE Y 138 -113.14 40.24 1.56
N LYS Y 139 -112.22 40.52 2.48
CA LYS Y 139 -111.17 39.57 2.90
C LYS Y 139 -111.67 38.16 3.27
N VAL Y 140 -112.61 38.08 4.20
CA VAL Y 140 -113.14 36.81 4.64
C VAL Y 140 -113.68 35.97 3.49
N VAL Y 141 -114.30 36.63 2.53
CA VAL Y 141 -114.97 35.95 1.42
C VAL Y 141 -113.93 35.62 0.36
N ASP Y 142 -113.35 36.67 -0.22
CA ASP Y 142 -112.21 36.59 -1.14
C ASP Y 142 -111.29 35.43 -0.77
N LEU Y 143 -110.82 35.43 0.48
CA LEU Y 143 -109.89 34.40 0.96
C LEU Y 143 -110.52 33.03 1.24
N LEU Y 144 -111.61 33.00 2.00
CA LEU Y 144 -112.08 31.73 2.59
C LEU Y 144 -113.17 30.98 1.84
N ALA Y 145 -114.19 31.72 1.40
CA ALA Y 145 -115.30 31.15 0.67
C ALA Y 145 -115.58 32.02 -0.56
N PRO Y 146 -114.76 31.88 -1.61
CA PRO Y 146 -114.90 32.75 -2.77
C PRO Y 146 -116.26 32.62 -3.48
N TYR Y 147 -116.95 33.75 -3.67
CA TYR Y 147 -118.15 33.83 -4.49
C TYR Y 147 -117.86 33.53 -5.95
N ALA Y 148 -118.86 33.08 -6.68
CA ALA Y 148 -118.69 32.70 -8.09
C ALA Y 148 -119.60 33.49 -9.04
N ARG Y 149 -119.05 33.96 -10.15
CA ARG Y 149 -119.86 34.72 -11.11
C ARG Y 149 -120.97 33.84 -11.70
N GLY Y 150 -122.21 34.32 -11.60
CA GLY Y 150 -123.37 33.60 -12.09
C GLY Y 150 -123.80 32.51 -11.14
N GLY Y 151 -123.32 32.56 -9.90
CA GLY Y 151 -123.61 31.55 -8.89
C GLY Y 151 -124.73 31.96 -7.94
N LYS Y 152 -124.98 31.15 -6.94
CA LYS Y 152 -125.97 31.49 -5.92
C LYS Y 152 -125.27 31.68 -4.58
N ILE Y 153 -125.32 32.92 -4.12
CA ILE Y 153 -124.72 33.31 -2.87
C ILE Y 153 -125.86 33.46 -1.88
N GLY Y 154 -125.56 33.21 -0.60
CA GLY Y 154 -126.50 33.43 0.49
C GLY Y 154 -125.82 33.88 1.77
N LEU Y 155 -126.43 34.88 2.41
CA LEU Y 155 -125.95 35.38 3.71
C LEU Y 155 -126.81 34.85 4.86
N PHE Y 156 -126.23 34.10 5.77
CA PHE Y 156 -127.07 33.57 6.83
C PHE Y 156 -126.82 34.40 8.03
N GLY Y 157 -127.86 34.70 8.78
CA GLY Y 157 -127.65 35.24 10.10
C GLY Y 157 -128.94 35.61 10.79
N GLY Y 158 -128.88 35.57 12.13
CA GLY Y 158 -129.95 36.07 12.97
C GLY Y 158 -130.01 37.59 12.99
N ALA Y 159 -130.81 38.11 13.91
CA ALA Y 159 -131.32 39.46 13.86
C ALA Y 159 -130.22 40.38 14.23
N GLY Y 160 -130.06 41.40 13.41
CA GLY Y 160 -129.06 42.39 13.68
C GLY Y 160 -127.62 41.91 13.68
N VAL Y 161 -127.29 40.93 12.86
CA VAL Y 161 -125.86 40.57 12.78
C VAL Y 161 -125.26 41.31 11.63
N GLY Y 162 -126.09 41.55 10.63
CA GLY Y 162 -125.72 42.40 9.54
C GLY Y 162 -125.84 41.78 8.18
N LYS Y 163 -127.02 41.31 7.81
CA LYS Y 163 -127.06 40.65 6.51
C LYS Y 163 -127.29 41.75 5.54
N THR Y 164 -128.21 42.64 5.94
CA THR Y 164 -128.56 43.83 5.14
C THR Y 164 -127.31 44.73 4.87
N VAL Y 165 -126.59 45.14 5.91
CA VAL Y 165 -125.40 45.97 5.67
C VAL Y 165 -124.35 45.23 4.81
N PHE Y 166 -124.09 43.97 5.11
CA PHE Y 166 -123.22 43.17 4.24
C PHE Y 166 -123.63 43.20 2.76
N ILE Y 167 -124.92 43.04 2.47
CA ILE Y 167 -125.42 43.02 1.08
C ILE Y 167 -125.19 44.35 0.40
N GLN Y 168 -125.42 45.42 1.16
CA GLN Y 168 -125.14 46.78 0.70
C GLN Y 168 -123.66 47.04 0.39
N GLU Y 169 -122.75 46.28 1.01
CA GLU Y 169 -121.35 46.35 0.63
C GLU Y 169 -121.12 45.64 -0.68
N LEU Y 170 -121.79 44.51 -0.87
CA LEU Y 170 -121.71 43.82 -2.16
C LEU Y 170 -122.32 44.61 -3.32
N ILE Y 171 -123.53 45.14 -3.13
CA ILE Y 171 -124.10 46.09 -4.10
C ILE Y 171 -123.06 47.19 -4.34
N ASN Y 172 -122.47 47.72 -3.27
CA ASN Y 172 -121.48 48.79 -3.40
C ASN Y 172 -120.39 48.50 -4.43
N ASN Y 173 -119.67 47.40 -4.23
CA ASN Y 173 -118.57 47.01 -5.09
C ASN Y 173 -119.03 46.48 -6.44
N ILE Y 174 -119.61 45.28 -6.46
CA ILE Y 174 -119.96 44.63 -7.71
C ILE Y 174 -120.88 45.44 -8.61
N ALA Y 175 -122.02 45.90 -8.06
CA ALA Y 175 -123.08 46.54 -8.86
C ALA Y 175 -122.66 47.80 -9.62
N LYS Y 176 -121.71 48.56 -9.08
CA LYS Y 176 -121.21 49.77 -9.77
C LYS Y 176 -120.48 49.43 -11.07
N ALA Y 177 -119.38 48.69 -10.94
CA ALA Y 177 -118.62 48.17 -12.09
C ALA Y 177 -119.13 46.79 -12.53
N HIS Y 178 -120.40 46.74 -12.95
CA HIS Y 178 -121.02 45.52 -13.47
C HIS Y 178 -121.61 45.72 -14.87
N GLY Y 179 -122.07 46.92 -15.16
CA GLY Y 179 -122.58 47.25 -16.48
C GLY Y 179 -124.00 46.76 -16.74
N GLY Y 180 -124.22 45.45 -16.57
CA GLY Y 180 -125.51 44.81 -16.85
C GLY Y 180 -126.62 45.15 -15.86
N PHE Y 181 -127.72 44.43 -15.95
CA PHE Y 181 -128.92 44.76 -15.17
C PHE Y 181 -129.01 44.14 -13.77
N SER Y 182 -129.55 44.92 -12.83
CA SER Y 182 -129.82 44.45 -11.47
C SER Y 182 -131.31 44.43 -11.16
N VAL Y 183 -131.71 43.51 -10.29
CA VAL Y 183 -133.10 43.40 -9.83
C VAL Y 183 -133.05 43.23 -8.30
N PHE Y 184 -133.29 44.32 -7.58
CA PHE Y 184 -133.35 44.22 -6.13
C PHE Y 184 -134.78 43.92 -5.68
N THR Y 185 -134.93 42.95 -4.77
CA THR Y 185 -136.22 42.53 -4.24
C THR Y 185 -136.26 42.60 -2.70
N GLY Y 186 -137.06 43.53 -2.16
CA GLY Y 186 -137.30 43.62 -0.73
C GLY Y 186 -138.46 42.72 -0.31
N VAL Y 187 -138.17 41.57 0.26
CA VAL Y 187 -139.21 40.73 0.83
C VAL Y 187 -139.10 40.83 2.34
N GLY Y 188 -140.25 41.08 2.96
CA GLY Y 188 -140.39 41.15 4.41
C GLY Y 188 -139.33 41.91 5.19
N GLU Y 189 -138.85 43.02 4.64
CA GLU Y 189 -137.91 43.88 5.40
C GLU Y 189 -138.56 45.19 5.74
N ARG Y 190 -137.77 46.12 6.28
CA ARG Y 190 -138.29 47.44 6.68
C ARG Y 190 -138.54 48.36 5.49
N THR Y 191 -139.67 49.05 5.51
CA THR Y 191 -139.96 49.99 4.45
C THR Y 191 -138.98 51.17 4.51
N ARG Y 192 -138.62 51.61 5.72
CA ARG Y 192 -137.46 52.48 5.91
C ARG Y 192 -136.29 52.08 5.01
N GLU Y 193 -135.81 50.85 5.15
CA GLU Y 193 -134.71 50.32 4.33
C GLU Y 193 -134.95 50.45 2.82
N GLY Y 194 -136.18 50.14 2.39
CA GLY Y 194 -136.57 50.26 0.98
C GLY Y 194 -136.63 51.71 0.51
N ASN Y 195 -137.17 52.58 1.35
CA ASN Y 195 -137.13 54.03 1.13
C ASN Y 195 -135.69 54.57 1.07
N ASP Y 196 -134.82 53.97 1.88
CA ASP Y 196 -133.41 54.36 1.92
C ASP Y 196 -132.72 53.92 0.66
N LEU Y 197 -132.98 52.70 0.22
CA LEU Y 197 -132.38 52.17 -0.98
C LEU Y 197 -132.80 52.92 -2.25
N TYR Y 198 -134.01 53.46 -2.26
CA TYR Y 198 -134.46 54.30 -3.38
C TYR Y 198 -133.79 55.67 -3.37
N ARG Y 199 -133.48 56.18 -2.18
CA ARG Y 199 -132.66 57.39 -2.04
C ARG Y 199 -131.24 57.12 -2.51
N GLU Y 200 -130.68 56.03 -2.00
CA GLU Y 200 -129.31 55.62 -2.27
C GLU Y 200 -128.99 55.48 -3.76
N MET Y 201 -129.94 54.99 -4.57
CA MET Y 201 -129.69 54.76 -6.00
C MET Y 201 -129.72 56.04 -6.85
N LYS Y 202 -130.71 56.89 -6.58
CA LYS Y 202 -130.86 58.15 -7.25
C LYS Y 202 -129.63 59.04 -7.02
N GLU Y 203 -128.86 58.68 -5.99
CA GLU Y 203 -127.70 59.47 -5.62
C GLU Y 203 -126.42 58.97 -6.27
N THR Y 204 -126.22 57.65 -6.31
CA THR Y 204 -125.10 57.07 -7.06
C THR Y 204 -125.35 57.14 -8.57
N GLY Y 205 -126.61 57.36 -8.94
CA GLY Y 205 -127.01 57.42 -10.34
C GLY Y 205 -127.32 56.07 -10.98
N VAL Y 206 -127.44 55.02 -10.18
CA VAL Y 206 -127.87 53.71 -10.68
C VAL Y 206 -129.28 53.87 -11.21
N ILE Y 207 -130.09 54.55 -10.42
CA ILE Y 207 -131.41 54.99 -10.86
C ILE Y 207 -131.30 56.45 -11.22
N ASN Y 208 -131.63 56.74 -12.48
CA ASN Y 208 -131.75 58.10 -13.01
C ASN Y 208 -133.14 58.32 -13.57
N LEU Y 209 -133.97 58.95 -12.76
CA LEU Y 209 -135.34 59.30 -13.14
C LEU Y 209 -135.40 59.94 -14.53
N GLU Y 210 -134.44 60.81 -14.83
CA GLU Y 210 -134.40 61.47 -16.13
C GLU Y 210 -133.49 60.75 -17.12
N GLY Y 211 -132.65 59.85 -16.63
CA GLY Y 211 -131.70 59.15 -17.49
C GLY Y 211 -132.14 57.73 -17.80
N GLU Y 212 -131.15 56.87 -17.99
CA GLU Y 212 -131.33 55.42 -18.09
C GLU Y 212 -131.17 54.85 -16.69
N SER Y 213 -131.45 53.56 -16.52
CA SER Y 213 -131.23 52.93 -15.20
C SER Y 213 -130.78 51.46 -15.25
N LYS Y 214 -129.91 51.09 -14.32
CA LYS Y 214 -129.33 49.75 -14.31
C LYS Y 214 -130.07 48.75 -13.42
N VAL Y 215 -130.90 49.25 -12.50
CA VAL Y 215 -131.56 48.40 -11.50
C VAL Y 215 -133.09 48.47 -11.63
N ALA Y 216 -133.79 47.59 -10.89
CA ALA Y 216 -135.25 47.56 -10.78
C ALA Y 216 -135.64 47.28 -9.34
N LEU Y 217 -136.76 47.83 -8.91
CA LEU Y 217 -137.13 47.65 -7.53
C LEU Y 217 -138.49 46.97 -7.40
N VAL Y 218 -138.51 45.87 -6.64
CA VAL Y 218 -139.75 45.16 -6.27
C VAL Y 218 -139.76 44.99 -4.75
N PHE Y 219 -140.90 45.33 -4.13
CA PHE Y 219 -141.03 45.43 -2.67
C PHE Y 219 -142.34 44.88 -2.11
N GLY Y 220 -142.25 43.73 -1.44
CA GLY Y 220 -143.33 43.22 -0.59
C GLY Y 220 -142.77 43.21 0.82
N GLN Y 221 -142.93 44.33 1.53
CA GLN Y 221 -142.22 44.53 2.80
C GLN Y 221 -142.95 43.94 3.98
N MET Y 222 -142.35 44.05 5.16
CA MET Y 222 -142.83 43.34 6.37
C MET Y 222 -144.18 43.79 6.93
N ASN Y 223 -144.72 44.88 6.39
CA ASN Y 223 -146.07 45.30 6.74
C ASN Y 223 -147.15 44.56 5.97
N GLU Y 224 -146.77 43.93 4.85
CA GLU Y 224 -147.70 43.25 3.97
C GLU Y 224 -148.33 42.02 4.60
N PRO Y 225 -149.58 41.71 4.21
CA PRO Y 225 -150.21 40.42 4.51
C PRO Y 225 -149.47 39.21 3.95
N PRO Y 226 -149.68 38.04 4.54
CA PRO Y 226 -148.81 36.89 4.19
C PRO Y 226 -148.89 36.43 2.74
N GLY Y 227 -150.03 36.65 2.08
CA GLY Y 227 -150.14 36.38 0.65
C GLY Y 227 -149.19 37.23 -0.19
N ALA Y 228 -149.24 38.54 0.01
CA ALA Y 228 -148.30 39.46 -0.61
C ALA Y 228 -146.85 38.98 -0.46
N ARG Y 229 -146.46 38.73 0.79
CA ARG Y 229 -145.11 38.33 1.12
C ARG Y 229 -144.80 36.91 0.68
N ALA Y 230 -145.84 36.12 0.42
CA ALA Y 230 -145.62 34.73 0.00
C ALA Y 230 -145.32 34.67 -1.49
N ARG Y 231 -145.32 35.86 -2.11
CA ARG Y 231 -145.36 35.98 -3.56
C ARG Y 231 -144.36 36.96 -4.16
N VAL Y 232 -144.17 38.10 -3.50
CA VAL Y 232 -143.42 39.24 -4.07
C VAL Y 232 -142.06 38.90 -4.67
N ALA Y 233 -141.46 37.82 -4.18
CA ALA Y 233 -140.17 37.32 -4.65
C ALA Y 233 -140.29 36.66 -6.02
N LEU Y 234 -141.40 35.95 -6.25
CA LEU Y 234 -141.72 35.40 -7.57
C LEU Y 234 -141.87 36.49 -8.66
N THR Y 235 -142.38 37.66 -8.27
CA THR Y 235 -142.43 38.84 -9.13
C THR Y 235 -141.05 39.33 -9.51
N GLY Y 236 -140.20 39.53 -8.49
CA GLY Y 236 -138.82 39.89 -8.72
C GLY Y 236 -138.23 38.95 -9.76
N LEU Y 237 -138.32 37.65 -9.46
CA LEU Y 237 -137.75 36.55 -10.26
C LEU Y 237 -138.13 36.55 -11.72
N THR Y 238 -139.44 36.56 -11.98
CA THR Y 238 -139.99 36.75 -13.32
C THR Y 238 -139.30 37.87 -14.11
N ILE Y 239 -139.07 39.01 -13.45
CA ILE Y 239 -138.42 40.17 -14.07
C ILE Y 239 -136.98 39.81 -14.46
N ALA Y 240 -136.21 39.32 -13.49
CA ALA Y 240 -134.85 38.82 -13.72
C ALA Y 240 -134.79 37.75 -14.82
N GLU Y 241 -135.66 36.74 -14.72
CA GLU Y 241 -135.75 35.69 -15.73
C GLU Y 241 -135.96 36.20 -17.15
N TYR Y 242 -136.62 37.34 -17.29
CA TYR Y 242 -136.75 37.94 -18.61
C TYR Y 242 -135.38 38.44 -19.07
N PHE Y 243 -134.76 39.25 -18.22
CA PHE Y 243 -133.45 39.82 -18.52
C PHE Y 243 -132.41 38.76 -18.80
N ARG Y 244 -132.65 37.55 -18.33
CA ARG Y 244 -131.68 36.48 -18.50
C ARG Y 244 -131.92 35.73 -19.80
N ASP Y 245 -133.18 35.36 -20.03
CA ASP Y 245 -133.52 34.43 -21.10
C ASP Y 245 -133.87 35.12 -22.40
N GLU Y 246 -134.58 36.24 -22.31
CA GLU Y 246 -135.00 36.96 -23.50
C GLU Y 246 -133.88 37.85 -23.96
N GLU Y 247 -133.45 38.76 -23.09
CA GLU Y 247 -132.44 39.75 -23.46
C GLU Y 247 -131.00 39.31 -23.16
N GLY Y 248 -130.81 38.00 -22.98
CA GLY Y 248 -129.50 37.38 -22.72
C GLY Y 248 -128.50 38.26 -22.00
N GLN Y 249 -128.79 38.57 -20.74
CA GLN Y 249 -128.00 39.53 -19.96
C GLN Y 249 -127.40 38.93 -18.70
N ASP Y 250 -126.31 39.54 -18.24
CA ASP Y 250 -125.77 39.29 -16.91
C ASP Y 250 -126.60 40.05 -15.91
N VAL Y 251 -127.30 39.32 -15.06
CA VAL Y 251 -128.18 39.93 -14.09
C VAL Y 251 -127.64 39.71 -12.70
N LEU Y 252 -127.51 40.82 -11.96
CA LEU Y 252 -127.27 40.76 -10.52
C LEU Y 252 -128.62 40.83 -9.77
N LEU Y 253 -128.91 39.81 -8.96
CA LEU Y 253 -130.23 39.66 -8.36
C LEU Y 253 -130.20 39.58 -6.84
N PHE Y 254 -130.39 40.70 -6.16
CA PHE Y 254 -130.36 40.70 -4.69
C PHE Y 254 -131.74 40.51 -4.05
N ILE Y 255 -131.90 39.43 -3.30
CA ILE Y 255 -133.10 39.18 -2.49
C ILE Y 255 -132.80 39.39 -1.00
N ASP Y 256 -133.71 40.05 -0.30
CA ASP Y 256 -133.55 40.43 1.09
C ASP Y 256 -134.95 40.72 1.56
N ASN Y 257 -135.53 39.86 2.39
CA ASN Y 257 -134.90 38.62 2.89
C ASN Y 257 -135.67 37.39 2.42
N ILE Y 258 -134.98 36.36 1.94
CA ILE Y 258 -135.71 35.22 1.37
C ILE Y 258 -136.36 34.38 2.42
N PHE Y 259 -135.93 34.55 3.67
CA PHE Y 259 -136.57 33.79 4.73
C PHE Y 259 -138.06 34.11 4.77
N ARG Y 260 -138.35 35.40 4.65
CA ARG Y 260 -139.67 35.97 4.80
C ARG Y 260 -140.72 35.42 3.85
N PHE Y 261 -140.28 34.65 2.86
CA PHE Y 261 -141.16 33.95 1.94
C PHE Y 261 -141.70 32.66 2.57
N THR Y 262 -140.84 31.93 3.28
CA THR Y 262 -141.20 30.64 3.92
C THR Y 262 -141.96 30.88 5.21
N GLN Y 263 -141.54 31.90 5.97
CA GLN Y 263 -142.32 32.35 7.12
C GLN Y 263 -143.78 32.68 6.70
N ALA Y 264 -143.97 33.47 5.64
CA ALA Y 264 -145.33 33.71 5.10
C ALA Y 264 -146.12 32.43 4.73
N GLY Y 265 -145.42 31.47 4.13
CA GLY Y 265 -145.99 30.18 3.77
C GLY Y 265 -146.63 29.49 4.97
N SER Y 266 -145.96 29.56 6.12
CA SER Y 266 -146.48 28.96 7.34
C SER Y 266 -147.62 29.79 7.89
N GLU Y 267 -147.47 31.11 7.91
CA GLU Y 267 -148.54 32.01 8.35
C GLU Y 267 -149.93 31.62 7.82
N VAL Y 268 -150.03 31.22 6.55
CA VAL Y 268 -151.33 30.89 5.93
C VAL Y 268 -151.71 29.41 6.00
N SER Y 269 -150.70 28.56 6.11
CA SER Y 269 -150.79 27.13 5.90
C SER Y 269 -151.88 26.40 6.67
N ALA Y 270 -152.10 26.77 7.95
CA ALA Y 270 -153.11 26.06 8.77
C ALA Y 270 -154.50 26.41 8.29
N LEU Y 271 -154.70 27.69 7.93
CA LEU Y 271 -155.95 28.18 7.41
C LEU Y 271 -156.23 27.56 6.05
N LEU Y 272 -155.16 27.17 5.35
CA LEU Y 272 -155.31 26.36 4.14
C LEU Y 272 -155.70 24.88 4.44
N GLY Y 273 -155.75 24.55 5.73
CA GLY Y 273 -156.28 23.29 6.19
C GLY Y 273 -155.25 22.20 6.41
N ARG Y 274 -153.97 22.57 6.41
CA ARG Y 274 -152.89 21.58 6.41
C ARG Y 274 -152.49 21.12 7.79
N ILE Y 275 -152.13 19.84 7.96
CA ILE Y 275 -151.61 19.39 9.25
C ILE Y 275 -150.22 19.97 9.31
N PRO Y 276 -149.83 20.59 10.44
CA PRO Y 276 -148.48 21.17 10.42
C PRO Y 276 -147.38 20.12 10.48
N SER Y 277 -146.15 20.61 10.34
CA SER Y 277 -144.97 19.77 10.30
C SER Y 277 -143.99 20.22 11.38
N ALA Y 278 -142.79 19.69 11.40
CA ALA Y 278 -141.89 19.97 12.51
C ALA Y 278 -141.70 21.46 12.65
N VAL Y 279 -141.74 21.90 13.91
CA VAL Y 279 -141.60 23.31 14.32
C VAL Y 279 -142.79 24.16 13.86
N GLY Y 280 -143.85 23.49 13.39
CA GLY Y 280 -145.06 24.19 12.94
C GLY Y 280 -144.95 24.87 11.58
N TYR Y 281 -144.18 24.26 10.69
CA TYR Y 281 -144.06 24.69 9.29
C TYR Y 281 -145.00 23.92 8.37
N GLN Y 282 -145.52 24.62 7.37
CA GLN Y 282 -146.16 23.99 6.23
C GLN Y 282 -145.41 22.74 5.74
N PRO Y 283 -146.14 21.65 5.52
CA PRO Y 283 -145.61 20.34 5.20
C PRO Y 283 -144.92 20.34 3.86
N THR Y 284 -145.12 21.44 3.12
CA THR Y 284 -144.62 21.61 1.76
C THR Y 284 -143.36 22.48 1.72
N LEU Y 285 -142.84 22.85 2.89
CA LEU Y 285 -141.74 23.82 2.97
C LEU Y 285 -140.54 23.58 2.03
N ALA Y 286 -140.10 22.32 1.90
CA ALA Y 286 -139.04 21.95 0.96
C ALA Y 286 -139.41 22.18 -0.50
N THR Y 287 -140.48 21.57 -1.00
CA THR Y 287 -140.80 21.73 -2.44
C THR Y 287 -141.27 23.13 -2.84
N ASP Y 288 -141.84 23.88 -1.89
CA ASP Y 288 -142.26 25.24 -2.19
C ASP Y 288 -141.03 26.14 -2.32
N MET Y 289 -139.93 25.67 -1.76
CA MET Y 289 -138.71 26.42 -1.83
C MET Y 289 -138.00 25.98 -3.08
N GLY Y 290 -138.06 24.68 -3.39
CA GLY Y 290 -137.45 24.09 -4.58
C GLY Y 290 -138.01 24.69 -5.86
N LEU Y 291 -139.30 24.94 -5.87
CA LEU Y 291 -139.90 25.60 -7.02
C LEU Y 291 -139.34 27.00 -7.20
N LEU Y 292 -139.09 27.70 -6.10
CA LEU Y 292 -138.66 29.10 -6.19
C LEU Y 292 -137.14 29.24 -6.36
N GLN Y 293 -136.40 28.52 -5.52
CA GLN Y 293 -134.96 28.53 -5.58
C GLN Y 293 -134.47 27.97 -6.91
N GLU Y 294 -134.98 26.82 -7.34
CA GLU Y 294 -134.56 26.23 -8.62
C GLU Y 294 -134.76 27.14 -9.83
N ARG Y 295 -135.52 28.22 -9.67
CA ARG Y 295 -135.70 29.20 -10.76
C ARG Y 295 -134.61 30.25 -10.78
N ILE Y 296 -134.04 30.58 -9.62
CA ILE Y 296 -132.99 31.60 -9.56
C ILE Y 296 -131.70 30.91 -9.93
N THR Y 297 -131.27 31.05 -11.17
CA THR Y 297 -130.23 30.17 -11.70
C THR Y 297 -129.58 30.72 -12.98
N THR Y 298 -128.37 30.28 -13.27
CA THR Y 298 -127.78 30.51 -14.58
C THR Y 298 -128.21 29.36 -15.48
N THR Y 299 -128.50 29.71 -16.73
CA THR Y 299 -128.90 28.72 -17.73
C THR Y 299 -128.09 28.97 -18.95
N LYS Y 300 -128.15 28.05 -19.90
CA LYS Y 300 -127.46 28.19 -21.17
C LYS Y 300 -127.84 29.44 -21.98
N LYS Y 301 -128.73 30.28 -21.45
CA LYS Y 301 -129.21 31.45 -22.18
C LYS Y 301 -128.82 32.75 -21.49
N GLY Y 302 -128.35 32.65 -20.26
CA GLY Y 302 -127.94 33.84 -19.54
C GLY Y 302 -127.46 33.55 -18.12
N SER Y 303 -126.41 34.28 -17.74
CA SER Y 303 -125.88 34.19 -16.40
C SER Y 303 -126.73 34.98 -15.40
N VAL Y 304 -126.86 34.42 -14.19
CA VAL Y 304 -127.41 35.18 -13.06
C VAL Y 304 -126.54 34.96 -11.84
N THR Y 305 -125.96 36.04 -11.31
CA THR Y 305 -125.42 36.00 -9.95
C THR Y 305 -126.48 36.58 -9.08
N SER Y 306 -126.68 35.93 -7.94
CA SER Y 306 -127.69 36.30 -7.00
C SER Y 306 -127.10 36.25 -5.59
N VAL Y 307 -127.29 37.31 -4.83
CA VAL Y 307 -127.06 37.26 -3.40
C VAL Y 307 -128.42 37.22 -2.73
N GLN Y 308 -128.64 36.28 -1.82
CA GLN Y 308 -129.88 36.29 -1.04
C GLN Y 308 -129.59 36.48 0.45
N ALA Y 309 -130.40 37.28 1.10
CA ALA Y 309 -130.25 37.41 2.52
C ALA Y 309 -131.04 36.26 3.16
N VAL Y 310 -130.38 35.46 3.97
CA VAL Y 310 -131.09 34.45 4.75
C VAL Y 310 -131.15 34.86 6.23
N TYR Y 311 -132.38 34.99 6.70
CA TYR Y 311 -132.64 35.07 8.10
C TYR Y 311 -132.66 33.67 8.76
N VAL Y 312 -132.29 33.64 10.04
CA VAL Y 312 -132.16 32.44 10.83
C VAL Y 312 -132.99 32.56 12.13
N PRO Y 313 -134.25 32.06 12.14
CA PRO Y 313 -135.08 32.11 13.33
C PRO Y 313 -134.35 31.73 14.60
N ALA Y 314 -134.59 32.52 15.65
CA ALA Y 314 -134.09 32.27 17.00
C ALA Y 314 -132.61 31.97 17.05
N ASP Y 315 -131.90 32.40 16.01
CA ASP Y 315 -130.45 32.19 15.91
C ASP Y 315 -130.11 30.73 15.76
N ASP Y 316 -131.14 29.87 15.67
CA ASP Y 316 -130.98 28.42 15.40
C ASP Y 316 -130.77 28.11 13.94
N LEU Y 317 -129.55 27.70 13.60
CA LEU Y 317 -129.20 27.27 12.23
C LEU Y 317 -129.89 25.96 11.77
N THR Y 318 -130.36 25.15 12.71
CA THR Y 318 -130.94 23.90 12.31
C THR Y 318 -132.46 24.01 12.14
N ASP Y 319 -133.03 25.19 12.42
CA ASP Y 319 -134.45 25.44 12.13
C ASP Y 319 -134.71 25.00 10.68
N PRO Y 320 -135.89 24.48 10.41
CA PRO Y 320 -136.08 23.82 9.10
C PRO Y 320 -136.13 24.75 7.90
N ALA Y 321 -136.36 26.05 8.12
CA ALA Y 321 -136.22 27.00 7.02
C ALA Y 321 -134.74 27.10 6.54
N PRO Y 322 -133.82 27.65 7.38
CA PRO Y 322 -132.46 27.68 6.82
C PRO Y 322 -131.85 26.27 6.56
N ALA Y 323 -131.99 25.32 7.46
CA ALA Y 323 -131.46 24.02 7.08
C ALA Y 323 -131.71 23.69 5.60
N THR Y 324 -132.91 23.97 5.10
CA THR Y 324 -133.27 23.48 3.78
C THR Y 324 -132.71 24.34 2.67
N THR Y 325 -132.63 25.65 2.92
CA THR Y 325 -131.93 26.59 2.05
C THR Y 325 -130.52 26.11 1.66
N PHE Y 326 -129.60 26.01 2.60
CA PHE Y 326 -128.20 25.69 2.29
C PHE Y 326 -128.02 24.95 0.98
N ALA Y 327 -128.63 23.77 0.85
CA ALA Y 327 -128.47 22.91 -0.32
C ALA Y 327 -128.83 23.59 -1.64
N HIS Y 328 -129.21 24.86 -1.59
CA HIS Y 328 -129.57 25.58 -2.78
C HIS Y 328 -128.52 26.59 -3.16
N LEU Y 329 -127.49 26.71 -2.34
CA LEU Y 329 -126.50 27.74 -2.59
C LEU Y 329 -125.16 27.18 -3.04
N ASP Y 330 -124.32 28.09 -3.55
CA ASP Y 330 -123.03 27.80 -4.18
C ASP Y 330 -121.89 28.31 -3.34
N ALA Y 331 -122.22 29.32 -2.53
CA ALA Y 331 -121.37 29.89 -1.49
C ALA Y 331 -122.30 30.31 -0.36
N THR Y 332 -121.92 29.93 0.84
CA THR Y 332 -122.76 30.16 2.00
C THR Y 332 -121.91 30.91 3.00
N THR Y 333 -122.34 32.11 3.40
CA THR Y 333 -121.56 32.86 4.41
C THR Y 333 -122.38 33.37 5.60
N VAL Y 334 -122.05 32.79 6.75
CA VAL Y 334 -122.83 32.86 7.97
C VAL Y 334 -122.41 33.99 8.93
N LEU Y 335 -123.38 34.70 9.48
CA LEU Y 335 -123.06 35.66 10.54
C LEU Y 335 -123.43 35.15 11.94
N SER Y 336 -122.38 35.06 12.76
CA SER Y 336 -122.43 34.78 14.18
C SER Y 336 -122.79 36.03 15.03
N ARG Y 337 -123.75 35.89 15.93
CA ARG Y 337 -124.07 36.96 16.87
C ARG Y 337 -122.86 37.22 17.75
N GLY Y 338 -122.36 36.15 18.38
CA GLY Y 338 -121.14 36.22 19.20
C GLY Y 338 -120.00 37.02 18.58
N ILE Y 339 -119.74 36.79 17.29
CA ILE Y 339 -118.64 37.43 16.61
C ILE Y 339 -118.86 38.92 16.54
N SER Y 340 -120.12 39.35 16.32
CA SER Y 340 -120.47 40.78 16.30
C SER Y 340 -120.37 41.41 17.69
N GLU Y 341 -120.64 40.60 18.70
CA GLU Y 341 -120.50 41.05 20.07
C GLU Y 341 -119.04 41.17 20.43
N LEU Y 342 -118.16 40.61 19.59
CA LEU Y 342 -116.73 40.86 19.71
C LEU Y 342 -116.36 42.15 18.99
N GLY Y 343 -117.33 42.69 18.24
CA GLY Y 343 -117.14 43.91 17.45
C GLY Y 343 -116.41 43.61 16.16
N ILE Y 344 -116.33 42.32 15.82
CA ILE Y 344 -115.75 41.89 14.56
C ILE Y 344 -116.80 42.00 13.45
N TYR Y 345 -116.48 42.78 12.42
CA TYR Y 345 -117.37 42.99 11.27
C TYR Y 345 -116.53 43.01 10.02
N PRO Y 346 -116.97 42.31 8.97
CA PRO Y 346 -118.24 41.60 8.95
C PRO Y 346 -118.14 40.45 9.93
N ALA Y 347 -119.24 40.18 10.62
CA ALA Y 347 -119.24 39.17 11.68
C ALA Y 347 -119.37 37.74 11.15
N VAL Y 348 -118.58 37.42 10.11
CA VAL Y 348 -118.63 36.13 9.40
C VAL Y 348 -118.11 35.00 10.29
N ASP Y 349 -118.55 33.77 10.02
CA ASP Y 349 -117.96 32.65 10.69
C ASP Y 349 -116.89 32.03 9.81
N PRO Y 350 -115.64 32.30 10.15
CA PRO Y 350 -114.53 31.83 9.33
C PRO Y 350 -114.51 30.31 9.18
N LEU Y 351 -115.27 29.63 10.03
CA LEU Y 351 -115.24 28.18 10.07
C LEU Y 351 -116.51 27.56 9.56
N ASP Y 352 -117.55 28.36 9.34
CA ASP Y 352 -118.82 27.80 8.92
C ASP Y 352 -119.17 28.20 7.50
N SER Y 353 -118.33 29.05 6.94
CA SER Y 353 -118.63 29.62 5.65
C SER Y 353 -117.99 28.73 4.60
N LYS Y 354 -118.70 28.58 3.50
CA LYS Y 354 -118.27 27.65 2.49
C LYS Y 354 -118.57 28.17 1.11
N SER Y 355 -117.93 27.54 0.15
CA SER Y 355 -118.01 27.90 -1.26
C SER Y 355 -117.48 26.73 -2.04
N ARG Y 356 -118.00 26.53 -3.23
CA ARG Y 356 -117.59 25.44 -4.09
C ARG Y 356 -116.27 25.81 -4.75
N LEU Y 357 -115.98 27.11 -4.80
CA LEU Y 357 -114.85 27.70 -5.50
C LEU Y 357 -113.48 27.67 -4.81
N LEU Y 358 -113.46 27.52 -3.49
CA LEU Y 358 -112.21 27.26 -2.80
C LEU Y 358 -111.73 25.86 -3.17
N ASP Y 359 -111.08 25.78 -4.33
CA ASP Y 359 -110.45 24.57 -4.84
C ASP Y 359 -109.16 25.02 -5.61
N ALA Y 360 -108.06 24.29 -5.41
CA ALA Y 360 -106.78 24.61 -6.05
C ALA Y 360 -106.92 24.79 -7.58
N ALA Y 361 -107.78 23.96 -8.17
CA ALA Y 361 -108.06 24.04 -9.59
C ALA Y 361 -108.65 25.40 -9.98
N VAL Y 362 -109.19 26.11 -8.99
CA VAL Y 362 -109.79 27.42 -9.24
C VAL Y 362 -108.98 28.56 -8.61
N VAL Y 363 -108.68 28.49 -7.34
CA VAL Y 363 -107.95 29.57 -6.69
C VAL Y 363 -106.44 29.34 -6.70
N GLY Y 364 -106.02 28.09 -6.84
CA GLY Y 364 -104.60 27.81 -6.99
C GLY Y 364 -103.90 27.45 -5.69
N GLN Y 365 -102.89 26.61 -5.81
CA GLN Y 365 -102.34 25.92 -4.64
C GLN Y 365 -102.09 26.82 -3.44
N GLU Y 366 -101.59 28.02 -3.68
CA GLU Y 366 -101.20 28.92 -2.59
C GLU Y 366 -102.40 29.48 -1.84
N HIS Y 367 -103.35 30.05 -2.57
CA HIS Y 367 -104.54 30.60 -1.98
C HIS Y 367 -105.27 29.46 -1.29
N TYR Y 368 -105.23 28.28 -1.92
CA TYR Y 368 -105.78 27.08 -1.34
C TYR Y 368 -105.17 26.79 0.02
N ASP Y 369 -103.83 26.84 0.09
CA ASP Y 369 -103.08 26.47 1.29
C ASP Y 369 -103.04 27.55 2.35
N VAL Y 370 -102.94 28.81 1.94
CA VAL Y 370 -103.06 29.93 2.88
C VAL Y 370 -104.41 29.85 3.60
N ALA Y 371 -105.43 29.40 2.88
CA ALA Y 371 -106.76 29.15 3.44
C ALA Y 371 -106.77 28.04 4.51
N SER Y 372 -106.44 26.81 4.11
CA SER Y 372 -106.45 25.64 5.01
C SER Y 372 -105.72 25.94 6.32
N LYS Y 373 -104.47 26.40 6.20
CA LYS Y 373 -103.60 26.70 7.32
C LYS Y 373 -104.21 27.78 8.23
N VAL Y 374 -104.81 28.81 7.64
CA VAL Y 374 -105.62 29.77 8.41
C VAL Y 374 -106.72 29.05 9.20
N GLN Y 375 -107.45 28.15 8.53
CA GLN Y 375 -108.52 27.41 9.20
C GLN Y 375 -108.02 26.50 10.32
N GLU Y 376 -106.97 25.73 10.07
CA GLU Y 376 -106.38 24.89 11.12
C GLU Y 376 -106.07 25.75 12.33
N THR Y 377 -105.46 26.91 12.10
CA THR Y 377 -105.12 27.83 13.17
C THR Y 377 -106.37 28.21 13.95
N LEU Y 378 -107.36 28.74 13.25
CA LEU Y 378 -108.63 29.10 13.89
C LEU Y 378 -109.34 27.92 14.59
N GLN Y 379 -109.29 26.73 13.99
CA GLN Y 379 -109.96 25.55 14.54
C GLN Y 379 -109.31 25.10 15.83
N THR Y 380 -107.99 25.28 15.91
CA THR Y 380 -107.21 24.97 17.10
C THR Y 380 -107.56 25.93 18.23
N TYR Y 381 -107.48 27.23 17.97
CA TYR Y 381 -107.98 28.21 18.91
C TYR Y 381 -109.35 27.80 19.47
N LYS Y 382 -110.22 27.34 18.57
CA LYS Y 382 -111.55 26.93 18.93
C LYS Y 382 -111.50 25.72 19.84
N SER Y 383 -110.70 24.72 19.50
CA SER Y 383 -110.60 23.53 20.36
C SER Y 383 -110.22 23.84 21.81
N LEU Y 384 -109.39 24.87 21.99
CA LEU Y 384 -108.87 25.25 23.31
C LEU Y 384 -109.78 26.20 24.07
N GLN Y 385 -110.82 26.71 23.41
CA GLN Y 385 -111.69 27.69 24.05
C GLN Y 385 -112.06 27.32 25.50
N ASP Y 386 -112.09 26.02 25.79
CA ASP Y 386 -112.47 25.54 27.13
C ASP Y 386 -111.36 25.62 28.18
N ILE Y 387 -110.19 25.08 27.86
CA ILE Y 387 -109.06 25.17 28.76
C ILE Y 387 -108.76 26.64 29.08
N ILE Y 388 -108.67 27.48 28.05
CA ILE Y 388 -108.44 28.91 28.26
C ILE Y 388 -109.55 29.57 29.10
N ALA Y 389 -110.78 29.06 28.95
CA ALA Y 389 -111.92 29.58 29.72
C ALA Y 389 -111.78 29.31 31.22
N ILE Y 390 -111.23 28.14 31.57
CA ILE Y 390 -111.05 27.77 32.98
C ILE Y 390 -109.63 28.01 33.49
N LEU Y 391 -108.65 27.47 32.78
CA LEU Y 391 -107.25 27.55 33.19
C LEU Y 391 -106.56 28.80 32.68
N GLY Y 392 -107.09 29.36 31.59
CA GLY Y 392 -106.45 30.49 30.93
C GLY Y 392 -105.23 30.05 30.17
N MET Y 393 -104.45 31.04 29.74
CA MET Y 393 -103.35 30.84 28.81
C MET Y 393 -102.15 30.10 29.40
N ASP Y 394 -101.85 30.38 30.66
CA ASP Y 394 -100.64 29.87 31.31
C ASP Y 394 -100.52 28.35 31.31
N GLU Y 395 -101.62 27.65 31.07
CA GLU Y 395 -101.59 26.20 31.12
C GLU Y 395 -101.39 25.56 29.76
N LEU Y 396 -101.47 26.38 28.72
CA LEU Y 396 -101.17 25.92 27.37
C LEU Y 396 -99.70 25.69 27.21
N SER Y 397 -99.35 24.80 26.29
CA SER Y 397 -97.95 24.54 25.98
C SER Y 397 -97.33 25.72 25.21
N GLU Y 398 -96.22 25.48 24.53
CA GLU Y 398 -95.58 26.56 23.83
C GLU Y 398 -96.14 26.71 22.43
N GLN Y 399 -96.18 25.61 21.69
CA GLN Y 399 -96.78 25.60 20.35
C GLN Y 399 -98.23 26.05 20.35
N ASP Y 400 -99.01 25.53 21.30
CA ASP Y 400 -100.39 25.95 21.49
C ASP Y 400 -100.46 27.45 21.71
N LYS Y 401 -99.65 27.95 22.64
CA LYS Y 401 -99.68 29.34 23.05
C LYS Y 401 -99.54 30.26 21.86
N LEU Y 402 -98.57 29.98 20.99
CA LEU Y 402 -98.34 30.75 19.77
C LEU Y 402 -99.58 30.78 18.85
N THR Y 403 -100.07 29.59 18.48
CA THR Y 403 -101.25 29.42 17.65
C THR Y 403 -102.37 30.37 18.09
N VAL Y 404 -102.61 30.44 19.39
CA VAL Y 404 -103.65 31.29 19.95
C VAL Y 404 -103.37 32.77 19.67
N GLU Y 405 -102.17 33.23 20.00
CA GLU Y 405 -101.84 34.62 19.75
C GLU Y 405 -101.95 34.94 18.26
N ARG Y 406 -101.62 33.95 17.43
CA ARG Y 406 -101.66 34.08 15.97
C ARG Y 406 -103.09 34.06 15.44
N ALA Y 407 -103.87 33.09 15.94
CA ALA Y 407 -105.27 32.95 15.60
C ALA Y 407 -106.03 34.21 16.00
N ARG Y 408 -105.82 34.70 17.22
CA ARG Y 408 -106.43 35.95 17.65
C ARG Y 408 -106.05 37.13 16.74
N LYS Y 409 -104.87 37.07 16.13
CA LYS Y 409 -104.47 38.08 15.13
C LYS Y 409 -105.19 37.84 13.81
N ILE Y 410 -105.12 36.61 13.30
CA ILE Y 410 -105.84 36.25 12.08
C ILE Y 410 -107.32 36.65 12.22
N GLN Y 411 -107.85 36.47 13.42
CA GLN Y 411 -109.26 36.67 13.66
C GLN Y 411 -109.59 38.13 13.50
N ARG Y 412 -108.81 38.98 14.16
CA ARG Y 412 -108.99 40.45 14.09
C ARG Y 412 -108.72 40.98 12.70
N PHE Y 413 -107.80 40.30 11.99
CA PHE Y 413 -107.44 40.72 10.64
C PHE Y 413 -108.53 40.42 9.63
N LEU Y 414 -109.37 39.41 9.91
CA LEU Y 414 -110.50 39.07 9.06
C LEU Y 414 -111.60 40.12 9.05
N SER Y 415 -111.67 40.92 10.12
CA SER Y 415 -112.52 42.13 10.19
C SER Y 415 -112.04 43.21 9.25
N GLN Y 416 -112.99 43.91 8.65
CA GLN Y 416 -112.69 44.90 7.61
C GLN Y 416 -113.66 46.08 7.69
N PRO Y 417 -113.13 47.31 7.69
CA PRO Y 417 -114.04 48.46 7.62
C PRO Y 417 -114.81 48.50 6.29
N PHE Y 418 -116.12 48.67 6.38
CA PHE Y 418 -116.97 48.79 5.21
C PHE Y 418 -117.37 50.26 5.03
N ALA Y 419 -117.28 50.74 3.79
CA ALA Y 419 -117.67 52.11 3.45
C ALA Y 419 -119.14 52.41 3.82
N VAL Y 420 -120.01 51.45 3.51
CA VAL Y 420 -121.46 51.58 3.78
C VAL Y 420 -121.78 51.62 5.28
N ALA Y 421 -120.91 51.01 6.06
CA ALA Y 421 -121.11 50.88 7.51
C ALA Y 421 -120.33 51.94 8.26
N GLU Y 422 -119.90 52.96 7.51
CA GLU Y 422 -119.05 54.02 8.06
C GLU Y 422 -119.68 54.68 9.28
N VAL Y 423 -121.00 54.87 9.22
CA VAL Y 423 -121.72 55.47 10.35
C VAL Y 423 -121.85 54.53 11.55
N PHE Y 424 -120.85 53.68 11.74
CA PHE Y 424 -120.85 52.67 12.82
C PHE Y 424 -119.43 52.38 13.31
N THR Y 425 -118.47 52.47 12.40
CA THR Y 425 -117.07 52.39 12.76
C THR Y 425 -116.62 53.82 13.02
N GLY Y 426 -116.83 54.66 12.02
CA GLY Y 426 -116.27 55.98 12.01
C GLY Y 426 -115.13 56.01 11.01
N ILE Y 427 -114.35 54.92 10.96
CA ILE Y 427 -113.23 54.83 10.02
C ILE Y 427 -113.75 54.63 8.59
N PRO Y 428 -113.31 55.50 7.64
CA PRO Y 428 -113.67 55.34 6.23
C PRO Y 428 -113.31 53.93 5.74
N GLY Y 429 -114.25 53.30 5.03
CA GLY Y 429 -114.17 51.87 4.69
C GLY Y 429 -113.09 51.51 3.68
N LYS Y 430 -112.66 50.25 3.71
CA LYS Y 430 -111.59 49.77 2.85
C LYS Y 430 -112.01 48.57 2.02
N LEU Y 431 -111.41 48.45 0.84
CA LEU Y 431 -111.62 47.31 -0.03
C LEU Y 431 -110.25 46.71 -0.32
N VAL Y 432 -109.99 45.49 0.13
CA VAL Y 432 -108.72 44.82 -0.18
C VAL Y 432 -108.94 43.96 -1.44
N ARG Y 433 -107.88 43.61 -2.15
CA ARG Y 433 -108.01 42.76 -3.34
C ARG Y 433 -107.69 41.31 -2.99
N LEU Y 434 -108.04 40.38 -3.88
CA LEU Y 434 -107.80 38.95 -3.67
C LEU Y 434 -106.32 38.58 -3.51
N LYS Y 435 -105.49 39.02 -4.46
CA LYS Y 435 -104.03 38.78 -4.41
C LYS Y 435 -103.43 39.45 -3.19
N ASP Y 436 -104.05 40.55 -2.81
CA ASP Y 436 -103.63 41.38 -1.69
C ASP Y 436 -103.83 40.64 -0.38
N THR Y 437 -105.03 40.06 -0.24
CA THR Y 437 -105.47 39.35 0.95
C THR Y 437 -104.61 38.12 1.21
N VAL Y 438 -104.40 37.31 0.17
CA VAL Y 438 -103.70 36.04 0.30
C VAL Y 438 -102.28 36.27 0.78
N ALA Y 439 -101.56 37.15 0.10
CA ALA Y 439 -100.21 37.49 0.51
C ALA Y 439 -100.22 37.91 1.98
N SER Y 440 -100.99 38.95 2.28
CA SER Y 440 -101.15 39.45 3.64
C SER Y 440 -101.26 38.32 4.68
N PHE Y 441 -102.20 37.39 4.47
CA PHE Y 441 -102.41 36.33 5.44
C PHE Y 441 -101.26 35.33 5.52
N LYS Y 442 -100.68 35.02 4.37
CA LYS Y 442 -99.53 34.12 4.25
C LYS Y 442 -98.37 34.59 5.10
N ALA Y 443 -98.11 35.90 5.05
CA ALA Y 443 -97.04 36.54 5.81
C ALA Y 443 -97.26 36.35 7.31
N VAL Y 444 -98.50 36.56 7.75
CA VAL Y 444 -98.87 36.40 9.16
C VAL Y 444 -98.71 34.95 9.60
N LEU Y 445 -99.04 34.02 8.70
CA LEU Y 445 -98.94 32.59 8.96
C LEU Y 445 -97.50 32.08 8.88
N GLU Y 446 -96.62 32.92 8.35
CA GLU Y 446 -95.18 32.67 8.42
C GLU Y 446 -94.57 33.47 9.57
N GLY Y 447 -95.46 33.99 10.43
CA GLY Y 447 -95.09 34.69 11.65
C GLY Y 447 -94.31 35.96 11.42
N LYS Y 448 -94.40 36.49 10.21
CA LYS Y 448 -93.60 37.63 9.85
C LYS Y 448 -94.08 38.90 10.52
N TYR Y 449 -95.04 38.79 11.44
CA TYR Y 449 -95.60 39.97 12.10
C TYR Y 449 -95.86 39.75 13.58
N ASP Y 450 -95.53 38.55 14.06
CA ASP Y 450 -95.72 38.15 15.45
C ASP Y 450 -95.45 39.26 16.46
N ASN Y 451 -94.47 40.08 16.15
CA ASN Y 451 -94.03 41.17 17.02
C ASN Y 451 -94.93 42.41 16.97
N ILE Y 452 -96.20 42.25 16.59
CA ILE Y 452 -97.10 43.39 16.44
C ILE Y 452 -98.32 43.25 17.36
N PRO Y 453 -98.67 44.31 18.12
CA PRO Y 453 -99.80 44.18 19.04
C PRO Y 453 -101.09 43.77 18.32
N GLU Y 454 -101.73 42.70 18.83
CA GLU Y 454 -102.98 42.18 18.29
C GLU Y 454 -103.95 43.23 17.79
N HIS Y 455 -103.98 44.39 18.45
CA HIS Y 455 -104.92 45.43 18.12
C HIS Y 455 -104.70 45.99 16.71
N ALA Y 456 -103.46 45.97 16.26
CA ALA Y 456 -103.14 46.53 14.96
C ALA Y 456 -103.92 45.84 13.84
N PHE Y 457 -104.10 44.53 13.99
CA PHE Y 457 -104.83 43.74 13.00
C PHE Y 457 -106.32 44.02 12.93
N TYR Y 458 -106.84 44.74 13.93
CA TYR Y 458 -108.26 44.99 14.01
C TYR Y 458 -108.72 46.17 13.17
N MET Y 459 -109.65 45.88 12.27
CA MET Y 459 -110.41 46.89 11.55
C MET Y 459 -109.51 47.84 10.77
N VAL Y 460 -108.85 47.27 9.77
CA VAL Y 460 -107.97 47.99 8.87
C VAL Y 460 -108.01 47.18 7.56
N GLY Y 461 -107.36 47.70 6.51
CA GLY Y 461 -107.41 47.04 5.21
C GLY Y 461 -106.47 45.86 5.07
N GLY Y 462 -105.49 46.00 4.18
CA GLY Y 462 -104.49 44.97 3.92
C GLY Y 462 -103.30 45.09 4.86
N ILE Y 463 -102.30 44.26 4.60
CA ILE Y 463 -101.16 44.13 5.50
C ILE Y 463 -100.38 45.46 5.72
N GLU Y 464 -100.41 46.35 4.72
CA GLU Y 464 -99.80 47.68 4.82
C GLU Y 464 -100.39 48.54 5.93
N ASP Y 465 -101.70 48.37 6.13
CA ASP Y 465 -102.48 49.14 7.10
C ASP Y 465 -102.16 48.69 8.50
N VAL Y 466 -101.70 47.44 8.62
CA VAL Y 466 -101.33 46.88 9.92
C VAL Y 466 -100.04 47.54 10.40
N VAL Y 467 -99.05 47.62 9.51
CA VAL Y 467 -97.75 48.21 9.85
C VAL Y 467 -97.91 49.70 10.13
N ALA Y 468 -98.91 50.31 9.49
CA ALA Y 468 -99.23 51.71 9.71
C ALA Y 468 -99.74 51.94 11.13
N LYS Y 469 -100.91 51.37 11.43
CA LYS Y 469 -101.58 51.47 12.74
C LYS Y 469 -100.69 51.08 13.93
N ALA Y 470 -99.78 50.14 13.71
CA ALA Y 470 -98.86 49.68 14.75
C ALA Y 470 -97.78 50.71 15.03
N GLU Y 471 -97.37 51.44 14.00
CA GLU Y 471 -96.44 52.55 14.17
C GLU Y 471 -97.15 53.73 14.82
N LYS Y 472 -98.41 53.94 14.45
CA LYS Y 472 -99.23 55.00 15.03
C LYS Y 472 -99.38 54.80 16.54
N LEU Y 473 -99.71 53.56 16.93
CA LEU Y 473 -99.92 53.23 18.32
C LEU Y 473 -98.61 53.15 19.11
N ALA Y 474 -97.54 52.66 18.47
CA ALA Y 474 -96.21 52.67 19.09
C ALA Y 474 -95.68 54.10 19.15
N ALA Y 475 -96.62 55.05 19.17
CA ALA Y 475 -96.37 56.45 19.43
C ALA Y 475 -97.66 56.98 20.07
N ALA Z 1 -126.56 20.93 21.12
CA ALA Z 1 -127.26 21.56 22.29
C ALA Z 1 -128.48 20.74 22.73
N THR Z 2 -128.40 19.42 22.56
CA THR Z 2 -129.43 18.50 23.05
C THR Z 2 -129.44 18.51 24.59
N LEU Z 3 -130.40 17.84 25.21
CA LEU Z 3 -130.51 17.84 26.68
C LEU Z 3 -129.51 16.85 27.28
N LYS Z 4 -129.43 15.67 26.67
CA LYS Z 4 -128.49 14.59 27.03
C LYS Z 4 -127.09 15.15 27.22
N GLU Z 5 -126.62 15.86 26.20
CA GLU Z 5 -125.31 16.49 26.21
C GLU Z 5 -125.23 17.49 27.35
N VAL Z 6 -125.97 18.59 27.23
CA VAL Z 6 -125.88 19.70 28.17
C VAL Z 6 -125.82 19.26 29.61
N GLU Z 7 -126.60 18.24 29.93
CA GLU Z 7 -126.61 17.65 31.28
C GLU Z 7 -125.21 17.19 31.67
N MET Z 8 -124.67 16.22 30.93
CA MET Z 8 -123.37 15.63 31.24
C MET Z 8 -122.23 16.66 31.13
N ARG Z 9 -122.34 17.53 30.13
CA ARG Z 9 -121.46 18.70 30.02
C ARG Z 9 -121.40 19.46 31.34
N LEU Z 10 -122.58 19.80 31.86
CA LEU Z 10 -122.71 20.56 33.11
C LEU Z 10 -122.20 19.76 34.31
N LYS Z 11 -122.30 18.44 34.25
CA LYS Z 11 -121.82 17.61 35.33
C LYS Z 11 -120.31 17.77 35.44
N SER Z 12 -119.62 17.43 34.37
CA SER Z 12 -118.16 17.33 34.36
C SER Z 12 -117.47 18.65 34.73
N ILE Z 13 -118.22 19.75 34.65
CA ILE Z 13 -117.72 21.04 35.11
C ILE Z 13 -117.87 21.17 36.63
N LYS Z 14 -119.02 20.79 37.15
CA LYS Z 14 -119.23 20.70 38.60
C LYS Z 14 -118.13 19.84 39.25
N ASN Z 15 -117.84 18.71 38.60
CA ASN Z 15 -116.81 17.77 38.99
C ASN Z 15 -115.41 18.36 38.91
N ILE Z 16 -115.18 19.19 37.90
CA ILE Z 16 -113.96 20.01 37.82
C ILE Z 16 -113.89 21.08 38.92
N GLU Z 17 -114.98 21.82 39.10
CA GLU Z 17 -114.98 22.88 40.11
C GLU Z 17 -114.72 22.32 41.49
N LYS Z 18 -115.16 21.09 41.72
CA LYS Z 18 -114.90 20.40 42.97
C LYS Z 18 -113.40 20.25 43.15
N ILE Z 19 -112.76 19.62 42.18
CA ILE Z 19 -111.34 19.30 42.24
C ILE Z 19 -110.49 20.55 42.42
N THR Z 20 -110.80 21.57 41.64
CA THR Z 20 -110.09 22.82 41.74
C THR Z 20 -110.26 23.48 43.11
N LYS Z 21 -111.41 23.30 43.73
CA LYS Z 21 -111.61 23.91 45.04
C LYS Z 21 -110.92 23.13 46.14
N THR Z 22 -110.84 21.82 45.97
CA THR Z 22 -109.99 20.97 46.81
C THR Z 22 -108.53 21.42 46.67
N MET Z 23 -108.06 21.52 45.42
CA MET Z 23 -106.70 21.97 45.13
C MET Z 23 -106.29 23.19 45.93
N LYS Z 24 -107.13 24.24 45.84
CA LYS Z 24 -106.90 25.53 46.50
C LYS Z 24 -106.68 25.40 48.01
N ILE Z 25 -107.65 24.78 48.68
CA ILE Z 25 -107.59 24.56 50.13
C ILE Z 25 -106.40 23.68 50.52
N VAL Z 26 -106.05 22.71 49.67
CA VAL Z 26 -104.90 21.84 49.94
C VAL Z 26 -103.57 22.60 49.85
N ALA Z 27 -103.50 23.56 48.93
CA ALA Z 27 -102.33 24.41 48.80
C ALA Z 27 -102.21 25.32 50.01
N SER Z 28 -103.34 25.83 50.49
CA SER Z 28 -103.36 26.69 51.67
C SER Z 28 -102.62 26.06 52.85
N THR Z 29 -102.90 24.77 53.12
CA THR Z 29 -102.22 24.04 54.20
C THR Z 29 -100.76 23.71 53.88
N ARG Z 30 -100.47 23.52 52.60
CA ARG Z 30 -99.14 23.14 52.14
C ARG Z 30 -98.18 24.34 52.14
N LEU Z 31 -98.74 25.53 51.93
CA LEU Z 31 -98.00 26.77 52.00
C LEU Z 31 -97.69 27.15 53.43
N SER Z 32 -98.52 26.72 54.37
CA SER Z 32 -98.25 26.93 55.79
C SER Z 32 -97.05 26.09 56.23
N LYS Z 33 -97.00 24.85 55.73
CA LYS Z 33 -95.92 23.88 56.00
C LYS Z 33 -94.58 24.31 55.37
N ALA Z 34 -94.64 24.86 54.16
CA ALA Z 34 -93.45 25.35 53.45
C ALA Z 34 -93.14 26.81 53.78
N GLU Z 35 -93.93 27.42 54.66
CA GLU Z 35 -93.64 28.76 55.18
C GLU Z 35 -92.53 28.70 56.22
N LYS Z 36 -92.54 27.65 57.03
CA LYS Z 36 -91.59 27.51 58.12
C LYS Z 36 -90.21 27.05 57.64
N ALA Z 37 -90.17 26.35 56.50
CA ALA Z 37 -88.91 25.93 55.86
C ALA Z 37 -88.30 27.02 54.96
N LYS Z 38 -89.03 28.11 54.78
CA LYS Z 38 -88.54 29.26 54.04
C LYS Z 38 -88.08 30.34 55.02
N ILE Z 39 -88.31 30.10 56.32
CA ILE Z 39 -87.79 30.97 57.37
C ILE Z 39 -86.55 30.33 58.00
N SER Z 40 -86.54 29.01 58.03
CA SER Z 40 -85.41 28.26 58.58
C SER Z 40 -84.28 28.06 57.56
N ALA Z 41 -84.56 28.32 56.28
CA ALA Z 41 -83.53 28.28 55.24
C ALA Z 41 -82.98 29.67 54.90
N LYS Z 42 -83.86 30.67 54.92
CA LYS Z 42 -83.45 32.06 54.67
C LYS Z 42 -82.78 32.69 55.88
N LYS Z 43 -82.73 31.95 56.98
CA LYS Z 43 -81.99 32.34 58.18
C LYS Z 43 -80.59 31.72 58.21
N MET Z 44 -80.49 30.49 57.71
CA MET Z 44 -79.21 29.80 57.57
C MET Z 44 -78.47 30.39 56.40
N ASP Z 45 -79.19 31.13 55.57
CA ASP Z 45 -78.60 31.93 54.51
C ASP Z 45 -77.94 33.17 55.12
N GLU Z 46 -78.40 33.54 56.32
CA GLU Z 46 -77.86 34.70 57.03
C GLU Z 46 -76.48 34.43 57.61
N ALA Z 47 -76.40 33.44 58.49
CA ALA Z 47 -75.15 33.04 59.15
C ALA Z 47 -74.08 32.67 58.13
N GLU Z 48 -74.48 31.95 57.08
CA GLU Z 48 -73.57 31.56 56.02
C GLU Z 48 -73.01 32.78 55.32
N GLN Z 49 -73.89 33.48 54.60
CA GLN Z 49 -73.47 34.49 53.64
C GLN Z 49 -72.86 35.78 54.25
N LEU Z 50 -73.02 35.96 55.57
CA LEU Z 50 -72.46 37.13 56.24
C LEU Z 50 -70.94 37.17 56.13
N PHE Z 51 -70.30 36.01 56.26
CA PHE Z 51 -68.85 35.92 56.06
C PHE Z 51 -68.48 36.56 54.72
N TYR Z 52 -69.30 36.28 53.70
CA TYR Z 52 -69.09 36.78 52.35
C TYR Z 52 -69.29 38.28 52.24
N LYS Z 53 -70.18 38.83 53.08
CA LYS Z 53 -70.38 40.29 53.16
C LYS Z 53 -69.15 41.02 53.67
N ASN Z 54 -68.46 40.42 54.63
CA ASN Z 54 -67.25 41.03 55.20
C ASN Z 54 -66.02 40.90 54.30
N ALA Z 55 -65.76 39.69 53.81
CA ALA Z 55 -64.77 39.48 52.75
C ALA Z 55 -65.49 39.50 51.40
N GLU Z 56 -65.69 40.71 50.87
CA GLU Z 56 -66.53 40.89 49.68
C GLU Z 56 -66.00 40.16 48.46
N THR Z 57 -66.54 38.96 48.22
CA THR Z 57 -66.15 38.12 47.08
C THR Z 57 -66.95 38.45 45.81
N LYS Z 58 -66.29 39.06 44.81
CA LYS Z 58 -66.93 39.36 43.52
C LYS Z 58 -66.46 38.36 42.45
N ASN Z 59 -67.43 37.74 41.76
CA ASN Z 59 -67.17 36.66 40.79
C ASN Z 59 -66.35 37.15 39.60
N LYS Z 71 -67.65 29.03 29.65
CA LYS Z 71 -67.74 28.06 30.73
C LYS Z 71 -68.48 28.62 31.95
N GLU Z 72 -69.73 29.01 31.74
CA GLU Z 72 -70.62 29.38 32.84
C GLU Z 72 -71.57 28.22 33.15
N LEU Z 73 -71.84 28.03 34.43
CA LEU Z 73 -72.81 27.04 34.86
C LEU Z 73 -74.02 27.73 35.48
N ILE Z 74 -75.13 27.63 34.76
CA ILE Z 74 -76.44 28.08 35.20
C ILE Z 74 -77.22 26.84 35.64
N VAL Z 75 -77.73 26.91 36.86
CA VAL Z 75 -78.61 25.88 37.40
C VAL Z 75 -80.03 26.45 37.44
N ALA Z 76 -80.96 25.76 36.79
CA ALA Z 76 -82.35 26.21 36.75
C ALA Z 76 -83.20 25.39 37.72
N ILE Z 77 -84.04 26.09 38.49
CA ILE Z 77 -84.86 25.45 39.53
C ILE Z 77 -86.37 25.69 39.35
N THR Z 78 -87.13 24.60 39.26
CA THR Z 78 -88.60 24.63 39.40
C THR Z 78 -89.09 23.30 39.92
N SER Z 79 -90.07 22.73 39.23
CA SER Z 79 -90.57 21.40 39.55
C SER Z 79 -91.02 20.69 38.29
N ASP Z 80 -91.67 19.56 38.49
CA ASP Z 80 -92.19 18.74 37.40
C ASP Z 80 -93.68 19.03 37.21
N LYS Z 81 -94.25 19.74 38.17
CA LYS Z 81 -95.69 19.99 38.26
C LYS Z 81 -96.14 21.16 37.38
N GLY Z 82 -97.25 20.98 36.68
CA GLY Z 82 -97.94 22.07 35.99
C GLY Z 82 -99.02 22.63 36.90
N LEU Z 83 -100.10 23.15 36.32
CA LEU Z 83 -101.25 23.63 37.10
C LEU Z 83 -100.90 24.67 38.17
N CYS Z 84 -100.00 25.59 37.85
CA CYS Z 84 -99.56 26.60 38.80
C CYS Z 84 -99.12 27.90 38.11
N GLY Z 85 -99.81 28.27 37.02
CA GLY Z 85 -99.53 29.51 36.30
C GLY Z 85 -98.15 29.56 35.71
N SER Z 86 -97.58 30.75 35.66
CA SER Z 86 -96.39 31.02 34.85
C SER Z 86 -95.05 30.84 35.57
N ILE Z 87 -95.06 30.09 36.66
CA ILE Z 87 -93.85 29.73 37.40
C ILE Z 87 -92.70 29.35 36.48
N HIS Z 88 -92.90 28.32 35.66
CA HIS Z 88 -91.87 27.83 34.75
C HIS Z 88 -91.71 28.71 33.53
N SER Z 89 -92.83 29.24 33.05
CA SER Z 89 -92.83 30.03 31.83
C SER Z 89 -91.96 31.27 31.98
N GLN Z 90 -92.19 32.04 33.04
CA GLN Z 90 -91.45 33.28 33.19
C GLN Z 90 -90.09 33.15 33.88
N LEU Z 91 -89.82 31.99 34.49
CA LEU Z 91 -88.46 31.71 34.94
C LEU Z 91 -87.58 31.34 33.76
N ALA Z 92 -88.13 30.54 32.82
CA ALA Z 92 -87.41 30.17 31.60
C ALA Z 92 -87.07 31.38 30.73
N LYS Z 93 -87.80 32.48 30.91
CA LYS Z 93 -87.56 33.70 30.13
C LYS Z 93 -86.38 34.54 30.64
N ALA Z 94 -86.30 34.69 31.98
CA ALA Z 94 -85.16 35.36 32.62
C ALA Z 94 -83.87 34.56 32.43
N VAL Z 95 -84.02 33.24 32.27
CA VAL Z 95 -82.90 32.35 31.96
C VAL Z 95 -82.45 32.47 30.51
N ARG Z 96 -83.33 32.91 29.63
CA ARG Z 96 -82.95 33.18 28.24
C ARG Z 96 -82.49 34.60 28.05
N ARG Z 97 -82.95 35.48 28.94
CA ARG Z 97 -82.54 36.88 28.97
C ARG Z 97 -81.05 36.99 29.33
N HIS Z 98 -80.66 36.15 30.28
CA HIS Z 98 -79.28 36.01 30.72
C HIS Z 98 -78.51 35.04 29.81
N LEU Z 99 -79.23 34.23 29.05
CA LEU Z 99 -78.63 33.28 28.13
C LEU Z 99 -78.42 33.89 26.74
N ASN Z 100 -78.68 35.19 26.64
CA ASN Z 100 -78.30 35.98 25.47
C ASN Z 100 -76.83 36.35 25.54
N ASP Z 101 -76.39 36.77 26.73
CA ASP Z 101 -75.05 37.30 26.92
C ASP Z 101 -73.98 36.21 27.00
N GLN Z 102 -74.42 34.96 27.07
CA GLN Z 102 -73.52 33.83 26.93
C GLN Z 102 -74.29 32.69 26.28
N PRO Z 103 -74.37 32.68 24.94
CA PRO Z 103 -75.12 31.69 24.18
C PRO Z 103 -74.67 30.25 24.47
N ASN Z 104 -73.42 30.10 24.89
CA ASN Z 104 -72.81 28.80 25.12
C ASN Z 104 -72.52 28.48 26.59
N ALA Z 105 -73.51 28.73 27.45
CA ALA Z 105 -73.37 28.44 28.88
C ALA Z 105 -74.14 27.17 29.27
N ASP Z 106 -73.47 26.25 29.96
CA ASP Z 106 -74.07 24.99 30.40
C ASP Z 106 -75.19 25.15 31.43
N ILE Z 107 -76.23 24.33 31.31
CA ILE Z 107 -77.33 24.35 32.26
C ILE Z 107 -77.59 22.98 32.86
N VAL Z 108 -77.79 22.95 34.16
CA VAL Z 108 -78.42 21.80 34.80
C VAL Z 108 -79.78 22.26 35.30
N THR Z 109 -80.81 21.47 35.00
CA THR Z 109 -82.17 21.81 35.35
C THR Z 109 -82.70 20.88 36.42
N ILE Z 110 -83.40 21.47 37.39
CA ILE Z 110 -84.03 20.76 38.48
C ILE Z 110 -85.53 20.96 38.35
N GLY Z 111 -86.25 19.86 38.13
CA GLY Z 111 -87.65 19.92 37.74
C GLY Z 111 -87.75 19.90 36.23
N ASP Z 112 -88.75 19.18 35.71
CA ASP Z 112 -88.88 18.94 34.28
C ASP Z 112 -89.44 20.12 33.51
N LYS Z 113 -90.45 20.78 34.08
CA LYS Z 113 -91.16 21.85 33.41
C LYS Z 113 -90.25 22.96 32.88
N ILE Z 114 -89.17 23.23 33.62
CA ILE Z 114 -88.15 24.18 33.15
C ILE Z 114 -87.29 23.55 32.04
N LYS Z 115 -86.89 22.29 32.24
CA LYS Z 115 -86.12 21.54 31.26
C LYS Z 115 -86.84 21.49 29.91
N MET Z 116 -88.14 21.16 29.96
CA MET Z 116 -89.01 21.15 28.79
C MET Z 116 -88.99 22.51 28.10
N GLN Z 117 -89.07 23.58 28.88
CA GLN Z 117 -89.07 24.95 28.38
C GLN Z 117 -87.79 25.32 27.65
N LEU Z 118 -86.65 25.10 28.30
CA LEU Z 118 -85.38 25.44 27.70
C LEU Z 118 -84.96 24.44 26.62
N LEU Z 119 -85.37 23.19 26.77
CA LEU Z 119 -85.04 22.12 25.82
C LEU Z 119 -85.50 22.49 24.42
N ARG Z 120 -86.50 23.37 24.36
CA ARG Z 120 -87.10 23.82 23.11
C ARG Z 120 -86.37 25.02 22.50
N THR Z 121 -85.55 25.72 23.28
CA THR Z 121 -84.96 27.00 22.85
C THR Z 121 -83.42 27.10 22.89
N HIS Z 122 -82.79 26.50 23.89
CA HIS Z 122 -81.34 26.32 23.91
C HIS Z 122 -81.06 24.82 24.06
N PRO Z 123 -81.41 24.04 23.02
CA PRO Z 123 -81.57 22.59 23.10
C PRO Z 123 -80.27 21.83 23.34
N ASN Z 124 -79.15 22.42 22.91
CA ASN Z 124 -77.84 21.84 23.14
C ASN Z 124 -76.96 22.73 24.05
N ASN Z 125 -77.58 23.25 25.10
CA ASN Z 125 -76.90 23.95 26.19
C ASN Z 125 -76.81 23.05 27.43
N ILE Z 126 -77.89 22.31 27.67
CA ILE Z 126 -78.07 21.51 28.88
C ILE Z 126 -77.28 20.20 28.83
N LYS Z 127 -76.62 19.86 29.93
CA LYS Z 127 -75.82 18.65 29.98
C LYS Z 127 -76.31 17.62 31.00
N LEU Z 128 -77.04 18.07 32.02
CA LEU Z 128 -77.60 17.19 33.06
C LEU Z 128 -78.98 17.67 33.51
N SER Z 129 -79.79 16.73 33.99
CA SER Z 129 -81.13 17.05 34.51
C SER Z 129 -81.62 16.15 35.66
N ILE Z 130 -82.26 16.79 36.63
CA ILE Z 130 -82.79 16.12 37.82
C ILE Z 130 -84.31 16.16 37.81
N ASN Z 131 -84.95 15.18 38.47
CA ASN Z 131 -86.42 15.12 38.57
C ASN Z 131 -86.98 14.41 39.81
N GLY Z 132 -88.27 14.59 40.07
CA GLY Z 132 -88.91 14.12 41.29
C GLY Z 132 -88.57 15.09 42.40
N ILE Z 133 -89.12 16.30 42.30
CA ILE Z 133 -88.71 17.44 43.15
C ILE Z 133 -89.88 18.10 43.89
N GLY Z 134 -90.60 18.98 43.21
CA GLY Z 134 -91.61 19.84 43.83
C GLY Z 134 -92.87 19.13 44.30
N LYS Z 135 -92.66 18.01 44.99
CA LYS Z 135 -93.73 17.21 45.57
C LYS Z 135 -93.84 17.51 47.05
N ASP Z 136 -92.73 17.35 47.77
CA ASP Z 136 -92.64 17.77 49.16
C ASP Z 136 -91.65 18.91 49.30
N ALA Z 137 -91.52 19.46 50.50
CA ALA Z 137 -90.54 20.50 50.74
C ALA Z 137 -89.12 19.94 50.61
N PRO Z 138 -88.24 20.65 49.89
CA PRO Z 138 -86.89 20.13 49.66
C PRO Z 138 -86.05 20.09 50.94
N THR Z 139 -85.17 19.10 51.04
CA THR Z 139 -84.31 18.96 52.21
C THR Z 139 -82.86 19.03 51.79
N PHE Z 140 -82.01 19.37 52.77
CA PHE Z 140 -80.56 19.41 52.56
C PHE Z 140 -80.02 18.12 51.97
N GLN Z 141 -80.59 16.98 52.39
CA GLN Z 141 -80.20 15.68 51.87
C GLN Z 141 -80.18 15.66 50.34
N GLU Z 142 -81.21 16.24 49.73
CA GLU Z 142 -81.27 16.43 48.28
C GLU Z 142 -80.27 17.48 47.86
N SER Z 143 -80.33 18.62 48.55
CA SER Z 143 -79.54 19.80 48.22
C SER Z 143 -78.04 19.49 48.23
N ALA Z 144 -77.68 18.39 48.88
CA ALA Z 144 -76.29 17.94 48.96
C ALA Z 144 -75.97 16.97 47.83
N LEU Z 145 -76.94 16.12 47.51
CA LEU Z 145 -76.77 15.11 46.45
C LEU Z 145 -76.72 15.75 45.08
N ILE Z 146 -77.47 16.83 44.89
CA ILE Z 146 -77.43 17.57 43.65
C ILE Z 146 -76.13 18.37 43.57
N ALA Z 147 -75.75 18.97 44.70
CA ALA Z 147 -74.46 19.67 44.84
C ALA Z 147 -73.31 18.71 44.54
N ASP Z 148 -73.40 17.50 45.11
CA ASP Z 148 -72.45 16.42 44.85
C ASP Z 148 -72.36 16.04 43.38
N LYS Z 149 -73.50 15.84 42.72
CA LYS Z 149 -73.51 15.42 41.32
C LYS Z 149 -73.04 16.55 40.41
N LEU Z 150 -73.34 17.79 40.82
CA LEU Z 150 -72.79 18.99 40.19
C LEU Z 150 -71.27 19.04 40.29
N LEU Z 151 -70.74 18.55 41.41
CA LEU Z 151 -69.30 18.35 41.54
C LEU Z 151 -68.85 17.17 40.67
N SER Z 152 -69.58 16.04 40.80
CA SER Z 152 -69.35 14.80 40.02
C SER Z 152 -69.22 15.01 38.52
N VAL Z 153 -70.31 14.79 37.79
CA VAL Z 153 -70.31 14.80 36.33
C VAL Z 153 -70.07 16.19 35.73
N MET Z 154 -70.63 17.21 36.39
CA MET Z 154 -70.63 18.57 35.87
C MET Z 154 -69.31 19.32 35.98
N LYS Z 155 -68.39 18.82 36.80
CA LYS Z 155 -67.07 19.44 36.98
C LYS Z 155 -67.25 20.86 37.53
N ALA Z 156 -67.88 20.97 38.70
CA ALA Z 156 -68.37 22.26 39.23
C ALA Z 156 -67.32 23.33 39.52
N GLY Z 157 -66.38 23.01 40.40
CA GLY Z 157 -65.33 23.96 40.80
C GLY Z 157 -64.52 24.48 39.63
N THR Z 158 -64.38 23.63 38.60
CA THR Z 158 -63.59 23.96 37.41
C THR Z 158 -64.32 24.94 36.48
N TYR Z 159 -65.35 25.57 37.01
CA TYR Z 159 -66.10 26.56 36.26
C TYR Z 159 -65.74 27.96 36.71
N PRO Z 160 -65.39 28.82 35.74
CA PRO Z 160 -65.18 30.26 35.89
C PRO Z 160 -66.31 30.97 36.64
N LYS Z 161 -67.55 30.51 36.47
CA LYS Z 161 -68.71 31.15 37.07
C LYS Z 161 -69.92 30.20 37.20
N ILE Z 162 -70.68 30.35 38.28
CA ILE Z 162 -71.90 29.57 38.55
C ILE Z 162 -73.02 30.46 39.10
N SER Z 163 -74.20 30.38 38.49
CA SER Z 163 -75.37 31.09 39.00
C SER Z 163 -76.65 30.23 39.04
N ILE Z 164 -77.32 30.26 40.18
CA ILE Z 164 -78.56 29.52 40.37
C ILE Z 164 -79.73 30.43 40.07
N PHE Z 165 -80.67 29.92 39.28
CA PHE Z 165 -81.90 30.63 38.90
C PHE Z 165 -83.14 30.01 39.54
N TYR Z 166 -83.91 30.84 40.22
CA TYR Z 166 -85.02 30.37 41.01
C TYR Z 166 -86.12 31.42 41.03
N ASN Z 167 -87.33 30.98 41.36
CA ASN Z 167 -88.44 31.91 41.60
C ASN Z 167 -88.50 32.35 43.06
N ASP Z 168 -88.17 33.62 43.30
CA ASP Z 168 -88.27 34.22 44.63
C ASP Z 168 -89.72 34.60 44.94
N PRO Z 169 -90.19 34.28 46.16
CA PRO Z 169 -91.55 34.66 46.54
C PRO Z 169 -91.67 36.08 47.13
N VAL Z 170 -92.16 37.05 46.36
CA VAL Z 170 -92.31 38.43 46.90
C VAL Z 170 -93.50 38.61 47.88
N SER Z 171 -94.67 38.09 47.52
CA SER Z 171 -95.82 38.04 48.44
C SER Z 171 -96.45 36.64 48.42
N SER Z 172 -97.78 36.58 48.37
CA SER Z 172 -98.48 35.33 48.06
C SER Z 172 -99.02 35.37 46.63
N LEU Z 173 -99.57 36.54 46.26
CA LEU Z 173 -100.18 36.73 44.93
C LEU Z 173 -99.12 36.79 43.82
N SER Z 174 -97.94 37.32 44.14
CA SER Z 174 -96.87 37.44 43.16
C SER Z 174 -95.54 36.83 43.60
N PHE Z 175 -94.81 36.29 42.61
CA PHE Z 175 -93.45 35.80 42.81
C PHE Z 175 -92.52 36.58 41.89
N GLU Z 176 -91.24 36.20 41.88
CA GLU Z 176 -90.24 36.89 41.09
C GLU Z 176 -89.16 35.95 40.59
N PRO Z 177 -88.94 35.92 39.27
CA PRO Z 177 -87.78 35.20 38.78
C PRO Z 177 -86.53 35.89 39.34
N SER Z 178 -85.62 35.11 39.91
CA SER Z 178 -84.43 35.67 40.53
C SER Z 178 -83.15 34.89 40.22
N GLU Z 179 -82.03 35.58 40.40
CA GLU Z 179 -80.73 34.98 40.21
C GLU Z 179 -79.91 35.21 41.47
N LYS Z 180 -78.95 34.30 41.72
CA LYS Z 180 -77.95 34.50 42.77
C LYS Z 180 -76.61 33.81 42.48
N PRO Z 181 -75.49 34.52 42.77
CA PRO Z 181 -74.15 34.01 42.48
C PRO Z 181 -73.59 33.01 43.48
N ILE Z 182 -73.09 31.89 42.95
CA ILE Z 182 -72.21 30.98 43.69
C ILE Z 182 -70.79 31.40 43.32
N PHE Z 183 -69.90 31.49 44.31
CA PHE Z 183 -68.47 31.75 44.07
C PHE Z 183 -67.65 30.49 44.35
N ASN Z 184 -66.60 30.26 43.57
CA ASN Z 184 -65.76 29.06 43.77
C ASN Z 184 -64.41 29.31 44.47
N ALA Z 185 -63.68 28.22 44.72
CA ALA Z 185 -62.49 28.19 45.57
C ALA Z 185 -61.53 29.35 45.33
N LYS Z 186 -61.18 29.56 44.08
CA LYS Z 186 -60.29 30.64 43.67
C LYS Z 186 -60.88 32.02 44.03
N THR Z 187 -62.17 32.23 43.74
CA THR Z 187 -62.85 33.51 44.00
C THR Z 187 -62.83 33.81 45.49
N ILE Z 188 -62.92 32.76 46.28
CA ILE Z 188 -62.99 32.87 47.72
C ILE Z 188 -61.63 33.33 48.29
N GLU Z 189 -60.54 32.69 47.87
CA GLU Z 189 -59.19 33.11 48.26
C GLU Z 189 -58.91 34.55 47.83
N GLN Z 190 -59.26 34.82 46.57
CA GLN Z 190 -58.95 36.10 45.94
C GLN Z 190 -59.78 37.29 46.44
N SER Z 191 -60.79 37.02 47.27
CA SER Z 191 -61.67 38.09 47.72
C SER Z 191 -60.94 39.12 48.61
N PRO Z 192 -60.98 40.41 48.19
CA PRO Z 192 -60.42 41.58 48.86
C PRO Z 192 -60.12 41.43 50.36
N SER Z 193 -61.14 41.14 51.18
CA SER Z 193 -60.94 41.12 52.63
C SER Z 193 -60.74 39.73 53.24
N PHE Z 194 -60.42 38.74 52.40
CA PHE Z 194 -60.13 37.40 52.87
C PHE Z 194 -59.02 37.44 53.91
N GLY Z 195 -58.13 38.42 53.76
CA GLY Z 195 -57.00 38.66 54.67
C GLY Z 195 -57.39 38.91 56.11
N LYS Z 196 -58.54 39.56 56.32
CA LYS Z 196 -59.05 39.84 57.67
C LYS Z 196 -59.31 38.57 58.47
N PHE Z 197 -59.71 37.51 57.78
CA PHE Z 197 -60.06 36.24 58.43
C PHE Z 197 -58.87 35.31 58.60
N GLU Z 198 -58.45 35.14 59.85
CA GLU Z 198 -57.31 34.29 60.20
C GLU Z 198 -57.61 32.80 60.05
N ILE Z 199 -58.31 32.45 58.96
CA ILE Z 199 -58.52 31.07 58.54
C ILE Z 199 -57.16 30.41 58.31
N ASP Z 200 -56.86 29.39 59.13
CA ASP Z 200 -55.62 28.61 58.98
C ASP Z 200 -55.58 27.91 57.63
N THR Z 201 -54.58 28.24 56.82
CA THR Z 201 -54.38 27.62 55.51
C THR Z 201 -54.15 26.11 55.62
N ASP Z 202 -54.37 25.61 56.84
CA ASP Z 202 -54.34 24.20 57.22
C ASP Z 202 -55.24 23.33 56.29
N ALA Z 203 -54.69 22.96 55.13
CA ALA Z 203 -55.35 22.12 54.11
C ALA Z 203 -56.72 22.62 53.57
N ASN Z 204 -57.02 22.19 52.33
CA ASN Z 204 -58.16 22.66 51.54
C ASN Z 204 -59.30 23.27 52.36
N VAL Z 205 -59.17 24.55 52.67
CA VAL Z 205 -60.17 25.25 53.47
C VAL Z 205 -61.17 26.12 52.70
N PRO Z 206 -60.74 26.75 51.60
CA PRO Z 206 -61.75 27.48 50.83
C PRO Z 206 -62.59 26.53 49.99
N ARG Z 207 -61.98 25.43 49.56
CA ARG Z 207 -62.66 24.38 48.80
C ARG Z 207 -63.94 23.96 49.52
N ASP Z 208 -63.80 23.58 50.79
CA ASP Z 208 -64.93 23.13 51.60
C ASP Z 208 -66.00 24.20 51.64
N LEU Z 209 -65.62 25.42 52.00
CA LEU Z 209 -66.55 26.54 52.05
C LEU Z 209 -67.35 26.67 50.78
N PHE Z 210 -66.70 26.45 49.63
CA PHE Z 210 -67.41 26.44 48.36
C PHE Z 210 -68.37 25.26 48.28
N GLU Z 211 -67.83 24.06 48.45
CA GLU Z 211 -68.60 22.80 48.32
C GLU Z 211 -69.86 22.78 49.18
N TYR Z 212 -69.91 23.69 50.14
CA TYR Z 212 -70.93 23.70 51.15
C TYR Z 212 -71.72 24.97 51.00
N THR Z 213 -71.19 25.92 50.26
CA THR Z 213 -71.97 27.08 49.89
C THR Z 213 -72.78 26.74 48.63
N LEU Z 214 -72.33 25.73 47.88
CA LEU Z 214 -73.12 25.22 46.72
C LEU Z 214 -74.37 24.43 47.14
N ALA Z 215 -74.25 23.59 48.16
CA ALA Z 215 -75.38 22.88 48.72
C ALA Z 215 -76.33 23.84 49.45
N ASN Z 216 -75.77 24.68 50.33
CA ASN Z 216 -76.58 25.62 51.11
C ASN Z 216 -77.32 26.65 50.27
N GLN Z 217 -76.59 27.34 49.37
CA GLN Z 217 -77.25 28.28 48.45
C GLN Z 217 -78.36 27.59 47.68
N MET Z 218 -78.03 26.45 47.08
CA MET Z 218 -79.03 25.65 46.38
C MET Z 218 -80.28 25.37 47.20
N LEU Z 219 -80.11 24.98 48.46
CA LEU Z 219 -81.25 24.70 49.33
C LEU Z 219 -82.15 25.91 49.38
N THR Z 220 -81.63 27.01 49.92
CA THR Z 220 -82.37 28.26 50.06
C THR Z 220 -83.20 28.58 48.80
N ALA Z 221 -82.56 28.52 47.64
CA ALA Z 221 -83.26 28.72 46.38
C ALA Z 221 -84.44 27.78 46.26
N MET Z 222 -84.20 26.48 46.46
CA MET Z 222 -85.25 25.46 46.35
C MET Z 222 -86.40 25.69 47.33
N ALA Z 223 -86.07 26.04 48.57
CA ALA Z 223 -87.08 26.34 49.58
C ALA Z 223 -87.94 27.51 49.11
N GLN Z 224 -87.28 28.54 48.62
CA GLN Z 224 -87.97 29.73 48.14
C GLN Z 224 -88.74 29.44 46.86
N GLY Z 225 -88.17 28.62 45.99
CA GLY Z 225 -88.78 28.28 44.70
C GLY Z 225 -90.07 27.50 44.88
N TYR Z 226 -90.00 26.49 45.74
CA TYR Z 226 -91.14 25.65 46.09
C TYR Z 226 -92.23 26.46 46.75
N ALA Z 227 -91.86 27.28 47.73
CA ALA Z 227 -92.84 28.11 48.43
C ALA Z 227 -93.41 29.25 47.57
N ALA Z 228 -92.73 29.53 46.47
CA ALA Z 228 -93.25 30.47 45.51
C ALA Z 228 -94.22 29.78 44.56
N GLU Z 229 -93.94 28.50 44.31
CA GLU Z 229 -94.75 27.67 43.41
C GLU Z 229 -96.06 27.30 44.04
N ILE Z 230 -95.98 26.86 45.30
CA ILE Z 230 -97.16 26.52 46.07
C ILE Z 230 -98.12 27.70 46.08
N SER Z 231 -97.60 28.91 46.30
CA SER Z 231 -98.43 30.13 46.24
C SER Z 231 -99.13 30.28 44.91
N ALA Z 232 -98.36 30.11 43.84
CA ALA Z 232 -98.89 30.13 42.48
C ALA Z 232 -99.96 29.07 42.27
N ARG Z 233 -99.66 27.81 42.61
CA ARG Z 233 -100.64 26.72 42.48
C ARG Z 233 -101.94 27.10 43.16
N ARG Z 234 -101.83 27.55 44.42
CA ARG Z 234 -102.97 28.05 45.18
C ARG Z 234 -103.76 29.12 44.43
N ASN Z 235 -103.09 30.15 43.96
CA ASN Z 235 -103.76 31.26 43.30
C ASN Z 235 -104.45 30.83 42.01
N ALA Z 236 -103.75 30.01 41.24
CA ALA Z 236 -104.25 29.50 39.97
C ALA Z 236 -105.47 28.66 40.19
N MET Z 237 -105.33 27.57 40.95
CA MET Z 237 -106.45 26.73 41.28
C MET Z 237 -107.59 27.57 41.75
N ASP Z 238 -107.29 28.64 42.48
CA ASP Z 238 -108.33 29.54 42.97
C ASP Z 238 -109.17 30.14 41.83
N ASN Z 239 -108.49 30.66 40.81
CA ASN Z 239 -109.19 31.23 39.66
C ASN Z 239 -109.96 30.22 38.83
N ALA Z 240 -109.40 29.02 38.69
CA ALA Z 240 -110.10 27.92 38.06
C ALA Z 240 -111.48 27.72 38.70
N SER Z 241 -111.52 27.67 40.03
CA SER Z 241 -112.78 27.57 40.76
C SER Z 241 -113.73 28.73 40.50
N LYS Z 242 -113.19 29.94 40.32
CA LYS Z 242 -114.04 31.09 40.04
C LYS Z 242 -114.68 30.95 38.65
N ASN Z 243 -113.89 30.51 37.67
CA ASN Z 243 -114.33 30.38 36.29
C ASN Z 243 -115.34 29.26 36.05
N ALA Z 244 -114.96 28.06 36.47
CA ALA Z 244 -115.85 26.92 36.40
C ALA Z 244 -117.09 27.24 37.21
N GLY Z 245 -116.92 28.08 38.22
CA GLY Z 245 -118.04 28.63 38.98
C GLY Z 245 -118.96 29.41 38.06
N ASP Z 246 -118.38 30.32 37.27
CA ASP Z 246 -119.16 31.17 36.37
C ASP Z 246 -119.72 30.38 35.20
N MET Z 247 -118.98 29.35 34.77
CA MET Z 247 -119.41 28.48 33.67
C MET Z 247 -120.65 27.68 34.05
N ILE Z 248 -120.55 26.98 35.18
CA ILE Z 248 -121.68 26.31 35.82
C ILE Z 248 -122.93 27.18 35.74
N ASN Z 249 -122.81 28.45 36.11
CA ASN Z 249 -123.95 29.38 36.06
C ASN Z 249 -124.58 29.48 34.69
N ARG Z 250 -123.72 29.58 33.67
CA ARG Z 250 -124.18 29.72 32.29
C ARG Z 250 -124.89 28.45 31.85
N TYR Z 251 -124.18 27.33 31.88
CA TYR Z 251 -124.78 26.05 31.52
C TYR Z 251 -126.05 25.71 32.30
N SER Z 252 -126.13 26.13 33.56
CA SER Z 252 -127.36 25.96 34.33
C SER Z 252 -128.49 26.66 33.61
N ILE Z 253 -128.27 27.90 33.19
CA ILE Z 253 -129.30 28.63 32.47
C ILE Z 253 -129.63 27.94 31.14
N LEU Z 254 -128.60 27.57 30.38
CA LEU Z 254 -128.83 26.82 29.14
C LEU Z 254 -129.57 25.52 29.39
N TYR Z 255 -129.26 24.83 30.48
CA TYR Z 255 -129.93 23.56 30.80
C TYR Z 255 -131.45 23.70 30.90
N ASN Z 256 -131.87 24.67 31.70
CA ASN Z 256 -133.26 24.95 31.89
C ASN Z 256 -133.98 25.32 30.62
N ARG Z 257 -133.34 26.10 29.75
CA ARG Z 257 -133.93 26.35 28.43
C ARG Z 257 -134.20 25.04 27.70
N THR Z 258 -133.17 24.22 27.54
CA THR Z 258 -133.30 23.00 26.78
C THR Z 258 -134.38 22.12 27.39
N ARG Z 259 -134.22 21.80 28.67
CA ARG Z 259 -135.30 21.13 29.40
C ARG Z 259 -136.65 21.68 28.90
N GLN Z 260 -136.92 22.95 29.22
CA GLN Z 260 -138.17 23.60 28.86
C GLN Z 260 -138.66 23.31 27.46
N ALA Z 261 -137.84 23.55 26.44
CA ALA Z 261 -138.24 23.28 25.04
C ALA Z 261 -138.50 21.79 24.78
N VAL Z 262 -137.60 20.92 25.26
CA VAL Z 262 -137.79 19.46 25.22
C VAL Z 262 -139.23 19.13 25.59
N ILE Z 263 -139.73 19.74 26.66
CA ILE Z 263 -141.14 19.62 27.08
C ILE Z 263 -142.15 20.15 26.06
N THR Z 264 -141.86 21.30 25.45
CA THR Z 264 -142.84 21.87 24.53
C THR Z 264 -142.84 21.14 23.19
N ASN Z 265 -141.67 20.94 22.60
CA ASN Z 265 -141.58 20.22 21.33
C ASN Z 265 -142.10 18.80 21.41
N GLU Z 266 -141.84 18.13 22.54
CA GLU Z 266 -142.35 16.79 22.81
C GLU Z 266 -143.87 16.78 22.89
N LEU Z 267 -144.41 17.86 23.43
CA LEU Z 267 -145.82 17.97 23.70
C LEU Z 267 -146.54 18.19 22.38
N VAL Z 268 -145.99 19.10 21.59
CA VAL Z 268 -146.59 19.43 20.32
C VAL Z 268 -146.79 18.15 19.53
N ASP Z 269 -145.73 17.35 19.37
CA ASP Z 269 -145.83 16.08 18.64
C ASP Z 269 -147.12 15.30 18.94
N ILE Z 270 -147.54 15.35 20.20
CA ILE Z 270 -148.72 14.66 20.70
C ILE Z 270 -149.97 15.41 20.28
N ILE Z 271 -150.00 16.72 20.54
CA ILE Z 271 -151.15 17.56 20.20
C ILE Z 271 -151.55 17.41 18.76
N THR Z 272 -150.56 17.48 17.86
CA THR Z 272 -150.81 17.36 16.43
C THR Z 272 -151.31 15.96 16.09
N GLY Z 273 -150.62 14.93 16.59
CA GLY Z 273 -151.09 13.54 16.46
C GLY Z 273 -152.54 13.41 16.93
N ALA Z 274 -152.90 14.17 17.96
CA ALA Z 274 -154.20 14.09 18.61
C ALA Z 274 -155.34 14.78 17.89
N SER Z 275 -155.10 15.94 17.27
CA SER Z 275 -156.17 16.66 16.53
C SER Z 275 -156.74 15.84 15.38
N SER Z 276 -155.84 15.13 14.68
CA SER Z 276 -156.19 14.21 13.59
C SER Z 276 -156.92 12.97 14.14
N LEU AA 12 -80.58 34.38 66.40
CA LEU AA 12 -79.90 35.26 65.41
C LEU AA 12 -78.88 34.44 64.60
N GLN AA 13 -77.79 34.00 65.24
CA GLN AA 13 -76.63 33.38 64.51
C GLN AA 13 -76.13 32.02 65.04
N PHE AA 14 -76.83 30.97 64.62
CA PHE AA 14 -76.51 29.54 64.83
C PHE AA 14 -77.67 28.69 64.29
N ALA AA 15 -77.50 28.20 63.06
CA ALA AA 15 -78.61 27.69 62.26
C ALA AA 15 -78.45 26.27 61.73
N LEU AA 16 -79.48 25.46 61.93
CA LEU AA 16 -79.69 24.24 61.16
C LEU AA 16 -80.64 24.59 59.99
N PRO AA 17 -80.66 23.77 58.91
CA PRO AA 17 -81.51 24.18 57.80
C PRO AA 17 -83.00 24.05 58.13
N HIS AA 18 -83.34 23.05 58.93
CA HIS AA 18 -84.72 22.84 59.34
C HIS AA 18 -85.07 23.67 60.58
N GLU AA 19 -84.14 23.75 61.53
CA GLU AA 19 -84.37 24.41 62.80
C GLU AA 19 -83.21 25.36 63.11
N THR AA 20 -83.51 26.67 63.24
CA THR AA 20 -82.47 27.62 63.65
C THR AA 20 -82.55 27.90 65.17
N LEU AA 21 -81.39 28.05 65.81
CA LEU AA 21 -81.30 28.05 67.28
C LEU AA 21 -81.04 29.38 68.00
N TYR AA 22 -79.78 29.80 68.07
CA TYR AA 22 -79.40 30.84 69.02
C TYR AA 22 -79.50 32.29 68.53
N SER AA 23 -79.27 33.23 69.46
CA SER AA 23 -79.40 34.68 69.24
C SER AA 23 -78.12 35.46 69.46
N GLU AA 26 -77.08 37.14 72.24
CA GLU AA 26 -75.96 37.55 73.07
C GLU AA 26 -75.27 36.33 73.71
N VAL AA 27 -73.93 36.30 73.63
CA VAL AA 27 -73.14 35.14 74.08
C VAL AA 27 -71.86 35.57 74.84
N THR AA 28 -71.53 34.86 75.92
CA THR AA 28 -70.31 35.14 76.71
C THR AA 28 -69.15 34.16 76.47
N GLN AA 29 -69.45 32.95 75.98
CA GLN AA 29 -68.42 31.95 75.57
C GLN AA 29 -68.96 30.78 74.75
N VAL AA 30 -68.40 30.58 73.57
CA VAL AA 30 -68.78 29.47 72.72
C VAL AA 30 -67.63 28.48 72.58
N ASN AA 31 -67.94 27.20 72.74
CA ASN AA 31 -66.96 26.14 72.49
C ASN AA 31 -67.35 25.37 71.24
N LEU AA 32 -66.39 25.12 70.36
CA LEU AA 32 -66.67 24.48 69.06
C LEU AA 32 -65.67 23.38 68.77
N PRO AA 33 -66.05 22.36 67.97
CA PRO AA 33 -65.11 21.31 67.58
C PRO AA 33 -64.54 21.57 66.18
N ALA AA 34 -63.48 22.37 66.10
CA ALA AA 34 -62.97 22.89 64.83
C ALA AA 34 -62.28 21.86 63.93
N LYS AA 35 -61.71 22.36 62.84
CA LYS AA 35 -61.02 21.55 61.87
C LYS AA 35 -59.83 20.92 62.55
N SER AA 36 -58.99 21.76 63.16
CA SER AA 36 -57.87 21.26 63.95
C SER AA 36 -58.15 21.51 65.42
N GLY AA 37 -58.72 20.49 66.08
CA GLY AA 37 -58.98 20.49 67.53
C GLY AA 37 -59.95 21.53 68.05
N ARG AA 38 -60.46 21.30 69.26
CA ARG AA 38 -61.45 22.19 69.86
C ARG AA 38 -60.93 23.62 69.95
N ILE AA 39 -61.85 24.58 69.91
CA ILE AA 39 -61.51 25.99 70.16
C ILE AA 39 -62.60 26.73 70.92
N GLY AA 40 -62.27 27.91 71.45
CA GLY AA 40 -63.20 28.71 72.22
C GLY AA 40 -63.20 30.16 71.82
N VAL AA 41 -64.31 30.60 71.25
CA VAL AA 41 -64.47 32.01 70.89
C VAL AA 41 -64.83 32.78 72.17
N LEU AA 42 -64.52 34.07 72.21
CA LEU AA 42 -64.80 34.89 73.38
C LEU AA 42 -65.01 36.36 73.07
N ALA AA 43 -65.52 37.07 74.08
CA ALA AA 43 -65.97 38.48 74.03
C ALA AA 43 -65.40 39.35 72.91
N ASN AA 44 -64.08 39.32 72.77
CA ASN AA 44 -63.47 39.76 71.54
C ASN AA 44 -62.54 38.68 71.10
N HIS AA 45 -62.68 38.23 69.87
CA HIS AA 45 -61.90 37.13 69.34
C HIS AA 45 -61.42 37.44 67.93
N VAL AA 46 -60.44 36.68 67.44
CA VAL AA 46 -59.95 36.90 66.09
C VAL AA 46 -60.95 36.36 65.08
N PRO AA 47 -61.25 37.17 64.05
CA PRO AA 47 -62.06 36.78 62.90
C PRO AA 47 -61.52 35.51 62.21
N THR AA 48 -62.30 34.42 62.20
CA THR AA 48 -61.82 33.15 61.66
C THR AA 48 -62.93 32.31 61.05
N VAL AA 49 -62.56 31.56 60.02
CA VAL AA 49 -63.39 30.49 59.48
C VAL AA 49 -62.74 29.14 59.72
N GLU AA 50 -63.54 28.18 60.18
CA GLU AA 50 -63.08 26.82 60.31
C GLU AA 50 -64.21 25.82 60.03
N GLN AA 51 -63.84 24.76 59.33
CA GLN AA 51 -64.68 23.59 59.10
C GLN AA 51 -65.06 23.08 60.47
N LEU AA 52 -66.31 22.72 60.67
CA LEU AA 52 -66.69 22.18 61.96
C LEU AA 52 -66.77 20.67 61.88
N LEU AA 53 -65.91 20.01 62.66
CA LEU AA 53 -65.83 18.56 62.71
C LEU AA 53 -67.09 18.02 63.41
N PRO AA 54 -67.48 16.76 63.11
CA PRO AA 54 -68.60 16.06 63.79
C PRO AA 54 -68.44 15.86 65.31
N GLY AA 55 -68.78 16.88 66.11
CA GLY AA 55 -68.66 16.79 67.58
C GLY AA 55 -69.48 17.79 68.39
N VAL AA 56 -69.41 17.64 69.71
CA VAL AA 56 -70.16 18.47 70.67
C VAL AA 56 -69.84 19.98 70.61
N VAL AA 57 -70.78 20.79 71.08
CA VAL AA 57 -70.66 22.23 71.07
C VAL AA 57 -71.28 22.72 72.38
N GLU AA 58 -71.14 24.01 72.69
CA GLU AA 58 -71.76 24.57 73.89
C GLU AA 58 -71.93 26.08 73.84
N VAL AA 59 -73.05 26.55 74.40
CA VAL AA 59 -73.27 27.98 74.62
C VAL AA 59 -73.06 28.46 76.06
N MET AA 60 -72.96 29.79 76.23
CA MET AA 60 -72.73 30.42 77.51
C MET AA 60 -73.52 31.73 77.62
N GLU AA 61 -73.98 32.02 78.84
CA GLU AA 61 -74.66 33.28 79.16
C GLU AA 61 -74.32 33.72 80.59
N GLY AA 62 -73.02 33.75 80.90
CA GLY AA 62 -72.53 34.11 82.23
C GLY AA 62 -71.95 32.94 82.99
N SER AA 63 -72.81 31.97 83.32
CA SER AA 63 -72.41 30.71 83.93
C SER AA 63 -73.38 29.59 83.53
N ASN AA 64 -73.84 29.65 82.29
CA ASN AA 64 -74.90 28.77 81.80
C ASN AA 64 -74.36 27.66 80.88
N SER AA 65 -74.48 26.41 81.34
CA SER AA 65 -73.98 25.24 80.61
C SER AA 65 -75.08 24.55 79.78
N LYS AA 66 -74.91 24.56 78.46
CA LYS AA 66 -75.85 23.90 77.54
C LYS AA 66 -75.12 23.36 76.30
N LYS AA 67 -74.93 22.05 76.28
CA LYS AA 67 -74.13 21.37 75.24
C LYS AA 67 -74.98 20.63 74.22
N PHE AA 68 -74.69 20.84 72.93
CA PHE AA 68 -75.32 20.13 71.80
C PHE AA 68 -74.30 19.25 71.10
N PHE AA 69 -74.79 18.20 70.42
CA PHE AA 69 -73.97 17.51 69.44
C PHE AA 69 -74.27 18.16 68.09
N ILE AA 70 -73.60 17.68 67.04
CA ILE AA 70 -73.70 18.26 65.71
C ILE AA 70 -73.16 17.28 64.65
N SER AA 71 -73.41 17.61 63.39
CA SER AA 71 -73.00 16.79 62.25
C SER AA 71 -71.67 17.28 61.70
N GLY AA 72 -71.49 18.60 61.77
CA GLY AA 72 -70.36 19.27 61.18
C GLY AA 72 -70.84 20.40 60.28
N GLY AA 73 -69.91 21.29 59.91
CA GLY AA 73 -70.25 22.41 59.06
C GLY AA 73 -69.18 23.47 59.07
N PHE AA 74 -69.58 24.70 59.37
CA PHE AA 74 -68.66 25.84 59.39
C PHE AA 74 -68.90 26.78 60.55
N ALA AA 75 -67.81 27.29 61.10
CA ALA AA 75 -67.87 28.42 62.01
C ALA AA 75 -67.24 29.63 61.35
N THR AA 76 -67.70 30.81 61.73
CA THR AA 76 -67.16 32.03 61.16
C THR AA 76 -67.26 33.20 62.15
N VAL AA 77 -66.13 33.50 62.81
CA VAL AA 77 -66.02 34.66 63.68
C VAL AA 77 -65.90 35.89 62.79
N GLN AA 78 -66.73 36.88 63.05
CA GLN AA 78 -66.81 38.06 62.20
C GLN AA 78 -65.96 39.21 62.74
N PRO AA 79 -65.51 40.13 61.85
CA PRO AA 79 -64.84 41.37 62.28
C PRO AA 79 -65.75 42.21 63.16
N ASP AA 80 -67.02 42.32 62.77
CA ASP AA 80 -68.02 43.01 63.59
C ASP AA 80 -68.28 42.25 64.92
N SER AA 81 -67.58 41.13 65.09
CA SER AA 81 -67.54 40.35 66.35
C SER AA 81 -68.61 39.26 66.51
N GLN AA 82 -69.57 39.19 65.57
CA GLN AA 82 -70.62 38.17 65.64
C GLN AA 82 -70.09 36.81 65.19
N LEU AA 83 -70.28 35.77 66.01
CA LEU AA 83 -69.92 34.41 65.61
C LEU AA 83 -71.11 33.69 64.96
N CYS AA 84 -70.86 33.12 63.78
CA CYS AA 84 -71.87 32.38 63.05
C CYS AA 84 -71.47 30.93 62.94
N VAL AA 85 -72.33 30.08 63.48
CA VAL AA 85 -72.13 28.63 63.44
C VAL AA 85 -73.27 27.89 62.74
N THR AA 86 -72.88 27.07 61.77
CA THR AA 86 -73.81 26.41 60.88
C THR AA 86 -73.48 24.94 60.85
N ALA AA 87 -74.51 24.13 61.06
CA ALA AA 87 -74.40 22.68 60.94
C ALA AA 87 -75.72 22.14 60.39
N ILE AA 88 -75.83 20.82 60.32
CA ILE AA 88 -77.03 20.21 59.75
C ILE AA 88 -77.97 19.69 60.83
N GLU AA 89 -77.61 18.58 61.50
CA GLU AA 89 -78.48 18.00 62.55
C GLU AA 89 -77.95 18.22 63.99
N ALA AA 90 -78.86 18.16 64.97
CA ALA AA 90 -78.54 18.38 66.38
C ALA AA 90 -79.61 17.79 67.29
N PRO AA 92 -80.39 19.81 72.79
CA PRO AA 92 -80.11 19.08 74.03
C PRO AA 92 -79.04 18.00 73.88
N LEU AA 93 -78.34 17.73 75.00
CA LEU AA 93 -77.19 16.81 75.04
C LEU AA 93 -77.59 15.33 75.06
N GLU AA 94 -77.47 14.70 76.22
CA GLU AA 94 -77.91 13.32 76.44
C GLU AA 94 -79.44 13.25 76.52
N SER AA 95 -80.07 14.42 76.64
CA SER AA 95 -81.52 14.58 76.52
C SER AA 95 -81.94 14.55 75.04
N PHE AA 96 -81.16 13.83 74.22
CA PHE AA 96 -81.38 13.68 72.78
C PHE AA 96 -80.98 12.28 72.27
N SER AA 97 -79.70 11.94 72.38
CA SER AA 97 -79.19 10.65 71.89
C SER AA 97 -79.10 9.63 73.01
N GLU AA 99 -78.25 5.20 73.37
CA GLU AA 99 -77.46 4.12 73.95
C GLU AA 99 -77.62 2.85 73.12
N ASN AA 100 -78.82 2.27 73.14
CA ASN AA 100 -79.17 1.15 72.27
C ASN AA 100 -79.53 1.62 70.86
N ILE AA 101 -80.11 2.83 70.80
CA ILE AA 101 -80.34 3.52 69.54
C ILE AA 101 -79.00 3.66 68.81
N LYS AA 102 -77.98 4.04 69.58
CA LYS AA 102 -76.60 4.14 69.10
C LYS AA 102 -75.98 2.75 68.86
N ASN AA 103 -76.14 1.85 69.83
CA ASN AA 103 -75.54 0.52 69.83
C ASN AA 103 -75.91 -0.32 68.61
N LEU AA 104 -77.20 -0.58 68.44
CA LEU AA 104 -77.71 -1.39 67.33
C LEU AA 104 -77.30 -0.84 65.96
N LEU AA 105 -77.20 0.49 65.88
CA LEU AA 105 -76.77 1.17 64.66
C LEU AA 105 -75.27 1.00 64.43
N ALA AA 106 -74.50 1.09 65.52
CA ALA AA 106 -73.06 0.88 65.48
C ALA AA 106 -72.69 -0.49 64.93
N GLU AA 107 -73.50 -1.49 65.31
CA GLU AA 107 -73.36 -2.84 64.78
C GLU AA 107 -73.42 -2.83 63.26
N ALA AA 108 -74.55 -2.37 62.72
CA ALA AA 108 -74.80 -2.30 61.27
C ALA AA 108 -73.78 -1.42 60.55
N LYS AA 109 -73.29 -0.41 61.27
CA LYS AA 109 -72.26 0.48 60.76
C LYS AA 109 -70.99 -0.32 60.43
N LYS AA 110 -70.37 -0.89 61.46
CA LYS AA 110 -69.13 -1.65 61.33
C LYS AA 110 -69.24 -2.74 60.27
N ASN AA 111 -70.40 -3.37 60.20
CA ASN AA 111 -70.71 -4.42 59.22
C ASN AA 111 -70.56 -3.93 57.78
N VAL AA 112 -71.09 -2.74 57.50
CA VAL AA 112 -71.09 -2.16 56.16
C VAL AA 112 -69.69 -1.82 55.65
N SER AA 113 -68.78 -1.51 56.58
CA SER AA 113 -67.40 -1.09 56.27
C SER AA 113 -66.59 -2.12 55.47
N SER AA 114 -66.83 -3.40 55.74
CA SER AA 114 -66.15 -4.50 55.08
C SER AA 114 -66.57 -4.66 53.61
N SER AA 115 -67.62 -3.95 53.20
CA SER AA 115 -68.15 -4.03 51.84
C SER AA 115 -67.14 -3.63 50.78
N ARG AA 118 -66.84 2.42 46.89
CA ARG AA 118 -67.55 3.66 47.19
C ARG AA 118 -68.58 3.50 48.33
N GLU AA 119 -69.31 2.38 48.31
CA GLU AA 119 -70.39 2.12 49.27
C GLU AA 119 -69.90 1.99 50.72
N ALA AA 120 -68.88 1.17 50.93
CA ALA AA 120 -68.30 0.93 52.26
C ALA AA 120 -67.44 2.11 52.76
N ALA AA 121 -67.01 2.95 51.83
CA ALA AA 121 -66.29 4.18 52.15
C ALA AA 121 -67.16 5.10 53.00
N GLU AA 122 -68.44 5.16 52.65
CA GLU AA 122 -69.44 5.91 53.41
C GLU AA 122 -69.59 5.40 54.86
N ALA AA 123 -69.37 4.10 55.04
CA ALA AA 123 -69.43 3.48 56.36
C ALA AA 123 -68.22 3.86 57.22
N ALA AA 124 -67.09 4.11 56.56
CA ALA AA 124 -65.90 4.62 57.24
C ALA AA 124 -66.27 5.92 57.97
N ILE AA 125 -67.04 6.76 57.28
CA ILE AA 125 -67.54 8.00 57.85
C ILE AA 125 -68.41 7.75 59.08
N GLN AA 126 -69.11 6.63 59.10
CA GLN AA 126 -69.98 6.29 60.22
C GLN AA 126 -69.24 5.88 61.49
N VAL AA 127 -68.13 5.15 61.32
CA VAL AA 127 -67.35 4.63 62.45
C VAL AA 127 -66.81 5.74 63.34
N GLU AA 128 -66.23 6.76 62.70
CA GLU AA 128 -65.65 7.93 63.38
C GLU AA 128 -66.72 8.80 64.04
N VAL AA 129 -67.83 9.00 63.32
CA VAL AA 129 -68.96 9.80 63.80
C VAL AA 129 -69.63 9.10 64.96
N LEU AA 130 -69.75 7.78 64.84
CA LEU AA 130 -70.33 6.95 65.87
C LEU AA 130 -69.43 6.89 67.10
N GLU AA 131 -68.19 6.43 66.91
CA GLU AA 131 -67.24 6.26 68.01
C GLU AA 131 -67.20 7.51 68.90
N ASN AA 132 -67.27 8.68 68.24
CA ASN AA 132 -67.30 9.99 68.91
C ASN AA 132 -68.49 10.14 69.87
N LEU AA 133 -69.69 9.85 69.35
CA LEU AA 133 -70.95 9.97 70.10
C LEU AA 133 -70.98 9.10 71.35
N GLN AA 134 -70.39 7.90 71.27
CA GLN AA 134 -70.27 6.98 72.41
C GLN AA 134 -69.75 7.72 73.64
N SER AA 135 -68.73 8.54 73.44
CA SER AA 135 -68.25 9.47 74.45
C SER AA 135 -69.21 10.65 74.61
N VAL AA 136 -70.21 10.49 75.50
CA VAL AA 136 -71.13 11.57 75.87
C VAL AA 136 -71.95 11.17 77.09
N MET BA 8 -73.19 12.62 53.53
CA MET BA 8 -72.26 11.98 52.56
C MET BA 8 -70.97 12.79 52.25
N SER BA 9 -70.99 13.62 51.20
CA SER BA 9 -69.80 14.28 50.58
C SER BA 9 -68.88 15.05 51.54
N TYR BA 10 -68.51 16.27 51.19
CA TYR BA 10 -68.30 17.28 52.22
C TYR BA 10 -69.56 18.09 52.17
N ALA BA 11 -69.86 18.54 50.96
CA ALA BA 11 -71.17 19.06 50.60
C ALA BA 11 -72.24 18.31 51.38
N ALA BA 12 -72.03 16.99 51.52
CA ALA BA 12 -72.97 16.16 52.23
C ALA BA 12 -72.37 15.51 53.48
N TYR BA 13 -71.04 15.62 53.68
CA TYR BA 13 -70.34 15.04 54.85
C TYR BA 13 -71.26 14.98 56.06
N LEU BA 14 -71.85 16.13 56.33
CA LEU BA 14 -72.63 16.40 57.51
C LEU BA 14 -74.12 16.04 57.26
N ASN BA 15 -74.35 15.24 56.21
CA ASN BA 15 -75.64 14.62 55.90
C ASN BA 15 -75.51 13.09 55.93
N VAL BA 16 -74.33 12.60 56.34
CA VAL BA 16 -74.16 11.20 56.71
C VAL BA 16 -73.81 11.20 58.18
N ALA BA 17 -73.06 12.23 58.59
CA ALA BA 17 -72.82 12.51 60.00
C ALA BA 17 -74.11 13.00 60.64
N ALA BA 18 -75.10 13.32 59.81
CA ALA BA 18 -76.42 13.74 60.26
C ALA BA 18 -77.49 12.69 59.90
N GLN BA 19 -77.06 11.60 59.27
CA GLN BA 19 -77.99 10.54 58.85
C GLN BA 19 -77.51 9.14 59.22
N ALA BA 20 -76.27 9.07 59.72
CA ALA BA 20 -75.91 8.00 60.63
C ALA BA 20 -76.35 8.54 61.99
N ILE BA 21 -76.13 9.84 62.16
CA ILE BA 21 -76.59 10.55 63.36
C ILE BA 21 -78.06 10.91 63.28
N ARG BA 22 -78.75 10.37 62.27
CA ARG BA 22 -80.22 10.41 62.24
C ARG BA 22 -80.72 9.14 62.91
N SER BA 23 -80.23 8.00 62.45
CA SER BA 23 -80.55 6.70 63.03
C SER BA 23 -79.87 6.56 64.41
N THR BA 27 -86.00 6.06 68.53
CA THR BA 27 -87.40 6.16 68.01
C THR BA 27 -88.06 7.44 68.53
N GLU BA 28 -87.30 8.53 68.48
CA GLU BA 28 -87.72 9.78 69.14
C GLU BA 28 -88.06 10.93 68.19
N LEU BA 29 -87.17 11.91 68.06
CA LEU BA 29 -87.41 13.13 67.26
C LEU BA 29 -87.97 12.84 65.84
N GLN BA 30 -87.80 11.60 65.38
CA GLN BA 30 -88.14 11.16 64.01
C GLN BA 30 -89.64 11.20 63.65
N THR BA 31 -90.42 11.87 64.51
CA THR BA 31 -91.84 12.08 64.26
C THR BA 31 -91.95 13.04 63.07
N ALA BA 32 -92.37 12.50 61.92
CA ALA BA 32 -92.37 13.21 60.65
C ALA BA 32 -91.00 13.85 60.33
N SER BA 33 -90.79 15.07 60.83
CA SER BA 33 -89.55 15.85 60.66
C SER BA 33 -88.38 15.09 60.03
N VAL BA 34 -87.75 14.26 60.85
CA VAL BA 34 -86.44 13.70 60.55
C VAL BA 34 -86.51 12.42 59.70
N THR BA 35 -87.47 11.56 60.00
CA THR BA 35 -87.70 10.36 59.17
C THR BA 35 -87.85 10.75 57.69
N ASN BA 36 -88.40 11.94 57.45
CA ASN BA 36 -88.66 12.45 56.10
C ASN BA 36 -87.48 13.23 55.52
N ARG BA 37 -86.74 13.90 56.40
CA ARG BA 37 -85.48 14.54 56.06
C ARG BA 37 -84.49 13.50 55.52
N SER BA 38 -84.74 12.23 55.89
CA SER BA 38 -83.90 11.09 55.50
C SER BA 38 -84.33 10.43 54.17
N GLN BA 39 -85.60 10.56 53.81
CA GLN BA 39 -86.09 10.02 52.54
C GLN BA 39 -86.17 11.11 51.46
N THR BA 40 -85.25 11.03 50.48
CA THR BA 40 -85.25 11.92 49.33
C THR BA 40 -85.53 11.11 48.07
N ASP BA 41 -86.45 11.60 47.23
CA ASP BA 41 -86.91 10.83 46.07
C ASP BA 41 -86.42 11.31 44.71
N ALA BA 42 -85.24 11.91 44.71
CA ALA BA 42 -84.67 12.52 43.50
C ALA BA 42 -84.02 11.51 42.53
N PHE BA 43 -83.98 11.90 41.25
CA PHE BA 43 -83.33 11.12 40.20
C PHE BA 43 -82.54 12.04 39.27
N TYR BA 44 -81.33 11.64 38.91
CA TYR BA 44 -80.55 12.40 37.93
C TYR BA 44 -80.49 11.67 36.59
N THR BA 45 -80.29 12.43 35.52
CA THR BA 45 -80.04 11.88 34.19
C THR BA 45 -79.18 12.83 33.38
N GLN BA 46 -78.08 12.31 32.85
CA GLN BA 46 -77.17 13.07 32.02
C GLN BA 46 -77.71 13.21 30.61
N TYR BA 47 -77.39 14.32 29.96
CA TYR BA 47 -77.92 14.64 28.64
C TYR BA 47 -76.84 14.90 27.59
N LYS BA 48 -76.99 14.24 26.44
CA LYS BA 48 -75.97 14.23 25.37
C LYS BA 48 -76.43 14.89 24.06
N ASN BA 49 -75.65 14.66 23.00
CA ASN BA 49 -75.83 15.29 21.68
C ASN BA 49 -77.28 15.38 21.21
N ALA BA 53 -79.73 16.91 22.89
CA ALA BA 53 -81.06 16.33 22.74
C ALA BA 53 -81.21 15.05 23.57
N SER BA 54 -80.75 13.92 23.02
CA SER BA 54 -80.86 12.61 23.67
C SER BA 54 -80.16 12.55 25.03
N GLU BA 55 -80.60 11.62 25.88
CA GLU BA 55 -80.12 11.53 27.28
C GLU BA 55 -78.85 10.69 27.47
N PRO BA 56 -78.78 9.96 28.58
CA PRO BA 56 -77.72 9.00 28.85
C PRO BA 56 -78.29 7.72 29.48
N THR BA 57 -78.88 7.88 30.67
CA THR BA 57 -79.56 6.80 31.40
C THR BA 57 -80.07 7.34 32.73
N PRO BA 58 -81.01 6.63 33.34
CA PRO BA 58 -81.59 7.06 34.63
C PRO BA 58 -80.93 6.35 35.83
N MET BA 59 -80.92 7.03 36.97
CA MET BA 59 -80.41 6.48 38.24
C MET BA 59 -80.92 7.30 39.43
N THR BA 60 -81.08 6.64 40.57
CA THR BA 60 -81.47 7.33 41.81
C THR BA 60 -80.34 8.26 42.27
N LYS BA 61 -80.69 9.45 42.78
CA LYS BA 61 -79.73 10.51 43.12
C LYS BA 61 -78.49 10.05 43.91
N PRO CA 8 -180.29 -2.27 0.21
CA PRO CA 8 -179.94 -2.29 -1.27
C PRO CA 8 -178.45 -2.01 -1.46
N PRO CA 9 -177.78 -2.58 -2.47
CA PRO CA 9 -176.39 -2.29 -2.84
C PRO CA 9 -176.24 -0.99 -3.61
N VAL CA 10 -176.24 0.16 -2.92
CA VAL CA 10 -176.02 1.45 -3.56
C VAL CA 10 -174.95 2.24 -2.82
N ARG CA 11 -174.54 1.76 -1.63
CA ARG CA 11 -173.62 2.43 -0.70
C ARG CA 11 -174.18 3.73 -0.14
N LEU CA 12 -174.03 4.82 -0.91
CA LEU CA 12 -174.47 6.17 -0.59
C LEU CA 12 -173.88 6.73 0.70
N PHE CA 13 -172.53 6.86 0.75
CA PHE CA 13 -171.82 7.26 1.95
C PHE CA 13 -171.96 6.26 3.10
N GLY CA 14 -172.23 6.73 4.33
CA GLY CA 14 -172.40 5.81 5.46
C GLY CA 14 -172.76 6.49 6.76
N VAL CA 15 -172.68 7.83 6.83
CA VAL CA 15 -173.13 8.62 7.96
C VAL CA 15 -174.16 9.64 7.51
N GLU CA 16 -173.82 10.59 6.61
CA GLU CA 16 -174.75 11.57 6.08
C GLU CA 16 -175.76 11.00 5.09
N GLY CA 17 -175.36 10.03 4.25
CA GLY CA 17 -176.23 9.43 3.25
C GLY CA 17 -177.17 8.38 3.80
N THR CA 18 -177.10 8.05 5.10
CA THR CA 18 -177.92 6.99 5.67
C THR CA 18 -179.26 7.48 6.16
N TYR CA 19 -179.53 8.80 6.06
CA TYR CA 19 -180.80 9.36 6.47
C TYR CA 19 -181.97 8.91 5.61
N ALA CA 20 -181.82 8.97 4.26
CA ALA CA 20 -182.86 8.53 3.35
C ALA CA 20 -182.94 7.01 3.23
N THR CA 21 -181.82 6.28 3.42
CA THR CA 21 -181.77 4.82 3.35
C THR CA 21 -182.46 4.15 4.53
N ALA CA 22 -182.45 4.78 5.72
CA ALA CA 22 -183.09 4.28 6.93
C ALA CA 22 -184.60 4.17 6.79
N LEU CA 23 -185.27 5.17 6.19
CA LEU CA 23 -186.70 5.13 6.05
C LEU CA 23 -187.19 4.40 4.82
N TYR CA 24 -186.29 4.12 3.87
CA TYR CA 24 -186.61 3.36 2.70
C TYR CA 24 -187.02 1.92 3.05
N GLN CA 25 -186.42 1.34 4.14
CA GLN CA 25 -186.76 0.01 4.60
C GLN CA 25 -188.20 -0.15 5.09
N ALA CA 26 -188.73 0.84 5.83
CA ALA CA 26 -190.10 0.84 6.29
C ALA CA 26 -191.11 1.27 5.22
N ALA CA 27 -190.69 2.08 4.23
CA ALA CA 27 -191.55 2.56 3.16
C ALA CA 27 -191.68 1.57 2.01
N ALA CA 28 -190.88 0.50 1.98
CA ALA CA 28 -190.90 -0.52 0.94
C ALA CA 28 -191.88 -1.65 1.24
N LYS CA 29 -192.84 -1.43 2.16
CA LYS CA 29 -193.85 -2.41 2.55
C LYS CA 29 -195.22 -1.87 2.23
N ASN CA 30 -196.08 -2.74 1.68
CA ASN CA 30 -197.45 -2.43 1.28
C ASN CA 30 -197.58 -1.37 0.19
N SER CA 31 -196.56 -1.25 -0.70
CA SER CA 31 -196.52 -0.28 -1.80
C SER CA 31 -196.53 1.19 -1.42
N SER CA 32 -195.52 1.65 -0.64
CA SER CA 32 -195.51 3.00 -0.07
C SER CA 32 -194.30 3.81 -0.52
N ILE CA 33 -193.70 3.47 -1.69
CA ILE CA 33 -192.53 4.17 -2.23
C ILE CA 33 -192.94 5.26 -3.22
N ASP CA 34 -194.11 5.09 -3.90
CA ASP CA 34 -194.62 6.01 -4.90
C ASP CA 34 -195.08 7.33 -4.31
N ALA CA 35 -195.78 7.27 -3.15
CA ALA CA 35 -196.31 8.44 -2.48
C ALA CA 35 -195.23 9.23 -1.76
N ALA CA 36 -194.07 8.60 -1.46
CA ALA CA 36 -192.97 9.24 -0.78
C ALA CA 36 -192.19 10.15 -1.71
N PHE CA 37 -192.21 9.94 -3.04
CA PHE CA 37 -191.48 10.81 -3.92
C PHE CA 37 -192.08 12.23 -4.01
N GLN CA 38 -193.43 12.32 -4.15
CA GLN CA 38 -194.11 13.60 -4.31
C GLN CA 38 -194.27 14.36 -3.01
N SER CA 39 -194.22 13.66 -1.86
CA SER CA 39 -194.30 14.27 -0.56
C SER CA 39 -192.99 14.90 -0.08
N LEU CA 40 -191.83 14.32 -0.47
CA LEU CA 40 -190.53 14.85 -0.11
C LEU CA 40 -190.22 16.15 -0.84
N GLN CA 41 -190.73 16.31 -2.07
CA GLN CA 41 -190.53 17.51 -2.86
C GLN CA 41 -191.29 18.71 -2.33
N LYS CA 42 -192.42 18.49 -1.61
CA LYS CA 42 -193.22 19.57 -1.06
C LYS CA 42 -192.62 20.20 0.17
N VAL CA 43 -191.79 19.45 0.93
CA VAL CA 43 -191.10 19.95 2.10
C VAL CA 43 -189.97 20.92 1.74
N GLU CA 44 -189.22 20.63 0.67
CA GLU CA 44 -188.11 21.45 0.22
C GLU CA 44 -188.59 22.74 -0.46
N SER CA 45 -189.64 22.63 -1.29
CA SER CA 45 -190.18 23.73 -2.08
C SER CA 45 -190.83 24.83 -1.25
N THR CA 46 -191.44 24.48 -0.08
CA THR CA 46 -192.16 25.41 0.80
C THR CA 46 -191.26 26.02 1.86
N VAL CA 47 -189.94 25.73 1.80
CA VAL CA 47 -188.95 26.23 2.75
C VAL CA 47 -187.89 27.04 2.04
N LYS CA 48 -187.46 26.62 0.83
CA LYS CA 48 -186.46 27.36 0.08
C LYS CA 48 -186.98 28.64 -0.58
N LYS CA 49 -188.05 28.53 -1.39
CA LYS CA 49 -188.66 29.67 -2.06
C LYS CA 49 -189.95 30.02 -1.34
N ASN CA 50 -189.86 30.32 -0.05
CA ASN CA 50 -190.96 30.85 0.73
C ASN CA 50 -190.51 32.04 1.61
N PRO CA 51 -189.27 32.53 1.70
CA PRO CA 51 -188.72 33.17 2.91
C PRO CA 51 -189.47 33.27 4.27
N LYS CA 52 -189.78 32.18 5.02
CA LYS CA 52 -190.62 32.28 6.22
C LYS CA 52 -190.15 31.30 7.28
N LEU CA 53 -190.27 30.00 7.00
CA LEU CA 53 -189.90 28.96 7.95
C LEU CA 53 -188.44 28.59 7.82
N GLY CA 54 -187.70 29.16 6.84
CA GLY CA 54 -186.27 28.88 6.73
C GLY CA 54 -185.49 29.54 7.85
N HIS CA 55 -185.65 30.86 8.02
CA HIS CA 55 -184.86 31.60 9.01
C HIS CA 55 -185.27 31.28 10.43
N LEU CA 56 -186.51 30.82 10.62
CA LEU CA 56 -187.00 30.43 11.92
C LEU CA 56 -186.51 29.04 12.34
N LEU CA 57 -186.05 28.17 11.42
CA LEU CA 57 -185.67 26.82 11.77
C LEU CA 57 -184.17 26.55 11.69
N LEU CA 58 -183.42 27.35 10.91
CA LEU CA 58 -181.98 27.18 10.71
C LEU CA 58 -181.13 27.73 11.85
N ASN CA 59 -181.74 28.51 12.76
CA ASN CA 59 -181.08 29.06 13.92
C ASN CA 59 -180.85 27.99 15.01
N PRO CA 60 -180.00 28.22 16.03
CA PRO CA 60 -179.73 27.22 17.05
C PRO CA 60 -180.52 27.56 18.31
N ALA CA 61 -181.68 28.25 18.16
CA ALA CA 61 -182.60 28.53 19.25
C ALA CA 61 -183.73 27.50 19.19
N LEU CA 62 -184.96 27.97 19.47
CA LEU CA 62 -186.16 27.16 19.67
C LEU CA 62 -186.04 26.15 20.81
N SER CA 63 -186.75 25.01 20.71
CA SER CA 63 -186.71 23.97 21.72
C SER CA 63 -187.04 22.66 21.06
N LEU CA 64 -187.05 21.56 21.83
CA LEU CA 64 -187.48 20.27 21.33
C LEU CA 64 -188.97 20.25 20.98
N LYS CA 65 -189.83 20.82 21.84
CA LYS CA 65 -191.27 20.82 21.62
C LYS CA 65 -191.68 21.79 20.53
N ASP CA 66 -191.01 22.94 20.44
CA ASP CA 66 -191.27 23.96 19.44
C ASP CA 66 -190.93 23.50 18.02
N ARG CA 67 -189.84 22.74 17.83
CA ARG CA 67 -189.51 22.21 16.52
C ARG CA 67 -190.49 21.16 16.01
N ASN CA 68 -190.98 20.28 16.91
CA ASN CA 68 -191.97 19.27 16.59
C ASN CA 68 -193.35 19.85 16.25
N SER CA 69 -193.79 20.92 16.93
CA SER CA 69 -195.08 21.51 16.67
C SER CA 69 -195.17 22.24 15.33
N VAL CA 70 -194.07 22.89 14.90
CA VAL CA 70 -193.97 23.59 13.62
C VAL CA 70 -194.05 22.62 12.46
N ILE CA 71 -193.36 21.47 12.55
CA ILE CA 71 -193.45 20.46 11.51
C ILE CA 71 -194.86 19.86 11.46
N ASP CA 72 -195.51 19.54 12.60
CA ASP CA 72 -196.82 18.95 12.58
C ASP CA 72 -197.87 19.91 12.00
N ALA CA 73 -197.82 21.23 12.28
CA ALA CA 73 -198.77 22.18 11.75
C ALA CA 73 -198.71 22.42 10.24
N ILE CA 74 -197.49 22.45 9.66
CA ILE CA 74 -197.31 22.58 8.23
C ILE CA 74 -197.81 21.34 7.51
N VAL CA 75 -197.59 20.14 8.06
CA VAL CA 75 -197.86 18.91 7.34
C VAL CA 75 -199.36 18.63 7.20
N GLU CA 76 -200.22 19.19 8.08
CA GLU CA 76 -201.66 18.93 8.06
C GLU CA 76 -202.40 19.66 6.94
N THR CA 77 -201.79 20.70 6.33
CA THR CA 77 -202.41 21.46 5.25
C THR CA 77 -201.67 21.33 3.93
N HIS CA 78 -200.63 20.48 3.85
CA HIS CA 78 -199.86 20.34 2.64
C HIS CA 78 -200.15 19.03 1.97
N LYS CA 79 -199.90 18.98 0.65
CA LYS CA 79 -200.12 17.80 -0.15
C LYS CA 79 -199.25 16.59 0.25
N ASN CA 80 -199.88 15.44 0.58
CA ASN CA 80 -199.27 14.11 0.74
C ASN CA 80 -198.48 13.85 2.02
N LEU CA 81 -198.92 14.33 3.18
CA LEU CA 81 -198.09 14.26 4.37
C LEU CA 81 -198.73 13.49 5.51
N ASP CA 82 -199.73 12.62 5.25
CA ASP CA 82 -200.51 11.97 6.29
C ASP CA 82 -200.10 10.52 6.60
N GLY CA 83 -199.22 9.93 5.79
CA GLY CA 83 -198.71 8.58 5.98
C GLY CA 83 -197.45 8.57 6.83
N TYR CA 84 -196.32 8.08 6.29
CA TYR CA 84 -195.10 7.96 7.07
C TYR CA 84 -194.19 9.17 6.92
N VAL CA 85 -194.69 10.22 6.25
CA VAL CA 85 -193.91 11.42 5.98
C VAL CA 85 -193.68 12.23 7.24
N VAL CA 86 -194.65 12.26 8.18
CA VAL CA 86 -194.57 13.01 9.44
C VAL CA 86 -193.41 12.56 10.32
N ASN CA 87 -193.04 11.27 10.22
CA ASN CA 87 -191.98 10.70 11.03
C ASN CA 87 -190.60 11.12 10.57
N LEU CA 88 -190.41 11.50 9.29
CA LEU CA 88 -189.11 11.95 8.78
C LEU CA 88 -188.67 13.25 9.43
N LEU CA 89 -189.60 14.22 9.53
CA LEU CA 89 -189.30 15.53 10.05
C LEU CA 89 -189.02 15.51 11.56
N LYS CA 90 -189.72 14.62 12.31
CA LYS CA 90 -189.57 14.51 13.75
C LYS CA 90 -188.17 14.08 14.17
N VAL CA 91 -187.57 13.11 13.44
CA VAL CA 91 -186.24 12.57 13.70
C VAL CA 91 -185.14 13.62 13.55
N LEU CA 92 -185.28 14.52 12.56
CA LEU CA 92 -184.30 15.55 12.31
C LEU CA 92 -184.44 16.75 13.23
N SER CA 93 -185.62 16.93 13.85
CA SER CA 93 -185.86 18.04 14.77
C SER CA 93 -185.18 17.88 16.10
N GLU CA 94 -185.27 16.68 16.71
CA GLU CA 94 -184.66 16.36 18.01
C GLU CA 94 -183.16 16.19 17.94
N ASN CA 95 -182.64 15.68 16.81
CA ASN CA 95 -181.22 15.41 16.64
C ASN CA 95 -180.47 16.58 16.00
N ASN CA 96 -181.14 17.73 15.79
CA ASN CA 96 -180.53 18.90 15.17
C ASN CA 96 -179.99 18.65 13.75
N ARG CA 97 -180.87 18.33 12.79
CA ARG CA 97 -180.50 17.98 11.44
C ARG CA 97 -181.45 18.61 10.42
N LEU CA 98 -182.20 19.65 10.83
CA LEU CA 98 -183.13 20.35 9.96
C LEU CA 98 -182.42 21.28 8.99
N GLY CA 99 -181.12 21.60 9.23
CA GLY CA 99 -180.36 22.47 8.34
C GLY CA 99 -179.97 21.87 7.02
N CYS CA 100 -179.95 20.53 6.93
CA CYS CA 100 -179.55 19.81 5.73
C CYS CA 100 -180.71 19.00 5.17
N PHE CA 101 -181.87 19.66 4.95
CA PHE CA 101 -183.07 19.04 4.41
C PHE CA 101 -182.97 18.68 2.92
N GLU CA 102 -182.12 19.39 2.15
CA GLU CA 102 -181.90 19.14 0.73
C GLU CA 102 -181.14 17.81 0.49
N LYS CA 103 -180.27 17.40 1.44
CA LYS CA 103 -179.52 16.15 1.38
C LYS CA 103 -180.39 14.93 1.58
N ILE CA 104 -181.40 15.00 2.46
CA ILE CA 104 -182.27 13.85 2.70
C ILE CA 104 -183.22 13.56 1.53
N ALA CA 105 -183.70 14.62 0.85
CA ALA CA 105 -184.64 14.52 -0.24
C ALA CA 105 -183.96 14.08 -1.52
N SER CA 106 -182.71 14.53 -1.75
CA SER CA 106 -181.90 14.15 -2.90
C SER CA 106 -181.55 12.66 -2.90
N ASP CA 107 -181.14 12.09 -1.73
CA ASP CA 107 -180.75 10.69 -1.57
C ASP CA 107 -181.91 9.71 -1.54
N PHE CA 108 -183.17 10.17 -1.42
CA PHE CA 108 -184.32 9.32 -1.58
C PHE CA 108 -184.57 9.02 -3.06
N GLY CA 109 -184.42 10.03 -3.96
CA GLY CA 109 -184.71 9.84 -5.39
C GLY CA 109 -183.74 8.91 -6.09
N VAL CA 110 -182.50 8.83 -5.60
CA VAL CA 110 -181.47 8.01 -6.23
C VAL CA 110 -181.73 6.50 -6.08
N LEU CA 111 -182.48 6.10 -5.03
CA LEU CA 111 -182.83 4.70 -4.80
C LEU CA 111 -183.78 4.15 -5.85
N ASN CA 112 -184.82 4.95 -6.20
CA ASN CA 112 -185.83 4.56 -7.17
C ASN CA 112 -185.27 4.48 -8.58
N ASP CA 113 -184.30 5.36 -8.92
CA ASP CA 113 -183.73 5.44 -10.25
C ASP CA 113 -182.61 4.43 -10.49
N ALA CA 114 -182.05 3.82 -9.43
CA ALA CA 114 -180.99 2.82 -9.56
C ALA CA 114 -181.51 1.40 -9.66
N HIS CA 115 -182.63 1.07 -8.96
CA HIS CA 115 -183.22 -0.27 -8.96
C HIS CA 115 -184.35 -0.41 -9.95
N ASN CA 116 -184.63 0.64 -10.73
CA ASN CA 116 -185.70 0.63 -11.71
C ASN CA 116 -185.30 1.56 -12.87
N GLY CA 117 -184.02 1.57 -13.25
CA GLY CA 117 -183.55 2.42 -14.33
C GLY CA 117 -182.06 2.41 -14.40
N LEU CA 118 -181.53 2.98 -15.49
CA LEU CA 118 -180.11 3.23 -15.67
C LEU CA 118 -179.76 4.63 -15.18
N LEU CA 119 -178.46 4.94 -15.15
CA LEU CA 119 -177.93 6.22 -14.71
C LEU CA 119 -176.70 6.46 -15.58
N LYS CA 120 -175.61 7.01 -15.00
CA LYS CA 120 -174.39 7.40 -15.67
C LYS CA 120 -174.55 8.52 -16.70
N GLY CA 121 -173.65 8.59 -17.70
CA GLY CA 121 -173.71 9.53 -18.80
C GLY CA 121 -172.85 8.96 -19.88
N THR CA 122 -172.67 9.73 -20.96
CA THR CA 122 -171.97 9.28 -22.18
C THR CA 122 -171.11 10.39 -22.73
N VAL CA 123 -171.71 11.42 -23.35
CA VAL CA 123 -171.00 12.51 -23.98
C VAL CA 123 -172.04 13.60 -24.02
N THR CA 124 -171.63 14.87 -24.23
CA THR CA 124 -172.48 16.05 -24.37
C THR CA 124 -173.28 16.35 -23.12
N SER CA 125 -174.60 16.09 -23.17
CA SER CA 125 -175.54 16.22 -22.08
C SER CA 125 -175.73 14.87 -21.40
N ALA CA 126 -176.97 14.53 -20.99
CA ALA CA 126 -177.31 13.25 -20.40
C ALA CA 126 -177.59 12.18 -21.47
N GLU CA 127 -177.66 10.89 -21.05
CA GLU CA 127 -177.96 9.74 -21.91
C GLU CA 127 -179.54 9.56 -21.85
N PRO CA 128 -180.23 8.41 -22.00
CA PRO CA 128 -181.70 8.22 -21.98
C PRO CA 128 -182.17 7.70 -20.64
N LEU CA 129 -181.34 6.88 -19.97
CA LEU CA 129 -181.61 6.25 -18.70
C LEU CA 129 -182.77 5.24 -18.72
N ASP CA 130 -182.67 4.19 -19.57
CA ASP CA 130 -183.76 3.27 -19.81
C ASP CA 130 -184.04 2.37 -18.58
N PRO CA 131 -185.25 1.85 -18.40
CA PRO CA 131 -185.47 0.79 -17.42
C PRO CA 131 -185.79 -0.55 -18.11
N LYS CA 132 -184.86 -1.19 -18.86
CA LYS CA 132 -185.08 -2.52 -19.40
C LYS CA 132 -184.50 -3.60 -18.48
N SER CA 133 -183.21 -3.94 -18.62
CA SER CA 133 -182.60 -5.04 -17.87
C SER CA 133 -181.08 -4.87 -17.77
N PHE CA 134 -180.35 -5.31 -18.81
CA PHE CA 134 -178.90 -5.26 -18.93
C PHE CA 134 -178.33 -4.04 -19.62
N LYS CA 135 -177.18 -3.52 -19.18
CA LYS CA 135 -176.71 -2.26 -19.70
C LYS CA 135 -176.11 -2.30 -21.09
N ARG CA 136 -175.72 -3.49 -21.57
CA ARG CA 136 -175.13 -3.65 -22.88
C ARG CA 136 -176.14 -3.53 -24.01
N ILE CA 137 -177.35 -4.13 -23.84
CA ILE CA 137 -178.38 -4.14 -24.86
C ILE CA 137 -179.17 -2.83 -24.89
N GLU CA 138 -179.09 -2.03 -23.81
CA GLU CA 138 -179.76 -0.74 -23.70
C GLU CA 138 -178.98 0.39 -24.34
N LYS CA 139 -177.66 0.45 -24.07
CA LYS CA 139 -176.80 1.51 -24.52
C LYS CA 139 -176.57 1.52 -26.03
N ALA CA 140 -176.50 0.31 -26.64
CA ALA CA 140 -176.32 0.19 -28.07
C ALA CA 140 -177.54 0.64 -28.88
N LEU CA 141 -178.76 0.37 -28.39
CA LEU CA 141 -180.00 0.71 -29.08
C LEU CA 141 -180.43 2.14 -28.87
N SER CA 142 -179.85 2.84 -27.87
CA SER CA 142 -180.16 4.22 -27.60
C SER CA 142 -179.11 5.16 -28.17
N ALA CA 143 -177.84 4.72 -28.31
CA ALA CA 143 -176.81 5.57 -28.89
C ALA CA 143 -177.10 5.94 -30.34
N SER CA 144 -177.55 4.99 -31.17
CA SER CA 144 -177.83 5.25 -32.58
C SER CA 144 -178.98 6.22 -32.81
N LYS CA 145 -180.01 6.19 -31.95
CA LYS CA 145 -181.19 7.04 -32.04
C LYS CA 145 -180.97 8.45 -31.50
N LEU CA 146 -179.97 8.67 -30.63
CA LEU CA 146 -179.73 9.98 -30.04
C LEU CA 146 -178.60 10.74 -30.74
N VAL CA 147 -177.76 10.04 -31.53
CA VAL CA 147 -176.72 10.68 -32.33
C VAL CA 147 -177.25 11.40 -33.54
N GLY CA 148 -178.27 10.83 -34.22
CA GLY CA 148 -178.87 11.42 -35.40
C GLY CA 148 -179.86 12.52 -35.11
N GLN CA 149 -180.64 12.35 -34.04
CA GLN CA 149 -181.67 13.30 -33.64
C GLN CA 149 -181.10 14.33 -32.67
N GLY CA 150 -180.85 15.58 -33.12
CA GLY CA 150 -180.28 16.62 -32.28
C GLY CA 150 -178.79 16.64 -32.48
N LYS CA 151 -178.00 16.51 -31.39
CA LYS CA 151 -176.55 16.49 -31.44
C LYS CA 151 -175.89 17.75 -32.04
N SER CA 152 -176.00 18.90 -31.35
CA SER CA 152 -175.49 20.17 -31.87
C SER CA 152 -173.97 20.28 -31.98
N LEU CA 153 -173.23 19.50 -31.15
CA LEU CA 153 -171.77 19.45 -31.12
C LEU CA 153 -171.07 20.74 -30.84
N LYS CA 154 -171.28 21.30 -29.63
CA LYS CA 154 -170.73 22.59 -29.31
C LYS CA 154 -169.98 22.60 -28.00
N SER CA 181 -163.77 19.00 -28.13
CA SER CA 181 -163.20 18.00 -29.01
C SER CA 181 -162.34 17.08 -28.19
N THR CA 182 -162.39 15.75 -28.46
CA THR CA 182 -161.59 14.74 -27.76
C THR CA 182 -160.55 14.10 -28.65
N LYS CA 183 -160.90 13.83 -29.92
CA LYS CA 183 -160.02 13.21 -30.90
C LYS CA 183 -158.89 14.13 -31.36
N ILE CA 184 -159.15 15.44 -31.53
CA ILE CA 184 -158.17 16.43 -31.94
C ILE CA 184 -157.12 16.63 -30.86
N GLN CA 185 -157.54 16.63 -29.58
CA GLN CA 185 -156.64 16.82 -28.45
C GLN CA 185 -155.65 15.70 -28.25
N LYS CA 186 -156.07 14.45 -28.49
CA LYS CA 186 -155.19 13.30 -28.43
C LYS CA 186 -154.14 13.26 -29.51
N LEU CA 187 -154.47 13.63 -30.76
CA LEU CA 187 -153.53 13.64 -31.87
C LEU CA 187 -152.42 14.66 -31.71
N ASN CA 188 -152.75 15.88 -31.23
CA ASN CA 188 -151.77 16.94 -31.01
C ASN CA 188 -150.74 16.59 -29.95
N LYS CA 189 -151.17 15.95 -28.84
CA LYS CA 189 -150.28 15.57 -27.75
C LYS CA 189 -149.24 14.53 -28.17
N VAL CA 190 -149.62 13.57 -29.03
CA VAL CA 190 -148.72 12.52 -29.50
C VAL CA 190 -147.58 13.06 -30.36
N LEU CA 191 -147.86 14.10 -31.17
CA LEU CA 191 -146.87 14.72 -32.04
C LEU CA 191 -145.89 15.65 -31.33
N GLU CA 192 -146.27 16.22 -30.17
CA GLU CA 192 -145.37 17.08 -29.39
C GLU CA 192 -144.42 16.31 -28.47
N ASP CA 193 -144.76 15.05 -28.12
CA ASP CA 193 -143.93 14.20 -27.29
C ASP CA 193 -142.82 13.50 -28.09
N SER CA 194 -142.90 13.47 -29.43
CA SER CA 194 -141.94 12.82 -30.32
C SER CA 194 -140.95 13.77 -31.04
N UNK DA 1 -159.78 9.25 -39.15
CA UNK DA 1 -160.48 9.84 -40.28
C UNK DA 1 -159.98 11.25 -40.51
N UNK DA 2 -160.64 12.21 -39.86
CA UNK DA 2 -160.28 13.61 -39.99
C UNK DA 2 -158.87 13.83 -39.46
N UNK DA 3 -158.61 13.14 -38.35
CA UNK DA 3 -157.32 13.14 -37.68
C UNK DA 3 -156.37 12.53 -38.67
N UNK DA 4 -156.83 11.50 -39.38
CA UNK DA 4 -156.01 10.87 -40.41
C UNK DA 4 -155.79 11.88 -41.52
N UNK DA 5 -156.87 12.59 -41.86
CA UNK DA 5 -156.85 13.63 -42.88
C UNK DA 5 -155.95 14.75 -42.42
N UNK DA 6 -156.04 15.09 -41.14
CA UNK DA 6 -155.22 16.13 -40.56
C UNK DA 6 -153.75 15.74 -40.66
N UNK DA 7 -153.45 14.47 -40.40
CA UNK DA 7 -152.10 13.94 -40.46
C UNK DA 7 -151.59 14.04 -41.88
N UNK DA 8 -152.45 13.74 -42.85
CA UNK DA 8 -152.06 13.82 -44.25
C UNK DA 8 -151.75 15.27 -44.61
N UNK DA 9 -152.56 16.19 -44.10
CA UNK DA 9 -152.38 17.62 -44.32
C UNK DA 9 -151.05 18.06 -43.71
N UNK DA 10 -150.76 17.53 -42.53
CA UNK DA 10 -149.53 17.80 -41.80
C UNK DA 10 -148.36 17.31 -42.62
N UNK DA 11 -148.49 16.14 -43.23
CA UNK DA 11 -147.44 15.58 -44.07
C UNK DA 11 -147.20 16.49 -45.26
N UNK DA 12 -148.27 17.01 -45.85
CA UNK DA 12 -148.16 17.93 -46.97
C UNK DA 12 -147.44 19.20 -46.55
N UNK DA 13 -147.78 19.67 -45.35
CA UNK DA 13 -147.18 20.86 -44.77
C UNK DA 13 -145.69 20.63 -44.53
N UNK DA 14 -145.35 19.43 -44.08
CA UNK DA 14 -143.97 19.03 -43.81
C UNK DA 14 -143.19 19.06 -45.11
N UNK DA 15 -143.82 18.57 -46.18
CA UNK DA 15 -143.19 18.57 -47.48
C UNK DA 15 -142.91 20.02 -47.89
N UNK DA 16 -143.88 20.90 -47.67
CA UNK DA 16 -143.67 22.29 -48.02
C UNK DA 16 -142.53 22.89 -47.20
N UNK DA 17 -142.49 22.59 -45.90
CA UNK DA 17 -141.46 23.14 -45.04
C UNK DA 17 -140.13 22.62 -45.53
N UNK DA 18 -140.08 21.33 -45.82
CA UNK DA 18 -138.87 20.75 -46.38
C UNK DA 18 -138.44 21.57 -47.57
N UNK DA 19 -139.41 21.97 -48.38
CA UNK DA 19 -139.16 22.80 -49.54
C UNK DA 19 -138.60 24.15 -49.10
N UNK DA 20 -139.16 24.69 -48.02
CA UNK DA 20 -138.69 25.96 -47.49
C UNK DA 20 -137.24 25.85 -47.05
N UNK DA 21 -136.91 24.73 -46.39
CA UNK DA 21 -135.54 24.48 -45.93
C UNK DA 21 -134.91 25.65 -45.17
N MET EA 1 46.57 32.82 57.99
CA MET EA 1 46.94 32.11 56.78
C MET EA 1 48.37 32.41 56.38
N GLN EA 2 49.19 32.86 57.33
CA GLN EA 2 50.57 33.23 57.00
C GLN EA 2 51.43 31.99 56.80
N LEU EA 3 51.12 30.92 57.51
CA LEU EA 3 51.94 29.70 57.42
C LEU EA 3 51.76 29.01 56.08
N VAL EA 4 50.51 28.92 55.61
CA VAL EA 4 50.26 28.23 54.35
C VAL EA 4 50.78 29.05 53.18
N LEU EA 5 50.79 30.37 53.32
CA LEU EA 5 51.33 31.20 52.24
C LEU EA 5 52.85 31.22 52.29
N ALA EA 6 53.43 30.98 53.47
CA ALA EA 6 54.88 30.78 53.53
C ALA EA 6 55.26 29.43 52.96
N ALA EA 7 54.40 28.43 53.11
CA ALA EA 7 54.65 27.10 52.57
C ALA EA 7 54.49 27.07 51.06
N LYS EA 8 53.60 27.93 50.53
CA LYS EA 8 53.45 28.07 49.09
C LYS EA 8 54.75 28.49 48.41
N TYR EA 9 55.48 29.42 49.03
CA TYR EA 9 56.72 29.91 48.44
C TYR EA 9 57.80 28.84 48.47
N ILE EA 10 57.89 28.09 49.57
CA ILE EA 10 58.84 26.99 49.66
C ILE EA 10 58.50 25.89 48.66
N GLY EA 11 57.21 25.61 48.47
CA GLY EA 11 56.82 24.60 47.51
C GLY EA 11 57.12 25.01 46.08
N ALA EA 12 56.94 26.29 45.77
CA ALA EA 12 57.32 26.79 44.46
C ALA EA 12 58.84 26.77 44.28
N GLY EA 13 59.57 26.91 45.38
CA GLY EA 13 61.01 26.75 45.31
C GLY EA 13 61.43 25.32 45.02
N ILE EA 14 60.78 24.36 45.68
CA ILE EA 14 61.12 22.95 45.48
C ILE EA 14 60.72 22.50 44.08
N SER EA 15 59.62 23.01 43.56
CA SER EA 15 59.20 22.58 42.24
C SER EA 15 59.98 23.23 41.10
N THR EA 16 61.14 23.83 41.36
CA THR EA 16 62.02 24.36 40.34
C THR EA 16 63.08 23.35 39.95
N ILE EA 17 63.37 22.39 40.84
CA ILE EA 17 64.49 21.46 40.69
C ILE EA 17 64.33 20.57 39.46
N GLY EA 18 63.09 20.21 39.14
CA GLY EA 18 62.80 19.32 38.02
C GLY EA 18 63.14 19.88 36.64
N LEU EA 19 63.53 21.16 36.55
CA LEU EA 19 63.93 21.72 35.26
C LEU EA 19 65.32 21.25 34.84
N LEU EA 20 66.12 20.75 35.79
CA LEU EA 20 67.46 20.31 35.43
C LEU EA 20 67.42 19.07 34.56
N GLY EA 21 66.36 18.28 34.69
CA GLY EA 21 66.09 17.16 33.82
C GLY EA 21 65.98 17.60 32.37
N ALA EA 22 65.19 18.64 32.11
CA ALA EA 22 65.10 19.17 30.75
C ALA EA 22 66.40 19.84 30.31
N GLY EA 23 67.10 20.48 31.26
CA GLY EA 23 68.33 21.17 30.91
C GLY EA 23 69.44 20.23 30.48
N ILE EA 24 69.50 19.06 31.11
CA ILE EA 24 70.42 18.04 30.61
C ILE EA 24 69.82 17.35 29.39
N GLY EA 25 68.51 17.28 29.33
CA GLY EA 25 67.82 16.48 28.33
C GLY EA 25 67.89 16.95 26.89
N ILE EA 26 67.57 18.23 26.71
CA ILE EA 26 67.64 18.87 25.39
C ILE EA 26 69.05 18.77 24.85
N ALA EA 27 70.01 18.90 25.76
CA ALA EA 27 71.41 18.82 25.42
C ALA EA 27 71.83 17.44 24.98
N ILE EA 28 71.35 16.40 25.67
CA ILE EA 28 71.71 15.04 25.26
C ILE EA 28 71.14 14.74 23.88
N VAL EA 29 69.92 15.24 23.61
CA VAL EA 29 69.32 15.06 22.29
C VAL EA 29 70.14 15.77 21.22
N PHE EA 30 70.51 17.03 21.45
CA PHE EA 30 71.25 17.76 20.43
C PHE EA 30 72.69 17.30 20.32
N ALA EA 31 73.26 16.77 21.40
CA ALA EA 31 74.59 16.20 21.34
C ALA EA 31 74.60 14.94 20.49
N ALA EA 32 73.56 14.12 20.62
CA ALA EA 32 73.44 12.97 19.75
C ALA EA 32 73.18 13.39 18.31
N LEU EA 33 72.46 14.50 18.12
CA LEU EA 33 72.25 15.04 16.76
C LEU EA 33 73.57 15.43 16.12
N ILE EA 34 74.43 16.12 16.86
CA ILE EA 34 75.72 16.55 16.33
C ILE EA 34 76.60 15.34 16.03
N ASN EA 35 76.67 14.39 16.97
CA ASN EA 35 77.47 13.19 16.75
C ASN EA 35 76.87 12.25 15.71
N GLY EA 36 75.62 12.45 15.31
CA GLY EA 36 75.06 11.68 14.23
C GLY EA 36 75.25 12.35 12.88
N VAL EA 37 75.29 13.68 12.86
CA VAL EA 37 75.59 14.38 11.62
C VAL EA 37 77.07 14.21 11.27
N SER EA 38 77.93 14.15 12.27
CA SER EA 38 79.37 14.04 11.98
C SER EA 38 79.73 12.65 11.47
N ARG EA 39 79.01 11.62 11.89
CA ARG EA 39 79.24 10.29 11.34
C ARG EA 39 78.67 10.16 9.93
N ASN EA 40 77.60 10.88 9.63
CA ASN EA 40 76.94 10.76 8.35
C ASN EA 40 76.21 12.06 8.02
N PRO EA 41 76.77 12.90 7.14
CA PRO EA 41 76.12 14.18 6.83
C PRO EA 41 74.99 14.09 5.82
N SER EA 42 74.62 12.88 5.37
CA SER EA 42 73.58 12.72 4.37
C SER EA 42 72.21 12.47 4.96
N ILE EA 43 72.13 12.19 6.26
CA ILE EA 43 70.90 11.75 6.89
C ILE EA 43 70.26 12.90 7.69
N LYS EA 44 70.57 14.14 7.31
CA LYS EA 44 70.19 15.32 8.07
C LYS EA 44 68.68 15.53 8.08
N ASP EA 45 68.06 15.49 6.90
CA ASP EA 45 66.63 15.72 6.78
C ASP EA 45 65.79 14.54 7.23
N THR EA 46 66.42 13.41 7.57
CA THR EA 46 65.75 12.31 8.24
C THR EA 46 65.87 12.40 9.75
N VAL EA 47 67.03 12.78 10.25
CA VAL EA 47 67.29 12.73 11.69
C VAL EA 47 66.77 13.95 12.41
N PHE EA 48 66.95 15.15 11.83
CA PHE EA 48 66.66 16.39 12.54
C PHE EA 48 65.20 16.61 12.99
N PRO EA 49 64.15 16.17 12.28
CA PRO EA 49 62.81 16.19 12.90
C PRO EA 49 62.68 15.33 14.15
N MET EA 50 63.39 14.20 14.24
CA MET EA 50 63.37 13.42 15.46
C MET EA 50 64.05 14.15 16.61
N ALA EA 51 65.07 14.94 16.30
CA ALA EA 51 65.70 15.77 17.33
C ALA EA 51 64.76 16.85 17.82
N ILE EA 52 64.01 17.47 16.90
CA ILE EA 52 63.02 18.48 17.31
C ILE EA 52 61.90 17.84 18.12
N LEU EA 53 61.52 16.62 17.76
CA LEU EA 53 60.49 15.90 18.50
C LEU EA 53 60.95 15.57 19.93
N GLY EA 54 62.20 15.11 20.07
CA GLY EA 54 62.72 14.84 21.40
C GLY EA 54 62.90 16.09 22.24
N PHE EA 55 63.28 17.20 21.58
CA PHE EA 55 63.29 18.52 22.20
C PHE EA 55 61.93 18.89 22.79
N ALA EA 56 60.88 18.72 21.99
CA ALA EA 56 59.54 19.07 22.45
C ALA EA 56 59.09 18.15 23.58
N LEU EA 57 59.34 16.85 23.45
CA LEU EA 57 58.80 15.92 24.41
C LEU EA 57 59.56 15.95 25.73
N SER EA 58 60.80 16.46 25.75
CA SER EA 58 61.45 16.68 27.03
C SER EA 58 61.11 18.06 27.60
N GLU EA 59 60.86 19.04 26.73
CA GLU EA 59 60.46 20.36 27.21
C GLU EA 59 59.09 20.31 27.85
N ALA EA 60 58.25 19.37 27.41
CA ALA EA 60 56.96 19.14 28.06
C ALA EA 60 57.13 18.69 29.50
N THR EA 61 58.08 17.80 29.75
CA THR EA 61 58.32 17.34 31.12
C THR EA 61 58.96 18.45 31.95
N GLY EA 62 59.71 19.35 31.31
CA GLY EA 62 60.15 20.54 32.03
C GLY EA 62 58.99 21.47 32.41
N LEU EA 63 58.08 21.71 31.48
CA LEU EA 63 56.99 22.62 31.76
C LEU EA 63 55.97 22.03 32.71
N PHE EA 64 55.87 20.69 32.78
CA PHE EA 64 54.99 20.06 33.76
C PHE EA 64 55.47 20.28 35.17
N CYS EA 65 56.76 20.55 35.34
CA CYS EA 65 57.28 20.91 36.65
C CYS EA 65 57.31 22.41 36.86
N LEU EA 66 57.29 23.19 35.77
CA LEU EA 66 57.17 24.64 35.94
C LEU EA 66 55.75 25.03 36.35
N MET EA 67 54.74 24.34 35.82
CA MET EA 67 53.34 24.71 36.10
C MET EA 67 52.95 24.46 37.55
N VAL EA 68 53.60 23.50 38.21
CA VAL EA 68 53.34 23.30 39.64
C VAL EA 68 53.87 24.48 40.44
N SER EA 69 55.00 25.03 40.00
CA SER EA 69 55.52 26.24 40.63
C SER EA 69 54.62 27.43 40.39
N PHE EA 70 54.05 27.53 39.18
CA PHE EA 70 53.11 28.62 38.91
C PHE EA 70 51.79 28.46 39.65
N LEU EA 71 51.39 27.22 39.95
CA LEU EA 71 50.27 27.04 40.87
C LEU EA 71 50.61 27.46 42.28
N LEU EA 72 51.79 27.07 42.77
CA LEU EA 72 52.12 27.35 44.15
C LEU EA 72 52.50 28.80 44.38
N LEU EA 73 52.82 29.55 43.34
CA LEU EA 73 53.05 30.98 43.54
C LEU EA 73 51.74 31.73 43.69
N PHE EA 74 50.79 31.49 42.78
CA PHE EA 74 49.57 32.30 42.71
C PHE EA 74 48.32 31.53 43.04
N GLY EA 75 48.05 30.43 42.32
CA GLY EA 75 46.81 29.70 42.49
C GLY EA 75 46.74 28.89 43.76
N MET FA 1 45.11 23.54 61.54
CA MET FA 1 44.46 23.41 60.25
C MET FA 1 45.35 24.02 59.17
N GLN FA 2 46.11 25.05 59.56
CA GLN FA 2 47.10 25.62 58.65
C GLN FA 2 48.25 24.66 58.41
N LEU FA 3 48.57 23.84 59.41
CA LEU FA 3 49.69 22.91 59.29
C LEU FA 3 49.41 21.83 58.27
N VAL FA 4 48.16 21.38 58.17
CA VAL FA 4 47.79 20.32 57.24
C VAL FA 4 47.96 20.81 55.80
N LEU FA 5 47.39 21.98 55.49
CA LEU FA 5 47.54 22.56 54.16
C LEU FA 5 48.98 22.97 53.86
N ALA FA 6 49.72 23.41 54.88
CA ALA FA 6 51.11 23.80 54.68
C ALA FA 6 51.97 22.61 54.29
N ALA FA 7 51.93 21.55 55.09
CA ALA FA 7 52.69 20.35 54.76
C ALA FA 7 52.16 19.66 53.51
N LYS FA 8 50.87 19.86 53.22
CA LYS FA 8 50.28 19.38 51.97
C LYS FA 8 50.95 20.04 50.77
N TYR FA 9 51.10 21.36 50.80
CA TYR FA 9 51.72 22.05 49.68
C TYR FA 9 53.22 21.79 49.62
N ILE FA 10 53.87 21.60 50.78
CA ILE FA 10 55.30 21.27 50.77
C ILE FA 10 55.52 19.89 50.15
N GLY FA 11 54.69 18.91 50.53
CA GLY FA 11 54.82 17.59 49.94
C GLY FA 11 54.49 17.57 48.46
N ALA FA 12 53.55 18.42 48.03
CA ALA FA 12 53.25 18.53 46.61
C ALA FA 12 54.41 19.17 45.86
N GLY FA 13 55.14 20.06 46.53
CA GLY FA 13 56.34 20.60 45.91
C GLY FA 13 57.45 19.57 45.81
N ILE FA 14 57.62 18.76 46.87
CA ILE FA 14 58.64 17.72 46.90
C ILE FA 14 58.38 16.67 45.83
N SER FA 15 57.11 16.36 45.58
CA SER FA 15 56.75 15.28 44.67
C SER FA 15 56.73 15.70 43.21
N THR FA 16 57.52 16.70 42.82
CA THR FA 16 57.77 16.99 41.41
C THR FA 16 59.25 16.88 41.06
N ILE FA 17 60.09 16.39 41.97
CA ILE FA 17 61.50 16.21 41.67
C ILE FA 17 61.70 15.05 40.71
N GLY FA 18 60.79 14.08 40.74
CA GLY FA 18 60.89 12.88 39.91
C GLY FA 18 60.76 13.12 38.42
N LEU FA 19 60.38 14.32 37.99
CA LEU FA 19 60.34 14.63 36.57
C LEU FA 19 61.72 14.82 35.96
N LEU FA 20 62.75 15.05 36.78
CA LEU FA 20 64.10 15.05 36.22
C LEU FA 20 64.54 13.64 35.87
N GLY FA 21 63.90 12.64 36.45
CA GLY FA 21 64.07 11.28 36.04
C GLY FA 21 63.28 10.91 34.80
N ALA FA 22 62.52 11.82 34.24
CA ALA FA 22 61.81 11.58 32.99
C ALA FA 22 62.33 12.41 31.84
N GLY FA 23 62.81 13.62 32.13
CA GLY FA 23 63.44 14.44 31.10
C GLY FA 23 64.68 13.80 30.53
N ILE FA 24 65.56 13.35 31.43
CA ILE FA 24 66.75 12.61 31.04
C ILE FA 24 66.36 11.28 30.40
N GLY FA 25 65.20 10.73 30.79
CA GLY FA 25 64.75 9.48 30.20
C GLY FA 25 64.41 9.61 28.72
N ILE FA 26 63.56 10.59 28.41
CA ILE FA 26 63.20 10.88 27.02
C ILE FA 26 64.44 11.29 26.23
N ALA FA 27 65.37 11.97 26.89
CA ALA FA 27 66.63 12.36 26.27
C ALA FA 27 67.44 11.16 25.82
N ILE FA 28 67.67 10.21 26.72
CA ILE FA 28 68.53 9.07 26.40
C ILE FA 28 67.87 8.19 25.34
N VAL FA 29 66.54 8.09 25.37
CA VAL FA 29 65.83 7.29 24.37
C VAL FA 29 65.96 7.91 22.98
N PHE FA 30 65.69 9.21 22.86
CA PHE FA 30 65.84 9.80 21.52
C PHE FA 30 67.29 9.98 21.11
N ALA FA 31 68.22 10.02 22.08
CA ALA FA 31 69.63 10.06 21.75
C ALA FA 31 70.08 8.74 21.11
N ALA FA 32 69.65 7.62 21.70
CA ALA FA 32 69.95 6.33 21.11
C ALA FA 32 69.23 6.16 19.78
N LEU FA 33 68.04 6.74 19.64
CA LEU FA 33 67.33 6.71 18.36
C LEU FA 33 68.13 7.42 17.27
N ILE FA 34 68.69 8.59 17.59
CA ILE FA 34 69.49 9.34 16.63
C ILE FA 34 70.76 8.60 16.26
N ASN FA 35 71.45 8.06 17.28
CA ASN FA 35 72.70 7.35 17.02
C ASN FA 35 72.46 6.02 16.31
N GLY FA 36 71.27 5.45 16.46
CA GLY FA 36 70.96 4.22 15.78
C GLY FA 36 70.53 4.43 14.35
N VAL FA 37 69.84 5.54 14.08
CA VAL FA 37 69.46 5.84 12.71
C VAL FA 37 70.67 6.31 11.90
N SER FA 38 71.56 7.08 12.55
CA SER FA 38 72.70 7.66 11.83
C SER FA 38 73.70 6.61 11.39
N ARG FA 39 73.92 5.58 12.21
CA ARG FA 39 74.87 4.54 11.85
C ARG FA 39 74.25 3.42 11.02
N ASN FA 40 72.94 3.46 10.76
CA ASN FA 40 72.31 2.48 9.88
C ASN FA 40 71.02 3.10 9.32
N PRO FA 41 71.05 3.60 8.08
CA PRO FA 41 69.90 4.36 7.58
C PRO FA 41 68.69 3.53 7.21
N SER FA 42 68.77 2.20 7.25
CA SER FA 42 67.64 1.36 6.87
C SER FA 42 66.99 0.68 8.07
N ILE FA 43 67.19 1.21 9.28
CA ILE FA 43 66.65 0.60 10.49
C ILE FA 43 65.54 1.46 11.09
N LYS FA 44 65.25 2.62 10.50
CA LYS FA 44 64.30 3.59 11.05
C LYS FA 44 62.90 3.02 11.18
N ASP FA 45 62.42 2.32 10.15
CA ASP FA 45 61.08 1.78 10.17
C ASP FA 45 60.95 0.53 11.03
N THR FA 46 62.05 0.05 11.61
CA THR FA 46 62.02 -1.04 12.58
C THR FA 46 62.27 -0.53 14.00
N VAL FA 47 63.06 0.51 14.15
CA VAL FA 47 63.46 1.03 15.45
C VAL FA 47 62.53 2.12 15.94
N PHE FA 48 61.70 2.70 15.06
CA PHE FA 48 60.83 3.79 15.49
C PHE FA 48 59.69 3.36 16.42
N PRO FA 49 59.00 2.21 16.23
CA PRO FA 49 58.05 1.80 17.28
C PRO FA 49 58.67 1.51 18.62
N MET FA 50 59.87 0.94 18.65
CA MET FA 50 60.58 0.79 19.92
C MET FA 50 60.96 2.13 20.52
N ALA FA 51 61.21 3.14 19.70
CA ALA FA 51 61.49 4.47 20.19
C ALA FA 51 60.29 5.10 20.87
N ILE FA 52 59.12 5.03 20.21
CA ILE FA 52 57.90 5.61 20.78
C ILE FA 52 57.47 4.86 22.03
N LEU FA 53 57.58 3.52 21.97
CA LEU FA 53 57.30 2.65 23.10
C LEU FA 53 58.15 3.00 24.31
N GLY FA 54 59.48 3.08 24.10
CA GLY FA 54 60.37 3.42 25.20
C GLY FA 54 60.17 4.83 25.72
N PHE FA 55 59.86 5.77 24.82
CA PHE FA 55 59.56 7.15 25.20
C PHE FA 55 58.41 7.25 26.18
N ALA FA 56 57.22 6.79 25.80
CA ALA FA 56 56.07 7.02 26.67
C ALA FA 56 56.08 6.05 27.84
N LEU FA 57 56.60 4.85 27.61
CA LEU FA 57 56.66 3.83 28.66
C LEU FA 57 57.80 4.11 29.63
N SER FA 58 58.62 5.14 29.35
CA SER FA 58 59.50 5.69 30.37
C SER FA 58 58.92 6.96 30.98
N GLU FA 59 58.16 7.74 30.25
CA GLU FA 59 57.63 8.91 30.92
C GLU FA 59 56.70 8.49 32.02
N ALA FA 60 55.88 7.49 31.74
CA ALA FA 60 54.88 7.07 32.71
C ALA FA 60 55.37 7.12 34.16
N THR FA 61 56.65 6.84 34.38
CA THR FA 61 57.17 6.88 35.74
C THR FA 61 57.43 8.29 36.25
N GLY FA 62 57.38 9.29 35.40
CA GLY FA 62 57.41 10.67 35.88
C GLY FA 62 55.99 11.15 36.07
N LEU FA 63 55.10 10.62 35.25
CA LEU FA 63 53.70 11.02 35.39
C LEU FA 63 53.03 10.41 36.61
N PHE FA 64 53.53 9.27 37.10
CA PHE FA 64 53.07 8.75 38.39
C PHE FA 64 53.40 9.74 39.51
N CYS FA 65 54.61 10.29 39.47
CA CYS FA 65 55.05 11.26 40.46
C CYS FA 65 54.25 12.56 40.36
N LEU FA 66 53.91 12.95 39.14
CA LEU FA 66 53.04 14.10 38.96
C LEU FA 66 51.62 13.85 39.46
N MET FA 67 51.13 12.60 39.38
CA MET FA 67 49.82 12.32 39.96
C MET FA 67 49.84 12.27 41.47
N VAL FA 68 50.94 11.84 42.07
CA VAL FA 68 51.09 11.99 43.51
C VAL FA 68 51.06 13.47 43.88
N SER FA 69 51.68 14.30 43.05
CA SER FA 69 51.64 15.75 43.27
C SER FA 69 50.23 16.32 43.12
N PHE FA 70 49.45 15.80 42.19
CA PHE FA 70 48.09 16.32 42.01
C PHE FA 70 47.16 15.86 43.12
N LEU FA 71 47.31 14.61 43.58
CA LEU FA 71 46.52 14.15 44.72
C LEU FA 71 46.91 14.87 46.00
N LEU FA 72 48.14 15.35 46.10
CA LEU FA 72 48.48 16.20 47.23
C LEU FA 72 47.87 17.59 47.07
N LEU FA 73 48.06 18.22 45.91
CA LEU FA 73 47.61 19.60 45.69
C LEU FA 73 46.11 19.77 45.83
N PHE FA 74 45.35 18.89 45.20
CA PHE FA 74 43.92 19.12 45.04
C PHE FA 74 43.07 18.08 45.76
N GLY FA 75 43.68 17.05 46.33
CA GLY FA 75 42.94 16.05 47.07
C GLY FA 75 43.38 15.95 48.53
N GLN GA 2 46.92 17.23 65.23
CA GLN GA 2 47.13 16.17 64.27
C GLN GA 2 48.36 16.44 63.38
N LEU GA 3 49.52 16.44 64.04
CA LEU GA 3 50.79 16.59 63.35
C LEU GA 3 51.06 15.41 62.42
N VAL GA 4 50.57 14.22 62.77
CA VAL GA 4 50.85 13.03 61.98
C VAL GA 4 50.08 13.07 60.66
N LEU GA 5 48.87 13.64 60.68
CA LEU GA 5 48.08 13.76 59.46
C LEU GA 5 48.72 14.71 58.45
N ALA GA 6 49.46 15.70 58.94
CA ALA GA 6 50.20 16.56 58.03
C ALA GA 6 51.56 15.98 57.65
N ALA GA 7 52.21 15.27 58.57
CA ALA GA 7 53.53 14.73 58.30
C ALA GA 7 53.50 13.47 57.46
N LYS GA 8 52.35 12.82 57.30
CA LYS GA 8 52.30 11.73 56.34
C LYS GA 8 52.32 12.26 54.91
N TYR GA 9 51.91 13.50 54.69
CA TYR GA 9 51.94 14.05 53.34
C TYR GA 9 53.35 14.40 52.90
N ILE GA 10 54.18 14.87 53.84
CA ILE GA 10 55.60 15.09 53.56
C ILE GA 10 56.27 13.78 53.22
N GLY GA 11 55.91 12.71 53.93
CA GLY GA 11 56.47 11.40 53.62
C GLY GA 11 56.02 10.86 52.28
N ALA GA 12 54.75 11.10 51.93
CA ALA GA 12 54.25 10.69 50.63
C ALA GA 12 54.87 11.50 49.50
N GLY GA 13 55.29 12.73 49.79
CA GLY GA 13 56.01 13.51 48.81
C GLY GA 13 57.45 13.06 48.64
N ILE GA 14 58.13 12.80 49.75
CA ILE GA 14 59.54 12.43 49.69
C ILE GA 14 59.70 11.03 49.13
N SER GA 15 58.76 10.13 49.43
CA SER GA 15 58.86 8.76 48.94
C SER GA 15 58.54 8.60 47.47
N THR GA 16 58.24 9.69 46.76
CA THR GA 16 57.97 9.59 45.34
C THR GA 16 59.21 9.94 44.51
N ILE GA 17 60.30 10.30 45.18
CA ILE GA 17 61.53 10.68 44.50
C ILE GA 17 62.19 9.47 43.83
N GLY GA 18 61.90 8.27 44.31
CA GLY GA 18 62.59 7.08 43.81
C GLY GA 18 62.25 6.70 42.38
N LEU GA 19 61.24 7.34 41.79
CA LEU GA 19 60.91 7.10 40.38
C LEU GA 19 61.92 7.74 39.44
N LEU GA 20 62.74 8.66 39.97
CA LEU GA 20 63.89 9.22 39.25
C LEU GA 20 64.77 8.13 38.69
N GLY GA 21 65.03 7.10 39.49
CA GLY GA 21 65.82 5.99 39.02
C GLY GA 21 65.10 5.15 37.98
N ALA GA 22 63.79 5.02 38.13
CA ALA GA 22 63.00 4.16 37.24
C ALA GA 22 62.93 4.70 35.83
N GLY GA 23 62.74 6.01 35.70
CA GLY GA 23 62.66 6.61 34.36
C GLY GA 23 63.97 6.54 33.61
N ILE GA 24 65.07 6.88 34.30
CA ILE GA 24 66.41 6.76 33.73
C ILE GA 24 66.71 5.29 33.41
N GLY GA 25 66.15 4.38 34.22
CA GLY GA 25 66.40 2.98 34.00
C GLY GA 25 65.76 2.43 32.75
N ILE GA 26 64.48 2.72 32.56
CA ILE GA 26 63.77 2.31 31.35
C ILE GA 26 64.42 2.95 30.12
N ALA GA 27 64.92 4.18 30.27
CA ALA GA 27 65.65 4.82 29.18
C ALA GA 27 66.92 4.08 28.82
N ILE GA 28 67.72 3.68 29.81
CA ILE GA 28 68.98 3.01 29.52
C ILE GA 28 68.74 1.64 28.90
N VAL GA 29 67.67 0.95 29.34
CA VAL GA 29 67.33 -0.35 28.77
C VAL GA 29 66.93 -0.23 27.30
N PHE GA 30 65.98 0.66 27.00
CA PHE GA 30 65.57 0.79 25.60
C PHE GA 30 66.65 1.47 24.75
N ALA GA 31 67.55 2.22 25.37
CA ALA GA 31 68.67 2.79 24.64
C ALA GA 31 69.63 1.70 24.18
N ALA GA 32 69.93 0.76 25.08
CA ALA GA 32 70.78 -0.36 24.70
C ALA GA 32 70.08 -1.25 23.69
N LEU GA 33 68.75 -1.38 23.80
CA LEU GA 33 68.00 -2.17 22.82
C LEU GA 33 68.07 -1.56 21.43
N ILE GA 34 67.93 -0.23 21.34
CA ILE GA 34 68.03 0.47 20.06
C ILE GA 34 69.42 0.33 19.47
N ASN GA 35 70.46 0.48 20.30
CA ASN GA 35 71.83 0.32 19.82
C ASN GA 35 72.11 -1.10 19.37
N GLY GA 36 71.54 -2.08 20.07
CA GLY GA 36 71.77 -3.47 19.71
C GLY GA 36 71.06 -3.88 18.44
N VAL GA 37 69.88 -3.34 18.21
CA VAL GA 37 69.20 -3.61 16.95
C VAL GA 37 69.90 -2.89 15.80
N SER GA 38 70.38 -1.67 16.04
CA SER GA 38 71.01 -0.90 14.97
C SER GA 38 72.37 -1.45 14.59
N ARG GA 39 73.09 -2.05 15.53
CA ARG GA 39 74.35 -2.68 15.16
C ARG GA 39 74.12 -4.02 14.47
N ASN GA 40 73.28 -4.88 15.06
CA ASN GA 40 72.98 -6.20 14.52
C ASN GA 40 71.50 -6.22 14.19
N PRO GA 41 71.13 -6.12 12.92
CA PRO GA 41 69.70 -6.03 12.56
C PRO GA 41 68.93 -7.34 12.75
N SER GA 42 69.61 -8.47 12.91
CA SER GA 42 68.95 -9.76 13.03
C SER GA 42 68.94 -10.28 14.45
N ILE GA 43 68.76 -9.40 15.44
CA ILE GA 43 68.79 -9.79 16.84
C ILE GA 43 67.54 -9.34 17.59
N LYS GA 44 66.62 -8.64 16.90
CA LYS GA 44 65.44 -8.05 17.53
C LYS GA 44 64.54 -9.09 18.18
N ASP GA 45 64.17 -10.12 17.42
CA ASP GA 45 63.30 -11.16 17.96
C ASP GA 45 64.03 -12.07 18.93
N THR GA 46 65.36 -12.00 18.98
CA THR GA 46 66.12 -12.81 19.92
C THR GA 46 66.23 -12.12 21.28
N VAL GA 47 66.44 -10.80 21.28
CA VAL GA 47 66.82 -10.10 22.50
C VAL GA 47 65.70 -9.19 23.02
N PHE GA 48 64.65 -8.97 22.24
CA PHE GA 48 63.52 -8.15 22.68
C PHE GA 48 62.79 -8.64 23.95
N PRO GA 49 62.57 -9.95 24.18
CA PRO GA 49 62.01 -10.33 25.50
C PRO GA 49 62.93 -10.05 26.67
N MET GA 50 64.25 -10.02 26.46
CA MET GA 50 65.15 -9.59 27.53
C MET GA 50 64.93 -8.12 27.85
N ALA GA 51 64.62 -7.31 26.84
CA ALA GA 51 64.35 -5.90 27.07
C ALA GA 51 63.04 -5.71 27.83
N ILE GA 52 62.02 -6.47 27.45
CA ILE GA 52 60.73 -6.36 28.15
C ILE GA 52 60.85 -6.87 29.58
N LEU GA 53 61.64 -7.92 29.79
CA LEU GA 53 61.93 -8.43 31.13
C LEU GA 53 62.62 -7.37 31.99
N GLY GA 54 63.70 -6.77 31.46
CA GLY GA 54 64.43 -5.77 32.22
C GLY GA 54 63.61 -4.53 32.52
N PHE GA 55 62.75 -4.13 31.58
CA PHE GA 55 61.79 -3.06 31.84
C PHE GA 55 60.83 -3.43 32.97
N ALA GA 56 60.30 -4.65 32.95
CA ALA GA 56 59.34 -5.05 33.99
C ALA GA 56 59.97 -5.05 35.36
N LEU GA 57 61.22 -5.53 35.44
CA LEU GA 57 61.93 -5.55 36.71
C LEU GA 57 62.25 -4.14 37.18
N SER GA 58 62.68 -3.26 36.28
CA SER GA 58 63.02 -1.90 36.66
C SER GA 58 61.78 -1.09 37.03
N GLU GA 59 60.68 -1.31 36.36
CA GLU GA 59 59.56 -0.57 36.81
C GLU GA 59 59.17 -1.08 38.20
N ALA GA 60 59.04 -2.39 38.40
CA ALA GA 60 58.61 -2.85 39.73
C ALA GA 60 59.52 -2.30 40.82
N THR GA 61 60.81 -2.23 40.57
CA THR GA 61 61.73 -1.66 41.53
C THR GA 61 61.78 -0.14 41.48
N GLY GA 62 60.96 0.48 40.64
CA GLY GA 62 60.63 1.87 40.86
C GLY GA 62 59.29 1.98 41.57
N LEU GA 63 58.47 0.95 41.37
CA LEU GA 63 57.10 0.90 41.87
C LEU GA 63 57.01 0.69 43.37
N PHE GA 64 58.06 0.11 43.96
CA PHE GA 64 58.16 0.02 45.42
C PHE GA 64 57.96 1.37 46.09
N CYS GA 65 58.58 2.42 45.54
CA CYS GA 65 58.42 3.76 46.09
C CYS GA 65 56.99 4.26 45.97
N LEU GA 66 56.32 3.92 44.87
CA LEU GA 66 54.96 4.36 44.67
C LEU GA 66 53.99 3.65 45.62
N MET GA 67 54.23 2.37 45.90
CA MET GA 67 53.34 1.68 46.81
C MET GA 67 53.60 2.09 48.26
N VAL GA 68 54.84 2.46 48.59
CA VAL GA 68 55.11 3.02 49.91
C VAL GA 68 54.45 4.39 50.05
N SER GA 69 54.44 5.18 48.95
CA SER GA 69 53.75 6.46 48.98
C SER GA 69 52.24 6.29 49.12
N PHE GA 70 51.67 5.26 48.49
CA PHE GA 70 50.25 5.02 48.65
C PHE GA 70 49.91 4.50 50.05
N LEU GA 71 50.81 3.72 50.66
CA LEU GA 71 50.57 3.30 52.04
C LEU GA 71 50.68 4.47 53.01
N LEU GA 72 51.58 5.42 52.73
CA LEU GA 72 51.67 6.58 53.60
C LEU GA 72 50.49 7.53 53.40
N LEU GA 73 49.96 7.59 52.18
CA LEU GA 73 48.93 8.59 51.91
C LEU GA 73 47.54 8.04 52.21
N PHE GA 74 47.39 6.71 52.21
CA PHE GA 74 46.08 6.10 52.42
C PHE GA 74 46.01 5.20 53.64
N GLY GA 75 47.13 4.86 54.27
CA GLY GA 75 47.09 3.98 55.42
C GLY GA 75 47.54 4.65 56.70
N MET HA 1 52.55 10.44 71.90
CA MET HA 1 53.66 10.08 71.04
C MET HA 1 53.44 10.55 69.61
N GLN HA 2 52.90 11.76 69.46
CA GLN HA 2 52.58 12.27 68.12
C GLN HA 2 53.83 12.62 67.34
N LEU HA 3 54.86 13.12 68.02
CA LEU HA 3 56.11 13.48 67.36
C LEU HA 3 56.82 12.24 66.82
N VAL HA 4 56.92 11.19 67.65
CA VAL HA 4 57.58 9.96 67.21
C VAL HA 4 56.76 9.26 66.14
N LEU HA 5 55.43 9.29 66.25
CA LEU HA 5 54.57 8.67 65.24
C LEU HA 5 54.64 9.42 63.91
N ALA HA 6 54.86 10.74 63.95
CA ALA HA 6 55.07 11.48 62.72
C ALA HA 6 56.46 11.20 62.14
N ALA HA 7 57.47 11.05 63.01
CA ALA HA 7 58.81 10.77 62.55
C ALA HA 7 58.93 9.38 61.95
N LYS HA 8 58.07 8.45 62.37
CA LYS HA 8 57.92 7.16 61.70
C LYS HA 8 57.64 7.36 60.21
N TYR HA 9 56.66 8.20 59.89
CA TYR HA 9 56.22 8.35 58.50
C TYR HA 9 57.23 9.17 57.71
N ILE HA 10 57.84 10.18 58.35
CA ILE HA 10 58.88 10.97 57.69
C ILE HA 10 60.10 10.10 57.37
N GLY HA 11 60.52 9.26 58.32
CA GLY HA 11 61.64 8.39 58.08
C GLY HA 11 61.34 7.31 57.05
N ALA HA 12 60.08 6.84 57.02
CA ALA HA 12 59.69 5.88 56.00
C ALA HA 12 59.67 6.51 54.62
N GLY HA 13 59.36 7.82 54.55
CA GLY HA 13 59.45 8.51 53.28
C GLY HA 13 60.89 8.70 52.82
N ILE HA 14 61.75 9.15 53.73
CA ILE HA 14 63.13 9.46 53.36
C ILE HA 14 63.93 8.17 53.16
N SER HA 15 63.43 7.04 53.67
CA SER HA 15 64.16 5.78 53.55
C SER HA 15 64.28 5.33 52.11
N THR HA 16 63.20 5.39 51.35
CA THR HA 16 63.25 4.83 50.00
C THR HA 16 63.90 5.73 48.96
N ILE HA 17 64.64 6.79 49.32
CA ILE HA 17 65.36 7.59 48.33
C ILE HA 17 66.44 6.74 47.66
N GLY HA 18 67.17 5.96 48.45
CA GLY HA 18 68.24 5.13 47.94
C GLY HA 18 67.78 3.94 47.12
N LEU HA 19 66.47 3.72 47.02
CA LEU HA 19 65.93 2.60 46.27
C LEU HA 19 65.98 2.85 44.76
N LEU HA 20 66.24 4.09 44.34
CA LEU HA 20 66.39 4.37 42.91
C LEU HA 20 67.68 3.78 42.35
N GLY HA 21 68.65 3.50 43.22
CA GLY HA 21 69.88 2.89 42.76
C GLY HA 21 69.68 1.50 42.19
N ALA HA 22 68.73 0.75 42.76
CA ALA HA 22 68.40 -0.55 42.20
C ALA HA 22 67.72 -0.41 40.85
N GLY HA 23 66.88 0.61 40.69
CA GLY HA 23 66.21 0.84 39.41
C GLY HA 23 67.19 1.22 38.32
N ILE HA 24 68.23 1.98 38.67
CA ILE HA 24 69.28 2.25 37.69
C ILE HA 24 70.13 0.99 37.48
N GLY HA 25 70.29 0.19 38.53
CA GLY HA 25 71.27 -0.88 38.48
C GLY HA 25 70.83 -2.07 37.65
N ILE HA 26 69.58 -2.48 37.81
CA ILE HA 26 68.97 -3.50 36.97
C ILE HA 26 69.06 -3.11 35.51
N ALA HA 27 68.87 -1.82 35.24
CA ALA HA 27 68.94 -1.30 33.89
C ALA HA 27 70.35 -1.36 33.33
N ILE HA 28 71.36 -1.02 34.12
CA ILE HA 28 72.73 -1.07 33.61
C ILE HA 28 73.15 -2.51 33.32
N VAL HA 29 72.70 -3.44 34.19
CA VAL HA 29 72.99 -4.86 33.98
C VAL HA 29 72.35 -5.36 32.70
N PHE HA 30 71.06 -5.13 32.53
CA PHE HA 30 70.40 -5.59 31.31
C PHE HA 30 70.84 -4.80 30.09
N ALA HA 31 71.31 -3.57 30.27
CA ALA HA 31 71.82 -2.79 29.16
C ALA HA 31 73.08 -3.40 28.60
N ALA HA 32 74.00 -3.80 29.49
CA ALA HA 32 75.18 -4.51 29.03
C ALA HA 32 74.83 -5.90 28.52
N LEU HA 33 73.74 -6.50 29.02
CA LEU HA 33 73.31 -7.79 28.51
C LEU HA 33 72.88 -7.71 27.04
N ILE HA 34 72.00 -6.75 26.73
CA ILE HA 34 71.60 -6.52 25.33
C ILE HA 34 72.80 -6.13 24.49
N ASN HA 35 73.69 -5.29 25.02
CA ASN HA 35 74.84 -4.82 24.25
C ASN HA 35 75.83 -5.95 23.99
N GLY HA 36 75.87 -6.95 24.88
CA GLY HA 36 76.79 -8.05 24.70
C GLY HA 36 76.24 -9.12 23.78
N VAL HA 37 74.93 -9.40 23.89
CA VAL HA 37 74.31 -10.38 23.00
C VAL HA 37 74.21 -9.81 21.58
N SER HA 38 74.18 -8.48 21.46
CA SER HA 38 74.13 -7.84 20.14
C SER HA 38 75.41 -8.08 19.34
N ARG HA 39 76.56 -8.15 20.01
CA ARG HA 39 77.80 -8.49 19.32
C ARG HA 39 77.85 -9.98 19.00
N ASN HA 40 77.76 -10.81 20.04
CA ASN HA 40 77.83 -12.25 19.87
C ASN HA 40 76.47 -12.86 20.15
N PRO HA 41 75.79 -13.40 19.15
CA PRO HA 41 74.53 -14.13 19.42
C PRO HA 41 74.75 -15.45 20.13
N SER HA 42 75.96 -16.00 20.10
CA SER HA 42 76.21 -17.35 20.59
C SER HA 42 76.75 -17.39 22.01
N ILE HA 43 76.65 -16.28 22.74
CA ILE HA 43 77.17 -16.21 24.10
C ILE HA 43 76.04 -16.13 25.12
N LYS HA 44 74.79 -16.33 24.66
CA LYS HA 44 73.60 -16.09 25.48
C LYS HA 44 73.53 -17.01 26.69
N ASP HA 45 73.81 -18.30 26.49
CA ASP HA 45 73.58 -19.29 27.54
C ASP HA 45 74.59 -19.19 28.67
N THR HA 46 75.73 -18.54 28.45
CA THR HA 46 76.67 -18.27 29.52
C THR HA 46 76.32 -16.98 30.24
N VAL HA 47 76.00 -15.94 29.48
CA VAL HA 47 75.91 -14.58 30.01
C VAL HA 47 74.58 -14.33 30.69
N PHE HA 48 73.48 -14.87 30.16
CA PHE HA 48 72.15 -14.62 30.71
C PHE HA 48 71.94 -15.10 32.16
N PRO HA 49 72.38 -16.30 32.60
CA PRO HA 49 72.28 -16.59 34.03
C PRO HA 49 73.21 -15.73 34.87
N MET HA 50 74.36 -15.35 34.33
CA MET HA 50 75.22 -14.36 34.98
C MET HA 50 74.53 -13.01 35.08
N ALA HA 51 73.72 -12.67 34.07
CA ALA HA 51 72.97 -11.43 34.10
C ALA HA 51 71.89 -11.45 35.18
N ILE HA 52 71.18 -12.57 35.32
CA ILE HA 52 70.16 -12.62 36.38
C ILE HA 52 70.82 -12.71 37.75
N LEU HA 53 72.04 -13.27 37.82
CA LEU HA 53 72.83 -13.26 39.04
C LEU HA 53 73.16 -11.82 39.46
N GLY HA 54 73.68 -11.03 38.52
CA GLY HA 54 73.95 -9.62 38.81
C GLY HA 54 72.70 -8.84 39.13
N PHE HA 55 71.58 -9.20 38.47
CA PHE HA 55 70.28 -8.62 38.77
C PHE HA 55 69.88 -8.80 40.23
N ALA HA 56 69.94 -10.04 40.72
CA ALA HA 56 69.53 -10.29 42.10
C ALA HA 56 70.53 -9.70 43.09
N LEU HA 57 71.82 -9.74 42.75
CA LEU HA 57 72.85 -9.23 43.66
C LEU HA 57 72.79 -7.71 43.77
N SER HA 58 72.36 -7.02 42.71
CA SER HA 58 72.12 -5.59 42.82
C SER HA 58 70.74 -5.29 43.40
N GLU HA 59 69.81 -6.24 43.26
CA GLU HA 59 68.47 -6.08 43.81
C GLU HA 59 68.47 -6.13 45.32
N ALA HA 60 69.44 -6.85 45.91
CA ALA HA 60 69.51 -7.04 47.35
C ALA HA 60 69.66 -5.72 48.10
N THR HA 61 70.34 -4.74 47.51
CA THR HA 61 70.50 -3.44 48.15
C THR HA 61 69.17 -2.70 48.25
N GLY HA 62 68.43 -2.64 47.15
CA GLY HA 62 67.13 -2.00 47.17
C GLY HA 62 66.14 -2.72 48.06
N LEU HA 63 66.25 -4.04 48.14
CA LEU HA 63 65.37 -4.79 49.03
C LEU HA 63 65.70 -4.54 50.50
N PHE HA 64 67.00 -4.39 50.82
CA PHE HA 64 67.38 -4.04 52.19
C PHE HA 64 66.91 -2.63 52.53
N CYS HA 65 66.94 -1.73 51.55
CA CYS HA 65 66.46 -0.37 51.74
C CYS HA 65 64.97 -0.34 52.02
N LEU HA 66 64.21 -1.10 51.22
CA LEU HA 66 62.77 -1.20 51.45
C LEU HA 66 62.47 -1.92 52.75
N MET HA 67 63.34 -2.83 53.17
CA MET HA 67 63.19 -3.51 54.46
C MET HA 67 63.34 -2.54 55.62
N VAL HA 68 64.33 -1.65 55.55
CA VAL HA 68 64.49 -0.63 56.60
C VAL HA 68 63.31 0.34 56.58
N SER HA 69 62.76 0.60 55.39
CA SER HA 69 61.54 1.40 55.30
C SER HA 69 60.35 0.73 55.99
N PHE HA 70 60.17 -0.57 55.80
CA PHE HA 70 59.08 -1.26 56.48
C PHE HA 70 59.34 -1.42 57.96
N LEU HA 71 60.60 -1.53 58.39
CA LEU HA 71 60.90 -1.57 59.82
C LEU HA 71 60.59 -0.24 60.48
N LEU HA 72 60.87 0.87 59.80
CA LEU HA 72 60.54 2.17 60.36
C LEU HA 72 59.05 2.45 60.29
N LEU HA 73 58.34 1.82 59.35
CA LEU HA 73 56.91 2.10 59.24
C LEU HA 73 56.07 1.19 60.12
N PHE HA 74 56.55 -0.01 60.41
CA PHE HA 74 55.79 -1.00 61.16
C PHE HA 74 56.41 -1.39 62.49
N GLY HA 75 57.21 -0.51 63.10
CA GLY HA 75 57.81 -0.83 64.38
C GLY HA 75 59.04 0.00 64.72
N MET IA 1 62.72 10.34 76.28
CA MET IA 1 62.30 11.57 75.60
C MET IA 1 61.94 11.30 74.15
N GLN IA 2 61.06 12.14 73.60
CA GLN IA 2 60.61 11.94 72.23
C GLN IA 2 61.48 12.66 71.22
N LEU IA 3 62.23 13.67 71.65
CA LEU IA 3 62.98 14.51 70.71
C LEU IA 3 64.17 13.77 70.12
N VAL IA 4 64.80 12.88 70.89
CA VAL IA 4 65.89 12.08 70.36
C VAL IA 4 65.36 10.77 69.77
N LEU IA 5 64.24 10.26 70.31
CA LEU IA 5 63.63 9.05 69.76
C LEU IA 5 63.06 9.28 68.37
N ALA IA 6 62.63 10.51 68.07
CA ALA IA 6 62.31 10.87 66.70
C ALA IA 6 63.56 10.92 65.83
N ALA IA 7 64.64 11.48 66.37
CA ALA IA 7 65.84 11.72 65.58
C ALA IA 7 66.54 10.43 65.22
N LYS IA 8 66.41 9.40 66.07
CA LYS IA 8 66.89 8.06 65.75
C LYS IA 8 66.27 7.54 64.46
N TYR IA 9 64.93 7.65 64.37
CA TYR IA 9 64.21 7.11 63.22
C TYR IA 9 64.46 7.96 61.99
N ILE IA 10 64.59 9.28 62.15
CA ILE IA 10 64.86 10.14 61.01
C ILE IA 10 66.27 9.90 60.48
N GLY IA 11 67.25 9.69 61.37
CA GLY IA 11 68.60 9.41 60.93
C GLY IA 11 68.72 8.06 60.27
N ALA IA 12 67.95 7.07 60.75
CA ALA IA 12 67.90 5.78 60.07
C ALA IA 12 67.24 5.91 58.70
N GLY IA 13 66.27 6.80 58.57
CA GLY IA 13 65.68 7.05 57.26
C GLY IA 13 66.65 7.74 56.32
N ILE IA 14 67.50 8.61 56.86
CA ILE IA 14 68.54 9.26 56.05
C ILE IA 14 69.55 8.24 55.56
N SER IA 15 70.02 7.37 56.46
CA SER IA 15 71.23 6.61 56.17
C SER IA 15 71.04 5.48 55.15
N THR IA 16 69.83 5.27 54.64
CA THR IA 16 69.67 4.30 53.56
C THR IA 16 69.84 4.91 52.18
N ILE IA 17 70.13 6.21 52.08
CA ILE IA 17 70.31 6.85 50.78
C ILE IA 17 71.63 6.40 50.16
N GLY IA 18 72.64 6.10 50.99
CA GLY IA 18 73.91 5.64 50.47
C GLY IA 18 73.88 4.27 49.82
N LEU IA 19 72.78 3.54 49.96
CA LEU IA 19 72.66 2.21 49.36
C LEU IA 19 72.58 2.27 47.84
N LEU IA 20 72.22 3.43 47.27
CA LEU IA 20 72.18 3.55 45.82
C LEU IA 20 73.56 3.45 45.21
N GLY IA 21 74.59 3.82 45.98
CA GLY IA 21 75.98 3.62 45.58
C GLY IA 21 76.29 2.17 45.30
N ALA IA 22 75.93 1.28 46.22
CA ALA IA 22 76.13 -0.14 45.99
C ALA IA 22 75.22 -0.66 44.88
N GLY IA 23 73.99 -0.15 44.83
CA GLY IA 23 73.02 -0.62 43.85
C GLY IA 23 73.41 -0.27 42.43
N ILE IA 24 74.18 0.80 42.24
CA ILE IA 24 74.71 1.08 40.93
C ILE IA 24 76.10 0.44 40.75
N GLY IA 25 76.82 0.23 41.85
CA GLY IA 25 78.18 -0.29 41.74
C GLY IA 25 78.24 -1.74 41.32
N ILE IA 26 77.35 -2.56 41.88
CA ILE IA 26 77.21 -3.95 41.45
C ILE IA 26 76.85 -4.03 39.98
N ALA IA 27 76.07 -3.04 39.51
CA ALA IA 27 75.68 -2.99 38.11
C ALA IA 27 76.86 -2.68 37.20
N ILE IA 28 77.68 -1.69 37.56
CA ILE IA 28 78.84 -1.37 36.72
C ILE IA 28 79.81 -2.54 36.67
N VAL IA 29 80.00 -3.22 37.83
CA VAL IA 29 80.90 -4.36 37.89
C VAL IA 29 80.41 -5.50 36.99
N PHE IA 30 79.17 -5.93 37.17
CA PHE IA 30 78.65 -7.00 36.32
C PHE IA 30 78.43 -6.55 34.88
N ALA IA 31 78.29 -5.25 34.63
CA ALA IA 31 78.16 -4.76 33.27
C ALA IA 31 79.47 -4.92 32.52
N ALA IA 32 80.58 -4.55 33.14
CA ALA IA 32 81.87 -4.75 32.51
C ALA IA 32 82.21 -6.23 32.43
N LEU IA 33 81.74 -7.02 33.40
CA LEU IA 33 81.91 -8.47 33.34
C LEU IA 33 81.21 -9.06 32.12
N ILE IA 34 79.96 -8.64 31.88
CA ILE IA 34 79.20 -9.11 30.73
C ILE IA 34 79.83 -8.65 29.42
N ASN IA 35 80.32 -7.41 29.38
CA ASN IA 35 81.00 -6.89 28.20
C ASN IA 35 82.27 -7.66 27.91
N GLY IA 36 82.99 -8.05 28.97
CA GLY IA 36 84.24 -8.78 28.77
C GLY IA 36 84.01 -10.20 28.33
N VAL IA 37 83.01 -10.87 28.91
CA VAL IA 37 82.72 -12.25 28.53
C VAL IA 37 82.16 -12.31 27.12
N SER IA 38 81.29 -11.37 26.76
CA SER IA 38 80.77 -11.31 25.40
C SER IA 38 81.82 -10.88 24.39
N ARG IA 39 82.82 -10.11 24.82
CA ARG IA 39 83.89 -9.72 23.92
C ARG IA 39 84.87 -10.86 23.72
N ASN IA 40 85.31 -11.48 24.82
CA ASN IA 40 86.26 -12.58 24.79
C ASN IA 40 85.72 -13.70 25.67
N PRO IA 41 85.26 -14.81 25.09
CA PRO IA 41 84.64 -15.87 25.91
C PRO IA 41 85.63 -16.64 26.75
N SER IA 42 86.79 -16.97 26.18
CA SER IA 42 87.74 -17.89 26.79
C SER IA 42 88.52 -17.28 27.95
N ILE IA 43 88.32 -16.00 28.26
CA ILE IA 43 89.01 -15.35 29.37
C ILE IA 43 88.14 -15.34 30.63
N LYS IA 44 87.02 -16.08 30.60
CA LYS IA 44 86.01 -16.02 31.65
C LYS IA 44 86.53 -16.52 32.99
N ASP IA 45 87.32 -17.59 32.97
CA ASP IA 45 87.79 -18.21 34.21
C ASP IA 45 88.77 -17.30 34.95
N THR IA 46 89.49 -16.45 34.21
CA THR IA 46 90.35 -15.47 34.84
C THR IA 46 89.57 -14.23 35.25
N VAL IA 47 88.62 -13.80 34.43
CA VAL IA 47 87.95 -12.52 34.63
C VAL IA 47 86.94 -12.57 35.78
N PHE IA 48 86.14 -13.64 35.83
CA PHE IA 48 85.06 -13.78 36.81
C PHE IA 48 85.45 -13.65 38.30
N PRO IA 49 86.59 -14.16 38.80
CA PRO IA 49 86.92 -13.89 40.21
C PRO IA 49 87.22 -12.44 40.51
N MET IA 50 87.71 -11.68 39.52
CA MET IA 50 87.92 -10.25 39.73
C MET IA 50 86.59 -9.52 39.90
N ALA IA 51 85.58 -9.94 39.15
CA ALA IA 51 84.25 -9.36 39.30
C ALA IA 51 83.64 -9.72 40.64
N ILE IA 52 83.88 -10.95 41.11
CA ILE IA 52 83.39 -11.34 42.44
C ILE IA 52 84.13 -10.54 43.52
N LEU IA 53 85.42 -10.28 43.31
CA LEU IA 53 86.20 -9.48 44.26
C LEU IA 53 85.70 -8.05 44.33
N GLY IA 54 85.35 -7.48 43.18
CA GLY IA 54 84.81 -6.13 43.17
C GLY IA 54 83.43 -6.05 43.80
N PHE IA 55 82.57 -7.03 43.49
CA PHE IA 55 81.25 -7.12 44.10
C PHE IA 55 81.31 -7.25 45.60
N ALA IA 56 82.29 -8.00 46.11
CA ALA IA 56 82.40 -8.27 47.54
C ALA IA 56 82.57 -6.98 48.34
N LEU IA 57 83.54 -6.17 47.95
CA LEU IA 57 83.76 -4.98 48.76
C LEU IA 57 82.84 -3.83 48.35
N SER IA 58 82.24 -3.87 47.16
CA SER IA 58 81.19 -2.89 46.85
C SER IA 58 79.94 -3.15 47.68
N GLU IA 59 79.52 -4.41 47.78
CA GLU IA 59 78.44 -4.78 48.67
C GLU IA 59 78.80 -4.54 50.13
N ALA IA 60 80.09 -4.64 50.47
CA ALA IA 60 80.54 -4.30 51.82
C ALA IA 60 80.41 -2.81 52.10
N THR IA 61 80.62 -1.97 51.07
CA THR IA 61 80.35 -0.54 51.24
C THR IA 61 78.85 -0.30 51.40
N GLY IA 62 78.03 -1.08 50.71
CA GLY IA 62 76.59 -1.03 50.95
C GLY IA 62 76.23 -1.42 52.37
N LEU IA 63 76.90 -2.42 52.91
CA LEU IA 63 76.68 -2.81 54.30
C LEU IA 63 77.22 -1.76 55.26
N PHE IA 64 78.28 -1.03 54.87
CA PHE IA 64 78.76 0.09 55.65
C PHE IA 64 77.73 1.21 55.70
N CYS IA 65 77.01 1.40 54.59
CA CYS IA 65 75.89 2.34 54.58
C CYS IA 65 74.78 1.87 55.51
N LEU IA 66 74.52 0.57 55.50
CA LEU IA 66 73.35 0.05 56.17
C LEU IA 66 73.57 -0.10 57.68
N MET IA 67 74.82 -0.28 58.09
CA MET IA 67 75.11 -0.54 59.50
C MET IA 67 74.95 0.70 60.37
N VAL IA 68 75.09 1.90 59.79
CA VAL IA 68 74.84 3.10 60.57
C VAL IA 68 73.34 3.27 60.80
N SER IA 69 72.54 2.84 59.83
CA SER IA 69 71.08 2.81 60.01
C SER IA 69 70.69 1.82 61.09
N PHE IA 70 71.34 0.64 61.11
CA PHE IA 70 71.07 -0.31 62.19
C PHE IA 70 71.54 0.21 63.55
N LEU IA 71 72.65 0.95 63.56
CA LEU IA 71 73.20 1.46 64.82
C LEU IA 71 72.31 2.55 65.40
N LEU IA 72 71.80 3.43 64.54
CA LEU IA 72 70.94 4.51 65.00
C LEU IA 72 69.49 4.09 65.14
N LEU IA 73 69.10 2.93 64.63
CA LEU IA 73 67.70 2.57 64.72
C LEU IA 73 67.39 1.91 66.07
N PHE IA 74 68.39 1.29 66.69
CA PHE IA 74 68.18 0.54 67.92
C PHE IA 74 69.04 1.04 69.08
N GLY IA 75 69.58 2.25 68.99
CA GLY IA 75 70.34 2.81 70.09
C GLY IA 75 71.81 3.01 69.81
N GLN JA 2 68.82 18.84 75.58
CA GLN JA 2 68.80 17.46 75.12
C GLN JA 2 68.64 17.39 73.60
N LEU JA 3 68.66 18.57 72.96
CA LEU JA 3 68.43 18.65 71.53
C LEU JA 3 69.73 18.45 70.73
N VAL JA 4 70.88 18.68 71.35
CA VAL JA 4 72.16 18.34 70.72
C VAL JA 4 72.27 16.83 70.55
N LEU JA 5 71.70 16.06 71.47
CA LEU JA 5 71.66 14.61 71.32
C LEU JA 5 70.81 14.17 70.12
N ALA JA 6 69.79 14.94 69.78
CA ALA JA 6 68.96 14.66 68.62
C ALA JA 6 69.65 15.06 67.32
N ALA JA 7 70.10 16.32 67.24
CA ALA JA 7 70.69 16.82 66.00
C ALA JA 7 72.04 16.18 65.73
N LYS JA 8 72.71 15.73 66.78
CA LYS JA 8 73.94 14.95 66.65
C LYS JA 8 73.71 13.67 65.87
N TYR JA 9 72.66 12.94 66.25
CA TYR JA 9 72.34 11.69 65.56
C TYR JA 9 71.78 11.94 64.17
N ILE JA 10 71.10 13.07 63.99
CA ILE JA 10 70.64 13.46 62.64
C ILE JA 10 71.82 13.69 61.72
N GLY JA 11 72.80 14.51 62.16
CA GLY JA 11 73.95 14.80 61.32
C GLY JA 11 74.84 13.59 61.11
N ALA JA 12 74.89 12.70 62.10
CA ALA JA 12 75.60 11.44 61.91
C ALA JA 12 74.90 10.57 60.88
N GLY JA 13 73.58 10.64 60.81
CA GLY JA 13 72.88 10.00 59.71
C GLY JA 13 73.16 10.65 58.37
N ILE JA 14 73.27 11.98 58.35
CA ILE JA 14 73.54 12.73 57.12
C ILE JA 14 74.90 12.37 56.55
N SER JA 15 75.88 12.12 57.43
CA SER JA 15 77.26 11.90 56.99
C SER JA 15 77.47 10.59 56.24
N THR JA 16 76.46 9.73 56.13
CA THR JA 16 76.62 8.47 55.41
C THR JA 16 76.35 8.58 53.92
N ILE JA 17 75.95 9.76 53.43
CA ILE JA 17 75.55 9.90 52.03
C ILE JA 17 76.77 9.84 51.12
N GLY JA 18 77.92 10.32 51.60
CA GLY JA 18 79.14 10.37 50.81
C GLY JA 18 79.73 9.01 50.47
N LEU JA 19 79.22 7.93 51.07
CA LEU JA 19 79.69 6.59 50.76
C LEU JA 19 79.30 6.13 49.36
N LEU JA 20 78.30 6.77 48.74
CA LEU JA 20 77.89 6.35 47.40
C LEU JA 20 78.98 6.65 46.39
N GLY JA 21 79.78 7.69 46.65
CA GLY JA 21 80.91 7.97 45.78
C GLY JA 21 81.92 6.85 45.76
N ALA JA 22 82.24 6.30 46.94
CA ALA JA 22 83.16 5.17 47.00
C ALA JA 22 82.51 3.91 46.43
N GLY JA 23 81.20 3.75 46.66
CA GLY JA 23 80.51 2.57 46.16
C GLY JA 23 80.44 2.52 44.65
N ILE JA 24 80.36 3.69 44.01
CA ILE JA 24 80.43 3.73 42.56
C ILE JA 24 81.89 3.67 42.10
N GLY JA 25 82.80 4.23 42.91
CA GLY JA 25 84.18 4.36 42.47
C GLY JA 25 84.91 3.03 42.40
N ILE JA 26 84.65 2.16 43.37
CA ILE JA 26 85.16 0.78 43.33
C ILE JA 26 84.71 0.09 42.05
N ALA JA 27 83.48 0.38 41.63
CA ALA JA 27 82.95 -0.24 40.42
C ALA JA 27 83.61 0.29 39.16
N ILE JA 28 83.87 1.60 39.09
CA ILE JA 28 84.55 2.11 37.88
C ILE JA 28 85.97 1.55 37.80
N VAL JA 29 86.63 1.41 38.95
CA VAL JA 29 87.99 0.86 38.98
C VAL JA 29 88.00 -0.59 38.50
N PHE JA 30 87.17 -1.44 39.10
CA PHE JA 30 87.15 -2.83 38.67
C PHE JA 30 86.53 -3.02 37.29
N ALA JA 31 85.71 -2.08 36.82
CA ALA JA 31 85.20 -2.12 35.47
C ALA JA 31 86.32 -1.91 34.46
N ALA JA 32 87.17 -0.92 34.74
CA ALA JA 32 88.33 -0.71 33.89
C ALA JA 32 89.29 -1.90 33.96
N LEU JA 33 89.40 -2.51 35.14
CA LEU JA 33 90.24 -3.71 35.29
C LEU JA 33 89.73 -4.85 34.41
N ILE JA 34 88.43 -5.12 34.46
CA ILE JA 34 87.84 -6.20 33.66
C ILE JA 34 87.94 -5.90 32.17
N ASN JA 35 87.75 -4.64 31.79
CA ASN JA 35 87.88 -4.24 30.39
C ASN JA 35 89.30 -4.43 29.89
N GLY JA 36 90.28 -4.07 30.72
CA GLY JA 36 91.66 -4.20 30.31
C GLY JA 36 92.13 -5.63 30.23
N VAL JA 37 91.68 -6.47 31.19
CA VAL JA 37 92.06 -7.88 31.16
C VAL JA 37 91.40 -8.59 29.99
N SER JA 38 90.11 -8.32 29.75
CA SER JA 38 89.40 -8.97 28.67
C SER JA 38 89.84 -8.46 27.30
N ARG JA 39 90.38 -7.24 27.23
CA ARG JA 39 90.89 -6.76 25.95
C ARG JA 39 92.32 -7.22 25.74
N ASN JA 40 93.14 -7.14 26.80
CA ASN JA 40 94.55 -7.55 26.74
C ASN JA 40 94.81 -8.52 27.87
N PRO JA 41 94.90 -9.82 27.61
CA PRO JA 41 95.04 -10.79 28.73
C PRO JA 41 96.41 -10.75 29.38
N SER JA 42 97.45 -10.44 28.62
CA SER JA 42 98.82 -10.58 29.12
C SER JA 42 99.24 -9.45 30.05
N ILE JA 43 98.43 -8.40 30.18
CA ILE JA 43 98.83 -7.23 30.95
C ILE JA 43 98.27 -7.28 32.37
N LYS JA 44 97.84 -8.46 32.83
CA LYS JA 44 97.10 -8.61 34.08
C LYS JA 44 97.96 -8.23 35.29
N ASP JA 45 99.18 -8.77 35.35
CA ASP JA 45 100.05 -8.53 36.50
C ASP JA 45 100.57 -7.11 36.51
N THR JA 46 100.66 -6.48 35.33
CA THR JA 46 101.10 -5.08 35.28
C THR JA 46 99.98 -4.16 35.74
N VAL JA 47 98.76 -4.42 35.29
CA VAL JA 47 97.62 -3.55 35.54
C VAL JA 47 97.14 -3.67 36.98
N PHE JA 48 97.20 -4.88 37.55
CA PHE JA 48 96.59 -5.19 38.84
C PHE JA 48 97.02 -4.35 40.05
N PRO JA 49 98.32 -4.06 40.31
CA PRO JA 49 98.65 -3.39 41.59
C PRO JA 49 98.19 -1.94 41.67
N MET JA 50 98.23 -1.20 40.56
CA MET JA 50 97.73 0.17 40.57
C MET JA 50 96.23 0.20 40.77
N ALA JA 51 95.53 -0.81 40.24
CA ALA JA 51 94.10 -0.94 40.48
C ALA JA 51 93.80 -1.21 41.94
N ILE JA 52 94.60 -2.07 42.59
CA ILE JA 52 94.42 -2.30 44.03
C ILE JA 52 94.73 -1.04 44.83
N LEU JA 53 95.74 -0.27 44.40
CA LEU JA 53 96.10 1.00 45.04
C LEU JA 53 94.95 1.99 45.01
N GLY JA 54 94.41 2.25 43.81
CA GLY JA 54 93.28 3.14 43.67
C GLY JA 54 92.02 2.64 44.33
N PHE JA 55 91.83 1.33 44.36
CA PHE JA 55 90.75 0.70 45.10
C PHE JA 55 90.81 1.04 46.59
N ALA JA 56 91.99 0.87 47.19
CA ALA JA 56 92.14 1.15 48.61
C ALA JA 56 92.00 2.64 48.91
N LEU JA 57 92.51 3.49 48.02
CA LEU JA 57 92.44 4.94 48.25
C LEU JA 57 91.01 5.46 48.08
N SER JA 58 90.29 4.97 47.07
CA SER JA 58 88.90 5.37 46.90
C SER JA 58 88.02 4.78 48.00
N GLU JA 59 88.42 3.65 48.57
CA GLU JA 59 87.76 3.17 49.78
C GLU JA 59 88.02 4.11 50.95
N ALA JA 60 89.25 4.61 51.05
CA ALA JA 60 89.61 5.52 52.14
C ALA JA 60 88.85 6.83 52.05
N THR JA 61 88.50 7.25 50.84
CA THR JA 61 87.69 8.46 50.66
C THR JA 61 86.33 8.33 51.32
N GLY JA 62 85.65 7.20 51.09
CA GLY JA 62 84.39 6.97 51.79
C GLY JA 62 84.59 6.66 53.25
N LEU JA 63 85.76 6.13 53.60
CA LEU JA 63 86.07 5.89 55.00
C LEU JA 63 86.29 7.20 55.75
N PHE JA 64 86.62 8.29 55.05
CA PHE JA 64 86.56 9.62 55.66
C PHE JA 64 85.13 9.94 56.10
N CYS JA 65 84.15 9.64 55.26
CA CYS JA 65 82.76 9.86 55.66
C CYS JA 65 82.38 8.96 56.82
N LEU JA 66 82.88 7.73 56.82
CA LEU JA 66 82.60 6.81 57.92
C LEU JA 66 83.25 7.28 59.22
N MET JA 67 84.45 7.86 59.15
CA MET JA 67 85.10 8.29 60.38
C MET JA 67 84.53 9.60 60.89
N VAL JA 68 84.01 10.46 60.01
CA VAL JA 68 83.29 11.64 60.50
C VAL JA 68 81.98 11.22 61.12
N SER JA 69 81.35 10.17 60.58
CA SER JA 69 80.14 9.63 61.19
C SER JA 69 80.43 9.07 62.58
N PHE JA 70 81.51 8.28 62.71
CA PHE JA 70 81.85 7.72 64.02
C PHE JA 70 82.34 8.79 64.99
N LEU JA 71 82.93 9.87 64.48
CA LEU JA 71 83.31 10.97 65.35
C LEU JA 71 82.08 11.74 65.81
N LEU JA 72 81.04 11.78 65.00
CA LEU JA 72 79.81 12.45 65.42
C LEU JA 72 79.02 11.59 66.39
N LEU JA 73 79.09 10.26 66.26
CA LEU JA 73 78.23 9.39 67.05
C LEU JA 73 78.52 9.45 68.53
N PHE JA 74 79.80 9.59 68.91
CA PHE JA 74 80.19 9.64 70.33
C PHE JA 74 81.31 10.66 70.48
N GLY JA 75 80.93 11.90 70.77
CA GLY JA 75 81.90 12.97 70.93
C GLY JA 75 81.34 14.32 70.49
N MET KA 1 72.67 28.63 72.72
CA MET KA 1 73.90 27.99 72.24
C MET KA 1 73.61 26.51 72.04
N GLN KA 2 72.59 26.03 72.76
CA GLN KA 2 72.05 24.68 72.58
C GLN KA 2 71.66 24.44 71.13
N LEU KA 3 70.88 25.37 70.56
CA LEU KA 3 70.56 25.32 69.14
C LEU KA 3 71.78 25.54 68.28
N VAL KA 4 72.72 26.36 68.75
CA VAL KA 4 73.93 26.63 67.96
C VAL KA 4 74.83 25.41 67.94
N LEU KA 5 74.97 24.74 69.08
CA LEU KA 5 75.77 23.52 69.14
C LEU KA 5 75.08 22.40 68.37
N ALA KA 6 73.75 22.42 68.29
CA ALA KA 6 73.04 21.49 67.43
C ALA KA 6 73.33 21.75 65.96
N ALA KA 7 73.32 23.03 65.57
CA ALA KA 7 73.51 23.41 64.19
C ALA KA 7 74.94 23.16 63.73
N LYS KA 8 75.91 23.23 64.64
CA LYS KA 8 77.28 22.84 64.33
C LYS KA 8 77.34 21.40 63.85
N TYR KA 9 76.65 20.50 64.55
CA TYR KA 9 76.70 19.10 64.21
C TYR KA 9 75.88 18.80 62.95
N ILE KA 10 74.78 19.54 62.75
CA ILE KA 10 74.02 19.40 61.52
C ILE KA 10 74.86 19.82 60.32
N GLY KA 11 75.55 20.96 60.42
CA GLY KA 11 76.38 21.42 59.32
C GLY KA 11 77.59 20.53 59.08
N ALA KA 12 78.14 19.96 60.15
CA ALA KA 12 79.25 19.02 60.00
C ALA KA 12 78.77 17.73 59.34
N GLY KA 13 77.51 17.36 59.58
CA GLY KA 13 76.94 16.24 58.83
C GLY KA 13 76.74 16.57 57.37
N ILE KA 14 76.29 17.79 57.08
CA ILE KA 14 76.05 18.21 55.69
C ILE KA 14 77.37 18.27 54.92
N SER KA 15 78.45 18.70 55.58
CA SER KA 15 79.68 19.08 54.87
C SER KA 15 80.40 17.88 54.25
N THR KA 16 80.03 16.65 54.61
CA THR KA 16 80.73 15.50 54.10
C THR KA 16 80.19 14.97 52.77
N ILE KA 17 79.22 15.67 52.18
CA ILE KA 17 78.65 15.20 50.91
C ILE KA 17 79.65 15.36 49.79
N GLY KA 18 80.50 16.38 49.87
CA GLY KA 18 81.43 16.68 48.78
C GLY KA 18 82.55 15.68 48.60
N LEU KA 19 82.69 14.72 49.51
CA LEU KA 19 83.72 13.70 49.36
C LEU KA 19 83.39 12.72 48.25
N LEU KA 20 82.12 12.65 47.82
CA LEU KA 20 81.76 11.71 46.76
C LEU KA 20 82.35 12.13 45.44
N GLY KA 21 82.61 13.44 45.28
CA GLY KA 21 83.29 13.90 44.08
C GLY KA 21 84.67 13.32 43.92
N ALA KA 22 85.44 13.33 45.00
CA ALA KA 22 86.76 12.70 44.96
C ALA KA 22 86.64 11.18 44.87
N GLY KA 23 85.65 10.61 45.57
CA GLY KA 23 85.47 9.17 45.57
C GLY KA 23 85.11 8.60 44.21
N ILE KA 24 84.46 9.39 43.37
CA ILE KA 24 84.21 8.98 41.99
C ILE KA 24 85.37 9.39 41.09
N GLY KA 25 85.99 10.54 41.37
CA GLY KA 25 86.94 11.10 40.45
C GLY KA 25 88.26 10.36 40.39
N ILE KA 26 88.70 9.87 41.56
CA ILE KA 26 89.90 9.02 41.61
C ILE KA 26 89.69 7.77 40.76
N ALA KA 27 88.46 7.27 40.72
CA ALA KA 27 88.14 6.13 39.89
C ALA KA 27 88.15 6.47 38.41
N ILE KA 28 87.66 7.66 38.02
CA ILE KA 28 87.71 8.01 36.61
C ILE KA 28 89.16 8.15 36.14
N VAL KA 29 90.01 8.76 36.99
CA VAL KA 29 91.43 8.93 36.68
C VAL KA 29 92.11 7.58 36.51
N PHE KA 30 91.97 6.71 37.50
CA PHE KA 30 92.60 5.41 37.43
C PHE KA 30 91.94 4.50 36.41
N ALA KA 31 90.71 4.78 36.01
CA ALA KA 31 90.07 4.00 34.96
C ALA KA 31 90.66 4.32 33.61
N ALA KA 32 90.85 5.61 33.31
CA ALA KA 32 91.53 5.99 32.08
C ALA KA 32 92.97 5.53 32.10
N LEU KA 33 93.59 5.51 33.29
CA LEU KA 33 94.94 4.97 33.46
C LEU KA 33 94.99 3.49 33.06
N ILE KA 34 94.08 2.69 33.60
CA ILE KA 34 94.06 1.25 33.31
C ILE KA 34 93.75 1.00 31.84
N ASN KA 35 92.82 1.77 31.27
CA ASN KA 35 92.46 1.59 29.87
C ASN KA 35 93.60 1.98 28.95
N GLY KA 36 94.35 3.02 29.31
CA GLY KA 36 95.47 3.42 28.47
C GLY KA 36 96.65 2.49 28.57
N VAL KA 37 96.93 1.99 29.78
CA VAL KA 37 98.03 1.04 29.95
C VAL KA 37 97.70 -0.29 29.29
N SER KA 38 96.45 -0.74 29.40
CA SER KA 38 96.03 -1.95 28.73
C SER KA 38 95.94 -1.78 27.21
N ARG KA 39 95.76 -0.54 26.75
CA ARG KA 39 95.79 -0.30 25.31
C ARG KA 39 97.22 -0.32 24.79
N ASN KA 40 98.13 0.32 25.51
CA ASN KA 40 99.54 0.34 25.12
C ASN KA 40 100.40 0.28 26.37
N PRO KA 41 101.11 -0.83 26.58
CA PRO KA 41 101.86 -0.98 27.85
C PRO KA 41 103.10 -0.11 27.94
N SER KA 42 103.66 0.33 26.81
CA SER KA 42 104.96 0.99 26.82
C SER KA 42 104.88 2.42 27.32
N ILE KA 43 103.68 2.98 27.41
CA ILE KA 43 103.51 4.40 27.70
C ILE KA 43 103.21 4.54 29.19
N LYS KA 44 103.39 3.45 29.94
CA LYS KA 44 102.96 3.38 31.34
C LYS KA 44 103.76 4.31 32.23
N ASP KA 45 105.08 4.29 32.10
CA ASP KA 45 105.91 5.16 32.93
C ASP KA 45 105.83 6.62 32.53
N THR KA 46 105.29 6.93 31.35
CA THR KA 46 105.01 8.30 30.96
C THR KA 46 103.67 8.77 31.53
N VAL KA 47 102.66 7.90 31.46
CA VAL KA 47 101.30 8.27 31.83
C VAL KA 47 101.09 8.28 33.34
N PHE KA 48 101.61 7.26 34.03
CA PHE KA 48 101.46 7.13 35.48
C PHE KA 48 101.83 8.33 36.34
N PRO KA 49 102.81 9.19 36.01
CA PRO KA 49 102.94 10.45 36.78
C PRO KA 49 101.72 11.37 36.65
N MET KA 50 101.08 11.43 35.47
CA MET KA 50 99.85 12.20 35.35
C MET KA 50 98.74 11.61 36.20
N ALA KA 51 98.71 10.28 36.34
CA ALA KA 51 97.71 9.63 37.18
C ALA KA 51 97.94 9.94 38.65
N ILE KA 52 99.21 9.94 39.08
CA ILE KA 52 99.52 10.31 40.46
C ILE KA 52 99.15 11.77 40.72
N LEU KA 53 99.41 12.64 39.74
CA LEU KA 53 99.01 14.04 39.84
C LEU KA 53 97.50 14.20 39.96
N GLY KA 54 96.76 13.42 39.17
CA GLY KA 54 95.31 13.49 39.22
C GLY KA 54 94.75 12.99 40.54
N PHE KA 55 95.32 11.91 41.08
CA PHE KA 55 94.93 11.44 42.40
C PHE KA 55 95.22 12.47 43.47
N ALA KA 56 96.38 13.14 43.38
CA ALA KA 56 96.75 14.15 44.36
C ALA KA 56 95.78 15.32 44.36
N LEU KA 57 95.44 15.80 43.16
CA LEU KA 57 94.57 16.98 43.09
C LEU KA 57 93.13 16.65 43.46
N SER KA 58 92.65 15.46 43.08
CA SER KA 58 91.29 15.08 43.45
C SER KA 58 91.19 14.82 44.95
N GLU KA 59 92.22 14.22 45.54
CA GLU KA 59 92.23 14.02 46.99
C GLU KA 59 92.35 15.34 47.72
N ALA KA 60 93.01 16.33 47.11
CA ALA KA 60 93.04 17.66 47.68
C ALA KA 60 91.66 18.31 47.67
N THR KA 61 90.91 18.11 46.59
CA THR KA 61 89.54 18.64 46.52
C THR KA 61 88.64 17.96 47.54
N GLY KA 62 88.86 16.67 47.80
CA GLY KA 62 88.17 16.02 48.90
C GLY KA 62 88.63 16.55 50.26
N LEU KA 63 89.91 16.89 50.35
CA LEU KA 63 90.47 17.39 51.61
C LEU KA 63 89.93 18.77 51.94
N PHE KA 64 89.51 19.54 50.93
CA PHE KA 64 88.83 20.81 51.19
C PHE KA 64 87.52 20.59 51.93
N CYS KA 65 86.71 19.64 51.47
CA CYS KA 65 85.46 19.32 52.15
C CYS KA 65 85.72 18.75 53.54
N LEU KA 66 86.79 17.96 53.67
CA LEU KA 66 87.15 17.39 54.97
C LEU KA 66 87.58 18.47 55.95
N MET KA 67 88.34 19.46 55.49
CA MET KA 67 88.79 20.50 56.41
C MET KA 67 87.69 21.50 56.73
N VAL KA 68 86.71 21.68 55.82
CA VAL KA 68 85.53 22.47 56.15
C VAL KA 68 84.72 21.76 57.24
N SER KA 69 84.56 20.44 57.11
CA SER KA 69 83.85 19.68 58.12
C SER KA 69 84.62 19.65 59.44
N PHE KA 70 85.95 19.74 59.37
CA PHE KA 70 86.73 19.83 60.60
C PHE KA 70 86.62 21.21 61.26
N LEU KA 71 86.44 22.26 60.46
CA LEU KA 71 86.30 23.60 61.03
C LEU KA 71 85.01 23.75 61.82
N LEU KA 72 84.00 22.94 61.51
CA LEU KA 72 82.76 22.92 62.28
C LEU KA 72 82.87 22.06 63.53
N LEU KA 73 84.03 21.44 63.76
CA LEU KA 73 84.21 20.58 64.92
C LEU KA 73 85.39 21.05 65.77
N MET LA 1 70.59 36.48 67.43
CA MET LA 1 72.02 36.37 67.20
C MET LA 1 72.47 34.93 67.19
N GLN LA 2 72.01 34.18 68.20
CA GLN LA 2 72.33 32.76 68.29
C GLN LA 2 71.69 31.99 67.14
N LEU LA 3 70.43 32.29 66.86
CA LEU LA 3 69.72 31.72 65.71
C LEU LA 3 70.36 32.15 64.39
N VAL LA 4 70.97 33.34 64.36
CA VAL LA 4 71.62 33.81 63.15
C VAL LA 4 72.94 33.08 62.94
N LEU LA 5 73.71 32.89 64.02
CA LEU LA 5 74.99 32.16 63.93
C LEU LA 5 74.77 30.70 63.59
N ALA LA 6 73.70 30.12 64.13
CA ALA LA 6 73.32 28.76 63.80
C ALA LA 6 73.05 28.62 62.31
N ALA LA 7 72.32 29.58 61.74
CA ALA LA 7 72.01 29.55 60.32
C ALA LA 7 73.24 29.80 59.47
N LYS LA 8 74.17 30.63 59.95
CA LYS LA 8 75.44 30.81 59.23
C LYS LA 8 76.22 29.51 59.18
N TYR LA 9 76.21 28.75 60.26
CA TYR LA 9 76.91 27.46 60.26
C TYR LA 9 76.21 26.44 59.36
N ILE LA 10 74.87 26.45 59.35
CA ILE LA 10 74.12 25.55 58.47
C ILE LA 10 74.41 25.88 57.01
N GLY LA 11 74.39 27.16 56.66
CA GLY LA 11 74.67 27.54 55.29
C GLY LA 11 76.10 27.29 54.87
N ALA LA 12 77.04 27.45 55.80
CA ALA LA 12 78.43 27.12 55.52
C ALA LA 12 78.59 25.63 55.29
N GLY LA 13 77.78 24.82 55.98
CA GLY LA 13 77.78 23.39 55.69
C GLY LA 13 77.18 23.08 54.34
N ILE LA 14 76.09 23.76 53.98
CA ILE LA 14 75.42 23.54 52.69
C ILE LA 14 76.35 23.90 51.54
N SER LA 15 77.13 24.98 51.71
CA SER LA 15 77.80 25.62 50.58
C SER LA 15 78.89 24.76 49.95
N THR LA 16 79.43 23.80 50.69
CA THR LA 16 80.52 23.01 50.14
C THR LA 16 80.06 21.77 49.39
N ILE LA 17 78.76 21.66 49.08
CA ILE LA 17 78.30 20.57 48.23
C ILE LA 17 78.85 20.74 46.82
N GLY LA 18 78.97 21.98 46.36
CA GLY LA 18 79.40 22.26 44.99
C GLY LA 18 80.84 21.89 44.68
N LEU LA 19 81.64 21.57 45.71
CA LEU LA 19 83.02 21.15 45.49
C LEU LA 19 83.12 19.80 44.79
N LEU LA 20 82.05 19.00 44.83
CA LEU LA 20 82.08 17.71 44.13
C LEU LA 20 82.10 17.91 42.63
N GLY LA 21 81.59 19.05 42.15
CA GLY LA 21 81.69 19.39 40.75
C GLY LA 21 83.14 19.51 40.30
N ALA LA 22 83.96 20.21 41.08
CA ALA LA 22 85.37 20.31 40.76
C ALA LA 22 86.08 18.98 40.96
N GLY LA 23 85.68 18.23 41.98
CA GLY LA 23 86.31 16.95 42.25
C GLY LA 23 86.09 15.93 41.14
N ILE LA 24 84.90 15.95 40.53
CA ILE LA 24 84.67 15.08 39.38
C ILE LA 24 85.31 15.68 38.13
N GLY LA 25 85.31 17.01 38.02
CA GLY LA 25 85.70 17.64 36.76
C GLY LA 25 87.18 17.59 36.47
N ILE LA 26 88.00 17.84 37.50
CA ILE LA 26 89.46 17.69 37.38
C ILE LA 26 89.81 16.28 36.92
N ALA LA 27 89.03 15.30 37.36
CA ALA LA 27 89.23 13.93 36.95
C ALA LA 27 88.85 13.69 35.51
N ILE LA 28 87.74 14.30 35.03
CA ILE LA 28 87.40 14.11 33.62
C ILE LA 28 88.47 14.73 32.72
N VAL LA 29 89.02 15.88 33.16
CA VAL LA 29 90.09 16.54 32.41
C VAL LA 29 91.34 15.65 32.35
N PHE LA 30 91.80 15.19 33.51
CA PHE LA 30 93.02 14.37 33.53
C PHE LA 30 92.79 13.00 32.91
N ALA LA 31 91.57 12.50 32.94
CA ALA LA 31 91.28 11.21 32.33
C ALA LA 31 91.31 11.31 30.81
N ALA LA 32 90.75 12.38 30.26
CA ALA LA 32 90.87 12.60 28.83
C ALA LA 32 92.30 12.89 28.43
N LEU LA 33 93.06 13.53 29.33
CA LEU LA 33 94.50 13.70 29.11
C LEU LA 33 95.23 12.37 29.00
N ILE LA 34 94.92 11.45 29.90
CA ILE LA 34 95.54 10.12 29.88
C ILE LA 34 95.15 9.36 28.63
N ASN LA 35 93.88 9.43 28.25
CA ASN LA 35 93.42 8.77 27.03
C ASN LA 35 94.01 9.41 25.79
N GLY LA 36 94.32 10.71 25.84
CA GLY LA 36 94.92 11.37 24.70
C GLY LA 36 96.39 11.04 24.54
N VAL LA 37 97.11 10.93 25.66
CA VAL LA 37 98.50 10.51 25.59
C VAL LA 37 98.60 9.06 25.14
N SER LA 38 97.69 8.22 25.63
CA SER LA 38 97.73 6.80 25.26
C SER LA 38 97.27 6.59 23.82
N ARG LA 39 96.36 7.43 23.34
CA ARG LA 39 95.98 7.35 21.93
C ARG LA 39 97.10 7.85 21.04
N ASN LA 40 97.58 9.06 21.30
CA ASN LA 40 98.67 9.66 20.54
C ASN LA 40 99.80 9.99 21.49
N PRO LA 41 100.94 9.31 21.40
CA PRO LA 41 102.03 9.58 22.36
C PRO LA 41 102.73 10.90 22.13
N SER LA 42 102.76 11.39 20.89
CA SER LA 42 103.62 12.51 20.53
C SER LA 42 103.00 13.88 20.85
N ILE LA 43 101.77 13.91 21.32
CA ILE LA 43 101.01 15.16 21.38
C ILE LA 43 101.00 15.65 22.82
N LYS LA 44 101.90 15.11 23.65
CA LYS LA 44 101.89 15.36 25.09
C LYS LA 44 102.21 16.83 25.40
N ASP LA 45 103.24 17.38 24.76
CA ASP LA 45 103.63 18.76 25.02
C ASP LA 45 102.60 19.75 24.49
N THR LA 46 101.88 19.37 23.44
CA THR LA 46 100.82 20.23 22.93
C THR LA 46 99.62 20.22 23.87
N VAL LA 47 99.22 19.04 24.32
CA VAL LA 47 97.95 18.87 25.03
C VAL LA 47 98.05 19.29 26.49
N PHE LA 48 99.16 18.96 27.15
CA PHE LA 48 99.34 19.19 28.59
C PHE LA 48 99.05 20.60 29.12
N PRO LA 49 99.39 21.72 28.45
CA PRO LA 49 98.98 23.02 28.99
C PRO LA 49 97.47 23.26 28.98
N MET LA 50 96.75 22.68 28.01
CA MET LA 50 95.29 22.76 28.04
C MET LA 50 94.73 22.04 29.26
N ALA LA 51 95.33 20.92 29.64
CA ALA LA 51 94.88 20.21 30.83
C ALA LA 51 95.21 20.99 32.10
N ILE LA 52 96.36 21.66 32.13
CA ILE LA 52 96.70 22.52 33.28
C ILE LA 52 95.72 23.68 33.39
N LEU LA 53 95.40 24.29 32.25
CA LEU LA 53 94.40 25.36 32.20
C LEU LA 53 93.04 24.88 32.68
N GLY LA 54 92.65 23.68 32.26
CA GLY LA 54 91.35 23.15 32.67
C GLY LA 54 91.29 22.85 34.14
N PHE LA 55 92.39 22.32 34.70
CA PHE LA 55 92.49 22.13 36.15
C PHE LA 55 92.35 23.45 36.90
N ALA LA 56 93.02 24.49 36.43
CA ALA LA 56 93.00 25.78 37.11
C ALA LA 56 91.60 26.39 37.09
N LEU LA 57 90.95 26.37 35.91
CA LEU LA 57 89.63 26.97 35.78
C LEU LA 57 88.57 26.20 36.56
N SER LA 58 88.63 24.86 36.50
CA SER LA 58 87.64 24.05 37.21
C SER LA 58 87.86 24.12 38.71
N GLU LA 59 89.13 24.23 39.14
CA GLU LA 59 89.41 24.41 40.56
C GLU LA 59 88.90 25.76 41.05
N ALA LA 60 88.96 26.79 40.20
CA ALA LA 60 88.41 28.09 40.59
C ALA LA 60 86.89 28.05 40.69
N THR LA 61 86.23 27.34 39.76
CA THR LA 61 84.78 27.20 39.82
C THR LA 61 84.34 26.38 41.03
N GLY LA 62 85.17 25.44 41.47
CA GLY LA 62 84.92 24.78 42.72
C GLY LA 62 85.15 25.70 43.90
N LEU LA 63 86.22 26.50 43.81
CA LEU LA 63 86.67 27.34 44.90
C LEU LA 63 85.72 28.50 45.17
N PHE LA 64 84.86 28.82 44.20
CA PHE LA 64 83.79 29.79 44.43
C PHE LA 64 82.88 29.37 45.59
N CYS LA 65 82.53 28.09 45.65
CA CYS LA 65 81.72 27.58 46.75
C CYS LA 65 82.49 27.67 48.07
N LEU LA 66 83.79 27.41 48.02
CA LEU LA 66 84.62 27.43 49.22
C LEU LA 66 84.74 28.85 49.76
N MET LA 67 84.85 29.83 48.88
CA MET LA 67 84.95 31.21 49.37
C MET LA 67 83.60 31.75 49.80
N VAL LA 68 82.49 31.25 49.24
CA VAL LA 68 81.18 31.62 49.77
C VAL LA 68 80.99 31.06 51.17
N SER LA 69 81.45 29.82 51.39
CA SER LA 69 81.38 29.25 52.73
C SER LA 69 82.32 29.97 53.70
N PHE LA 70 83.45 30.47 53.20
CA PHE LA 70 84.34 31.30 54.01
C PHE LA 70 83.67 32.61 54.40
N LEU LA 71 82.91 33.20 53.47
CA LEU LA 71 82.15 34.41 53.78
C LEU LA 71 81.05 34.14 54.80
N LEU LA 72 80.45 32.94 54.73
CA LEU LA 72 79.41 32.60 55.70
C LEU LA 72 80.00 32.32 57.08
N LEU LA 73 81.23 31.82 57.13
CA LEU LA 73 81.85 31.54 58.42
C LEU LA 73 82.34 32.81 59.10
N PHE LA 74 82.93 33.74 58.35
CA PHE LA 74 83.59 34.89 58.92
C PHE LA 74 82.91 36.21 58.58
N GLY LA 75 82.71 36.49 57.29
CA GLY LA 75 82.13 37.76 56.88
C GLY LA 75 80.63 37.83 56.97
N GLN MA 2 66.89 38.33 64.56
CA GLN MA 2 65.96 38.40 63.45
C GLN MA 2 66.06 37.18 62.54
N LEU MA 3 64.90 36.70 62.10
CA LEU MA 3 64.85 35.46 61.34
C LEU MA 3 65.19 35.67 59.88
N VAL MA 4 64.90 36.86 59.35
CA VAL MA 4 65.02 37.12 57.92
C VAL MA 4 66.47 37.16 57.50
N LEU MA 5 67.32 37.78 58.31
CA LEU MA 5 68.75 37.83 58.00
C LEU MA 5 69.37 36.45 58.06
N ALA MA 6 68.90 35.60 58.97
CA ALA MA 6 69.37 34.22 59.04
C ALA MA 6 68.92 33.42 57.82
N ALA MA 7 67.68 33.64 57.37
CA ALA MA 7 67.20 32.99 56.17
C ALA MA 7 67.94 33.47 54.93
N LYS MA 8 68.42 34.72 54.96
CA LYS MA 8 69.28 35.22 53.89
C LYS MA 8 70.55 34.39 53.78
N TYR MA 9 71.20 34.10 54.91
CA TYR MA 9 72.42 33.31 54.87
C TYR MA 9 72.15 31.87 54.50
N ILE MA 10 71.02 31.31 54.94
CA ILE MA 10 70.63 29.95 54.53
C ILE MA 10 70.46 29.88 53.02
N GLY MA 11 69.69 30.80 52.45
CA GLY MA 11 69.45 30.79 51.01
C GLY MA 11 70.70 31.08 50.20
N ALA MA 12 71.60 31.90 50.73
CA ALA MA 12 72.88 32.13 50.09
C ALA MA 12 73.72 30.87 50.12
N GLY MA 13 73.60 30.08 51.19
CA GLY MA 13 74.27 28.80 51.23
C GLY MA 13 73.67 27.80 50.24
N ILE MA 14 72.35 27.84 50.09
CA ILE MA 14 71.66 26.91 49.20
C ILE MA 14 72.04 27.17 47.75
N SER MA 15 72.05 28.45 47.35
CA SER MA 15 72.15 28.79 45.94
C SER MA 15 73.51 28.52 45.32
N THR MA 16 74.50 28.07 46.08
CA THR MA 16 75.80 27.77 45.50
C THR MA 16 75.92 26.32 45.04
N ILE MA 17 74.85 25.54 45.16
CA ILE MA 17 74.88 24.15 44.72
C ILE MA 17 75.01 24.07 43.19
N GLY MA 18 74.42 25.04 42.50
CA GLY MA 18 74.42 25.04 41.04
C GLY MA 18 75.78 25.24 40.40
N LEU MA 19 76.80 25.62 41.18
CA LEU MA 19 78.14 25.80 40.64
C LEU MA 19 78.79 24.48 40.24
N LEU MA 20 78.28 23.35 40.76
CA LEU MA 20 78.81 22.06 40.34
C LEU MA 20 78.47 21.77 38.88
N GLY MA 21 77.41 22.39 38.37
CA GLY MA 21 77.09 22.28 36.95
C GLY MA 21 78.20 22.82 36.07
N ALA MA 22 78.70 24.01 36.40
CA ALA MA 22 79.85 24.55 35.68
C ALA MA 22 81.10 23.72 35.94
N GLY MA 23 81.29 23.29 37.20
CA GLY MA 23 82.49 22.55 37.56
C GLY MA 23 82.60 21.19 36.89
N ILE MA 24 81.48 20.63 36.47
CA ILE MA 24 81.52 19.41 35.68
C ILE MA 24 81.57 19.72 34.18
N GLY MA 25 80.78 20.72 33.75
CA GLY MA 25 80.58 20.92 32.33
C GLY MA 25 81.80 21.50 31.62
N ILE MA 26 82.48 22.44 32.28
CA ILE MA 26 83.74 22.99 31.76
C ILE MA 26 84.74 21.88 31.49
N ALA MA 27 84.73 20.88 32.36
CA ALA MA 27 85.58 19.73 32.18
C ALA MA 27 85.15 18.85 31.03
N ILE MA 28 83.83 18.70 30.80
CA ILE MA 28 83.42 17.91 29.62
C ILE MA 28 83.86 18.60 28.34
N VAL MA 29 83.80 19.94 28.31
CA VAL MA 29 84.26 20.69 27.13
C VAL MA 29 85.77 20.52 26.94
N PHE MA 30 86.55 20.69 28.01
CA PHE MA 30 87.99 20.53 27.89
C PHE MA 30 88.39 19.08 27.62
N ALA MA 31 87.56 18.13 28.04
CA ALA MA 31 87.83 16.73 27.75
C ALA MA 31 87.62 16.42 26.28
N ALA MA 32 86.54 16.95 25.71
CA ALA MA 32 86.34 16.80 24.27
C ALA MA 32 87.40 17.54 23.50
N LEU MA 33 87.89 18.66 24.05
CA LEU MA 33 88.99 19.39 23.44
C LEU MA 33 90.26 18.55 23.38
N ILE MA 34 90.59 17.87 24.49
CA ILE MA 34 91.77 17.03 24.54
C ILE MA 34 91.62 15.83 23.60
N ASN MA 35 90.46 15.18 23.64
CA ASN MA 35 90.22 14.04 22.77
C ASN MA 35 90.05 14.42 21.30
N GLY MA 36 89.85 15.70 20.99
CA GLY MA 36 89.84 16.14 19.62
C GLY MA 36 91.22 16.50 19.11
N VAL MA 37 92.02 17.15 19.96
CA VAL MA 37 93.39 17.48 19.59
C VAL MA 37 94.22 16.20 19.46
N SER MA 38 93.98 15.24 20.35
CA SER MA 38 94.75 14.00 20.31
C SER MA 38 94.36 13.14 19.11
N ARG MA 39 93.10 13.21 18.69
CA ARG MA 39 92.71 12.47 17.50
C ARG MA 39 93.16 13.20 16.24
N ASN MA 40 93.05 14.52 16.23
CA ASN MA 40 93.45 15.35 15.09
C ASN MA 40 94.18 16.57 15.62
N PRO MA 41 95.52 16.61 15.51
CA PRO MA 41 96.25 17.80 15.98
C PRO MA 41 96.12 19.00 15.06
N SER MA 42 95.74 18.80 13.80
CA SER MA 42 95.73 19.86 12.80
C SER MA 42 94.53 20.79 12.94
N ILE MA 43 93.57 20.47 13.80
CA ILE MA 43 92.34 21.24 13.93
C ILE MA 43 92.32 22.06 15.22
N LYS MA 44 93.47 22.16 15.90
CA LYS MA 44 93.56 22.74 17.23
C LYS MA 44 93.21 24.23 17.23
N ASP MA 45 93.75 24.98 16.27
CA ASP MA 45 93.52 26.42 16.22
C ASP MA 45 92.10 26.75 15.82
N THR MA 46 91.44 25.85 15.08
CA THR MA 46 90.03 26.03 14.77
C THR MA 46 89.16 25.72 15.98
N VAL MA 47 89.49 24.65 16.71
CA VAL MA 47 88.61 24.14 17.74
C VAL MA 47 88.71 24.96 19.03
N PHE MA 48 89.92 25.39 19.39
CA PHE MA 48 90.18 26.10 20.66
C PHE MA 48 89.30 27.32 20.97
N PRO MA 49 88.92 28.21 20.03
CA PRO MA 49 87.97 29.27 20.42
C PRO MA 49 86.59 28.75 20.80
N MET MA 50 86.15 27.63 20.23
CA MET MA 50 84.87 27.05 20.65
C MET MA 50 84.96 26.56 22.09
N ALA MA 51 86.11 26.03 22.50
CA ALA MA 51 86.30 25.63 23.88
C ALA MA 51 86.32 26.82 24.81
N ILE MA 52 86.94 27.93 24.36
CA ILE MA 52 86.94 29.16 25.16
C ILE MA 52 85.53 29.70 25.31
N LEU MA 53 84.76 29.68 24.22
CA LEU MA 53 83.37 30.14 24.24
C LEU MA 53 82.51 29.28 25.15
N GLY MA 54 82.70 27.97 25.10
CA GLY MA 54 81.93 27.08 25.96
C GLY MA 54 82.26 27.26 27.43
N PHE MA 55 83.56 27.47 27.73
CA PHE MA 55 83.97 27.81 29.08
C PHE MA 55 83.31 29.09 29.57
N ALA MA 56 83.24 30.10 28.70
CA ALA MA 56 82.65 31.38 29.08
C ALA MA 56 81.15 31.26 29.34
N LEU MA 57 80.45 30.51 28.48
CA LEU MA 57 79.00 30.40 28.63
C LEU MA 57 78.62 29.55 29.85
N SER MA 58 79.35 28.46 30.09
CA SER MA 58 79.09 27.66 31.28
C SER MA 58 79.48 28.41 32.54
N GLU MA 59 80.54 29.24 32.46
CA GLU MA 59 80.90 30.12 33.57
C GLU MA 59 79.81 31.13 33.85
N ALA MA 60 79.14 31.61 32.79
CA ALA MA 60 78.01 32.52 32.99
C ALA MA 60 76.83 31.83 33.65
N THR MA 61 76.57 30.57 33.29
CA THR MA 61 75.49 29.83 33.92
C THR MA 61 75.77 29.57 35.40
N GLY MA 62 77.04 29.32 35.74
CA GLY MA 62 77.39 29.24 37.15
C GLY MA 62 77.32 30.58 37.85
N LEU MA 63 77.73 31.64 37.16
CA LEU MA 63 77.80 32.96 37.75
C LEU MA 63 76.42 33.55 37.99
N PHE MA 64 75.40 33.06 37.29
CA PHE MA 64 74.02 33.44 37.61
C PHE MA 64 73.64 32.95 39.00
N CYS MA 65 73.95 31.70 39.33
CA CYS MA 65 73.73 31.20 40.68
C CYS MA 65 74.58 31.96 41.68
N LEU MA 66 75.81 32.29 41.28
CA LEU MA 66 76.70 33.03 42.17
C LEU MA 66 76.15 34.44 42.48
N MET MA 67 75.60 35.11 41.48
CA MET MA 67 75.08 36.45 41.72
C MET MA 67 73.74 36.42 42.44
N VAL MA 68 72.95 35.35 42.28
CA VAL MA 68 71.76 35.21 43.12
C VAL MA 68 72.17 34.98 44.58
N SER MA 69 73.27 34.26 44.77
CA SER MA 69 73.81 34.08 46.12
C SER MA 69 74.27 35.41 46.72
N PHE MA 70 74.94 36.24 45.92
CA PHE MA 70 75.36 37.56 46.42
C PHE MA 70 74.17 38.49 46.66
N LEU MA 71 73.12 38.39 45.84
CA LEU MA 71 71.93 39.21 46.07
C LEU MA 71 71.21 38.78 47.34
N LEU MA 72 71.21 37.48 47.65
CA LEU MA 72 70.67 37.05 48.92
C LEU MA 72 71.58 37.42 50.07
N LEU MA 73 72.87 37.59 49.80
CA LEU MA 73 73.78 38.07 50.85
C LEU MA 73 73.54 39.53 51.16
N PHE MA 74 73.73 40.41 50.17
CA PHE MA 74 73.84 41.85 50.42
C PHE MA 74 72.54 42.58 50.09
N GLY MA 75 72.09 42.49 48.84
CA GLY MA 75 70.90 43.21 48.41
C GLY MA 75 69.60 42.48 48.68
N MET NA 1 55.13 40.89 57.00
CA MET NA 1 55.31 39.75 57.89
C MET NA 1 56.66 39.09 57.63
N GLN NA 2 57.41 38.86 58.70
CA GLN NA 2 58.76 38.31 58.56
C GLN NA 2 58.74 36.83 58.21
N LEU NA 3 57.74 36.10 58.71
CA LEU NA 3 57.71 34.65 58.54
C LEU NA 3 57.44 34.28 57.08
N VAL NA 4 56.64 35.09 56.39
CA VAL NA 4 56.40 34.83 54.98
C VAL NA 4 57.60 35.24 54.15
N LEU NA 5 58.18 36.40 54.48
CA LEU NA 5 59.27 37.01 53.73
C LEU NA 5 60.54 36.17 53.78
N ALA NA 6 60.89 35.68 54.97
CA ALA NA 6 62.04 34.81 55.17
C ALA NA 6 61.90 33.53 54.36
N ALA NA 7 60.70 32.97 54.35
CA ALA NA 7 60.44 31.78 53.54
C ALA NA 7 60.52 32.10 52.05
N LYS NA 8 60.19 33.34 51.66
CA LYS NA 8 60.35 33.71 50.27
C LYS NA 8 61.83 33.79 49.88
N TYR NA 9 62.67 34.27 50.80
CA TYR NA 9 64.11 34.24 50.56
C TYR NA 9 64.63 32.81 50.48
N ILE NA 10 64.11 31.92 51.33
CA ILE NA 10 64.52 30.51 51.30
C ILE NA 10 64.11 29.85 49.99
N GLY NA 11 62.90 30.11 49.52
CA GLY NA 11 62.46 29.53 48.26
C GLY NA 11 63.25 30.05 47.08
N ALA NA 12 63.62 31.33 47.12
CA ALA NA 12 64.51 31.89 46.11
C ALA NA 12 65.89 31.25 46.16
N GLY NA 13 66.35 30.88 47.36
CA GLY NA 13 67.58 30.13 47.45
C GLY NA 13 67.47 28.73 46.87
N ILE NA 14 66.37 28.04 47.19
CA ILE NA 14 66.15 26.66 46.76
C ILE NA 14 66.04 26.57 45.25
N SER NA 15 65.42 27.57 44.62
CA SER NA 15 65.02 27.48 43.23
C SER NA 15 66.21 27.33 42.28
N THR NA 16 67.31 28.03 42.58
CA THR NA 16 68.43 28.10 41.64
C THR NA 16 69.25 26.83 41.51
N ILE NA 17 68.84 25.73 42.17
CA ILE NA 17 69.56 24.46 42.03
C ILE NA 17 69.41 23.92 40.62
N GLY NA 18 68.26 24.16 39.99
CA GLY NA 18 67.97 23.60 38.68
C GLY NA 18 68.82 24.15 37.54
N LEU NA 19 69.59 25.22 37.79
CA LEU NA 19 70.41 25.81 36.75
C LEU NA 19 71.67 24.99 36.46
N LEU NA 20 72.00 24.03 37.33
CA LEU NA 20 73.11 23.14 37.03
C LEU NA 20 72.82 22.25 35.84
N GLY NA 21 71.54 22.00 35.56
CA GLY NA 21 71.13 21.29 34.36
C GLY NA 21 71.58 22.01 33.11
N ALA NA 22 71.30 23.31 33.04
CA ALA NA 22 71.76 24.11 31.90
C ALA NA 22 73.27 24.20 31.87
N GLY NA 23 73.89 24.31 33.06
CA GLY NA 23 75.34 24.44 33.11
C GLY NA 23 76.07 23.20 32.61
N ILE NA 24 75.54 22.01 32.92
CA ILE NA 24 76.10 20.80 32.35
C ILE NA 24 75.72 20.70 30.88
N GLY NA 25 74.52 21.16 30.53
CA GLY NA 25 73.96 20.81 29.24
C GLY NA 25 74.55 21.56 28.07
N ILE NA 26 74.70 22.89 28.22
CA ILE NA 26 75.35 23.73 27.22
C ILE NA 26 76.74 23.20 26.89
N ALA NA 27 77.43 22.74 27.93
CA ALA NA 27 78.75 22.19 27.77
C ALA NA 27 78.74 20.82 27.10
N ILE NA 28 77.71 20.01 27.36
CA ILE NA 28 77.57 18.74 26.63
C ILE NA 28 77.39 19.00 25.14
N VAL NA 29 76.60 20.03 24.80
CA VAL NA 29 76.37 20.39 23.40
C VAL NA 29 77.67 20.83 22.74
N PHE NA 30 78.41 21.72 23.39
CA PHE NA 30 79.66 22.20 22.81
C PHE NA 30 80.73 21.12 22.78
N ALA NA 31 80.68 20.18 23.72
CA ALA NA 31 81.63 19.07 23.70
C ALA NA 31 81.35 18.12 22.56
N ALA NA 32 80.08 17.86 22.27
CA ALA NA 32 79.76 17.04 21.11
C ALA NA 32 80.10 17.77 19.82
N LEU NA 33 79.97 19.10 19.83
CA LEU NA 33 80.42 19.91 18.69
C LEU NA 33 81.91 19.75 18.45
N ILE NA 34 82.70 19.79 19.52
CA ILE NA 34 84.15 19.63 19.43
C ILE NA 34 84.52 18.24 18.92
N ASN NA 35 83.89 17.21 19.48
CA ASN NA 35 84.15 15.86 19.02
C ASN NA 35 83.61 15.59 17.62
N GLY NA 36 82.68 16.41 17.14
CA GLY NA 36 82.18 16.24 15.80
C GLY NA 36 83.03 16.92 14.75
N VAL NA 37 83.62 18.07 15.10
CA VAL NA 37 84.54 18.74 14.17
C VAL NA 37 85.81 17.92 14.00
N SER NA 38 86.26 17.29 15.09
CA SER NA 38 87.50 16.51 15.06
C SER NA 38 87.39 15.25 14.23
N ARG NA 39 86.18 14.76 13.96
CA ARG NA 39 86.03 13.63 13.05
C ARG NA 39 85.96 14.09 11.61
N ASN NA 40 85.19 15.15 11.35
CA ASN NA 40 85.03 15.70 10.01
C ASN NA 40 85.07 17.21 10.12
N PRO NA 41 86.10 17.87 9.59
CA PRO NA 41 86.20 19.32 9.74
C PRO NA 41 85.36 20.11 8.75
N SER NA 42 84.90 19.48 7.67
CA SER NA 42 84.19 20.19 6.61
C SER NA 42 82.71 20.37 6.91
N ILE NA 43 82.25 20.02 8.11
CA ILE NA 43 80.84 20.07 8.47
C ILE NA 43 80.60 21.09 9.58
N LYS NA 44 81.63 21.86 9.95
CA LYS NA 44 81.55 22.82 11.05
C LYS NA 44 80.53 23.91 10.78
N ASP NA 45 80.50 24.43 9.55
CA ASP NA 45 79.59 25.51 9.19
C ASP NA 45 78.15 25.03 9.18
N THR NA 46 77.92 23.75 8.90
CA THR NA 46 76.56 23.21 8.97
C THR NA 46 76.15 22.98 10.42
N VAL NA 47 77.04 22.42 11.23
CA VAL NA 47 76.64 21.93 12.54
C VAL NA 47 76.54 23.07 13.56
N PHE NA 48 77.47 24.04 13.52
CA PHE NA 48 77.52 25.12 14.50
C PHE NA 48 76.25 25.94 14.73
N PRO NA 49 75.37 26.22 13.72
CA PRO NA 49 74.07 26.82 14.06
C PRO NA 49 73.20 25.96 14.97
N MET NA 50 73.24 24.65 14.82
CA MET NA 50 72.45 23.82 15.73
C MET NA 50 73.09 23.70 17.10
N ALA NA 51 74.41 23.90 17.17
CA ALA NA 51 75.07 23.99 18.46
C ALA NA 51 74.64 25.25 19.21
N ILE NA 52 74.56 26.38 18.51
CA ILE NA 52 74.16 27.59 19.21
C ILE NA 52 72.65 27.57 19.47
N LEU NA 53 71.88 26.84 18.65
CA LEU NA 53 70.47 26.59 18.95
C LEU NA 53 70.31 25.78 20.21
N GLY NA 54 71.14 24.76 20.39
CA GLY NA 54 71.09 23.95 21.59
C GLY NA 54 71.53 24.73 22.82
N PHE NA 55 72.50 25.63 22.65
CA PHE NA 55 72.86 26.58 23.70
C PHE NA 55 71.68 27.42 24.14
N ALA NA 56 70.93 27.96 23.16
CA ALA NA 56 69.79 28.82 23.48
C ALA NA 56 68.67 28.03 24.16
N LEU NA 57 68.35 26.85 23.63
CA LEU NA 57 67.23 26.08 24.17
C LEU NA 57 67.58 25.46 25.52
N SER NA 58 68.86 25.22 25.80
CA SER NA 58 69.24 24.75 27.12
C SER NA 58 69.38 25.91 28.11
N GLU NA 59 69.73 27.10 27.63
CA GLU NA 59 69.72 28.27 28.48
C GLU NA 59 68.29 28.67 28.85
N ALA NA 60 67.32 28.29 28.01
CA ALA NA 60 65.92 28.60 28.27
C ALA NA 60 65.43 27.94 29.55
N THR NA 61 65.71 26.65 29.72
CA THR NA 61 65.27 25.95 30.92
C THR NA 61 66.06 26.33 32.16
N GLY NA 62 67.17 27.05 32.01
CA GLY NA 62 67.83 27.60 33.16
C GLY NA 62 67.28 28.97 33.49
N LEU NA 63 66.86 29.70 32.47
CA LEU NA 63 66.32 31.02 32.76
C LEU NA 63 64.88 30.96 33.23
N PHE NA 64 64.15 29.87 32.97
CA PHE NA 64 62.87 29.69 33.65
C PHE NA 64 63.07 29.52 35.15
N CYS NA 65 64.08 28.74 35.52
CA CYS NA 65 64.50 28.62 36.91
C CYS NA 65 64.90 29.96 37.50
N LEU NA 66 65.66 30.73 36.75
CA LEU NA 66 66.09 32.04 37.22
C LEU NA 66 64.90 33.00 37.31
N MET NA 67 63.90 32.82 36.45
CA MET NA 67 62.67 33.61 36.51
C MET NA 67 61.89 33.33 37.78
N VAL NA 68 61.75 32.04 38.14
CA VAL NA 68 61.07 31.68 39.39
C VAL NA 68 61.87 32.19 40.59
N SER NA 69 63.20 32.21 40.46
CA SER NA 69 64.04 32.76 41.52
C SER NA 69 63.79 34.25 41.73
N PHE NA 70 63.70 35.02 40.64
CA PHE NA 70 63.47 36.45 40.80
C PHE NA 70 62.03 36.75 41.22
N LEU NA 71 61.06 35.94 40.78
CA LEU NA 71 59.69 36.10 41.25
C LEU NA 71 59.55 35.76 42.73
N LEU NA 72 60.43 34.91 43.26
CA LEU NA 72 60.54 34.76 44.70
C LEU NA 72 61.54 35.73 45.32
N LEU NA 73 61.91 36.80 44.63
CA LEU NA 73 62.69 37.88 45.24
C LEU NA 73 61.94 39.19 45.24
N PHE NA 74 61.42 39.61 44.09
CA PHE NA 74 60.92 40.97 43.90
C PHE NA 74 59.44 40.98 43.55
N GLY NA 75 58.68 40.03 44.05
CA GLY NA 75 57.25 39.97 43.79
C GLY NA 75 56.47 39.31 44.91
N MET OA 1 41.85 15.07 43.95
CA MET OA 1 41.43 16.24 43.21
C MET OA 1 39.91 16.31 43.15
N PRO OA 2 39.34 17.52 43.25
CA PRO OA 2 37.90 17.62 43.53
C PRO OA 2 37.04 17.29 42.33
N GLN OA 3 37.55 17.51 41.13
CA GLN OA 3 36.66 17.51 39.98
C GLN OA 3 36.47 16.11 39.40
N LEU OA 4 37.43 15.22 39.58
CA LEU OA 4 37.30 13.87 39.04
C LEU OA 4 36.79 12.90 40.08
N VAL OA 5 36.38 13.39 41.25
CA VAL OA 5 35.67 12.53 42.20
C VAL OA 5 34.28 13.12 42.50
N PRO OA 6 33.29 13.12 41.55
CA PRO OA 6 31.91 13.38 41.97
C PRO OA 6 31.08 12.12 42.18
N PHE OA 7 29.77 12.32 42.27
CA PHE OA 7 28.79 11.24 42.21
C PHE OA 7 28.60 10.65 40.82
N TYR OA 8 29.20 11.24 39.79
CA TYR OA 8 28.88 10.88 38.42
C TYR OA 8 29.68 9.68 37.91
N PHE OA 9 30.18 8.83 38.83
CA PHE OA 9 31.02 7.71 38.43
C PHE OA 9 30.25 6.73 37.55
N MET OA 10 29.04 6.40 37.97
CA MET OA 10 28.25 5.44 37.22
C MET OA 10 27.74 6.04 35.91
N ASN OA 11 27.54 7.37 35.88
CA ASN OA 11 27.23 8.07 34.64
C ASN OA 11 28.35 7.93 33.62
N GLN OA 12 29.57 8.32 34.03
CA GLN OA 12 30.77 8.22 33.21
C GLN OA 12 30.94 6.82 32.68
N LEU OA 13 30.93 5.84 33.58
CA LEU OA 13 31.24 4.49 33.22
C LEU OA 13 30.13 3.85 32.39
N THR OA 14 28.87 4.26 32.61
CA THR OA 14 27.75 3.69 31.85
C THR OA 14 27.78 4.14 30.41
N TYR OA 15 27.85 5.45 30.16
CA TYR OA 15 27.92 5.89 28.77
C TYR OA 15 29.22 5.51 28.11
N GLY OA 16 30.29 5.39 28.89
CA GLY OA 16 31.55 4.95 28.32
C GLY OA 16 31.51 3.51 27.83
N PHE OA 17 30.99 2.60 28.65
CA PHE OA 17 30.97 1.21 28.22
C PHE OA 17 29.90 0.97 27.16
N LEU OA 18 28.81 1.75 27.17
CA LEU OA 18 27.85 1.68 26.07
C LEU OA 18 28.50 2.13 24.78
N LEU OA 19 29.32 3.17 24.84
CA LEU OA 19 30.02 3.62 23.64
C LEU OA 19 31.07 2.62 23.20
N MET OA 20 31.70 1.93 24.15
CA MET OA 20 32.71 0.94 23.78
C MET OA 20 32.09 -0.26 23.08
N ILE OA 21 31.00 -0.80 23.63
CA ILE OA 21 30.33 -1.92 23.00
C ILE OA 21 29.72 -1.49 21.67
N THR OA 22 29.25 -0.24 21.61
CA THR OA 22 28.69 0.32 20.39
C THR OA 22 29.73 0.41 19.29
N LEU OA 23 30.87 1.04 19.60
CA LEU OA 23 31.95 1.17 18.62
C LEU OA 23 32.54 -0.17 18.26
N LEU OA 24 32.55 -1.13 19.18
CA LEU OA 24 33.10 -2.44 18.88
C LEU OA 24 32.24 -3.16 17.86
N ILE OA 25 30.93 -3.28 18.13
CA ILE OA 25 30.01 -3.93 17.20
C ILE OA 25 29.95 -3.17 15.89
N LEU OA 26 29.92 -1.85 15.99
CA LEU OA 26 29.78 -0.93 14.88
C LEU OA 26 30.99 -0.94 13.96
N PHE OA 27 32.21 -0.75 14.49
CA PHE OA 27 33.45 -0.93 13.73
C PHE OA 27 33.53 -2.30 13.11
N SER OA 28 33.44 -3.36 13.93
CA SER OA 28 33.74 -4.71 13.47
C SER OA 28 32.79 -5.18 12.39
N GLN OA 29 31.50 -4.93 12.55
CA GLN OA 29 30.57 -5.44 11.56
C GLN OA 29 30.36 -4.48 10.39
N PHE OA 30 30.52 -3.17 10.58
CA PHE OA 30 30.21 -2.22 9.53
C PHE OA 30 31.47 -1.68 8.83
N PHE OA 31 32.36 -1.04 9.58
CA PHE OA 31 33.21 -0.03 8.97
C PHE OA 31 34.59 -0.54 8.59
N LEU OA 32 35.13 -1.46 9.36
CA LEU OA 32 36.31 -2.18 8.90
C LEU OA 32 36.06 -3.03 7.66
N PRO OA 33 34.98 -3.82 7.54
CA PRO OA 33 34.81 -4.56 6.28
C PRO OA 33 34.39 -3.69 5.11
N MET OA 34 33.88 -2.47 5.32
CA MET OA 34 33.63 -1.63 4.14
C MET OA 34 34.93 -1.08 3.58
N ILE OA 35 35.99 -1.08 4.38
CA ILE OA 35 37.32 -0.78 3.83
C ILE OA 35 37.88 -2.04 3.19
N LEU OA 36 37.61 -3.20 3.80
CA LEU OA 36 38.20 -4.42 3.27
C LEU OA 36 37.53 -4.84 1.96
N ARG OA 37 36.28 -4.44 1.74
CA ARG OA 37 35.64 -4.64 0.43
C ARG OA 37 36.34 -3.85 -0.64
N LEU OA 38 36.74 -2.62 -0.32
CA LEU OA 38 37.54 -1.81 -1.23
C LEU OA 38 38.85 -2.50 -1.54
N TYR OA 39 39.49 -3.10 -0.53
CA TYR OA 39 40.76 -3.81 -0.75
C TYR OA 39 40.60 -4.99 -1.69
N VAL OA 40 39.63 -5.85 -1.40
CA VAL OA 40 39.46 -7.06 -2.21
C VAL OA 40 38.98 -6.69 -3.61
N SER OA 41 38.23 -5.60 -3.75
CA SER OA 41 37.78 -5.16 -5.06
C SER OA 41 38.94 -4.63 -5.89
N ARG OA 42 39.81 -3.81 -5.29
CA ARG OA 42 40.98 -3.29 -5.99
C ARG OA 42 41.90 -4.42 -6.42
N LEU OA 43 42.09 -5.40 -5.55
CA LEU OA 43 42.96 -6.51 -5.91
C LEU OA 43 42.30 -7.42 -6.93
N PHE OA 44 40.97 -7.49 -6.94
CA PHE OA 44 40.30 -8.36 -7.91
C PHE OA 44 40.30 -7.74 -9.30
N ILE OA 45 40.19 -6.41 -9.37
CA ILE OA 45 40.34 -5.73 -10.66
C ILE OA 45 41.80 -5.78 -11.10
N SER OA 46 42.73 -5.77 -10.13
CA SER OA 46 44.15 -5.85 -10.47
C SER OA 46 44.52 -7.22 -11.01
N LYS OA 47 44.00 -8.29 -10.42
CA LYS OA 47 44.31 -9.62 -10.93
C LYS OA 47 43.55 -9.92 -12.20
N LEU OA 48 42.29 -9.47 -12.28
CA LEU OA 48 41.39 -9.60 -13.44
C LEU OA 48 41.16 -11.05 -13.86
N SER PA 1 41.10 28.81 40.68
CA SER PA 1 40.72 27.48 40.25
C SER PA 1 40.91 27.32 38.74
N PRO PA 2 42.11 26.89 38.32
CA PRO PA 2 42.36 26.69 36.90
C PRO PA 2 41.79 25.41 36.35
N LEU PA 3 41.23 24.57 37.20
CA LEU PA 3 40.79 23.24 36.83
C LEU PA 3 39.28 23.18 36.68
N ASP PA 4 38.62 24.33 36.48
CA ASP PA 4 37.18 24.34 36.31
C ASP PA 4 36.73 23.87 34.95
N GLN PA 5 37.66 23.60 34.03
CA GLN PA 5 37.27 23.15 32.70
C GLN PA 5 36.81 21.71 32.66
N PHE PA 6 36.95 20.97 33.75
CA PHE PA 6 36.55 19.56 33.76
C PHE PA 6 35.27 19.32 34.53
N GLU PA 7 34.49 20.37 34.80
CA GLU PA 7 33.25 20.22 35.56
C GLU PA 7 32.22 19.47 34.74
N ILE PA 8 31.50 18.57 35.40
CA ILE PA 8 30.47 17.79 34.74
C ILE PA 8 29.12 18.37 35.16
N ARG PA 9 28.36 18.84 34.18
CA ARG PA 9 27.07 19.48 34.42
C ARG PA 9 25.97 18.66 33.79
N THR PA 10 24.89 18.45 34.52
CA THR PA 10 23.75 17.71 34.01
C THR PA 10 22.86 18.62 33.18
N LEU PA 11 22.39 18.12 32.04
CA LEU PA 11 21.63 18.93 31.09
C LEU PA 11 20.20 18.47 30.90
N PHE PA 12 19.98 17.25 30.45
CA PHE PA 12 18.64 16.85 30.07
C PHE PA 12 17.84 16.32 31.25
N GLY PA 13 18.51 15.64 32.18
CA GLY PA 13 17.92 15.28 33.44
C GLY PA 13 16.93 14.13 33.40
N LEU PA 14 16.92 13.35 34.48
CA LEU PA 14 15.93 12.31 34.71
C LEU PA 14 16.09 11.86 36.16
N GLN PA 15 14.97 11.60 36.81
CA GLN PA 15 15.01 11.15 38.20
C GLN PA 15 13.76 10.32 38.45
N SER PA 16 13.68 9.78 39.66
CA SER PA 16 12.48 9.09 40.12
C SER PA 16 12.53 9.05 41.64
N SER PA 17 11.62 8.27 42.22
CA SER PA 17 11.73 7.87 43.60
C SER PA 17 11.60 6.38 43.80
N PHE PA 18 11.13 5.66 42.78
CA PHE PA 18 11.10 4.20 42.84
C PHE PA 18 12.51 3.63 42.70
N ILE PA 19 13.17 3.92 41.60
CA ILE PA 19 14.44 3.31 41.24
C ILE PA 19 15.42 4.42 40.93
N ASP PA 20 16.70 4.18 41.20
CA ASP PA 20 17.73 5.19 40.95
C ASP PA 20 18.06 5.17 39.46
N LEU PA 21 17.31 5.96 38.70
CA LEU PA 21 17.53 6.08 37.27
C LEU PA 21 18.46 7.24 36.94
N SER PA 22 19.22 7.72 37.94
CA SER PA 22 20.11 8.85 37.73
C SER PA 22 21.44 8.43 37.11
N CYS PA 23 21.63 7.13 36.89
CA CYS PA 23 22.83 6.62 36.25
C CYS PA 23 22.87 7.10 34.81
N LEU PA 24 21.82 6.82 34.05
CA LEU PA 24 21.75 7.26 32.67
C LEU PA 24 20.92 8.54 32.60
N ASN PA 25 21.54 9.60 32.08
CA ASN PA 25 20.94 10.90 31.79
C ASN PA 25 21.96 11.69 30.98
N LEU PA 26 21.46 12.51 30.05
CA LEU PA 26 22.35 13.23 29.14
C LEU PA 26 23.12 14.31 29.87
N THR PA 27 24.45 14.19 29.85
CA THR PA 27 25.34 15.00 30.65
C THR PA 27 26.44 15.47 29.71
N THR PA 28 27.28 16.40 30.20
CA THR PA 28 28.40 16.93 29.42
C THR PA 28 29.32 15.82 28.94
N PHE PA 29 29.66 14.90 29.84
CA PHE PA 29 30.41 13.70 29.47
C PHE PA 29 29.60 12.87 28.47
N SER PA 30 28.31 12.71 28.73
CA SER PA 30 27.49 11.88 27.86
C SER PA 30 27.29 12.54 26.51
N LEU PA 31 27.11 13.87 26.50
CA LEU PA 31 26.93 14.57 25.23
C LEU PA 31 28.20 14.54 24.40
N TYR PA 32 29.35 14.61 25.05
CA TYR PA 32 30.58 14.49 24.27
C TYR PA 32 30.86 13.07 23.84
N THR PA 33 30.31 12.06 24.53
CA THR PA 33 30.37 10.72 23.96
C THR PA 33 29.47 10.59 22.74
N ILE PA 34 28.28 11.20 22.77
CA ILE PA 34 27.44 11.24 21.58
C ILE PA 34 28.15 11.96 20.43
N ILE PA 35 28.89 13.02 20.74
CA ILE PA 35 29.62 13.73 19.69
C ILE PA 35 30.77 12.88 19.14
N VAL PA 36 31.49 12.15 20.00
CA VAL PA 36 32.55 11.25 19.54
C VAL PA 36 32.00 10.16 18.63
N LEU PA 37 30.86 9.58 19.01
CA LEU PA 37 30.22 8.55 18.20
C LEU PA 37 29.76 9.09 16.86
N LEU PA 38 29.24 10.33 16.84
CA LEU PA 38 28.78 10.89 15.57
C LEU PA 38 29.95 11.31 14.69
N VAL PA 39 31.07 11.70 15.28
CA VAL PA 39 32.25 12.04 14.47
C VAL PA 39 32.82 10.78 13.84
N ILE PA 40 32.97 9.72 14.63
CA ILE PA 40 33.49 8.45 14.12
C ILE PA 40 32.53 7.85 13.10
N THR PA 41 31.23 8.08 13.26
CA THR PA 41 30.28 7.69 12.23
C THR PA 41 30.43 8.56 10.99
N SER PA 42 30.74 9.84 11.18
CA SER PA 42 30.89 10.75 10.06
C SER PA 42 32.18 10.50 9.30
N LEU PA 43 33.19 9.91 9.94
CA LEU PA 43 34.44 9.68 9.23
C LEU PA 43 34.37 8.50 8.27
N TYR PA 44 33.27 7.77 8.24
CA TYR PA 44 33.18 6.62 7.36
C TYR PA 44 31.90 6.54 6.55
N THR PA 45 30.83 7.22 6.96
CA THR PA 45 29.55 7.08 6.28
C THR PA 45 29.46 8.01 5.08
N LEU PA 46 29.50 9.32 5.34
CA LEU PA 46 29.48 10.32 4.28
C LEU PA 46 30.86 10.61 3.72
N THR PA 47 31.90 10.01 4.27
CA THR PA 47 33.22 10.09 3.67
C THR PA 47 33.24 9.40 2.31
N ASN PA 48 32.68 8.20 2.24
CA ASN PA 48 32.69 7.43 1.01
C ASN PA 48 31.66 8.03 0.06
N ASN PA 49 32.13 8.73 -0.98
CA ASN PA 49 31.26 9.20 -2.04
C ASN PA 49 30.69 8.02 -2.81
N ASN PA 50 29.37 7.83 -2.70
CA ASN PA 50 28.49 6.85 -3.33
C ASN PA 50 29.09 5.46 -3.55
N ASN PA 51 29.86 5.00 -2.56
CA ASN PA 51 30.57 3.73 -2.55
C ASN PA 51 31.47 3.55 -3.77
N LYS PA 52 32.29 4.56 -4.02
CA LYS PA 52 33.21 4.53 -5.15
C LYS PA 52 34.46 3.74 -4.79
N ILE PA 53 35.03 3.06 -5.79
CA ILE PA 53 36.24 2.27 -5.59
C ILE PA 53 37.44 3.16 -5.31
N ILE PA 54 37.53 4.29 -6.01
CA ILE PA 54 38.75 5.10 -6.02
C ILE PA 54 39.07 5.72 -4.67
N GLY PA 55 38.08 5.92 -3.81
CA GLY PA 55 38.38 6.31 -2.45
C GLY PA 55 38.88 7.72 -2.30
N SER PA 56 37.98 8.69 -2.41
CA SER PA 56 38.28 10.12 -2.38
C SER PA 56 39.11 10.58 -1.18
N ARG PA 57 39.74 11.74 -1.31
CA ARG PA 57 40.77 12.30 -0.44
C ARG PA 57 40.51 12.21 1.07
N TRP PA 58 39.24 12.21 1.46
CA TRP PA 58 38.91 11.99 2.86
C TRP PA 58 39.19 10.56 3.28
N LEU PA 59 39.02 9.61 2.36
CA LEU PA 59 39.15 8.22 2.75
C LEU PA 59 40.60 7.77 2.86
N ILE PA 60 41.55 8.58 2.36
CA ILE PA 60 42.97 8.28 2.54
C ILE PA 60 43.36 8.37 4.01
N SER PA 61 42.72 9.25 4.78
CA SER PA 61 42.99 9.37 6.21
C SER PA 61 42.59 8.10 6.95
N GLN PA 62 41.36 7.65 6.76
CA GLN PA 62 40.89 6.42 7.40
C GLN PA 62 41.38 5.17 6.71
N GLU PA 63 42.08 5.33 5.60
CA GLU PA 63 42.88 4.26 5.03
C GLU PA 63 44.20 4.12 5.77
N ALA PA 64 44.85 5.25 6.04
CA ALA PA 64 46.17 5.24 6.65
C ALA PA 64 46.10 4.83 8.11
N ILE PA 65 45.04 5.21 8.81
CA ILE PA 65 44.89 4.79 10.20
C ILE PA 65 44.69 3.27 10.28
N TYR PA 66 43.85 2.73 9.40
CA TYR PA 66 43.65 1.29 9.29
C TYR PA 66 44.94 0.57 9.00
N ASP PA 67 45.73 1.08 8.07
CA ASP PA 67 46.94 0.36 7.68
C ASP PA 67 48.02 0.47 8.73
N THR PA 68 48.09 1.60 9.44
CA THR PA 68 49.13 1.74 10.45
C THR PA 68 48.75 1.03 11.74
N ILE PA 69 47.51 0.58 11.86
CA ILE PA 69 47.16 -0.26 13.01
C ILE PA 69 47.07 -1.74 12.64
N MET PA 70 46.87 -2.07 11.37
CA MET PA 70 47.10 -3.44 10.96
C MET PA 70 48.58 -3.79 11.03
N ASN PA 71 49.44 -2.96 10.44
CA ASN PA 71 50.87 -3.27 10.44
C ASN PA 71 51.51 -3.09 11.81
N MET PA 72 50.80 -2.55 12.79
CA MET PA 72 51.28 -2.51 14.15
C MET PA 72 50.87 -3.74 14.95
N THR PA 73 49.66 -4.26 14.76
CA THR PA 73 49.21 -5.43 15.51
C THR PA 73 49.58 -6.73 14.81
N LYS PA 74 50.10 -6.66 13.59
CA LYS PA 74 50.71 -7.83 12.99
C LYS PA 74 52.12 -8.04 13.49
N GLY PA 75 52.80 -6.97 13.87
CA GLY PA 75 54.12 -7.05 14.44
C GLY PA 75 54.17 -7.20 15.93
N GLN PA 76 53.04 -7.36 16.61
CA GLN PA 76 53.06 -7.62 18.03
C GLN PA 76 52.54 -9.01 18.38
N ILE PA 77 51.29 -9.33 18.08
CA ILE PA 77 50.78 -10.63 18.50
C ILE PA 77 51.07 -11.69 17.46
N GLY PA 78 51.05 -11.33 16.19
CA GLY PA 78 51.70 -11.99 15.07
C GLY PA 78 51.72 -13.50 14.97
N GLY PA 79 50.72 -14.16 15.50
CA GLY PA 79 50.71 -15.59 15.57
C GLY PA 79 49.84 -16.23 14.51
N LYS PA 80 49.21 -17.34 14.89
CA LYS PA 80 48.29 -18.03 13.98
C LYS PA 80 47.06 -17.19 13.73
N ASN PA 81 46.53 -16.57 14.78
CA ASN PA 81 45.30 -15.78 14.71
C ASN PA 81 45.53 -14.43 15.38
N TRP PA 82 46.04 -13.48 14.61
CA TRP PA 82 46.18 -12.12 15.11
C TRP PA 82 44.97 -11.26 14.77
N GLY PA 83 44.26 -11.59 13.71
CA GLY PA 83 43.17 -10.72 13.25
C GLY PA 83 41.92 -10.84 14.09
N LEU PA 84 41.82 -11.88 14.91
CA LEU PA 84 40.63 -12.03 15.76
C LEU PA 84 40.58 -10.98 16.86
N TYR PA 85 41.69 -10.34 17.18
CA TYR PA 85 41.72 -9.30 18.19
C TYR PA 85 41.98 -7.93 17.59
N PHE PA 86 41.80 -7.80 16.29
CA PHE PA 86 42.01 -6.55 15.56
C PHE PA 86 40.90 -5.49 15.70
N PRO PA 87 39.59 -5.83 15.75
CA PRO PA 87 38.62 -4.76 16.03
C PRO PA 87 38.77 -4.09 17.36
N MET PA 88 39.16 -4.82 18.41
CA MET PA 88 39.36 -4.16 19.70
C MET PA 88 40.61 -3.29 19.68
N ILE PA 89 41.67 -3.74 18.99
CA ILE PA 89 42.88 -2.95 18.93
C ILE PA 89 42.70 -1.73 18.03
N PHE PA 90 41.66 -1.71 17.19
CA PHE PA 90 41.37 -0.51 16.41
C PHE PA 90 40.43 0.44 17.15
N THR PA 91 39.42 -0.10 17.82
CA THR PA 91 38.45 0.75 18.51
C THR PA 91 38.97 1.23 19.85
N LEU PA 92 40.08 0.69 20.34
CA LEU PA 92 40.78 1.38 21.42
C LEU PA 92 41.60 2.53 20.90
N PHE PA 93 41.98 2.50 19.63
CA PHE PA 93 42.68 3.64 19.08
C PHE PA 93 41.74 4.79 18.84
N MET PA 94 40.70 4.56 18.02
CA MET PA 94 39.95 5.66 17.42
C MET PA 94 39.19 6.48 18.45
N PHE PA 95 38.75 5.85 19.55
CA PHE PA 95 38.17 6.60 20.66
C PHE PA 95 39.16 7.59 21.25
N ILE PA 96 40.40 7.15 21.46
CA ILE PA 96 41.36 8.02 22.12
C ILE PA 96 41.91 9.05 21.14
N PHE PA 97 41.96 8.70 19.87
CA PHE PA 97 42.45 9.64 18.87
C PHE PA 97 41.43 10.73 18.58
N ILE PA 98 40.15 10.41 18.54
CA ILE PA 98 39.14 11.42 18.30
C ILE PA 98 38.83 12.20 19.58
N ALA PA 99 38.85 11.53 20.73
CA ALA PA 99 38.57 12.22 21.98
C ALA PA 99 39.74 13.05 22.49
N ASN PA 100 40.87 13.07 21.79
CA ASN PA 100 41.95 13.99 22.11
C ASN PA 100 42.19 15.00 21.01
N LEU PA 101 41.37 15.02 19.97
CA LEU PA 101 41.36 16.14 19.05
C LEU PA 101 40.16 17.04 19.28
N ILE PA 102 39.02 16.44 19.66
CA ILE PA 102 37.86 17.19 20.10
C ILE PA 102 38.19 18.01 21.33
N SER PA 103 39.03 17.49 22.21
CA SER PA 103 39.34 18.21 23.44
C SER PA 103 40.28 19.38 23.20
N MET PA 104 40.84 19.50 22.00
CA MET PA 104 41.77 20.59 21.74
C MET PA 104 41.04 21.87 21.37
N ILE PA 105 39.81 21.74 20.87
CA ILE PA 105 38.93 22.84 20.48
C ILE PA 105 38.71 23.66 21.73
N PRO PA 106 38.85 25.02 21.69
CA PRO PA 106 39.02 25.80 22.92
C PRO PA 106 37.94 25.71 23.99
N TYR PA 107 36.67 25.95 23.64
CA TYR PA 107 35.60 25.79 24.60
C TYR PA 107 35.04 24.37 24.46
N SER PA 108 35.85 23.41 24.91
CA SER PA 108 35.45 22.02 24.90
C SER PA 108 36.06 21.32 26.09
N PHE PA 109 36.11 19.99 26.04
CA PHE PA 109 36.08 19.20 27.25
C PHE PA 109 36.74 17.85 27.00
N ALA PA 110 37.60 17.43 27.91
CA ALA PA 110 38.41 16.25 27.73
C ALA PA 110 37.67 15.03 28.28
N LEU PA 111 37.29 14.11 27.39
CA LEU PA 111 36.81 12.82 27.86
C LEU PA 111 37.94 12.04 28.51
N SER PA 112 39.14 12.14 27.93
CA SER PA 112 40.25 11.31 28.35
C SER PA 112 40.79 11.71 29.70
N ALA PA 113 40.54 12.94 30.12
CA ALA PA 113 41.10 13.36 31.40
C ALA PA 113 40.24 12.98 32.59
N HIS PA 114 39.30 12.05 32.45
CA HIS PA 114 38.57 11.53 33.60
C HIS PA 114 39.22 10.22 34.00
N LEU PA 115 39.89 10.24 35.16
CA LEU PA 115 40.65 9.07 35.59
C LEU PA 115 39.74 7.91 35.92
N VAL PA 116 38.51 8.18 36.35
CA VAL PA 116 37.60 7.13 36.76
C VAL PA 116 37.09 6.33 35.58
N PHE PA 117 37.00 6.92 34.41
CA PHE PA 117 36.64 6.12 33.24
C PHE PA 117 37.83 5.42 32.60
N ILE PA 118 38.98 6.08 32.50
CA ILE PA 118 40.12 5.50 31.81
C ILE PA 118 40.75 4.39 32.65
N ILE PA 119 40.86 4.60 33.97
CA ILE PA 119 41.35 3.55 34.86
C ILE PA 119 40.39 2.37 34.86
N SER PA 120 39.10 2.63 34.75
CA SER PA 120 38.13 1.53 34.64
C SER PA 120 38.30 0.77 33.33
N LEU PA 121 38.55 1.47 32.23
CA LEU PA 121 38.78 0.80 30.96
C LEU PA 121 40.06 -0.03 31.00
N SER PA 122 41.08 0.47 31.69
CA SER PA 122 42.33 -0.27 31.84
C SER PA 122 42.16 -1.53 32.68
N ILE PA 123 41.39 -1.43 33.77
CA ILE PA 123 41.14 -2.60 34.61
C ILE PA 123 40.29 -3.62 33.86
N VAL PA 124 39.38 -3.14 33.00
CA VAL PA 124 38.61 -4.05 32.15
C VAL PA 124 39.52 -4.81 31.20
N ILE PA 125 40.46 -4.12 30.56
CA ILE PA 125 41.38 -4.82 29.66
C ILE PA 125 42.33 -5.74 30.42
N TRP PA 126 42.72 -5.41 31.65
CA TRP PA 126 43.60 -6.29 32.41
C TRP PA 126 42.90 -7.56 32.87
N LEU PA 127 41.69 -7.44 33.42
CA LEU PA 127 40.95 -8.64 33.77
C LEU PA 127 40.56 -9.43 32.53
N GLY PA 128 40.29 -8.77 31.43
CA GLY PA 128 40.05 -9.52 30.23
C GLY PA 128 41.26 -10.15 29.61
N ASN PA 129 42.45 -9.76 30.03
CA ASN PA 129 43.62 -10.56 29.69
C ASN PA 129 43.81 -11.74 30.63
N THR PA 130 43.60 -11.55 31.93
CA THR PA 130 43.84 -12.66 32.87
C THR PA 130 42.82 -13.78 32.68
N ILE PA 131 41.55 -13.42 32.47
CA ILE PA 131 40.52 -14.44 32.28
C ILE PA 131 40.74 -15.19 30.97
N LEU PA 132 41.12 -14.47 29.92
CA LEU PA 132 41.39 -15.11 28.63
C LEU PA 132 42.60 -16.02 28.72
N GLY PA 133 43.63 -15.59 29.46
CA GLY PA 133 44.80 -16.41 29.61
C GLY PA 133 44.54 -17.67 30.41
N LEU PA 134 43.77 -17.55 31.49
CA LEU PA 134 43.42 -18.72 32.28
C LEU PA 134 42.56 -19.69 31.48
N TYR PA 135 41.57 -19.18 30.75
CA TYR PA 135 40.72 -20.04 29.94
C TYR PA 135 41.50 -20.75 28.85
N LYS PA 136 42.41 -20.04 28.18
CA LYS PA 136 43.10 -20.67 27.08
C LYS PA 136 44.22 -21.59 27.54
N HIS PA 137 44.82 -21.34 28.70
CA HIS PA 137 46.00 -22.15 29.01
C HIS PA 137 46.03 -22.71 30.42
N GLY PA 138 44.87 -22.93 31.05
CA GLY PA 138 44.78 -23.81 32.20
C GLY PA 138 45.55 -23.34 33.41
N TRP PA 139 46.18 -24.30 34.09
CA TRP PA 139 47.03 -23.98 35.23
C TRP PA 139 48.42 -23.55 34.83
N VAL PA 140 48.82 -23.78 33.56
CA VAL PA 140 50.16 -23.41 33.15
C VAL PA 140 50.23 -21.97 32.68
N PHE PA 141 49.16 -21.19 32.89
CA PHE PA 141 49.19 -19.75 32.67
C PHE PA 141 50.22 -19.07 33.55
N PHE PA 142 50.45 -19.61 34.75
CA PHE PA 142 51.42 -19.04 35.66
C PHE PA 142 52.86 -19.25 35.23
N SER PA 143 53.10 -19.98 34.12
CA SER PA 143 54.43 -20.09 33.55
C SER PA 143 54.92 -18.77 32.95
N LEU PA 144 54.03 -17.81 32.77
CA LEU PA 144 54.38 -16.44 32.39
C LEU PA 144 55.24 -15.74 33.44
N PHE PA 145 55.20 -16.19 34.68
CA PHE PA 145 55.81 -15.50 35.79
C PHE PA 145 57.25 -15.90 36.03
N VAL PA 146 57.77 -16.88 35.31
CA VAL PA 146 59.19 -17.21 35.32
C VAL PA 146 59.77 -16.80 33.96
N PRO PA 147 60.83 -16.00 33.94
CA PRO PA 147 61.27 -15.39 32.68
C PRO PA 147 61.83 -16.35 31.65
N ALA PA 148 62.87 -17.06 32.01
CA ALA PA 148 63.59 -17.95 31.11
C ALA PA 148 64.38 -18.91 31.97
N GLY PA 149 65.39 -19.56 31.38
CA GLY PA 149 66.33 -20.33 32.16
C GLY PA 149 67.03 -19.48 33.19
N THR PA 150 66.63 -19.64 34.44
CA THR PA 150 67.08 -18.88 35.59
C THR PA 150 67.54 -19.84 36.67
N PRO PA 151 68.49 -19.43 37.52
CA PRO PA 151 68.88 -20.30 38.64
C PRO PA 151 67.76 -20.40 39.67
N LEU PA 152 67.48 -21.64 40.07
CA LEU PA 152 66.37 -21.92 40.99
C LEU PA 152 66.43 -21.25 42.38
N PRO PA 153 67.58 -21.02 43.04
CA PRO PA 153 67.50 -20.38 44.37
C PRO PA 153 67.03 -18.93 44.38
N LEU PA 154 66.85 -18.29 43.22
CA LEU PA 154 66.35 -16.92 43.19
C LEU PA 154 65.07 -16.81 42.36
N VAL PA 155 64.46 -17.94 42.04
CA VAL PA 155 63.19 -17.95 41.30
C VAL PA 155 62.02 -17.36 42.10
N PRO PA 156 61.77 -17.67 43.40
CA PRO PA 156 60.59 -17.07 44.05
C PRO PA 156 60.62 -15.55 44.21
N LEU PA 157 61.81 -14.95 44.38
CA LEU PA 157 61.91 -13.49 44.36
C LEU PA 157 61.51 -12.94 43.00
N LEU PA 158 62.01 -13.56 41.94
CA LEU PA 158 61.72 -13.21 40.56
C LEU PA 158 60.31 -13.62 40.13
N VAL PA 159 59.57 -14.31 41.00
CA VAL PA 159 58.15 -14.53 40.81
C VAL PA 159 57.32 -13.45 41.52
N ILE PA 160 57.71 -13.09 42.73
CA ILE PA 160 56.99 -12.08 43.50
C ILE PA 160 57.06 -10.72 42.81
N ILE PA 161 58.26 -10.31 42.41
CA ILE PA 161 58.36 -8.98 41.80
C ILE PA 161 58.26 -9.10 40.28
N GLU PA 162 57.74 -10.23 39.81
CA GLU PA 162 57.13 -10.27 38.50
C GLU PA 162 55.61 -10.13 38.59
N THR PA 163 54.97 -10.76 39.58
CA THR PA 163 53.53 -10.60 39.71
C THR PA 163 53.15 -9.21 40.18
N LEU PA 164 54.00 -8.56 40.97
CA LEU PA 164 53.72 -7.17 41.35
C LEU PA 164 53.73 -6.26 40.13
N SER PA 165 54.66 -6.48 39.22
CA SER PA 165 54.61 -5.81 37.93
C SER PA 165 53.49 -6.31 37.05
N TYR PA 166 52.91 -7.48 37.35
CA TYR PA 166 51.80 -7.94 36.54
C TYR PA 166 50.49 -7.27 36.93
N PHE PA 167 50.27 -7.00 38.22
CA PHE PA 167 49.06 -6.24 38.53
C PHE PA 167 49.31 -4.78 38.84
N ALA PA 168 50.50 -4.25 38.56
CA ALA PA 168 50.60 -2.80 38.38
C ALA PA 168 50.14 -2.40 36.99
N ARG PA 169 50.07 -3.37 36.09
CA ARG PA 169 49.68 -3.22 34.72
C ARG PA 169 48.20 -2.84 34.61
N ALA PA 170 47.44 -3.13 35.65
CA ALA PA 170 46.01 -2.81 35.65
C ALA PA 170 45.78 -1.30 35.67
N ILE PA 171 46.53 -0.57 36.48
CA ILE PA 171 46.29 0.87 36.58
C ILE PA 171 47.32 1.71 35.83
N SER PA 172 48.49 1.16 35.50
CA SER PA 172 49.52 1.96 34.84
C SER PA 172 49.09 2.35 33.44
N LEU PA 173 48.48 1.42 32.72
CA LEU PA 173 48.09 1.63 31.34
C LEU PA 173 47.06 2.76 31.21
N GLY PA 174 46.19 2.89 32.19
CA GLY PA 174 45.22 3.97 32.14
C GLY PA 174 45.78 5.27 32.66
N LEU PA 175 46.55 5.19 33.74
CA LEU PA 175 46.97 6.42 34.41
C LEU PA 175 48.03 7.15 33.63
N ARG PA 176 48.76 6.46 32.75
CA ARG PA 176 49.63 7.12 31.77
C ARG PA 176 48.86 8.12 30.91
N LEU PA 177 47.78 7.64 30.28
CA LEU PA 177 46.99 8.47 29.39
C LEU PA 177 46.28 9.58 30.14
N GLY PA 178 45.72 9.25 31.30
CA GLY PA 178 45.05 10.25 32.12
C GLY PA 178 45.99 11.36 32.54
N SER PA 179 47.21 10.99 32.92
CA SER PA 179 48.17 11.99 33.38
C SER PA 179 48.62 12.89 32.24
N ASN PA 180 48.83 12.32 31.05
CA ASN PA 180 49.26 13.12 29.92
C ASN PA 180 48.20 14.13 29.50
N ILE PA 181 46.95 13.68 29.36
CA ILE PA 181 45.91 14.59 28.90
C ILE PA 181 45.61 15.65 29.97
N LEU PA 182 45.56 15.24 31.24
CA LEU PA 182 45.26 16.18 32.31
C LEU PA 182 46.36 17.22 32.48
N ALA PA 183 47.63 16.78 32.42
CA ALA PA 183 48.72 17.73 32.61
C ALA PA 183 48.84 18.68 31.43
N GLY PA 184 48.56 18.20 30.21
CA GLY PA 184 48.62 19.10 29.07
C GLY PA 184 47.57 20.17 29.12
N HIS PA 185 46.32 19.79 29.43
CA HIS PA 185 45.27 20.79 29.50
C HIS PA 185 45.45 21.74 30.66
N LEU PA 186 45.90 21.24 31.80
CA LEU PA 186 46.11 22.13 32.94
C LEU PA 186 47.26 23.08 32.69
N LEU PA 187 48.30 22.65 31.95
CA LEU PA 187 49.39 23.53 31.54
C LEU PA 187 48.90 24.65 30.64
N MET PA 188 48.09 24.33 29.63
CA MET PA 188 47.61 25.36 28.72
C MET PA 188 46.73 26.38 29.43
N VAL PA 189 45.84 25.92 30.32
CA VAL PA 189 44.94 26.85 30.97
C VAL PA 189 45.70 27.72 31.97
N ILE PA 190 46.72 27.18 32.65
CA ILE PA 190 47.47 27.99 33.59
C ILE PA 190 48.34 29.03 32.88
N LEU PA 191 48.94 28.67 31.74
CA LEU PA 191 49.72 29.69 31.02
C LEU PA 191 48.82 30.73 30.38
N ALA PA 192 47.62 30.36 29.95
CA ALA PA 192 46.68 31.37 29.47
C ALA PA 192 46.27 32.31 30.60
N GLY PA 193 46.03 31.76 31.79
CA GLY PA 193 45.73 32.57 32.96
C GLY PA 193 46.84 33.48 33.39
N LEU PA 194 48.08 33.10 33.14
CA LEU PA 194 49.18 34.00 33.49
C LEU PA 194 49.37 35.07 32.43
N THR PA 195 49.25 34.74 31.14
CA THR PA 195 49.45 35.75 30.12
C THR PA 195 48.28 36.71 30.03
N PHE PA 196 47.11 36.34 30.55
CA PHE PA 196 46.01 37.29 30.57
C PHE PA 196 46.29 38.40 31.57
N ASN PA 197 46.66 38.05 32.80
CA ASN PA 197 47.00 39.07 33.77
C ASN PA 197 48.34 39.73 33.48
N PHE PA 198 49.15 39.16 32.59
CA PHE PA 198 50.33 39.86 32.13
C PHE PA 198 49.97 41.03 31.23
N MET PA 199 48.88 40.92 30.47
CA MET PA 199 48.54 41.91 29.46
C MET PA 199 47.52 42.94 29.94
N LEU PA 200 47.15 42.94 31.22
CA LEU PA 200 46.24 43.94 31.74
C LEU PA 200 46.93 45.01 32.58
N ILE PA 201 48.22 44.87 32.84
CA ILE PA 201 49.01 45.95 33.43
C ILE PA 201 49.38 46.91 32.31
N ASN PA 202 50.05 48.02 32.67
CA ASN PA 202 50.34 49.21 31.88
C ASN PA 202 50.71 48.95 30.42
N LEU PA 203 50.29 49.87 29.53
CA LEU PA 203 50.16 49.66 28.09
C LEU PA 203 51.44 49.21 27.39
N PHE PA 204 52.60 49.40 28.04
CA PHE PA 204 53.86 48.91 27.50
C PHE PA 204 53.94 47.38 27.41
N THR PA 205 53.01 46.65 28.05
CA THR PA 205 53.09 45.20 28.00
C THR PA 205 52.32 44.62 26.82
N LEU PA 206 51.35 45.35 26.28
CA LEU PA 206 50.67 44.87 25.08
C LEU PA 206 51.57 45.06 23.88
N VAL PA 207 52.42 46.07 23.93
CA VAL PA 207 53.60 46.12 23.08
C VAL PA 207 54.55 45.03 23.56
N PHE PA 208 55.19 44.34 22.61
CA PHE PA 208 56.04 43.16 22.79
C PHE PA 208 55.46 42.11 23.75
N GLY PA 209 54.14 42.00 23.79
CA GLY PA 209 53.47 40.94 24.52
C GLY PA 209 53.11 39.81 23.58
N PHE PA 210 53.82 39.76 22.46
CA PHE PA 210 53.64 38.72 21.46
C PHE PA 210 54.40 37.46 21.79
N VAL PA 211 55.53 37.55 22.49
CA VAL PA 211 56.31 36.36 22.83
C VAL PA 211 55.62 35.39 23.80
N PRO PA 212 54.85 35.79 24.82
CA PRO PA 212 54.12 34.74 25.56
C PRO PA 212 52.97 34.14 24.75
N LEU PA 213 52.38 34.92 23.85
CA LEU PA 213 51.40 34.38 22.91
C LEU PA 213 52.03 33.33 22.01
N ALA PA 214 53.26 33.59 21.55
CA ALA PA 214 53.97 32.61 20.75
C ALA PA 214 54.36 31.38 21.54
N MET PA 215 54.67 31.54 22.83
CA MET PA 215 54.95 30.38 23.67
C MET PA 215 53.70 29.52 23.87
N ILE PA 216 52.54 30.14 24.02
CA ILE PA 216 51.30 29.37 24.13
C ILE PA 216 50.95 28.70 22.80
N LEU PA 217 51.26 29.36 21.68
CA LEU PA 217 51.08 28.72 20.38
C LEU PA 217 52.01 27.52 20.22
N ALA PA 218 53.23 27.63 20.73
CA ALA PA 218 54.16 26.51 20.64
C ALA PA 218 53.71 25.33 21.50
N ILE PA 219 53.14 25.63 22.68
CA ILE PA 219 52.65 24.56 23.53
C ILE PA 219 51.42 23.89 22.91
N MET PA 220 50.57 24.66 22.23
CA MET PA 220 49.45 24.05 21.52
C MET PA 220 49.92 23.22 20.34
N MET PA 221 51.02 23.62 19.70
CA MET PA 221 51.63 22.77 18.68
C MET PA 221 52.15 21.47 19.29
N LEU PA 222 52.70 21.55 20.49
CA LEU PA 222 53.19 20.36 21.18
C LEU PA 222 52.05 19.46 21.62
N GLU PA 223 50.87 20.03 21.86
CA GLU PA 223 49.82 19.29 22.54
C GLU PA 223 49.12 18.32 21.61
N PHE PA 224 49.09 18.62 20.30
CA PHE PA 224 48.58 17.62 19.37
C PHE PA 224 49.50 16.41 19.31
N ALA PA 225 50.81 16.65 19.40
CA ALA PA 225 51.76 15.55 19.38
C ALA PA 225 51.61 14.69 20.63
N ILE PA 226 51.52 15.32 21.79
CA ILE PA 226 51.33 14.56 23.03
C ILE PA 226 49.92 13.98 23.14
N GLY PA 227 49.00 14.39 22.29
CA GLY PA 227 47.69 13.76 22.27
C GLY PA 227 47.57 12.59 21.31
N ILE PA 228 48.28 12.63 20.18
CA ILE PA 228 48.19 11.53 19.23
C ILE PA 228 49.14 10.41 19.61
N ILE PA 229 50.30 10.76 20.16
CA ILE PA 229 51.27 9.75 20.58
C ILE PA 229 50.70 8.87 21.69
N GLN PA 230 49.91 9.44 22.59
CA GLN PA 230 49.30 8.60 23.65
C GLN PA 230 48.23 7.69 23.09
N GLY PA 231 47.48 8.15 22.09
CA GLY PA 231 46.56 7.27 21.40
C GLY PA 231 47.24 6.13 20.69
N TYR PA 232 48.48 6.34 20.27
CA TYR PA 232 49.25 5.21 19.71
C TYR PA 232 49.84 4.32 20.79
N VAL PA 233 50.26 4.88 21.91
CA VAL PA 233 50.96 4.10 22.93
C VAL PA 233 49.99 3.19 23.68
N TRP PA 234 48.75 3.64 23.86
CA TRP PA 234 47.70 2.76 24.38
C TRP PA 234 47.55 1.52 23.50
N ALA PA 235 47.43 1.72 22.18
CA ALA PA 235 47.21 0.62 21.27
C ALA PA 235 48.47 -0.21 21.02
N ILE PA 236 49.65 0.25 21.41
CA ILE PA 236 50.79 -0.67 21.34
C ILE PA 236 50.94 -1.46 22.64
N LEU PA 237 50.63 -0.90 23.81
CA LEU PA 237 50.77 -1.68 25.03
C LEU PA 237 49.65 -2.70 25.17
N THR PA 238 48.44 -2.37 24.72
CA THR PA 238 47.45 -3.44 24.78
C THR PA 238 47.48 -4.33 23.56
N ALA PA 239 48.52 -4.24 22.72
CA ALA PA 239 48.84 -5.35 21.82
C ALA PA 239 49.90 -6.23 22.44
N SER PA 240 50.88 -5.62 23.10
CA SER PA 240 51.91 -6.40 23.78
C SER PA 240 51.34 -7.24 24.92
N TYR PA 241 50.30 -6.72 25.58
CA TYR PA 241 49.71 -7.47 26.69
C TYR PA 241 48.91 -8.65 26.19
N LEU PA 242 48.28 -8.53 25.03
CA LEU PA 242 47.63 -9.69 24.44
C LEU PA 242 48.64 -10.69 23.89
N LYS PA 243 49.83 -10.21 23.49
CA LYS PA 243 50.89 -11.17 23.16
C LYS PA 243 51.29 -11.99 24.37
N ASP PA 244 51.43 -11.35 25.53
CA ASP PA 244 51.79 -12.09 26.74
C ASP PA 244 50.66 -13.02 27.17
N ALA PA 245 49.41 -12.56 27.11
CA ALA PA 245 48.30 -13.36 27.65
C ALA PA 245 47.93 -14.50 26.73
N VAL PA 246 48.00 -14.30 25.42
CA VAL PA 246 47.58 -15.34 24.50
C VAL PA 246 48.70 -16.37 24.33
N TYR PA 247 49.92 -15.91 24.12
CA TYR PA 247 51.07 -16.77 23.89
C TYR PA 247 51.97 -16.71 25.12
N LEU PA 248 52.30 -17.85 25.69
CA LEU PA 248 53.09 -17.84 26.91
C LEU PA 248 54.54 -17.54 26.58
N HIS PA 249 54.91 -16.27 26.70
CA HIS PA 249 56.21 -15.71 26.28
C HIS PA 249 56.58 -16.05 24.85
N LYS QA 7 33.07 57.55 -2.69
CA LYS QA 7 33.79 58.77 -2.33
C LYS QA 7 35.27 58.67 -2.68
N GLN QA 8 35.82 57.47 -2.51
CA GLN QA 8 37.23 57.25 -2.78
C GLN QA 8 37.46 57.02 -4.27
N THR QA 9 38.69 56.62 -4.60
CA THR QA 9 39.07 56.45 -6.00
C THR QA 9 38.45 55.19 -6.60
N ASP QA 10 38.80 54.03 -6.04
CA ASP QA 10 38.36 52.75 -6.58
C ASP QA 10 37.40 52.02 -5.63
N PRO QA 11 36.91 52.69 -4.60
CA PRO QA 11 36.03 52.02 -3.64
C PRO QA 11 34.64 51.81 -4.21
N LYS QA 12 34.21 52.69 -5.12
CA LYS QA 12 32.85 52.63 -5.67
C LYS QA 12 32.64 51.44 -6.61
N ALA QA 13 33.71 50.74 -7.01
CA ALA QA 13 33.61 49.52 -7.79
C ALA QA 13 34.02 48.29 -7.00
N LYS QA 14 35.09 48.39 -6.21
CA LYS QA 14 35.56 47.26 -5.42
C LYS QA 14 34.58 46.92 -4.29
N ALA QA 15 34.13 47.95 -3.56
CA ALA QA 15 33.13 47.73 -2.52
C ALA QA 15 31.77 47.34 -3.12
N ASN QA 16 31.49 47.82 -4.33
CA ASN QA 16 30.25 47.42 -5.01
C ASN QA 16 30.29 45.94 -5.40
N SER QA 17 31.43 45.47 -5.90
CA SER QA 17 31.59 44.05 -6.20
C SER QA 17 31.61 43.20 -4.93
N ILE QA 18 32.13 43.77 -3.83
CA ILE QA 18 32.10 43.06 -2.55
C ILE QA 18 30.67 42.91 -2.04
N ILE QA 19 29.87 43.97 -2.15
CA ILE QA 19 28.47 43.89 -1.76
C ILE QA 19 27.67 43.01 -2.71
N ASN QA 20 28.04 42.97 -3.98
CA ASN QA 20 27.36 42.10 -4.93
C ASN QA 20 27.66 40.63 -4.65
N ALA QA 21 28.93 40.32 -4.36
CA ALA QA 21 29.30 38.96 -4.00
C ALA QA 21 28.75 38.56 -2.63
N ILE QA 22 28.52 39.55 -1.76
CA ILE QA 22 27.78 39.29 -0.54
C ILE QA 22 26.29 39.10 -0.78
N PRO QA 23 25.79 39.60 -1.91
CA PRO QA 23 24.38 39.46 -2.26
C PRO QA 23 24.12 38.52 -3.42
N GLY QA 24 25.12 37.78 -3.88
CA GLY QA 24 24.96 36.91 -5.04
C GLY QA 24 24.43 35.52 -4.70
N ASN QA 25 24.36 35.15 -3.42
CA ASN QA 25 23.92 33.82 -3.01
C ASN QA 25 22.60 33.94 -2.28
N ASN QA 26 21.50 34.00 -3.06
CA ASN QA 26 20.11 33.91 -2.59
C ASN QA 26 19.76 34.96 -1.53
N ILE QA 27 20.36 36.15 -1.65
CA ILE QA 27 20.27 37.17 -0.62
C ILE QA 27 19.26 38.22 -1.02
N LEU QA 28 18.18 38.32 -0.24
CA LEU QA 28 17.19 39.37 -0.43
C LEU QA 28 17.57 40.68 0.24
N THR QA 29 18.75 40.74 0.87
CA THR QA 29 19.25 41.96 1.51
C THR QA 29 20.24 42.71 0.64
N LYS QA 30 20.02 42.73 -0.67
CA LYS QA 30 20.97 43.33 -1.60
C LYS QA 30 21.01 44.85 -1.52
N THR QA 31 20.05 45.48 -0.84
CA THR QA 31 20.09 46.93 -0.64
C THR QA 31 21.27 47.33 0.25
N GLY QA 32 21.45 46.60 1.35
CA GLY QA 32 22.60 46.78 2.22
C GLY QA 32 23.01 45.41 2.73
N VAL QA 33 24.19 44.94 2.33
CA VAL QA 33 24.69 43.64 2.76
C VAL QA 33 24.99 43.64 4.25
N LEU QA 34 25.60 44.72 4.74
CA LEU QA 34 25.85 44.90 6.16
C LEU QA 34 24.74 45.67 6.87
N GLY QA 35 23.51 45.60 6.34
CA GLY QA 35 22.42 46.34 6.96
C GLY QA 35 21.99 45.75 8.29
N THR QA 36 22.00 44.42 8.39
CA THR QA 36 21.66 43.77 9.65
C THR QA 36 22.89 43.33 10.43
N SER QA 37 24.03 43.16 9.77
CA SER QA 37 25.23 42.68 10.46
C SER QA 37 25.82 43.75 11.35
N ALA QA 38 25.96 44.97 10.83
CA ALA QA 38 26.59 46.06 11.57
C ALA QA 38 25.73 46.49 12.75
N ALA QA 39 24.43 46.22 12.69
CA ALA QA 39 23.56 46.46 13.84
C ALA QA 39 23.81 45.43 14.94
N ALA QA 40 23.82 44.15 14.57
CA ALA QA 40 23.93 43.07 15.56
C ALA QA 40 25.32 43.06 16.20
N VAL QA 41 26.33 43.55 15.48
CA VAL QA 41 27.64 43.76 16.08
C VAL QA 41 27.56 44.77 17.22
N ILE QA 42 26.86 45.88 17.00
CA ILE QA 42 26.69 46.90 18.04
C ILE QA 42 25.89 46.35 19.22
N TYR QA 43 24.89 45.52 18.93
CA TYR QA 43 24.11 44.91 20.01
C TYR QA 43 24.96 43.97 20.86
N ALA QA 44 25.79 43.16 20.21
CA ALA QA 44 26.63 42.23 20.94
C ALA QA 44 27.72 42.95 21.74
N ILE QA 45 28.23 44.06 21.21
CA ILE QA 45 29.27 44.80 21.92
C ILE QA 45 28.69 45.54 23.12
N SER QA 46 27.56 46.22 22.91
CA SER QA 46 26.99 47.04 23.98
C SER QA 46 26.33 46.19 25.05
N ASN QA 47 25.75 45.05 24.68
CA ASN QA 47 25.08 44.23 25.66
C ASN QA 47 26.04 43.33 26.43
N GLU QA 48 27.32 43.31 26.03
CA GLU QA 48 28.38 42.45 26.60
C GLU QA 48 27.98 40.98 26.49
N LEU QA 49 27.85 40.52 25.25
CA LEU QA 49 27.46 39.13 25.04
C LEU QA 49 28.66 38.21 25.00
N TYR QA 50 29.80 38.69 24.49
CA TYR QA 50 31.05 37.94 24.51
C TYR QA 50 31.97 38.59 25.53
N VAL QA 51 32.15 37.94 26.66
CA VAL QA 51 33.12 38.41 27.65
C VAL QA 51 34.51 38.00 27.19
N ILE QA 52 35.45 38.93 27.20
CA ILE QA 52 36.84 38.55 27.00
C ILE QA 52 37.29 37.76 28.22
N ASN QA 53 37.87 36.60 27.99
CA ASN QA 53 38.04 35.61 29.03
C ASN QA 53 39.50 35.21 29.13
N ASP QA 54 39.81 34.49 30.20
CA ASP QA 54 41.03 33.69 30.27
C ASP QA 54 41.15 32.78 29.05
N GLU QA 55 40.06 32.11 28.71
CA GLU QA 55 40.08 31.12 27.64
C GLU QA 55 40.05 31.77 26.26
N SER QA 56 39.87 33.09 26.20
CA SER QA 56 39.83 33.78 24.91
C SER QA 56 41.21 33.84 24.27
N ILE QA 57 42.27 33.92 25.08
CA ILE QA 57 43.62 33.89 24.52
C ILE QA 57 43.90 32.53 23.92
N LEU QA 58 43.37 31.49 24.56
CA LEU QA 58 43.46 30.16 23.99
C LEU QA 58 42.68 30.07 22.69
N LEU QA 59 41.54 30.78 22.60
CA LEU QA 59 40.81 30.86 21.33
C LEU QA 59 41.62 31.57 20.26
N LEU QA 60 42.31 32.64 20.63
CA LEU QA 60 43.10 33.40 19.66
C LEU QA 60 44.27 32.59 19.14
N THR QA 61 44.91 31.82 20.03
CA THR QA 61 45.99 30.94 19.60
C THR QA 61 45.46 29.80 18.76
N PHE QA 62 44.24 29.35 19.01
CA PHE QA 62 43.66 28.33 18.12
C PHE QA 62 43.35 28.92 16.76
N LEU QA 63 42.96 30.19 16.70
CA LEU QA 63 42.78 30.85 15.41
C LEU QA 63 44.09 30.94 14.65
N GLY QA 64 45.17 31.30 15.35
CA GLY QA 64 46.48 31.35 14.71
C GLY QA 64 46.97 29.98 14.30
N PHE QA 65 46.64 28.95 15.09
CA PHE QA 65 46.98 27.59 14.73
C PHE QA 65 46.25 27.16 13.47
N THR QA 66 44.96 27.48 13.37
CA THR QA 66 44.21 27.15 12.16
C THR QA 66 44.73 27.93 10.96
N GLY QA 67 45.20 29.15 11.17
CA GLY QA 67 45.82 29.89 10.08
C GLY QA 67 47.09 29.23 9.58
N LEU QA 68 47.92 28.76 10.51
CA LEU QA 68 49.14 28.05 10.12
C LEU QA 68 48.83 26.75 9.41
N VAL QA 69 47.79 26.04 9.86
CA VAL QA 69 47.41 24.77 9.23
C VAL QA 69 46.92 25.01 7.82
N ALA QA 70 45.99 25.95 7.66
CA ALA QA 70 45.42 26.23 6.35
C ALA QA 70 46.41 26.90 5.40
N LYS QA 71 47.48 27.50 5.92
CA LYS QA 71 48.49 27.99 4.99
C LYS QA 71 49.49 26.93 4.59
N TYR QA 72 49.97 26.10 5.53
CA TYR QA 72 51.07 25.21 5.24
C TYR QA 72 50.66 23.75 5.08
N LEU QA 73 49.93 23.19 6.03
CA LEU QA 73 49.69 21.75 6.01
C LEU QA 73 48.65 21.37 4.98
N ALA QA 74 47.72 22.28 4.67
CA ALA QA 74 46.64 21.96 3.75
C ALA QA 74 47.10 21.75 2.30
N PRO QA 75 47.95 22.60 1.67
CA PRO QA 75 48.36 22.24 0.31
C PRO QA 75 49.34 21.08 0.26
N ALA QA 76 50.12 20.85 1.32
CA ALA QA 76 51.02 19.70 1.35
C ALA QA 76 50.23 18.40 1.40
N TYR QA 77 49.21 18.35 2.26
CA TYR QA 77 48.34 17.18 2.29
C TYR QA 77 47.54 17.05 1.01
N LYS QA 78 47.17 18.17 0.39
CA LYS QA 78 46.48 18.12 -0.90
C LYS QA 78 47.36 17.48 -1.97
N ASP QA 79 48.64 17.85 -2.02
CA ASP QA 79 49.56 17.28 -2.98
C ASP QA 79 49.82 15.80 -2.71
N PHE QA 80 49.95 15.43 -1.43
CA PHE QA 80 50.17 14.04 -1.06
C PHE QA 80 48.99 13.17 -1.44
N ALA QA 81 47.78 13.62 -1.10
CA ALA QA 81 46.58 12.87 -1.40
C ALA QA 81 46.35 12.79 -2.89
N ASP QA 82 46.70 13.85 -3.62
CA ASP QA 82 46.50 13.84 -5.06
C ASP QA 82 47.49 12.90 -5.75
N ALA QA 83 48.72 12.82 -5.22
CA ALA QA 83 49.70 11.89 -5.78
C ALA QA 83 49.32 10.45 -5.52
N ARG QA 84 48.82 10.16 -4.31
CA ARG QA 84 48.37 8.80 -4.01
C ARG QA 84 47.15 8.44 -4.83
N MET QA 85 46.25 9.41 -5.04
CA MET QA 85 45.08 9.19 -5.86
C MET QA 85 45.47 8.91 -7.30
N LYS QA 86 46.48 9.62 -7.79
CA LYS QA 86 46.97 9.42 -9.15
C LYS QA 86 47.61 8.04 -9.29
N LYS QA 87 48.34 7.60 -8.26
CA LYS QA 87 48.96 6.28 -8.30
C LYS QA 87 47.91 5.17 -8.29
N VAL QA 88 46.88 5.32 -7.44
CA VAL QA 88 45.78 4.35 -7.39
C VAL QA 88 45.08 4.26 -8.74
N SER QA 89 44.64 5.41 -9.27
CA SER QA 89 43.89 5.40 -10.52
C SER QA 89 44.76 4.98 -11.70
N ASP QA 90 46.05 5.32 -11.65
CA ASP QA 90 46.96 4.99 -12.74
C ASP QA 90 47.21 3.49 -12.82
N VAL QA 91 47.55 2.86 -11.69
CA VAL QA 91 47.82 1.42 -11.73
C VAL QA 91 46.53 0.66 -11.97
N LEU QA 92 45.44 1.08 -11.34
CA LEU QA 92 44.15 0.41 -11.47
C LEU QA 92 43.59 0.50 -12.88
N ASN QA 93 43.91 1.58 -13.59
CA ASN QA 93 43.46 1.71 -14.98
C ASN QA 93 44.42 1.00 -15.93
N ALA QA 94 45.73 1.15 -15.72
CA ALA QA 94 46.71 0.69 -16.70
C ALA QA 94 46.83 -0.83 -16.69
N SER QA 95 46.71 -1.46 -15.53
CA SER QA 95 46.80 -2.91 -15.45
C SER QA 95 45.63 -3.57 -16.19
N ARG QA 96 44.42 -3.06 -15.94
CA ARG QA 96 43.24 -3.60 -16.59
C ARG QA 96 43.23 -3.29 -18.08
N ASN QA 97 43.75 -2.12 -18.47
CA ASN QA 97 43.81 -1.77 -19.88
C ASN QA 97 44.79 -2.66 -20.64
N LYS QA 98 46.01 -2.80 -20.12
CA LYS QA 98 47.02 -3.60 -20.81
C LYS QA 98 46.72 -5.09 -20.72
N HIS QA 99 45.93 -5.51 -19.75
CA HIS QA 99 45.53 -6.92 -19.71
C HIS QA 99 44.35 -7.19 -20.63
N VAL QA 100 43.40 -6.26 -20.72
CA VAL QA 100 42.24 -6.44 -21.57
C VAL QA 100 42.56 -6.21 -23.05
N GLU QA 101 43.63 -5.49 -23.35
CA GLU QA 101 44.01 -5.29 -24.74
C GLU QA 101 44.59 -6.54 -25.39
N ALA QA 102 45.10 -7.48 -24.59
CA ALA QA 102 45.75 -8.66 -25.13
C ALA QA 102 44.77 -9.75 -25.56
N VAL QA 103 43.48 -9.59 -25.29
CA VAL QA 103 42.50 -10.59 -25.68
C VAL QA 103 42.22 -10.54 -27.17
N ASP QA 105 45.40 -16.64 -29.86
CA ASP QA 105 44.63 -17.86 -29.79
C ASP QA 105 43.60 -18.01 -30.91
N ARG QA 106 42.91 -16.90 -31.29
CA ARG QA 106 42.03 -16.87 -32.44
C ARG QA 106 42.76 -17.07 -33.76
N ILE QA 107 43.94 -16.47 -33.96
CA ILE QA 107 44.74 -16.69 -35.16
C ILE QA 107 45.16 -18.14 -35.30
N ASP QA 108 45.64 -18.77 -34.20
CA ASP QA 108 46.00 -20.16 -34.18
C ASP QA 108 44.82 -21.08 -34.47
N SER QA 109 43.63 -20.85 -33.86
CA SER QA 109 42.45 -21.66 -34.15
C SER QA 109 41.96 -21.58 -35.59
N VAL QA 110 41.92 -20.36 -36.18
CA VAL QA 110 41.57 -20.12 -37.57
C VAL QA 110 42.53 -20.79 -38.55
N SER QA 111 43.85 -20.73 -38.28
CA SER QA 111 44.89 -21.39 -39.09
C SER QA 111 44.77 -22.90 -39.06
N GLN QA 112 44.37 -23.49 -37.92
CA GLN QA 112 44.13 -24.91 -37.80
C GLN QA 112 43.03 -25.41 -38.71
N LEU QA 113 41.95 -24.63 -38.95
CA LEU QA 113 40.87 -25.05 -39.84
C LEU QA 113 41.31 -25.27 -41.28
N GLN QA 114 42.09 -24.32 -41.85
CA GLN QA 114 42.66 -24.46 -43.17
C GLN QA 114 43.65 -25.61 -43.21
N ASN QA 115 44.55 -25.71 -42.21
CA ASN QA 115 45.54 -26.77 -42.17
C ASN QA 115 44.91 -28.15 -42.12
N VAL QA 116 43.91 -28.39 -41.24
CA VAL QA 116 43.21 -29.67 -41.13
C VAL QA 116 42.46 -30.03 -42.43
N ALA QA 117 41.79 -29.06 -43.08
CA ALA QA 117 41.13 -29.29 -44.34
C ALA QA 117 42.07 -29.66 -45.50
N GLU QA 118 43.25 -29.00 -45.60
CA GLU QA 118 44.30 -29.35 -46.54
C GLU QA 118 44.94 -30.69 -46.24
N THR QA 119 45.25 -30.98 -44.96
CA THR QA 119 45.80 -32.27 -44.54
C THR QA 119 44.84 -33.43 -44.77
N THR QA 120 43.53 -33.24 -44.63
CA THR QA 120 42.57 -34.30 -44.96
C THR QA 120 42.52 -34.68 -46.42
N LYS QA 121 42.50 -33.68 -47.34
CA LYS QA 121 42.50 -33.91 -48.77
C LYS QA 121 43.79 -34.53 -49.26
N VAL QA 122 44.95 -34.08 -48.74
CA VAL QA 122 46.25 -34.61 -49.12
C VAL QA 122 46.37 -36.10 -48.81
N LEU QA 123 45.78 -36.63 -47.70
CA LEU QA 123 45.89 -38.04 -47.34
C LEU QA 123 45.35 -39.00 -48.39
N PHE QA 124 44.20 -38.65 -49.01
CA PHE QA 124 43.61 -39.38 -50.12
C PHE QA 124 44.42 -39.33 -51.39
N ASP QA 125 45.02 -38.17 -51.72
CA ASP QA 125 45.88 -38.03 -52.87
C ASP QA 125 47.16 -38.85 -52.69
N VAL QA 126 47.83 -38.79 -51.50
CA VAL QA 126 49.06 -39.53 -51.21
C VAL QA 126 48.89 -41.03 -51.41
N SER QA 127 47.77 -41.62 -50.95
CA SER QA 127 47.46 -43.03 -51.18
C SER QA 127 47.24 -43.40 -52.63
N LYS QA 128 46.59 -42.54 -53.43
CA LYS QA 128 46.47 -42.74 -54.86
C LYS QA 128 47.80 -42.66 -55.59
N GLU QA 129 48.64 -41.64 -55.27
CA GLU QA 129 49.95 -41.47 -55.86
C GLU QA 129 50.86 -42.67 -55.64
N THR QA 130 50.88 -43.27 -54.42
CA THR QA 130 51.66 -44.47 -54.16
C THR QA 130 51.26 -45.63 -55.06
N VAL QA 131 49.95 -45.92 -55.18
CA VAL QA 131 49.41 -46.99 -56.02
C VAL QA 131 49.74 -46.80 -57.50
N GLU QA 132 49.60 -45.57 -58.04
CA GLU QA 132 49.96 -45.23 -59.42
C GLU QA 132 51.45 -45.39 -59.70
N LEU QA 133 52.34 -44.94 -58.79
CA LEU QA 133 53.78 -45.14 -58.96
C LEU QA 133 54.21 -46.61 -58.94
N GLU QA 134 53.63 -47.44 -58.04
CA GLU QA 134 53.88 -48.86 -57.97
C GLU QA 134 53.45 -49.60 -59.23
N SER QA 135 52.27 -49.27 -59.80
CA SER QA 135 51.79 -49.87 -61.04
C SER QA 135 52.72 -49.57 -62.21
N GLU QA 136 53.11 -48.29 -62.42
CA GLU QA 136 54.05 -47.91 -63.46
C GLU QA 136 55.41 -48.58 -63.29
N ALA QA 137 55.96 -48.61 -62.07
CA ALA QA 137 57.22 -49.28 -61.79
C ALA QA 137 57.19 -50.77 -62.06
N PHE QA 138 56.11 -51.48 -61.68
CA PHE QA 138 55.95 -52.90 -61.98
C PHE QA 138 55.88 -53.15 -63.48
N GLU QA 139 55.05 -52.40 -64.25
CA GLU QA 139 54.95 -52.57 -65.69
C GLU QA 139 56.25 -52.29 -66.43
N LEU QA 140 56.99 -51.22 -66.07
CA LEU QA 140 58.29 -50.95 -66.62
C LEU QA 140 59.32 -52.03 -66.31
N LYS QA 141 59.38 -52.53 -65.06
CA LYS QA 141 60.26 -53.63 -64.69
C LYS QA 141 59.94 -54.92 -65.45
N GLN QA 142 58.67 -55.33 -65.55
CA GLN QA 142 58.33 -56.53 -66.30
C GLN QA 142 58.66 -56.44 -67.80
N LYS QA 143 58.43 -55.28 -68.44
CA LYS QA 143 58.81 -55.05 -69.82
C LYS QA 143 60.31 -55.05 -70.08
N VAL QA 144 61.12 -54.43 -69.18
CA VAL QA 144 62.57 -54.43 -69.27
C VAL QA 144 63.16 -55.82 -69.08
N GLU QA 145 62.61 -56.65 -68.16
CA GLU QA 145 63.04 -58.03 -67.95
C GLU QA 145 62.88 -58.85 -69.23
N LEU QA 146 61.68 -58.83 -69.86
CA LEU QA 146 61.44 -59.57 -71.10
C LEU QA 146 62.34 -59.13 -72.25
N ALA QA 147 62.59 -57.81 -72.38
CA ALA QA 147 63.52 -57.30 -73.36
C ALA QA 147 64.98 -57.71 -73.11
N HIS QA 148 65.47 -57.63 -71.86
CA HIS QA 148 66.81 -58.05 -71.48
C HIS QA 148 67.04 -59.54 -71.67
N GLU QA 149 66.07 -60.39 -71.27
CA GLU QA 149 66.15 -61.82 -71.49
C GLU QA 149 66.23 -62.18 -72.97
N ALA QA 150 65.37 -61.59 -73.83
CA ALA QA 150 65.45 -61.80 -75.25
C ALA QA 150 66.77 -61.33 -75.85
N LYS QA 151 67.26 -60.13 -75.49
CA LYS QA 151 68.53 -59.62 -75.99
C LYS QA 151 69.70 -60.51 -75.60
N ALA QA 152 69.80 -60.94 -74.32
CA ALA QA 152 70.88 -61.79 -73.86
C ALA QA 152 70.95 -63.15 -74.56
N VAL QA 153 69.79 -63.77 -74.81
CA VAL QA 153 69.65 -64.98 -75.58
C VAL QA 153 70.05 -64.79 -77.06
N LEU QA 154 69.62 -63.69 -77.71
CA LEU QA 154 70.03 -63.37 -79.07
C LEU QA 154 71.53 -63.13 -79.18
N ASP QA 155 72.12 -62.34 -78.26
CA ASP QA 155 73.55 -62.07 -78.19
C ASP QA 155 74.40 -63.32 -77.96
N SER QA 156 73.96 -64.27 -77.11
CA SER QA 156 74.66 -65.52 -76.94
C SER QA 156 74.61 -66.42 -78.18
N TRP QA 157 73.44 -66.56 -78.82
CA TRP QA 157 73.25 -67.32 -80.04
C TRP QA 157 74.03 -66.77 -81.23
N VAL QA 158 74.03 -65.44 -81.45
CA VAL QA 158 74.80 -64.79 -82.51
C VAL QA 158 76.31 -65.01 -82.36
N ARG QA 159 76.84 -64.97 -81.13
CA ARG QA 159 78.24 -65.25 -80.83
C ARG QA 159 78.65 -66.67 -81.18
N TYR QA 160 77.80 -67.66 -80.84
CA TYR QA 160 77.99 -69.04 -81.23
C TYR QA 160 77.88 -69.26 -82.73
N GLU QA 161 76.90 -68.65 -83.43
CA GLU QA 161 76.84 -68.75 -84.87
C GLU QA 161 78.05 -68.15 -85.58
N ALA QA 162 78.50 -66.96 -85.15
CA ALA QA 162 79.70 -66.33 -85.66
C ALA QA 162 80.97 -67.15 -85.40
N SER QA 163 81.14 -67.72 -84.19
CA SER QA 163 82.29 -68.55 -83.86
C SER QA 163 82.35 -69.81 -84.71
N LEU QA 164 81.21 -70.52 -84.92
CA LEU QA 164 81.13 -71.68 -85.80
C LEU QA 164 81.52 -71.32 -87.22
N ARG QA 165 80.96 -70.24 -87.81
CA ARG QA 165 81.30 -69.82 -89.17
C ARG QA 165 82.77 -69.48 -89.31
N GLN QA 166 83.33 -68.75 -88.34
CA GLN QA 166 84.74 -68.45 -88.34
C GLN QA 166 85.64 -69.67 -88.19
N LEU QA 167 85.30 -70.65 -87.31
CA LEU QA 167 86.03 -71.91 -87.19
C LEU QA 167 86.01 -72.69 -88.49
N GLU QA 168 84.84 -72.84 -89.14
CA GLU QA 168 84.72 -73.53 -90.42
C GLU QA 168 85.57 -72.89 -91.51
N GLN QA 169 85.54 -71.54 -91.65
CA GLN QA 169 86.39 -70.83 -92.60
C GLN QA 169 87.88 -71.01 -92.34
N ARG QA 170 88.32 -70.95 -91.06
CA ARG QA 170 89.70 -71.23 -90.70
C ARG QA 170 90.14 -72.66 -90.98
N GLN QA 171 89.29 -73.68 -90.69
CA GLN QA 171 89.57 -75.06 -91.01
C GLN QA 171 89.67 -75.33 -92.51
N LEU QA 172 88.75 -74.77 -93.31
CA LEU QA 172 88.80 -74.84 -94.76
C LEU QA 172 90.04 -74.17 -95.34
N ALA QA 173 90.44 -72.98 -94.84
CA ALA QA 173 91.64 -72.33 -95.31
C ALA QA 173 92.90 -73.17 -95.05
N LYS QA 174 93.04 -73.79 -93.85
CA LYS QA 174 94.16 -74.66 -93.54
C LYS QA 174 94.26 -75.89 -94.44
N SER QA 175 93.13 -76.53 -94.76
CA SER QA 175 93.06 -77.66 -95.69
C SER QA 175 93.38 -77.30 -97.13
N VAL QA 176 92.95 -76.11 -97.60
CA VAL QA 176 93.32 -75.59 -98.90
C VAL QA 176 94.81 -75.30 -98.99
N ILE QA 177 95.43 -74.67 -97.96
CA ILE QA 177 96.86 -74.38 -97.91
C ILE QA 177 97.70 -75.65 -98.03
N SER QA 178 97.33 -76.72 -97.28
CA SER QA 178 98.01 -78.01 -97.31
C SER QA 178 97.98 -78.69 -98.66
N ARG QA 179 96.82 -78.67 -99.36
CA ARG QA 179 96.67 -79.17 -100.71
C ARG QA 179 97.54 -78.42 -101.71
N VAL QA 180 97.59 -77.08 -101.66
CA VAL QA 180 98.41 -76.29 -102.58
C VAL QA 180 99.89 -76.59 -102.44
N GLN QA 181 100.41 -76.72 -101.20
CA GLN QA 181 101.79 -77.08 -100.94
C GLN QA 181 102.17 -78.48 -101.41
N SER QA 182 101.27 -79.47 -101.22
CA SER QA 182 101.48 -80.84 -101.68
C SER QA 182 101.55 -80.96 -103.20
N GLU QA 183 100.68 -80.23 -103.94
CA GLU QA 183 100.68 -80.21 -105.41
C GLU QA 183 101.96 -79.68 -106.04
N LEU QA 184 102.57 -78.62 -105.45
CA LEU QA 184 103.82 -78.06 -105.94
C LEU QA 184 105.02 -78.98 -105.76
N GLY QA 185 104.98 -79.82 -104.71
CA GLY QA 185 106.01 -80.81 -104.43
C GLY QA 185 105.91 -82.10 -105.22
N ASN QA 186 104.87 -82.24 -106.08
CA ASN QA 186 104.63 -83.42 -106.91
C ASN QA 186 105.07 -83.18 -108.36
N PRO QA 187 106.36 -83.03 -108.67
CA PRO QA 187 106.88 -82.23 -109.77
C PRO QA 187 105.94 -81.67 -110.85
N LYS QA 188 105.37 -80.44 -110.68
CA LYS QA 188 104.37 -79.97 -111.62
C LYS QA 188 104.98 -79.42 -112.91
N PHE QA 189 104.77 -80.11 -114.06
CA PHE QA 189 105.29 -79.69 -115.35
C PHE QA 189 104.62 -78.43 -115.87
N GLN QA 190 103.33 -78.25 -115.54
CA GLN QA 190 102.59 -77.06 -115.94
C GLN QA 190 103.03 -75.81 -115.19
N GLU QA 191 103.57 -75.92 -113.96
CA GLU QA 191 104.02 -74.77 -113.23
C GLU QA 191 105.35 -74.26 -113.76
N LYS QA 192 106.26 -75.18 -114.11
CA LYS QA 192 107.56 -74.78 -114.63
C LYS QA 192 107.48 -74.08 -115.98
N VAL QA 193 106.59 -74.54 -116.88
CA VAL QA 193 106.40 -73.93 -118.18
C VAL QA 193 105.70 -72.57 -118.12
N LEU QA 194 104.77 -72.38 -117.17
CA LEU QA 194 104.08 -71.12 -116.99
C LEU QA 194 104.98 -70.07 -116.35
N GLN QA 195 105.98 -70.45 -115.52
CA GLN QA 195 106.87 -69.48 -114.90
C GLN QA 195 107.84 -68.81 -115.88
N GLN QA 196 108.29 -69.54 -116.92
CA GLN QA 196 109.15 -68.98 -117.94
C GLN QA 196 108.40 -68.06 -118.89
N SER QA 197 107.16 -68.41 -119.26
CA SER QA 197 106.36 -67.58 -120.16
C SER QA 197 105.89 -66.27 -119.53
N ILE QA 198 105.61 -66.25 -118.21
CA ILE QA 198 105.23 -65.02 -117.51
C ILE QA 198 106.37 -64.00 -117.47
N SER QA 199 107.63 -64.44 -117.30
CA SER QA 199 108.76 -63.53 -117.20
C SER QA 199 109.06 -62.81 -118.51
N GLU QA 200 108.98 -63.53 -119.65
CA GLU QA 200 109.17 -62.97 -120.98
C GLU QA 200 108.10 -61.96 -121.36
N ILE QA 201 106.80 -62.23 -121.06
CA ILE QA 201 105.72 -61.31 -121.36
C ILE QA 201 105.83 -60.00 -120.60
N GLU QA 202 106.23 -60.02 -119.31
CA GLU QA 202 106.37 -58.85 -118.47
C GLU QA 202 107.50 -57.92 -118.91
N GLN QA 203 108.63 -58.49 -119.36
CA GLN QA 203 109.77 -57.71 -119.83
C GLN QA 203 109.57 -57.05 -121.18
N LEU QA 204 108.70 -57.61 -122.05
CA LEU QA 204 108.37 -57.01 -123.33
C LEU QA 204 107.37 -55.87 -123.24
N LEU QA 205 106.55 -55.80 -122.18
CA LEU QA 205 105.59 -54.72 -122.02
C LEU QA 205 106.22 -53.46 -121.42
N SER QA 206 107.42 -53.57 -120.83
CA SER QA 206 108.11 -52.44 -120.22
C SER QA 206 109.27 -51.92 -121.06
N LYS QA 207 109.50 -52.48 -122.26
CA LYS QA 207 110.58 -52.11 -123.14
C LYS QA 207 110.09 -51.93 -124.60
N LEU RA 10 51.38 -26.57 -53.25
CA LEU RA 10 52.62 -27.23 -52.70
C LEU RA 10 53.11 -26.49 -51.48
N ASP RA 11 52.49 -26.71 -50.31
CA ASP RA 11 52.87 -26.02 -49.11
C ASP RA 11 54.07 -26.68 -48.47
N TRP RA 12 55.24 -25.99 -48.48
CA TRP RA 12 56.47 -26.52 -47.92
C TRP RA 12 56.67 -26.11 -46.46
N ALA RA 13 56.57 -24.79 -46.15
CA ALA RA 13 56.75 -24.31 -44.80
C ALA RA 13 55.47 -24.38 -43.98
N LYS RA 14 54.29 -24.51 -44.64
CA LYS RA 14 53.05 -24.61 -43.91
C LYS RA 14 52.70 -26.03 -43.54
N VAL RA 15 53.31 -27.05 -44.20
CA VAL RA 15 53.00 -28.44 -43.87
C VAL RA 15 53.85 -28.94 -42.68
N ILE RA 16 54.98 -28.24 -42.32
CA ILE RA 16 55.79 -28.59 -41.15
C ILE RA 16 55.18 -28.09 -39.85
N SER RA 17 54.31 -27.06 -39.91
CA SER RA 17 53.72 -26.42 -38.74
C SER RA 17 52.21 -26.48 -38.81
N SER RA 18 51.64 -27.46 -39.57
CA SER RA 18 50.19 -27.61 -39.74
C SER RA 18 49.51 -28.28 -38.55
N LEU RA 19 50.31 -28.93 -37.69
CA LEU RA 19 49.89 -29.59 -36.46
C LEU RA 19 49.68 -28.59 -35.30
N ARG RA 20 49.19 -29.06 -34.13
CA ARG RA 20 48.96 -28.25 -32.93
C ARG RA 20 50.19 -28.00 -32.04
N ILE RA 21 50.07 -27.98 -30.69
CA ILE RA 21 51.21 -27.88 -29.79
C ILE RA 21 51.85 -29.24 -29.48
N THR RA 22 51.13 -30.34 -29.76
CA THR RA 22 51.52 -31.71 -29.47
C THR RA 22 52.49 -32.24 -30.51
N GLY RA 23 53.61 -32.89 -30.10
CA GLY RA 23 54.65 -33.38 -31.01
C GLY RA 23 54.43 -34.78 -31.53
N SER RA 24 53.22 -35.35 -31.31
CA SER RA 24 52.82 -36.72 -31.64
C SER RA 24 52.62 -36.94 -33.12
N THR RA 25 52.36 -35.87 -33.89
CA THR RA 25 52.11 -35.95 -35.31
C THR RA 25 53.41 -35.77 -36.09
N ALA RA 26 54.59 -35.60 -35.42
CA ALA RA 26 55.89 -35.52 -36.06
C ALA RA 26 56.28 -36.80 -36.83
N THR RA 27 55.97 -37.99 -36.27
CA THR RA 27 56.21 -39.30 -36.88
C THR RA 27 55.35 -39.55 -38.11
N GLN RA 28 54.06 -39.13 -38.08
CA GLN RA 28 53.13 -39.23 -39.19
C GLN RA 28 53.43 -38.28 -40.34
N LEU RA 29 53.83 -37.03 -40.05
CA LEU RA 29 54.21 -36.08 -41.07
C LEU RA 29 55.50 -36.46 -41.80
N SER RA 30 56.50 -37.00 -41.07
CA SER RA 30 57.75 -37.45 -41.65
C SER RA 30 57.57 -38.65 -42.58
N SER RA 31 56.71 -39.62 -42.21
CA SER RA 31 56.41 -40.80 -43.01
C SER RA 31 55.70 -40.47 -44.33
N PHE RA 32 54.71 -39.55 -44.30
CA PHE RA 32 53.98 -39.11 -45.48
C PHE RA 32 54.87 -38.39 -46.50
N LYS RA 33 55.75 -37.47 -46.03
CA LYS RA 33 56.69 -36.78 -46.90
C LYS RA 33 57.67 -37.71 -47.59
N LYS RA 34 58.27 -38.67 -46.84
CA LYS RA 34 59.19 -39.63 -47.39
C LYS RA 34 58.58 -40.55 -48.44
N ARG RA 35 57.31 -40.99 -48.24
CA ARG RA 35 56.60 -41.82 -49.20
C ARG RA 35 56.29 -41.10 -50.51
N ASN RA 36 55.89 -39.80 -50.45
CA ASN RA 36 55.62 -39.01 -51.64
C ASN RA 36 56.85 -38.74 -52.49
N ASP RA 37 58.00 -38.42 -51.85
CA ASP RA 37 59.26 -38.16 -52.54
C ASP RA 37 59.81 -39.40 -53.22
N GLU RA 38 59.74 -40.57 -52.55
CA GLU RA 38 60.17 -41.84 -53.11
C GLU RA 38 59.33 -42.23 -54.33
N ALA RA 39 57.98 -42.08 -54.27
CA ALA RA 39 57.10 -42.42 -55.38
C ALA RA 39 57.35 -41.56 -56.63
N ARG RA 40 57.56 -40.23 -56.46
CA ARG RA 40 57.89 -39.34 -57.55
C ARG RA 40 59.25 -39.60 -58.16
N ARG RA 41 60.28 -39.92 -57.34
CA ARG RA 41 61.60 -40.26 -57.82
C ARG RA 41 61.62 -41.55 -58.64
N GLN RA 42 60.86 -42.60 -58.22
CA GLN RA 42 60.81 -43.86 -58.96
C GLN RA 42 60.23 -43.71 -60.35
N LEU RA 43 59.19 -42.86 -60.55
CA LEU RA 43 58.62 -42.62 -61.86
C LEU RA 43 59.50 -41.79 -62.80
N LEU RA 44 60.36 -40.90 -62.26
CA LEU RA 44 61.27 -40.11 -63.07
C LEU RA 44 62.57 -40.82 -63.44
N GLU RA 45 63.08 -41.73 -62.57
CA GLU RA 45 64.27 -42.53 -62.86
C GLU RA 45 64.01 -43.65 -63.86
N LEU RA 46 62.79 -44.25 -63.84
CA LEU RA 46 62.41 -45.27 -64.79
C LEU RA 46 62.00 -44.69 -66.13
N GLN RA 47 62.09 -45.50 -67.21
CA GLN RA 47 61.64 -45.08 -68.52
C GLN RA 47 60.13 -45.05 -68.64
N SER RA 48 59.58 -44.02 -69.32
CA SER RA 48 58.15 -43.84 -69.51
C SER RA 48 57.69 -44.45 -70.81
N GLN RA 49 58.07 -45.70 -71.08
CA GLN RA 49 57.71 -46.38 -72.31
C GLN RA 49 57.71 -47.87 -72.02
N PRO RA 50 57.21 -48.74 -72.91
CA PRO RA 50 57.27 -50.19 -72.71
C PRO RA 50 58.68 -50.74 -72.84
N THR RA 51 59.08 -51.36 -73.97
CA THR RA 51 60.35 -52.03 -74.14
C THR RA 51 60.64 -51.93 -75.62
N GLU RA 52 61.93 -52.04 -76.04
CA GLU RA 52 62.31 -51.99 -77.44
C GLU RA 52 61.97 -53.24 -78.22
N VAL RA 53 62.38 -54.42 -77.68
CA VAL RA 53 62.07 -55.72 -78.26
C VAL RA 53 62.58 -55.91 -79.68
N ASP RA 54 63.92 -55.91 -79.88
CA ASP RA 54 64.51 -56.04 -81.18
C ASP RA 54 64.29 -57.43 -81.79
N PHE RA 55 63.16 -57.67 -82.46
CA PHE RA 55 62.88 -58.93 -83.10
C PHE RA 55 63.58 -59.08 -84.43
N SER RA 56 64.01 -57.97 -85.07
CA SER RA 56 64.58 -57.98 -86.40
C SER RA 56 65.96 -58.62 -86.37
N HIS RA 57 66.72 -58.40 -85.27
CA HIS RA 57 68.03 -58.99 -85.12
C HIS RA 57 68.07 -60.22 -84.24
N TYR RA 58 66.93 -60.66 -83.66
CA TYR RA 58 66.97 -61.79 -82.73
C TYR RA 58 66.43 -63.03 -83.43
N ARG RA 59 65.41 -62.93 -84.31
CA ARG RA 59 64.86 -64.08 -85.01
C ARG RA 59 65.80 -64.76 -85.98
N SER RA 60 66.72 -63.99 -86.59
CA SER RA 60 67.66 -64.50 -87.58
C SER RA 60 69.00 -64.87 -86.97
N VAL RA 61 69.22 -64.61 -85.66
CA VAL RA 61 70.47 -64.90 -84.97
C VAL RA 61 70.32 -66.12 -84.09
N LEU RA 62 69.07 -66.46 -83.73
CA LEU RA 62 68.89 -67.60 -82.88
C LEU RA 62 69.09 -68.96 -83.59
N LYS RA 63 69.60 -69.97 -82.86
CA LYS RA 63 69.79 -71.32 -83.37
C LYS RA 63 68.54 -72.14 -83.65
N ASN RA 64 67.59 -72.13 -82.71
CA ASN RA 64 66.38 -72.88 -82.83
C ASN RA 64 65.36 -72.06 -83.65
N THR RA 65 64.63 -72.71 -84.58
CA THR RA 65 63.65 -72.11 -85.49
C THR RA 65 62.36 -71.72 -84.81
N SER RA 66 61.82 -70.50 -85.08
CA SER RA 66 60.53 -70.03 -84.56
C SER RA 66 60.41 -69.90 -83.06
N VAL RA 67 61.43 -69.37 -82.39
CA VAL RA 67 61.48 -69.24 -80.95
C VAL RA 67 61.50 -67.79 -80.53
N ILE RA 68 62.33 -66.93 -81.17
CA ILE RA 68 62.29 -65.50 -80.89
C ILE RA 68 60.94 -64.93 -81.33
N ASP RA 69 60.41 -65.38 -82.49
CA ASP RA 69 59.18 -64.87 -83.07
C ASP RA 69 57.98 -65.12 -82.15
N LYS RA 70 57.92 -66.31 -81.50
CA LYS RA 70 56.88 -66.67 -80.54
C LYS RA 70 56.99 -65.93 -79.21
N ILE RA 71 58.21 -65.70 -78.69
CA ILE RA 71 58.37 -64.95 -77.46
C ILE RA 71 58.02 -63.47 -77.64
N GLU RA 72 58.34 -62.89 -78.83
CA GLU RA 72 58.09 -61.49 -79.09
C GLU RA 72 56.62 -61.19 -79.08
N SER RA 73 55.83 -62.10 -79.68
CA SER RA 73 54.41 -61.92 -79.77
C SER RA 73 53.68 -61.92 -78.45
N TYR RA 74 54.08 -62.78 -77.50
CA TYR RA 74 53.46 -62.84 -76.19
C TYR RA 74 53.89 -61.72 -75.24
N VAL RA 75 55.13 -61.20 -75.35
CA VAL RA 75 55.58 -60.12 -74.47
C VAL RA 75 54.97 -58.77 -74.82
N LYS RA 76 54.49 -58.58 -76.08
CA LYS RA 76 53.94 -57.33 -76.54
C LYS RA 76 52.41 -57.26 -76.42
N GLN RA 77 51.76 -58.34 -75.89
CA GLN RA 77 50.32 -58.36 -75.67
C GLN RA 77 49.98 -57.78 -74.31
N TYR RA 78 49.84 -58.63 -73.28
CA TYR RA 78 49.47 -58.16 -71.96
C TYR RA 78 50.04 -59.14 -70.95
N LYS RA 79 50.25 -58.72 -69.70
CA LYS RA 79 50.85 -59.56 -68.70
C LYS RA 79 50.43 -59.03 -67.33
N PRO RA 80 50.58 -59.72 -66.19
CA PRO RA 80 50.18 -59.20 -64.91
C PRO RA 80 51.19 -58.18 -64.38
N VAL RA 81 50.76 -57.30 -63.46
CA VAL RA 81 51.60 -56.30 -62.85
C VAL RA 81 51.11 -56.17 -61.42
N LYS RA 82 52.00 -55.75 -60.49
CA LYS RA 82 51.66 -55.46 -59.10
C LYS RA 82 50.96 -54.12 -58.99
N ILE RA 83 49.61 -54.11 -59.08
CA ILE RA 83 48.76 -52.93 -59.01
C ILE RA 83 47.56 -53.26 -58.17
N ASP RA 84 46.79 -52.23 -57.80
CA ASP RA 84 45.59 -52.38 -57.02
C ASP RA 84 44.47 -51.53 -57.64
N ALA RA 85 43.29 -51.58 -57.01
CA ALA RA 85 42.15 -50.77 -57.34
C ALA RA 85 41.81 -49.85 -56.19
N SER RA 86 40.88 -48.92 -56.43
CA SER RA 86 40.46 -47.91 -55.49
C SER RA 86 39.28 -48.40 -54.65
N LYS RA 87 39.18 -49.72 -54.38
CA LYS RA 87 38.17 -50.27 -53.49
C LYS RA 87 38.45 -50.04 -52.01
N GLN RA 88 39.72 -50.23 -51.57
CA GLN RA 88 40.11 -50.03 -50.19
C GLN RA 88 40.41 -48.57 -49.90
N LEU RA 89 39.38 -47.73 -49.86
CA LEU RA 89 39.52 -46.31 -49.67
C LEU RA 89 39.67 -45.85 -48.23
N GLN RA 90 40.70 -46.35 -47.53
CA GLN RA 90 40.91 -46.05 -46.11
C GLN RA 90 41.15 -44.57 -45.82
N VAL RA 91 41.96 -43.90 -46.68
CA VAL RA 91 42.28 -42.48 -46.56
C VAL RA 91 41.14 -41.54 -46.97
N ILE RA 92 40.25 -41.98 -47.88
CA ILE RA 92 39.11 -41.20 -48.33
C ILE RA 92 38.03 -41.15 -47.25
N GLU RA 93 37.72 -42.31 -46.60
CA GLU RA 93 36.77 -42.39 -45.51
C GLU RA 93 37.19 -41.60 -44.28
N SER RA 94 38.51 -41.58 -43.98
CA SER RA 94 39.03 -40.83 -42.85
C SER RA 94 39.05 -39.32 -43.07
N PHE RA 95 39.14 -38.86 -44.34
CA PHE RA 95 39.20 -37.46 -44.71
C PHE RA 95 37.94 -36.71 -44.28
N GLU RA 96 36.74 -37.29 -44.56
CA GLU RA 96 35.47 -36.72 -44.15
C GLU RA 96 35.35 -36.63 -42.63
N LYS RA 97 35.72 -37.69 -41.90
CA LYS RA 97 35.68 -37.69 -40.45
C LYS RA 97 36.63 -36.68 -39.82
N HIS RA 98 37.86 -36.52 -40.35
CA HIS RA 98 38.83 -35.55 -39.86
C HIS RA 98 38.42 -34.12 -40.06
N ALA RA 99 37.84 -33.79 -41.23
CA ALA RA 99 37.28 -32.48 -41.45
C ALA RA 99 36.09 -32.21 -40.49
N MET RA 100 35.23 -33.23 -40.23
CA MET RA 100 34.05 -33.09 -39.40
C MET RA 100 34.33 -32.92 -37.90
N THR RA 101 35.57 -33.21 -37.42
CA THR RA 101 35.93 -33.10 -36.01
C THR RA 101 36.98 -32.04 -35.74
N ASN RA 102 37.88 -31.74 -36.73
CA ASN RA 102 38.93 -30.76 -36.52
C ASN RA 102 38.63 -29.46 -37.23
N ALA RA 103 38.31 -29.52 -38.54
CA ALA RA 103 37.98 -28.35 -39.34
C ALA RA 103 36.60 -27.78 -39.03
N LYS RA 104 35.58 -28.61 -38.72
CA LYS RA 104 34.26 -28.12 -38.35
C LYS RA 104 34.16 -27.58 -36.91
N GLU RA 105 35.10 -27.96 -36.02
CA GLU RA 105 35.13 -27.45 -34.66
C GLU RA 105 35.49 -25.96 -34.63
N THR RA 106 36.28 -25.49 -35.63
CA THR RA 106 36.66 -24.08 -35.70
C THR RA 106 35.47 -23.18 -36.06
N GLU RA 107 34.40 -23.73 -36.71
CA GLU RA 107 33.23 -22.97 -37.11
C GLU RA 107 32.39 -22.54 -35.91
N SER RA 108 32.52 -23.23 -34.76
CA SER RA 108 31.80 -22.90 -33.54
C SER RA 108 32.69 -22.50 -32.38
N LEU RA 109 33.98 -22.91 -32.33
CA LEU RA 109 34.85 -22.51 -31.25
C LEU RA 109 35.56 -21.19 -31.57
N VAL RA 110 36.27 -21.12 -32.71
CA VAL RA 110 37.03 -19.95 -33.16
C VAL RA 110 36.08 -18.79 -33.44
N SER RA 111 34.91 -19.09 -34.07
CA SER RA 111 33.89 -18.08 -34.36
C SER RA 111 33.27 -17.42 -33.14
N LYS RA 112 33.01 -18.19 -32.06
CA LYS RA 112 32.53 -17.64 -30.79
C LYS RA 112 33.59 -16.76 -30.13
N GLU RA 113 34.88 -17.20 -30.11
CA GLU RA 113 35.95 -16.41 -29.52
C GLU RA 113 36.13 -15.07 -30.23
N LEU RA 121 36.56 -7.74 -29.67
CA LEU RA 121 36.75 -6.45 -29.00
C LEU RA 121 35.52 -6.07 -28.20
N ASP RA 122 34.86 -7.06 -27.60
CA ASP RA 122 33.70 -6.80 -26.75
C ASP RA 122 34.14 -6.18 -25.43
N ASN RA 123 35.41 -6.36 -25.06
CA ASN RA 123 35.94 -5.74 -23.86
C ASN RA 123 36.03 -4.22 -24.00
N ILE RA 124 36.49 -3.75 -25.15
CA ILE RA 124 36.52 -2.31 -25.39
C ILE RA 124 35.15 -1.79 -25.80
N GLN RA 125 34.28 -2.68 -26.30
CA GLN RA 125 32.95 -2.26 -26.70
C GLN RA 125 32.10 -1.84 -25.50
N SER RA 126 32.17 -2.59 -24.41
CA SER RA 126 31.66 -2.10 -23.15
C SER RA 126 32.65 -1.11 -22.56
N ALA RA 127 32.19 0.13 -22.36
CA ALA RA 127 33.10 1.19 -21.95
C ALA RA 127 33.40 1.10 -20.46
N ARG RA 128 34.31 1.95 -20.00
CA ARG RA 128 35.05 1.73 -18.75
C ARG RA 128 34.90 2.87 -17.76
N PRO RA 129 33.97 2.80 -16.82
CA PRO RA 129 33.92 3.78 -15.73
C PRO RA 129 34.67 3.34 -14.47
N PHE RA 130 35.95 2.98 -14.59
CA PHE RA 130 36.69 2.52 -13.41
C PHE RA 130 36.94 3.65 -12.42
N ASP RA 131 36.93 4.90 -12.89
CA ASP RA 131 37.06 6.02 -11.98
C ASP RA 131 35.76 6.24 -11.19
N GLU RA 132 34.66 5.66 -11.64
CA GLU RA 132 33.38 5.80 -10.96
C GLU RA 132 32.62 4.49 -10.83
N LEU RA 133 33.32 3.36 -10.83
CA LEU RA 133 32.64 2.08 -10.60
C LEU RA 133 32.34 1.90 -9.11
N THR RA 134 31.13 1.42 -8.81
CA THR RA 134 30.68 1.29 -7.43
C THR RA 134 31.03 -0.10 -6.91
N VAL RA 135 31.38 -0.19 -5.62
CA VAL RA 135 31.62 -1.50 -5.02
C VAL RA 135 30.33 -2.29 -4.90
N ASP RA 136 29.19 -1.60 -4.83
CA ASP RA 136 27.90 -2.28 -4.89
C ASP RA 136 27.69 -2.89 -6.27
N ASP RA 137 28.23 -2.26 -7.32
CA ASP RA 137 28.12 -2.82 -8.66
C ASP RA 137 28.98 -4.08 -8.78
N LEU RA 138 30.15 -4.10 -8.14
CA LEU RA 138 30.96 -5.31 -8.15
C LEU RA 138 30.33 -6.42 -7.31
N THR RA 139 29.68 -6.04 -6.20
CA THR RA 139 28.98 -7.04 -5.40
C THR RA 139 27.79 -7.60 -6.15
N LYS RA 140 27.14 -6.77 -6.96
CA LYS RA 140 26.02 -7.24 -7.77
C LYS RA 140 26.48 -8.13 -8.91
N ILE RA 141 27.57 -7.76 -9.59
CA ILE RA 141 28.05 -8.62 -10.67
C ILE RA 141 28.83 -9.81 -10.14
N LYS RA 142 29.45 -9.71 -8.97
CA LYS RA 142 30.18 -10.81 -8.37
C LYS RA 142 29.72 -10.99 -6.94
N PRO RA 143 28.91 -12.00 -6.65
CA PRO RA 143 28.72 -12.42 -5.25
C PRO RA 143 29.92 -13.15 -4.69
N GLU RA 144 30.85 -13.57 -5.55
CA GLU RA 144 32.09 -14.20 -5.10
C GLU RA 144 32.92 -13.25 -4.27
N ILE RA 145 32.89 -11.95 -4.60
CA ILE RA 145 33.58 -10.95 -3.80
C ILE RA 145 32.99 -10.88 -2.40
N ASP RA 146 31.66 -10.90 -2.31
CA ASP RA 146 30.99 -10.83 -1.02
C ASP RA 146 31.25 -12.09 -0.20
N ALA RA 147 31.26 -13.25 -0.84
CA ALA RA 147 31.52 -14.50 -0.13
C ALA RA 147 32.97 -14.59 0.33
N LYS RA 148 33.91 -14.12 -0.50
CA LYS RA 148 35.32 -14.15 -0.13
C LYS RA 148 35.60 -13.19 1.02
N VAL RA 149 35.00 -11.99 0.98
CA VAL RA 149 35.16 -11.05 2.07
C VAL RA 149 34.52 -11.58 3.35
N GLU RA 150 33.35 -12.22 3.22
CA GLU RA 150 32.66 -12.71 4.42
C GLU RA 150 33.41 -13.86 5.08
N GLU RA 151 33.91 -14.81 4.29
CA GLU RA 151 34.69 -15.90 4.86
C GLU RA 151 36.05 -15.40 5.37
N MET RA 152 36.61 -14.39 4.70
CA MET RA 152 37.88 -13.81 5.14
C MET RA 152 37.74 -13.07 6.45
N VAL RA 153 36.55 -12.54 6.72
CA VAL RA 153 36.32 -11.92 8.02
C VAL RA 153 36.04 -12.98 9.07
N LYS RA 154 35.26 -14.01 8.72
CA LYS RA 154 34.89 -15.06 9.67
C LYS RA 154 36.12 -15.81 10.19
N LYS RA 155 37.04 -16.16 9.29
CA LYS RA 155 38.27 -16.79 9.75
C LYS RA 155 39.17 -15.80 10.47
N GLY RA 156 39.07 -14.52 10.15
CA GLY RA 156 39.77 -13.49 10.88
C GLY RA 156 40.90 -12.82 10.15
N LYS RA 157 41.17 -13.18 8.90
CA LYS RA 157 42.29 -12.62 8.16
C LYS RA 157 41.91 -11.22 7.71
N TRP RA 158 42.36 -10.22 8.44
CA TRP RA 158 42.21 -8.84 7.98
C TRP RA 158 43.27 -8.44 6.97
N ASP RA 159 44.32 -9.25 6.83
CA ASP RA 159 45.32 -9.04 5.80
C ASP RA 159 44.70 -9.30 4.43
N VAL RA 160 45.26 -8.64 3.42
CA VAL RA 160 44.88 -8.91 2.05
C VAL RA 160 46.10 -9.43 1.31
N PRO RA 161 46.09 -10.68 0.85
CA PRO RA 161 47.30 -11.29 0.28
C PRO RA 161 47.64 -10.72 -1.09
N GLY RA 162 48.84 -10.17 -1.21
CA GLY RA 162 49.29 -9.60 -2.46
C GLY RA 162 48.81 -8.19 -2.72
N TYR RA 163 48.34 -7.48 -1.69
CA TYR RA 163 47.93 -6.10 -1.88
C TYR RA 163 49.13 -5.15 -1.76
N LYS RA 164 50.03 -5.45 -0.83
CA LYS RA 164 51.02 -4.46 -0.41
C LYS RA 164 52.11 -4.26 -1.45
N ASP RA 165 52.29 -5.24 -2.36
CA ASP RA 165 53.42 -5.19 -3.27
C ASP RA 165 53.18 -4.19 -4.41
N ARG RA 166 51.97 -4.17 -4.97
CA ARG RA 166 51.71 -3.25 -6.07
C ARG RA 166 51.07 -1.96 -5.59
N PHE RA 167 50.42 -2.00 -4.43
CA PHE RA 167 49.78 -0.84 -3.84
C PHE RA 167 50.47 -0.52 -2.52
N GLY RA 168 50.95 0.71 -2.38
CA GLY RA 168 51.63 1.09 -1.16
C GLY RA 168 50.65 1.18 0.00
N ASN RA 169 51.08 0.66 1.15
CA ASN RA 169 50.17 0.57 2.29
C ASN RA 169 49.89 1.92 2.92
N LEU RA 170 50.82 2.87 2.77
CA LEU RA 170 50.77 4.22 3.37
C LEU RA 170 50.47 4.21 4.88
N ASN RA 171 51.04 3.25 5.59
CA ASN RA 171 51.15 3.37 7.04
C ASN RA 171 52.16 4.49 7.32
N VAL RA 172 51.97 5.17 8.45
CA VAL RA 172 52.92 6.19 8.90
C VAL RA 172 54.25 5.53 9.16
N MET RA 173 54.22 4.45 9.93
CA MET RA 173 55.40 3.62 10.18
C MET RA 173 55.02 2.19 10.56
N UNK SA 1 5.91 48.06 5.81
CA UNK SA 1 5.98 49.32 5.11
C UNK SA 1 6.49 50.43 6.03
N UNK SA 2 7.32 51.31 5.47
CA UNK SA 2 7.96 52.43 6.17
C UNK SA 2 8.73 51.97 7.41
N UNK SA 3 9.58 50.95 7.20
CA UNK SA 3 10.33 50.38 8.32
C UNK SA 3 11.45 51.31 8.78
N UNK SA 4 11.93 52.18 7.90
CA UNK SA 4 13.02 53.08 8.26
C UNK SA 4 12.57 54.13 9.27
N UNK SA 5 11.39 54.73 9.02
CA UNK SA 5 10.85 55.71 9.95
C UNK SA 5 10.43 55.05 11.25
N UNK SA 6 9.92 53.81 11.18
CA UNK SA 6 9.53 53.09 12.39
C UNK SA 6 10.74 52.73 13.24
N UNK SA 7 11.86 52.37 12.60
CA UNK SA 7 13.07 52.06 13.35
C UNK SA 7 13.69 53.31 13.94
N UNK SA 8 13.72 54.41 13.17
CA UNK SA 8 14.24 55.67 13.67
C UNK SA 8 13.35 56.28 14.74
N UNK SA 9 12.08 55.88 14.79
CA UNK SA 9 11.21 56.29 15.90
C UNK SA 9 11.40 55.41 17.12
N UNK SA 10 11.56 54.09 16.91
CA UNK SA 10 11.70 53.17 18.02
C UNK SA 10 13.07 53.25 18.68
N UNK SA 11 14.07 53.83 18.00
CA UNK SA 11 15.37 54.06 18.63
C UNK SA 11 15.26 55.04 19.78
N UNK SA 12 14.41 56.06 19.64
CA UNK SA 12 14.25 57.06 20.68
C UNK SA 12 13.61 56.49 21.94
N UNK SA 13 12.81 55.43 21.79
CA UNK SA 13 12.17 54.79 22.94
C UNK SA 13 13.21 54.20 23.88
N UNK SA 14 14.16 53.44 23.33
CA UNK SA 14 15.23 52.92 24.17
C UNK SA 14 16.23 54.00 24.53
N UNK SA 15 16.33 55.06 23.72
CA UNK SA 15 17.19 56.20 24.07
C UNK SA 15 16.71 56.89 25.34
N UNK SA 16 15.39 56.94 25.52
CA UNK SA 16 14.85 57.45 26.78
C UNK SA 16 14.87 56.40 27.87
N UNK SA 17 14.65 55.13 27.50
CA UNK SA 17 14.55 54.06 28.51
C UNK SA 17 15.89 53.78 29.18
N UNK SA 18 16.98 53.85 28.43
CA UNK SA 18 18.28 53.59 29.04
C UNK SA 18 18.75 54.78 29.86
N UNK SA 19 18.36 55.99 29.48
CA UNK SA 19 18.62 57.15 30.33
C UNK SA 19 17.83 57.05 31.62
N UNK SA 20 16.60 56.53 31.54
CA UNK SA 20 15.81 56.30 32.75
C UNK SA 20 16.43 55.21 33.61
N UNK SA 21 16.98 54.16 32.98
CA UNK SA 21 17.62 53.10 33.73
C UNK SA 21 18.92 53.58 34.37
N UNK SA 22 19.63 54.50 33.70
CA UNK SA 22 20.84 55.08 34.28
C UNK SA 22 20.50 56.00 35.44
N UNK SA 23 19.40 56.73 35.34
CA UNK SA 23 18.95 57.56 36.45
C UNK SA 23 18.50 56.71 37.63
N UNK SA 24 17.85 55.58 37.35
CA UNK SA 24 17.46 54.66 38.42
C UNK SA 24 18.68 54.00 39.05
N UNK SA 25 19.72 53.75 38.25
CA UNK SA 25 20.95 53.19 38.79
C UNK SA 25 21.68 54.22 39.67
N UNK SA 26 21.66 55.49 39.26
CA UNK SA 26 22.23 56.54 40.09
C UNK SA 26 21.42 56.74 41.38
N UNK SA 27 20.09 56.57 41.30
CA UNK SA 27 19.26 56.66 42.49
C UNK SA 27 19.52 55.49 43.44
N UNK SA 28 19.70 54.29 42.91
CA UNK SA 28 20.07 53.15 43.73
C UNK SA 28 21.47 53.31 44.30
N UNK SA 29 22.36 53.98 43.57
CA UNK SA 29 23.70 54.27 44.09
C UNK SA 29 23.63 55.23 45.26
N UNK SA 30 22.80 56.27 45.15
CA UNK SA 30 22.62 57.20 46.25
C UNK SA 30 21.94 56.54 47.45
N UNK SA 31 21.01 55.62 47.19
CA UNK SA 31 20.36 54.90 48.27
C UNK SA 31 21.31 53.95 48.96
N UNK SA 32 22.21 53.30 48.19
CA UNK SA 32 23.22 52.44 48.79
C UNK SA 32 24.25 53.25 49.56
N UNK SA 33 24.58 54.46 49.09
CA UNK SA 33 25.48 55.34 49.82
C UNK SA 33 24.88 55.79 51.14
N UNK SA 34 23.58 56.12 51.12
CA UNK SA 34 22.90 56.48 52.37
C UNK SA 34 22.77 55.29 53.31
N UNK SA 35 22.57 54.09 52.77
CA UNK SA 35 22.46 52.90 53.60
C UNK SA 35 23.81 52.53 54.22
N UNK SA 36 24.89 52.75 53.48
CA UNK SA 36 26.23 52.47 54.01
C UNK SA 36 26.73 53.56 54.92
N UNK SA 37 26.19 54.78 54.81
CA UNK SA 37 26.58 55.87 55.69
C UNK SA 37 25.68 55.99 56.91
N UNK SA 38 24.52 55.32 56.92
CA UNK SA 38 23.65 55.37 58.08
C UNK SA 38 24.21 54.56 59.25
N UNK SA 39 25.01 53.53 58.96
CA UNK SA 39 25.54 52.69 60.03
C UNK SA 39 26.71 53.33 60.75
N UNK SA 40 27.48 54.18 60.05
CA UNK SA 40 28.70 54.73 60.64
C UNK SA 40 28.41 55.76 61.71
N UNK SA 41 27.45 56.66 61.44
CA UNK SA 41 27.06 57.65 62.44
C UNK SA 41 26.36 57.00 63.63
N UNK SA 42 25.61 55.92 63.39
CA UNK SA 42 25.00 55.17 64.48
C UNK SA 42 26.05 54.46 65.32
N UNK SA 43 27.11 53.93 64.69
CA UNK SA 43 28.19 53.30 65.45
C UNK SA 43 28.98 54.32 66.26
N UNK SA 44 29.18 55.52 65.69
CA UNK SA 44 29.87 56.57 66.44
C UNK SA 44 29.01 57.09 67.60
N UNK SA 45 27.69 57.14 67.41
CA UNK SA 45 26.79 57.51 68.48
C UNK SA 45 26.63 56.43 69.53
N UNK SA 46 26.83 55.16 69.16
CA UNK SA 46 26.83 54.08 70.15
C UNK SA 46 28.14 54.01 70.92
N UNK SA 47 29.25 54.37 70.28
CA UNK SA 47 30.53 54.40 70.98
C UNK SA 47 30.62 55.60 71.91
N UNK SA 48 30.25 56.79 71.42
CA UNK SA 48 30.31 57.98 72.25
C UNK SA 48 29.19 57.99 73.29
N UNK SA 49 27.95 57.94 72.84
CA UNK SA 49 26.80 57.94 73.74
C UNK SA 49 26.25 56.53 73.93
N VAL TA 1 47.31 -22.34 12.29
CA VAL TA 1 47.08 -21.16 11.48
C VAL TA 1 47.45 -21.42 10.02
N SER TA 2 48.02 -22.59 9.76
CA SER TA 2 48.43 -22.94 8.40
C SER TA 2 47.22 -22.99 7.49
N THR TA 3 46.13 -23.57 7.97
CA THR TA 3 44.92 -23.67 7.18
C THR TA 3 44.39 -22.29 6.83
N LEU TA 4 44.40 -21.37 7.79
CA LEU TA 4 43.91 -20.01 7.57
C LEU TA 4 44.77 -19.30 6.52
N ILE TA 5 46.09 -19.52 6.62
CA ILE TA 5 47.02 -18.93 5.68
C ILE TA 5 46.74 -19.43 4.28
N PRO TA 6 46.49 -20.74 4.19
CA PRO TA 6 46.18 -21.36 2.92
C PRO TA 6 44.90 -20.78 2.36
N PRO TA 7 43.90 -20.57 3.21
CA PRO TA 7 42.64 -20.03 2.73
C PRO TA 7 42.85 -18.64 2.16
N LYS TA 8 43.64 -17.83 2.85
CA LYS TA 8 43.88 -16.48 2.34
C LYS TA 8 44.61 -16.54 1.00
N VAL TA 9 45.59 -17.44 0.92
CA VAL TA 9 46.38 -17.61 -0.27
C VAL TA 9 45.51 -18.06 -1.42
N VAL TA 10 44.59 -18.97 -1.15
CA VAL TA 10 43.68 -19.50 -2.14
C VAL TA 10 42.78 -18.40 -2.65
N SER TA 11 42.33 -17.55 -1.74
CA SER TA 11 41.48 -16.44 -2.13
C SER TA 11 42.24 -15.54 -3.07
N SER TA 12 43.49 -15.25 -2.73
CA SER TA 12 44.30 -14.39 -3.60
C SER TA 12 44.50 -15.04 -4.96
N LYS TA 13 44.77 -16.33 -4.94
CA LYS TA 13 45.00 -17.09 -6.14
C LYS TA 13 43.63 -17.37 -6.71
N ASN TA 14 42.76 -17.95 -5.86
CA ASN TA 14 41.43 -18.24 -6.36
C ASN TA 14 41.34 -19.69 -6.84
N ILE TA 15 40.78 -19.91 -8.03
CA ILE TA 15 40.64 -21.26 -8.56
C ILE TA 15 40.54 -21.33 -10.08
N GLY TA 16 40.73 -22.52 -10.62
CA GLY TA 16 40.65 -22.74 -12.06
C GLY TA 16 41.98 -22.84 -12.78
N PRO TA 19 45.09 -18.33 -21.59
CA PRO TA 19 44.22 -19.47 -21.87
C PRO TA 19 42.74 -19.09 -21.81
N ASN TA 20 41.90 -20.03 -21.40
CA ASN TA 20 40.49 -19.76 -21.19
C ASN TA 20 40.19 -19.21 -19.80
N ALA TA 21 41.07 -19.49 -18.83
CA ALA TA 21 40.82 -19.11 -17.44
C ALA TA 21 40.86 -17.60 -17.26
N LYS TA 22 41.59 -16.89 -18.12
CA LYS TA 22 41.57 -15.44 -18.09
C LYS TA 22 40.43 -14.90 -18.96
N ARG TA 23 40.11 -15.60 -20.05
CA ARG TA 23 39.16 -15.12 -21.04
C ARG TA 23 37.73 -15.18 -20.54
N ILE TA 24 37.29 -16.35 -20.06
CA ILE TA 24 35.94 -16.45 -19.52
C ILE TA 24 35.84 -15.83 -18.14
N ALA TA 25 36.95 -15.34 -17.59
CA ALA TA 25 36.88 -14.39 -16.49
C ALA TA 25 36.59 -12.98 -17.00
N ASN TA 26 37.41 -12.48 -17.94
CA ASN TA 26 37.45 -11.04 -18.16
C ASN TA 26 36.29 -10.57 -19.04
N VAL TA 27 35.91 -11.32 -20.07
CA VAL TA 27 34.80 -10.84 -20.90
C VAL TA 27 33.47 -11.04 -20.17
N VAL TA 28 33.39 -12.07 -19.32
CA VAL TA 28 32.19 -12.30 -18.52
C VAL TA 28 32.11 -11.27 -17.40
N HIS TA 29 33.24 -10.75 -16.96
CA HIS TA 29 33.19 -9.62 -16.05
C HIS TA 29 32.82 -8.35 -16.79
N PHE TA 30 33.21 -8.23 -18.06
CA PHE TA 30 33.12 -6.94 -18.74
C PHE TA 30 31.75 -6.70 -19.35
N TYR TA 31 30.96 -7.75 -19.62
CA TYR TA 31 29.74 -7.51 -20.40
C TYR TA 31 28.68 -6.75 -19.60
N LYS TA 32 28.59 -6.97 -18.29
CA LYS TA 32 27.64 -6.19 -17.51
C LYS TA 32 28.33 -5.08 -16.73
N SER TA 33 29.58 -4.76 -17.05
CA SER TA 33 30.13 -3.49 -16.61
C SER TA 33 29.39 -2.37 -17.33
N LEU TA 34 28.75 -1.50 -16.56
CA LEU TA 34 27.84 -0.51 -17.11
C LEU TA 34 28.63 0.53 -17.91
N PRO TA 35 28.28 0.75 -19.19
CA PRO TA 35 29.23 1.38 -20.11
C PRO TA 35 29.60 2.84 -19.88
N GLN TA 36 28.63 3.76 -19.87
CA GLN TA 36 28.95 5.18 -19.89
C GLN TA 36 29.00 5.81 -18.50
N GLY TA 37 29.29 5.03 -17.48
CA GLY TA 37 29.12 5.47 -16.11
C GLY TA 37 27.64 5.62 -15.83
N PRO TA 38 26.85 4.62 -16.28
CA PRO TA 38 25.39 4.75 -16.23
C PRO TA 38 24.83 4.66 -14.82
N ALA TA 39 23.57 5.06 -14.66
CA ALA TA 39 22.97 5.41 -13.38
C ALA TA 39 23.87 6.36 -12.60
N PRO TA 40 24.09 7.58 -13.12
CA PRO TA 40 25.08 8.48 -12.49
C PRO TA 40 24.66 8.98 -11.11
N ALA TA 41 23.46 9.57 -11.01
CA ALA TA 41 22.89 10.13 -9.78
C ALA TA 41 23.86 11.12 -9.12
N ILE TA 42 24.10 12.22 -9.84
CA ILE TA 42 25.16 13.16 -9.45
C ILE TA 42 24.75 13.93 -8.21
N LYS TA 43 23.46 14.07 -7.96
CA LYS TA 43 22.99 14.80 -6.79
C LYS TA 43 21.64 14.24 -6.36
N ALA TA 44 21.16 14.75 -5.23
CA ALA TA 44 19.86 14.40 -4.67
C ALA TA 44 19.42 15.55 -3.78
N ASN TA 45 18.39 15.33 -2.97
CA ASN TA 45 17.86 16.37 -2.09
C ASN TA 45 17.46 15.72 -0.76
N THR TA 46 18.38 15.75 0.21
CA THR TA 46 18.07 15.25 1.54
C THR TA 46 18.67 16.12 2.63
N ARG TA 47 19.10 17.35 2.30
CA ARG TA 47 19.66 18.40 3.15
C ARG TA 47 21.06 18.07 3.66
N LEU TA 48 21.56 16.88 3.36
CA LEU TA 48 22.94 16.50 3.64
C LEU TA 48 23.66 15.96 2.42
N ALA TA 49 22.93 15.42 1.44
CA ALA TA 49 23.56 15.05 0.18
C ALA TA 49 24.04 16.28 -0.57
N ARG TA 50 23.33 17.39 -0.41
CA ARG TA 50 23.84 18.67 -0.91
C ARG TA 50 25.02 19.15 -0.07
N TYR TA 51 25.06 18.77 1.21
CA TYR TA 51 26.22 19.06 2.04
C TYR TA 51 27.37 18.12 1.75
N LYS TA 52 27.06 16.90 1.33
CA LYS TA 52 28.11 15.94 0.99
C LYS TA 52 28.70 16.22 -0.39
N ALA TA 53 27.91 16.75 -1.31
CA ALA TA 53 28.40 17.00 -2.65
C ALA TA 53 29.32 18.21 -2.69
N LYS TA 54 29.00 19.24 -1.90
CA LYS TA 54 29.76 20.47 -1.97
C LYS TA 54 31.10 20.36 -1.25
N TYR TA 55 31.21 19.51 -0.24
CA TYR TA 55 32.40 19.46 0.61
C TYR TA 55 33.14 18.13 0.55
N PHE TA 56 32.43 17.01 0.42
CA PHE TA 56 33.00 15.71 0.70
C PHE TA 56 33.18 14.81 -0.51
N ASP TA 57 32.49 15.07 -1.61
CA ASP TA 57 32.54 14.15 -2.73
C ASP TA 57 33.80 14.39 -3.57
N GLY TA 58 33.82 13.81 -4.77
CA GLY TA 58 34.97 13.50 -5.59
C GLY TA 58 36.12 14.48 -5.73
N ASP TA 59 35.86 15.67 -6.29
CA ASP TA 59 36.94 16.61 -6.52
C ASP TA 59 36.89 17.81 -5.58
N ASN TA 60 35.80 17.99 -4.84
CA ASN TA 60 35.78 19.09 -3.88
C ASN TA 60 36.67 18.76 -2.70
N ALA TA 61 36.26 17.77 -1.89
CA ALA TA 61 37.10 17.04 -0.93
C ALA TA 61 37.79 17.92 0.12
N SER TA 62 37.45 19.19 0.24
CA SER TA 62 38.28 20.09 1.03
C SER TA 62 38.00 19.93 2.52
N GLY TA 63 38.93 20.39 3.34
CA GLY TA 63 38.90 20.25 4.77
C GLY TA 63 38.22 21.37 5.52
N LYS TA 64 37.49 22.22 4.82
CA LYS TA 64 36.61 23.18 5.48
C LYS TA 64 35.58 22.64 6.48
N PRO TA 65 35.00 21.42 6.33
CA PRO TA 65 34.13 20.91 7.40
C PRO TA 65 34.79 20.72 8.74
N LEU TA 66 36.12 20.55 8.79
CA LEU TA 66 36.80 20.61 10.06
C LEU TA 66 36.67 21.99 10.69
N TRP TA 67 36.73 23.03 9.86
CA TRP TA 67 36.56 24.38 10.40
C TRP TA 67 35.12 24.65 10.81
N HIS TA 68 34.16 24.13 10.04
CA HIS TA 68 32.74 24.23 10.42
C HIS TA 68 32.50 23.54 11.76
N PHE TA 69 33.05 22.34 11.91
CA PHE TA 69 32.86 21.55 13.13
C PHE TA 69 33.52 22.20 14.33
N ALA TA 70 34.73 22.72 14.14
CA ALA TA 70 35.44 23.40 15.23
C ALA TA 70 34.69 24.66 15.65
N LEU TA 71 34.13 25.38 14.67
CA LEU TA 71 33.35 26.57 15.00
C LEU TA 71 32.06 26.19 15.72
N GLY TA 72 31.50 25.02 15.38
CA GLY TA 72 30.31 24.55 16.07
C GLY TA 72 30.57 24.25 17.53
N ILE TA 73 31.67 23.55 17.82
CA ILE TA 73 31.98 23.24 19.21
C ILE TA 73 32.38 24.50 19.98
N ILE TA 74 33.08 25.43 19.32
CA ILE TA 74 33.42 26.70 19.97
C ILE TA 74 32.17 27.47 20.37
N ALA TA 75 31.19 27.54 19.46
CA ALA TA 75 29.95 28.27 19.75
C ALA TA 75 29.14 27.56 20.83
N PHE TA 76 29.03 26.24 20.75
CA PHE TA 76 28.23 25.48 21.70
C PHE TA 76 28.83 25.53 23.11
N GLY TA 77 30.14 25.31 23.20
CA GLY TA 77 30.80 25.38 24.49
C GLY TA 77 30.83 26.78 25.05
N TYR TA 78 30.87 27.80 24.20
CA TYR TA 78 30.84 29.15 24.73
C TYR TA 78 29.46 29.51 25.25
N SER TA 79 28.40 29.04 24.57
CA SER TA 79 27.05 29.28 25.06
C SER TA 79 26.84 28.60 26.40
N MET TA 80 27.32 27.36 26.53
CA MET TA 80 27.15 26.64 27.79
C MET TA 80 27.96 27.26 28.92
N GLU TA 81 29.20 27.67 28.63
CA GLU TA 81 30.04 28.29 29.64
C GLU TA 81 29.49 29.65 30.08
N TYR TA 82 28.94 30.41 29.13
CA TYR TA 82 28.35 31.69 29.46
C TYR TA 82 27.07 31.52 30.26
N TYR TA 83 26.31 30.47 29.97
CA TYR TA 83 25.05 30.28 30.66
C TYR TA 83 25.27 29.76 32.08
N PHE TA 84 26.35 29.01 32.29
CA PHE TA 84 26.55 28.45 33.63
C PHE TA 84 27.40 29.36 34.51
N HIS TA 85 28.52 29.86 34.00
CA HIS TA 85 29.49 30.53 34.87
C HIS TA 85 29.52 32.04 34.66
N LEU TA 86 29.04 32.53 33.54
CA LEU TA 86 29.20 33.95 33.24
C LEU TA 86 27.85 34.67 33.05
N UNK UA 1 79.34 41.16 10.06
CA UNK UA 1 77.89 41.23 10.00
C UNK UA 1 77.34 40.23 8.98
N UNK UA 2 77.23 38.97 9.39
CA UNK UA 2 76.72 37.93 8.50
C UNK UA 2 75.23 38.12 8.23
N UNK UA 3 74.41 38.04 9.28
CA UNK UA 3 73.00 38.37 9.18
C UNK UA 3 72.67 39.75 9.70
N UNK UA 4 73.65 40.44 10.32
CA UNK UA 4 73.41 41.78 10.84
C UNK UA 4 73.44 42.84 9.74
N UNK UA 5 74.05 42.54 8.60
CA UNK UA 5 74.01 43.50 7.48
C UNK UA 5 72.63 43.57 6.86
N UNK UA 6 72.01 42.40 6.62
CA UNK UA 6 70.63 42.39 6.15
C UNK UA 6 69.66 42.86 7.21
N UNK UA 7 69.98 42.63 8.49
CA UNK UA 7 69.15 43.16 9.57
C UNK UA 7 69.23 44.68 9.65
N UNK UA 8 70.41 45.25 9.41
CA UNK UA 8 70.55 46.69 9.39
C UNK UA 8 69.92 47.30 8.14
N UNK UA 9 69.96 46.59 7.01
CA UNK UA 9 69.24 47.03 5.83
C UNK UA 9 67.73 47.00 6.05
N UNK UA 10 67.25 45.99 6.78
CA UNK UA 10 65.84 45.94 7.13
C UNK UA 10 65.48 47.01 8.17
N UNK UA 11 66.43 47.39 9.03
CA UNK UA 11 66.17 48.46 9.99
C UNK UA 11 66.15 49.82 9.32
N UNK UA 12 66.95 50.00 8.27
CA UNK UA 12 66.87 51.23 7.49
C UNK UA 12 65.62 51.25 6.60
N UNK UA 13 65.19 50.09 6.11
CA UNK UA 13 63.95 49.97 5.37
C UNK UA 13 62.72 49.89 6.26
N UNK UA 14 62.91 49.88 7.59
CA UNK UA 14 61.78 49.97 8.50
C UNK UA 14 61.09 51.32 8.44
N UNK UA 15 61.79 52.37 8.01
CA UNK UA 15 61.13 53.64 7.72
C UNK UA 15 60.16 53.49 6.53
N UNK UA 16 60.59 52.75 5.51
CA UNK UA 16 59.69 52.43 4.40
C UNK UA 16 58.58 51.49 4.82
N UNK UA 17 58.85 50.62 5.81
CA UNK UA 17 57.82 49.74 6.35
C UNK UA 17 56.76 50.53 7.12
N UNK UA 18 57.20 51.55 7.87
CA UNK UA 18 56.26 52.42 8.56
C UNK UA 18 55.50 53.32 7.57
N UNK UA 19 56.15 53.70 6.47
CA UNK UA 19 55.45 54.40 5.40
C UNK UA 19 54.42 53.50 4.74
N UNK UA 20 54.73 52.20 4.61
CA UNK UA 20 53.78 51.24 4.08
C UNK UA 20 52.63 51.01 5.05
N UNK UA 21 52.90 51.07 6.35
CA UNK UA 21 51.84 50.97 7.36
C UNK UA 21 50.94 52.19 7.33
N UNK UA 22 51.52 53.37 7.14
CA UNK UA 22 50.72 54.59 6.98
C UNK UA 22 49.93 54.56 5.68
N UNK UA 23 50.49 53.95 4.63
CA UNK UA 23 49.76 53.78 3.38
C UNK UA 23 48.60 52.81 3.53
N UNK UA 24 48.79 51.74 4.32
CA UNK UA 24 47.71 50.81 4.59
C UNK UA 24 46.64 51.46 5.46
N UNK UA 25 47.04 52.38 6.35
CA UNK UA 25 46.07 53.10 7.17
C UNK UA 25 45.31 54.15 6.36
N UNK UA 26 45.95 54.72 5.34
CA UNK UA 26 45.28 55.72 4.50
C UNK UA 26 44.52 55.10 3.33
N UNK UA 27 44.77 53.83 3.02
CA UNK UA 27 44.09 53.18 1.91
C UNK UA 27 42.60 52.96 2.22
N UNK UA 28 42.31 52.27 3.32
CA UNK UA 28 40.93 52.00 3.71
C UNK UA 28 40.28 53.18 4.43
N UNK UA 29 41.02 54.26 4.70
CA UNK UA 29 40.48 55.41 5.40
C UNK UA 29 39.39 56.10 4.59
N UNK UA 30 39.66 56.34 3.31
CA UNK UA 30 38.63 56.88 2.43
C UNK UA 30 37.62 55.81 2.02
N UNK UA 31 38.02 54.54 2.03
CA UNK UA 31 37.12 53.47 1.61
C UNK UA 31 36.01 53.23 2.63
N UNK UA 32 36.32 53.43 3.92
CA UNK UA 32 35.31 53.28 4.96
C UNK UA 32 34.23 54.36 4.85
N UNK UA 33 34.66 55.62 4.66
CA UNK UA 33 33.69 56.70 4.46
C UNK UA 33 32.99 56.61 3.11
N UNK UA 34 33.59 55.95 2.13
CA UNK UA 34 32.91 55.72 0.86
C UNK UA 34 31.83 54.66 0.99
N UNK UA 35 32.13 53.57 1.70
CA UNK UA 35 31.15 52.51 1.90
C UNK UA 35 30.05 52.95 2.86
N UNK UA 36 30.36 53.86 3.78
CA UNK UA 36 29.36 54.36 4.70
C UNK UA 36 28.37 55.32 4.07
N UNK UA 37 28.69 55.89 2.91
CA UNK UA 37 27.92 56.99 2.35
C UNK UA 37 26.53 56.54 1.88
N UNK UA 38 26.48 55.52 1.02
CA UNK UA 38 25.20 55.05 0.50
C UNK UA 38 24.37 54.37 1.57
N UNK UA 39 25.03 53.71 2.53
CA UNK UA 39 24.31 53.07 3.63
C UNK UA 39 23.68 54.12 4.55
N UNK UA 40 24.41 55.19 4.84
CA UNK UA 40 23.86 56.25 5.68
C UNK UA 40 22.79 57.04 4.94
N UNK UA 41 22.93 57.17 3.62
CA UNK UA 41 21.89 57.84 2.83
C UNK UA 41 20.62 57.00 2.76
N UNK UA 42 20.77 55.68 2.70
CA UNK UA 42 19.60 54.80 2.81
C UNK UA 42 19.01 54.85 4.20
N UNK UA 43 19.84 55.06 5.22
CA UNK UA 43 19.34 55.26 6.58
C UNK UA 43 18.95 56.70 6.85
N UNK UA 44 19.23 57.62 5.94
CA UNK UA 44 18.90 59.02 6.14
C UNK UA 44 17.40 59.23 5.99
N UNK UA 45 16.80 59.86 7.00
CA UNK UA 45 15.41 60.31 6.90
C UNK UA 45 15.39 61.62 6.12
N UNK UA 46 14.94 61.57 4.87
CA UNK UA 46 14.94 62.75 4.02
C UNK UA 46 13.85 63.74 4.44
N UNK UA 47 12.59 63.30 4.38
CA UNK UA 47 11.44 64.09 4.84
C UNK UA 47 10.59 63.16 5.69
N UNK UA 48 10.87 63.10 6.99
CA UNK UA 48 10.19 62.20 7.90
C UNK UA 48 9.13 62.89 8.74
N UNK UA 49 8.86 64.17 8.49
CA UNK UA 49 7.83 64.86 9.26
C UNK UA 49 6.44 64.37 8.88
N UNK UA 50 6.08 64.50 7.61
CA UNK UA 50 4.80 64.04 7.12
C UNK UA 50 4.80 62.57 6.75
N UNK UA 51 5.96 61.91 6.77
CA UNK UA 51 6.04 60.51 6.39
C UNK UA 51 5.41 59.63 7.46
N UNK UA 52 5.96 59.67 8.68
CA UNK UA 52 5.45 58.82 9.76
C UNK UA 52 4.17 59.37 10.37
N UNK UA 53 3.83 60.64 10.10
CA UNK UA 53 2.64 61.25 10.68
C UNK UA 53 1.37 60.59 10.17
N UNK UA 54 1.22 60.49 8.85
CA UNK UA 54 0.11 59.75 8.28
C UNK UA 54 0.32 58.25 8.38
N UNK UA 55 1.57 57.79 8.52
CA UNK UA 55 1.80 56.36 8.66
C UNK UA 55 1.34 55.85 10.02
N UNK UA 56 1.33 56.72 11.04
CA UNK UA 56 0.73 56.35 12.31
C UNK UA 56 -0.77 56.14 12.17
N UNK UA 57 -1.43 56.96 11.37
CA UNK UA 57 -2.86 56.75 11.12
C UNK UA 57 -3.09 55.52 10.25
N UNK UA 58 -2.17 55.24 9.33
CA UNK UA 58 -2.26 54.02 8.53
C UNK UA 58 -2.09 52.78 9.39
N UNK UA 59 -1.17 52.84 10.36
CA UNK UA 59 -1.00 51.73 11.29
C UNK UA 59 -2.19 51.60 12.24
N UNK UA 60 -2.82 52.72 12.60
CA UNK UA 60 -4.02 52.66 13.43
C UNK UA 60 -5.18 52.05 12.66
N UNK UA 61 -5.31 52.38 11.37
CA UNK UA 61 -6.35 51.77 10.55
C UNK UA 61 -6.07 50.29 10.31
N UNK UA 62 -4.80 49.93 10.15
CA UNK UA 62 -4.43 48.53 9.99
C UNK UA 62 -4.68 47.74 11.28
N UNK UA 63 -4.46 48.38 12.43
CA UNK UA 63 -4.74 47.71 13.70
C UNK UA 63 -6.25 47.60 13.95
N UNK UA 64 -7.02 48.57 13.45
CA UNK UA 64 -8.47 48.46 13.53
C UNK UA 64 -9.00 47.37 12.61
N UNK UA 65 -8.37 47.19 11.44
CA UNK UA 65 -8.73 46.10 10.55
C UNK UA 65 -8.15 44.76 10.99
N UNK UA 66 -7.18 44.78 11.92
CA UNK UA 66 -6.55 43.55 12.36
C UNK UA 66 -7.48 42.66 13.17
N UNK UA 67 -8.52 43.26 13.77
CA UNK UA 67 -9.50 42.47 14.53
C UNK UA 67 -10.29 41.53 13.64
N UNK UA 68 -10.45 41.88 12.36
CA UNK UA 68 -11.02 40.97 11.37
C UNK UA 68 -9.97 40.25 10.54
N UNK UA 69 -8.77 40.82 10.41
CA UNK UA 69 -7.73 40.19 9.61
C UNK UA 69 -7.14 38.98 10.32
N UNK UA 70 -6.99 39.06 11.64
CA UNK UA 70 -6.47 37.91 12.39
C UNK UA 70 -7.52 36.81 12.49
N UNK UA 71 -8.80 37.19 12.55
CA UNK UA 71 -9.87 36.20 12.53
C UNK UA 71 -10.11 35.63 11.14
N UNK UA 72 -9.67 36.33 10.09
CA UNK UA 72 -9.83 35.86 8.73
C UNK UA 72 -8.55 35.32 8.11
N UNK UA 73 -7.41 35.46 8.82
CA UNK UA 73 -6.08 35.00 8.39
C UNK UA 73 -5.68 35.59 7.04
N UNK UA 74 -5.75 36.92 6.96
CA UNK UA 74 -5.36 37.61 5.72
C UNK UA 74 -3.85 37.67 5.56
N UNK UA 75 -3.09 37.51 6.64
CA UNK UA 75 -1.64 37.51 6.57
C UNK UA 75 -1.06 36.10 6.42
N UNK UA 76 -1.71 35.11 7.01
CA UNK UA 76 -1.21 33.73 6.93
C UNK UA 76 -1.47 33.12 5.56
N UNK UA 77 -2.46 33.64 4.83
CA UNK UA 77 -2.75 33.11 3.50
C UNK UA 77 -1.74 33.54 2.46
N UNK UA 78 -0.91 34.54 2.77
CA UNK UA 78 0.14 34.98 1.87
C UNK UA 78 1.53 34.48 2.28
N UNK UA 79 1.62 33.79 3.42
CA UNK UA 79 2.90 33.29 3.92
C UNK UA 79 3.08 31.80 3.66
N UNK UA 80 2.54 31.30 2.55
CA UNK UA 80 2.68 29.87 2.25
C UNK UA 80 3.96 29.59 1.50
N UNK UA 81 4.49 30.61 0.78
CA UNK UA 81 5.95 30.74 0.56
C UNK UA 81 6.67 31.05 1.87
N UNK UA 82 7.92 30.60 1.95
CA UNK UA 82 8.79 30.85 3.10
C UNK UA 82 9.80 31.96 2.84
N UNK UA 83 9.63 32.74 1.77
CA UNK UA 83 10.61 33.75 1.39
C UNK UA 83 10.34 35.08 2.08
N UNK UA 84 9.07 35.37 2.39
CA UNK UA 84 8.74 36.61 3.06
C UNK UA 84 9.11 36.61 4.54
N UNK UA 85 9.40 35.42 5.10
CA UNK UA 85 9.83 35.34 6.49
C UNK UA 85 11.21 35.98 6.67
N UNK UA 86 12.04 35.96 5.64
CA UNK UA 86 13.34 36.64 5.69
C UNK UA 86 13.16 38.15 5.79
N UNK UA 87 12.23 38.70 5.00
CA UNK UA 87 11.92 40.13 5.12
C UNK UA 87 11.20 40.45 6.42
N UNK UA 88 10.47 39.48 7.00
CA UNK UA 88 9.84 39.72 8.28
C UNK UA 88 10.83 39.69 9.44
N UNK UA 89 11.91 38.92 9.30
CA UNK UA 89 12.91 38.77 10.35
C UNK UA 89 14.12 39.68 10.19
N UNK UA 90 14.29 40.31 9.02
CA UNK UA 90 15.47 41.14 8.81
C UNK UA 90 15.41 42.43 9.62
N UNK UA 91 14.27 43.11 9.60
CA UNK UA 91 14.16 44.40 10.26
C UNK UA 91 14.06 44.30 11.78
N UNK UA 92 13.77 43.12 12.33
CA UNK UA 92 13.59 42.98 13.77
C UNK UA 92 14.92 43.13 14.50
N UNK UA 93 15.96 42.47 13.98
CA UNK UA 93 17.30 42.62 14.56
C UNK UA 93 17.81 44.04 14.39
N UNK UA 94 17.50 44.67 13.25
CA UNK UA 94 17.88 46.06 13.02
C UNK UA 94 17.21 47.00 14.01
N UNK UA 95 15.93 46.75 14.31
CA UNK UA 95 15.21 47.58 15.26
C UNK UA 95 15.72 47.41 16.68
N UNK UA 96 15.90 46.15 17.11
CA UNK UA 96 16.38 45.89 18.47
C UNK UA 96 17.81 46.40 18.66
N UNK UA 97 18.63 46.31 17.61
CA UNK UA 97 20.00 46.73 17.77
C UNK UA 97 20.16 48.23 17.60
N UNK UA 98 19.30 48.90 16.82
CA UNK UA 98 19.31 50.36 16.82
C UNK UA 98 18.80 50.89 18.15
N UNK UA 99 17.86 50.17 18.77
CA UNK UA 99 17.43 50.47 20.14
C UNK UA 99 18.59 50.36 21.11
N UNK UA 100 19.41 49.31 20.95
CA UNK UA 100 20.59 49.17 21.80
C UNK UA 100 21.64 50.23 21.50
N UNK UA 101 21.74 50.66 20.24
CA UNK UA 101 22.72 51.67 19.86
C UNK UA 101 22.35 53.03 20.44
N UNK UA 102 21.07 53.36 20.44
CA UNK UA 102 20.64 54.57 21.12
C UNK UA 102 20.67 54.40 22.63
N UNK UA 103 20.53 53.16 23.11
CA UNK UA 103 20.60 52.87 24.53
C UNK UA 103 22.01 53.03 25.07
N UNK UA 104 23.02 52.92 24.21
CA UNK UA 104 24.41 53.11 24.61
C UNK UA 104 24.78 54.56 24.91
N UNK UA 105 23.85 55.51 24.80
CA UNK UA 105 24.16 56.92 25.00
C UNK UA 105 24.33 57.29 26.46
N UNK UA 106 24.04 56.38 27.39
CA UNK UA 106 24.19 56.65 28.81
C UNK UA 106 25.66 56.69 29.22
N MET VA 1 24.07 1.57 0.95
CA MET VA 1 24.56 2.27 2.13
C MET VA 1 25.71 1.48 2.74
N LEU VA 2 25.38 0.56 3.64
CA LEU VA 2 26.34 -0.29 4.33
C LEU VA 2 25.74 -1.68 4.44
N LYS VA 3 26.49 -2.69 4.06
CA LYS VA 3 26.03 -4.07 4.18
C LYS VA 3 26.65 -4.67 5.44
N ARG VA 4 25.79 -5.02 6.40
CA ARG VA 4 26.26 -5.61 7.65
C ARG VA 4 26.85 -6.99 7.40
N PHE VA 5 28.06 -7.20 7.90
CA PHE VA 5 28.70 -8.50 7.79
C PHE VA 5 28.74 -9.16 9.15
N PRO VA 6 28.30 -10.40 9.27
CA PRO VA 6 28.25 -11.05 10.59
C PRO VA 6 29.61 -11.50 11.07
N THR VA 7 30.33 -10.58 11.70
CA THR VA 7 31.65 -10.90 12.24
C THR VA 7 31.49 -11.53 13.61
N PRO VA 8 32.30 -12.52 13.96
CA PRO VA 8 32.21 -13.08 15.31
C PRO VA 8 32.75 -12.15 16.38
N ILE VA 9 31.86 -11.54 17.14
CA ILE VA 9 32.24 -10.62 18.20
C ILE VA 9 31.77 -11.07 19.57
N LEU VA 10 31.33 -12.31 19.70
CA LEU VA 10 30.93 -12.84 21.00
C LEU VA 10 31.71 -14.07 21.41
N LYS VA 11 32.03 -14.97 20.48
CA LYS VA 11 32.88 -16.11 20.75
C LYS VA 11 34.36 -15.78 20.70
N VAL VA 12 34.69 -14.50 20.73
CA VAL VA 12 36.08 -14.01 20.78
C VAL VA 12 36.30 -13.12 21.99
N TYR VA 13 35.34 -12.25 22.29
CA TYR VA 13 35.51 -11.17 23.26
C TYR VA 13 34.73 -11.38 24.56
N TRP VA 14 34.36 -12.60 24.90
CA TRP VA 14 33.60 -12.81 26.13
C TRP VA 14 34.32 -12.43 27.43
N PRO VA 15 35.64 -12.65 27.65
CA PRO VA 15 36.17 -12.26 28.96
C PRO VA 15 36.25 -10.77 29.14
N PHE VA 16 36.34 -10.02 28.04
CA PHE VA 16 36.27 -8.56 28.11
C PHE VA 16 34.90 -8.12 28.62
N PHE VA 17 33.84 -8.80 28.19
CA PHE VA 17 32.50 -8.42 28.61
C PHE VA 17 32.23 -8.86 30.04
N VAL VA 18 32.74 -10.04 30.42
CA VAL VA 18 32.61 -10.50 31.80
C VAL VA 18 33.36 -9.57 32.75
N ALA VA 19 34.55 -9.15 32.35
CA ALA VA 19 35.32 -8.18 33.13
C ALA VA 19 34.60 -6.84 33.18
N GLY VA 20 33.92 -6.48 32.10
CA GLY VA 20 33.16 -5.23 32.09
C GLY VA 20 32.02 -5.24 33.08
N ALA VA 21 31.31 -6.36 33.15
CA ALA VA 21 30.24 -6.50 34.14
C ALA VA 21 30.79 -6.48 35.56
N ALA VA 22 31.94 -7.14 35.77
CA ALA VA 22 32.53 -7.18 37.11
C ALA VA 22 33.00 -5.80 37.56
N VAL VA 23 33.63 -5.04 36.65
CA VAL VA 23 34.09 -3.70 37.01
C VAL VA 23 32.91 -2.76 37.18
N TYR VA 24 31.84 -2.98 36.41
CA TYR VA 24 30.60 -2.22 36.56
C TYR VA 24 30.02 -2.39 37.96
N TYR VA 25 29.95 -3.65 38.42
CA TYR VA 25 29.41 -3.95 39.74
C TYR VA 25 30.30 -3.42 40.85
N GLY VA 26 31.61 -3.60 40.70
CA GLY VA 26 32.54 -3.13 41.72
C GLY VA 26 32.60 -1.62 41.81
N MET VA 27 32.36 -0.94 40.69
CA MET VA 27 32.35 0.52 40.73
C MET VA 27 31.01 1.03 41.25
N SER VA 28 29.95 0.24 41.06
CA SER VA 28 28.68 0.56 41.70
C SER VA 28 28.80 0.57 43.21
N LYS VA 29 29.40 -0.49 43.77
CA LYS VA 29 29.57 -0.52 45.22
C LYS VA 29 30.57 0.53 45.70
N ALA VA 30 31.57 0.85 44.88
CA ALA VA 30 32.53 1.88 45.26
C ALA VA 30 31.89 3.27 45.25
N ALA VA 31 30.99 3.51 44.30
CA ALA VA 31 30.28 4.78 44.24
C ALA VA 31 29.33 4.93 45.40
N ASP VA 32 28.65 3.83 45.78
CA ASP VA 32 27.75 3.89 46.93
C ASP VA 32 28.52 4.08 48.23
N LEU VA 33 29.73 3.52 48.31
CA LEU VA 33 30.53 3.73 49.52
C LEU VA 33 31.12 5.12 49.56
N SER VA 34 31.39 5.72 48.40
CA SER VA 34 31.99 7.04 48.39
C SER VA 34 30.96 8.15 48.50
N SER VA 35 29.70 7.85 48.19
CA SER VA 35 28.67 8.89 48.20
C SER VA 35 28.15 9.18 49.59
N ASN VA 36 28.64 8.48 50.61
CA ASN VA 36 28.21 8.70 51.98
C ASN VA 36 29.32 9.22 52.88
N THR VA 37 30.35 9.83 52.31
CA THR VA 37 31.46 10.32 53.12
C THR VA 37 31.10 11.65 53.77
N LYS VA 38 32.03 12.15 54.60
CA LYS VA 38 31.79 13.40 55.31
C LYS VA 38 31.77 14.59 54.38
N GLU VA 39 32.63 14.58 53.36
CA GLU VA 39 32.70 15.69 52.42
C GLU VA 39 31.46 15.73 51.53
N PHE VA 40 30.99 14.57 51.10
CA PHE VA 40 29.87 14.48 50.17
C PHE VA 40 28.73 13.74 50.83
N ILE VA 41 27.99 14.44 51.70
CA ILE VA 41 26.75 13.91 52.24
C ILE VA 41 25.74 15.05 52.17
N ASN VA 42 26.25 16.25 51.92
CA ASN VA 42 25.43 17.44 51.75
C ASN VA 42 25.66 18.09 50.39
N ASP VA 43 25.97 17.33 49.39
CA ASP VA 43 25.91 17.83 48.03
C ASP VA 43 24.55 17.47 47.46
N PRO VA 44 23.70 18.45 47.15
CA PRO VA 44 22.28 18.13 46.94
C PRO VA 44 21.95 17.40 45.63
N ARG VA 45 22.95 17.07 44.82
CA ARG VA 45 22.62 16.41 43.56
C ARG VA 45 22.86 14.91 43.61
N ASN VA 46 23.16 14.37 44.79
CA ASN VA 46 23.30 12.93 44.92
C ASN VA 46 21.92 12.26 44.88
N PRO VA 47 21.82 11.01 44.44
CA PRO VA 47 20.51 10.38 44.31
C PRO VA 47 19.89 9.91 45.62
N ARG VA 48 20.43 10.27 46.77
CA ARG VA 48 19.75 9.96 48.02
C ARG VA 48 18.48 10.80 48.17
N PHE VA 49 18.57 12.08 47.79
CA PHE VA 49 17.49 13.02 48.09
C PHE VA 49 16.29 12.80 47.19
N ALA VA 50 16.49 12.20 46.01
CA ALA VA 50 15.36 11.94 45.12
C ALA VA 50 14.48 10.80 45.59
N LYS VA 51 14.93 10.01 46.55
CA LYS VA 51 14.10 8.94 47.11
C LYS VA 51 14.15 9.00 48.64
N GLY VA 52 13.13 9.60 49.23
CA GLY VA 52 12.98 9.53 50.67
C GLY VA 52 13.88 10.46 51.47
N GLY VA 53 14.90 9.88 52.10
CA GLY VA 53 15.72 10.47 53.15
C GLY VA 53 16.28 11.85 52.91
N LYS VA 54 16.46 12.61 54.00
CA LYS VA 54 16.87 14.01 53.91
C LYS VA 54 17.76 14.33 55.09
N PHE VA 55 18.99 14.78 54.79
CA PHE VA 55 19.79 15.64 55.68
C PHE VA 55 20.10 14.99 57.03
N VAL VA 56 21.01 14.02 56.98
CA VAL VA 56 21.67 13.57 58.21
C VAL VA 56 22.28 14.76 58.93
N GLU VA 57 23.24 15.44 58.28
CA GLU VA 57 23.75 16.77 58.66
C GLU VA 57 24.28 16.84 60.09
N VAL VA 58 24.89 15.74 60.54
CA VAL VA 58 25.51 15.68 61.85
C VAL VA 58 26.96 15.27 61.62
N ASP VA 59 27.86 16.25 61.62
CA ASP VA 59 29.28 15.99 61.39
C ASP VA 59 30.13 16.73 62.42
N TYR WA 5 62.69 -25.76 32.79
CA TYR WA 5 62.60 -27.19 33.05
C TYR WA 5 63.60 -27.57 34.13
N HIS WA 6 63.26 -27.23 35.37
CA HIS WA 6 64.19 -27.35 36.48
C HIS WA 6 64.30 -28.80 36.94
N PHE WA 7 65.25 -29.05 37.84
CA PHE WA 7 65.46 -30.38 38.41
C PHE WA 7 65.88 -30.19 39.86
N MET WA 8 64.91 -30.27 40.78
CA MET WA 8 65.15 -30.03 42.20
C MET WA 8 65.38 -31.35 42.92
N GLY WA 9 66.63 -31.58 43.34
CA GLY WA 9 66.99 -32.76 44.12
C GLY WA 9 66.84 -34.06 43.35
N LYS WA 10 67.08 -34.00 42.03
CA LYS WA 10 66.95 -35.11 41.09
C LYS WA 10 65.56 -35.74 41.10
N ALA WA 11 64.53 -34.95 41.42
CA ALA WA 11 63.16 -35.45 41.46
C ALA WA 11 62.54 -35.33 40.07
N ILE WA 12 61.21 -35.47 40.01
CA ILE WA 12 60.45 -35.13 38.81
C ILE WA 12 60.67 -33.66 38.49
N PRO WA 13 60.93 -33.30 37.23
CA PRO WA 13 61.10 -31.89 36.87
C PRO WA 13 59.81 -31.11 37.10
N PRO WA 14 59.86 -30.06 37.91
CA PRO WA 14 58.63 -29.35 38.30
C PRO WA 14 58.05 -28.57 37.14
N HIS WA 15 56.76 -28.30 37.24
CA HIS WA 15 55.94 -27.69 36.19
C HIS WA 15 56.42 -26.29 35.80
N GLN WA 16 56.25 -25.31 36.67
CA GLN WA 16 56.82 -23.98 36.50
C GLN WA 16 57.28 -23.34 37.80
N LEU WA 17 56.90 -23.88 38.97
CA LEU WA 17 57.22 -23.52 40.36
C LEU WA 17 56.47 -22.26 40.81
N ALA WA 18 55.74 -21.58 39.93
CA ALA WA 18 55.24 -20.25 40.22
C ALA WA 18 54.06 -20.25 41.19
N ILE WA 19 53.29 -21.33 41.23
CA ILE WA 19 52.07 -21.32 42.03
C ILE WA 19 52.38 -21.50 43.52
N GLY WA 20 53.46 -22.21 43.84
CA GLY WA 20 53.75 -22.54 45.22
C GLY WA 20 54.19 -21.35 46.05
N THR WA 21 54.95 -20.43 45.45
CA THR WA 21 55.38 -19.23 46.17
C THR WA 21 54.19 -18.33 46.46
N LEU WA 22 53.28 -18.19 45.48
CA LEU WA 22 52.06 -17.43 45.69
C LEU WA 22 51.18 -18.08 46.73
N GLY WA 23 51.16 -19.41 46.79
CA GLY WA 23 50.41 -20.09 47.83
C GLY WA 23 51.03 -19.93 49.20
N LEU WA 24 52.36 -19.85 49.27
CA LEU WA 24 53.01 -19.62 50.56
C LEU WA 24 52.74 -18.22 51.07
N LEU WA 25 52.87 -17.21 50.20
CA LEU WA 25 52.59 -15.85 50.64
C LEU WA 25 51.10 -15.55 50.74
N GLY WA 26 50.24 -16.43 50.22
CA GLY WA 26 48.81 -16.22 50.37
C GLY WA 26 48.34 -16.46 51.79
N LEU WA 27 48.86 -17.50 52.44
CA LEU WA 27 48.48 -17.86 53.80
C LEU WA 27 49.41 -17.14 54.76
N LEU WA 28 49.13 -15.86 54.99
CA LEU WA 28 49.91 -15.05 55.91
C LEU WA 28 49.04 -13.88 56.38
N LYS XA 4 139.73 -46.02 -85.06
CA LYS XA 4 140.01 -46.80 -86.27
C LYS XA 4 140.40 -45.88 -87.43
N ALA XA 5 139.47 -45.03 -87.84
CA ALA XA 5 139.71 -44.10 -88.94
C ALA XA 5 140.34 -42.81 -88.42
N GLN XA 6 140.93 -42.06 -89.34
CA GLN XA 6 141.57 -40.79 -89.01
C GLN XA 6 141.22 -39.73 -90.05
N PRO XA 7 141.72 -38.50 -89.90
CA PRO XA 7 141.40 -37.46 -90.88
C PRO XA 7 142.54 -37.20 -91.85
N THR XA 8 142.87 -35.92 -92.05
CA THR XA 8 143.95 -35.51 -92.94
C THR XA 8 143.76 -36.07 -94.34
N GLU XA 9 144.48 -37.15 -94.66
CA GLU XA 9 144.39 -37.78 -95.97
C GLU XA 9 143.08 -38.54 -96.07
N VAL XA 10 142.13 -38.00 -96.83
CA VAL XA 10 140.82 -38.63 -97.00
C VAL XA 10 140.22 -38.19 -98.33
N SER XA 11 139.99 -39.16 -99.22
CA SER XA 11 139.38 -38.91 -100.52
C SER XA 11 140.16 -37.87 -101.33
N SER XA 12 139.91 -36.60 -101.06
CA SER XA 12 140.58 -35.54 -101.82
C SER XA 12 142.06 -35.47 -101.47
N ILE XA 13 142.39 -35.45 -100.18
CA ILE XA 13 143.78 -35.38 -99.77
C ILE XA 13 144.49 -36.72 -99.93
N LEU XA 14 143.73 -37.82 -100.05
CA LEU XA 14 144.34 -39.14 -100.22
C LEU XA 14 144.72 -39.42 -101.67
N GLU XA 15 144.13 -38.71 -102.62
CA GLU XA 15 144.44 -38.91 -104.05
C GLU XA 15 145.41 -37.83 -104.53
N GLU XA 16 146.57 -37.79 -103.90
CA GLU XA 16 147.61 -36.82 -104.26
C GLU XA 16 149.00 -37.44 -104.13
N ARG XA 17 149.18 -38.29 -103.12
CA ARG XA 17 150.47 -38.95 -102.91
C ARG XA 17 150.65 -40.20 -103.74
N ILE XA 18 149.59 -40.69 -104.40
CA ILE XA 18 149.71 -41.89 -105.21
C ILE XA 18 150.39 -41.59 -106.55
N LYS XA 19 150.06 -40.45 -107.16
CA LYS XA 19 150.66 -40.08 -108.42
C LYS XA 19 152.07 -39.53 -108.24
N GLY XA 20 152.29 -38.77 -107.18
CA GLY XA 20 153.60 -38.19 -106.92
C GLY XA 20 153.81 -37.83 -105.47
N VAL XA 21 155.02 -38.06 -104.97
CA VAL XA 21 155.35 -37.75 -103.58
C VAL XA 21 156.11 -36.44 -103.52
N SER XA 22 155.61 -35.43 -104.23
CA SER XA 22 156.24 -34.12 -104.25
C SER XA 22 155.21 -33.02 -104.43
N ASP XA 23 154.74 -32.85 -105.67
CA ASP XA 23 153.74 -31.83 -106.00
C ASP XA 23 154.21 -30.44 -105.60
N GLU XA 24 153.89 -30.02 -104.39
CA GLU XA 24 154.28 -28.71 -103.87
C GLU XA 24 155.52 -28.85 -103.00
N ALA XA 25 156.47 -27.93 -103.19
CA ALA XA 25 157.71 -27.94 -102.42
C ALA XA 25 157.58 -27.25 -101.07
N ASN XA 26 156.40 -26.69 -100.75
CA ASN XA 26 156.21 -26.01 -99.47
C ASN XA 26 155.95 -27.02 -98.37
N THR XA 30 153.49 -23.31 -95.43
CA THR XA 30 152.08 -23.18 -95.82
C THR XA 30 151.29 -24.46 -95.65
N GLY XA 31 149.97 -24.30 -95.53
CA GLY XA 31 149.04 -25.43 -95.40
C GLY XA 31 147.75 -25.29 -96.20
N ARG XA 32 146.97 -26.36 -96.21
CA ARG XA 32 145.68 -26.38 -96.89
C ARG XA 32 144.59 -26.74 -95.91
N VAL XA 33 143.60 -25.86 -95.80
CA VAL XA 33 142.41 -26.18 -95.03
C VAL XA 33 141.77 -27.49 -95.52
N LEU XA 34 141.72 -28.49 -94.64
CA LEU XA 34 140.97 -29.71 -94.90
C LEU XA 34 139.47 -29.51 -94.73
N ALA XA 35 139.08 -28.86 -93.63
CA ALA XA 35 137.67 -28.57 -93.25
C ALA XA 35 137.55 -27.29 -92.40
N VAL XA 36 136.37 -26.68 -92.41
CA VAL XA 36 136.14 -25.54 -91.51
C VAL XA 36 134.69 -25.45 -91.03
N GLY XA 37 134.52 -25.01 -89.78
CA GLY XA 37 133.21 -24.77 -89.19
C GLY XA 37 133.34 -24.34 -87.74
N ASP XA 38 132.28 -23.75 -87.19
CA ASP XA 38 132.21 -23.40 -85.76
C ASP XA 38 133.51 -22.73 -85.23
N GLY XA 39 134.05 -21.77 -85.99
CA GLY XA 39 135.26 -21.05 -85.59
C GLY XA 39 136.54 -21.85 -85.66
N ILE XA 40 136.44 -23.15 -85.95
CA ILE XA 40 137.64 -24.00 -86.05
C ILE XA 40 137.95 -24.35 -87.51
N ALA XA 41 139.22 -24.33 -87.88
CA ALA XA 41 139.61 -24.90 -89.16
C ALA XA 41 140.77 -25.88 -89.01
N ARG XA 42 140.58 -27.06 -89.61
CA ARG XA 42 141.60 -28.11 -89.68
C ARG XA 42 142.41 -27.96 -90.94
N VAL XA 43 143.74 -27.97 -90.78
CA VAL XA 43 144.62 -27.65 -91.88
C VAL XA 43 145.73 -28.67 -92.03
N PHE XA 44 145.98 -29.04 -93.28
CA PHE XA 44 147.05 -29.94 -93.67
C PHE XA 44 148.36 -29.22 -93.84
N GLY XA 45 149.41 -29.80 -93.28
CA GLY XA 45 150.76 -29.24 -93.45
C GLY XA 45 151.12 -28.19 -92.42
N LEU XA 46 151.65 -27.07 -92.90
CA LEU XA 46 152.23 -26.07 -92.02
C LEU XA 46 153.18 -26.76 -91.07
N ASN XA 47 154.09 -27.54 -91.60
CA ASN XA 47 154.81 -28.52 -90.79
C ASN XA 47 155.81 -27.93 -89.80
N ASN XA 48 156.25 -26.72 -90.06
CA ASN XA 48 157.25 -26.08 -89.20
C ASN XA 48 156.64 -25.19 -88.16
N ILE XA 49 155.32 -25.25 -88.02
CA ILE XA 49 154.60 -24.30 -87.18
C ILE XA 49 154.85 -24.56 -85.69
N GLN XA 50 154.97 -23.47 -84.94
CA GLN XA 50 155.08 -23.54 -83.48
C GLN XA 50 153.72 -23.57 -82.83
N ALA XA 51 153.63 -24.23 -81.68
CA ALA XA 51 152.41 -24.25 -80.89
C ALA XA 51 152.05 -22.83 -80.45
N GLU XA 52 150.87 -22.39 -80.85
CA GLU XA 52 150.34 -21.07 -80.52
C GLU XA 52 150.90 -20.00 -81.48
N GLU XA 53 151.35 -20.46 -82.63
CA GLU XA 53 151.74 -19.56 -83.70
C GLU XA 53 150.51 -18.96 -84.34
N LEU XA 54 150.54 -17.65 -84.57
CA LEU XA 54 149.50 -16.96 -85.30
C LEU XA 54 149.62 -17.31 -86.78
N VAL XA 55 148.51 -17.62 -87.44
CA VAL XA 55 148.52 -17.81 -88.91
C VAL XA 55 147.47 -17.02 -89.67
N GLU XA 56 147.66 -16.97 -90.99
CA GLU XA 56 146.85 -16.14 -91.83
C GLU XA 56 146.32 -16.92 -93.00
N PHE XA 57 145.07 -16.64 -93.33
CA PHE XA 57 144.33 -17.39 -94.33
C PHE XA 57 144.28 -16.58 -95.61
N SER XA 58 144.06 -17.25 -96.74
CA SER XA 58 143.91 -16.61 -98.07
C SER XA 58 142.99 -15.38 -98.07
N SER XA 59 141.91 -15.46 -97.30
CA SER XA 59 140.91 -14.40 -97.21
C SER XA 59 141.37 -13.22 -96.36
N GLY XA 60 142.40 -13.44 -95.54
CA GLY XA 60 142.93 -12.39 -94.67
C GLY XA 60 142.58 -12.48 -93.20
N VAL XA 61 141.65 -13.35 -92.84
CA VAL XA 61 141.36 -13.57 -91.42
C VAL XA 61 142.54 -14.29 -90.78
N LYS XA 62 142.82 -13.96 -89.53
CA LYS XA 62 143.93 -14.58 -88.85
C LYS XA 62 143.34 -15.62 -87.96
N GLY XA 63 144.18 -16.49 -87.44
CA GLY XA 63 143.76 -17.52 -86.48
C GLY XA 63 145.00 -18.04 -85.76
N MET XA 64 144.83 -18.79 -84.67
CA MET XA 64 146.02 -19.38 -84.07
C MET XA 64 145.98 -20.87 -83.99
N ALA XA 65 147.16 -21.49 -84.05
CA ALA XA 65 147.26 -22.94 -84.07
C ALA XA 65 147.41 -23.42 -82.64
N LEU XA 66 146.46 -24.23 -82.20
CA LEU XA 66 146.44 -24.70 -80.81
C LEU XA 66 146.72 -26.19 -80.69
N ASN XA 67 146.08 -27.01 -81.54
CA ASN XA 67 146.37 -28.44 -81.60
C ASN XA 67 147.31 -28.72 -82.77
N LEU XA 68 148.48 -29.28 -82.45
CA LEU XA 68 149.36 -29.79 -83.48
C LEU XA 68 149.30 -31.30 -83.47
N GLU XA 69 148.61 -31.84 -84.46
CA GLU XA 69 148.32 -33.27 -84.55
C GLU XA 69 149.15 -33.89 -85.65
N PRO XA 70 149.36 -35.22 -85.59
CA PRO XA 70 150.12 -35.97 -86.59
C PRO XA 70 149.92 -35.46 -88.01
N GLY XA 71 148.69 -35.51 -88.52
CA GLY XA 71 148.44 -35.13 -89.91
C GLY XA 71 148.02 -33.70 -90.19
N GLN XA 72 147.55 -32.99 -89.17
CA GLN XA 72 146.85 -31.76 -89.42
C GLN XA 72 147.10 -30.80 -88.26
N VAL XA 73 146.85 -29.52 -88.50
CA VAL XA 73 146.95 -28.54 -87.43
C VAL XA 73 145.54 -28.09 -87.11
N GLY XA 74 145.28 -27.80 -85.84
CA GLY XA 74 143.97 -27.32 -85.42
C GLY XA 74 144.02 -25.85 -85.11
N ILE XA 75 143.53 -25.03 -86.04
CA ILE XA 75 143.61 -23.57 -85.90
C ILE XA 75 142.27 -23.03 -85.52
N VAL XA 76 142.27 -22.13 -84.52
CA VAL XA 76 141.09 -21.37 -84.06
C VAL XA 76 141.01 -20.02 -84.80
N LEU XA 77 139.80 -19.61 -85.20
CA LEU XA 77 139.69 -18.39 -86.03
C LEU XA 77 139.49 -17.09 -85.25
N PHE XA 78 140.04 -15.99 -85.75
CA PHE XA 78 139.78 -14.70 -85.12
C PHE XA 78 138.59 -13.98 -85.73
N GLY XA 79 138.05 -14.49 -86.84
CA GLY XA 79 136.95 -13.80 -87.53
C GLY XA 79 135.94 -14.79 -88.02
N SER XA 80 134.91 -14.30 -88.70
CA SER XA 80 133.86 -15.19 -89.20
C SER XA 80 134.46 -16.24 -90.11
N ASP XA 81 134.11 -17.50 -89.89
CA ASP XA 81 134.58 -18.59 -90.74
C ASP XA 81 133.82 -18.70 -92.07
N ARG XA 82 132.92 -17.76 -92.34
CA ARG XA 82 132.36 -17.63 -93.67
C ARG XA 82 133.47 -17.28 -94.65
N LEU XA 83 134.54 -16.68 -94.14
CA LEU XA 83 135.68 -16.23 -94.94
C LEU XA 83 136.56 -17.38 -95.41
N VAL XA 84 136.47 -18.49 -94.71
CA VAL XA 84 137.34 -19.60 -94.94
C VAL XA 84 136.58 -20.64 -95.77
N LYS XA 85 137.27 -21.25 -96.74
CA LYS XA 85 136.74 -22.41 -97.47
C LYS XA 85 137.69 -23.60 -97.45
N GLU XA 86 137.16 -24.79 -97.68
CA GLU XA 86 137.97 -26.00 -97.86
C GLU XA 86 138.95 -25.79 -99.02
N GLY XA 87 140.22 -26.14 -98.79
CA GLY XA 87 141.25 -26.17 -99.85
C GLY XA 87 142.10 -24.92 -99.90
N GLU XA 88 141.59 -23.88 -99.23
CA GLU XA 88 142.24 -22.59 -99.11
C GLU XA 88 143.70 -22.73 -98.65
N LEU XA 89 144.53 -21.74 -99.01
CA LEU XA 89 145.93 -21.68 -98.60
C LEU XA 89 146.07 -20.98 -97.24
N VAL XA 90 146.94 -21.51 -96.39
CA VAL XA 90 147.20 -20.90 -95.08
C VAL XA 90 148.68 -20.61 -94.91
N LYS XA 91 149.02 -19.41 -94.43
CA LYS XA 91 150.41 -19.02 -94.27
C LYS XA 91 150.79 -18.86 -92.81
N ARG XA 92 151.87 -19.54 -92.42
CA ARG XA 92 152.60 -19.25 -91.19
C ARG XA 92 152.88 -17.78 -91.10
N THR XA 93 152.84 -17.23 -89.90
CA THR XA 93 153.43 -15.92 -89.71
C THR XA 93 154.66 -16.02 -88.81
N GLY XA 94 155.04 -17.25 -88.47
CA GLY XA 94 156.21 -17.52 -87.64
C GLY XA 94 156.21 -16.73 -86.35
N ASN XA 95 155.02 -16.48 -85.80
CA ASN XA 95 154.86 -15.51 -84.72
C ASN XA 95 153.95 -15.96 -83.59
N ILE XA 96 154.51 -16.21 -82.41
CA ILE XA 96 153.69 -16.41 -81.22
C ILE XA 96 152.93 -15.12 -80.93
N VAL XA 97 151.64 -15.22 -80.64
CA VAL XA 97 150.84 -14.03 -80.34
C VAL XA 97 151.59 -13.06 -79.43
N ASP XA 98 151.77 -11.85 -79.91
CA ASP XA 98 152.33 -10.82 -79.05
C ASP XA 98 151.43 -9.59 -79.10
N VAL XA 99 151.90 -8.49 -78.52
CA VAL XA 99 151.10 -7.29 -78.40
C VAL XA 99 152.01 -6.09 -78.24
N PRO XA 100 151.63 -4.93 -78.84
CA PRO XA 100 152.46 -3.75 -78.56
C PRO XA 100 152.28 -3.33 -77.10
N VAL XA 101 153.35 -2.91 -76.46
CA VAL XA 101 153.31 -2.48 -75.07
C VAL XA 101 154.05 -1.17 -74.91
N GLY XA 102 153.78 -0.46 -73.82
CA GLY XA 102 154.41 0.85 -73.62
C GLY XA 102 153.42 1.99 -73.49
N PRO XA 103 153.90 3.13 -73.04
CA PRO XA 103 153.04 4.20 -72.60
C PRO XA 103 152.33 4.90 -73.74
N GLY XA 104 152.73 4.63 -74.97
CA GLY XA 104 152.03 5.21 -76.11
C GLY XA 104 150.64 4.64 -76.18
N LEU XA 105 150.29 3.80 -75.21
CA LEU XA 105 149.01 3.12 -75.20
C LEU XA 105 148.02 3.78 -74.24
N LEU XA 106 148.55 4.58 -73.32
CA LEU XA 106 147.75 5.26 -72.34
C LEU XA 106 146.69 6.09 -73.05
N GLY XA 107 145.45 6.01 -72.57
CA GLY XA 107 144.36 6.79 -73.11
C GLY XA 107 143.81 6.20 -74.39
N ARG XA 108 144.13 4.94 -74.68
CA ARG XA 108 143.77 4.29 -75.93
C ARG XA 108 142.82 3.15 -75.69
N VAL XA 109 142.04 2.82 -76.71
CA VAL XA 109 141.11 1.68 -76.64
C VAL XA 109 141.47 0.71 -77.75
N VAL XA 110 141.99 -0.44 -77.34
CA VAL XA 110 142.48 -1.44 -78.26
C VAL XA 110 141.62 -2.66 -78.19
N ASP XA 111 141.70 -3.51 -79.22
CA ASP XA 111 141.16 -4.86 -79.15
C ASP XA 111 142.22 -5.75 -78.51
N ALA XA 112 142.01 -7.05 -78.49
CA ALA XA 112 142.92 -7.91 -77.75
C ALA XA 112 144.27 -8.11 -78.43
N LEU XA 113 144.40 -7.76 -79.70
CA LEU XA 113 145.69 -7.94 -80.39
C LEU XA 113 146.51 -6.68 -80.42
N GLY XA 114 145.97 -5.63 -79.82
CA GLY XA 114 146.69 -4.37 -79.73
C GLY XA 114 146.22 -3.38 -80.79
N ASN XA 115 145.22 -3.77 -81.56
CA ASN XA 115 144.72 -2.88 -82.60
C ASN XA 115 143.92 -1.73 -82.05
N PRO XA 116 143.97 -0.58 -82.73
CA PRO XA 116 143.24 0.55 -82.23
C PRO XA 116 141.77 0.47 -82.62
N ILE XA 117 140.88 0.58 -81.66
CA ILE XA 117 139.47 0.50 -82.02
C ILE XA 117 138.71 1.84 -81.84
N ASP XA 118 139.46 2.93 -81.59
CA ASP XA 118 138.86 4.25 -81.23
C ASP XA 118 139.07 5.41 -82.24
N GLY XA 119 139.50 5.09 -83.45
CA GLY XA 119 139.72 6.08 -84.49
C GLY XA 119 140.84 7.08 -84.22
N LYS XA 120 141.84 6.67 -83.45
CA LYS XA 120 142.93 7.57 -83.07
C LYS XA 120 144.29 7.25 -83.70
N GLY XA 121 144.31 6.56 -84.83
CA GLY XA 121 145.57 6.24 -85.52
C GLY XA 121 146.37 5.12 -84.85
N PRO XA 122 147.59 4.85 -85.35
CA PRO XA 122 148.40 3.71 -84.94
C PRO XA 122 148.83 3.85 -83.50
N ILE XA 123 148.97 2.75 -82.79
CA ILE XA 123 149.61 2.76 -81.48
C ILE XA 123 151.10 2.97 -81.63
N ASP XA 124 151.67 3.88 -80.83
CA ASP XA 124 153.11 4.00 -80.66
C ASP XA 124 153.65 3.07 -79.59
N ALA XA 125 154.15 1.92 -80.02
CA ALA XA 125 154.61 0.87 -79.14
C ALA XA 125 156.06 1.04 -78.76
N ALA XA 126 156.33 1.07 -77.46
CA ALA XA 126 157.69 1.01 -76.95
C ALA XA 126 158.34 -0.34 -77.26
N GLY XA 127 157.54 -1.30 -77.70
CA GLY XA 127 158.06 -2.61 -78.05
C GLY XA 127 156.91 -3.58 -78.19
N ARG XA 128 157.21 -4.88 -78.15
CA ARG XA 128 156.18 -5.91 -78.21
C ARG XA 128 156.49 -6.97 -77.16
N SER XA 129 155.44 -7.49 -76.50
CA SER XA 129 155.56 -8.62 -75.58
C SER XA 129 154.58 -9.74 -75.92
N ARG XA 130 155.04 -10.99 -75.80
CA ARG XA 130 154.19 -12.14 -76.06
C ARG XA 130 153.03 -12.13 -75.08
N ALA XA 131 151.88 -12.65 -75.51
CA ALA XA 131 150.72 -12.72 -74.64
C ALA XA 131 150.99 -13.60 -73.43
N GLN XA 132 151.79 -14.64 -73.61
CA GLN XA 132 152.16 -15.56 -72.55
C GLN XA 132 153.50 -15.20 -71.98
N VAL XA 133 153.60 -15.06 -70.66
CA VAL XA 133 154.90 -14.82 -70.02
C VAL XA 133 154.95 -15.41 -68.62
N LYS XA 134 156.08 -16.05 -68.29
CA LYS XA 134 156.35 -16.50 -66.92
C LYS XA 134 156.05 -15.43 -65.86
N ALA XA 135 155.41 -15.86 -64.77
CA ALA XA 135 155.24 -15.00 -63.62
C ALA XA 135 156.60 -14.80 -62.97
N PRO XA 136 156.83 -13.60 -62.41
CA PRO XA 136 157.99 -13.37 -61.54
C PRO XA 136 158.07 -14.43 -60.46
N GLY XA 137 159.24 -15.05 -60.32
CA GLY XA 137 159.41 -16.25 -59.49
C GLY XA 137 159.30 -16.07 -58.00
N ILE XA 138 159.92 -16.95 -57.25
CA ILE XA 138 159.92 -16.86 -55.80
C ILE XA 138 160.85 -15.71 -55.36
N LEU XA 139 161.93 -15.53 -56.11
CA LEU XA 139 163.03 -14.66 -55.71
C LEU XA 139 162.88 -13.15 -55.97
N PRO XA 140 162.41 -12.75 -57.18
CA PRO XA 140 162.36 -11.31 -57.52
C PRO XA 140 161.09 -10.60 -57.05
N ARG XA 141 160.62 -10.92 -55.85
CA ARG XA 141 159.45 -10.27 -55.30
C ARG XA 141 159.77 -9.74 -53.92
N ARG XA 142 159.12 -8.63 -53.57
CA ARG XA 142 159.13 -8.12 -52.19
C ARG XA 142 157.73 -8.27 -51.62
N SER XA 143 157.59 -8.14 -50.31
CA SER XA 143 156.27 -8.14 -49.69
C SER XA 143 155.48 -6.88 -49.98
N VAL XA 144 154.23 -7.04 -50.39
CA VAL XA 144 153.32 -5.93 -50.67
C VAL XA 144 153.29 -4.93 -49.51
N HIS XA 145 153.47 -3.62 -49.78
CA HIS XA 145 153.58 -2.63 -48.67
C HIS XA 145 153.05 -1.23 -48.94
N GLU XA 146 152.65 -0.95 -50.18
CA GLU XA 146 152.13 0.36 -50.56
C GLU XA 146 150.66 0.21 -50.82
N PRO XA 147 149.84 1.14 -50.33
CA PRO XA 147 148.39 1.10 -50.56
C PRO XA 147 147.97 1.36 -52.01
N VAL XA 148 146.90 0.72 -52.45
CA VAL XA 148 146.12 1.20 -53.57
C VAL XA 148 144.95 1.87 -52.86
N GLN XA 149 144.90 3.19 -52.90
CA GLN XA 149 143.79 3.90 -52.28
C GLN XA 149 142.63 4.04 -53.27
N THR XA 150 141.51 3.41 -52.95
CA THR XA 150 140.41 3.31 -53.90
C THR XA 150 139.46 4.49 -53.79
N GLY XA 151 139.53 5.20 -52.66
CA GLY XA 151 138.62 6.28 -52.36
C GLY XA 151 137.34 5.81 -51.67
N LEU XA 152 137.08 4.51 -51.74
CA LEU XA 152 135.91 3.94 -51.12
C LEU XA 152 136.16 3.65 -49.65
N LYS XA 153 135.42 4.36 -48.81
CA LYS XA 153 135.54 4.29 -47.35
C LYS XA 153 135.53 2.89 -46.84
N ALA XA 154 134.52 2.13 -47.24
CA ALA XA 154 134.36 0.76 -46.80
C ALA XA 154 135.60 -0.11 -47.15
N VAL XA 155 136.09 0.05 -48.38
CA VAL XA 155 137.16 -0.78 -48.90
C VAL XA 155 138.49 -0.34 -48.31
N ASP XA 156 138.79 0.94 -48.42
CA ASP XA 156 140.07 1.45 -47.92
C ASP XA 156 140.24 1.18 -46.42
N ALA XA 157 139.18 1.42 -45.65
CA ALA XA 157 139.16 1.21 -44.20
C ALA XA 157 139.10 -0.25 -43.75
N LEU XA 158 138.25 -1.06 -44.38
CA LEU XA 158 138.01 -2.42 -43.90
C LEU XA 158 138.61 -3.54 -44.74
N VAL XA 159 138.85 -3.28 -46.02
CA VAL XA 159 139.43 -4.28 -46.91
C VAL XA 159 140.60 -3.65 -47.68
N PRO XA 160 141.72 -3.39 -46.98
CA PRO XA 160 142.78 -2.57 -47.57
C PRO XA 160 143.54 -3.35 -48.64
N ILE XA 161 143.77 -2.70 -49.78
CA ILE XA 161 144.43 -3.33 -50.91
C ILE XA 161 145.85 -2.82 -51.01
N GLY XA 162 146.78 -3.74 -51.23
CA GLY XA 162 148.18 -3.38 -51.41
C GLY XA 162 148.61 -3.46 -52.86
N ARG XA 163 149.72 -2.82 -53.16
CA ARG XA 163 150.21 -2.75 -54.52
C ARG XA 163 150.94 -4.02 -54.87
N GLY XA 164 150.50 -4.67 -55.93
CA GLY XA 164 151.05 -5.98 -56.25
C GLY XA 164 150.09 -7.06 -55.83
N GLN XA 165 149.19 -6.72 -54.91
CA GLN XA 165 148.17 -7.65 -54.42
C GLN XA 165 147.27 -8.19 -55.55
N ARG XA 166 146.47 -9.19 -55.22
CA ARG XA 166 145.39 -9.65 -56.09
C ARG XA 166 144.14 -9.75 -55.25
N GLU XA 167 143.35 -8.69 -55.30
CA GLU XA 167 142.08 -8.66 -54.62
C GLU XA 167 141.06 -8.98 -55.68
N LEU XA 168 140.14 -9.88 -55.32
CA LEU XA 168 139.09 -10.30 -56.22
C LEU XA 168 137.76 -9.60 -55.91
N ILE XA 169 137.15 -9.01 -56.94
CA ILE XA 169 135.80 -8.47 -56.81
C ILE XA 169 134.78 -9.54 -57.23
N ILE XA 170 133.89 -9.90 -56.30
CA ILE XA 170 132.94 -10.97 -56.49
C ILE XA 170 131.50 -10.71 -55.98
N GLY XA 171 130.54 -11.14 -56.77
CA GLY XA 171 129.12 -11.06 -56.46
C GLY XA 171 128.25 -11.50 -57.62
N ASP XA 172 126.95 -11.65 -57.35
CA ASP XA 172 125.98 -11.92 -58.41
C ASP XA 172 125.92 -10.76 -59.40
N ARG XA 173 125.18 -10.96 -60.48
CA ARG XA 173 124.96 -9.92 -61.47
C ARG XA 173 124.35 -8.73 -60.79
N GLN XA 174 124.62 -7.56 -61.35
CA GLN XA 174 124.01 -6.27 -60.98
C GLN XA 174 124.14 -5.83 -59.50
N THR XA 175 125.19 -6.29 -58.83
CA THR XA 175 125.41 -5.96 -57.43
C THR XA 175 126.27 -4.73 -57.26
N GLY XA 176 127.16 -4.44 -58.21
CA GLY XA 176 128.00 -3.25 -58.13
C GLY XA 176 129.45 -3.48 -58.41
N LYS XA 177 129.81 -4.60 -59.03
CA LYS XA 177 131.20 -5.06 -59.09
C LYS XA 177 132.12 -4.09 -59.85
N THR XA 178 131.56 -3.54 -60.93
CA THR XA 178 132.29 -2.69 -61.87
C THR XA 178 132.50 -1.34 -61.24
N ALA XA 179 131.46 -0.86 -60.57
CA ALA XA 179 131.48 0.36 -59.77
C ALA XA 179 132.65 0.45 -58.78
N VAL XA 180 132.96 -0.67 -58.12
CA VAL XA 180 134.08 -0.75 -57.17
C VAL XA 180 135.39 -0.51 -57.89
N ALA XA 181 135.60 -1.26 -58.96
CA ALA XA 181 136.78 -1.12 -59.83
C ALA XA 181 136.89 0.30 -60.41
N LEU XA 182 135.82 0.76 -61.06
CA LEU XA 182 135.79 2.08 -61.68
C LEU XA 182 136.09 3.25 -60.71
N ASP XA 183 135.70 3.11 -59.46
CA ASP XA 183 136.01 4.13 -58.46
C ASP XA 183 137.45 4.11 -58.03
N THR XA 184 138.08 2.94 -58.13
CA THR XA 184 139.50 2.83 -57.89
C THR XA 184 140.22 3.60 -58.98
N ILE XA 185 139.86 3.29 -60.23
CA ILE XA 185 140.39 3.98 -61.40
C ILE XA 185 140.15 5.50 -61.31
N LEU XA 186 138.92 5.93 -61.05
CA LEU XA 186 138.64 7.35 -60.96
C LEU XA 186 139.42 8.05 -59.86
N ASN XA 187 139.82 7.30 -58.83
CA ASN XA 187 140.49 7.90 -57.67
C ASN XA 187 141.97 8.16 -57.86
N GLN XA 188 142.54 7.66 -58.95
CA GLN XA 188 143.99 7.86 -59.15
C GLN XA 188 144.43 9.30 -59.59
N LYS XA 189 143.48 10.15 -60.00
CA LYS XA 189 143.80 11.53 -60.40
C LYS XA 189 144.65 12.22 -59.33
N ARG XA 190 144.32 11.95 -58.07
CA ARG XA 190 145.11 12.46 -56.94
C ARG XA 190 146.60 12.38 -57.20
N TRP XA 191 147.10 11.29 -57.78
CA TRP XA 191 148.53 11.14 -58.00
C TRP XA 191 148.98 11.21 -59.46
N ASN XA 192 148.18 10.61 -60.33
CA ASN XA 192 148.51 10.59 -61.74
C ASN XA 192 148.66 11.98 -62.36
N ASN XA 193 147.96 12.96 -61.78
CA ASN XA 193 148.09 14.34 -62.21
C ASN XA 193 149.32 15.03 -61.59
N GLY XA 194 149.87 14.41 -60.55
CA GLY XA 194 151.03 14.96 -59.87
C GLY XA 194 152.33 14.71 -60.60
N SER XA 195 153.44 14.79 -59.86
CA SER XA 195 154.76 14.59 -60.42
C SER XA 195 155.38 13.23 -60.09
N ASP XA 196 155.25 12.80 -58.84
CA ASP XA 196 156.02 11.67 -58.30
C ASP XA 196 155.64 10.29 -58.83
N GLU XA 197 156.54 9.75 -59.65
CA GLU XA 197 156.33 8.48 -60.34
C GLU XA 197 155.92 7.35 -59.41
N SER XA 198 156.75 7.04 -58.43
CA SER XA 198 156.49 5.95 -57.49
C SER XA 198 155.10 6.04 -56.86
N LYS XA 199 154.48 7.20 -56.94
CA LYS XA 199 153.14 7.42 -56.34
C LYS XA 199 151.95 7.38 -57.32
N LYS XA 200 152.21 7.44 -58.62
CA LYS XA 200 151.18 7.29 -59.64
C LYS XA 200 150.82 5.83 -59.85
N LEU XA 201 149.72 5.61 -60.58
CA LEU XA 201 149.16 4.26 -60.81
C LEU XA 201 148.34 4.21 -62.10
N TYR XA 202 148.79 3.39 -63.06
CA TYR XA 202 148.18 3.40 -64.37
C TYR XA 202 147.11 2.32 -64.48
N CYS XA 203 146.00 2.66 -65.11
CA CYS XA 203 144.85 1.79 -65.09
C CYS XA 203 144.68 0.92 -66.32
N VAL XA 204 144.39 -0.36 -66.12
CA VAL XA 204 144.15 -1.24 -67.25
C VAL XA 204 142.89 -2.06 -67.06
N TYR XA 205 141.88 -1.71 -67.87
CA TYR XA 205 140.56 -2.28 -67.83
C TYR XA 205 140.34 -3.24 -68.98
N VAL XA 206 140.33 -4.53 -68.67
CA VAL XA 206 140.17 -5.59 -69.64
C VAL XA 206 138.67 -5.96 -69.73
N ALA XA 207 138.01 -5.49 -70.80
CA ALA XA 207 136.55 -5.74 -70.99
C ALA XA 207 136.30 -7.03 -71.75
N VAL XA 208 135.66 -8.01 -71.12
CA VAL XA 208 135.47 -9.31 -71.75
C VAL XA 208 134.01 -9.61 -72.02
N GLY XA 209 133.67 -9.68 -73.29
CA GLY XA 209 132.35 -10.14 -73.70
C GLY XA 209 131.35 -9.20 -73.10
N GLN XA 210 131.60 -7.90 -73.29
CA GLN XA 210 130.62 -6.92 -72.96
C GLN XA 210 130.06 -6.31 -74.22
N LYS XA 211 128.78 -6.02 -74.14
CA LYS XA 211 128.10 -5.14 -75.07
C LYS XA 211 129.00 -3.92 -75.39
N ARG XA 212 129.34 -3.71 -76.66
CA ARG XA 212 130.19 -2.57 -77.09
C ARG XA 212 129.67 -1.22 -76.62
N SER XA 213 128.36 -1.11 -76.53
CA SER XA 213 127.74 0.13 -76.09
C SER XA 213 128.05 0.40 -74.65
N THR XA 214 128.21 -0.68 -73.88
CA THR XA 214 128.68 -0.59 -72.48
C THR XA 214 130.08 -0.03 -72.43
N VAL XA 215 130.99 -0.67 -73.12
CA VAL XA 215 132.38 -0.23 -73.19
C VAL XA 215 132.45 1.27 -73.60
N ALA XA 216 131.90 1.59 -74.77
CA ALA XA 216 131.67 2.97 -75.23
C ALA XA 216 131.30 3.97 -74.11
N GLN XA 217 130.30 3.59 -73.33
CA GLN XA 217 129.87 4.33 -72.16
C GLN XA 217 130.88 4.28 -71.00
N LEU XA 218 131.64 3.22 -70.86
CA LEU XA 218 132.62 3.20 -69.80
C LEU XA 218 133.75 4.14 -70.17
N VAL XA 219 134.05 4.20 -71.46
CA VAL XA 219 134.97 5.20 -72.00
C VAL XA 219 134.39 6.59 -71.71
N GLN XA 220 133.16 6.82 -72.16
CA GLN XA 220 132.55 8.13 -72.02
C GLN XA 220 132.45 8.56 -70.57
N THR XA 221 132.75 7.64 -69.66
CA THR XA 221 132.67 7.92 -68.24
C THR XA 221 134.00 8.32 -67.62
N LEU XA 222 135.06 7.67 -68.06
CA LEU XA 222 136.39 8.05 -67.62
C LEU XA 222 136.82 9.39 -68.24
N GLU XA 223 136.40 9.64 -69.48
CA GLU XA 223 136.72 10.91 -70.13
C GLU XA 223 135.98 12.02 -69.44
N GLN XA 224 134.81 11.70 -68.90
CA GLN XA 224 134.06 12.64 -68.10
C GLN XA 224 134.69 12.88 -66.74
N HIS XA 225 135.65 12.07 -66.34
CA HIS XA 225 136.37 12.33 -65.11
C HIS XA 225 137.85 12.56 -65.31
N ASP XA 226 138.25 12.77 -66.57
CA ASP XA 226 139.65 12.93 -66.98
C ASP XA 226 140.52 11.77 -66.45
N ALA XA 227 140.00 10.56 -66.54
CA ALA XA 227 140.74 9.38 -66.13
C ALA XA 227 141.35 8.62 -67.30
N MET XA 228 140.70 8.70 -68.47
CA MET XA 228 141.25 8.14 -69.71
C MET XA 228 142.74 8.36 -69.93
N LYS XA 229 143.19 9.58 -69.75
CA LYS XA 229 144.59 9.88 -69.95
C LYS XA 229 145.59 8.92 -69.27
N TYR XA 230 145.16 8.07 -68.34
CA TYR XA 230 146.12 7.17 -67.69
C TYR XA 230 145.60 5.75 -67.59
N SER XA 231 144.66 5.42 -68.46
CA SER XA 231 143.94 4.16 -68.47
C SER XA 231 144.11 3.53 -69.81
N ILE XA 232 144.02 2.20 -69.86
CA ILE XA 232 144.00 1.44 -71.11
C ILE XA 232 142.83 0.44 -71.10
N ILE XA 233 142.04 0.45 -72.17
CA ILE XA 233 140.93 -0.46 -72.35
C ILE XA 233 141.31 -1.44 -73.44
N VAL XA 234 141.41 -2.70 -73.05
CA VAL XA 234 141.53 -3.81 -73.97
C VAL XA 234 140.13 -4.38 -74.06
N ALA XA 235 139.59 -4.36 -75.29
CA ALA XA 235 138.18 -4.65 -75.54
C ALA XA 235 137.99 -5.96 -76.33
N ALA XA 236 137.25 -6.90 -75.73
CA ALA XA 236 136.96 -8.16 -76.37
C ALA XA 236 135.47 -8.40 -76.21
N THR XA 237 134.72 -7.61 -76.98
CA THR XA 237 133.27 -7.46 -76.80
C THR XA 237 132.43 -8.69 -77.16
N ALA XA 238 131.23 -8.72 -76.59
CA ALA XA 238 130.30 -9.85 -76.71
C ALA XA 238 130.46 -10.63 -78.00
N SER XA 239 130.63 -9.93 -79.11
CA SER XA 239 130.41 -10.52 -80.43
C SER XA 239 131.67 -10.96 -81.12
N GLU XA 240 132.79 -10.99 -80.42
CA GLU XA 240 134.03 -11.28 -81.12
C GLU XA 240 134.44 -12.73 -80.95
N ALA XA 241 135.24 -13.24 -81.87
CA ALA XA 241 135.72 -14.62 -81.81
C ALA XA 241 136.25 -14.97 -80.45
N ALA XA 242 135.97 -16.19 -80.03
CA ALA XA 242 136.31 -16.66 -78.71
C ALA XA 242 137.78 -16.55 -78.40
N PRO XA 243 138.65 -16.84 -79.38
CA PRO XA 243 140.05 -16.69 -79.10
C PRO XA 243 140.40 -15.32 -78.56
N LEU XA 244 139.83 -14.26 -79.13
CA LEU XA 244 140.11 -12.89 -78.70
C LEU XA 244 139.70 -12.68 -77.25
N GLN XA 245 138.54 -13.20 -76.88
CA GLN XA 245 138.03 -13.18 -75.49
C GLN XA 245 138.88 -14.03 -74.53
N TYR XA 246 139.49 -15.09 -75.07
CA TYR XA 246 140.39 -15.93 -74.34
C TYR XA 246 141.74 -15.19 -74.11
N LEU XA 247 142.15 -14.40 -75.11
CA LEU XA 247 143.47 -13.81 -75.18
C LEU XA 247 143.62 -12.50 -74.44
N ALA XA 248 142.59 -11.67 -74.61
CA ALA XA 248 142.54 -10.30 -74.07
C ALA XA 248 143.20 -10.09 -72.69
N PRO XA 249 142.88 -10.93 -71.67
CA PRO XA 249 143.48 -10.72 -70.36
C PRO XA 249 144.97 -10.97 -70.30
N PHE XA 250 145.47 -11.96 -71.01
CA PHE XA 250 146.93 -12.15 -71.12
C PHE XA 250 147.57 -11.02 -71.91
N THR XA 251 146.93 -10.71 -73.03
CA THR XA 251 147.28 -9.58 -73.85
C THR XA 251 147.43 -8.34 -72.98
N ALA XA 252 146.42 -8.05 -72.16
CA ALA XA 252 146.46 -6.86 -71.31
C ALA XA 252 147.44 -7.06 -70.16
N ALA XA 253 147.53 -8.29 -69.63
CA ALA XA 253 148.54 -8.62 -68.61
C ALA XA 253 149.93 -8.12 -68.96
N SER XA 254 150.33 -8.36 -70.22
CA SER XA 254 151.66 -8.01 -70.73
C SER XA 254 151.81 -6.53 -70.90
N ILE XA 255 150.70 -5.86 -71.16
CA ILE XA 255 150.67 -4.40 -71.17
C ILE XA 255 150.99 -3.84 -69.76
N GLY XA 256 150.39 -4.43 -68.73
CA GLY XA 256 150.62 -4.03 -67.34
C GLY XA 256 152.07 -4.23 -66.96
N GLU XA 257 152.59 -5.42 -67.23
CA GLU XA 257 153.95 -5.76 -66.84
C GLU XA 257 154.96 -4.76 -67.36
N TRP XA 258 154.69 -4.16 -68.54
CA TRP XA 258 155.55 -3.10 -69.05
C TRP XA 258 155.84 -2.11 -67.93
N PHE XA 259 154.77 -1.58 -67.33
CA PHE XA 259 154.89 -0.68 -66.22
C PHE XA 259 155.57 -1.34 -65.04
N ARG XA 260 155.16 -2.56 -64.69
CA ARG XA 260 155.80 -3.29 -63.59
C ARG XA 260 157.30 -3.39 -63.80
N ASP XA 261 157.70 -3.90 -64.95
CA ASP XA 261 159.11 -4.11 -65.29
C ASP XA 261 159.93 -2.81 -65.36
N ASN XA 262 159.24 -1.69 -65.54
CA ASN XA 262 159.91 -0.40 -65.73
C ASN XA 262 159.87 0.51 -64.51
N GLY XA 263 159.87 -0.09 -63.32
CA GLY XA 263 159.88 0.65 -62.06
C GLY XA 263 158.64 1.46 -61.72
N LYS XA 264 157.59 1.36 -62.54
CA LYS XA 264 156.29 2.02 -62.33
C LYS XA 264 155.23 1.07 -61.73
N HIS XA 265 153.98 1.53 -61.67
CA HIS XA 265 152.88 0.75 -61.06
C HIS XA 265 151.60 0.82 -61.86
N ALA XA 266 151.10 -0.35 -62.23
CA ALA XA 266 149.79 -0.45 -62.78
C ALA XA 266 148.95 -1.34 -61.88
N LEU XA 267 147.67 -1.33 -62.21
CA LEU XA 267 146.62 -2.04 -61.53
C LEU XA 267 145.80 -2.46 -62.73
N ILE XA 268 145.22 -3.65 -62.68
CA ILE XA 268 144.54 -4.22 -63.83
C ILE XA 268 143.23 -4.90 -63.43
N VAL XA 269 142.15 -4.48 -64.09
CA VAL XA 269 140.80 -4.93 -63.80
C VAL XA 269 140.32 -5.88 -64.89
N TYR XA 270 139.95 -7.09 -64.49
CA TYR XA 270 139.53 -8.11 -65.42
C TYR XA 270 138.04 -8.31 -65.34
N ASP XA 271 137.32 -7.76 -66.32
CA ASP XA 271 135.86 -7.68 -66.27
C ASP XA 271 135.24 -8.37 -67.48
N ASP XA 272 135.02 -9.69 -67.40
CA ASP XA 272 135.34 -10.50 -66.20
C ASP XA 272 135.97 -11.87 -66.53
N LEU XA 273 136.46 -12.55 -65.49
CA LEU XA 273 137.12 -13.83 -65.66
C LEU XA 273 136.11 -14.92 -65.91
N SER XA 274 134.91 -14.77 -65.37
CA SER XA 274 133.82 -15.70 -65.67
C SER XA 274 133.76 -15.90 -67.17
N LYS XA 275 133.69 -14.79 -67.90
CA LYS XA 275 133.44 -14.83 -69.32
C LYS XA 275 134.64 -15.29 -70.13
N GLN XA 276 135.84 -15.03 -69.61
CA GLN XA 276 137.05 -15.60 -70.18
C GLN XA 276 137.04 -17.14 -70.11
N ALA XA 277 136.72 -17.68 -68.95
CA ALA XA 277 136.58 -19.12 -68.80
C ALA XA 277 135.54 -19.72 -69.77
N VAL XA 278 134.37 -19.08 -69.86
CA VAL XA 278 133.37 -19.46 -70.83
C VAL XA 278 134.00 -19.51 -72.22
N ALA XA 279 134.83 -18.51 -72.55
CA ALA XA 279 135.45 -18.48 -73.89
C ALA XA 279 136.40 -19.64 -74.10
N TYR XA 280 137.36 -19.79 -73.21
CA TYR XA 280 138.28 -20.91 -73.24
C TYR XA 280 137.52 -22.20 -73.47
N ARG XA 281 136.38 -22.33 -72.79
CA ARG XA 281 135.54 -23.51 -72.93
C ARG XA 281 135.15 -23.71 -74.38
N GLN XA 282 134.66 -22.64 -75.02
CA GLN XA 282 134.18 -22.75 -76.37
C GLN XA 282 135.23 -23.33 -77.30
N LEU XA 283 136.46 -22.85 -77.14
CA LEU XA 283 137.57 -23.26 -77.98
C LEU XA 283 137.84 -24.71 -77.81
N SER XA 284 137.81 -25.17 -76.57
CA SER XA 284 138.29 -26.49 -76.23
C SER XA 284 137.35 -27.54 -76.76
N LEU XA 285 136.09 -27.37 -76.39
CA LEU XA 285 135.03 -28.25 -76.79
C LEU XA 285 135.06 -28.37 -78.30
N LEU XA 286 135.18 -27.24 -78.99
CA LEU XA 286 135.18 -27.29 -80.44
C LEU XA 286 136.40 -28.04 -80.95
N LEU XA 287 137.58 -27.72 -80.45
CA LEU XA 287 138.76 -28.53 -80.69
C LEU XA 287 138.62 -29.97 -80.17
N ARG XA 288 137.52 -30.24 -79.49
CA ARG XA 288 137.22 -31.58 -78.97
C ARG XA 288 138.27 -32.06 -78.00
N ARG XA 289 138.88 -31.11 -77.31
CA ARG XA 289 139.59 -31.44 -76.10
C ARG XA 289 138.59 -31.94 -75.05
N PRO XA 290 138.97 -32.98 -74.27
CA PRO XA 290 138.12 -33.69 -73.31
C PRO XA 290 137.63 -32.81 -72.14
N PRO XA 291 136.33 -32.85 -71.83
CA PRO XA 291 135.73 -31.97 -70.81
C PRO XA 291 135.63 -32.60 -69.41
N GLY XA 292 135.65 -31.74 -68.39
CA GLY XA 292 135.43 -32.16 -67.00
C GLY XA 292 134.21 -31.47 -66.42
N ARG XA 293 134.28 -31.17 -65.12
CA ARG XA 293 133.25 -30.41 -64.42
C ARG XA 293 132.77 -29.21 -65.24
N GLU XA 294 131.46 -29.20 -65.50
CA GLU XA 294 130.77 -28.15 -66.26
C GLU XA 294 131.29 -27.97 -67.69
N ALA XA 295 132.00 -28.97 -68.18
CA ALA XA 295 132.51 -29.00 -69.54
C ALA XA 295 133.74 -28.12 -69.76
N TYR XA 296 134.37 -27.68 -68.67
CA TYR XA 296 135.68 -27.04 -68.77
C TYR XA 296 136.78 -28.09 -68.89
N PRO XA 297 137.84 -27.76 -69.65
CA PRO XA 297 139.07 -28.55 -69.78
C PRO XA 297 139.81 -28.62 -68.46
N GLY XA 298 140.70 -29.61 -68.30
CA GLY XA 298 141.46 -29.79 -67.07
C GLY XA 298 142.22 -28.53 -66.69
N ASP XA 299 142.86 -27.92 -67.67
CA ASP XA 299 143.72 -26.74 -67.43
C ASP XA 299 143.02 -25.36 -67.38
N VAL XA 300 141.75 -25.32 -66.99
CA VAL XA 300 141.05 -24.06 -66.77
C VAL XA 300 141.59 -23.37 -65.51
N PHE XA 301 141.99 -24.16 -64.51
CA PHE XA 301 142.69 -23.61 -63.37
C PHE XA 301 143.95 -22.96 -63.86
N TYR XA 302 144.82 -23.76 -64.46
CA TYR XA 302 146.10 -23.34 -65.02
C TYR XA 302 145.98 -22.10 -65.87
N LEU XA 303 144.87 -21.99 -66.62
CA LEU XA 303 144.52 -20.75 -67.31
C LEU XA 303 144.61 -19.58 -66.34
N HIS XA 304 143.73 -19.54 -65.34
CA HIS XA 304 143.69 -18.43 -64.38
C HIS XA 304 144.87 -18.28 -63.42
N SER XA 305 145.53 -19.38 -63.08
CA SER XA 305 146.68 -19.27 -62.20
C SER XA 305 147.74 -18.49 -62.93
N ARG XA 306 148.09 -18.95 -64.14
CA ARG XA 306 149.02 -18.23 -65.02
C ARG XA 306 148.73 -16.73 -65.08
N LEU XA 307 147.47 -16.36 -65.31
CA LEU XA 307 147.08 -14.95 -65.39
C LEU XA 307 147.42 -14.20 -64.12
N LEU XA 308 146.81 -14.60 -63.02
CA LEU XA 308 146.97 -13.87 -61.77
C LEU XA 308 148.31 -13.99 -61.06
N GLU XA 309 149.02 -15.10 -61.23
CA GLU XA 309 150.37 -15.15 -60.67
C GLU XA 309 151.31 -14.10 -61.29
N ARG XA 310 150.94 -13.56 -62.45
CA ARG XA 310 151.76 -12.54 -63.09
C ARG XA 310 151.74 -11.19 -62.34
N ALA XA 311 150.74 -11.02 -61.47
CA ALA XA 311 150.63 -9.80 -60.70
C ALA XA 311 151.57 -9.88 -59.52
N ALA XA 312 152.32 -8.80 -59.24
CA ALA XA 312 153.28 -8.82 -58.13
C ALA XA 312 153.85 -7.46 -57.68
N LYS XA 313 154.50 -7.49 -56.51
CA LYS XA 313 155.40 -6.42 -56.12
C LYS XA 313 156.83 -6.94 -56.27
N LEU XA 314 157.53 -6.42 -57.28
CA LEU XA 314 158.91 -6.82 -57.60
C LEU XA 314 159.91 -6.26 -56.61
N SER XA 315 161.03 -6.96 -56.40
CA SER XA 315 162.05 -6.52 -55.42
C SER XA 315 162.93 -5.37 -55.91
N GLU XA 316 163.57 -4.68 -54.98
CA GLU XA 316 164.40 -3.52 -55.31
C GLU XA 316 165.27 -3.71 -56.54
N LYS XA 317 165.89 -4.88 -56.65
CA LYS XA 317 166.74 -5.18 -57.80
C LYS XA 317 165.98 -5.14 -59.13
N GLU XA 318 164.67 -5.32 -59.09
CA GLU XA 318 163.88 -5.36 -60.31
C GLU XA 318 163.23 -4.03 -60.70
N GLY XA 319 163.64 -2.96 -60.02
CA GLY XA 319 163.06 -1.64 -60.24
C GLY XA 319 161.89 -1.37 -59.29
N SER XA 320 161.60 -2.37 -58.45
CA SER XA 320 160.56 -2.32 -57.43
C SER XA 320 159.18 -1.95 -57.97
N GLY XA 321 159.00 -2.09 -59.28
CA GLY XA 321 157.71 -1.85 -59.91
C GLY XA 321 156.70 -2.83 -59.37
N SER XA 322 155.44 -2.70 -59.81
CA SER XA 322 154.35 -3.50 -59.26
C SER XA 322 153.15 -3.63 -60.20
N LEU XA 323 152.44 -4.75 -60.10
CA LEU XA 323 151.17 -4.93 -60.81
C LEU XA 323 150.08 -5.52 -59.90
N THR XA 324 148.98 -4.78 -59.75
CA THR XA 324 147.88 -5.17 -58.86
C THR XA 324 146.71 -5.66 -59.67
N ALA XA 325 145.96 -6.61 -59.14
CA ALA XA 325 144.95 -7.24 -59.93
C ALA XA 325 143.54 -7.18 -59.31
N LEU XA 326 142.61 -6.66 -60.09
CA LEU XA 326 141.20 -6.70 -59.72
C LEU XA 326 140.37 -7.60 -60.64
N PRO XA 327 140.56 -8.93 -60.53
CA PRO XA 327 139.65 -9.77 -61.30
C PRO XA 327 138.21 -9.68 -60.79
N VAL XA 328 137.30 -9.63 -61.75
CA VAL XA 328 135.88 -9.67 -61.47
C VAL XA 328 135.37 -11.11 -61.66
N ILE XA 329 134.62 -11.60 -60.69
CA ILE XA 329 134.01 -12.92 -60.81
C ILE XA 329 132.53 -12.87 -60.49
N GLU XA 330 131.73 -13.45 -61.37
CA GLU XA 330 130.29 -13.32 -61.28
C GLU XA 330 129.65 -14.58 -60.71
N THR XA 331 129.17 -14.52 -59.49
CA THR XA 331 128.54 -15.69 -58.94
C THR XA 331 127.16 -15.85 -59.56
N GLN XA 332 126.56 -17.02 -59.38
CA GLN XA 332 125.22 -17.28 -59.86
C GLN XA 332 124.42 -17.69 -58.67
N GLY XA 333 123.44 -16.86 -58.31
CA GLY XA 333 122.68 -17.07 -57.09
C GLY XA 333 123.57 -17.22 -55.87
N GLY XA 334 124.76 -16.62 -55.92
CA GLY XA 334 125.68 -16.56 -54.79
C GLY XA 334 126.59 -17.75 -54.60
N ASP XA 335 126.75 -18.58 -55.63
CA ASP XA 335 127.45 -19.87 -55.46
C ASP XA 335 128.96 -19.79 -55.56
N VAL XA 336 129.61 -19.64 -54.41
CA VAL XA 336 131.08 -19.63 -54.31
C VAL XA 336 131.74 -21.01 -54.54
N SER XA 337 130.93 -22.07 -54.45
CA SER XA 337 131.39 -23.42 -54.74
C SER XA 337 131.39 -23.70 -56.23
N ALA XA 338 130.68 -22.86 -57.00
CA ALA XA 338 130.60 -22.99 -58.47
C ALA XA 338 132.00 -23.21 -59.00
N TYR XA 339 132.13 -24.00 -60.06
CA TYR XA 339 133.46 -24.41 -60.47
C TYR XA 339 134.46 -23.25 -60.60
N ILE XA 340 134.16 -22.26 -61.43
CA ILE XA 340 135.12 -21.20 -61.67
C ILE XA 340 135.44 -20.36 -60.41
N PRO XA 341 134.41 -19.78 -59.75
CA PRO XA 341 134.66 -19.07 -58.50
C PRO XA 341 135.56 -19.78 -57.48
N THR XA 342 135.50 -21.13 -57.43
CA THR XA 342 136.35 -21.93 -56.55
C THR XA 342 137.81 -21.73 -56.93
N ASN XA 343 138.17 -22.13 -58.14
CA ASN XA 343 139.50 -21.90 -58.67
C ASN XA 343 140.02 -20.51 -58.31
N VAL XA 344 139.28 -19.48 -58.73
CA VAL XA 344 139.76 -18.11 -58.66
C VAL XA 344 139.90 -17.66 -57.22
N ILE XA 345 138.89 -17.92 -56.39
CA ILE XA 345 138.98 -17.60 -54.96
C ILE XA 345 140.24 -18.18 -54.30
N SER XA 346 140.67 -19.34 -54.78
CA SER XA 346 141.81 -20.02 -54.18
C SER XA 346 143.15 -19.56 -54.78
N ILE XA 347 143.08 -18.71 -55.80
CA ILE XA 347 144.27 -18.05 -56.36
C ILE XA 347 144.51 -16.65 -55.75
N THR XA 348 143.44 -15.92 -55.47
CA THR XA 348 143.54 -14.52 -55.09
C THR XA 348 143.92 -14.35 -53.62
N ASP XA 349 144.23 -13.12 -53.24
CA ASP XA 349 144.60 -12.78 -51.86
C ASP XA 349 143.39 -12.24 -51.13
N GLY XA 350 142.22 -12.53 -51.64
CA GLY XA 350 141.04 -12.09 -50.95
C GLY XA 350 139.97 -11.59 -51.88
N GLN XA 351 138.83 -11.26 -51.28
CA GLN XA 351 137.67 -10.92 -52.05
C GLN XA 351 136.97 -9.70 -51.48
N ILE XA 352 136.44 -8.89 -52.37
CA ILE XA 352 135.44 -7.90 -52.04
C ILE XA 352 134.10 -8.48 -52.49
N PHE XA 353 133.18 -8.58 -51.54
CA PHE XA 353 132.02 -9.40 -51.75
C PHE XA 353 130.75 -8.58 -51.81
N LEU XA 354 130.03 -8.72 -52.91
CA LEU XA 354 128.84 -7.95 -53.09
C LEU XA 354 127.54 -8.76 -53.01
N GLU XA 355 126.48 -8.11 -52.53
CA GLU XA 355 125.18 -8.75 -52.34
C GLU XA 355 124.05 -7.79 -52.62
N ALA XA 356 123.19 -8.17 -53.56
CA ALA XA 356 121.99 -7.40 -53.91
C ALA XA 356 121.08 -7.11 -52.71
N GLU XA 357 121.11 -7.97 -51.69
CA GLU XA 357 120.35 -7.78 -50.45
C GLU XA 357 120.76 -6.48 -49.81
N LEU XA 358 122.04 -6.39 -49.47
CA LEU XA 358 122.63 -5.19 -48.93
C LEU XA 358 122.36 -4.03 -49.87
N PHE XA 359 122.45 -4.29 -51.17
CA PHE XA 359 122.18 -3.27 -52.17
C PHE XA 359 120.76 -2.69 -52.12
N TYR XA 360 119.73 -3.51 -51.99
CA TYR XA 360 118.36 -2.96 -51.96
C TYR XA 360 118.04 -2.32 -50.62
N LYS XA 361 118.82 -2.70 -49.60
CA LYS XA 361 118.74 -2.04 -48.31
C LYS XA 361 119.18 -0.60 -48.48
N GLY XA 362 120.01 -0.36 -49.50
CA GLY XA 362 120.56 0.97 -49.79
C GLY XA 362 122.01 1.13 -49.37
N ILE XA 363 122.64 0.07 -48.86
CA ILE XA 363 124.03 0.11 -48.45
C ILE XA 363 124.93 -0.02 -49.69
N ARG XA 364 125.31 1.10 -50.28
CA ARG XA 364 126.21 1.12 -51.45
C ARG XA 364 127.49 1.92 -51.17
N PRO XA 365 128.67 1.30 -51.37
CA PRO XA 365 128.89 0.02 -51.99
C PRO XA 365 128.26 -1.06 -51.13
N ALA XA 366 127.74 -2.09 -51.80
CA ALA XA 366 127.03 -3.18 -51.17
C ALA XA 366 128.00 -4.24 -50.66
N ILE XA 367 128.99 -3.81 -49.87
CA ILE XA 367 130.04 -4.71 -49.45
C ILE XA 367 129.63 -5.50 -48.24
N ASN XA 368 129.53 -6.81 -48.43
CA ASN XA 368 129.49 -7.69 -47.29
C ASN XA 368 130.87 -7.63 -46.63
N VAL XA 369 130.88 -7.11 -45.40
CA VAL XA 369 132.12 -6.97 -44.65
C VAL XA 369 132.54 -8.30 -44.06
N GLY XA 370 131.57 -9.06 -43.55
CA GLY XA 370 131.87 -10.32 -42.91
C GLY XA 370 132.52 -11.32 -43.84
N LEU XA 371 132.20 -11.21 -45.14
CA LEU XA 371 132.70 -12.15 -46.15
C LEU XA 371 133.94 -11.69 -46.92
N SER XA 372 134.24 -10.39 -46.87
CA SER XA 372 135.37 -9.81 -47.58
C SER XA 372 136.64 -9.85 -46.74
N VAL XA 373 137.71 -10.41 -47.31
CA VAL XA 373 139.03 -10.42 -46.68
C VAL XA 373 140.11 -10.01 -47.67
N SER XA 374 141.17 -9.42 -47.13
CA SER XA 374 142.39 -9.13 -47.87
C SER XA 374 143.59 -9.71 -47.11
N ARG XA 375 144.08 -10.87 -47.57
CA ARG XA 375 145.14 -11.66 -46.90
C ARG XA 375 146.39 -10.83 -46.63
N VAL XA 376 146.59 -9.83 -47.49
CA VAL XA 376 147.64 -8.83 -47.35
C VAL XA 376 147.32 -7.89 -46.20
N GLY XA 377 146.14 -7.29 -46.22
CA GLY XA 377 145.55 -6.56 -45.09
C GLY XA 377 146.33 -5.40 -44.47
N SER XA 378 146.54 -5.51 -43.15
CA SER XA 378 147.24 -4.50 -42.36
C SER XA 378 148.30 -3.79 -43.15
N ALA XA 379 149.23 -4.57 -43.71
CA ALA XA 379 150.47 -4.07 -44.31
C ALA XA 379 150.31 -3.02 -45.41
N ALA XA 380 149.09 -2.82 -45.89
CA ALA XA 380 148.84 -2.02 -47.09
C ALA XA 380 147.96 -0.79 -46.85
N GLN XA 381 147.86 -0.36 -45.60
CA GLN XA 381 146.87 0.64 -45.21
C GLN XA 381 147.58 1.93 -44.83
N VAL XA 382 147.06 3.06 -45.33
CA VAL XA 382 147.53 4.35 -44.87
C VAL XA 382 147.58 4.24 -43.35
N LYS XA 383 148.77 4.27 -42.78
CA LYS XA 383 148.90 4.03 -41.34
C LYS XA 383 147.83 4.77 -40.54
N ALA XA 384 147.46 5.97 -41.00
CA ALA XA 384 146.47 6.85 -40.35
C ALA XA 384 145.05 6.30 -40.33
N LEU XA 385 144.66 5.69 -41.45
CA LEU XA 385 143.35 5.08 -41.58
C LEU XA 385 143.32 3.81 -40.74
N LYS XA 386 144.42 3.07 -40.72
CA LYS XA 386 144.57 1.88 -39.89
C LYS XA 386 144.62 2.24 -38.40
N GLN XA 387 144.94 3.49 -38.11
CA GLN XA 387 145.01 3.96 -36.72
C GLN XA 387 143.64 4.16 -36.11
N VAL XA 388 142.71 4.75 -36.86
CA VAL XA 388 141.36 5.01 -36.37
C VAL XA 388 140.33 3.96 -36.80
N ALA XA 389 140.79 2.75 -37.13
CA ALA XA 389 139.87 1.72 -37.65
C ALA XA 389 140.13 0.26 -37.22
N GLY XA 390 141.19 0.04 -36.45
CA GLY XA 390 141.42 -1.29 -35.83
C GLY XA 390 140.22 -1.68 -34.99
N SER XA 391 139.54 -0.64 -34.50
CA SER XA 391 138.26 -0.75 -33.81
C SER XA 391 137.08 -1.03 -34.75
N LEU XA 392 137.16 -0.58 -36.01
CA LEU XA 392 136.00 -0.62 -36.95
C LEU XA 392 135.55 -2.02 -37.33
N LYS XA 393 136.50 -2.91 -37.59
CA LYS XA 393 136.14 -4.29 -37.89
C LYS XA 393 135.60 -4.96 -36.62
N LEU XA 394 136.12 -4.55 -35.48
CA LEU XA 394 135.67 -5.01 -34.17
C LEU XA 394 134.19 -4.67 -33.95
N PHE XA 395 133.87 -3.37 -34.01
CA PHE XA 395 132.50 -2.90 -33.79
C PHE XA 395 131.50 -3.55 -34.76
N LEU XA 396 131.81 -3.53 -36.06
CA LEU XA 396 130.90 -4.06 -37.08
C LEU XA 396 130.75 -5.59 -37.02
N ALA XA 397 131.71 -6.26 -36.37
CA ALA XA 397 131.62 -7.70 -36.10
C ALA XA 397 130.57 -8.02 -35.04
N GLN XA 398 130.62 -7.27 -33.95
CA GLN XA 398 129.69 -7.43 -32.86
C GLN XA 398 128.30 -6.92 -33.21
N TYR XA 399 128.24 -5.98 -34.15
CA TYR XA 399 126.97 -5.46 -34.67
C TYR XA 399 126.27 -6.46 -35.59
N ARG XA 400 127.05 -7.31 -36.23
CA ARG XA 400 126.46 -8.37 -37.03
C ARG XA 400 125.87 -9.49 -36.17
N GLU XA 401 126.33 -9.58 -34.93
CA GLU XA 401 125.95 -10.69 -34.04
C GLU XA 401 124.76 -10.36 -33.13
N VAL XA 402 124.46 -9.09 -32.97
CA VAL XA 402 123.34 -8.66 -32.15
C VAL XA 402 122.31 -7.97 -33.05
N ALA XA 403 122.35 -8.32 -34.34
CA ALA XA 403 121.57 -7.61 -35.35
C ALA XA 403 120.08 -7.93 -35.27
N ALA XA 404 119.78 -9.22 -35.14
CA ALA XA 404 118.42 -9.73 -35.04
C ALA XA 404 117.67 -9.24 -33.80
N PHE XA 405 118.40 -8.58 -32.90
CA PHE XA 405 117.80 -7.98 -31.71
C PHE XA 405 117.10 -6.67 -32.04
N ALA XA 406 117.11 -6.29 -33.31
CA ALA XA 406 116.43 -5.08 -33.77
C ALA XA 406 114.90 -5.16 -33.72
N GLN XA 407 114.35 -6.25 -33.18
CA GLN XA 407 112.91 -6.37 -32.90
C GLN XA 407 112.67 -7.07 -31.56
N SER XA 410 112.82 -4.61 -28.54
CA SER XA 410 111.86 -3.90 -27.69
C SER XA 410 112.31 -3.80 -26.23
N ASP XA 411 113.04 -4.80 -25.76
CA ASP XA 411 113.51 -4.85 -24.38
C ASP XA 411 114.98 -5.29 -24.32
N LEU XA 412 115.87 -4.42 -24.79
CA LEU XA 412 117.30 -4.76 -24.85
C LEU XA 412 118.06 -4.00 -23.78
N ASP XA 413 119.03 -4.68 -23.16
CA ASP XA 413 119.87 -4.05 -22.13
C ASP XA 413 120.85 -3.05 -22.75
N ALA XA 414 121.20 -2.01 -21.98
CA ALA XA 414 121.96 -0.85 -22.49
C ALA XA 414 123.26 -1.18 -23.26
N SER XA 415 123.82 -2.37 -23.02
CA SER XA 415 125.06 -2.80 -23.69
C SER XA 415 124.80 -3.17 -25.15
N THR XA 416 123.88 -4.09 -25.35
CA THR XA 416 123.51 -4.51 -26.68
C THR XA 416 122.58 -3.48 -27.34
N LYS XA 417 122.11 -2.50 -26.58
CA LYS XA 417 121.40 -1.36 -27.13
C LYS XA 417 122.43 -0.48 -27.84
N GLN XA 418 123.51 -0.16 -27.11
CA GLN XA 418 124.63 0.65 -27.58
C GLN XA 418 125.24 0.10 -28.87
N THR XA 419 125.50 -1.20 -28.88
CA THR XA 419 126.07 -1.88 -30.03
C THR XA 419 125.24 -1.62 -31.30
N LEU XA 420 123.92 -1.58 -31.14
CA LEU XA 420 123.04 -1.26 -32.26
C LEU XA 420 123.07 0.22 -32.60
N VAL XA 421 123.53 1.05 -31.67
CA VAL XA 421 123.61 2.49 -31.89
C VAL XA 421 124.80 2.87 -32.78
N ARG XA 422 125.95 2.25 -32.55
CA ARG XA 422 127.13 2.47 -33.39
C ARG XA 422 126.89 1.93 -34.77
N GLY XA 423 126.45 0.68 -34.81
CA GLY XA 423 126.37 -0.11 -36.04
C GLY XA 423 125.61 0.54 -37.16
N GLU XA 424 124.39 0.98 -36.86
CA GLU XA 424 123.57 1.68 -37.82
C GLU XA 424 124.30 2.92 -38.37
N ARG XA 425 124.83 3.74 -37.47
CA ARG XA 425 125.56 4.95 -37.87
C ARG XA 425 126.79 4.65 -38.71
N LEU XA 426 127.62 3.74 -38.20
CA LEU XA 426 128.79 3.23 -38.91
C LEU XA 426 128.46 2.70 -40.30
N THR XA 427 127.46 1.83 -40.39
CA THR XA 427 127.03 1.29 -41.68
C THR XA 427 126.63 2.45 -42.60
N GLN XA 428 125.91 3.42 -42.04
CA GLN XA 428 125.47 4.58 -42.78
C GLN XA 428 126.66 5.36 -43.33
N LEU XA 429 127.72 5.44 -42.53
CA LEU XA 429 128.93 6.18 -42.86
C LEU XA 429 129.71 5.59 -44.00
N LEU XA 430 129.40 4.35 -44.33
CA LEU XA 430 130.16 3.67 -45.35
C LEU XA 430 129.36 3.56 -46.64
N LYS XA 431 128.16 4.17 -46.65
CA LYS XA 431 127.45 4.39 -47.91
C LYS XA 431 128.21 5.50 -48.59
N GLN XA 432 128.18 5.51 -49.93
CA GLN XA 432 129.00 6.44 -50.69
C GLN XA 432 128.50 6.51 -52.11
N ASN XA 433 127.90 7.62 -52.54
CA ASN XA 433 127.37 7.72 -53.90
C ASN XA 433 128.43 7.34 -54.90
N GLN XA 434 128.01 6.91 -56.07
CA GLN XA 434 128.96 6.48 -57.07
C GLN XA 434 129.89 7.62 -57.50
N TYR XA 435 131.04 7.26 -58.05
CA TYR XA 435 131.94 8.23 -58.73
C TYR XA 435 132.57 9.30 -57.85
N SER XA 436 132.21 9.29 -56.57
CA SER XA 436 132.73 10.28 -55.64
C SER XA 436 133.65 9.59 -54.64
N PRO XA 437 134.85 9.15 -55.07
CA PRO XA 437 135.71 8.54 -54.07
C PRO XA 437 136.37 9.62 -53.21
N LEU XA 438 136.63 9.28 -51.96
CA LEU XA 438 137.16 10.23 -50.98
C LEU XA 438 138.67 10.12 -50.80
N ALA XA 439 139.32 11.28 -50.69
CA ALA XA 439 140.72 11.37 -50.30
C ALA XA 439 140.91 10.84 -48.88
N THR XA 440 142.04 10.17 -48.64
CA THR XA 440 142.33 9.63 -47.31
C THR XA 440 142.12 10.65 -46.19
N GLU XA 441 142.77 11.80 -46.31
CA GLU XA 441 142.61 12.90 -45.36
C GLU XA 441 141.14 13.33 -45.22
N GLU XA 442 140.28 12.82 -46.08
CA GLU XA 442 138.84 13.08 -46.01
C GLU XA 442 138.08 11.91 -45.41
N GLN XA 443 138.68 10.72 -45.42
CA GLN XA 443 138.09 9.53 -44.82
C GLN XA 443 138.32 9.49 -43.30
N VAL XA 444 139.57 9.66 -42.91
CA VAL XA 444 140.00 9.51 -41.51
C VAL XA 444 139.25 10.38 -40.47
N PRO XA 445 138.84 11.61 -40.84
CA PRO XA 445 137.99 12.35 -39.91
C PRO XA 445 136.63 11.67 -39.68
N LEU XA 446 135.95 11.29 -40.75
CA LEU XA 446 134.65 10.67 -40.62
C LEU XA 446 134.73 9.36 -39.86
N ILE XA 447 135.72 8.55 -40.19
CA ILE XA 447 135.89 7.29 -39.50
C ILE XA 447 136.34 7.54 -38.05
N TYR XA 448 137.01 8.65 -37.80
CA TYR XA 448 137.33 9.01 -36.41
C TYR XA 448 136.09 9.36 -35.59
N ALA XA 449 135.32 10.35 -36.04
CA ALA XA 449 134.08 10.78 -35.35
C ALA XA 449 133.12 9.63 -35.13
N GLY XA 450 133.11 8.70 -36.08
CA GLY XA 450 132.33 7.48 -35.98
C GLY XA 450 132.79 6.63 -34.82
N VAL XA 451 133.94 5.98 -35.01
CA VAL XA 451 134.47 4.98 -34.06
C VAL XA 451 134.53 5.49 -32.62
N ASN XA 452 134.91 6.75 -32.44
CA ASN XA 452 135.03 7.30 -31.10
C ASN XA 452 133.76 7.96 -30.57
N GLY XA 453 132.63 7.59 -31.17
CA GLY XA 453 131.30 7.81 -30.60
C GLY XA 453 130.74 9.21 -30.65
N HIS XA 454 131.09 9.96 -31.69
CA HIS XA 454 130.61 11.32 -31.84
C HIS XA 454 129.39 11.42 -32.75
N LEU XA 455 128.86 10.27 -33.13
CA LEU XA 455 127.67 10.24 -33.97
C LEU XA 455 126.45 9.63 -33.25
N ASP XA 456 126.71 8.95 -32.13
CA ASP XA 456 125.67 8.30 -31.33
C ASP XA 456 124.55 9.28 -30.96
N GLY XA 457 124.93 10.54 -30.72
CA GLY XA 457 123.97 11.61 -30.48
C GLY XA 457 123.14 11.91 -31.72
N ILE XA 458 123.79 11.97 -32.87
CA ILE XA 458 123.10 12.33 -34.11
C ILE XA 458 122.15 11.22 -34.52
N GLU XA 459 121.03 11.65 -35.09
CA GLU XA 459 120.05 10.72 -35.67
C GLU XA 459 120.58 10.08 -36.93
N LEU XA 460 119.95 8.98 -37.32
CA LEU XA 460 120.47 8.14 -38.38
C LEU XA 460 120.25 8.67 -39.79
N SER XA 461 119.26 9.55 -39.98
CA SER XA 461 119.01 10.11 -41.29
C SER XA 461 119.93 11.30 -41.59
N ARG XA 462 120.33 12.01 -40.54
CA ARG XA 462 121.21 13.17 -40.71
C ARG XA 462 122.68 12.80 -40.98
N ILE XA 463 123.04 11.54 -40.78
CA ILE XA 463 124.42 11.10 -41.08
C ILE XA 463 124.80 11.39 -42.55
N GLY XA 464 123.79 11.52 -43.40
CA GLY XA 464 123.96 11.99 -44.77
C GLY XA 464 124.62 13.36 -44.81
N GLU XA 465 123.84 14.39 -44.54
CA GLU XA 465 124.34 15.77 -44.52
C GLU XA 465 125.50 16.00 -43.53
N PHE XA 466 125.71 15.09 -42.58
CA PHE XA 466 126.78 15.24 -41.60
C PHE XA 466 128.13 15.31 -42.28
N GLU XA 467 128.40 14.28 -43.08
CA GLU XA 467 129.67 14.11 -43.78
C GLU XA 467 129.99 15.35 -44.62
N SER XA 468 129.05 15.78 -45.46
CA SER XA 468 129.23 16.94 -46.33
C SER XA 468 129.68 18.20 -45.58
N SER XA 469 128.96 18.49 -44.49
CA SER XA 469 129.13 19.73 -43.75
C SER XA 469 130.35 19.67 -42.85
N PHE XA 470 130.67 18.49 -42.36
CA PHE XA 470 131.85 18.28 -41.52
C PHE XA 470 133.11 18.58 -42.31
N LEU XA 471 133.19 17.96 -43.48
CA LEU XA 471 134.36 18.02 -44.32
C LEU XA 471 134.62 19.41 -44.88
N SER XA 472 133.58 20.09 -45.34
CA SER XA 472 133.70 21.46 -45.81
C SER XA 472 134.06 22.42 -44.67
N TYR XA 473 133.55 22.15 -43.46
CA TYR XA 473 133.93 22.91 -42.28
C TYR XA 473 135.38 22.62 -41.93
N LEU XA 474 135.76 21.34 -41.85
CA LEU XA 474 137.15 20.97 -41.60
C LEU XA 474 138.09 21.63 -42.60
N LYS XA 475 137.65 21.71 -43.85
CA LYS XA 475 138.45 22.37 -44.89
C LYS XA 475 138.76 23.84 -44.57
N SER XA 476 137.72 24.62 -44.25
CA SER XA 476 137.87 26.06 -43.95
C SER XA 476 138.59 26.31 -42.62
N ASN XA 477 138.12 25.66 -41.56
CA ASN XA 477 138.55 25.95 -40.19
C ASN XA 477 139.65 25.05 -39.62
N HIS XA 478 140.06 24.03 -40.36
CA HIS XA 478 141.06 23.09 -39.88
C HIS XA 478 141.91 22.47 -41.00
N ASN XA 479 141.97 23.17 -42.13
CA ASN XA 479 142.74 22.71 -43.29
C ASN XA 479 144.15 22.25 -42.95
N GLU XA 480 144.63 22.66 -41.79
CA GLU XA 480 145.98 22.38 -41.37
C GLU XA 480 146.14 20.94 -40.86
N LEU XA 481 145.17 20.46 -40.10
CA LEU XA 481 145.19 19.08 -39.60
C LEU XA 481 145.05 18.12 -40.78
N LEU XA 482 144.09 18.43 -41.66
CA LEU XA 482 143.86 17.67 -42.88
C LEU XA 482 145.16 17.55 -43.69
N THR XA 483 145.86 18.67 -43.79
CA THR XA 483 147.14 18.75 -44.48
C THR XA 483 148.20 17.85 -43.87
N GLU XA 484 148.25 17.78 -42.54
CA GLU XA 484 149.22 16.95 -41.84
C GLU XA 484 148.97 15.45 -42.11
N ILE XA 485 147.70 15.04 -42.07
CA ILE XA 485 147.27 13.67 -42.39
C ILE XA 485 147.67 13.29 -43.81
N ARG XA 486 147.29 14.15 -44.76
CA ARG XA 486 147.69 13.99 -46.16
C ARG XA 486 149.20 13.95 -46.35
N GLU XA 487 149.94 14.71 -45.54
CA GLU XA 487 151.39 14.73 -45.69
C GLU XA 487 152.14 13.72 -44.82
N LYS XA 488 151.89 13.75 -43.51
CA LYS XA 488 152.57 12.82 -42.59
C LYS XA 488 152.10 11.37 -42.71
N GLY XA 489 150.80 11.18 -43.00
CA GLY XA 489 150.24 9.85 -43.19
C GLY XA 489 150.03 9.09 -41.89
N GLU XA 490 150.33 9.75 -40.77
CA GLU XA 490 150.19 9.19 -39.44
C GLU XA 490 149.54 10.23 -38.52
N LEU XA 491 149.16 9.80 -37.32
CA LEU XA 491 148.51 10.72 -36.38
C LEU XA 491 149.30 10.89 -35.06
N SER XA 492 149.77 12.12 -34.84
CA SER XA 492 150.46 12.51 -33.61
C SER XA 492 149.51 12.36 -32.43
N LYS XA 493 150.07 12.30 -31.23
CA LYS XA 493 149.25 12.35 -30.02
C LYS XA 493 148.53 13.69 -29.98
N GLU XA 494 149.18 14.70 -30.56
CA GLU XA 494 148.66 16.05 -30.70
C GLU XA 494 147.55 16.10 -31.74
N LEU XA 495 147.82 15.55 -32.93
CA LEU XA 495 146.82 15.45 -33.99
C LEU XA 495 145.51 14.77 -33.57
N LEU XA 496 145.61 13.80 -32.65
CA LEU XA 496 144.45 13.10 -32.11
C LEU XA 496 143.60 13.99 -31.20
N ALA XA 497 144.26 14.90 -30.48
CA ALA XA 497 143.56 15.89 -29.67
C ALA XA 497 143.06 17.04 -30.54
N SER XA 498 143.76 17.29 -31.64
CA SER XA 498 143.37 18.30 -32.64
C SER XA 498 142.04 17.93 -33.26
N LEU XA 499 142.01 16.73 -33.84
CA LEU XA 499 140.81 16.22 -34.49
C LEU XA 499 139.68 16.12 -33.48
N LYS XA 500 139.95 15.46 -32.35
CA LYS XA 500 139.01 15.35 -31.23
C LYS XA 500 138.34 16.68 -30.89
N SER XA 501 139.16 17.72 -30.71
CA SER XA 501 138.68 19.05 -30.41
C SER XA 501 137.82 19.66 -31.52
N ALA XA 502 138.24 19.44 -32.75
CA ALA XA 502 137.58 20.02 -33.93
C ALA XA 502 136.23 19.34 -34.17
N THR XA 503 136.20 18.05 -33.85
CA THR XA 503 135.00 17.24 -33.91
C THR XA 503 134.01 17.67 -32.84
N GLU XA 504 134.45 17.66 -31.57
CA GLU XA 504 133.58 17.99 -30.44
C GLU XA 504 133.00 19.37 -30.62
N SER XA 505 133.75 20.22 -31.31
CA SER XA 505 133.30 21.54 -31.69
C SER XA 505 132.22 21.49 -32.77
N PHE XA 506 132.40 20.64 -33.78
CA PHE XA 506 131.39 20.55 -34.83
C PHE XA 506 130.14 19.82 -34.40
N VAL XA 507 130.30 18.81 -33.55
CA VAL XA 507 129.20 18.01 -33.03
C VAL XA 507 128.35 18.81 -32.04
N ALA XA 508 129.02 19.65 -31.24
CA ALA XA 508 128.32 20.60 -30.38
C ALA XA 508 127.56 21.64 -31.23
N THR XA 509 128.12 22.00 -32.38
CA THR XA 509 127.52 23.02 -33.23
C THR XA 509 126.52 22.42 -34.24
N ILE YA 13 155.94 -70.01 -101.86
CA ILE YA 13 156.99 -70.72 -101.13
C ILE YA 13 158.33 -70.02 -101.33
N LEU YA 14 158.46 -69.30 -102.44
CA LEU YA 14 159.71 -68.59 -102.74
C LEU YA 14 159.84 -67.30 -101.95
N GLU YA 15 158.75 -66.75 -101.43
CA GLU YA 15 158.77 -65.51 -100.67
C GLU YA 15 158.96 -65.75 -99.17
N GLU YA 16 159.14 -67.00 -98.74
CA GLU YA 16 159.32 -67.28 -97.33
C GLU YA 16 160.75 -66.97 -96.87
N ARG YA 17 161.74 -67.54 -97.56
CA ARG YA 17 163.14 -67.31 -97.21
C ARG YA 17 163.70 -66.04 -97.83
N ILE YA 18 162.96 -65.38 -98.73
CA ILE YA 18 163.45 -64.15 -99.35
C ILE YA 18 163.20 -62.92 -98.50
N LYS YA 19 162.39 -63.04 -97.45
CA LYS YA 19 162.11 -61.89 -96.58
C LYS YA 19 163.26 -61.63 -95.62
N GLY YA 20 163.49 -62.56 -94.70
CA GLY YA 20 164.56 -62.40 -93.73
C GLY YA 20 164.23 -61.43 -92.62
N VAL YA 21 163.12 -61.67 -91.93
CA VAL YA 21 162.70 -60.81 -90.82
C VAL YA 21 162.26 -61.68 -89.64
N SER YA 22 162.89 -62.84 -89.49
CA SER YA 22 162.59 -63.79 -88.43
C SER YA 22 161.11 -64.20 -88.46
N ASP YA 23 160.81 -65.06 -89.43
CA ASP YA 23 159.45 -65.56 -89.62
C ASP YA 23 159.30 -66.90 -88.87
N GLU YA 24 159.37 -66.81 -87.54
CA GLU YA 24 159.25 -68.00 -86.70
C GLU YA 24 158.66 -67.66 -85.34
N ALA YA 25 157.86 -66.60 -85.25
CA ALA YA 25 157.24 -66.20 -83.99
C ALA YA 25 156.04 -67.09 -83.70
N ASN YA 26 156.11 -67.85 -82.60
CA ASN YA 26 155.04 -68.75 -82.21
C ASN YA 26 153.92 -67.92 -81.56
N THR YA 30 152.48 -67.04 -76.90
CA THR YA 30 153.12 -65.72 -76.80
C THR YA 30 152.47 -64.62 -77.63
N GLY YA 31 152.74 -63.39 -77.23
CA GLY YA 31 152.32 -62.21 -77.97
C GLY YA 31 153.26 -61.04 -77.74
N ARG YA 32 152.99 -59.93 -78.41
CA ARG YA 32 153.75 -58.71 -78.22
C ARG YA 32 152.84 -57.55 -77.90
N VAL YA 33 153.26 -56.70 -76.95
CA VAL YA 33 152.50 -55.52 -76.54
C VAL YA 33 152.40 -54.60 -77.74
N LEU YA 34 151.19 -54.19 -78.08
CA LEU YA 34 150.97 -53.19 -79.12
C LEU YA 34 150.94 -51.82 -78.51
N ALA YA 35 150.24 -51.71 -77.39
CA ALA YA 35 150.13 -50.47 -76.66
C ALA YA 35 149.80 -50.79 -75.22
N VAL YA 36 150.30 -49.95 -74.33
CA VAL YA 36 150.06 -50.09 -72.90
C VAL YA 36 149.79 -48.71 -72.31
N GLY YA 37 148.77 -48.62 -71.45
CA GLY YA 37 148.43 -47.39 -70.73
C GLY YA 37 147.23 -47.55 -69.81
N ASP YA 38 147.19 -46.77 -68.73
CA ASP YA 38 146.04 -46.76 -67.80
C ASP YA 38 145.74 -48.13 -67.19
N GLY YA 39 146.78 -48.93 -66.97
CA GLY YA 39 146.59 -50.24 -66.35
C GLY YA 39 146.18 -51.36 -67.29
N ILE YA 40 146.07 -51.05 -68.58
CA ILE YA 40 145.77 -52.07 -69.60
C ILE YA 40 146.92 -52.17 -70.57
N ALA YA 41 147.00 -53.31 -71.23
CA ALA YA 41 147.95 -53.53 -72.30
C ALA YA 41 147.26 -54.33 -73.38
N ARG YA 42 147.26 -53.77 -74.59
CA ARG YA 42 146.71 -54.50 -75.71
C ARG YA 42 147.79 -55.31 -76.41
N VAL YA 43 147.74 -56.62 -76.23
CA VAL YA 43 148.73 -57.54 -76.78
C VAL YA 43 148.29 -58.05 -78.16
N PHE YA 44 149.27 -58.26 -79.04
CA PHE YA 44 149.02 -58.84 -80.37
C PHE YA 44 149.30 -60.33 -80.38
N GLY YA 45 148.45 -61.08 -81.06
CA GLY YA 45 148.59 -62.54 -81.08
C GLY YA 45 147.96 -63.24 -79.89
N LEU YA 46 148.75 -64.07 -79.22
CA LEU YA 46 148.24 -65.00 -78.21
C LEU YA 46 146.94 -65.64 -78.70
N ASN YA 47 147.05 -66.47 -79.74
CA ASN YA 47 145.87 -67.03 -80.40
C ASN YA 47 145.20 -68.19 -79.67
N ASN YA 48 145.96 -68.92 -78.87
CA ASN YA 48 145.38 -70.01 -78.14
C ASN YA 48 144.92 -69.60 -76.77
N ILE YA 49 145.14 -68.33 -76.43
CA ILE YA 49 144.76 -67.83 -75.13
C ILE YA 49 143.27 -68.04 -74.88
N GLN YA 50 142.90 -68.20 -73.61
CA GLN YA 50 141.51 -68.26 -73.20
C GLN YA 50 141.25 -67.10 -72.26
N ALA YA 51 139.99 -66.63 -72.23
CA ALA YA 51 139.55 -65.51 -71.37
C ALA YA 51 139.78 -65.81 -69.90
N GLU YA 52 140.17 -64.77 -69.16
CA GLU YA 52 140.48 -64.87 -67.73
C GLU YA 52 141.73 -65.72 -67.36
N GLU YA 53 142.46 -66.17 -68.38
CA GLU YA 53 143.74 -66.83 -68.19
C GLU YA 53 144.81 -65.81 -67.80
N LEU YA 54 145.78 -66.23 -67.00
CA LEU YA 54 146.87 -65.36 -66.58
C LEU YA 54 147.92 -65.19 -67.69
N VAL YA 55 148.68 -64.09 -67.66
CA VAL YA 55 149.82 -63.88 -68.60
C VAL YA 55 151.04 -63.25 -67.93
N GLU YA 56 152.24 -63.70 -68.30
CA GLU YA 56 153.47 -63.07 -67.79
C GLU YA 56 154.18 -62.24 -68.87
N PHE YA 57 154.72 -61.09 -68.46
CA PHE YA 57 155.40 -60.15 -69.36
C PHE YA 57 156.91 -60.20 -69.19
N SER YA 58 157.64 -59.57 -70.12
CA SER YA 58 159.11 -59.61 -70.15
C SER YA 58 159.80 -59.33 -68.80
N SER YA 59 159.14 -58.53 -67.95
CA SER YA 59 159.67 -58.22 -66.62
C SER YA 59 158.89 -58.90 -65.48
N GLY YA 60 158.34 -60.08 -65.77
CA GLY YA 60 157.70 -60.91 -64.75
C GLY YA 60 156.45 -60.36 -64.11
N VAL YA 61 155.88 -59.32 -64.71
CA VAL YA 61 154.62 -58.71 -64.23
C VAL YA 61 153.42 -59.45 -64.78
N LYS YA 62 152.58 -59.97 -63.88
CA LYS YA 62 151.42 -60.77 -64.27
C LYS YA 62 150.26 -59.91 -64.71
N GLY YA 63 149.68 -60.27 -65.83
CA GLY YA 63 148.49 -59.61 -66.33
C GLY YA 63 147.37 -60.62 -66.38
N MET YA 64 146.22 -60.18 -66.88
CA MET YA 64 145.10 -61.10 -67.08
C MET YA 64 144.39 -60.78 -68.38
N ALA YA 65 143.97 -61.82 -69.07
CA ALA YA 65 143.28 -61.68 -70.34
C ALA YA 65 141.84 -61.29 -70.08
N LEU YA 66 141.52 -60.04 -70.36
CA LEU YA 66 140.18 -59.56 -70.20
C LEU YA 66 139.37 -59.98 -71.41
N ASN YA 67 139.38 -59.15 -72.43
CA ASN YA 67 138.63 -59.43 -73.62
C ASN YA 67 139.51 -59.87 -74.79
N LEU YA 68 138.94 -60.73 -75.63
CA LEU YA 68 139.62 -61.29 -76.78
C LEU YA 68 138.85 -60.84 -78.00
N GLU YA 69 139.50 -60.03 -78.84
CA GLU YA 69 138.92 -59.57 -80.10
C GLU YA 69 139.62 -60.21 -81.27
N PRO YA 70 139.06 -60.06 -82.48
CA PRO YA 70 139.93 -60.44 -83.60
C PRO YA 70 141.09 -59.44 -83.66
N GLY YA 71 142.31 -59.96 -83.63
CA GLY YA 71 143.49 -59.11 -83.79
C GLY YA 71 144.31 -58.87 -82.54
N GLN YA 72 143.64 -58.65 -81.41
CA GLN YA 72 144.36 -58.33 -80.17
C GLN YA 72 143.68 -58.82 -78.93
N VAL YA 73 144.46 -58.94 -77.86
CA VAL YA 73 143.94 -59.34 -76.57
C VAL YA 73 144.13 -58.21 -75.58
N GLY YA 74 143.03 -57.75 -75.00
CA GLY YA 74 143.07 -56.78 -73.89
C GLY YA 74 143.53 -57.46 -72.61
N ILE YA 75 144.59 -56.94 -72.01
CA ILE YA 75 145.16 -57.58 -70.85
C ILE YA 75 145.29 -56.60 -69.69
N VAL YA 76 144.75 -56.98 -68.55
CA VAL YA 76 144.77 -56.09 -67.39
C VAL YA 76 146.00 -56.39 -66.55
N LEU YA 77 146.75 -55.34 -66.25
CA LEU YA 77 147.98 -55.50 -65.49
C LEU YA 77 147.74 -55.63 -63.98
N PHE YA 78 148.32 -56.67 -63.38
CA PHE YA 78 148.41 -56.76 -61.92
C PHE YA 78 149.67 -56.03 -61.46
N GLY YA 79 149.74 -54.74 -61.77
CA GLY YA 79 150.87 -53.96 -61.32
C GLY YA 79 151.02 -52.60 -61.98
N SER YA 80 152.14 -51.95 -61.68
CA SER YA 80 152.52 -50.72 -62.33
C SER YA 80 152.61 -50.91 -63.84
N ASP YA 81 152.21 -49.89 -64.58
CA ASP YA 81 152.37 -49.88 -66.03
C ASP YA 81 153.85 -49.78 -66.43
N ARG YA 82 154.63 -49.11 -65.59
CA ARG YA 82 156.07 -48.89 -65.84
C ARG YA 82 156.82 -50.18 -66.16
N LEU YA 83 156.37 -51.28 -65.56
CA LEU YA 83 156.99 -52.58 -65.69
C LEU YA 83 156.73 -53.26 -67.05
N VAL YA 84 155.99 -52.58 -67.94
CA VAL YA 84 155.70 -53.05 -69.30
C VAL YA 84 156.18 -52.02 -70.33
N LYS YA 85 156.52 -52.49 -71.52
CA LYS YA 85 156.86 -51.62 -72.65
C LYS YA 85 156.18 -52.12 -73.93
N GLU YA 86 155.69 -51.21 -74.75
CA GLU YA 86 155.22 -51.57 -76.08
C GLU YA 86 156.35 -52.32 -76.80
N GLY YA 87 156.05 -53.52 -77.28
CA GLY YA 87 157.02 -54.32 -77.98
C GLY YA 87 157.35 -55.62 -77.26
N GLU YA 88 157.22 -55.60 -75.93
CA GLU YA 88 157.61 -56.73 -75.07
C GLU YA 88 156.98 -58.09 -75.42
N LEU YA 89 157.71 -59.16 -75.14
CA LEU YA 89 157.21 -60.52 -75.36
C LEU YA 89 156.38 -60.98 -74.18
N VAL YA 90 155.20 -61.53 -74.48
CA VAL YA 90 154.23 -61.92 -73.47
C VAL YA 90 153.92 -63.42 -73.53
N LYS YA 91 154.03 -64.09 -72.39
CA LYS YA 91 153.85 -65.54 -72.33
C LYS YA 91 152.53 -65.91 -71.68
N ARG YA 92 151.98 -67.04 -72.11
CA ARG YA 92 150.79 -67.62 -71.49
C ARG YA 92 151.15 -68.34 -70.20
N THR YA 93 150.17 -68.53 -69.31
CA THR YA 93 150.37 -69.39 -68.15
C THR YA 93 149.60 -70.69 -68.31
N GLY YA 94 148.52 -70.64 -69.07
CA GLY YA 94 147.62 -71.79 -69.17
C GLY YA 94 146.74 -71.88 -67.94
N ASN YA 95 147.09 -71.12 -66.91
CA ASN YA 95 146.27 -71.04 -65.72
C ASN YA 95 145.28 -69.89 -65.81
N ILE YA 96 144.03 -70.15 -65.45
CA ILE YA 96 143.09 -69.08 -65.15
C ILE YA 96 143.50 -68.54 -63.77
N VAL YA 97 143.32 -67.26 -63.55
CA VAL YA 97 143.70 -66.62 -62.29
C VAL YA 97 143.46 -67.51 -61.07
N ASP YA 98 144.51 -67.81 -60.31
CA ASP YA 98 144.45 -68.84 -59.24
C ASP YA 98 145.43 -68.69 -58.04
N VAL YA 99 145.09 -69.32 -56.93
CA VAL YA 99 145.82 -69.17 -55.67
C VAL YA 99 146.25 -70.49 -55.02
N PRO YA 100 147.32 -70.46 -54.17
CA PRO YA 100 147.58 -71.62 -53.33
C PRO YA 100 146.51 -71.69 -52.26
N VAL YA 101 146.13 -72.91 -51.90
CA VAL YA 101 145.08 -73.15 -50.89
C VAL YA 101 145.48 -74.32 -49.99
N GLY YA 102 144.69 -74.56 -48.94
CA GLY YA 102 144.93 -75.70 -48.05
C GLY YA 102 145.44 -75.30 -46.68
N PRO YA 103 145.68 -76.30 -45.81
CA PRO YA 103 145.93 -76.07 -44.39
C PRO YA 103 147.13 -75.17 -44.12
N GLY YA 104 148.21 -75.39 -44.87
CA GLY YA 104 149.48 -74.71 -44.65
C GLY YA 104 149.37 -73.22 -44.43
N LEU YA 105 148.58 -72.56 -45.28
CA LEU YA 105 148.46 -71.10 -45.29
C LEU YA 105 148.33 -70.42 -43.93
N LEU YA 106 147.63 -71.05 -42.98
CA LEU YA 106 147.40 -70.48 -41.66
C LEU YA 106 148.67 -69.92 -41.01
N GLY YA 107 148.54 -68.81 -40.28
CA GLY YA 107 149.66 -68.19 -39.59
C GLY YA 107 150.64 -67.47 -40.51
N ARG YA 108 150.32 -67.47 -41.80
CA ARG YA 108 151.05 -66.73 -42.82
C ARG YA 108 150.24 -65.54 -43.35
N VAL YA 109 150.92 -64.61 -44.03
CA VAL YA 109 150.30 -63.40 -44.59
C VAL YA 109 150.65 -63.25 -46.07
N VAL YA 110 149.65 -63.36 -46.93
CA VAL YA 110 149.88 -63.29 -48.40
C VAL YA 110 149.19 -62.14 -49.14
N ASP YA 111 149.62 -61.92 -50.37
CA ASP YA 111 148.98 -60.93 -51.24
C ASP YA 111 147.98 -61.61 -52.17
N ALA YA 112 147.40 -60.81 -53.06
CA ALA YA 112 146.30 -61.21 -53.97
C ALA YA 112 146.62 -62.43 -54.84
N LEU YA 113 147.90 -62.73 -54.99
CA LEU YA 113 148.29 -63.94 -55.71
C LEU YA 113 148.91 -65.01 -54.80
N GLY YA 114 148.47 -65.02 -53.55
CA GLY YA 114 148.95 -65.96 -52.57
C GLY YA 114 150.46 -65.97 -52.52
N ASN YA 115 151.06 -64.85 -52.92
CA ASN YA 115 152.49 -64.69 -52.80
C ASN YA 115 152.81 -64.33 -51.37
N PRO YA 116 153.74 -65.08 -50.76
CA PRO YA 116 154.16 -64.87 -49.38
C PRO YA 116 154.78 -63.49 -49.24
N ILE YA 117 154.37 -62.74 -48.22
CA ILE YA 117 154.93 -61.41 -47.99
C ILE YA 117 155.38 -61.13 -46.56
N ASP YA 118 155.09 -62.05 -45.63
CA ASP YA 118 155.66 -61.88 -44.29
C ASP YA 118 157.14 -62.30 -44.27
N GLY YA 119 157.59 -62.91 -45.37
CA GLY YA 119 158.98 -63.36 -45.51
C GLY YA 119 159.29 -64.65 -44.75
N LYS YA 120 158.24 -65.33 -44.30
CA LYS YA 120 158.36 -66.59 -43.58
C LYS YA 120 158.40 -67.77 -44.56
N GLY YA 121 159.29 -67.65 -45.54
CA GLY YA 121 159.52 -68.70 -46.54
C GLY YA 121 158.52 -68.74 -47.67
N PRO YA 122 158.32 -69.95 -48.26
CA PRO YA 122 157.34 -70.17 -49.31
C PRO YA 122 155.99 -70.59 -48.74
N ILE YA 123 154.91 -70.29 -49.46
CA ILE YA 123 153.58 -70.76 -49.08
C ILE YA 123 153.47 -72.28 -49.22
N ASP YA 124 153.11 -72.95 -48.13
CA ASP YA 124 152.86 -74.40 -48.15
C ASP YA 124 151.40 -74.69 -48.57
N ALA YA 125 151.24 -75.26 -49.77
CA ALA YA 125 149.93 -75.42 -50.39
C ALA YA 125 149.40 -76.85 -50.31
N ALA YA 126 148.09 -76.97 -50.51
CA ALA YA 126 147.45 -78.27 -50.69
C ALA YA 126 147.17 -78.45 -52.18
N GLY YA 127 146.86 -77.34 -52.84
CA GLY YA 127 146.54 -77.32 -54.25
C GLY YA 127 146.36 -75.89 -54.70
N ARG YA 128 145.60 -75.69 -55.76
CA ARG YA 128 145.41 -74.36 -56.32
C ARG YA 128 143.99 -74.12 -56.85
N SER YA 129 143.20 -73.39 -56.08
CA SER YA 129 141.86 -72.97 -56.49
C SER YA 129 141.89 -71.73 -57.39
N ARG YA 130 140.95 -71.69 -58.34
CA ARG YA 130 140.74 -70.51 -59.15
C ARG YA 130 140.18 -69.42 -58.25
N ALA YA 131 140.52 -68.17 -58.54
CA ALA YA 131 139.90 -67.05 -57.85
C ALA YA 131 138.46 -66.88 -58.32
N GLN YA 132 138.14 -67.43 -59.50
CA GLN YA 132 136.77 -67.44 -60.01
C GLN YA 132 136.14 -68.83 -59.99
N VAL YA 133 135.56 -69.18 -58.85
CA VAL YA 133 134.76 -70.41 -58.73
C VAL YA 133 133.30 -70.00 -58.55
N LYS YA 134 132.38 -70.91 -58.91
CA LYS YA 134 130.95 -70.64 -58.81
C LYS YA 134 130.38 -71.09 -57.48
N ALA YA 135 129.23 -70.53 -57.11
CA ALA YA 135 128.65 -70.69 -55.79
C ALA YA 135 127.94 -72.02 -55.63
N PRO YA 136 127.99 -72.64 -54.43
CA PRO YA 136 127.15 -73.82 -54.20
C PRO YA 136 125.68 -73.45 -54.37
N GLY YA 137 124.97 -74.20 -55.21
CA GLY YA 137 123.61 -73.84 -55.66
C GLY YA 137 122.49 -74.11 -54.67
N ILE YA 138 121.30 -74.37 -55.22
CA ILE YA 138 120.08 -74.57 -54.42
C ILE YA 138 120.13 -75.87 -53.61
N LEU YA 139 120.83 -76.86 -54.14
CA LEU YA 139 120.70 -78.19 -53.60
C LEU YA 139 121.76 -78.64 -52.59
N PRO YA 140 123.02 -78.24 -52.78
CA PRO YA 140 124.07 -78.75 -51.86
C PRO YA 140 124.06 -77.99 -50.53
N ARG YA 141 123.04 -77.16 -50.36
CA ARG YA 141 122.94 -76.21 -49.26
C ARG YA 141 122.06 -76.68 -48.11
N ARG YA 142 122.22 -76.01 -46.98
CA ARG YA 142 121.57 -76.38 -45.75
C ARG YA 142 121.40 -75.14 -44.89
N SER YA 143 120.20 -74.95 -44.35
CA SER YA 143 119.89 -73.88 -43.39
C SER YA 143 120.91 -73.73 -42.24
N VAL YA 144 121.50 -72.54 -42.17
CA VAL YA 144 122.50 -72.19 -41.16
C VAL YA 144 121.93 -72.40 -39.77
N HIS YA 145 122.71 -73.00 -38.88
CA HIS YA 145 122.18 -73.32 -37.55
C HIS YA 145 123.16 -73.27 -36.38
N GLU YA 146 124.45 -73.52 -36.61
CA GLU YA 146 125.46 -73.41 -35.56
C GLU YA 146 125.81 -71.95 -35.38
N PRO YA 147 125.83 -71.44 -34.13
CA PRO YA 147 126.16 -70.03 -33.91
C PRO YA 147 127.64 -69.73 -34.03
N VAL YA 148 127.96 -68.52 -34.44
CA VAL YA 148 129.32 -68.03 -34.38
C VAL YA 148 129.39 -67.05 -33.21
N GLN YA 149 129.94 -67.51 -32.09
CA GLN YA 149 129.93 -66.73 -30.84
C GLN YA 149 130.93 -65.58 -30.91
N THR YA 150 130.42 -64.36 -30.93
CA THR YA 150 131.25 -63.16 -31.14
C THR YA 150 131.76 -62.61 -29.82
N GLY YA 151 131.13 -63.07 -28.74
CA GLY YA 151 131.48 -62.62 -27.39
C GLY YA 151 131.00 -61.21 -27.11
N LEU YA 152 130.18 -60.69 -28.01
CA LEU YA 152 129.74 -59.30 -27.94
C LEU YA 152 128.26 -59.20 -27.67
N LYS YA 153 127.94 -58.90 -26.41
CA LYS YA 153 126.58 -58.87 -25.88
C LYS YA 153 125.58 -58.33 -26.89
N ALA YA 154 125.82 -57.10 -27.34
CA ALA YA 154 124.94 -56.42 -28.27
C ALA YA 154 124.69 -57.28 -29.51
N VAL YA 155 125.74 -57.94 -29.99
CA VAL YA 155 125.66 -58.79 -31.18
C VAL YA 155 124.94 -60.10 -30.85
N ASP YA 156 125.58 -60.96 -30.05
CA ASP YA 156 125.05 -62.29 -29.71
C ASP YA 156 123.58 -62.31 -29.31
N ALA YA 157 123.20 -61.41 -28.42
CA ALA YA 157 121.80 -61.27 -27.99
C ALA YA 157 120.89 -60.79 -29.12
N LEU YA 158 121.26 -59.70 -29.77
CA LEU YA 158 120.34 -59.02 -30.70
C LEU YA 158 120.46 -59.47 -32.14
N VAL YA 159 121.64 -59.28 -32.74
CA VAL YA 159 121.87 -59.71 -34.12
C VAL YA 159 122.89 -60.83 -34.18
N PRO YA 160 122.46 -62.08 -33.89
CA PRO YA 160 123.41 -63.17 -33.77
C PRO YA 160 123.76 -63.70 -35.14
N ILE YA 161 124.95 -64.29 -35.28
CA ILE YA 161 125.40 -64.75 -36.59
C ILE YA 161 125.71 -66.24 -36.64
N GLY YA 162 124.99 -66.98 -37.46
CA GLY YA 162 125.27 -68.41 -37.64
C GLY YA 162 126.43 -68.67 -38.59
N ARG YA 163 126.95 -69.90 -38.54
CA ARG YA 163 127.98 -70.34 -39.48
C ARG YA 163 127.36 -70.50 -40.86
N GLY YA 164 127.97 -69.87 -41.87
CA GLY YA 164 127.45 -69.94 -43.23
C GLY YA 164 126.66 -68.68 -43.60
N GLN YA 165 126.16 -68.00 -42.58
CA GLN YA 165 125.49 -66.72 -42.76
C GLN YA 165 126.49 -65.66 -43.21
N ARG YA 166 125.97 -64.61 -43.85
CA ARG YA 166 126.79 -63.56 -44.42
C ARG YA 166 126.33 -62.25 -43.82
N GLU YA 167 126.99 -61.83 -42.73
CA GLU YA 167 126.58 -60.63 -41.98
C GLU YA 167 127.41 -59.38 -42.29
N LEU YA 168 126.74 -58.30 -42.66
CA LEU YA 168 127.41 -57.04 -42.99
C LEU YA 168 127.74 -56.20 -41.76
N ILE YA 169 128.82 -55.43 -41.86
CA ILE YA 169 129.22 -54.45 -40.86
C ILE YA 169 129.29 -53.09 -41.57
N ILE YA 170 128.31 -52.23 -41.30
CA ILE YA 170 128.16 -51.02 -42.09
C ILE YA 170 128.05 -49.77 -41.22
N GLY YA 171 129.14 -49.01 -41.16
CA GLY YA 171 129.16 -47.78 -40.37
C GLY YA 171 129.97 -46.67 -41.02
N ASP YA 172 130.01 -45.51 -40.37
CA ASP YA 172 130.90 -44.43 -40.80
C ASP YA 172 132.32 -44.75 -40.33
N ARG YA 173 133.31 -44.17 -40.99
CA ARG YA 173 134.71 -44.29 -40.59
C ARG YA 173 134.88 -44.00 -39.10
N GLN YA 174 135.69 -44.81 -38.42
CA GLN YA 174 135.98 -44.63 -36.98
C GLN YA 174 134.82 -45.01 -36.06
N THR YA 175 134.14 -46.12 -36.35
CA THR YA 175 132.95 -46.50 -35.58
C THR YA 175 133.11 -47.82 -34.81
N GLY YA 176 134.24 -48.49 -35.02
CA GLY YA 176 134.43 -49.83 -34.47
C GLY YA 176 133.89 -50.91 -35.39
N LYS YA 177 134.12 -50.74 -36.70
CA LYS YA 177 133.77 -51.74 -37.69
C LYS YA 177 134.77 -52.88 -37.69
N THR YA 178 136.06 -52.54 -37.65
CA THR YA 178 137.12 -53.55 -37.52
C THR YA 178 137.06 -54.14 -36.12
N ALA YA 179 136.94 -53.28 -35.12
CA ALA YA 179 136.83 -53.69 -33.72
C ALA YA 179 135.90 -54.88 -33.60
N VAL YA 180 134.68 -54.72 -34.11
CA VAL YA 180 133.68 -55.78 -34.11
C VAL YA 180 134.22 -57.04 -34.77
N ALA YA 181 134.74 -56.89 -35.98
CA ALA YA 181 135.26 -58.00 -36.76
C ALA YA 181 136.46 -58.66 -36.06
N LEU YA 182 137.46 -57.85 -35.72
CA LEU YA 182 138.66 -58.30 -35.02
C LEU YA 182 138.31 -59.10 -33.76
N ASP YA 183 137.42 -58.54 -32.95
CA ASP YA 183 136.99 -59.15 -31.69
C ASP YA 183 136.42 -60.57 -31.86
N THR YA 184 135.71 -60.79 -32.96
CA THR YA 184 135.20 -62.12 -33.28
C THR YA 184 136.37 -63.06 -33.56
N ILE YA 185 137.33 -62.60 -34.37
CA ILE YA 185 138.53 -63.37 -34.69
C ILE YA 185 139.29 -63.72 -33.42
N LEU YA 186 139.17 -62.89 -32.40
CA LEU YA 186 139.81 -63.15 -31.12
C LEU YA 186 139.07 -64.26 -30.37
N ASN YA 187 137.75 -64.10 -30.25
CA ASN YA 187 136.89 -64.96 -29.44
C ASN YA 187 136.97 -66.48 -29.72
N GLN YA 188 137.27 -66.83 -30.97
CA GLN YA 188 137.30 -68.24 -31.41
C GLN YA 188 138.36 -69.10 -30.71
N LYS YA 189 139.25 -68.44 -29.98
CA LYS YA 189 140.32 -69.10 -29.26
C LYS YA 189 139.81 -70.09 -28.23
N ARG YA 190 138.65 -69.79 -27.63
CA ARG YA 190 137.97 -70.72 -26.72
C ARG YA 190 137.82 -72.08 -27.38
N TRP YA 191 137.52 -72.07 -28.69
CA TRP YA 191 137.19 -73.29 -29.44
C TRP YA 191 138.34 -73.85 -30.28
N ASN YA 192 139.07 -72.96 -30.95
CA ASN YA 192 140.18 -73.38 -31.82
C ASN YA 192 141.35 -73.98 -31.04
N ASN YA 193 141.26 -73.91 -29.72
CA ASN YA 193 142.24 -74.52 -28.80
C ASN YA 193 142.06 -76.03 -28.60
N GLY YA 194 140.82 -76.47 -28.35
CA GLY YA 194 140.53 -77.84 -27.92
C GLY YA 194 140.46 -78.93 -28.98
N SER YA 195 140.29 -80.17 -28.51
CA SER YA 195 140.25 -81.38 -29.35
C SER YA 195 139.20 -81.33 -30.44
N ASP YA 196 138.11 -80.62 -30.15
CA ASP YA 196 136.89 -80.56 -30.97
C ASP YA 196 137.07 -80.01 -32.41
N GLU YA 197 136.94 -80.92 -33.38
CA GLU YA 197 137.13 -80.62 -34.80
C GLU YA 197 136.01 -79.81 -35.44
N SER YA 198 134.82 -79.85 -34.84
CA SER YA 198 133.62 -79.26 -35.41
C SER YA 198 133.29 -77.88 -34.82
N LYS YA 199 133.79 -77.64 -33.60
CA LYS YA 199 133.63 -76.34 -32.91
C LYS YA 199 134.61 -75.27 -33.41
N LYS YA 200 135.49 -75.66 -34.34
CA LYS YA 200 136.57 -74.81 -34.81
C LYS YA 200 136.17 -73.94 -36.00
N LEU YA 201 136.50 -72.65 -35.92
CA LEU YA 201 136.28 -71.71 -37.01
C LEU YA 201 137.59 -70.97 -37.30
N TYR YA 202 138.16 -71.22 -38.47
CA TYR YA 202 139.37 -70.52 -38.91
C TYR YA 202 139.03 -69.13 -39.52
N CYS YA 203 140.00 -68.22 -39.47
CA CYS YA 203 139.76 -66.83 -39.83
C CYS YA 203 140.55 -66.42 -41.07
N VAL YA 204 139.84 -65.75 -41.99
CA VAL YA 204 140.50 -65.19 -43.16
C VAL YA 204 140.25 -63.69 -43.16
N TYR YA 205 141.33 -62.92 -43.02
CA TYR YA 205 141.21 -61.47 -43.05
C TYR YA 205 141.78 -60.94 -44.35
N VAL YA 206 140.87 -60.52 -45.22
CA VAL YA 206 141.23 -59.73 -46.40
C VAL YA 206 141.36 -58.29 -45.93
N ALA YA 207 142.38 -57.60 -46.44
CA ALA YA 207 142.67 -56.21 -46.07
C ALA YA 207 142.65 -55.21 -47.26
N VAL YA 208 141.46 -55.03 -47.83
CA VAL YA 208 141.31 -54.33 -49.11
C VAL YA 208 141.39 -52.79 -49.06
N GLY YA 209 142.48 -52.25 -49.61
CA GLY YA 209 142.70 -50.82 -49.67
C GLY YA 209 143.23 -50.18 -48.40
N GLN YA 210 143.63 -51.00 -47.45
CA GLN YA 210 144.11 -50.56 -46.15
C GLN YA 210 145.55 -50.03 -46.22
N LYS YA 211 146.08 -49.54 -45.11
CA LYS YA 211 147.47 -49.13 -45.05
C LYS YA 211 148.40 -50.29 -44.66
N ARG YA 212 149.66 -50.19 -45.11
CA ARG YA 212 150.68 -51.19 -44.76
C ARG YA 212 150.94 -51.18 -43.27
N SER YA 213 150.93 -49.97 -42.70
CA SER YA 213 151.08 -49.75 -41.28
C SER YA 213 149.93 -50.36 -40.49
N THR YA 214 148.70 -50.11 -40.93
CA THR YA 214 147.49 -50.63 -40.25
C THR YA 214 147.51 -52.15 -40.15
N VAL YA 215 147.93 -52.81 -41.23
CA VAL YA 215 147.96 -54.29 -41.32
C VAL YA 215 149.03 -54.89 -40.40
N ALA YA 216 150.19 -54.27 -40.38
CA ALA YA 216 151.27 -54.67 -39.48
C ALA YA 216 150.74 -54.81 -38.06
N GLN YA 217 150.25 -53.69 -37.54
CA GLN YA 217 149.71 -53.62 -36.19
C GLN YA 217 148.53 -54.56 -36.00
N LEU YA 218 147.77 -54.78 -37.07
CA LEU YA 218 146.65 -55.72 -37.02
C LEU YA 218 147.12 -57.16 -36.95
N VAL YA 219 148.26 -57.45 -37.55
CA VAL YA 219 148.91 -58.78 -37.38
C VAL YA 219 149.54 -58.92 -35.99
N GLN YA 220 150.27 -57.88 -35.58
CA GLN YA 220 150.81 -57.77 -34.23
C GLN YA 220 149.78 -58.10 -33.16
N THR YA 221 148.63 -57.44 -33.21
CA THR YA 221 147.58 -57.67 -32.22
C THR YA 221 146.90 -59.03 -32.39
N LEU YA 222 147.03 -59.64 -33.57
CA LEU YA 222 146.55 -61.01 -33.75
C LEU YA 222 147.56 -62.04 -33.25
N GLU YA 223 148.84 -61.68 -33.28
CA GLU YA 223 149.88 -62.50 -32.67
C GLU YA 223 149.97 -62.26 -31.18
N GLN YA 224 149.67 -61.03 -30.75
CA GLN YA 224 149.63 -60.69 -29.33
C GLN YA 224 148.52 -61.46 -28.60
N HIS YA 225 147.53 -61.93 -29.36
CA HIS YA 225 146.46 -62.75 -28.82
C HIS YA 225 146.52 -64.19 -29.33
N ASP YA 226 147.62 -64.51 -30.00
CA ASP YA 226 147.95 -65.88 -30.44
C ASP YA 226 147.12 -66.34 -31.64
N ALA YA 227 146.06 -65.59 -31.93
CA ALA YA 227 145.09 -65.95 -32.97
C ALA YA 227 145.70 -66.09 -34.38
N MET YA 228 147.00 -65.80 -34.49
CA MET YA 228 147.71 -65.94 -35.76
C MET YA 228 147.75 -67.38 -36.22
N LYS YA 229 148.21 -68.26 -35.32
CA LYS YA 229 148.28 -69.71 -35.56
C LYS YA 229 147.08 -70.30 -36.33
N TYR YA 230 145.89 -69.75 -36.07
CA TYR YA 230 144.67 -70.26 -36.71
C TYR YA 230 144.04 -69.33 -37.77
N SER YA 231 144.79 -68.33 -38.23
CA SER YA 231 144.25 -67.38 -39.20
C SER YA 231 145.18 -67.07 -40.37
N ILE YA 232 144.58 -66.92 -41.56
CA ILE YA 232 145.29 -66.42 -42.74
C ILE YA 232 144.88 -64.98 -43.11
N ILE YA 233 145.88 -64.17 -43.43
CA ILE YA 233 145.68 -62.78 -43.82
C ILE YA 233 146.14 -62.56 -45.24
N VAL YA 234 145.22 -62.04 -46.05
CA VAL YA 234 145.50 -61.57 -47.42
C VAL YA 234 145.29 -60.07 -47.44
N ALA YA 235 146.30 -59.33 -47.93
CA ALA YA 235 146.20 -57.87 -47.96
C ALA YA 235 146.69 -57.26 -49.26
N ALA YA 236 145.91 -56.30 -49.73
CA ALA YA 236 146.16 -55.53 -50.94
C ALA YA 236 146.06 -54.05 -50.58
N THR YA 237 147.12 -53.51 -49.98
CA THR YA 237 147.12 -52.16 -49.41
C THR YA 237 146.92 -51.02 -50.44
N ALA YA 238 146.66 -49.80 -49.95
CA ALA YA 238 146.25 -48.64 -50.78
C ALA YA 238 147.24 -48.24 -51.88
N SER YA 239 148.45 -48.79 -51.85
CA SER YA 239 149.48 -48.53 -52.88
C SER YA 239 149.33 -49.46 -54.07
N GLU YA 240 148.97 -50.73 -53.79
CA GLU YA 240 148.93 -51.80 -54.80
C GLU YA 240 147.99 -51.56 -55.97
N ALA YA 241 148.17 -52.36 -57.01
CA ALA YA 241 147.41 -52.18 -58.23
C ALA YA 241 145.90 -52.37 -58.05
N ALA YA 242 145.14 -51.52 -58.74
CA ALA YA 242 143.68 -51.62 -58.79
C ALA YA 242 143.16 -53.05 -58.94
N PRO YA 243 143.68 -53.84 -59.92
CA PRO YA 243 143.17 -55.20 -60.03
C PRO YA 243 143.70 -56.15 -58.95
N LEU YA 244 144.69 -55.72 -58.17
CA LEU YA 244 145.08 -56.53 -57.05
C LEU YA 244 144.02 -56.33 -55.97
N GLN YA 245 143.83 -55.08 -55.55
CA GLN YA 245 142.77 -54.69 -54.61
C GLN YA 245 141.37 -55.23 -54.98
N TYR YA 246 141.19 -55.54 -56.26
CA TYR YA 246 139.93 -56.05 -56.79
C TYR YA 246 139.90 -57.59 -56.68
N LEU YA 247 141.02 -58.21 -57.00
CA LEU YA 247 141.11 -59.65 -57.04
C LEU YA 247 141.26 -60.28 -55.64
N ALA YA 248 141.62 -59.44 -54.67
CA ALA YA 248 141.99 -59.87 -53.33
C ALA YA 248 140.91 -60.67 -52.56
N PRO YA 249 139.68 -60.12 -52.48
CA PRO YA 249 138.59 -60.81 -51.79
C PRO YA 249 138.24 -62.16 -52.41
N PHE YA 250 138.28 -62.21 -53.75
CA PHE YA 250 138.04 -63.44 -54.49
C PHE YA 250 139.02 -64.54 -54.18
N THR YA 251 140.30 -64.20 -54.18
CA THR YA 251 141.35 -65.17 -53.92
C THR YA 251 141.32 -65.63 -52.46
N ALA YA 252 141.01 -64.69 -51.56
CA ALA YA 252 140.76 -65.02 -50.18
C ALA YA 252 139.57 -65.96 -50.10
N ALA YA 253 138.55 -65.70 -50.92
CA ALA YA 253 137.35 -66.52 -50.99
C ALA YA 253 137.67 -68.01 -51.21
N SER YA 254 138.54 -68.29 -52.18
CA SER YA 254 138.97 -69.65 -52.50
C SER YA 254 139.77 -70.26 -51.38
N ILE YA 255 140.63 -69.46 -50.77
CA ILE YA 255 141.44 -69.87 -49.63
C ILE YA 255 140.54 -70.39 -48.50
N GLY YA 256 139.55 -69.58 -48.13
CA GLY YA 256 138.55 -69.98 -47.15
C GLY YA 256 137.72 -71.16 -47.64
N GLU YA 257 137.38 -71.15 -48.93
CA GLU YA 257 136.52 -72.16 -49.55
C GLU YA 257 137.03 -73.57 -49.33
N TRP YA 258 138.35 -73.72 -49.26
CA TRP YA 258 138.98 -75.02 -49.01
C TRP YA 258 138.43 -75.71 -47.76
N PHE YA 259 138.27 -74.94 -46.69
CA PHE YA 259 137.76 -75.43 -45.40
C PHE YA 259 136.30 -75.84 -45.45
N ARG YA 260 135.47 -74.95 -46.00
CA ARG YA 260 134.05 -75.20 -46.27
C ARG YA 260 133.86 -76.47 -47.11
N ASP YA 261 134.86 -76.80 -47.94
CA ASP YA 261 134.80 -77.99 -48.80
C ASP YA 261 135.26 -79.26 -48.12
N ASN YA 262 136.34 -79.16 -47.34
CA ASN YA 262 136.86 -80.31 -46.61
C ASN YA 262 136.27 -80.42 -45.20
N GLY YA 263 134.97 -80.14 -45.10
CA GLY YA 263 134.16 -80.44 -43.94
C GLY YA 263 134.47 -79.65 -42.68
N LYS YA 264 135.13 -78.51 -42.84
CA LYS YA 264 135.48 -77.65 -41.71
C LYS YA 264 134.74 -76.31 -41.78
N HIS YA 265 135.05 -75.43 -40.83
CA HIS YA 265 134.41 -74.12 -40.77
C HIS YA 265 135.42 -72.98 -40.83
N ALA YA 266 135.13 -71.98 -41.65
CA ALA YA 266 136.02 -70.84 -41.85
C ALA YA 266 135.25 -69.54 -41.74
N LEU YA 267 135.88 -68.50 -41.21
CA LEU YA 267 135.31 -67.15 -41.15
C LEU YA 267 136.13 -66.11 -41.90
N ILE YA 268 135.69 -65.82 -43.12
CA ILE YA 268 136.27 -64.75 -43.95
C ILE YA 268 135.73 -63.34 -43.60
N VAL YA 269 136.63 -62.35 -43.60
CA VAL YA 269 136.27 -60.95 -43.30
C VAL YA 269 136.72 -59.99 -44.43
N TYR YA 270 135.75 -59.38 -45.10
CA TYR YA 270 136.02 -58.51 -46.26
C TYR YA 270 136.14 -57.04 -45.89
N ASP YA 271 137.37 -56.62 -45.55
CA ASP YA 271 137.57 -55.29 -45.00
C ASP YA 271 138.42 -54.39 -45.91
N ASP YA 272 137.76 -53.56 -46.73
CA ASP YA 272 136.29 -53.57 -46.88
C ASP YA 272 135.84 -53.77 -48.32
N LEU YA 273 134.55 -54.03 -48.50
CA LEU YA 273 133.99 -54.07 -49.84
C LEU YA 273 133.90 -52.68 -50.53
N SER YA 274 133.74 -51.60 -49.75
CA SER YA 274 133.61 -50.26 -50.32
C SER YA 274 134.89 -49.83 -51.04
N LYS YA 275 136.03 -50.30 -50.52
CA LYS YA 275 137.31 -50.00 -51.15
C LYS YA 275 137.57 -50.95 -52.26
N GLN YA 276 136.95 -52.13 -52.22
CA GLN YA 276 137.05 -53.05 -53.34
C GLN YA 276 136.26 -52.47 -54.47
N ALA YA 277 135.04 -52.03 -54.17
CA ALA YA 277 134.15 -51.48 -55.20
C ALA YA 277 134.89 -50.36 -55.85
N VAL YA 278 135.58 -49.55 -55.06
CA VAL YA 278 136.23 -48.39 -55.61
C VAL YA 278 137.36 -48.74 -56.59
N ALA YA 279 138.09 -49.80 -56.30
CA ALA YA 279 139.12 -50.27 -57.21
C ALA YA 279 138.48 -50.69 -58.53
N TYR YA 280 137.33 -51.35 -58.44
CA TYR YA 280 136.60 -51.74 -59.64
C TYR YA 280 136.16 -50.52 -60.42
N ARG YA 281 135.68 -49.49 -59.74
CA ARG YA 281 135.28 -48.32 -60.45
C ARG YA 281 136.48 -47.85 -61.26
N GLN YA 282 137.69 -48.19 -60.76
CA GLN YA 282 138.94 -47.72 -61.39
C GLN YA 282 139.07 -48.34 -62.78
N LEU YA 283 139.43 -49.62 -62.79
CA LEU YA 283 139.47 -50.42 -64.01
C LEU YA 283 138.34 -50.14 -64.98
N SER YA 284 137.13 -50.02 -64.43
CA SER YA 284 135.92 -49.99 -65.25
C SER YA 284 135.82 -48.71 -65.99
N LEU YA 285 136.33 -47.65 -65.36
CA LEU YA 285 136.39 -46.33 -65.95
C LEU YA 285 137.61 -46.13 -66.89
N LEU YA 286 138.67 -46.89 -66.63
CA LEU YA 286 139.84 -46.86 -67.51
C LEU YA 286 139.60 -47.75 -68.73
N LEU YA 287 138.68 -48.72 -68.59
CA LEU YA 287 138.28 -49.55 -69.72
C LEU YA 287 137.12 -48.93 -70.45
N ARG YA 288 136.74 -47.74 -69.97
CA ARG YA 288 135.76 -46.86 -70.58
C ARG YA 288 134.34 -47.45 -70.73
N ARG YA 289 133.93 -48.22 -69.71
CA ARG YA 289 132.53 -48.61 -69.50
C ARG YA 289 131.77 -47.42 -68.95
N PRO YA 290 130.53 -47.19 -69.44
CA PRO YA 290 129.71 -46.09 -68.91
C PRO YA 290 129.57 -46.12 -67.37
N PRO YA 291 129.64 -44.93 -66.72
CA PRO YA 291 129.37 -44.76 -65.28
C PRO YA 291 127.86 -44.72 -65.00
N GLY YA 292 127.41 -45.46 -63.98
CA GLY YA 292 126.01 -45.44 -63.53
C GLY YA 292 125.78 -44.43 -62.39
N ARG YA 293 125.20 -44.88 -61.28
CA ARG YA 293 125.10 -44.04 -60.07
C ARG YA 293 126.47 -43.87 -59.47
N GLU YA 294 126.70 -42.72 -58.87
CA GLU YA 294 127.99 -42.35 -58.31
C GLU YA 294 129.18 -42.86 -59.11
N ALA YA 295 129.08 -42.74 -60.44
CA ALA YA 295 130.14 -43.13 -61.41
C ALA YA 295 130.53 -44.61 -61.41
N TYR YA 296 129.69 -45.44 -60.80
CA TYR YA 296 129.91 -46.87 -60.71
C TYR YA 296 129.41 -47.62 -61.94
N PRO YA 297 130.13 -48.67 -62.37
CA PRO YA 297 129.69 -49.46 -63.51
C PRO YA 297 128.46 -50.27 -63.13
N GLY YA 298 127.61 -50.57 -64.11
CA GLY YA 298 126.35 -51.28 -63.88
C GLY YA 298 126.45 -52.66 -63.23
N ASP YA 299 127.66 -53.18 -63.13
CA ASP YA 299 127.87 -54.53 -62.66
C ASP YA 299 128.48 -54.59 -61.28
N VAL YA 300 128.57 -53.44 -60.61
CA VAL YA 300 129.19 -53.36 -59.28
C VAL YA 300 128.48 -54.23 -58.23
N PHE YA 301 127.20 -54.47 -58.46
CA PHE YA 301 126.40 -55.40 -57.66
C PHE YA 301 126.98 -56.80 -57.79
N TYR YA 302 127.00 -57.27 -59.04
CA TYR YA 302 127.43 -58.63 -59.41
C TYR YA 302 128.80 -58.97 -58.85
N LEU YA 303 129.63 -57.93 -58.72
CA LEU YA 303 130.94 -58.03 -58.08
C LEU YA 303 130.77 -58.67 -56.68
N HIS YA 304 129.94 -58.03 -55.86
CA HIS YA 304 129.81 -58.43 -54.48
C HIS YA 304 128.87 -59.61 -54.36
N SER YA 305 127.85 -59.63 -55.21
CA SER YA 305 126.90 -60.71 -55.11
C SER YA 305 127.62 -62.04 -55.39
N ARG YA 306 128.34 -62.08 -56.49
CA ARG YA 306 129.03 -63.29 -56.90
C ARG YA 306 130.17 -63.68 -55.94
N LEU YA 307 130.55 -62.73 -55.09
CA LEU YA 307 131.54 -63.00 -54.07
C LEU YA 307 130.91 -63.62 -52.85
N LEU YA 308 129.92 -62.92 -52.29
CA LEU YA 308 129.31 -63.29 -51.03
C LEU YA 308 128.60 -64.65 -51.13
N GLU YA 309 128.06 -64.92 -52.31
CA GLU YA 309 127.30 -66.14 -52.58
C GLU YA 309 128.12 -67.38 -52.25
N ARG YA 310 129.41 -67.18 -51.99
CA ARG YA 310 130.34 -68.29 -51.72
C ARG YA 310 130.41 -68.61 -50.22
N ALA YA 311 130.30 -67.58 -49.40
CA ALA YA 311 130.11 -67.77 -47.97
C ALA YA 311 128.82 -68.54 -47.82
N ALA YA 312 128.85 -69.70 -47.20
CA ALA YA 312 127.70 -70.59 -47.30
C ALA YA 312 127.77 -71.79 -46.36
N LYS YA 313 126.61 -72.37 -46.07
CA LYS YA 313 126.50 -73.58 -45.27
C LYS YA 313 126.10 -74.78 -46.14
N LEU YA 314 126.82 -75.89 -46.01
CA LEU YA 314 126.61 -77.03 -46.89
C LEU YA 314 125.70 -78.05 -46.27
N SER YA 315 125.13 -78.92 -47.11
CA SER YA 315 124.25 -79.99 -46.67
C SER YA 315 125.03 -81.17 -46.08
N GLU YA 316 124.34 -82.00 -45.31
CA GLU YA 316 124.94 -83.17 -44.68
C GLU YA 316 125.64 -84.08 -45.68
N LYS YA 317 125.24 -83.97 -46.95
CA LYS YA 317 125.79 -84.81 -48.02
C LYS YA 317 127.14 -84.31 -48.51
N GLU YA 318 127.46 -83.06 -48.21
CA GLU YA 318 128.68 -82.44 -48.70
C GLU YA 318 129.59 -82.02 -47.55
N GLY YA 319 129.58 -82.83 -46.49
CA GLY YA 319 130.47 -82.65 -45.35
C GLY YA 319 130.02 -81.65 -44.30
N SER YA 320 129.05 -80.82 -44.68
CA SER YA 320 128.56 -79.70 -43.83
C SER YA 320 129.66 -78.69 -43.44
N GLY YA 321 130.51 -78.34 -44.41
CA GLY YA 321 131.42 -77.22 -44.25
C GLY YA 321 130.69 -75.89 -44.31
N SER YA 322 131.31 -74.85 -43.78
CA SER YA 322 130.68 -73.54 -43.69
C SER YA 322 131.71 -72.41 -43.76
N LEU YA 323 131.31 -71.29 -44.37
CA LEU YA 323 132.17 -70.13 -44.61
C LEU YA 323 131.37 -68.86 -44.36
N THR YA 324 131.88 -68.00 -43.48
CA THR YA 324 131.08 -66.89 -42.93
C THR YA 324 131.57 -65.50 -43.31
N ALA YA 325 130.94 -64.91 -44.32
CA ALA YA 325 131.29 -63.58 -44.79
C ALA YA 325 130.97 -62.51 -43.72
N LEU YA 326 131.99 -61.77 -43.32
CA LEU YA 326 131.78 -60.53 -42.57
C LEU YA 326 132.33 -59.37 -43.38
N PRO YA 327 131.57 -58.98 -44.41
CA PRO YA 327 132.01 -57.85 -45.18
C PRO YA 327 131.84 -56.59 -44.35
N VAL YA 328 132.57 -55.56 -44.74
CA VAL YA 328 132.51 -54.27 -44.12
C VAL YA 328 132.20 -53.19 -45.18
N ILE YA 329 131.05 -52.56 -45.06
CA ILE YA 329 130.80 -51.36 -45.85
C ILE YA 329 131.14 -50.17 -44.94
N GLU YA 330 131.65 -49.10 -45.53
CA GLU YA 330 131.86 -47.87 -44.82
C GLU YA 330 131.04 -46.76 -45.49
N THR YA 331 130.09 -46.20 -44.74
CA THR YA 331 129.18 -45.20 -45.28
C THR YA 331 129.77 -43.80 -45.21
N GLN YA 332 128.95 -42.80 -45.56
CA GLN YA 332 129.40 -41.41 -45.69
C GLN YA 332 128.41 -40.45 -45.06
N GLY YA 333 128.79 -39.84 -43.94
CA GLY YA 333 127.83 -39.05 -43.17
C GLY YA 333 126.59 -39.87 -42.82
N GLY YA 334 126.82 -41.14 -42.45
CA GLY YA 334 125.80 -42.05 -41.96
C GLY YA 334 124.81 -42.63 -42.96
N ASP YA 335 125.13 -42.51 -44.25
CA ASP YA 335 124.14 -42.79 -45.32
C ASP YA 335 123.97 -44.26 -45.68
N VAL YA 336 122.87 -44.84 -45.20
CA VAL YA 336 122.48 -46.20 -45.55
C VAL YA 336 121.97 -46.27 -46.98
N SER YA 337 121.25 -45.23 -47.39
CA SER YA 337 120.55 -45.20 -48.66
C SER YA 337 121.46 -45.20 -49.90
N ALA YA 338 122.78 -45.13 -49.69
CA ALA YA 338 123.73 -45.06 -50.80
C ALA YA 338 123.77 -46.32 -51.68
N TYR YA 339 124.27 -46.10 -52.90
CA TYR YA 339 124.13 -47.04 -53.99
C TYR YA 339 124.96 -48.28 -53.81
N ILE YA 340 126.10 -48.13 -53.16
CA ILE YA 340 126.90 -49.32 -52.78
C ILE YA 340 126.30 -50.11 -51.59
N PRO YA 341 126.10 -49.45 -50.41
CA PRO YA 341 125.46 -50.06 -49.23
C PRO YA 341 124.17 -50.81 -49.54
N THR YA 342 123.18 -50.15 -50.10
CA THR YA 342 121.99 -50.85 -50.60
C THR YA 342 122.33 -52.18 -51.36
N ASN YA 343 123.31 -52.14 -52.25
CA ASN YA 343 123.64 -53.27 -53.10
C ASN YA 343 124.11 -54.37 -52.17
N VAL YA 344 124.98 -54.04 -51.23
CA VAL YA 344 125.53 -55.05 -50.36
C VAL YA 344 124.48 -55.57 -49.38
N ILE YA 345 123.67 -54.67 -48.82
CA ILE YA 345 122.56 -55.10 -47.94
C ILE YA 345 121.55 -55.97 -48.68
N SER YA 346 121.29 -55.65 -49.95
CA SER YA 346 120.41 -56.47 -50.78
C SER YA 346 121.07 -57.77 -51.21
N ILE YA 347 122.37 -57.91 -50.89
CA ILE YA 347 123.12 -59.20 -51.03
C ILE YA 347 123.22 -60.00 -49.74
N THR YA 348 123.60 -59.35 -48.63
CA THR YA 348 123.88 -60.06 -47.36
C THR YA 348 122.66 -60.59 -46.62
N ASP YA 349 122.90 -61.27 -45.51
CA ASP YA 349 121.82 -61.83 -44.70
C ASP YA 349 121.52 -60.96 -43.47
N GLY YA 350 121.56 -59.65 -43.69
CA GLY YA 350 121.34 -58.67 -42.63
C GLY YA 350 122.58 -57.78 -42.48
N GLN YA 351 122.53 -56.85 -41.52
CA GLN YA 351 123.61 -55.89 -41.29
C GLN YA 351 123.67 -55.40 -39.86
N ILE YA 352 124.86 -55.02 -39.42
CA ILE YA 352 125.08 -54.43 -38.09
C ILE YA 352 125.44 -52.94 -38.22
N PHE YA 353 124.45 -52.11 -38.48
CA PHE YA 353 124.69 -50.70 -38.68
C PHE YA 353 125.22 -50.04 -37.43
N LEU YA 354 126.49 -49.64 -37.48
CA LEU YA 354 127.12 -48.92 -36.39
C LEU YA 354 127.03 -47.41 -36.60
N GLU YA 355 126.28 -46.76 -35.71
CA GLU YA 355 125.99 -45.34 -35.79
C GLU YA 355 126.98 -44.48 -34.98
N ALA YA 356 127.48 -43.42 -35.62
CA ALA YA 356 128.53 -42.58 -35.05
C ALA YA 356 128.05 -41.75 -33.87
N GLU YA 357 126.82 -41.25 -33.95
CA GLU YA 357 126.24 -40.41 -32.90
C GLU YA 357 126.26 -41.09 -31.52
N LEU YA 358 126.01 -42.39 -31.50
CA LEU YA 358 126.11 -43.20 -30.27
C LEU YA 358 127.57 -43.35 -29.81
N PHE YA 359 128.45 -43.60 -30.77
CA PHE YA 359 129.88 -43.85 -30.54
C PHE YA 359 130.61 -42.60 -30.04
N TYR YA 360 130.09 -41.44 -30.43
CA TYR YA 360 130.53 -40.13 -29.95
C TYR YA 360 130.05 -39.89 -28.52
N LYS YA 361 128.98 -40.56 -28.12
CA LYS YA 361 128.48 -40.48 -26.75
C LYS YA 361 129.09 -41.56 -25.85
N GLY YA 362 130.05 -42.32 -26.38
CA GLY YA 362 130.76 -43.36 -25.61
C GLY YA 362 130.09 -44.73 -25.51
N ILE YA 363 129.09 -44.95 -26.35
CA ILE YA 363 128.34 -46.22 -26.43
C ILE YA 363 129.07 -47.17 -27.39
N ARG YA 364 129.62 -48.26 -26.86
CA ARG YA 364 130.53 -49.14 -27.63
C ARG YA 364 130.31 -50.62 -27.34
N PRO YA 365 130.00 -51.43 -28.38
CA PRO YA 365 129.94 -51.07 -29.80
C PRO YA 365 128.63 -50.37 -30.10
N ALA YA 366 128.71 -49.27 -30.84
CA ALA YA 366 127.56 -48.42 -31.12
C ALA YA 366 126.57 -48.99 -32.12
N ILE YA 367 125.92 -50.11 -31.76
CA ILE YA 367 124.94 -50.73 -32.64
C ILE YA 367 123.59 -50.03 -32.54
N ASN YA 368 123.21 -49.36 -33.64
CA ASN YA 368 121.84 -48.92 -33.86
C ASN YA 368 120.97 -50.16 -34.02
N VAL YA 369 119.97 -50.29 -33.15
CA VAL YA 369 119.17 -51.51 -33.09
C VAL YA 369 118.15 -51.54 -34.23
N GLY YA 370 117.30 -50.51 -34.31
CA GLY YA 370 116.32 -50.40 -35.38
C GLY YA 370 116.87 -50.26 -36.80
N LEU YA 371 118.19 -50.41 -36.97
CA LEU YA 371 118.82 -50.44 -38.30
C LEU YA 371 119.77 -51.61 -38.54
N SER YA 372 120.00 -52.40 -37.49
CA SER YA 372 120.71 -53.68 -37.57
C SER YA 372 119.70 -54.81 -37.53
N VAL YA 373 119.97 -55.90 -38.24
CA VAL YA 373 119.11 -57.08 -38.20
C VAL YA 373 119.91 -58.31 -38.59
N SER YA 374 119.79 -59.40 -37.82
CA SER YA 374 120.25 -60.68 -38.33
C SER YA 374 119.05 -61.37 -38.97
N ARG YA 375 119.22 -61.89 -40.17
CA ARG YA 375 118.07 -62.37 -40.94
C ARG YA 375 117.85 -63.85 -40.77
N VAL YA 376 118.93 -64.58 -40.48
CA VAL YA 376 118.84 -66.02 -40.44
C VAL YA 376 119.51 -66.65 -39.20
N GLY YA 377 119.87 -65.81 -38.23
CA GLY YA 377 120.57 -66.28 -37.01
C GLY YA 377 119.71 -66.41 -35.74
N SER YA 378 118.54 -65.78 -35.81
CA SER YA 378 117.53 -65.77 -34.74
C SER YA 378 116.91 -67.16 -34.60
N ALA YA 379 117.52 -68.10 -35.32
CA ALA YA 379 117.18 -69.51 -35.34
C ALA YA 379 118.50 -70.26 -35.32
N ALA YA 380 119.59 -69.51 -35.27
CA ALA YA 380 120.94 -70.07 -35.16
C ALA YA 380 121.58 -69.78 -33.80
N GLN YA 381 121.04 -68.81 -33.06
CA GLN YA 381 121.61 -68.39 -31.78
C GLN YA 381 121.51 -69.49 -30.71
N VAL YA 382 122.44 -69.45 -29.76
CA VAL YA 382 122.39 -70.32 -28.58
C VAL YA 382 121.07 -70.13 -27.84
N LYS YA 383 120.35 -71.25 -27.68
CA LYS YA 383 119.08 -71.29 -26.95
C LYS YA 383 119.08 -70.37 -25.71
N ALA YA 384 119.91 -70.74 -24.72
CA ALA YA 384 120.01 -70.04 -23.43
C ALA YA 384 119.72 -68.54 -23.49
N LEU YA 385 120.37 -67.86 -24.43
CA LEU YA 385 120.25 -66.40 -24.58
C LEU YA 385 118.88 -65.99 -25.13
N LYS YA 386 118.40 -66.70 -26.15
CA LYS YA 386 117.11 -66.42 -26.78
C LYS YA 386 115.96 -66.50 -25.78
N GLN YA 387 116.03 -67.51 -24.91
CA GLN YA 387 115.11 -67.68 -23.78
C GLN YA 387 115.11 -66.46 -22.86
N VAL YA 388 116.31 -65.99 -22.52
CA VAL YA 388 116.49 -64.90 -21.57
C VAL YA 388 116.39 -63.50 -22.19
N ALA YA 389 116.35 -63.44 -23.53
CA ALA YA 389 116.16 -62.16 -24.24
C ALA YA 389 114.89 -62.19 -25.07
N GLY YA 390 113.75 -62.28 -24.40
CA GLY YA 390 112.46 -62.31 -25.07
C GLY YA 390 112.06 -60.98 -25.70
N SER YA 391 112.25 -60.88 -27.03
CA SER YA 391 111.88 -59.70 -27.85
C SER YA 391 112.80 -58.49 -27.72
N LEU YA 392 113.87 -58.64 -26.94
CA LEU YA 392 114.78 -57.56 -26.55
C LEU YA 392 115.04 -56.56 -27.65
N LYS YA 393 114.95 -57.05 -28.89
CA LYS YA 393 115.23 -56.30 -30.11
C LYS YA 393 114.33 -55.08 -30.25
N LEU YA 394 113.06 -55.31 -30.60
CA LEU YA 394 112.11 -54.22 -30.85
C LEU YA 394 111.73 -53.48 -29.56
N PHE YA 395 112.07 -54.06 -28.41
CA PHE YA 395 112.00 -53.35 -27.13
C PHE YA 395 112.87 -52.11 -27.24
N LEU YA 396 114.15 -52.33 -27.50
CA LEU YA 396 115.14 -51.26 -27.58
C LEU YA 396 114.95 -50.41 -28.83
N ALA YA 397 114.52 -51.05 -29.93
CA ALA YA 397 114.31 -50.37 -31.21
C ALA YA 397 113.11 -49.44 -31.21
N GLN YA 398 112.14 -49.74 -30.35
CA GLN YA 398 111.01 -48.84 -30.11
C GLN YA 398 111.16 -48.05 -28.80
N TYR YA 399 112.25 -48.32 -28.09
CA TYR YA 399 112.65 -47.53 -26.94
C TYR YA 399 113.36 -46.25 -27.39
N ARG YA 400 113.94 -46.31 -28.58
CA ARG YA 400 114.71 -45.21 -29.13
C ARG YA 400 113.82 -44.08 -29.63
N GLU YA 401 112.65 -44.42 -30.16
CA GLU YA 401 111.71 -43.42 -30.69
C GLU YA 401 110.93 -42.76 -29.57
N VAL YA 402 110.90 -43.41 -28.41
CA VAL YA 402 110.19 -42.89 -27.26
C VAL YA 402 111.05 -41.87 -26.51
N ALA YA 403 112.23 -42.28 -26.04
CA ALA YA 403 113.16 -41.37 -25.36
C ALA YA 403 113.50 -40.15 -26.24
N ALA YA 404 113.25 -40.28 -27.56
CA ALA YA 404 113.35 -39.17 -28.52
C ALA YA 404 111.99 -38.52 -28.77
N PHE YA 405 111.23 -38.32 -27.69
CA PHE YA 405 109.98 -37.56 -27.69
C PHE YA 405 109.78 -36.99 -26.28
N ALA YA 406 110.88 -36.91 -25.53
CA ALA YA 406 110.89 -36.44 -24.15
C ALA YA 406 111.45 -35.01 -24.02
N GLN YA 407 112.55 -34.72 -24.72
CA GLN YA 407 113.21 -33.42 -24.65
C GLN YA 407 112.45 -32.35 -25.42
N SER YA 410 108.39 -33.65 -22.72
CA SER YA 410 107.00 -33.19 -22.63
C SER YA 410 106.49 -33.14 -21.18
N ASP YA 411 106.11 -34.29 -20.63
CA ASP YA 411 105.50 -34.39 -19.28
C ASP YA 411 105.88 -35.67 -18.52
N LEU YA 412 105.64 -35.66 -17.20
CA LEU YA 412 105.84 -36.83 -16.34
C LEU YA 412 104.77 -37.91 -16.59
N ASP YA 413 105.15 -38.97 -17.30
CA ASP YA 413 104.25 -40.09 -17.59
C ASP YA 413 104.86 -41.40 -17.05
N ALA YA 414 104.49 -41.77 -15.82
CA ALA YA 414 105.05 -42.93 -15.11
C ALA YA 414 104.75 -44.31 -15.74
N SER YA 415 104.15 -44.29 -16.94
CA SER YA 415 103.90 -45.48 -17.76
C SER YA 415 105.11 -45.76 -18.66
N THR YA 416 105.48 -44.77 -19.47
CA THR YA 416 106.66 -44.86 -20.31
C THR YA 416 107.92 -44.35 -19.61
N LYS YA 417 107.75 -43.64 -18.50
CA LYS YA 417 108.87 -43.22 -17.62
C LYS YA 417 109.47 -44.44 -16.92
N GLN YA 418 108.61 -45.35 -16.48
CA GLN YA 418 109.01 -46.59 -15.83
C GLN YA 418 109.81 -47.48 -16.78
N THR YA 419 109.31 -47.60 -18.02
CA THR YA 419 109.96 -48.39 -19.07
C THR YA 419 111.27 -47.77 -19.57
N LEU YA 420 111.52 -46.52 -19.17
CA LEU YA 420 112.75 -45.82 -19.50
C LEU YA 420 113.91 -46.29 -18.62
N VAL YA 421 113.65 -46.46 -17.32
CA VAL YA 421 114.66 -46.92 -16.36
C VAL YA 421 115.31 -48.21 -16.82
N ARG YA 422 114.57 -48.98 -17.62
CA ARG YA 422 115.08 -50.21 -18.25
C ARG YA 422 116.02 -49.91 -19.42
N GLY YA 423 115.46 -49.39 -20.52
CA GLY YA 423 116.20 -49.14 -21.76
C GLY YA 423 117.54 -48.43 -21.60
N GLU YA 424 117.67 -47.66 -20.52
CA GLU YA 424 118.95 -47.04 -20.18
C GLU YA 424 119.91 -48.00 -19.50
N ARG YA 425 119.44 -48.74 -18.49
CA ARG YA 425 120.25 -49.76 -17.81
C ARG YA 425 120.61 -50.91 -18.77
N LEU YA 426 119.76 -51.09 -19.79
CA LEU YA 426 119.93 -52.14 -20.79
C LEU YA 426 121.00 -51.78 -21.82
N THR YA 427 120.95 -50.55 -22.32
CA THR YA 427 121.98 -50.04 -23.23
C THR YA 427 123.31 -49.89 -22.48
N GLN YA 428 123.24 -49.41 -21.23
CA GLN YA 428 124.38 -49.41 -20.30
C GLN YA 428 124.96 -50.80 -20.11
N LEU YA 429 124.13 -51.81 -20.36
CA LEU YA 429 124.47 -53.20 -20.14
C LEU YA 429 125.14 -53.84 -21.36
N LEU YA 430 124.81 -53.35 -22.56
CA LEU YA 430 125.45 -53.83 -23.78
C LEU YA 430 126.89 -53.32 -23.95
N LYS YA 431 127.18 -52.20 -23.28
CA LYS YA 431 128.50 -51.56 -23.31
C LYS YA 431 129.63 -52.56 -23.09
N GLN YA 432 130.49 -52.70 -24.09
CA GLN YA 432 131.56 -53.66 -24.04
C GLN YA 432 132.90 -53.00 -24.35
N ASN YA 433 133.81 -53.02 -23.38
CA ASN YA 433 135.18 -52.53 -23.55
C ASN YA 433 135.89 -53.40 -24.58
N GLN YA 434 136.72 -52.78 -25.41
CA GLN YA 434 137.35 -53.50 -26.51
C GLN YA 434 138.28 -54.62 -25.99
N TYR YA 435 138.42 -55.67 -26.80
CA TYR YA 435 139.21 -56.87 -26.44
C TYR YA 435 138.64 -57.60 -25.22
N SER YA 436 137.30 -57.55 -25.09
CA SER YA 436 136.58 -58.24 -24.02
C SER YA 436 135.56 -59.25 -24.57
N PRO YA 437 136.04 -60.46 -24.96
CA PRO YA 437 135.14 -61.51 -25.44
C PRO YA 437 134.47 -62.28 -24.28
N LEU YA 438 133.16 -62.09 -24.09
CA LEU YA 438 132.38 -62.80 -23.07
C LEU YA 438 131.86 -64.14 -23.56
N ALA YA 439 131.78 -65.12 -22.66
CA ALA YA 439 131.19 -66.42 -22.96
C ALA YA 439 129.68 -66.39 -22.74
N THR YA 440 128.98 -67.28 -23.43
CA THR YA 440 127.51 -67.30 -23.44
C THR YA 440 126.91 -67.32 -22.03
N GLU YA 441 127.38 -68.27 -21.22
CA GLU YA 441 126.94 -68.43 -19.84
C GLU YA 441 127.08 -67.16 -19.00
N GLU YA 442 127.95 -66.26 -19.43
CA GLU YA 442 128.22 -65.03 -18.69
C GLU YA 442 127.27 -63.90 -19.09
N GLN YA 443 126.80 -63.97 -20.34
CA GLN YA 443 125.89 -62.98 -20.90
C GLN YA 443 124.46 -63.20 -20.41
N VAL YA 444 124.02 -64.46 -20.45
CA VAL YA 444 122.67 -64.87 -20.01
C VAL YA 444 122.19 -64.32 -18.65
N PRO YA 445 123.04 -64.34 -17.60
CA PRO YA 445 122.60 -63.81 -16.30
C PRO YA 445 122.46 -62.29 -16.32
N LEU YA 446 123.21 -61.64 -17.20
CA LEU YA 446 123.18 -60.19 -17.29
C LEU YA 446 121.90 -59.75 -18.00
N ILE YA 447 121.51 -60.50 -19.03
CA ILE YA 447 120.26 -60.26 -19.75
C ILE YA 447 119.05 -60.58 -18.86
N TYR YA 448 119.17 -61.67 -18.11
CA TYR YA 448 118.23 -62.04 -17.06
C TYR YA 448 117.90 -60.77 -16.27
N ALA YA 449 118.86 -60.35 -15.46
CA ALA YA 449 118.71 -59.18 -14.60
C ALA YA 449 118.32 -57.93 -15.39
N GLY YA 450 118.63 -57.92 -16.69
CA GLY YA 450 118.24 -56.83 -17.57
C GLY YA 450 116.74 -56.78 -17.83
N VAL YA 451 116.20 -57.87 -18.37
CA VAL YA 451 114.79 -57.92 -18.74
C VAL YA 451 113.90 -58.31 -17.53
N ASN YA 452 114.53 -58.83 -16.48
CA ASN YA 452 113.83 -59.11 -15.22
C ASN YA 452 113.98 -57.97 -14.22
N GLY YA 453 114.83 -57.00 -14.56
CA GLY YA 453 114.97 -55.75 -13.84
C GLY YA 453 115.47 -55.87 -12.41
N HIS YA 454 116.44 -56.76 -12.20
CA HIS YA 454 117.07 -56.96 -10.89
C HIS YA 454 118.07 -55.86 -10.52
N LEU YA 455 118.33 -54.95 -11.46
CA LEU YA 455 119.41 -53.96 -11.36
C LEU YA 455 118.96 -52.49 -11.37
N ASP YA 456 117.65 -52.26 -11.46
CA ASP YA 456 117.08 -50.90 -11.50
C ASP YA 456 117.44 -50.03 -10.27
N GLY YA 457 117.51 -50.67 -9.10
CA GLY YA 457 117.91 -50.02 -7.86
C GLY YA 457 119.41 -49.78 -7.70
N ILE YA 458 120.20 -50.28 -8.65
CA ILE YA 458 121.64 -50.02 -8.72
C ILE YA 458 121.90 -48.80 -9.61
N GLU YA 459 122.78 -47.91 -9.14
CA GLU YA 459 123.06 -46.63 -9.80
C GLU YA 459 123.54 -46.80 -11.23
N LEU YA 460 123.15 -45.84 -12.07
CA LEU YA 460 123.41 -45.82 -13.50
C LEU YA 460 124.92 -45.85 -13.81
N SER YA 461 125.72 -45.21 -12.95
CA SER YA 461 127.19 -45.23 -13.06
C SER YA 461 127.82 -46.38 -12.26
N ARG YA 462 127.00 -47.35 -11.89
CA ARG YA 462 127.46 -48.57 -11.23
C ARG YA 462 126.91 -49.80 -11.94
N ILE YA 463 126.48 -49.61 -13.19
CA ILE YA 463 125.95 -50.69 -14.03
C ILE YA 463 127.06 -51.58 -14.57
N GLY YA 464 127.98 -50.98 -15.34
CA GLY YA 464 129.15 -51.68 -15.87
C GLY YA 464 130.15 -52.09 -14.80
N GLU YA 465 130.18 -51.33 -13.72
CA GLU YA 465 131.02 -51.65 -12.56
C GLU YA 465 130.55 -52.95 -11.91
N PHE YA 466 129.22 -53.10 -11.79
CA PHE YA 466 128.61 -54.31 -11.22
C PHE YA 466 128.87 -55.57 -12.06
N GLU YA 467 128.96 -55.40 -13.38
CA GLU YA 467 129.24 -56.49 -14.33
C GLU YA 467 130.47 -57.29 -13.90
N SER YA 468 131.48 -56.58 -13.40
CA SER YA 468 132.69 -57.19 -12.88
C SER YA 468 132.47 -57.81 -11.49
N SER YA 469 131.66 -57.14 -10.66
CA SER YA 469 131.37 -57.61 -9.31
C SER YA 469 130.56 -58.91 -9.29
N PHE YA 470 129.62 -59.02 -10.23
CA PHE YA 470 128.69 -60.15 -10.31
C PHE YA 470 129.33 -61.45 -10.78
N LEU YA 471 130.23 -61.35 -11.75
CA LEU YA 471 130.96 -62.51 -12.25
C LEU YA 471 131.95 -63.04 -11.23
N SER YA 472 132.50 -62.14 -10.42
CA SER YA 472 133.32 -62.50 -9.26
C SER YA 472 132.50 -63.31 -8.27
N TYR YA 473 131.23 -62.92 -8.12
CA TYR YA 473 130.27 -63.59 -7.23
C TYR YA 473 129.83 -64.98 -7.74
N LEU YA 474 129.64 -65.10 -9.06
CA LEU YA 474 129.17 -66.36 -9.67
C LEU YA 474 130.27 -67.41 -9.89
N LYS YA 475 131.51 -66.96 -10.10
CA LYS YA 475 132.61 -67.84 -10.49
C LYS YA 475 133.08 -68.87 -9.45
N SER YA 476 132.78 -68.63 -8.18
CA SER YA 476 133.18 -69.54 -7.09
C SER YA 476 132.01 -69.92 -6.16
N ASN YA 477 130.79 -69.63 -6.61
CA ASN YA 477 129.57 -70.03 -5.92
C ASN YA 477 128.71 -70.87 -6.84
N HIS YA 478 127.91 -70.18 -7.64
CA HIS YA 478 127.04 -70.81 -8.62
C HIS YA 478 127.84 -71.21 -9.86
N ASN YA 479 128.81 -72.10 -9.63
CA ASN YA 479 129.75 -72.57 -10.66
C ASN YA 479 129.09 -73.47 -11.69
N GLU YA 480 128.17 -74.31 -11.23
CA GLU YA 480 127.48 -75.28 -12.09
C GLU YA 480 126.50 -74.62 -13.06
N LEU YA 481 125.96 -73.47 -12.66
CA LEU YA 481 125.07 -72.71 -13.53
C LEU YA 481 125.80 -72.31 -14.81
N LEU YA 482 127.06 -71.89 -14.65
CA LEU YA 482 127.94 -71.57 -15.77
C LEU YA 482 128.34 -72.82 -16.55
N THR YA 483 128.61 -73.91 -15.82
CA THR YA 483 129.07 -75.18 -16.38
C THR YA 483 127.99 -75.84 -17.24
N GLU YA 484 126.74 -75.81 -16.77
CA GLU YA 484 125.63 -76.47 -17.44
C GLU YA 484 125.12 -75.70 -18.66
N ILE YA 485 125.19 -74.37 -18.60
CA ILE YA 485 124.88 -73.54 -19.75
C ILE YA 485 126.01 -73.66 -20.78
N ARG YA 486 127.20 -74.06 -20.31
CA ARG YA 486 128.34 -74.31 -21.17
C ARG YA 486 128.34 -75.71 -21.77
N GLU YA 487 127.63 -76.64 -21.12
CA GLU YA 487 127.50 -78.01 -21.62
C GLU YA 487 126.28 -78.16 -22.54
N LYS YA 488 125.11 -77.75 -22.03
CA LYS YA 488 123.88 -77.78 -22.84
C LYS YA 488 123.80 -76.62 -23.81
N GLY YA 489 123.77 -75.40 -23.27
CA GLY YA 489 123.46 -74.20 -24.05
C GLY YA 489 121.97 -73.95 -24.01
N GLU YA 490 121.24 -74.81 -23.28
CA GLU YA 490 119.80 -74.70 -23.09
C GLU YA 490 119.50 -74.31 -21.65
N LEU YA 491 118.23 -74.03 -21.39
CA LEU YA 491 117.77 -73.74 -20.03
C LEU YA 491 116.47 -74.47 -19.69
N SER YA 492 116.52 -75.29 -18.65
CA SER YA 492 115.31 -75.86 -18.08
C SER YA 492 114.72 -74.84 -17.09
N LYS YA 493 113.47 -75.04 -16.70
CA LYS YA 493 112.86 -74.26 -15.61
C LYS YA 493 113.58 -74.55 -14.30
N GLU YA 494 114.42 -75.59 -14.35
CA GLU YA 494 115.29 -76.03 -13.27
C GLU YA 494 116.39 -75.02 -12.95
N LEU YA 495 117.04 -74.50 -13.99
CA LEU YA 495 118.13 -73.55 -13.83
C LEU YA 495 117.65 -72.09 -13.69
N LEU YA 496 116.36 -71.87 -14.00
CA LEU YA 496 115.70 -70.55 -13.91
C LEU YA 496 115.62 -70.02 -12.46
N ALA YA 497 114.95 -70.79 -11.60
CA ALA YA 497 114.85 -70.46 -10.17
C ALA YA 497 116.18 -70.64 -9.44
N SER YA 498 117.00 -71.55 -9.96
CA SER YA 498 118.35 -71.81 -9.45
C SER YA 498 119.26 -70.59 -9.63
N LEU YA 499 118.96 -69.78 -10.64
CA LEU YA 499 119.67 -68.52 -10.85
C LEU YA 499 118.90 -67.32 -10.29
N LYS YA 500 117.57 -67.44 -10.20
CA LYS YA 500 116.74 -66.39 -9.59
C LYS YA 500 116.95 -66.29 -8.07
N SER YA 501 117.85 -67.12 -7.56
CA SER YA 501 118.33 -67.03 -6.17
C SER YA 501 119.73 -66.39 -6.11
N ALA YA 502 120.51 -66.58 -7.18
CA ALA YA 502 121.86 -66.03 -7.27
C ALA YA 502 121.88 -64.56 -7.69
N THR YA 503 120.72 -64.02 -8.07
CA THR YA 503 120.63 -62.66 -8.61
C THR YA 503 120.23 -61.62 -7.56
N GLU YA 504 119.07 -61.82 -6.93
CA GLU YA 504 118.59 -60.94 -5.86
C GLU YA 504 119.40 -61.09 -4.58
N SER YA 505 120.16 -62.19 -4.49
CA SER YA 505 121.14 -62.39 -3.43
C SER YA 505 122.22 -61.31 -3.49
N PHE YA 506 122.79 -61.11 -4.66
CA PHE YA 506 123.86 -60.12 -4.86
C PHE YA 506 123.33 -58.68 -4.94
N VAL YA 507 122.02 -58.53 -5.16
CA VAL YA 507 121.34 -57.22 -5.06
C VAL YA 507 121.30 -56.72 -3.60
N ALA YA 508 121.27 -57.65 -2.65
CA ALA YA 508 121.33 -57.34 -1.23
C ALA YA 508 122.77 -57.25 -0.72
N THR YA 509 123.59 -58.23 -1.12
CA THR YA 509 125.02 -58.24 -0.74
C THR YA 509 125.89 -57.61 -1.83
N PRO ZA 7 75.85 -66.37 -95.06
CA PRO ZA 7 74.67 -66.60 -95.90
C PRO ZA 7 74.99 -67.42 -97.15
N THR ZA 8 74.55 -68.68 -97.16
CA THR ZA 8 74.78 -69.59 -98.28
C THR ZA 8 76.26 -69.70 -98.62
N GLU ZA 9 77.00 -70.46 -97.81
CA GLU ZA 9 78.44 -70.67 -98.01
C GLU ZA 9 79.19 -69.34 -98.03
N VAL ZA 10 79.43 -68.77 -96.84
CA VAL ZA 10 80.14 -67.49 -96.77
C VAL ZA 10 81.62 -67.66 -97.04
N SER ZA 11 82.16 -68.88 -96.92
CA SER ZA 11 83.58 -69.10 -97.18
C SER ZA 11 83.92 -69.06 -98.66
N SER ZA 12 82.93 -69.32 -99.53
CA SER ZA 12 83.19 -69.29 -100.98
C SER ZA 12 83.30 -67.88 -101.53
N ILE ZA 13 82.71 -66.88 -100.85
CA ILE ZA 13 82.79 -65.52 -101.34
C ILE ZA 13 84.16 -64.91 -101.05
N LEU ZA 14 84.81 -65.32 -99.96
CA LEU ZA 14 86.12 -64.78 -99.63
C LEU ZA 14 87.22 -65.37 -100.49
N GLU ZA 15 87.05 -66.61 -100.96
CA GLU ZA 15 88.06 -67.24 -101.79
C GLU ZA 15 88.04 -66.73 -103.22
N GLU ZA 16 86.86 -66.34 -103.73
CA GLU ZA 16 86.76 -65.84 -105.09
C GLU ZA 16 87.24 -64.40 -105.23
N ARG ZA 17 87.14 -63.60 -104.17
CA ARG ZA 17 87.60 -62.22 -104.22
C ARG ZA 17 89.09 -62.06 -103.98
N ILE ZA 18 89.73 -63.03 -103.34
CA ILE ZA 18 91.16 -62.97 -103.08
C ILE ZA 18 91.89 -63.93 -104.01
N LYS ZA 19 91.32 -64.18 -105.18
CA LYS ZA 19 91.93 -65.08 -106.15
C LYS ZA 19 93.07 -64.40 -106.89
N GLY ZA 20 92.72 -63.56 -107.87
CA GLY ZA 20 93.72 -62.86 -108.64
C GLY ZA 20 94.10 -61.52 -108.04
N VAL ZA 21 95.31 -61.44 -107.48
CA VAL ZA 21 95.81 -60.22 -106.87
C VAL ZA 21 97.27 -60.04 -107.20
N SER ZA 22 98.06 -61.09 -107.00
CA SER ZA 22 99.49 -61.04 -107.28
C SER ZA 22 99.71 -61.23 -108.78
N ASP ZA 23 99.92 -60.12 -109.49
CA ASP ZA 23 100.12 -60.19 -110.93
C ASP ZA 23 101.08 -59.14 -111.46
N GLU ZA 24 101.60 -58.23 -110.62
CA GLU ZA 24 102.53 -57.19 -111.07
C GLU ZA 24 103.46 -56.87 -109.90
N ALA ZA 25 104.42 -57.76 -109.67
CA ALA ZA 25 105.39 -57.59 -108.59
C ALA ZA 25 106.74 -58.18 -109.03
N ASN ZA 26 107.19 -57.81 -110.23
CA ASN ZA 26 108.46 -58.29 -110.77
C ASN ZA 26 109.22 -57.08 -111.34
N THR ZA 30 115.36 -50.97 -103.67
CA THR ZA 30 115.56 -52.11 -102.77
C THR ZA 30 116.90 -52.01 -102.14
N GLY ZA 31 117.05 -52.63 -100.99
CA GLY ZA 31 118.34 -52.73 -100.34
C GLY ZA 31 118.52 -54.09 -99.72
N ARG ZA 32 119.75 -54.48 -99.49
CA ARG ZA 32 119.99 -55.65 -98.65
C ARG ZA 32 120.35 -55.22 -97.23
N VAL ZA 33 120.04 -56.04 -96.25
CA VAL ZA 33 120.35 -55.72 -94.86
C VAL ZA 33 121.82 -55.98 -94.53
N LEU ZA 34 122.45 -55.02 -93.87
CA LEU ZA 34 123.85 -55.15 -93.49
C LEU ZA 34 124.00 -55.77 -92.13
N ALA ZA 35 123.33 -55.20 -91.12
CA ALA ZA 35 123.29 -55.71 -89.75
C ALA ZA 35 121.94 -55.40 -89.20
N VAL ZA 36 121.48 -56.24 -88.27
CA VAL ZA 36 120.24 -55.95 -87.57
C VAL ZA 36 120.31 -56.29 -86.07
N GLY ZA 37 119.83 -55.34 -85.26
CA GLY ZA 37 119.77 -55.47 -83.81
C GLY ZA 37 119.00 -54.32 -83.16
N ASP ZA 38 118.21 -54.67 -82.13
CA ASP ZA 38 117.55 -53.70 -81.25
C ASP ZA 38 116.61 -52.76 -81.97
N GLY ZA 39 115.70 -53.32 -82.78
CA GLY ZA 39 114.70 -52.52 -83.48
C GLY ZA 39 115.26 -51.76 -84.67
N ILE ZA 40 116.57 -51.82 -84.85
CA ILE ZA 40 117.27 -51.09 -85.90
C ILE ZA 40 117.77 -52.05 -86.96
N ALA ZA 41 117.71 -51.63 -88.21
CA ALA ZA 41 118.38 -52.37 -89.27
C ALA ZA 41 119.14 -51.37 -90.14
N ARG ZA 42 120.44 -51.62 -90.29
CA ARG ZA 42 121.23 -50.89 -91.25
C ARG ZA 42 121.10 -51.66 -92.55
N VAL ZA 43 121.08 -50.91 -93.66
CA VAL ZA 43 120.65 -51.41 -94.96
C VAL ZA 43 121.42 -50.78 -96.11
N PHE ZA 44 122.11 -51.59 -96.91
CA PHE ZA 44 122.81 -51.06 -98.07
C PHE ZA 44 121.86 -51.00 -99.24
N GLY ZA 45 121.68 -49.80 -99.80
CA GLY ZA 45 120.86 -49.61 -101.00
C GLY ZA 45 119.76 -48.60 -100.81
N LEU ZA 46 118.55 -48.97 -101.21
CA LEU ZA 46 117.39 -48.07 -101.16
C LEU ZA 46 117.80 -46.66 -101.55
N ASN ZA 47 118.20 -46.52 -102.80
CA ASN ZA 47 118.72 -45.27 -103.29
C ASN ZA 47 117.71 -44.21 -103.54
N ASN ZA 48 116.46 -44.56 -103.84
CA ASN ZA 48 115.53 -43.50 -104.16
C ASN ZA 48 114.67 -43.09 -103.01
N ILE ZA 49 114.94 -43.70 -101.86
CA ILE ZA 49 114.11 -43.60 -100.65
C ILE ZA 49 114.02 -42.21 -100.02
N GLN ZA 50 112.83 -41.87 -99.57
CA GLN ZA 50 112.59 -40.66 -98.81
C GLN ZA 50 112.98 -40.75 -97.33
N ALA ZA 51 113.43 -39.63 -96.76
CA ALA ZA 51 113.56 -39.48 -95.32
C ALA ZA 51 112.19 -39.69 -94.72
N GLU ZA 52 112.10 -40.60 -93.77
CA GLU ZA 52 110.85 -40.89 -93.09
C GLU ZA 52 109.86 -41.75 -93.91
N GLU ZA 53 110.38 -42.47 -94.90
CA GLU ZA 53 109.59 -43.36 -95.76
C GLU ZA 53 109.41 -44.74 -95.15
N LEU ZA 54 108.31 -45.38 -95.49
CA LEU ZA 54 107.98 -46.73 -95.03
C LEU ZA 54 108.60 -47.78 -95.94
N VAL ZA 55 109.13 -48.86 -95.35
CA VAL ZA 55 109.73 -50.01 -96.06
C VAL ZA 55 109.24 -51.32 -95.51
N GLU ZA 56 108.94 -52.27 -96.39
CA GLU ZA 56 108.57 -53.63 -96.00
C GLU ZA 56 109.83 -54.47 -96.08
N PHE ZA 57 110.04 -55.33 -95.09
CA PHE ZA 57 111.14 -56.29 -95.16
C PHE ZA 57 110.61 -57.56 -95.80
N SER ZA 58 111.50 -58.35 -96.40
CA SER ZA 58 111.03 -59.53 -97.10
C SER ZA 58 110.18 -60.38 -96.15
N SER ZA 59 110.56 -60.37 -94.87
CA SER ZA 59 109.92 -61.21 -93.83
C SER ZA 59 108.53 -60.78 -93.47
N GLY ZA 60 108.11 -59.60 -93.90
CA GLY ZA 60 106.81 -59.11 -93.51
C GLY ZA 60 106.86 -57.83 -92.71
N VAL ZA 61 107.72 -57.77 -91.69
CA VAL ZA 61 107.75 -56.62 -90.76
C VAL ZA 61 108.05 -55.30 -91.44
N LYS ZA 62 107.27 -54.26 -91.11
CA LYS ZA 62 107.48 -52.93 -91.66
C LYS ZA 62 108.44 -52.08 -90.83
N GLY ZA 63 108.95 -51.02 -91.44
CA GLY ZA 63 109.91 -50.13 -90.80
C GLY ZA 63 109.90 -48.75 -91.43
N MET ZA 64 110.67 -47.85 -90.83
CA MET ZA 64 110.71 -46.47 -91.27
C MET ZA 64 112.16 -46.00 -91.40
N ALA ZA 65 112.47 -45.29 -92.49
CA ALA ZA 65 113.83 -44.81 -92.74
C ALA ZA 65 114.02 -43.47 -92.06
N LEU ZA 66 115.01 -43.39 -91.18
CA LEU ZA 66 115.24 -42.17 -90.44
C LEU ZA 66 116.64 -41.57 -90.63
N ASN ZA 67 117.63 -42.40 -90.96
CA ASN ZA 67 118.99 -41.93 -91.18
C ASN ZA 67 119.46 -42.32 -92.54
N LEU ZA 68 119.24 -41.46 -93.52
CA LEU ZA 68 119.76 -41.73 -94.84
C LEU ZA 68 121.19 -41.24 -94.82
N GLU ZA 69 122.12 -42.11 -94.50
CA GLU ZA 69 123.52 -41.74 -94.51
C GLU ZA 69 124.12 -42.06 -95.87
N PRO ZA 70 125.45 -41.80 -96.06
CA PRO ZA 70 126.08 -41.92 -97.40
C PRO ZA 70 126.17 -43.34 -97.89
N GLY ZA 71 126.73 -44.23 -97.07
CA GLY ZA 71 126.86 -45.62 -97.45
C GLY ZA 71 125.57 -46.44 -97.33
N GLN ZA 72 124.69 -46.02 -96.41
CA GLN ZA 72 123.64 -46.90 -95.94
C GLN ZA 72 122.46 -46.14 -95.35
N VAL ZA 73 121.36 -46.87 -95.11
CA VAL ZA 73 120.13 -46.32 -94.54
C VAL ZA 73 119.86 -46.94 -93.17
N GLY ZA 74 119.33 -46.13 -92.26
CA GLY ZA 74 119.08 -46.56 -90.89
C GLY ZA 74 117.60 -46.66 -90.64
N ILE ZA 75 117.14 -47.88 -90.33
CA ILE ZA 75 115.73 -48.15 -90.20
C ILE ZA 75 115.29 -48.62 -88.82
N VAL ZA 76 114.28 -47.92 -88.29
CA VAL ZA 76 113.56 -48.35 -87.10
C VAL ZA 76 112.44 -49.28 -87.54
N LEU ZA 77 112.23 -50.36 -86.79
CA LEU ZA 77 111.22 -51.36 -87.18
C LEU ZA 77 109.92 -51.17 -86.40
N PHE ZA 78 108.82 -51.51 -87.06
CA PHE ZA 78 107.52 -51.52 -86.41
C PHE ZA 78 107.28 -52.83 -85.71
N GLY ZA 79 108.18 -53.78 -85.85
CA GLY ZA 79 107.95 -55.08 -85.27
C GLY ZA 79 109.05 -55.56 -84.36
N SER ZA 80 109.06 -56.87 -84.16
CA SER ZA 80 110.17 -57.57 -83.55
C SER ZA 80 111.21 -57.74 -84.67
N ASP ZA 81 112.39 -58.21 -84.32
CA ASP ZA 81 113.45 -58.30 -85.30
C ASP ZA 81 113.99 -59.70 -85.48
N ARG ZA 82 113.59 -60.62 -84.59
CA ARG ZA 82 113.97 -62.04 -84.74
C ARG ZA 82 113.83 -62.41 -86.20
N LEU ZA 83 112.82 -61.82 -86.84
CA LEU ZA 83 112.44 -62.15 -88.20
C LEU ZA 83 113.29 -61.49 -89.29
N VAL ZA 84 114.15 -60.54 -88.92
CA VAL ZA 84 115.04 -59.91 -89.89
C VAL ZA 84 116.49 -60.43 -89.78
N LYS ZA 85 117.06 -60.84 -90.90
CA LYS ZA 85 118.41 -61.39 -90.92
C LYS ZA 85 119.27 -60.59 -91.85
N GLU ZA 86 120.59 -60.63 -91.65
CA GLU ZA 86 121.50 -59.98 -92.57
C GLU ZA 86 121.25 -60.45 -94.01
N GLY ZA 87 121.25 -59.55 -94.97
CA GLY ZA 87 121.19 -59.95 -96.37
C GLY ZA 87 119.80 -60.10 -96.90
N GLU ZA 88 118.86 -60.34 -96.01
CA GLU ZA 88 117.46 -60.30 -96.36
C GLU ZA 88 117.15 -59.03 -97.16
N LEU ZA 89 116.44 -59.19 -98.29
CA LEU ZA 89 116.01 -58.07 -99.14
C LEU ZA 89 114.96 -57.15 -98.47
N VAL ZA 90 115.17 -55.85 -98.60
CA VAL ZA 90 114.28 -54.82 -98.05
C VAL ZA 90 113.67 -54.03 -99.19
N LYS ZA 91 112.45 -53.53 -99.02
CA LYS ZA 91 111.68 -52.98 -100.14
C LYS ZA 91 111.12 -51.58 -99.91
N ARG ZA 92 111.22 -50.73 -100.94
CA ARG ZA 92 110.57 -49.42 -100.92
C ARG ZA 92 109.06 -49.51 -100.97
N THR ZA 93 108.37 -48.77 -100.12
CA THR ZA 93 106.93 -48.56 -100.25
C THR ZA 93 106.68 -47.41 -101.23
N GLY ZA 94 107.40 -46.31 -101.04
CA GLY ZA 94 107.12 -45.12 -101.81
C GLY ZA 94 106.12 -44.23 -101.10
N ASN ZA 95 105.79 -44.54 -99.84
CA ASN ZA 95 104.92 -43.66 -99.06
C ASN ZA 95 105.50 -43.26 -97.73
N ILE ZA 96 105.22 -42.04 -97.30
CA ILE ZA 96 105.49 -41.60 -95.92
C ILE ZA 96 104.38 -42.08 -94.98
N VAL ZA 97 104.73 -42.42 -93.75
CA VAL ZA 97 103.78 -42.97 -92.80
C VAL ZA 97 102.52 -42.12 -92.80
N ASP ZA 98 101.35 -42.77 -92.80
CA ASP ZA 98 100.07 -42.08 -92.93
C ASP ZA 98 98.89 -42.93 -92.33
N VAL ZA 99 97.75 -42.29 -92.08
CA VAL ZA 99 96.63 -42.98 -91.45
C VAL ZA 99 95.29 -42.82 -92.18
N PRO ZA 100 94.41 -43.82 -92.03
CA PRO ZA 100 93.00 -43.63 -92.33
C PRO ZA 100 92.37 -42.55 -91.43
N VAL ZA 101 91.46 -41.77 -92.01
CA VAL ZA 101 90.68 -40.79 -91.24
C VAL ZA 101 89.22 -40.76 -91.69
N GLY ZA 102 88.39 -40.13 -90.86
CA GLY ZA 102 86.98 -39.98 -91.14
C GLY ZA 102 86.16 -40.57 -90.03
N PRO ZA 103 84.83 -40.39 -90.10
CA PRO ZA 103 84.07 -40.60 -88.89
C PRO ZA 103 83.85 -42.11 -88.71
N GLY ZA 104 84.40 -42.87 -89.66
CA GLY ZA 104 84.39 -44.30 -89.60
C GLY ZA 104 85.20 -44.78 -88.40
N LEU ZA 105 86.17 -44.01 -87.96
CA LEU ZA 105 86.97 -44.42 -86.82
C LEU ZA 105 86.19 -44.42 -85.51
N LEU ZA 106 85.14 -43.61 -85.43
CA LEU ZA 106 84.37 -43.49 -84.21
C LEU ZA 106 83.99 -44.86 -83.70
N GLY ZA 107 84.36 -45.10 -82.46
CA GLY ZA 107 84.07 -46.34 -81.79
C GLY ZA 107 85.16 -47.36 -81.88
N ARG ZA 108 86.24 -47.07 -82.58
CA ARG ZA 108 87.20 -48.13 -82.85
C ARG ZA 108 88.48 -48.03 -82.05
N VAL ZA 109 89.07 -49.17 -81.75
CA VAL ZA 109 90.38 -49.20 -81.12
C VAL ZA 109 91.44 -49.64 -82.12
N VAL ZA 110 92.27 -48.70 -82.55
CA VAL ZA 110 93.27 -48.94 -83.58
C VAL ZA 110 94.69 -48.79 -83.01
N ASP ZA 111 95.68 -49.41 -83.67
CA ASP ZA 111 97.10 -49.28 -83.29
C ASP ZA 111 97.65 -48.02 -83.89
N ALA ZA 112 98.95 -47.81 -83.79
CA ALA ZA 112 99.53 -46.52 -84.22
C ALA ZA 112 99.28 -46.26 -85.69
N LEU ZA 113 99.27 -47.30 -86.50
CA LEU ZA 113 99.06 -47.12 -87.92
C LEU ZA 113 97.59 -47.20 -88.32
N GLY ZA 114 96.71 -47.40 -87.35
CA GLY ZA 114 95.28 -47.29 -87.59
C GLY ZA 114 94.68 -48.58 -88.08
N ASN ZA 115 95.19 -49.68 -87.54
CA ASN ZA 115 94.63 -50.99 -87.79
C ASN ZA 115 93.69 -51.38 -86.66
N PRO ZA 116 92.51 -51.89 -87.00
CA PRO ZA 116 91.63 -52.36 -85.94
C PRO ZA 116 92.40 -53.32 -85.04
N ILE ZA 117 92.24 -53.17 -83.73
CA ILE ZA 117 92.80 -54.12 -82.76
C ILE ZA 117 91.75 -54.55 -81.75
N ASP ZA 118 90.53 -54.00 -81.93
CA ASP ZA 118 89.33 -54.35 -81.15
C ASP ZA 118 88.72 -55.70 -81.50
N GLY ZA 119 88.61 -55.96 -82.80
CA GLY ZA 119 88.05 -57.20 -83.32
C GLY ZA 119 86.86 -56.91 -84.19
N LYS ZA 120 86.63 -55.64 -84.51
CA LYS ZA 120 85.38 -55.27 -85.16
C LYS ZA 120 85.48 -55.16 -86.69
N GLY ZA 121 86.63 -55.54 -87.22
CA GLY ZA 121 86.83 -55.60 -88.66
C GLY ZA 121 87.22 -54.29 -89.28
N PRO ZA 122 87.39 -54.27 -90.61
CA PRO ZA 122 88.01 -53.21 -91.38
C PRO ZA 122 87.46 -51.82 -91.07
N ILE ZA 123 88.38 -50.87 -90.90
CA ILE ZA 123 88.09 -49.44 -90.81
C ILE ZA 123 87.61 -48.95 -92.18
N ASP ZA 124 86.53 -48.17 -92.19
CA ASP ZA 124 86.12 -47.44 -93.39
C ASP ZA 124 86.62 -46.01 -93.25
N ALA ZA 125 87.44 -45.53 -94.18
CA ALA ZA 125 87.95 -44.17 -94.05
C ALA ZA 125 87.49 -43.28 -95.18
N ALA ZA 126 87.27 -42.01 -94.86
CA ALA ZA 126 86.95 -40.99 -95.85
C ALA ZA 126 88.23 -40.56 -96.58
N GLY ZA 127 89.37 -41.02 -96.08
CA GLY ZA 127 90.64 -40.68 -96.67
C GLY ZA 127 91.81 -40.96 -95.76
N ARG ZA 128 92.98 -40.44 -96.15
CA ARG ZA 128 94.21 -40.71 -95.43
C ARG ZA 128 95.03 -39.44 -95.23
N SER ZA 129 95.39 -39.13 -94.00
CA SER ZA 129 96.30 -38.03 -93.70
C SER ZA 129 97.68 -38.61 -93.49
N ARG ZA 130 98.71 -37.76 -93.53
CA ARG ZA 130 100.03 -38.17 -93.06
C ARG ZA 130 100.13 -38.01 -91.54
N ALA ZA 131 101.15 -38.64 -90.93
CA ALA ZA 131 101.35 -38.56 -89.50
C ALA ZA 131 101.92 -37.20 -89.11
N GLN ZA 132 102.81 -36.64 -89.93
CA GLN ZA 132 103.32 -35.25 -89.71
C GLN ZA 132 102.65 -34.30 -90.69
N VAL ZA 133 102.01 -33.27 -90.15
CA VAL ZA 133 101.29 -32.28 -90.95
C VAL ZA 133 101.56 -30.87 -90.40
N LYS ZA 134 101.84 -29.91 -91.29
CA LYS ZA 134 102.01 -28.54 -90.87
C LYS ZA 134 100.79 -28.11 -90.07
N ALA ZA 135 101.02 -27.39 -88.95
CA ALA ZA 135 99.95 -26.85 -88.09
C ALA ZA 135 99.29 -25.70 -88.82
N PRO ZA 136 98.01 -25.42 -88.54
CA PRO ZA 136 97.43 -24.35 -89.35
C PRO ZA 136 98.13 -23.03 -89.01
N GLY ZA 137 98.39 -22.22 -90.04
CA GLY ZA 137 99.23 -21.04 -89.86
C GLY ZA 137 98.71 -19.94 -88.94
N ILE ZA 138 99.40 -18.80 -89.00
CA ILE ZA 138 98.93 -17.60 -88.33
C ILE ZA 138 97.59 -17.28 -88.92
N LEU ZA 139 97.45 -17.56 -90.22
CA LEU ZA 139 96.37 -16.99 -90.98
C LEU ZA 139 94.97 -17.55 -90.79
N PRO ZA 140 94.79 -18.89 -90.88
CA PRO ZA 140 93.40 -19.36 -90.82
C PRO ZA 140 92.86 -19.73 -89.41
N ARG ZA 141 92.98 -18.84 -88.43
CA ARG ZA 141 92.53 -19.17 -87.07
C ARG ZA 141 91.55 -18.16 -86.47
N ARG ZA 142 90.99 -18.48 -85.30
CA ARG ZA 142 90.19 -17.53 -84.54
C ARG ZA 142 90.50 -17.63 -83.04
N SER ZA 143 89.98 -16.65 -82.30
CA SER ZA 143 89.94 -16.64 -80.86
C SER ZA 143 89.15 -17.82 -80.34
N VAL ZA 144 89.64 -18.42 -79.27
CA VAL ZA 144 88.92 -19.45 -78.57
C VAL ZA 144 87.82 -18.79 -77.77
N HIS ZA 145 86.58 -19.14 -78.09
CA HIS ZA 145 85.40 -18.57 -77.43
C HIS ZA 145 84.35 -19.59 -77.00
N GLU ZA 146 84.48 -20.85 -77.42
CA GLU ZA 146 83.54 -21.93 -77.01
C GLU ZA 146 84.06 -22.71 -75.81
N PRO ZA 147 83.18 -23.00 -74.83
CA PRO ZA 147 83.62 -23.86 -73.75
C PRO ZA 147 83.66 -25.31 -74.21
N VAL ZA 148 84.60 -26.05 -73.64
CA VAL ZA 148 84.66 -27.51 -73.66
C VAL ZA 148 84.32 -27.90 -72.22
N GLN ZA 149 83.04 -28.09 -71.93
CA GLN ZA 149 82.60 -28.25 -70.54
C GLN ZA 149 83.00 -29.60 -70.03
N THR ZA 150 83.79 -29.63 -68.97
CA THR ZA 150 84.21 -30.91 -68.41
C THR ZA 150 83.23 -31.45 -67.38
N GLY ZA 151 82.43 -30.58 -66.77
CA GLY ZA 151 81.52 -31.04 -65.74
C GLY ZA 151 82.26 -31.31 -64.44
N LEU ZA 152 83.45 -30.73 -64.32
CA LEU ZA 152 84.24 -30.85 -63.11
C LEU ZA 152 84.24 -29.51 -62.40
N LYS ZA 153 83.46 -29.40 -61.34
CA LYS ZA 153 83.28 -28.14 -60.63
C LYS ZA 153 84.58 -27.36 -60.57
N ALA ZA 154 85.59 -27.90 -59.89
CA ALA ZA 154 86.88 -27.21 -59.79
C ALA ZA 154 87.39 -26.72 -61.15
N VAL ZA 155 87.34 -27.57 -62.16
CA VAL ZA 155 87.88 -27.18 -63.46
C VAL ZA 155 87.02 -26.14 -64.17
N ASP ZA 156 85.71 -26.32 -64.18
CA ASP ZA 156 84.86 -25.45 -65.00
C ASP ZA 156 84.64 -24.06 -64.38
N ALA ZA 157 85.05 -23.89 -63.13
CA ALA ZA 157 84.97 -22.58 -62.48
C ALA ZA 157 86.36 -21.95 -62.37
N LEU ZA 158 87.37 -22.77 -62.20
CA LEU ZA 158 88.72 -22.27 -61.96
C LEU ZA 158 89.63 -22.22 -63.21
N VAL ZA 159 89.69 -23.30 -63.97
CA VAL ZA 159 90.55 -23.36 -65.14
C VAL ZA 159 89.77 -23.74 -66.42
N PRO ZA 160 88.84 -22.86 -66.84
CA PRO ZA 160 87.91 -23.23 -67.90
C PRO ZA 160 88.61 -23.37 -69.22
N ILE ZA 161 88.38 -24.52 -69.86
CA ILE ZA 161 89.01 -24.98 -71.10
C ILE ZA 161 88.20 -24.65 -72.35
N GLY ZA 162 88.88 -24.27 -73.42
CA GLY ZA 162 88.17 -23.79 -74.60
C GLY ZA 162 88.38 -24.60 -75.86
N ARG ZA 163 87.35 -24.64 -76.71
CA ARG ZA 163 87.39 -25.35 -77.98
C ARG ZA 163 88.47 -24.76 -78.86
N GLY ZA 164 89.63 -25.40 -78.84
CA GLY ZA 164 90.76 -24.97 -79.65
C GLY ZA 164 92.05 -24.90 -78.86
N GLN ZA 165 91.92 -24.75 -77.55
CA GLN ZA 165 93.07 -24.57 -76.67
C GLN ZA 165 93.76 -25.89 -76.30
N ARG ZA 166 95.06 -25.81 -76.03
CA ARG ZA 166 95.85 -26.90 -75.51
C ARG ZA 166 96.04 -26.72 -73.99
N GLU ZA 167 95.73 -27.75 -73.22
CA GLU ZA 167 95.76 -27.63 -71.78
C GLU ZA 167 96.41 -28.83 -71.12
N LEU ZA 168 97.57 -28.56 -70.52
CA LEU ZA 168 98.35 -29.62 -69.87
C LEU ZA 168 97.71 -30.21 -68.60
N ILE ZA 169 97.71 -31.53 -68.50
CA ILE ZA 169 97.40 -32.16 -67.23
C ILE ZA 169 98.69 -32.79 -66.67
N ILE ZA 170 99.20 -32.21 -65.60
CA ILE ZA 170 100.47 -32.62 -65.08
C ILE ZA 170 100.36 -32.89 -63.59
N GLY ZA 171 101.10 -33.90 -63.13
CA GLY ZA 171 101.25 -34.22 -61.71
C GLY ZA 171 102.09 -35.46 -61.61
N ASP ZA 172 102.33 -35.94 -60.39
CA ASP ZA 172 103.06 -37.20 -60.16
C ASP ZA 172 102.32 -38.42 -60.73
N ARG ZA 173 102.86 -39.62 -60.48
CA ARG ZA 173 102.14 -40.90 -60.74
C ARG ZA 173 100.97 -41.08 -59.79
N GLN ZA 174 99.96 -41.83 -60.22
CA GLN ZA 174 98.78 -42.10 -59.40
C GLN ZA 174 98.18 -40.87 -58.70
N THR ZA 175 97.93 -39.81 -59.45
CA THR ZA 175 97.38 -38.58 -58.86
C THR ZA 175 96.00 -38.29 -59.34
N GLY ZA 176 95.64 -38.87 -60.48
CA GLY ZA 176 94.30 -38.66 -61.02
C GLY ZA 176 94.31 -37.95 -62.35
N LYS ZA 177 95.48 -37.95 -63.00
CA LYS ZA 177 95.64 -37.35 -64.34
C LYS ZA 177 94.67 -38.00 -65.33
N THR ZA 178 94.64 -39.32 -65.38
CA THR ZA 178 93.83 -39.94 -66.39
C THR ZA 178 92.36 -39.63 -66.08
N ALA ZA 179 92.03 -39.67 -64.78
CA ALA ZA 179 90.70 -39.45 -64.27
C ALA ZA 179 90.11 -38.11 -64.72
N VAL ZA 180 90.94 -37.06 -64.70
CA VAL ZA 180 90.43 -35.78 -65.16
C VAL ZA 180 90.05 -35.89 -66.62
N ALA ZA 181 90.96 -36.45 -67.43
CA ALA ZA 181 90.73 -36.59 -68.85
C ALA ZA 181 89.47 -37.41 -69.15
N LEU ZA 182 89.31 -38.48 -68.42
CA LEU ZA 182 88.19 -39.38 -68.61
C LEU ZA 182 86.87 -38.72 -68.31
N ASP ZA 183 86.84 -37.92 -67.25
CA ASP ZA 183 85.56 -37.40 -66.76
C ASP ZA 183 85.05 -36.36 -67.74
N THR ZA 184 86.02 -35.73 -68.40
CA THR ZA 184 85.77 -34.81 -69.49
C THR ZA 184 85.11 -35.50 -70.66
N ILE ZA 185 85.71 -36.59 -71.14
CA ILE ZA 185 85.12 -37.33 -72.23
C ILE ZA 185 83.71 -37.71 -71.85
N LEU ZA 186 83.54 -38.35 -70.69
CA LEU ZA 186 82.21 -38.91 -70.34
C LEU ZA 186 81.14 -37.86 -70.50
N ASN ZA 187 81.45 -36.64 -70.06
CA ASN ZA 187 80.51 -35.55 -70.07
C ASN ZA 187 79.85 -35.25 -71.43
N GLN ZA 188 80.58 -35.42 -72.53
CA GLN ZA 188 80.12 -34.97 -73.85
C GLN ZA 188 78.81 -35.63 -74.31
N LYS ZA 189 78.49 -36.77 -73.70
CA LYS ZA 189 77.17 -37.37 -73.83
C LYS ZA 189 76.05 -36.33 -73.93
N ARG ZA 190 76.14 -35.32 -73.05
CA ARG ZA 190 75.16 -34.24 -73.00
C ARG ZA 190 74.84 -33.67 -74.37
N TRP ZA 191 75.85 -33.64 -75.23
CA TRP ZA 191 75.70 -33.01 -76.52
C TRP ZA 191 75.77 -34.00 -77.69
N ASN ZA 192 76.49 -35.10 -77.51
CA ASN ZA 192 76.70 -36.05 -78.61
C ASN ZA 192 75.49 -36.92 -78.95
N ASN ZA 193 74.56 -37.03 -78.00
CA ASN ZA 193 73.33 -37.79 -78.24
C ASN ZA 193 72.27 -36.88 -78.79
N GLY ZA 194 72.66 -35.64 -79.09
CA GLY ZA 194 71.76 -34.66 -79.66
C GLY ZA 194 71.86 -34.73 -81.17
N SER ZA 195 71.38 -33.69 -81.85
CA SER ZA 195 71.53 -33.63 -83.30
C SER ZA 195 72.24 -32.37 -83.82
N ASP ZA 196 72.53 -31.43 -82.92
CA ASP ZA 196 73.29 -30.22 -83.30
C ASP ZA 196 74.82 -30.41 -83.46
N GLU ZA 197 75.22 -30.79 -84.66
CA GLU ZA 197 76.60 -31.17 -84.96
C GLU ZA 197 77.68 -30.22 -84.41
N SER ZA 198 77.33 -28.94 -84.33
CA SER ZA 198 78.29 -27.90 -83.94
C SER ZA 198 78.40 -27.73 -82.40
N LYS ZA 199 77.57 -28.44 -81.64
CA LYS ZA 199 77.76 -28.48 -80.19
C LYS ZA 199 78.48 -29.74 -79.73
N LYS ZA 200 78.65 -30.69 -80.65
CA LYS ZA 200 79.28 -31.99 -80.40
C LYS ZA 200 80.81 -31.93 -80.21
N LEU ZA 201 81.35 -32.88 -79.43
CA LEU ZA 201 82.80 -32.96 -79.18
C LEU ZA 201 83.23 -34.42 -79.21
N TYR ZA 202 83.87 -34.83 -80.31
CA TYR ZA 202 84.38 -36.19 -80.49
C TYR ZA 202 85.72 -36.33 -79.81
N CYS ZA 203 85.93 -37.47 -79.15
CA CYS ZA 203 87.12 -37.62 -78.33
C CYS ZA 203 88.07 -38.59 -78.94
N VAL ZA 204 89.34 -38.27 -78.85
CA VAL ZA 204 90.38 -39.20 -79.26
C VAL ZA 204 91.26 -39.45 -78.07
N TYR ZA 205 91.40 -40.71 -77.67
CA TYR ZA 205 92.20 -40.98 -76.51
C TYR ZA 205 93.44 -41.74 -76.95
N VAL ZA 206 94.62 -41.16 -76.79
CA VAL ZA 206 95.84 -41.84 -77.21
C VAL ZA 206 96.54 -42.54 -76.06
N ALA ZA 207 96.66 -43.84 -76.15
CA ALA ZA 207 97.30 -44.61 -75.07
C ALA ZA 207 98.74 -44.81 -75.42
N VAL ZA 208 99.64 -44.18 -74.69
CA VAL ZA 208 101.04 -44.31 -75.03
C VAL ZA 208 101.83 -44.91 -73.87
N GLY ZA 209 102.35 -46.11 -74.08
CA GLY ZA 209 103.12 -46.80 -73.08
C GLY ZA 209 102.30 -47.41 -71.97
N GLN ZA 210 100.97 -47.33 -72.08
CA GLN ZA 210 100.08 -48.01 -71.15
C GLN ZA 210 100.11 -49.55 -71.37
N LYS ZA 211 99.84 -50.33 -70.34
CA LYS ZA 211 99.68 -51.76 -70.56
C LYS ZA 211 98.33 -51.99 -71.19
N ARG ZA 212 98.22 -53.07 -71.98
CA ARG ZA 212 97.02 -53.34 -72.76
C ARG ZA 212 95.78 -53.43 -71.91
N SER ZA 213 95.80 -54.31 -70.90
CA SER ZA 213 94.64 -54.49 -69.99
C SER ZA 213 94.15 -53.14 -69.47
N THR ZA 214 95.07 -52.24 -69.22
CA THR ZA 214 94.70 -50.92 -68.78
C THR ZA 214 93.96 -50.12 -69.87
N VAL ZA 215 94.29 -50.35 -71.14
CA VAL ZA 215 93.49 -49.74 -72.20
C VAL ZA 215 92.14 -50.47 -72.21
N ALA ZA 216 92.17 -51.79 -72.05
CA ALA ZA 216 90.92 -52.54 -71.92
C ALA ZA 216 90.06 -51.93 -70.80
N GLN ZA 217 90.56 -52.03 -69.57
CA GLN ZA 217 89.84 -51.62 -68.40
C GLN ZA 217 89.17 -50.30 -68.74
N LEU ZA 218 89.81 -49.52 -69.61
CA LEU ZA 218 89.32 -48.20 -69.94
C LEU ZA 218 88.20 -48.16 -70.98
N VAL ZA 219 88.35 -48.89 -72.09
CA VAL ZA 219 87.28 -48.92 -73.10
C VAL ZA 219 86.00 -49.53 -72.53
N GLN ZA 220 86.18 -50.42 -71.56
CA GLN ZA 220 85.05 -50.98 -70.85
C GLN ZA 220 84.29 -49.82 -70.23
N THR ZA 221 85.00 -48.96 -69.49
CA THR ZA 221 84.34 -47.91 -68.74
C THR ZA 221 83.68 -46.94 -69.70
N LEU ZA 222 84.33 -46.70 -70.83
CA LEU ZA 222 83.75 -45.84 -71.84
C LEU ZA 222 82.40 -46.41 -72.27
N GLU ZA 223 82.38 -47.70 -72.56
CA GLU ZA 223 81.11 -48.39 -72.89
C GLU ZA 223 80.09 -48.44 -71.75
N GLN ZA 224 80.53 -48.77 -70.54
CA GLN ZA 224 79.67 -48.70 -69.37
C GLN ZA 224 78.97 -47.35 -69.30
N HIS ZA 225 79.51 -46.35 -69.99
CA HIS ZA 225 78.94 -45.02 -70.00
C HIS ZA 225 78.42 -44.57 -71.35
N ASP ZA 226 78.30 -45.51 -72.29
CA ASP ZA 226 77.86 -45.24 -73.65
C ASP ZA 226 78.57 -44.03 -74.21
N ALA ZA 227 79.90 -44.11 -74.18
CA ALA ZA 227 80.78 -42.99 -74.44
C ALA ZA 227 81.71 -43.35 -75.58
N MET ZA 228 81.62 -44.62 -75.98
CA MET ZA 228 82.51 -45.20 -76.97
C MET ZA 228 82.07 -44.89 -78.40
N LYS ZA 229 80.81 -44.55 -78.56
CA LYS ZA 229 80.24 -44.23 -79.87
C LYS ZA 229 80.73 -42.92 -80.44
N TYR ZA 230 81.38 -42.13 -79.60
CA TYR ZA 230 81.88 -40.84 -80.05
C TYR ZA 230 83.36 -40.68 -79.76
N SER ZA 231 84.02 -41.76 -79.34
CA SER ZA 231 85.47 -41.76 -79.11
C SER ZA 231 86.25 -42.57 -80.14
N ILE ZA 232 87.56 -42.32 -80.21
CA ILE ZA 232 88.46 -43.21 -80.95
C ILE ZA 232 89.68 -43.37 -80.06
N ILE ZA 233 89.92 -44.57 -79.55
CA ILE ZA 233 91.14 -44.85 -78.80
C ILE ZA 233 92.24 -45.18 -79.81
N VAL ZA 234 93.45 -44.68 -79.59
CA VAL ZA 234 94.58 -45.08 -80.46
C VAL ZA 234 95.67 -45.59 -79.56
N ALA ZA 235 96.04 -46.84 -79.74
CA ALA ZA 235 96.83 -47.50 -78.71
C ALA ZA 235 98.25 -47.84 -79.16
N ALA ZA 236 99.23 -47.39 -78.40
CA ALA ZA 236 100.61 -47.81 -78.62
C ALA ZA 236 101.13 -48.41 -77.34
N THR ZA 237 100.66 -49.58 -77.00
CA THR ZA 237 100.89 -50.06 -75.66
C THR ZA 237 102.36 -50.35 -75.35
N ALA ZA 238 102.64 -50.42 -74.04
CA ALA ZA 238 103.92 -50.86 -73.47
C ALA ZA 238 104.79 -51.80 -74.26
N SER ZA 239 104.19 -52.76 -74.95
CA SER ZA 239 104.97 -53.82 -75.59
C SER ZA 239 105.29 -53.50 -77.02
N GLU ZA 240 104.59 -52.55 -77.61
CA GLU ZA 240 104.79 -52.26 -79.03
C GLU ZA 240 106.15 -51.62 -79.30
N ALA ZA 241 106.51 -51.52 -80.58
CA ALA ZA 241 107.82 -51.01 -80.96
C ALA ZA 241 107.96 -49.56 -80.55
N ALA ZA 242 109.16 -49.16 -80.15
CA ALA ZA 242 109.40 -47.75 -79.86
C ALA ZA 242 108.82 -46.85 -80.97
N PRO ZA 243 109.14 -47.11 -82.24
CA PRO ZA 243 108.54 -46.29 -83.31
C PRO ZA 243 107.02 -46.09 -83.29
N LEU ZA 244 106.27 -47.12 -82.96
CA LEU ZA 244 104.81 -46.96 -82.88
C LEU ZA 244 104.40 -46.03 -81.74
N GLN ZA 245 104.98 -46.23 -80.57
CA GLN ZA 245 104.79 -45.35 -79.43
C GLN ZA 245 105.07 -43.88 -79.83
N TYR ZA 246 106.30 -43.61 -80.28
CA TYR ZA 246 106.61 -42.28 -80.74
C TYR ZA 246 105.61 -41.76 -81.77
N LEU ZA 247 105.04 -42.63 -82.59
CA LEU ZA 247 104.24 -42.16 -83.73
C LEU ZA 247 102.77 -41.83 -83.36
N ALA ZA 248 102.17 -42.73 -82.61
CA ALA ZA 248 100.78 -42.64 -82.18
C ALA ZA 248 100.20 -41.22 -82.05
N PRO ZA 249 100.83 -40.35 -81.22
CA PRO ZA 249 100.24 -39.06 -81.05
C PRO ZA 249 100.10 -38.34 -82.37
N PHE ZA 250 101.09 -38.46 -83.24
CA PHE ZA 250 101.00 -37.83 -84.55
C PHE ZA 250 99.87 -38.43 -85.40
N THR ZA 251 99.85 -39.75 -85.50
CA THR ZA 251 98.80 -40.38 -86.26
C THR ZA 251 97.45 -39.95 -85.68
N ALA ZA 252 97.37 -39.92 -84.36
CA ALA ZA 252 96.13 -39.59 -83.70
C ALA ZA 252 95.73 -38.15 -84.02
N ALA ZA 253 96.70 -37.25 -83.96
CA ALA ZA 253 96.45 -35.83 -84.19
C ALA ZA 253 95.74 -35.68 -85.53
N SER ZA 254 96.10 -36.55 -86.48
CA SER ZA 254 95.53 -36.49 -87.82
C SER ZA 254 94.12 -37.01 -87.80
N ILE ZA 255 93.90 -38.10 -87.08
CA ILE ZA 255 92.56 -38.69 -87.00
C ILE ZA 255 91.55 -37.64 -86.56
N GLY ZA 256 91.94 -36.79 -85.63
CA GLY ZA 256 91.02 -35.81 -85.10
C GLY ZA 256 91.17 -34.50 -85.84
N GLU ZA 257 92.23 -34.36 -86.65
CA GLU ZA 257 92.36 -33.21 -87.51
C GLU ZA 257 91.26 -33.25 -88.55
N TRP ZA 258 90.80 -34.48 -88.86
CA TRP ZA 258 89.71 -34.67 -89.82
C TRP ZA 258 88.49 -33.92 -89.33
N PHE ZA 259 88.26 -34.00 -88.03
CA PHE ZA 259 87.08 -33.42 -87.48
C PHE ZA 259 87.12 -31.91 -87.55
N ARG ZA 260 88.25 -31.36 -87.13
CA ARG ZA 260 88.51 -29.92 -87.12
C ARG ZA 260 88.42 -29.30 -88.52
N ASP ZA 261 88.96 -30.02 -89.51
CA ASP ZA 261 88.99 -29.56 -90.88
C ASP ZA 261 87.61 -29.57 -91.49
N ASN ZA 262 86.76 -30.45 -90.96
CA ASN ZA 262 85.42 -30.67 -91.49
C ASN ZA 262 84.28 -30.10 -90.69
N GLY ZA 263 84.58 -29.09 -89.89
CA GLY ZA 263 83.55 -28.28 -89.28
C GLY ZA 263 83.16 -28.78 -87.92
N LYS ZA 264 83.85 -29.80 -87.45
CA LYS ZA 264 83.47 -30.38 -86.16
C LYS ZA 264 84.59 -30.21 -85.16
N HIS ZA 265 84.33 -30.64 -83.95
CA HIS ZA 265 85.26 -30.41 -82.88
C HIS ZA 265 85.65 -31.75 -82.24
N ALA ZA 266 86.94 -32.02 -82.23
CA ALA ZA 266 87.44 -33.19 -81.57
C ALA ZA 266 88.15 -32.80 -80.28
N LEU ZA 267 88.49 -33.81 -79.49
CA LEU ZA 267 89.23 -33.57 -78.26
C LEU ZA 267 90.33 -34.60 -78.17
N ILE ZA 268 91.58 -34.18 -78.24
CA ILE ZA 268 92.63 -35.18 -78.15
C ILE ZA 268 93.35 -35.27 -76.80
N VAL ZA 269 93.30 -36.45 -76.18
CA VAL ZA 269 93.98 -36.68 -74.91
C VAL ZA 269 95.28 -37.46 -75.12
N TYR ZA 270 96.43 -36.84 -74.91
CA TYR ZA 270 97.68 -37.56 -75.08
C TYR ZA 270 98.16 -38.16 -73.77
N ASP ZA 271 97.81 -39.41 -73.51
CA ASP ZA 271 98.16 -40.07 -72.24
C ASP ZA 271 99.27 -41.13 -72.39
N ASP ZA 272 100.56 -40.77 -72.37
CA ASP ZA 272 101.11 -39.48 -71.96
C ASP ZA 272 102.49 -39.17 -72.60
N LEU ZA 273 102.81 -37.89 -72.68
CA LEU ZA 273 103.93 -37.51 -73.49
C LEU ZA 273 105.24 -37.96 -72.89
N SER ZA 274 105.36 -37.99 -71.55
CA SER ZA 274 106.57 -38.49 -70.88
C SER ZA 274 107.02 -39.80 -71.47
N LYS ZA 275 106.08 -40.68 -71.80
CA LYS ZA 275 106.46 -41.95 -72.39
C LYS ZA 275 106.85 -41.81 -73.87
N GLN ZA 276 106.06 -41.10 -74.67
CA GLN ZA 276 106.44 -40.81 -76.06
C GLN ZA 276 107.91 -40.35 -76.15
N ALA ZA 277 108.28 -39.40 -75.31
CA ALA ZA 277 109.68 -38.98 -75.22
C ALA ZA 277 110.62 -40.10 -74.74
N VAL ZA 278 110.17 -40.95 -73.82
CA VAL ZA 278 111.03 -42.06 -73.39
C VAL ZA 278 111.38 -42.88 -74.64
N ALA ZA 279 110.37 -43.11 -75.49
CA ALA ZA 279 110.50 -43.96 -76.70
C ALA ZA 279 111.24 -43.26 -77.79
N TYR ZA 280 110.94 -41.97 -77.97
CA TYR ZA 280 111.66 -41.18 -78.95
C TYR ZA 280 113.11 -41.14 -78.57
N ARG ZA 281 113.40 -41.08 -77.26
CA ARG ZA 281 114.78 -41.27 -76.81
C ARG ZA 281 115.36 -42.62 -77.29
N GLN ZA 282 114.52 -43.64 -77.31
CA GLN ZA 282 114.98 -44.98 -77.65
C GLN ZA 282 115.36 -45.17 -79.12
N LEU ZA 283 114.53 -44.69 -80.06
CA LEU ZA 283 114.92 -44.65 -81.48
C LEU ZA 283 116.31 -44.03 -81.66
N SER ZA 284 116.50 -42.83 -81.10
CA SER ZA 284 117.70 -42.01 -81.30
C SER ZA 284 118.96 -42.59 -80.74
N LEU ZA 285 118.94 -42.96 -79.46
CA LEU ZA 285 120.11 -43.62 -78.87
C LEU ZA 285 120.55 -44.84 -79.68
N LEU ZA 286 119.58 -45.59 -80.18
CA LEU ZA 286 119.86 -46.79 -81.00
C LEU ZA 286 120.22 -46.47 -82.45
N LEU ZA 287 119.64 -45.42 -83.01
CA LEU ZA 287 120.06 -44.93 -84.31
C LEU ZA 287 121.42 -44.26 -84.11
N ARG ZA 288 121.83 -44.12 -82.84
CA ARG ZA 288 123.15 -43.54 -82.49
C ARG ZA 288 123.27 -42.03 -82.65
N ARG ZA 289 122.17 -41.32 -82.83
CA ARG ZA 289 122.23 -39.87 -82.84
C ARG ZA 289 122.69 -39.41 -81.45
N PRO ZA 290 123.66 -38.49 -81.37
CA PRO ZA 290 124.19 -38.17 -80.05
C PRO ZA 290 123.17 -37.47 -79.13
N PRO ZA 291 123.23 -37.76 -77.82
CA PRO ZA 291 122.13 -37.45 -76.94
C PRO ZA 291 122.15 -36.01 -76.41
N GLY ZA 292 121.00 -35.57 -75.93
CA GLY ZA 292 120.86 -34.27 -75.26
C GLY ZA 292 120.91 -34.46 -73.75
N ARG ZA 293 120.11 -33.65 -73.05
CA ARG ZA 293 120.04 -33.71 -71.60
C ARG ZA 293 119.19 -34.89 -71.16
N GLU ZA 294 119.51 -35.45 -70.00
CA GLU ZA 294 119.00 -36.77 -69.57
C GLU ZA 294 118.84 -37.72 -70.77
N ALA ZA 295 119.92 -37.87 -71.56
CA ALA ZA 295 119.99 -38.81 -72.68
C ALA ZA 295 118.90 -38.68 -73.75
N TYR ZA 296 118.02 -37.67 -73.60
CA TYR ZA 296 117.00 -37.38 -74.62
C TYR ZA 296 117.65 -36.82 -75.85
N PRO ZA 297 116.97 -36.85 -76.99
CA PRO ZA 297 117.56 -36.21 -78.17
C PRO ZA 297 117.49 -34.69 -78.08
N GLY ZA 298 118.26 -34.01 -78.91
CA GLY ZA 298 118.36 -32.57 -78.86
C GLY ZA 298 117.07 -31.80 -79.06
N ASP ZA 299 116.13 -32.38 -79.82
CA ASP ZA 299 114.94 -31.66 -80.23
C ASP ZA 299 113.71 -32.33 -79.65
N VAL ZA 300 113.88 -32.96 -78.51
CA VAL ZA 300 112.77 -33.55 -77.83
C VAL ZA 300 111.67 -32.50 -77.62
N PHE ZA 301 112.04 -31.21 -77.54
CA PHE ZA 301 111.07 -30.10 -77.48
C PHE ZA 301 110.30 -29.97 -78.79
N TYR ZA 302 111.02 -29.83 -79.90
CA TYR ZA 302 110.43 -29.82 -81.22
C TYR ZA 302 109.44 -30.95 -81.39
N LEU ZA 303 109.77 -32.11 -80.82
CA LEU ZA 303 108.88 -33.24 -80.89
C LEU ZA 303 107.45 -32.88 -80.50
N HIS ZA 304 107.31 -32.21 -79.36
CA HIS ZA 304 106.02 -32.00 -78.75
C HIS ZA 304 105.40 -30.75 -79.26
N SER ZA 305 106.24 -29.73 -79.42
CA SER ZA 305 105.79 -28.45 -79.93
C SER ZA 305 105.02 -28.63 -81.23
N ARG ZA 306 105.54 -29.43 -82.16
CA ARG ZA 306 104.86 -29.55 -83.46
C ARG ZA 306 103.58 -30.33 -83.40
N LEU ZA 307 103.48 -31.23 -82.44
CA LEU ZA 307 102.25 -31.96 -82.22
C LEU ZA 307 101.23 -31.00 -81.64
N LEU ZA 308 101.57 -30.39 -80.52
CA LEU ZA 308 100.62 -29.61 -79.76
C LEU ZA 308 100.11 -28.37 -80.49
N GLU ZA 309 100.93 -27.79 -81.37
CA GLU ZA 309 100.49 -26.68 -82.25
C GLU ZA 309 99.40 -27.11 -83.23
N ARG ZA 310 99.29 -28.41 -83.48
CA ARG ZA 310 98.33 -28.93 -84.43
C ARG ZA 310 96.90 -28.77 -83.93
N ALA ZA 311 96.76 -28.57 -82.61
CA ALA ZA 311 95.49 -28.20 -81.97
C ALA ZA 311 95.28 -26.71 -82.23
N ALA ZA 312 94.09 -26.35 -82.70
CA ALA ZA 312 93.75 -24.95 -83.03
C ALA ZA 312 92.27 -24.78 -83.26
N LYS ZA 313 91.80 -23.54 -83.25
CA LYS ZA 313 90.39 -23.26 -83.54
C LYS ZA 313 90.23 -22.47 -84.85
N LEU ZA 314 89.89 -23.16 -85.92
CA LEU ZA 314 89.87 -22.57 -87.26
C LEU ZA 314 88.90 -21.38 -87.40
N SER ZA 315 89.18 -20.51 -88.37
CA SER ZA 315 88.35 -19.37 -88.69
C SER ZA 315 87.11 -19.79 -89.46
N GLU ZA 316 86.09 -18.95 -89.47
CA GLU ZA 316 84.93 -19.13 -90.33
C GLU ZA 316 85.21 -19.52 -91.78
N LYS ZA 317 86.16 -18.84 -92.42
CA LYS ZA 317 86.50 -19.19 -93.80
C LYS ZA 317 86.88 -20.67 -93.89
N GLU ZA 318 87.48 -21.19 -92.84
CA GLU ZA 318 87.99 -22.55 -92.88
C GLU ZA 318 87.09 -23.59 -92.24
N GLY ZA 319 85.90 -23.17 -91.81
CA GLY ZA 319 84.88 -24.12 -91.35
C GLY ZA 319 84.64 -24.12 -89.85
N SER ZA 320 85.32 -23.22 -89.15
CA SER ZA 320 85.18 -23.07 -87.71
C SER ZA 320 85.46 -24.32 -86.87
N GLY ZA 321 85.96 -25.39 -87.50
CA GLY ZA 321 86.31 -26.59 -86.76
C GLY ZA 321 87.39 -26.30 -85.72
N SER ZA 322 87.30 -26.96 -84.57
CA SER ZA 322 88.37 -26.87 -83.56
C SER ZA 322 89.01 -28.25 -83.37
N LEU ZA 323 90.23 -28.26 -82.86
CA LEU ZA 323 90.82 -29.43 -82.22
C LEU ZA 323 91.42 -28.96 -80.90
N THR ZA 324 91.06 -29.63 -79.81
CA THR ZA 324 91.45 -29.24 -78.44
C THR ZA 324 92.33 -30.31 -77.84
N ALA ZA 325 93.40 -29.94 -77.17
CA ALA ZA 325 94.34 -30.94 -76.68
C ALA ZA 325 94.45 -31.01 -75.17
N LEU ZA 326 94.27 -32.19 -74.61
CA LEU ZA 326 94.69 -32.41 -73.23
C LEU ZA 326 95.88 -33.38 -73.16
N PRO ZA 327 97.08 -32.89 -73.38
CA PRO ZA 327 98.22 -33.77 -73.11
C PRO ZA 327 98.31 -34.16 -71.63
N VAL ZA 328 98.85 -35.32 -71.33
CA VAL ZA 328 99.18 -35.62 -69.93
C VAL ZA 328 100.71 -35.72 -69.71
N ILE ZA 329 101.17 -35.35 -68.53
CA ILE ZA 329 102.58 -35.49 -68.25
C ILE ZA 329 102.75 -35.96 -66.84
N GLU ZA 330 103.63 -36.93 -66.66
CA GLU ZA 330 103.91 -37.49 -65.36
C GLU ZA 330 105.21 -36.96 -64.80
N THR ZA 331 105.20 -36.39 -63.61
CA THR ZA 331 106.44 -35.93 -63.02
C THR ZA 331 107.04 -36.99 -62.08
N GLN ZA 332 108.14 -36.68 -61.43
CA GLN ZA 332 108.63 -37.47 -60.30
C GLN ZA 332 108.75 -36.53 -59.12
N GLY ZA 333 108.49 -37.02 -57.91
CA GLY ZA 333 108.69 -36.22 -56.68
C GLY ZA 333 108.24 -34.77 -56.75
N GLY ZA 334 107.17 -34.54 -57.51
CA GLY ZA 334 106.57 -33.21 -57.68
C GLY ZA 334 107.39 -32.22 -58.51
N ASP ZA 335 108.57 -32.65 -58.94
CA ASP ZA 335 109.49 -31.81 -59.66
C ASP ZA 335 108.95 -31.52 -61.05
N VAL ZA 336 108.65 -30.25 -61.28
CA VAL ZA 336 108.12 -29.82 -62.55
C VAL ZA 336 109.26 -29.19 -63.35
N SER ZA 337 110.42 -29.10 -62.70
CA SER ZA 337 111.58 -28.42 -63.25
C SER ZA 337 112.48 -29.40 -63.97
N ALA ZA 338 111.98 -30.61 -64.16
CA ALA ZA 338 112.71 -31.60 -64.90
C ALA ZA 338 112.40 -31.35 -66.36
N TYR ZA 339 113.29 -31.85 -67.21
CA TYR ZA 339 113.33 -31.54 -68.64
C TYR ZA 339 111.96 -31.44 -69.34
N ILE ZA 340 111.33 -32.58 -69.54
CA ILE ZA 340 110.16 -32.68 -70.40
C ILE ZA 340 108.99 -31.83 -69.90
N PRO ZA 341 108.62 -31.96 -68.60
CA PRO ZA 341 107.51 -31.16 -68.11
C PRO ZA 341 107.75 -29.67 -68.44
N THR ZA 342 108.88 -29.14 -68.02
CA THR ZA 342 109.29 -27.81 -68.43
C THR ZA 342 108.99 -27.54 -69.92
N ASN ZA 343 109.43 -28.43 -70.81
CA ASN ZA 343 109.19 -28.24 -72.24
C ASN ZA 343 107.72 -28.02 -72.52
N VAL ZA 344 106.90 -29.02 -72.20
CA VAL ZA 344 105.49 -28.94 -72.48
C VAL ZA 344 104.80 -27.81 -71.70
N ILE ZA 345 105.17 -27.61 -70.44
CA ILE ZA 345 104.56 -26.56 -69.61
C ILE ZA 345 104.49 -25.20 -70.34
N SER ZA 346 105.56 -24.89 -71.05
CA SER ZA 346 105.67 -23.62 -71.79
C SER ZA 346 105.10 -23.73 -73.20
N ILE ZA 347 104.79 -24.93 -73.65
CA ILE ZA 347 104.15 -25.08 -74.94
C ILE ZA 347 102.65 -24.85 -74.88
N THR ZA 348 102.02 -25.23 -73.78
CA THR ZA 348 100.55 -25.22 -73.69
C THR ZA 348 99.94 -23.96 -73.12
N ASP ZA 349 98.63 -23.86 -73.32
CA ASP ZA 349 97.87 -22.69 -72.90
C ASP ZA 349 97.41 -22.86 -71.47
N GLY ZA 350 98.23 -23.49 -70.64
CA GLY ZA 350 97.94 -23.58 -69.22
C GLY ZA 350 98.00 -24.98 -68.68
N GLN ZA 351 98.00 -25.13 -67.37
CA GLN ZA 351 98.13 -26.48 -66.82
C GLN ZA 351 97.13 -26.71 -65.68
N ILE ZA 352 96.87 -27.98 -65.41
CA ILE ZA 352 96.19 -28.38 -64.22
C ILE ZA 352 97.17 -29.25 -63.42
N PHE ZA 353 97.61 -28.77 -62.26
CA PHE ZA 353 98.52 -29.54 -61.44
C PHE ZA 353 97.75 -30.38 -60.48
N LEU ZA 354 97.97 -31.68 -60.51
CA LEU ZA 354 97.38 -32.53 -59.50
C LEU ZA 354 98.43 -32.88 -58.45
N GLU ZA 355 98.02 -32.97 -57.20
CA GLU ZA 355 98.96 -33.24 -56.14
C GLU ZA 355 98.54 -34.36 -55.19
N ALA ZA 356 99.50 -35.20 -54.88
CA ALA ZA 356 99.30 -36.32 -53.98
C ALA ZA 356 98.90 -35.90 -52.56
N GLU ZA 357 99.53 -34.84 -52.03
CA GLU ZA 357 99.22 -34.35 -50.68
C GLU ZA 357 97.76 -33.95 -50.61
N LEU ZA 358 97.33 -33.18 -51.61
CA LEU ZA 358 95.95 -32.74 -51.70
C LEU ZA 358 95.01 -33.92 -51.66
N PHE ZA 359 95.30 -34.88 -52.54
CA PHE ZA 359 94.55 -36.11 -52.65
C PHE ZA 359 94.27 -36.73 -51.28
N TYR ZA 360 95.32 -37.17 -50.62
CA TYR ZA 360 95.18 -37.89 -49.35
C TYR ZA 360 94.50 -37.13 -48.21
N LYS ZA 361 94.36 -35.82 -48.35
CA LYS ZA 361 93.62 -35.07 -47.34
C LYS ZA 361 92.24 -34.70 -47.85
N GLY ZA 362 91.92 -35.22 -49.02
CA GLY ZA 362 90.53 -35.27 -49.43
C GLY ZA 362 90.11 -34.31 -50.49
N ILE ZA 363 91.05 -33.65 -51.12
CA ILE ZA 363 90.64 -32.83 -52.23
C ILE ZA 363 90.82 -33.68 -53.49
N ARG ZA 364 89.67 -34.01 -54.12
CA ARG ZA 364 89.60 -34.90 -55.28
C ARG ZA 364 88.49 -34.42 -56.23
N PRO ZA 365 88.85 -33.96 -57.45
CA PRO ZA 365 90.15 -33.81 -58.12
C PRO ZA 365 91.17 -33.11 -57.24
N ALA ZA 366 92.40 -33.60 -57.23
CA ALA ZA 366 93.43 -33.01 -56.40
C ALA ZA 366 94.07 -31.86 -57.16
N ILE ZA 367 93.24 -31.07 -57.83
CA ILE ZA 367 93.69 -29.90 -58.55
C ILE ZA 367 94.39 -28.97 -57.58
N ASN ZA 368 95.47 -28.35 -58.03
CA ASN ZA 368 96.13 -27.32 -57.30
C ASN ZA 368 95.75 -25.99 -57.95
N VAL ZA 369 94.78 -25.34 -57.33
CA VAL ZA 369 94.31 -24.04 -57.76
C VAL ZA 369 95.45 -23.05 -57.83
N GLY ZA 370 96.27 -23.06 -56.78
CA GLY ZA 370 97.44 -22.21 -56.69
C GLY ZA 370 98.23 -22.22 -57.98
N LEU ZA 371 98.47 -23.40 -58.53
CA LEU ZA 371 99.33 -23.52 -59.70
C LEU ZA 371 98.62 -23.73 -61.04
N SER ZA 372 97.37 -24.17 -61.02
CA SER ZA 372 96.65 -24.43 -62.27
C SER ZA 372 96.18 -23.15 -62.93
N VAL ZA 373 96.37 -23.06 -64.24
CA VAL ZA 373 95.83 -21.93 -64.99
C VAL ZA 373 95.23 -22.39 -66.32
N SER ZA 374 94.27 -21.62 -66.81
CA SER ZA 374 93.91 -21.64 -68.22
C SER ZA 374 94.17 -20.27 -68.76
N ARG ZA 375 95.04 -20.20 -69.74
CA ARG ZA 375 95.45 -18.91 -70.26
C ARG ZA 375 94.40 -18.22 -71.15
N VAL ZA 376 93.48 -19.00 -71.73
CA VAL ZA 376 92.33 -18.47 -72.43
C VAL ZA 376 91.46 -17.75 -71.41
N GLY ZA 377 91.29 -18.41 -70.26
CA GLY ZA 377 90.52 -17.90 -69.13
C GLY ZA 377 89.01 -17.90 -69.33
N SER ZA 378 88.41 -16.77 -68.96
CA SER ZA 378 86.95 -16.59 -68.96
C SER ZA 378 86.34 -16.63 -70.36
N ALA ZA 379 87.17 -16.42 -71.38
CA ALA ZA 379 86.72 -16.46 -72.75
C ALA ZA 379 86.00 -17.77 -73.09
N ALA ZA 380 86.25 -18.82 -72.30
CA ALA ZA 380 85.76 -20.16 -72.62
C ALA ZA 380 84.88 -20.71 -71.50
N GLN ZA 381 84.66 -19.89 -70.50
CA GLN ZA 381 83.72 -20.21 -69.46
C GLN ZA 381 82.31 -19.90 -69.99
N VAL ZA 382 81.29 -20.55 -69.42
CA VAL ZA 382 79.90 -20.24 -69.75
C VAL ZA 382 79.54 -18.96 -69.01
N LYS ZA 383 78.73 -18.08 -69.61
CA LYS ZA 383 78.51 -16.73 -69.02
C LYS ZA 383 77.99 -16.81 -67.60
N ALA ZA 384 77.09 -17.76 -67.38
CA ALA ZA 384 76.44 -17.94 -66.08
C ALA ZA 384 77.46 -18.32 -65.01
N LEU ZA 385 78.29 -19.31 -65.35
CA LEU ZA 385 79.34 -19.79 -64.47
C LEU ZA 385 80.31 -18.67 -64.16
N LYS ZA 386 80.70 -17.95 -65.21
CA LYS ZA 386 81.54 -16.77 -65.09
C LYS ZA 386 80.97 -15.77 -64.05
N GLN ZA 387 79.68 -15.45 -64.20
CA GLN ZA 387 79.01 -14.45 -63.38
C GLN ZA 387 79.07 -14.71 -61.89
N VAL ZA 388 78.81 -15.95 -61.48
CA VAL ZA 388 78.84 -16.35 -60.08
C VAL ZA 388 80.22 -16.83 -59.60
N ALA ZA 389 81.15 -17.04 -60.54
CA ALA ZA 389 82.53 -17.42 -60.20
C ALA ZA 389 83.43 -16.17 -60.14
N GLY ZA 390 82.82 -15.00 -60.23
CA GLY ZA 390 83.56 -13.77 -60.14
C GLY ZA 390 84.46 -13.87 -58.92
N SER ZA 391 85.77 -13.86 -59.17
CA SER ZA 391 86.83 -13.72 -58.14
C SER ZA 391 87.16 -14.96 -57.32
N LEU ZA 392 86.45 -16.06 -57.57
CA LEU ZA 392 86.61 -17.24 -56.75
C LEU ZA 392 88.07 -17.68 -56.67
N LYS ZA 393 88.73 -17.74 -57.83
CA LYS ZA 393 90.09 -18.26 -57.92
C LYS ZA 393 91.11 -17.43 -57.13
N LEU ZA 394 90.96 -16.11 -57.20
CA LEU ZA 394 91.77 -15.18 -56.39
C LEU ZA 394 91.45 -15.32 -54.91
N PHE ZA 395 90.16 -15.44 -54.62
CA PHE ZA 395 89.71 -15.59 -53.25
C PHE ZA 395 90.29 -16.86 -52.65
N LEU ZA 396 90.27 -17.95 -53.44
CA LEU ZA 396 90.73 -19.24 -52.94
C LEU ZA 396 92.21 -19.18 -52.59
N ALA ZA 397 92.90 -18.24 -53.23
CA ALA ZA 397 94.30 -17.94 -52.97
C ALA ZA 397 94.45 -17.22 -51.64
N GLN ZA 398 93.72 -16.13 -51.51
CA GLN ZA 398 93.66 -15.41 -50.26
C GLN ZA 398 93.35 -16.39 -49.13
N TYR ZA 399 92.53 -17.40 -49.42
CA TYR ZA 399 92.16 -18.39 -48.41
C TYR ZA 399 93.36 -19.20 -47.92
N ARG ZA 400 94.19 -19.68 -48.84
CA ARG ZA 400 95.41 -20.40 -48.49
C ARG ZA 400 96.33 -19.50 -47.70
N GLU ZA 401 96.32 -18.23 -48.07
CA GLU ZA 401 97.04 -17.16 -47.37
C GLU ZA 401 96.69 -17.16 -45.89
N VAL ZA 402 95.42 -16.91 -45.57
CA VAL ZA 402 94.95 -16.84 -44.19
C VAL ZA 402 95.13 -18.17 -43.45
N ALA ZA 403 95.01 -19.29 -44.18
CA ALA ZA 403 95.20 -20.62 -43.61
C ALA ZA 403 96.66 -20.95 -43.29
N ALA ZA 404 97.59 -20.28 -43.96
CA ALA ZA 404 99.02 -20.39 -43.64
C ALA ZA 404 99.36 -19.58 -42.36
N PHE ZA 405 98.78 -18.40 -42.26
CA PHE ZA 405 98.86 -17.53 -41.07
C PHE ZA 405 98.14 -18.17 -39.85
N ALA ZA 406 97.18 -19.05 -40.13
CA ALA ZA 406 96.45 -19.78 -39.07
C ALA ZA 406 97.36 -20.73 -38.28
N GLN ZA 407 98.41 -21.22 -38.94
CA GLN ZA 407 99.37 -22.15 -38.35
C GLN ZA 407 100.13 -21.57 -37.14
N PHE ZA 408 100.17 -20.23 -37.07
CA PHE ZA 408 100.68 -19.50 -35.91
C PHE ZA 408 99.78 -19.72 -34.71
N GLY ZA 409 98.59 -20.29 -34.95
CA GLY ZA 409 97.58 -20.56 -33.93
C GLY ZA 409 97.34 -19.40 -32.94
N SER ZA 410 97.66 -18.18 -33.37
CA SER ZA 410 97.35 -16.95 -32.63
C SER ZA 410 95.95 -16.49 -33.02
N ASP ZA 411 95.18 -16.07 -32.02
CA ASP ZA 411 93.77 -15.67 -32.17
C ASP ZA 411 93.39 -14.96 -33.48
N LEU ZA 412 92.29 -15.38 -34.07
CA LEU ZA 412 91.76 -14.75 -35.28
C LEU ZA 412 90.71 -13.69 -34.97
N ASP ZA 413 90.63 -12.69 -35.84
CA ASP ZA 413 89.58 -11.67 -35.79
C ASP ZA 413 88.39 -12.07 -36.68
N ALA ZA 414 87.35 -11.24 -36.68
CA ALA ZA 414 86.11 -11.49 -37.42
C ALA ZA 414 86.26 -11.45 -38.95
N SER ZA 415 87.39 -10.92 -39.42
CA SER ZA 415 87.67 -10.81 -40.85
C SER ZA 415 88.34 -12.08 -41.38
N THR ZA 416 89.36 -12.55 -40.65
CA THR ZA 416 90.08 -13.77 -41.02
C THR ZA 416 89.27 -15.05 -40.77
N LYS ZA 417 88.64 -15.15 -39.61
CA LYS ZA 417 87.73 -16.25 -39.33
C LYS ZA 417 86.63 -16.31 -40.38
N GLN ZA 418 86.15 -15.14 -40.78
CA GLN ZA 418 85.16 -15.02 -41.84
C GLN ZA 418 85.58 -15.69 -43.13
N THR ZA 419 86.76 -15.31 -43.65
CA THR ZA 419 87.22 -15.86 -44.94
C THR ZA 419 87.69 -17.31 -44.81
N LEU ZA 420 88.08 -17.69 -43.60
CA LEU ZA 420 88.44 -19.07 -43.33
C LEU ZA 420 87.22 -19.99 -43.43
N VAL ZA 421 86.11 -19.54 -42.84
CA VAL ZA 421 84.87 -20.30 -42.87
C VAL ZA 421 84.42 -20.48 -44.31
N ARG ZA 422 84.61 -19.47 -45.15
CA ARG ZA 422 84.08 -19.53 -46.50
C ARG ZA 422 84.97 -20.34 -47.38
N GLY ZA 423 86.27 -20.14 -47.24
CA GLY ZA 423 87.26 -20.88 -48.01
C GLY ZA 423 87.21 -22.39 -47.75
N GLU ZA 424 86.96 -22.76 -46.51
CA GLU ZA 424 86.87 -24.15 -46.11
C GLU ZA 424 85.67 -24.79 -46.80
N ARG ZA 425 84.56 -24.05 -46.81
CA ARG ZA 425 83.34 -24.51 -47.45
C ARG ZA 425 83.43 -24.47 -48.95
N LEU ZA 426 84.13 -23.49 -49.49
CA LEU ZA 426 84.34 -23.44 -50.92
C LEU ZA 426 85.19 -24.62 -51.38
N THR ZA 427 86.34 -24.80 -50.74
CA THR ZA 427 87.17 -25.99 -50.93
C THR ZA 427 86.32 -27.26 -51.02
N GLN ZA 428 85.56 -27.52 -49.96
CA GLN ZA 428 84.68 -28.68 -49.82
C GLN ZA 428 83.63 -28.79 -50.90
N LEU ZA 429 83.14 -27.64 -51.37
CA LEU ZA 429 82.10 -27.61 -52.40
C LEU ZA 429 82.64 -28.01 -53.78
N LEU ZA 430 83.95 -27.93 -53.96
CA LEU ZA 430 84.52 -28.31 -55.24
C LEU ZA 430 84.92 -29.78 -55.33
N LYS ZA 431 84.86 -30.48 -54.19
CA LYS ZA 431 85.21 -31.92 -54.18
C LYS ZA 431 84.19 -32.64 -55.02
N GLN ZA 432 84.59 -33.71 -55.69
CA GLN ZA 432 83.69 -34.33 -56.64
C GLN ZA 432 84.05 -35.80 -56.84
N ASN ZA 433 83.05 -36.66 -56.91
CA ASN ZA 433 83.33 -38.07 -57.17
C ASN ZA 433 83.68 -38.30 -58.62
N GLN ZA 434 84.58 -39.24 -58.84
CA GLN ZA 434 84.90 -39.72 -60.17
C GLN ZA 434 83.63 -40.18 -60.89
N TYR ZA 435 83.62 -40.01 -62.21
CA TYR ZA 435 82.58 -40.53 -63.12
C TYR ZA 435 81.27 -39.79 -63.09
N SER ZA 436 81.23 -38.69 -62.33
CA SER ZA 436 80.03 -37.87 -62.18
C SER ZA 436 80.24 -36.45 -62.66
N PRO ZA 437 80.31 -36.24 -63.98
CA PRO ZA 437 80.31 -34.86 -64.44
C PRO ZA 437 78.93 -34.23 -64.31
N LEU ZA 438 78.91 -32.95 -63.96
CA LEU ZA 438 77.68 -32.21 -63.69
C LEU ZA 438 77.35 -31.25 -64.79
N ALA ZA 439 76.07 -31.14 -65.11
CA ALA ZA 439 75.56 -30.08 -65.96
C ALA ZA 439 75.86 -28.70 -65.38
N THR ZA 440 75.92 -27.70 -66.25
CA THR ZA 440 76.23 -26.32 -65.90
C THR ZA 440 75.23 -25.80 -64.89
N GLU ZA 441 73.97 -26.09 -65.13
CA GLU ZA 441 72.89 -25.63 -64.28
C GLU ZA 441 72.86 -26.36 -62.96
N GLU ZA 442 73.56 -27.47 -62.83
CA GLU ZA 442 73.76 -28.09 -61.52
C GLU ZA 442 74.92 -27.37 -60.82
N GLN ZA 443 75.97 -27.08 -61.58
CA GLN ZA 443 77.14 -26.37 -61.07
C GLN ZA 443 76.85 -24.96 -60.56
N VAL ZA 444 76.05 -24.21 -61.33
CA VAL ZA 444 75.84 -22.78 -61.16
C VAL ZA 444 75.27 -22.44 -59.79
N PRO ZA 445 74.16 -23.09 -59.43
CA PRO ZA 445 73.53 -22.79 -58.15
C PRO ZA 445 74.41 -23.21 -56.97
N LEU ZA 446 75.11 -24.33 -57.10
CA LEU ZA 446 76.11 -24.68 -56.10
C LEU ZA 446 77.11 -23.55 -55.88
N ILE ZA 447 77.77 -23.13 -56.95
CA ILE ZA 447 78.76 -22.06 -56.87
C ILE ZA 447 78.15 -20.79 -56.25
N TYR ZA 448 76.93 -20.45 -56.70
CA TYR ZA 448 76.25 -19.24 -56.23
C TYR ZA 448 75.96 -19.30 -54.72
N ALA ZA 449 75.50 -20.47 -54.26
CA ALA ZA 449 75.26 -20.72 -52.84
C ALA ZA 449 76.53 -20.56 -52.01
N GLY ZA 450 77.66 -21.00 -52.57
CA GLY ZA 450 78.92 -20.92 -51.85
C GLY ZA 450 79.45 -19.50 -51.81
N VAL ZA 451 79.61 -18.92 -53.00
CA VAL ZA 451 80.14 -17.57 -53.16
C VAL ZA 451 79.37 -16.51 -52.37
N ASN ZA 452 78.05 -16.43 -52.54
CA ASN ZA 452 77.26 -15.44 -51.83
C ASN ZA 452 77.00 -15.82 -50.37
N GLY ZA 453 77.67 -16.89 -49.91
CA GLY ZA 453 77.77 -17.22 -48.50
C GLY ZA 453 76.53 -17.74 -47.83
N HIS ZA 454 75.76 -18.54 -48.54
CA HIS ZA 454 74.58 -19.17 -47.99
C HIS ZA 454 74.98 -20.49 -47.36
N LEU ZA 455 76.18 -20.97 -47.67
CA LEU ZA 455 76.68 -22.23 -47.12
C LEU ZA 455 77.41 -22.02 -45.80
N ASP ZA 456 77.68 -20.77 -45.49
CA ASP ZA 456 78.66 -20.45 -44.46
C ASP ZA 456 78.24 -20.82 -43.02
N GLY ZA 457 76.95 -21.05 -42.82
CA GLY ZA 457 76.47 -21.53 -41.53
C GLY ZA 457 75.93 -22.94 -41.64
N ILE ZA 458 76.79 -23.88 -41.99
CA ILE ZA 458 76.40 -25.27 -42.21
C ILE ZA 458 77.59 -26.14 -41.91
N GLU ZA 459 77.37 -27.27 -41.25
CA GLU ZA 459 78.49 -28.08 -40.84
C GLU ZA 459 79.26 -28.65 -42.02
N LEU ZA 460 80.57 -28.74 -41.86
CA LEU ZA 460 81.50 -29.08 -42.95
C LEU ZA 460 81.29 -30.49 -43.48
N SER ZA 461 80.97 -31.41 -42.57
CA SER ZA 461 80.72 -32.80 -42.94
C SER ZA 461 79.40 -32.93 -43.66
N ARG ZA 462 78.56 -31.92 -43.53
CA ARG ZA 462 77.20 -31.96 -44.06
C ARG ZA 462 77.07 -31.33 -45.45
N ILE ZA 463 78.04 -30.50 -45.83
CA ILE ZA 463 78.11 -29.96 -47.20
C ILE ZA 463 78.01 -31.03 -48.29
N GLY ZA 464 78.47 -32.24 -47.98
CA GLY ZA 464 78.23 -33.37 -48.85
C GLY ZA 464 76.75 -33.50 -49.14
N GLU ZA 465 75.97 -33.67 -48.08
CA GLU ZA 465 74.54 -33.88 -48.25
C GLU ZA 465 73.86 -32.62 -48.79
N PHE ZA 466 74.45 -31.46 -48.56
CA PHE ZA 466 73.83 -30.24 -49.06
C PHE ZA 466 73.68 -30.34 -50.56
N GLU ZA 467 74.78 -30.70 -51.20
CA GLU ZA 467 74.87 -30.66 -52.63
C GLU ZA 467 73.71 -31.39 -53.29
N SER ZA 468 73.58 -32.68 -53.05
CA SER ZA 468 72.54 -33.46 -53.73
C SER ZA 468 71.14 -33.09 -53.31
N SER ZA 469 70.96 -32.81 -52.01
CA SER ZA 469 69.68 -32.40 -51.44
C SER ZA 469 69.22 -31.09 -52.04
N PHE ZA 470 70.18 -30.22 -52.33
CA PHE ZA 470 69.90 -28.94 -52.96
C PHE ZA 470 69.40 -29.21 -54.38
N LEU ZA 471 70.25 -29.87 -55.17
CA LEU ZA 471 69.92 -30.16 -56.55
C LEU ZA 471 68.58 -30.88 -56.68
N SER ZA 472 68.36 -31.89 -55.84
CA SER ZA 472 67.07 -32.60 -55.78
C SER ZA 472 65.89 -31.62 -55.70
N TYR ZA 473 66.01 -30.63 -54.81
CA TYR ZA 473 64.94 -29.66 -54.58
C TYR ZA 473 64.75 -28.71 -55.75
N LEU ZA 474 65.86 -28.24 -56.32
CA LEU ZA 474 65.84 -27.32 -57.46
C LEU ZA 474 65.21 -27.95 -58.71
N LYS ZA 475 65.51 -29.22 -58.95
CA LYS ZA 475 64.88 -29.95 -60.03
C LYS ZA 475 63.38 -30.02 -59.76
N SER ZA 476 63.01 -30.56 -58.60
CA SER ZA 476 61.63 -30.65 -58.14
C SER ZA 476 60.83 -29.36 -58.27
N ASN ZA 477 61.34 -28.27 -57.70
CA ASN ZA 477 60.59 -27.04 -57.63
C ASN ZA 477 60.90 -26.05 -58.75
N HIS ZA 478 62.09 -25.49 -58.72
CA HIS ZA 478 62.41 -24.36 -59.57
C HIS ZA 478 63.05 -24.78 -60.86
N ASN ZA 479 62.57 -25.90 -61.39
CA ASN ZA 479 63.08 -26.46 -62.63
C ASN ZA 479 63.12 -25.44 -63.77
N GLU ZA 480 62.17 -24.50 -63.74
CA GLU ZA 480 62.04 -23.45 -64.73
C GLU ZA 480 63.27 -22.54 -64.78
N LEU ZA 481 63.97 -22.41 -63.65
CA LEU ZA 481 65.24 -21.70 -63.60
C LEU ZA 481 66.32 -22.54 -64.23
N LEU ZA 482 66.45 -23.76 -63.72
CA LEU ZA 482 67.49 -24.68 -64.18
C LEU ZA 482 67.49 -24.81 -65.69
N THR ZA 483 66.29 -24.76 -66.26
CA THR ZA 483 66.16 -24.90 -67.69
C THR ZA 483 66.44 -23.60 -68.43
N GLU ZA 484 66.30 -22.48 -67.74
CA GLU ZA 484 66.69 -21.21 -68.33
C GLU ZA 484 68.20 -21.05 -68.32
N ILE ZA 485 68.81 -21.21 -67.15
CA ILE ZA 485 70.26 -21.22 -67.06
C ILE ZA 485 70.78 -22.01 -68.24
N ARG ZA 486 70.37 -23.28 -68.37
CA ARG ZA 486 70.84 -24.13 -69.47
C ARG ZA 486 70.61 -23.50 -70.83
N GLU ZA 487 69.35 -23.22 -71.17
CA GLU ZA 487 69.01 -22.69 -72.48
C GLU ZA 487 69.72 -21.37 -72.75
N LYS ZA 488 69.82 -20.52 -71.73
CA LYS ZA 488 70.32 -19.17 -71.95
C LYS ZA 488 71.80 -18.97 -71.60
N GLY ZA 489 72.29 -19.73 -70.63
CA GLY ZA 489 73.72 -19.72 -70.28
C GLY ZA 489 74.14 -18.43 -69.62
N GLU ZA 490 73.16 -17.60 -69.26
CA GLU ZA 490 73.46 -16.29 -68.73
C GLU ZA 490 72.37 -15.89 -67.75
N LEU ZA 491 72.79 -15.63 -66.52
CA LEU ZA 491 71.87 -15.25 -65.46
C LEU ZA 491 71.44 -13.80 -65.61
N SER ZA 492 70.27 -13.59 -66.17
CA SER ZA 492 69.69 -12.25 -66.20
C SER ZA 492 69.38 -11.79 -64.78
N LYS ZA 493 69.12 -10.51 -64.63
CA LYS ZA 493 69.00 -9.89 -63.32
C LYS ZA 493 67.88 -10.49 -62.48
N GLU ZA 494 66.79 -10.89 -63.12
CA GLU ZA 494 65.63 -11.48 -62.45
C GLU ZA 494 65.94 -12.92 -62.08
N LEU ZA 495 66.78 -13.55 -62.90
CA LEU ZA 495 67.15 -14.94 -62.71
C LEU ZA 495 68.07 -15.04 -61.50
N LEU ZA 496 68.87 -14.01 -61.30
CA LEU ZA 496 69.66 -13.89 -60.08
C LEU ZA 496 68.71 -13.79 -58.90
N ALA ZA 497 67.65 -13.02 -59.08
CA ALA ZA 497 66.61 -12.87 -58.05
C ALA ZA 497 65.98 -14.22 -57.69
N SER ZA 498 65.41 -14.90 -58.67
CA SER ZA 498 64.73 -16.18 -58.43
C SER ZA 498 65.67 -17.13 -57.74
N LEU ZA 499 66.90 -17.18 -58.22
CA LEU ZA 499 67.92 -18.01 -57.65
C LEU ZA 499 68.26 -17.59 -56.23
N LYS ZA 500 68.47 -16.29 -56.02
CA LYS ZA 500 68.70 -15.74 -54.68
C LYS ZA 500 67.61 -16.25 -53.73
N SER ZA 501 66.36 -15.95 -54.06
CA SER ZA 501 65.22 -16.40 -53.27
C SER ZA 501 65.31 -17.90 -53.05
N ALA ZA 502 65.38 -18.62 -54.16
CA ALA ZA 502 65.41 -20.07 -54.18
C ALA ZA 502 66.42 -20.69 -53.21
N THR ZA 503 67.60 -20.08 -53.10
CA THR ZA 503 68.66 -20.61 -52.25
C THR ZA 503 68.32 -20.38 -50.78
N GLU ZA 504 68.01 -19.12 -50.44
CA GLU ZA 504 67.70 -18.75 -49.05
C GLU ZA 504 66.63 -19.68 -48.53
N SER ZA 505 65.50 -19.67 -49.21
CA SER ZA 505 64.42 -20.61 -49.00
C SER ZA 505 64.94 -21.93 -48.44
N PHE ZA 506 65.71 -22.65 -49.26
CA PHE ZA 506 66.22 -23.99 -48.96
C PHE ZA 506 67.20 -24.10 -47.77
N VAL ZA 507 68.02 -23.06 -47.57
CA VAL ZA 507 69.03 -23.09 -46.51
C VAL ZA 507 68.38 -23.11 -45.13
N ALA ZA 508 67.23 -22.45 -45.01
CA ALA ZA 508 66.36 -22.60 -43.85
C ALA ZA 508 65.67 -23.97 -43.89
N THR ZA 509 66.41 -24.99 -44.32
CA THR ZA 509 65.93 -26.36 -44.65
C THR ZA 509 64.83 -26.41 -45.71
N SER AB 6 122.55 -17.00 -116.23
CA SER AB 6 122.67 -18.39 -115.70
C SER AB 6 124.10 -18.93 -115.68
N THR AB 7 124.63 -19.11 -114.48
CA THR AB 7 125.93 -19.75 -114.25
C THR AB 7 125.84 -20.68 -113.01
N PRO AB 8 124.83 -21.58 -112.99
CA PRO AB 8 124.36 -22.18 -111.73
C PRO AB 8 125.23 -23.33 -111.18
N ILE AB 9 125.41 -23.35 -109.85
CA ILE AB 9 126.21 -24.40 -109.17
C ILE AB 9 125.31 -25.51 -108.59
N THR AB 10 125.65 -26.77 -108.88
CA THR AB 10 124.82 -27.90 -108.49
C THR AB 10 125.55 -28.87 -107.57
N GLY AB 11 124.81 -29.40 -106.61
CA GLY AB 11 125.33 -30.43 -105.73
C GLY AB 11 124.29 -31.51 -105.56
N LYS AB 12 124.62 -32.52 -104.76
CA LYS AB 12 123.69 -33.60 -104.52
C LYS AB 12 123.65 -33.92 -103.04
N VAL AB 13 122.45 -34.28 -102.59
CA VAL AB 13 122.25 -34.59 -101.20
C VAL AB 13 122.92 -35.92 -100.93
N THR AB 14 123.69 -36.01 -99.85
CA THR AB 14 124.41 -37.25 -99.53
C THR AB 14 123.99 -37.89 -98.21
N ALA AB 15 123.38 -37.11 -97.33
CA ALA AB 15 122.81 -37.61 -96.08
C ALA AB 15 121.63 -36.76 -95.65
N VAL AB 16 120.72 -37.34 -94.88
CA VAL AB 16 119.72 -36.59 -94.13
C VAL AB 16 119.67 -37.20 -92.74
N ILE AB 17 119.92 -36.41 -91.72
CA ILE AB 17 119.73 -36.90 -90.36
C ILE AB 17 118.98 -35.84 -89.60
N GLY AB 18 117.68 -36.06 -89.51
CA GLY AB 18 116.80 -35.11 -88.88
C GLY AB 18 116.88 -33.81 -89.62
N ALA AB 19 117.30 -32.76 -88.90
CA ALA AB 19 117.34 -31.43 -89.47
C ALA AB 19 118.67 -31.09 -90.17
N ILE AB 20 119.57 -32.07 -90.27
CA ILE AB 20 120.91 -31.89 -90.88
C ILE AB 20 121.00 -32.59 -92.23
N VAL AB 21 121.38 -31.85 -93.26
CA VAL AB 21 121.43 -32.38 -94.62
C VAL AB 21 122.80 -32.14 -95.22
N ASP AB 22 123.55 -33.20 -95.45
CA ASP AB 22 124.87 -33.06 -96.07
C ASP AB 22 124.73 -33.03 -97.57
N VAL AB 23 125.48 -32.13 -98.20
CA VAL AB 23 125.49 -31.95 -99.68
C VAL AB 23 126.92 -32.03 -100.25
N HIS AB 24 127.03 -32.66 -101.42
CA HIS AB 24 128.33 -32.82 -102.10
C HIS AB 24 128.44 -32.14 -103.47
N PHE AB 25 129.54 -31.40 -103.64
CA PHE AB 25 129.76 -30.54 -104.81
C PHE AB 25 131.05 -30.92 -105.53
N GLU AB 26 131.17 -30.56 -106.80
CA GLU AB 26 132.43 -30.76 -107.56
C GLU AB 26 133.63 -29.91 -107.08
N GLN AB 27 134.80 -30.25 -107.61
CA GLN AB 27 136.10 -29.81 -107.09
C GLN AB 27 136.21 -28.34 -106.67
N SER AB 28 136.58 -28.13 -105.40
CA SER AB 28 136.87 -26.80 -104.82
C SER AB 28 136.05 -25.67 -105.47
N GLU AB 29 134.81 -25.54 -105.00
CA GLU AB 29 133.75 -24.86 -105.73
C GLU AB 29 132.61 -24.90 -104.72
N LEU AB 30 132.98 -24.97 -103.44
CA LEU AB 30 132.00 -25.04 -102.38
C LEU AB 30 131.39 -23.68 -102.09
N PRO AB 31 130.08 -23.65 -101.78
CA PRO AB 31 129.46 -22.43 -101.31
C PRO AB 31 130.03 -22.19 -99.92
N ALA AB 32 130.20 -20.94 -99.54
CA ALA AB 32 130.79 -20.64 -98.25
C ALA AB 32 129.77 -20.82 -97.16
N ILE AB 33 130.26 -20.97 -95.94
CA ILE AB 33 129.46 -21.04 -94.74
C ILE AB 33 128.48 -19.86 -94.62
N LEU AB 34 127.24 -20.17 -94.22
CA LEU AB 34 126.17 -19.17 -94.13
C LEU AB 34 125.46 -18.87 -95.47
N ASN AB 35 125.89 -19.53 -96.54
CA ASN AB 35 125.21 -19.41 -97.81
C ASN AB 35 123.90 -20.16 -97.76
N ALA AB 36 122.95 -19.73 -98.56
CA ALA AB 36 121.71 -20.47 -98.71
C ALA AB 36 121.80 -21.39 -99.91
N LEU AB 37 121.16 -22.55 -99.78
CA LEU AB 37 120.98 -23.49 -100.88
C LEU AB 37 119.49 -23.71 -101.08
N GLU AB 38 119.10 -24.15 -102.26
CA GLU AB 38 117.71 -24.42 -102.53
C GLU AB 38 117.54 -25.77 -103.15
N ILE AB 39 116.46 -26.44 -102.77
CA ILE AB 39 116.00 -27.69 -103.36
C ILE AB 39 114.57 -27.46 -103.81
N LYS AB 40 114.30 -27.73 -105.08
CA LYS AB 40 112.96 -27.55 -105.63
C LYS AB 40 112.15 -28.82 -105.40
N THR AB 41 111.21 -28.73 -104.48
CA THR AB 41 110.38 -29.86 -104.05
C THR AB 41 108.96 -29.80 -104.68
N PRO AB 42 108.18 -30.91 -104.58
CA PRO AB 42 106.82 -30.90 -105.12
C PRO AB 42 105.98 -29.71 -104.66
N GLN AB 43 105.95 -29.42 -103.36
CA GLN AB 43 105.29 -28.22 -102.85
C GLN AB 43 106.31 -27.18 -102.43
N GLY AB 44 106.44 -26.11 -103.22
CA GLY AB 44 107.43 -25.06 -102.95
C GLY AB 44 108.90 -25.47 -103.08
N LYS AB 45 109.77 -24.76 -102.35
CA LYS AB 45 111.20 -25.06 -102.32
C LYS AB 45 111.66 -25.35 -100.90
N LEU AB 46 112.81 -25.99 -100.75
CA LEU AB 46 113.40 -26.21 -99.42
C LEU AB 46 114.78 -25.55 -99.24
N VAL AB 47 114.81 -24.49 -98.45
CA VAL AB 47 116.04 -23.75 -98.22
C VAL AB 47 117.00 -24.44 -97.23
N LEU AB 48 118.27 -24.49 -97.58
CA LEU AB 48 119.29 -24.99 -96.66
C LEU AB 48 120.25 -23.88 -96.31
N GLU AB 49 121.02 -24.07 -95.26
CA GLU AB 49 122.02 -23.09 -94.90
C GLU AB 49 123.31 -23.83 -94.56
N VAL AB 50 124.37 -23.47 -95.26
CA VAL AB 50 125.65 -24.16 -95.10
C VAL AB 50 126.21 -23.86 -93.72
N ALA AB 51 126.62 -24.90 -92.99
CA ALA AB 51 127.08 -24.73 -91.62
C ALA AB 51 128.54 -25.06 -91.47
N GLN AB 52 128.99 -26.14 -92.09
CA GLN AB 52 130.40 -26.45 -92.04
C GLN AB 52 130.86 -26.87 -93.41
N HIS AB 53 132.18 -26.94 -93.55
CA HIS AB 53 132.82 -27.56 -94.69
C HIS AB 53 133.46 -28.81 -94.13
N LEU AB 54 132.80 -29.94 -94.30
CA LEU AB 54 133.25 -31.20 -93.69
C LEU AB 54 134.49 -31.72 -94.36
N GLY AB 55 134.74 -31.24 -95.56
CA GLY AB 55 135.88 -31.73 -96.31
C GLY AB 55 135.47 -32.74 -97.35
N GLU AB 56 136.41 -33.04 -98.23
CA GLU AB 56 136.17 -33.92 -99.37
C GLU AB 56 134.97 -33.43 -100.16
N ASN AB 57 134.92 -32.10 -100.34
CA ASN AB 57 133.91 -31.44 -101.16
C ASN AB 57 132.50 -31.59 -100.63
N THR AB 58 132.40 -31.81 -99.32
CA THR AB 58 131.09 -31.98 -98.65
C THR AB 58 130.83 -30.94 -97.57
N VAL AB 59 129.61 -30.44 -97.56
CA VAL AB 59 129.20 -29.43 -96.60
C VAL AB 59 128.08 -29.95 -95.71
N ARG AB 60 128.06 -29.50 -94.47
CA ARG AB 60 126.96 -29.83 -93.60
C ARG AB 60 126.02 -28.65 -93.62
N THR AB 61 124.74 -28.90 -93.88
CA THR AB 61 123.80 -27.79 -93.90
C THR AB 61 122.79 -27.89 -92.78
N ILE AB 62 122.08 -26.79 -92.52
CA ILE AB 62 120.86 -26.86 -91.72
C ILE AB 62 119.63 -26.44 -92.54
N ALA AB 63 118.54 -27.16 -92.33
CA ALA AB 63 117.33 -27.02 -93.14
C ALA AB 63 116.36 -26.02 -92.56
N MET AB 64 115.92 -25.08 -93.39
CA MET AB 64 114.95 -24.08 -92.96
C MET AB 64 113.53 -24.62 -92.97
N ASP AB 65 113.41 -25.95 -93.08
CA ASP AB 65 112.13 -26.66 -93.11
C ASP AB 65 112.20 -28.15 -92.70
N GLY AB 66 111.13 -28.88 -92.98
CA GLY AB 66 111.04 -30.30 -92.63
C GLY AB 66 111.84 -31.07 -93.64
N THR AB 67 112.58 -32.07 -93.19
CA THR AB 67 113.47 -32.77 -94.11
C THR AB 67 112.90 -34.08 -94.64
N GLU AB 68 111.69 -34.45 -94.23
CA GLU AB 68 111.07 -35.66 -94.74
C GLU AB 68 110.71 -35.50 -96.21
N GLY AB 69 110.85 -36.62 -96.94
CA GLY AB 69 110.64 -36.62 -98.38
C GLY AB 69 111.90 -36.38 -99.19
N LEU AB 70 113.01 -36.11 -98.52
CA LEU AB 70 114.28 -35.85 -99.19
C LEU AB 70 114.94 -37.11 -99.68
N VAL AB 71 115.42 -37.09 -100.91
CA VAL AB 71 116.04 -38.27 -101.48
C VAL AB 71 117.54 -38.00 -101.65
N ARG AB 72 118.37 -38.95 -101.23
CA ARG AB 72 119.80 -38.80 -101.40
C ARG AB 72 120.07 -38.70 -102.88
N GLY AB 73 121.10 -37.97 -103.25
CA GLY AB 73 121.43 -37.76 -104.66
C GLY AB 73 120.57 -36.75 -105.37
N GLU AB 74 119.78 -35.99 -104.63
CA GLU AB 74 118.93 -34.96 -105.21
C GLU AB 74 119.66 -33.62 -105.42
N LYS AB 75 119.41 -33.00 -106.58
CA LYS AB 75 120.08 -31.74 -106.96
C LYS AB 75 119.83 -30.66 -105.94
N VAL AB 76 120.91 -29.94 -105.63
CA VAL AB 76 120.90 -28.79 -104.72
C VAL AB 76 121.44 -27.60 -105.50
N LEU AB 77 120.91 -26.42 -105.23
CA LEU AB 77 121.30 -25.24 -105.97
C LEU AB 77 121.83 -24.15 -105.06
N ASP AB 78 122.96 -23.58 -105.43
CA ASP AB 78 123.57 -22.52 -104.65
C ASP AB 78 122.99 -21.17 -105.05
N THR AB 79 122.39 -20.50 -104.07
CA THR AB 79 121.80 -19.18 -104.30
C THR AB 79 122.93 -18.17 -104.44
N GLY AB 80 124.12 -18.58 -104.00
CA GLY AB 80 125.32 -17.75 -104.05
C GLY AB 80 125.59 -16.87 -102.85
N GLY AB 81 124.64 -16.81 -101.90
CA GLY AB 81 124.77 -15.94 -100.75
C GLY AB 81 123.80 -16.28 -99.67
N PRO AB 82 123.88 -15.58 -98.53
CA PRO AB 82 123.05 -15.86 -97.36
C PRO AB 82 121.59 -15.76 -97.69
N ILE AB 83 120.75 -16.28 -96.81
CA ILE AB 83 119.31 -16.09 -96.93
C ILE AB 83 118.97 -14.62 -97.13
N SER AB 84 118.09 -14.33 -98.07
CA SER AB 84 117.70 -12.94 -98.38
C SER AB 84 116.29 -12.59 -97.90
N VAL AB 85 116.15 -11.39 -97.33
CA VAL AB 85 114.83 -10.82 -97.04
C VAL AB 85 114.54 -9.53 -97.83
N PRO AB 86 113.27 -9.32 -98.22
CA PRO AB 86 112.93 -8.01 -98.75
C PRO AB 86 113.05 -6.97 -97.65
N VAL AB 87 113.47 -5.76 -97.98
CA VAL AB 87 113.59 -4.72 -96.96
C VAL AB 87 112.95 -3.39 -97.37
N GLY AB 88 112.79 -2.52 -96.39
CA GLY AB 88 112.28 -1.17 -96.64
C GLY AB 88 110.82 -1.03 -96.28
N ARG AB 89 110.14 -0.10 -96.93
CA ARG AB 89 108.74 0.20 -96.58
C ARG AB 89 107.80 -0.83 -97.17
N GLU AB 90 108.30 -1.62 -98.11
CA GLU AB 90 107.47 -2.66 -98.69
C GLU AB 90 107.09 -3.81 -97.74
N THR AB 91 107.78 -3.91 -96.60
CA THR AB 91 107.51 -4.95 -95.62
C THR AB 91 106.49 -4.47 -94.60
N LEU AB 92 106.08 -3.21 -94.72
CA LEU AB 92 105.08 -2.66 -93.81
C LEU AB 92 103.71 -3.25 -94.10
N GLY AB 93 103.05 -3.74 -93.05
CA GLY AB 93 101.75 -4.41 -93.20
C GLY AB 93 101.79 -5.86 -93.69
N ARG AB 94 102.99 -6.37 -93.97
CA ARG AB 94 103.13 -7.77 -94.39
C ARG AB 94 103.61 -8.73 -93.30
N ILE AB 95 103.23 -10.00 -93.45
CA ILE AB 95 103.76 -11.04 -92.59
C ILE AB 95 104.79 -11.84 -93.36
N ILE AB 96 105.95 -12.06 -92.74
CA ILE AB 96 107.08 -12.70 -93.40
C ILE AB 96 107.55 -13.93 -92.62
N ASN AB 97 107.94 -14.98 -93.34
CA ASN AB 97 108.49 -16.17 -92.69
C ASN AB 97 110.00 -16.07 -92.66
N VAL AB 98 110.68 -17.03 -92.03
CA VAL AB 98 112.15 -16.93 -91.94
C VAL AB 98 112.86 -16.59 -93.27
N ILE AB 99 112.39 -17.11 -94.40
CA ILE AB 99 113.12 -16.97 -95.67
C ILE AB 99 112.58 -15.85 -96.53
N GLY AB 100 112.18 -14.74 -95.91
CA GLY AB 100 111.74 -13.55 -96.65
C GLY AB 100 110.69 -13.87 -97.71
N GLU AB 101 109.75 -14.72 -97.32
CA GLU AB 101 108.61 -14.98 -98.16
C GLU AB 101 107.39 -14.60 -97.38
N PRO AB 102 106.35 -14.13 -98.12
CA PRO AB 102 105.15 -13.65 -97.44
C PRO AB 102 104.32 -14.84 -96.98
N ILE AB 103 103.55 -14.64 -95.91
CA ILE AB 103 102.64 -15.67 -95.48
C ILE AB 103 101.24 -15.09 -95.27
N ASP AB 104 101.00 -13.87 -95.70
CA ASP AB 104 99.67 -13.27 -95.55
C ASP AB 104 98.75 -13.46 -96.77
N GLU AB 105 99.28 -14.16 -97.78
CA GLU AB 105 98.58 -14.42 -99.04
C GLU AB 105 98.11 -13.15 -99.72
N ARG AB 106 98.80 -12.04 -99.48
CA ARG AB 106 98.45 -10.79 -100.15
C ARG AB 106 99.31 -10.52 -101.40
N GLY AB 107 99.94 -11.55 -101.94
CA GLY AB 107 100.84 -11.40 -103.09
C GLY AB 107 102.30 -11.13 -102.69
N PRO AB 108 103.19 -10.90 -103.68
CA PRO AB 108 104.63 -10.83 -103.41
C PRO AB 108 105.08 -9.47 -102.85
N ILE AB 109 106.05 -9.50 -101.94
CA ILE AB 109 106.52 -8.28 -101.31
C ILE AB 109 107.40 -7.52 -102.29
N LYS AB 110 106.80 -6.50 -102.93
CA LYS AB 110 107.42 -5.78 -104.04
C LYS AB 110 108.49 -4.73 -103.68
N SER AB 111 109.58 -5.14 -103.04
CA SER AB 111 110.63 -4.18 -102.67
C SER AB 111 111.76 -4.13 -103.70
N LYS AB 112 112.52 -3.05 -103.64
CA LYS AB 112 113.58 -2.81 -104.60
C LYS AB 112 114.83 -3.55 -104.15
N LEU AB 113 115.03 -3.65 -102.84
CA LEU AB 113 116.19 -4.34 -102.32
C LEU AB 113 115.84 -5.57 -101.48
N ARG AB 114 116.68 -6.59 -101.58
CA ARG AB 114 116.68 -7.66 -100.58
C ARG AB 114 117.96 -7.51 -99.80
N LYS AB 115 118.10 -8.25 -98.69
CA LYS AB 115 119.29 -8.14 -97.87
C LYS AB 115 119.61 -9.44 -97.17
N PRO AB 116 120.91 -9.73 -96.99
CA PRO AB 116 121.34 -10.94 -96.30
C PRO AB 116 120.98 -10.80 -94.85
N ILE AB 117 120.58 -11.89 -94.23
CA ILE AB 117 120.05 -11.83 -92.89
C ILE AB 117 121.20 -11.91 -91.90
N HIS AB 118 122.31 -12.50 -92.32
CA HIS AB 118 123.56 -12.40 -91.55
C HIS AB 118 124.28 -11.15 -92.00
N ALA AB 119 124.75 -10.37 -91.04
CA ALA AB 119 125.44 -9.14 -91.32
C ALA AB 119 126.34 -8.88 -90.13
N ASP AB 120 127.28 -7.96 -90.27
CA ASP AB 120 128.23 -7.70 -89.21
C ASP AB 120 127.73 -6.68 -88.21
N PRO AB 121 128.12 -6.83 -86.94
CA PRO AB 121 127.63 -5.89 -85.95
C PRO AB 121 128.47 -4.60 -85.98
N PRO AB 122 127.83 -3.44 -85.81
CA PRO AB 122 128.49 -2.15 -85.91
C PRO AB 122 129.77 -2.02 -85.06
N SER AB 123 130.80 -1.45 -85.66
CA SER AB 123 132.10 -1.22 -85.02
C SER AB 123 131.98 -0.44 -83.73
N PHE AB 124 132.89 -0.68 -82.79
CA PHE AB 124 133.01 0.11 -81.55
C PHE AB 124 132.80 1.58 -81.81
N ALA AB 125 133.39 2.09 -82.88
CA ALA AB 125 133.37 3.52 -83.17
C ALA AB 125 132.03 4.03 -83.75
N GLU AB 126 131.13 3.12 -84.10
CA GLU AB 126 129.79 3.47 -84.61
C GLU AB 126 128.69 3.64 -83.54
N GLN AB 127 129.07 3.39 -82.28
CA GLN AB 127 128.14 3.40 -81.14
C GLN AB 127 127.66 4.79 -80.73
N SER AB 128 126.48 4.84 -80.11
CA SER AB 128 125.86 6.08 -79.71
C SER AB 128 125.25 5.93 -78.32
N THR AB 129 125.85 6.56 -77.32
CA THR AB 129 125.35 6.52 -75.96
C THR AB 129 124.41 7.70 -75.68
N SER AB 130 123.19 7.40 -75.23
CA SER AB 130 122.26 8.46 -74.81
C SER AB 130 121.43 7.97 -73.64
N ALA AB 131 121.32 8.84 -72.64
CA ALA AB 131 120.49 8.58 -71.50
C ALA AB 131 119.13 9.25 -71.69
N GLU AB 132 118.38 8.84 -72.70
CA GLU AB 132 117.04 9.36 -72.90
C GLU AB 132 116.00 8.37 -72.38
N ILE AB 133 114.87 8.89 -71.93
CA ILE AB 133 113.90 8.07 -71.21
C ILE AB 133 112.60 7.88 -71.99
N LEU AB 134 112.14 6.63 -72.10
CA LEU AB 134 110.94 6.31 -72.87
C LEU AB 134 109.79 5.92 -71.95
N GLU AB 135 108.82 6.83 -71.84
CA GLU AB 135 107.71 6.69 -70.92
C GLU AB 135 106.82 5.55 -71.37
N THR AB 136 106.63 4.53 -70.53
CA THR AB 136 105.80 3.38 -70.93
C THR AB 136 104.33 3.58 -70.63
N GLY AB 137 104.03 4.27 -69.54
CA GLY AB 137 102.68 4.32 -68.98
C GLY AB 137 102.47 3.33 -67.85
N ILE AB 138 103.43 2.42 -67.70
CA ILE AB 138 103.35 1.36 -66.69
C ILE AB 138 104.08 1.75 -65.40
N LYS AB 139 103.31 1.87 -64.33
CA LYS AB 139 103.75 2.46 -63.08
C LYS AB 139 105.08 1.95 -62.53
N VAL AB 140 105.23 0.63 -62.44
CA VAL AB 140 106.46 0.07 -61.86
C VAL AB 140 107.72 0.30 -62.72
N VAL AB 141 107.60 0.17 -64.03
CA VAL AB 141 108.73 0.44 -64.93
C VAL AB 141 109.20 1.90 -64.79
N ASP AB 142 108.29 2.82 -65.04
CA ASP AB 142 108.61 4.22 -65.08
C ASP AB 142 109.04 4.73 -63.72
N LEU AB 143 108.62 4.07 -62.65
CA LEU AB 143 109.11 4.49 -61.37
C LEU AB 143 110.48 3.90 -61.06
N LEU AB 144 110.62 2.59 -61.23
CA LEU AB 144 111.72 1.87 -60.62
C LEU AB 144 112.85 1.45 -61.57
N ALA AB 145 112.49 1.15 -62.81
CA ALA AB 145 113.45 0.62 -63.77
C ALA AB 145 113.09 1.18 -65.15
N PRO AB 146 113.23 2.50 -65.34
CA PRO AB 146 112.61 3.13 -66.49
C PRO AB 146 113.28 2.81 -67.82
N TYR AB 147 112.48 2.45 -68.82
CA TYR AB 147 113.02 2.04 -70.14
C TYR AB 147 113.64 3.18 -70.93
N ALA AB 148 114.78 2.89 -71.56
CA ALA AB 148 115.57 3.89 -72.29
C ALA AB 148 115.32 3.93 -73.81
N ARG AB 149 114.90 5.08 -74.34
CA ARG AB 149 114.77 5.24 -75.78
C ARG AB 149 116.12 4.91 -76.39
N GLY AB 150 116.13 4.16 -77.49
CA GLY AB 150 117.38 3.70 -78.06
C GLY AB 150 117.95 2.50 -77.33
N GLY AB 151 117.43 2.24 -76.14
CA GLY AB 151 117.94 1.17 -75.29
C GLY AB 151 117.58 -0.20 -75.79
N LYS AB 152 118.02 -1.21 -75.06
CA LYS AB 152 117.59 -2.59 -75.21
C LYS AB 152 116.92 -2.90 -73.89
N ILE AB 153 115.88 -3.74 -73.94
CA ILE AB 153 114.99 -3.93 -72.80
C ILE AB 153 114.47 -5.36 -72.80
N GLY AB 154 114.95 -6.14 -71.85
CA GLY AB 154 114.52 -7.55 -71.73
C GLY AB 154 113.45 -7.76 -70.68
N LEU AB 155 112.57 -8.73 -70.92
CA LEU AB 155 111.48 -9.07 -70.02
C LEU AB 155 111.64 -10.49 -69.53
N PHE AB 156 112.27 -10.69 -68.39
CA PHE AB 156 112.53 -12.05 -67.90
C PHE AB 156 111.37 -12.64 -67.14
N GLY AB 157 111.16 -13.91 -67.34
CA GLY AB 157 109.96 -14.53 -66.84
C GLY AB 157 109.93 -15.98 -67.22
N GLY AB 158 109.61 -16.80 -66.23
CA GLY AB 158 109.33 -18.19 -66.43
C GLY AB 158 107.97 -18.32 -67.11
N ALA AB 159 107.57 -19.57 -67.36
CA ALA AB 159 106.46 -19.75 -68.25
C ALA AB 159 105.23 -19.19 -67.57
N GLY AB 160 104.43 -18.49 -68.36
CA GLY AB 160 103.12 -18.01 -67.96
C GLY AB 160 103.12 -17.10 -66.76
N VAL AB 161 104.05 -16.17 -66.69
CA VAL AB 161 104.04 -15.18 -65.61
C VAL AB 161 103.60 -13.81 -66.15
N GLY AB 162 103.53 -13.72 -67.48
CA GLY AB 162 102.83 -12.62 -68.15
C GLY AB 162 103.64 -11.86 -69.15
N LYS AB 163 104.68 -12.50 -69.68
CA LYS AB 163 105.60 -11.83 -70.62
C LYS AB 163 104.87 -11.33 -71.85
N THR AB 164 104.21 -12.24 -72.56
CA THR AB 164 103.58 -11.94 -73.82
C THR AB 164 102.51 -10.88 -73.63
N VAL AB 165 101.71 -10.99 -72.58
CA VAL AB 165 100.73 -9.95 -72.25
C VAL AB 165 101.39 -8.60 -72.04
N PHE AB 166 102.47 -8.61 -71.25
CA PHE AB 166 103.23 -7.38 -70.96
C PHE AB 166 103.69 -6.71 -72.23
N ILE AB 167 104.43 -7.45 -73.04
CA ILE AB 167 104.97 -6.97 -74.32
C ILE AB 167 103.89 -6.39 -75.24
N GLN AB 168 102.67 -6.96 -75.16
CA GLN AB 168 101.53 -6.47 -75.93
C GLN AB 168 100.98 -5.20 -75.35
N GLU AB 169 100.97 -5.10 -74.04
CA GLU AB 169 100.62 -3.84 -73.40
C GLU AB 169 101.57 -2.76 -73.85
N LEU AB 170 102.88 -3.07 -73.93
CA LEU AB 170 103.85 -2.14 -74.48
C LEU AB 170 103.47 -1.70 -75.89
N ILE AB 171 103.36 -2.65 -76.82
CA ILE AB 171 102.90 -2.36 -78.19
C ILE AB 171 101.62 -1.52 -78.21
N ASN AB 172 100.66 -1.86 -77.35
CA ASN AB 172 99.44 -1.08 -77.27
C ASN AB 172 99.70 0.41 -77.07
N ASN AB 173 100.66 0.74 -76.20
CA ASN AB 173 100.98 2.12 -75.84
C ASN AB 173 102.05 2.74 -76.73
N ILE AB 174 103.30 2.31 -76.52
CA ILE AB 174 104.45 2.79 -77.26
C ILE AB 174 104.16 2.92 -78.77
N ALA AB 175 103.72 1.84 -79.41
CA ALA AB 175 103.65 1.76 -80.88
C ALA AB 175 102.62 2.64 -81.61
N LYS AB 176 101.77 3.33 -80.85
CA LYS AB 176 100.95 4.41 -81.40
C LYS AB 176 101.74 5.70 -81.39
N ALA AB 177 102.11 6.14 -80.19
CA ALA AB 177 102.81 7.41 -79.97
C ALA AB 177 104.14 7.51 -80.72
N HIS AB 178 104.56 6.40 -81.33
CA HIS AB 178 105.81 6.32 -82.04
C HIS AB 178 105.65 6.77 -83.48
N GLY AB 179 106.44 7.77 -83.85
CA GLY AB 179 106.34 8.40 -85.16
C GLY AB 179 106.83 7.54 -86.32
N GLY AB 180 107.82 6.68 -86.02
CA GLY AB 180 108.50 5.87 -87.04
C GLY AB 180 107.87 4.52 -87.33
N PHE AB 181 108.71 3.52 -87.62
CA PHE AB 181 108.25 2.17 -87.95
C PHE AB 181 108.64 1.19 -86.85
N SER AB 182 108.06 -0.02 -86.90
CA SER AB 182 108.27 -1.08 -85.93
C SER AB 182 108.25 -2.45 -86.57
N VAL AB 183 109.14 -3.32 -86.11
CA VAL AB 183 109.12 -4.69 -86.52
C VAL AB 183 108.73 -5.51 -85.30
N PHE AB 184 107.89 -6.52 -85.51
CA PHE AB 184 107.68 -7.53 -84.49
C PHE AB 184 108.18 -8.89 -84.98
N THR AB 185 109.03 -9.52 -84.17
CA THR AB 185 109.45 -10.89 -84.43
C THR AB 185 108.90 -11.91 -83.44
N GLY AB 186 108.17 -12.87 -84.01
CA GLY AB 186 107.68 -14.04 -83.32
C GLY AB 186 108.66 -15.16 -83.55
N VAL AB 187 109.47 -15.43 -82.53
CA VAL AB 187 110.45 -16.51 -82.55
C VAL AB 187 110.03 -17.64 -81.63
N GLY AB 188 109.33 -18.61 -82.22
CA GLY AB 188 109.04 -19.86 -81.54
C GLY AB 188 108.02 -19.69 -80.46
N GLU AB 189 106.95 -18.95 -80.77
CA GLU AB 189 105.87 -18.81 -79.83
C GLU AB 189 104.64 -19.52 -80.35
N ARG AB 190 103.48 -19.06 -79.95
CA ARG AB 190 102.29 -19.77 -80.30
C ARG AB 190 101.67 -19.20 -81.57
N THR AB 191 101.61 -20.00 -82.61
CA THR AB 191 100.95 -19.54 -83.82
C THR AB 191 99.72 -18.67 -83.53
N ARG AB 192 98.91 -19.05 -82.55
CA ARG AB 192 97.70 -18.27 -82.25
C ARG AB 192 97.97 -16.88 -81.65
N GLU AB 193 99.05 -16.75 -80.87
CA GLU AB 193 99.43 -15.43 -80.34
C GLU AB 193 99.64 -14.50 -81.52
N GLY AB 194 100.47 -14.94 -82.46
CA GLY AB 194 100.69 -14.23 -83.72
C GLY AB 194 99.39 -13.88 -84.43
N ASN AB 195 98.48 -14.84 -84.52
CA ASN AB 195 97.15 -14.63 -85.07
C ASN AB 195 96.47 -13.42 -84.45
N ASP AB 196 96.41 -13.39 -83.11
CA ASP AB 196 95.84 -12.26 -82.38
C ASP AB 196 96.47 -10.93 -82.74
N LEU AB 197 97.79 -10.90 -82.75
CA LEU AB 197 98.51 -9.67 -83.02
C LEU AB 197 98.09 -9.08 -84.37
N TYR AB 198 98.11 -9.91 -85.42
CA TYR AB 198 97.74 -9.51 -86.79
C TYR AB 198 96.31 -8.97 -86.90
N ARG AB 199 95.45 -9.45 -86.01
CA ARG AB 199 94.06 -9.03 -85.96
C ARG AB 199 93.91 -7.85 -85.03
N GLU AB 200 94.83 -7.70 -84.09
CA GLU AB 200 94.85 -6.50 -83.28
C GLU AB 200 95.42 -5.33 -84.05
N MET AB 201 96.61 -5.51 -84.63
CA MET AB 201 97.21 -4.50 -85.50
C MET AB 201 96.19 -3.87 -86.47
N LYS AB 202 95.34 -4.69 -87.08
CA LYS AB 202 94.35 -4.18 -88.00
C LYS AB 202 93.36 -3.29 -87.28
N GLU AB 203 92.98 -3.68 -86.07
CA GLU AB 203 91.93 -3.00 -85.34
C GLU AB 203 92.45 -1.85 -84.50
N THR AB 204 93.70 -1.94 -84.03
CA THR AB 204 94.35 -0.76 -83.44
C THR AB 204 94.62 0.27 -84.55
N GLY AB 205 94.61 -0.18 -85.80
CA GLY AB 205 94.88 0.67 -86.96
C GLY AB 205 96.33 0.66 -87.43
N VAL AB 206 97.23 0.22 -86.54
CA VAL AB 206 98.68 0.09 -86.81
C VAL AB 206 98.97 -0.58 -88.15
N ILE AB 207 98.11 -1.53 -88.54
CA ILE AB 207 98.12 -2.10 -89.89
C ILE AB 207 96.86 -1.72 -90.67
N ASN AB 208 97.04 -1.56 -91.97
CA ASN AB 208 95.95 -1.19 -92.83
C ASN AB 208 96.21 -1.77 -94.20
N LEU AB 209 95.50 -2.85 -94.52
CA LEU AB 209 95.71 -3.62 -95.76
C LEU AB 209 95.22 -2.90 -97.04
N GLU AB 210 94.53 -1.77 -96.86
CA GLU AB 210 94.20 -0.92 -97.99
C GLU AB 210 94.64 0.53 -97.76
N GLY AB 211 95.87 0.69 -97.26
CA GLY AB 211 96.44 2.01 -96.99
C GLY AB 211 97.75 1.91 -96.25
N GLU AB 212 98.02 2.88 -95.38
CA GLU AB 212 99.33 3.00 -94.74
C GLU AB 212 99.45 2.19 -93.47
N SER AB 213 100.58 1.50 -93.32
CA SER AB 213 100.84 0.68 -92.14
C SER AB 213 102.14 1.06 -91.44
N LYS AB 214 102.16 0.89 -90.13
CA LYS AB 214 103.30 1.35 -89.33
C LYS AB 214 104.18 0.21 -88.76
N VAL AB 215 103.98 -1.03 -89.23
CA VAL AB 215 104.68 -2.22 -88.65
C VAL AB 215 104.86 -3.44 -89.56
N ALA AB 216 106.01 -4.10 -89.46
CA ALA AB 216 106.30 -5.28 -90.23
C ALA AB 216 106.20 -6.51 -89.32
N LEU AB 217 105.72 -7.63 -89.87
CA LEU AB 217 105.51 -8.83 -89.09
C LEU AB 217 106.34 -10.01 -89.55
N VAL AB 218 107.23 -10.49 -88.66
CA VAL AB 218 108.10 -11.61 -89.01
C VAL AB 218 107.91 -12.82 -88.08
N PHE AB 219 107.45 -13.92 -88.65
CA PHE AB 219 107.05 -15.06 -87.86
C PHE AB 219 107.78 -16.37 -88.10
N GLY AB 220 108.12 -17.03 -87.00
CA GLY AB 220 108.83 -18.29 -87.04
C GLY AB 220 108.52 -19.14 -85.83
N GLN AB 221 107.24 -19.40 -85.60
CA GLN AB 221 106.73 -19.98 -84.34
C GLN AB 221 107.17 -21.42 -84.06
N MET AB 222 106.80 -21.95 -82.90
CA MET AB 222 107.35 -23.23 -82.44
C MET AB 222 106.84 -24.42 -83.24
N ASN AB 223 105.88 -24.16 -84.11
CA ASN AB 223 105.43 -25.16 -85.03
C ASN AB 223 106.46 -25.46 -86.10
N GLU AB 224 107.66 -24.88 -85.97
CA GLU AB 224 108.66 -24.93 -87.02
C GLU AB 224 110.00 -25.46 -86.53
N PRO AB 225 110.72 -26.21 -87.40
CA PRO AB 225 111.97 -26.92 -87.13
C PRO AB 225 113.13 -26.01 -86.77
N PRO AB 226 114.07 -26.48 -85.90
CA PRO AB 226 115.14 -25.65 -85.29
C PRO AB 226 115.84 -24.68 -86.25
N GLY AB 227 116.34 -25.17 -87.37
CA GLY AB 227 116.96 -24.30 -88.36
C GLY AB 227 116.12 -23.06 -88.62
N ALA AB 228 114.84 -23.26 -88.93
CA ALA AB 228 113.94 -22.13 -89.14
C ALA AB 228 113.84 -21.25 -87.88
N ARG AB 229 113.51 -21.85 -86.73
CA ARG AB 229 113.39 -21.13 -85.45
C ARG AB 229 114.69 -20.46 -85.04
N ALA AB 230 115.80 -20.88 -85.63
CA ALA AB 230 117.14 -20.38 -85.28
C ALA AB 230 117.62 -19.20 -86.10
N ARG AB 231 116.88 -18.84 -87.16
CA ARG AB 231 117.32 -17.74 -88.07
C ARG AB 231 116.33 -16.62 -88.25
N VAL AB 232 115.07 -16.84 -87.85
CA VAL AB 232 114.01 -15.88 -88.12
C VAL AB 232 114.12 -14.62 -87.29
N ALA AB 233 114.93 -14.72 -86.25
CA ALA AB 233 115.29 -13.55 -85.47
C ALA AB 233 116.10 -12.64 -86.40
N LEU AB 234 117.07 -13.22 -87.10
CA LEU AB 234 117.91 -12.39 -87.95
C LEU AB 234 117.12 -11.86 -89.12
N THR AB 235 116.15 -12.65 -89.61
CA THR AB 235 115.23 -12.17 -90.63
C THR AB 235 114.55 -10.88 -90.19
N GLY AB 236 113.82 -10.93 -89.08
CA GLY AB 236 113.24 -9.74 -88.48
C GLY AB 236 114.28 -8.64 -88.27
N LEU AB 237 115.34 -8.98 -87.55
CA LEU AB 237 116.36 -8.02 -87.14
C LEU AB 237 116.93 -7.19 -88.32
N THR AB 238 117.03 -7.81 -89.48
CA THR AB 238 117.51 -7.20 -90.72
C THR AB 238 116.60 -6.10 -91.27
N ILE AB 239 115.29 -6.37 -91.23
CA ILE AB 239 114.26 -5.43 -91.62
C ILE AB 239 114.37 -4.16 -90.78
N ALA AB 240 114.50 -4.34 -89.46
CA ALA AB 240 114.79 -3.24 -88.51
C ALA AB 240 116.02 -2.46 -88.92
N GLU AB 241 117.14 -3.19 -89.01
CA GLU AB 241 118.44 -2.66 -89.43
C GLU AB 241 118.29 -1.74 -90.64
N TYR AB 242 117.53 -2.19 -91.63
CA TYR AB 242 117.35 -1.42 -92.82
C TYR AB 242 116.68 -0.04 -92.58
N PHE AB 243 115.69 0.01 -91.70
CA PHE AB 243 115.04 1.27 -91.34
C PHE AB 243 115.96 2.11 -90.49
N ARG AB 244 116.79 1.45 -89.70
CA ARG AB 244 117.70 2.16 -88.84
C ARG AB 244 118.69 2.91 -89.72
N ASP AB 245 119.32 2.17 -90.63
CA ASP AB 245 120.52 2.64 -91.33
C ASP AB 245 120.24 3.33 -92.63
N GLU AB 246 119.09 3.06 -93.23
CA GLU AB 246 118.85 3.55 -94.57
C GLU AB 246 117.60 4.40 -94.68
N GLU AB 247 116.68 4.21 -93.75
CA GLU AB 247 115.56 5.13 -93.59
C GLU AB 247 115.97 6.16 -92.53
N GLY AB 248 117.20 6.01 -92.06
CA GLY AB 248 117.81 6.86 -91.02
C GLY AB 248 116.88 7.33 -89.93
N GLN AB 249 116.23 6.38 -89.25
CA GLN AB 249 115.12 6.76 -88.38
C GLN AB 249 114.89 5.83 -87.18
N ASP AB 250 113.82 6.13 -86.45
CA ASP AB 250 113.47 5.42 -85.23
C ASP AB 250 112.70 4.12 -85.48
N VAL AB 251 113.23 3.03 -84.92
CA VAL AB 251 112.57 1.75 -85.01
C VAL AB 251 112.24 1.24 -83.61
N LEU AB 252 111.23 0.38 -83.53
CA LEU AB 252 110.98 -0.41 -82.35
C LEU AB 252 110.97 -1.90 -82.68
N LEU AB 253 111.92 -2.63 -82.08
CA LEU AB 253 112.11 -4.03 -82.42
C LEU AB 253 111.58 -4.92 -81.35
N PHE AB 254 110.50 -5.60 -81.64
CA PHE AB 254 109.88 -6.48 -80.67
C PHE AB 254 110.19 -7.95 -80.94
N ILE AB 255 110.95 -8.57 -80.04
CA ILE AB 255 111.20 -10.00 -80.12
C ILE AB 255 110.57 -10.79 -78.97
N ASP AB 256 109.76 -11.76 -79.36
CA ASP AB 256 109.12 -12.70 -78.45
C ASP AB 256 109.18 -14.03 -79.20
N ASN AB 257 109.93 -15.00 -78.71
CA ASN AB 257 110.72 -14.85 -77.51
C ASN AB 257 112.16 -15.20 -77.81
N ILE AB 258 113.09 -14.30 -77.43
CA ILE AB 258 114.49 -14.45 -77.79
C ILE AB 258 115.19 -15.67 -77.24
N PHE AB 259 114.70 -16.26 -76.15
CA PHE AB 259 115.24 -17.53 -75.66
C PHE AB 259 115.17 -18.69 -76.68
N ARG AB 260 114.26 -18.61 -77.64
CA ARG AB 260 114.07 -19.71 -78.59
C ARG AB 260 115.10 -19.68 -79.70
N PHE AB 261 115.79 -18.55 -79.85
CA PHE AB 261 116.95 -18.47 -80.70
C PHE AB 261 118.07 -19.34 -80.11
N THR AB 262 118.23 -19.29 -78.79
CA THR AB 262 119.27 -20.07 -78.09
C THR AB 262 118.93 -21.54 -78.03
N GLN AB 263 117.70 -21.85 -77.63
CA GLN AB 263 117.15 -23.19 -77.67
C GLN AB 263 117.31 -23.87 -79.04
N ALA AB 264 116.87 -23.21 -80.12
CA ALA AB 264 116.96 -23.79 -81.48
C ALA AB 264 118.40 -24.09 -81.81
N GLY AB 265 119.30 -23.17 -81.48
CA GLY AB 265 120.72 -23.42 -81.52
C GLY AB 265 121.03 -24.72 -80.77
N SER AB 266 120.39 -24.91 -79.64
CA SER AB 266 120.61 -26.09 -78.85
C SER AB 266 120.24 -27.37 -79.60
N GLU AB 267 119.10 -27.35 -80.30
CA GLU AB 267 118.47 -28.57 -80.84
C GLU AB 267 119.20 -29.22 -82.00
N VAL AB 268 120.12 -28.50 -82.61
CA VAL AB 268 120.88 -29.07 -83.73
C VAL AB 268 122.38 -29.21 -83.44
N SER AB 269 122.85 -28.51 -82.41
CA SER AB 269 124.24 -28.53 -81.97
C SER AB 269 124.92 -29.91 -82.10
N ALA AB 270 124.31 -30.94 -81.52
CA ALA AB 270 124.92 -32.27 -81.49
C ALA AB 270 124.98 -32.93 -82.87
N LEU AB 271 123.91 -32.72 -83.66
CA LEU AB 271 123.81 -33.23 -85.02
C LEU AB 271 124.86 -32.61 -85.97
N LEU AB 272 125.33 -31.43 -85.61
CA LEU AB 272 126.46 -30.80 -86.25
C LEU AB 272 127.77 -31.29 -85.66
N GLY AB 273 127.66 -32.19 -84.69
CA GLY AB 273 128.82 -32.88 -84.07
C GLY AB 273 129.64 -32.12 -83.03
N ARG AB 274 128.99 -31.26 -82.26
CA ARG AB 274 129.65 -30.50 -81.19
C ARG AB 274 129.43 -31.15 -79.85
N ILE AB 275 130.50 -31.26 -79.05
CA ILE AB 275 130.34 -31.75 -77.68
C ILE AB 275 129.45 -30.74 -76.94
N PRO AB 276 128.45 -31.22 -76.18
CA PRO AB 276 127.62 -30.37 -75.32
C PRO AB 276 128.44 -29.66 -74.28
N SER AB 277 128.07 -28.42 -74.00
CA SER AB 277 128.59 -27.71 -72.86
C SER AB 277 127.65 -27.96 -71.71
N ALA AB 278 127.76 -27.15 -70.66
CA ALA AB 278 126.98 -27.31 -69.42
C ALA AB 278 125.48 -27.10 -69.57
N VAL AB 279 124.71 -27.79 -68.73
CA VAL AB 279 123.24 -27.85 -68.83
C VAL AB 279 122.83 -28.20 -70.26
N GLY AB 280 123.68 -28.98 -70.92
CA GLY AB 280 123.44 -29.42 -72.29
C GLY AB 280 123.15 -28.28 -73.24
N TYR AB 281 123.84 -27.16 -73.07
CA TYR AB 281 123.74 -26.11 -74.04
C TYR AB 281 124.93 -26.17 -74.96
N GLN AB 282 124.77 -25.63 -76.15
CA GLN AB 282 125.82 -25.67 -77.13
C GLN AB 282 127.06 -24.93 -76.65
N PRO AB 283 128.23 -25.32 -77.17
CA PRO AB 283 129.44 -24.60 -76.79
C PRO AB 283 129.41 -23.13 -77.20
N THR AB 284 128.64 -22.78 -78.23
CA THR AB 284 128.67 -21.41 -78.76
C THR AB 284 127.65 -20.41 -78.19
N LEU AB 285 127.06 -20.73 -77.03
CA LEU AB 285 125.97 -19.92 -76.47
C LEU AB 285 126.32 -18.45 -76.36
N ALA AB 286 127.44 -18.18 -75.70
CA ALA AB 286 127.89 -16.83 -75.42
C ALA AB 286 128.06 -16.03 -76.71
N THR AB 287 128.92 -16.52 -77.58
CA THR AB 287 129.26 -15.81 -78.81
C THR AB 287 128.11 -15.77 -79.82
N ASP AB 288 127.28 -16.81 -79.83
CA ASP AB 288 126.14 -16.78 -80.73
C ASP AB 288 125.17 -15.70 -80.33
N MET AB 289 124.79 -15.66 -79.04
CA MET AB 289 123.96 -14.58 -78.53
C MET AB 289 124.61 -13.21 -78.74
N GLY AB 290 125.89 -13.11 -78.40
CA GLY AB 290 126.65 -11.92 -78.71
C GLY AB 290 126.51 -11.50 -80.17
N LEU AB 291 126.77 -12.44 -81.09
CA LEU AB 291 126.74 -12.14 -82.51
C LEU AB 291 125.39 -11.63 -83.07
N LEU AB 292 124.31 -11.92 -82.36
CA LEU AB 292 123.00 -11.39 -82.71
C LEU AB 292 122.75 -10.09 -81.97
N GLN AB 293 122.70 -10.15 -80.65
CA GLN AB 293 122.37 -9.00 -79.80
C GLN AB 293 123.13 -7.71 -80.14
N GLU AB 294 124.37 -7.86 -80.56
CA GLU AB 294 125.22 -6.71 -80.86
C GLU AB 294 124.88 -5.99 -82.15
N ARG AB 295 123.97 -6.55 -82.92
CA ARG AB 295 123.50 -5.88 -84.12
C ARG AB 295 122.30 -5.01 -83.80
N ILE AB 296 121.54 -5.44 -82.78
CA ILE AB 296 120.33 -4.76 -82.32
C ILE AB 296 120.78 -3.53 -81.56
N THR AB 297 121.05 -2.44 -82.27
CA THR AB 297 121.75 -1.37 -81.60
C THR AB 297 121.63 0.02 -82.24
N THR AB 298 121.40 1.00 -81.36
CA THR AB 298 121.44 2.39 -81.73
C THR AB 298 122.88 2.73 -82.18
N THR AB 299 122.97 3.42 -83.30
CA THR AB 299 124.21 3.84 -83.92
C THR AB 299 124.03 5.25 -84.45
N LYS AB 300 125.11 5.83 -84.96
CA LYS AB 300 125.05 7.18 -85.41
C LYS AB 300 124.05 7.42 -86.56
N LYS AB 301 123.81 6.41 -87.39
CA LYS AB 301 122.88 6.56 -88.51
C LYS AB 301 121.40 6.57 -88.12
N GLY AB 302 121.10 6.03 -86.94
CA GLY AB 302 119.71 5.91 -86.51
C GLY AB 302 119.56 5.04 -85.28
N SER AB 303 118.35 5.00 -84.75
CA SER AB 303 118.12 4.42 -83.44
C SER AB 303 117.15 3.24 -83.45
N VAL AB 304 117.55 2.15 -82.79
CA VAL AB 304 116.62 1.06 -82.54
C VAL AB 304 116.29 1.06 -81.06
N THR AB 305 115.08 0.65 -80.72
CA THR AB 305 114.70 0.43 -79.35
C THR AB 305 113.99 -0.90 -79.31
N SER AB 306 114.48 -1.81 -78.48
CA SER AB 306 114.03 -3.18 -78.58
C SER AB 306 113.45 -3.70 -77.30
N VAL AB 307 112.41 -4.49 -77.44
CA VAL AB 307 111.81 -5.16 -76.33
C VAL AB 307 111.83 -6.65 -76.66
N GLN AB 308 112.60 -7.37 -75.84
CA GLN AB 308 112.78 -8.79 -76.02
C GLN AB 308 112.28 -9.51 -74.80
N ALA AB 309 111.31 -10.40 -74.99
CA ALA AB 309 110.88 -11.25 -73.93
C ALA AB 309 111.93 -12.34 -73.78
N VAL AB 310 112.26 -12.64 -72.54
CA VAL AB 310 113.25 -13.67 -72.25
C VAL AB 310 112.64 -14.76 -71.42
N TYR AB 311 112.58 -15.95 -71.98
CA TYR AB 311 112.05 -17.09 -71.24
C TYR AB 311 113.08 -17.49 -70.23
N VAL AB 312 112.65 -17.62 -69.00
CA VAL AB 312 113.54 -18.09 -67.97
C VAL AB 312 113.13 -19.50 -67.63
N PRO AB 313 113.88 -20.51 -68.13
CA PRO AB 313 113.52 -21.93 -68.02
C PRO AB 313 113.51 -22.40 -66.58
N ALA AB 314 112.42 -23.06 -66.19
CA ALA AB 314 112.27 -23.65 -64.86
C ALA AB 314 112.28 -22.58 -63.77
N ASP AB 315 111.85 -21.39 -64.14
CA ASP AB 315 111.97 -20.20 -63.29
C ASP AB 315 113.40 -19.95 -62.78
N ASP AB 316 114.37 -20.68 -63.32
CA ASP AB 316 115.75 -20.52 -62.89
C ASP AB 316 116.43 -19.44 -63.68
N LEU AB 317 116.67 -18.32 -63.00
CA LEU AB 317 117.41 -17.21 -63.55
C LEU AB 317 118.87 -17.51 -63.82
N THR AB 318 119.51 -18.34 -62.98
CA THR AB 318 120.91 -18.73 -63.21
C THR AB 318 121.12 -19.85 -64.24
N ASP AB 319 120.11 -20.06 -65.08
CA ASP AB 319 120.20 -20.99 -66.19
C ASP AB 319 121.03 -20.32 -67.25
N PRO AB 320 122.09 -20.99 -67.72
CA PRO AB 320 123.06 -20.45 -68.65
C PRO AB 320 122.44 -19.53 -69.69
N ALA AB 321 121.30 -19.90 -70.26
CA ALA AB 321 120.63 -19.08 -71.30
C ALA AB 321 120.24 -17.66 -70.88
N PRO AB 322 119.23 -17.49 -69.98
CA PRO AB 322 118.92 -16.13 -69.51
C PRO AB 322 120.11 -15.45 -68.84
N ALA AB 323 120.86 -16.19 -68.02
CA ALA AB 323 122.00 -15.65 -67.28
C ALA AB 323 122.96 -14.87 -68.20
N THR AB 324 123.06 -15.34 -69.44
CA THR AB 324 123.88 -14.70 -70.45
C THR AB 324 123.23 -13.44 -71.00
N THR AB 325 121.90 -13.46 -71.07
CA THR AB 325 121.20 -12.39 -71.77
C THR AB 325 121.29 -11.07 -71.02
N PHE AB 326 121.33 -11.15 -69.69
CA PHE AB 326 121.39 -9.97 -68.82
C PHE AB 326 122.39 -8.93 -69.26
N ALA AB 327 123.60 -9.39 -69.58
CA ALA AB 327 124.66 -8.48 -69.98
C ALA AB 327 124.28 -7.66 -71.20
N HIS AB 328 123.25 -8.04 -71.92
CA HIS AB 328 122.98 -7.44 -73.21
C HIS AB 328 121.99 -6.29 -73.14
N LEU AB 329 121.33 -6.12 -71.99
CA LEU AB 329 120.20 -5.20 -71.93
C LEU AB 329 120.46 -3.99 -71.07
N ASP AB 330 119.98 -2.84 -71.56
CA ASP AB 330 120.01 -1.62 -70.79
C ASP AB 330 119.07 -1.64 -69.55
N ALA AB 331 117.92 -2.31 -69.67
CA ALA AB 331 116.90 -2.30 -68.63
C ALA AB 331 116.32 -3.70 -68.50
N THR AB 332 116.22 -4.20 -67.26
CA THR AB 332 115.77 -5.58 -67.09
C THR AB 332 114.47 -5.62 -66.28
N THR AB 333 113.41 -6.17 -66.87
CA THR AB 333 112.17 -6.28 -66.14
C THR AB 333 111.97 -7.73 -65.77
N VAL AB 334 111.96 -8.00 -64.48
CA VAL AB 334 111.98 -9.35 -64.03
C VAL AB 334 110.58 -9.61 -63.54
N LEU AB 335 109.90 -10.55 -64.18
CA LEU AB 335 108.57 -10.97 -63.75
C LEU AB 335 108.80 -12.11 -62.80
N SER AB 336 107.93 -12.27 -61.82
CA SER AB 336 108.13 -13.26 -60.78
C SER AB 336 106.83 -14.00 -60.54
N ARG AB 337 106.96 -15.30 -60.32
CA ARG AB 337 105.80 -16.13 -60.07
C ARG AB 337 105.21 -15.76 -58.70
N GLY AB 338 106.10 -15.53 -57.73
CA GLY AB 338 105.71 -15.14 -56.38
C GLY AB 338 104.85 -13.91 -56.37
N ILE AB 339 105.28 -12.89 -57.09
CA ILE AB 339 104.50 -11.70 -57.30
C ILE AB 339 103.15 -12.04 -57.94
N SER AB 340 103.16 -12.72 -59.10
CA SER AB 340 101.95 -12.96 -59.89
C SER AB 340 100.93 -13.78 -59.13
N GLU AB 341 101.45 -14.67 -58.29
CA GLU AB 341 100.60 -15.50 -57.44
C GLU AB 341 99.85 -14.71 -56.41
N LEU AB 342 100.30 -13.49 -56.12
CA LEU AB 342 99.55 -12.64 -55.22
C LEU AB 342 98.41 -11.90 -55.91
N GLY AB 343 98.27 -12.09 -57.23
CA GLY AB 343 97.27 -11.36 -58.00
C GLY AB 343 97.78 -9.99 -58.37
N ILE AB 344 99.09 -9.81 -58.26
CA ILE AB 344 99.72 -8.55 -58.52
C ILE AB 344 100.20 -8.56 -59.96
N TYR AB 345 99.41 -7.96 -60.85
CA TYR AB 345 99.85 -7.86 -62.25
C TYR AB 345 100.19 -6.42 -62.64
N PRO AB 346 101.28 -6.22 -63.41
CA PRO AB 346 102.22 -7.19 -63.94
C PRO AB 346 103.07 -7.80 -62.86
N ALA AB 347 103.60 -8.97 -63.14
CA ALA AB 347 104.32 -9.75 -62.16
C ALA AB 347 105.71 -9.22 -61.83
N VAL AB 348 105.95 -7.93 -62.05
CA VAL AB 348 107.29 -7.32 -61.92
C VAL AB 348 107.89 -7.43 -60.52
N ASP AB 349 109.12 -7.92 -60.42
CA ASP AB 349 109.83 -7.91 -59.16
C ASP AB 349 110.48 -6.53 -59.02
N PRO AB 350 109.95 -5.71 -58.10
CA PRO AB 350 110.36 -4.33 -57.84
C PRO AB 350 111.79 -4.18 -57.36
N LEU AB 351 112.35 -5.24 -56.76
CA LEU AB 351 113.74 -5.20 -56.28
C LEU AB 351 114.69 -5.68 -57.33
N ASP AB 352 114.43 -6.85 -57.89
CA ASP AB 352 115.33 -7.39 -58.91
C ASP AB 352 115.26 -6.70 -60.27
N SER AB 353 114.24 -5.90 -60.53
CA SER AB 353 114.22 -5.09 -61.76
C SER AB 353 115.19 -3.92 -61.69
N LYS AB 354 115.90 -3.68 -62.78
CA LYS AB 354 116.91 -2.63 -62.86
C LYS AB 354 116.91 -2.00 -64.23
N SER AB 355 117.32 -0.74 -64.27
CA SER AB 355 117.50 0.01 -65.48
C SER AB 355 118.59 1.03 -65.24
N ARG AB 356 119.55 1.12 -66.16
CA ARG AB 356 120.70 2.03 -66.01
C ARG AB 356 120.30 3.48 -65.76
N LEU AB 357 119.21 3.91 -66.43
CA LEU AB 357 118.66 5.27 -66.33
C LEU AB 357 118.22 5.70 -64.94
N LEU AB 358 117.97 4.78 -64.02
CA LEU AB 358 117.71 5.18 -62.64
C LEU AB 358 119.01 5.68 -62.02
N ASP AB 359 119.25 6.97 -62.22
CA ASP AB 359 120.42 7.69 -61.78
C ASP AB 359 119.95 9.15 -61.74
N ALA AB 360 120.34 9.90 -60.71
CA ALA AB 360 119.78 11.23 -60.52
C ALA AB 360 120.00 12.08 -61.77
N ALA AB 361 121.18 11.91 -62.37
CA ALA AB 361 121.59 12.65 -63.55
C ALA AB 361 120.61 12.54 -64.73
N VAL AB 362 119.75 11.52 -64.70
CA VAL AB 362 118.88 11.24 -65.82
C VAL AB 362 117.42 11.56 -65.51
N VAL AB 363 117.03 11.30 -64.27
CA VAL AB 363 115.64 11.43 -63.87
C VAL AB 363 115.41 12.48 -62.79
N GLY AB 364 116.46 13.15 -62.34
CA GLY AB 364 116.33 14.08 -61.24
C GLY AB 364 116.50 13.39 -59.90
N GLN AB 365 116.75 14.17 -58.86
CA GLN AB 365 117.02 13.62 -57.54
C GLN AB 365 115.76 13.06 -56.91
N GLU AB 366 114.69 13.85 -56.97
CA GLU AB 366 113.44 13.48 -56.33
C GLU AB 366 112.96 12.14 -56.80
N HIS AB 367 112.92 11.96 -58.13
CA HIS AB 367 112.55 10.70 -58.74
C HIS AB 367 113.44 9.60 -58.18
N TYR AB 368 114.76 9.81 -58.21
CA TYR AB 368 115.72 8.84 -57.69
C TYR AB 368 115.53 8.55 -56.20
N ASP AB 369 115.17 9.57 -55.43
CA ASP AB 369 114.97 9.39 -53.99
C ASP AB 369 113.69 8.60 -53.67
N VAL AB 370 112.58 8.97 -54.31
CA VAL AB 370 111.32 8.22 -54.22
C VAL AB 370 111.58 6.76 -54.57
N ALA AB 371 112.19 6.56 -55.74
CA ALA AB 371 112.48 5.25 -56.25
C ALA AB 371 113.36 4.44 -55.30
N SER AB 372 114.29 5.11 -54.61
CA SER AB 372 115.14 4.41 -53.67
C SER AB 372 114.37 4.06 -52.42
N LYS AB 373 113.58 5.02 -51.92
CA LYS AB 373 112.83 4.79 -50.70
C LYS AB 373 111.77 3.68 -50.87
N VAL AB 374 110.91 3.79 -51.88
CA VAL AB 374 110.04 2.66 -52.26
C VAL AB 374 110.77 1.33 -52.17
N GLN AB 375 112.00 1.29 -52.71
CA GLN AB 375 112.80 0.07 -52.64
C GLN AB 375 113.22 -0.33 -51.23
N GLU AB 376 113.71 0.63 -50.45
CA GLU AB 376 114.05 0.38 -49.05
C GLU AB 376 112.85 -0.15 -48.27
N THR AB 377 111.71 0.49 -48.47
CA THR AB 377 110.47 0.12 -47.83
C THR AB 377 110.28 -1.38 -48.01
N LEU AB 378 110.12 -1.80 -49.27
CA LEU AB 378 109.78 -3.18 -49.65
C LEU AB 378 110.85 -4.16 -49.22
N GLN AB 379 112.10 -3.70 -49.21
CA GLN AB 379 113.21 -4.52 -48.77
C GLN AB 379 113.10 -4.82 -47.29
N THR AB 380 112.74 -3.79 -46.52
CA THR AB 380 112.47 -3.98 -45.11
C THR AB 380 111.31 -4.93 -44.92
N TYR AB 381 110.16 -4.60 -45.52
CA TYR AB 381 108.98 -5.46 -45.45
C TYR AB 381 109.31 -6.92 -45.80
N LYS AB 382 110.16 -7.12 -46.80
CA LYS AB 382 110.66 -8.45 -47.13
C LYS AB 382 111.47 -9.08 -45.98
N SER AB 383 112.37 -8.28 -45.39
CA SER AB 383 113.23 -8.73 -44.29
C SER AB 383 112.44 -9.10 -43.05
N LEU AB 384 111.32 -8.42 -42.83
CA LEU AB 384 110.54 -8.69 -41.65
C LEU AB 384 109.56 -9.85 -41.78
N GLN AB 385 109.35 -10.37 -42.98
CA GLN AB 385 108.39 -11.46 -43.16
C GLN AB 385 108.70 -12.75 -42.35
N ASP AB 386 109.93 -12.89 -41.86
CA ASP AB 386 110.28 -13.93 -40.88
C ASP AB 386 109.56 -13.67 -39.56
N ILE AB 387 109.81 -12.51 -38.97
CA ILE AB 387 109.23 -12.13 -37.67
C ILE AB 387 107.69 -12.02 -37.70
N ILE AB 388 107.11 -11.74 -38.88
CA ILE AB 388 105.65 -11.67 -39.03
C ILE AB 388 105.01 -13.07 -38.98
N ALA AB 389 105.58 -14.01 -39.71
CA ALA AB 389 105.15 -15.39 -39.65
C ALA AB 389 105.23 -15.91 -38.22
N ILE AB 390 106.43 -15.89 -37.64
CA ILE AB 390 106.71 -16.53 -36.36
C ILE AB 390 106.05 -15.85 -35.15
N LEU AB 391 106.25 -14.54 -34.99
CA LEU AB 391 105.74 -13.82 -33.80
C LEU AB 391 104.60 -12.87 -34.13
N GLY AB 392 103.93 -13.14 -35.26
CA GLY AB 392 102.81 -12.32 -35.73
C GLY AB 392 103.21 -10.92 -36.18
N MET AB 393 102.22 -10.04 -36.32
CA MET AB 393 102.42 -8.62 -36.57
C MET AB 393 102.56 -7.88 -35.22
N ASP AB 394 102.08 -8.55 -34.18
CA ASP AB 394 102.11 -8.06 -32.78
C ASP AB 394 103.49 -7.57 -32.36
N GLU AB 395 104.48 -8.44 -32.45
CA GLU AB 395 105.81 -8.22 -31.87
C GLU AB 395 106.68 -7.28 -32.72
N LEU AB 396 106.22 -6.04 -32.92
CA LEU AB 396 106.95 -5.08 -33.77
C LEU AB 396 107.14 -3.67 -33.21
N SER AB 397 108.30 -3.11 -33.51
CA SER AB 397 108.59 -1.69 -33.34
C SER AB 397 107.52 -0.89 -34.08
N GLU AB 398 107.25 0.33 -33.61
CA GLU AB 398 106.16 1.15 -34.16
C GLU AB 398 106.49 1.72 -35.53
N GLN AB 399 107.74 2.14 -35.70
CA GLN AB 399 108.22 2.55 -37.01
C GLN AB 399 108.04 1.37 -37.99
N ASP AB 400 108.46 0.18 -37.56
CA ASP AB 400 108.33 -1.04 -38.36
C ASP AB 400 106.87 -1.29 -38.76
N LYS AB 401 105.98 -1.35 -37.76
CA LYS AB 401 104.54 -1.52 -37.99
C LYS AB 401 104.01 -0.60 -39.08
N LEU AB 402 104.53 0.63 -39.09
CA LEU AB 402 104.20 1.60 -40.12
C LEU AB 402 104.88 1.31 -41.46
N THR AB 403 106.17 0.95 -41.42
CA THR AB 403 106.90 0.58 -42.64
C THR AB 403 106.16 -0.55 -43.37
N VAL AB 404 105.73 -1.56 -42.62
CA VAL AB 404 104.96 -2.68 -43.17
C VAL AB 404 103.61 -2.21 -43.72
N GLU AB 405 102.86 -1.46 -42.92
CA GLU AB 405 101.62 -0.82 -43.36
C GLU AB 405 101.83 -0.13 -44.72
N ARG AB 406 102.92 0.63 -44.83
CA ARG AB 406 103.23 1.39 -46.05
C ARG AB 406 103.71 0.54 -47.21
N ALA AB 407 104.40 -0.56 -46.88
CA ALA AB 407 104.95 -1.47 -47.87
C ALA AB 407 103.83 -2.21 -48.56
N ARG AB 408 102.87 -2.67 -47.76
CA ARG AB 408 101.70 -3.34 -48.28
C ARG AB 408 100.87 -2.42 -49.15
N LYS AB 409 100.58 -1.21 -48.69
CA LYS AB 409 99.92 -0.25 -49.54
C LYS AB 409 100.66 -0.07 -50.87
N ILE AB 410 102.01 -0.04 -50.79
CA ILE AB 410 102.87 0.18 -51.96
C ILE AB 410 102.88 -1.01 -52.92
N GLN AB 411 102.86 -2.22 -52.38
CA GLN AB 411 102.90 -3.40 -53.22
C GLN AB 411 101.79 -3.31 -54.20
N ARG AB 412 100.61 -2.98 -53.69
CA ARG AB 412 99.42 -2.93 -54.51
C ARG AB 412 99.45 -1.80 -55.53
N PHE AB 413 99.87 -0.62 -55.12
CA PHE AB 413 99.94 0.51 -56.05
C PHE AB 413 100.89 0.28 -57.23
N LEU AB 414 101.65 -0.81 -57.18
CA LEU AB 414 102.55 -1.16 -58.27
C LEU AB 414 101.86 -2.01 -59.36
N SER AB 415 100.80 -2.72 -58.99
CA SER AB 415 99.91 -3.38 -59.97
C SER AB 415 99.05 -2.35 -60.72
N GLN AB 416 98.29 -2.82 -61.70
CA GLN AB 416 97.69 -1.90 -62.64
C GLN AB 416 96.97 -2.69 -63.72
N PRO AB 417 95.72 -2.29 -64.05
CA PRO AB 417 95.04 -3.06 -65.07
C PRO AB 417 95.61 -2.69 -66.44
N PHE AB 418 96.08 -3.71 -67.16
CA PHE AB 418 96.51 -3.52 -68.55
C PHE AB 418 95.28 -3.53 -69.42
N ALA AB 419 95.36 -2.91 -70.59
CA ALA AB 419 94.23 -2.84 -71.50
C ALA AB 419 94.08 -4.21 -72.13
N VAL AB 420 95.20 -4.69 -72.68
CA VAL AB 420 95.36 -6.04 -73.23
C VAL AB 420 94.74 -7.16 -72.39
N ALA AB 421 94.87 -7.05 -71.07
CA ALA AB 421 94.46 -8.10 -70.14
C ALA AB 421 93.03 -7.94 -69.60
N GLU AB 422 92.17 -7.28 -70.36
CA GLU AB 422 90.81 -7.09 -69.90
C GLU AB 422 90.08 -8.43 -69.78
N VAL AB 423 90.42 -9.37 -70.67
CA VAL AB 423 89.86 -10.72 -70.64
C VAL AB 423 90.09 -11.42 -69.31
N PHE AB 424 91.06 -10.91 -68.56
CA PHE AB 424 91.45 -11.51 -67.29
C PHE AB 424 90.93 -10.74 -66.08
N THR AB 425 90.90 -9.42 -66.15
CA THR AB 425 90.41 -8.67 -65.02
C THR AB 425 88.98 -8.13 -65.17
N GLY AB 426 88.49 -8.09 -66.41
CA GLY AB 426 87.19 -7.47 -66.71
C GLY AB 426 87.21 -6.01 -66.30
N ILE AB 427 88.39 -5.56 -65.88
CA ILE AB 427 88.64 -4.20 -65.41
C ILE AB 427 89.27 -3.45 -66.57
N PRO AB 428 88.80 -2.21 -66.85
CA PRO AB 428 89.27 -1.37 -67.96
C PRO AB 428 90.74 -1.03 -67.81
N GLY AB 429 91.46 -0.98 -68.95
CA GLY AB 429 92.90 -0.71 -68.94
C GLY AB 429 93.17 0.70 -68.48
N LYS AB 430 94.03 0.86 -67.48
CA LYS AB 430 94.42 2.20 -67.00
C LYS AB 430 95.88 2.50 -67.32
N LEU AB 431 96.13 3.66 -67.92
CA LEU AB 431 97.49 4.10 -68.22
C LEU AB 431 97.83 5.31 -67.36
N VAL AB 432 99.03 5.29 -66.78
CA VAL AB 432 99.46 6.30 -65.83
C VAL AB 432 100.66 7.11 -66.35
N ARG AB 433 100.59 8.44 -66.21
CA ARG AB 433 101.69 9.32 -66.61
C ARG AB 433 102.83 9.33 -65.61
N LEU AB 434 104.06 9.29 -66.13
CA LEU AB 434 105.27 9.18 -65.31
C LEU AB 434 105.36 10.17 -64.15
N LYS AB 435 104.95 11.42 -64.39
CA LYS AB 435 104.96 12.41 -63.32
C LYS AB 435 103.92 12.06 -62.24
N ASP AB 436 102.76 11.57 -62.68
CA ASP AB 436 101.70 11.08 -61.79
C ASP AB 436 102.12 9.90 -60.95
N THR AB 437 102.88 8.99 -61.54
CA THR AB 437 103.51 7.89 -60.80
C THR AB 437 104.35 8.41 -59.62
N VAL AB 438 105.31 9.28 -59.91
CA VAL AB 438 106.27 9.70 -58.90
C VAL AB 438 105.63 10.49 -57.78
N ALA AB 439 104.65 11.31 -58.14
CA ALA AB 439 103.98 12.18 -57.19
C ALA AB 439 103.16 11.36 -56.19
N SER AB 440 102.52 10.32 -56.69
CA SER AB 440 101.62 9.55 -55.87
C SER AB 440 102.42 8.67 -54.92
N PHE AB 441 103.52 8.13 -55.41
CA PHE AB 441 104.41 7.36 -54.57
C PHE AB 441 105.10 8.23 -53.56
N LYS AB 442 105.45 9.44 -53.96
CA LYS AB 442 106.01 10.39 -53.04
C LYS AB 442 105.03 10.59 -51.90
N ALA AB 443 103.77 10.82 -52.25
CA ALA AB 443 102.74 11.14 -51.28
C ALA AB 443 102.60 9.96 -50.34
N VAL AB 444 102.38 8.80 -50.92
CA VAL AB 444 102.23 7.55 -50.17
C VAL AB 444 103.37 7.43 -49.14
N LEU AB 445 104.59 7.72 -49.59
CA LEU AB 445 105.78 7.52 -48.78
C LEU AB 445 105.89 8.40 -47.54
N GLU AB 446 105.36 9.62 -47.62
CA GLU AB 446 105.43 10.58 -46.51
C GLU AB 446 104.24 10.43 -45.56
N GLY AB 447 103.39 9.46 -45.84
CA GLY AB 447 102.29 9.11 -44.95
C GLY AB 447 101.00 9.87 -45.19
N LYS AB 448 100.98 10.67 -46.26
CA LYS AB 448 99.82 11.54 -46.55
C LYS AB 448 98.63 10.72 -47.08
N TYR AB 449 98.64 9.42 -46.73
CA TYR AB 449 97.63 8.47 -47.16
C TYR AB 449 97.52 7.26 -46.25
N ASP AB 450 97.96 7.38 -45.00
CA ASP AB 450 98.01 6.24 -44.08
C ASP AB 450 96.65 5.67 -43.67
N ASN AB 451 95.61 6.50 -43.80
CA ASN AB 451 94.24 6.15 -43.42
C ASN AB 451 93.52 5.23 -44.40
N ILE AB 452 93.82 5.37 -45.69
CA ILE AB 452 93.18 4.59 -46.75
C ILE AB 452 93.52 3.08 -46.67
N PRO AB 453 92.48 2.20 -46.75
CA PRO AB 453 92.62 0.72 -46.72
C PRO AB 453 93.41 0.13 -47.88
N GLU AB 454 94.12 -0.97 -47.62
CA GLU AB 454 94.97 -1.65 -48.62
C GLU AB 454 94.32 -1.86 -49.98
N HIS AB 455 93.06 -2.30 -50.00
CA HIS AB 455 92.41 -2.65 -51.25
C HIS AB 455 92.26 -1.48 -52.22
N ALA AB 456 92.26 -0.27 -51.69
CA ALA AB 456 92.10 0.91 -52.52
C ALA AB 456 93.28 1.19 -53.47
N PHE AB 457 94.41 0.54 -53.26
CA PHE AB 457 95.58 0.78 -54.12
C PHE AB 457 95.69 -0.29 -55.22
N TYR AB 458 94.91 -1.36 -55.06
CA TYR AB 458 95.03 -2.55 -55.90
C TYR AB 458 94.25 -2.46 -57.20
N MET AB 459 94.96 -2.67 -58.31
CA MET AB 459 94.39 -2.67 -59.67
C MET AB 459 93.63 -1.38 -60.01
N VAL AB 460 94.36 -0.26 -59.88
CA VAL AB 460 93.83 1.08 -60.20
C VAL AB 460 94.97 1.86 -60.88
N GLY AB 461 94.67 3.02 -61.44
CA GLY AB 461 95.68 3.86 -62.09
C GLY AB 461 96.44 4.79 -61.16
N GLY AB 462 96.17 6.08 -61.24
CA GLY AB 462 96.85 7.07 -60.39
C GLY AB 462 96.16 7.33 -59.06
N ILE AB 463 96.76 8.16 -58.23
CA ILE AB 463 96.24 8.40 -56.89
C ILE AB 463 94.79 8.90 -56.86
N GLU AB 464 94.35 9.51 -57.97
CA GLU AB 464 92.92 9.82 -58.19
C GLU AB 464 92.08 8.58 -57.92
N ASP AB 465 92.50 7.49 -58.55
CA ASP AB 465 91.79 6.23 -58.50
C ASP AB 465 91.87 5.59 -57.12
N VAL AB 466 92.92 5.91 -56.37
CA VAL AB 466 92.99 5.41 -55.00
C VAL AB 466 91.92 6.08 -54.16
N VAL AB 467 91.76 7.39 -54.33
CA VAL AB 467 90.76 8.12 -53.59
C VAL AB 467 89.37 7.67 -54.06
N ALA AB 468 89.16 7.66 -55.37
CA ALA AB 468 87.89 7.26 -55.94
C ALA AB 468 87.41 5.92 -55.37
N LYS AB 469 88.28 4.91 -55.42
CA LYS AB 469 87.98 3.57 -54.92
C LYS AB 469 87.73 3.54 -53.41
N ALA AB 470 88.55 4.30 -52.67
CA ALA AB 470 88.48 4.35 -51.21
C ALA AB 470 87.08 4.69 -50.77
N GLU AB 471 86.54 5.74 -51.39
CA GLU AB 471 85.19 6.21 -51.10
C GLU AB 471 84.11 5.29 -51.65
N LYS AB 472 84.30 4.82 -52.87
CA LYS AB 472 83.32 3.96 -53.53
C LYS AB 472 83.12 2.69 -52.71
N LEU AB 473 84.20 2.20 -52.09
CA LEU AB 473 84.11 1.03 -51.22
C LEU AB 473 83.56 1.33 -49.83
N ALA AB 474 84.01 2.42 -49.21
CA ALA AB 474 83.46 2.87 -47.92
C ALA AB 474 81.96 3.20 -48.00
N ALA AB 475 81.46 3.33 -49.24
CA ALA AB 475 80.03 3.46 -49.51
C ALA AB 475 79.38 2.08 -49.59
N PRO BB 8 172.76 -42.40 -77.04
CA PRO BB 8 171.73 -41.45 -76.59
C PRO BB 8 170.42 -41.55 -77.39
N ILE BB 9 169.41 -42.15 -76.78
CA ILE BB 9 168.07 -42.36 -77.38
C ILE BB 9 167.42 -41.03 -77.80
N THR BB 10 166.91 -40.97 -79.04
CA THR BB 10 166.30 -39.75 -79.54
C THR BB 10 164.95 -39.96 -80.23
N GLY BB 11 164.03 -39.02 -80.04
CA GLY BB 11 162.73 -39.03 -80.71
C GLY BB 11 162.36 -37.74 -81.45
N LYS BB 12 161.10 -37.66 -81.87
CA LYS BB 12 160.53 -36.51 -82.57
C LYS BB 12 159.14 -36.19 -82.03
N VAL BB 13 158.87 -34.91 -81.90
CA VAL BB 13 157.57 -34.44 -81.49
C VAL BB 13 156.61 -34.59 -82.66
N THR BB 14 155.51 -35.31 -82.41
CA THR BB 14 154.52 -35.55 -83.45
C THR BB 14 153.19 -34.89 -83.14
N ALA BB 15 152.95 -34.58 -81.86
CA ALA BB 15 151.73 -33.89 -81.46
C ALA BB 15 151.86 -32.99 -80.23
N VAL BB 16 151.32 -31.78 -80.33
CA VAL BB 16 151.31 -30.85 -79.21
C VAL BB 16 149.90 -30.38 -78.89
N ILE BB 17 149.43 -30.69 -77.69
CA ILE BB 17 148.09 -30.30 -77.26
C ILE BB 17 148.09 -29.90 -75.78
N GLY BB 18 148.20 -28.58 -75.55
CA GLY BB 18 148.39 -28.10 -74.19
C GLY BB 18 149.56 -28.84 -73.55
N ALA BB 19 149.38 -29.35 -72.35
CA ALA BB 19 150.52 -29.92 -71.63
C ALA BB 19 150.78 -31.35 -72.08
N ILE BB 20 150.07 -31.78 -73.13
CA ILE BB 20 150.21 -33.14 -73.66
C ILE BB 20 151.00 -33.17 -74.95
N VAL BB 21 152.21 -33.71 -74.87
CA VAL BB 21 153.04 -33.84 -76.05
C VAL BB 21 153.19 -35.30 -76.44
N ASP BB 22 153.24 -35.54 -77.75
CA ASP BB 22 153.45 -36.87 -78.30
C ASP BB 22 154.74 -36.98 -79.10
N VAL BB 23 155.49 -38.02 -78.76
CA VAL BB 23 156.84 -38.21 -79.23
C VAL BB 23 156.89 -39.58 -79.92
N HIS BB 24 157.63 -39.65 -81.03
CA HIS BB 24 157.82 -40.89 -81.76
C HIS BB 24 159.26 -41.42 -81.53
N PHE BB 25 159.50 -42.70 -81.81
CA PHE BB 25 160.80 -43.30 -81.54
C PHE BB 25 161.18 -44.35 -82.56
N GLU BB 26 162.30 -45.02 -82.30
CA GLU BB 26 162.76 -46.15 -83.11
C GLU BB 26 162.65 -47.48 -82.38
N GLN BB 27 162.39 -48.53 -83.16
CA GLN BB 27 162.06 -49.89 -82.70
C GLN BB 27 162.60 -50.28 -81.32
N SER BB 28 161.67 -50.56 -80.40
CA SER BB 28 161.97 -51.00 -79.03
C SER BB 28 163.06 -50.15 -78.32
N GLU BB 29 163.01 -48.86 -78.57
CA GLU BB 29 163.83 -47.90 -77.85
C GLU BB 29 162.94 -47.07 -76.93
N LEU BB 30 161.64 -47.22 -77.12
CA LEU BB 30 160.65 -46.48 -76.35
C LEU BB 30 160.99 -46.54 -74.86
N PRO BB 31 161.02 -45.36 -74.23
CA PRO BB 31 161.25 -45.28 -72.80
C PRO BB 31 160.06 -45.89 -72.07
N ALA BB 32 160.27 -46.42 -70.87
CA ALA BB 32 159.14 -46.93 -70.10
C ALA BB 32 158.25 -45.76 -69.67
N ILE BB 33 157.03 -46.08 -69.24
CA ILE BB 33 156.12 -45.08 -68.71
C ILE BB 33 156.71 -44.61 -67.38
N LEU BB 34 156.58 -43.31 -67.12
CA LEU BB 34 157.16 -42.61 -65.96
C LEU BB 34 158.62 -42.19 -66.18
N ASN BB 35 159.04 -42.10 -67.43
CA ASN BB 35 160.36 -41.62 -67.76
C ASN BB 35 160.41 -40.15 -68.09
N ALA BB 36 161.55 -39.55 -67.80
CA ALA BB 36 161.80 -38.16 -68.10
C ALA BB 36 162.39 -38.02 -69.51
N LEU BB 37 161.68 -37.27 -70.34
CA LEU BB 37 162.12 -36.95 -71.67
C LEU BB 37 162.41 -35.45 -71.71
N GLU BB 38 163.54 -35.06 -72.31
CA GLU BB 38 163.90 -33.65 -72.36
C GLU BB 38 163.88 -33.10 -73.76
N ILE BB 39 163.32 -31.92 -73.91
CA ILE BB 39 163.52 -31.10 -75.08
C ILE BB 39 164.32 -29.90 -74.62
N LYS BB 40 165.30 -29.49 -75.42
CA LYS BB 40 166.10 -28.31 -75.08
C LYS BB 40 165.43 -27.08 -75.64
N THR BB 41 165.33 -26.05 -74.80
CA THR BB 41 164.66 -24.80 -75.14
C THR BB 41 165.69 -23.66 -75.16
N PRO BB 42 165.32 -22.50 -75.77
CA PRO BB 42 166.20 -21.34 -75.66
C PRO BB 42 166.59 -21.01 -74.20
N GLN BB 43 165.64 -21.16 -73.27
CA GLN BB 43 165.86 -20.91 -71.83
C GLN BB 43 166.80 -21.97 -71.24
N GLY BB 44 166.27 -23.18 -71.11
CA GLY BB 44 167.02 -24.32 -70.60
C GLY BB 44 166.46 -25.60 -71.18
N LYS BB 45 165.68 -26.32 -70.37
CA LYS BB 45 165.12 -27.59 -70.81
C LYS BB 45 163.68 -27.76 -70.36
N LEU BB 46 162.84 -28.18 -71.29
CA LEU BB 46 161.48 -28.59 -70.99
C LEU BB 46 161.49 -30.08 -70.69
N VAL BB 47 160.88 -30.46 -69.58
CA VAL BB 47 160.80 -31.88 -69.23
C VAL BB 47 159.39 -32.46 -69.50
N LEU BB 48 159.34 -33.67 -70.05
CA LEU BB 48 158.11 -34.36 -70.40
C LEU BB 48 158.08 -35.71 -69.70
N GLU BB 49 156.99 -36.00 -69.00
CA GLU BB 49 156.84 -37.31 -68.39
C GLU BB 49 155.94 -38.19 -69.24
N VAL BB 50 156.37 -39.44 -69.42
CA VAL BB 50 155.67 -40.42 -70.26
C VAL BB 50 154.47 -41.02 -69.53
N ALA BB 51 153.32 -41.01 -70.21
CA ALA BB 51 152.08 -41.52 -69.66
C ALA BB 51 151.64 -42.83 -70.30
N GLN BB 52 151.85 -42.97 -71.60
CA GLN BB 52 151.37 -44.13 -72.34
C GLN BB 52 152.23 -44.42 -73.56
N HIS BB 53 152.37 -45.71 -73.86
CA HIS BB 53 152.78 -46.16 -75.18
C HIS BB 53 151.49 -46.38 -75.95
N LEU BB 54 151.23 -45.49 -76.89
CA LEU BB 54 150.04 -45.53 -77.72
C LEU BB 54 150.17 -46.56 -78.86
N GLY BB 55 151.34 -47.15 -79.03
CA GLY BB 55 151.56 -48.00 -80.17
C GLY BB 55 152.26 -47.28 -81.31
N GLU BB 56 152.63 -48.05 -82.33
CA GLU BB 56 153.44 -47.56 -83.46
C GLU BB 56 154.61 -46.67 -83.05
N ASN BB 57 155.32 -47.13 -82.02
CA ASN BB 57 156.51 -46.48 -81.48
C ASN BB 57 156.27 -45.08 -80.94
N THR BB 58 155.05 -44.80 -80.53
CA THR BB 58 154.75 -43.47 -80.01
C THR BB 58 154.43 -43.48 -78.53
N VAL BB 59 154.96 -42.49 -77.82
CA VAL BB 59 154.63 -42.28 -76.42
C VAL BB 59 153.90 -40.96 -76.19
N ARG BB 60 153.00 -40.97 -75.23
CA ARG BB 60 152.30 -39.76 -74.87
C ARG BB 60 152.82 -39.24 -73.55
N THR BB 61 153.19 -37.96 -73.56
CA THR BB 61 153.79 -37.34 -72.40
C THR BB 61 152.98 -36.18 -71.81
N ILE BB 62 153.26 -35.88 -70.57
CA ILE BB 62 152.71 -34.70 -69.93
C ILE BB 62 153.87 -33.77 -69.58
N ALA BB 63 153.72 -32.50 -69.95
CA ALA BB 63 154.77 -31.52 -69.78
C ALA BB 63 154.95 -31.10 -68.33
N MET BB 64 156.13 -30.56 -68.04
CA MET BB 64 156.45 -30.08 -66.72
C MET BB 64 156.51 -28.55 -66.71
N ASP BB 65 156.37 -27.99 -67.91
CA ASP BB 65 156.37 -26.55 -68.12
C ASP BB 65 155.45 -26.26 -69.30
N GLY BB 66 155.53 -25.05 -69.85
CA GLY BB 66 154.71 -24.68 -71.00
C GLY BB 66 155.17 -25.37 -72.27
N THR BB 67 154.33 -25.34 -73.30
CA THR BB 67 154.70 -25.94 -74.56
C THR BB 67 154.62 -24.98 -75.75
N GLU BB 68 154.29 -23.72 -75.50
CA GLU BB 68 154.34 -22.68 -76.54
C GLU BB 68 155.65 -22.81 -77.31
N GLY BB 69 155.58 -22.67 -78.63
CA GLY BB 69 156.78 -22.69 -79.45
C GLY BB 69 157.30 -24.04 -79.87
N LEU BB 70 156.77 -25.12 -79.31
CA LEU BB 70 157.15 -26.43 -79.80
C LEU BB 70 156.74 -26.57 -81.24
N VAL BB 71 157.67 -27.08 -82.04
CA VAL BB 71 157.42 -27.36 -83.45
C VAL BB 71 157.42 -28.87 -83.62
N ARG BB 72 156.53 -29.39 -84.48
CA ARG BB 72 156.51 -30.83 -84.73
C ARG BB 72 157.81 -31.31 -85.37
N GLY BB 73 158.30 -32.45 -84.89
CA GLY BB 73 159.53 -33.05 -85.39
C GLY BB 73 160.77 -32.59 -84.66
N GLU BB 74 160.60 -32.17 -83.42
CA GLU BB 74 161.72 -31.65 -82.64
C GLU BB 74 162.44 -32.72 -81.83
N LYS BB 75 163.75 -32.52 -81.64
CA LYS BB 75 164.59 -33.46 -80.92
C LYS BB 75 164.09 -33.65 -79.49
N VAL BB 76 164.05 -34.89 -79.04
CA VAL BB 76 163.66 -35.21 -77.69
C VAL BB 76 164.60 -36.29 -77.14
N LEU BB 77 165.29 -35.98 -76.06
CA LEU BB 77 166.25 -36.91 -75.45
C LEU BB 77 165.60 -37.70 -74.33
N ASP BB 78 165.91 -38.99 -74.26
CA ASP BB 78 165.46 -39.82 -73.14
C ASP BB 78 166.53 -39.79 -72.04
N THR BB 79 166.12 -39.48 -70.81
CA THR BB 79 167.06 -39.48 -69.66
C THR BB 79 167.38 -40.91 -69.20
N GLY BB 80 166.57 -41.87 -69.66
CA GLY BB 80 166.74 -43.27 -69.30
C GLY BB 80 166.35 -43.56 -67.85
N GLY BB 81 165.50 -42.70 -67.29
CA GLY BB 81 165.03 -42.85 -65.93
C GLY BB 81 163.80 -42.00 -65.69
N PRO BB 82 163.25 -42.06 -64.48
CA PRO BB 82 162.25 -41.09 -64.03
C PRO BB 82 162.92 -39.74 -63.73
N ILE BB 83 162.11 -38.72 -63.45
CA ILE BB 83 162.61 -37.45 -62.98
C ILE BB 83 163.35 -37.71 -61.67
N SER BB 84 164.55 -37.14 -61.56
CA SER BB 84 165.41 -37.38 -60.40
C SER BB 84 165.82 -36.09 -59.70
N VAL BB 85 165.98 -36.15 -58.39
CA VAL BB 85 166.38 -34.98 -57.62
C VAL BB 85 167.73 -35.17 -56.96
N PRO BB 86 168.45 -34.06 -56.73
CA PRO BB 86 169.57 -34.11 -55.82
C PRO BB 86 169.08 -34.52 -54.44
N VAL BB 87 169.87 -35.31 -53.73
CA VAL BB 87 169.54 -35.76 -52.39
C VAL BB 87 170.72 -35.54 -51.46
N GLY BB 88 170.52 -35.76 -50.16
CA GLY BB 88 171.59 -35.60 -49.18
C GLY BB 88 171.70 -34.19 -48.62
N ARG BB 89 172.76 -33.94 -47.85
CA ARG BB 89 172.92 -32.68 -47.12
C ARG BB 89 172.93 -31.41 -47.99
N GLU BB 90 173.38 -31.58 -49.24
CA GLU BB 90 173.62 -30.48 -50.18
C GLU BB 90 172.36 -29.73 -50.61
N THR BB 91 171.21 -30.26 -50.22
CA THR BB 91 169.92 -29.68 -50.58
C THR BB 91 169.33 -28.79 -49.48
N LEU BB 92 169.95 -28.74 -48.32
CA LEU BB 92 169.43 -27.96 -47.19
C LEU BB 92 169.70 -26.48 -47.36
N GLY BB 93 168.64 -25.65 -47.25
CA GLY BB 93 168.73 -24.22 -47.52
C GLY BB 93 168.64 -23.89 -49.00
N ARG BB 94 168.36 -24.91 -49.79
CA ARG BB 94 168.20 -24.71 -51.21
C ARG BB 94 166.73 -24.69 -51.60
N ILE BB 95 166.43 -23.95 -52.65
CA ILE BB 95 165.12 -24.01 -53.25
C ILE BB 95 165.23 -24.81 -54.55
N ILE BB 96 164.33 -25.77 -54.68
CA ILE BB 96 164.37 -26.75 -55.75
C ILE BB 96 163.00 -26.79 -56.40
N ASN BB 97 162.94 -27.14 -57.67
CA ASN BB 97 161.66 -27.37 -58.28
C ASN BB 97 161.43 -28.83 -58.67
N VAL BB 98 160.21 -29.09 -59.14
CA VAL BB 98 159.71 -30.41 -59.53
C VAL BB 98 160.74 -31.28 -60.25
N ILE BB 99 161.49 -30.70 -61.20
CA ILE BB 99 162.51 -31.43 -61.96
C ILE BB 99 163.93 -31.30 -61.39
N GLY BB 100 164.02 -31.17 -60.06
CA GLY BB 100 165.28 -31.22 -59.32
C GLY BB 100 166.30 -30.14 -59.65
N GLU BB 101 165.81 -28.95 -59.99
CA GLU BB 101 166.68 -27.85 -60.36
C GLU BB 101 166.74 -26.76 -59.30
N PRO BB 102 167.94 -26.17 -59.10
CA PRO BB 102 167.97 -25.01 -58.22
C PRO BB 102 167.13 -23.88 -58.81
N ILE BB 103 166.25 -23.31 -57.99
CA ILE BB 103 165.53 -22.10 -58.42
C ILE BB 103 165.80 -20.89 -57.49
N ASP BB 104 166.81 -21.00 -56.63
CA ASP BB 104 167.19 -19.93 -55.71
C ASP BB 104 168.44 -19.13 -56.16
N GLU BB 105 168.87 -19.37 -57.40
CA GLU BB 105 170.02 -18.67 -57.99
C GLU BB 105 171.26 -18.67 -57.10
N ARG BB 106 171.65 -19.86 -56.63
CA ARG BB 106 172.85 -20.04 -55.81
C ARG BB 106 173.61 -21.25 -56.32
N GLY BB 107 173.71 -21.37 -57.64
CA GLY BB 107 174.46 -22.45 -58.28
C GLY BB 107 173.67 -23.75 -58.42
N PRO BB 108 174.31 -24.81 -58.94
CA PRO BB 108 173.63 -26.11 -58.90
C PRO BB 108 173.77 -26.70 -57.52
N ILE BB 109 172.79 -27.49 -57.10
CA ILE BB 109 172.97 -28.28 -55.90
C ILE BB 109 173.99 -29.33 -56.30
N LYS BB 110 175.11 -29.41 -55.59
CA LYS BB 110 176.13 -30.40 -55.93
C LYS BB 110 175.98 -31.64 -55.06
N SER BB 111 174.96 -32.42 -55.36
CA SER BB 111 174.67 -33.66 -54.63
C SER BB 111 175.62 -34.77 -55.06
N LYS BB 112 175.71 -35.82 -54.23
CA LYS BB 112 176.56 -36.97 -54.54
C LYS BB 112 175.80 -38.03 -55.32
N LEU BB 113 174.48 -38.08 -55.12
CA LEU BB 113 173.60 -38.94 -55.90
C LEU BB 113 172.47 -38.17 -56.58
N ARG BB 114 171.60 -38.91 -57.25
CA ARG BB 114 170.29 -38.43 -57.68
C ARG BB 114 169.31 -39.61 -57.66
N LYS BB 115 168.06 -39.34 -57.33
CA LYS BB 115 167.11 -40.42 -57.11
C LYS BB 115 165.77 -40.13 -57.80
N PRO BB 116 165.21 -41.14 -58.50
CA PRO BB 116 163.91 -41.05 -59.16
C PRO BB 116 162.78 -40.67 -58.20
N ILE BB 117 161.96 -39.72 -58.64
CA ILE BB 117 160.85 -39.24 -57.82
C ILE BB 117 159.74 -40.29 -57.62
N HIS BB 118 159.72 -41.30 -58.50
CA HIS BB 118 158.83 -42.45 -58.35
C HIS BB 118 159.60 -43.61 -57.73
N ALA BB 119 159.07 -44.15 -56.63
CA ALA BB 119 159.72 -45.25 -55.90
C ALA BB 119 158.73 -46.18 -55.19
N ASP BB 120 159.27 -47.28 -54.66
CA ASP BB 120 158.48 -48.31 -54.01
C ASP BB 120 158.34 -48.10 -52.52
N PRO BB 121 157.09 -48.09 -52.03
CA PRO BB 121 156.81 -48.03 -50.61
C PRO BB 121 157.45 -49.21 -49.91
N PRO BB 122 158.01 -49.00 -48.70
CA PRO BB 122 158.71 -50.06 -47.92
C PRO BB 122 157.83 -51.28 -47.71
N SER BB 123 158.27 -52.41 -48.26
CA SER BB 123 157.52 -53.67 -48.27
C SER BB 123 156.90 -54.03 -46.90
N PHE BB 124 155.99 -55.00 -46.90
CA PHE BB 124 155.35 -55.46 -45.66
C PHE BB 124 156.35 -56.03 -44.66
N ALA BB 125 157.50 -56.48 -45.16
CA ALA BB 125 158.61 -56.87 -44.31
C ALA BB 125 159.14 -55.68 -43.51
N GLU BB 126 159.62 -54.65 -44.21
CA GLU BB 126 160.28 -53.49 -43.57
C GLU BB 126 159.40 -52.66 -42.65
N GLN BB 127 158.23 -53.20 -42.31
CA GLN BB 127 157.22 -52.50 -41.52
C GLN BB 127 157.49 -52.40 -40.02
N SER BB 128 157.02 -51.30 -39.46
CA SER BB 128 156.99 -51.07 -38.03
C SER BB 128 155.85 -51.92 -37.45
N THR BB 129 156.15 -52.79 -36.49
CA THR BB 129 155.09 -53.59 -35.84
C THR BB 129 154.27 -52.82 -34.78
N SER BB 130 154.89 -51.79 -34.19
CA SER BB 130 154.24 -50.96 -33.16
C SER BB 130 154.06 -49.51 -33.61
N ALA BB 131 152.90 -48.94 -33.29
CA ALA BB 131 152.71 -47.49 -33.40
C ALA BB 131 153.55 -46.84 -32.30
N GLU BB 132 153.98 -45.59 -32.55
CA GLU BB 132 154.85 -44.87 -31.60
C GLU BB 132 154.72 -43.36 -31.71
N ILE BB 133 154.76 -42.69 -30.56
CA ILE BB 133 154.64 -41.25 -30.53
C ILE BB 133 155.95 -40.61 -30.92
N LEU BB 134 155.84 -39.60 -31.77
CA LEU BB 134 156.93 -38.69 -32.03
C LEU BB 134 156.74 -37.49 -31.10
N GLU BB 135 157.78 -37.23 -30.31
CA GLU BB 135 157.83 -36.08 -29.44
C GLU BB 135 158.04 -34.83 -30.31
N THR BB 136 157.25 -33.78 -30.05
CA THR BB 136 157.35 -32.51 -30.78
C THR BB 136 157.83 -31.36 -29.88
N GLY BB 137 157.64 -31.51 -28.58
CA GLY BB 137 158.05 -30.50 -27.61
C GLY BB 137 156.97 -29.48 -27.34
N ILE BB 138 155.91 -29.51 -28.14
CA ILE BB 138 154.77 -28.62 -27.95
C ILE BB 138 153.79 -29.27 -26.98
N LYS BB 139 153.45 -28.54 -25.92
CA LYS BB 139 152.61 -29.07 -24.87
C LYS BB 139 151.28 -29.56 -25.42
N VAL BB 140 150.52 -28.64 -26.05
CA VAL BB 140 149.22 -28.96 -26.63
C VAL BB 140 149.29 -30.27 -27.39
N VAL BB 141 150.16 -30.29 -28.41
CA VAL BB 141 150.37 -31.43 -29.28
C VAL BB 141 150.61 -32.71 -28.47
N ASP BB 142 151.77 -32.80 -27.83
CA ASP BB 142 152.19 -34.01 -27.13
C ASP BB 142 151.16 -34.54 -26.12
N LEU BB 143 150.51 -33.61 -25.40
CA LEU BB 143 149.56 -33.93 -24.33
C LEU BB 143 148.19 -34.37 -24.84
N LEU BB 144 147.71 -33.70 -25.89
CA LEU BB 144 146.34 -33.86 -26.41
C LEU BB 144 146.27 -34.55 -27.77
N ALA BB 145 147.04 -34.06 -28.73
CA ALA BB 145 147.05 -34.64 -30.07
C ALA BB 145 148.44 -35.16 -30.49
N PRO BB 146 149.01 -36.13 -29.73
CA PRO BB 146 150.40 -36.58 -29.98
C PRO BB 146 150.62 -37.16 -31.37
N TYR BB 147 151.80 -36.92 -31.93
CA TYR BB 147 152.09 -37.29 -33.31
C TYR BB 147 152.58 -38.72 -33.43
N ALA BB 148 152.15 -39.37 -34.49
CA ALA BB 148 152.68 -40.67 -34.87
C ALA BB 148 154.14 -40.52 -35.30
N ARG BB 149 154.99 -41.48 -34.94
CA ARG BB 149 156.34 -41.51 -35.49
C ARG BB 149 156.28 -42.25 -36.80
N GLY BB 150 156.57 -41.54 -37.88
CA GLY BB 150 156.37 -42.04 -39.22
C GLY BB 150 154.90 -41.98 -39.57
N GLY BB 151 154.16 -41.18 -38.84
CA GLY BB 151 152.72 -41.00 -39.06
C GLY BB 151 152.41 -39.80 -39.94
N LYS BB 152 151.12 -39.54 -40.17
CA LYS BB 152 150.66 -38.41 -40.98
C LYS BB 152 149.65 -37.52 -40.27
N ILE BB 153 149.96 -36.24 -40.15
CA ILE BB 153 149.16 -35.31 -39.38
C ILE BB 153 148.50 -34.25 -40.27
N GLY BB 154 147.19 -34.23 -40.25
CA GLY BB 154 146.42 -33.26 -41.02
C GLY BB 154 146.43 -31.96 -40.28
N LEU BB 155 147.05 -30.95 -40.88
CA LEU BB 155 147.12 -29.63 -40.29
C LEU BB 155 146.03 -28.72 -40.88
N PHE BB 156 145.20 -28.14 -40.02
CA PHE BB 156 144.04 -27.37 -40.44
C PHE BB 156 144.10 -25.91 -40.01
N GLY BB 157 143.54 -25.04 -40.85
CA GLY BB 157 143.55 -23.59 -40.61
C GLY BB 157 144.26 -22.78 -41.67
N GLY BB 158 143.70 -21.61 -41.98
CA GLY BB 158 144.28 -20.74 -43.00
C GLY BB 158 145.35 -19.82 -42.42
N ALA BB 159 145.16 -18.53 -42.63
CA ALA BB 159 146.08 -17.51 -42.14
C ALA BB 159 145.62 -16.94 -40.80
N GLY BB 160 146.39 -16.01 -40.25
CA GLY BB 160 146.07 -15.35 -39.00
C GLY BB 160 146.23 -16.26 -37.79
N VAL BB 161 146.84 -17.41 -37.99
CA VAL BB 161 146.94 -18.43 -36.95
C VAL BB 161 148.38 -18.94 -36.77
N GLY BB 162 149.33 -18.25 -37.38
CA GLY BB 162 150.77 -18.50 -37.19
C GLY BB 162 151.24 -19.85 -37.68
N LYS BB 163 150.53 -20.35 -38.69
CA LYS BB 163 150.80 -21.65 -39.30
C LYS BB 163 152.29 -21.86 -39.56
N THR BB 164 152.92 -20.91 -40.23
CA THR BB 164 154.32 -21.05 -40.66
C THR BB 164 155.28 -21.00 -39.50
N VAL BB 165 154.96 -20.16 -38.51
CA VAL BB 165 155.75 -20.11 -37.27
C VAL BB 165 155.74 -21.48 -36.59
N PHE BB 166 154.55 -22.04 -36.44
CA PHE BB 166 154.33 -23.36 -35.88
C PHE BB 166 155.07 -24.45 -36.66
N ILE BB 167 154.98 -24.40 -37.99
CA ILE BB 167 155.71 -25.32 -38.86
C ILE BB 167 157.21 -25.22 -38.58
N GLN BB 168 157.74 -24.00 -38.63
CA GLN BB 168 159.14 -23.75 -38.30
C GLN BB 168 159.54 -24.28 -36.91
N GLU BB 169 158.64 -24.14 -35.94
CA GLU BB 169 158.88 -24.68 -34.60
C GLU BB 169 159.14 -26.17 -34.64
N LEU BB 170 158.31 -26.90 -35.37
CA LEU BB 170 158.47 -28.34 -35.50
C LEU BB 170 159.74 -28.73 -36.24
N ILE BB 171 160.10 -27.96 -37.26
CA ILE BB 171 161.34 -28.19 -38.02
C ILE BB 171 162.52 -28.02 -37.06
N ASN BB 172 162.48 -26.94 -36.28
CA ASN BB 172 163.49 -26.69 -35.27
C ASN BB 172 163.52 -27.79 -34.21
N ASN BB 173 162.35 -28.08 -33.63
CA ASN BB 173 162.23 -29.06 -32.55
C ASN BB 173 162.51 -30.51 -32.95
N ILE BB 174 162.17 -30.88 -34.17
CA ILE BB 174 162.51 -32.20 -34.67
C ILE BB 174 164.00 -32.30 -34.91
N ALA BB 175 164.61 -31.19 -35.31
CA ALA BB 175 166.06 -31.13 -35.47
C ALA BB 175 166.79 -31.11 -34.13
N LYS BB 176 166.32 -30.25 -33.22
CA LYS BB 176 166.98 -30.01 -31.94
C LYS BB 176 166.80 -31.16 -30.97
N ALA BB 177 165.55 -31.57 -30.74
CA ALA BB 177 165.26 -32.61 -29.75
C ALA BB 177 165.63 -34.01 -30.25
N HIS BB 178 165.12 -34.38 -31.42
CA HIS BB 178 165.46 -35.67 -31.99
C HIS BB 178 166.85 -35.61 -32.64
N GLY BB 179 166.94 -34.91 -33.78
CA GLY BB 179 168.15 -34.87 -34.58
C GLY BB 179 167.92 -35.36 -36.00
N GLY BB 180 166.86 -34.84 -36.60
CA GLY BB 180 166.50 -35.17 -37.97
C GLY BB 180 166.08 -33.91 -38.72
N PHE BB 181 166.31 -33.90 -40.03
CA PHE BB 181 166.00 -32.73 -40.85
C PHE BB 181 164.52 -32.64 -41.24
N SER BB 182 164.18 -31.60 -41.98
CA SER BB 182 162.82 -31.41 -42.50
C SER BB 182 162.82 -30.99 -43.97
N VAL BB 183 161.79 -31.38 -44.70
CA VAL BB 183 161.62 -31.01 -46.10
C VAL BB 183 160.26 -30.36 -46.22
N PHE BB 184 160.25 -29.08 -46.58
CA PHE BB 184 159.00 -28.41 -46.79
C PHE BB 184 158.65 -28.39 -48.27
N THR BB 185 157.52 -29.00 -48.62
CA THR BB 185 157.09 -29.03 -50.00
C THR BB 185 155.88 -28.13 -50.22
N GLY BB 186 156.02 -27.23 -51.19
CA GLY BB 186 154.93 -26.33 -51.60
C GLY BB 186 154.19 -26.79 -52.84
N VAL BB 187 153.06 -27.45 -52.62
CA VAL BB 187 152.25 -28.00 -53.70
C VAL BB 187 151.09 -27.05 -54.05
N GLY BB 188 151.15 -26.45 -55.24
CA GLY BB 188 150.13 -25.50 -55.67
C GLY BB 188 150.31 -24.18 -55.00
N GLU BB 189 151.54 -23.95 -54.54
CA GLU BB 189 151.98 -22.72 -53.91
C GLU BB 189 151.39 -21.45 -54.54
N ARG BB 190 150.95 -20.53 -53.70
CA ARG BB 190 150.88 -19.13 -54.07
C ARG BB 190 152.29 -18.56 -53.95
N THR BB 191 152.82 -18.04 -55.05
CA THR BB 191 154.21 -17.59 -55.11
C THR BB 191 154.54 -16.53 -54.06
N ARG BB 192 153.64 -15.57 -53.87
CA ARG BB 192 153.81 -14.60 -52.79
C ARG BB 192 154.26 -15.30 -51.52
N GLU BB 193 153.50 -16.29 -51.07
CA GLU BB 193 153.81 -17.03 -49.84
C GLU BB 193 155.12 -17.83 -49.86
N GLY BB 194 155.57 -18.21 -51.05
CA GLY BB 194 156.88 -18.82 -51.22
C GLY BB 194 158.00 -17.84 -50.92
N ASN BB 195 157.80 -16.59 -51.34
CA ASN BB 195 158.76 -15.52 -51.09
C ASN BB 195 158.75 -15.13 -49.62
N ASP BB 196 157.55 -15.21 -49.02
CA ASP BB 196 157.41 -14.90 -47.61
C ASP BB 196 158.11 -15.98 -46.82
N LEU BB 197 157.62 -17.21 -46.98
CA LEU BB 197 158.19 -18.34 -46.29
C LEU BB 197 159.70 -18.27 -46.35
N TYR BB 198 160.24 -18.29 -47.56
CA TYR BB 198 161.70 -18.28 -47.76
C TYR BB 198 162.41 -17.18 -46.99
N ARG BB 199 161.81 -16.00 -46.97
CA ARG BB 199 162.40 -14.90 -46.22
C ARG BB 199 162.22 -15.14 -44.74
N GLU BB 200 161.01 -15.48 -44.34
CA GLU BB 200 160.70 -15.70 -42.93
C GLU BB 200 161.59 -16.78 -42.31
N MET BB 201 161.92 -17.79 -43.09
CA MET BB 201 162.77 -18.89 -42.66
C MET BB 201 164.19 -18.43 -42.42
N LYS BB 202 164.73 -17.67 -43.36
CA LYS BB 202 166.03 -17.01 -43.19
C LYS BB 202 165.99 -16.13 -41.95
N GLU BB 203 164.96 -15.28 -41.86
CA GLU BB 203 164.79 -14.39 -40.70
C GLU BB 203 164.73 -15.14 -39.38
N THR BB 204 164.17 -16.35 -39.39
CA THR BB 204 164.10 -17.18 -38.19
C THR BB 204 165.33 -18.07 -38.04
N GLY BB 205 166.14 -18.10 -39.09
CA GLY BB 205 167.40 -18.84 -39.08
C GLY BB 205 167.28 -20.34 -39.01
N VAL BB 206 166.16 -20.88 -39.45
CA VAL BB 206 166.04 -22.34 -39.66
C VAL BB 206 166.79 -22.65 -40.94
N ILE BB 207 166.78 -21.67 -41.84
CA ILE BB 207 167.70 -21.60 -42.97
C ILE BB 207 168.86 -20.71 -42.55
N ASN BB 208 170.06 -21.16 -42.86
CA ASN BB 208 171.27 -20.45 -42.51
C ASN BB 208 172.25 -20.47 -43.68
N LEU BB 209 172.14 -19.45 -44.52
CA LEU BB 209 172.98 -19.30 -45.70
C LEU BB 209 174.46 -19.41 -45.33
N GLU BB 210 174.81 -18.86 -44.18
CA GLU BB 210 176.20 -18.82 -43.70
C GLU BB 210 176.63 -20.11 -42.98
N GLY BB 211 175.80 -20.54 -42.03
CA GLY BB 211 176.00 -21.80 -41.30
C GLY BB 211 175.22 -22.95 -41.93
N GLU BB 212 174.37 -23.61 -41.15
CA GLU BB 212 173.62 -24.78 -41.63
C GLU BB 212 172.12 -24.63 -41.54
N SER BB 213 171.43 -25.17 -42.53
CA SER BB 213 169.97 -25.22 -42.54
C SER BB 213 169.46 -26.50 -41.87
N LYS BB 214 168.16 -26.53 -41.56
CA LYS BB 214 167.52 -27.71 -41.00
C LYS BB 214 166.43 -28.23 -41.97
N VAL BB 215 166.27 -27.52 -43.09
CA VAL BB 215 165.12 -27.75 -43.99
C VAL BB 215 165.45 -27.52 -45.47
N ALA BB 216 165.02 -28.46 -46.30
CA ALA BB 216 165.13 -28.31 -47.76
C ALA BB 216 163.79 -27.88 -48.31
N LEU BB 217 163.81 -26.94 -49.25
CA LEU BB 217 162.59 -26.37 -49.80
C LEU BB 217 162.34 -26.78 -51.23
N VAL BB 218 161.17 -27.37 -51.48
CA VAL BB 218 160.79 -27.85 -52.80
C VAL BB 218 159.46 -27.24 -53.19
N PHE BB 219 159.52 -26.20 -54.01
CA PHE BB 219 158.30 -25.49 -54.40
C PHE BB 219 157.77 -25.88 -55.78
N GLY BB 220 156.44 -25.91 -55.88
CA GLY BB 220 155.73 -26.19 -57.13
C GLY BB 220 154.46 -25.37 -57.23
N GLN BB 221 154.60 -24.13 -57.67
CA GLN BB 221 153.54 -23.12 -57.55
C GLN BB 221 152.38 -23.28 -58.53
N MET BB 222 151.30 -22.54 -58.28
CA MET BB 222 150.06 -22.52 -59.07
C MET BB 222 150.24 -22.34 -60.55
N ASN BB 223 151.05 -21.35 -60.90
CA ASN BB 223 151.32 -21.00 -62.29
C ASN BB 223 151.91 -22.17 -63.12
N GLU BB 224 152.63 -23.08 -62.46
CA GLU BB 224 153.15 -24.29 -63.12
C GLU BB 224 152.03 -25.22 -63.63
N PRO BB 225 152.27 -25.96 -64.73
CA PRO BB 225 151.21 -26.76 -65.35
C PRO BB 225 150.95 -28.09 -64.62
N PRO BB 226 149.76 -28.72 -64.86
CA PRO BB 226 149.21 -29.76 -63.98
C PRO BB 226 150.16 -30.91 -63.63
N GLY BB 227 151.02 -31.28 -64.60
CA GLY BB 227 152.04 -32.33 -64.41
C GLY BB 227 153.02 -31.97 -63.30
N ALA BB 228 153.55 -30.76 -63.40
CA ALA BB 228 154.45 -30.20 -62.39
C ALA BB 228 153.83 -30.31 -61.00
N ARG BB 229 152.62 -29.78 -60.86
CA ARG BB 229 151.94 -29.74 -59.58
C ARG BB 229 151.62 -31.10 -59.02
N ALA BB 230 151.47 -32.10 -59.88
CA ALA BB 230 151.26 -33.47 -59.40
C ALA BB 230 152.54 -34.09 -58.80
N ARG BB 231 153.68 -33.84 -59.43
CA ARG BB 231 154.90 -34.55 -59.07
C ARG BB 231 155.68 -33.95 -57.91
N VAL BB 232 155.55 -32.64 -57.69
CA VAL BB 232 156.33 -32.00 -56.64
C VAL BB 232 156.29 -32.70 -55.29
N ALA BB 233 155.12 -33.18 -54.90
CA ALA BB 233 155.00 -33.92 -53.65
C ALA BB 233 156.02 -35.06 -53.60
N LEU BB 234 156.14 -35.79 -54.70
CA LEU BB 234 157.11 -36.88 -54.81
C LEU BB 234 158.54 -36.35 -54.84
N THR BB 235 158.73 -35.28 -55.62
CA THR BB 235 160.02 -34.59 -55.70
C THR BB 235 160.56 -34.39 -54.28
N GLY BB 236 159.79 -33.71 -53.43
CA GLY BB 236 160.17 -33.50 -52.04
C GLY BB 236 160.28 -34.79 -51.23
N LEU BB 237 159.25 -35.62 -51.30
CA LEU BB 237 159.22 -36.88 -50.57
C LEU BB 237 160.48 -37.71 -50.81
N THR BB 238 160.89 -37.80 -52.07
CA THR BB 238 162.12 -38.48 -52.43
C THR BB 238 163.25 -37.94 -51.59
N ILE BB 239 163.44 -36.62 -51.59
CA ILE BB 239 164.49 -36.00 -50.78
C ILE BB 239 164.43 -36.41 -49.31
N ALA BB 240 163.23 -36.39 -48.72
CA ALA BB 240 163.05 -36.78 -47.33
C ALA BB 240 163.38 -38.25 -47.09
N GLU BB 241 163.03 -39.09 -48.05
CA GLU BB 241 163.23 -40.55 -47.99
C GLU BB 241 164.70 -40.93 -48.02
N TYR BB 242 165.54 -39.99 -48.42
CA TYR BB 242 166.97 -40.25 -48.42
C TYR BB 242 167.51 -40.16 -47.00
N PHE BB 243 167.01 -39.20 -46.23
CA PHE BB 243 167.47 -38.99 -44.86
C PHE BB 243 167.01 -40.06 -43.86
N ARG BB 244 166.04 -40.87 -44.27
CA ARG BB 244 165.51 -41.98 -43.46
C ARG BB 244 166.22 -43.30 -43.77
N ASP BB 245 166.70 -43.43 -45.00
CA ASP BB 245 167.29 -44.67 -45.47
C ASP BB 245 168.81 -44.60 -45.49
N GLU BB 246 169.35 -43.51 -46.01
CA GLU BB 246 170.79 -43.32 -46.04
C GLU BB 246 171.33 -42.94 -44.67
N GLU BB 247 170.69 -41.98 -44.02
CA GLU BB 247 171.20 -41.43 -42.78
C GLU BB 247 170.38 -41.85 -41.57
N GLY BB 248 169.41 -42.74 -41.80
CA GLY BB 248 168.56 -43.33 -40.76
C GLY BB 248 168.03 -42.36 -39.71
N GLN BB 249 167.26 -41.38 -40.16
CA GLN BB 249 166.79 -40.31 -39.26
C GLN BB 249 165.28 -40.33 -39.07
N ASP BB 250 164.81 -39.39 -38.24
CA ASP BB 250 163.38 -39.17 -38.05
C ASP BB 250 163.00 -37.82 -38.67
N VAL BB 251 162.71 -37.84 -39.97
CA VAL BB 251 162.59 -36.64 -40.80
C VAL BB 251 161.17 -36.10 -40.85
N LEU BB 252 161.07 -34.78 -40.94
CA LEU BB 252 159.78 -34.14 -41.20
C LEU BB 252 159.60 -33.76 -42.65
N LEU BB 253 158.53 -34.26 -43.24
CA LEU BB 253 158.14 -33.88 -44.59
C LEU BB 253 156.85 -33.08 -44.53
N PHE BB 254 156.91 -31.83 -44.95
CA PHE BB 254 155.72 -30.98 -44.97
C PHE BB 254 155.13 -30.89 -46.35
N ILE BB 255 153.80 -30.94 -46.39
CA ILE BB 255 153.10 -30.87 -47.65
C ILE BB 255 152.01 -29.82 -47.57
N ASP BB 256 152.20 -28.76 -48.33
CA ASP BB 256 151.25 -27.68 -48.37
C ASP BB 256 151.01 -27.31 -49.83
N ASN BB 257 149.86 -27.68 -50.37
CA ASN BB 257 148.75 -28.31 -49.64
C ASN BB 257 148.33 -29.64 -50.27
N ILE BB 258 148.31 -30.71 -49.47
CA ILE BB 258 147.95 -32.06 -49.96
C ILE BB 258 146.67 -32.10 -50.81
N PHE BB 259 145.74 -31.17 -50.55
CA PHE BB 259 144.55 -31.09 -51.38
C PHE BB 259 144.89 -30.71 -52.81
N ARG BB 260 145.69 -29.67 -52.99
CA ARG BB 260 145.99 -29.19 -54.34
C ARG BB 260 146.80 -30.19 -55.15
N PHE BB 261 147.45 -31.11 -54.45
CA PHE BB 261 148.07 -32.29 -55.07
C PHE BB 261 146.95 -33.11 -55.71
N THR BB 262 145.93 -33.43 -54.91
CA THR BB 262 144.73 -34.06 -55.41
C THR BB 262 144.20 -33.33 -56.65
N GLN BB 263 143.71 -32.10 -56.45
CA GLN BB 263 143.32 -31.23 -57.56
C GLN BB 263 144.14 -31.40 -58.83
N ALA BB 264 145.46 -31.31 -58.69
CA ALA BB 264 146.36 -31.38 -59.83
C ALA BB 264 146.22 -32.72 -60.53
N GLY BB 265 146.25 -33.78 -59.73
CA GLY BB 265 146.08 -35.15 -60.23
C GLY BB 265 144.80 -35.32 -61.02
N SER BB 266 143.82 -34.46 -60.75
CA SER BB 266 142.56 -34.51 -61.47
C SER BB 266 142.73 -33.89 -62.85
N GLU BB 267 143.42 -32.77 -62.88
CA GLU BB 267 143.60 -32.08 -64.14
C GLU BB 267 144.38 -32.99 -65.10
N VAL BB 268 145.40 -33.65 -64.59
CA VAL BB 268 146.21 -34.56 -65.39
C VAL BB 268 145.31 -35.62 -66.03
N SER BB 269 144.36 -36.13 -65.25
CA SER BB 269 143.47 -37.17 -65.70
C SER BB 269 142.57 -36.68 -66.80
N ALA BB 270 142.09 -35.45 -66.68
CA ALA BB 270 141.16 -34.86 -67.65
C ALA BB 270 141.89 -34.62 -68.98
N LEU BB 271 143.06 -34.02 -68.89
CA LEU BB 271 143.91 -33.78 -70.05
C LEU BB 271 144.32 -35.07 -70.74
N LEU BB 272 144.63 -36.10 -69.95
CA LEU BB 272 144.92 -37.42 -70.50
C LEU BB 272 143.68 -38.06 -71.09
N GLY BB 273 142.54 -37.38 -70.99
CA GLY BB 273 141.31 -37.79 -71.64
C GLY BB 273 140.63 -38.98 -71.01
N ARG BB 274 140.97 -39.29 -69.77
CA ARG BB 274 140.33 -40.38 -69.03
C ARG BB 274 138.95 -39.95 -68.46
N ILE BB 275 138.02 -40.90 -68.33
CA ILE BB 275 136.70 -40.56 -67.77
C ILE BB 275 136.78 -40.16 -66.28
N PRO BB 276 136.27 -38.95 -65.93
CA PRO BB 276 136.21 -38.53 -64.53
C PRO BB 276 135.48 -39.56 -63.69
N SER BB 277 135.89 -39.73 -62.44
CA SER BB 277 135.15 -40.54 -61.48
C SER BB 277 133.96 -39.76 -60.86
N ALA BB 278 133.58 -40.15 -59.65
CA ALA BB 278 132.52 -39.47 -58.90
C ALA BB 278 132.96 -38.08 -58.51
N VAL BB 279 132.05 -37.11 -58.69
CA VAL BB 279 132.32 -35.70 -58.38
C VAL BB 279 133.51 -35.21 -59.19
N GLY BB 280 133.64 -35.70 -60.41
CA GLY BB 280 134.70 -35.28 -61.33
C GLY BB 280 136.15 -35.62 -60.96
N TYR BB 281 136.38 -36.34 -59.86
CA TYR BB 281 137.76 -36.68 -59.51
C TYR BB 281 138.37 -37.70 -60.47
N GLN BB 282 139.69 -37.83 -60.42
CA GLN BB 282 140.36 -38.88 -61.17
C GLN BB 282 139.88 -40.26 -60.70
N PRO BB 283 139.55 -41.14 -61.67
CA PRO BB 283 139.24 -42.52 -61.36
C PRO BB 283 140.37 -43.16 -60.52
N THR BB 284 141.58 -42.63 -60.68
CA THR BB 284 142.81 -43.15 -60.03
C THR BB 284 143.03 -42.70 -58.56
N LEU BB 285 142.18 -41.77 -58.10
CA LEU BB 285 142.32 -41.00 -56.84
C LEU BB 285 142.83 -41.76 -55.60
N ALA BB 286 142.24 -42.92 -55.29
CA ALA BB 286 142.71 -43.75 -54.17
C ALA BB 286 144.18 -44.18 -54.29
N THR BB 287 144.49 -44.97 -55.32
CA THR BB 287 145.85 -45.45 -55.57
C THR BB 287 146.88 -44.31 -55.70
N ASP BB 288 146.44 -43.18 -56.25
CA ASP BB 288 147.32 -42.02 -56.39
C ASP BB 288 147.80 -41.54 -55.03
N MET BB 289 146.86 -41.44 -54.10
CA MET BB 289 147.14 -41.10 -52.71
C MET BB 289 148.03 -42.16 -52.10
N GLY BB 290 147.63 -43.43 -52.29
CA GLY BB 290 148.35 -44.58 -51.76
C GLY BB 290 149.82 -44.50 -52.10
N LEU BB 291 150.11 -44.50 -53.39
CA LEU BB 291 151.48 -44.37 -53.88
C LEU BB 291 152.27 -43.30 -53.14
N LEU BB 292 151.65 -42.13 -52.91
CA LEU BB 292 152.30 -41.06 -52.16
C LEU BB 292 152.46 -41.42 -50.67
N GLN BB 293 151.33 -41.57 -49.99
CA GLN BB 293 151.29 -41.79 -48.56
C GLN BB 293 152.06 -43.00 -48.09
N GLU BB 294 152.05 -44.07 -48.88
CA GLU BB 294 152.65 -45.34 -48.46
C GLU BB 294 154.19 -45.31 -48.40
N ARG BB 295 154.79 -44.27 -48.97
CA ARG BB 295 156.23 -44.07 -48.84
C ARG BB 295 156.54 -43.27 -47.56
N ILE BB 296 155.52 -42.60 -47.02
CA ILE BB 296 155.67 -41.82 -45.78
C ILE BB 296 155.36 -42.69 -44.60
N THR BB 297 156.41 -43.15 -43.93
CA THR BB 297 156.24 -44.18 -42.92
C THR BB 297 157.54 -44.50 -42.19
N THR BB 298 157.42 -45.30 -41.12
CA THR BB 298 158.57 -45.80 -40.36
C THR BB 298 159.20 -47.01 -41.04
N THR BB 299 160.52 -47.03 -41.15
CA THR BB 299 161.29 -48.25 -41.45
C THR BB 299 162.17 -48.61 -40.25
N LYS BB 300 162.87 -49.73 -40.35
CA LYS BB 300 163.78 -50.14 -39.29
C LYS BB 300 164.98 -49.18 -39.22
N LYS BB 301 165.26 -48.53 -40.36
CA LYS BB 301 166.35 -47.57 -40.48
C LYS BB 301 165.99 -46.26 -39.79
N GLY BB 302 164.75 -45.82 -39.99
CA GLY BB 302 164.27 -44.56 -39.42
C GLY BB 302 162.80 -44.29 -39.72
N SER BB 303 162.43 -43.02 -39.83
CA SER BB 303 161.04 -42.64 -40.03
C SER BB 303 160.89 -41.31 -40.75
N VAL BB 304 159.83 -41.22 -41.56
CA VAL BB 304 159.40 -39.96 -42.11
C VAL BB 304 158.01 -39.67 -41.58
N THR BB 305 157.91 -38.61 -40.79
CA THR BB 305 156.60 -38.14 -40.34
C THR BB 305 156.21 -36.94 -41.20
N SER BB 306 154.93 -36.84 -41.51
CA SER BB 306 154.45 -35.78 -42.37
C SER BB 306 153.36 -34.90 -41.75
N VAL BB 307 153.54 -33.59 -41.90
CA VAL BB 307 152.49 -32.64 -41.59
C VAL BB 307 151.99 -32.04 -42.88
N GLN BB 308 150.71 -32.27 -43.14
CA GLN BB 308 150.11 -31.95 -44.43
C GLN BB 308 148.93 -31.00 -44.24
N ALA BB 309 149.05 -29.80 -44.82
CA ALA BB 309 147.96 -28.84 -44.79
C ALA BB 309 146.78 -29.41 -45.56
N VAL BB 310 145.60 -29.37 -44.95
CA VAL BB 310 144.41 -29.92 -45.59
C VAL BB 310 143.32 -28.89 -45.72
N TYR BB 311 143.03 -28.55 -46.97
CA TYR BB 311 141.87 -27.75 -47.33
C TYR BB 311 140.68 -28.69 -47.54
N VAL BB 312 139.50 -28.20 -47.21
CA VAL BB 312 138.29 -29.01 -47.28
C VAL BB 312 137.28 -28.33 -48.21
N PRO BB 313 137.07 -28.91 -49.40
CA PRO BB 313 136.21 -28.33 -50.45
C PRO BB 313 134.77 -28.16 -50.03
N ALA BB 314 134.25 -26.95 -50.21
CA ALA BB 314 132.88 -26.56 -49.82
C ALA BB 314 132.48 -26.87 -48.35
N ASP BB 315 133.49 -27.03 -47.49
CA ASP BB 315 133.32 -27.41 -46.09
C ASP BB 315 132.64 -28.76 -45.97
N ASP BB 316 133.00 -29.68 -46.84
CA ASP BB 316 132.31 -30.96 -46.93
C ASP BB 316 133.27 -32.11 -46.66
N LEU BB 317 133.25 -32.60 -45.43
CA LEU BB 317 134.13 -33.71 -45.07
C LEU BB 317 133.84 -35.02 -45.83
N THR BB 318 132.72 -35.06 -46.54
CA THR BB 318 132.35 -36.23 -47.36
C THR BB 318 132.75 -36.15 -48.83
N ASP BB 319 133.29 -35.01 -49.25
CA ASP BB 319 133.80 -34.86 -50.60
C ASP BB 319 134.93 -35.87 -50.78
N PRO BB 320 134.96 -36.58 -51.93
CA PRO BB 320 136.03 -37.56 -52.19
C PRO BB 320 137.41 -37.13 -51.66
N ALA BB 321 137.89 -35.95 -52.02
CA ALA BB 321 139.24 -35.49 -51.63
C ALA BB 321 139.58 -35.69 -50.14
N PRO BB 322 138.86 -34.97 -49.22
CA PRO BB 322 139.24 -35.14 -47.80
C PRO BB 322 138.94 -36.57 -47.31
N ALA BB 323 137.72 -37.03 -47.60
CA ALA BB 323 137.37 -38.43 -47.40
C ALA BB 323 138.60 -39.33 -47.60
N THR BB 324 139.15 -39.32 -48.81
CA THR BB 324 140.22 -40.23 -49.21
C THR BB 324 141.49 -39.90 -48.47
N THR BB 325 141.60 -38.67 -48.02
CA THR BB 325 142.81 -38.24 -47.37
C THR BB 325 142.81 -38.68 -45.92
N PHE BB 326 141.73 -38.36 -45.22
CA PHE BB 326 141.57 -38.78 -43.85
C PHE BB 326 141.89 -40.27 -43.71
N ALA BB 327 141.68 -41.02 -44.79
CA ALA BB 327 141.97 -42.44 -44.79
C ALA BB 327 143.43 -42.76 -44.43
N HIS BB 328 144.29 -41.73 -44.46
CA HIS BB 328 145.71 -41.94 -44.17
C HIS BB 328 146.21 -41.18 -42.93
N LEU BB 329 145.48 -40.15 -42.52
CA LEU BB 329 145.89 -39.33 -41.38
C LEU BB 329 145.77 -40.13 -40.11
N ASP BB 330 146.61 -39.83 -39.13
CA ASP BB 330 146.62 -40.52 -37.81
C ASP BB 330 146.33 -39.53 -36.67
N ALA BB 331 146.45 -38.24 -37.00
CA ALA BB 331 146.22 -37.13 -36.07
C ALA BB 331 145.94 -35.84 -36.85
N THR BB 332 144.95 -35.08 -36.40
CA THR BB 332 144.71 -33.74 -36.95
C THR BB 332 145.23 -32.72 -35.97
N THR BB 333 145.86 -31.67 -36.48
CA THR BB 333 146.17 -30.52 -35.66
C THR BB 333 145.46 -29.31 -36.24
N VAL BB 334 144.45 -28.86 -35.51
CA VAL BB 334 143.59 -27.76 -35.92
C VAL BB 334 143.96 -26.53 -35.12
N LEU BB 335 144.61 -25.57 -35.78
CA LEU BB 335 144.81 -24.25 -35.22
C LEU BB 335 143.50 -23.51 -35.44
N SER BB 336 143.22 -22.50 -34.61
CA SER BB 336 141.92 -21.82 -34.64
C SER BB 336 141.99 -20.32 -34.37
N ARG BB 337 141.14 -19.58 -35.07
CA ARG BB 337 141.00 -18.13 -34.91
C ARG BB 337 140.53 -17.77 -33.50
N GLY BB 338 139.56 -18.53 -33.00
CA GLY BB 338 139.08 -18.37 -31.64
C GLY BB 338 140.18 -18.47 -30.60
N ILE BB 339 141.15 -19.35 -30.85
CA ILE BB 339 142.23 -19.62 -29.90
C ILE BB 339 143.31 -18.53 -29.91
N SER BB 340 143.58 -17.97 -31.09
CA SER BB 340 144.56 -16.89 -31.23
C SER BB 340 143.99 -15.61 -30.63
N GLU BB 341 142.71 -15.38 -30.89
CA GLU BB 341 142.00 -14.21 -30.37
C GLU BB 341 141.99 -14.16 -28.85
N LEU BB 342 141.92 -15.33 -28.21
CA LEU BB 342 142.04 -15.41 -26.76
C LEU BB 342 143.50 -15.25 -26.27
N GLY BB 343 144.40 -14.96 -27.20
CA GLY BB 343 145.81 -14.71 -26.89
C GLY BB 343 146.68 -15.94 -26.76
N ILE BB 344 146.07 -17.11 -26.92
CA ILE BB 344 146.76 -18.40 -26.73
C ILE BB 344 147.62 -18.75 -27.94
N TYR BB 345 148.90 -19.00 -27.69
CA TYR BB 345 149.88 -19.31 -28.74
C TYR BB 345 150.81 -20.47 -28.35
N PRO BB 346 150.89 -21.53 -29.17
CA PRO BB 346 150.25 -21.72 -30.48
C PRO BB 346 148.74 -21.69 -30.41
N ALA BB 347 148.11 -21.37 -31.54
CA ALA BB 347 146.66 -21.22 -31.63
C ALA BB 347 145.92 -22.53 -31.89
N VAL BB 348 146.58 -23.65 -31.55
CA VAL BB 348 146.00 -24.99 -31.56
C VAL BB 348 144.70 -25.00 -30.75
N ASP BB 349 143.63 -25.54 -31.34
CA ASP BB 349 142.44 -25.83 -30.55
C ASP BB 349 142.64 -27.13 -29.77
N PRO BB 350 142.59 -27.03 -28.43
CA PRO BB 350 142.84 -28.16 -27.55
C PRO BB 350 141.79 -29.24 -27.71
N LEU BB 351 140.57 -28.84 -28.05
CA LEU BB 351 139.43 -29.75 -28.14
C LEU BB 351 139.31 -30.45 -29.50
N ASP BB 352 139.56 -29.71 -30.58
CA ASP BB 352 139.41 -30.25 -31.94
C ASP BB 352 140.56 -31.12 -32.40
N SER BB 353 141.77 -30.61 -32.26
CA SER BB 353 142.98 -31.34 -32.63
C SER BB 353 143.04 -32.70 -31.92
N LYS BB 354 142.60 -33.74 -32.63
CA LYS BB 354 142.51 -35.09 -32.08
C LYS BB 354 143.52 -36.04 -32.72
N SER BB 355 144.18 -36.84 -31.87
CA SER BB 355 145.12 -37.85 -32.33
C SER BB 355 144.58 -39.25 -32.13
N ARG BB 356 144.65 -40.04 -33.19
CA ARG BB 356 144.17 -41.41 -33.13
C ARG BB 356 145.27 -42.31 -32.58
N LEU BB 357 146.27 -41.70 -31.94
CA LEU BB 357 147.33 -42.41 -31.25
C LEU BB 357 147.34 -42.10 -29.76
N LEU BB 358 146.31 -41.41 -29.30
CA LEU BB 358 146.07 -41.16 -27.87
C LEU BB 358 145.18 -42.24 -27.28
N ASP BB 359 145.74 -43.43 -27.18
CA ASP BB 359 145.12 -44.58 -26.53
C ASP BB 359 146.00 -44.97 -25.35
N ALA BB 360 145.35 -45.33 -24.25
CA ALA BB 360 146.03 -45.79 -23.04
C ALA BB 360 147.11 -46.83 -23.34
N ALA BB 361 146.74 -47.88 -24.07
CA ALA BB 361 147.66 -48.98 -24.38
C ALA BB 361 148.91 -48.59 -25.20
N VAL BB 362 148.92 -47.40 -25.80
CA VAL BB 362 150.04 -46.99 -26.67
C VAL BB 362 150.76 -45.69 -26.24
N VAL BB 363 150.11 -44.84 -25.44
CA VAL BB 363 150.80 -43.71 -24.79
C VAL BB 363 151.09 -43.98 -23.30
N GLY BB 364 150.62 -45.12 -22.82
CA GLY BB 364 150.69 -45.44 -21.39
C GLY BB 364 149.50 -44.88 -20.65
N GLN BB 365 149.24 -45.42 -19.47
CA GLN BB 365 148.07 -45.06 -18.67
C GLN BB 365 148.11 -43.61 -18.19
N GLU BB 366 149.19 -43.25 -17.50
CA GLU BB 366 149.34 -41.93 -16.89
C GLU BB 366 149.21 -40.79 -17.89
N HIS BB 367 149.86 -40.95 -19.05
CA HIS BB 367 149.70 -39.99 -20.12
C HIS BB 367 148.21 -39.88 -20.46
N TYR BB 368 147.62 -41.02 -20.80
CA TYR BB 368 146.22 -41.08 -21.23
C TYR BB 368 145.24 -40.45 -20.22
N ASP BB 369 145.16 -41.02 -19.02
CA ASP BB 369 144.24 -40.54 -17.99
C ASP BB 369 144.29 -39.03 -17.84
N VAL BB 370 145.51 -38.49 -17.80
CA VAL BB 370 145.70 -37.05 -17.69
C VAL BB 370 144.95 -36.33 -18.82
N ALA BB 371 145.36 -36.61 -20.06
CA ALA BB 371 144.77 -35.98 -21.26
C ALA BB 371 143.26 -36.08 -21.31
N SER BB 372 142.74 -37.28 -21.02
CA SER BB 372 141.30 -37.53 -20.96
C SER BB 372 140.63 -36.52 -20.03
N LYS BB 373 141.10 -36.49 -18.77
CA LYS BB 373 140.57 -35.57 -17.76
C LYS BB 373 140.77 -34.11 -18.13
N VAL BB 374 141.89 -33.83 -18.80
CA VAL BB 374 142.17 -32.48 -19.30
C VAL BB 374 141.10 -32.01 -20.28
N GLN BB 375 140.80 -32.85 -21.28
CA GLN BB 375 139.74 -32.57 -22.25
C GLN BB 375 138.40 -32.43 -21.56
N GLU BB 376 138.17 -33.34 -20.61
CA GLU BB 376 136.95 -33.40 -19.83
C GLU BB 376 136.79 -32.12 -18.99
N THR BB 377 137.89 -31.69 -18.36
CA THR BB 377 137.92 -30.43 -17.63
C THR BB 377 137.52 -29.29 -18.56
N LEU BB 378 138.19 -29.22 -19.72
CA LEU BB 378 137.92 -28.17 -20.70
C LEU BB 378 136.53 -28.27 -21.32
N GLN BB 379 136.00 -29.48 -21.34
CA GLN BB 379 134.66 -29.70 -21.88
C GLN BB 379 133.63 -29.01 -20.99
N THR BB 380 133.60 -29.40 -19.71
CA THR BB 380 132.71 -28.78 -18.72
C THR BB 380 132.83 -27.25 -18.68
N TYR BB 381 134.05 -26.74 -18.82
CA TYR BB 381 134.27 -25.29 -18.91
C TYR BB 381 133.59 -24.70 -20.15
N LYS BB 382 133.81 -25.34 -21.31
CA LYS BB 382 133.29 -24.85 -22.58
C LYS BB 382 131.77 -24.63 -22.51
N SER BB 383 131.07 -25.57 -21.90
CA SER BB 383 129.61 -25.50 -21.82
C SER BB 383 129.13 -24.51 -20.77
N LEU BB 384 130.00 -24.15 -19.83
CA LEU BB 384 129.65 -23.21 -18.77
C LEU BB 384 129.86 -21.75 -19.17
N GLN BB 385 130.60 -21.54 -20.27
CA GLN BB 385 130.87 -20.20 -20.81
C GLN BB 385 129.62 -19.32 -20.93
N ASP BB 386 128.47 -19.97 -21.15
CA ASP BB 386 127.21 -19.29 -21.46
C ASP BB 386 126.33 -18.97 -20.25
N ILE BB 387 126.38 -19.82 -19.22
CA ILE BB 387 125.63 -19.54 -18.00
C ILE BB 387 126.35 -18.51 -17.13
N ILE BB 388 127.67 -18.37 -17.33
CA ILE BB 388 128.47 -17.34 -16.68
C ILE BB 388 128.09 -15.95 -17.21
N ALA BB 389 127.69 -15.91 -18.49
CA ALA BB 389 127.37 -14.66 -19.20
C ALA BB 389 125.90 -14.23 -19.10
N ILE BB 390 125.16 -14.86 -18.20
CA ILE BB 390 123.76 -14.48 -17.91
C ILE BB 390 123.51 -14.30 -16.41
N LEU BB 391 124.03 -15.22 -15.59
CA LEU BB 391 123.81 -15.19 -14.14
C LEU BB 391 125.09 -15.12 -13.28
N GLY BB 392 126.25 -15.10 -13.94
CA GLY BB 392 127.53 -14.99 -13.25
C GLY BB 392 127.98 -16.29 -12.60
N MET BB 393 129.22 -16.29 -12.11
CA MET BB 393 129.79 -17.44 -11.40
C MET BB 393 129.19 -17.64 -10.00
N ASP BB 394 128.15 -16.89 -9.71
CA ASP BB 394 127.31 -17.12 -8.53
C ASP BB 394 126.37 -18.28 -8.79
N GLU BB 395 126.45 -18.83 -10.00
CA GLU BB 395 125.56 -19.92 -10.45
C GLU BB 395 126.31 -21.24 -10.70
N LEU BB 396 127.14 -21.64 -9.73
CA LEU BB 396 127.91 -22.88 -9.82
C LEU BB 396 128.04 -23.55 -8.46
N SER BB 397 127.95 -24.88 -8.44
CA SER BB 397 128.18 -25.66 -7.23
C SER BB 397 129.66 -25.64 -6.85
N GLU BB 398 129.99 -26.19 -5.68
CA GLU BB 398 131.37 -26.24 -5.18
C GLU BB 398 132.32 -26.89 -6.18
N GLN BB 399 131.93 -28.06 -6.66
CA GLN BB 399 132.73 -28.87 -7.57
C GLN BB 399 132.90 -28.19 -8.95
N ASP BB 400 131.82 -27.56 -9.41
CA ASP BB 400 131.77 -26.94 -10.74
C ASP BB 400 132.66 -25.71 -10.87
N LYS BB 401 132.55 -24.79 -9.91
CA LYS BB 401 133.35 -23.55 -9.90
C LYS BB 401 134.84 -23.80 -9.66
N LEU BB 402 135.15 -24.95 -9.05
CA LEU BB 402 136.52 -25.38 -8.77
C LEU BB 402 137.29 -25.66 -10.06
N THR BB 403 136.72 -26.51 -10.91
CA THR BB 403 137.33 -26.89 -12.18
C THR BB 403 137.39 -25.73 -13.16
N VAL BB 404 136.39 -24.85 -13.11
CA VAL BB 404 136.30 -23.67 -13.99
C VAL BB 404 137.43 -22.65 -13.71
N GLU BB 405 137.67 -22.36 -12.43
CA GLU BB 405 138.78 -21.48 -12.05
C GLU BB 405 140.11 -22.16 -12.38
N ARG BB 406 140.09 -23.49 -12.49
CA ARG BB 406 141.27 -24.30 -12.78
C ARG BB 406 141.51 -24.49 -14.29
N ALA BB 407 140.42 -24.69 -15.04
CA ALA BB 407 140.50 -24.90 -16.49
C ALA BB 407 141.13 -23.71 -17.20
N ARG BB 408 140.93 -22.52 -16.62
CA ARG BB 408 141.54 -21.30 -17.14
C ARG BB 408 143.05 -21.44 -17.07
N LYS BB 409 143.55 -21.93 -15.94
CA LYS BB 409 144.99 -22.15 -15.72
C LYS BB 409 145.55 -23.19 -16.69
N ILE BB 410 144.72 -24.16 -17.06
CA ILE BB 410 145.08 -25.22 -17.98
C ILE BB 410 145.10 -24.70 -19.43
N GLN BB 411 144.05 -23.98 -19.79
CA GLN BB 411 143.93 -23.33 -21.09
C GLN BB 411 145.00 -22.25 -21.27
N ARG BB 412 145.56 -21.81 -20.14
CA ARG BB 412 146.68 -20.85 -20.15
C ARG BB 412 148.03 -21.56 -20.16
N PHE BB 413 148.09 -22.77 -19.63
CA PHE BB 413 149.35 -23.50 -19.60
C PHE BB 413 149.66 -24.19 -20.92
N LEU BB 414 148.62 -24.35 -21.75
CA LEU BB 414 148.76 -24.95 -23.09
C LEU BB 414 149.55 -24.06 -24.06
N SER BB 415 149.38 -22.75 -23.91
CA SER BB 415 150.18 -21.77 -24.66
C SER BB 415 151.65 -21.91 -24.29
N GLN BB 416 152.52 -21.68 -25.26
CA GLN BB 416 153.93 -21.95 -25.10
C GLN BB 416 154.75 -21.02 -25.99
N PRO BB 417 155.75 -20.33 -25.43
CA PRO BB 417 156.62 -19.45 -26.22
C PRO BB 417 157.60 -20.26 -27.08
N PHE BB 418 157.73 -19.88 -28.35
CA PHE BB 418 158.51 -20.64 -29.31
C PHE BB 418 159.93 -20.11 -29.48
N ALA BB 419 160.86 -21.00 -29.82
CA ALA BB 419 162.25 -20.62 -30.06
C ALA BB 419 162.41 -19.86 -31.37
N VAL BB 420 161.65 -20.26 -32.40
CA VAL BB 420 161.67 -19.64 -33.73
C VAL BB 420 161.00 -18.25 -33.77
N ALA BB 421 160.06 -18.03 -32.86
CA ALA BB 421 159.36 -16.76 -32.74
C ALA BB 421 160.16 -15.76 -31.90
N GLU BB 422 161.37 -16.15 -31.51
CA GLU BB 422 162.22 -15.31 -30.65
C GLU BB 422 162.66 -14.02 -31.32
N VAL BB 423 162.93 -14.09 -32.63
CA VAL BB 423 163.29 -12.90 -33.42
C VAL BB 423 162.10 -11.93 -33.57
N PHE BB 424 160.90 -12.48 -33.57
CA PHE BB 424 159.68 -11.69 -33.69
C PHE BB 424 159.27 -11.10 -32.34
N THR BB 425 159.42 -11.88 -31.27
CA THR BB 425 158.93 -11.46 -29.94
C THR BB 425 160.01 -11.09 -28.92
N GLY BB 426 161.17 -11.73 -29.04
CA GLY BB 426 162.28 -11.47 -28.11
C GLY BB 426 162.22 -12.29 -26.84
N ILE BB 427 161.06 -12.91 -26.59
CA ILE BB 427 160.87 -13.76 -25.41
C ILE BB 427 161.55 -15.12 -25.64
N PRO BB 428 162.47 -15.52 -24.73
CA PRO BB 428 163.16 -16.83 -24.77
C PRO BB 428 162.20 -18.03 -24.83
N GLY BB 429 162.31 -18.81 -25.90
CA GLY BB 429 161.37 -19.91 -26.17
C GLY BB 429 161.73 -21.23 -25.49
N LYS BB 430 160.71 -22.00 -25.13
CA LYS BB 430 160.92 -23.27 -24.43
C LYS BB 430 160.40 -24.50 -25.18
N LEU BB 431 161.26 -25.51 -25.30
CA LEU BB 431 160.89 -26.86 -25.75
C LEU BB 431 160.59 -27.70 -24.50
N VAL BB 432 159.35 -28.16 -24.38
CA VAL BB 432 158.93 -28.93 -23.22
C VAL BB 432 158.99 -30.44 -23.50
N ARG BB 433 159.94 -31.12 -22.88
CA ARG BB 433 160.09 -32.58 -23.02
C ARG BB 433 158.85 -33.28 -22.50
N LEU BB 434 158.36 -34.27 -23.24
CA LEU BB 434 157.02 -34.82 -23.01
C LEU BB 434 156.71 -35.26 -21.57
N LYS BB 435 157.69 -35.78 -20.85
CA LYS BB 435 157.49 -36.11 -19.44
C LYS BB 435 157.10 -34.89 -18.58
N ASP BB 436 157.62 -33.72 -18.95
CA ASP BB 436 157.23 -32.45 -18.32
C ASP BB 436 155.76 -32.21 -18.57
N THR BB 437 155.37 -32.27 -19.84
CA THR BB 437 153.98 -32.09 -20.28
C THR BB 437 153.01 -32.98 -19.49
N VAL BB 438 153.43 -34.22 -19.21
CA VAL BB 438 152.67 -35.16 -18.40
C VAL BB 438 152.56 -34.69 -16.95
N ALA BB 439 153.70 -34.70 -16.24
CA ALA BB 439 153.73 -34.40 -14.81
C ALA BB 439 153.27 -32.98 -14.47
N SER BB 440 153.55 -32.03 -15.36
CA SER BB 440 153.10 -30.65 -15.17
C SER BB 440 151.59 -30.61 -15.08
N PHE BB 441 150.94 -31.07 -16.16
CA PHE BB 441 149.48 -31.09 -16.22
C PHE BB 441 148.87 -32.05 -15.21
N LYS BB 442 149.64 -33.06 -14.78
CA LYS BB 442 149.19 -33.97 -13.73
C LYS BB 442 148.98 -33.20 -12.42
N ALA BB 443 150.03 -32.51 -11.96
CA ALA BB 443 150.03 -31.77 -10.70
C ALA BB 443 148.98 -30.67 -10.65
N VAL BB 444 148.60 -30.13 -11.80
CA VAL BB 444 147.57 -29.09 -11.85
C VAL BB 444 146.17 -29.67 -11.65
N LEU BB 445 145.92 -30.84 -12.24
CA LEU BB 445 144.61 -31.49 -12.20
C LEU BB 445 144.14 -31.87 -10.80
N GLU BB 446 145.10 -32.25 -9.94
CA GLU BB 446 144.81 -32.65 -8.56
C GLU BB 446 144.52 -31.44 -7.68
N GLY BB 447 144.97 -30.27 -8.13
CA GLY BB 447 144.87 -29.03 -7.36
C GLY BB 447 146.08 -28.84 -6.49
N LYS BB 448 147.25 -28.74 -7.12
CA LYS BB 448 148.49 -28.49 -6.39
C LYS BB 448 149.02 -27.09 -6.65
N TYR BB 449 148.36 -26.37 -7.55
CA TYR BB 449 148.77 -25.01 -7.90
C TYR BB 449 147.57 -24.08 -8.01
N ASP BB 450 146.78 -24.03 -6.94
CA ASP BB 450 145.54 -23.24 -6.91
C ASP BB 450 145.75 -21.85 -6.32
N ASN BB 451 146.59 -21.79 -5.29
CA ASN BB 451 147.00 -20.52 -4.68
C ASN BB 451 147.85 -19.68 -5.64
N ILE BB 452 148.44 -20.36 -6.64
CA ILE BB 452 149.21 -19.71 -7.69
C ILE BB 452 148.25 -19.05 -8.68
N PRO BB 453 148.43 -17.73 -8.94
CA PRO BB 453 147.60 -16.98 -9.89
C PRO BB 453 147.73 -17.45 -11.33
N GLU BB 454 146.94 -16.86 -12.24
CA GLU BB 454 146.79 -17.37 -13.61
C GLU BB 454 147.84 -16.92 -14.64
N HIS BB 455 148.43 -15.74 -14.43
CA HIS BB 455 149.41 -15.19 -15.37
C HIS BB 455 150.82 -15.80 -15.24
N ALA BB 456 150.97 -16.73 -14.29
CA ALA BB 456 152.21 -17.48 -14.17
C ALA BB 456 152.23 -18.61 -15.22
N PHE BB 457 151.12 -19.32 -15.33
CA PHE BB 457 150.96 -20.45 -16.26
C PHE BB 457 150.98 -20.04 -17.73
N TYR BB 458 150.74 -18.75 -18.00
CA TYR BB 458 150.68 -18.21 -19.35
C TYR BB 458 152.06 -17.92 -19.92
N MET BB 459 152.36 -18.52 -21.08
CA MET BB 459 153.64 -18.36 -21.79
C MET BB 459 154.87 -18.80 -20.99
N VAL BB 460 154.95 -20.07 -20.63
CA VAL BB 460 156.10 -20.60 -19.90
C VAL BB 460 156.53 -21.98 -20.36
N GLY BB 461 157.69 -22.45 -19.86
CA GLY BB 461 158.18 -23.79 -20.13
C GLY BB 461 157.38 -24.87 -19.41
N GLY BB 462 158.04 -25.61 -18.52
CA GLY BB 462 157.38 -26.64 -17.72
C GLY BB 462 156.71 -26.05 -16.49
N ILE BB 463 156.53 -26.89 -15.47
CA ILE BB 463 155.90 -26.44 -14.24
C ILE BB 463 156.86 -25.62 -13.36
N GLU BB 464 158.16 -25.86 -13.50
CA GLU BB 464 159.15 -25.11 -12.75
C GLU BB 464 159.39 -23.71 -13.30
N ASP BB 465 158.88 -23.46 -14.50
CA ASP BB 465 158.91 -22.11 -15.08
C ASP BB 465 157.68 -21.29 -14.64
N VAL BB 466 156.64 -21.99 -14.21
CA VAL BB 466 155.49 -21.36 -13.54
C VAL BB 466 155.91 -20.93 -12.12
N VAL BB 467 156.65 -21.81 -11.44
CA VAL BB 467 157.15 -21.61 -10.07
C VAL BB 467 158.06 -20.37 -9.97
N ALA BB 468 159.05 -20.29 -10.85
CA ALA BB 468 159.96 -19.16 -10.92
C ALA BB 468 159.32 -17.85 -11.40
N LYS BB 469 158.34 -17.96 -12.31
CA LYS BB 469 157.65 -16.76 -12.85
C LYS BB 469 156.65 -16.17 -11.86
N ALA BB 470 156.00 -17.02 -11.08
CA ALA BB 470 155.06 -16.58 -10.04
C ALA BB 470 155.72 -15.91 -8.83
N GLU BB 471 157.03 -16.15 -8.67
CA GLU BB 471 157.83 -15.51 -7.61
C GLU BB 471 158.28 -14.10 -8.01
N LYS BB 472 158.45 -13.88 -9.31
CA LYS BB 472 158.54 -12.54 -9.90
C LYS BB 472 157.22 -11.82 -9.60
N LEU BB 473 156.13 -12.48 -9.98
CA LEU BB 473 154.78 -11.92 -9.90
C LEU BB 473 154.27 -11.74 -8.46
N ALA BB 474 154.79 -12.54 -7.52
CA ALA BB 474 154.49 -12.36 -6.10
C ALA BB 474 155.15 -11.07 -5.58
N ALA BB 475 156.29 -11.20 -4.89
CA ALA BB 475 157.07 -10.04 -4.47
C ALA BB 475 157.88 -9.53 -5.67
N THR CB 7 121.94 -80.75 -92.05
CA THR CB 7 123.01 -81.16 -91.08
C THR CB 7 123.30 -80.02 -90.09
N PRO CB 8 124.26 -80.21 -89.15
CA PRO CB 8 124.49 -79.21 -88.12
C PRO CB 8 125.07 -77.91 -88.70
N ILE CB 9 124.64 -76.77 -88.15
CA ILE CB 9 125.20 -75.45 -88.52
C ILE CB 9 126.19 -74.95 -87.45
N THR CB 10 127.47 -74.88 -87.80
CA THR CB 10 128.51 -74.52 -86.82
C THR CB 10 129.23 -73.22 -87.12
N GLY CB 11 129.40 -72.42 -86.07
CA GLY CB 11 130.13 -71.17 -86.14
C GLY CB 11 131.49 -71.23 -85.47
N LYS CB 12 132.20 -70.09 -85.45
CA LYS CB 12 133.52 -70.02 -84.85
C LYS CB 12 133.56 -68.84 -83.89
N VAL CB 13 134.11 -69.04 -82.70
CA VAL CB 13 134.20 -67.96 -81.70
C VAL CB 13 135.21 -66.92 -82.17
N THR CB 14 134.73 -65.73 -82.55
CA THR CB 14 135.64 -64.66 -82.97
C THR CB 14 136.01 -63.72 -81.82
N ALA CB 15 135.09 -63.52 -80.87
CA ALA CB 15 135.33 -62.57 -79.77
C ALA CB 15 134.64 -62.87 -78.43
N VAL CB 16 135.38 -62.67 -77.35
CA VAL CB 16 134.84 -62.77 -76.00
C VAL CB 16 135.15 -61.50 -75.22
N ILE CB 17 134.11 -60.88 -74.70
CA ILE CB 17 134.23 -59.72 -73.83
C ILE CB 17 133.15 -60.01 -72.80
N GLY CB 18 133.53 -60.10 -71.54
CA GLY CB 18 132.56 -60.42 -70.49
C GLY CB 18 131.53 -61.51 -70.81
N ALA CB 19 130.26 -61.12 -70.84
CA ALA CB 19 129.19 -62.09 -71.04
C ALA CB 19 128.82 -62.19 -72.52
N ILE CB 20 129.55 -61.43 -73.33
CA ILE CB 20 129.28 -61.35 -74.75
C ILE CB 20 130.25 -62.26 -75.52
N VAL CB 21 129.69 -63.03 -76.45
CA VAL CB 21 130.49 -63.82 -77.36
C VAL CB 21 130.06 -63.49 -78.80
N ASP CB 22 131.07 -63.31 -79.66
CA ASP CB 22 130.86 -63.07 -81.08
C ASP CB 22 131.21 -64.31 -81.87
N VAL CB 23 130.28 -64.74 -82.71
CA VAL CB 23 130.42 -65.98 -83.46
C VAL CB 23 130.32 -65.70 -84.95
N HIS CB 24 131.29 -66.22 -85.69
CA HIS CB 24 131.28 -66.13 -87.14
C HIS CB 24 130.79 -67.42 -87.75
N PHE CB 25 129.87 -67.29 -88.69
CA PHE CB 25 129.30 -68.42 -89.40
C PHE CB 25 129.74 -68.44 -90.85
N GLU CB 26 130.30 -69.57 -91.25
CA GLU CB 26 130.87 -69.82 -92.58
C GLU CB 26 130.05 -69.30 -93.77
N GLN CB 27 128.78 -69.71 -93.83
CA GLN CB 27 128.01 -69.48 -95.04
C GLN CB 27 126.58 -69.05 -94.79
N SER CB 28 126.18 -68.05 -95.58
CA SER CB 28 124.79 -67.58 -95.79
C SER CB 28 123.82 -67.65 -94.59
N GLU CB 29 123.46 -68.87 -94.18
CA GLU CB 29 122.39 -69.08 -93.19
C GLU CB 29 122.83 -68.78 -91.77
N LEU CB 30 122.58 -67.53 -91.40
CA LEU CB 30 122.90 -67.03 -90.08
C LEU CB 30 121.76 -67.36 -89.14
N PRO CB 31 122.09 -67.94 -87.96
CA PRO CB 31 121.12 -68.16 -86.88
C PRO CB 31 120.25 -66.92 -86.67
N ALA CB 32 118.96 -67.12 -86.47
CA ALA CB 32 118.04 -66.02 -86.22
C ALA CB 32 118.33 -65.32 -84.88
N ILE CB 33 117.90 -64.07 -84.77
CA ILE CB 33 118.00 -63.38 -83.50
C ILE CB 33 117.10 -64.07 -82.48
N LEU CB 34 117.66 -64.31 -81.28
CA LEU CB 34 116.99 -64.96 -80.14
C LEU CB 34 117.23 -66.45 -80.05
N ASN CB 35 117.87 -67.01 -81.07
CA ASN CB 35 118.18 -68.44 -81.10
C ASN CB 35 119.24 -68.85 -80.10
N ALA CB 36 119.15 -70.10 -79.67
CA ALA CB 36 120.16 -70.64 -78.78
C ALA CB 36 121.34 -71.16 -79.59
N LEU CB 37 122.54 -70.95 -79.07
CA LEU CB 37 123.74 -71.61 -79.58
C LEU CB 37 124.36 -72.46 -78.48
N GLU CB 38 125.15 -73.45 -78.86
CA GLU CB 38 125.82 -74.29 -77.90
C GLU CB 38 127.29 -74.46 -78.18
N ILE CB 39 128.09 -74.29 -77.14
CA ILE CB 39 129.50 -74.63 -77.20
C ILE CB 39 129.72 -75.78 -76.25
N LYS CB 40 130.32 -76.85 -76.74
CA LYS CB 40 130.61 -78.00 -75.90
C LYS CB 40 131.79 -77.70 -74.98
N THR CB 41 131.57 -77.88 -73.68
CA THR CB 41 132.64 -77.72 -72.71
C THR CB 41 133.14 -79.07 -72.21
N PRO CB 42 134.29 -79.08 -71.51
CA PRO CB 42 134.63 -80.29 -70.74
C PRO CB 42 133.55 -80.56 -69.68
N GLN CB 43 132.92 -79.48 -69.20
CA GLN CB 43 131.86 -79.55 -68.20
C GLN CB 43 130.64 -80.28 -68.74
N GLY CB 44 129.73 -79.50 -69.33
CA GLY CB 44 128.57 -80.03 -70.04
C GLY CB 44 128.50 -79.31 -71.37
N LYS CB 45 127.96 -78.10 -71.35
CA LYS CB 45 127.85 -77.29 -72.55
C LYS CB 45 127.54 -75.88 -72.10
N LEU CB 46 127.88 -74.89 -72.94
CA LEU CB 46 127.56 -73.48 -72.70
C LEU CB 46 126.51 -73.00 -73.68
N VAL CB 47 125.50 -72.32 -73.17
CA VAL CB 47 124.43 -71.83 -74.03
C VAL CB 47 124.68 -70.38 -74.40
N LEU CB 48 124.14 -69.95 -75.55
CA LEU CB 48 124.30 -68.57 -76.00
C LEU CB 48 123.05 -68.13 -76.71
N GLU CB 49 122.75 -66.84 -76.62
CA GLU CB 49 121.54 -66.31 -77.22
C GLU CB 49 121.87 -65.21 -78.20
N VAL CB 50 121.51 -65.45 -79.45
CA VAL CB 50 121.84 -64.53 -80.52
C VAL CB 50 121.10 -63.23 -80.29
N ALA CB 51 121.87 -62.22 -79.91
CA ALA CB 51 121.32 -60.89 -79.66
C ALA CB 51 121.20 -60.07 -80.94
N GLN CB 52 122.22 -60.13 -81.81
CA GLN CB 52 122.21 -59.29 -83.00
C GLN CB 52 123.10 -59.74 -84.11
N HIS CB 53 122.73 -59.35 -85.32
CA HIS CB 53 123.57 -59.55 -86.48
C HIS CB 53 124.46 -58.33 -86.70
N LEU CB 54 125.77 -58.56 -86.60
CA LEU CB 54 126.73 -57.49 -86.71
C LEU CB 54 127.05 -57.16 -88.16
N GLY CB 55 126.50 -57.96 -89.07
CA GLY CB 55 126.90 -57.86 -90.45
C GLY CB 55 128.12 -58.71 -90.71
N GLU CB 56 128.30 -59.08 -91.98
CA GLU CB 56 129.41 -59.91 -92.44
C GLU CB 56 129.45 -61.29 -91.74
N ASN CB 57 128.32 -61.97 -91.78
CA ASN CB 57 128.18 -63.32 -91.23
C ASN CB 57 128.63 -63.50 -89.78
N THR CB 58 128.68 -62.41 -89.03
CA THR CB 58 128.97 -62.49 -87.63
C THR CB 58 127.73 -62.14 -86.83
N VAL CB 59 127.46 -62.94 -85.82
CA VAL CB 59 126.45 -62.58 -84.86
C VAL CB 59 127.15 -62.31 -83.54
N ARG CB 60 126.44 -61.59 -82.69
CA ARG CB 60 126.86 -61.32 -81.34
C ARG CB 60 125.81 -61.87 -80.41
N THR CB 61 126.27 -62.70 -79.49
CA THR CB 61 125.40 -63.39 -78.57
C THR CB 61 125.61 -62.93 -77.12
N ILE CB 62 124.64 -63.25 -76.28
CA ILE CB 62 124.81 -63.16 -74.82
C ILE CB 62 124.92 -64.57 -74.30
N ALA CB 63 125.96 -64.86 -73.53
CA ALA CB 63 126.10 -66.18 -72.87
C ALA CB 63 125.04 -66.36 -71.77
N MET CB 64 124.51 -67.58 -71.62
CA MET CB 64 123.63 -67.92 -70.48
C MET CB 64 124.44 -68.41 -69.29
N ASP CB 65 125.77 -68.40 -69.42
CA ASP CB 65 126.69 -68.78 -68.37
C ASP CB 65 128.05 -68.11 -68.52
N GLY CB 66 129.00 -68.46 -67.62
CA GLY CB 66 130.32 -67.82 -67.55
C GLY CB 66 131.10 -68.01 -68.83
N THR CB 67 131.96 -67.08 -69.21
CA THR CB 67 132.69 -67.23 -70.45
C THR CB 67 134.15 -67.56 -70.23
N GLU CB 68 134.53 -67.82 -68.97
CA GLU CB 68 135.88 -68.32 -68.58
C GLU CB 68 136.32 -69.47 -69.45
N GLY CB 69 137.53 -69.36 -69.99
CA GLY CB 69 138.12 -70.47 -70.72
C GLY CB 69 137.80 -70.57 -72.21
N LEU CB 70 136.80 -69.83 -72.66
CA LEU CB 70 136.54 -69.72 -74.09
C LEU CB 70 137.78 -69.25 -74.82
N VAL CB 71 138.01 -69.87 -75.98
CA VAL CB 71 139.17 -69.57 -76.83
C VAL CB 71 138.69 -69.12 -78.20
N ARG CB 72 139.31 -68.07 -78.72
CA ARG CB 72 139.00 -67.61 -80.06
C ARG CB 72 139.16 -68.75 -81.07
N GLY CB 73 138.18 -68.87 -81.96
CA GLY CB 73 138.22 -69.87 -83.03
C GLY CB 73 137.34 -71.07 -82.75
N GLU CB 74 136.79 -71.13 -81.54
CA GLU CB 74 136.02 -72.28 -81.05
C GLU CB 74 134.79 -72.62 -81.89
N LYS CB 75 134.48 -73.91 -82.01
CA LYS CB 75 133.34 -74.34 -82.80
C LYS CB 75 132.07 -74.12 -82.00
N VAL CB 76 131.08 -73.48 -82.62
CA VAL CB 76 129.80 -73.17 -81.98
C VAL CB 76 128.62 -73.72 -82.77
N LEU CB 77 127.82 -74.55 -82.11
CA LEU CB 77 126.69 -75.22 -82.74
C LEU CB 77 125.40 -74.44 -82.62
N ASP CB 78 124.76 -74.24 -83.76
CA ASP CB 78 123.46 -73.59 -83.83
C ASP CB 78 122.39 -74.63 -83.52
N THR CB 79 121.50 -74.34 -82.56
CA THR CB 79 120.39 -75.26 -82.20
C THR CB 79 119.06 -74.93 -82.87
N GLY CB 80 119.04 -73.92 -83.73
CA GLY CB 80 117.89 -73.63 -84.59
C GLY CB 80 116.59 -73.27 -83.91
N GLY CB 81 116.64 -72.87 -82.65
CA GLY CB 81 115.45 -72.39 -81.92
C GLY CB 81 115.76 -71.59 -80.66
N PRO CB 82 114.81 -70.76 -80.18
CA PRO CB 82 114.95 -70.07 -78.88
C PRO CB 82 115.25 -71.04 -77.74
N ILE CB 83 115.53 -70.54 -76.55
CA ILE CB 83 115.73 -71.40 -75.39
C ILE CB 83 114.41 -72.08 -75.08
N SER CB 84 114.51 -73.37 -74.81
CA SER CB 84 113.37 -74.24 -74.60
C SER CB 84 113.24 -74.59 -73.14
N VAL CB 85 112.00 -74.80 -72.72
CA VAL CB 85 111.71 -75.15 -71.34
C VAL CB 85 110.54 -76.13 -71.30
N PRO CB 86 110.65 -77.13 -70.42
CA PRO CB 86 109.59 -78.10 -70.18
C PRO CB 86 108.37 -77.41 -69.55
N VAL CB 87 107.20 -77.59 -70.17
CA VAL CB 87 105.95 -76.97 -69.73
C VAL CB 87 104.99 -78.07 -69.27
N GLY CB 88 103.87 -77.66 -68.68
CA GLY CB 88 102.84 -78.62 -68.29
C GLY CB 88 103.06 -79.31 -66.95
N ARG CB 89 102.19 -80.26 -66.64
CA ARG CB 89 102.12 -80.83 -65.29
C ARG CB 89 103.38 -81.55 -64.83
N GLU CB 90 104.27 -81.84 -65.79
CA GLU CB 90 105.50 -82.55 -65.52
C GLU CB 90 106.53 -81.80 -64.70
N THR CB 91 106.32 -80.50 -64.54
CA THR CB 91 107.34 -79.63 -63.98
C THR CB 91 106.98 -79.20 -62.57
N LEU CB 92 105.91 -79.80 -62.06
CA LEU CB 92 105.38 -79.40 -60.77
C LEU CB 92 106.19 -80.06 -59.66
N GLY CB 93 106.75 -79.27 -58.78
CA GLY CB 93 107.67 -79.78 -57.78
C GLY CB 93 109.05 -80.13 -58.34
N ARG CB 94 109.41 -79.57 -59.50
CA ARG CB 94 110.78 -79.67 -60.01
C ARG CB 94 111.47 -78.31 -59.93
N ILE CB 95 112.79 -78.31 -59.67
CA ILE CB 95 113.54 -77.06 -59.66
C ILE CB 95 114.27 -76.90 -60.98
N ILE CB 96 114.11 -75.72 -61.58
CA ILE CB 96 114.45 -75.55 -62.98
C ILE CB 96 115.48 -74.47 -63.20
N ASN CB 97 116.11 -74.55 -64.37
CA ASN CB 97 117.10 -73.62 -64.84
C ASN CB 97 116.53 -72.41 -65.52
N VAL CB 98 117.44 -71.53 -65.94
CA VAL CB 98 117.12 -70.54 -66.92
C VAL CB 98 116.96 -71.26 -68.26
N ILE CB 99 117.82 -72.22 -68.52
CA ILE CB 99 117.74 -73.00 -69.75
C ILE CB 99 116.79 -74.20 -69.63
N GLY CB 100 115.84 -74.11 -68.71
CA GLY CB 100 114.79 -75.12 -68.57
C GLY CB 100 115.36 -76.51 -68.40
N GLU CB 101 116.20 -76.66 -67.40
CA GLU CB 101 116.74 -77.97 -67.04
C GLU CB 101 116.54 -78.29 -65.58
N PRO CB 102 116.55 -79.59 -65.26
CA PRO CB 102 116.41 -80.04 -63.89
C PRO CB 102 117.70 -79.82 -63.12
N ILE CB 103 117.58 -79.16 -61.97
CA ILE CB 103 118.71 -78.84 -61.11
C ILE CB 103 118.37 -79.30 -59.69
N ASP CB 104 117.34 -80.11 -59.59
CA ASP CB 104 116.95 -80.65 -58.29
C ASP CB 104 117.49 -82.07 -58.12
N GLU CB 105 118.63 -82.35 -58.74
CA GLU CB 105 119.28 -83.66 -58.67
C GLU CB 105 118.32 -84.85 -58.80
N ARG CB 106 117.28 -84.70 -59.61
CA ARG CB 106 116.23 -85.72 -59.67
C ARG CB 106 115.81 -86.10 -61.08
N GLY CB 107 116.78 -86.12 -61.99
CA GLY CB 107 116.57 -86.66 -63.33
C GLY CB 107 115.77 -85.81 -64.29
N PRO CB 108 115.51 -86.34 -65.49
CA PRO CB 108 114.93 -85.62 -66.62
C PRO CB 108 113.51 -85.18 -66.32
N ILE CB 109 113.18 -83.96 -66.71
CA ILE CB 109 111.78 -83.51 -66.65
C ILE CB 109 111.09 -83.98 -67.92
N LYS CB 110 110.40 -85.10 -67.81
CA LYS CB 110 109.89 -85.79 -68.97
C LYS CB 110 108.54 -85.20 -69.37
N SER CB 111 108.55 -83.99 -69.92
CA SER CB 111 107.31 -83.37 -70.39
C SER CB 111 107.00 -83.84 -71.80
N LYS CB 112 105.87 -83.40 -72.34
CA LYS CB 112 105.54 -83.68 -73.74
C LYS CB 112 106.14 -82.63 -74.66
N LEU CB 113 105.99 -81.36 -74.27
CA LEU CB 113 106.37 -80.22 -75.12
C LEU CB 113 107.50 -79.38 -74.52
N ARG CB 114 108.35 -78.83 -75.38
CA ARG CB 114 109.25 -77.78 -74.95
C ARG CB 114 108.92 -76.49 -75.68
N LYS CB 115 108.74 -75.42 -74.92
CA LYS CB 115 108.36 -74.16 -75.50
C LYS CB 115 109.50 -73.14 -75.47
N PRO CB 116 109.52 -72.21 -76.45
CA PRO CB 116 110.46 -71.09 -76.41
C PRO CB 116 110.18 -70.20 -75.19
N ILE CB 117 111.19 -69.52 -74.66
CA ILE CB 117 110.95 -68.60 -73.54
C ILE CB 117 110.44 -67.27 -74.06
N HIS CB 118 110.73 -67.03 -75.34
CA HIS CB 118 110.37 -65.81 -76.04
C HIS CB 118 109.10 -66.06 -76.82
N ALA CB 119 108.08 -65.25 -76.54
CA ALA CB 119 106.79 -65.33 -77.19
C ALA CB 119 106.12 -64.01 -77.01
N ASP CB 120 105.29 -63.62 -77.97
CA ASP CB 120 104.65 -62.31 -77.97
C ASP CB 120 103.57 -62.16 -76.90
N PRO CB 121 103.45 -60.96 -76.30
CA PRO CB 121 102.44 -60.79 -75.24
C PRO CB 121 101.01 -60.90 -75.77
N PRO CB 122 100.07 -61.43 -74.96
CA PRO CB 122 98.66 -61.58 -75.33
C PRO CB 122 98.09 -60.33 -75.99
N SER CB 123 97.34 -60.48 -77.08
CA SER CB 123 96.87 -59.35 -77.85
C SER CB 123 95.83 -58.53 -77.13
N PHE CB 124 95.36 -57.46 -77.76
CA PHE CB 124 94.38 -56.59 -77.11
C PHE CB 124 93.01 -57.19 -77.11
N ALA CB 125 92.59 -57.79 -78.23
CA ALA CB 125 91.32 -58.54 -78.25
C ALA CB 125 91.25 -59.63 -77.18
N GLU CB 126 92.40 -60.26 -76.90
CA GLU CB 126 92.56 -61.32 -75.88
C GLU CB 126 92.58 -60.86 -74.41
N GLN CB 127 92.36 -59.58 -74.18
CA GLN CB 127 92.41 -59.02 -72.84
C GLN CB 127 91.14 -59.32 -72.09
N SER CB 128 91.22 -59.22 -70.76
CA SER CB 128 90.13 -59.68 -69.91
C SER CB 128 90.19 -59.09 -68.52
N THR CB 129 89.24 -58.21 -68.19
CA THR CB 129 89.26 -57.58 -66.89
C THR CB 129 88.04 -57.86 -66.05
N SER CB 130 88.17 -57.55 -64.77
CA SER CB 130 87.24 -57.94 -63.74
C SER CB 130 87.72 -57.29 -62.47
N ALA CB 131 86.81 -57.04 -61.55
CA ALA CB 131 87.19 -56.42 -60.31
C ALA CB 131 86.81 -57.29 -59.08
N GLU CB 132 87.54 -58.38 -58.89
CA GLU CB 132 87.32 -59.22 -57.74
C GLU CB 132 88.42 -59.07 -56.70
N ILE CB 133 88.03 -58.68 -55.49
CA ILE CB 133 88.91 -58.63 -54.33
C ILE CB 133 89.55 -59.99 -54.03
N LEU CB 134 90.76 -59.95 -53.50
CA LEU CB 134 91.43 -61.12 -53.00
C LEU CB 134 91.88 -60.78 -51.59
N GLU CB 135 91.06 -61.14 -50.61
CA GLU CB 135 91.38 -60.96 -49.20
C GLU CB 135 92.76 -61.56 -48.93
N THR CB 136 93.59 -60.87 -48.14
CA THR CB 136 94.95 -61.34 -47.85
C THR CB 136 95.16 -61.62 -46.37
N GLY CB 137 94.34 -61.02 -45.53
CA GLY CB 137 94.49 -61.17 -44.10
C GLY CB 137 95.46 -60.14 -43.56
N ILE CB 138 96.00 -59.33 -44.46
CA ILE CB 138 96.91 -58.25 -44.10
C ILE CB 138 96.15 -56.92 -44.04
N LYS CB 139 96.08 -56.36 -42.83
CA LYS CB 139 95.32 -55.13 -42.54
C LYS CB 139 95.57 -53.96 -43.49
N VAL CB 140 96.84 -53.56 -43.61
CA VAL CB 140 97.20 -52.44 -44.48
C VAL CB 140 96.70 -52.62 -45.91
N VAL CB 141 96.74 -53.86 -46.39
CA VAL CB 141 96.41 -54.15 -47.78
C VAL CB 141 94.90 -54.28 -47.90
N ASP CB 142 94.36 -55.30 -47.22
CA ASP CB 142 92.92 -55.52 -47.05
C ASP CB 142 92.17 -54.19 -46.99
N LEU CB 143 92.58 -53.33 -46.06
CA LEU CB 143 91.92 -52.03 -45.86
C LEU CB 143 92.24 -50.97 -46.91
N LEU CB 144 93.52 -50.74 -47.20
CA LEU CB 144 93.93 -49.53 -47.93
C LEU CB 144 94.12 -49.67 -49.44
N ALA CB 145 94.80 -50.74 -49.84
CA ALA CB 145 95.06 -51.00 -51.24
C ALA CB 145 94.73 -52.48 -51.53
N PRO CB 146 93.43 -52.80 -51.66
CA PRO CB 146 93.04 -54.19 -51.84
C PRO CB 146 93.61 -54.84 -53.12
N TYR CB 147 94.27 -55.98 -52.95
CA TYR CB 147 94.72 -56.82 -54.07
C TYR CB 147 93.52 -57.39 -54.82
N ALA CB 148 93.73 -57.73 -56.09
CA ALA CB 148 92.66 -58.24 -56.94
C ALA CB 148 92.95 -59.63 -57.52
N ARG CB 149 91.98 -60.52 -57.48
CA ARG CB 149 92.18 -61.87 -58.03
C ARG CB 149 92.46 -61.80 -59.53
N GLY CB 150 93.57 -62.42 -59.95
CA GLY CB 150 93.98 -62.44 -61.35
C GLY CB 150 94.61 -61.13 -61.77
N GLY CB 151 95.01 -60.32 -60.79
CA GLY CB 151 95.61 -59.00 -61.06
C GLY CB 151 97.13 -59.03 -61.00
N LYS CB 152 97.74 -57.86 -61.11
CA LYS CB 152 99.18 -57.76 -60.98
C LYS CB 152 99.52 -56.94 -59.74
N ILE CB 153 100.15 -57.62 -58.80
CA ILE CB 153 100.54 -57.02 -57.54
C ILE CB 153 102.04 -56.82 -57.62
N GLY CB 154 102.53 -55.79 -56.94
CA GLY CB 154 103.96 -55.53 -56.81
C GLY CB 154 104.34 -54.96 -55.45
N LEU CB 155 105.41 -55.48 -54.89
CA LEU CB 155 105.98 -54.98 -53.61
C LEU CB 155 107.19 -54.08 -53.87
N PHE CB 156 107.13 -52.83 -53.49
CA PHE CB 156 108.29 -51.99 -53.76
C PHE CB 156 109.03 -51.85 -52.48
N GLY CB 157 110.34 -51.88 -52.55
CA GLY CB 157 111.13 -51.45 -51.42
C GLY CB 157 112.61 -51.63 -51.62
N GLY CB 158 113.36 -50.79 -50.90
CA GLY CB 158 114.80 -50.91 -50.82
C GLY CB 158 115.22 -52.09 -49.94
N ALA CB 159 116.52 -52.12 -49.63
CA ALA CB 159 117.20 -53.31 -49.16
C ALA CB 159 116.80 -53.53 -47.75
N GLY CB 160 116.43 -54.76 -47.47
CA GLY CB 160 116.08 -55.13 -46.13
C GLY CB 160 114.88 -54.41 -45.55
N VAL CB 161 113.88 -54.07 -46.35
CA VAL CB 161 112.68 -53.50 -45.73
C VAL CB 161 111.70 -54.61 -45.52
N GLY CB 162 111.78 -55.60 -46.42
CA GLY CB 162 111.02 -56.80 -46.25
C GLY CB 162 110.15 -57.17 -47.40
N LYS CB 163 110.70 -57.31 -48.59
CA LYS CB 163 109.77 -57.60 -49.69
C LYS CB 163 109.63 -59.08 -49.68
N THR CB 164 110.77 -59.75 -49.50
CA THR CB 164 110.84 -61.21 -49.41
C THR CB 164 109.96 -61.75 -48.26
N VAL CB 165 110.14 -61.28 -47.03
CA VAL CB 165 109.28 -61.77 -45.94
C VAL CB 165 107.80 -61.47 -46.19
N PHE CB 166 107.48 -60.26 -46.63
CA PHE CB 166 106.10 -59.97 -47.03
C PHE CB 166 105.51 -60.97 -48.04
N ILE CB 167 106.27 -61.32 -49.06
CA ILE CB 167 105.80 -62.27 -50.10
C ILE CB 167 105.54 -63.63 -49.53
N GLN CB 168 106.43 -64.06 -48.63
CA GLN CB 168 106.26 -65.31 -47.89
C GLN CB 168 105.01 -65.33 -46.99
N GLU CB 169 104.53 -64.17 -46.57
CA GLU CB 169 103.26 -64.10 -45.86
C GLU CB 169 102.11 -64.29 -46.83
N LEU CB 170 102.23 -63.71 -48.02
CA LEU CB 170 101.23 -63.93 -49.06
C LEU CB 170 101.17 -65.37 -49.56
N ILE CB 171 102.33 -65.95 -49.89
CA ILE CB 171 102.39 -67.39 -50.17
C ILE CB 171 101.72 -68.13 -49.01
N ASN CB 172 102.05 -67.76 -47.77
CA ASN CB 172 101.48 -68.42 -46.59
C ASN CB 172 99.96 -68.55 -46.63
N ASN CB 173 99.27 -67.42 -46.76
CA ASN CB 173 97.81 -67.37 -46.77
C ASN CB 173 97.22 -67.88 -48.06
N ILE CB 174 97.37 -67.11 -49.15
CA ILE CB 174 96.70 -67.44 -50.40
C ILE CB 174 97.06 -68.83 -50.94
N ALA CB 175 98.35 -69.11 -51.08
CA ALA CB 175 98.82 -70.34 -51.76
C ALA CB 175 98.34 -71.66 -51.14
N LYS CB 176 98.13 -71.70 -49.83
CA LYS CB 176 97.62 -72.90 -49.16
C LYS CB 176 96.20 -73.25 -49.61
N ALA CB 177 95.27 -72.34 -49.30
CA ALA CB 177 93.88 -72.46 -49.75
C ALA CB 177 93.65 -71.78 -51.12
N HIS CB 178 94.35 -72.29 -52.14
CA HIS CB 178 94.21 -71.82 -53.52
C HIS CB 178 93.85 -72.94 -54.48
N GLY CB 179 94.32 -74.16 -54.19
CA GLY CB 179 93.97 -75.32 -55.01
C GLY CB 179 94.77 -75.43 -56.29
N GLY CB 180 94.72 -74.39 -57.12
CA GLY CB 180 95.38 -74.38 -58.44
C GLY CB 180 96.90 -74.31 -58.39
N PHE CB 181 97.51 -74.06 -59.54
CA PHE CB 181 98.98 -74.15 -59.66
C PHE CB 181 99.74 -72.85 -59.36
N SER CB 182 100.91 -73.02 -58.74
CA SER CB 182 101.83 -71.92 -58.48
C SER CB 182 103.15 -72.06 -59.23
N VAL CB 183 103.75 -70.93 -59.58
CA VAL CB 183 105.05 -70.90 -60.25
C VAL CB 183 105.90 -69.85 -59.53
N PHE CB 184 106.79 -70.31 -58.64
CA PHE CB 184 107.69 -69.39 -57.98
C PHE CB 184 108.98 -69.22 -58.79
N THR CB 185 109.41 -67.98 -58.99
CA THR CB 185 110.62 -67.65 -59.75
C THR CB 185 111.59 -66.79 -58.94
N GLY CB 186 112.75 -67.37 -58.59
CA GLY CB 186 113.83 -66.63 -57.93
C GLY CB 186 114.74 -65.99 -58.95
N VAL CB 187 114.60 -64.68 -59.17
CA VAL CB 187 115.53 -63.96 -60.01
C VAL CB 187 116.38 -63.10 -59.09
N GLY CB 188 117.69 -63.19 -59.32
CA GLY CB 188 118.71 -62.42 -58.61
C GLY CB 188 118.55 -62.28 -57.11
N GLU CB 189 118.12 -63.34 -56.43
CA GLU CB 189 118.09 -63.32 -54.96
C GLU CB 189 119.10 -64.28 -54.39
N ARG CB 190 119.05 -64.48 -53.07
CA ARG CB 190 120.00 -65.38 -52.39
C ARG CB 190 119.68 -66.85 -52.61
N THR CB 191 120.71 -67.64 -52.88
CA THR CB 191 120.52 -69.06 -53.05
C THR CB 191 120.10 -69.69 -51.71
N ARG CB 192 120.66 -69.22 -50.60
CA ARG CB 192 120.12 -69.49 -49.27
C ARG CB 192 118.59 -69.45 -49.27
N GLU CB 193 118.01 -68.30 -49.64
CA GLU CB 193 116.56 -68.12 -49.72
C GLU CB 193 115.85 -69.20 -50.56
N GLY CB 194 116.44 -69.50 -51.72
CA GLY CB 194 115.91 -70.53 -52.62
C GLY CB 194 116.02 -71.93 -52.04
N ASN CB 195 117.14 -72.23 -51.40
CA ASN CB 195 117.32 -73.46 -50.64
C ASN CB 195 116.34 -73.56 -49.47
N ASP CB 196 116.02 -72.41 -48.88
CA ASP CB 196 115.07 -72.35 -47.77
C ASP CB 196 113.68 -72.60 -48.26
N LEU CB 197 113.32 -71.99 -49.39
CA LEU CB 197 112.00 -72.17 -49.96
C LEU CB 197 111.72 -73.60 -50.42
N TYR CB 198 112.77 -74.31 -50.84
CA TYR CB 198 112.63 -75.73 -51.20
C TYR CB 198 112.45 -76.61 -49.96
N ARG CB 199 113.05 -76.21 -48.85
CA ARG CB 199 112.82 -76.85 -47.56
C ARG CB 199 111.40 -76.59 -47.11
N GLU CB 200 111.02 -75.31 -47.15
CA GLU CB 200 109.72 -74.83 -46.70
C GLU CB 200 108.53 -75.54 -47.37
N MET CB 201 108.65 -75.88 -48.65
CA MET CB 201 107.54 -76.50 -49.39
C MET CB 201 107.34 -78.00 -49.08
N LYS CB 202 108.46 -78.72 -49.04
CA LYS CB 202 108.47 -80.12 -48.72
C LYS CB 202 107.89 -80.36 -47.33
N GLU CB 203 107.86 -79.31 -46.54
CA GLU CB 203 107.39 -79.40 -45.16
C GLU CB 203 105.90 -79.10 -45.01
N THR CB 204 105.42 -78.07 -45.70
CA THR CB 204 103.97 -77.80 -45.76
C THR CB 204 103.26 -78.81 -46.66
N GLY CB 205 104.04 -79.51 -47.50
CA GLY CB 205 103.50 -80.49 -48.43
C GLY CB 205 103.02 -79.92 -49.76
N VAL CB 206 103.35 -78.66 -50.04
CA VAL CB 206 103.05 -78.06 -51.34
C VAL CB 206 103.83 -78.84 -52.38
N ILE CB 207 105.10 -79.08 -52.07
CA ILE CB 207 105.92 -79.99 -52.83
C ILE CB 207 105.96 -81.30 -52.08
N ASN CB 208 105.53 -82.35 -52.77
CA ASN CB 208 105.62 -83.73 -52.30
C ASN CB 208 106.37 -84.57 -53.31
N LEU CB 209 107.66 -84.77 -53.03
CA LEU CB 209 108.54 -85.59 -53.84
C LEU CB 209 107.89 -86.92 -54.22
N GLU CB 210 107.20 -87.54 -53.27
CA GLU CB 210 106.53 -88.81 -53.53
C GLU CB 210 105.07 -88.64 -53.92
N GLY CB 211 104.52 -87.46 -53.70
CA GLY CB 211 103.11 -87.20 -53.98
C GLY CB 211 102.92 -86.41 -55.25
N GLU CB 212 101.83 -85.63 -55.26
CA GLU CB 212 101.57 -84.61 -56.29
C GLU CB 212 102.15 -83.31 -55.81
N SER CB 213 102.17 -82.28 -56.66
CA SER CB 213 102.65 -80.97 -56.22
C SER CB 213 101.93 -79.77 -56.84
N LYS CB 214 101.75 -78.71 -56.05
CA LYS CB 214 101.00 -77.54 -56.50
C LYS CB 214 101.86 -76.41 -57.07
N VAL CB 215 103.17 -76.46 -56.81
CA VAL CB 215 104.06 -75.37 -57.19
C VAL CB 215 105.17 -75.86 -58.15
N ALA CB 216 105.93 -74.92 -58.71
CA ALA CB 216 107.10 -75.17 -59.57
C ALA CB 216 108.20 -74.19 -59.22
N LEU CB 217 109.44 -74.62 -59.36
CA LEU CB 217 110.52 -73.75 -58.96
C LEU CB 217 111.47 -73.47 -60.13
N VAL CB 218 111.69 -72.17 -60.41
CA VAL CB 218 112.67 -71.72 -61.38
C VAL CB 218 113.57 -70.68 -60.71
N PHE CB 219 114.88 -70.84 -60.88
CA PHE CB 219 115.90 -70.07 -60.13
C PHE CB 219 117.09 -69.63 -60.98
N GLY CB 220 117.17 -68.33 -61.25
CA GLY CB 220 118.38 -67.68 -61.77
C GLY CB 220 118.81 -66.70 -60.70
N GLN CB 221 119.63 -67.17 -59.76
CA GLN CB 221 119.91 -66.41 -58.54
C GLN CB 221 121.04 -65.42 -58.73
N MET CB 222 121.33 -64.65 -57.68
CA MET CB 222 122.26 -63.51 -57.78
C MET CB 222 123.73 -63.84 -58.03
N ASN CB 223 124.07 -65.13 -57.99
CA ASN CB 223 125.42 -65.56 -58.37
C ASN CB 223 125.57 -65.71 -59.89
N GLU CB 224 124.46 -65.81 -60.60
CA GLU CB 224 124.46 -66.04 -62.04
C GLU CB 224 125.02 -64.87 -62.83
N PRO CB 225 125.66 -65.16 -63.97
CA PRO CB 225 126.01 -64.14 -64.97
C PRO CB 225 124.82 -63.37 -65.54
N PRO CB 226 125.06 -62.18 -66.06
CA PRO CB 226 123.91 -61.31 -66.40
C PRO CB 226 122.98 -61.84 -67.48
N GLY CB 227 123.49 -62.68 -68.37
CA GLY CB 227 122.64 -63.34 -69.37
C GLY CB 227 121.60 -64.26 -68.72
N ALA CB 228 122.09 -65.16 -67.85
CA ALA CB 228 121.23 -66.02 -67.05
C ALA CB 228 120.10 -65.22 -66.39
N ARG CB 229 120.51 -64.19 -65.65
CA ARG CB 229 119.59 -63.36 -64.87
C ARG CB 229 118.75 -62.45 -65.78
N ALA CB 230 119.19 -62.25 -67.01
CA ALA CB 230 118.43 -61.39 -67.94
C ALA CB 230 117.28 -62.16 -68.56
N ARG CB 231 117.18 -63.44 -68.17
CA ARG CB 231 116.37 -64.41 -68.88
C ARG CB 231 115.48 -65.28 -68.00
N VAL CB 232 116.01 -65.72 -66.86
CA VAL CB 232 115.37 -66.75 -66.02
C VAL CB 232 113.89 -66.52 -65.71
N ALA CB 233 113.47 -65.25 -65.74
CA ALA CB 233 112.10 -64.85 -65.49
C ALA CB 233 111.20 -65.19 -66.67
N LEU CB 234 111.73 -65.05 -67.89
CA LEU CB 234 111.03 -65.50 -69.10
C LEU CB 234 110.74 -67.01 -69.11
N THR CB 235 111.64 -67.80 -68.51
CA THR CB 235 111.45 -69.23 -68.30
C THR CB 235 110.28 -69.50 -67.35
N GLY CB 236 110.31 -68.84 -66.20
CA GLY CB 236 109.21 -68.92 -65.25
C GLY CB 236 107.91 -68.68 -65.99
N LEU CB 237 107.85 -67.53 -66.68
CA LEU CB 237 106.67 -67.03 -67.39
C LEU CB 237 106.06 -68.00 -68.39
N THR CB 238 106.90 -68.48 -69.32
CA THR CB 238 106.54 -69.55 -70.24
C THR CB 238 105.81 -70.71 -69.55
N ILE CB 239 106.31 -71.14 -68.39
CA ILE CB 239 105.72 -72.24 -67.63
C ILE CB 239 104.31 -71.86 -67.16
N ALA CB 240 104.20 -70.71 -66.48
CA ALA CB 240 102.90 -70.14 -66.08
C ALA CB 240 101.94 -69.98 -67.26
N GLU CB 241 102.41 -69.35 -68.34
CA GLU CB 241 101.62 -69.16 -69.55
C GLU CB 241 101.03 -70.45 -70.10
N TYR CB 242 101.72 -71.58 -69.90
CA TYR CB 242 101.16 -72.85 -70.30
C TYR CB 242 99.96 -73.17 -69.42
N PHE CB 243 100.20 -73.14 -68.11
CA PHE CB 243 99.18 -73.45 -67.13
C PHE CB 243 97.96 -72.56 -67.27
N ARG CB 244 98.13 -71.39 -67.90
CA ARG CB 244 97.04 -70.44 -68.04
C ARG CB 244 96.26 -70.71 -69.31
N ASP CB 245 96.97 -70.87 -70.41
CA ASP CB 245 96.36 -70.88 -71.74
C ASP CB 245 95.99 -72.27 -72.21
N GLU CB 246 96.85 -73.23 -71.94
CA GLU CB 246 96.62 -74.60 -72.37
C GLU CB 246 95.71 -75.29 -71.41
N GLU CB 247 96.13 -75.37 -70.15
CA GLU CB 247 95.39 -76.10 -69.14
C GLU CB 247 94.37 -75.24 -68.36
N GLY CB 248 94.01 -74.08 -68.93
CA GLY CB 248 93.03 -73.14 -68.37
C GLY CB 248 92.93 -73.15 -66.86
N GLN CB 249 94.00 -72.69 -66.19
CA GLN CB 249 94.10 -72.77 -64.73
C GLN CB 249 94.28 -71.42 -64.06
N ASP CB 250 93.86 -71.36 -62.80
CA ASP CB 250 94.22 -70.24 -61.93
C ASP CB 250 95.64 -70.43 -61.45
N VAL CB 251 96.51 -69.52 -61.89
CA VAL CB 251 97.91 -69.63 -61.54
C VAL CB 251 98.28 -68.50 -60.61
N LEU CB 252 98.91 -68.87 -59.49
CA LEU CB 252 99.60 -67.91 -58.63
C LEU CB 252 101.07 -67.83 -59.02
N LEU CB 253 101.55 -66.64 -59.39
CA LEU CB 253 102.89 -66.48 -59.97
C LEU CB 253 103.76 -65.50 -59.20
N PHE CB 254 104.60 -66.00 -58.29
CA PHE CB 254 105.47 -65.12 -57.51
C PHE CB 254 106.86 -64.92 -58.12
N ILE CB 255 107.18 -63.67 -58.48
CA ILE CB 255 108.52 -63.30 -58.94
C ILE CB 255 109.25 -62.49 -57.85
N ASP CB 256 110.53 -62.80 -57.66
CA ASP CB 256 111.33 -62.22 -56.60
C ASP CB 256 112.75 -62.50 -57.04
N ASN CB 257 113.49 -61.47 -57.47
CA ASN CB 257 113.02 -60.09 -57.57
C ASN CB 257 113.02 -59.60 -59.02
N ILE CB 258 111.95 -58.94 -59.46
CA ILE CB 258 111.88 -58.58 -60.88
C ILE CB 258 112.81 -57.47 -61.23
N PHE CB 259 113.30 -56.74 -60.22
CA PHE CB 259 114.25 -55.68 -60.51
C PHE CB 259 115.47 -56.26 -61.22
N ARG CB 260 115.92 -57.39 -60.68
CA ARG CB 260 117.16 -58.05 -61.05
C ARG CB 260 117.24 -58.45 -62.53
N PHE CB 261 116.12 -58.34 -63.24
CA PHE CB 261 116.05 -58.56 -64.67
C PHE CB 261 116.53 -57.34 -65.44
N THR CB 262 116.14 -56.14 -64.97
CA THR CB 262 116.49 -54.86 -65.63
C THR CB 262 117.91 -54.45 -65.28
N GLN CB 263 118.29 -54.68 -64.02
CA GLN CB 263 119.69 -54.52 -63.63
C GLN CB 263 120.63 -55.37 -64.54
N ALA CB 264 120.31 -56.66 -64.74
CA ALA CB 264 121.08 -57.49 -65.70
C ALA CB 264 121.13 -56.92 -67.14
N GLY CB 265 120.00 -56.38 -67.60
CA GLY CB 265 119.93 -55.73 -68.91
C GLY CB 265 120.97 -54.66 -69.08
N SER CB 266 121.17 -53.85 -68.03
CA SER CB 266 122.16 -52.80 -68.07
C SER CB 266 123.57 -53.38 -67.99
N GLU CB 267 123.78 -54.34 -67.09
CA GLU CB 267 125.06 -55.01 -66.98
C GLU CB 267 125.71 -55.37 -68.34
N VAL CB 268 124.92 -55.85 -69.30
CA VAL CB 268 125.43 -56.28 -70.62
C VAL CB 268 125.41 -55.20 -71.69
N SER CB 269 124.51 -54.24 -71.52
CA SER CB 269 124.11 -53.28 -72.55
C SER CB 269 125.23 -52.52 -73.24
N ALA CB 270 126.26 -52.09 -72.50
CA ALA CB 270 127.36 -51.30 -73.09
C ALA CB 270 128.20 -52.19 -73.99
N LEU CB 271 128.43 -53.43 -73.53
CA LEU CB 271 129.19 -54.42 -74.27
C LEU CB 271 128.42 -54.82 -75.52
N LEU CB 272 127.09 -54.68 -75.47
CA LEU CB 272 126.27 -54.82 -76.68
C LEU CB 272 126.39 -53.61 -77.64
N GLY CB 273 127.14 -52.59 -77.21
CA GLY CB 273 127.52 -51.47 -78.04
C GLY CB 273 126.60 -50.27 -77.94
N ARG CB 274 125.73 -50.25 -76.94
CA ARG CB 274 124.68 -49.23 -76.88
C ARG CB 274 125.11 -47.96 -76.19
N ILE CB 275 124.62 -46.80 -76.64
CA ILE CB 275 124.91 -45.55 -75.93
C ILE CB 275 124.04 -45.63 -74.70
N PRO CB 276 124.58 -45.33 -73.50
CA PRO CB 276 123.69 -45.47 -72.35
C PRO CB 276 122.64 -44.37 -72.27
N SER CB 277 121.74 -44.53 -71.30
CA SER CB 277 120.63 -43.62 -71.10
C SER CB 277 120.66 -43.10 -69.66
N ALA CB 278 119.63 -42.39 -69.24
CA ALA CB 278 119.69 -41.73 -67.96
C ALA CB 278 119.99 -42.73 -66.87
N VAL CB 279 120.89 -42.33 -65.98
CA VAL CB 279 121.39 -43.13 -64.84
C VAL CB 279 122.21 -44.34 -65.30
N GLY CB 280 122.56 -44.36 -66.58
CA GLY CB 280 123.36 -45.45 -67.14
C GLY CB 280 122.62 -46.77 -67.38
N TYR CB 281 121.34 -46.64 -67.73
CA TYR CB 281 120.50 -47.78 -68.13
C TYR CB 281 120.46 -47.96 -69.65
N GLN CB 282 120.42 -49.23 -70.06
CA GLN CB 282 120.06 -49.58 -71.43
C GLN CB 282 118.89 -48.74 -71.97
N PRO CB 283 119.05 -48.21 -73.18
CA PRO CB 283 118.14 -47.26 -73.81
C PRO CB 283 116.80 -47.91 -74.08
N THR CB 284 116.76 -49.23 -73.95
CA THR CB 284 115.59 -50.06 -74.23
C THR CB 284 114.83 -50.45 -72.98
N LEU CB 285 115.24 -49.91 -71.83
CA LEU CB 285 114.69 -50.34 -70.53
C LEU CB 285 113.15 -50.42 -70.44
N ALA CB 286 112.44 -49.43 -70.99
CA ALA CB 286 110.98 -49.46 -71.04
C ALA CB 286 110.42 -50.60 -71.91
N THR CB 287 110.78 -50.69 -73.18
CA THR CB 287 110.19 -51.75 -74.02
C THR CB 287 110.64 -53.17 -73.69
N ASP CB 288 111.82 -53.31 -73.10
CA ASP CB 288 112.28 -54.64 -72.69
C ASP CB 288 111.49 -55.11 -71.48
N MET CB 289 110.89 -54.15 -70.79
CA MET CB 289 110.09 -54.46 -69.64
C MET CB 289 108.69 -54.72 -70.13
N GLY CB 290 108.24 -53.92 -71.10
CA GLY CB 290 106.92 -54.03 -71.69
C GLY CB 290 106.70 -55.38 -72.35
N LEU CB 291 107.73 -55.90 -72.99
CA LEU CB 291 107.64 -57.23 -73.56
C LEU CB 291 107.44 -58.28 -72.47
N LEU CB 292 108.10 -58.10 -71.32
CA LEU CB 292 108.05 -59.11 -70.28
C LEU CB 292 106.83 -58.96 -69.36
N GLN CB 293 106.60 -57.73 -68.90
CA GLN CB 293 105.49 -57.44 -68.04
C GLN CB 293 104.17 -57.68 -68.77
N GLU CB 294 104.02 -57.18 -69.99
CA GLU CB 294 102.78 -57.39 -70.76
C GLU CB 294 102.41 -58.86 -70.98
N ARG CB 295 103.34 -59.77 -70.71
CA ARG CB 295 103.05 -61.21 -70.80
C ARG CB 295 102.46 -61.78 -69.52
N ILE CB 296 102.82 -61.19 -68.38
CA ILE CB 296 102.30 -61.68 -67.08
C ILE CB 296 100.94 -61.08 -66.90
N THR CB 297 99.89 -61.83 -67.20
CA THR CB 297 98.58 -61.21 -67.37
C THR CB 297 97.44 -62.25 -67.31
N THR CB 298 96.24 -61.79 -66.99
CA THR CB 298 95.05 -62.61 -67.18
C THR CB 298 94.55 -62.38 -68.60
N THR CB 299 94.09 -63.46 -69.22
CA THR CB 299 93.56 -63.39 -70.57
C THR CB 299 92.25 -64.12 -70.57
N LYS CB 300 91.50 -64.00 -71.64
CA LYS CB 300 90.24 -64.69 -71.81
C LYS CB 300 90.34 -66.24 -71.71
N LYS CB 301 91.53 -66.77 -71.49
CA LYS CB 301 91.72 -68.22 -71.45
C LYS CB 301 92.17 -68.70 -70.08
N GLY CB 302 92.53 -67.77 -69.20
CA GLY CB 302 92.96 -68.16 -67.87
C GLY CB 302 93.38 -66.98 -67.02
N SER CB 303 93.00 -67.06 -65.75
CA SER CB 303 93.39 -66.06 -64.77
C SER CB 303 94.83 -66.27 -64.30
N VAL CB 304 95.53 -65.15 -64.08
CA VAL CB 304 96.82 -65.18 -63.38
C VAL CB 304 96.85 -64.08 -62.33
N THR CB 305 96.99 -64.46 -61.06
CA THR CB 305 97.40 -63.49 -60.06
C THR CB 305 98.87 -63.65 -59.89
N SER CB 306 99.56 -62.52 -59.81
CA SER CB 306 100.99 -62.49 -59.71
C SER CB 306 101.39 -61.47 -58.65
N VAL CB 307 102.25 -61.87 -57.73
CA VAL CB 307 102.94 -60.92 -56.87
C VAL CB 307 104.36 -60.82 -57.39
N GLN CB 308 104.86 -59.61 -57.60
CA GLN CB 308 106.27 -59.44 -57.95
C GLN CB 308 107.00 -58.63 -56.88
N ALA CB 309 108.21 -59.05 -56.56
CA ALA CB 309 108.99 -58.26 -55.65
C ALA CB 309 109.70 -57.19 -56.48
N VAL CB 310 109.50 -55.92 -56.13
CA VAL CB 310 110.27 -54.86 -56.77
C VAL CB 310 111.32 -54.31 -55.78
N TYR CB 311 112.56 -54.41 -56.22
CA TYR CB 311 113.63 -53.70 -55.59
C TYR CB 311 113.72 -52.24 -56.10
N VAL CB 312 114.20 -51.37 -55.22
CA VAL CB 312 114.31 -49.94 -55.45
C VAL CB 312 115.75 -49.46 -55.21
N PRO CB 313 116.59 -49.39 -56.27
CA PRO CB 313 117.95 -48.91 -56.12
C PRO CB 313 118.09 -47.67 -55.24
N ALA CB 314 119.09 -47.71 -54.36
CA ALA CB 314 119.48 -46.59 -53.50
C ALA CB 314 118.32 -45.98 -52.76
N ASP CB 315 117.25 -46.76 -52.61
CA ASP CB 315 116.05 -46.32 -51.91
C ASP CB 315 115.35 -45.20 -52.65
N ASP CB 316 115.86 -44.84 -53.84
CA ASP CB 316 115.23 -43.86 -54.74
C ASP CB 316 114.10 -44.45 -55.57
N LEU CB 317 112.88 -44.04 -55.25
CA LEU CB 317 111.68 -44.46 -56.01
C LEU CB 317 111.61 -43.89 -57.44
N THR CB 318 112.34 -42.83 -57.73
CA THR CB 318 112.24 -42.24 -59.03
C THR CB 318 113.30 -42.79 -59.99
N ASP CB 319 114.19 -43.65 -59.49
CA ASP CB 319 115.15 -44.36 -60.35
C ASP CB 319 114.36 -44.95 -61.53
N PRO CB 320 114.95 -45.00 -62.70
CA PRO CB 320 114.14 -45.33 -63.88
C PRO CB 320 113.67 -46.77 -63.98
N ALA CB 321 114.29 -47.68 -63.24
CA ALA CB 321 113.75 -49.03 -63.16
C ALA CB 321 112.37 -49.05 -62.45
N PRO CB 322 112.30 -48.73 -61.12
CA PRO CB 322 110.94 -48.76 -60.57
C PRO CB 322 110.00 -47.70 -61.17
N ALA CB 323 110.42 -46.47 -61.36
CA ALA CB 323 109.47 -45.57 -62.00
C ALA CB 323 108.68 -46.27 -63.13
N THR CB 324 109.35 -47.07 -63.96
CA THR CB 324 108.70 -47.58 -65.16
C THR CB 324 107.80 -48.76 -64.89
N THR CB 325 108.21 -49.59 -63.92
CA THR CB 325 107.38 -50.66 -63.37
C THR CB 325 105.96 -50.20 -63.01
N PHE CB 326 105.81 -49.32 -62.02
CA PHE CB 326 104.49 -48.93 -61.52
C PHE CB 326 103.37 -49.11 -62.53
N ALA CB 327 103.48 -48.43 -63.67
CA ALA CB 327 102.44 -48.44 -64.70
C ALA CB 327 102.08 -49.83 -65.22
N HIS CB 328 102.70 -50.86 -64.66
CA HIS CB 328 102.40 -52.21 -65.06
C HIS CB 328 101.63 -52.97 -64.02
N LEU CB 329 101.38 -52.32 -62.89
CA LEU CB 329 100.73 -53.02 -61.81
C LEU CB 329 99.30 -52.53 -61.55
N ASP CB 330 98.58 -53.34 -60.77
CA ASP CB 330 97.14 -53.18 -60.48
C ASP CB 330 96.92 -52.81 -59.04
N ALA CB 331 97.90 -53.17 -58.22
CA ALA CB 331 98.03 -52.78 -56.83
C ALA CB 331 99.51 -52.66 -56.54
N THR CB 332 99.88 -51.56 -55.91
CA THR CB 332 101.27 -51.24 -55.70
C THR CB 332 101.42 -51.01 -54.20
N THR CB 333 102.27 -51.79 -53.54
CA THR CB 333 102.48 -51.58 -52.09
C THR CB 333 103.95 -51.45 -51.65
N VAL CB 334 104.25 -50.25 -51.20
CA VAL CB 334 105.60 -49.75 -51.00
C VAL CB 334 106.14 -49.94 -49.58
N LEU CB 335 107.39 -50.38 -49.45
CA LEU CB 335 108.02 -50.42 -48.13
C LEU CB 335 109.02 -49.28 -47.93
N SER CB 336 108.71 -48.46 -46.92
CA SER CB 336 109.55 -47.41 -46.38
C SER CB 336 110.63 -47.95 -45.40
N ARG CB 337 111.87 -47.53 -45.61
CA ARG CB 337 112.95 -47.86 -44.67
C ARG CB 337 112.63 -47.24 -43.32
N GLY CB 338 112.38 -45.94 -43.32
CA GLY CB 338 111.98 -45.21 -42.11
C GLY CB 338 110.92 -45.91 -41.26
N ILE CB 339 109.90 -46.45 -41.92
CA ILE CB 339 108.80 -47.08 -41.21
C ILE CB 339 109.28 -48.32 -40.49
N SER CB 340 110.19 -49.08 -41.12
CA SER CB 340 110.80 -50.27 -40.48
C SER CB 340 111.72 -49.90 -39.33
N GLU CB 341 112.34 -48.74 -39.44
CA GLU CB 341 113.18 -48.24 -38.39
C GLU CB 341 112.32 -47.76 -37.23
N LEU CB 342 111.01 -47.62 -37.48
CA LEU CB 342 110.07 -47.40 -36.38
C LEU CB 342 109.65 -48.73 -35.77
N GLY CB 343 110.06 -49.83 -36.43
CA GLY CB 343 109.73 -51.18 -35.99
C GLY CB 343 108.32 -51.55 -36.40
N ILE CB 344 107.75 -50.75 -37.30
CA ILE CB 344 106.43 -51.04 -37.85
C ILE CB 344 106.58 -52.03 -39.01
N TYR CB 345 105.89 -53.17 -38.89
CA TYR CB 345 105.92 -54.23 -39.90
C TYR CB 345 104.52 -54.80 -40.03
N PRO CB 346 104.05 -54.99 -41.27
CA PRO CB 346 104.82 -54.77 -42.47
C PRO CB 346 105.08 -53.28 -42.59
N ALA CB 347 106.27 -52.91 -43.07
CA ALA CB 347 106.67 -51.50 -43.11
C ALA CB 347 106.09 -50.75 -44.32
N VAL CB 348 104.79 -50.96 -44.58
CA VAL CB 348 104.08 -50.39 -45.74
C VAL CB 348 103.97 -48.87 -45.64
N ASP CB 349 103.84 -48.21 -46.78
CA ASP CB 349 103.54 -46.79 -46.74
C ASP CB 349 102.05 -46.60 -46.93
N PRO CB 350 101.36 -46.31 -45.82
CA PRO CB 350 99.90 -46.17 -45.86
C PRO CB 350 99.44 -45.09 -46.83
N LEU CB 351 100.37 -44.25 -47.25
CA LEU CB 351 100.03 -43.10 -48.08
C LEU CB 351 100.53 -43.23 -49.49
N ASP CB 352 101.37 -44.23 -49.75
CA ASP CB 352 101.94 -44.36 -51.09
C ASP CB 352 101.44 -45.59 -51.80
N SER CB 353 100.66 -46.38 -51.08
CA SER CB 353 100.24 -47.66 -51.59
C SER CB 353 98.91 -47.45 -52.27
N LYS CB 354 98.74 -48.15 -53.37
CA LYS CB 354 97.57 -47.94 -54.19
C LYS CB 354 97.09 -49.25 -54.78
N SER CB 355 95.86 -49.18 -55.27
CA SER CB 355 95.16 -50.31 -55.84
C SER CB 355 93.99 -49.75 -56.62
N ARG CB 356 93.62 -50.45 -57.68
CA ARG CB 356 92.52 -50.03 -58.53
C ARG CB 356 91.20 -50.39 -57.85
N LEU CB 357 91.28 -51.34 -56.92
CA LEU CB 357 90.12 -51.94 -56.24
C LEU CB 357 89.51 -51.19 -55.07
N LEU CB 358 90.26 -50.28 -54.45
CA LEU CB 358 89.68 -49.37 -53.49
C LEU CB 358 88.75 -48.40 -54.23
N ASP CB 359 87.53 -48.88 -54.47
CA ASP CB 359 86.45 -48.11 -55.09
C ASP CB 359 85.13 -48.60 -54.43
N ALA CB 360 84.24 -47.66 -54.10
CA ALA CB 360 82.95 -47.98 -53.45
C ALA CB 360 82.18 -49.06 -54.23
N ALA CB 361 82.26 -48.99 -55.55
CA ALA CB 361 81.63 -49.96 -56.42
C ALA CB 361 82.16 -51.37 -56.17
N VAL CB 362 83.34 -51.47 -55.56
CA VAL CB 362 83.96 -52.75 -55.27
C VAL CB 362 84.00 -53.07 -53.78
N VAL CB 363 84.55 -52.16 -52.97
CA VAL CB 363 84.64 -52.44 -51.55
C VAL CB 363 83.44 -51.91 -50.76
N GLY CB 364 82.74 -50.93 -51.33
CA GLY CB 364 81.50 -50.47 -50.70
C GLY CB 364 81.68 -49.26 -49.83
N GLN CB 365 80.63 -48.44 -49.77
CA GLN CB 365 80.77 -47.08 -49.24
C GLN CB 365 81.53 -46.99 -47.93
N GLU CB 366 81.30 -47.94 -47.02
CA GLU CB 366 81.88 -47.88 -45.68
C GLU CB 366 83.38 -48.14 -45.68
N HIS CB 367 83.78 -49.24 -46.32
CA HIS CB 367 85.17 -49.60 -46.40
C HIS CB 367 85.88 -48.48 -47.16
N TYR CB 368 85.18 -47.95 -48.16
CA TYR CB 368 85.66 -46.82 -48.92
C TYR CB 368 85.96 -45.63 -48.00
N ASP CB 369 85.01 -45.32 -47.12
CA ASP CB 369 85.08 -44.14 -46.27
C ASP CB 369 85.95 -44.32 -45.05
N VAL CB 370 85.93 -45.50 -44.44
CA VAL CB 370 86.85 -45.82 -43.36
C VAL CB 370 88.29 -45.66 -43.85
N ALA CB 371 88.52 -45.98 -45.13
CA ALA CB 371 89.81 -45.77 -45.78
C ALA CB 371 90.20 -44.30 -45.90
N SER CB 372 89.41 -43.51 -46.64
CA SER CB 372 89.70 -42.08 -46.86
C SER CB 372 90.01 -41.35 -45.57
N LYS CB 373 89.10 -41.48 -44.59
CA LYS CB 373 89.20 -40.84 -43.29
C LYS CB 373 90.47 -41.26 -42.55
N VAL CB 374 90.81 -42.54 -42.61
CA VAL CB 374 92.13 -43.01 -42.13
C VAL CB 374 93.27 -42.25 -42.83
N GLN CB 375 93.19 -42.14 -44.15
CA GLN CB 375 94.23 -41.43 -44.89
C GLN CB 375 94.33 -39.94 -44.56
N GLU CB 376 93.19 -39.25 -44.50
CA GLU CB 376 93.18 -37.84 -44.10
C GLU CB 376 93.89 -37.70 -42.77
N THR CB 377 93.56 -38.58 -41.82
CA THR CB 377 94.17 -38.56 -40.50
C THR CB 377 95.69 -38.69 -40.63
N LEU CB 378 96.15 -39.75 -41.28
CA LEU CB 378 97.58 -39.93 -41.51
C LEU CB 378 98.26 -38.78 -42.28
N GLN CB 379 97.57 -38.23 -43.28
CA GLN CB 379 98.13 -37.17 -44.11
C GLN CB 379 98.32 -35.89 -43.30
N THR CB 380 97.40 -35.66 -42.34
CA THR CB 380 97.47 -34.52 -41.43
C THR CB 380 98.66 -34.66 -40.50
N TYR CB 381 98.74 -35.79 -39.79
CA TYR CB 381 99.94 -36.11 -39.02
C TYR CB 381 101.20 -35.79 -39.81
N LYS CB 382 101.21 -36.18 -41.08
CA LYS CB 382 102.34 -35.96 -41.96
C LYS CB 382 102.56 -34.48 -42.18
N SER CB 383 101.51 -33.73 -42.45
CA SER CB 383 101.67 -32.28 -42.67
C SER CB 383 102.35 -31.57 -41.49
N LEU CB 384 102.07 -32.04 -40.28
CA LEU CB 384 102.58 -31.42 -39.05
C LEU CB 384 103.96 -31.91 -38.64
N GLN CB 385 104.46 -32.94 -39.30
CA GLN CB 385 105.74 -33.51 -38.91
C GLN CB 385 106.81 -32.46 -38.61
N ASP CB 386 106.71 -31.30 -39.25
CA ASP CB 386 107.70 -30.22 -39.07
C ASP CB 386 107.51 -29.39 -37.80
N ILE CB 387 106.30 -28.90 -37.57
CA ILE CB 387 106.02 -28.15 -36.36
C ILE CB 387 106.34 -29.01 -35.14
N ILE CB 388 105.85 -30.25 -35.12
CA ILE CB 388 106.14 -31.16 -34.02
C ILE CB 388 107.65 -31.44 -33.86
N ALA CB 389 108.37 -31.43 -34.99
CA ALA CB 389 109.82 -31.64 -34.98
C ALA CB 389 110.57 -30.49 -34.27
N ILE CB 390 110.08 -29.26 -34.44
CA ILE CB 390 110.71 -28.09 -33.82
C ILE CB 390 110.01 -27.64 -32.55
N LEU CB 391 108.70 -27.42 -32.64
CA LEU CB 391 107.92 -26.90 -31.52
C LEU CB 391 107.38 -27.99 -30.63
N GLY CB 392 107.26 -29.19 -31.18
CA GLY CB 392 106.65 -30.29 -30.46
C GLY CB 392 105.14 -30.13 -30.38
N MET CB 393 104.53 -30.95 -29.54
CA MET CB 393 103.09 -31.09 -29.47
C MET CB 393 102.37 -29.89 -28.87
N ASP CB 394 102.99 -29.28 -27.87
CA ASP CB 394 102.33 -28.22 -27.11
C ASP CB 394 101.88 -27.02 -27.92
N GLU CB 395 102.40 -26.89 -29.14
CA GLU CB 395 102.06 -25.75 -29.97
C GLU CB 395 100.92 -26.02 -30.94
N LEU CB 396 100.54 -27.29 -31.04
CA LEU CB 396 99.38 -27.68 -31.83
C LEU CB 396 98.13 -27.24 -31.15
N SER CB 397 97.08 -27.02 -31.95
CA SER CB 397 95.77 -26.67 -31.41
C SER CB 397 95.13 -27.90 -30.74
N GLU CB 398 93.81 -27.85 -30.56
CA GLU CB 398 93.16 -28.94 -29.89
C GLU CB 398 92.76 -30.02 -30.87
N GLN CB 399 92.08 -29.63 -31.94
CA GLN CB 399 91.71 -30.57 -32.99
C GLN CB 399 92.93 -31.27 -33.62
N ASP CB 400 93.96 -30.49 -33.91
CA ASP CB 400 95.23 -31.03 -34.41
C ASP CB 400 95.77 -32.06 -33.44
N LYS CB 401 95.85 -31.69 -32.16
CA LYS CB 401 96.45 -32.51 -31.13
C LYS CB 401 95.83 -33.91 -31.11
N LEU CB 402 94.51 -33.98 -31.15
CA LEU CB 402 93.77 -35.24 -31.19
C LEU CB 402 94.16 -36.09 -32.40
N THR CB 403 94.01 -35.52 -33.60
CA THR CB 403 94.37 -36.18 -34.85
C THR CB 403 95.71 -36.91 -34.75
N VAL CB 404 96.70 -36.25 -34.16
CA VAL CB 404 98.03 -36.82 -34.00
C VAL CB 404 98.00 -38.05 -33.10
N GLU CB 405 97.41 -37.91 -31.92
CA GLU CB 405 97.34 -39.05 -31.01
C GLU CB 405 96.59 -40.21 -31.66
N ARG CB 406 95.59 -39.87 -32.49
CA ARG CB 406 94.77 -40.85 -33.20
C ARG CB 406 95.52 -41.49 -34.36
N ALA CB 407 96.18 -40.64 -35.15
CA ALA CB 407 97.00 -41.07 -36.27
C ALA CB 407 98.12 -41.97 -35.78
N ARG CB 408 98.83 -41.56 -34.72
CA ARG CB 408 99.85 -42.42 -34.12
C ARG CB 408 99.28 -43.76 -33.66
N LYS CB 409 98.01 -43.81 -33.29
CA LYS CB 409 97.34 -45.08 -32.96
C LYS CB 409 97.02 -45.86 -34.23
N ILE CB 410 96.37 -45.21 -35.19
CA ILE CB 410 96.08 -45.84 -36.48
C ILE CB 410 97.37 -46.41 -37.07
N GLN CB 411 98.46 -45.67 -36.88
CA GLN CB 411 99.73 -46.02 -37.49
C GLN CB 411 100.23 -47.31 -36.91
N ARG CB 412 100.24 -47.40 -35.57
CA ARG CB 412 100.69 -48.59 -34.85
C ARG CB 412 99.75 -49.76 -35.09
N PHE CB 413 98.48 -49.46 -35.30
CA PHE CB 413 97.48 -50.49 -35.54
C PHE CB 413 97.62 -51.13 -36.91
N LEU CB 414 98.19 -50.39 -37.87
CA LEU CB 414 98.44 -50.91 -39.22
C LEU CB 414 99.52 -51.98 -39.26
N SER CB 415 100.41 -51.97 -38.26
CA SER CB 415 101.39 -53.05 -38.02
C SER CB 415 100.71 -54.33 -37.58
N GLN CB 416 101.23 -55.46 -38.06
CA GLN CB 416 100.61 -56.76 -37.82
C GLN CB 416 101.67 -57.85 -37.66
N PRO CB 417 101.56 -58.66 -36.61
CA PRO CB 417 102.49 -59.80 -36.52
C PRO CB 417 102.26 -60.81 -37.65
N PHE CB 418 103.36 -61.20 -38.29
CA PHE CB 418 103.31 -62.20 -39.35
C PHE CB 418 103.86 -63.53 -38.82
N ALA CB 419 103.15 -64.61 -39.13
CA ALA CB 419 103.57 -65.95 -38.72
C ALA CB 419 104.97 -66.30 -39.24
N VAL CB 420 105.22 -65.97 -40.51
CA VAL CB 420 106.51 -66.26 -41.17
C VAL CB 420 107.67 -65.46 -40.57
N ALA CB 421 107.34 -64.32 -39.99
CA ALA CB 421 108.34 -63.41 -39.43
C ALA CB 421 108.46 -63.59 -37.93
N GLU CB 422 107.93 -64.70 -37.44
CA GLU CB 422 107.88 -64.99 -36.01
C GLU CB 422 109.25 -64.93 -35.37
N VAL CB 423 110.26 -65.41 -36.08
CA VAL CB 423 111.64 -65.37 -35.58
C VAL CB 423 112.24 -63.96 -35.59
N PHE CB 424 111.40 -62.95 -35.40
CA PHE CB 424 111.82 -61.54 -35.43
C PHE CB 424 110.96 -60.70 -34.50
N THR CB 425 109.71 -61.07 -34.33
CA THR CB 425 108.86 -60.46 -33.33
C THR CB 425 109.01 -61.29 -32.07
N GLY CB 426 108.76 -62.58 -32.22
CA GLY CB 426 108.65 -63.47 -31.08
C GLY CB 426 107.18 -63.81 -30.90
N ILE CB 427 106.31 -62.82 -31.10
CA ILE CB 427 104.87 -63.04 -30.95
C ILE CB 427 104.34 -63.86 -32.14
N PRO CB 428 103.64 -64.99 -31.85
CA PRO CB 428 103.01 -65.80 -32.90
C PRO CB 428 102.09 -64.94 -33.78
N GLY CB 429 102.23 -65.10 -35.10
CA GLY CB 429 101.61 -64.20 -36.08
C GLY CB 429 100.10 -64.26 -36.17
N LYS CB 430 99.49 -63.18 -36.63
CA LYS CB 430 98.04 -63.07 -36.72
C LYS CB 430 97.57 -62.75 -38.13
N LEU CB 431 96.37 -63.21 -38.44
CA LEU CB 431 95.72 -62.91 -39.71
C LEU CB 431 94.37 -62.30 -39.39
N VAL CB 432 94.15 -61.04 -39.73
CA VAL CB 432 92.84 -60.42 -39.52
C VAL CB 432 92.03 -60.55 -40.82
N ARG CB 433 90.71 -60.45 -40.75
CA ARG CB 433 89.89 -60.54 -41.96
C ARG CB 433 89.52 -59.14 -42.45
N LEU CB 434 89.02 -59.06 -43.69
CA LEU CB 434 88.62 -57.77 -44.28
C LEU CB 434 87.50 -57.05 -43.50
N LYS CB 435 86.39 -57.75 -43.23
CA LYS CB 435 85.27 -57.20 -42.46
C LYS CB 435 85.72 -56.82 -41.06
N ASP CB 436 86.68 -57.60 -40.58
CA ASP CB 436 87.25 -57.46 -39.26
C ASP CB 436 88.02 -56.15 -39.14
N THR CB 437 88.88 -55.92 -40.13
CA THR CB 437 89.77 -54.77 -40.21
C THR CB 437 88.97 -53.46 -40.28
N VAL CB 438 87.99 -53.42 -41.19
CA VAL CB 438 87.24 -52.20 -41.44
C VAL CB 438 86.50 -51.74 -40.19
N ALA CB 439 85.76 -52.66 -39.58
CA ALA CB 439 85.08 -52.36 -38.34
C ALA CB 439 86.08 -51.79 -37.33
N SER CB 440 87.09 -52.60 -37.02
CA SER CB 440 88.16 -52.21 -36.11
C SER CB 440 88.60 -50.74 -36.32
N PHE CB 441 88.95 -50.38 -37.54
CA PHE CB 441 89.47 -49.04 -37.80
C PHE CB 441 88.40 -47.95 -37.66
N LYS CB 442 87.18 -48.26 -38.09
CA LYS CB 442 86.03 -47.37 -37.99
C LYS CB 442 85.77 -46.94 -36.55
N ALA CB 443 85.87 -47.91 -35.64
CA ALA CB 443 85.68 -47.69 -34.22
C ALA CB 443 86.71 -46.72 -33.68
N VAL CB 444 87.97 -46.90 -34.08
CA VAL CB 444 89.07 -46.03 -33.67
C VAL CB 444 88.86 -44.61 -34.20
N LEU CB 445 88.35 -44.52 -35.43
CA LEU CB 445 88.08 -43.25 -36.09
C LEU CB 445 86.83 -42.57 -35.56
N GLU CB 446 86.03 -43.31 -34.80
CA GLU CB 446 84.94 -42.73 -34.03
C GLU CB 446 85.37 -42.51 -32.58
N GLY CB 447 86.68 -42.61 -32.37
CA GLY CB 447 87.32 -42.33 -31.08
C GLY CB 447 86.89 -43.25 -29.98
N LYS CB 448 86.35 -44.40 -30.34
CA LYS CB 448 85.80 -45.29 -29.36
C LYS CB 448 86.88 -45.99 -28.55
N TYR CB 449 88.13 -45.58 -28.71
CA TYR CB 449 89.23 -46.21 -28.01
C TYR CB 449 90.28 -45.23 -27.52
N ASP CB 450 90.04 -43.94 -27.79
CA ASP CB 450 90.94 -42.86 -27.43
C ASP CB 450 91.61 -43.03 -26.07
N ASN CB 451 90.89 -43.62 -25.14
CA ASN CB 451 91.33 -43.83 -23.77
C ASN CB 451 92.29 -45.02 -23.60
N ILE CB 452 92.97 -45.42 -24.67
CA ILE CB 452 93.84 -46.59 -24.61
C ILE CB 452 95.29 -46.23 -24.96
N PRO CB 453 96.27 -46.68 -24.14
CA PRO CB 453 97.65 -46.30 -24.43
C PRO CB 453 98.10 -46.72 -25.84
N GLU CB 454 98.62 -45.76 -26.60
CA GLU CB 454 99.13 -45.97 -27.96
C GLU CB 454 99.81 -47.31 -28.19
N HIS CB 455 100.50 -47.81 -27.16
CA HIS CB 455 101.26 -49.03 -27.29
C HIS CB 455 100.38 -50.24 -27.55
N ALA CB 456 99.16 -50.21 -27.04
CA ALA CB 456 98.25 -51.34 -27.19
C ALA CB 456 98.00 -51.65 -28.66
N PHE CB 457 97.92 -50.62 -29.48
CA PHE CB 457 97.67 -50.76 -30.92
C PHE CB 457 98.83 -51.40 -31.70
N TYR CB 458 99.99 -51.46 -31.06
CA TYR CB 458 101.19 -51.94 -31.73
C TYR CB 458 101.30 -53.45 -31.74
N MET CB 459 101.37 -53.99 -32.96
CA MET CB 459 101.77 -55.38 -33.19
C MET CB 459 100.84 -56.37 -32.47
N VAL CB 460 99.60 -56.37 -32.93
CA VAL CB 460 98.53 -57.25 -32.45
C VAL CB 460 97.58 -57.42 -33.62
N GLY CB 461 96.58 -58.29 -33.47
CA GLY CB 461 95.66 -58.57 -34.57
C GLY CB 461 94.58 -57.52 -34.78
N GLY CB 462 93.34 -57.93 -34.56
CA GLY CB 462 92.18 -57.06 -34.70
C GLY CB 462 91.87 -56.32 -33.42
N ILE CB 463 90.77 -55.59 -33.43
CA ILE CB 463 90.42 -54.68 -32.35
C ILE CB 463 90.30 -55.37 -30.97
N GLU CB 464 89.91 -56.65 -30.97
CA GLU CB 464 89.83 -57.47 -29.75
C GLU CB 464 91.16 -57.61 -29.03
N ASP CB 465 92.23 -57.67 -29.82
CA ASP CB 465 93.59 -57.87 -29.33
C ASP CB 465 94.11 -56.61 -28.67
N VAL CB 466 93.53 -55.47 -29.07
CA VAL CB 466 93.90 -54.19 -28.50
C VAL CB 466 93.38 -54.09 -27.08
N VAL CB 467 92.11 -54.45 -26.89
CA VAL CB 467 91.47 -54.38 -25.57
C VAL CB 467 92.13 -55.39 -24.63
N ALA CB 468 92.63 -56.48 -25.20
CA ALA CB 468 93.34 -57.50 -24.46
C ALA CB 468 94.65 -56.96 -23.89
N LYS CB 469 95.58 -56.61 -24.79
CA LYS CB 469 96.90 -56.07 -24.45
C LYS CB 469 96.87 -54.85 -23.52
N ALA CB 470 95.82 -54.04 -23.63
CA ALA CB 470 95.65 -52.85 -22.81
C ALA CB 470 95.26 -53.21 -21.40
N GLU CB 471 94.49 -54.29 -21.25
CA GLU CB 471 94.15 -54.81 -19.93
C GLU CB 471 95.36 -55.49 -19.32
N LYS CB 472 96.14 -56.17 -20.15
CA LYS CB 472 97.37 -56.83 -19.71
C LYS CB 472 98.35 -55.82 -19.14
N LEU CB 473 98.55 -54.73 -19.88
CA LEU CB 473 99.47 -53.69 -19.48
C LEU CB 473 98.94 -52.84 -18.31
N ALA CB 474 97.62 -52.58 -18.29
CA ALA CB 474 97.00 -51.91 -17.15
C ALA CB 474 96.98 -52.85 -15.93
N ALA CB 475 97.94 -53.78 -15.94
CA ALA CB 475 98.24 -54.64 -14.82
C ALA CB 475 99.73 -54.96 -14.94
N ALA DB 1 113.57 -33.65 -53.53
CA ALA DB 1 114.96 -33.60 -52.98
C ALA DB 1 115.97 -33.01 -53.99
N THR DB 2 115.49 -32.07 -54.82
CA THR DB 2 116.34 -31.32 -55.74
C THR DB 2 117.29 -30.42 -54.94
N LEU DB 3 118.24 -29.76 -55.60
CA LEU DB 3 119.20 -28.91 -54.89
C LEU DB 3 118.59 -27.55 -54.56
N LYS DB 4 117.87 -26.99 -55.54
CA LYS DB 4 117.13 -25.73 -55.43
C LYS DB 4 116.31 -25.71 -54.15
N GLU DB 5 115.51 -26.75 -53.97
CA GLU DB 5 114.67 -26.92 -52.79
C GLU DB 5 115.54 -26.97 -51.54
N VAL DB 6 116.30 -28.07 -51.39
CA VAL DB 6 117.06 -28.34 -50.19
C VAL DB 6 117.79 -27.13 -49.67
N GLU DB 7 118.33 -26.33 -50.59
CA GLU DB 7 119.02 -25.09 -50.25
C GLU DB 7 118.09 -24.17 -49.45
N MET DB 8 117.00 -23.74 -50.09
CA MET DB 8 116.06 -22.78 -49.49
C MET DB 8 115.37 -23.36 -48.24
N ARG DB 9 115.06 -24.65 -48.30
CA ARG DB 9 114.61 -25.40 -47.13
C ARG DB 9 115.56 -25.19 -45.96
N LEU DB 10 116.84 -25.42 -46.19
CA LEU DB 10 117.88 -25.28 -45.16
C LEU DB 10 118.04 -23.84 -44.71
N LYS DB 11 117.76 -22.89 -45.59
CA LYS DB 11 117.85 -21.48 -45.23
C LYS DB 11 116.83 -21.19 -44.16
N SER DB 12 115.56 -21.40 -44.50
CA SER DB 12 114.43 -20.98 -43.67
C SER DB 12 114.45 -21.61 -42.28
N ILE DB 13 115.23 -22.67 -42.11
CA ILE DB 13 115.45 -23.26 -40.79
C ILE DB 13 116.50 -22.49 -40.02
N LYS DB 14 117.62 -22.17 -40.67
CA LYS DB 14 118.63 -21.28 -40.10
C LYS DB 14 117.98 -19.97 -39.61
N ASN DB 15 117.11 -19.42 -40.45
CA ASN DB 15 116.33 -18.22 -40.17
C ASN DB 15 115.37 -18.38 -39.00
N ILE DB 16 114.77 -19.58 -38.89
CA ILE DB 16 114.00 -19.95 -37.70
C ILE DB 16 114.88 -20.10 -36.46
N GLU DB 17 116.00 -20.82 -36.58
CA GLU DB 17 116.86 -21.03 -35.43
C GLU DB 17 117.36 -19.72 -34.87
N LYS DB 18 117.54 -18.74 -35.77
CA LYS DB 18 117.95 -17.40 -35.36
C LYS DB 18 116.89 -16.82 -34.44
N ILE DB 19 115.66 -16.77 -34.94
CA ILE DB 19 114.54 -16.15 -34.23
C ILE DB 19 114.32 -16.79 -32.87
N THR DB 20 114.32 -18.11 -32.86
CA THR DB 20 114.13 -18.85 -31.62
C THR DB 20 115.25 -18.57 -30.63
N LYS DB 21 116.47 -18.34 -31.11
CA LYS DB 21 117.56 -18.08 -30.18
C LYS DB 21 117.53 -16.66 -29.65
N THR DB 22 117.04 -15.72 -30.48
CA THR DB 22 116.71 -14.37 -30.03
C THR DB 22 115.63 -14.45 -28.95
N MET DB 23 114.54 -15.16 -29.25
CA MET DB 23 113.44 -15.35 -28.30
C MET DB 23 113.91 -15.73 -26.91
N LYS DB 24 114.74 -16.77 -26.83
CA LYS DB 24 115.28 -17.31 -25.59
C LYS DB 24 116.01 -16.26 -24.74
N ILE DB 25 117.00 -15.61 -25.35
CA ILE DB 25 117.77 -14.57 -24.69
C ILE DB 25 116.91 -13.37 -24.29
N VAL DB 26 115.90 -13.06 -25.09
CA VAL DB 26 114.98 -11.95 -24.77
C VAL DB 26 114.10 -12.27 -23.55
N ALA DB 27 113.72 -13.54 -23.43
CA ALA DB 27 112.95 -13.99 -22.27
C ALA DB 27 113.81 -13.93 -21.03
N SER DB 28 115.09 -14.30 -21.16
CA SER DB 28 116.03 -14.26 -20.03
C SER DB 28 116.04 -12.90 -19.34
N THR DB 29 116.11 -11.82 -20.15
CA THR DB 29 116.08 -10.45 -19.61
C THR DB 29 114.70 -10.04 -19.08
N ARG DB 30 113.65 -10.59 -19.68
CA ARG DB 30 112.28 -10.26 -19.34
C ARG DB 30 111.84 -10.94 -18.04
N LEU DB 31 112.42 -12.11 -17.78
CA LEU DB 31 112.19 -12.85 -16.56
C LEU DB 31 112.93 -12.21 -15.39
N SER DB 32 114.03 -11.52 -15.66
CA SER DB 32 114.74 -10.77 -14.63
C SER DB 32 113.89 -9.56 -14.18
N LYS DB 33 113.26 -8.91 -15.14
CA LYS DB 33 112.36 -7.75 -14.92
C LYS DB 33 111.07 -8.13 -14.17
N ALA DB 34 110.51 -9.28 -14.51
CA ALA DB 34 109.30 -9.81 -13.87
C ALA DB 34 109.62 -10.66 -12.63
N GLU DB 35 110.90 -10.78 -12.30
CA GLU DB 35 111.31 -11.43 -11.05
C GLU DB 35 111.11 -10.50 -9.86
N LYS DB 36 111.35 -9.21 -10.08
CA LYS DB 36 111.25 -8.22 -9.02
C LYS DB 36 109.80 -7.83 -8.69
N ALA DB 37 108.92 -7.96 -9.69
CA ALA DB 37 107.47 -7.72 -9.50
C ALA DB 37 106.74 -8.95 -8.94
N LYS DB 38 107.44 -10.07 -8.84
CA LYS DB 38 106.88 -11.28 -8.24
C LYS DB 38 107.39 -11.40 -6.80
N ILE DB 39 108.30 -10.50 -6.41
CA ILE DB 39 108.75 -10.42 -5.02
C ILE DB 39 108.05 -9.26 -4.31
N SER DB 40 107.74 -8.22 -5.08
CA SER DB 40 107.05 -7.05 -4.56
C SER DB 40 105.53 -7.23 -4.51
N ALA DB 41 105.02 -8.26 -5.20
CA ALA DB 41 103.59 -8.61 -5.14
C ALA DB 41 103.31 -9.74 -4.15
N LYS DB 42 104.22 -10.71 -4.08
CA LYS DB 42 104.10 -11.83 -3.14
C LYS DB 42 104.47 -11.42 -1.71
N LYS DB 43 104.92 -10.18 -1.55
CA LYS DB 43 105.18 -9.59 -0.24
C LYS DB 43 104.00 -8.76 0.25
N MET DB 44 103.32 -8.10 -0.68
CA MET DB 44 102.12 -7.34 -0.38
C MET DB 44 100.98 -8.32 -0.19
N ASP DB 45 101.20 -9.56 -0.61
CA ASP DB 45 100.30 -10.67 -0.33
C ASP DB 45 100.47 -11.09 1.12
N GLU DB 46 101.63 -10.78 1.69
CA GLU DB 46 101.94 -11.10 3.08
C GLU DB 46 101.18 -10.22 4.06
N ALA DB 47 101.42 -8.91 3.98
CA ALA DB 47 100.78 -7.91 4.84
C ALA DB 47 99.26 -8.00 4.75
N GLU DB 48 98.75 -8.15 3.53
CA GLU DB 48 97.32 -8.28 3.29
C GLU DB 48 96.77 -9.50 4.00
N GLN DB 49 97.15 -10.67 3.50
CA GLN DB 49 96.50 -11.92 3.87
C GLN DB 49 96.72 -12.38 5.33
N LEU DB 50 97.69 -11.78 6.03
CA LEU DB 50 97.96 -12.14 7.41
C LEU DB 50 96.76 -11.88 8.29
N PHE DB 51 96.07 -10.75 8.07
CA PHE DB 51 94.82 -10.46 8.79
C PHE DB 51 93.89 -11.67 8.71
N TYR DB 52 93.81 -12.26 7.51
CA TYR DB 52 92.96 -13.39 7.23
C TYR DB 52 93.40 -14.66 7.94
N LYS DB 53 94.71 -14.79 8.17
CA LYS DB 53 95.26 -15.91 8.96
C LYS DB 53 94.82 -15.87 10.42
N ASN DB 54 94.73 -14.66 10.98
CA ASN DB 54 94.32 -14.50 12.37
C ASN DB 54 92.81 -14.65 12.58
N ALA DB 55 92.02 -13.94 11.76
CA ALA DB 55 90.58 -14.20 11.68
C ALA DB 55 90.31 -15.18 10.57
N GLU DB 56 90.42 -16.48 10.88
CA GLU DB 56 90.39 -17.53 9.86
C GLU DB 56 89.05 -17.56 9.10
N THR DB 57 89.04 -16.92 7.93
CA THR DB 57 87.84 -16.87 7.08
C THR DB 57 87.74 -18.07 6.13
N LYS DB 58 86.79 -18.97 6.37
CA LYS DB 58 86.56 -20.12 5.47
C LYS DB 58 85.32 -19.88 4.60
N ASN DB 59 85.48 -20.06 3.29
CA ASN DB 59 84.44 -19.75 2.30
C ASN DB 59 83.21 -20.64 2.47
N LYS DB 71 76.18 -20.68 -8.37
CA LYS DB 71 76.68 -19.31 -8.43
C LYS DB 71 78.11 -19.19 -7.90
N GLU DB 72 79.02 -19.91 -8.56
CA GLU DB 72 80.44 -19.76 -8.29
C GLU DB 72 81.08 -18.92 -9.41
N LEU DB 73 82.02 -18.06 -9.02
CA LEU DB 73 82.79 -17.27 -9.98
C LEU DB 73 84.23 -17.73 -9.97
N ILE DB 74 84.60 -18.35 -11.08
CA ILE DB 74 85.98 -18.74 -11.40
C ILE DB 74 86.53 -17.71 -12.37
N VAL DB 75 87.68 -17.17 -12.01
CA VAL DB 75 88.43 -16.26 -12.88
C VAL DB 75 89.66 -17.00 -13.37
N ALA DB 76 89.82 -17.10 -14.69
CA ALA DB 76 90.95 -17.79 -15.30
C ALA DB 76 91.98 -16.79 -15.79
N ILE DB 77 93.24 -17.06 -15.49
CA ILE DB 77 94.35 -16.14 -15.84
C ILE DB 77 95.43 -16.80 -16.70
N THR DB 78 95.70 -16.21 -17.86
CA THR DB 78 96.91 -16.50 -18.67
C THR DB 78 97.27 -15.28 -19.50
N SER DB 79 97.47 -15.49 -20.79
CA SER DB 79 97.71 -14.40 -21.71
C SER DB 79 97.12 -14.72 -23.07
N ASP DB 80 97.45 -13.88 -24.04
CA ASP DB 80 96.99 -14.04 -25.41
C ASP DB 80 98.07 -14.73 -26.26
N LYS DB 81 99.25 -14.84 -25.68
CA LYS DB 81 100.45 -15.31 -26.36
C LYS DB 81 100.54 -16.84 -26.38
N GLY DB 82 100.91 -17.39 -27.54
CA GLY DB 82 101.28 -18.80 -27.66
C GLY DB 82 102.78 -18.95 -27.52
N LEU DB 83 103.36 -19.94 -28.18
CA LEU DB 83 104.83 -20.13 -28.17
C LEU DB 83 105.47 -20.20 -26.79
N CYS DB 84 104.80 -20.88 -25.85
CA CYS DB 84 105.29 -20.98 -24.48
C CYS DB 84 104.85 -22.29 -23.80
N GLY DB 85 104.80 -23.37 -24.57
CA GLY DB 85 104.46 -24.68 -24.04
C GLY DB 85 103.05 -24.75 -23.47
N SER DB 86 102.88 -25.56 -22.43
CA SER DB 86 101.56 -25.97 -21.97
C SER DB 86 100.93 -25.08 -20.89
N ILE DB 87 101.43 -23.85 -20.78
CA ILE DB 87 100.88 -22.84 -19.87
C ILE DB 87 99.36 -22.83 -19.87
N HIS DB 88 98.76 -22.58 -21.04
CA HIS DB 88 97.31 -22.50 -21.17
C HIS DB 88 96.66 -23.87 -21.19
N SER DB 89 97.33 -24.83 -21.80
CA SER DB 89 96.78 -26.16 -21.97
C SER DB 89 96.52 -26.81 -20.62
N GLN DB 90 97.52 -26.82 -19.75
CA GLN DB 90 97.35 -27.51 -18.48
C GLN DB 90 96.71 -26.67 -17.37
N LEU DB 91 96.60 -25.35 -17.57
CA LEU DB 91 95.78 -24.55 -16.68
C LEU DB 91 94.30 -24.75 -16.99
N ALA DB 92 93.96 -24.84 -18.27
CA ALA DB 92 92.59 -25.10 -18.70
C ALA DB 92 92.08 -26.48 -18.22
N LYS DB 93 93.00 -27.39 -17.91
CA LYS DB 93 92.64 -28.74 -17.45
C LYS DB 93 92.27 -28.78 -15.96
N ALA DB 94 93.05 -28.09 -15.13
CA ALA DB 94 92.74 -27.93 -13.70
C ALA DB 94 91.46 -27.12 -13.49
N VAL DB 95 91.16 -26.25 -14.46
CA VAL DB 95 89.92 -25.48 -14.47
C VAL DB 95 88.72 -26.33 -14.87
N ARG DB 96 88.95 -27.42 -15.60
CA ARG DB 96 87.88 -28.35 -15.94
C ARG DB 96 87.76 -29.44 -14.91
N ARG DB 97 88.86 -29.71 -14.20
CA ARG DB 97 88.91 -30.66 -13.09
C ARG DB 97 88.02 -30.17 -11.94
N HIS DB 98 88.10 -28.86 -11.70
CA HIS DB 98 87.30 -28.16 -10.72
C HIS DB 98 85.92 -27.79 -11.30
N LEU DB 99 85.82 -27.78 -12.62
CA LEU DB 99 84.57 -27.46 -13.31
C LEU DB 99 83.72 -28.71 -13.54
N ASN DB 100 84.17 -29.83 -12.97
CA ASN DB 100 83.36 -31.03 -12.88
C ASN DB 100 82.37 -30.94 -11.72
N ASP DB 101 82.86 -30.45 -10.59
CA ASP DB 101 82.09 -30.42 -9.35
C ASP DB 101 81.07 -29.28 -9.31
N GLN DB 102 81.15 -28.38 -10.28
CA GLN DB 102 80.11 -27.39 -10.50
C GLN DB 102 80.03 -27.08 -11.97
N PRO DB 103 79.27 -27.90 -12.72
CA PRO DB 103 79.14 -27.76 -14.18
C PRO DB 103 78.62 -26.39 -14.61
N ASN DB 104 77.90 -25.73 -13.71
CA ASN DB 104 77.25 -24.45 -14.00
C ASN DB 104 77.86 -23.25 -13.25
N ALA DB 105 79.20 -23.16 -13.25
CA ALA DB 105 79.89 -22.06 -12.60
C ALA DB 105 80.40 -21.03 -13.62
N ASP DB 106 80.10 -19.77 -13.40
CA ASP DB 106 80.52 -18.68 -14.30
C ASP DB 106 82.03 -18.45 -14.34
N ILE DB 107 82.55 -18.15 -15.52
CA ILE DB 107 83.96 -17.85 -15.70
C ILE DB 107 84.20 -16.50 -16.37
N VAL DB 108 85.14 -15.74 -15.81
CA VAL DB 108 85.73 -14.64 -16.55
C VAL DB 108 87.17 -15.02 -16.84
N THR DB 109 87.57 -14.85 -18.10
CA THR DB 109 88.91 -15.22 -18.54
C THR DB 109 89.74 -13.99 -18.87
N ILE DB 110 90.99 -14.03 -18.44
CA ILE DB 110 91.96 -12.98 -18.68
C ILE DB 110 93.07 -13.58 -19.54
N GLY DB 111 93.20 -13.04 -20.75
CA GLY DB 111 94.04 -13.65 -21.77
C GLY DB 111 93.20 -14.57 -22.63
N ASP DB 112 93.46 -14.56 -23.94
CA ASP DB 112 92.62 -15.27 -24.90
C ASP DB 112 92.87 -16.77 -24.94
N LYS DB 113 94.14 -17.16 -24.87
CA LYS DB 113 94.52 -18.56 -25.01
C LYS DB 113 93.77 -19.50 -24.06
N ILE DB 114 93.47 -19.02 -22.86
CA ILE DB 114 92.65 -19.77 -21.93
C ILE DB 114 91.17 -19.75 -22.35
N LYS DB 115 90.69 -18.58 -22.76
CA LYS DB 115 89.33 -18.40 -23.25
C LYS DB 115 89.04 -19.33 -24.43
N MET DB 116 89.97 -19.36 -25.39
CA MET DB 116 89.92 -20.27 -26.52
C MET DB 116 89.80 -21.72 -26.07
N GLN DB 117 90.60 -22.08 -25.07
CA GLN DB 117 90.62 -23.44 -24.51
C GLN DB 117 89.29 -23.85 -23.89
N LEU DB 118 88.78 -23.02 -22.99
CA LEU DB 118 87.53 -23.34 -22.31
C LEU DB 118 86.32 -23.12 -23.22
N LEU DB 119 86.43 -22.16 -24.15
CA LEU DB 119 85.34 -21.84 -25.08
C LEU DB 119 84.92 -23.07 -25.88
N ARG DB 120 85.85 -24.01 -25.99
CA ARG DB 120 85.66 -25.24 -26.74
C ARG DB 120 85.01 -26.36 -25.89
N THR DB 121 85.04 -26.22 -24.56
CA THR DB 121 84.64 -27.33 -23.66
C THR DB 121 83.51 -27.01 -22.64
N HIS DB 122 83.51 -25.80 -22.11
CA HIS DB 122 82.38 -25.30 -21.31
C HIS DB 122 81.92 -24.00 -21.96
N PRO DB 123 81.35 -24.11 -23.18
CA PRO DB 123 81.17 -22.99 -24.10
C PRO DB 123 80.15 -21.96 -23.64
N ASN DB 124 79.19 -22.40 -22.83
CA ASN DB 124 78.20 -21.51 -22.25
C ASN DB 124 78.30 -21.43 -20.72
N ASN DB 125 79.53 -21.35 -20.23
CA ASN DB 125 79.85 -21.07 -18.83
C ASN DB 125 80.32 -19.62 -18.67
N ILE DB 126 81.10 -19.17 -19.64
CA ILE DB 126 81.79 -17.88 -19.60
C ILE DB 126 80.85 -16.72 -19.93
N LYS DB 127 80.95 -15.65 -19.16
CA LYS DB 127 80.07 -14.49 -19.37
C LYS DB 127 80.82 -13.21 -19.75
N LEU DB 128 82.10 -13.12 -19.39
CA LEU DB 128 82.94 -11.96 -19.72
C LEU DB 128 84.37 -12.38 -20.03
N SER DB 129 85.06 -11.58 -20.84
CA SER DB 129 86.47 -11.83 -21.19
C SER DB 129 87.31 -10.58 -21.43
N ILE DB 130 88.54 -10.63 -20.94
CA ILE DB 130 89.51 -9.54 -21.03
C ILE DB 130 90.66 -9.93 -21.95
N ASN DB 131 91.31 -8.94 -22.57
CA ASN DB 131 92.47 -9.19 -23.45
C ASN DB 131 93.48 -8.04 -23.56
N GLY DB 132 94.65 -8.33 -24.12
CA GLY DB 132 95.77 -7.39 -24.15
C GLY DB 132 96.42 -7.39 -22.78
N ILE DB 133 97.07 -8.50 -22.45
CA ILE DB 133 97.55 -8.78 -21.08
C ILE DB 133 99.04 -9.11 -21.00
N GLY DB 134 99.38 -10.37 -21.28
CA GLY DB 134 100.73 -10.91 -21.06
C GLY DB 134 101.80 -10.37 -22.01
N LYS DB 135 101.79 -9.05 -22.18
CA LYS DB 135 102.76 -8.36 -23.01
C LYS DB 135 103.82 -7.72 -22.13
N ASP DB 136 103.38 -6.91 -21.17
CA ASP DB 136 104.26 -6.37 -20.14
C ASP DB 136 103.86 -6.94 -18.79
N ALA DB 137 104.63 -6.60 -17.76
CA ALA DB 137 104.29 -7.02 -16.40
C ALA DB 137 103.00 -6.33 -15.95
N PRO DB 138 102.07 -7.09 -15.36
CA PRO DB 138 100.78 -6.51 -14.97
C PRO DB 138 100.92 -5.51 -13.81
N THR DB 139 100.08 -4.49 -13.82
CA THR DB 139 100.09 -3.48 -12.76
C THR DB 139 98.77 -3.43 -12.04
N PHE DB 140 98.80 -2.89 -10.82
CA PHE DB 140 97.59 -2.72 -10.03
C PHE DB 140 96.51 -1.95 -10.78
N GLN DB 141 96.93 -0.97 -11.58
CA GLN DB 141 96.01 -0.18 -12.40
C GLN DB 141 95.05 -1.09 -13.20
N GLU DB 142 95.61 -2.14 -13.79
CA GLU DB 142 94.81 -3.16 -14.47
C GLU DB 142 94.04 -3.98 -13.45
N SER DB 143 94.78 -4.45 -12.45
CA SER DB 143 94.27 -5.36 -11.44
C SER DB 143 93.06 -4.76 -10.70
N ALA DB 144 92.92 -3.44 -10.79
CA ALA DB 144 91.82 -2.72 -10.18
C ALA DB 144 90.66 -2.57 -11.16
N LEU DB 145 90.98 -2.34 -12.42
CA LEU DB 145 89.98 -2.17 -13.47
C LEU DB 145 89.25 -3.47 -13.77
N ILE DB 146 89.97 -4.58 -13.68
CA ILE DB 146 89.35 -5.88 -13.86
C ILE DB 146 88.52 -6.22 -12.63
N ALA DB 147 89.06 -5.92 -11.45
CA ALA DB 147 88.34 -6.07 -10.18
C ALA DB 147 87.06 -5.23 -10.20
N ASP DB 148 87.18 -4.00 -10.68
CA ASP DB 148 86.05 -3.10 -10.88
C ASP DB 148 84.99 -3.67 -11.83
N LYS DB 149 85.40 -4.17 -12.99
CA LYS DB 149 84.45 -4.68 -13.97
C LYS DB 149 83.81 -6.00 -13.49
N LEU DB 150 84.59 -6.76 -12.71
CA LEU DB 150 84.09 -7.93 -11.99
C LEU DB 150 83.01 -7.54 -10.98
N LEU DB 151 83.16 -6.38 -10.37
CA LEU DB 151 82.11 -5.80 -9.53
C LEU DB 151 80.96 -5.30 -10.42
N SER DB 152 81.31 -4.54 -11.47
CA SER DB 152 80.37 -4.00 -12.49
C SER DB 152 79.41 -5.03 -13.06
N VAL DB 153 79.73 -5.55 -14.25
CA VAL DB 153 78.85 -6.44 -15.00
C VAL DB 153 78.64 -7.80 -14.33
N MET DB 154 79.70 -8.31 -13.72
CA MET DB 154 79.71 -9.67 -13.18
C MET DB 154 78.96 -9.87 -11.87
N LYS DB 155 78.65 -8.77 -11.18
CA LYS DB 155 77.92 -8.81 -9.91
C LYS DB 155 78.72 -9.63 -8.89
N ALA DB 156 79.94 -9.16 -8.59
CA ALA DB 156 80.94 -9.94 -7.85
C ALA DB 156 80.58 -10.34 -6.42
N GLY DB 157 80.33 -9.35 -5.56
CA GLY DB 157 80.01 -9.59 -4.15
C GLY DB 157 78.80 -10.50 -3.97
N THR DB 158 77.87 -10.42 -4.92
CA THR DB 158 76.63 -11.20 -4.86
C THR DB 158 76.84 -12.67 -5.22
N TYR DB 159 78.10 -13.10 -5.19
CA TYR DB 159 78.44 -14.48 -5.45
C TYR DB 159 78.78 -15.20 -4.15
N PRO DB 160 78.14 -16.34 -3.93
CA PRO DB 160 78.42 -17.30 -2.86
C PRO DB 160 79.90 -17.68 -2.74
N LYS DB 161 80.61 -17.72 -3.86
CA LYS DB 161 82.01 -18.13 -3.86
C LYS DB 161 82.78 -17.61 -5.11
N ILE DB 162 84.06 -17.26 -4.92
CA ILE DB 162 84.95 -16.80 -5.98
C ILE DB 162 86.34 -17.43 -5.85
N SER DB 163 86.84 -18.00 -6.93
CA SER DB 163 88.20 -18.52 -6.95
C SER DB 163 88.99 -18.14 -8.22
N ILE DB 164 90.20 -17.64 -8.02
CA ILE DB 164 91.08 -17.26 -9.13
C ILE DB 164 92.00 -18.41 -9.44
N PHE DB 165 92.09 -18.72 -10.74
CA PHE DB 165 92.97 -19.78 -11.27
C PHE DB 165 94.15 -19.22 -12.06
N TYR DB 166 95.35 -19.64 -11.68
CA TYR DB 166 96.55 -19.07 -12.22
C TYR DB 166 97.65 -20.11 -12.25
N ASN DB 167 98.66 -19.88 -13.08
CA ASN DB 167 99.87 -20.71 -13.08
C ASN DB 167 100.90 -20.20 -12.09
N ASP DB 168 101.11 -20.94 -11.01
CA ASP DB 168 102.13 -20.62 -10.02
C ASP DB 168 103.51 -21.08 -10.52
N PRO DB 169 104.54 -20.22 -10.36
CA PRO DB 169 105.89 -20.61 -10.76
C PRO DB 169 106.68 -21.37 -9.67
N VAL DB 170 106.81 -22.70 -9.79
CA VAL DB 170 107.59 -23.46 -8.78
C VAL DB 170 109.12 -23.30 -8.88
N SER DB 171 109.66 -23.39 -10.10
CA SER DB 171 111.08 -23.07 -10.34
C SER DB 171 111.21 -22.17 -11.59
N SER DB 172 112.16 -22.48 -12.45
CA SER DB 172 112.21 -21.86 -13.78
C SER DB 172 111.76 -22.88 -14.83
N LEU DB 173 112.23 -24.13 -14.66
CA LEU DB 173 111.93 -25.21 -15.61
C LEU DB 173 110.47 -25.67 -15.52
N SER DB 174 109.89 -25.60 -14.32
CA SER DB 174 108.52 -26.03 -14.09
C SER DB 174 107.63 -24.97 -13.43
N PHE DB 175 106.35 -24.98 -13.81
CA PHE DB 175 105.32 -24.16 -13.18
C PHE DB 175 104.25 -25.09 -12.62
N GLU DB 176 103.18 -24.49 -12.08
CA GLU DB 176 102.11 -25.27 -11.46
C GLU DB 176 100.76 -24.58 -11.63
N PRO DB 177 99.79 -25.29 -12.21
CA PRO DB 177 98.44 -24.76 -12.18
C PRO DB 177 98.00 -24.66 -10.72
N SER DB 178 97.46 -23.49 -10.34
CA SER DB 178 97.08 -23.27 -8.94
C SER DB 178 95.75 -22.55 -8.79
N GLU DB 179 95.16 -22.71 -7.61
CA GLU DB 179 93.93 -22.05 -7.26
C GLU DB 179 94.13 -21.27 -5.97
N LYS DB 180 93.35 -20.21 -5.80
CA LYS DB 180 93.28 -19.49 -4.52
C LYS DB 180 91.91 -18.81 -4.27
N PRO DB 181 91.41 -18.92 -3.01
CA PRO DB 181 90.10 -18.38 -2.65
C PRO DB 181 90.05 -16.88 -2.40
N ILE DB 182 89.08 -16.22 -3.03
CA ILE DB 182 88.65 -14.88 -2.66
C ILE DB 182 87.44 -15.08 -1.73
N PHE DB 183 87.39 -14.34 -0.61
CA PHE DB 183 86.23 -14.34 0.29
C PHE DB 183 85.49 -13.02 0.18
N ASN DB 184 84.16 -13.05 0.29
CA ASN DB 184 83.36 -11.82 0.18
C ASN DB 184 82.82 -11.26 1.51
N ALA DB 185 82.16 -10.10 1.43
CA ALA DB 185 81.78 -9.29 2.59
C ALA DB 185 81.19 -10.09 3.74
N LYS DB 186 80.20 -10.93 3.42
CA LYS DB 186 79.55 -11.78 4.40
C LYS DB 186 80.53 -12.77 5.05
N THR DB 187 81.38 -13.41 4.24
CA THR DB 187 82.36 -14.38 4.73
C THR DB 187 83.33 -13.72 5.70
N ILE DB 188 83.63 -12.47 5.42
CA ILE DB 188 84.59 -11.71 6.20
C ILE DB 188 84.02 -11.40 7.60
N GLU DB 189 82.78 -10.90 7.66
CA GLU DB 189 82.11 -10.66 8.94
C GLU DB 189 81.97 -11.95 9.73
N GLN DB 190 81.54 -13.00 9.04
CA GLN DB 190 81.22 -14.28 9.66
C GLN DB 190 82.43 -15.09 10.12
N SER DB 191 83.64 -14.63 9.78
CA SER DB 191 84.84 -15.39 10.13
C SER DB 191 85.07 -15.47 11.64
N PRO DB 192 85.16 -16.72 12.17
CA PRO DB 192 85.42 -17.08 13.56
C PRO DB 192 86.07 -15.99 14.43
N SER DB 193 87.27 -15.54 14.06
CA SER DB 193 88.01 -14.60 14.92
C SER DB 193 87.89 -13.11 14.55
N PHE DB 194 86.91 -12.79 13.70
CA PHE DB 194 86.65 -11.41 13.33
C PHE DB 194 86.45 -10.56 14.58
N GLY DB 195 85.91 -11.19 15.63
CA GLY DB 195 85.67 -10.56 16.92
C GLY DB 195 86.91 -9.97 17.58
N LYS DB 196 88.06 -10.63 17.39
CA LYS DB 196 89.33 -10.16 17.95
C LYS DB 196 89.72 -8.77 17.45
N PHE DB 197 89.35 -8.47 16.20
CA PHE DB 197 89.70 -7.20 15.58
C PHE DB 197 88.68 -6.09 15.83
N GLU DB 198 89.08 -5.11 16.64
CA GLU DB 198 88.23 -3.98 17.02
C GLU DB 198 88.02 -3.00 15.86
N ILE DB 199 87.79 -3.56 14.67
CA ILE DB 199 87.36 -2.80 13.49
C ILE DB 199 86.04 -2.10 13.81
N ASP DB 200 86.07 -0.77 13.82
CA ASP DB 200 84.86 0.04 14.03
C ASP DB 200 83.84 -0.22 12.92
N THR DB 201 82.66 -0.72 13.31
CA THR DB 201 81.56 -0.98 12.37
C THR DB 201 81.10 0.30 11.67
N ASP DB 202 81.89 1.35 11.87
CA ASP DB 202 81.76 2.67 11.24
C ASP DB 202 81.67 2.56 9.70
N ALA DB 203 80.45 2.29 9.20
CA ALA DB 203 80.13 2.17 7.76
C ALA DB 203 80.95 1.13 6.94
N ASN DB 204 80.33 0.65 5.86
CA ASN DB 204 80.82 -0.46 5.03
C ASN DB 204 82.31 -0.71 5.13
N VAL DB 205 82.72 -1.48 6.14
CA VAL DB 205 84.14 -1.77 6.36
C VAL DB 205 84.63 -3.13 5.87
N PRO DB 206 83.79 -4.18 5.93
CA PRO DB 206 84.26 -5.44 5.36
C PRO DB 206 84.16 -5.40 3.84
N ARG DB 207 83.16 -4.67 3.33
CA ARG DB 207 82.96 -4.49 1.89
C ARG DB 207 84.27 -4.04 1.24
N ASP DB 208 84.84 -2.95 1.75
CA ASP DB 208 86.07 -2.40 1.22
C ASP DB 208 87.18 -3.45 1.22
N LEU DB 209 87.39 -4.08 2.38
CA LEU DB 209 88.39 -5.12 2.51
C LEU DB 209 88.25 -6.19 1.43
N PHE DB 210 87.02 -6.54 1.10
CA PHE DB 210 86.77 -7.47 -0.01
C PHE DB 210 87.17 -6.84 -1.33
N GLU DB 211 86.58 -5.69 -1.64
CA GLU DB 211 86.78 -4.98 -2.92
C GLU DB 211 88.24 -4.76 -3.26
N TYR DB 212 89.09 -4.89 -2.25
CA TYR DB 212 90.48 -4.54 -2.33
C TYR DB 212 91.29 -5.79 -2.13
N THR DB 213 90.66 -6.83 -1.62
CA THR DB 213 91.31 -8.13 -1.60
C THR DB 213 91.07 -8.81 -2.95
N LEU DB 214 90.03 -8.39 -3.68
CA LEU DB 214 89.80 -8.87 -5.06
C LEU DB 214 90.81 -8.32 -6.09
N ALA DB 215 91.14 -7.04 -5.98
CA ALA DB 215 92.17 -6.43 -6.80
C ALA DB 215 93.56 -6.95 -6.42
N ASN DB 216 93.87 -6.94 -5.12
CA ASN DB 216 95.18 -7.39 -4.64
C ASN DB 216 95.47 -8.85 -4.92
N GLN DB 217 94.55 -9.74 -4.53
CA GLN DB 217 94.71 -11.15 -4.85
C GLN DB 217 94.91 -11.36 -6.35
N MET DB 218 94.03 -10.77 -7.14
CA MET DB 218 94.16 -10.82 -8.59
C MET DB 218 95.54 -10.41 -9.09
N LEU DB 219 96.09 -9.32 -8.56
CA LEU DB 219 97.41 -8.86 -8.97
C LEU DB 219 98.42 -9.96 -8.76
N THR DB 220 98.61 -10.36 -7.51
CA THR DB 220 99.55 -11.42 -7.14
C THR DB 220 99.50 -12.61 -8.12
N ALA DB 221 98.29 -13.09 -8.37
CA ALA DB 221 98.10 -14.17 -9.34
C ALA DB 221 98.70 -13.80 -10.68
N MET DB 222 98.33 -12.64 -11.20
CA MET DB 222 98.80 -12.18 -12.51
C MET DB 222 100.32 -12.04 -12.56
N ALA DB 223 100.91 -11.48 -11.50
CA ALA DB 223 102.37 -11.35 -11.41
C ALA DB 223 103.01 -12.73 -11.49
N GLN DB 224 102.46 -13.67 -10.72
CA GLN DB 224 102.97 -15.02 -10.68
C GLN DB 224 102.71 -15.75 -11.99
N GLY DB 225 101.54 -15.50 -12.59
CA GLY DB 225 101.15 -16.16 -13.84
C GLY DB 225 102.04 -15.77 -14.99
N TYR DB 226 102.27 -14.46 -15.12
CA TYR DB 226 103.14 -13.88 -16.12
C TYR DB 226 104.56 -14.37 -15.95
N ALA DB 227 105.08 -14.32 -14.74
CA ALA DB 227 106.45 -14.77 -14.48
C ALA DB 227 106.61 -16.29 -14.59
N ALA DB 228 105.50 -17.01 -14.57
CA ALA DB 228 105.54 -18.43 -14.82
C ALA DB 228 105.53 -18.69 -16.32
N GLU DB 229 104.86 -17.80 -17.05
CA GLU DB 229 104.71 -17.89 -18.51
C GLU DB 229 106.01 -17.54 -19.20
N ILE DB 230 106.61 -16.44 -18.76
CA ILE DB 230 107.89 -15.99 -19.28
C ILE DB 230 108.91 -17.13 -19.15
N SER DB 231 108.93 -17.80 -18.00
CA SER DB 231 109.82 -18.96 -17.81
C SER DB 231 109.58 -20.04 -18.84
N ALA DB 232 108.30 -20.36 -19.04
CA ALA DB 232 107.87 -21.32 -20.04
C ALA DB 232 108.31 -20.88 -21.45
N ARG DB 233 107.98 -19.65 -21.84
CA ARG DB 233 108.38 -19.14 -23.15
C ARG DB 233 109.88 -19.32 -23.36
N ARG DB 234 110.66 -18.90 -22.37
CA ARG DB 234 112.11 -19.09 -22.37
C ARG DB 234 112.51 -20.54 -22.61
N ASN DB 235 111.96 -21.46 -21.82
CA ASN DB 235 112.33 -22.86 -21.92
C ASN DB 235 111.96 -23.47 -23.26
N ALA DB 236 110.77 -23.13 -23.73
CA ALA DB 236 110.24 -23.62 -25.00
C ALA DB 236 111.11 -23.14 -26.14
N MET DB 237 111.19 -21.82 -26.30
CA MET DB 237 112.05 -21.24 -27.31
C MET DB 237 113.40 -21.87 -27.26
N ASP DB 238 113.87 -22.18 -26.06
CA ASP DB 238 115.16 -22.83 -25.90
C ASP DB 238 115.26 -24.17 -26.64
N ASN DB 239 114.24 -25.02 -26.46
CA ASN DB 239 114.21 -26.31 -27.14
C ASN DB 239 114.04 -26.23 -28.64
N ALA DB 240 113.25 -25.25 -29.09
CA ALA DB 240 113.13 -24.94 -30.51
C ALA DB 240 114.51 -24.75 -31.14
N SER DB 241 115.34 -23.92 -30.50
CA SER DB 241 116.72 -23.70 -30.93
C SER DB 241 117.55 -24.98 -30.96
N LYS DB 242 117.33 -25.88 -30.00
CA LYS DB 242 118.06 -27.13 -29.99
C LYS DB 242 117.67 -28.01 -31.19
N ASN DB 243 116.37 -28.06 -31.47
CA ASN DB 243 115.84 -28.90 -32.55
C ASN DB 243 116.18 -28.42 -33.94
N ALA DB 244 115.87 -27.16 -34.21
CA ALA DB 244 116.23 -26.55 -35.48
C ALA DB 244 117.73 -26.61 -35.62
N GLY DB 245 118.42 -26.60 -34.48
CA GLY DB 245 119.86 -26.85 -34.44
C GLY DB 245 120.17 -28.20 -35.02
N ASP DB 246 119.48 -29.23 -34.53
CA ASP DB 246 119.72 -30.60 -34.96
C ASP DB 246 119.24 -30.83 -36.39
N MET DB 247 118.18 -30.13 -36.79
CA MET DB 247 117.63 -30.22 -38.14
C MET DB 247 118.61 -29.68 -39.17
N ILE DB 248 119.05 -28.44 -38.95
CA ILE DB 248 120.14 -27.83 -39.69
C ILE DB 248 121.24 -28.83 -39.98
N ASN DB 249 121.68 -29.56 -38.96
CA ASN DB 249 122.73 -30.56 -39.12
C ASN DB 249 122.40 -31.61 -40.15
N ARG DB 250 121.15 -32.09 -40.11
CA ARG DB 250 120.69 -33.13 -41.02
C ARG DB 250 120.66 -32.60 -42.44
N TYR DB 251 119.87 -31.56 -42.66
CA TYR DB 251 119.79 -30.93 -43.98
C TYR DB 251 121.15 -30.50 -44.55
N SER DB 252 122.08 -30.09 -43.69
CA SER DB 252 123.43 -29.81 -44.13
C SER DB 252 124.02 -31.03 -44.79
N ILE DB 253 123.90 -32.18 -44.12
CA ILE DB 253 124.40 -33.42 -44.70
C ILE DB 253 123.69 -33.76 -46.00
N LEU DB 254 122.36 -33.68 -46.00
CA LEU DB 254 121.59 -33.91 -47.23
C LEU DB 254 122.00 -32.95 -48.33
N TYR DB 255 122.26 -31.69 -47.98
CA TYR DB 255 122.65 -30.69 -48.98
C TYR DB 255 123.90 -31.10 -49.77
N ASN DB 256 124.94 -31.46 -49.03
CA ASN DB 256 126.17 -31.90 -49.62
C ASN DB 256 126.03 -33.11 -50.50
N ARG DB 257 125.20 -34.07 -50.10
CA ARG DB 257 124.90 -35.19 -50.99
C ARG DB 257 124.34 -34.69 -52.32
N THR DB 258 123.27 -33.91 -52.26
CA THR DB 258 122.62 -33.47 -53.47
C THR DB 258 123.60 -32.68 -54.32
N ARG DB 259 124.18 -31.63 -53.76
CA ARG DB 259 125.27 -30.96 -54.43
C ARG DB 259 126.12 -31.99 -55.18
N GLN DB 260 126.84 -32.82 -54.43
CA GLN DB 260 127.71 -33.84 -54.99
C GLN DB 260 127.16 -34.58 -56.20
N ALA DB 261 125.97 -35.17 -56.09
CA ALA DB 261 125.36 -35.90 -57.21
C ALA DB 261 125.05 -34.98 -58.40
N VAL DB 262 124.45 -33.80 -58.12
CA VAL DB 262 124.21 -32.77 -59.12
C VAL DB 262 125.46 -32.63 -60.01
N ILE DB 263 126.63 -32.58 -59.40
CA ILE DB 263 127.91 -32.57 -60.11
C ILE DB 263 128.18 -33.83 -60.94
N THR DB 264 127.87 -35.00 -60.40
CA THR DB 264 128.20 -36.22 -61.13
C THR DB 264 127.20 -36.47 -62.27
N ASN DB 265 125.91 -36.38 -61.98
CA ASN DB 265 124.88 -36.57 -63.01
C ASN DB 265 124.99 -35.56 -64.13
N GLU DB 266 125.33 -34.31 -63.78
CA GLU DB 266 125.56 -33.25 -64.75
C GLU DB 266 126.75 -33.56 -65.65
N LEU DB 267 127.74 -34.20 -65.05
CA LEU DB 267 129.00 -34.45 -65.71
C LEU DB 267 128.80 -35.58 -66.70
N VAL DB 268 128.11 -36.62 -66.23
CA VAL DB 268 127.88 -37.77 -67.07
C VAL DB 268 127.23 -37.31 -68.36
N ASP DB 269 126.16 -36.54 -68.28
CA ASP DB 269 125.47 -36.03 -69.48
C ASP DB 269 126.44 -35.56 -70.58
N ILE DB 270 127.53 -34.94 -70.13
CA ILE DB 270 128.56 -34.40 -71.01
C ILE DB 270 129.44 -35.52 -71.54
N ILE DB 271 129.94 -36.38 -70.65
CA ILE DB 271 130.80 -37.50 -71.02
C ILE DB 271 130.19 -38.33 -72.11
N THR DB 272 128.92 -38.69 -71.93
CA THR DB 272 128.20 -39.52 -72.90
C THR DB 272 128.04 -38.77 -74.22
N GLY DB 273 127.58 -37.52 -74.15
CA GLY DB 273 127.52 -36.65 -75.34
C GLY DB 273 128.85 -36.60 -76.06
N ALA DB 274 129.95 -36.66 -75.29
CA ALA DB 274 131.31 -36.52 -75.78
C ALA DB 274 131.90 -37.75 -76.44
N SER DB 275 131.62 -38.95 -75.93
CA SER DB 275 132.14 -40.20 -76.53
C SER DB 275 131.68 -40.39 -77.97
N SER DB 276 130.41 -40.06 -78.22
CA SER DB 276 129.78 -40.09 -79.55
C SER DB 276 130.37 -38.99 -80.44
N LEU EB 12 109.62 -5.91 6.11
CA LEU EB 12 108.72 -7.00 6.54
C LEU EB 12 107.26 -6.62 6.26
N GLN EB 13 106.71 -5.64 6.99
CA GLN EB 13 105.25 -5.32 6.94
C GLN EB 13 104.86 -3.85 6.72
N PHE EB 14 104.89 -3.47 5.44
CA PHE EB 14 104.44 -2.16 4.89
C PHE EB 14 104.77 -2.10 3.40
N ALA EB 15 103.77 -2.43 2.57
CA ALA EB 15 104.00 -2.79 1.17
C ALA EB 15 103.22 -1.97 0.15
N LEU EB 16 103.93 -1.49 -0.87
CA LEU EB 16 103.32 -1.06 -2.12
C LEU EB 16 103.42 -2.25 -3.11
N PRO EB 17 102.58 -2.27 -4.17
CA PRO EB 17 102.64 -3.47 -5.02
C PRO EB 17 103.94 -3.52 -5.84
N HIS EB 18 104.44 -2.35 -6.22
CA HIS EB 18 105.69 -2.28 -6.97
C HIS EB 18 106.91 -2.25 -6.05
N GLU EB 19 106.79 -1.54 -4.94
CA GLU EB 19 107.91 -1.34 -4.02
C GLU EB 19 107.45 -1.59 -2.58
N THR EB 20 108.06 -2.58 -1.93
CA THR EB 20 107.76 -2.83 -0.50
C THR EB 20 108.81 -2.16 0.40
N LEU EB 21 108.36 -1.60 1.53
CA LEU EB 21 109.19 -0.70 2.35
C LEU EB 21 109.74 -1.23 3.68
N TYR EB 22 108.94 -1.21 4.73
CA TYR EB 22 109.48 -1.36 6.09
C TYR EB 22 109.60 -2.78 6.64
N SER EB 23 110.22 -2.88 7.83
CA SER EB 23 110.53 -4.16 8.49
C SER EB 23 109.88 -4.31 9.86
N GLU EB 26 111.19 -3.71 12.94
CA GLU EB 26 110.95 -3.23 14.31
C GLU EB 26 110.52 -1.76 14.34
N VAL EB 27 109.47 -1.47 15.09
CA VAL EB 27 108.87 -0.12 15.11
C VAL EB 27 108.45 0.31 16.54
N THR EB 28 108.70 1.58 16.88
CA THR EB 28 108.33 2.13 18.20
C THR EB 28 107.05 3.01 18.21
N GLN EB 29 106.69 3.57 17.04
CA GLN EB 29 105.44 4.33 16.86
C GLN EB 29 105.07 4.61 15.39
N VAL EB 30 103.87 4.20 15.01
CA VAL EB 30 103.38 4.44 13.67
C VAL EB 30 102.18 5.39 13.71
N ASN EB 31 102.21 6.40 12.84
CA ASN EB 31 101.06 7.31 12.67
C ASN EB 31 100.41 7.04 11.33
N LEU EB 32 99.09 6.93 11.30
CA LEU EB 32 98.36 6.58 10.08
C LEU EB 32 97.15 7.50 9.88
N PRO EB 33 96.72 7.70 8.61
CA PRO EB 33 95.52 8.50 8.36
C PRO EB 33 94.29 7.60 8.12
N ALA EB 34 93.64 7.20 9.22
CA ALA EB 34 92.59 6.16 9.17
C ALA EB 34 91.29 6.58 8.50
N LYS EB 35 90.32 5.67 8.59
CA LYS EB 35 89.01 5.88 8.01
C LYS EB 35 88.37 7.05 8.73
N SER EB 36 88.31 6.98 10.05
CA SER EB 36 87.82 8.09 10.85
C SER EB 36 88.99 8.71 11.60
N GLY EB 37 89.58 9.75 10.98
CA GLY EB 37 90.65 10.55 11.57
C GLY EB 37 91.96 9.84 11.88
N ARG EB 38 93.01 10.62 12.06
CA ARG EB 38 94.34 10.06 12.30
C ARG EB 38 94.35 9.14 13.51
N ILE EB 39 95.25 8.17 13.52
CA ILE EB 39 95.49 7.32 14.69
C ILE EB 39 96.95 6.94 14.86
N GLY EB 40 97.30 6.45 16.05
CA GLY EB 40 98.67 6.06 16.35
C GLY EB 40 98.77 4.72 17.01
N VAL EB 41 99.37 3.77 16.31
CA VAL EB 41 99.62 2.44 16.86
C VAL EB 41 100.86 2.53 17.77
N LEU EB 42 100.95 1.63 18.75
CA LEU EB 42 102.07 1.64 19.68
C LEU EB 42 102.39 0.28 20.27
N ALA EB 43 103.55 0.23 20.92
CA ALA EB 43 104.21 -1.00 21.45
C ALA EB 43 103.31 -2.18 21.73
N ASN EB 44 102.22 -1.94 22.44
CA ASN EB 44 101.11 -2.86 22.44
C ASN EB 44 99.88 -2.07 22.13
N HIS EB 45 99.13 -2.51 21.13
CA HIS EB 45 97.95 -1.79 20.68
C HIS EB 45 96.80 -2.75 20.41
N VAL EB 46 95.58 -2.24 20.31
CA VAL EB 46 94.44 -3.10 20.02
C VAL EB 46 94.44 -3.51 18.58
N PRO EB 47 94.24 -4.83 18.34
CA PRO EB 47 94.07 -5.41 17.00
C PRO EB 47 92.94 -4.73 16.22
N THR EB 48 93.26 -4.08 15.09
CA THR EB 48 92.26 -3.32 14.35
C THR EB 48 92.52 -3.30 12.86
N VAL EB 49 91.43 -3.27 12.09
CA VAL EB 49 91.48 -2.96 10.66
C VAL EB 49 90.81 -1.62 10.38
N GLU EB 50 91.46 -0.81 9.55
CA GLU EB 50 90.87 0.42 9.09
C GLU EB 50 91.31 0.75 7.67
N GLN EB 51 90.36 1.23 6.88
CA GLN EB 51 90.56 1.80 5.56
C GLN EB 51 91.57 2.90 5.74
N LEU EB 52 92.55 3.01 4.86
CA LEU EB 52 93.50 4.10 4.98
C LEU EB 52 93.14 5.19 3.99
N LEU EB 53 92.81 6.37 4.53
CA LEU EB 53 92.44 7.52 3.73
C LEU EB 53 93.68 8.06 3.01
N PRO EB 54 93.49 8.75 1.86
CA PRO EB 54 94.58 9.41 1.12
C PRO EB 54 95.34 10.52 1.88
N GLY EB 55 96.33 10.14 2.70
CA GLY EB 55 97.12 11.11 3.49
C GLY EB 55 98.47 10.63 4.01
N VAL EB 56 99.19 11.56 4.66
CA VAL EB 56 100.53 11.31 5.20
C VAL EB 56 100.61 10.21 6.26
N VAL EB 57 101.81 9.63 6.40
CA VAL EB 57 102.06 8.55 7.35
C VAL EB 57 103.44 8.81 7.94
N GLU EB 58 103.83 8.05 8.96
CA GLU EB 58 105.16 8.19 9.53
C GLU EB 58 105.62 6.97 10.30
N VAL EB 59 106.93 6.67 10.21
CA VAL EB 59 107.57 5.64 11.03
C VAL EB 59 108.41 6.20 12.20
N MET EB 60 108.75 5.30 13.13
CA MET EB 60 109.51 5.64 14.33
C MET EB 60 110.48 4.52 14.70
N GLU EB 61 111.64 4.91 15.21
CA GLU EB 61 112.66 3.98 15.72
C GLU EB 61 113.37 4.57 16.94
N GLY EB 62 112.59 5.05 17.91
CA GLY EB 62 113.12 5.68 19.12
C GLY EB 62 112.84 7.17 19.17
N SER EB 63 113.48 7.90 18.25
CA SER EB 63 113.24 9.33 18.04
C SER EB 63 113.46 9.72 16.58
N ASN EB 64 113.08 8.82 15.68
CA ASN EB 64 113.36 8.95 14.26
C ASN EB 64 112.13 9.38 13.44
N SER EB 65 112.20 10.58 12.86
CA SER EB 65 111.10 11.15 12.09
C SER EB 65 111.26 10.94 10.58
N LYS EB 66 110.33 10.16 10.00
CA LYS EB 66 110.32 9.91 8.54
C LYS EB 66 108.88 9.75 8.03
N LYS EB 67 108.40 10.79 7.35
CA LYS EB 67 107.02 10.87 6.90
C LYS EB 67 106.86 10.63 5.39
N PHE EB 68 105.90 9.77 5.03
CA PHE EB 68 105.52 9.49 3.64
C PHE EB 68 104.11 9.98 3.35
N PHE EB 69 103.81 10.27 2.09
CA PHE EB 69 102.43 10.40 1.65
C PHE EB 69 101.99 9.02 1.15
N ILE EB 70 100.74 8.93 0.74
CA ILE EB 70 100.13 7.66 0.32
C ILE EB 70 98.85 7.91 -0.48
N SER EB 71 98.35 6.85 -1.10
CA SER EB 71 97.15 6.89 -1.92
C SER EB 71 95.93 6.51 -1.11
N GLY EB 72 96.15 5.58 -0.18
CA GLY EB 72 95.09 4.98 0.60
C GLY EB 72 95.18 3.46 0.52
N GLY EB 73 94.47 2.79 1.41
CA GLY EB 73 94.47 1.34 1.44
C GLY EB 73 93.93 0.80 2.73
N PHE EB 74 94.70 -0.07 3.37
CA PHE EB 74 94.30 -0.71 4.62
C PHE EB 74 95.40 -0.80 5.65
N ALA EB 75 95.05 -0.59 6.91
CA ALA EB 75 95.92 -0.93 8.01
C ALA EB 75 95.32 -2.10 8.78
N THR EB 76 96.18 -2.88 9.40
CA THR EB 76 95.72 -4.03 10.17
C THR EB 76 96.68 -4.35 11.32
N VAL EB 77 96.31 -3.93 12.52
CA VAL EB 77 97.03 -4.27 13.74
C VAL EB 77 96.68 -5.71 14.09
N GLN EB 78 97.72 -6.52 14.31
CA GLN EB 78 97.54 -7.95 14.52
C GLN EB 78 97.49 -8.30 16.01
N PRO EB 79 96.83 -9.42 16.37
CA PRO EB 79 96.89 -9.95 17.74
C PRO EB 79 98.31 -10.29 18.15
N ASP EB 80 99.06 -10.91 17.23
CA ASP EB 80 100.49 -11.19 17.46
C ASP EB 80 101.32 -9.88 17.55
N SER EB 81 100.62 -8.75 17.39
CA SER EB 81 101.15 -7.39 17.61
C SER EB 81 101.82 -6.72 16.38
N GLN EB 82 101.95 -7.45 15.28
CA GLN EB 82 102.54 -6.88 14.06
C GLN EB 82 101.53 -5.98 13.33
N LEU EB 83 101.94 -4.75 13.03
CA LEU EB 83 101.09 -3.85 12.22
C LEU EB 83 101.42 -3.98 10.73
N CYS EB 84 100.38 -4.18 9.93
CA CYS EB 84 100.51 -4.30 8.48
C CYS EB 84 99.80 -3.15 7.80
N VAL EB 85 100.58 -2.39 7.05
CA VAL EB 85 100.05 -1.26 6.29
C VAL EB 85 100.31 -1.38 4.79
N THR EB 86 99.23 -1.23 4.03
CA THR EB 86 99.24 -1.49 2.60
C THR EB 86 98.61 -0.30 1.91
N ALA EB 87 99.32 0.20 0.91
CA ALA EB 87 98.82 1.27 0.05
C ALA EB 87 99.36 1.04 -1.36
N ILE EB 88 99.08 1.97 -2.25
CA ILE EB 88 99.49 1.82 -3.64
C ILE EB 88 100.73 2.64 -3.97
N GLU EB 89 100.62 3.97 -4.06
CA GLU EB 89 101.77 4.84 -4.39
C GLU EB 89 102.29 5.65 -3.19
N ALA EB 90 103.56 6.06 -3.27
CA ALA EB 90 104.23 6.82 -2.21
C ALA EB 90 105.45 7.55 -2.74
N PRO EB 92 109.89 9.12 0.85
CA PRO EB 92 110.25 10.47 1.24
C PRO EB 92 109.09 11.47 1.18
N LEU EB 93 109.18 12.52 2.01
CA LEU EB 93 108.12 13.51 2.20
C LEU EB 93 108.07 14.56 1.08
N GLU EB 94 108.55 15.77 1.38
CA GLU EB 94 108.67 16.85 0.40
C GLU EB 94 109.86 16.59 -0.53
N SER EB 95 110.68 15.61 -0.16
CA SER EB 95 111.75 15.07 -1.01
C SER EB 95 111.16 14.11 -2.06
N PHE EB 96 109.90 14.36 -2.44
CA PHE EB 96 109.15 13.57 -3.41
C PHE EB 96 108.20 14.42 -4.27
N SER EB 97 107.22 15.06 -3.64
CA SER EB 97 106.23 15.86 -4.34
C SER EB 97 106.59 17.34 -4.31
N GLU EB 99 105.11 21.15 -6.25
CA GLU EB 99 104.60 22.51 -6.12
C GLU EB 99 103.92 22.95 -7.41
N ASN EB 100 104.70 23.11 -8.48
CA ASN EB 100 104.17 23.38 -9.81
C ASN EB 100 103.70 22.09 -10.47
N ILE EB 101 104.38 20.99 -10.14
CA ILE EB 101 103.95 19.64 -10.52
C ILE EB 101 102.54 19.43 -10.01
N LYS EB 102 102.33 19.84 -8.76
CA LYS EB 102 101.02 19.80 -8.12
C LYS EB 102 100.07 20.87 -8.69
N ASN EB 103 100.57 22.10 -8.81
CA ASN EB 103 99.78 23.26 -9.24
C ASN EB 103 99.11 23.09 -10.61
N LEU EB 104 99.93 22.88 -11.64
CA LEU EB 104 99.44 22.73 -13.01
C LEU EB 104 98.44 21.58 -13.14
N LEU EB 105 98.64 20.52 -12.34
CA LEU EB 105 97.73 19.38 -12.29
C LEU EB 105 96.41 19.74 -11.61
N ALA EB 106 96.51 20.51 -10.52
CA ALA EB 106 95.35 20.98 -9.78
C ALA EB 106 94.42 21.79 -10.66
N GLU EB 107 95.01 22.58 -11.56
CA GLU EB 107 94.27 23.35 -12.56
C GLU EB 107 93.37 22.41 -13.38
N ALA EB 108 94.01 21.46 -14.07
CA ALA EB 108 93.34 20.49 -14.94
C ALA EB 108 92.34 19.62 -14.17
N LYS EB 109 92.65 19.40 -12.90
CA LYS EB 109 91.77 18.67 -12.00
C LYS EB 109 90.42 19.37 -11.88
N LYS EB 110 90.45 20.58 -11.30
CA LYS EB 110 89.24 21.38 -11.06
C LYS EB 110 88.42 21.55 -12.33
N ASN EB 111 89.11 21.71 -13.46
CA ASN EB 111 88.48 21.86 -14.78
C ASN EB 111 87.61 20.66 -15.16
N VAL EB 112 88.14 19.46 -14.91
CA VAL EB 112 87.46 18.20 -15.26
C VAL EB 112 86.16 17.98 -14.46
N SER EB 113 86.12 18.52 -13.25
CA SER EB 113 84.99 18.34 -12.31
C SER EB 113 83.65 18.84 -12.86
N SER EB 114 83.69 19.93 -13.63
CA SER EB 114 82.49 20.54 -14.21
C SER EB 114 81.88 19.69 -15.32
N SER EB 115 82.60 18.65 -15.76
CA SER EB 115 82.15 17.76 -16.83
C SER EB 115 80.84 17.06 -16.54
N ARG EB 118 79.70 10.19 -14.77
CA ARG EB 118 80.71 9.25 -14.30
C ARG EB 118 82.13 9.79 -14.43
N GLU EB 119 82.41 10.47 -15.56
CA GLU EB 119 83.76 10.98 -15.87
C GLU EB 119 84.24 12.07 -14.90
N ALA EB 120 83.38 13.07 -14.65
CA ALA EB 120 83.71 14.18 -13.75
C ALA EB 120 83.65 13.78 -12.27
N ALA EB 121 82.96 12.68 -11.99
CA ALA EB 121 82.90 12.11 -10.64
C ALA EB 121 84.29 11.71 -10.18
N GLU EB 122 85.06 11.15 -11.10
CA GLU EB 122 86.47 10.78 -10.87
C GLU EB 122 87.34 12.00 -10.50
N ALA EB 123 86.97 13.16 -11.05
CA ALA EB 123 87.68 14.42 -10.77
C ALA EB 123 87.37 14.91 -9.35
N ALA EB 124 86.18 14.61 -8.87
CA ALA EB 124 85.81 14.90 -7.49
C ALA EB 124 86.85 14.26 -6.55
N ILE EB 125 87.21 13.02 -6.88
CA ILE EB 125 88.24 12.28 -6.15
C ILE EB 125 89.58 13.01 -6.18
N GLN EB 126 89.85 13.72 -7.27
CA GLN EB 126 91.12 14.43 -7.43
C GLN EB 126 91.22 15.68 -6.56
N VAL EB 127 90.11 16.41 -6.40
CA VAL EB 127 90.09 17.67 -5.65
C VAL EB 127 90.48 17.48 -4.19
N GLU EB 128 89.90 16.45 -3.57
CA GLU EB 128 90.15 16.09 -2.16
C GLU EB 128 91.58 15.57 -1.94
N VAL EB 129 92.03 14.73 -2.87
CA VAL EB 129 93.36 14.12 -2.83
C VAL EB 129 94.41 15.20 -3.05
N LEU EB 130 94.11 16.10 -3.98
CA LEU EB 130 94.99 17.22 -4.30
C LEU EB 130 95.03 18.21 -3.13
N GLU EB 131 93.87 18.75 -2.76
CA GLU EB 131 93.78 19.77 -1.71
C GLU EB 131 94.59 19.35 -0.48
N ASN EB 132 94.52 18.05 -0.15
CA ASN EB 132 95.27 17.44 0.96
C ASN EB 132 96.79 17.61 0.82
N LEU EB 133 97.31 17.23 -0.35
CA LEU EB 133 98.74 17.29 -0.66
C LEU EB 133 99.33 18.70 -0.55
N GLN EB 134 98.54 19.70 -0.95
CA GLN EB 134 98.92 21.12 -0.83
C GLN EB 134 99.46 21.42 0.57
N SER EB 135 98.76 20.91 1.57
CA SER EB 135 99.23 20.92 2.95
C SER EB 135 100.34 19.89 3.15
N VAL EB 136 101.60 20.29 2.92
CA VAL EB 136 102.78 19.47 3.19
C VAL EB 136 104.05 20.31 3.09
N MET FB 8 90.99 4.82 -9.09
CA MET FB 8 89.53 4.95 -9.42
C MET FB 8 88.57 4.46 -8.30
N SER FB 9 88.14 3.19 -8.36
CA SER FB 9 87.02 2.60 -7.57
C SER FB 9 87.10 2.81 -6.04
N TYR FB 10 86.89 1.75 -5.27
CA TYR FB 10 87.60 1.64 -4.01
C TYR FB 10 88.73 0.70 -4.31
N ALA FB 11 88.32 -0.44 -4.86
CA ALA FB 11 89.22 -1.37 -5.54
C ALA FB 11 90.32 -0.59 -6.23
N ALA FB 12 89.93 0.55 -6.82
CA ALA FB 12 90.87 1.39 -7.51
C ALA FB 12 91.03 2.78 -6.88
N TYR FB 13 90.17 3.13 -5.91
CA TYR FB 13 90.22 4.44 -5.21
C TYR FB 13 91.63 4.99 -5.18
N LEU FB 14 92.52 4.13 -4.71
CA LEU FB 14 93.89 4.45 -4.41
C LEU FB 14 94.78 4.21 -5.66
N ASN FB 15 94.13 4.14 -6.82
CA ASN FB 15 94.76 4.12 -8.15
C ASN FB 15 94.30 5.36 -8.96
N VAL FB 16 93.55 6.25 -8.33
CA VAL FB 16 93.32 7.58 -8.87
C VAL FB 16 93.94 8.54 -7.88
N ALA FB 17 93.86 8.18 -6.60
CA ALA FB 17 94.61 8.86 -5.55
C ALA FB 17 96.11 8.57 -5.71
N ALA FB 18 96.42 7.59 -6.56
CA ALA FB 18 97.79 7.23 -6.87
C ALA FB 18 98.13 7.55 -8.34
N GLN FB 19 97.16 8.12 -9.07
CA GLN FB 19 97.35 8.44 -10.47
C GLN FB 19 96.88 9.85 -10.83
N ALA FB 20 96.23 10.51 -9.87
CA ALA FB 20 96.25 11.95 -9.80
C ALA FB 20 97.55 12.24 -9.04
N ILE FB 21 97.80 11.41 -8.03
CA ILE FB 21 99.04 11.48 -7.27
C ILE FB 21 100.19 10.79 -7.99
N ARG FB 22 99.98 10.44 -9.26
CA ARG FB 22 101.07 10.04 -10.15
C ARG FB 22 101.56 11.29 -10.86
N SER FB 23 100.63 12.01 -11.49
CA SER FB 23 100.92 13.27 -12.15
C SER FB 23 101.20 14.37 -11.11
N THR FB 27 108.23 15.74 -12.99
CA THR FB 27 109.00 15.03 -14.05
C THR FB 27 110.12 14.22 -13.41
N GLU FB 28 109.79 13.52 -12.33
CA GLU FB 28 110.79 12.86 -11.50
C GLU FB 28 110.74 11.32 -11.52
N LEU FB 29 110.23 10.71 -10.44
CA LEU FB 29 110.21 9.24 -10.29
C LEU FB 29 109.70 8.48 -11.54
N GLN FB 30 109.01 9.19 -12.43
CA GLN FB 30 108.32 8.63 -13.61
C GLN FB 30 109.24 8.03 -14.67
N THR FB 31 110.51 7.84 -14.32
CA THR FB 31 111.48 7.19 -15.18
C THR FB 31 111.08 5.72 -15.29
N ALA FB 32 110.57 5.35 -16.48
CA ALA FB 32 109.96 4.04 -16.72
C ALA FB 32 108.89 3.70 -15.66
N SER FB 33 109.32 3.11 -14.54
CA SER FB 33 108.47 2.70 -13.42
C SER FB 33 107.03 3.19 -13.48
N VAL FB 34 106.84 4.46 -13.16
CA VAL FB 34 105.53 5.02 -12.85
C VAL FB 34 104.77 5.47 -14.10
N THR FB 35 105.46 6.10 -15.05
CA THR FB 35 104.84 6.46 -16.33
C THR FB 35 104.15 5.25 -16.96
N ASN FB 36 104.71 4.06 -16.72
CA ASN FB 36 104.21 2.79 -17.27
C ASN FB 36 103.14 2.14 -16.39
N ARG FB 37 103.28 2.33 -15.08
CA ARG FB 37 102.27 1.93 -14.11
C ARG FB 37 100.96 2.65 -14.40
N SER FB 38 101.05 3.77 -15.12
CA SER FB 38 99.91 4.61 -15.50
C SER FB 38 99.27 4.22 -16.83
N GLN FB 39 100.04 3.60 -17.74
CA GLN FB 39 99.51 3.15 -19.02
C GLN FB 39 99.17 1.64 -18.98
N THR FB 40 97.86 1.35 -18.98
CA THR FB 40 97.37 -0.03 -19.03
C THR FB 40 96.62 -0.23 -20.35
N ASP FB 41 96.92 -1.33 -21.06
CA ASP FB 41 96.38 -1.54 -22.40
C ASP FB 41 95.30 -2.61 -22.53
N ALA FB 42 94.54 -2.78 -21.45
CA ALA FB 42 93.53 -3.83 -21.37
C ALA FB 42 92.21 -3.49 -22.08
N PHE FB 43 91.49 -4.53 -22.49
CA PHE FB 43 90.17 -4.41 -23.11
C PHE FB 43 89.23 -5.49 -22.57
N TYR FB 44 88.00 -5.12 -22.25
CA TYR FB 44 86.99 -6.09 -21.83
C TYR FB 44 85.96 -6.32 -22.94
N THR FB 45 85.34 -7.49 -22.90
CA THR FB 45 84.21 -7.81 -23.79
C THR FB 45 83.30 -8.81 -23.11
N GLN FB 46 82.02 -8.47 -23.03
CA GLN FB 46 80.99 -9.32 -22.44
C GLN FB 46 80.58 -10.40 -23.44
N TYR FB 47 80.20 -11.57 -22.91
CA TYR FB 47 79.87 -12.73 -23.74
C TYR FB 47 78.48 -13.29 -23.47
N LYS FB 48 77.74 -13.52 -24.56
CA LYS FB 48 76.33 -13.90 -24.50
C LYS FB 48 76.02 -15.30 -25.07
N ASN FB 49 74.74 -15.58 -25.28
CA ASN FB 49 74.22 -16.88 -25.71
C ASN FB 49 75.05 -17.58 -26.78
N ALA FB 53 78.28 -18.34 -26.48
CA ALA FB 53 79.07 -18.29 -27.72
C ALA FB 53 79.38 -16.85 -28.14
N SER FB 54 78.42 -16.20 -28.82
CA SER FB 54 78.59 -14.84 -29.33
C SER FB 54 78.88 -13.82 -28.22
N GLU FB 55 79.50 -12.70 -28.60
CA GLU FB 55 79.97 -11.69 -27.65
C GLU FB 55 78.92 -10.62 -27.28
N PRO FB 56 79.38 -9.38 -27.09
CA PRO FB 56 78.50 -8.23 -26.87
C PRO FB 56 79.01 -7.02 -27.66
N THR FB 57 80.22 -6.57 -27.31
CA THR FB 57 80.91 -5.46 -27.98
C THR FB 57 82.25 -5.21 -27.28
N PRO FB 58 83.17 -4.53 -27.96
CA PRO FB 58 84.48 -4.22 -27.38
C PRO FB 58 84.55 -2.81 -26.78
N MET FB 59 85.41 -2.63 -25.77
CA MET FB 59 85.65 -1.34 -25.12
C MET FB 59 86.96 -1.37 -24.33
N THR FB 60 87.63 -0.23 -24.22
CA THR FB 60 88.83 -0.10 -23.40
C THR FB 60 88.48 -0.28 -21.91
N LYS FB 61 89.35 -0.96 -21.16
CA LYS FB 61 89.08 -1.34 -19.76
C LYS FB 61 88.52 -0.22 -18.87
N PRO GB 8 135.89 -41.23 -111.04
CA PRO GB 8 134.74 -42.00 -111.62
C PRO GB 8 133.56 -41.98 -110.64
N PRO GB 9 132.30 -41.99 -111.10
CA PRO GB 9 131.09 -42.10 -110.28
C PRO GB 9 130.82 -43.52 -109.81
N VAL GB 10 131.52 -43.98 -108.77
CA VAL GB 10 131.27 -45.30 -108.19
C VAL GB 10 131.11 -45.22 -106.68
N ARG GB 11 131.39 -44.04 -106.09
CA ARG GB 11 131.43 -43.78 -104.66
C ARG GB 11 132.50 -44.57 -103.92
N LEU GB 12 132.19 -45.83 -103.58
CA LEU GB 12 133.03 -46.77 -102.87
C LEU GB 12 133.51 -46.29 -101.51
N PHE GB 13 132.55 -46.04 -100.59
CA PHE GB 13 132.84 -45.46 -99.29
C PHE GB 13 133.40 -44.04 -99.37
N GLY GB 14 134.48 -43.73 -98.62
CA GLY GB 14 135.07 -42.40 -98.67
C GLY GB 14 136.30 -42.22 -97.82
N VAL GB 15 136.59 -43.19 -96.93
CA VAL GB 15 137.82 -43.22 -96.14
C VAL GB 15 138.58 -44.52 -96.39
N GLU GB 16 137.99 -45.70 -96.08
CA GLU GB 16 138.61 -46.99 -96.35
C GLU GB 16 138.64 -47.39 -97.82
N GLY GB 17 137.58 -47.05 -98.59
CA GLY GB 17 137.48 -47.40 -100.01
C GLY GB 17 138.28 -46.49 -100.92
N THR GB 18 138.95 -45.44 -100.39
CA THR GB 18 139.65 -44.48 -101.23
C THR GB 18 141.08 -44.89 -101.50
N TYR GB 19 141.53 -46.02 -100.93
CA TYR GB 19 142.88 -46.51 -101.15
C TYR GB 19 143.13 -46.96 -102.59
N ALA GB 20 142.22 -47.77 -103.17
CA ALA GB 20 142.34 -48.23 -104.52
C ALA GB 20 141.97 -47.15 -105.55
N THR GB 21 141.07 -46.21 -105.19
CA THR GB 21 140.64 -45.13 -106.08
C THR GB 21 141.71 -44.08 -106.29
N ALA GB 22 142.58 -43.84 -105.27
CA ALA GB 22 143.68 -42.90 -105.34
C ALA GB 22 144.71 -43.25 -106.41
N LEU GB 23 145.09 -44.53 -106.52
CA LEU GB 23 146.08 -44.94 -107.50
C LEU GB 23 145.52 -45.22 -108.87
N TYR GB 24 144.19 -45.36 -108.98
CA TYR GB 24 143.55 -45.56 -110.25
C TYR GB 24 143.71 -44.34 -111.16
N GLN GB 25 143.80 -43.11 -110.58
CA GLN GB 25 144.02 -41.89 -111.34
C GLN GB 25 145.36 -41.82 -112.06
N ALA GB 26 146.45 -42.27 -111.41
CA ALA GB 26 147.77 -42.32 -112.01
C ALA GB 26 147.99 -43.53 -112.91
N ALA GB 27 147.24 -44.64 -112.69
CA ALA GB 27 147.37 -45.86 -113.48
C ALA GB 27 146.53 -45.81 -114.76
N ALA GB 28 145.64 -44.82 -114.92
CA ALA GB 28 144.79 -44.66 -116.08
C ALA GB 28 145.45 -43.85 -117.21
N LYS GB 29 146.79 -43.70 -117.18
CA LYS GB 29 147.55 -42.96 -118.17
C LYS GB 29 148.51 -43.89 -118.86
N ASN GB 30 148.63 -43.76 -120.20
CA ASN GB 30 149.49 -44.57 -121.05
C ASN GB 30 149.17 -46.06 -121.06
N SER GB 31 147.89 -46.44 -120.84
CA SER GB 31 147.42 -47.82 -120.80
C SER GB 31 148.01 -48.72 -119.72
N SER GB 32 147.84 -48.37 -118.43
CA SER GB 32 148.49 -49.07 -117.32
C SER GB 32 147.49 -49.66 -116.34
N ILE GB 33 146.26 -49.96 -116.78
CA ILE GB 33 145.22 -50.54 -115.94
C ILE GB 33 145.18 -52.06 -116.05
N ASP GB 34 145.61 -52.62 -117.21
CA ASP GB 34 145.60 -54.04 -117.50
C ASP GB 34 146.64 -54.81 -116.68
N ALA GB 35 147.85 -54.24 -116.54
CA ALA GB 35 148.93 -54.86 -115.81
C ALA GB 35 148.75 -54.78 -114.31
N ALA GB 36 147.91 -53.83 -113.83
CA ALA GB 36 147.64 -53.65 -112.43
C ALA GB 36 146.70 -54.72 -111.88
N PHE GB 37 145.86 -55.36 -112.71
CA PHE GB 37 144.97 -56.38 -112.21
C PHE GB 37 145.72 -57.66 -111.78
N GLN GB 38 146.67 -58.14 -112.61
CA GLN GB 38 147.40 -59.37 -112.35
C GLN GB 38 148.49 -59.22 -111.31
N SER GB 39 148.98 -57.98 -111.10
CA SER GB 39 150.00 -57.68 -110.10
C SER GB 39 149.44 -57.58 -108.69
N LEU GB 40 148.19 -57.09 -108.53
CA LEU GB 40 147.55 -56.97 -107.23
C LEU GB 40 147.20 -58.33 -106.64
N GLN GB 41 146.86 -59.30 -107.50
CA GLN GB 41 146.51 -60.64 -107.06
C GLN GB 41 147.70 -61.44 -106.55
N LYS GB 42 148.93 -61.10 -106.99
CA LYS GB 42 150.13 -61.79 -106.55
C LYS GB 42 150.59 -61.39 -105.17
N VAL GB 43 150.23 -60.17 -104.71
CA VAL GB 43 150.55 -59.68 -103.38
C VAL GB 43 149.71 -60.38 -102.30
N GLU GB 44 148.42 -60.62 -102.57
CA GLU GB 44 147.51 -61.25 -101.64
C GLU GB 44 147.75 -62.76 -101.52
N SER GB 45 148.02 -63.42 -102.67
CA SER GB 45 148.22 -64.85 -102.75
C SER GB 45 149.48 -65.35 -102.05
N THR GB 46 150.56 -64.54 -102.01
CA THR GB 46 151.87 -64.89 -101.44
C THR GB 46 151.98 -64.52 -99.97
N VAL GB 47 150.88 -64.00 -99.38
CA VAL GB 47 150.84 -63.59 -97.99
C VAL GB 47 149.79 -64.39 -97.22
N LYS GB 48 148.62 -64.69 -97.84
CA LYS GB 48 147.58 -65.46 -97.18
C LYS GB 48 147.89 -66.95 -97.08
N LYS GB 49 148.18 -67.61 -98.22
CA LYS GB 49 148.50 -69.02 -98.27
C LYS GB 49 150.00 -69.18 -98.46
N ASN GB 50 150.79 -68.61 -97.56
CA ASN GB 50 152.22 -68.81 -97.50
C ASN GB 50 152.70 -69.09 -96.06
N PRO GB 51 151.94 -69.12 -94.96
CA PRO GB 51 152.41 -68.75 -93.61
C PRO GB 51 153.83 -68.20 -93.29
N LYS GB 52 154.27 -67.00 -93.75
CA LYS GB 52 155.66 -66.55 -93.57
C LYS GB 52 155.71 -65.05 -93.32
N LEU GB 53 155.31 -64.25 -94.32
CA LEU GB 53 155.36 -62.80 -94.21
C LEU GB 53 154.09 -62.24 -93.61
N GLY GB 54 153.07 -63.09 -93.33
CA GLY GB 54 151.86 -62.60 -92.69
C GLY GB 54 152.10 -62.25 -91.24
N HIS GB 55 152.64 -63.20 -90.45
CA HIS GB 55 152.83 -62.98 -89.01
C HIS GB 55 153.93 -61.99 -88.71
N LEU GB 56 154.88 -61.83 -89.66
CA LEU GB 56 155.94 -60.86 -89.50
C LEU GB 56 155.50 -59.43 -89.82
N LEU GB 57 154.37 -59.21 -90.54
CA LEU GB 57 153.99 -57.87 -90.92
C LEU GB 57 152.74 -57.35 -90.21
N LEU GB 58 151.88 -58.24 -89.68
CA LEU GB 58 150.63 -57.89 -89.02
C LEU GB 58 150.82 -57.43 -87.58
N ASN GB 59 152.02 -57.63 -87.00
CA ASN GB 59 152.35 -57.20 -85.67
C ASN GB 59 152.59 -55.67 -85.60
N PRO GB 60 152.62 -55.04 -84.41
CA PRO GB 60 152.81 -53.59 -84.31
C PRO GB 60 154.25 -53.30 -83.95
N ALA GB 61 155.20 -54.18 -84.30
CA ALA GB 61 156.62 -53.98 -84.14
C ALA GB 61 157.19 -53.50 -85.47
N LEU GB 62 158.41 -53.98 -85.79
CA LEU GB 62 159.25 -53.52 -86.89
C LEU GB 62 159.61 -52.04 -86.84
N SER GB 63 159.81 -51.39 -88.00
CA SER GB 63 160.14 -49.99 -88.07
C SER GB 63 159.68 -49.46 -89.40
N LEU GB 64 159.88 -48.16 -89.66
CA LEU GB 64 159.60 -47.57 -90.96
C LEU GB 64 160.50 -48.13 -92.06
N LYS GB 65 161.83 -48.26 -91.80
CA LYS GB 65 162.78 -48.72 -92.79
C LYS GB 65 162.66 -50.23 -93.04
N ASP GB 66 162.37 -51.00 -91.97
CA ASP GB 66 162.19 -52.44 -92.05
C ASP GB 66 160.97 -52.85 -92.85
N ARG GB 67 159.85 -52.11 -92.75
CA ARG GB 67 158.67 -52.42 -93.54
C ARG GB 67 158.85 -52.15 -95.03
N ASN GB 68 159.56 -51.05 -95.39
CA ASN GB 68 159.87 -50.71 -96.77
C ASN GB 68 160.84 -51.69 -97.43
N SER GB 69 161.85 -52.20 -96.70
CA SER GB 69 162.81 -53.13 -97.27
C SER GB 69 162.24 -54.50 -97.59
N VAL GB 70 161.30 -54.99 -96.76
CA VAL GB 70 160.60 -56.26 -96.95
C VAL GB 70 159.74 -56.24 -98.18
N ILE GB 71 158.98 -55.15 -98.40
CA ILE GB 71 158.18 -55.01 -99.60
C ILE GB 71 159.07 -54.92 -100.84
N ASP GB 72 160.18 -54.15 -100.83
CA ASP GB 72 161.02 -54.03 -102.00
C ASP GB 72 161.69 -55.36 -102.37
N ALA GB 73 162.13 -56.18 -101.40
CA ALA GB 73 162.76 -57.46 -101.70
C ALA GB 73 161.85 -58.53 -102.29
N ILE GB 74 160.58 -58.60 -101.84
CA ILE GB 74 159.60 -59.52 -102.40
C ILE GB 74 159.25 -59.12 -103.82
N VAL GB 75 159.12 -57.82 -104.11
CA VAL GB 75 158.60 -57.37 -105.39
C VAL GB 75 159.58 -57.60 -106.54
N GLU GB 76 160.90 -57.71 -106.28
CA GLU GB 76 161.91 -57.86 -107.31
C GLU GB 76 161.98 -59.27 -107.92
N THR GB 77 161.38 -60.28 -107.25
CA THR GB 77 161.37 -61.66 -107.73
C THR GB 77 159.99 -62.18 -108.05
N HIS GB 78 158.95 -61.33 -107.96
CA HIS GB 78 157.59 -61.76 -108.20
C HIS GB 78 157.10 -61.22 -109.51
N LYS GB 79 156.09 -61.91 -110.08
CA LYS GB 79 155.48 -61.53 -111.34
C LYS GB 79 154.78 -60.16 -111.31
N ASN GB 80 155.18 -59.23 -112.22
CA ASN GB 80 154.50 -57.98 -112.55
C ASN GB 80 154.62 -56.83 -111.56
N LEU GB 81 155.78 -56.61 -110.93
CA LEU GB 81 155.85 -55.65 -109.86
C LEU GB 81 156.85 -54.53 -110.10
N ASP GB 82 157.24 -54.26 -111.37
CA ASP GB 82 158.30 -53.31 -111.69
C ASP GB 82 157.84 -51.93 -112.16
N GLY GB 83 156.53 -51.76 -112.39
CA GLY GB 83 155.94 -50.48 -112.78
C GLY GB 83 155.51 -49.67 -111.57
N TYR GB 84 154.20 -49.34 -111.47
CA TYR GB 84 153.73 -48.50 -110.38
C TYR GB 84 153.24 -49.29 -109.19
N VAL GB 85 153.45 -50.62 -109.21
CA VAL GB 85 153.00 -51.50 -108.17
C VAL GB 85 153.78 -51.33 -106.88
N VAL GB 86 155.10 -51.02 -106.96
CA VAL GB 86 155.97 -50.82 -105.82
C VAL GB 86 155.53 -49.68 -104.92
N ASN GB 87 154.89 -48.65 -105.51
CA ASN GB 87 154.44 -47.48 -104.80
C ASN GB 87 153.22 -47.74 -103.93
N LEU GB 88 152.38 -48.76 -104.26
CA LEU GB 88 151.20 -49.09 -103.46
C LEU GB 88 151.56 -49.59 -102.08
N LEU GB 89 152.56 -50.50 -102.01
CA LEU GB 89 152.97 -51.12 -100.78
C LEU GB 89 153.68 -50.13 -99.84
N LYS GB 90 154.45 -49.17 -100.40
CA LYS GB 90 155.19 -48.19 -99.62
C LYS GB 90 154.29 -47.27 -98.80
N VAL GB 91 153.15 -46.83 -99.40
CA VAL GB 91 152.18 -45.95 -98.77
C VAL GB 91 151.51 -46.58 -97.56
N LEU GB 92 151.23 -47.89 -97.62
CA LEU GB 92 150.57 -48.59 -96.55
C LEU GB 92 151.52 -49.00 -95.43
N SER GB 93 152.84 -49.05 -95.71
CA SER GB 93 153.85 -49.40 -94.72
C SER GB 93 154.11 -48.31 -93.70
N GLU GB 94 154.26 -47.06 -94.15
CA GLU GB 94 154.51 -45.90 -93.31
C GLU GB 94 153.29 -45.44 -92.53
N ASN GB 95 152.09 -45.60 -93.11
CA ASN GB 95 150.84 -45.16 -92.49
C ASN GB 95 150.17 -46.26 -91.67
N ASN GB 96 150.82 -47.43 -91.51
CA ASN GB 96 150.27 -48.54 -90.75
C ASN GB 96 148.93 -49.07 -91.31
N ARG GB 97 148.94 -49.61 -92.54
CA ARG GB 97 147.75 -50.06 -93.23
C ARG GB 97 148.00 -51.38 -93.96
N LEU GB 98 149.07 -52.11 -93.59
CA LEU GB 98 149.40 -53.40 -94.18
C LEU GB 98 148.50 -54.52 -93.70
N GLY GB 99 147.73 -54.30 -92.61
CA GLY GB 99 146.83 -55.32 -92.07
C GLY GB 99 145.59 -55.55 -92.90
N CYS GB 100 145.20 -54.57 -93.72
CA CYS GB 100 143.99 -54.65 -94.52
C CYS GB 100 144.34 -54.64 -96.01
N PHE GB 101 145.23 -55.55 -96.44
CA PHE GB 101 145.67 -55.69 -97.82
C PHE GB 101 144.59 -56.29 -98.75
N GLU GB 102 143.65 -57.09 -98.21
CA GLU GB 102 142.57 -57.68 -98.97
C GLU GB 102 141.53 -56.63 -99.42
N LYS GB 103 141.35 -55.54 -98.65
CA LYS GB 103 140.45 -54.44 -98.96
C LYS GB 103 140.93 -53.60 -100.13
N ILE GB 104 142.25 -53.36 -100.24
CA ILE GB 104 142.78 -52.55 -101.34
C ILE GB 104 142.71 -53.26 -102.69
N ALA GB 105 142.92 -54.59 -102.71
CA ALA GB 105 142.95 -55.38 -103.91
C ALA GB 105 141.53 -55.65 -104.43
N SER GB 106 140.57 -55.83 -103.51
CA SER GB 106 139.17 -56.03 -103.85
C SER GB 106 138.53 -54.81 -104.52
N ASP GB 107 138.80 -53.58 -104.01
CA ASP GB 107 138.27 -52.32 -104.51
C ASP GB 107 138.93 -51.83 -105.80
N PHE GB 108 140.07 -52.41 -106.22
CA PHE GB 108 140.63 -52.14 -107.52
C PHE GB 108 139.85 -52.84 -108.62
N GLY GB 109 139.43 -54.12 -108.41
CA GLY GB 109 138.74 -54.89 -109.43
C GLY GB 109 137.35 -54.37 -109.76
N VAL GB 110 136.69 -53.71 -108.80
CA VAL GB 110 135.32 -53.22 -108.99
C VAL GB 110 135.25 -52.04 -109.96
N LEU GB 111 136.36 -51.28 -110.13
CA LEU GB 111 136.44 -50.17 -111.05
C LEU GB 111 136.38 -50.60 -112.50
N ASN GB 112 137.14 -51.66 -112.85
CA ASN GB 112 137.22 -52.18 -114.20
C ASN GB 112 135.92 -52.84 -114.64
N ASP GB 113 135.20 -53.47 -113.70
CA ASP GB 113 133.99 -54.20 -113.99
C ASP GB 113 132.74 -53.31 -114.04
N ALA GB 114 132.81 -52.07 -113.51
CA ALA GB 114 131.70 -51.13 -113.52
C ALA GB 114 131.69 -50.22 -114.76
N HIS GB 115 132.89 -49.82 -115.26
CA HIS GB 115 133.01 -48.94 -116.41
C HIS GB 115 133.23 -49.69 -117.70
N ASN GB 116 133.22 -51.04 -117.67
CA ASN GB 116 133.43 -51.86 -118.82
C ASN GB 116 132.65 -53.17 -118.63
N GLY GB 117 131.44 -53.09 -118.04
CA GLY GB 117 130.63 -54.28 -117.82
C GLY GB 117 129.46 -53.96 -116.95
N LEU GB 118 128.53 -54.93 -116.85
CA LEU GB 118 127.42 -54.88 -115.93
C LEU GB 118 127.77 -55.59 -114.63
N LEU GB 119 126.89 -55.49 -113.63
CA LEU GB 119 127.06 -56.07 -112.32
C LEU GB 119 125.66 -56.48 -111.87
N LYS GB 120 125.33 -56.30 -110.59
CA LYS GB 120 124.07 -56.71 -109.96
C LYS GB 120 123.85 -58.22 -109.93
N GLY GB 121 122.58 -58.66 -109.86
CA GLY GB 121 122.18 -60.04 -109.90
C GLY GB 121 120.73 -60.04 -110.28
N THR GB 122 120.11 -61.24 -110.29
CA THR GB 122 118.75 -61.46 -110.75
C THR GB 122 118.02 -62.43 -109.85
N VAL GB 123 118.34 -63.74 -109.93
CA VAL GB 123 117.68 -64.78 -109.18
C VAL GB 123 118.71 -65.89 -109.17
N THR GB 124 118.57 -66.88 -108.28
CA THR GB 124 119.41 -68.07 -108.17
C THR GB 124 120.85 -67.75 -107.82
N SER GB 125 121.75 -67.89 -108.80
CA SER GB 125 123.16 -67.57 -108.72
C SER GB 125 123.40 -66.17 -109.30
N ALA GB 126 124.49 -65.96 -110.04
CA ALA GB 126 124.82 -64.71 -110.72
C ALA GB 126 124.12 -64.59 -112.08
N GLU GB 127 124.11 -63.37 -112.67
CA GLU GB 127 123.54 -63.08 -113.99
C GLU GB 127 124.73 -63.28 -115.03
N PRO GB 128 124.89 -62.67 -116.21
CA PRO GB 128 125.96 -62.86 -117.21
C PRO GB 128 127.01 -61.76 -117.11
N LEU GB 129 126.60 -60.53 -116.75
CA LEU GB 129 127.43 -59.36 -116.63
C LEU GB 129 128.04 -58.88 -117.95
N ASP GB 130 127.20 -58.55 -118.96
CA ASP GB 130 127.65 -58.26 -120.29
C ASP GB 130 128.40 -56.90 -120.36
N PRO GB 131 129.30 -56.68 -121.31
CA PRO GB 131 129.81 -55.34 -121.57
C PRO GB 131 129.31 -54.80 -122.92
N LYS GB 132 127.99 -54.55 -123.13
CA LYS GB 132 127.52 -53.89 -124.34
C LYS GB 132 127.38 -52.38 -124.16
N SER GB 133 126.23 -51.90 -123.64
CA SER GB 133 125.97 -50.46 -123.53
C SER GB 133 124.93 -50.17 -122.46
N PHE GB 134 123.63 -50.28 -122.81
CA PHE GB 134 122.47 -50.04 -121.97
C PHE GB 134 121.92 -51.26 -121.25
N LYS GB 135 121.44 -51.11 -120.01
CA LYS GB 135 121.07 -52.28 -119.24
C LYS GB 135 119.76 -52.93 -119.63
N ARG GB 136 118.89 -52.22 -120.35
CA ARG GB 136 117.60 -52.73 -120.76
C ARG GB 136 117.70 -53.74 -121.90
N ILE GB 137 118.57 -53.47 -122.90
CA ILE GB 137 118.74 -54.32 -124.07
C ILE GB 137 119.64 -55.53 -123.79
N GLU GB 138 120.41 -55.48 -122.70
CA GLU GB 138 121.30 -56.56 -122.28
C GLU GB 138 120.59 -57.63 -121.47
N LYS GB 139 119.78 -57.18 -120.49
CA LYS GB 139 119.11 -58.07 -119.55
C LYS GB 139 118.02 -58.92 -120.20
N ALA GB 140 117.30 -58.34 -121.19
CA ALA GB 140 116.27 -59.06 -121.90
C ALA GB 140 116.80 -60.18 -122.80
N LEU GB 141 117.96 -59.98 -123.46
CA LEU GB 141 118.56 -60.94 -124.36
C LEU GB 141 119.35 -62.01 -123.65
N SER GB 142 119.67 -61.82 -122.37
CA SER GB 142 120.42 -62.78 -121.59
C SER GB 142 119.50 -63.59 -120.70
N ALA GB 143 118.34 -63.04 -120.26
CA ALA GB 143 117.42 -63.78 -119.41
C ALA GB 143 116.85 -65.00 -120.12
N SER GB 144 116.46 -64.88 -121.40
CA SER GB 144 115.86 -65.98 -122.15
C SER GB 144 116.83 -67.15 -122.39
N LYS GB 145 118.12 -66.85 -122.60
CA LYS GB 145 119.16 -67.84 -122.86
C LYS GB 145 119.67 -68.55 -121.59
N LEU GB 146 119.50 -67.95 -120.39
CA LEU GB 146 119.98 -68.55 -119.15
C LEU GB 146 118.89 -69.28 -118.38
N VAL GB 147 117.61 -69.01 -118.71
CA VAL GB 147 116.48 -69.73 -118.10
C VAL GB 147 116.32 -71.14 -118.63
N GLY GB 148 116.54 -71.35 -119.94
CA GLY GB 148 116.41 -72.65 -120.57
C GLY GB 148 117.60 -73.55 -120.36
N GLN GB 149 118.81 -72.97 -120.38
CA GLN GB 149 120.06 -73.70 -120.23
C GLN GB 149 120.47 -73.77 -118.78
N GLY GB 150 120.30 -74.94 -118.11
CA GLY GB 150 120.62 -75.10 -116.70
C GLY GB 150 119.38 -74.88 -115.88
N LYS GB 151 119.43 -73.94 -114.91
CA LYS GB 151 118.29 -73.61 -114.07
C LYS GB 151 117.73 -74.76 -113.22
N SER GB 152 118.51 -75.26 -112.24
CA SER GB 152 118.10 -76.42 -111.44
C SER GB 152 116.92 -76.21 -110.52
N LEU GB 153 116.67 -74.95 -110.10
CA LEU GB 153 115.58 -74.54 -109.23
C LEU GB 153 115.52 -75.19 -107.87
N LYS GB 154 116.56 -74.94 -107.05
CA LYS GB 154 116.65 -75.61 -105.77
C LYS GB 154 116.88 -74.65 -104.61
N SER GB 181 111.24 -70.50 -103.05
CA SER GB 181 110.05 -70.12 -103.76
C SER GB 181 109.67 -68.71 -103.36
N THR GB 182 109.22 -67.88 -104.33
CA THR GB 182 108.80 -66.50 -104.08
C THR GB 182 107.32 -66.29 -104.29
N LYS GB 183 106.75 -66.92 -105.32
CA LYS GB 183 105.34 -66.83 -105.66
C LYS GB 183 104.41 -67.52 -104.67
N ILE GB 184 104.83 -68.70 -104.14
CA ILE GB 184 104.08 -69.47 -103.16
C ILE GB 184 103.99 -68.73 -101.84
N GLN GB 185 105.09 -68.05 -101.42
CA GLN GB 185 105.14 -67.33 -100.17
C GLN GB 185 104.24 -66.10 -100.14
N LYS GB 186 104.11 -65.39 -101.27
CA LYS GB 186 103.21 -64.26 -101.39
C LYS GB 186 101.75 -64.62 -101.32
N LEU GB 187 101.33 -65.74 -101.97
CA LEU GB 187 99.94 -66.17 -101.96
C LEU GB 187 99.44 -66.61 -100.60
N ASN GB 188 100.28 -67.32 -99.82
CA ASN GB 188 99.93 -67.78 -98.48
C ASN GB 188 99.71 -66.62 -97.50
N LYS GB 189 100.56 -65.57 -97.57
CA LYS GB 189 100.45 -64.42 -96.69
C LYS GB 189 99.16 -63.63 -96.89
N VAL GB 190 98.69 -63.50 -98.15
CA VAL GB 190 97.48 -62.76 -98.47
C VAL GB 190 96.23 -63.42 -97.89
N LEU GB 191 96.19 -64.77 -97.86
CA LEU GB 191 95.06 -65.52 -97.35
C LEU GB 191 94.98 -65.57 -95.82
N GLU GB 192 96.11 -65.40 -95.11
CA GLU GB 192 96.11 -65.38 -93.65
C GLU GB 192 95.76 -64.02 -93.06
N ASP GB 193 95.93 -62.92 -93.82
CA ASP GB 193 95.61 -61.58 -93.39
C ASP GB 193 94.12 -61.25 -93.55
N SER GB 194 93.36 -62.06 -94.32
CA SER GB 194 91.93 -61.86 -94.58
C SER GB 194 90.96 -62.78 -93.78
N UNK HB 1 99.19 -68.67 -112.19
CA UNK HB 1 99.16 -69.96 -112.85
C UNK HB 1 98.99 -71.06 -111.83
N UNK HB 2 100.10 -71.56 -111.32
CA UNK HB 2 100.09 -72.62 -110.32
C UNK HB 2 99.41 -72.14 -109.05
N UNK HB 3 99.71 -70.89 -108.73
CA UNK HB 3 99.15 -70.18 -107.61
C UNK HB 3 97.68 -70.08 -107.91
N UNK HB 4 97.34 -69.82 -109.16
CA UNK HB 4 95.95 -69.76 -109.58
C UNK HB 4 95.35 -71.14 -109.42
N UNK HB 5 96.12 -72.15 -109.84
CA UNK HB 5 95.74 -73.55 -109.74
C UNK HB 5 95.61 -73.92 -108.28
N UNK HB 6 96.55 -73.43 -107.46
CA UNK HB 6 96.52 -73.69 -106.04
C UNK HB 6 95.26 -73.10 -105.42
N UNK HB 7 94.89 -71.90 -105.86
CA UNK HB 7 93.70 -71.20 -105.39
C UNK HB 7 92.47 -72.00 -105.76
N UNK HB 8 92.45 -72.55 -106.97
CA UNK HB 8 91.34 -73.36 -107.42
C UNK HB 8 91.22 -74.61 -106.55
N UNK HB 9 92.36 -75.21 -106.22
CA UNK HB 9 92.43 -76.39 -105.37
C UNK HB 9 91.92 -76.05 -103.98
N UNK HB 10 92.29 -74.86 -103.51
CA UNK HB 10 91.86 -74.34 -102.22
C UNK HB 10 90.35 -74.17 -102.22
N UNK HB 11 89.81 -73.68 -103.32
CA UNK HB 11 88.37 -73.50 -103.46
C UNK HB 11 87.67 -74.85 -103.37
N UNK HB 12 88.26 -75.85 -104.03
CA UNK HB 12 87.72 -77.20 -104.00
C UNK HB 12 87.72 -77.75 -102.58
N UNK HB 13 88.83 -77.49 -101.88
CA UNK HB 13 89.02 -77.91 -100.51
C UNK HB 13 87.98 -77.23 -99.62
N UNK HB 14 87.71 -75.95 -99.88
CA UNK HB 14 86.73 -75.16 -99.15
C UNK HB 14 85.36 -75.77 -99.34
N UNK HB 15 85.07 -76.18 -100.56
CA UNK HB 15 83.80 -76.81 -100.85
C UNK HB 15 83.68 -78.09 -100.03
N UNK HB 16 84.76 -78.87 -99.99
CA UNK HB 16 84.73 -80.10 -99.21
C UNK HB 16 84.50 -79.79 -97.73
N UNK HB 17 85.20 -78.78 -97.21
CA UNK HB 17 85.07 -78.44 -95.80
C UNK HB 17 83.64 -78.01 -95.56
N UNK HB 18 83.13 -77.19 -96.45
CA UNK HB 18 81.73 -76.79 -96.35
C UNK HB 18 80.87 -78.03 -96.20
N UNK HB 19 81.21 -79.05 -97.00
CA UNK HB 19 80.51 -80.32 -96.95
C UNK HB 19 80.68 -80.94 -95.57
N UNK HB 20 81.89 -80.87 -95.02
CA UNK HB 20 82.17 -81.41 -93.70
C UNK HB 20 81.31 -80.70 -92.66
N UNK HB 21 81.19 -79.38 -92.78
CA UNK HB 21 80.38 -78.57 -91.85
C UNK HB 21 80.63 -78.88 -90.38
PG ANP IB . -136.52 -3.28 40.14
O1G ANP IB . -137.80 -2.74 40.96
O2G ANP IB . -136.68 -4.81 39.75
O3G ANP IB . -136.27 -2.36 38.83
PB ANP IB . -135.64 -2.55 42.73
O1B ANP IB . -135.84 -0.99 42.58
O2B ANP IB . -137.03 -3.15 43.20
N3B ANP IB . -135.17 -3.19 41.20
PA ANP IB . -134.31 -4.59 44.04
O1A ANP IB . -135.25 -4.80 45.31
O2A ANP IB . -134.73 -5.45 42.78
O3A ANP IB . -134.41 -3.02 43.66
O5' ANP IB . -132.79 -4.85 44.40
C5' ANP IB . -131.85 -4.85 43.32
C4' ANP IB . -130.94 -6.06 43.46
O4' ANP IB . -130.02 -5.82 44.51
C3' ANP IB . -131.71 -7.31 43.81
O3' ANP IB . -131.33 -8.26 42.84
C2' ANP IB . -131.25 -7.74 45.19
O2' ANP IB . -130.85 -9.10 45.26
C1' ANP IB . -130.11 -6.79 45.55
N9 ANP IB . -130.20 -6.05 46.82
C8 ANP IB . -131.11 -5.10 47.19
N7 ANP IB . -130.86 -4.64 48.46
C5 ANP IB . -129.75 -5.27 48.91
C6 ANP IB . -128.88 -5.33 50.11
N6 ANP IB . -129.14 -4.54 51.16
N1 ANP IB . -127.81 -6.18 50.13
C2 ANP IB . -127.52 -6.98 49.09
N3 ANP IB . -128.23 -7.01 47.96
C4 ANP IB . -129.36 -6.16 47.83
MG MG JB . -138.64 -3.93 42.37
PG ANP KB . -139.94 45.70 35.35
O1G ANP KB . -140.76 45.50 36.71
O2G ANP KB . -140.76 46.68 34.39
O3G ANP KB . -139.67 44.30 34.63
PB ANP KB . -137.63 47.29 34.49
O1B ANP KB . -136.63 46.37 33.67
O2B ANP KB . -138.75 47.89 33.53
N3B ANP KB . -138.40 46.39 35.74
PA ANP KB . -137.80 49.51 36.01
O1A ANP KB . -137.99 50.87 35.20
O2A ANP KB . -139.19 48.85 36.38
O3A ANP KB . -136.88 48.48 35.20
O5' ANP KB . -136.89 49.80 37.29
C5' ANP KB . -136.29 48.76 38.03
C4' ANP KB . -136.05 49.40 39.39
O4' ANP KB . -134.70 49.88 39.49
C3' ANP KB . -136.97 50.59 39.52
O3' ANP KB . -137.81 50.37 40.63
C2' ANP KB . -136.09 51.81 39.69
O2' ANP KB . -136.38 52.50 40.89
C1' ANP KB . -134.65 51.30 39.68
N9 ANP KB . -133.80 51.96 38.65
C8 ANP KB . -133.86 51.81 37.30
N7 ANP KB . -132.91 52.56 36.64
C5 ANP KB . -132.21 53.22 37.59
C6 ANP KB . -131.08 54.17 37.70
N6 ANP KB . -130.45 54.62 36.59
N1 ANP KB . -130.67 54.59 38.94
C2 ANP KB . -131.25 54.19 40.08
N3 ANP KB . -132.28 53.32 40.11
C4 ANP KB . -132.79 52.81 38.86
MG MG LB . -141.28 48.25 33.73
PG ANP MB . -123.56 18.82 1.09
O1G ANP MB . -124.25 19.39 2.40
O2G ANP MB . -124.13 17.41 0.63
O3G ANP MB . -123.69 19.85 -0.12
PB ANP MB . -121.29 17.06 1.59
O1B ANP MB . -121.64 16.46 3.00
O2B ANP MB . -121.91 16.22 0.38
N3B ANP MB . -121.89 18.67 1.51
PA ANP MB . -119.12 17.63 -0.05
O1A ANP MB . -118.44 16.41 -0.78
O2A ANP MB . -120.29 18.32 -0.90
O3A ANP MB . -119.69 17.20 1.39
O5' ANP MB . -117.96 18.65 0.27
C5' ANP MB . -118.14 20.04 0.45
C4' ANP MB . -116.80 20.66 0.08
O4' ANP MB . -115.68 20.08 0.79
C3' ANP MB . -116.55 20.46 -1.41
O3' ANP MB . -116.27 21.75 -1.93
C2' ANP MB . -115.28 19.67 -1.53
O2' ANP MB . -114.38 20.25 -2.43
C1' ANP MB . -114.73 19.59 -0.14
N9 ANP MB . -114.11 18.28 0.04
C8 ANP MB . -114.63 17.03 0.12
N7 ANP MB . -113.65 16.08 0.24
C5 ANP MB . -112.49 16.73 0.22
C6 ANP MB . -111.04 16.48 0.27
N6 ANP MB . -110.60 15.22 0.39
N1 ANP MB . -110.17 17.51 0.20
C2 ANP MB . -110.55 18.79 0.06
N3 ANP MB . -111.83 19.16 0.00
C4 ANP MB . -112.81 18.12 0.07
MG MG NB . -123.62 16.44 -0.81
PG ANP OB . -127.74 -4.30 15.72
O1G ANP OB . -128.06 -3.61 17.12
O2G ANP OB . -128.41 -5.78 15.69
O3G ANP OB . -128.20 -3.30 14.56
PB ANP OB . -125.31 -5.21 16.97
O1B ANP OB . -125.54 -4.33 18.28
O2B ANP OB . -126.06 -6.61 17.07
N3B ANP OB . -126.00 -4.43 15.61
PA ANP OB . -123.27 -6.62 15.97
O1A ANP OB . -123.45 -7.88 16.91
O2A ANP OB . -123.94 -6.74 14.53
O3A ANP OB . -123.77 -5.30 16.69
O5' ANP OB . -121.73 -6.32 15.84
C5' ANP OB . -121.48 -5.05 15.32
C4' ANP OB . -120.00 -4.96 15.13
O4' ANP OB . -119.30 -4.80 16.35
C3' ANP OB . -119.37 -6.11 14.35
O3' ANP OB . -119.29 -5.89 12.95
C2' ANP OB . -118.09 -6.41 15.09
O2' ANP OB . -117.02 -5.70 14.48
C1' ANP OB . -118.15 -5.63 16.37
N9 ANP OB . -118.20 -6.68 17.41
C8 ANP OB . -119.28 -7.15 18.08
N7 ANP OB . -118.94 -8.15 18.96
C5 ANP OB . -117.60 -8.36 18.84
C6 ANP OB . -116.52 -9.22 19.40
N6 ANP OB . -116.78 -10.15 20.34
N1 ANP OB . -115.25 -9.05 18.95
C2 ANP OB . -114.91 -8.16 18.00
N3 ANP OB . -115.78 -7.32 17.42
C4 ANP OB . -117.16 -7.41 17.84
MG MG PB . -127.28 -7.17 15.23
PG ANP QB . -132.27 42.37 10.43
O1G ANP QB . -133.28 43.27 11.28
O2G ANP QB . -132.38 42.72 8.87
O3G ANP QB . -132.63 40.84 10.83
PB ANP QB . -129.36 42.40 9.68
O1B ANP QB . -128.78 41.07 10.25
O2B ANP QB . -129.61 42.44 8.11
N3B ANP QB . -130.63 42.81 10.79
PA ANP QB . -127.98 44.87 9.64
O1A ANP QB . -129.36 45.63 9.87
O2A ANP QB . -127.26 45.01 8.22
O3A ANP QB . -128.12 43.32 9.97
O5' ANP QB . -126.95 45.16 10.82
C5' ANP QB . -127.51 45.21 12.11
C4' ANP QB . -126.57 46.14 12.86
O4' ANP QB . -125.33 45.49 13.10
C3' ANP QB . -126.29 47.55 12.23
O3' ANP QB . -126.93 48.67 12.84
C2' ANP QB . -124.79 47.71 12.22
O2' ANP QB . -124.40 48.65 13.21
C1' ANP QB . -124.26 46.38 12.75
N9 ANP QB . -123.48 45.81 11.65
C8 ANP QB . -123.79 44.76 10.84
N7 ANP QB . -122.81 44.54 9.91
C5 ANP QB . -121.88 45.48 10.12
C6 ANP QB . -120.59 45.91 9.56
N6 ANP QB . -120.12 45.17 8.52
N1 ANP QB . -119.92 47.00 10.08
C2 ANP QB . -120.39 47.71 11.12
N3 ANP QB . -121.57 47.44 11.71
C4 ANP QB . -122.33 46.31 11.21
MG MG RB . -131.65 43.34 7.54
PG ANP SB . 126.89 -6.14 -64.16
O1G ANP SB . 128.49 -6.36 -64.19
O2G ANP SB . 126.41 -5.23 -65.38
O3G ANP SB . 126.12 -7.55 -64.13
PB ANP SB . 127.98 -4.95 -61.84
O1B ANP SB . 128.42 -6.26 -61.10
O2B ANP SB . 129.17 -4.52 -62.79
N3B ANP SB . 126.53 -5.24 -62.73
PA ANP SB . 127.28 -2.29 -61.56
O1A ANP SB . 128.72 -1.59 -61.59
O2A ANP SB . 126.63 -2.47 -62.99
O3A ANP SB . 127.50 -3.74 -60.88
O5' ANP SB . 126.29 -1.49 -60.60
C5' ANP SB . 124.93 -1.92 -60.59
C4' ANP SB . 124.03 -0.69 -60.69
O4' ANP SB . 124.03 -0.02 -59.44
C3' ANP SB . 124.54 0.30 -61.72
O3' ANP SB . 123.42 0.53 -62.56
C2' ANP SB . 124.91 1.56 -60.97
O2' ANP SB . 124.32 2.74 -61.50
C1' ANP SB . 124.50 1.32 -59.52
N9 ANP SB . 125.52 1.48 -58.48
C8 ANP SB . 126.65 0.77 -58.27
N7 ANP SB . 127.36 1.22 -57.17
C5 ANP SB . 126.64 2.25 -56.65
C6 ANP SB . 126.69 3.22 -55.53
N6 ANP SB . 127.73 3.18 -54.67
N1 ANP SB . 125.70 4.13 -55.37
C2 ANP SB . 124.65 4.20 -56.21
N3 ANP SB . 124.49 3.38 -57.26
C4 ANP SB . 125.49 2.37 -57.50
MG MG TB . 129.70 -4.81 -64.68
PG ANP UB . 138.31 -47.31 -39.49
O1G ANP UB . 139.69 -46.53 -39.40
O2G ANP UB . 138.56 -48.83 -39.90
O3G ANP UB . 137.33 -46.60 -40.53
PB ANP UB . 136.41 -48.48 -37.58
O1B ANP UB . 134.93 -48.03 -37.95
O2B ANP UB . 136.81 -49.78 -38.40
N3B ANP UB . 137.54 -47.23 -37.93
PA ANP UB . 137.99 -49.31 -35.56
O1A ANP UB . 137.97 -50.88 -35.28
O2A ANP UB . 139.11 -48.92 -36.61
O3A ANP UB . 136.56 -48.79 -36.03
O5' ANP UB . 138.16 -48.56 -34.17
C5' ANP UB . 137.91 -47.17 -34.03
C4' ANP UB . 138.69 -46.79 -32.80
O4' ANP UB . 137.86 -46.78 -31.64
C3' ANP UB . 139.76 -47.84 -32.58
O3' ANP UB . 141.03 -47.21 -32.65
C2' ANP UB . 139.49 -48.47 -31.23
O2' ANP UB . 140.61 -48.36 -30.37
C1' ANP UB . 138.28 -47.73 -30.66
N9 ANP UB . 137.17 -48.65 -30.29
C8 ANP UB . 136.35 -49.36 -31.10
N7 ANP UB . 135.41 -50.11 -30.42
C5 ANP UB . 135.62 -49.87 -29.12
C6 ANP UB . 135.06 -50.26 -27.80
N6 ANP UB . 134.02 -51.13 -27.73
N1 ANP UB . 135.60 -49.75 -26.66
C2 ANP UB . 136.65 -48.90 -26.66
N3 ANP UB . 137.24 -48.46 -27.79
C4 ANP UB . 136.73 -48.94 -29.06
MG MG VB . 138.94 -50.54 -39.63
PG ANP WB . 98.60 -43.30 -63.42
O1G ANP WB . 100.06 -43.10 -62.82
O2G ANP WB . 98.42 -42.62 -64.85
O3G ANP WB . 98.21 -44.83 -63.52
PB ANP WB . 96.77 -41.10 -62.82
O1B ANP WB . 97.75 -39.89 -62.65
O2B ANP WB . 96.30 -41.34 -64.33
N3B ANP WB . 97.56 -42.52 -62.28
PA ANP WB . 94.27 -42.00 -62.01
O1A ANP WB . 93.01 -41.34 -62.72
O2A ANP WB . 94.80 -43.31 -62.76
O3A ANP WB . 95.48 -40.95 -61.86
O5' ANP WB . 93.83 -42.32 -60.53
C5' ANP WB . 94.40 -43.31 -59.73
C4' ANP WB . 93.32 -43.69 -58.72
O4' ANP WB . 92.77 -42.55 -58.02
C3' ANP WB . 92.18 -44.36 -59.47
O3' ANP WB . 91.96 -45.61 -58.81
C2' ANP WB . 90.95 -43.53 -59.23
O2' ANP WB . 89.86 -44.29 -58.81
C1' ANP WB . 91.36 -42.51 -58.22
N9 ANP WB . 90.70 -41.25 -58.54
C8 ANP WB . 90.84 -40.37 -59.55
N7 ANP WB . 89.94 -39.32 -59.46
C5 ANP WB . 89.20 -39.57 -58.37
C6 ANP WB . 88.08 -38.99 -57.62
N6 ANP WB . 87.52 -37.86 -58.04
N1 ANP WB . 87.63 -39.63 -56.51
C2 ANP WB . 88.14 -40.78 -56.05
N3 ANP WB . 89.15 -41.40 -56.63
C4 ANP WB . 89.70 -40.81 -57.82
MG MG XB . 96.92 -42.61 -65.87
PG ANP YB . 105.13 -17.85 -72.14
O1G ANP YB . 106.40 -17.62 -71.19
O2G ANP YB . 105.26 -16.89 -73.45
O3G ANP YB . 105.02 -19.42 -72.43
PB ANP YB . 103.84 -15.83 -70.56
O1B ANP YB . 105.02 -15.77 -69.50
O2B ANP YB . 104.14 -14.88 -71.80
N3B ANP YB . 103.74 -17.40 -71.22
PA ANP YB . 101.35 -14.86 -70.68
O1A ANP YB . 101.76 -13.37 -71.05
O2A ANP YB . 100.95 -15.79 -71.91
O3A ANP YB . 102.48 -15.55 -69.82
O5' ANP YB . 100.18 -14.79 -69.63
C5' ANP YB . 99.98 -16.01 -68.99
C4' ANP YB . 98.76 -15.84 -68.13
O4' ANP YB . 99.02 -15.07 -66.97
C3' ANP YB . 97.54 -15.28 -68.84
O3' ANP YB . 96.68 -16.27 -69.39
C2' ANP YB . 96.95 -14.30 -67.85
O2' ANP YB . 95.94 -14.96 -67.10
C1' ANP YB . 97.96 -14.15 -66.76
N9 ANP YB . 98.38 -12.74 -66.87
C8 ANP YB . 99.49 -12.23 -67.46
N7 ANP YB . 99.53 -10.86 -67.39
C5 ANP YB . 98.40 -10.45 -66.77
C6 ANP YB . 97.72 -9.21 -66.33
N6 ANP YB . 98.26 -7.99 -66.56
N1 ANP YB . 96.52 -9.30 -65.69
C2 ANP YB . 95.90 -10.47 -65.44
N3 ANP YB . 96.40 -11.66 -65.78
C4 ANP YB . 97.69 -11.68 -66.45
MG MG ZB . 103.80 -15.83 -73.83
PG ANP AC . 116.53 -57.82 -49.79
O1G ANP AC . 118.02 -58.24 -49.42
O2G ANP AC . 115.74 -59.04 -50.47
O3G ANP AC . 116.67 -56.49 -50.71
PB ANP AC . 113.87 -57.60 -48.38
O1B ANP AC . 113.47 -56.09 -48.53
O2B ANP AC . 113.11 -58.63 -49.33
N3B ANP AC . 115.62 -57.54 -48.33
PA ANP AC . 113.40 -59.18 -46.11
O1A ANP AC . 114.76 -59.95 -46.37
O2A ANP AC . 112.01 -59.96 -46.32
O3A ANP AC . 113.33 -57.82 -46.94
O5' ANP AC . 113.41 -58.45 -44.69
C5' ANP AC . 114.63 -57.84 -44.33
C4' ANP AC . 114.60 -57.89 -42.80
O4' ANP AC . 113.65 -56.95 -42.31
C3' ANP AC . 114.34 -59.28 -42.12
O3' ANP AC . 115.46 -59.92 -41.52
C2' ANP AC . 113.24 -59.05 -41.11
O2' ANP AC . 113.76 -59.08 -39.80
C1' ANP AC . 112.84 -57.59 -41.31
N9 ANP AC . 111.44 -57.63 -41.74
C8 ANP AC . 110.94 -57.37 -42.98
N7 ANP AC . 109.57 -57.53 -43.01
C5 ANP AC . 109.22 -57.90 -41.76
C6 ANP AC . 108.01 -58.25 -41.01
N6 ANP AC . 106.84 -58.19 -41.72
N1 ANP AC . 108.08 -58.62 -39.69
C2 ANP AC . 109.24 -58.65 -39.00
N3 ANP AC . 110.43 -58.37 -39.57
C4 ANP AC . 110.43 -57.99 -40.97
MG MG BC . 114.53 -60.14 -50.33
#